data_7O0X
#
_entry.id   7O0X
#
_cell.length_a   1.00
_cell.length_b   1.00
_cell.length_c   1.00
_cell.angle_alpha   90.00
_cell.angle_beta   90.00
_cell.angle_gamma   90.00
#
_symmetry.space_group_name_H-M   'P 1'
#
loop_
_entity.id
_entity.type
_entity.pdbx_description
1 polymer LHh-alpha
2 polymer 'Light-harvesting protein B:885 subunit beta'
3 polymer 'MULTIHEME_CYTC domain-containing protein'
4 polymer RC-S
5 polymer RC-U
6 polymer 'PRCH domain-containing protein'
7 polymer RC-Hc
8 polymer 'Photosynthetic reaction center L subunit'
9 polymer RC-M
10 polymer 'LHC domain-containing protein'
11 polymer 'LHC domain-containing protein'
12 branched alpha-L-rhamnopyranose-(1-4)-alpha-D-mannopyranose
13 non-polymer 'BACTERIOCHLOROPHYLL A'
14 non-polymer DODECYL-BETA-D-MALTOSIDE
15 non-polymer '(2~{E},4~{E},6~{E},10~{E},12~{E},14~{E},16~{E},18~{E},20~{E},22~{Z},24~{E},26~{E},28~{E})-23-methanoyl-31-methoxy-2,6,10,14,19,27,31-heptamethyl-dotriaconta-2,4,6,10,12,14,16,18,20,22,24,26,28-tridecaenoic acid'
16 non-polymer 'HEME C'
17 non-polymer 2-acetamido-2-deoxy-alpha-D-glucopyranose
18 non-polymer '(2~{S},3~{S},4~{S},5~{S})-4,5-diacetyloxy-3-oxidanyl-oxane-2-carboxylic acid'
19 non-polymer '(1R)-2-{[(S)-{[(2S)-2,3-dihydroxypropyl]oxy}(hydroxy)phosphoryl]oxy}-1-[(hexadecanoyloxy)methyl]ethyl (9Z)-octadec-9-enoate'
20 non-polymer '(19R,22S)-25-amino-22-hydroxy-22-oxido-16-oxo-17,21,23-trioxa-22lambda~5~-phosphapentacosan-19-yl (9Z)-hexadec-9-enoate'
21 non-polymer '(2R,5R,11R,14R)-5,8,11-trihydroxy-5,11-dioxido-17-oxo-2,14-bis(tetradecanoyloxy)-4,6,10,12,16-pentaoxa-5,11-diphosphatriacont-1-yl tetradecanoate'
22 non-polymer 'BACTERIOPHEOPHYTIN A'
23 non-polymer 'MENAQUINONE 8'
24 non-polymer 'FE (III) ION'
25 non-polymer SPIRILLOXANTHIN
26 non-polymer '[(2~{S})-3-[(2~{R},3~{R},4~{R},5~{S},6~{R})-6-(hydroxymethyl)-5-[(2~{R},3~{R},4~{S},5~{S},6~{R})-6-(hydroxymethyl)-3,4,5-tris(oxidanyl)oxan-2-yl]oxy-3,4-bis(oxidanyl)oxan-2-yl]oxy-2-(12-methyltridecanoyloxy)propyl] 12-methyltridecanoate'
27 non-polymer '[(2~{S})-3-[(2~{R},3~{R},4~{S},5~{S},6~{R})-6-(hydroxymethyl)-3,4,5-tris(oxidanyl)oxan-2-yl]oxy-2-octadecanoyloxy-propyl] octadecanoate'
28 water water
#
loop_
_entity_poly.entity_id
_entity_poly.type
_entity_poly.pdbx_seq_one_letter_code
_entity_poly.pdbx_strand_id
1 'polypeptide(L)' (FME)HRIWMGTDPHIIMSALGSFLVGAVLVMHIWAYGQFNWPATLKAKYATPPAATR AA,AB,AC,AD,AE,AF,AG,AH,AI,AJ,AK,AL,AM,AN,AO,AP,AQ,AR,AS,AT,AU,AV,AW,AX
2 'polypeptide(L)' MSEKGGMTEEEARRFHGYMVTGTLGYVVVASVAHFLAWSWRPWF BA,BB,BC,BD,BE,BF,BG,BH,BI,BJ,BK,BL,BM,BN,BO,BP,BQ,BR,BS,BT,BU,BV,BW,BX,ba,bb,bc,bd,be,bf,bg,bh,bi,bj,bk,bl,bm,bn,bo,bp
3 'polypeptide(L)'
;MVPVSLLTLGACGDAATDTVQVGYRGTAMEQNYDHGDLKTKFAQVKLPQSPPPAGESPPGPLPWKNVQVLNDISIAEFNR
TMIAMSTWVAGTGNCAYCHNVAAFQDDTLPNGKPLYTKIVARRMLQMTRNINGNYSQHVKNTGVTCYTCHMGKPLPNGLW
FYSSQTDYLRHYLDRDGARVITQGVAPSNANRSSTKQAEWTYALMISQSRSLGVNCTYCHNTRQFASWREAPPARVTAYH
GILMLRDVNQNYLAPLQPVYPAVRLGAMGDAPKAQCVTCHNGAYKPLYGAQMAKDFPAMWGRADWNGVPFPGIMRVAADS
TKTDSTVVAAPAAAPAQRTSARPGSVTTPVGGVN
;
C
4 'polypeptide(L)'
;MPASPSPLPRSSRVRNAAVVVALVAVGLAARGRDAQGTQPPVAPPAAPTATAAPDLAVQDSTKADSTAVADTLMDLSMVM
AAEAAAATVTTAPVAVAPTAWPVDPTTGQTLINGRPVVGRVFIMRKTDGTVKYPNVADVVAHEALAPLPPVVGSSYQQAP
ITNQRRMRGIMIQSTLWDMDRKRSATRQRYYPASTPANQLGQ
;
C1
5 'polypeptide(L)'
;MNMHSSDATVSIPDDIDLILVDSVPVNDGIWAWYGIDDDRPMAAWSRFHATRCVEQLAINRARVGAAEWALADVQARGIV
PCIAKAAAHLARARAELADWEAQGHRLEAARKVTPGAWTTPVIES
;
C2
6 'polypeptide(L)' (FME)MEYIDGAQIALYAFWLFFFGLIIYLRREDKREGYPLESPQGPRDGWPKGAPKKTYVHRDHGGEGTH H1
7 'polypeptide(L)'
;MSDVKFVPADNYNGSPIIPTGNPMIDGVGPASWAEDRRDEPDLTYHGSHKIVPMRLDPTFSIAKGDPDPRGLPVIAADKQ
VAGTVVELWVNRSEPQVSYYEVQLASGERRVLLPTGYVQWPNFGLWGNDKLLVKSITAAQFANVPATKRDDQITLLEEDK
ICAYYAGGHMYAFAERSQPII
;
H2
8 'polypeptide(L)'
;MAMLSFEKKYRVRGGTLIGGDLFDFWFGPFYVGFFGVTTIFFVTLGTLLCVWGAAMGPTWNLWQINIAPPDLKYGLGLAP
LREGGLWQIITLCALGAFGSWALRQAEIARKLGMGMHIPWAYGGAILAYTTLVVIRPFLLGAWGHGFPYGIFSHLDWVSN
VGYQYLHFHYNPAHMIAVTFFFTNCLALAMHGSLILSVTNPPKGTPTGTSEQENVFFRDLLGYSIGAIGIHRLGLFLAVG
AAVWSAICIVISGPFWTQGWPEWWNWWLNLPIWK
;
L
9 'polypeptide(L)'
;MLEYQNLFTRVQVRTVPEPGIPIDESTGTRYGTGTFSYLAGKFGDAQIGPIYLGWAGVLSLIFGFIAIEIIGLNMWASVG
WDPVEFIRQLPWLALEPPPPQYGLRVPPLNQGGWYLMAGFFLTVSIILWWIRIYRRARALQMGSHLPWAFASAIFLYSTF
FFQPLLVGSWSEMVPFGIFPHLDWTSAFSIRYGNLYYNPFHALSIAFLYGSAVLFAMHGATILAVARMGGEREIEQITDR
GTAAERSMLFWRWCMGFNATMESIHRWAWWFAVLTTFTGGIGILLTGTVVDNWYLWGVKHGLVAPYPAQNQLTPEQQDLL
RGRYQGTAPDSFPSYVVPQNATMPDTAAAPIVTDSITTDSTKTGGTQ
;
M
10 'polypeptide(L)' MHRIWLMYDPRRVMVALVGFLAVLALVIHFVLLSSQRYSWIENGTLGADQAPVGASAPAAAAEMSPLPPGR aa
11 'polypeptide(L)' (FME)HRIWLMYDPRRVMVALVGFLAVLALVIHFVLLSSQRYSWIENGTLGADQAPVGASAPAAAAEMSPLPPGR ab,ac,ad,ae,af,ag,ah,ai,aj,ak,al,am,an,ao,ap
#
loop_
_chem_comp.id
_chem_comp.type
_chem_comp.name
_chem_comp.formula
0V9 non-polymer '(19R,22S)-25-amino-22-hydroxy-22-oxido-16-oxo-17,21,23-trioxa-22lambda~5~-phosphapentacosan-19-yl (9Z)-hexadec-9-enoate' 'C37 H72 N O8 P'
BCL non-polymer 'BACTERIOCHLOROPHYLL A' 'C55 H74 Mg N4 O6'
BPH non-polymer 'BACTERIOPHEOPHYTIN A' 'C55 H76 N4 O6'
CD4 non-polymer '(2R,5R,11R,14R)-5,8,11-trihydroxy-5,11-dioxido-17-oxo-2,14-bis(tetradecanoyloxy)-4,6,10,12,16-pentaoxa-5,11-diphosphatriacont-1-yl tetradecanoate' 'C65 H126 O17 P2'
CRT non-polymer SPIRILLOXANTHIN 'C42 H60 O2'
FE non-polymer 'FE (III) ION' 'Fe 3'
HEC non-polymer 'HEME C' 'C34 H34 Fe N4 O4'
LMT D-saccharide DODECYL-BETA-D-MALTOSIDE 'C24 H46 O11'
MAN D-saccharide, alpha linking alpha-D-mannopyranose 'C6 H12 O6'
MQ8 non-polymer 'MENAQUINONE 8' 'C51 H72 O2'
NDG D-saccharide, alpha linking 2-acetamido-2-deoxy-alpha-D-glucopyranose 'C8 H15 N O6'
PGW non-polymer '(1R)-2-{[(S)-{[(2S)-2,3-dihydroxypropyl]oxy}(hydroxy)phosphoryl]oxy}-1-[(hexadecanoyloxy)methyl]ethyl (9Z)-octadec-9-enoate' 'C40 H77 O10 P'
RAM L-saccharide, alpha linking alpha-L-rhamnopyranose 'C6 H12 O5'
UYH non-polymer '[(2~{S})-3-[(2~{R},3~{R},4~{S},5~{S},6~{R})-6-(hydroxymethyl)-3,4,5-tris(oxidanyl)oxan-2-yl]oxy-2-octadecanoyloxy-propyl] octadecanoate' 'C45 H86 O10'
V75 non-polymer '(2~{S},3~{S},4~{S},5~{S})-4,5-diacetyloxy-3-oxidanyl-oxane-2-carboxylic acid' 'C10 H14 O8'
V7B non-polymer '[(2~{S})-3-[(2~{R},3~{R},4~{R},5~{S},6~{R})-6-(hydroxymethyl)-5-[(2~{R},3~{R},4~{S},5~{S},6~{R})-6-(hydroxymethyl)-3,4,5-tris(oxidanyl)oxan-2-yl]oxy-3,4-bis(oxidanyl)oxan-2-yl]oxy-2-(12-methyltridecanoyloxy)propyl] 12-methyltridecanoate' 'C43 H80 O15'
V7N non-polymer '(2~{E},4~{E},6~{E},10~{E},12~{E},14~{E},16~{E},18~{E},20~{E},22~{Z},24~{E},26~{E},28~{E})-23-methanoyl-31-methoxy-2,6,10,14,19,27,31-heptamethyl-dotriaconta-2,4,6,10,12,14,16,18,20,22,24,26,28-tridecaenoic acid' 'C41 H54 O4'
#
# COMPACT_ATOMS: atom_id res chain seq x y z
N FME A 1 55.69 50.05 -17.44
CN FME A 1 56.54 49.08 -17.95
O1 FME A 1 56.26 47.88 -17.96
CA FME A 1 54.40 49.77 -16.88
CB FME A 1 53.68 51.05 -16.42
CG FME A 1 52.66 50.74 -15.35
SD FME A 1 51.66 52.18 -15.11
CE FME A 1 52.74 53.22 -14.22
C FME A 1 53.46 49.04 -17.84
O FME A 1 52.57 48.27 -17.46
N HIS A 2 53.68 49.27 -19.13
CA HIS A 2 52.89 48.65 -20.19
C HIS A 2 52.96 47.12 -20.21
N ARG A 3 54.04 46.56 -19.66
CA ARG A 3 54.21 45.10 -19.66
C ARG A 3 53.12 44.36 -18.89
N ILE A 4 52.41 45.05 -17.98
CA ILE A 4 51.29 44.40 -17.30
C ILE A 4 50.20 43.97 -18.28
N TRP A 5 50.10 44.63 -19.42
CA TRP A 5 49.14 44.25 -20.45
C TRP A 5 49.59 43.09 -21.33
N MET A 6 50.86 42.69 -21.26
CA MET A 6 51.31 41.57 -22.07
C MET A 6 50.58 40.29 -21.68
N GLY A 7 50.22 39.49 -22.69
CA GLY A 7 49.47 38.26 -22.50
C GLY A 7 48.00 38.43 -22.22
N THR A 8 47.53 39.63 -21.93
CA THR A 8 46.11 39.91 -21.78
C THR A 8 45.44 40.05 -23.15
N ASP A 9 44.11 40.00 -23.14
CA ASP A 9 43.30 40.24 -24.33
C ASP A 9 42.64 41.60 -24.23
N PRO A 10 42.89 42.52 -25.17
CA PRO A 10 42.25 43.85 -25.11
C PRO A 10 40.74 43.83 -24.93
N HIS A 11 40.06 42.87 -25.57
CA HIS A 11 38.61 42.83 -25.50
C HIS A 11 38.12 42.37 -24.13
N ILE A 12 38.84 41.47 -23.47
CA ILE A 12 38.54 41.16 -22.08
C ILE A 12 38.75 42.39 -21.19
N ILE A 13 39.85 43.11 -21.41
CA ILE A 13 40.11 44.32 -20.62
C ILE A 13 39.00 45.34 -20.79
N MET A 14 38.62 45.62 -22.03
CA MET A 14 37.54 46.58 -22.27
C MET A 14 36.19 46.08 -21.76
N SER A 15 35.95 44.77 -21.81
CA SER A 15 34.70 44.22 -21.29
C SER A 15 34.63 44.32 -19.76
N ALA A 16 35.71 43.95 -19.08
CA ALA A 16 35.75 44.04 -17.63
C ALA A 16 35.68 45.48 -17.16
N LEU A 17 36.49 46.36 -17.75
CA LEU A 17 36.44 47.78 -17.41
C LEU A 17 35.09 48.40 -17.72
N GLY A 18 34.53 48.10 -18.90
CA GLY A 18 33.22 48.62 -19.25
C GLY A 18 32.14 48.18 -18.29
N SER A 19 32.17 46.92 -17.86
CA SER A 19 31.15 46.40 -16.96
C SER A 19 31.29 46.99 -15.55
N PHE A 20 32.53 47.10 -15.06
CA PHE A 20 32.78 47.78 -13.79
C PHE A 20 32.22 49.20 -13.79
N LEU A 21 32.50 49.96 -14.84
CA LEU A 21 32.02 51.35 -14.89
C LEU A 21 30.49 51.43 -14.88
N VAL A 22 29.81 50.53 -15.59
CA VAL A 22 28.36 50.53 -15.56
C VAL A 22 27.83 50.24 -14.16
N GLY A 23 28.42 49.25 -13.47
CA GLY A 23 28.01 48.96 -12.11
C GLY A 23 28.28 50.10 -11.15
N ALA A 24 29.50 50.66 -11.20
CA ALA A 24 29.86 51.76 -10.31
C ALA A 24 28.99 52.99 -10.55
N VAL A 25 28.83 53.39 -11.81
CA VAL A 25 28.00 54.56 -12.13
C VAL A 25 26.56 54.39 -11.70
N LEU A 26 25.98 53.20 -11.92
CA LEU A 26 24.60 52.98 -11.49
C LEU A 26 24.45 53.08 -9.98
N VAL A 27 25.32 52.39 -9.23
CA VAL A 27 25.28 52.47 -7.77
C VAL A 27 25.44 53.93 -7.32
N MET A 28 26.39 54.64 -7.90
CA MET A 28 26.65 56.02 -7.49
C MET A 28 25.46 56.94 -7.72
N HIS A 29 24.76 56.79 -8.85
CA HIS A 29 23.58 57.62 -9.09
C HIS A 29 22.42 57.28 -8.18
N ILE A 30 22.13 56.00 -7.96
CA ILE A 30 21.05 55.63 -7.04
C ILE A 30 21.33 56.22 -5.66
N TRP A 31 22.55 56.05 -5.19
CA TRP A 31 22.97 56.63 -3.91
C TRP A 31 22.82 58.15 -3.91
N ALA A 32 23.41 58.82 -4.90
CA ALA A 32 23.36 60.28 -4.98
C ALA A 32 21.94 60.82 -5.09
N TYR A 33 21.06 60.16 -5.87
CA TYR A 33 19.67 60.62 -5.92
C TYR A 33 19.00 60.58 -4.56
N GLY A 34 19.39 59.62 -3.71
CA GLY A 34 18.94 59.61 -2.34
C GLY A 34 19.46 60.77 -1.52
N GLN A 35 20.78 60.93 -1.46
CA GLN A 35 21.39 61.90 -0.56
C GLN A 35 21.12 63.35 -0.98
N PHE A 36 21.16 63.64 -2.28
CA PHE A 36 21.03 65.01 -2.74
C PHE A 36 19.59 65.48 -2.95
N ASN A 37 18.60 64.62 -2.73
CA ASN A 37 17.19 64.96 -2.91
C ASN A 37 16.87 65.48 -4.31
N TRP A 38 17.58 64.96 -5.32
CA TRP A 38 17.30 65.26 -6.72
C TRP A 38 17.23 63.93 -7.47
N PRO A 39 16.26 63.74 -8.38
CA PRO A 39 15.29 64.64 -9.00
C PRO A 39 14.02 64.91 -8.19
N ALA A 40 14.00 64.53 -6.91
CA ALA A 40 12.78 64.72 -6.13
C ALA A 40 12.37 66.18 -6.04
N THR A 41 13.34 67.10 -5.95
CA THR A 41 13.04 68.52 -6.07
C THR A 41 12.67 68.93 -7.49
N LEU A 42 13.21 68.24 -8.50
CA LEU A 42 12.79 68.51 -9.88
C LEU A 42 11.33 68.16 -10.10
N LYS A 43 10.89 67.01 -9.60
CA LYS A 43 9.50 66.59 -9.76
C LYS A 43 8.56 67.57 -9.06
N ALA A 44 8.90 67.94 -7.82
CA ALA A 44 8.14 68.96 -7.10
C ALA A 44 8.09 70.30 -7.85
N LYS A 45 9.14 70.64 -8.60
CA LYS A 45 9.15 71.90 -9.33
C LYS A 45 8.02 72.00 -10.34
N TYR A 46 7.70 70.90 -11.02
CA TYR A 46 6.72 70.89 -12.09
C TYR A 46 5.43 70.12 -11.78
N ALA A 47 5.29 69.58 -10.58
CA ALA A 47 4.08 68.87 -10.20
C ALA A 47 2.84 69.77 -10.30
N THR A 48 1.70 69.15 -10.58
CA THR A 48 0.40 69.82 -10.56
C THR A 48 -0.07 70.00 -9.13
N PRO A 49 -0.55 71.20 -8.75
CA PRO A 49 -1.04 71.49 -7.40
C PRO A 49 -2.09 70.51 -6.90
N FME B 1 65.46 42.70 -1.99
CN FME B 1 66.09 41.55 -2.44
O1 FME B 1 65.51 40.45 -2.52
CA FME B 1 64.08 42.75 -1.56
CB FME B 1 63.69 44.19 -1.13
CG FME B 1 62.42 44.22 -0.33
SD FME B 1 62.11 45.89 0.15
CE FME B 1 60.84 45.68 1.35
C FME B 1 63.08 42.30 -2.63
O FME B 1 62.00 41.78 -2.37
N HIS B 2 63.49 42.51 -3.87
CA HIS B 2 62.70 42.12 -5.04
C HIS B 2 62.53 40.61 -5.27
N ARG B 3 63.35 39.80 -4.60
CA ARG B 3 63.40 38.38 -4.95
C ARG B 3 62.13 37.61 -4.64
N ILE B 4 61.28 38.10 -3.75
CA ILE B 4 60.07 37.35 -3.40
C ILE B 4 59.07 37.28 -4.55
N TRP B 5 59.15 38.21 -5.51
CA TRP B 5 58.29 38.12 -6.70
C TRP B 5 58.72 37.03 -7.67
N MET B 6 59.94 36.50 -7.53
CA MET B 6 60.38 35.44 -8.42
C MET B 6 59.45 34.23 -8.34
N GLY B 7 59.20 33.61 -9.49
CA GLY B 7 58.30 32.48 -9.59
C GLY B 7 56.83 32.77 -9.43
N THR B 8 56.45 34.04 -9.25
CA THR B 8 55.06 34.45 -9.29
C THR B 8 54.66 34.94 -10.69
N ASP B 9 53.36 35.18 -10.87
CA ASP B 9 52.85 35.79 -12.09
C ASP B 9 52.31 37.18 -11.76
N PRO B 10 52.78 38.23 -12.46
CA PRO B 10 52.24 39.59 -12.23
C PRO B 10 50.72 39.71 -12.23
N HIS B 11 50.04 38.98 -13.13
CA HIS B 11 48.58 39.07 -13.18
C HIS B 11 47.95 38.48 -11.93
N ILE B 12 48.51 37.37 -11.44
CA ILE B 12 48.04 36.77 -10.20
C ILE B 12 48.26 37.71 -9.02
N ILE B 13 49.42 38.35 -8.97
CA ILE B 13 49.69 39.33 -7.91
C ILE B 13 48.76 40.52 -7.98
N MET B 14 48.64 41.16 -9.16
CA MET B 14 47.79 42.33 -9.28
C MET B 14 46.31 42.01 -9.08
N SER B 15 45.90 40.77 -9.37
CA SER B 15 44.55 40.35 -9.03
C SER B 15 44.37 40.22 -7.52
N ALA B 16 45.34 39.62 -6.84
CA ALA B 16 45.29 39.51 -5.38
C ALA B 16 45.30 40.87 -4.69
N LEU B 17 46.25 41.73 -5.05
CA LEU B 17 46.31 43.06 -4.45
C LEU B 17 45.09 43.90 -4.80
N GLY B 18 44.66 43.85 -6.06
CA GLY B 18 43.48 44.60 -6.46
C GLY B 18 42.23 44.21 -5.69
N SER B 19 41.97 42.91 -5.58
CA SER B 19 40.81 42.45 -4.83
C SER B 19 40.88 42.79 -3.35
N PHE B 20 42.05 42.64 -2.74
CA PHE B 20 42.24 43.11 -1.36
C PHE B 20 41.91 44.59 -1.20
N LEU B 21 42.45 45.44 -2.09
CA LEU B 21 42.23 46.87 -1.95
C LEU B 21 40.77 47.25 -2.07
N VAL B 22 40.06 46.66 -3.04
CA VAL B 22 38.63 46.92 -3.18
C VAL B 22 37.88 46.53 -1.90
N GLY B 23 38.19 45.35 -1.36
CA GLY B 23 37.56 44.91 -0.13
C GLY B 23 37.83 45.83 1.05
N ALA B 24 39.11 46.15 1.27
CA ALA B 24 39.50 47.03 2.37
C ALA B 24 38.84 48.41 2.23
N VAL B 25 38.89 49.00 1.04
CA VAL B 25 38.33 50.33 0.82
C VAL B 25 36.82 50.35 1.07
N LEU B 26 36.11 49.36 0.55
CA LEU B 26 34.66 49.31 0.75
C LEU B 26 34.29 49.15 2.22
N VAL B 27 34.96 48.24 2.92
CA VAL B 27 34.72 48.07 4.35
C VAL B 27 34.99 49.37 5.11
N MET B 28 36.11 50.02 4.83
CA MET B 28 36.44 51.27 5.51
C MET B 28 35.38 52.36 5.28
N HIS B 29 34.82 52.45 4.08
CA HIS B 29 33.78 53.45 3.85
C HIS B 29 32.47 53.08 4.55
N ILE B 30 32.03 51.83 4.40
CA ILE B 30 30.80 51.40 5.08
C ILE B 30 30.91 51.62 6.58
N TRP B 31 32.09 51.38 7.14
CA TRP B 31 32.35 51.67 8.55
C TRP B 31 32.35 53.18 8.83
N ALA B 32 33.11 53.95 8.05
CA ALA B 32 33.22 55.38 8.29
C ALA B 32 31.89 56.13 8.09
N TYR B 33 31.02 55.65 7.20
CA TYR B 33 29.71 56.27 7.08
C TYR B 33 28.86 56.12 8.33
N GLY B 34 29.09 55.05 9.09
CA GLY B 34 28.41 54.92 10.37
C GLY B 34 28.93 55.88 11.42
N GLN B 35 30.26 55.88 11.63
CA GLN B 35 30.83 56.66 12.72
C GLN B 35 30.74 58.17 12.48
N PHE B 36 31.00 58.64 11.26
CA PHE B 36 31.11 60.07 11.03
C PHE B 36 29.79 60.81 10.77
N ASN B 37 28.66 60.10 10.75
CA ASN B 37 27.36 60.71 10.43
C ASN B 37 27.34 61.42 9.08
N TRP B 38 28.18 60.98 8.14
CA TRP B 38 28.13 61.42 6.75
C TRP B 38 27.98 60.19 5.87
N PRO B 39 27.10 60.22 4.86
CA PRO B 39 26.30 61.31 4.28
C PRO B 39 25.01 61.69 5.01
N ALA B 40 24.78 61.20 6.23
CA ALA B 40 23.53 61.51 6.93
C ALA B 40 23.34 63.01 7.15
N THR B 41 24.41 63.75 7.47
CA THR B 41 24.28 65.20 7.52
C THR B 41 24.06 65.83 6.15
N LEU B 42 24.66 65.25 5.10
CA LEU B 42 24.40 65.72 3.74
C LEU B 42 22.93 65.58 3.37
N LYS B 43 22.36 64.39 3.61
CA LYS B 43 20.97 64.15 3.28
C LYS B 43 20.04 65.10 4.03
N ALA B 44 20.29 65.30 5.32
CA ALA B 44 19.51 66.25 6.11
C ALA B 44 19.61 67.67 5.59
N LYS B 45 20.78 68.05 5.04
CA LYS B 45 20.95 69.40 4.51
C LYS B 45 19.96 69.72 3.39
N TYR B 46 19.73 68.78 2.48
CA TYR B 46 18.90 69.02 1.31
C TYR B 46 17.52 68.36 1.37
N ALA B 47 17.21 67.63 2.43
CA ALA B 47 15.88 67.04 2.59
C ALA B 47 14.79 68.10 2.59
N THR B 48 13.56 67.66 2.28
CA THR B 48 12.38 68.50 2.28
C THR B 48 11.51 68.19 3.50
N PRO B 49 11.10 69.22 4.27
CA PRO B 49 10.22 69.01 5.44
C PRO B 49 8.92 68.30 5.09
N FME C 1 70.70 29.44 13.46
CN FME C 1 70.92 28.25 12.81
O1 FME C 1 70.03 27.57 12.29
CA FME C 1 69.42 30.08 13.66
CB FME C 1 69.60 31.50 14.24
CG FME C 1 68.33 32.31 14.35
SD FME C 1 67.24 31.51 15.50
CE FME C 1 67.83 32.08 17.04
C FME C 1 68.57 30.19 12.40
O FME C 1 67.35 30.05 12.39
N HIS C 2 69.24 30.42 11.28
CA HIS C 2 68.60 30.54 9.98
C HIS C 2 68.02 29.25 9.41
N ARG C 3 68.60 28.11 9.74
CA ARG C 3 68.29 26.88 9.02
C ARG C 3 67.07 26.14 9.56
N ILE C 4 66.32 26.74 10.49
CA ILE C 4 64.94 26.33 10.71
C ILE C 4 64.13 26.47 9.42
N TRP C 5 64.50 27.42 8.56
CA TRP C 5 63.85 27.61 7.26
C TRP C 5 64.24 26.57 6.21
N MET C 6 65.29 25.78 6.44
CA MET C 6 65.63 24.74 5.49
C MET C 6 64.53 23.68 5.45
N GLY C 7 64.21 23.22 4.24
CA GLY C 7 63.07 22.36 3.99
C GLY C 7 61.75 23.07 3.83
N THR C 8 61.68 24.37 4.07
CA THR C 8 60.45 25.16 3.93
C THR C 8 60.39 25.84 2.56
N ASP C 9 59.26 26.48 2.30
CA ASP C 9 59.05 27.30 1.12
C ASP C 9 58.69 28.72 1.55
N PRO C 10 59.38 29.75 1.03
CA PRO C 10 59.17 31.11 1.55
C PRO C 10 57.78 31.67 1.29
N HIS C 11 57.14 31.29 0.19
CA HIS C 11 55.77 31.74 -0.06
C HIS C 11 54.76 31.12 0.89
N ILE C 12 55.01 29.88 1.35
CA ILE C 12 54.18 29.32 2.40
C ILE C 12 54.40 30.06 3.72
N ILE C 13 55.66 30.40 4.03
CA ILE C 13 55.94 31.12 5.28
C ILE C 13 55.25 32.48 5.30
N MET C 14 55.39 33.25 4.23
CA MET C 14 54.68 34.52 4.13
C MET C 14 53.16 34.35 4.15
N SER C 15 52.65 33.23 3.64
CA SER C 15 51.22 32.97 3.71
C SER C 15 50.77 32.72 5.14
N ALA C 16 51.48 31.85 5.87
CA ALA C 16 51.10 31.54 7.24
C ALA C 16 51.28 32.75 8.15
N LEU C 17 52.42 33.43 8.04
CA LEU C 17 52.63 34.65 8.82
C LEU C 17 51.59 35.72 8.50
N GLY C 18 51.40 36.02 7.21
CA GLY C 18 50.42 37.04 6.84
C GLY C 18 49.01 36.74 7.31
N SER C 19 48.60 35.47 7.23
CA SER C 19 47.26 35.09 7.69
C SER C 19 47.13 35.21 9.20
N PHE C 20 48.15 34.79 9.94
CA PHE C 20 48.18 35.02 11.38
C PHE C 20 48.06 36.51 11.72
N LEU C 21 48.84 37.35 11.05
CA LEU C 21 48.81 38.77 11.35
C LEU C 21 47.45 39.40 11.07
N VAL C 22 46.82 39.06 9.94
CA VAL C 22 45.47 39.56 9.67
C VAL C 22 44.51 39.14 10.78
N GLY C 23 44.51 37.85 11.11
CA GLY C 23 43.63 37.37 12.17
C GLY C 23 43.89 38.07 13.49
N ALA C 24 45.16 38.09 13.92
CA ALA C 24 45.53 38.70 15.19
C ALA C 24 45.16 40.17 15.25
N VAL C 25 45.42 40.93 14.18
CA VAL C 25 45.11 42.36 14.17
C VAL C 25 43.59 42.61 14.20
N LEU C 26 42.82 41.87 13.41
CA LEU C 26 41.37 42.04 13.44
C LEU C 26 40.79 41.71 14.81
N VAL C 27 41.16 40.56 15.37
CA VAL C 27 40.73 40.19 16.72
C VAL C 27 41.10 41.28 17.72
N MET C 28 42.36 41.72 17.69
CA MET C 28 42.80 42.76 18.63
C MET C 28 42.02 44.07 18.47
N HIS C 29 41.71 44.47 17.24
CA HIS C 29 40.96 45.70 17.04
C HIS C 29 39.51 45.60 17.53
N ILE C 30 38.79 44.54 17.15
CA ILE C 30 37.41 44.43 17.62
C ILE C 30 37.36 44.31 19.13
N TRP C 31 38.34 43.65 19.74
CA TRP C 31 38.45 43.64 21.21
C TRP C 31 38.69 45.05 21.74
N ALA C 32 39.68 45.74 21.19
CA ALA C 32 40.02 47.08 21.67
C ALA C 32 38.86 48.07 21.54
N TYR C 33 38.12 48.01 20.43
CA TYR C 33 36.95 48.90 20.29
C TYR C 33 35.95 48.71 21.41
N GLY C 34 35.78 47.48 21.90
CA GLY C 34 34.90 47.26 23.03
C GLY C 34 35.40 47.89 24.31
N GLN C 35 36.68 47.68 24.64
CA GLN C 35 37.23 48.14 25.91
C GLN C 35 37.40 49.66 25.97
N PHE C 36 37.85 50.27 24.87
CA PHE C 36 38.25 51.68 24.92
C PHE C 36 37.12 52.67 24.64
N ASN C 37 35.89 52.20 24.41
CA ASN C 37 34.76 53.09 24.07
C ASN C 37 35.04 53.94 22.83
N TRP C 38 35.85 53.44 21.91
CA TRP C 38 36.13 54.12 20.65
C TRP C 38 36.00 53.09 19.55
N PRO C 39 35.30 53.38 18.45
CA PRO C 39 34.77 54.66 17.94
C PRO C 39 33.44 55.14 18.52
N ALA C 40 32.92 54.50 19.58
CA ALA C 40 31.65 54.91 20.14
C ALA C 40 31.64 56.38 20.56
N THR C 41 32.71 56.87 21.19
CA THR C 41 32.78 58.29 21.50
C THR C 41 32.90 59.16 20.25
N LEU C 42 33.55 58.65 19.20
CA LEU C 42 33.57 59.36 17.93
C LEU C 42 32.17 59.51 17.34
N LYS C 43 31.41 58.42 17.30
CA LYS C 43 30.04 58.49 16.79
C LYS C 43 29.20 59.49 17.59
N ALA C 44 29.29 59.42 18.92
CA ALA C 44 28.54 60.32 19.79
C ALA C 44 28.89 61.79 19.55
N LYS C 45 30.12 62.10 19.14
CA LYS C 45 30.50 63.48 18.87
C LYS C 45 29.72 64.08 17.71
N TYR C 46 29.46 63.31 16.66
CA TYR C 46 28.83 63.83 15.46
C TYR C 46 27.38 63.40 15.27
N ALA C 47 26.86 62.54 16.13
CA ALA C 47 25.45 62.14 16.06
C ALA C 47 24.51 63.35 16.16
N THR C 48 23.30 63.16 15.66
CA THR C 48 22.33 64.24 15.49
C THR C 48 21.78 64.72 16.83
N FME D 1 72.03 16.40 26.88
CN FME D 1 73.03 15.57 26.45
O1 FME D 1 72.82 14.47 25.93
CA FME D 1 70.63 16.09 26.78
CB FME D 1 69.76 17.08 27.57
CG FME D 1 69.94 16.91 29.05
SD FME D 1 68.42 17.39 29.84
CE FME D 1 68.54 16.63 31.41
C FME D 1 70.10 16.09 25.34
O FME D 1 69.04 15.56 25.01
N HIS D 2 70.89 16.70 24.46
CA HIS D 2 70.50 16.97 23.07
C HIS D 2 70.07 15.73 22.27
N ARG D 3 70.63 14.59 22.62
CA ARG D 3 70.35 13.35 21.90
C ARG D 3 68.91 12.89 22.01
N ILE D 4 68.12 13.43 22.95
CA ILE D 4 66.68 13.21 22.95
C ILE D 4 66.03 13.66 21.63
N TRP D 5 66.59 14.67 20.97
CA TRP D 5 66.01 15.17 19.73
C TRP D 5 66.31 14.32 18.50
N MET D 6 67.18 13.31 18.60
CA MET D 6 67.47 12.47 17.45
C MET D 6 66.21 11.76 16.95
N GLY D 7 66.17 11.54 15.63
CA GLY D 7 65.04 10.91 14.97
C GLY D 7 63.79 11.76 14.83
N THR D 8 63.75 12.94 15.45
CA THR D 8 62.61 13.85 15.34
C THR D 8 62.65 14.63 14.03
N ASP D 9 61.53 15.27 13.71
CA ASP D 9 61.49 16.32 12.71
C ASP D 9 61.35 17.65 13.43
N PRO D 10 62.30 18.57 13.29
CA PRO D 10 62.23 19.84 14.04
C PRO D 10 61.01 20.68 13.74
N HIS D 11 60.40 20.54 12.56
CA HIS D 11 59.17 21.26 12.26
C HIS D 11 58.00 20.73 13.10
N ILE D 12 57.90 19.42 13.26
CA ILE D 12 56.89 18.87 14.16
C ILE D 12 57.12 19.36 15.58
N ILE D 13 58.37 19.46 16.01
CA ILE D 13 58.69 19.98 17.33
C ILE D 13 58.16 21.41 17.49
N MET D 14 58.57 22.31 16.58
CA MET D 14 58.14 23.70 16.69
C MET D 14 56.64 23.86 16.48
N SER D 15 56.03 22.98 15.68
CA SER D 15 54.58 23.02 15.50
C SER D 15 53.85 22.67 16.79
N ALA D 16 54.25 21.56 17.42
CA ALA D 16 53.61 21.14 18.67
C ALA D 16 53.89 22.12 19.81
N LEU D 17 55.12 22.61 19.92
CA LEU D 17 55.42 23.60 20.96
C LEU D 17 54.64 24.89 20.74
N GLY D 18 54.66 25.41 19.50
CA GLY D 18 53.92 26.61 19.20
C GLY D 18 52.43 26.49 19.47
N SER D 19 51.87 25.29 19.29
CA SER D 19 50.46 25.06 19.55
C SER D 19 50.15 24.96 21.04
N PHE D 20 51.00 24.27 21.80
CA PHE D 20 50.88 24.27 23.25
C PHE D 20 50.89 25.68 23.82
N LEU D 21 51.88 26.48 23.43
CA LEU D 21 51.97 27.85 23.94
C LEU D 21 50.76 28.69 23.58
N VAL D 22 50.27 28.58 22.34
CA VAL D 22 49.04 29.30 21.96
C VAL D 22 47.86 28.88 22.84
N GLY D 23 47.70 27.58 23.07
CA GLY D 23 46.64 27.13 23.96
C GLY D 23 46.82 27.60 25.39
N ALA D 24 47.99 27.36 25.95
CA ALA D 24 48.29 27.75 27.33
C ALA D 24 48.13 29.26 27.55
N VAL D 25 48.66 30.07 26.64
CA VAL D 25 48.58 31.52 26.79
C VAL D 25 47.14 32.01 26.72
N LEU D 26 46.33 31.48 25.81
CA LEU D 26 44.93 31.88 25.76
C LEU D 26 44.17 31.47 27.03
N VAL D 27 44.36 30.24 27.49
CA VAL D 27 43.75 29.81 28.75
C VAL D 27 44.15 30.73 29.89
N MET D 28 45.46 30.93 30.06
CA MET D 28 45.96 31.78 31.15
C MET D 28 45.41 33.19 31.11
N HIS D 29 45.31 33.79 29.92
CA HIS D 29 44.74 35.14 29.83
C HIS D 29 43.26 35.19 30.16
N ILE D 30 42.46 34.24 29.65
CA ILE D 30 41.03 34.28 29.94
C ILE D 30 40.80 34.11 31.44
N TRP D 31 41.50 33.15 32.04
CA TRP D 31 41.46 32.97 33.49
C TRP D 31 41.92 34.23 34.22
N ALA D 32 43.07 34.78 33.82
CA ALA D 32 43.60 35.97 34.49
C ALA D 32 42.68 37.18 34.35
N TYR D 33 42.11 37.40 33.17
CA TYR D 33 41.16 38.50 33.01
C TYR D 33 39.98 38.37 33.98
N GLY D 34 39.53 37.14 34.22
CA GLY D 34 38.49 36.91 35.21
C GLY D 34 38.90 37.26 36.63
N GLN D 35 40.05 36.76 37.08
CA GLN D 35 40.46 37.00 38.45
C GLN D 35 40.86 38.45 38.71
N PHE D 36 41.57 39.08 37.79
CA PHE D 36 42.15 40.39 38.05
C PHE D 36 41.21 41.58 37.81
N ASN D 37 39.99 41.34 37.34
CA ASN D 37 39.04 42.40 37.01
C ASN D 37 39.57 43.37 35.94
N TRP D 38 40.44 42.89 35.06
CA TRP D 38 40.95 43.68 33.95
C TRP D 38 40.79 42.84 32.68
N PRO D 39 40.31 43.43 31.58
CA PRO D 39 40.05 44.84 31.24
C PRO D 39 38.73 45.45 31.73
N ALA D 40 38.00 44.77 32.62
CA ALA D 40 36.75 45.33 33.11
C ALA D 40 36.92 46.71 33.76
N THR D 41 37.96 46.90 34.57
CA THR D 41 38.21 48.23 35.11
C THR D 41 38.62 49.23 34.04
N LEU D 42 39.34 48.76 33.00
CA LEU D 42 39.65 49.61 31.85
C LEU D 42 38.38 50.05 31.12
N LYS D 43 37.47 49.11 30.86
CA LYS D 43 36.20 49.45 30.23
C LYS D 43 35.43 50.49 31.04
N ALA D 44 35.32 50.28 32.35
CA ALA D 44 34.60 51.22 33.19
C ALA D 44 35.26 52.59 33.26
N LYS D 45 36.58 52.66 33.18
CA LYS D 45 37.27 53.96 33.17
C LYS D 45 36.79 54.85 32.02
N TYR D 46 36.67 54.29 30.82
CA TYR D 46 36.33 55.08 29.63
C TYR D 46 34.88 54.95 29.18
N ALA D 47 34.06 54.19 29.88
CA ALA D 47 32.63 54.16 29.60
C ALA D 47 32.00 55.53 29.79
N THR D 48 30.77 55.68 29.29
CA THR D 48 30.05 56.95 29.33
C THR D 48 28.59 56.72 29.71
N FME E 1 69.66 -0.89 38.28
CN FME E 1 70.41 -1.74 37.51
O1 FME E 1 69.96 -2.33 36.52
CA FME E 1 68.26 -0.62 38.04
CB FME E 1 67.64 0.26 39.15
CG FME E 1 68.41 1.53 39.36
SD FME E 1 67.53 2.51 40.54
CE FME E 1 67.99 1.77 42.07
C FME E 1 68.00 0.09 36.72
O FME E 1 66.89 0.11 36.18
N HIS E 2 69.06 0.66 36.16
CA HIS E 2 69.02 1.28 34.84
C HIS E 2 68.66 0.33 33.70
N ARG E 3 68.86 -0.97 33.91
CA ARG E 3 68.43 -1.96 32.92
C ARG E 3 66.93 -1.97 32.68
N ILE E 4 66.12 -1.38 33.56
CA ILE E 4 64.68 -1.29 33.31
C ILE E 4 64.38 -0.55 32.01
N TRP E 5 65.26 0.35 31.57
CA TRP E 5 65.05 1.07 30.32
C TRP E 5 65.35 0.27 29.06
N MET E 6 66.06 -0.86 29.17
CA MET E 6 66.67 -1.49 28.00
C MET E 6 65.65 -1.90 26.95
N GLY E 7 64.44 -2.30 27.34
CA GLY E 7 63.43 -2.68 26.36
C GLY E 7 62.78 -1.54 25.58
N THR E 8 63.15 -0.29 25.82
CA THR E 8 62.25 0.83 25.62
C THR E 8 62.87 1.88 24.69
N ASP E 9 61.98 2.71 24.10
CA ASP E 9 62.32 3.87 23.27
C ASP E 9 62.21 5.12 24.14
N PRO E 10 63.25 5.95 24.21
CA PRO E 10 63.17 7.15 25.07
C PRO E 10 62.04 8.11 24.74
N HIS E 11 61.61 8.19 23.47
CA HIS E 11 60.46 9.04 23.14
C HIS E 11 59.17 8.49 23.71
N ILE E 12 59.03 7.16 23.77
CA ILE E 12 57.90 6.55 24.45
C ILE E 12 57.93 6.89 25.94
N ILE E 13 59.08 6.73 26.57
CA ILE E 13 59.23 7.06 28.00
C ILE E 13 58.93 8.53 28.27
N MET E 14 59.45 9.44 27.44
CA MET E 14 59.18 10.86 27.67
C MET E 14 57.73 11.24 27.38
N SER E 15 57.07 10.57 26.43
CA SER E 15 55.66 10.82 26.20
C SER E 15 54.81 10.34 27.38
N ALA E 16 55.12 9.16 27.92
CA ALA E 16 54.39 8.65 29.08
C ALA E 16 54.59 9.54 30.30
N LEU E 17 55.85 9.80 30.66
CA LEU E 17 56.14 10.67 31.80
C LEU E 17 55.58 12.08 31.59
N GLY E 18 55.73 12.63 30.38
CA GLY E 18 55.18 13.94 30.10
C GLY E 18 53.68 14.01 30.28
N SER E 19 52.96 13.01 29.78
CA SER E 19 51.51 12.95 29.97
C SER E 19 51.13 12.87 31.44
N PHE E 20 51.77 11.95 32.18
CA PHE E 20 51.46 11.78 33.59
C PHE E 20 51.63 13.07 34.38
N LEU E 21 52.76 13.75 34.21
CA LEU E 21 53.00 14.99 34.93
C LEU E 21 51.97 16.06 34.59
N VAL E 22 51.69 16.25 33.31
CA VAL E 22 50.68 17.23 32.90
C VAL E 22 49.34 16.93 33.55
N GLY E 23 48.94 15.67 33.56
CA GLY E 23 47.71 15.26 34.22
C GLY E 23 47.70 15.51 35.72
N ALA E 24 48.69 14.94 36.41
CA ALA E 24 48.77 15.06 37.87
C ALA E 24 48.83 16.51 38.33
N VAL E 25 49.63 17.34 37.65
CA VAL E 25 49.75 18.75 38.02
C VAL E 25 48.42 19.47 37.87
N LEU E 26 47.75 19.28 36.72
CA LEU E 26 46.47 19.95 36.50
C LEU E 26 45.43 19.52 37.53
N VAL E 27 45.33 18.21 37.80
CA VAL E 27 44.41 17.72 38.80
C VAL E 27 44.70 18.31 40.17
N MET E 28 45.97 18.28 40.59
CA MET E 28 46.35 18.87 41.88
C MET E 28 46.04 20.37 41.96
N HIS E 29 46.21 21.11 40.87
CA HIS E 29 45.83 22.52 40.89
C HIS E 29 44.31 22.72 40.94
N ILE E 30 43.55 21.96 40.14
CA ILE E 30 42.10 22.08 40.18
C ILE E 30 41.58 21.71 41.57
N TRP E 31 42.19 20.70 42.19
CA TRP E 31 41.87 20.33 43.56
C TRP E 31 42.25 21.43 44.54
N ALA E 32 43.50 21.91 44.48
CA ALA E 32 43.97 22.90 45.45
C ALA E 32 43.21 24.22 45.36
N TYR E 33 42.83 24.66 44.16
CA TYR E 33 41.99 25.86 44.04
C TYR E 33 40.67 25.69 44.77
N GLY E 34 40.10 24.49 44.74
CA GLY E 34 38.88 24.23 45.48
C GLY E 34 39.04 24.27 46.99
N GLN E 35 40.18 23.80 47.50
CA GLN E 35 40.38 23.70 48.93
C GLN E 35 40.88 24.99 49.57
N PHE E 36 41.87 25.65 48.96
CA PHE E 36 42.57 26.74 49.62
C PHE E 36 41.88 28.10 49.51
N ASN E 37 40.73 28.18 48.86
CA ASN E 37 40.02 29.45 48.61
C ASN E 37 40.86 30.45 47.81
N TRP E 38 41.82 29.98 47.03
CA TRP E 38 42.59 30.80 46.12
C TRP E 38 42.46 30.20 44.72
N PRO E 39 42.13 31.01 43.69
CA PRO E 39 42.16 32.47 43.55
C PRO E 39 40.91 33.23 44.01
N ALA E 40 40.02 32.59 44.78
CA ALA E 40 38.79 33.27 45.18
C ALA E 40 39.05 34.50 46.05
N THR E 41 40.07 34.44 46.92
CA THR E 41 40.48 35.65 47.64
C THR E 41 41.12 36.69 46.73
N LEU E 42 41.88 36.24 45.73
CA LEU E 42 42.40 37.18 44.73
C LEU E 42 41.28 37.89 43.99
N LYS E 43 40.28 37.15 43.52
CA LYS E 43 39.17 37.75 42.80
C LYS E 43 38.41 38.76 43.66
N ALA E 44 38.12 38.39 44.91
CA ALA E 44 37.43 39.29 45.83
C ALA E 44 38.25 40.54 46.16
N LYS E 45 39.58 40.46 46.13
CA LYS E 45 40.40 41.63 46.37
C LYS E 45 40.16 42.73 45.34
N TYR E 46 40.09 42.37 44.06
CA TYR E 46 39.95 43.33 42.98
C TYR E 46 38.54 43.46 42.43
N ALA E 47 37.58 42.69 42.95
CA ALA E 47 36.20 42.78 42.48
C ALA E 47 35.64 44.19 42.68
N THR E 48 34.73 44.56 41.77
CA THR E 48 34.06 45.86 41.85
C THR E 48 33.11 45.89 43.04
N PRO E 49 33.23 46.87 43.95
CA PRO E 49 32.38 46.95 45.15
C PRO E 49 30.90 47.12 44.82
N FME F 1 62.96 -18.88 45.35
CN FME F 1 62.75 -19.77 44.33
O1 FME F 1 61.79 -19.72 43.54
CA FME F 1 62.12 -17.76 45.70
CB FME F 1 62.77 -16.91 46.80
CG FME F 1 61.85 -15.94 47.47
SD FME F 1 62.84 -14.99 48.61
CE FME F 1 61.65 -14.05 49.48
C FME F 1 61.80 -16.85 44.52
O FME F 1 60.69 -16.36 44.30
N HIS F 2 62.84 -16.62 43.73
CA HIS F 2 62.79 -15.79 42.53
C HIS F 2 62.25 -16.46 41.26
N ARG F 3 62.16 -17.79 41.26
CA ARG F 3 61.78 -18.51 40.06
C ARG F 3 60.31 -18.35 39.68
N ILE F 4 59.50 -17.68 40.52
CA ILE F 4 58.17 -17.27 40.10
C ILE F 4 58.21 -16.33 38.90
N TRP F 5 59.25 -15.50 38.80
CA TRP F 5 59.35 -14.52 37.72
C TRP F 5 59.75 -15.13 36.38
N MET F 6 60.31 -16.34 36.38
CA MET F 6 60.68 -16.98 35.13
C MET F 6 59.46 -17.16 34.22
N GLY F 7 59.65 -16.85 32.94
CA GLY F 7 58.57 -16.89 31.97
C GLY F 7 57.67 -15.67 31.95
N THR F 8 58.02 -14.61 32.68
CA THR F 8 57.24 -13.38 32.73
C THR F 8 58.10 -12.19 32.31
N ASP F 9 57.46 -11.20 31.67
CA ASP F 9 58.19 -10.03 31.17
C ASP F 9 58.23 -8.94 32.25
N PRO F 10 59.39 -8.35 32.50
CA PRO F 10 59.50 -7.36 33.59
C PRO F 10 58.63 -6.13 33.40
N HIS F 11 58.37 -5.71 32.16
CA HIS F 11 57.50 -4.57 31.93
C HIS F 11 56.03 -4.91 32.08
N ILE F 12 55.65 -6.16 31.83
CA ILE F 12 54.30 -6.60 32.18
C ILE F 12 54.09 -6.54 33.69
N ILE F 13 55.04 -7.09 34.45
CA ILE F 13 54.91 -7.12 35.91
C ILE F 13 54.90 -5.71 36.49
N MET F 14 55.85 -4.86 36.08
CA MET F 14 55.87 -3.48 36.58
C MET F 14 54.64 -2.69 36.15
N SER F 15 54.11 -2.96 34.95
CA SER F 15 52.85 -2.34 34.55
C SER F 15 51.70 -2.79 35.45
N ALA F 16 51.60 -4.10 35.68
CA ALA F 16 50.53 -4.63 36.51
C ALA F 16 50.60 -4.13 37.95
N LEU F 17 51.79 -4.19 38.54
CA LEU F 17 51.99 -3.67 39.90
C LEU F 17 51.72 -2.18 39.98
N GLY F 18 52.27 -1.41 39.03
CA GLY F 18 52.01 0.03 39.02
C GLY F 18 50.54 0.38 38.85
N SER F 19 49.83 -0.38 38.01
CA SER F 19 48.38 -0.19 37.87
C SER F 19 47.66 -0.48 39.18
N PHE F 20 48.01 -1.59 39.85
CA PHE F 20 47.40 -1.93 41.12
C PHE F 20 47.61 -0.85 42.17
N LEU F 21 48.86 -0.39 42.32
CA LEU F 21 49.16 0.64 43.32
C LEU F 21 48.41 1.94 43.06
N VAL F 22 48.36 2.40 41.81
CA VAL F 22 47.62 3.61 41.50
C VAL F 22 46.14 3.45 41.86
N GLY F 23 45.55 2.31 41.52
CA GLY F 23 44.19 2.03 41.95
C GLY F 23 44.05 2.02 43.47
N ALA F 24 44.87 1.22 44.15
CA ALA F 24 44.77 1.07 45.60
C ALA F 24 44.95 2.40 46.33
N VAL F 25 45.91 3.21 45.90
CA VAL F 25 46.17 4.48 46.56
C VAL F 25 45.02 5.46 46.37
N LEU F 26 44.47 5.54 45.15
CA LEU F 26 43.35 6.44 44.93
C LEU F 26 42.10 6.01 45.68
N VAL F 27 41.79 4.71 45.68
CA VAL F 27 40.70 4.20 46.50
C VAL F 27 40.91 4.55 47.97
N MET F 28 42.09 4.27 48.51
CA MET F 28 42.37 4.54 49.91
C MET F 28 42.26 6.03 50.26
N HIS F 29 42.79 6.91 49.41
CA HIS F 29 42.73 8.34 49.73
C HIS F 29 41.30 8.88 49.73
N ILE F 30 40.49 8.48 48.76
CA ILE F 30 39.16 9.06 48.65
C ILE F 30 38.24 8.48 49.72
N TRP F 31 38.44 7.21 50.09
CA TRP F 31 37.88 6.68 51.32
C TRP F 31 38.34 7.45 52.55
N ALA F 32 39.65 7.66 52.70
CA ALA F 32 40.17 8.35 53.86
C ALA F 32 39.68 9.79 53.98
N TYR F 33 39.57 10.51 52.85
CA TYR F 33 38.95 11.84 52.92
C TYR F 33 37.50 11.78 53.38
N GLY F 34 36.79 10.70 53.04
CA GLY F 34 35.46 10.49 53.59
C GLY F 34 35.41 10.37 55.10
N GLN F 35 36.33 9.60 55.68
CA GLN F 35 36.28 9.34 57.12
C GLN F 35 36.90 10.47 57.95
N PHE F 36 38.07 10.95 57.56
CA PHE F 36 38.86 11.78 58.46
C PHE F 36 38.43 13.24 58.51
N ASN F 37 37.45 13.65 57.68
CA ASN F 37 37.03 15.04 57.58
C ASN F 37 38.19 15.97 57.21
N TRP F 38 39.05 15.48 56.33
CA TRP F 38 40.10 16.27 55.69
C TRP F 38 40.09 15.96 54.20
N PRO F 39 40.20 16.97 53.33
CA PRO F 39 40.47 18.40 53.50
C PRO F 39 39.29 19.29 53.94
N ALA F 40 38.17 18.68 54.34
CA ALA F 40 37.01 19.46 54.78
C ALA F 40 37.34 20.49 55.86
N THR F 41 38.19 20.15 56.83
CA THR F 41 38.67 21.16 57.77
C THR F 41 39.60 22.17 57.13
N LEU F 42 40.41 21.75 56.16
CA LEU F 42 41.26 22.71 55.44
C LEU F 42 40.43 23.75 54.70
N LYS F 43 39.38 23.31 54.01
CA LYS F 43 38.50 24.25 53.33
C LYS F 43 37.87 25.25 54.31
N ALA F 44 37.25 24.74 55.38
CA ALA F 44 36.66 25.59 56.40
C ALA F 44 37.65 26.57 57.02
N LYS F 45 38.92 26.17 57.17
CA LYS F 45 39.91 27.09 57.72
C LYS F 45 40.06 28.37 56.89
N TYR F 46 39.94 28.26 55.56
CA TYR F 46 40.17 29.40 54.68
C TYR F 46 38.93 29.91 53.95
N ALA F 47 37.80 29.21 54.02
CA ALA F 47 36.57 29.68 53.40
C ALA F 47 36.13 31.04 53.97
N THR F 48 35.28 31.75 53.18
CA THR F 48 34.83 33.10 53.49
C THR F 48 33.39 33.07 53.99
N PRO F 49 33.09 33.67 55.15
CA PRO F 49 31.75 33.69 55.74
C PRO F 49 30.67 34.21 54.78
N FME G 1 52.32 -34.60 49.64
CN FME G 1 52.67 -35.58 48.75
O1 FME G 1 52.22 -35.67 47.60
CA FME G 1 51.39 -33.54 49.39
CB FME G 1 51.40 -32.47 50.50
CG FME G 1 50.73 -32.90 51.78
SD FME G 1 48.96 -32.85 51.54
CE FME G 1 48.67 -31.13 51.38
C FME G 1 51.64 -32.79 48.08
O FME G 1 50.73 -32.43 47.33
N HIS G 2 52.91 -32.57 47.81
CA HIS G 2 53.35 -31.72 46.70
C HIS G 2 52.93 -32.21 45.31
N ARG G 3 52.64 -33.52 45.21
CA ARG G 3 52.21 -34.11 43.95
C ARG G 3 50.92 -33.49 43.41
N ILE G 4 50.14 -32.80 44.25
CA ILE G 4 48.94 -32.13 43.77
C ILE G 4 49.25 -31.00 42.79
N TRP G 5 50.45 -30.43 42.83
CA TRP G 5 50.83 -29.37 41.91
C TRP G 5 51.34 -29.87 40.56
N MET G 6 51.57 -31.17 40.39
CA MET G 6 52.11 -31.67 39.13
C MET G 6 51.15 -31.38 37.98
N GLY G 7 51.72 -30.97 36.84
CA GLY G 7 50.96 -30.58 35.67
C GLY G 7 50.33 -29.21 35.72
N THR G 8 50.23 -28.59 36.89
CA THR G 8 49.61 -27.27 37.02
C THR G 8 50.54 -26.18 36.51
N ASP G 9 49.97 -24.99 36.28
CA ASP G 9 50.75 -23.81 35.95
C ASP G 9 50.80 -22.90 37.17
N PRO G 10 52.00 -22.64 37.72
CA PRO G 10 52.08 -21.84 38.96
C PRO G 10 51.54 -20.43 38.83
N HIS G 11 51.59 -19.84 37.63
CA HIS G 11 50.98 -18.54 37.42
C HIS G 11 49.46 -18.60 37.50
N ILE G 12 48.86 -19.66 36.96
CA ILE G 12 47.42 -19.85 37.15
C ILE G 12 47.08 -20.05 38.62
N ILE G 13 47.87 -20.87 39.34
CA ILE G 13 47.64 -21.07 40.77
C ILE G 13 47.69 -19.75 41.53
N MET G 14 48.78 -18.99 41.36
CA MET G 14 48.93 -17.74 42.10
C MET G 14 47.88 -16.71 41.70
N SER G 15 47.50 -16.68 40.41
CA SER G 15 46.42 -15.82 39.97
C SER G 15 45.09 -16.18 40.64
N ALA G 16 44.75 -17.47 40.64
CA ALA G 16 43.50 -17.91 41.27
C ALA G 16 43.49 -17.60 42.76
N LEU G 17 44.56 -17.99 43.47
CA LEU G 17 44.63 -17.74 44.90
C LEU G 17 44.59 -16.25 45.23
N GLY G 18 45.39 -15.45 44.52
CA GLY G 18 45.39 -14.02 44.75
C GLY G 18 44.05 -13.36 44.52
N SER G 19 43.31 -13.83 43.52
CA SER G 19 41.99 -13.27 43.23
C SER G 19 40.96 -13.68 44.27
N PHE G 20 40.99 -14.94 44.71
CA PHE G 20 40.15 -15.39 45.80
C PHE G 20 40.37 -14.56 47.07
N LEU G 21 41.63 -14.34 47.44
CA LEU G 21 41.92 -13.55 48.63
C LEU G 21 41.42 -12.12 48.53
N VAL G 22 41.51 -11.51 47.35
CA VAL G 22 40.94 -10.17 47.16
C VAL G 22 39.43 -10.19 47.37
N GLY G 23 38.75 -11.20 46.80
CA GLY G 23 37.32 -11.34 47.04
C GLY G 23 36.97 -11.56 48.49
N ALA G 24 37.63 -12.53 49.13
CA ALA G 24 37.36 -12.84 50.53
C ALA G 24 37.63 -11.65 51.45
N VAL G 25 38.76 -10.97 51.26
CA VAL G 25 39.10 -9.82 52.10
C VAL G 25 38.13 -8.67 51.91
N LEU G 26 37.70 -8.41 50.67
CA LEU G 26 36.72 -7.35 50.45
C LEU G 26 35.36 -7.68 51.08
N VAL G 27 34.92 -8.94 50.97
CA VAL G 27 33.67 -9.34 51.61
C VAL G 27 33.77 -9.19 53.13
N MET G 28 34.85 -9.71 53.71
CA MET G 28 35.01 -9.68 55.17
C MET G 28 35.08 -8.26 55.71
N HIS G 29 35.78 -7.35 55.03
CA HIS G 29 35.83 -5.97 55.50
C HIS G 29 34.49 -5.25 55.39
N ILE G 30 33.75 -5.42 54.29
CA ILE G 30 32.42 -4.80 54.22
C ILE G 30 31.56 -5.32 55.35
N TRP G 31 31.56 -6.63 55.55
CA TRP G 31 30.79 -7.25 56.62
C TRP G 31 31.25 -6.73 57.98
N ALA G 32 32.56 -6.76 58.25
CA ALA G 32 33.09 -6.31 59.53
C ALA G 32 32.80 -4.83 59.78
N TYR G 33 32.95 -3.98 58.77
CA TYR G 33 32.65 -2.56 58.96
C TYR G 33 31.18 -2.35 59.35
N GLY G 34 30.28 -3.19 58.85
CA GLY G 34 28.90 -3.13 59.29
C GLY G 34 28.72 -3.54 60.74
N GLN G 35 29.24 -4.71 61.11
CA GLN G 35 28.97 -5.26 62.43
C GLN G 35 29.69 -4.49 63.54
N PHE G 36 30.92 -4.06 63.30
CA PHE G 36 31.72 -3.43 64.35
C PHE G 36 31.52 -1.93 64.48
N ASN G 37 30.71 -1.31 63.63
CA ASN G 37 30.48 0.14 63.66
C ASN G 37 31.78 0.94 63.53
N TRP G 38 32.74 0.40 62.78
CA TRP G 38 33.96 1.12 62.44
C TRP G 38 34.15 0.98 60.93
N PRO G 39 34.44 2.08 60.20
CA PRO G 39 34.89 3.42 60.58
C PRO G 39 33.80 4.42 60.97
N ALA G 40 32.58 3.96 61.22
CA ALA G 40 31.50 4.89 61.58
C ALA G 40 31.83 5.68 62.85
N THR G 41 32.42 5.04 63.85
CA THR G 41 32.88 5.80 65.01
C THR G 41 34.05 6.72 64.69
N LEU G 42 34.92 6.33 63.77
CA LEU G 42 36.00 7.21 63.34
C LEU G 42 35.46 8.50 62.71
N LYS G 43 34.53 8.37 61.76
CA LYS G 43 33.94 9.54 61.12
C LYS G 43 33.27 10.44 62.14
N ALA G 44 32.46 9.87 63.03
CA ALA G 44 31.75 10.66 64.03
C ALA G 44 32.68 11.40 64.98
N LYS G 45 33.86 10.84 65.25
CA LYS G 45 34.81 11.52 66.13
C LYS G 45 35.30 12.84 65.52
N TYR G 46 35.63 12.85 64.24
CA TYR G 46 36.20 14.04 63.59
C TYR G 46 35.18 14.88 62.83
N ALA G 47 33.93 14.46 62.73
CA ALA G 47 32.91 15.23 62.03
C ALA G 47 32.75 16.62 62.66
N THR G 48 32.38 17.60 61.82
CA THR G 48 31.92 18.92 62.23
C THR G 48 30.48 18.82 62.77
N PRO G 49 30.12 19.59 63.80
CA PRO G 49 28.78 19.51 64.40
C PRO G 49 27.63 19.69 63.41
N FME H 1 39.29 -49.88 49.42
CN FME H 1 39.68 -50.66 48.35
O1 FME H 1 39.36 -50.43 47.18
CA FME H 1 38.48 -48.70 49.30
CB FME H 1 38.27 -48.02 50.67
CG FME H 1 37.17 -46.98 50.62
SD FME H 1 37.07 -46.24 52.22
CE FME H 1 35.79 -45.05 51.98
C FME H 1 39.07 -47.65 48.36
O FME H 1 38.38 -46.91 47.66
N HIS H 2 40.40 -47.61 48.34
CA HIS H 2 41.15 -46.70 47.49
C HIS H 2 40.89 -46.88 46.00
N ARG H 3 40.44 -48.08 45.61
CA ARG H 3 40.16 -48.35 44.21
C ARG H 3 39.04 -47.47 43.63
N ILE H 4 38.24 -46.82 44.48
CA ILE H 4 37.27 -45.85 44.00
C ILE H 4 37.93 -44.73 43.20
N TRP H 5 39.20 -44.44 43.48
CA TRP H 5 39.94 -43.41 42.77
C TRP H 5 40.55 -43.87 41.45
N MET H 6 40.48 -45.17 41.14
CA MET H 6 40.96 -45.68 39.86
C MET H 6 40.37 -44.91 38.69
N GLY H 7 41.22 -44.47 37.76
CA GLY H 7 40.79 -43.81 36.56
C GLY H 7 40.32 -42.38 36.70
N THR H 8 40.34 -41.83 37.91
CA THR H 8 40.02 -40.42 38.14
C THR H 8 41.26 -39.55 37.94
N ASP H 9 41.03 -38.25 37.80
CA ASP H 9 42.09 -37.26 37.79
C ASP H 9 42.06 -36.51 39.11
N PRO H 10 43.17 -36.41 39.84
CA PRO H 10 43.15 -35.77 41.17
C PRO H 10 42.69 -34.32 41.15
N HIS H 11 43.02 -33.56 40.10
CA HIS H 11 42.52 -32.19 40.00
C HIS H 11 41.01 -32.15 39.82
N ILE H 12 40.43 -33.16 39.18
CA ILE H 12 38.98 -33.27 39.10
C ILE H 12 38.38 -33.52 40.48
N ILE H 13 38.95 -34.47 41.23
CA ILE H 13 38.48 -34.75 42.59
C ILE H 13 38.58 -33.52 43.49
N MET H 14 39.72 -32.85 43.47
CA MET H 14 39.89 -31.67 44.33
C MET H 14 39.00 -30.51 43.90
N SER H 15 38.77 -30.33 42.60
CA SER H 15 37.80 -29.31 42.17
C SER H 15 36.41 -29.63 42.69
N ALA H 16 36.00 -30.89 42.58
CA ALA H 16 34.65 -31.29 42.97
C ALA H 16 34.48 -31.21 44.49
N LEU H 17 35.42 -31.79 45.24
CA LEU H 17 35.37 -31.72 46.69
C LEU H 17 35.49 -30.28 47.19
N GLY H 18 36.41 -29.50 46.63
CA GLY H 18 36.54 -28.11 47.02
C GLY H 18 35.28 -27.30 46.79
N SER H 19 34.64 -27.49 45.63
CA SER H 19 33.37 -26.84 45.35
C SER H 19 32.32 -27.18 46.40
N PHE H 20 32.09 -28.48 46.64
CA PHE H 20 31.08 -28.91 47.60
C PHE H 20 31.31 -28.32 48.99
N LEU H 21 32.55 -28.37 49.49
CA LEU H 21 32.83 -27.86 50.82
C LEU H 21 32.54 -26.37 50.94
N VAL H 22 33.00 -25.57 49.98
CA VAL H 22 32.72 -24.14 50.00
C VAL H 22 31.21 -23.88 50.02
N GLY H 23 30.45 -24.61 49.22
CA GLY H 23 29.01 -24.44 49.21
C GLY H 23 28.35 -24.84 50.53
N ALA H 24 28.73 -25.99 51.06
CA ALA H 24 28.14 -26.46 52.31
C ALA H 24 28.50 -25.57 53.49
N VAL H 25 29.76 -25.14 53.58
CA VAL H 25 30.18 -24.24 54.65
C VAL H 25 29.42 -22.92 54.59
N LEU H 26 29.32 -22.32 53.40
CA LEU H 26 28.59 -21.06 53.28
C LEU H 26 27.11 -21.21 53.62
N VAL H 27 26.47 -22.27 53.13
CA VAL H 27 25.06 -22.48 53.46
C VAL H 27 24.87 -22.62 54.97
N MET H 28 25.73 -23.40 55.62
CA MET H 28 25.66 -23.53 57.08
C MET H 28 25.82 -22.19 57.80
N HIS H 29 26.79 -21.37 57.39
CA HIS H 29 26.96 -20.08 58.05
C HIS H 29 25.79 -19.14 57.79
N ILE H 30 25.29 -19.07 56.56
CA ILE H 30 24.14 -18.21 56.28
C ILE H 30 22.94 -18.67 57.11
N TRP H 31 22.75 -19.98 57.21
CA TRP H 31 21.69 -20.55 58.02
C TRP H 31 21.91 -20.26 59.50
N ALA H 32 23.10 -20.57 60.02
CA ALA H 32 23.39 -20.43 61.45
C ALA H 32 23.32 -18.99 61.92
N TYR H 33 23.78 -18.04 61.11
CA TYR H 33 23.63 -16.63 61.47
C TYR H 33 22.18 -16.26 61.72
N GLY H 34 21.26 -16.80 60.92
CA GLY H 34 19.84 -16.54 61.08
C GLY H 34 19.19 -17.19 62.29
N GLN H 35 19.76 -18.28 62.79
CA GLN H 35 19.19 -18.97 63.96
C GLN H 35 19.79 -18.49 65.28
N PHE H 36 21.11 -18.35 65.36
CA PHE H 36 21.78 -18.10 66.64
C PHE H 36 21.75 -16.65 67.09
N ASN H 37 21.15 -15.74 66.32
CA ASN H 37 21.14 -14.31 66.61
C ASN H 37 22.54 -13.69 66.69
N TRP H 38 23.55 -14.38 66.16
CA TRP H 38 24.88 -13.83 66.01
C TRP H 38 25.21 -13.78 64.53
N PRO H 39 25.71 -12.65 63.99
CA PRO H 39 26.31 -11.46 64.61
C PRO H 39 25.37 -10.35 65.08
N ALA H 40 24.05 -10.58 65.09
CA ALA H 40 23.13 -9.51 65.47
C ALA H 40 23.37 -9.00 66.89
N THR H 41 23.77 -9.88 67.83
CA THR H 41 24.14 -9.41 69.15
C THR H 41 25.46 -8.63 69.14
N LEU H 42 26.40 -9.04 68.29
CA LEU H 42 27.64 -8.29 68.12
C LEU H 42 27.38 -6.89 67.59
N LYS H 43 26.51 -6.77 66.58
CA LYS H 43 26.20 -5.45 66.03
C LYS H 43 25.52 -4.56 67.06
N ALA H 44 24.58 -5.11 67.84
CA ALA H 44 23.92 -4.35 68.89
C ALA H 44 24.90 -3.86 69.96
N LYS H 45 25.91 -4.67 70.29
CA LYS H 45 26.88 -4.29 71.32
C LYS H 45 27.66 -3.03 70.98
N TYR H 46 27.92 -2.77 69.71
CA TYR H 46 28.72 -1.61 69.31
C TYR H 46 27.94 -0.55 68.54
N ALA H 47 26.64 -0.74 68.33
CA ALA H 47 25.82 0.25 67.64
C ALA H 47 25.81 1.58 68.38
N THR H 48 25.62 2.66 67.62
CA THR H 48 25.55 4.00 68.20
C THR H 48 24.21 4.21 68.89
N PRO H 49 24.19 4.52 70.20
CA PRO H 49 22.94 4.70 70.94
C PRO H 49 22.23 6.00 70.61
N FME I 1 23.98 -62.22 43.94
CN FME I 1 24.42 -62.93 42.85
O1 FME I 1 24.26 -62.57 41.68
CA FME I 1 23.25 -60.98 43.85
CB FME I 1 22.92 -60.42 45.26
CG FME I 1 22.11 -59.15 45.17
SD FME I 1 21.47 -58.77 46.78
CE FME I 1 20.88 -57.13 46.52
C FME I 1 24.00 -59.89 43.08
O FME I 1 23.44 -59.04 42.40
N HIS I 2 25.32 -59.95 43.20
CA HIS I 2 26.22 -59.01 42.53
C HIS I 2 26.08 -58.94 41.00
N ARG I 3 25.51 -59.98 40.40
CA ARG I 3 25.33 -59.99 38.94
C ARG I 3 24.45 -58.86 38.43
N ILE I 4 23.63 -58.25 39.29
CA ILE I 4 22.86 -57.07 38.89
C ILE I 4 23.78 -55.94 38.42
N TRP I 5 24.99 -55.86 38.98
CA TRP I 5 25.94 -54.81 38.59
C TRP I 5 26.67 -55.09 37.28
N MET I 6 26.68 -56.33 36.80
CA MET I 6 27.38 -56.62 35.55
C MET I 6 26.82 -55.78 34.41
N GLY I 7 27.71 -55.27 33.56
CA GLY I 7 27.32 -54.41 32.46
C GLY I 7 26.99 -52.98 32.85
N THR I 8 26.98 -52.66 34.14
CA THR I 8 26.82 -51.29 34.62
C THR I 8 28.18 -50.64 34.85
N ASP I 9 28.15 -49.31 34.99
CA ASP I 9 29.30 -48.50 35.31
C ASP I 9 29.22 -48.07 36.77
N PRO I 10 30.28 -48.28 37.56
CA PRO I 10 30.19 -47.97 39.01
C PRO I 10 30.05 -46.49 39.31
N HIS I 11 30.57 -45.61 38.46
CA HIS I 11 30.42 -44.18 38.68
C HIS I 11 29.05 -43.66 38.27
N ILE I 12 28.45 -44.25 37.24
CA ILE I 12 27.04 -43.98 36.95
C ILE I 12 26.17 -44.32 38.16
N ILE I 13 26.42 -45.48 38.78
CA ILE I 13 25.69 -45.86 39.99
C ILE I 13 25.95 -44.87 41.13
N MET I 14 27.22 -44.67 41.48
CA MET I 14 27.52 -43.82 42.64
C MET I 14 27.09 -42.37 42.44
N SER I 15 27.19 -41.85 41.21
CA SER I 15 26.61 -40.54 40.92
C SER I 15 25.10 -40.53 41.16
N ALA I 16 24.40 -41.55 40.67
CA ALA I 16 22.95 -41.61 40.86
C ALA I 16 22.58 -41.79 42.32
N LEU I 17 23.24 -42.73 43.01
CA LEU I 17 22.98 -42.93 44.44
C LEU I 17 23.25 -41.65 45.23
N GLY I 18 24.39 -41.01 44.98
CA GLY I 18 24.69 -39.76 45.67
C GLY I 18 23.70 -38.66 45.37
N SER I 19 23.21 -38.59 44.13
CA SER I 19 22.16 -37.62 43.79
C SER I 19 20.86 -37.93 44.51
N PHE I 20 20.48 -39.19 44.59
CA PHE I 20 19.29 -39.58 45.35
C PHE I 20 19.41 -39.24 46.83
N LEU I 21 20.55 -39.59 47.45
CA LEU I 21 20.73 -39.34 48.87
C LEU I 21 20.75 -37.86 49.21
N VAL I 22 21.45 -37.05 48.41
CA VAL I 22 21.45 -35.60 48.65
C VAL I 22 20.03 -35.05 48.56
N GLY I 23 19.29 -35.44 47.51
CA GLY I 23 17.90 -34.99 47.39
C GLY I 23 17.03 -35.43 48.54
N ALA I 24 17.05 -36.72 48.86
CA ALA I 24 16.21 -37.26 49.92
C ALA I 24 16.52 -36.65 51.29
N VAL I 25 17.80 -36.51 51.62
CA VAL I 25 18.17 -35.93 52.90
C VAL I 25 17.74 -34.47 53.03
N LEU I 26 17.91 -33.69 51.96
CA LEU I 26 17.44 -32.30 51.99
C LEU I 26 15.92 -32.21 52.14
N VAL I 27 15.19 -32.99 51.35
CA VAL I 27 13.73 -33.06 51.48
C VAL I 27 13.33 -33.45 52.90
N MET I 28 13.95 -34.50 53.45
CA MET I 28 13.58 -34.97 54.79
C MET I 28 13.85 -33.93 55.87
N HIS I 29 14.98 -33.22 55.80
CA HIS I 29 15.26 -32.17 56.78
C HIS I 29 14.28 -31.00 56.67
N ILE I 30 14.03 -30.50 55.46
CA ILE I 30 13.20 -29.32 55.36
C ILE I 30 11.74 -29.65 55.66
N TRP I 31 11.33 -30.89 55.41
CA TRP I 31 10.06 -31.38 55.96
C TRP I 31 10.10 -31.44 57.47
N ALA I 32 11.12 -32.08 58.03
CA ALA I 32 11.23 -32.26 59.48
C ALA I 32 11.30 -30.94 60.23
N TYR I 33 12.05 -29.96 59.72
CA TYR I 33 12.09 -28.65 60.37
C TYR I 33 10.70 -28.01 60.46
N GLY I 34 9.85 -28.29 59.48
CA GLY I 34 8.48 -27.80 59.55
C GLY I 34 7.65 -28.45 60.64
N GLN I 35 7.77 -29.77 60.80
CA GLN I 35 6.96 -30.48 61.78
C GLN I 35 7.45 -30.30 63.21
N PHE I 36 8.76 -30.41 63.45
CA PHE I 36 9.27 -30.51 64.81
C PHE I 36 9.45 -29.18 65.52
N ASN I 37 9.17 -28.05 64.86
CA ASN I 37 9.37 -26.72 65.45
C ASN I 37 10.82 -26.48 65.88
N TRP I 38 11.77 -27.14 65.21
CA TRP I 38 13.18 -26.88 65.37
C TRP I 38 13.77 -26.65 63.99
N PRO I 39 14.60 -25.62 63.79
CA PRO I 39 15.29 -24.72 64.73
C PRO I 39 14.48 -23.54 65.27
N ALA I 40 13.17 -23.52 65.04
CA ALA I 40 12.35 -22.41 65.51
C ALA I 40 12.44 -22.19 67.03
N THR I 41 12.42 -23.25 67.82
CA THR I 41 12.67 -23.09 69.26
C THR I 41 14.09 -22.63 69.55
N LEU I 42 15.08 -23.06 68.77
CA LEU I 42 16.42 -22.53 68.91
C LEU I 42 16.47 -21.03 68.63
N LYS I 43 15.78 -20.58 67.58
CA LYS I 43 15.76 -19.15 67.26
C LYS I 43 15.14 -18.33 68.39
N ALA I 44 14.03 -18.80 68.96
CA ALA I 44 13.39 -18.11 70.08
C ALA I 44 14.28 -18.11 71.33
N LYS I 45 15.07 -19.16 71.54
CA LYS I 45 15.92 -19.23 72.73
C LYS I 45 16.95 -18.11 72.78
N TYR I 46 17.37 -17.59 71.63
CA TYR I 46 18.37 -16.53 71.58
C TYR I 46 17.88 -15.24 70.94
N ALA I 47 16.61 -15.16 70.54
CA ALA I 47 16.09 -13.93 69.96
C ALA I 47 16.15 -12.79 70.96
N THR I 48 16.38 -11.57 70.45
CA THR I 48 16.42 -10.38 71.29
C THR I 48 15.01 -9.93 71.64
N PRO I 49 14.70 -9.70 72.93
CA PRO I 49 13.40 -9.19 73.39
C PRO I 49 13.01 -7.87 72.73
N FME J 1 7.92 -70.45 35.75
CN FME J 1 8.56 -71.20 34.80
O1 FME J 1 8.78 -70.81 33.65
CA FME J 1 7.43 -69.13 35.48
CB FME J 1 6.50 -68.63 36.61
CG FME J 1 7.24 -68.35 37.89
SD FME J 1 6.08 -67.80 39.12
CE FME J 1 5.43 -66.33 38.41
C FME J 1 8.54 -68.08 35.30
O FME J 1 8.32 -66.95 34.89
N HIS J 2 9.76 -68.50 35.61
CA HIS J 2 10.96 -67.70 35.34
C HIS J 2 11.19 -67.37 33.87
N ARG J 3 10.62 -68.18 32.97
CA ARG J 3 10.75 -67.93 31.54
C ARG J 3 10.13 -66.61 31.09
N ILE J 4 9.25 -66.01 31.90
CA ILE J 4 8.76 -64.66 31.58
C ILE J 4 9.90 -63.65 31.47
N TRP J 5 11.02 -63.87 32.16
CA TRP J 5 12.14 -62.95 32.12
C TRP J 5 13.07 -63.12 30.92
N MET J 6 12.93 -64.19 30.14
CA MET J 6 13.96 -64.56 29.17
C MET J 6 14.26 -63.41 28.19
N GLY J 7 13.25 -62.92 27.48
CA GLY J 7 13.52 -61.89 26.49
C GLY J 7 14.01 -60.54 27.01
N THR J 8 14.12 -60.35 28.32
CA THR J 8 14.14 -59.03 28.93
C THR J 8 15.56 -58.60 29.30
N ASP J 9 15.68 -57.30 29.63
CA ASP J 9 16.90 -56.72 30.19
C ASP J 9 16.67 -56.44 31.67
N PRO J 10 17.45 -57.05 32.57
CA PRO J 10 17.18 -56.90 34.01
C PRO J 10 17.28 -55.48 34.53
N HIS J 11 18.09 -54.63 33.89
CA HIS J 11 18.14 -53.22 34.30
C HIS J 11 16.85 -52.49 33.98
N ILE J 12 16.25 -52.78 32.82
CA ILE J 12 14.95 -52.19 32.51
C ILE J 12 13.89 -52.67 33.50
N ILE J 13 13.91 -53.96 33.84
CA ILE J 13 13.01 -54.48 34.86
C ILE J 13 13.17 -53.71 36.17
N MET J 14 14.41 -53.61 36.66
CA MET J 14 14.66 -52.90 37.92
C MET J 14 14.32 -51.41 37.85
N SER J 15 14.52 -50.78 36.69
CA SER J 15 14.07 -49.40 36.54
C SER J 15 12.55 -49.29 36.61
N ALA J 16 11.85 -50.16 35.87
CA ALA J 16 10.39 -50.08 35.82
C ALA J 16 9.79 -50.35 37.19
N LEU J 17 10.23 -51.43 37.85
CA LEU J 17 9.79 -51.73 39.20
C LEU J 17 10.14 -50.61 40.18
N GLY J 18 11.40 -50.18 40.17
CA GLY J 18 11.82 -49.13 41.08
C GLY J 18 11.05 -47.83 40.90
N SER J 19 10.75 -47.46 39.66
CA SER J 19 10.05 -46.21 39.39
C SER J 19 8.57 -46.30 39.74
N PHE J 20 7.96 -47.47 39.52
CA PHE J 20 6.61 -47.71 40.01
C PHE J 20 6.53 -47.58 41.53
N LEU J 21 7.45 -48.23 42.25
CA LEU J 21 7.40 -48.19 43.71
C LEU J 21 7.54 -46.78 44.26
N VAL J 22 8.45 -45.98 43.69
CA VAL J 22 8.57 -44.58 44.12
C VAL J 22 7.26 -43.84 43.92
N GLY J 23 6.65 -43.96 42.74
CA GLY J 23 5.40 -43.27 42.49
C GLY J 23 4.25 -43.74 43.36
N ALA J 24 4.11 -45.06 43.52
CA ALA J 24 3.06 -45.62 44.36
C ALA J 24 3.22 -45.23 45.82
N VAL J 25 4.44 -45.34 46.36
CA VAL J 25 4.69 -44.97 47.75
C VAL J 25 4.41 -43.49 48.02
N LEU J 26 4.81 -42.61 47.10
CA LEU J 26 4.53 -41.18 47.28
C LEU J 26 3.04 -40.89 47.28
N VAL J 27 2.29 -41.48 46.36
CA VAL J 27 0.83 -41.32 46.36
C VAL J 27 0.24 -41.83 47.67
N MET J 28 0.67 -42.99 48.13
CA MET J 28 0.13 -43.56 49.35
C MET J 28 0.39 -42.69 50.59
N HIS J 29 1.58 -42.10 50.68
CA HIS J 29 1.87 -41.22 51.81
C HIS J 29 1.10 -39.91 51.77
N ILE J 30 0.94 -39.29 50.59
CA ILE J 30 0.14 -38.07 50.52
C ILE J 30 -1.29 -38.36 50.93
N TRP J 31 -1.85 -39.43 50.40
CA TRP J 31 -3.20 -39.85 50.79
C TRP J 31 -3.27 -40.15 52.28
N ALA J 32 -2.34 -40.96 52.79
CA ALA J 32 -2.36 -41.37 54.19
C ALA J 32 -2.18 -40.19 55.16
N TYR J 33 -1.26 -39.28 54.87
CA TYR J 33 -1.13 -38.09 55.70
C TYR J 33 -2.42 -37.30 55.79
N GLY J 34 -3.18 -37.26 54.70
CA GLY J 34 -4.51 -36.69 54.71
C GLY J 34 -5.47 -37.38 55.66
N GLN J 35 -5.70 -38.67 55.41
CA GLN J 35 -6.74 -39.40 56.15
C GLN J 35 -6.39 -39.55 57.62
N PHE J 36 -5.15 -39.89 57.96
CA PHE J 36 -4.81 -40.19 59.34
C PHE J 36 -4.51 -38.98 60.21
N ASN J 37 -4.51 -37.77 59.65
CA ASN J 37 -4.19 -36.54 60.40
C ASN J 37 -2.80 -36.59 61.04
N TRP J 38 -1.85 -37.27 60.42
CA TRP J 38 -0.46 -37.22 60.82
C TRP J 38 0.37 -36.86 59.60
N PRO J 39 1.36 -35.96 59.72
CA PRO J 39 1.99 -35.32 60.89
C PRO J 39 1.27 -34.13 61.49
N ALA J 40 0.03 -33.85 61.09
CA ALA J 40 -0.70 -32.72 61.66
C ALA J 40 -0.76 -32.77 63.19
N THR J 41 -1.01 -33.95 63.76
CA THR J 41 -0.93 -34.08 65.21
C THR J 41 0.49 -33.95 65.76
N LEU J 42 1.49 -34.39 64.99
CA LEU J 42 2.89 -34.17 65.37
C LEU J 42 3.22 -32.68 65.45
N LYS J 43 2.87 -31.93 64.41
CA LYS J 43 3.11 -30.49 64.42
C LYS J 43 2.36 -29.82 65.57
N ALA J 44 1.12 -30.22 65.81
CA ALA J 44 0.31 -29.63 66.88
C ALA J 44 0.91 -29.84 68.27
N LYS J 45 1.63 -30.95 68.50
CA LYS J 45 2.33 -31.13 69.77
C LYS J 45 3.37 -30.05 70.00
N TYR J 46 4.31 -29.89 69.07
CA TYR J 46 5.50 -29.10 69.32
C TYR J 46 5.37 -27.64 68.93
N ALA J 47 4.30 -27.27 68.23
CA ALA J 47 4.07 -25.86 67.89
C ALA J 47 4.00 -25.00 69.15
N THR J 48 4.64 -23.83 69.08
CA THR J 48 4.59 -22.88 70.19
C THR J 48 3.22 -22.24 70.28
N PRO J 49 2.58 -22.22 71.46
CA PRO J 49 1.26 -21.62 71.66
C PRO J 49 1.19 -20.14 71.24
N FME K 1 -7.68 -74.92 24.85
CN FME K 1 -7.25 -75.62 23.74
O1 FME K 1 -6.88 -75.08 22.69
CA FME K 1 -7.76 -73.48 24.91
CB FME K 1 -8.21 -72.99 26.30
CG FME K 1 -9.62 -73.40 26.62
SD FME K 1 -9.93 -73.02 28.33
CE FME K 1 -9.26 -74.43 29.13
C FME K 1 -6.44 -72.78 24.61
O FME K 1 -6.38 -71.68 24.07
N HIS K 2 -5.35 -73.46 24.95
CA HIS K 2 -4.01 -72.89 24.91
C HIS K 2 -3.55 -72.46 23.51
N ARG K 3 -4.16 -73.05 22.47
CA ARG K 3 -3.79 -72.72 21.12
C ARG K 3 -4.06 -71.27 20.75
N ILE K 4 -4.96 -70.59 21.50
CA ILE K 4 -5.19 -69.16 21.29
C ILE K 4 -3.92 -68.34 21.46
N TRP K 5 -2.99 -68.79 22.30
CA TRP K 5 -1.76 -68.04 22.55
C TRP K 5 -0.71 -68.19 21.45
N MET K 6 -0.89 -69.12 20.52
CA MET K 6 0.11 -69.32 19.48
C MET K 6 0.27 -68.07 18.62
N GLY K 7 1.52 -67.80 18.22
CA GLY K 7 1.89 -66.60 17.51
C GLY K 7 2.03 -65.34 18.34
N THR K 8 1.49 -65.30 19.55
CA THR K 8 1.58 -64.12 20.39
C THR K 8 2.97 -63.99 21.02
N ASP K 9 3.29 -62.78 21.49
CA ASP K 9 4.45 -62.57 22.34
C ASP K 9 3.99 -62.51 23.79
N PRO K 10 4.49 -63.38 24.66
CA PRO K 10 4.03 -63.37 26.07
C PRO K 10 4.22 -62.05 26.79
N HIS K 11 5.25 -61.28 26.45
CA HIS K 11 5.43 -59.96 27.06
C HIS K 11 4.36 -58.98 26.61
N ILE K 12 3.90 -59.09 25.37
CA ILE K 12 2.78 -58.27 24.92
C ILE K 12 1.51 -58.66 25.65
N ILE K 13 1.26 -59.98 25.76
CA ILE K 13 0.09 -60.45 26.50
C ILE K 13 0.11 -59.97 27.95
N MET K 14 1.26 -60.11 28.62
CA MET K 14 1.35 -59.64 30.00
C MET K 14 1.27 -58.13 30.13
N SER K 15 1.75 -57.38 29.13
CA SER K 15 1.59 -55.93 29.18
C SER K 15 0.15 -55.52 28.97
N ALA K 16 -0.54 -56.18 28.05
CA ALA K 16 -1.96 -55.92 27.84
C ALA K 16 -2.78 -56.25 29.07
N LEU K 17 -2.63 -57.46 29.60
CA LEU K 17 -3.29 -57.86 30.83
C LEU K 17 -2.92 -56.94 31.99
N GLY K 18 -1.63 -56.69 32.17
CA GLY K 18 -1.18 -55.84 33.28
C GLY K 18 -1.74 -54.42 33.23
N SER K 19 -1.81 -53.84 32.04
CA SER K 19 -2.44 -52.53 31.88
C SER K 19 -3.91 -52.57 32.28
N PHE K 20 -4.66 -53.52 31.72
CA PHE K 20 -6.08 -53.63 32.03
C PHE K 20 -6.35 -53.75 33.53
N LEU K 21 -5.64 -54.66 34.21
CA LEU K 21 -5.88 -54.85 35.64
C LEU K 21 -5.60 -53.61 36.46
N VAL K 22 -4.50 -52.90 36.17
CA VAL K 22 -4.21 -51.66 36.87
C VAL K 22 -5.34 -50.66 36.69
N GLY K 23 -5.82 -50.49 35.46
CA GLY K 23 -6.93 -49.57 35.21
C GLY K 23 -8.22 -49.99 35.88
N ALA K 24 -8.58 -51.27 35.77
CA ALA K 24 -9.81 -51.76 36.38
C ALA K 24 -9.79 -51.60 37.90
N VAL K 25 -8.68 -51.96 38.53
CA VAL K 25 -8.55 -51.84 39.99
C VAL K 25 -8.66 -50.38 40.44
N LEU K 26 -8.01 -49.45 39.73
CA LEU K 26 -8.13 -48.04 40.11
C LEU K 26 -9.56 -47.52 39.96
N VAL K 27 -10.20 -47.81 38.82
CA VAL K 27 -11.59 -47.40 38.64
C VAL K 27 -12.48 -47.95 39.76
N MET K 28 -12.34 -49.24 40.07
CA MET K 28 -13.15 -49.86 41.12
C MET K 28 -12.90 -49.25 42.50
N HIS K 29 -11.66 -48.86 42.81
CA HIS K 29 -11.43 -48.20 44.10
C HIS K 29 -11.98 -46.77 44.11
N ILE K 30 -11.76 -46.01 43.04
CA ILE K 30 -12.25 -44.63 43.00
C ILE K 30 -13.77 -44.62 43.10
N TRP K 31 -14.42 -45.58 42.45
CA TRP K 31 -15.86 -45.76 42.58
C TRP K 31 -16.24 -46.18 44.00
N ALA K 32 -15.58 -47.21 44.54
CA ALA K 32 -15.95 -47.74 45.84
C ALA K 32 -15.77 -46.72 46.97
N TYR K 33 -14.72 -45.90 46.90
CA TYR K 33 -14.57 -44.83 47.90
C TYR K 33 -15.72 -43.83 47.87
N GLY K 34 -16.39 -43.69 46.73
CA GLY K 34 -17.55 -42.84 46.65
C GLY K 34 -18.82 -43.43 47.23
N GLN K 35 -19.01 -44.74 47.03
CA GLN K 35 -20.23 -45.39 47.48
C GLN K 35 -20.20 -45.78 48.95
N PHE K 36 -19.05 -46.20 49.47
CA PHE K 36 -19.00 -46.80 50.81
C PHE K 36 -18.71 -45.82 51.94
N ASN K 37 -18.54 -44.53 51.64
CA ASN K 37 -18.20 -43.52 52.65
C ASN K 37 -16.91 -43.85 53.41
N TRP K 38 -16.02 -44.59 52.77
CA TRP K 38 -14.69 -44.85 53.30
C TRP K 38 -13.68 -44.47 52.23
N PRO K 39 -12.58 -43.79 52.57
CA PRO K 39 -11.99 -43.42 53.86
C PRO K 39 -12.62 -42.24 54.60
N ALA K 40 -13.75 -41.71 54.12
CA ALA K 40 -14.33 -40.53 54.76
C ALA K 40 -14.64 -40.75 56.24
N THR K 41 -15.17 -41.92 56.60
CA THR K 41 -15.37 -42.22 58.02
C THR K 41 -14.06 -42.45 58.77
N LEU K 42 -13.02 -42.90 58.06
CA LEU K 42 -11.68 -42.94 58.67
C LEU K 42 -11.15 -41.54 58.96
N LYS K 43 -11.22 -40.64 57.97
CA LYS K 43 -10.74 -39.28 58.17
C LYS K 43 -11.49 -38.59 59.31
N ALA K 44 -12.81 -38.73 59.35
CA ALA K 44 -13.60 -38.12 60.41
C ALA K 44 -13.24 -38.63 61.80
N LYS K 45 -12.80 -39.89 61.92
CA LYS K 45 -12.42 -40.41 63.23
C LYS K 45 -11.20 -39.70 63.80
N TYR K 46 -10.20 -39.39 62.98
CA TYR K 46 -8.98 -38.77 63.47
C TYR K 46 -8.90 -37.27 63.22
N ALA K 47 -9.93 -36.66 62.62
CA ALA K 47 -9.93 -35.23 62.39
C ALA K 47 -9.90 -34.45 63.71
N THR K 48 -9.28 -33.26 63.66
CA THR K 48 -9.26 -32.33 64.78
C THR K 48 -10.60 -31.59 64.86
N PRO K 49 -11.19 -31.47 66.07
CA PRO K 49 -12.49 -30.82 66.26
C PRO K 49 -12.56 -29.40 65.71
N FME L 1 -21.47 -74.48 9.72
CN FME L 1 -20.83 -74.91 8.58
O1 FME L 1 -20.19 -74.16 7.83
CA FME L 1 -21.50 -73.12 10.18
CB FME L 1 -22.26 -73.00 11.52
CG FME L 1 -22.26 -71.60 12.10
SD FME L 1 -23.53 -71.48 13.32
CE FME L 1 -24.97 -71.25 12.33
C FME L 1 -20.11 -72.50 10.37
O FME L 1 -19.86 -71.32 10.16
N HIS L 2 -19.17 -73.36 10.75
CA HIS L 2 -17.78 -72.96 11.01
C HIS L 2 -17.04 -72.36 9.81
N ARG L 3 -17.54 -72.62 8.60
CA ARG L 3 -16.93 -72.07 7.39
C ARG L 3 -16.93 -70.54 7.36
N ILE L 4 -17.79 -69.89 8.14
CA ILE L 4 -17.79 -68.43 8.21
C ILE L 4 -16.45 -67.88 8.69
N TRP L 5 -15.73 -68.63 9.52
CA TRP L 5 -14.48 -68.15 10.11
C TRP L 5 -13.26 -68.26 9.20
N MET L 6 -13.40 -68.84 8.00
CA MET L 6 -12.22 -69.13 7.19
C MET L 6 -11.49 -67.86 6.73
N GLY L 7 -12.22 -66.91 6.14
CA GLY L 7 -11.58 -65.66 5.74
C GLY L 7 -11.21 -64.70 6.85
N THR L 8 -10.72 -65.21 7.98
CA THR L 8 -10.48 -64.39 9.15
C THR L 8 -9.10 -64.65 9.77
N ASP L 9 -8.68 -63.70 10.61
CA ASP L 9 -7.68 -63.93 11.64
C ASP L 9 -8.41 -64.04 12.97
N PRO L 10 -8.27 -65.14 13.71
CA PRO L 10 -9.00 -65.27 14.99
C PRO L 10 -8.66 -64.21 16.03
N HIS L 11 -7.47 -63.59 15.95
CA HIS L 11 -7.17 -62.49 16.86
C HIS L 11 -7.95 -61.22 16.52
N ILE L 12 -8.25 -60.98 15.24
CA ILE L 12 -9.18 -59.92 14.90
C ILE L 12 -10.57 -60.22 15.46
N ILE L 13 -11.02 -61.46 15.33
CA ILE L 13 -12.34 -61.85 15.83
C ILE L 13 -12.45 -61.64 17.33
N MET L 14 -11.47 -62.16 18.09
CA MET L 14 -11.47 -61.96 19.53
C MET L 14 -11.36 -60.49 19.92
N SER L 15 -10.55 -59.71 19.20
CA SER L 15 -10.50 -58.27 19.44
C SER L 15 -11.87 -57.62 19.21
N ALA L 16 -12.50 -57.92 18.08
CA ALA L 16 -13.78 -57.30 17.75
C ALA L 16 -14.85 -57.67 18.77
N LEU L 17 -14.95 -58.96 19.11
CA LEU L 17 -15.90 -59.41 20.12
C LEU L 17 -15.59 -58.81 21.49
N GLY L 18 -14.32 -58.83 21.89
CA GLY L 18 -13.95 -58.26 23.17
C GLY L 18 -14.29 -56.78 23.28
N SER L 19 -14.08 -56.03 22.21
CA SER L 19 -14.39 -54.60 22.22
C SER L 19 -15.89 -54.35 22.29
N PHE L 20 -16.68 -55.13 21.54
CA PHE L 20 -18.13 -55.07 21.67
C PHE L 20 -18.60 -55.38 23.08
N LEU L 21 -18.11 -56.47 23.66
CA LEU L 21 -18.59 -56.87 24.99
C LEU L 21 -18.25 -55.84 26.06
N VAL L 22 -17.03 -55.29 26.04
CA VAL L 22 -16.68 -54.21 26.96
C VAL L 22 -17.66 -53.05 26.81
N GLY L 23 -17.84 -52.58 25.57
CA GLY L 23 -18.75 -51.47 25.33
C GLY L 23 -20.17 -51.75 25.80
N ALA L 24 -20.73 -52.90 25.40
CA ALA L 24 -22.09 -53.25 25.76
C ALA L 24 -22.27 -53.38 27.28
N VAL L 25 -21.34 -54.07 27.94
CA VAL L 25 -21.43 -54.25 29.38
C VAL L 25 -21.39 -52.91 30.11
N LEU L 26 -20.47 -52.02 29.72
CA LEU L 26 -20.38 -50.71 30.36
C LEU L 26 -21.65 -49.89 30.15
N VAL L 27 -22.11 -49.81 28.90
CA VAL L 27 -23.38 -49.15 28.61
C VAL L 27 -24.52 -49.72 29.45
N MET L 28 -24.63 -51.05 29.49
CA MET L 28 -25.71 -51.68 30.25
C MET L 28 -25.64 -51.35 31.74
N HIS L 29 -24.46 -51.37 32.35
CA HIS L 29 -24.34 -51.03 33.77
C HIS L 29 -24.68 -49.57 34.04
N ILE L 30 -24.13 -48.66 33.25
CA ILE L 30 -24.36 -47.24 33.50
C ILE L 30 -25.84 -46.91 33.31
N TRP L 31 -26.47 -47.54 32.32
CA TRP L 31 -27.92 -47.44 32.17
C TRP L 31 -28.65 -48.04 33.36
N ALA L 32 -28.25 -49.24 33.78
CA ALA L 32 -28.93 -49.93 34.88
C ALA L 32 -28.81 -49.18 36.20
N TYR L 33 -27.64 -48.59 36.49
CA TYR L 33 -27.51 -47.81 37.72
C TYR L 33 -28.47 -46.64 37.77
N GLY L 34 -28.78 -46.04 36.62
CA GLY L 34 -29.79 -45.00 36.59
C GLY L 34 -31.20 -45.51 36.88
N GLN L 35 -31.57 -46.65 36.31
CA GLN L 35 -32.93 -47.16 36.47
C GLN L 35 -33.18 -47.76 37.85
N PHE L 36 -32.27 -48.59 38.34
CA PHE L 36 -32.55 -49.40 39.52
C PHE L 36 -32.31 -48.69 40.85
N ASN L 37 -31.84 -47.44 40.83
CA ASN L 37 -31.50 -46.70 42.05
C ASN L 37 -30.43 -47.41 42.89
N TRP L 38 -29.50 -48.10 42.24
CA TRP L 38 -28.35 -48.67 42.90
C TRP L 38 -27.12 -48.28 42.09
N PRO L 39 -26.01 -47.89 42.74
CA PRO L 39 -25.64 -47.87 44.16
C PRO L 39 -26.20 -46.73 45.01
N ALA L 40 -27.11 -45.92 44.47
CA ALA L 40 -27.66 -44.81 45.24
C ALA L 40 -28.22 -45.23 46.60
N THR L 41 -28.87 -46.40 46.68
CA THR L 41 -29.30 -46.90 47.98
C THR L 41 -28.13 -47.38 48.83
N LEU L 42 -27.11 -47.97 48.21
CA LEU L 42 -25.89 -48.29 48.94
C LEU L 42 -25.24 -47.05 49.54
N LYS L 43 -25.12 -45.97 48.76
CA LYS L 43 -24.54 -44.74 49.28
C LYS L 43 -25.35 -44.19 50.44
N ALA L 44 -26.67 -44.10 50.28
CA ALA L 44 -27.54 -43.59 51.34
C ALA L 44 -27.43 -44.42 52.62
N LYS L 45 -27.25 -45.74 52.48
CA LYS L 45 -27.13 -46.61 53.64
C LYS L 45 -25.98 -46.22 54.56
N TYR L 46 -24.83 -45.84 53.99
CA TYR L 46 -23.64 -45.54 54.77
C TYR L 46 -23.31 -44.05 54.88
N ALA L 47 -24.09 -43.17 54.26
CA ALA L 47 -23.85 -41.74 54.32
C ALA L 47 -23.91 -41.22 55.77
N THR L 48 -23.26 -40.07 55.99
CA THR L 48 -23.21 -39.42 57.29
C THR L 48 -24.13 -38.22 57.32
N PRO L 49 -25.13 -38.17 58.22
CA PRO L 49 -26.05 -37.03 58.31
C PRO L 49 -25.39 -35.77 58.85
N FME M 1 -33.13 -70.45 -5.15
CN FME M 1 -32.41 -70.78 -6.27
O1 FME M 1 -31.59 -70.01 -6.81
CA FME M 1 -33.03 -69.18 -4.48
CB FME M 1 -33.95 -69.11 -3.25
CG FME M 1 -34.15 -67.69 -2.77
SD FME M 1 -34.96 -67.73 -1.20
CE FME M 1 -34.73 -66.09 -0.62
C FME M 1 -31.62 -68.84 -4.01
O FME M 1 -31.17 -67.70 -3.95
N HIS M 2 -30.88 -69.90 -3.68
CA HIS M 2 -29.49 -69.79 -3.21
C HIS M 2 -28.54 -69.09 -4.19
N ARG M 3 -28.90 -69.07 -5.48
CA ARG M 3 -28.05 -68.44 -6.49
C ARG M 3 -27.83 -66.95 -6.26
N ILE M 4 -28.73 -66.28 -5.53
CA ILE M 4 -28.57 -64.84 -5.27
C ILE M 4 -27.25 -64.54 -4.58
N TRP M 5 -26.73 -65.46 -3.77
CA TRP M 5 -25.47 -65.23 -3.07
C TRP M 5 -24.24 -65.43 -3.93
N MET M 6 -24.36 -65.96 -5.14
CA MET M 6 -23.19 -66.20 -5.96
C MET M 6 -22.49 -64.90 -6.32
N GLY M 7 -21.15 -64.95 -6.34
CA GLY M 7 -20.32 -63.78 -6.57
C GLY M 7 -20.24 -62.80 -5.42
N THR M 8 -21.04 -62.96 -4.37
CA THR M 8 -20.96 -62.11 -3.19
C THR M 8 -19.86 -62.59 -2.26
N ASP M 9 -19.47 -61.72 -1.33
CA ASP M 9 -18.54 -62.08 -0.27
C ASP M 9 -19.33 -62.30 1.01
N PRO M 10 -19.27 -63.50 1.61
CA PRO M 10 -20.01 -63.76 2.86
C PRO M 10 -19.79 -62.71 3.95
N HIS M 11 -18.58 -62.18 4.04
CA HIS M 11 -18.24 -61.25 5.11
C HIS M 11 -18.82 -59.86 4.88
N ILE M 12 -18.96 -59.44 3.63
CA ILE M 12 -19.73 -58.23 3.35
C ILE M 12 -21.19 -58.44 3.72
N ILE M 13 -21.76 -59.59 3.35
CA ILE M 13 -23.16 -59.87 3.67
C ILE M 13 -23.38 -59.81 5.19
N MET M 14 -22.55 -60.53 5.94
CA MET M 14 -22.72 -60.59 7.39
C MET M 14 -22.41 -59.26 8.07
N SER M 15 -21.49 -58.46 7.53
CA SER M 15 -21.33 -57.10 8.01
C SER M 15 -22.59 -56.28 7.78
N ALA M 16 -23.10 -56.30 6.55
CA ALA M 16 -24.25 -55.46 6.19
C ALA M 16 -25.47 -55.81 7.02
N LEU M 17 -25.84 -57.09 7.04
CA LEU M 17 -26.97 -57.54 7.85
C LEU M 17 -26.76 -57.19 9.33
N GLY M 18 -25.57 -57.48 9.86
CA GLY M 18 -25.32 -57.18 11.26
C GLY M 18 -25.45 -55.71 11.58
N SER M 19 -24.96 -54.85 10.69
CA SER M 19 -25.01 -53.41 10.91
C SER M 19 -26.43 -52.87 10.81
N PHE M 20 -27.21 -53.37 9.84
CA PHE M 20 -28.62 -53.03 9.76
C PHE M 20 -29.38 -53.42 11.02
N LEU M 21 -29.17 -54.65 11.50
CA LEU M 21 -29.86 -55.11 12.70
C LEU M 21 -29.55 -54.22 13.91
N VAL M 22 -28.29 -53.82 14.08
CA VAL M 22 -27.95 -52.93 15.19
C VAL M 22 -28.70 -51.61 15.09
N GLY M 23 -28.66 -50.97 13.92
CA GLY M 23 -29.40 -49.74 13.73
C GLY M 23 -30.90 -49.88 13.94
N ALA M 24 -31.49 -50.90 13.31
CA ALA M 24 -32.93 -51.13 13.42
C ALA M 24 -33.35 -51.40 14.87
N VAL M 25 -32.60 -52.26 15.57
CA VAL M 25 -32.93 -52.59 16.96
C VAL M 25 -32.82 -51.35 17.86
N LEU M 26 -31.75 -50.58 17.70
CA LEU M 26 -31.60 -49.37 18.52
C LEU M 26 -32.73 -48.37 18.28
N VAL M 27 -33.11 -48.18 17.02
CA VAL M 27 -34.26 -47.31 16.72
C VAL M 27 -35.53 -47.85 17.40
N MET M 28 -35.81 -49.13 17.20
CA MET M 28 -37.00 -49.74 17.79
C MET M 28 -37.04 -49.65 19.32
N HIS M 29 -35.88 -49.80 19.98
CA HIS M 29 -35.89 -49.66 21.44
C HIS M 29 -36.06 -48.21 21.90
N ILE M 30 -35.41 -47.25 21.25
CA ILE M 30 -35.65 -45.86 21.62
C ILE M 30 -37.12 -45.52 21.42
N TRP M 31 -37.68 -45.92 20.30
CA TRP M 31 -39.08 -45.68 20.00
C TRP M 31 -39.99 -46.37 21.01
N ALA M 32 -39.75 -47.67 21.25
CA ALA M 32 -40.59 -48.43 22.17
C ALA M 32 -40.52 -47.91 23.61
N TYR M 33 -39.33 -47.55 24.08
CA TYR M 33 -39.22 -46.98 25.42
C TYR M 33 -40.07 -45.72 25.58
N GLY M 34 -40.19 -44.93 24.50
CA GLY M 34 -41.05 -43.77 24.56
C GLY M 34 -42.52 -44.11 24.64
N GLN M 35 -43.00 -44.96 23.72
CA GLN M 35 -44.42 -45.29 23.68
C GLN M 35 -44.89 -46.05 24.91
N PHE M 36 -44.06 -46.95 25.44
CA PHE M 36 -44.52 -47.85 26.49
C PHE M 36 -44.30 -47.33 27.91
N ASN M 37 -43.71 -46.15 28.07
CA ASN M 37 -43.41 -45.59 29.40
C ASN M 37 -42.50 -46.49 30.24
N TRP M 38 -41.66 -47.28 29.59
CA TRP M 38 -40.71 -48.14 30.27
C TRP M 38 -39.33 -47.88 29.67
N PRO M 39 -38.28 -47.75 30.49
CA PRO M 39 -38.11 -48.02 31.92
C PRO M 39 -38.55 -46.91 32.88
N ALA M 40 -39.28 -45.91 32.41
CA ALA M 40 -39.70 -44.82 33.29
C ALA M 40 -40.56 -45.31 34.46
N THR M 41 -41.44 -46.29 34.23
CA THR M 41 -42.18 -46.88 35.35
C THR M 41 -41.28 -47.71 36.25
N LEU M 42 -40.26 -48.35 35.69
CA LEU M 42 -39.26 -49.04 36.51
C LEU M 42 -38.53 -48.07 37.44
N LYS M 43 -38.05 -46.96 36.89
CA LYS M 43 -37.35 -45.97 37.72
C LYS M 43 -38.23 -45.44 38.84
N ALA M 44 -39.48 -45.11 38.53
CA ALA M 44 -40.42 -44.66 39.55
C ALA M 44 -40.64 -45.70 40.64
N LYS M 45 -40.59 -46.99 40.29
CA LYS M 45 -40.77 -48.04 41.29
C LYS M 45 -39.72 -47.99 42.39
N TYR M 46 -38.46 -47.70 42.05
CA TYR M 46 -37.37 -47.73 43.01
C TYR M 46 -36.80 -46.37 43.37
N ALA M 47 -37.27 -45.29 42.75
CA ALA M 47 -36.77 -43.96 43.06
C ALA M 47 -36.93 -43.62 44.54
N THR M 48 -35.98 -42.85 45.06
CA THR M 48 -36.07 -42.33 46.43
C THR M 48 -36.97 -41.10 46.47
N PRO M 49 -38.02 -41.07 47.31
CA PRO M 49 -38.87 -39.90 47.45
C PRO M 49 -38.13 -38.70 48.07
N FME N 1 -42.49 -62.65 -20.54
CN FME N 1 -41.72 -63.14 -21.56
O1 FME N 1 -40.68 -62.58 -21.98
CA FME N 1 -42.21 -61.44 -19.82
CB FME N 1 -43.18 -61.21 -18.64
CG FME N 1 -43.21 -59.78 -18.18
SD FME N 1 -44.03 -59.69 -16.62
CE FME N 1 -45.63 -60.32 -17.00
C FME N 1 -40.79 -61.37 -19.23
O FME N 1 -40.15 -60.33 -19.11
N HIS N 2 -40.29 -62.55 -18.89
CA HIS N 2 -38.96 -62.71 -18.28
C HIS N 2 -37.78 -62.16 -19.08
N ARG N 3 -37.94 -61.99 -20.39
CA ARG N 3 -36.85 -61.44 -21.20
C ARG N 3 -36.46 -60.03 -20.79
N ILE N 4 -37.33 -59.31 -20.07
CA ILE N 4 -37.00 -58.00 -19.55
C ILE N 4 -35.76 -58.03 -18.66
N TRP N 5 -35.53 -59.15 -17.95
CA TRP N 5 -34.37 -59.26 -17.06
C TRP N 5 -33.06 -59.49 -17.81
N MET N 6 -33.12 -59.91 -19.07
CA MET N 6 -31.90 -60.20 -19.82
C MET N 6 -31.00 -58.97 -19.93
N GLY N 7 -29.70 -59.20 -19.80
CA GLY N 7 -28.71 -58.14 -19.78
C GLY N 7 -28.56 -57.38 -18.49
N THR N 8 -29.54 -57.48 -17.58
CA THR N 8 -29.39 -56.91 -16.25
C THR N 8 -28.54 -57.81 -15.35
N ASP N 9 -28.10 -57.25 -14.22
CA ASP N 9 -27.45 -58.01 -13.16
C ASP N 9 -28.44 -58.18 -12.01
N PRO N 10 -28.66 -59.41 -11.53
CA PRO N 10 -29.64 -59.61 -10.44
C PRO N 10 -29.34 -58.85 -9.17
N HIS N 11 -28.08 -58.54 -8.88
CA HIS N 11 -27.75 -57.77 -7.69
C HIS N 11 -28.15 -56.30 -7.86
N ILE N 12 -28.03 -55.77 -9.07
CA ILE N 12 -28.56 -54.44 -9.36
C ILE N 12 -30.07 -54.40 -9.15
N ILE N 13 -30.78 -55.39 -9.67
CA ILE N 13 -32.23 -55.47 -9.51
C ILE N 13 -32.61 -55.58 -8.03
N MET N 14 -31.95 -56.49 -7.30
CA MET N 14 -32.32 -56.73 -5.91
C MET N 14 -31.97 -55.58 -4.99
N SER N 15 -30.90 -54.83 -5.29
CA SER N 15 -30.62 -53.61 -4.54
C SER N 15 -31.59 -52.50 -4.90
N ALA N 16 -31.92 -52.35 -6.18
CA ALA N 16 -32.89 -51.34 -6.60
C ALA N 16 -34.27 -51.60 -5.99
N LEU N 17 -34.78 -52.82 -6.14
CA LEU N 17 -36.07 -53.17 -5.54
C LEU N 17 -36.02 -53.03 -4.02
N GLY N 18 -34.97 -53.54 -3.39
CA GLY N 18 -34.85 -53.42 -1.94
C GLY N 18 -34.87 -51.99 -1.46
N SER N 19 -34.20 -51.09 -2.19
CA SER N 19 -34.20 -49.68 -1.83
C SER N 19 -35.60 -49.07 -1.93
N PHE N 20 -36.28 -49.30 -3.05
CA PHE N 20 -37.66 -48.81 -3.21
C PHE N 20 -38.58 -49.31 -2.11
N LEU N 21 -38.51 -50.61 -1.78
CA LEU N 21 -39.39 -51.15 -0.75
C LEU N 21 -39.15 -50.51 0.62
N VAL N 22 -37.89 -50.36 1.02
CA VAL N 22 -37.59 -49.71 2.30
C VAL N 22 -38.10 -48.27 2.31
N GLY N 23 -37.88 -47.54 1.22
CA GLY N 23 -38.42 -46.20 1.13
C GLY N 23 -39.94 -46.16 1.21
N ALA N 24 -40.61 -46.98 0.40
CA ALA N 24 -42.07 -46.99 0.38
C ALA N 24 -42.66 -47.41 1.73
N VAL N 25 -42.11 -48.44 2.36
CA VAL N 25 -42.60 -48.89 3.66
C VAL N 25 -42.43 -47.81 4.73
N LEU N 26 -41.25 -47.21 4.79
CA LEU N 26 -41.01 -46.16 5.78
C LEU N 26 -41.95 -44.96 5.58
N VAL N 27 -42.08 -44.49 4.34
CA VAL N 27 -43.00 -43.38 4.06
C VAL N 27 -44.42 -43.74 4.47
N MET N 28 -44.88 -44.95 4.14
CA MET N 28 -46.25 -45.34 4.48
C MET N 28 -46.50 -45.38 5.99
N HIS N 29 -45.51 -45.84 6.76
CA HIS N 29 -45.69 -45.85 8.21
C HIS N 29 -45.68 -44.45 8.81
N ILE N 30 -44.69 -43.63 8.41
CA ILE N 30 -44.64 -42.25 8.88
C ILE N 30 -45.95 -41.52 8.56
N TRP N 31 -46.48 -41.75 7.36
CA TRP N 31 -47.78 -41.20 6.99
C TRP N 31 -48.90 -41.75 7.85
N ALA N 32 -49.01 -43.08 7.94
CA ALA N 32 -50.11 -43.71 8.68
C ALA N 32 -50.11 -43.36 10.16
N TYR N 33 -48.93 -43.27 10.79
CA TYR N 33 -48.88 -42.87 12.19
C TYR N 33 -49.50 -41.50 12.43
N GLY N 34 -49.36 -40.59 11.47
CA GLY N 34 -50.04 -39.31 11.57
C GLY N 34 -51.55 -39.37 11.43
N GLN N 35 -52.05 -40.21 10.52
CA GLN N 35 -53.49 -40.24 10.28
C GLN N 35 -54.24 -41.06 11.33
N PHE N 36 -53.73 -42.23 11.70
CA PHE N 36 -54.49 -43.16 12.52
C PHE N 36 -54.42 -42.87 14.01
N ASN N 37 -53.65 -41.87 14.45
CA ASN N 37 -53.48 -41.54 15.87
C ASN N 37 -52.89 -42.71 16.67
N TRP N 38 -52.13 -43.57 16.00
CA TRP N 38 -51.37 -44.62 16.65
C TRP N 38 -49.92 -44.46 16.20
N PRO N 39 -48.94 -44.56 17.11
CA PRO N 39 -48.94 -44.98 18.52
C PRO N 39 -49.43 -43.96 19.54
N ALA N 40 -49.94 -42.80 19.11
CA ALA N 40 -50.35 -41.77 20.05
C ALA N 40 -51.36 -42.26 21.08
N THR N 41 -52.31 -43.12 20.67
CA THR N 41 -53.21 -43.71 21.66
C THR N 41 -52.52 -44.74 22.55
N LEU N 42 -51.55 -45.48 22.00
CA LEU N 42 -50.73 -46.37 22.81
C LEU N 42 -49.99 -45.61 23.90
N LYS N 43 -49.33 -44.51 23.52
CA LYS N 43 -48.58 -43.71 24.48
C LYS N 43 -49.48 -43.18 25.60
N ALA N 44 -50.66 -42.68 25.24
CA ALA N 44 -51.62 -42.20 26.23
C ALA N 44 -52.11 -43.31 27.15
N LYS N 45 -52.26 -44.53 26.64
CA LYS N 45 -52.73 -45.64 27.47
C LYS N 45 -51.81 -45.94 28.65
N TYR N 46 -50.50 -45.74 28.51
CA TYR N 46 -49.56 -46.08 29.57
C TYR N 46 -48.87 -44.87 30.20
N ALA N 47 -49.19 -43.66 29.77
CA ALA N 47 -48.55 -42.48 30.33
C ALA N 47 -48.83 -42.34 31.84
N THR N 48 -47.90 -41.69 32.53
CA THR N 48 -48.05 -41.44 33.97
C THR N 48 -49.12 -40.38 34.22
N PRO N 49 -50.19 -40.70 34.98
CA PRO N 49 -51.35 -39.81 35.16
C PRO N 49 -50.99 -38.44 35.73
N FME O 1 -47.60 -50.69 -35.82
CN FME O 1 -46.72 -51.01 -36.83
O1 FME O 1 -45.61 -50.49 -36.95
CA FME O 1 -47.34 -49.72 -34.79
CB FME O 1 -48.54 -49.62 -33.82
CG FME O 1 -48.25 -48.81 -32.58
SD FME O 1 -49.76 -48.12 -31.97
CE FME O 1 -50.73 -49.54 -31.60
C FME O 1 -46.07 -50.03 -33.99
O FME O 1 -45.33 -49.16 -33.52
N HIS O 2 -45.80 -51.32 -33.86
CA HIS O 2 -44.63 -51.82 -33.15
C HIS O 2 -43.28 -51.31 -33.66
N ARG O 3 -43.24 -50.90 -34.93
CA ARG O 3 -42.00 -50.39 -35.51
C ARG O 3 -41.46 -49.14 -34.81
N ILE O 4 -42.28 -48.43 -34.04
CA ILE O 4 -41.80 -47.27 -33.29
C ILE O 4 -40.73 -47.65 -32.27
N TRP O 5 -40.74 -48.89 -31.78
CA TRP O 5 -39.79 -49.32 -30.76
C TRP O 5 -38.38 -49.62 -31.30
N MET O 6 -38.22 -49.80 -32.61
CA MET O 6 -37.01 -50.43 -33.15
C MET O 6 -35.74 -49.72 -32.72
N GLY O 7 -35.63 -48.43 -32.99
CA GLY O 7 -34.44 -47.68 -32.62
C GLY O 7 -34.12 -47.49 -31.14
N THR O 8 -34.85 -48.17 -30.25
CA THR O 8 -34.85 -47.84 -28.83
C THR O 8 -34.41 -49.03 -27.98
N ASP O 9 -33.81 -48.71 -26.83
CA ASP O 9 -33.49 -49.70 -25.81
C ASP O 9 -34.71 -49.97 -24.94
N PRO O 10 -35.18 -51.22 -24.83
CA PRO O 10 -36.36 -51.49 -23.99
C PRO O 10 -36.21 -51.12 -22.53
N HIS O 11 -34.99 -51.10 -21.99
CA HIS O 11 -34.79 -50.66 -20.62
C HIS O 11 -34.92 -49.15 -20.47
N ILE O 12 -34.57 -48.38 -21.50
CA ILE O 12 -34.82 -46.94 -21.46
C ILE O 12 -36.32 -46.66 -21.54
N ILE O 13 -37.05 -47.40 -22.38
CA ILE O 13 -38.49 -47.23 -22.46
C ILE O 13 -39.15 -47.50 -21.11
N MET O 14 -38.85 -48.64 -20.49
CA MET O 14 -39.43 -48.95 -19.20
C MET O 14 -38.96 -47.99 -18.11
N SER O 15 -37.74 -47.46 -18.22
CA SER O 15 -37.30 -46.42 -17.29
C SER O 15 -38.13 -45.16 -17.44
N ALA O 16 -38.33 -44.71 -18.67
CA ALA O 16 -39.06 -43.47 -18.91
C ALA O 16 -40.52 -43.61 -18.51
N LEU O 17 -41.17 -44.69 -18.96
CA LEU O 17 -42.55 -44.95 -18.58
C LEU O 17 -42.71 -45.10 -17.07
N GLY O 18 -41.78 -45.82 -16.43
CA GLY O 18 -41.86 -45.98 -14.99
C GLY O 18 -41.72 -44.68 -14.24
N SER O 19 -40.76 -43.85 -14.66
CA SER O 19 -40.58 -42.54 -14.03
C SER O 19 -41.80 -41.64 -14.23
N PHE O 20 -42.35 -41.62 -15.45
CA PHE O 20 -43.59 -40.89 -15.69
C PHE O 20 -44.73 -41.35 -14.79
N LEU O 21 -44.96 -42.66 -14.72
CA LEU O 21 -46.06 -43.16 -13.90
C LEU O 21 -45.88 -42.81 -12.42
N VAL O 22 -44.67 -42.97 -11.89
CA VAL O 22 -44.42 -42.56 -10.51
C VAL O 22 -44.73 -41.08 -10.32
N GLY O 23 -44.19 -40.24 -11.21
CA GLY O 23 -44.45 -38.81 -11.14
C GLY O 23 -45.92 -38.45 -11.23
N ALA O 24 -46.62 -39.02 -12.20
CA ALA O 24 -48.03 -38.67 -12.42
C ALA O 24 -48.92 -39.16 -11.28
N VAL O 25 -48.72 -40.38 -10.82
CA VAL O 25 -49.52 -40.93 -9.74
C VAL O 25 -49.36 -40.11 -8.45
N LEU O 26 -48.13 -39.72 -8.12
CA LEU O 26 -47.92 -38.89 -6.94
C LEU O 26 -48.57 -37.52 -7.07
N VAL O 27 -48.39 -36.86 -8.21
CA VAL O 27 -49.06 -35.58 -8.44
C VAL O 27 -50.57 -35.70 -8.33
N MET O 28 -51.16 -36.76 -8.92
CA MET O 28 -52.59 -36.98 -8.78
C MET O 28 -53.03 -37.25 -7.35
N HIS O 29 -52.23 -37.96 -6.55
CA HIS O 29 -52.61 -38.18 -5.16
C HIS O 29 -52.51 -36.92 -4.31
N ILE O 30 -51.41 -36.17 -4.42
CA ILE O 30 -51.32 -34.95 -3.61
C ILE O 30 -52.37 -33.93 -4.05
N TRP O 31 -52.76 -33.95 -5.32
CA TRP O 31 -53.89 -33.14 -5.76
C TRP O 31 -55.20 -33.64 -5.17
N ALA O 32 -55.49 -34.94 -5.32
CA ALA O 32 -56.77 -35.50 -4.87
C ALA O 32 -56.94 -35.39 -3.35
N TYR O 33 -55.88 -35.61 -2.58
CA TYR O 33 -55.97 -35.40 -1.13
C TYR O 33 -56.39 -33.99 -0.78
N GLY O 34 -55.99 -33.00 -1.57
CA GLY O 34 -56.42 -31.64 -1.33
C GLY O 34 -57.89 -31.39 -1.61
N GLN O 35 -58.44 -32.03 -2.64
CA GLN O 35 -59.81 -31.75 -3.05
C GLN O 35 -60.86 -32.58 -2.29
N PHE O 36 -60.60 -33.86 -2.05
CA PHE O 36 -61.61 -34.75 -1.51
C PHE O 36 -61.74 -34.71 0.01
N ASN O 37 -60.95 -33.90 0.71
CA ASN O 37 -60.90 -33.86 2.18
C ASN O 37 -60.61 -35.23 2.79
N TRP O 38 -59.77 -36.02 2.13
CA TRP O 38 -59.29 -37.29 2.63
C TRP O 38 -57.78 -37.34 2.45
N PRO O 39 -57.03 -37.79 3.46
CA PRO O 39 -57.34 -38.46 4.73
C PRO O 39 -57.86 -37.57 5.87
N ALA O 40 -58.10 -36.29 5.62
CA ALA O 40 -58.53 -35.39 6.70
C ALA O 40 -59.75 -35.89 7.47
N THR O 41 -60.72 -36.51 6.78
CA THR O 41 -61.83 -37.13 7.51
C THR O 41 -61.40 -38.37 8.28
N LEU O 42 -60.50 -39.18 7.70
CA LEU O 42 -59.90 -40.28 8.45
C LEU O 42 -59.18 -39.77 9.71
N LYS O 43 -58.35 -38.74 9.56
CA LYS O 43 -57.62 -38.19 10.69
C LYS O 43 -58.56 -37.69 11.79
N ALA O 44 -59.60 -36.96 11.40
CA ALA O 44 -60.57 -36.45 12.38
C ALA O 44 -61.35 -37.57 13.07
N LYS O 45 -61.60 -38.68 12.36
CA LYS O 45 -62.32 -39.81 12.97
C LYS O 45 -61.62 -40.36 14.21
N TYR O 46 -60.29 -40.38 14.20
CA TYR O 46 -59.52 -40.97 15.29
C TYR O 46 -58.76 -39.95 16.13
N ALA O 47 -58.83 -38.67 15.81
CA ALA O 47 -58.19 -37.65 16.63
C ALA O 47 -58.75 -37.66 18.05
N THR O 48 -57.86 -37.45 19.02
CA THR O 48 -58.25 -37.45 20.43
C THR O 48 -59.08 -36.21 20.76
N PRO O 49 -60.29 -36.36 21.32
CA PRO O 49 -61.19 -35.23 21.59
C PRO O 49 -60.79 -34.43 22.82
N FME P 1 -49.04 -36.63 -49.26
CN FME P 1 -48.06 -36.94 -50.19
O1 FME P 1 -46.90 -36.55 -50.11
CA FME P 1 -48.81 -35.81 -48.10
CB FME P 1 -50.10 -35.60 -47.29
CG FME P 1 -49.96 -34.45 -46.33
SD FME P 1 -51.54 -34.17 -45.58
CE FME P 1 -52.33 -33.16 -46.77
C FME P 1 -47.77 -36.40 -47.14
O FME P 1 -47.05 -35.72 -46.40
N HIS P 2 -47.66 -37.73 -47.18
CA HIS P 2 -46.75 -38.48 -46.33
C HIS P 2 -45.27 -38.11 -46.50
N ARG P 3 -44.94 -37.57 -47.68
CA ARG P 3 -43.57 -37.18 -47.98
C ARG P 3 -43.03 -36.07 -47.08
N ILE P 4 -43.91 -35.37 -46.35
CA ILE P 4 -43.44 -34.42 -45.34
C ILE P 4 -42.57 -35.07 -44.28
N TRP P 5 -42.80 -36.36 -44.00
CA TRP P 5 -42.03 -37.07 -42.99
C TRP P 5 -40.67 -37.56 -43.46
N MET P 6 -40.38 -37.49 -44.76
CA MET P 6 -39.10 -38.00 -45.25
C MET P 6 -37.93 -37.19 -44.68
N GLY P 7 -36.86 -37.89 -44.31
CA GLY P 7 -35.71 -37.30 -43.69
C GLY P 7 -35.83 -36.99 -42.21
N THR P 8 -37.02 -37.09 -41.64
CA THR P 8 -37.22 -36.88 -40.21
C THR P 8 -36.84 -38.14 -39.43
N ASP P 9 -36.84 -38.01 -38.09
CA ASP P 9 -36.72 -39.16 -37.20
C ASP P 9 -38.04 -39.35 -36.46
N PRO P 10 -38.66 -40.53 -36.57
CA PRO P 10 -39.90 -40.81 -35.81
C PRO P 10 -39.84 -40.49 -34.32
N HIS P 11 -38.69 -40.71 -33.69
CA HIS P 11 -38.55 -40.44 -32.27
C HIS P 11 -38.51 -38.95 -31.96
N ILE P 12 -37.84 -38.16 -32.80
CA ILE P 12 -37.88 -36.71 -32.64
C ILE P 12 -39.31 -36.20 -32.82
N ILE P 13 -40.02 -36.70 -33.83
CA ILE P 13 -41.40 -36.30 -34.06
C ILE P 13 -42.26 -36.63 -32.84
N MET P 14 -42.20 -37.87 -32.37
CA MET P 14 -43.03 -38.28 -31.24
C MET P 14 -42.65 -37.56 -29.94
N SER P 15 -41.37 -37.25 -29.75
CA SER P 15 -40.98 -36.39 -28.62
C SER P 15 -41.61 -35.01 -28.73
N ALA P 16 -41.43 -34.35 -29.87
CA ALA P 16 -41.94 -33.00 -30.06
C ALA P 16 -43.45 -32.96 -29.87
N LEU P 17 -44.17 -33.87 -30.51
CA LEU P 17 -45.63 -33.93 -30.40
C LEU P 17 -46.07 -34.21 -28.97
N GLY P 18 -45.50 -35.24 -28.35
CA GLY P 18 -45.86 -35.56 -26.97
C GLY P 18 -45.60 -34.42 -26.00
N SER P 19 -44.48 -33.72 -26.19
CA SER P 19 -44.14 -32.59 -25.31
C SER P 19 -45.08 -31.41 -25.50
N PHE P 20 -45.41 -31.10 -26.75
CA PHE P 20 -46.44 -30.11 -27.03
C PHE P 20 -47.76 -30.45 -26.34
N LEU P 21 -48.25 -31.67 -26.54
CA LEU P 21 -49.52 -32.07 -25.96
C LEU P 21 -49.54 -31.92 -24.44
N VAL P 22 -48.47 -32.34 -23.77
CA VAL P 22 -48.38 -32.15 -22.31
C VAL P 22 -48.52 -30.67 -21.95
N GLY P 23 -47.74 -29.81 -22.60
CA GLY P 23 -47.81 -28.39 -22.29
C GLY P 23 -49.19 -27.80 -22.54
N ALA P 24 -49.74 -28.07 -23.73
CA ALA P 24 -51.05 -27.56 -24.10
C ALA P 24 -52.15 -28.05 -23.15
N VAL P 25 -52.15 -29.35 -22.85
CA VAL P 25 -53.16 -29.92 -21.96
C VAL P 25 -53.07 -29.34 -20.56
N LEU P 26 -51.86 -29.14 -20.03
CA LEU P 26 -51.73 -28.48 -18.73
C LEU P 26 -52.27 -27.05 -18.74
N VAL P 27 -51.89 -26.27 -19.75
CA VAL P 27 -52.43 -24.91 -19.89
C VAL P 27 -53.96 -24.93 -19.96
N MET P 28 -54.51 -25.79 -20.82
CA MET P 28 -55.96 -25.86 -20.96
C MET P 28 -56.66 -26.26 -19.65
N HIS P 29 -56.10 -27.20 -18.90
CA HIS P 29 -56.73 -27.57 -17.62
C HIS P 29 -56.61 -26.48 -16.57
N ILE P 30 -55.46 -25.83 -16.44
CA ILE P 30 -55.34 -24.75 -15.45
C ILE P 30 -56.32 -23.63 -15.80
N TRP P 31 -56.38 -23.27 -17.07
CA TRP P 31 -57.34 -22.27 -17.53
C TRP P 31 -58.78 -22.71 -17.25
N ALA P 32 -59.10 -23.96 -17.59
CA ALA P 32 -60.46 -24.46 -17.40
C ALA P 32 -60.85 -24.56 -15.93
N TYR P 33 -59.93 -24.97 -15.06
CA TYR P 33 -60.25 -25.01 -13.63
C TYR P 33 -60.57 -23.63 -13.09
N GLY P 34 -59.96 -22.58 -13.63
CA GLY P 34 -60.34 -21.23 -13.33
C GLY P 34 -61.74 -20.85 -13.79
N GLN P 35 -62.00 -20.99 -15.09
CA GLN P 35 -63.25 -20.50 -15.66
C GLN P 35 -64.46 -21.28 -15.15
N PHE P 36 -64.34 -22.60 -15.02
CA PHE P 36 -65.49 -23.44 -14.68
C PHE P 36 -65.74 -23.60 -13.19
N ASN P 37 -64.90 -23.05 -12.32
CA ASN P 37 -65.05 -23.16 -10.86
C ASN P 37 -65.02 -24.62 -10.38
N TRP P 38 -64.39 -25.50 -11.13
CA TRP P 38 -64.17 -26.88 -10.73
C TRP P 38 -62.68 -27.17 -10.77
N PRO P 39 -62.09 -27.80 -9.75
CA PRO P 39 -62.65 -28.56 -8.61
C PRO P 39 -63.08 -27.75 -7.38
N ALA P 40 -63.12 -26.41 -7.47
CA ALA P 40 -63.54 -25.62 -6.31
C ALA P 40 -64.92 -26.01 -5.79
N THR P 41 -65.87 -26.32 -6.68
CA THR P 41 -67.14 -26.85 -6.20
C THR P 41 -67.03 -28.25 -5.61
N LEU P 42 -66.11 -29.07 -6.13
CA LEU P 42 -65.84 -30.37 -5.52
C LEU P 42 -65.30 -30.22 -4.11
N LYS P 43 -64.31 -29.34 -3.93
CA LYS P 43 -63.72 -29.11 -2.61
C LYS P 43 -64.77 -28.64 -1.62
N ALA P 44 -65.61 -27.68 -2.01
CA ALA P 44 -66.71 -27.22 -1.17
C ALA P 44 -67.69 -28.32 -0.80
N LYS P 45 -67.91 -29.31 -1.67
CA LYS P 45 -68.87 -30.37 -1.37
C LYS P 45 -68.44 -31.23 -0.18
N TYR P 46 -67.14 -31.37 0.06
CA TYR P 46 -66.66 -32.25 1.11
C TYR P 46 -65.88 -31.56 2.23
N ALA P 47 -65.62 -30.26 2.11
CA ALA P 47 -64.93 -29.52 3.16
C ALA P 47 -65.68 -29.57 4.48
N THR P 48 -64.91 -29.46 5.58
CA THR P 48 -65.47 -29.37 6.92
C THR P 48 -66.14 -28.02 7.13
N PRO P 49 -67.29 -27.97 7.84
CA PRO P 49 -68.00 -26.71 8.09
C PRO P 49 -67.14 -25.63 8.75
N FME Q 1 -47.13 -20.41 -60.12
CN FME Q 1 -46.16 -20.66 -61.08
O1 FME Q 1 -44.94 -20.53 -60.88
CA FME Q 1 -46.87 -19.96 -58.78
CB FME Q 1 -48.15 -19.95 -57.92
CG FME Q 1 -49.00 -18.72 -58.13
SD FME Q 1 -48.21 -17.35 -57.33
CE FME Q 1 -48.49 -17.70 -55.63
C FME Q 1 -45.85 -20.81 -58.02
O FME Q 1 -45.04 -20.34 -57.23
N HIS Q 2 -45.90 -22.11 -58.29
CA HIS Q 2 -45.14 -23.11 -57.55
C HIS Q 2 -43.62 -22.92 -57.60
N ARG Q 3 -43.15 -22.24 -58.65
CA ARG Q 3 -41.71 -22.00 -58.79
C ARG Q 3 -41.12 -21.25 -57.60
N ILE Q 4 -41.94 -20.55 -56.82
CA ILE Q 4 -41.47 -19.90 -55.59
C ILE Q 4 -40.86 -20.90 -54.61
N TRP Q 5 -41.34 -22.14 -54.59
CA TRP Q 5 -40.82 -23.14 -53.66
C TRP Q 5 -39.50 -23.76 -54.11
N MET Q 6 -39.10 -23.56 -55.35
CA MET Q 6 -37.83 -24.11 -55.82
C MET Q 6 -36.66 -23.60 -54.97
N GLY Q 7 -35.74 -24.51 -54.65
CA GLY Q 7 -34.59 -24.21 -53.82
C GLY Q 7 -34.85 -24.11 -52.33
N THR Q 8 -36.10 -24.19 -51.89
CA THR Q 8 -36.42 -24.20 -50.47
C THR Q 8 -36.37 -25.62 -49.92
N ASP Q 9 -36.36 -25.72 -48.58
CA ASP Q 9 -36.56 -27.01 -47.91
C ASP Q 9 -37.96 -27.06 -47.33
N PRO Q 10 -38.75 -28.09 -47.64
CA PRO Q 10 -40.15 -28.12 -47.19
C PRO Q 10 -40.31 -28.11 -45.68
N HIS Q 11 -39.34 -28.65 -44.93
CA HIS Q 11 -39.39 -28.57 -43.48
C HIS Q 11 -39.16 -27.14 -42.99
N ILE Q 12 -38.31 -26.39 -43.67
CA ILE Q 12 -38.11 -24.98 -43.34
C ILE Q 12 -39.41 -24.20 -43.55
N ILE Q 13 -40.08 -24.42 -44.69
CA ILE Q 13 -41.37 -23.79 -44.95
C ILE Q 13 -42.40 -24.16 -43.88
N MET Q 14 -42.57 -25.46 -43.61
CA MET Q 14 -43.56 -25.86 -42.60
C MET Q 14 -43.19 -25.38 -41.20
N SER Q 15 -41.91 -25.25 -40.89
CA SER Q 15 -41.52 -24.61 -39.63
C SER Q 15 -41.95 -23.15 -39.59
N ALA Q 16 -41.60 -22.39 -40.61
CA ALA Q 16 -41.92 -20.97 -40.66
C ALA Q 16 -43.42 -20.72 -40.64
N LEU Q 17 -44.16 -21.41 -41.51
CA LEU Q 17 -45.62 -21.28 -41.51
C LEU Q 17 -46.24 -21.74 -40.21
N GLY Q 18 -45.78 -22.87 -39.67
CA GLY Q 18 -46.32 -23.35 -38.41
C GLY Q 18 -46.05 -22.41 -37.25
N SER Q 19 -44.87 -21.79 -37.23
CA SER Q 19 -44.58 -20.76 -36.23
C SER Q 19 -45.51 -19.57 -36.36
N PHE Q 20 -45.64 -19.03 -37.57
CA PHE Q 20 -46.52 -17.88 -37.78
C PHE Q 20 -47.95 -18.16 -37.35
N LEU Q 21 -48.50 -19.32 -37.69
CA LEU Q 21 -49.89 -19.58 -37.36
C LEU Q 21 -50.10 -19.69 -35.85
N VAL Q 22 -49.22 -20.39 -35.14
CA VAL Q 22 -49.35 -20.46 -33.69
C VAL Q 22 -49.31 -19.06 -33.09
N GLY Q 23 -48.39 -18.22 -33.56
CA GLY Q 23 -48.32 -16.85 -33.07
C GLY Q 23 -49.58 -16.05 -33.36
N ALA Q 24 -50.02 -16.06 -34.61
CA ALA Q 24 -51.21 -15.30 -35.00
C ALA Q 24 -52.46 -15.75 -34.25
N VAL Q 25 -52.66 -17.06 -34.15
CA VAL Q 25 -53.85 -17.61 -33.48
C VAL Q 25 -53.88 -17.24 -32.01
N LEU Q 26 -52.73 -17.34 -31.32
CA LEU Q 26 -52.69 -16.98 -29.91
C LEU Q 26 -52.91 -15.48 -29.71
N VAL Q 27 -52.22 -14.65 -30.49
CA VAL Q 27 -52.42 -13.20 -30.41
C VAL Q 27 -53.89 -12.84 -30.63
N MET Q 28 -54.50 -13.41 -31.67
CA MET Q 28 -55.92 -13.17 -31.93
C MET Q 28 -56.82 -13.61 -30.77
N HIS Q 29 -56.58 -14.79 -30.21
CA HIS Q 29 -57.42 -15.22 -29.08
C HIS Q 29 -57.23 -14.35 -27.84
N ILE Q 30 -55.98 -14.01 -27.50
CA ILE Q 30 -55.75 -13.11 -26.38
C ILE Q 30 -56.48 -11.80 -26.58
N TRP Q 31 -56.40 -11.25 -27.80
CA TRP Q 31 -57.09 -10.01 -28.13
C TRP Q 31 -58.60 -10.16 -28.04
N ALA Q 32 -59.14 -11.21 -28.67
CA ALA Q 32 -60.58 -11.44 -28.66
C ALA Q 32 -61.15 -11.59 -27.26
N TYR Q 33 -60.46 -12.34 -26.38
CA TYR Q 33 -60.94 -12.48 -25.01
C TYR Q 33 -61.08 -11.13 -24.31
N GLY Q 34 -60.15 -10.22 -24.56
CA GLY Q 34 -60.23 -8.88 -24.02
C GLY Q 34 -61.38 -8.05 -24.55
N GLN Q 35 -61.79 -8.28 -25.80
CA GLN Q 35 -62.84 -7.48 -26.40
C GLN Q 35 -64.24 -8.06 -26.23
N PHE Q 36 -64.40 -9.37 -26.37
CA PHE Q 36 -65.73 -9.97 -26.39
C PHE Q 36 -66.32 -10.26 -25.01
N ASN Q 37 -65.59 -9.97 -23.93
CA ASN Q 37 -66.01 -10.28 -22.56
C ASN Q 37 -66.27 -11.77 -22.36
N TRP Q 38 -65.51 -12.61 -23.05
CA TRP Q 38 -65.54 -14.05 -22.88
C TRP Q 38 -64.10 -14.53 -22.75
N PRO Q 39 -63.80 -15.44 -21.82
CA PRO Q 39 -64.63 -16.27 -20.93
C PRO Q 39 -65.18 -15.59 -19.68
N ALA Q 40 -65.03 -14.27 -19.55
CA ALA Q 40 -65.47 -13.60 -18.32
C ALA Q 40 -66.96 -13.86 -18.00
N THR Q 41 -67.82 -13.88 -19.01
CA THR Q 41 -69.21 -14.28 -18.78
C THR Q 41 -69.36 -15.75 -18.43
N LEU Q 42 -68.49 -16.61 -18.95
CA LEU Q 42 -68.45 -18.00 -18.50
C LEU Q 42 -68.07 -18.11 -17.03
N LYS Q 43 -67.02 -17.40 -16.62
CA LYS Q 43 -66.60 -17.47 -15.22
C LYS Q 43 -67.69 -16.98 -14.28
N ALA Q 44 -68.36 -15.88 -14.64
CA ALA Q 44 -69.42 -15.34 -13.79
C ALA Q 44 -70.63 -16.28 -13.70
N LYS Q 45 -70.92 -17.01 -14.77
CA LYS Q 45 -72.04 -17.95 -14.74
C LYS Q 45 -71.88 -19.06 -13.71
N TYR Q 46 -70.65 -19.50 -13.46
CA TYR Q 46 -70.40 -20.59 -12.51
C TYR Q 46 -69.69 -20.17 -11.23
N ALA Q 47 -69.32 -18.90 -11.08
CA ALA Q 47 -68.75 -18.42 -9.82
C ALA Q 47 -69.77 -18.54 -8.69
N THR Q 48 -69.26 -18.68 -7.46
CA THR Q 48 -70.10 -18.74 -6.27
C THR Q 48 -70.53 -17.33 -5.84
N PRO Q 49 -71.75 -17.19 -5.28
CA PRO Q 49 -72.17 -15.99 -4.56
C PRO Q 49 -71.20 -15.56 -3.46
N FME R 1 -40.24 -3.12 -67.76
CN FME R 1 -39.10 -3.41 -68.50
O1 FME R 1 -37.98 -3.47 -68.00
CA FME R 1 -40.22 -2.86 -66.35
CB FME R 1 -41.62 -2.51 -65.81
CG FME R 1 -41.58 -2.01 -64.39
SD FME R 1 -43.19 -1.46 -63.92
CE FME R 1 -42.98 -1.24 -62.20
C FME R 1 -39.67 -4.03 -65.52
O FME R 1 -39.14 -3.89 -64.41
N HIS R 2 -39.80 -5.23 -66.09
CA HIS R 2 -39.28 -6.45 -65.47
C HIS R 2 -37.77 -6.46 -65.29
N ARG R 3 -37.06 -5.64 -66.06
CA ARG R 3 -35.60 -5.54 -65.97
C ARG R 3 -35.12 -5.25 -64.55
N ILE R 4 -35.91 -4.53 -63.76
CA ILE R 4 -35.53 -4.15 -62.40
C ILE R 4 -35.25 -5.34 -61.49
N TRP R 5 -35.80 -6.52 -61.80
CA TRP R 5 -35.58 -7.70 -60.97
C TRP R 5 -34.31 -8.47 -61.30
N MET R 6 -33.64 -8.16 -62.41
CA MET R 6 -32.42 -8.91 -62.75
C MET R 6 -31.34 -8.68 -61.71
N GLY R 7 -30.60 -9.75 -61.40
CA GLY R 7 -29.59 -9.71 -60.36
C GLY R 7 -30.09 -9.84 -58.94
N THR R 8 -31.39 -9.67 -58.70
CA THR R 8 -31.97 -9.91 -57.38
C THR R 8 -32.19 -11.40 -57.13
N ASP R 9 -32.43 -11.73 -55.86
CA ASP R 9 -32.90 -13.05 -55.47
C ASP R 9 -34.39 -12.95 -55.15
N PRO R 10 -35.25 -13.73 -55.81
CA PRO R 10 -36.70 -13.60 -55.57
C PRO R 10 -37.15 -13.90 -54.15
N HIS R 11 -36.41 -14.72 -53.41
CA HIS R 11 -36.72 -14.92 -52.00
C HIS R 11 -36.34 -13.70 -51.15
N ILE R 12 -35.28 -12.98 -51.50
CA ILE R 12 -35.00 -11.71 -50.86
C ILE R 12 -36.10 -10.69 -51.15
N ILE R 13 -36.55 -10.62 -52.40
CA ILE R 13 -37.62 -9.68 -52.77
C ILE R 13 -38.90 -9.97 -51.99
N MET R 14 -39.34 -11.23 -51.97
CA MET R 14 -40.55 -11.57 -51.22
C MET R 14 -40.37 -11.38 -49.72
N SER R 15 -39.20 -11.74 -49.19
CA SER R 15 -38.94 -11.52 -47.77
C SER R 15 -39.01 -10.05 -47.39
N ALA R 16 -38.39 -9.19 -48.19
CA ALA R 16 -38.43 -7.75 -47.94
C ALA R 16 -39.85 -7.18 -48.10
N LEU R 17 -40.52 -7.53 -49.19
CA LEU R 17 -41.90 -7.05 -49.38
C LEU R 17 -42.82 -7.58 -48.30
N GLY R 18 -42.68 -8.86 -47.95
CA GLY R 18 -43.46 -9.41 -46.86
C GLY R 18 -43.25 -8.69 -45.54
N SER R 19 -42.00 -8.34 -45.24
CA SER R 19 -41.71 -7.58 -44.02
C SER R 19 -42.32 -6.19 -44.05
N PHE R 20 -42.22 -5.50 -45.19
CA PHE R 20 -42.88 -4.20 -45.33
C PHE R 20 -44.38 -4.29 -45.11
N LEU R 21 -45.04 -5.24 -45.76
CA LEU R 21 -46.49 -5.35 -45.65
C LEU R 21 -46.95 -5.69 -44.24
N VAL R 22 -46.26 -6.61 -43.56
CA VAL R 22 -46.58 -6.89 -42.15
C VAL R 22 -46.45 -5.62 -41.33
N GLY R 23 -45.32 -4.93 -41.44
CA GLY R 23 -45.12 -3.70 -40.69
C GLY R 23 -46.19 -2.65 -40.97
N ALA R 24 -46.42 -2.37 -42.25
CA ALA R 24 -47.38 -1.35 -42.64
C ALA R 24 -48.79 -1.68 -42.16
N VAL R 25 -49.23 -2.92 -42.34
CA VAL R 25 -50.58 -3.31 -41.91
C VAL R 25 -50.73 -3.19 -40.39
N LEU R 26 -49.73 -3.63 -39.63
CA LEU R 26 -49.83 -3.52 -38.17
C LEU R 26 -49.82 -2.08 -37.70
N VAL R 27 -48.93 -1.25 -38.26
CA VAL R 27 -48.93 0.18 -37.95
C VAL R 27 -50.30 0.81 -38.27
N MET R 28 -50.81 0.53 -39.47
CA MET R 28 -52.09 1.14 -39.88
C MET R 28 -53.25 0.71 -39.00
N HIS R 29 -53.33 -0.58 -38.63
CA HIS R 29 -54.42 -1.03 -37.76
C HIS R 29 -54.38 -0.35 -36.40
N ILE R 30 -53.20 -0.30 -35.78
CA ILE R 30 -53.13 0.22 -34.43
C ILE R 30 -53.33 1.73 -34.43
N TRP R 31 -52.93 2.40 -35.50
CA TRP R 31 -53.35 3.78 -35.72
C TRP R 31 -54.86 3.88 -35.86
N ALA R 32 -55.46 3.03 -36.71
CA ALA R 32 -56.89 3.11 -36.97
C ALA R 32 -57.73 2.81 -35.74
N TYR R 33 -57.31 1.84 -34.91
CA TYR R 33 -58.08 1.55 -33.70
C TYR R 33 -58.17 2.76 -32.78
N GLY R 34 -57.12 3.57 -32.73
CA GLY R 34 -57.17 4.81 -31.97
C GLY R 34 -58.17 5.82 -32.52
N GLN R 35 -58.13 6.05 -33.83
CA GLN R 35 -58.94 7.10 -34.42
C GLN R 35 -60.41 6.74 -34.51
N PHE R 36 -60.72 5.49 -34.83
CA PHE R 36 -62.10 5.11 -35.11
C PHE R 36 -62.89 4.68 -33.88
N ASN R 37 -62.27 4.62 -32.71
CA ASN R 37 -62.92 4.17 -31.49
C ASN R 37 -63.54 2.78 -31.65
N TRP R 38 -62.84 1.91 -32.38
CA TRP R 38 -63.18 0.50 -32.50
C TRP R 38 -61.88 -0.26 -32.34
N PRO R 39 -61.85 -1.36 -31.56
CA PRO R 39 -62.92 -2.14 -30.93
C PRO R 39 -63.45 -1.60 -29.60
N ALA R 40 -63.08 -0.39 -29.22
CA ALA R 40 -63.59 0.19 -27.98
C ALA R 40 -65.11 0.17 -27.89
N THR R 41 -65.80 0.47 -28.99
CA THR R 41 -67.27 0.32 -28.99
C THR R 41 -67.71 -1.14 -28.95
N LEU R 42 -66.92 -2.05 -29.53
CA LEU R 42 -67.22 -3.47 -29.41
C LEU R 42 -67.13 -3.94 -27.96
N LYS R 43 -66.04 -3.57 -27.28
CA LYS R 43 -65.89 -3.91 -25.87
C LYS R 43 -67.01 -3.33 -25.01
N ALA R 44 -67.37 -2.07 -25.25
CA ALA R 44 -68.45 -1.43 -24.50
C ALA R 44 -69.79 -2.15 -24.70
N LYS R 45 -70.06 -2.68 -25.89
CA LYS R 45 -71.32 -3.38 -26.12
C LYS R 45 -71.46 -4.62 -25.24
N TYR R 46 -70.40 -5.39 -25.07
CA TYR R 46 -70.51 -6.68 -24.39
C TYR R 46 -70.03 -6.66 -22.94
N ALA R 47 -69.39 -5.59 -22.49
CA ALA R 47 -68.97 -5.49 -21.09
C ALA R 47 -70.16 -5.62 -20.14
N THR R 48 -69.91 -6.25 -18.98
CA THR R 48 -70.90 -6.33 -17.91
C THR R 48 -70.95 -5.02 -17.14
N PRO R 49 -72.14 -4.45 -16.90
CA PRO R 49 -72.31 -3.19 -16.16
C PRO R 49 -71.65 -3.21 -14.78
N FME S 1 -29.81 13.49 -71.68
CN FME S 1 -28.66 12.96 -72.22
O1 FME S 1 -27.75 12.46 -71.54
CA FME S 1 -30.10 13.54 -70.26
CB FME S 1 -31.50 14.12 -69.98
CG FME S 1 -31.72 14.43 -68.53
SD FME S 1 -33.31 15.21 -68.36
CE FME S 1 -33.62 15.06 -66.64
C FME S 1 -30.03 12.18 -69.56
O FME S 1 -29.68 12.05 -68.39
N HIS S 2 -30.35 11.14 -70.33
CA HIS S 2 -30.31 9.77 -69.82
C HIS S 2 -28.95 9.29 -69.35
N ARG S 3 -27.88 9.80 -69.95
CA ARG S 3 -26.54 9.27 -69.65
C ARG S 3 -25.98 9.78 -68.33
N ILE S 4 -26.75 10.54 -67.55
CA ILE S 4 -26.44 10.73 -66.13
C ILE S 4 -26.50 9.40 -65.37
N TRP S 5 -27.29 8.45 -65.84
CA TRP S 5 -27.41 7.16 -65.16
C TRP S 5 -26.25 6.20 -65.45
N MET S 6 -25.41 6.50 -66.44
CA MET S 6 -24.28 5.62 -66.75
C MET S 6 -23.38 5.44 -65.53
N GLY S 7 -22.88 4.22 -65.35
CA GLY S 7 -21.99 3.91 -64.26
C GLY S 7 -22.63 3.75 -62.90
N THR S 8 -23.93 4.00 -62.78
CA THR S 8 -24.65 3.80 -61.53
C THR S 8 -25.30 2.41 -61.50
N ASP S 9 -25.74 2.02 -60.30
CA ASP S 9 -26.47 0.77 -60.12
C ASP S 9 -27.94 1.09 -59.93
N PRO S 10 -28.83 0.57 -60.77
CA PRO S 10 -30.27 0.89 -60.63
C PRO S 10 -30.87 0.52 -59.29
N HIS S 11 -30.35 -0.53 -58.63
CA HIS S 11 -30.89 -0.91 -57.33
C HIS S 11 -30.58 0.15 -56.27
N ILE S 12 -29.36 0.70 -56.29
CA ILE S 12 -29.02 1.78 -55.37
C ILE S 12 -29.87 3.01 -55.64
N ILE S 13 -30.05 3.36 -56.93
CA ILE S 13 -30.91 4.49 -57.29
C ILE S 13 -32.32 4.31 -56.73
N MET S 14 -32.94 3.16 -57.00
CA MET S 14 -34.28 2.91 -56.46
C MET S 14 -34.29 2.85 -54.94
N SER S 15 -33.24 2.30 -54.33
CA SER S 15 -33.15 2.24 -52.87
C SER S 15 -33.05 3.64 -52.26
N ALA S 16 -32.19 4.49 -52.83
CA ALA S 16 -32.07 5.86 -52.36
C ALA S 16 -33.35 6.65 -52.58
N LEU S 17 -33.90 6.59 -53.79
CA LEU S 17 -35.15 7.29 -54.10
C LEU S 17 -36.27 6.85 -53.17
N GLY S 18 -36.48 5.54 -53.05
CA GLY S 18 -37.58 5.05 -52.24
C GLY S 18 -37.47 5.42 -50.77
N SER S 19 -36.26 5.37 -50.22
CA SER S 19 -36.09 5.75 -48.81
C SER S 19 -36.21 7.25 -48.59
N PHE S 20 -35.79 8.08 -49.55
CA PHE S 20 -36.13 9.49 -49.50
C PHE S 20 -37.63 9.71 -49.46
N LEU S 21 -38.36 9.07 -50.37
CA LEU S 21 -39.81 9.25 -50.44
C LEU S 21 -40.48 8.89 -49.12
N VAL S 22 -40.10 7.76 -48.52
CA VAL S 22 -40.64 7.39 -47.22
C VAL S 22 -40.38 8.49 -46.19
N GLY S 23 -39.14 8.99 -46.14
CA GLY S 23 -38.80 10.02 -45.16
C GLY S 23 -39.55 11.32 -45.37
N ALA S 24 -39.58 11.80 -46.62
CA ALA S 24 -40.35 12.99 -46.96
C ALA S 24 -41.83 12.83 -46.68
N VAL S 25 -42.41 11.70 -47.09
CA VAL S 25 -43.85 11.49 -46.93
C VAL S 25 -44.26 11.43 -45.47
N LEU S 26 -43.43 10.80 -44.63
CA LEU S 26 -43.74 10.77 -43.20
C LEU S 26 -43.67 12.16 -42.57
N VAL S 27 -42.67 12.96 -42.94
CA VAL S 27 -42.59 14.33 -42.44
C VAL S 27 -43.81 15.14 -42.88
N MET S 28 -44.14 15.05 -44.17
CA MET S 28 -45.29 15.81 -44.69
C MET S 28 -46.59 15.43 -44.01
N HIS S 29 -46.81 14.14 -43.75
CA HIS S 29 -48.03 13.73 -43.05
C HIS S 29 -48.07 14.16 -41.59
N ILE S 30 -46.96 14.01 -40.85
CA ILE S 30 -46.95 14.47 -39.47
C ILE S 30 -47.23 15.97 -39.41
N TRP S 31 -46.58 16.73 -40.28
CA TRP S 31 -46.81 18.16 -40.38
C TRP S 31 -48.26 18.47 -40.74
N ALA S 32 -48.75 17.88 -41.83
CA ALA S 32 -50.12 18.13 -42.28
C ALA S 32 -51.16 17.75 -41.23
N TYR S 33 -51.01 16.59 -40.58
CA TYR S 33 -51.95 16.23 -39.52
C TYR S 33 -52.01 17.29 -38.42
N GLY S 34 -50.88 17.93 -38.14
CA GLY S 34 -50.89 19.03 -37.19
C GLY S 34 -51.62 20.26 -37.69
N GLN S 35 -51.32 20.69 -38.91
CA GLN S 35 -51.93 21.91 -39.45
C GLN S 35 -53.42 21.75 -39.72
N PHE S 36 -53.83 20.63 -40.33
CA PHE S 36 -55.20 20.50 -40.82
C PHE S 36 -56.19 20.02 -39.76
N ASN S 37 -55.73 19.72 -38.54
CA ASN S 37 -56.60 19.20 -37.47
C ASN S 37 -57.33 17.93 -37.90
N TRP S 38 -56.65 17.09 -38.67
CA TRP S 38 -57.14 15.77 -39.02
C TRP S 38 -56.00 14.78 -38.81
N PRO S 39 -56.26 13.60 -38.21
CA PRO S 39 -57.50 12.93 -37.80
C PRO S 39 -58.11 13.37 -36.47
N ALA S 40 -57.68 14.51 -35.92
CA ALA S 40 -58.28 14.98 -34.67
C ALA S 40 -59.79 15.18 -34.77
N THR S 41 -60.27 15.77 -35.88
CA THR S 41 -61.71 15.84 -36.09
C THR S 41 -62.35 14.48 -36.35
N LEU S 42 -61.59 13.54 -36.92
CA LEU S 42 -62.10 12.17 -37.06
C LEU S 42 -62.31 11.52 -35.70
N LYS S 43 -61.29 11.57 -34.84
CA LYS S 43 -61.40 10.95 -33.51
C LYS S 43 -62.55 11.56 -32.71
N ALA S 44 -62.62 12.89 -32.69
CA ALA S 44 -63.70 13.58 -31.99
C ALA S 44 -65.10 13.20 -32.49
N LYS S 45 -65.23 12.80 -33.75
CA LYS S 45 -66.54 12.37 -34.25
C LYS S 45 -67.00 11.07 -33.59
N TYR S 46 -66.16 10.03 -33.61
CA TYR S 46 -66.55 8.72 -33.11
C TYR S 46 -66.20 8.49 -31.64
N ALA S 47 -65.53 9.43 -30.99
CA ALA S 47 -65.23 9.31 -29.56
C ALA S 47 -66.49 9.17 -28.73
N THR S 48 -66.36 8.42 -27.62
CA THR S 48 -67.44 8.27 -26.65
C THR S 48 -67.65 9.58 -25.90
N PRO S 49 -68.91 9.98 -25.63
CA PRO S 49 -69.21 11.14 -24.78
C PRO S 49 -68.51 11.11 -23.43
N FME T 1 -17.31 28.64 -71.80
CN FME T 1 -16.08 28.20 -72.21
O1 FME T 1 -15.23 27.73 -71.44
CA FME T 1 -17.75 28.63 -70.43
CB FME T 1 -19.11 29.33 -70.28
CG FME T 1 -19.71 29.25 -68.90
SD FME T 1 -18.58 29.91 -67.72
CE FME T 1 -19.42 29.61 -66.22
C FME T 1 -17.86 27.20 -69.86
O FME T 1 -17.66 26.93 -68.68
N HIS T 2 -18.14 26.26 -70.76
CA HIS T 2 -18.27 24.85 -70.41
C HIS T 2 -16.99 24.24 -69.83
N ARG T 3 -15.85 24.84 -70.13
CA ARG T 3 -14.56 24.21 -69.88
C ARG T 3 -14.27 24.04 -68.38
N ILE T 4 -14.98 24.78 -67.52
CA ILE T 4 -14.87 24.61 -66.08
C ILE T 4 -15.24 23.18 -65.64
N TRP T 5 -16.13 22.52 -66.38
CA TRP T 5 -16.52 21.15 -66.05
C TRP T 5 -15.47 20.10 -66.40
N MET T 6 -14.44 20.47 -67.16
CA MET T 6 -13.46 19.48 -67.60
C MET T 6 -12.68 18.92 -66.40
N GLY T 7 -12.43 17.61 -66.45
CA GLY T 7 -11.78 16.89 -65.37
C GLY T 7 -12.62 16.65 -64.13
N THR T 8 -13.85 17.16 -64.09
CA THR T 8 -14.80 16.80 -63.04
C THR T 8 -15.50 15.49 -63.36
N ASP T 9 -16.31 15.02 -62.42
CA ASP T 9 -17.19 13.88 -62.61
C ASP T 9 -18.64 14.35 -62.48
N PRO T 10 -19.49 14.14 -63.48
CA PRO T 10 -20.86 14.66 -63.41
C PRO T 10 -21.67 14.16 -62.23
N HIS T 11 -21.38 12.98 -61.70
CA HIS T 11 -22.06 12.50 -60.50
C HIS T 11 -21.68 13.32 -59.28
N ILE T 12 -20.44 13.78 -59.22
CA ILE T 12 -20.01 14.68 -58.15
C ILE T 12 -20.74 16.01 -58.25
N ILE T 13 -20.77 16.61 -59.44
CA ILE T 13 -21.43 17.90 -59.63
C ILE T 13 -22.91 17.83 -59.25
N MET T 14 -23.61 16.80 -59.74
CA MET T 14 -25.04 16.69 -59.44
C MET T 14 -25.32 16.37 -57.97
N SER T 15 -24.39 15.68 -57.30
CA SER T 15 -24.52 15.49 -55.85
C SER T 15 -24.35 16.82 -55.12
N ALA T 16 -23.33 17.58 -55.50
CA ALA T 16 -23.02 18.83 -54.80
C ALA T 16 -24.13 19.87 -55.01
N LEU T 17 -24.54 20.08 -56.26
CA LEU T 17 -25.67 20.95 -56.54
C LEU T 17 -26.94 20.47 -55.84
N GLY T 18 -27.26 19.18 -55.98
CA GLY T 18 -28.46 18.65 -55.34
C GLY T 18 -28.50 18.85 -53.85
N SER T 19 -27.36 18.65 -53.18
CA SER T 19 -27.28 18.92 -51.74
C SER T 19 -27.52 20.39 -51.44
N PHE T 20 -26.82 21.29 -52.13
CA PHE T 20 -27.02 22.72 -51.92
C PHE T 20 -28.47 23.13 -52.10
N LEU T 21 -29.11 22.66 -53.17
CA LEU T 21 -30.49 23.05 -53.44
C LEU T 21 -31.44 22.56 -52.34
N VAL T 22 -31.27 21.31 -51.90
CA VAL T 22 -32.09 20.81 -50.78
C VAL T 22 -31.89 21.68 -49.55
N GLY T 23 -30.64 21.99 -49.22
CA GLY T 23 -30.33 22.85 -48.09
C GLY T 23 -30.99 24.22 -48.19
N ALA T 24 -30.67 24.94 -49.26
CA ALA T 24 -31.15 26.31 -49.42
C ALA T 24 -32.67 26.40 -49.44
N VAL T 25 -33.32 25.46 -50.14
CA VAL T 25 -34.78 25.43 -50.15
C VAL T 25 -35.36 25.25 -48.75
N LEU T 26 -34.81 24.30 -47.99
CA LEU T 26 -35.34 24.06 -46.64
C LEU T 26 -35.13 25.25 -45.72
N VAL T 27 -33.94 25.86 -45.75
CA VAL T 27 -33.68 27.05 -44.96
C VAL T 27 -34.65 28.18 -45.31
N MET T 28 -34.85 28.42 -46.60
CA MET T 28 -35.81 29.44 -47.03
C MET T 28 -37.23 29.16 -46.56
N HIS T 29 -37.65 27.90 -46.56
CA HIS T 29 -38.99 27.59 -46.05
C HIS T 29 -39.09 27.72 -44.53
N ILE T 30 -38.09 27.22 -43.80
CA ILE T 30 -38.08 27.38 -42.35
C ILE T 30 -38.13 28.86 -41.99
N TRP T 31 -37.38 29.69 -42.71
CA TRP T 31 -37.39 31.13 -42.51
C TRP T 31 -38.72 31.76 -42.91
N ALA T 32 -39.20 31.44 -44.11
CA ALA T 32 -40.43 32.05 -44.61
C ALA T 32 -41.64 31.75 -43.73
N TYR T 33 -41.74 30.52 -43.21
CA TYR T 33 -42.85 30.20 -42.31
C TYR T 33 -42.82 31.04 -41.05
N GLY T 34 -41.63 31.47 -40.62
CA GLY T 34 -41.56 32.39 -39.49
C GLY T 34 -42.07 33.79 -39.81
N GLN T 35 -41.69 34.33 -40.95
CA GLN T 35 -42.02 35.72 -41.27
C GLN T 35 -43.45 35.89 -41.76
N PHE T 36 -43.94 34.98 -42.59
CA PHE T 36 -45.21 35.19 -43.29
C PHE T 36 -46.43 34.77 -42.50
N ASN T 37 -46.26 34.30 -41.26
CA ASN T 37 -47.36 33.78 -40.42
C ASN T 37 -48.11 32.63 -41.07
N TRP T 38 -47.47 31.90 -41.97
CA TRP T 38 -48.08 30.72 -42.56
C TRP T 38 -47.17 29.53 -42.33
N PRO T 39 -47.70 28.35 -41.97
CA PRO T 39 -49.06 27.84 -41.90
C PRO T 39 -49.87 28.22 -40.66
N ALA T 40 -49.33 29.12 -39.83
CA ALA T 40 -50.01 29.47 -38.58
C ALA T 40 -51.44 29.96 -38.80
N THR T 41 -51.68 30.75 -39.85
CA THR T 41 -53.06 31.10 -40.20
C THR T 41 -53.87 29.91 -40.71
N LEU T 42 -53.23 28.98 -41.42
CA LEU T 42 -53.93 27.77 -41.84
C LEU T 42 -54.36 26.92 -40.65
N LYS T 43 -53.46 26.75 -39.68
CA LYS T 43 -53.80 25.97 -38.48
C LYS T 43 -54.96 26.59 -37.72
N ALA T 44 -54.98 27.92 -37.60
CA ALA T 44 -56.09 28.61 -36.96
C ALA T 44 -57.40 28.49 -37.73
N LYS T 45 -57.34 28.41 -39.07
CA LYS T 45 -58.56 28.21 -39.86
C LYS T 45 -59.31 26.93 -39.49
N TYR T 46 -58.60 25.87 -39.10
CA TYR T 46 -59.22 24.58 -38.84
C TYR T 46 -59.11 24.10 -37.39
N ALA T 47 -58.54 24.91 -36.49
CA ALA T 47 -58.42 24.50 -35.10
C ALA T 47 -59.80 24.34 -34.45
N THR T 48 -59.91 23.34 -33.56
CA THR T 48 -61.09 23.13 -32.74
C THR T 48 -60.99 23.94 -31.46
N PRO T 49 -62.02 24.72 -31.09
CA PRO T 49 -62.02 25.65 -29.95
C PRO T 49 -61.47 25.05 -28.66
N FME U 1 -2.25 41.09 -66.54
CN FME U 1 -1.13 40.67 -67.24
O1 FME U 1 -0.30 39.89 -66.76
CA FME U 1 -2.55 40.69 -65.20
CB FME U 1 -3.72 41.52 -64.62
CG FME U 1 -4.01 41.21 -63.17
SD FME U 1 -4.82 42.59 -62.41
CE FME U 1 -6.43 42.53 -63.10
C FME U 1 -2.90 39.20 -65.08
O FME U 1 -2.82 38.57 -64.02
N HIS U 2 -3.28 38.62 -66.21
CA HIS U 2 -3.67 37.21 -66.26
C HIS U 2 -2.60 36.22 -65.78
N ARG U 3 -1.34 36.65 -65.80
CA ARG U 3 -0.24 35.79 -65.36
C ARG U 3 -0.30 35.45 -63.87
N ILE U 4 -1.06 36.21 -63.06
CA ILE U 4 -1.27 35.83 -61.67
C ILE U 4 -1.90 34.44 -61.56
N TRP U 5 -2.65 34.01 -62.57
CA TRP U 5 -3.27 32.69 -62.53
C TRP U 5 -2.34 31.55 -62.92
N MET U 6 -1.19 31.84 -63.55
CA MET U 6 -0.29 30.77 -63.96
C MET U 6 0.17 29.95 -62.76
N GLY U 7 0.16 28.64 -62.92
CA GLY U 7 0.46 27.72 -61.83
C GLY U 7 -0.70 27.41 -60.90
N THR U 8 -1.75 28.21 -60.89
CA THR U 8 -2.91 27.93 -60.07
C THR U 8 -3.83 26.90 -60.75
N ASP U 9 -4.76 26.34 -59.95
CA ASP U 9 -5.83 25.46 -60.41
C ASP U 9 -7.15 26.23 -60.42
N PRO U 10 -7.87 26.24 -61.54
CA PRO U 10 -9.21 26.86 -61.56
C PRO U 10 -10.15 26.38 -60.46
N HIS U 11 -10.12 25.09 -60.12
CA HIS U 11 -11.04 24.56 -59.14
C HIS U 11 -10.70 24.98 -57.71
N ILE U 12 -9.42 25.23 -57.42
CA ILE U 12 -9.08 25.87 -56.16
C ILE U 12 -9.55 27.32 -56.14
N ILE U 13 -9.26 28.07 -57.20
CA ILE U 13 -9.63 29.49 -57.25
C ILE U 13 -11.14 29.65 -57.13
N MET U 14 -11.90 28.86 -57.89
CA MET U 14 -13.36 28.90 -57.79
C MET U 14 -13.87 28.47 -56.42
N SER U 15 -13.27 27.43 -55.83
CA SER U 15 -13.69 26.99 -54.51
C SER U 15 -13.44 28.06 -53.46
N ALA U 16 -12.25 28.67 -53.47
CA ALA U 16 -11.93 29.70 -52.50
C ALA U 16 -12.82 30.94 -52.66
N LEU U 17 -12.98 31.40 -53.90
CA LEU U 17 -13.85 32.55 -54.16
C LEU U 17 -15.29 32.26 -53.77
N GLY U 18 -15.81 31.09 -54.17
CA GLY U 18 -17.17 30.74 -53.82
C GLY U 18 -17.41 30.65 -52.33
N SER U 19 -16.43 30.09 -51.60
CA SER U 19 -16.54 30.02 -50.15
C SER U 19 -16.54 31.40 -49.51
N PHE U 20 -15.66 32.29 -50.00
CA PHE U 20 -15.66 33.67 -49.53
C PHE U 20 -17.00 34.35 -49.76
N LEU U 21 -17.55 34.25 -50.97
CA LEU U 21 -18.81 34.91 -51.28
C LEU U 21 -19.96 34.38 -50.43
N VAL U 22 -20.02 33.07 -50.23
CA VAL U 22 -21.06 32.49 -49.36
C VAL U 22 -20.97 33.07 -47.96
N GLY U 23 -19.77 33.08 -47.39
CA GLY U 23 -19.59 33.66 -46.06
C GLY U 23 -19.93 35.14 -46.01
N ALA U 24 -19.35 35.92 -46.93
CA ALA U 24 -19.56 37.36 -46.95
C ALA U 24 -21.03 37.73 -47.10
N VAL U 25 -21.73 37.08 -48.04
CA VAL U 25 -23.15 37.38 -48.26
C VAL U 25 -23.99 37.06 -47.04
N LEU U 26 -23.75 35.90 -46.40
CA LEU U 26 -24.54 35.56 -45.22
C LEU U 26 -24.23 36.48 -44.04
N VAL U 27 -22.96 36.84 -43.84
CA VAL U 27 -22.61 37.84 -42.83
C VAL U 27 -23.30 39.17 -43.12
N MET U 28 -23.25 39.62 -44.37
CA MET U 28 -23.87 40.90 -44.73
C MET U 28 -25.39 40.90 -44.51
N HIS U 29 -26.08 39.83 -44.89
CA HIS U 29 -27.53 39.81 -44.70
C HIS U 29 -27.92 39.79 -43.23
N ILE U 30 -27.25 38.96 -42.43
CA ILE U 30 -27.61 38.85 -41.03
C ILE U 30 -27.29 40.15 -40.28
N TRP U 31 -26.22 40.83 -40.68
CA TRP U 31 -25.97 42.19 -40.19
C TRP U 31 -27.08 43.15 -40.65
N ALA U 32 -27.38 43.15 -41.94
CA ALA U 32 -28.37 44.08 -42.48
C ALA U 32 -29.77 43.88 -41.88
N TYR U 33 -30.18 42.62 -41.68
CA TYR U 33 -31.47 42.38 -41.02
C TYR U 33 -31.51 42.97 -39.62
N GLY U 34 -30.38 42.95 -38.91
CA GLY U 34 -30.31 43.61 -37.62
C GLY U 34 -30.44 45.11 -37.66
N GLN U 35 -29.87 45.75 -38.69
CA GLN U 35 -29.90 47.20 -38.77
C GLN U 35 -31.19 47.75 -39.37
N PHE U 36 -31.72 47.12 -40.41
CA PHE U 36 -32.79 47.73 -41.20
C PHE U 36 -34.19 47.43 -40.70
N ASN U 37 -34.35 46.64 -39.63
CA ASN U 37 -35.67 46.25 -39.12
C ASN U 37 -36.54 45.58 -40.18
N TRP U 38 -35.90 44.80 -41.05
CA TRP U 38 -36.57 43.91 -41.99
C TRP U 38 -35.86 42.56 -41.93
N PRO U 39 -36.60 41.44 -41.90
CA PRO U 39 -38.03 41.17 -42.10
C PRO U 39 -38.96 41.51 -40.94
N ALA U 40 -38.45 42.15 -39.89
CA ALA U 40 -39.27 42.45 -38.71
C ALA U 40 -40.55 43.22 -39.05
N THR U 41 -40.47 44.22 -39.93
CA THR U 41 -41.70 44.87 -40.38
C THR U 41 -42.59 43.96 -41.22
N LEU U 42 -42.00 43.05 -42.00
CA LEU U 42 -42.79 42.04 -42.71
C LEU U 42 -43.52 41.12 -41.75
N LYS U 43 -42.82 40.63 -40.72
CA LYS U 43 -43.44 39.77 -39.73
C LYS U 43 -44.54 40.49 -38.95
N ALA U 44 -44.33 41.76 -38.62
CA ALA U 44 -45.34 42.53 -37.92
C ALA U 44 -46.59 42.76 -38.77
N LYS U 45 -46.42 42.95 -40.08
CA LYS U 45 -47.57 43.17 -40.96
C LYS U 45 -48.55 42.00 -40.96
N TYR U 46 -48.04 40.77 -41.05
CA TYR U 46 -48.91 39.59 -41.12
C TYR U 46 -49.14 38.90 -39.78
N ALA U 47 -48.54 39.38 -38.71
CA ALA U 47 -48.75 38.79 -37.38
C ALA U 47 -50.23 38.78 -37.01
N THR U 48 -50.62 37.75 -36.27
CA THR U 48 -51.94 37.73 -35.64
C THR U 48 -51.89 38.49 -34.32
N PRO U 49 -52.81 39.44 -34.09
CA PRO U 49 -52.77 40.26 -32.87
C PRO U 49 -52.99 39.45 -31.59
N FME V 1 13.40 49.76 -58.42
CN FME V 1 14.48 49.12 -58.96
O1 FME V 1 14.98 48.10 -58.46
CA FME V 1 12.74 49.33 -57.22
CB FME V 1 11.64 50.31 -56.77
CG FME V 1 11.14 49.97 -55.39
SD FME V 1 10.10 51.27 -54.79
CE FME V 1 9.29 50.44 -53.47
C FME V 1 12.10 47.94 -57.33
O FME V 1 11.93 47.19 -56.37
N HIS V 2 11.78 47.59 -58.57
CA HIS V 2 11.19 46.27 -58.88
C HIS V 2 12.06 45.09 -58.46
N ARG V 3 13.37 45.32 -58.32
CA ARG V 3 14.29 44.26 -57.91
C ARG V 3 13.96 43.68 -56.54
N ILE V 4 13.20 44.39 -55.71
CA ILE V 4 12.77 43.86 -54.42
C ILE V 4 11.93 42.59 -54.55
N TRP V 5 11.20 42.43 -55.66
CA TRP V 5 10.38 41.24 -55.84
C TRP V 5 11.15 40.04 -56.36
N MET V 6 12.40 40.20 -56.80
CA MET V 6 13.15 39.08 -57.33
C MET V 6 13.33 37.99 -56.27
N GLY V 7 13.22 36.73 -56.71
CA GLY V 7 13.31 35.60 -55.82
C GLY V 7 12.08 35.31 -54.98
N THR V 8 11.08 36.18 -54.98
CA THR V 8 9.84 35.92 -54.27
C THR V 8 8.91 35.01 -55.09
N ASP V 9 7.84 34.56 -54.44
CA ASP V 9 6.73 33.89 -55.10
C ASP V 9 5.54 34.83 -55.11
N PRO V 10 5.03 35.22 -56.28
CA PRO V 10 3.94 36.21 -56.33
C PRO V 10 2.66 35.79 -55.62
N HIS V 11 2.37 34.49 -55.54
CA HIS V 11 1.18 34.05 -54.82
C HIS V 11 1.32 34.27 -53.32
N ILE V 12 2.52 34.07 -52.78
CA ILE V 12 2.74 34.37 -51.36
C ILE V 12 2.62 35.87 -51.09
N ILE V 13 3.12 36.71 -52.01
CA ILE V 13 2.96 38.16 -51.85
C ILE V 13 1.49 38.54 -51.82
N MET V 14 0.71 38.07 -52.80
CA MET V 14 -0.71 38.40 -52.84
C MET V 14 -1.48 37.79 -51.67
N SER V 15 -1.08 36.61 -51.22
CA SER V 15 -1.70 36.01 -50.04
C SER V 15 -1.43 36.84 -48.78
N ALA V 16 -0.17 37.23 -48.58
CA ALA V 16 0.18 38.06 -47.44
C ALA V 16 -0.50 39.43 -47.48
N LEU V 17 -0.40 40.12 -48.62
CA LEU V 17 -1.04 41.43 -48.75
C LEU V 17 -2.55 41.34 -48.53
N GLY V 18 -3.20 40.40 -49.19
CA GLY V 18 -4.65 40.25 -49.01
C GLY V 18 -5.05 39.94 -47.58
N SER V 19 -4.24 39.19 -46.85
CA SER V 19 -4.54 38.87 -45.46
C SER V 19 -4.33 40.07 -44.54
N PHE V 20 -3.28 40.86 -44.80
CA PHE V 20 -3.10 42.11 -44.06
C PHE V 20 -4.26 43.07 -44.27
N LEU V 21 -4.68 43.25 -45.52
CA LEU V 21 -5.79 44.17 -45.81
C LEU V 21 -7.07 43.75 -45.11
N VAL V 22 -7.41 42.46 -45.12
CA VAL V 22 -8.63 42.00 -44.47
C VAL V 22 -8.61 42.33 -42.98
N GLY V 23 -7.52 42.02 -42.29
CA GLY V 23 -7.45 42.30 -40.87
C GLY V 23 -7.44 43.78 -40.54
N ALA V 24 -6.67 44.57 -41.30
CA ALA V 24 -6.64 46.01 -41.10
C ALA V 24 -8.01 46.65 -41.37
N VAL V 25 -8.66 46.26 -42.46
CA VAL V 25 -9.99 46.79 -42.78
C VAL V 25 -11.01 46.41 -41.70
N LEU V 26 -10.97 45.17 -41.21
CA LEU V 26 -11.90 44.77 -40.15
C LEU V 26 -11.69 45.58 -38.87
N VAL V 27 -10.45 45.71 -38.42
CA VAL V 27 -10.17 46.51 -37.23
C VAL V 27 -10.62 47.94 -37.42
N MET V 28 -10.35 48.54 -38.58
CA MET V 28 -10.76 49.91 -38.84
C MET V 28 -12.29 50.07 -38.79
N HIS V 29 -13.05 49.11 -39.32
CA HIS V 29 -14.50 49.23 -39.25
C HIS V 29 -15.07 49.04 -37.85
N ILE V 30 -14.56 48.07 -37.07
CA ILE V 30 -14.97 48.00 -35.67
C ILE V 30 -14.70 49.33 -34.99
N TRP V 31 -13.52 49.88 -35.21
CA TRP V 31 -13.12 51.13 -34.58
C TRP V 31 -13.99 52.29 -35.05
N ALA V 32 -14.17 52.42 -36.36
CA ALA V 32 -14.98 53.50 -36.92
C ALA V 32 -16.45 53.40 -36.53
N TYR V 33 -17.03 52.19 -36.56
CA TYR V 33 -18.41 52.03 -36.12
C TYR V 33 -18.60 52.51 -34.69
N GLY V 34 -17.60 52.30 -33.84
CA GLY V 34 -17.59 52.85 -32.50
C GLY V 34 -17.59 54.37 -32.44
N GLN V 35 -16.56 54.99 -33.02
CA GLN V 35 -16.40 56.44 -32.89
C GLN V 35 -17.52 57.21 -33.57
N PHE V 36 -17.95 56.78 -34.75
CA PHE V 36 -18.87 57.57 -35.55
C PHE V 36 -20.35 57.35 -35.23
N ASN V 37 -20.67 56.42 -34.32
CA ASN V 37 -22.06 56.11 -33.96
C ASN V 37 -22.89 55.64 -35.16
N TRP V 38 -22.26 54.97 -36.12
CA TRP V 38 -22.96 54.35 -37.23
C TRP V 38 -22.50 52.91 -37.33
N PRO V 39 -23.41 51.94 -37.56
CA PRO V 39 -24.82 51.96 -37.92
C PRO V 39 -25.81 52.20 -36.77
N ALA V 40 -25.33 52.57 -35.58
CA ALA V 40 -26.25 52.77 -34.46
C ALA V 40 -27.34 53.79 -34.77
N THR V 41 -27.00 54.88 -35.46
CA THR V 41 -28.02 55.83 -35.90
C THR V 41 -28.89 55.28 -37.03
N LEU V 42 -28.36 54.38 -37.85
CA LEU V 42 -29.18 53.70 -38.84
C LEU V 42 -30.22 52.80 -38.17
N LYS V 43 -29.80 52.00 -37.19
CA LYS V 43 -30.74 51.12 -36.50
C LYS V 43 -31.85 51.91 -35.82
N ALA V 44 -31.50 53.03 -35.18
CA ALA V 44 -32.49 53.90 -34.56
C ALA V 44 -33.43 54.55 -35.57
N LYS V 45 -32.97 54.83 -36.79
CA LYS V 45 -33.85 55.41 -37.79
C LYS V 45 -35.05 54.51 -38.12
N TYR V 46 -34.82 53.21 -38.27
CA TYR V 46 -35.86 52.29 -38.72
C TYR V 46 -36.44 51.42 -37.61
N ALA V 47 -35.92 51.52 -36.38
CA ALA V 47 -36.48 50.79 -35.26
C ALA V 47 -37.97 51.06 -35.09
N THR V 48 -38.70 50.04 -34.66
CA THR V 48 -40.08 50.22 -34.21
C THR V 48 -40.10 50.89 -32.85
N PRO V 49 -40.93 51.93 -32.64
CA PRO V 49 -41.08 52.58 -31.33
C PRO V 49 -41.43 51.61 -30.21
N FME W 1 28.61 54.73 -46.96
CN FME W 1 29.70 54.39 -47.71
O1 FME W 1 30.41 53.40 -47.48
CA FME W 1 28.16 54.00 -45.80
CB FME W 1 27.26 54.87 -44.91
CG FME W 1 27.34 54.54 -43.44
SD FME W 1 25.86 53.68 -42.99
CE FME W 1 24.71 55.00 -42.84
C FME W 1 27.38 52.73 -46.17
O FME W 1 26.98 51.91 -45.35
N HIS W 2 27.20 52.56 -47.47
CA HIS W 2 26.46 51.43 -48.06
C HIS W 2 27.05 50.06 -47.74
N ARG W 3 28.34 50.04 -47.40
CA ARG W 3 29.05 48.78 -47.20
C ARG W 3 28.46 47.97 -46.06
N ILE W 4 27.74 48.61 -45.14
CA ILE W 4 26.98 47.93 -44.09
C ILE W 4 26.00 46.90 -44.66
N TRP W 5 25.53 47.08 -45.89
CA TRP W 5 24.59 46.13 -46.49
C TRP W 5 25.28 44.91 -47.10
N MET W 6 26.59 44.95 -47.32
CA MET W 6 27.27 43.84 -47.97
C MET W 6 27.15 42.56 -47.17
N GLY W 7 26.84 41.46 -47.86
CA GLY W 7 26.58 40.17 -47.24
C GLY W 7 25.23 40.01 -46.56
N THR W 8 24.46 41.08 -46.44
CA THR W 8 23.07 40.96 -46.02
C THR W 8 22.19 40.58 -47.21
N ASP W 9 20.96 40.13 -46.89
CA ASP W 9 19.94 39.86 -47.87
C ASP W 9 18.87 40.95 -47.80
N PRO W 10 18.52 41.59 -48.92
CA PRO W 10 17.53 42.68 -48.88
C PRO W 10 16.20 42.31 -48.24
N HIS W 11 15.74 41.07 -48.41
CA HIS W 11 14.46 40.68 -47.79
C HIS W 11 14.58 40.61 -46.28
N ILE W 12 15.75 40.23 -45.76
CA ILE W 12 16.00 40.27 -44.32
C ILE W 12 15.95 41.70 -43.80
N ILE W 13 16.57 42.63 -44.53
CA ILE W 13 16.56 44.03 -44.13
C ILE W 13 15.14 44.60 -44.14
N MET W 14 14.43 44.41 -45.26
CA MET W 14 13.08 44.97 -45.38
C MET W 14 12.10 44.38 -44.40
N SER W 15 12.24 43.10 -44.04
CA SER W 15 11.37 42.52 -43.03
C SER W 15 11.70 43.04 -41.63
N ALA W 16 12.99 43.18 -41.31
CA ALA W 16 13.37 43.74 -40.02
C ALA W 16 12.91 45.17 -39.86
N LEU W 17 13.18 46.02 -40.86
CA LEU W 17 12.71 47.40 -40.83
C LEU W 17 11.18 47.47 -40.84
N GLY W 18 10.53 46.69 -41.70
CA GLY W 18 9.08 46.67 -41.74
C GLY W 18 8.46 46.32 -40.40
N SER W 19 9.04 45.37 -39.68
CA SER W 19 8.57 45.05 -38.34
C SER W 19 8.72 46.23 -37.40
N PHE W 20 9.93 46.80 -37.33
CA PHE W 20 10.19 47.93 -36.44
C PHE W 20 9.23 49.09 -36.66
N LEU W 21 9.02 49.49 -37.92
CA LEU W 21 8.12 50.60 -38.21
C LEU W 21 6.69 50.31 -37.79
N VAL W 22 6.17 49.13 -38.14
CA VAL W 22 4.82 48.76 -37.73
C VAL W 22 4.66 48.83 -36.21
N GLY W 23 5.66 48.32 -35.47
CA GLY W 23 5.59 48.38 -34.03
C GLY W 23 5.63 49.80 -33.48
N ALA W 24 6.60 50.59 -33.95
CA ALA W 24 6.72 51.98 -33.53
C ALA W 24 5.45 52.78 -33.81
N VAL W 25 4.90 52.66 -35.02
CA VAL W 25 3.70 53.41 -35.38
C VAL W 25 2.51 53.04 -34.51
N LEU W 26 2.32 51.74 -34.26
CA LEU W 26 1.22 51.32 -33.39
C LEU W 26 1.38 51.85 -31.97
N VAL W 27 2.56 51.69 -31.39
CA VAL W 27 2.82 52.22 -30.05
C VAL W 27 2.58 53.73 -30.00
N MET W 28 3.09 54.46 -30.99
CA MET W 28 2.91 55.91 -31.01
C MET W 28 1.44 56.32 -31.06
N HIS W 29 0.62 55.63 -31.86
CA HIS W 29 -0.80 55.97 -31.93
C HIS W 29 -1.52 55.64 -30.62
N ILE W 30 -1.30 54.43 -30.09
CA ILE W 30 -1.94 54.04 -28.84
C ILE W 30 -1.58 55.02 -27.73
N TRP W 31 -0.32 55.45 -27.70
CA TRP W 31 0.11 56.47 -26.75
C TRP W 31 -0.60 57.79 -27.00
N ALA W 32 -0.52 58.30 -28.24
CA ALA W 32 -1.11 59.59 -28.59
C ALA W 32 -2.60 59.64 -28.29
N TYR W 33 -3.35 58.58 -28.60
CA TYR W 33 -4.78 58.58 -28.30
C TYR W 33 -5.09 58.74 -26.82
N GLY W 34 -4.16 58.38 -25.94
CA GLY W 34 -4.34 58.62 -24.52
C GLY W 34 -3.92 59.99 -24.03
N GLN W 35 -3.04 60.65 -24.76
CA GLN W 35 -2.57 61.97 -24.36
C GLN W 35 -3.44 63.07 -24.97
N PHE W 36 -3.60 63.04 -26.28
CA PHE W 36 -4.57 63.90 -26.94
C PHE W 36 -5.96 63.30 -26.72
N ASN W 37 -6.95 64.15 -26.56
CA ASN W 37 -8.29 63.66 -26.23
C ASN W 37 -9.04 63.18 -27.46
N TRP W 38 -8.37 62.45 -28.35
CA TRP W 38 -8.89 62.02 -29.64
C TRP W 38 -8.59 60.53 -29.79
N PRO W 39 -9.57 59.73 -30.27
CA PRO W 39 -10.89 60.03 -30.82
C PRO W 39 -11.99 60.35 -29.80
N ALA W 40 -11.66 60.48 -28.52
CA ALA W 40 -12.69 60.70 -27.50
C ALA W 40 -13.56 61.91 -27.80
N THR W 41 -12.98 63.01 -28.29
CA THR W 41 -13.80 64.15 -28.71
C THR W 41 -14.58 63.86 -29.99
N LEU W 42 -14.03 63.07 -30.91
CA LEU W 42 -14.81 62.62 -32.06
C LEU W 42 -16.01 61.79 -31.63
N LYS W 43 -15.79 60.82 -30.75
CA LYS W 43 -16.87 59.98 -30.25
C LYS W 43 -17.95 60.82 -29.59
N ALA W 44 -17.57 61.76 -28.72
CA ALA W 44 -18.53 62.61 -28.03
C ALA W 44 -19.31 63.50 -28.98
N LYS W 45 -18.73 63.89 -30.12
CA LYS W 45 -19.45 64.73 -31.08
C LYS W 45 -20.69 64.04 -31.64
N TYR W 46 -20.58 62.76 -31.98
CA TYR W 46 -21.68 62.03 -32.60
C TYR W 46 -22.44 61.12 -31.66
N ALA W 47 -22.11 61.10 -30.37
CA ALA W 47 -22.80 60.26 -29.41
C ALA W 47 -24.27 60.66 -29.26
N THR W 48 -25.10 59.66 -28.93
CA THR W 48 -26.50 59.85 -28.60
C THR W 48 -26.65 60.27 -27.13
N PRO W 49 -27.50 61.27 -26.84
CA PRO W 49 -27.75 61.71 -25.45
C PRO W 49 -28.30 60.61 -24.55
N FME X 1 43.52 54.15 -32.54
CN FME X 1 44.59 53.38 -32.92
O1 FME X 1 44.73 52.19 -32.60
CA FME X 1 42.44 53.66 -31.72
CB FME X 1 41.55 54.80 -31.20
CG FME X 1 40.39 54.33 -30.37
SD FME X 1 39.78 55.66 -29.36
CE FME X 1 39.72 57.02 -30.47
C FME X 1 41.56 52.65 -32.46
O FME X 1 40.90 51.77 -31.90
N HIS X 2 41.56 52.77 -33.79
CA HIS X 2 40.82 51.85 -34.66
C HIS X 2 41.20 50.39 -34.47
N ARG X 3 42.42 50.16 -34.00
CA ARG X 3 42.95 48.81 -33.85
C ARG X 3 42.24 48.00 -32.78
N ILE X 4 41.36 48.62 -31.99
CA ILE X 4 40.46 47.86 -31.11
C ILE X 4 39.43 47.05 -31.89
N TRP X 5 39.00 47.52 -33.06
CA TRP X 5 37.94 46.82 -33.79
C TRP X 5 38.42 45.60 -34.55
N MET X 6 39.72 45.46 -34.79
CA MET X 6 40.20 44.29 -35.50
C MET X 6 40.07 43.05 -34.63
N GLY X 7 39.61 41.95 -35.23
CA GLY X 7 39.16 40.78 -34.51
C GLY X 7 37.70 40.78 -34.09
N THR X 8 37.00 41.90 -34.19
CA THR X 8 35.57 41.97 -33.92
C THR X 8 34.77 41.79 -35.21
N ASP X 9 33.45 41.80 -35.09
CA ASP X 9 32.54 41.69 -36.23
C ASP X 9 31.60 42.90 -36.24
N PRO X 10 31.57 43.69 -37.32
CA PRO X 10 30.71 44.89 -37.36
C PRO X 10 29.25 44.66 -37.01
N HIS X 11 28.65 43.57 -37.48
CA HIS X 11 27.22 43.35 -37.23
C HIS X 11 26.96 43.02 -35.77
N ILE X 12 27.85 42.27 -35.13
CA ILE X 12 27.72 42.01 -33.70
C ILE X 12 27.85 43.32 -32.92
N ILE X 13 28.87 44.11 -33.24
CA ILE X 13 29.10 45.38 -32.55
C ILE X 13 27.89 46.30 -32.70
N MET X 14 27.41 46.47 -33.94
CA MET X 14 26.26 47.34 -34.18
C MET X 14 24.99 46.83 -33.52
N SER X 15 24.82 45.51 -33.45
CA SER X 15 23.70 44.94 -32.70
C SER X 15 23.79 45.27 -31.21
N ALA X 16 24.97 45.11 -30.63
CA ALA X 16 25.14 45.39 -29.20
C ALA X 16 24.94 46.87 -28.90
N LEU X 17 25.58 47.75 -29.68
CA LEU X 17 25.37 49.19 -29.51
C LEU X 17 23.92 49.60 -29.79
N GLY X 18 23.32 49.04 -30.84
CA GLY X 18 21.94 49.39 -31.16
C GLY X 18 20.95 48.96 -30.09
N SER X 19 21.13 47.76 -29.54
CA SER X 19 20.29 47.32 -28.43
C SER X 19 20.50 48.17 -27.18
N PHE X 20 21.74 48.58 -26.93
CA PHE X 20 22.00 49.52 -25.84
C PHE X 20 21.26 50.83 -26.01
N LEU X 21 21.38 51.45 -27.19
CA LEU X 21 20.73 52.74 -27.41
C LEU X 21 19.21 52.66 -27.30
N VAL X 22 18.61 51.61 -27.86
CA VAL X 22 17.17 51.41 -27.70
C VAL X 22 16.80 51.38 -26.21
N GLY X 23 17.51 50.56 -25.44
CA GLY X 23 17.18 50.43 -24.02
C GLY X 23 17.40 51.69 -23.22
N ALA X 24 18.56 52.32 -23.40
CA ALA X 24 18.89 53.55 -22.70
C ALA X 24 17.88 54.66 -23.00
N VAL X 25 17.58 54.89 -24.28
CA VAL X 25 16.61 55.92 -24.67
C VAL X 25 15.25 55.66 -24.05
N LEU X 26 14.77 54.42 -24.10
CA LEU X 26 13.46 54.11 -23.53
C LEU X 26 13.44 54.32 -22.01
N VAL X 27 14.47 53.83 -21.31
CA VAL X 27 14.58 54.08 -19.87
C VAL X 27 14.62 55.57 -19.57
N MET X 28 15.42 56.33 -20.34
CA MET X 28 15.51 57.77 -20.11
C MET X 28 14.20 58.51 -20.34
N HIS X 29 13.47 58.16 -21.40
CA HIS X 29 12.18 58.82 -21.65
C HIS X 29 11.15 58.50 -20.57
N ILE X 30 11.03 57.23 -20.19
CA ILE X 30 10.02 56.86 -19.20
C ILE X 30 10.36 57.44 -17.83
N TRP X 31 11.64 57.47 -17.48
CA TRP X 31 12.08 58.24 -16.32
C TRP X 31 11.71 59.71 -16.46
N ALA X 32 12.06 60.34 -17.58
CA ALA X 32 11.85 61.78 -17.76
C ALA X 32 10.36 62.14 -17.72
N TYR X 33 9.49 61.30 -18.28
CA TYR X 33 8.05 61.57 -18.20
C TYR X 33 7.57 61.61 -16.75
N GLY X 34 8.15 60.78 -15.89
CA GLY X 34 7.81 60.85 -14.47
C GLY X 34 8.22 62.14 -13.80
N GLN X 35 9.45 62.60 -14.09
CA GLN X 35 9.98 63.77 -13.39
C GLN X 35 9.39 65.09 -13.93
N PHE X 36 9.34 65.26 -15.24
CA PHE X 36 9.02 66.56 -15.83
C PHE X 36 7.52 66.87 -15.90
N ASN X 37 6.65 65.97 -15.46
CA ASN X 37 5.19 66.15 -15.54
C ASN X 37 4.71 66.39 -16.97
N TRP X 38 5.45 65.90 -17.96
CA TRP X 38 4.99 65.87 -19.34
C TRP X 38 5.06 64.42 -19.82
N PRO X 39 4.03 63.92 -20.53
CA PRO X 39 2.86 64.55 -21.15
C PRO X 39 1.65 64.81 -20.25
N ALA X 40 1.79 64.65 -18.92
CA ALA X 40 0.65 64.86 -18.04
C ALA X 40 0.04 66.25 -18.19
N THR X 41 0.86 67.29 -18.35
CA THR X 41 0.31 68.61 -18.66
C THR X 41 -0.33 68.68 -20.03
N LEU X 42 0.20 67.97 -21.02
CA LEU X 42 -0.46 67.86 -22.32
C LEU X 42 -1.82 67.19 -22.20
N LYS X 43 -1.91 66.10 -21.44
CA LYS X 43 -3.17 65.40 -21.28
C LYS X 43 -4.22 66.27 -20.60
N ALA X 44 -3.82 66.99 -19.55
CA ALA X 44 -4.74 67.90 -18.86
C ALA X 44 -5.19 69.05 -19.74
N LYS X 45 -4.35 69.51 -20.67
CA LYS X 45 -4.71 70.65 -21.52
C LYS X 45 -5.93 70.35 -22.39
N TYR X 46 -5.97 69.18 -23.02
CA TYR X 46 -7.07 68.80 -23.90
C TYR X 46 -8.14 67.94 -23.24
N ALA X 47 -8.00 67.60 -21.97
CA ALA X 47 -8.97 66.75 -21.29
C ALA X 47 -10.36 67.40 -21.26
N THR X 48 -11.38 66.54 -21.16
CA THR X 48 -12.76 67.00 -21.07
C THR X 48 -13.01 67.74 -19.76
N PRO X 49 -13.65 68.92 -19.78
CA PRO X 49 -13.87 69.74 -18.59
C PRO X 49 -14.58 68.99 -17.46
N GLY Y 6 48.66 35.78 -26.89
CA GLY Y 6 48.17 37.01 -26.30
C GLY Y 6 48.98 38.24 -26.66
N MET Y 7 48.58 39.38 -26.09
CA MET Y 7 49.13 40.69 -26.45
C MET Y 7 50.66 40.73 -26.28
N THR Y 8 51.36 41.05 -27.37
CA THR Y 8 52.80 41.19 -27.37
C THR Y 8 53.24 42.47 -26.64
N GLU Y 9 54.56 42.54 -26.37
CA GLU Y 9 55.13 43.75 -25.77
C GLU Y 9 54.92 44.97 -26.67
N GLU Y 10 55.03 44.78 -27.99
CA GLU Y 10 54.74 45.83 -28.95
C GLU Y 10 53.29 46.30 -28.82
N GLU Y 11 52.34 45.36 -28.86
CA GLU Y 11 50.93 45.70 -28.72
C GLU Y 11 50.63 46.33 -27.35
N ALA Y 12 51.17 45.74 -26.29
CA ALA Y 12 50.99 46.28 -24.94
C ALA Y 12 51.44 47.72 -24.81
N ARG Y 13 52.57 48.08 -25.43
CA ARG Y 13 53.01 49.48 -25.43
C ARG Y 13 52.00 50.41 -26.10
N ARG Y 14 51.44 50.01 -27.24
CA ARG Y 14 50.42 50.83 -27.90
C ARG Y 14 49.14 50.90 -27.08
N PHE Y 15 48.69 49.74 -26.57
CA PHE Y 15 47.49 49.67 -25.75
C PHE Y 15 47.58 50.57 -24.52
N HIS Y 16 48.72 50.54 -23.83
CA HIS Y 16 48.91 51.36 -22.65
C HIS Y 16 48.74 52.86 -22.91
N GLY Y 17 49.21 53.35 -24.05
CA GLY Y 17 49.04 54.76 -24.35
C GLY Y 17 47.58 55.19 -24.47
N TYR Y 18 46.79 54.40 -25.20
CA TYR Y 18 45.36 54.69 -25.31
C TYR Y 18 44.64 54.51 -23.97
N MET Y 19 44.97 53.43 -23.24
CA MET Y 19 44.33 53.20 -21.94
C MET Y 19 44.62 54.33 -20.96
N VAL Y 20 45.85 54.84 -20.93
CA VAL Y 20 46.16 56.00 -20.10
C VAL Y 20 45.37 57.23 -20.57
N THR Y 21 45.34 57.46 -21.88
CA THR Y 21 44.66 58.64 -22.42
C THR Y 21 43.17 58.61 -22.10
N GLY Y 22 42.51 57.47 -22.37
CA GLY Y 22 41.11 57.34 -22.05
C GLY Y 22 40.82 57.48 -20.57
N THR Y 23 41.67 56.92 -19.72
CA THR Y 23 41.51 57.07 -18.28
C THR Y 23 41.60 58.53 -17.84
N LEU Y 24 42.64 59.24 -18.30
CA LEU Y 24 42.75 60.66 -18.00
C LEU Y 24 41.55 61.45 -18.51
N GLY Y 25 41.09 61.16 -19.74
CA GLY Y 25 39.91 61.82 -20.27
C GLY Y 25 38.69 61.65 -19.39
N TYR Y 26 38.45 60.42 -18.94
CA TYR Y 26 37.32 60.14 -18.04
C TYR Y 26 37.43 60.92 -16.74
N VAL Y 27 38.63 60.97 -16.15
CA VAL Y 27 38.84 61.74 -14.93
C VAL Y 27 38.65 63.24 -15.15
N VAL Y 28 39.06 63.75 -16.33
CA VAL Y 28 38.83 65.16 -16.64
C VAL Y 28 37.35 65.50 -16.70
N VAL Y 29 36.56 64.71 -17.45
CA VAL Y 29 35.12 64.94 -17.50
C VAL Y 29 34.50 64.84 -16.11
N ALA Y 30 34.87 63.79 -15.37
CA ALA Y 30 34.37 63.63 -14.00
C ALA Y 30 34.77 64.77 -13.08
N SER Y 31 35.94 65.37 -13.30
CA SER Y 31 36.31 66.56 -12.53
C SER Y 31 35.37 67.72 -12.81
N VAL Y 32 35.08 67.99 -14.09
CA VAL Y 32 34.11 69.02 -14.44
C VAL Y 32 32.75 68.73 -13.81
N ALA Y 33 32.32 67.46 -13.87
CA ALA Y 33 31.07 67.06 -13.22
C ALA Y 33 31.05 67.41 -11.74
N HIS Y 34 32.14 67.15 -11.03
CA HIS Y 34 32.19 67.45 -9.60
C HIS Y 34 32.27 68.94 -9.31
N PHE Y 35 32.99 69.70 -10.15
CA PHE Y 35 33.03 71.15 -9.98
C PHE Y 35 31.64 71.76 -10.12
N LEU Y 36 30.90 71.34 -11.16
CA LEU Y 36 29.52 71.77 -11.30
C LEU Y 36 28.66 71.32 -10.12
N ALA Y 37 28.75 70.04 -9.76
CA ALA Y 37 27.97 69.53 -8.62
C ALA Y 37 28.27 70.28 -7.33
N TRP Y 38 29.55 70.62 -7.09
CA TRP Y 38 29.88 71.35 -5.87
C TRP Y 38 29.28 72.75 -5.87
N SER Y 39 29.37 73.44 -7.01
CA SER Y 39 28.74 74.76 -7.12
C SER Y 39 27.21 74.68 -7.03
N TRP Y 40 26.63 73.56 -7.43
CA TRP Y 40 25.19 73.37 -7.31
C TRP Y 40 24.78 73.04 -5.87
N ARG Y 41 25.26 71.92 -5.34
CA ARG Y 41 24.91 71.49 -3.98
C ARG Y 41 26.16 70.97 -3.27
N PRO Y 42 26.91 71.84 -2.61
CA PRO Y 42 28.11 71.38 -1.91
C PRO Y 42 27.75 70.42 -0.79
N TRP Y 43 28.57 69.37 -0.63
CA TRP Y 43 28.21 68.26 0.23
C TRP Y 43 29.00 68.19 1.54
N PHE Y 44 29.99 69.05 1.75
CA PHE Y 44 30.54 69.24 3.09
C PHE Y 44 30.18 70.63 3.63
N GLY Z 5 57.29 28.19 -14.66
CA GLY Z 5 57.98 28.94 -13.63
C GLY Z 5 57.27 30.22 -13.24
N GLY Z 6 57.91 31.35 -13.53
CA GLY Z 6 57.35 32.66 -13.26
C GLY Z 6 58.35 33.75 -13.56
N MET Z 7 58.26 34.85 -12.80
CA MET Z 7 59.24 35.91 -12.95
C MET Z 7 60.65 35.42 -12.64
N THR Z 8 61.58 35.68 -13.56
CA THR Z 8 63.00 35.63 -13.28
C THR Z 8 63.42 36.87 -12.50
N GLU Z 9 64.63 36.80 -11.91
CA GLU Z 9 65.07 37.88 -11.02
C GLU Z 9 65.04 39.24 -11.71
N GLU Z 10 65.42 39.29 -12.98
CA GLU Z 10 65.41 40.57 -13.70
C GLU Z 10 63.99 41.12 -13.81
N GLU Z 11 63.03 40.28 -14.14
CA GLU Z 11 61.64 40.72 -14.21
C GLU Z 11 61.12 41.09 -12.83
N ALA Z 12 61.43 40.27 -11.83
CA ALA Z 12 61.07 40.57 -10.44
C ALA Z 12 61.65 41.92 -10.00
N ARG Z 13 62.87 42.24 -10.41
CA ARG Z 13 63.45 43.54 -10.07
C ARG Z 13 62.67 44.69 -10.72
N ARG Z 14 62.31 44.55 -12.00
CA ARG Z 14 61.47 45.57 -12.63
C ARG Z 14 60.14 45.71 -11.90
N PHE Z 15 59.47 44.57 -11.69
CA PHE Z 15 58.16 44.54 -11.06
C PHE Z 15 58.18 45.16 -9.67
N HIS Z 16 59.21 44.86 -8.89
CA HIS Z 16 59.40 45.49 -7.58
C HIS Z 16 59.47 47.01 -7.65
N GLY Z 17 60.19 47.54 -8.63
CA GLY Z 17 60.30 48.99 -8.75
C GLY Z 17 58.97 49.70 -8.98
N TYR Z 18 58.11 49.10 -9.80
CA TYR Z 18 56.76 49.65 -9.98
C TYR Z 18 55.90 49.47 -8.74
N MET Z 19 55.94 48.29 -8.10
CA MET Z 19 55.15 48.08 -6.89
C MET Z 19 55.49 49.09 -5.80
N VAL Z 20 56.77 49.40 -5.61
CA VAL Z 20 57.15 50.44 -4.64
C VAL Z 20 56.60 51.79 -5.08
N THR Z 21 56.77 52.13 -6.36
CA THR Z 21 56.27 53.41 -6.86
C THR Z 21 54.75 53.52 -6.74
N GLY Z 22 54.04 52.43 -7.01
CA GLY Z 22 52.61 52.38 -6.79
C GLY Z 22 52.21 52.56 -5.34
N THR Z 23 52.78 51.72 -4.47
CA THR Z 23 52.45 51.77 -3.04
C THR Z 23 52.68 53.14 -2.45
N LEU Z 24 53.79 53.79 -2.81
CA LEU Z 24 54.04 55.14 -2.30
C LEU Z 24 53.05 56.15 -2.86
N GLY Z 25 52.75 56.07 -4.15
CA GLY Z 25 51.73 56.94 -4.73
C GLY Z 25 50.38 56.79 -4.03
N TYR Z 26 49.98 55.54 -3.82
CA TYR Z 26 48.73 55.25 -3.11
C TYR Z 26 48.75 55.81 -1.69
N VAL Z 27 49.86 55.61 -0.97
CA VAL Z 27 50.01 56.17 0.37
C VAL Z 27 49.95 57.70 0.35
N VAL Z 28 50.61 58.34 -0.62
CA VAL Z 28 50.60 59.80 -0.69
C VAL Z 28 49.18 60.33 -0.90
N VAL Z 29 48.43 59.72 -1.81
CA VAL Z 29 47.02 60.12 -1.98
C VAL Z 29 46.22 59.86 -0.72
N ALA Z 30 46.40 58.69 -0.10
CA ALA Z 30 45.70 58.38 1.14
C ALA Z 30 46.08 59.32 2.27
N SER Z 31 47.33 59.80 2.29
CA SER Z 31 47.74 60.77 3.30
C SER Z 31 46.98 62.09 3.16
N VAL Z 32 46.86 62.60 1.94
CA VAL Z 32 46.10 63.83 1.72
C VAL Z 32 44.63 63.64 2.06
N ALA Z 33 44.08 62.48 1.72
CA ALA Z 33 42.73 62.13 2.15
C ALA Z 33 42.54 62.24 3.65
N HIS Z 34 43.48 61.69 4.43
CA HIS Z 34 43.38 61.76 5.88
C HIS Z 34 43.59 63.16 6.42
N PHE Z 35 44.50 63.93 5.83
CA PHE Z 35 44.68 65.31 6.26
C PHE Z 35 43.39 66.12 6.09
N LEU Z 36 42.77 66.02 4.92
CA LEU Z 36 41.48 66.67 4.70
C LEU Z 36 40.44 66.17 5.68
N ALA Z 37 40.29 64.85 5.79
CA ALA Z 37 39.31 64.28 6.72
C ALA Z 37 39.54 64.72 8.15
N TRP Z 38 40.80 64.81 8.58
CA TRP Z 38 41.08 65.30 9.94
C TRP Z 38 40.66 66.75 10.10
N SER Z 39 41.06 67.61 9.17
CA SER Z 39 40.67 69.01 9.23
C SER Z 39 39.16 69.20 9.16
N TRP Z 40 38.45 68.24 8.57
CA TRP Z 40 36.99 68.29 8.48
C TRP Z 40 36.33 67.83 9.78
N ARG Z 41 36.56 66.58 10.18
CA ARG Z 41 35.94 66.02 11.38
C ARG Z 41 36.99 65.23 12.15
N PRO Z 42 37.74 65.88 13.04
CA PRO Z 42 38.72 65.15 13.85
C PRO Z 42 38.06 64.03 14.63
N TRP Z 43 38.78 62.91 14.77
CA TRP Z 43 38.21 61.69 15.30
C TRP Z 43 38.80 61.21 16.62
N PHE Z 44 39.81 61.90 17.16
CA PHE Z 44 40.22 61.68 18.55
C PHE Z 44 39.86 62.87 19.43
N GLY AA 6 63.16 21.74 -0.70
CA GLY AA 6 62.87 23.08 -0.25
C GLY AA 6 64.07 24.00 -0.23
N MET AA 7 64.07 24.96 0.69
CA MET AA 7 65.13 25.96 0.76
C MET AA 7 66.47 25.35 1.15
N THR AA 8 67.51 25.68 0.39
CA THR AA 8 68.89 25.41 0.73
C THR AA 8 69.39 26.38 1.81
N GLU AA 9 70.53 26.05 2.40
CA GLU AA 9 71.01 26.79 3.57
C GLU AA 9 71.27 28.27 3.27
N GLU AA 10 71.79 28.58 2.08
CA GLU AA 10 71.98 29.99 1.73
C GLU AA 10 70.68 30.67 1.34
N GLU AA 11 69.69 29.93 0.84
CA GLU AA 11 68.36 30.50 0.72
C GLU AA 11 67.78 30.80 2.10
N ALA AA 12 67.96 29.88 3.04
CA ALA AA 12 67.51 30.10 4.41
C ALA AA 12 68.20 31.31 5.05
N ARG AA 13 69.53 31.43 4.86
CA ARG AA 13 70.25 32.58 5.40
C ARG AA 13 69.75 33.88 4.80
N ARG AA 14 69.60 33.93 3.48
CA ARG AA 14 69.21 35.17 2.82
C ARG AA 14 67.78 35.56 3.18
N PHE AA 15 66.90 34.57 3.27
CA PHE AA 15 65.54 34.77 3.76
C PHE AA 15 65.53 35.28 5.20
N HIS AA 16 66.31 34.65 6.07
CA HIS AA 16 66.31 34.96 7.49
C HIS AA 16 66.61 36.42 7.78
N GLY AA 17 67.59 37.00 7.07
CA GLY AA 17 67.91 38.41 7.28
C GLY AA 17 66.74 39.34 7.05
N TYR AA 18 66.01 39.15 5.95
CA TYR AA 18 64.82 39.96 5.70
C TYR AA 18 63.70 39.64 6.69
N MET AA 19 63.49 38.37 7.01
CA MET AA 19 62.49 38.01 8.01
C MET AA 19 62.76 38.66 9.36
N VAL AA 20 64.03 38.68 9.79
CA VAL AA 20 64.40 39.41 11.00
C VAL AA 20 64.14 40.90 10.85
N THR AA 21 64.56 41.48 9.72
CA THR AA 21 64.40 42.91 9.50
C THR AA 21 62.93 43.31 9.47
N GLY AA 22 62.10 42.51 8.81
CA GLY AA 22 60.66 42.78 8.82
C GLY AA 22 60.03 42.71 10.20
N THR AA 23 60.47 41.74 11.02
CA THR AA 23 59.96 41.64 12.38
C THR AA 23 60.36 42.84 13.24
N LEU AA 24 61.61 43.28 13.16
CA LEU AA 24 61.99 44.52 13.85
C LEU AA 24 61.17 45.71 13.36
N GLY AA 25 60.94 45.79 12.05
CA GLY AA 25 60.10 46.86 11.52
C GLY AA 25 58.72 46.86 12.12
N TYR AA 26 58.07 45.69 12.11
CA TYR AA 26 56.73 45.54 12.66
C TYR AA 26 56.66 45.95 14.13
N VAL AA 27 57.58 45.44 14.96
CA VAL AA 27 57.58 45.75 16.38
C VAL AA 27 57.83 47.24 16.64
N VAL AA 28 58.73 47.86 15.88
CA VAL AA 28 58.98 49.29 16.06
C VAL AA 28 57.73 50.11 15.76
N VAL AA 29 57.07 49.82 14.63
CA VAL AA 29 55.82 50.51 14.29
C VAL AA 29 54.75 50.28 15.35
N ALA AA 30 54.59 49.04 15.82
CA ALA AA 30 53.66 48.77 16.90
C ALA AA 30 54.05 49.49 18.19
N SER AA 31 55.34 49.67 18.46
CA SER AA 31 55.75 50.40 19.66
C SER AA 31 55.34 51.86 19.60
N VAL AA 32 55.47 52.48 18.44
CA VAL AA 32 54.95 53.83 18.23
C VAL AA 32 53.44 53.87 18.41
N ALA AA 33 52.73 52.90 17.82
CA ALA AA 33 51.28 52.81 17.97
C ALA AA 33 50.86 52.72 19.44
N HIS AA 34 51.51 51.85 20.21
CA HIS AA 34 51.17 51.72 21.63
C HIS AA 34 51.51 52.97 22.43
N PHE AA 35 52.67 53.58 22.18
CA PHE AA 35 53.01 54.81 22.88
C PHE AA 35 52.00 55.91 22.60
N LEU AA 36 51.53 56.03 21.35
CA LEU AA 36 50.47 56.98 21.04
C LEU AA 36 49.16 56.62 21.72
N ALA AA 37 48.77 55.34 21.66
CA ALA AA 37 47.56 54.89 22.34
C ALA AA 37 47.65 55.13 23.85
N TRP AA 38 48.80 54.84 24.45
CA TRP AA 38 48.97 55.09 25.88
C TRP AA 38 48.87 56.57 26.22
N SER AA 39 49.46 57.42 25.38
CA SER AA 39 49.31 58.87 25.55
C SER AA 39 47.86 59.31 25.47
N TRP AA 40 47.06 58.60 24.67
CA TRP AA 40 45.66 58.98 24.44
C TRP AA 40 44.73 58.45 25.52
N ARG AA 41 44.74 57.14 25.75
CA ARG AA 41 43.89 56.52 26.77
C ARG AA 41 44.69 55.44 27.47
N PRO AA 42 45.44 55.78 28.52
CA PRO AA 42 46.21 54.77 29.23
C PRO AA 42 45.29 53.74 29.88
N TRP AA 43 45.70 52.48 29.84
CA TRP AA 43 44.82 51.38 30.18
C TRP AA 43 45.10 50.75 31.55
N PHE AA 44 46.10 51.23 32.27
CA PHE AA 44 46.24 50.89 33.70
C PHE AA 44 45.99 52.12 34.57
N GLY BA 5 66.94 8.03 9.80
CA GLY BA 5 65.95 8.98 9.32
C GLY BA 5 65.48 9.94 10.39
N GLY BA 6 65.16 11.17 9.99
CA GLY BA 6 65.02 12.25 10.94
C GLY BA 6 66.34 12.78 11.47
N MET BA 7 66.21 13.58 12.53
CA MET BA 7 67.32 14.33 13.12
C MET BA 7 68.51 13.45 13.48
N THR BA 8 69.68 13.81 12.95
CA THR BA 8 70.94 13.17 13.31
C THR BA 8 71.62 13.89 14.49
N GLU BA 9 72.65 13.23 15.03
CA GLU BA 9 73.22 13.64 16.33
C GLU BA 9 73.81 15.04 16.29
N GLU BA 10 74.50 15.39 15.20
CA GLU BA 10 75.03 16.75 15.06
C GLU BA 10 73.92 17.78 14.93
N GLU BA 11 72.88 17.47 14.15
CA GLU BA 11 71.73 18.36 14.06
C GLU BA 11 71.06 18.53 15.42
N ALA BA 12 70.83 17.42 16.12
CA ALA BA 12 70.25 17.45 17.46
C ALA BA 12 71.08 18.31 18.41
N ARG BA 13 72.41 18.19 18.35
CA ARG BA 13 73.28 18.95 19.24
C ARG BA 13 73.08 20.45 19.07
N ARG BA 14 73.14 20.95 17.84
CA ARG BA 14 73.02 22.39 17.62
C ARG BA 14 71.58 22.87 17.76
N PHE BA 15 70.61 22.06 17.33
CA PHE BA 15 69.20 22.36 17.56
C PHE BA 15 68.90 22.56 19.05
N HIS BA 16 69.44 21.68 19.89
CA HIS BA 16 69.28 21.81 21.34
C HIS BA 16 69.76 23.16 21.88
N GLY BA 17 70.88 23.67 21.36
CA GLY BA 17 71.39 24.94 21.85
C GLY BA 17 70.44 26.11 21.61
N TYR BA 18 69.83 26.15 20.43
CA TYR BA 18 68.82 27.17 20.16
C TYR BA 18 67.55 26.94 20.98
N MET BA 19 67.11 25.68 21.06
CA MET BA 19 65.93 25.33 21.85
C MET BA 19 66.07 25.76 23.30
N VAL BA 20 67.24 25.49 23.91
CA VAL BA 20 67.53 25.99 25.26
C VAL BA 20 67.57 27.51 25.29
N THR BA 21 68.26 28.13 24.32
CA THR BA 21 68.34 29.59 24.28
C THR BA 21 66.97 30.24 24.20
N GLY BA 22 66.11 29.73 23.32
CA GLY BA 22 64.79 30.34 23.16
C GLY BA 22 63.90 30.14 24.37
N THR BA 23 63.92 28.93 24.95
CA THR BA 23 63.20 28.68 26.19
C THR BA 23 63.63 29.63 27.30
N LEU BA 24 64.94 29.87 27.43
CA LEU BA 24 65.42 30.82 28.44
C LEU BA 24 65.00 32.26 28.13
N GLY BA 25 65.04 32.65 26.85
CA GLY BA 25 64.53 33.96 26.48
C GLY BA 25 63.06 34.14 26.81
N TYR BA 26 62.25 33.11 26.55
CA TYR BA 26 60.84 33.14 26.91
C TYR BA 26 60.63 33.30 28.41
N VAL BA 27 61.41 32.57 29.21
CA VAL BA 27 61.34 32.68 30.67
C VAL BA 27 61.74 34.08 31.14
N VAL BA 28 62.79 34.66 30.57
CA VAL BA 28 63.21 36.01 30.95
C VAL BA 28 62.09 37.01 30.72
N VAL BA 29 61.48 36.98 29.53
CA VAL BA 29 60.40 37.92 29.24
C VAL BA 29 59.21 37.68 30.18
N ALA BA 30 58.83 36.42 30.36
CA ALA BA 30 57.76 36.08 31.30
C ALA BA 30 58.08 36.54 32.72
N SER BA 31 59.36 36.50 33.12
CA SER BA 31 59.75 37.00 34.43
C SER BA 31 59.48 38.50 34.56
N VAL BA 32 59.87 39.28 33.54
CA VAL BA 32 59.56 40.71 33.53
C VAL BA 32 58.06 40.94 33.60
N ALA BA 33 57.29 40.18 32.82
CA ALA BA 33 55.84 40.30 32.84
C ALA BA 33 55.26 40.09 34.24
N HIS BA 34 55.75 39.08 34.96
CA HIS BA 34 55.26 38.84 36.31
C HIS BA 34 55.71 39.91 37.29
N PHE BA 35 56.97 40.36 37.20
CA PHE BA 35 57.43 41.42 38.08
C PHE BA 35 56.59 42.69 37.92
N LEU BA 36 56.25 43.04 36.67
CA LEU BA 36 55.33 44.15 36.45
C LEU BA 36 53.93 43.85 36.97
N ALA BA 37 53.37 42.68 36.61
CA ALA BA 37 52.05 42.32 37.08
C ALA BA 37 51.97 42.33 38.61
N TRP BA 38 53.02 41.87 39.28
CA TRP BA 38 53.04 41.89 40.74
C TRP BA 38 52.98 43.32 41.27
N SER BA 39 53.82 44.20 40.72
CA SER BA 39 53.82 45.59 41.14
C SER BA 39 52.49 46.29 40.83
N TRP BA 40 51.78 45.82 39.81
CA TRP BA 40 50.47 46.39 39.48
C TRP BA 40 49.38 45.86 40.40
N ARG BA 41 49.23 44.54 40.51
CA ARG BA 41 48.20 43.93 41.34
C ARG BA 41 48.75 42.68 42.00
N PRO BA 42 49.29 42.80 43.22
CA PRO BA 42 49.75 41.61 43.94
C PRO BA 42 48.62 40.62 44.16
N TRP BA 43 48.92 39.33 44.01
CA TRP BA 43 47.87 38.32 43.99
C TRP BA 43 47.85 37.40 45.20
N PHE BA 44 48.89 37.40 46.04
CA PHE BA 44 48.81 36.67 47.30
C PHE BA 44 48.37 37.57 48.46
N GLY CA 5 64.51 -2.87 18.21
CA GLY CA 5 65.16 -1.69 18.75
C GLY CA 5 65.37 -1.75 20.24
N GLY CA 6 64.92 -0.70 20.94
CA GLY CA 6 65.16 -0.56 22.37
C GLY CA 6 66.45 0.16 22.71
N MET CA 7 67.00 -0.10 23.89
CA MET CA 7 68.23 0.53 24.35
C MET CA 7 69.21 -0.52 24.84
N THR CA 8 70.48 -0.39 24.45
CA THR CA 8 71.56 -1.15 25.06
C THR CA 8 71.67 -0.81 26.55
N GLU CA 9 72.44 -1.65 27.27
CA GLU CA 9 72.80 -1.33 28.65
C GLU CA 9 73.50 0.02 28.76
N GLU CA 10 74.37 0.34 27.80
CA GLU CA 10 75.21 1.53 27.96
C GLU CA 10 74.42 2.82 27.75
N GLU CA 11 73.57 2.88 26.72
CA GLU CA 11 72.69 4.04 26.60
C GLU CA 11 71.58 4.04 27.63
N ALA CA 12 71.15 2.87 28.10
CA ALA CA 12 70.24 2.83 29.24
C ALA CA 12 70.88 3.44 30.48
N ARG CA 13 72.15 3.09 30.74
CA ARG CA 13 72.88 3.71 31.83
C ARG CA 13 73.01 5.22 31.62
N ARG CA 14 73.25 5.64 30.38
CA ARG CA 14 73.31 7.06 30.04
C ARG CA 14 71.98 7.74 30.30
N PHE CA 15 70.91 7.21 29.67
CA PHE CA 15 69.56 7.73 29.85
C PHE CA 15 69.16 7.79 31.32
N HIS CA 16 69.51 6.76 32.09
CA HIS CA 16 69.19 6.73 33.52
C HIS CA 16 69.79 7.92 34.28
N GLY CA 17 71.01 8.31 33.94
CA GLY CA 17 71.62 9.44 34.62
C GLY CA 17 70.90 10.75 34.42
N TYR CA 18 70.41 10.99 33.20
CA TYR CA 18 69.58 12.17 32.96
C TYR CA 18 68.22 12.03 33.62
N MET CA 19 67.60 10.85 33.56
CA MET CA 19 66.30 10.64 34.20
C MET CA 19 66.34 10.93 35.69
N VAL CA 20 67.32 10.37 36.42
CA VAL CA 20 67.40 10.62 37.85
C VAL CA 20 67.71 12.09 38.14
N THR CA 21 68.50 12.74 37.30
CA THR CA 21 68.80 14.15 37.51
C THR CA 21 67.55 15.02 37.31
N GLY CA 22 66.83 14.78 36.21
CA GLY CA 22 65.57 15.49 36.01
C GLY CA 22 64.58 15.27 37.14
N THR CA 23 64.46 14.02 37.59
CA THR CA 23 63.55 13.68 38.69
C THR CA 23 63.92 14.41 39.98
N LEU CA 24 65.21 14.38 40.35
CA LEU CA 24 65.63 15.07 41.57
C LEU CA 24 65.45 16.57 41.48
N GLY CA 25 65.81 17.17 40.33
CA GLY CA 25 65.55 18.59 40.13
C GLY CA 25 64.09 18.95 40.27
N TYR CA 26 63.22 18.18 39.63
CA TYR CA 26 61.78 18.40 39.74
C TYR CA 26 61.31 18.35 41.18
N VAL CA 27 61.73 17.33 41.93
CA VAL CA 27 61.36 17.20 43.34
C VAL CA 27 61.90 18.35 44.19
N VAL CA 28 63.08 18.87 43.87
CA VAL CA 28 63.61 20.02 44.61
C VAL CA 28 62.74 21.26 44.40
N VAL CA 29 62.42 21.59 43.15
CA VAL CA 29 61.53 22.72 42.88
C VAL CA 29 60.18 22.52 43.55
N ALA CA 30 59.64 21.30 43.49
CA ALA CA 30 58.40 20.99 44.22
C ALA CA 30 58.56 21.20 45.71
N SER CA 31 59.73 20.87 46.28
CA SER CA 31 59.96 21.11 47.70
C SER CA 31 59.94 22.59 48.04
N VAL CA 32 60.57 23.42 47.21
CA VAL CA 32 60.48 24.87 47.39
C VAL CA 32 59.03 25.34 47.36
N ALA CA 33 58.27 24.87 46.37
CA ALA CA 33 56.86 25.24 46.26
C ALA CA 33 56.06 24.89 47.52
N HIS CA 34 56.26 23.70 48.07
CA HIS CA 34 55.53 23.32 49.27
C HIS CA 34 55.96 24.09 50.51
N PHE CA 35 57.23 24.43 50.62
CA PHE CA 35 57.67 25.26 51.74
C PHE CA 35 57.02 26.64 51.67
N LEU CA 36 57.00 27.23 50.48
CA LEU CA 36 56.30 28.51 50.29
C LEU CA 36 54.80 28.38 50.54
N ALA CA 37 54.19 27.32 50.00
CA ALA CA 37 52.76 27.10 50.20
C ALA CA 37 52.43 26.94 51.68
N TRP CA 38 53.22 26.14 52.40
CA TRP CA 38 52.98 25.94 53.83
C TRP CA 38 53.09 27.25 54.61
N SER CA 39 54.19 27.98 54.41
CA SER CA 39 54.38 29.24 55.11
C SER CA 39 53.37 30.31 54.70
N TRP CA 40 52.66 30.13 53.59
CA TRP CA 40 51.54 30.99 53.22
C TRP CA 40 50.21 30.54 53.82
N ARG CA 41 49.81 29.30 53.56
CA ARG CA 41 48.55 28.76 54.07
C ARG CA 41 48.75 27.32 54.51
N PRO CA 42 49.21 27.10 55.74
CA PRO CA 42 49.46 25.73 56.19
C PRO CA 42 48.15 24.95 56.31
N TRP CA 43 48.19 23.69 55.91
CA TRP CA 43 46.97 22.95 55.62
C TRP CA 43 46.59 21.90 56.65
N PHE CA 44 47.48 21.55 57.58
CA PHE CA 44 47.05 20.82 58.77
C PHE CA 44 46.72 21.80 59.90
N GLY DA 6 60.46 -15.97 27.71
CA GLY DA 6 60.38 -14.90 28.68
C GLY DA 6 61.66 -14.71 29.49
N MET DA 7 61.51 -14.07 30.65
CA MET DA 7 62.63 -13.84 31.56
C MET DA 7 63.24 -15.16 32.05
N THR DA 8 64.56 -15.23 32.01
CA THR DA 8 65.32 -16.41 32.43
C THR DA 8 65.63 -16.39 33.92
N GLU DA 9 66.16 -17.51 34.41
CA GLU DA 9 66.43 -17.70 35.84
C GLU DA 9 67.46 -16.70 36.36
N GLU DA 10 68.50 -16.40 35.58
CA GLU DA 10 69.44 -15.36 35.96
C GLU DA 10 68.79 -13.99 35.99
N GLU DA 11 67.96 -13.67 34.99
CA GLU DA 11 67.29 -12.38 34.96
C GLU DA 11 66.29 -12.26 36.11
N ALA DA 12 65.59 -13.34 36.43
CA ALA DA 12 64.74 -13.39 37.63
C ALA DA 12 65.54 -13.18 38.91
N ARG DA 13 66.78 -13.66 38.96
CA ARG DA 13 67.63 -13.45 40.13
C ARG DA 13 67.96 -11.98 40.35
N ARG DA 14 68.09 -11.19 39.28
CA ARG DA 14 68.26 -9.74 39.44
C ARG DA 14 66.94 -9.05 39.75
N PHE DA 15 65.90 -9.39 38.97
CA PHE DA 15 64.59 -8.77 39.12
C PHE DA 15 64.06 -8.90 40.56
N HIS DA 16 64.20 -10.09 41.15
CA HIS DA 16 63.74 -10.33 42.51
C HIS DA 16 64.46 -9.45 43.54
N GLY DA 17 65.78 -9.28 43.41
CA GLY DA 17 66.50 -8.44 44.35
C GLY DA 17 66.04 -6.99 44.34
N TYR DA 18 65.78 -6.44 43.16
CA TYR DA 18 65.23 -5.08 43.07
C TYR DA 18 63.78 -5.00 43.51
N MET DA 19 62.96 -5.99 43.16
CA MET DA 19 61.59 -6.03 43.66
C MET DA 19 61.54 -6.03 45.18
N VAL DA 20 62.33 -6.89 45.83
CA VAL DA 20 62.34 -6.93 47.29
C VAL DA 20 62.79 -5.59 47.86
N THR DA 21 63.84 -5.00 47.27
CA THR DA 21 64.33 -3.70 47.73
C THR DA 21 63.26 -2.63 47.61
N GLY DA 22 62.61 -2.54 46.44
CA GLY DA 22 61.56 -1.56 46.24
C GLY DA 22 60.38 -1.77 47.18
N THR DA 23 59.89 -3.00 47.27
CA THR DA 23 58.78 -3.33 48.16
C THR DA 23 59.08 -2.91 49.60
N LEU DA 24 60.22 -3.34 50.14
CA LEU DA 24 60.58 -2.98 51.51
C LEU DA 24 60.68 -1.48 51.70
N GLY DA 25 61.29 -0.77 50.76
CA GLY DA 25 61.40 0.68 50.86
C GLY DA 25 60.06 1.39 50.82
N TYR DA 26 59.17 0.96 49.93
CA TYR DA 26 57.80 1.47 49.89
C TYR DA 26 57.08 1.29 51.24
N VAL DA 27 57.21 0.11 51.85
CA VAL DA 27 56.63 -0.12 53.17
C VAL DA 27 57.26 0.78 54.23
N VAL DA 28 58.56 1.06 54.13
CA VAL DA 28 59.20 1.99 55.06
C VAL DA 28 58.57 3.37 54.98
N VAL DA 29 58.46 3.92 53.77
CA VAL DA 29 57.79 5.22 53.59
C VAL DA 29 56.36 5.18 54.14
N ALA DA 30 55.61 4.14 53.78
CA ALA DA 30 54.23 4.03 54.25
C ALA DA 30 54.13 3.91 55.77
N SER DA 31 55.12 3.29 56.40
CA SER DA 31 55.16 3.26 57.86
C SER DA 31 55.28 4.66 58.46
N VAL DA 32 56.14 5.50 57.89
CA VAL DA 32 56.26 6.88 58.34
C VAL DA 32 54.99 7.66 58.09
N ALA DA 33 54.37 7.47 56.92
CA ALA DA 33 53.09 8.10 56.63
C ALA DA 33 52.03 7.75 57.66
N HIS DA 34 51.92 6.46 58.01
CA HIS DA 34 50.94 6.06 59.00
C HIS DA 34 51.26 6.58 60.39
N PHE DA 35 52.54 6.62 60.76
CA PHE DA 35 52.91 7.18 62.05
C PHE DA 35 52.52 8.66 62.14
N LEU DA 36 52.82 9.42 61.09
CA LEU DA 36 52.42 10.82 61.05
C LEU DA 36 50.91 10.98 61.11
N ALA DA 37 50.18 10.20 60.30
CA ALA DA 37 48.72 10.23 60.34
C ALA DA 37 48.18 9.88 61.73
N TRP DA 38 48.73 8.85 62.36
CA TRP DA 38 48.26 8.46 63.69
C TRP DA 38 48.46 9.57 64.71
N SER DA 39 49.65 10.16 64.74
CA SER DA 39 49.92 11.27 65.66
C SER DA 39 49.05 12.48 65.37
N TRP DA 40 48.61 12.64 64.13
CA TRP DA 40 47.73 13.76 63.77
C TRP DA 40 46.28 13.48 64.14
N ARG DA 41 45.70 12.39 63.63
CA ARG DA 41 44.31 12.03 63.93
C ARG DA 41 44.21 10.52 64.19
N PRO DA 42 44.37 10.10 65.45
CA PRO DA 42 44.23 8.68 65.78
C PRO DA 42 42.83 8.17 65.43
N TRP DA 43 42.78 6.97 64.86
CA TRP DA 43 41.52 6.45 64.35
C TRP DA 43 40.87 5.36 65.20
N PHE DA 44 41.60 4.71 66.10
CA PHE DA 44 40.95 3.89 67.13
C PHE DA 44 40.71 4.64 68.43
N GLY EA 6 53.70 -28.92 31.80
CA GLY EA 6 53.39 -28.25 33.05
C GLY EA 6 54.45 -28.41 34.13
N MET EA 7 54.08 -28.07 35.35
CA MET EA 7 54.99 -28.17 36.49
C MET EA 7 55.36 -29.63 36.77
N THR EA 8 56.66 -29.93 36.74
CA THR EA 8 57.15 -31.29 36.94
C THR EA 8 57.25 -31.62 38.44
N GLU EA 9 57.48 -32.90 38.72
CA GLU EA 9 57.44 -33.41 40.10
C GLU EA 9 58.44 -32.70 41.00
N GLU EA 10 59.62 -32.37 40.48
CA GLU EA 10 60.61 -31.66 41.29
C GLU EA 10 60.31 -30.17 41.40
N GLU EA 11 59.75 -29.59 40.33
CA GLU EA 11 59.23 -28.23 40.42
C GLU EA 11 58.06 -28.13 41.39
N ALA EA 12 57.22 -29.17 41.45
CA ALA EA 12 56.15 -29.22 42.44
C ALA EA 12 56.68 -29.29 43.87
N ARG EA 13 57.74 -30.06 44.10
CA ARG EA 13 58.34 -30.11 45.43
C ARG EA 13 58.89 -28.74 45.85
N ARG EA 14 59.54 -28.03 44.93
CA ARG EA 14 59.95 -26.66 45.19
C ARG EA 14 58.73 -25.76 45.47
N PHE EA 15 57.76 -25.77 44.55
CA PHE EA 15 56.58 -24.92 44.68
C PHE EA 15 55.84 -25.15 46.00
N HIS EA 16 55.67 -26.42 46.38
CA HIS EA 16 54.96 -26.74 47.62
C HIS EA 16 55.61 -26.14 48.86
N GLY EA 17 56.94 -26.19 48.94
CA GLY EA 17 57.62 -25.64 50.10
C GLY EA 17 57.39 -24.15 50.28
N TYR EA 18 57.44 -23.39 49.20
CA TYR EA 18 57.13 -21.96 49.27
C TYR EA 18 55.65 -21.71 49.53
N MET EA 19 54.77 -22.47 48.88
CA MET EA 19 53.34 -22.31 49.07
C MET EA 19 52.93 -22.58 50.52
N VAL EA 20 53.52 -23.60 51.14
CA VAL EA 20 53.32 -23.83 52.57
C VAL EA 20 53.82 -22.64 53.40
N THR EA 21 55.04 -22.18 53.13
CA THR EA 21 55.60 -21.08 53.90
C THR EA 21 54.77 -19.80 53.75
N GLY EA 22 54.36 -19.48 52.53
CA GLY EA 22 53.51 -18.31 52.33
C GLY EA 22 52.18 -18.41 53.06
N THR EA 23 51.53 -19.57 52.97
CA THR EA 23 50.27 -19.78 53.70
C THR EA 23 50.47 -19.61 55.20
N LEU EA 24 51.51 -20.24 55.74
CA LEU EA 24 51.79 -20.15 57.16
C LEU EA 24 52.06 -18.70 57.60
N GLY EA 25 52.85 -17.96 56.82
CA GLY EA 25 53.06 -16.56 57.10
C GLY EA 25 51.79 -15.73 57.07
N TYR EA 26 50.92 -15.99 56.09
CA TYR EA 26 49.64 -15.30 56.02
C TYR EA 26 48.76 -15.58 57.24
N VAL EA 27 48.71 -16.84 57.69
CA VAL EA 27 47.99 -17.18 58.92
C VAL EA 27 48.59 -16.51 60.15
N VAL EA 28 49.93 -16.42 60.22
CA VAL EA 28 50.57 -15.72 61.33
C VAL EA 28 50.14 -14.25 61.38
N VAL EA 29 50.21 -13.55 60.25
CA VAL EA 29 49.81 -12.14 60.23
C VAL EA 29 48.34 -11.99 60.60
N ALA EA 30 47.48 -12.86 60.05
CA ALA EA 30 46.07 -12.82 60.41
C ALA EA 30 45.83 -13.15 61.88
N SER EA 31 46.67 -14.00 62.47
CA SER EA 31 46.54 -14.29 63.91
C SER EA 31 46.77 -13.05 64.76
N VAL EA 32 47.77 -12.24 64.40
CA VAL EA 32 48.01 -10.98 65.10
C VAL EA 32 46.86 -10.02 64.91
N ALA EA 33 46.33 -9.93 63.68
CA ALA EA 33 45.19 -9.08 63.41
C ALA EA 33 43.99 -9.41 64.29
N HIS EA 34 43.68 -10.70 64.45
CA HIS EA 34 42.58 -11.11 65.31
C HIS EA 34 42.86 -10.85 66.78
N PHE EA 35 44.08 -11.10 67.24
CA PHE EA 35 44.42 -10.77 68.62
C PHE EA 35 44.24 -9.29 68.91
N LEU EA 36 44.70 -8.43 68.00
CA LEU EA 36 44.45 -7.00 68.13
C LEU EA 36 42.95 -6.67 68.09
N ALA EA 37 42.22 -7.22 67.12
CA ALA EA 37 40.80 -6.94 67.01
C ALA EA 37 40.04 -7.39 68.25
N TRP EA 38 40.37 -8.56 68.78
CA TRP EA 38 39.70 -9.04 69.99
C TRP EA 38 40.00 -8.13 71.18
N SER EA 39 41.25 -7.66 71.30
CA SER EA 39 41.60 -6.71 72.35
C SER EA 39 40.80 -5.42 72.22
N TRP EA 40 40.53 -4.99 70.99
CA TRP EA 40 39.88 -3.71 70.74
C TRP EA 40 38.36 -3.81 70.87
N ARG EA 41 37.72 -4.77 70.20
CA ARG EA 41 36.28 -4.97 70.29
C ARG EA 41 35.95 -6.46 70.29
N PRO EA 42 35.87 -7.08 71.46
CA PRO EA 42 35.49 -8.50 71.51
C PRO EA 42 34.13 -8.74 70.86
N TRP EA 43 34.01 -9.87 70.15
CA TRP EA 43 32.79 -10.15 69.41
C TRP EA 43 31.92 -11.24 70.03
N PHE EA 44 32.40 -11.98 71.01
CA PHE EA 44 31.50 -12.79 71.84
C PHE EA 44 31.39 -12.19 73.24
N GLY FA 6 44.50 -41.42 33.18
CA GLY FA 6 43.86 -41.81 34.41
C GLY FA 6 44.80 -41.95 35.58
N MET FA 7 44.27 -42.44 36.71
CA MET FA 7 45.05 -42.69 37.91
C MET FA 7 45.15 -44.20 38.15
N THR FA 8 46.38 -44.69 38.29
CA THR FA 8 46.64 -46.12 38.44
C THR FA 8 46.46 -46.57 39.89
N GLU FA 9 46.49 -47.90 40.08
CA GLU FA 9 46.20 -48.48 41.38
C GLU FA 9 47.18 -48.03 42.46
N GLU FA 10 48.46 -47.88 42.12
CA GLU FA 10 49.41 -47.34 43.09
C GLU FA 10 49.15 -45.87 43.38
N GLU FA 11 48.90 -45.08 42.34
CA GLU FA 11 48.63 -43.66 42.50
C GLU FA 11 47.38 -43.45 43.35
N ALA FA 12 46.32 -44.21 43.06
CA ALA FA 12 45.12 -44.22 43.90
C ALA FA 12 45.44 -44.63 45.33
N ARG FA 13 46.26 -45.67 45.52
CA ARG FA 13 46.54 -46.17 46.86
C ARG FA 13 47.22 -45.12 47.75
N ARG FA 14 48.15 -44.34 47.20
CA ARG FA 14 48.73 -43.27 48.01
C ARG FA 14 47.86 -42.02 48.05
N PHE FA 15 47.13 -41.73 46.96
CA PHE FA 15 46.15 -40.65 46.97
C PHE FA 15 45.13 -40.82 48.10
N HIS FA 16 44.63 -42.04 48.26
CA HIS FA 16 43.68 -42.35 49.33
C HIS FA 16 44.24 -42.04 50.72
N GLY FA 17 45.52 -42.34 50.95
CA GLY FA 17 46.11 -42.05 52.25
C GLY FA 17 46.07 -40.58 52.62
N TYR FA 18 46.38 -39.70 51.66
CA TYR FA 18 46.24 -38.27 51.90
C TYR FA 18 44.78 -37.86 52.03
N MET FA 19 43.92 -38.38 51.17
CA MET FA 19 42.49 -38.04 51.20
C MET FA 19 41.86 -38.42 52.54
N VAL FA 20 42.20 -39.58 53.09
CA VAL FA 20 41.78 -39.94 54.43
C VAL FA 20 42.32 -38.94 55.46
N THR FA 21 43.63 -38.70 55.45
CA THR FA 21 44.25 -37.83 56.44
C THR FA 21 43.65 -36.43 56.41
N GLY FA 22 43.41 -35.90 55.21
CA GLY FA 22 42.73 -34.62 55.09
C GLY FA 22 41.33 -34.62 55.69
N THR FA 23 40.52 -35.61 55.33
CA THR FA 23 39.18 -35.73 55.89
C THR FA 23 39.18 -35.79 57.41
N LEU FA 24 40.04 -36.62 58.00
CA LEU FA 24 40.09 -36.72 59.45
C LEU FA 24 40.52 -35.41 60.10
N GLY FA 25 41.54 -34.76 59.54
CA GLY FA 25 41.92 -33.44 60.03
C GLY FA 25 40.78 -32.44 60.02
N TYR FA 26 40.05 -32.39 58.91
CA TYR FA 26 38.87 -31.53 58.80
C TYR FA 26 37.82 -31.85 59.84
N VAL FA 27 37.49 -33.13 60.02
CA VAL FA 27 36.52 -33.55 61.03
C VAL FA 27 37.00 -33.22 62.44
N VAL FA 28 38.31 -33.36 62.70
CA VAL FA 28 38.84 -32.99 64.01
C VAL FA 28 38.64 -31.50 64.29
N VAL FA 29 39.05 -30.65 63.35
CA VAL FA 29 38.86 -29.20 63.50
C VAL FA 29 37.39 -28.85 63.67
N ALA FA 30 36.51 -29.46 62.87
CA ALA FA 30 35.08 -29.20 63.02
C ALA FA 30 34.56 -29.62 64.39
N SER FA 31 35.09 -30.71 64.95
CA SER FA 31 34.64 -31.16 66.26
C SER FA 31 34.98 -30.15 67.35
N VAL FA 32 36.16 -29.53 67.27
CA VAL FA 32 36.51 -28.43 68.16
C VAL FA 32 35.58 -27.23 67.96
N ALA FA 33 35.28 -26.91 66.70
CA ALA FA 33 34.33 -25.83 66.42
C ALA FA 33 32.96 -26.08 67.06
N HIS FA 34 32.45 -27.31 66.95
CA HIS FA 34 31.15 -27.63 67.56
C HIS FA 34 31.23 -27.67 69.08
N PHE FA 35 32.32 -28.16 69.64
CA PHE FA 35 32.49 -28.13 71.09
C PHE FA 35 32.41 -26.71 71.62
N LEU FA 36 33.15 -25.79 70.99
CA LEU FA 36 33.10 -24.39 71.37
C LEU FA 36 31.70 -23.80 71.17
N ALA FA 37 31.12 -24.01 69.99
CA ALA FA 37 29.77 -23.50 69.73
C ALA FA 37 28.76 -24.02 70.74
N TRP FA 38 28.85 -25.30 71.10
CA TRP FA 38 27.91 -25.85 72.08
C TRP FA 38 28.09 -25.21 73.46
N SER FA 39 29.33 -25.03 73.90
CA SER FA 39 29.58 -24.38 75.18
C SER FA 39 29.16 -22.91 75.18
N TRP FA 40 29.08 -22.29 74.01
CA TRP FA 40 28.71 -20.88 73.90
C TRP FA 40 27.20 -20.69 73.84
N ARG FA 41 26.53 -21.35 72.90
CA ARG FA 41 25.08 -21.24 72.73
C ARG FA 41 24.53 -22.61 72.36
N PRO FA 42 24.28 -23.48 73.35
CA PRO FA 42 23.77 -24.82 73.04
C PRO FA 42 22.40 -24.74 72.38
N TRP FA 43 22.19 -25.64 71.40
CA TRP FA 43 21.06 -25.52 70.48
C TRP FA 43 19.94 -26.53 70.69
N PHE FA 44 20.14 -27.57 71.50
CA PHE FA 44 19.03 -28.39 71.96
C PHE FA 44 18.64 -28.05 73.40
N GLY GA 5 31.44 -52.62 27.14
CA GLY GA 5 31.80 -52.04 28.42
C GLY GA 5 30.97 -52.55 29.59
N GLY GA 6 31.17 -51.93 30.74
CA GLY GA 6 30.52 -52.32 31.98
C GLY GA 6 31.25 -53.39 32.75
N MET GA 7 30.88 -53.53 34.02
CA MET GA 7 31.63 -54.37 34.95
C MET GA 7 31.53 -55.86 34.62
N THR GA 8 32.67 -56.54 34.73
CA THR GA 8 32.75 -57.99 34.78
C THR GA 8 32.23 -58.52 36.13
N GLU GA 9 32.06 -59.84 36.20
CA GLU GA 9 31.58 -60.47 37.43
C GLU GA 9 32.54 -60.28 38.60
N GLU GA 10 33.84 -60.21 38.33
CA GLU GA 10 34.79 -59.94 39.41
C GLU GA 10 34.75 -58.49 39.86
N GLU GA 11 34.60 -57.56 38.92
CA GLU GA 11 34.36 -56.17 39.29
C GLU GA 11 33.05 -56.04 40.06
N ALA GA 12 32.00 -56.69 39.56
CA ALA GA 12 30.72 -56.71 40.26
C ALA GA 12 30.83 -57.28 41.66
N ARG GA 13 31.64 -58.33 41.83
CA ARG GA 13 31.82 -58.93 43.15
C ARG GA 13 32.42 -57.95 44.15
N ARG GA 14 33.50 -57.26 43.76
CA ARG GA 14 34.10 -56.27 44.65
C ARG GA 14 33.16 -55.11 44.90
N PHE GA 15 32.55 -54.59 43.83
CA PHE GA 15 31.62 -53.47 43.93
C PHE GA 15 30.47 -53.78 44.89
N HIS GA 16 29.87 -54.96 44.74
CA HIS GA 16 28.80 -55.39 45.64
C HIS GA 16 29.24 -55.42 47.10
N GLY GA 17 30.43 -55.96 47.39
CA GLY GA 17 30.88 -56.04 48.77
C GLY GA 17 30.98 -54.71 49.46
N TYR GA 18 31.55 -53.70 48.78
CA TYR GA 18 31.60 -52.35 49.36
C TYR GA 18 30.22 -51.71 49.44
N MET GA 19 29.41 -51.85 48.39
CA MET GA 19 28.07 -51.29 48.39
C MET GA 19 27.25 -51.77 49.58
N VAL GA 20 27.25 -53.08 49.83
CA VAL GA 20 26.57 -53.63 51.00
C VAL GA 20 27.11 -53.03 52.29
N THR GA 21 28.44 -52.91 52.41
CA THR GA 21 29.04 -52.40 53.64
C THR GA 21 28.64 -50.96 53.90
N GLY GA 22 28.78 -50.10 52.88
CA GLY GA 22 28.40 -48.71 53.04
C GLY GA 22 26.93 -48.53 53.40
N THR GA 23 26.06 -49.30 52.74
CA THR GA 23 24.63 -49.27 53.05
C THR GA 23 24.35 -49.65 54.50
N LEU GA 24 24.99 -50.71 54.99
CA LEU GA 24 24.81 -51.08 56.40
C LEU GA 24 25.33 -50.00 57.33
N GLY GA 25 26.48 -49.39 57.02
CA GLY GA 25 26.97 -48.29 57.83
C GLY GA 25 26.01 -47.12 57.88
N TYR GA 26 25.43 -46.77 56.73
CA TYR GA 26 24.48 -45.68 56.65
C TYR GA 26 23.23 -45.96 57.48
N VAL GA 27 22.64 -47.14 57.32
CA VAL GA 27 21.47 -47.53 58.11
C VAL GA 27 21.77 -47.57 59.61
N VAL GA 28 22.98 -47.99 59.99
CA VAL GA 28 23.36 -47.97 61.40
C VAL GA 28 23.43 -46.54 61.94
N VAL GA 29 24.15 -45.66 61.24
CA VAL GA 29 24.22 -44.26 61.64
C VAL GA 29 22.83 -43.64 61.73
N ALA GA 30 22.00 -43.87 60.71
CA ALA GA 30 20.64 -43.35 60.71
C ALA GA 30 19.81 -43.90 61.88
N SER GA 31 20.02 -45.17 62.24
CA SER GA 31 19.33 -45.73 63.40
C SER GA 31 19.71 -45.03 64.70
N VAL GA 32 20.98 -44.65 64.85
CA VAL GA 32 21.38 -43.83 65.99
C VAL GA 32 20.70 -42.46 65.95
N ALA GA 33 20.72 -41.82 64.79
CA ALA GA 33 20.08 -40.52 64.63
C ALA GA 33 18.60 -40.55 65.02
N HIS GA 34 17.86 -41.58 64.59
CA HIS GA 34 16.46 -41.71 64.98
C HIS GA 34 16.28 -41.99 66.46
N PHE GA 35 17.13 -42.84 67.05
CA PHE GA 35 17.02 -43.11 68.48
C PHE GA 35 17.19 -41.83 69.30
N LEU GA 36 18.20 -41.03 68.94
CA LEU GA 36 18.37 -39.72 69.58
C LEU GA 36 17.17 -38.82 69.33
N ALA GA 37 16.76 -38.68 68.07
CA ALA GA 37 15.58 -37.87 67.75
C ALA GA 37 14.35 -38.32 68.52
N TRP GA 38 14.11 -39.64 68.62
CA TRP GA 38 12.93 -40.11 69.33
C TRP GA 38 12.99 -39.75 70.81
N SER GA 39 14.14 -39.91 71.44
CA SER GA 39 14.28 -39.55 72.85
C SER GA 39 14.17 -38.04 73.06
N TRP GA 40 14.55 -37.25 72.06
CA TRP GA 40 14.46 -35.80 72.16
C TRP GA 40 13.04 -35.30 71.95
N ARG GA 41 12.41 -35.65 70.83
CA ARG GA 41 11.02 -35.26 70.56
C ARG GA 41 10.30 -36.41 69.88
N PRO GA 42 9.69 -37.31 70.64
CA PRO GA 42 8.99 -38.45 70.03
C PRO GA 42 7.80 -38.00 69.21
N TRP GA 43 7.55 -38.71 68.12
CA TRP GA 43 6.63 -38.22 67.09
C TRP GA 43 5.33 -39.01 66.96
N PHE GA 44 5.18 -40.13 67.63
CA PHE GA 44 3.86 -40.74 67.81
C PHE GA 44 3.36 -40.56 69.23
N GLY HA 6 18.54 -60.84 24.85
CA GLY HA 6 18.28 -60.62 26.25
C GLY HA 6 18.85 -61.70 27.15
N MET HA 7 18.27 -61.86 28.34
CA MET HA 7 18.63 -62.94 29.23
C MET HA 7 18.44 -64.31 28.59
N THR HA 8 19.34 -65.23 28.93
CA THR HA 8 19.14 -66.65 28.68
C THR HA 8 18.12 -67.23 29.66
N GLU HA 9 17.67 -68.47 29.38
CA GLU HA 9 16.85 -69.16 30.37
C GLU HA 9 17.59 -69.35 31.69
N GLU HA 10 18.91 -69.55 31.64
CA GLU HA 10 19.67 -69.75 32.87
C GLU HA 10 19.76 -68.47 33.68
N GLU HA 11 20.02 -67.34 33.01
CA GLU HA 11 19.95 -66.04 33.68
C GLU HA 11 18.54 -65.76 34.19
N ALA HA 12 17.52 -66.08 33.38
CA ALA HA 12 16.14 -65.87 33.80
C ALA HA 12 15.80 -66.64 35.07
N ARG HA 13 16.15 -67.93 35.11
CA ARG HA 13 15.98 -68.73 36.32
C ARG HA 13 16.66 -68.09 37.52
N ARG HA 14 17.93 -67.68 37.35
CA ARG HA 14 18.69 -67.08 38.44
C ARG HA 14 18.13 -65.73 38.86
N PHE HA 15 17.78 -64.88 37.88
CA PHE HA 15 17.13 -63.61 38.16
C PHE HA 15 15.81 -63.78 38.90
N HIS HA 16 15.02 -64.78 38.51
CA HIS HA 16 13.73 -65.04 39.16
C HIS HA 16 13.88 -65.31 40.65
N GLY HA 17 14.91 -66.04 41.06
CA GLY HA 17 15.09 -66.33 42.48
C GLY HA 17 15.26 -65.10 43.34
N TYR HA 18 16.13 -64.18 42.92
CA TYR HA 18 16.31 -62.93 43.65
C TYR HA 18 15.08 -62.04 43.58
N MET HA 19 14.45 -61.95 42.41
CA MET HA 19 13.24 -61.14 42.26
C MET HA 19 12.13 -61.60 43.20
N VAL HA 20 11.89 -62.91 43.29
CA VAL HA 20 10.95 -63.44 44.28
C VAL HA 20 11.42 -63.13 45.70
N THR HA 21 12.71 -63.32 45.99
CA THR HA 21 13.21 -63.06 47.33
C THR HA 21 13.02 -61.60 47.73
N GLY HA 22 13.38 -60.67 46.84
CA GLY HA 22 13.20 -59.26 47.14
C GLY HA 22 11.75 -58.85 47.27
N THR HA 23 10.89 -59.42 46.43
CA THR HA 23 9.44 -59.20 46.57
C THR HA 23 8.93 -59.69 47.93
N LEU HA 24 9.28 -60.92 48.31
CA LEU HA 24 8.84 -61.43 49.61
C LEU HA 24 9.37 -60.60 50.77
N GLY HA 25 10.65 -60.22 50.71
CA GLY HA 25 11.21 -59.40 51.77
C GLY HA 25 10.50 -58.06 51.91
N TYR HA 26 10.20 -57.43 50.77
CA TYR HA 26 9.42 -56.19 50.76
C TYR HA 26 8.06 -56.37 51.42
N VAL HA 27 7.35 -57.45 51.08
CA VAL HA 27 6.03 -57.71 51.64
C VAL HA 27 6.10 -57.95 53.15
N VAL HA 28 7.17 -58.60 53.63
CA VAL HA 28 7.32 -58.80 55.07
C VAL HA 28 7.46 -57.47 55.79
N VAL HA 29 8.36 -56.61 55.32
CA VAL HA 29 8.53 -55.29 55.94
C VAL HA 29 7.25 -54.48 55.88
N ALA HA 30 6.56 -54.50 54.75
CA ALA HA 30 5.27 -53.83 54.64
C ALA HA 30 4.24 -54.39 55.62
N SER HA 31 4.26 -55.71 55.86
CA SER HA 31 3.35 -56.31 56.84
C SER HA 31 3.61 -55.79 58.25
N VAL HA 32 4.88 -55.67 58.63
CA VAL HA 32 5.22 -55.07 59.92
C VAL HA 32 4.77 -53.62 59.99
N ALA HA 33 4.94 -52.87 58.91
CA ALA HA 33 4.47 -51.49 58.85
C ALA HA 33 2.97 -51.38 59.11
N HIS HA 34 2.18 -52.22 58.44
CA HIS HA 34 0.72 -52.18 58.63
C HIS HA 34 0.32 -52.63 60.03
N PHE HA 35 1.00 -53.63 60.58
CA PHE HA 35 0.72 -54.06 61.95
C PHE HA 35 0.92 -52.90 62.94
N LEU HA 36 2.05 -52.21 62.84
CA LEU HA 36 2.28 -51.04 63.68
C LEU HA 36 1.23 -49.96 63.44
N ALA HA 37 0.99 -49.60 62.18
CA ALA HA 37 -0.03 -48.59 61.88
C ALA HA 37 -1.40 -48.98 62.40
N TRP HA 38 -1.78 -50.26 62.28
CA TRP HA 38 -3.08 -50.68 62.82
C TRP HA 38 -3.16 -50.52 64.33
N SER HA 39 -2.10 -50.92 65.04
CA SER HA 39 -2.08 -50.74 66.49
C SER HA 39 -2.07 -49.27 66.88
N TRP HA 40 -1.51 -48.41 66.03
CA TRP HA 40 -1.49 -46.98 66.30
C TRP HA 40 -2.83 -46.32 66.00
N ARG HA 41 -3.31 -46.41 64.76
CA ARG HA 41 -4.56 -45.78 64.36
C ARG HA 41 -5.34 -46.72 63.45
N PRO HA 42 -6.15 -47.62 64.00
CA PRO HA 42 -6.87 -48.59 63.16
C PRO HA 42 -7.93 -47.91 62.31
N TRP HA 43 -8.05 -48.36 61.07
CA TRP HA 43 -8.79 -47.62 60.06
C TRP HA 43 -10.15 -48.20 59.72
N PHE HA 44 -10.51 -49.37 60.25
CA PHE HA 44 -11.89 -49.85 60.16
C PHE HA 44 -12.59 -49.82 61.52
N GLY IA 6 7.07 -65.87 16.75
CA GLY IA 6 5.97 -65.96 17.69
C GLY IA 6 5.98 -67.23 18.52
N MET IA 7 5.14 -67.26 19.56
CA MET IA 7 5.08 -68.40 20.46
C MET IA 7 4.47 -69.63 19.77
N THR IA 8 5.12 -70.78 19.95
CA THR IA 8 4.75 -72.03 19.31
C THR IA 8 3.65 -72.77 20.09
N GLU IA 9 3.15 -73.85 19.47
CA GLU IA 9 2.20 -74.76 20.10
C GLU IA 9 2.67 -75.23 21.48
N GLU IA 10 3.91 -75.69 21.57
CA GLU IA 10 4.41 -76.24 22.83
C GLU IA 10 4.59 -75.17 23.88
N GLU IA 11 5.16 -74.03 23.49
CA GLU IA 11 5.31 -72.91 24.41
C GLU IA 11 3.95 -72.37 24.89
N ALA IA 12 3.00 -72.22 23.96
CA ALA IA 12 1.65 -71.80 24.32
C ALA IA 12 1.00 -72.77 25.32
N ARG IA 13 1.18 -74.07 25.11
CA ARG IA 13 0.65 -75.06 26.05
C ARG IA 13 1.26 -74.89 27.44
N ARG IA 14 2.53 -74.50 27.51
CA ARG IA 14 3.20 -74.23 28.77
C ARG IA 14 2.76 -72.88 29.37
N PHE IA 15 2.70 -71.86 28.52
CA PHE IA 15 2.25 -70.53 28.93
C PHE IA 15 0.84 -70.57 29.54
N HIS IA 16 -0.07 -71.30 28.90
CA HIS IA 16 -1.45 -71.39 29.38
C HIS IA 16 -1.56 -71.91 30.81
N GLY IA 17 -0.72 -72.85 31.20
CA GLY IA 17 -0.79 -73.37 32.55
C GLY IA 17 -0.53 -72.33 33.62
N TYR IA 18 0.45 -71.47 33.41
CA TYR IA 18 0.73 -70.39 34.35
C TYR IA 18 -0.34 -69.29 34.28
N MET IA 19 -0.84 -69.00 33.08
CA MET IA 19 -1.89 -68.00 32.94
C MET IA 19 -3.18 -68.42 33.64
N VAL IA 20 -3.58 -69.69 33.50
CA VAL IA 20 -4.71 -70.20 34.26
C VAL IA 20 -4.44 -70.18 35.77
N THR IA 21 -3.25 -70.64 36.18
CA THR IA 21 -2.91 -70.65 37.60
C THR IA 21 -2.96 -69.24 38.19
N GLY IA 22 -2.33 -68.27 37.52
CA GLY IA 22 -2.33 -66.91 38.02
C GLY IA 22 -3.71 -66.30 38.09
N THR IA 23 -4.53 -66.54 37.07
CA THR IA 23 -5.92 -66.08 37.09
C THR IA 23 -6.69 -66.62 38.29
N LEU IA 24 -6.56 -67.93 38.55
CA LEU IA 24 -7.26 -68.51 39.69
C LEU IA 24 -6.75 -67.95 41.02
N GLY IA 25 -5.43 -67.77 41.15
CA GLY IA 25 -4.89 -67.14 42.34
C GLY IA 25 -5.47 -65.75 42.58
N TYR IA 26 -5.55 -64.95 41.52
CA TYR IA 26 -6.13 -63.62 41.61
C TYR IA 26 -7.60 -63.66 42.02
N VAL IA 27 -8.38 -64.56 41.43
CA VAL IA 27 -9.79 -64.71 41.79
C VAL IA 27 -9.97 -65.24 43.22
N VAL IA 28 -9.07 -66.10 43.68
CA VAL IA 28 -9.12 -66.54 45.08
C VAL IA 28 -8.86 -65.38 46.03
N VAL IA 29 -7.79 -64.62 45.79
CA VAL IA 29 -7.48 -63.47 46.64
C VAL IA 29 -8.62 -62.46 46.63
N ALA IA 30 -9.18 -62.18 45.46
CA ALA IA 30 -10.30 -61.26 45.36
C ALA IA 30 -11.56 -61.78 46.04
N SER IA 31 -11.78 -63.09 46.02
CA SER IA 31 -12.93 -63.66 46.72
C SER IA 31 -12.84 -63.44 48.23
N VAL IA 32 -11.65 -63.64 48.81
CA VAL IA 32 -11.44 -63.31 50.22
C VAL IA 32 -11.73 -61.83 50.49
N ALA IA 33 -11.21 -60.96 49.62
CA ALA IA 33 -11.45 -59.53 49.77
C ALA IA 33 -12.94 -59.19 49.79
N HIS IA 34 -13.73 -59.79 48.89
CA HIS IA 34 -15.16 -59.54 48.87
C HIS IA 34 -15.89 -60.11 50.07
N PHE IA 35 -15.48 -61.29 50.55
CA PHE IA 35 -16.05 -61.82 51.78
C PHE IA 35 -15.81 -60.87 52.95
N LEU IA 36 -14.58 -60.38 53.09
CA LEU IA 36 -14.27 -59.41 54.13
C LEU IA 36 -15.04 -58.11 53.94
N ALA IA 37 -15.07 -57.60 52.71
CA ALA IA 37 -15.85 -56.40 52.43
C ALA IA 37 -17.32 -56.59 52.77
N TRP IA 38 -17.90 -57.73 52.37
CA TRP IA 38 -19.31 -57.98 52.68
C TRP IA 38 -19.56 -58.05 54.17
N SER IA 39 -18.67 -58.69 54.91
CA SER IA 39 -18.81 -58.75 56.37
C SER IA 39 -18.67 -57.38 57.02
N TRP IA 40 -17.99 -56.43 56.37
CA TRP IA 40 -17.78 -55.11 56.93
C TRP IA 40 -18.88 -54.13 56.55
N ARG IA 41 -19.21 -54.02 55.27
CA ARG IA 41 -20.30 -53.15 54.80
C ARG IA 41 -21.04 -53.83 53.66
N PRO IA 42 -22.06 -54.63 53.95
CA PRO IA 42 -22.83 -55.27 52.87
C PRO IA 42 -23.55 -54.25 52.01
N TRP IA 43 -23.60 -54.51 50.71
CA TRP IA 43 -24.05 -53.53 49.75
C TRP IA 43 -25.44 -53.80 49.17
N PHE IA 44 -25.98 -55.00 49.31
CA PHE IA 44 -27.39 -55.23 49.02
C PHE IA 44 -28.23 -55.28 50.30
N GLY JA 6 -5.49 -66.80 5.26
CA GLY JA 6 -6.40 -66.83 6.39
C GLY JA 6 -6.65 -68.20 6.98
N MET JA 7 -7.51 -68.24 8.00
CA MET JA 7 -7.89 -69.47 8.68
C MET JA 7 -8.45 -70.51 7.72
N THR JA 8 -7.92 -71.73 7.79
CA THR JA 8 -8.35 -72.85 6.96
C THR JA 8 -9.58 -73.55 7.56
N GLU JA 9 -10.16 -74.47 6.77
CA GLU JA 9 -11.33 -75.23 7.21
C GLU JA 9 -11.12 -75.94 8.54
N GLU JA 10 -9.97 -76.58 8.73
CA GLU JA 10 -9.75 -77.34 9.96
C GLU JA 10 -9.63 -76.44 11.18
N GLU JA 11 -8.78 -75.42 11.11
CA GLU JA 11 -8.67 -74.51 12.24
C GLU JA 11 -9.92 -73.66 12.42
N ALA JA 12 -10.68 -73.41 11.34
CA ALA JA 12 -12.01 -72.83 11.51
C ALA JA 12 -12.94 -73.75 12.29
N ARG JA 13 -12.93 -75.04 11.98
CA ARG JA 13 -13.76 -75.99 12.74
C ARG JA 13 -13.31 -76.05 14.20
N ARG JA 14 -12.01 -76.03 14.43
CA ARG JA 14 -11.46 -76.05 15.78
C ARG JA 14 -11.84 -74.79 16.55
N PHE JA 15 -11.68 -73.63 15.91
CA PHE JA 15 -12.07 -72.34 16.48
C PHE JA 15 -13.55 -72.29 16.83
N HIS JA 16 -14.42 -72.75 15.92
CA HIS JA 16 -15.86 -72.72 16.13
C HIS JA 16 -16.31 -73.47 17.38
N GLY JA 17 -15.69 -74.62 17.67
CA GLY JA 17 -16.08 -75.36 18.86
C GLY JA 17 -15.86 -74.60 20.16
N TYR JA 18 -14.73 -73.91 20.28
CA TYR JA 18 -14.46 -73.09 21.45
C TYR JA 18 -15.33 -71.82 21.47
N MET JA 19 -15.51 -71.20 20.30
CA MET JA 19 -16.36 -70.00 20.23
C MET JA 19 -17.79 -70.29 20.65
N VAL JA 20 -18.34 -71.42 20.23
CA VAL JA 20 -19.66 -71.85 20.73
C VAL JA 20 -19.63 -72.01 22.24
N THR JA 21 -18.66 -72.76 22.75
CA THR JA 21 -18.60 -73.06 24.18
C THR JA 21 -18.49 -71.80 25.02
N GLY JA 22 -17.61 -70.88 24.60
CA GLY JA 22 -17.51 -69.60 25.28
C GLY JA 22 -18.82 -68.83 25.30
N THR JA 23 -19.46 -68.71 24.13
CA THR JA 23 -20.73 -68.01 24.03
C THR JA 23 -21.80 -68.60 24.96
N LEU JA 24 -21.95 -69.92 24.97
CA LEU JA 24 -22.94 -70.53 25.85
C LEU JA 24 -22.58 -70.34 27.32
N GLY JA 25 -21.31 -70.49 27.67
CA GLY JA 25 -20.89 -70.20 29.03
C GLY JA 25 -21.25 -68.79 29.47
N TYR JA 26 -20.98 -67.82 28.61
CA TYR JA 26 -21.32 -66.43 28.88
C TYR JA 26 -22.83 -66.24 29.08
N VAL JA 27 -23.64 -66.84 28.22
CA VAL JA 27 -25.10 -66.78 28.36
C VAL JA 27 -25.57 -67.45 29.64
N VAL JA 28 -24.93 -68.56 30.02
CA VAL JA 28 -25.29 -69.22 31.28
C VAL JA 28 -25.02 -68.33 32.48
N VAL JA 29 -23.81 -67.77 32.55
CA VAL JA 29 -23.47 -66.86 33.65
C VAL JA 29 -24.42 -65.67 33.69
N ALA JA 30 -24.69 -65.06 32.53
CA ALA JA 30 -25.62 -63.94 32.47
C ALA JA 30 -27.03 -64.33 32.90
N SER JA 31 -27.45 -65.56 32.61
CA SER JA 31 -28.76 -66.03 33.08
C SER JA 31 -28.84 -66.08 34.61
N VAL JA 32 -27.78 -66.56 35.26
CA VAL JA 32 -27.72 -66.54 36.73
C VAL JA 32 -27.75 -65.11 37.25
N ALA JA 33 -26.97 -64.23 36.63
CA ALA JA 33 -26.95 -62.82 37.02
C ALA JA 33 -28.34 -62.19 36.95
N HIS JA 34 -29.09 -62.48 35.88
CA HIS JA 34 -30.46 -61.98 35.78
C HIS JA 34 -31.40 -62.61 36.79
N PHE JA 35 -31.26 -63.91 37.06
CA PHE JA 35 -32.12 -64.53 38.06
C PHE JA 35 -31.91 -63.92 39.44
N LEU JA 36 -30.66 -63.65 39.80
CA LEU JA 36 -30.39 -62.91 41.04
C LEU JA 36 -30.94 -61.50 40.98
N ALA JA 37 -30.70 -60.79 39.86
CA ALA JA 37 -31.19 -59.42 39.73
C ALA JA 37 -32.72 -59.37 39.79
N TRP JA 38 -33.39 -60.32 39.14
CA TRP JA 38 -34.85 -60.36 39.18
C TRP JA 38 -35.37 -60.54 40.60
N SER JA 39 -34.84 -61.51 41.32
CA SER JA 39 -35.27 -61.77 42.69
C SER JA 39 -34.82 -60.68 43.66
N TRP JA 40 -33.84 -59.87 43.29
CA TRP JA 40 -33.48 -58.69 44.07
C TRP JA 40 -34.44 -57.53 43.82
N ARG JA 41 -34.56 -57.09 42.58
CA ARG JA 41 -35.43 -55.97 42.21
C ARG JA 41 -36.11 -56.27 40.89
N PRO JA 42 -37.32 -56.84 40.92
CA PRO JA 42 -38.04 -57.09 39.67
C PRO JA 42 -38.31 -55.80 38.91
N TRP JA 43 -38.19 -55.88 37.57
CA TRP JA 43 -38.25 -54.69 36.73
C TRP JA 43 -39.51 -54.58 35.88
N PHE JA 44 -40.28 -55.65 35.72
CA PHE JA 44 -41.66 -55.52 35.24
C PHE JA 44 -42.65 -55.58 36.39
N GLY KA 6 -15.05 -64.78 -5.50
CA GLY KA 6 -16.45 -64.65 -5.17
C GLY KA 6 -17.18 -65.96 -5.01
N MET KA 7 -18.11 -65.99 -4.06
CA MET KA 7 -18.81 -67.21 -3.65
C MET KA 7 -19.39 -67.99 -4.82
N THR KA 8 -19.00 -69.26 -4.93
CA THR KA 8 -19.49 -70.16 -5.97
C THR KA 8 -20.91 -70.64 -5.65
N GLU KA 9 -21.51 -71.37 -6.61
CA GLU KA 9 -22.82 -71.98 -6.38
C GLU KA 9 -22.77 -72.99 -5.23
N GLU KA 10 -21.71 -73.79 -5.16
CA GLU KA 10 -21.59 -74.76 -4.07
C GLU KA 10 -21.49 -74.07 -2.72
N GLU KA 11 -20.65 -73.04 -2.63
CA GLU KA 11 -20.61 -72.23 -1.42
C GLU KA 11 -21.96 -71.57 -1.14
N ALA KA 12 -22.57 -70.99 -2.18
CA ALA KA 12 -23.84 -70.29 -2.02
C ALA KA 12 -24.94 -71.21 -1.52
N ARG KA 13 -24.95 -72.46 -1.97
CA ARG KA 13 -25.96 -73.42 -1.51
C ARG KA 13 -25.83 -73.69 -0.02
N ARG KA 14 -24.59 -73.83 0.48
CA ARG KA 14 -24.39 -73.98 1.92
C ARG KA 14 -24.74 -72.69 2.65
N PHE KA 15 -24.24 -71.56 2.16
CA PHE KA 15 -24.48 -70.26 2.77
C PHE KA 15 -25.97 -69.95 2.91
N HIS KA 16 -26.75 -70.29 1.88
CA HIS KA 16 -28.19 -70.04 1.92
C HIS KA 16 -28.89 -70.79 3.06
N GLY KA 17 -28.62 -72.09 3.17
CA GLY KA 17 -29.29 -72.87 4.21
C GLY KA 17 -29.05 -72.36 5.62
N TYR KA 18 -27.83 -71.88 5.91
CA TYR KA 18 -27.56 -71.27 7.20
C TYR KA 18 -28.19 -69.89 7.34
N MET KA 19 -28.17 -69.07 6.29
CA MET KA 19 -28.84 -67.77 6.35
C MET KA 19 -30.34 -67.94 6.61
N VAL KA 20 -30.98 -68.88 5.92
CA VAL KA 20 -32.39 -69.18 6.20
C VAL KA 20 -32.57 -69.62 7.64
N THR KA 21 -31.73 -70.57 8.10
CA THR KA 21 -31.82 -71.07 9.46
C THR KA 21 -31.67 -69.94 10.49
N GLY KA 22 -30.65 -69.11 10.33
CA GLY KA 22 -30.47 -67.98 11.25
C GLY KA 22 -31.61 -66.99 11.22
N THR KA 23 -32.12 -66.67 10.04
CA THR KA 23 -33.27 -65.78 9.94
C THR KA 23 -34.49 -66.35 10.67
N LEU KA 24 -34.79 -67.63 10.43
CA LEU KA 24 -35.87 -68.29 11.17
C LEU KA 24 -35.62 -68.27 12.68
N GLY KA 25 -34.39 -68.55 13.10
CA GLY KA 25 -34.06 -68.46 14.51
C GLY KA 25 -34.33 -67.09 15.11
N TYR KA 26 -33.85 -66.04 14.45
CA TYR KA 26 -34.11 -64.67 14.89
C TYR KA 26 -35.60 -64.38 14.97
N VAL KA 27 -36.37 -64.78 13.96
CA VAL KA 27 -37.82 -64.57 13.96
C VAL KA 27 -38.51 -65.37 15.08
N VAL KA 28 -38.03 -66.58 15.35
CA VAL KA 28 -38.61 -67.37 16.45
C VAL KA 28 -38.42 -66.69 17.80
N VAL KA 29 -37.19 -66.24 18.08
CA VAL KA 29 -36.93 -65.50 19.31
C VAL KA 29 -37.78 -64.23 19.37
N ALA KA 30 -37.81 -63.47 18.28
CA ALA KA 30 -38.61 -62.26 18.22
C ALA KA 30 -40.10 -62.54 18.42
N SER KA 31 -40.59 -63.67 17.93
CA SER KA 31 -41.98 -64.05 18.16
C SER KA 31 -42.28 -64.27 19.64
N VAL KA 32 -41.40 -64.99 20.34
CA VAL KA 32 -41.53 -65.12 21.79
C VAL KA 32 -41.49 -63.77 22.46
N ALA KA 33 -40.56 -62.90 22.04
CA ALA KA 33 -40.45 -61.56 22.60
C ALA KA 33 -41.76 -60.78 22.51
N HIS KA 34 -42.42 -60.82 21.36
CA HIS KA 34 -43.69 -60.12 21.19
C HIS KA 34 -44.82 -60.76 21.98
N PHE KA 35 -44.88 -62.08 22.06
CA PHE KA 35 -45.90 -62.71 22.89
C PHE KA 35 -45.80 -62.26 24.35
N LEU KA 36 -44.57 -62.21 24.88
CA LEU KA 36 -44.38 -61.72 26.24
C LEU KA 36 -44.75 -60.25 26.37
N ALA KA 37 -44.27 -59.42 25.44
CA ALA KA 37 -44.62 -57.99 25.48
C ALA KA 37 -46.13 -57.79 25.40
N TRP KA 38 -46.82 -58.54 24.53
CA TRP KA 38 -48.26 -58.41 24.44
C TRP KA 38 -48.94 -58.78 25.75
N SER KA 39 -48.47 -59.85 26.39
CA SER KA 39 -49.01 -60.23 27.69
C SER KA 39 -48.76 -59.14 28.73
N TRP KA 40 -47.63 -58.46 28.64
CA TRP KA 40 -47.27 -57.42 29.60
C TRP KA 40 -48.04 -56.12 29.36
N ARG KA 41 -47.94 -55.55 28.16
CA ARG KA 41 -48.61 -54.29 27.84
C ARG KA 41 -49.15 -54.33 26.42
N PRO KA 42 -50.40 -54.77 26.25
CA PRO KA 42 -50.99 -54.79 24.90
C PRO KA 42 -51.01 -53.39 24.28
N TRP KA 43 -50.74 -53.34 22.98
CA TRP KA 43 -50.58 -52.06 22.31
C TRP KA 43 -51.72 -51.70 21.35
N PHE KA 44 -52.63 -52.62 21.06
CA PHE KA 44 -53.89 -52.26 20.42
C PHE KA 44 -55.06 -52.26 21.40
N GLY LA 6 -24.00 -60.00 -19.02
CA GLY LA 6 -25.28 -59.86 -18.36
C GLY LA 6 -26.13 -61.13 -18.38
N MET LA 7 -27.24 -61.09 -17.65
CA MET LA 7 -28.08 -62.27 -17.43
C MET LA 7 -28.72 -62.75 -18.74
N THR LA 8 -28.66 -64.07 -18.97
CA THR LA 8 -29.12 -64.69 -20.20
C THR LA 8 -30.50 -65.32 -20.01
N GLU LA 9 -31.12 -65.71 -21.13
CA GLU LA 9 -32.57 -66.01 -21.12
C GLU LA 9 -32.92 -67.13 -20.14
N GLU LA 10 -32.17 -68.24 -20.17
CA GLU LA 10 -32.56 -69.40 -19.37
C GLU LA 10 -32.47 -69.11 -17.88
N GLU LA 11 -31.47 -68.34 -17.46
CA GLU LA 11 -31.38 -67.90 -16.07
C GLU LA 11 -32.33 -66.75 -15.76
N ALA LA 12 -32.57 -65.86 -16.73
CA ALA LA 12 -33.63 -64.86 -16.57
C ALA LA 12 -34.99 -65.50 -16.38
N ARG LA 13 -35.24 -66.64 -17.02
CA ARG LA 13 -36.46 -67.40 -16.78
C ARG LA 13 -36.48 -68.01 -15.37
N ARG LA 14 -35.33 -68.41 -14.82
CA ARG LA 14 -35.29 -68.78 -13.41
C ARG LA 14 -35.61 -67.57 -12.53
N PHE LA 15 -34.90 -66.47 -12.76
CA PHE LA 15 -35.03 -65.27 -11.94
C PHE LA 15 -36.47 -64.77 -11.90
N HIS LA 16 -37.13 -64.73 -13.06
CA HIS LA 16 -38.53 -64.31 -13.13
C HIS LA 16 -39.44 -65.13 -12.22
N GLY LA 17 -39.29 -66.45 -12.23
CA GLY LA 17 -40.16 -67.28 -11.39
C GLY LA 17 -40.04 -66.97 -9.91
N TYR LA 18 -38.82 -66.70 -9.43
CA TYR LA 18 -38.63 -66.29 -8.05
C TYR LA 18 -39.13 -64.87 -7.79
N MET LA 19 -38.90 -63.94 -8.72
CA MET LA 19 -39.43 -62.59 -8.57
C MET LA 19 -40.96 -62.58 -8.51
N VAL LA 20 -41.62 -63.43 -9.30
CA VAL LA 20 -43.07 -63.56 -9.20
C VAL LA 20 -43.47 -64.14 -7.86
N THR LA 21 -42.79 -65.22 -7.43
CA THR LA 21 -43.11 -65.85 -6.16
C THR LA 21 -42.88 -64.90 -4.98
N GLY LA 22 -41.74 -64.21 -4.98
CA GLY LA 22 -41.49 -63.20 -3.96
C GLY LA 22 -42.55 -62.12 -3.93
N THR LA 23 -42.92 -61.60 -5.10
CA THR LA 23 -43.95 -60.56 -5.17
C THR LA 23 -45.29 -61.06 -4.64
N LEU LA 24 -45.71 -62.27 -5.04
CA LEU LA 24 -46.96 -62.82 -4.53
C LEU LA 24 -46.90 -63.05 -3.03
N GLY LA 25 -45.76 -63.54 -2.52
CA GLY LA 25 -45.58 -63.64 -1.08
C GLY LA 25 -45.78 -62.31 -0.38
N TYR LA 26 -45.09 -61.28 -0.85
CA TYR LA 26 -45.21 -59.94 -0.26
C TYR LA 26 -46.64 -59.42 -0.30
N VAL LA 27 -47.30 -59.56 -1.45
CA VAL LA 27 -48.68 -59.10 -1.60
C VAL LA 27 -49.63 -59.84 -0.67
N VAL LA 28 -49.48 -61.16 -0.55
CA VAL LA 28 -50.32 -61.93 0.37
C VAL LA 28 -50.17 -61.43 1.80
N VAL LA 29 -48.93 -61.26 2.26
CA VAL LA 29 -48.70 -60.76 3.62
C VAL LA 29 -49.32 -59.39 3.81
N ALA LA 30 -49.13 -58.48 2.85
CA ALA LA 30 -49.74 -57.16 2.92
C ALA LA 30 -51.26 -57.22 2.90
N SER LA 31 -51.83 -58.22 2.22
CA SER LA 31 -53.29 -58.39 2.24
C SER LA 31 -53.80 -58.71 3.63
N VAL LA 32 -53.12 -59.62 4.33
CA VAL LA 32 -53.45 -59.92 5.72
C VAL LA 32 -53.31 -58.68 6.59
N ALA LA 33 -52.25 -57.90 6.37
CA ALA LA 33 -52.04 -56.67 7.14
C ALA LA 33 -53.19 -55.68 6.98
N HIS LA 34 -53.64 -55.44 5.75
CA HIS LA 34 -54.77 -54.55 5.53
C HIS LA 34 -56.08 -55.11 6.07
N PHE LA 35 -56.30 -56.43 5.98
CA PHE LA 35 -57.51 -57.00 6.57
C PHE LA 35 -57.54 -56.80 8.08
N LEU LA 36 -56.41 -57.04 8.76
CA LEU LA 36 -56.29 -56.75 10.18
C LEU LA 36 -56.47 -55.26 10.47
N ALA LA 37 -55.79 -54.40 9.72
CA ALA LA 37 -55.90 -52.97 9.94
C ALA LA 37 -57.32 -52.46 9.71
N TRP LA 38 -58.00 -52.94 8.66
CA TRP LA 38 -59.38 -52.53 8.44
C TRP LA 38 -60.28 -52.95 9.59
N SER LA 39 -60.13 -54.19 10.08
CA SER LA 39 -60.91 -54.65 11.21
C SER LA 39 -60.63 -53.84 12.47
N TRP LA 40 -59.46 -53.22 12.57
CA TRP LA 40 -59.08 -52.42 13.73
C TRP LA 40 -59.54 -50.98 13.62
N ARG LA 41 -59.13 -50.27 12.57
CA ARG LA 41 -59.54 -48.88 12.35
C ARG LA 41 -59.86 -48.70 10.86
N PRO LA 42 -61.12 -48.88 10.47
CA PRO LA 42 -61.50 -48.60 9.08
C PRO LA 42 -61.25 -47.16 8.71
N TRP LA 43 -60.82 -46.93 7.46
CA TRP LA 43 -60.41 -45.60 7.03
C TRP LA 43 -61.36 -44.94 6.02
N PHE LA 44 -62.30 -45.66 5.43
CA PHE LA 44 -63.40 -45.03 4.72
C PHE LA 44 -64.69 -45.06 5.52
N GLY MA 6 -29.96 -50.30 -31.74
CA GLY MA 6 -31.34 -50.47 -31.32
C GLY MA 6 -31.80 -51.92 -31.26
N MET MA 7 -33.07 -52.12 -30.93
CA MET MA 7 -33.67 -53.44 -31.00
C MET MA 7 -34.18 -53.74 -32.41
N THR MA 8 -34.23 -55.02 -32.74
CA THR MA 8 -34.66 -55.47 -34.06
C THR MA 8 -36.17 -55.33 -34.25
N GLU MA 9 -36.58 -55.48 -35.52
CA GLU MA 9 -37.99 -55.65 -35.87
C GLU MA 9 -38.67 -56.72 -35.03
N GLU MA 10 -38.03 -57.88 -34.89
CA GLU MA 10 -38.68 -58.99 -34.17
C GLU MA 10 -38.78 -58.70 -32.68
N GLU MA 11 -37.74 -58.09 -32.12
CA GLU MA 11 -37.80 -57.62 -30.73
C GLU MA 11 -38.91 -56.57 -30.56
N ALA MA 12 -38.92 -55.56 -31.43
CA ALA MA 12 -39.95 -54.52 -31.35
C ALA MA 12 -41.35 -55.09 -31.45
N ARG MA 13 -41.56 -56.07 -32.34
CA ARG MA 13 -42.87 -56.72 -32.46
C ARG MA 13 -43.24 -57.48 -31.20
N ARG MA 14 -42.29 -58.19 -30.60
CA ARG MA 14 -42.56 -58.96 -29.39
C ARG MA 14 -42.75 -58.05 -28.19
N PHE MA 15 -41.91 -57.02 -28.08
CA PHE MA 15 -42.02 -56.02 -27.03
C PHE MA 15 -43.39 -55.34 -27.03
N HIS MA 16 -43.89 -54.98 -28.21
CA HIS MA 16 -45.19 -54.33 -28.35
C HIS MA 16 -46.34 -55.14 -27.77
N GLY MA 17 -46.30 -56.47 -27.93
CA GLY MA 17 -47.38 -57.29 -27.38
C GLY MA 17 -47.51 -57.20 -25.86
N TYR MA 18 -46.38 -57.23 -25.15
CA TYR MA 18 -46.42 -57.06 -23.70
C TYR MA 18 -46.82 -55.64 -23.31
N MET MA 19 -46.26 -54.63 -23.98
CA MET MA 19 -46.59 -53.24 -23.65
C MET MA 19 -48.08 -52.95 -23.80
N VAL MA 20 -48.70 -53.46 -24.87
CA VAL MA 20 -50.15 -53.36 -25.01
C VAL MA 20 -50.87 -54.07 -23.87
N THR MA 21 -50.41 -55.28 -23.51
CA THR MA 21 -51.05 -56.04 -22.44
C THR MA 21 -50.94 -55.31 -21.10
N GLY MA 22 -49.74 -54.85 -20.76
CA GLY MA 22 -49.56 -54.13 -19.50
C GLY MA 22 -50.39 -52.86 -19.44
N THR MA 23 -50.43 -52.10 -20.53
CA THR MA 23 -51.22 -50.88 -20.57
C THR MA 23 -52.71 -51.16 -20.37
N LEU MA 24 -53.24 -52.19 -21.02
CA LEU MA 24 -54.63 -52.58 -20.82
C LEU MA 24 -54.90 -52.96 -19.36
N GLY MA 25 -54.01 -53.76 -18.77
CA GLY MA 25 -54.18 -54.13 -17.38
C GLY MA 25 -54.21 -52.92 -16.45
N TYR MA 26 -53.28 -51.99 -16.64
CA TYR MA 26 -53.25 -50.77 -15.85
C TYR MA 26 -54.54 -49.96 -15.98
N VAL MA 27 -55.00 -49.75 -17.22
CA VAL MA 27 -56.26 -49.03 -17.45
C VAL MA 27 -57.44 -49.74 -16.81
N VAL MA 28 -57.48 -51.07 -16.88
CA VAL MA 28 -58.57 -51.82 -16.25
C VAL MA 28 -58.56 -51.62 -14.73
N VAL MA 29 -57.40 -51.78 -14.10
CA VAL MA 29 -57.30 -51.59 -12.65
C VAL MA 29 -57.68 -50.16 -12.27
N ALA MA 30 -57.18 -49.18 -13.02
CA ALA MA 30 -57.57 -47.79 -12.80
C ALA MA 30 -59.06 -47.55 -13.00
N SER MA 31 -59.69 -48.26 -13.95
CA SER MA 31 -61.13 -48.14 -14.13
C SER MA 31 -61.90 -48.58 -12.89
N VAL MA 32 -61.49 -49.69 -12.28
CA VAL MA 32 -62.11 -50.15 -11.04
C VAL MA 32 -61.90 -49.14 -9.91
N ALA MA 33 -60.67 -48.63 -9.79
CA ALA MA 33 -60.37 -47.61 -8.80
C ALA MA 33 -61.31 -46.40 -8.89
N HIS MA 34 -61.54 -45.90 -10.11
CA HIS MA 34 -62.46 -44.77 -10.27
C HIS MA 34 -63.92 -45.14 -9.98
N PHE MA 35 -64.33 -46.36 -10.32
CA PHE MA 35 -65.69 -46.76 -10.01
C PHE MA 35 -65.92 -46.84 -8.51
N LEU MA 36 -64.94 -47.35 -7.77
CA LEU MA 36 -65.00 -47.34 -6.32
C LEU MA 36 -65.00 -45.91 -5.77
N ALA MA 37 -64.08 -45.08 -6.26
CA ALA MA 37 -64.02 -43.69 -5.81
C ALA MA 37 -65.30 -42.93 -6.11
N TRP MA 38 -65.89 -43.14 -7.28
CA TRP MA 38 -67.16 -42.48 -7.61
C TRP MA 38 -68.28 -42.93 -6.68
N SER MA 39 -68.31 -44.21 -6.32
CA SER MA 39 -69.30 -44.69 -5.37
C SER MA 39 -69.10 -44.09 -3.99
N TRP MA 40 -67.86 -43.76 -3.63
CA TRP MA 40 -67.56 -43.21 -2.31
C TRP MA 40 -67.77 -41.71 -2.25
N ARG MA 41 -67.14 -40.94 -3.13
CA ARG MA 41 -67.29 -39.49 -3.16
C ARG MA 41 -67.38 -39.01 -4.60
N PRO MA 42 -68.57 -38.99 -5.19
CA PRO MA 42 -68.70 -38.52 -6.58
C PRO MA 42 -68.34 -37.04 -6.68
N TRP MA 43 -67.69 -36.68 -7.79
CA TRP MA 43 -67.05 -35.38 -7.90
C TRP MA 43 -67.74 -34.39 -8.84
N PHE MA 44 -68.68 -34.83 -9.66
CA PHE MA 44 -69.56 -33.89 -10.37
C PHE MA 44 -70.94 -33.79 -9.71
N GLY NA 6 -31.96 -40.05 -43.03
CA GLY NA 6 -33.15 -40.11 -42.20
C GLY NA 6 -34.19 -41.13 -42.67
N MET NA 7 -35.44 -40.91 -42.26
CA MET NA 7 -36.53 -41.80 -42.63
C MET NA 7 -36.79 -41.77 -44.14
N THR NA 8 -36.91 -42.96 -44.73
CA THR NA 8 -37.13 -43.13 -46.17
C THR NA 8 -38.59 -42.92 -46.55
N GLU NA 9 -38.84 -42.89 -47.86
CA GLU NA 9 -40.18 -42.64 -48.39
C GLU NA 9 -41.16 -43.75 -48.07
N GLU NA 10 -40.71 -45.02 -48.08
CA GLU NA 10 -41.61 -46.11 -47.75
C GLU NA 10 -41.90 -46.15 -46.25
N GLU NA 11 -40.92 -45.81 -45.42
CA GLU NA 11 -41.18 -45.61 -44.00
C GLU NA 11 -42.13 -44.44 -43.77
N ALA NA 12 -41.88 -43.32 -44.45
CA ALA NA 12 -42.76 -42.15 -44.33
C ALA NA 12 -44.20 -42.47 -44.73
N ARG NA 13 -44.38 -43.24 -45.80
CA ARG NA 13 -45.70 -43.72 -46.18
C ARG NA 13 -46.39 -44.42 -45.01
N ARG NA 14 -45.68 -45.33 -44.36
CA ARG NA 14 -46.24 -46.16 -43.31
C ARG NA 14 -46.41 -45.38 -42.01
N PHE NA 15 -45.43 -44.56 -41.66
CA PHE NA 15 -45.52 -43.65 -40.51
C PHE NA 15 -46.74 -42.73 -40.62
N HIS NA 16 -46.96 -42.15 -41.80
CA HIS NA 16 -48.10 -41.25 -42.00
C HIS NA 16 -49.44 -41.91 -41.66
N GLY NA 17 -49.64 -43.14 -42.10
CA GLY NA 17 -50.89 -43.82 -41.81
C GLY NA 17 -51.19 -43.95 -40.33
N TYR NA 18 -50.18 -44.31 -39.54
CA TYR NA 18 -50.33 -44.35 -38.09
C TYR NA 18 -50.53 -42.96 -37.49
N MET NA 19 -49.77 -41.96 -37.94
CA MET NA 19 -49.92 -40.61 -37.40
C MET NA 19 -51.31 -40.05 -37.65
N VAL NA 20 -51.85 -40.24 -38.86
CA VAL NA 20 -53.24 -39.86 -39.13
C VAL NA 20 -54.19 -40.61 -38.22
N THR NA 21 -54.00 -41.93 -38.07
CA THR NA 21 -54.87 -42.72 -37.21
C THR NA 21 -54.80 -42.28 -35.75
N GLY NA 22 -53.59 -42.05 -35.25
CA GLY NA 22 -53.45 -41.62 -33.87
C GLY NA 22 -54.04 -40.24 -33.61
N THR NA 23 -53.87 -39.32 -34.56
CA THR NA 23 -54.50 -38.01 -34.45
C THR NA 23 -56.02 -38.13 -34.46
N LEU NA 24 -56.56 -38.93 -35.37
CA LEU NA 24 -58.01 -39.08 -35.48
C LEU NA 24 -58.61 -39.67 -34.21
N GLY NA 25 -57.95 -40.67 -33.63
CA GLY NA 25 -58.42 -41.23 -32.37
C GLY NA 25 -58.41 -40.23 -31.22
N TYR NA 26 -57.35 -39.43 -31.14
CA TYR NA 26 -57.31 -38.35 -30.15
C TYR NA 26 -58.46 -37.37 -30.30
N VAL NA 27 -58.76 -36.96 -31.54
CA VAL NA 27 -59.88 -36.06 -31.79
C VAL NA 27 -61.22 -36.70 -31.41
N VAL NA 28 -61.38 -38.00 -31.67
CA VAL NA 28 -62.60 -38.68 -31.26
C VAL NA 28 -62.77 -38.67 -29.74
N VAL NA 29 -61.73 -39.08 -29.00
CA VAL NA 29 -61.81 -39.06 -27.55
C VAL NA 29 -62.10 -37.64 -27.03
N ALA NA 30 -61.40 -36.65 -27.59
CA ALA NA 30 -61.65 -35.26 -27.20
C ALA NA 30 -63.07 -34.80 -27.52
N SER NA 31 -63.67 -35.32 -28.59
CA SER NA 31 -65.06 -34.99 -28.90
C SER NA 31 -66.00 -35.50 -27.81
N VAL NA 32 -65.83 -36.74 -27.38
CA VAL NA 32 -66.62 -37.29 -26.28
C VAL NA 32 -66.43 -36.45 -25.01
N ALA NA 33 -65.18 -36.07 -24.72
CA ALA NA 33 -64.91 -35.20 -23.59
C ALA NA 33 -65.69 -33.88 -23.66
N HIS NA 34 -65.69 -33.24 -24.82
CA HIS NA 34 -66.41 -31.97 -24.96
C HIS NA 34 -67.93 -32.14 -24.91
N PHE NA 35 -68.46 -33.22 -25.46
CA PHE NA 35 -69.89 -33.48 -25.31
C PHE NA 35 -70.28 -33.62 -23.85
N LEU NA 36 -69.52 -34.42 -23.10
CA LEU NA 36 -69.76 -34.57 -21.66
C LEU NA 36 -69.64 -33.22 -20.94
N ALA NA 37 -68.58 -32.47 -21.22
CA ALA NA 37 -68.39 -31.16 -20.60
C ALA NA 37 -69.53 -30.20 -20.93
N TRP NA 38 -69.96 -30.15 -22.20
CA TRP NA 38 -71.08 -29.28 -22.56
C TRP NA 38 -72.35 -29.65 -21.80
N SER NA 39 -72.67 -30.94 -21.73
CA SER NA 39 -73.87 -31.36 -21.02
C SER NA 39 -73.77 -31.03 -19.53
N TRP NA 40 -72.56 -31.05 -18.98
CA TRP NA 40 -72.33 -30.72 -17.58
C TRP NA 40 -72.41 -29.22 -17.30
N ARG NA 41 -71.57 -28.42 -17.98
CA ARG NA 41 -71.56 -26.97 -17.78
C ARG NA 41 -71.37 -26.25 -19.12
N PRO NA 42 -72.46 -25.89 -19.78
CA PRO NA 42 -72.35 -25.14 -21.05
C PRO NA 42 -71.62 -23.81 -20.85
N TRP NA 43 -70.80 -23.45 -21.83
CA TRP NA 43 -69.99 -22.24 -21.72
C TRP NA 43 -70.42 -21.07 -22.60
N PHE NA 44 -71.25 -21.30 -23.61
CA PHE NA 44 -71.93 -20.20 -24.29
C PHE NA 44 -73.34 -20.00 -23.75
N GLY OA 5 -29.06 -28.58 -54.48
CA GLY OA 5 -29.68 -28.53 -53.17
C GLY OA 5 -30.98 -27.73 -53.14
N GLY OA 6 -31.84 -28.04 -52.18
CA GLY OA 6 -33.20 -27.54 -52.16
C GLY OA 6 -34.14 -28.25 -53.12
N MET OA 7 -35.41 -27.89 -52.99
CA MET OA 7 -36.51 -28.53 -53.72
C MET OA 7 -36.47 -28.21 -55.21
N THR OA 8 -36.55 -29.26 -56.04
CA THR OA 8 -36.57 -29.10 -57.49
C THR OA 8 -37.90 -28.54 -57.99
N GLU OA 9 -37.93 -28.19 -59.28
CA GLU OA 9 -39.15 -27.70 -59.92
C GLU OA 9 -40.25 -28.75 -59.90
N GLU OA 10 -39.89 -30.01 -60.08
CA GLU OA 10 -40.88 -31.09 -60.07
C GLU OA 10 -41.48 -31.24 -58.67
N GLU OA 11 -40.63 -31.32 -57.66
CA GLU OA 11 -41.08 -31.37 -56.28
C GLU OA 11 -41.88 -30.14 -55.88
N ALA OA 12 -41.41 -28.96 -56.28
CA ALA OA 12 -42.12 -27.71 -55.99
C ALA OA 12 -43.54 -27.71 -56.52
N ARG OA 13 -43.75 -28.17 -57.77
CA ARG OA 13 -45.11 -28.29 -58.29
C ARG OA 13 -45.99 -29.18 -57.42
N ARG OA 14 -45.43 -30.29 -56.94
CA ARG OA 14 -46.21 -31.22 -56.11
C ARG OA 14 -46.47 -30.62 -54.73
N PHE OA 15 -45.43 -30.05 -54.11
CA PHE OA 15 -45.56 -29.38 -52.83
C PHE OA 15 -46.61 -28.27 -52.87
N HIS OA 16 -46.62 -27.47 -53.94
CA HIS OA 16 -47.61 -26.40 -54.09
C HIS OA 16 -49.04 -26.90 -54.02
N GLY OA 17 -49.32 -28.07 -54.60
CA GLY OA 17 -50.68 -28.58 -54.59
C GLY OA 17 -51.20 -28.87 -53.18
N TYR OA 18 -50.37 -29.49 -52.34
CA TYR OA 18 -50.75 -29.71 -50.96
C TYR OA 18 -50.86 -28.40 -50.18
N MET OA 19 -49.94 -27.47 -50.41
CA MET OA 19 -49.97 -26.18 -49.72
C MET OA 19 -51.22 -25.39 -50.03
N VAL OA 20 -51.61 -25.33 -51.31
CA VAL OA 20 -52.88 -24.69 -51.67
C VAL OA 20 -54.05 -25.38 -50.97
N THR OA 21 -54.07 -26.72 -51.00
CA THR OA 21 -55.17 -27.47 -50.41
C THR OA 21 -55.26 -27.22 -48.90
N GLY OA 22 -54.13 -27.29 -48.21
CA GLY OA 22 -54.11 -26.97 -46.79
C GLY OA 22 -54.62 -25.57 -46.49
N THR OA 23 -54.18 -24.58 -47.27
CA THR OA 23 -54.64 -23.21 -47.09
C THR OA 23 -56.15 -23.08 -47.24
N LEU OA 24 -56.70 -23.65 -48.32
CA LEU OA 24 -58.15 -23.59 -48.52
C LEU OA 24 -58.91 -24.27 -47.39
N GLY OA 25 -58.40 -25.41 -46.91
CA GLY OA 25 -59.04 -26.06 -45.77
C GLY OA 25 -59.09 -25.16 -44.55
N TYR OA 26 -57.96 -24.54 -44.21
CA TYR OA 26 -57.89 -23.62 -43.08
C TYR OA 26 -58.86 -22.45 -43.24
N VAL OA 27 -58.88 -21.83 -44.41
CA VAL OA 27 -59.79 -20.71 -44.67
C VAL OA 27 -61.26 -21.14 -44.55
N VAL OA 28 -61.59 -22.35 -45.02
CA VAL OA 28 -62.96 -22.84 -44.90
C VAL OA 28 -63.35 -23.00 -43.43
N VAL OA 29 -62.50 -23.67 -42.65
CA VAL OA 29 -62.80 -23.87 -41.23
C VAL OA 29 -62.92 -22.53 -40.51
N ALA OA 30 -61.99 -21.61 -40.78
CA ALA OA 30 -62.07 -20.27 -40.21
C ALA OA 30 -63.32 -19.53 -40.62
N SER OA 31 -63.83 -19.75 -41.84
CA SER OA 31 -65.08 -19.13 -42.25
C SER OA 31 -66.26 -19.63 -41.45
N VAL OA 32 -66.30 -20.94 -41.17
CA VAL OA 32 -67.32 -21.47 -40.27
C VAL OA 32 -67.20 -20.88 -38.88
N ALA OA 33 -65.97 -20.80 -38.36
CA ALA OA 33 -65.74 -20.20 -37.05
C ALA OA 33 -66.22 -18.75 -36.98
N HIS OA 34 -65.98 -17.96 -38.02
CA HIS OA 34 -66.47 -16.59 -38.03
C HIS OA 34 -67.98 -16.51 -38.15
N PHE OA 35 -68.61 -17.42 -38.89
CA PHE OA 35 -70.06 -17.42 -38.96
C PHE OA 35 -70.68 -17.74 -37.61
N LEU OA 36 -70.13 -18.74 -36.91
CA LEU OA 36 -70.58 -19.06 -35.56
C LEU OA 36 -70.34 -17.89 -34.60
N ALA OA 37 -69.16 -17.28 -34.66
CA ALA OA 37 -68.87 -16.12 -33.81
C ALA OA 37 -69.81 -14.96 -34.10
N TRP OA 38 -70.02 -14.65 -35.39
CA TRP OA 38 -70.91 -13.55 -35.75
C TRP OA 38 -72.33 -13.78 -35.25
N SER OA 39 -72.83 -15.01 -35.39
CA SER OA 39 -74.18 -15.33 -34.92
C SER OA 39 -74.30 -15.21 -33.41
N TRP OA 40 -73.21 -15.42 -32.68
CA TRP OA 40 -73.21 -15.38 -31.23
C TRP OA 40 -73.02 -13.98 -30.68
N ARG OA 41 -71.97 -13.27 -31.10
CA ARG OA 41 -71.72 -11.90 -30.67
C ARG OA 41 -71.19 -11.08 -31.84
N PRO OA 42 -72.08 -10.49 -32.64
CA PRO OA 42 -71.62 -9.68 -33.77
C PRO OA 42 -70.91 -8.41 -33.32
N TRP OA 43 -69.85 -8.04 -34.04
CA TRP OA 43 -68.93 -7.02 -33.56
C TRP OA 43 -69.06 -5.68 -34.26
N PHE OA 44 -69.79 -5.58 -35.36
CA PHE OA 44 -70.19 -4.28 -35.90
C PHE OA 44 -71.63 -3.96 -35.56
N GLY PA 5 -25.51 -16.61 -58.30
CA GLY PA 5 -25.79 -15.69 -59.39
C GLY PA 5 -27.22 -15.21 -59.43
N GLY PA 6 -27.40 -13.92 -59.76
CA GLY PA 6 -28.70 -13.30 -59.67
C GLY PA 6 -29.67 -13.72 -60.77
N MET PA 7 -30.93 -13.35 -60.54
CA MET PA 7 -32.03 -13.69 -61.44
C MET PA 7 -31.81 -13.13 -62.85
N THR PA 8 -32.13 -13.95 -63.86
CA THR PA 8 -31.94 -13.61 -65.27
C THR PA 8 -33.13 -12.84 -65.85
N GLU PA 9 -32.95 -12.38 -67.09
CA GLU PA 9 -33.98 -11.60 -67.79
C GLU PA 9 -35.28 -12.37 -67.98
N GLU PA 10 -35.19 -13.65 -68.35
CA GLU PA 10 -36.42 -14.42 -68.58
C GLU PA 10 -37.08 -14.84 -67.27
N GLU PA 11 -36.28 -15.20 -66.26
CA GLU PA 11 -36.83 -15.34 -64.91
C GLU PA 11 -37.53 -14.05 -64.46
N ALA PA 12 -36.87 -12.92 -64.67
CA ALA PA 12 -37.44 -11.62 -64.29
C ALA PA 12 -38.75 -11.33 -65.01
N ARG PA 13 -38.85 -11.66 -66.31
CA ARG PA 13 -40.13 -11.51 -67.01
C ARG PA 13 -41.22 -12.31 -66.34
N ARG PA 14 -40.93 -13.55 -65.97
CA ARG PA 14 -41.92 -14.42 -65.36
C ARG PA 14 -42.27 -13.95 -63.95
N PHE PA 15 -41.24 -13.59 -63.18
CA PHE PA 15 -41.43 -13.03 -61.84
C PHE PA 15 -42.25 -11.74 -61.86
N HIS PA 16 -41.93 -10.83 -62.79
CA HIS PA 16 -42.67 -9.57 -62.91
C HIS PA 16 -44.17 -9.79 -63.15
N GLY PA 17 -44.53 -10.76 -63.98
CA GLY PA 17 -45.94 -11.00 -64.25
C GLY PA 17 -46.75 -11.34 -63.01
N TYR PA 18 -46.20 -12.21 -62.16
CA TYR PA 18 -46.86 -12.51 -60.89
C TYR PA 18 -46.81 -11.32 -59.93
N MET PA 19 -45.68 -10.62 -59.87
CA MET PA 19 -45.58 -9.42 -59.03
C MET PA 19 -46.67 -8.40 -59.34
N VAL PA 20 -46.93 -8.15 -60.62
CA VAL PA 20 -48.05 -7.30 -61.00
C VAL PA 20 -49.37 -7.88 -60.53
N THR PA 21 -49.61 -9.17 -60.82
CA THR PA 21 -50.88 -9.79 -60.47
C THR PA 21 -51.12 -9.77 -58.96
N GLY PA 22 -50.09 -10.04 -58.18
CA GLY PA 22 -50.15 -9.91 -56.74
C GLY PA 22 -50.55 -8.52 -56.28
N THR PA 23 -49.81 -7.52 -56.75
CA THR PA 23 -50.06 -6.13 -56.37
C THR PA 23 -51.47 -5.69 -56.75
N LEU PA 24 -51.95 -6.08 -57.93
CA LEU PA 24 -53.32 -5.77 -58.32
C LEU PA 24 -54.34 -6.43 -57.41
N GLY PA 25 -54.16 -7.73 -57.12
CA GLY PA 25 -55.08 -8.41 -56.23
C GLY PA 25 -55.15 -7.75 -54.87
N TYR PA 26 -53.99 -7.47 -54.28
CA TYR PA 26 -53.91 -6.81 -52.99
C TYR PA 26 -54.64 -5.47 -52.98
N VAL PA 27 -54.41 -4.65 -53.99
CA VAL PA 27 -55.07 -3.35 -54.11
C VAL PA 27 -56.58 -3.49 -54.33
N VAL PA 28 -57.01 -4.51 -55.08
CA VAL PA 28 -58.44 -4.74 -55.25
C VAL PA 28 -59.11 -5.12 -53.92
N VAL PA 29 -58.52 -6.06 -53.20
CA VAL PA 29 -59.05 -6.43 -51.88
C VAL PA 29 -59.11 -5.23 -50.96
N ALA PA 30 -58.03 -4.44 -50.93
CA ALA PA 30 -58.01 -3.24 -50.08
C ALA PA 30 -59.06 -2.21 -50.49
N SER PA 31 -59.35 -2.10 -51.79
CA SER PA 31 -60.42 -1.21 -52.22
C SER PA 31 -61.77 -1.62 -51.65
N VAL PA 32 -62.06 -2.92 -51.64
CA VAL PA 32 -63.27 -3.41 -50.99
C VAL PA 32 -63.26 -3.11 -49.50
N ALA PA 33 -62.12 -3.33 -48.84
CA ALA PA 33 -62.00 -3.00 -47.42
C ALA PA 33 -62.30 -1.54 -47.14
N HIS PA 34 -61.74 -0.62 -47.92
CA HIS PA 34 -62.01 0.79 -47.72
C HIS PA 34 -63.44 1.19 -48.08
N PHE PA 35 -64.04 0.56 -49.07
CA PHE PA 35 -65.44 0.84 -49.37
C PHE PA 35 -66.35 0.45 -48.20
N LEU PA 36 -66.15 -0.75 -47.66
CA LEU PA 36 -66.89 -1.17 -46.48
C LEU PA 36 -66.65 -0.24 -45.29
N ALA PA 37 -65.37 0.03 -45.00
CA ALA PA 37 -65.03 0.95 -43.92
C ALA PA 37 -65.70 2.32 -44.10
N TRP PA 38 -65.67 2.87 -45.31
CA TRP PA 38 -66.33 4.15 -45.54
C TRP PA 38 -67.83 4.09 -45.32
N SER PA 39 -68.47 3.03 -45.79
CA SER PA 39 -69.91 2.87 -45.54
C SER PA 39 -70.20 2.68 -44.05
N TRP PA 40 -69.26 2.09 -43.32
CA TRP PA 40 -69.44 1.85 -41.88
C TRP PA 40 -69.19 3.10 -41.06
N ARG PA 41 -68.01 3.70 -41.18
CA ARG PA 41 -67.66 4.91 -40.46
C ARG PA 41 -66.88 5.84 -41.37
N PRO PA 42 -67.57 6.72 -42.10
CA PRO PA 42 -66.86 7.65 -43.00
C PRO PA 42 -65.99 8.61 -42.21
N TRP PA 43 -64.81 8.92 -42.76
CA TRP PA 43 -63.80 9.64 -42.01
C TRP PA 43 -63.56 11.08 -42.49
N PHE PA 44 -64.18 11.51 -43.57
CA PHE PA 44 -64.23 12.93 -43.92
C PHE PA 44 -65.64 13.47 -43.79
N GLY QA 5 -18.78 -0.58 -64.25
CA GLY QA 5 -19.54 -1.73 -63.81
C GLY QA 5 -21.00 -1.42 -63.54
N GLY QA 6 -21.40 -0.17 -63.74
CA GLY QA 6 -22.80 0.22 -63.74
C GLY QA 6 -23.44 0.14 -65.10
N MET QA 7 -24.60 0.79 -65.22
CA MET QA 7 -25.34 0.84 -66.46
C MET QA 7 -24.50 1.37 -67.63
N THR QA 8 -24.53 0.63 -68.74
CA THR QA 8 -24.05 1.12 -70.02
C THR QA 8 -25.03 2.13 -70.61
N GLU QA 9 -24.61 2.79 -71.70
CA GLU QA 9 -25.38 3.90 -72.25
C GLU QA 9 -26.77 3.47 -72.70
N GLU QA 10 -26.90 2.29 -73.29
CA GLU QA 10 -28.22 1.82 -73.70
C GLU QA 10 -29.05 1.38 -72.51
N GLU QA 11 -28.42 0.80 -71.49
CA GLU QA 11 -29.12 0.55 -70.23
C GLU QA 11 -29.61 1.85 -69.61
N ALA QA 12 -28.75 2.87 -69.59
CA ALA QA 12 -29.12 4.17 -69.06
C ALA QA 12 -30.27 4.81 -69.85
N ARG QA 13 -30.24 4.70 -71.18
CA ARG QA 13 -31.36 5.20 -71.99
C ARG QA 13 -32.64 4.47 -71.66
N ARG QA 14 -32.59 3.15 -71.59
CA ARG QA 14 -33.77 2.34 -71.31
C ARG QA 14 -34.30 2.60 -69.91
N PHE QA 15 -33.40 2.68 -68.94
CA PHE QA 15 -33.75 3.04 -67.55
C PHE QA 15 -34.42 4.42 -67.48
N HIS QA 16 -33.82 5.42 -68.12
CA HIS QA 16 -34.34 6.79 -68.05
C HIS QA 16 -35.79 6.91 -68.45
N GLY QA 17 -36.22 6.19 -69.49
CA GLY QA 17 -37.61 6.24 -69.90
C GLY QA 17 -38.59 5.79 -68.82
N TYR QA 18 -38.23 4.75 -68.08
CA TYR QA 18 -39.06 4.33 -66.94
C TYR QA 18 -39.01 5.34 -65.80
N MET QA 19 -37.83 5.89 -65.50
CA MET QA 19 -37.72 6.89 -64.44
C MET QA 19 -38.57 8.12 -64.72
N VAL QA 20 -38.57 8.60 -65.96
CA VAL QA 20 -39.49 9.67 -66.36
C VAL QA 20 -40.93 9.23 -66.20
N THR QA 21 -41.25 8.01 -66.63
CA THR QA 21 -42.62 7.51 -66.55
C THR QA 21 -43.10 7.43 -65.10
N GLY QA 22 -42.31 6.79 -64.23
CA GLY QA 22 -42.69 6.67 -62.84
C GLY QA 22 -42.80 8.01 -62.13
N THR QA 23 -41.87 8.93 -62.40
CA THR QA 23 -41.95 10.27 -61.83
C THR QA 23 -43.23 10.99 -62.24
N LEU QA 24 -43.55 11.00 -63.53
CA LEU QA 24 -44.78 11.63 -63.98
C LEU QA 24 -46.02 10.99 -63.37
N GLY QA 25 -46.07 9.66 -63.34
CA GLY QA 25 -47.20 8.98 -62.71
C GLY QA 25 -47.37 9.36 -61.25
N TYR QA 26 -46.26 9.39 -60.51
CA TYR QA 26 -46.29 9.81 -59.12
C TYR QA 26 -46.79 11.25 -58.95
N VAL QA 27 -46.32 12.15 -59.81
CA VAL QA 27 -46.78 13.54 -59.77
C VAL QA 27 -48.26 13.66 -60.13
N VAL QA 28 -48.73 12.88 -61.09
CA VAL QA 28 -50.16 12.89 -61.44
C VAL QA 28 -51.02 12.47 -60.26
N VAL QA 29 -50.68 11.35 -59.61
CA VAL QA 29 -51.44 10.93 -58.43
C VAL QA 29 -51.40 11.98 -57.33
N ALA QA 30 -50.23 12.60 -57.12
CA ALA QA 30 -50.15 13.67 -56.14
C ALA QA 30 -51.01 14.87 -56.54
N SER QA 31 -51.17 15.12 -57.84
CA SER QA 31 -52.02 16.22 -58.29
C SER QA 31 -53.48 15.99 -57.95
N VAL QA 32 -53.95 14.75 -58.09
CA VAL QA 32 -55.30 14.39 -57.66
C VAL QA 32 -55.43 14.52 -56.15
N ALA QA 33 -54.43 14.05 -55.39
CA ALA QA 33 -54.44 14.19 -53.95
C ALA QA 33 -54.60 15.64 -53.51
N HIS QA 34 -53.86 16.55 -54.13
CA HIS QA 34 -53.97 17.96 -53.80
C HIS QA 34 -55.30 18.57 -54.22
N PHE QA 35 -55.80 18.19 -55.39
CA PHE QA 35 -57.11 18.67 -55.81
C PHE QA 35 -58.20 18.26 -54.81
N LEU QA 36 -58.19 17.01 -54.38
CA LEU QA 36 -59.12 16.55 -53.35
C LEU QA 36 -58.91 17.29 -52.04
N ALA QA 37 -57.64 17.37 -51.58
CA ALA QA 37 -57.34 18.07 -50.34
C ALA QA 37 -57.79 19.53 -50.37
N TRP QA 38 -57.56 20.22 -51.49
CA TRP QA 38 -58.01 21.60 -51.60
C TRP QA 38 -59.53 21.72 -51.51
N SER QA 39 -60.25 20.80 -52.17
CA SER QA 39 -61.71 20.82 -52.13
C SER QA 39 -62.24 20.52 -50.73
N TRP QA 40 -61.50 19.73 -49.96
CA TRP QA 40 -61.88 19.41 -48.59
C TRP QA 40 -61.55 20.54 -47.61
N ARG QA 41 -60.29 20.95 -47.56
CA ARG QA 41 -59.84 21.98 -46.62
C ARG QA 41 -58.82 22.90 -47.29
N PRO QA 42 -59.28 23.93 -47.99
CA PRO QA 42 -58.34 24.82 -48.68
C PRO QA 42 -57.46 25.56 -47.68
N TRP QA 43 -56.19 25.76 -48.06
CA TRP QA 43 -55.19 26.26 -47.14
C TRP QA 43 -54.71 27.68 -47.40
N PHE QA 44 -55.11 28.30 -48.50
CA PHE QA 44 -54.97 29.76 -48.64
C PHE QA 44 -56.34 30.42 -48.64
N GLY RA 5 -10.34 9.48 -65.85
CA GLY RA 5 -9.57 10.70 -65.90
C GLY RA 5 -10.42 11.96 -65.90
N GLY RA 6 -11.72 11.79 -65.63
CA GLY RA 6 -12.66 12.88 -65.63
C GLY RA 6 -13.21 13.26 -67.00
N MET RA 7 -14.09 14.26 -66.95
CA MET RA 7 -14.88 14.71 -68.10
C MET RA 7 -14.02 15.44 -69.14
N THR RA 8 -14.08 14.99 -70.40
CA THR RA 8 -13.41 15.64 -71.50
C THR RA 8 -14.10 16.96 -71.88
N GLU RA 9 -13.51 17.69 -72.84
CA GLU RA 9 -14.11 18.92 -73.31
C GLU RA 9 -15.46 18.70 -74.01
N GLU RA 10 -15.57 17.64 -74.81
CA GLU RA 10 -16.82 17.40 -75.52
C GLU RA 10 -17.92 16.94 -74.57
N GLU RA 11 -17.56 16.12 -73.58
CA GLU RA 11 -18.48 15.82 -72.49
C GLU RA 11 -18.87 17.08 -71.74
N ALA RA 12 -17.89 17.89 -71.34
CA ALA RA 12 -18.14 19.14 -70.64
C ALA RA 12 -19.06 20.07 -71.43
N ARG RA 13 -18.87 20.16 -72.75
CA ARG RA 13 -19.70 21.03 -73.57
C ARG RA 13 -21.13 20.50 -73.71
N ARG RA 14 -21.30 19.18 -73.70
CA ARG RA 14 -22.62 18.58 -73.74
C ARG RA 14 -23.31 18.69 -72.38
N PHE RA 15 -22.58 18.37 -71.32
CA PHE RA 15 -23.05 18.55 -69.95
C PHE RA 15 -23.51 19.98 -69.68
N HIS RA 16 -22.74 20.97 -70.13
CA HIS RA 16 -23.08 22.38 -69.93
C HIS RA 16 -24.45 22.75 -70.49
N GLY RA 17 -24.86 22.15 -71.61
CA GLY RA 17 -26.15 22.49 -72.19
C GLY RA 17 -27.33 22.06 -71.34
N TYR RA 18 -27.24 20.87 -70.73
CA TYR RA 18 -28.27 20.45 -69.79
C TYR RA 18 -28.24 21.30 -68.51
N MET RA 19 -27.04 21.59 -68.00
CA MET RA 19 -26.91 22.43 -66.81
C MET RA 19 -27.55 23.79 -67.00
N VAL RA 20 -27.30 24.44 -68.14
CA VAL RA 20 -27.95 25.71 -68.43
C VAL RA 20 -29.45 25.56 -68.53
N THR RA 21 -29.92 24.51 -69.22
CA THR RA 21 -31.36 24.31 -69.40
C THR RA 21 -32.06 24.09 -68.05
N GLY RA 22 -31.52 23.17 -67.25
CA GLY RA 22 -32.09 22.92 -65.94
C GLY RA 22 -32.10 24.15 -65.03
N THR RA 23 -31.01 24.92 -65.05
CA THR RA 23 -30.94 26.14 -64.25
C THR RA 23 -32.02 27.14 -64.66
N LEU RA 24 -32.18 27.36 -65.97
CA LEU RA 24 -33.22 28.28 -66.44
C LEU RA 24 -34.63 27.75 -66.15
N GLY RA 25 -34.81 26.44 -66.28
CA GLY RA 25 -36.11 25.85 -65.93
C GLY RA 25 -36.45 26.02 -64.46
N TYR RA 26 -35.45 25.86 -63.59
CA TYR RA 26 -35.64 26.11 -62.16
C TYR RA 26 -35.97 27.58 -61.89
N VAL RA 27 -35.20 28.50 -62.47
CA VAL RA 27 -35.47 29.93 -62.31
C VAL RA 27 -36.87 30.31 -62.82
N VAL RA 28 -37.32 29.69 -63.90
CA VAL RA 28 -38.68 29.95 -64.39
C VAL RA 28 -39.73 29.53 -63.36
N VAL RA 29 -39.66 28.29 -62.87
CA VAL RA 29 -40.61 27.83 -61.86
C VAL RA 29 -40.56 28.71 -60.61
N ALA RA 30 -39.35 29.08 -60.17
CA ALA RA 30 -39.23 29.95 -59.01
C ALA RA 30 -39.81 31.34 -59.26
N SER RA 31 -39.70 31.84 -60.48
CA SER RA 31 -40.31 33.13 -60.81
C SER RA 31 -41.82 33.10 -60.67
N VAL RA 32 -42.45 32.02 -61.14
CA VAL RA 32 -43.89 31.82 -60.93
C VAL RA 32 -44.22 31.81 -59.44
N ALA RA 33 -43.47 31.02 -58.67
CA ALA RA 33 -43.69 30.95 -57.22
C ALA RA 33 -43.60 32.32 -56.55
N HIS RA 34 -42.58 33.11 -56.90
CA HIS RA 34 -42.45 34.44 -56.34
C HIS RA 34 -43.56 35.38 -56.79
N PHE RA 35 -44.00 35.26 -58.05
CA PHE RA 35 -45.14 36.08 -58.50
C PHE RA 35 -46.39 35.76 -57.70
N LEU RA 36 -46.70 34.47 -57.55
CA LEU RA 36 -47.84 34.05 -56.75
C LEU RA 36 -47.70 34.53 -55.30
N ALA RA 37 -46.54 34.29 -54.69
CA ALA RA 37 -46.32 34.71 -53.31
C ALA RA 37 -46.45 36.21 -53.12
N TRP RA 38 -45.91 37.00 -54.05
CA TRP RA 38 -46.06 38.45 -53.96
C TRP RA 38 -47.52 38.87 -54.00
N SER RA 39 -48.30 38.31 -54.94
CA SER RA 39 -49.71 38.65 -55.01
C SER RA 39 -50.47 38.17 -53.78
N TRP RA 40 -50.00 37.12 -53.13
CA TRP RA 40 -50.64 36.61 -51.92
C TRP RA 40 -50.32 37.47 -50.70
N ARG RA 41 -49.04 37.64 -50.38
CA ARG RA 41 -48.62 38.42 -49.22
C ARG RA 41 -47.38 39.23 -49.57
N PRO RA 42 -47.56 40.45 -50.10
CA PRO RA 42 -46.40 41.29 -50.45
C PRO RA 42 -45.52 41.58 -49.24
N TRP RA 43 -44.21 41.57 -49.45
CA TRP RA 43 -43.26 41.69 -48.35
C TRP RA 43 -42.52 43.02 -48.29
N PHE RA 44 -42.64 43.88 -49.30
CA PHE RA 44 -42.15 45.25 -49.18
C PHE RA 44 -43.32 46.24 -49.18
N GLY SA 6 -0.01 23.24 -62.98
CA GLY SA 6 -0.98 24.32 -62.96
C GLY SA 6 -1.15 25.00 -64.31
N MET SA 7 -2.02 26.01 -64.35
CA MET SA 7 -2.41 26.64 -65.61
C MET SA 7 -1.23 27.18 -66.39
N THR SA 8 -1.25 26.94 -67.69
CA THR SA 8 -0.32 27.55 -68.63
C THR SA 8 -0.74 28.98 -68.96
N GLU SA 9 0.16 29.71 -69.62
CA GLU SA 9 -0.06 31.12 -69.90
C GLU SA 9 -1.28 31.36 -70.79
N GLU SA 10 -1.58 30.43 -71.70
CA GLU SA 10 -2.79 30.56 -72.52
C GLU SA 10 -4.05 30.18 -71.75
N GLU SA 11 -3.96 29.14 -70.92
CA GLU SA 11 -5.06 28.80 -70.02
C GLU SA 11 -5.35 29.94 -69.04
N ALA SA 12 -4.30 30.54 -68.50
CA ALA SA 12 -4.46 31.72 -67.64
C ALA SA 12 -5.12 32.89 -68.38
N ARG SA 13 -4.75 33.10 -69.65
CA ARG SA 13 -5.41 34.14 -70.43
C ARG SA 13 -6.90 33.86 -70.63
N ARG SA 14 -7.27 32.60 -70.91
CA ARG SA 14 -8.70 32.27 -70.98
C ARG SA 14 -9.37 32.50 -69.64
N PHE SA 15 -8.82 31.91 -68.58
CA PHE SA 15 -9.41 31.96 -67.24
C PHE SA 15 -9.62 33.39 -66.77
N HIS SA 16 -8.64 34.27 -67.03
CA HIS SA 16 -8.75 35.68 -66.64
C HIS SA 16 -9.92 36.39 -67.33
N GLY SA 17 -10.19 36.08 -68.59
CA GLY SA 17 -11.30 36.73 -69.27
C GLY SA 17 -12.65 36.46 -68.63
N TYR SA 18 -12.89 35.21 -68.23
CA TYR SA 18 -14.09 34.85 -67.48
C TYR SA 18 -14.11 35.47 -66.08
N MET SA 19 -12.98 35.45 -65.38
CA MET SA 19 -12.92 36.09 -64.06
C MET SA 19 -13.31 37.57 -64.12
N VAL SA 20 -12.76 38.31 -65.07
CA VAL SA 20 -13.15 39.71 -65.25
C VAL SA 20 -14.64 39.81 -65.53
N THR SA 21 -15.15 38.96 -66.43
CA THR SA 21 -16.56 39.03 -66.82
C THR SA 21 -17.48 38.71 -65.64
N GLY SA 22 -17.20 37.61 -64.94
CA GLY SA 22 -18.00 37.25 -63.77
C GLY SA 22 -17.98 38.31 -62.69
N THR SA 23 -16.79 38.83 -62.39
CA THR SA 23 -16.65 39.87 -61.38
C THR SA 23 -17.46 41.12 -61.73
N LEU SA 24 -17.31 41.63 -62.94
CA LEU SA 24 -18.04 42.84 -63.32
C LEU SA 24 -19.55 42.61 -63.35
N GLY SA 25 -19.99 41.46 -63.86
CA GLY SA 25 -21.41 41.14 -63.85
C GLY SA 25 -21.97 41.08 -62.44
N TYR SA 26 -21.23 40.45 -61.53
CA TYR SA 26 -21.62 40.43 -60.12
C TYR SA 26 -21.71 41.82 -59.53
N VAL SA 27 -20.74 42.68 -59.81
CA VAL SA 27 -20.77 44.06 -59.31
C VAL SA 27 -21.91 44.87 -59.92
N VAL SA 28 -22.27 44.61 -61.18
CA VAL SA 28 -23.45 45.26 -61.76
C VAL SA 28 -24.71 44.89 -61.00
N VAL SA 29 -24.94 43.59 -60.79
CA VAL SA 29 -26.11 43.14 -60.06
C VAL SA 29 -26.16 43.73 -58.65
N ALA SA 30 -25.02 43.71 -57.96
CA ALA SA 30 -24.94 44.31 -56.63
C ALA SA 30 -25.21 45.81 -56.65
N SER SA 31 -24.80 46.51 -57.71
CA SER SA 31 -25.09 47.93 -57.82
C SER SA 31 -26.60 48.19 -57.96
N VAL SA 32 -27.29 47.38 -58.75
CA VAL SA 32 -28.75 47.50 -58.85
C VAL SA 32 -29.41 47.22 -57.51
N ALA SA 33 -28.96 46.17 -56.82
CA ALA SA 33 -29.46 45.87 -55.49
C ALA SA 33 -29.32 47.05 -54.53
N HIS SA 34 -28.15 47.68 -54.50
CA HIS SA 34 -27.94 48.84 -53.63
C HIS SA 34 -28.76 50.05 -54.04
N PHE SA 35 -28.97 50.27 -55.33
CA PHE SA 35 -29.89 51.32 -55.76
C PHE SA 35 -31.31 51.06 -55.26
N LEU SA 36 -31.79 49.83 -55.42
CA LEU SA 36 -33.11 49.48 -54.88
C LEU SA 36 -33.15 49.65 -53.37
N ALA SA 37 -32.15 49.11 -52.66
CA ALA SA 37 -32.10 49.24 -51.21
C ALA SA 37 -32.08 50.70 -50.78
N TRP SA 38 -31.30 51.54 -51.47
CA TRP SA 38 -31.25 52.96 -51.14
C TRP SA 38 -32.60 53.64 -51.34
N SER SA 39 -33.27 53.34 -52.46
CA SER SA 39 -34.59 53.94 -52.71
C SER SA 39 -35.62 53.50 -51.69
N TRP SA 40 -35.40 52.35 -51.06
CA TRP SA 40 -36.33 51.76 -50.10
C TRP SA 40 -36.08 52.23 -48.68
N ARG SA 41 -34.86 52.09 -48.17
CA ARG SA 41 -34.52 52.50 -46.81
C ARG SA 41 -33.11 53.08 -46.80
N PRO SA 42 -32.95 54.35 -47.19
CA PRO SA 42 -31.60 54.93 -47.26
C PRO SA 42 -30.93 54.98 -45.90
N TRP SA 43 -29.64 54.68 -45.88
CA TRP SA 43 -28.94 54.41 -44.62
C TRP SA 43 -28.05 55.55 -44.13
N PHE SA 44 -27.84 56.59 -44.92
CA PHE SA 44 -27.29 57.84 -44.39
C PHE SA 44 -28.35 58.92 -44.31
N GLY TA 5 14.03 29.08 -60.07
CA GLY TA 5 14.09 29.34 -58.64
C GLY TA 5 12.91 30.15 -58.15
N GLY TA 6 13.17 31.38 -57.71
CA GLY TA 6 12.15 32.39 -57.53
C GLY TA 6 12.01 33.30 -58.73
N MET TA 7 11.15 34.31 -58.57
CA MET TA 7 10.80 35.22 -59.64
C MET TA 7 12.01 35.93 -60.23
N THR TA 8 12.15 35.86 -61.56
CA THR TA 8 13.28 36.47 -62.27
C THR TA 8 13.16 37.99 -62.31
N GLU TA 9 14.25 38.63 -62.76
CA GLU TA 9 14.29 40.08 -62.89
C GLU TA 9 13.19 40.62 -63.81
N GLU TA 10 12.97 39.98 -64.96
CA GLU TA 10 11.99 40.50 -65.91
C GLU TA 10 10.57 40.23 -65.44
N GLU TA 11 10.32 39.09 -64.81
CA GLU TA 11 9.04 38.87 -64.16
C GLU TA 11 8.78 39.89 -63.06
N ALA TA 12 9.80 40.14 -62.22
CA ALA TA 12 9.69 41.14 -61.17
C ALA TA 12 9.43 42.53 -61.72
N ARG TA 13 10.06 42.87 -62.85
CA ARG TA 13 9.89 44.19 -63.45
C ARG TA 13 8.44 44.46 -63.87
N ARG TA 14 7.76 43.45 -64.43
CA ARG TA 14 6.36 43.64 -64.79
C ARG TA 14 5.41 43.40 -63.62
N PHE TA 15 5.72 42.46 -62.72
CA PHE TA 15 4.96 42.32 -61.48
C PHE TA 15 4.89 43.65 -60.73
N HIS TA 16 6.03 44.33 -60.61
CA HIS TA 16 6.08 45.63 -59.95
C HIS TA 16 5.12 46.64 -60.58
N GLY TA 17 5.06 46.70 -61.91
CA GLY TA 17 4.15 47.62 -62.57
C GLY TA 17 2.69 47.39 -62.21
N TYR TA 18 2.26 46.13 -62.17
CA TYR TA 18 0.90 45.84 -61.73
C TYR TA 18 0.71 46.10 -60.23
N MET TA 19 1.71 45.74 -59.42
CA MET TA 19 1.61 45.98 -57.98
C MET TA 19 1.47 47.46 -57.67
N VAL TA 20 2.25 48.30 -58.35
CA VAL TA 20 2.09 49.76 -58.22
C VAL TA 20 0.71 50.21 -58.67
N THR TA 21 0.27 49.75 -59.85
CA THR TA 21 -1.03 50.17 -60.37
C THR TA 21 -2.17 49.74 -59.45
N GLY TA 22 -2.12 48.50 -58.95
CA GLY TA 22 -3.11 48.07 -57.98
C GLY TA 22 -3.13 48.89 -56.72
N THR TA 23 -1.95 49.19 -56.17
CA THR TA 23 -1.84 50.01 -54.97
C THR TA 23 -2.41 51.42 -55.18
N LEU TA 24 -2.04 52.07 -56.28
CA LEU TA 24 -2.62 53.38 -56.57
C LEU TA 24 -4.13 53.32 -56.73
N GLY TA 25 -4.63 52.28 -57.40
CA GLY TA 25 -6.07 52.10 -57.50
C GLY TA 25 -6.75 52.04 -56.15
N TYR TA 26 -6.21 51.23 -55.24
CA TYR TA 26 -6.73 51.15 -53.88
C TYR TA 26 -6.72 52.51 -53.18
N VAL TA 27 -5.61 53.24 -53.29
CA VAL TA 27 -5.49 54.54 -52.63
C VAL TA 27 -6.45 55.57 -53.24
N VAL TA 28 -6.69 55.51 -54.55
CA VAL TA 28 -7.70 56.36 -55.17
C VAL TA 28 -9.09 56.08 -54.59
N VAL TA 29 -9.48 54.80 -54.55
CA VAL TA 29 -10.80 54.47 -54.00
C VAL TA 29 -10.91 54.90 -52.54
N ALA TA 30 -9.87 54.63 -51.75
CA ALA TA 30 -9.86 55.08 -50.36
C ALA TA 30 -9.94 56.59 -50.24
N SER TA 31 -9.37 57.34 -51.19
CA SER TA 31 -9.48 58.80 -51.18
C SER TA 31 -10.92 59.26 -51.37
N VAL TA 32 -11.63 58.65 -52.31
CA VAL TA 32 -13.05 58.97 -52.50
C VAL TA 32 -13.86 58.59 -51.25
N ALA TA 33 -13.54 57.43 -50.66
CA ALA TA 33 -14.21 57.01 -49.43
C ALA TA 33 -14.05 58.04 -48.31
N HIS TA 34 -12.82 58.50 -48.08
CA HIS TA 34 -12.59 59.51 -47.05
C HIS TA 34 -13.23 60.86 -47.38
N PHE TA 35 -13.22 61.25 -48.66
CA PHE TA 35 -13.88 62.49 -49.04
C PHE TA 35 -15.38 62.44 -48.77
N LEU TA 36 -16.02 61.31 -49.10
CA LEU TA 36 -17.43 61.13 -48.75
C LEU TA 36 -17.64 61.09 -47.24
N ALA TA 37 -16.78 60.36 -46.52
CA ALA TA 37 -16.89 60.31 -45.06
C ALA TA 37 -16.72 61.69 -44.43
N TRP TA 38 -15.75 62.48 -44.91
CA TRP TA 38 -15.56 63.82 -44.35
C TRP TA 38 -16.76 64.72 -44.62
N SER TA 39 -17.35 64.61 -45.81
CA SER TA 39 -18.58 65.35 -46.11
C SER TA 39 -19.70 64.98 -45.14
N TRP TA 40 -19.80 63.70 -44.81
CA TRP TA 40 -20.89 63.18 -43.99
C TRP TA 40 -20.68 63.46 -42.50
N ARG TA 41 -19.55 63.07 -41.93
CA ARG TA 41 -19.28 63.27 -40.50
C ARG TA 41 -17.81 63.60 -40.29
N PRO TA 42 -17.44 64.88 -40.37
CA PRO TA 42 -16.03 65.24 -40.18
C PRO TA 42 -15.56 64.97 -38.76
N TRP TA 43 -14.29 64.59 -38.64
CA TRP TA 43 -13.76 64.06 -37.40
C TRP TA 43 -12.76 64.95 -36.68
N PHE TA 44 -12.34 66.06 -37.27
CA PHE TA 44 -11.58 67.07 -36.53
C PHE TA 44 -12.40 68.33 -36.31
N GLY UA 5 27.39 34.36 -51.01
CA GLY UA 5 26.00 34.73 -50.83
C GLY UA 5 25.80 36.05 -50.10
N GLY UA 6 24.63 36.64 -50.28
CA GLY UA 6 24.37 38.00 -49.85
C GLY UA 6 24.85 39.04 -50.85
N MET UA 7 24.51 40.29 -50.56
CA MET UA 7 24.76 41.38 -51.48
C MET UA 7 26.25 41.65 -51.69
N THR UA 8 26.64 41.81 -52.96
CA THR UA 8 27.93 42.37 -53.33
C THR UA 8 27.94 43.88 -53.09
N GLU UA 9 29.14 44.47 -53.10
CA GLU UA 9 29.26 45.92 -52.95
C GLU UA 9 28.48 46.67 -54.03
N GLU UA 10 28.45 46.14 -55.25
CA GLU UA 10 27.71 46.81 -56.32
C GLU UA 10 26.21 46.76 -56.08
N GLU UA 11 25.71 45.66 -55.51
CA GLU UA 11 24.32 45.61 -55.08
C GLU UA 11 24.07 46.50 -53.87
N ALA UA 12 25.00 46.49 -52.90
CA ALA UA 12 24.88 47.32 -51.72
C ALA UA 12 24.79 48.81 -52.06
N ARG UA 13 25.61 49.27 -53.01
CA ARG UA 13 25.51 50.66 -53.44
C ARG UA 13 24.13 50.97 -54.03
N ARG UA 14 23.61 50.06 -54.84
CA ARG UA 14 22.30 50.26 -55.48
C ARG UA 14 21.19 50.24 -54.42
N PHE UA 15 21.21 49.22 -53.56
CA PHE UA 15 20.24 49.09 -52.48
C PHE UA 15 20.23 50.32 -51.56
N HIS UA 16 21.42 50.81 -51.20
CA HIS UA 16 21.52 52.00 -50.37
C HIS UA 16 20.80 53.22 -50.94
N GLY UA 17 20.88 53.41 -52.26
CA GLY UA 17 20.21 54.57 -52.86
C GLY UA 17 18.71 54.58 -52.65
N TYR UA 18 18.07 53.42 -52.81
CA TYR UA 18 16.64 53.31 -52.56
C TYR UA 18 16.31 53.45 -51.08
N MET UA 19 17.10 52.81 -50.22
CA MET UA 19 16.90 52.91 -48.77
C MET UA 19 16.93 54.36 -48.29
N VAL UA 20 17.91 55.13 -48.75
CA VAL UA 20 17.96 56.57 -48.45
C VAL UA 20 16.72 57.28 -48.97
N THR UA 21 16.36 57.05 -50.24
CA THR UA 21 15.21 57.72 -50.83
C THR UA 21 13.93 57.44 -50.05
N GLY UA 22 13.66 56.16 -49.77
CA GLY UA 22 12.49 55.81 -48.97
C GLY UA 22 12.51 56.42 -47.58
N THR UA 23 13.66 56.37 -46.90
CA THR UA 23 13.78 56.97 -45.58
C THR UA 23 13.50 58.47 -45.59
N LEU UA 24 14.07 59.19 -46.56
CA LEU UA 24 13.79 60.63 -46.66
C LEU UA 24 12.33 60.89 -47.02
N GLY UA 25 11.74 60.06 -47.88
CA GLY UA 25 10.33 60.22 -48.19
C GLY UA 25 9.44 60.03 -46.98
N TYR UA 26 9.68 58.95 -46.23
CA TYR UA 26 8.93 58.68 -45.01
C TYR UA 26 9.04 59.82 -44.00
N VAL UA 27 10.25 60.36 -43.84
CA VAL UA 27 10.47 61.49 -42.92
C VAL UA 27 9.76 62.76 -43.40
N VAL UA 28 9.74 62.98 -44.71
CA VAL UA 28 9.01 64.13 -45.26
C VAL UA 28 7.51 64.02 -44.97
N VAL UA 29 6.91 62.87 -45.25
CA VAL UA 29 5.49 62.68 -44.97
C VAL UA 29 5.20 62.82 -43.48
N ALA UA 30 6.04 62.24 -42.63
CA ALA UA 30 5.90 62.43 -41.19
C ALA UA 30 6.07 63.88 -40.76
N SER UA 31 6.94 64.63 -41.43
CA SER UA 31 7.10 66.05 -41.11
C SER UA 31 5.84 66.84 -41.40
N VAL UA 32 5.16 66.55 -42.51
CA VAL UA 32 3.86 67.16 -42.79
C VAL UA 32 2.84 66.78 -41.72
N ALA UA 33 2.79 65.49 -41.37
CA ALA UA 33 1.88 65.03 -40.32
C ALA UA 33 2.07 65.78 -39.01
N HIS UA 34 3.32 66.00 -38.59
CA HIS UA 34 3.56 66.74 -37.35
C HIS UA 34 3.22 68.22 -37.48
N PHE UA 35 3.44 68.82 -38.65
CA PHE UA 35 3.01 70.20 -38.85
C PHE UA 35 1.50 70.33 -38.74
N LEU UA 36 0.75 69.40 -39.32
CA LEU UA 36 -0.70 69.37 -39.15
C LEU UA 36 -1.11 69.12 -37.71
N ALA UA 37 -0.48 68.14 -37.06
CA ALA UA 37 -0.80 67.86 -35.67
C ALA UA 37 -0.54 69.06 -34.76
N TRP UA 38 0.58 69.76 -34.97
CA TRP UA 38 0.86 70.95 -34.17
C TRP UA 38 -0.14 72.06 -34.44
N SER UA 39 -0.53 72.25 -35.71
CA SER UA 39 -1.55 73.23 -36.02
C SER UA 39 -2.88 72.91 -35.36
N TRP UA 40 -3.19 71.62 -35.21
CA TRP UA 40 -4.44 71.19 -34.61
C TRP UA 40 -4.40 71.24 -33.08
N ARG UA 41 -3.40 70.59 -32.46
CA ARG UA 41 -3.29 70.57 -31.00
C ARG UA 41 -1.82 70.65 -30.59
N PRO UA 42 -1.30 71.87 -30.37
CA PRO UA 42 0.08 72.01 -29.89
C PRO UA 42 0.29 71.28 -28.58
N TRP UA 43 1.43 70.60 -28.45
CA TRP UA 43 1.68 69.76 -27.29
C TRP UA 43 2.68 70.33 -26.28
N PHE UA 44 3.43 71.37 -26.63
CA PHE UA 44 4.17 72.13 -25.62
C PHE UA 44 3.50 73.47 -25.36
N GLY VA 6 38.48 37.33 -37.66
CA GLY VA 6 37.65 38.51 -37.59
C GLY VA 6 38.15 39.68 -38.43
N MET VA 7 37.57 40.85 -38.20
CA MET VA 7 37.85 42.05 -38.99
C MET VA 7 39.35 42.39 -38.97
N THR VA 8 39.87 42.80 -40.13
CA THR VA 8 41.28 43.12 -40.28
C THR VA 8 41.58 44.58 -39.93
N GLU VA 9 42.88 44.89 -39.85
CA GLU VA 9 43.34 46.20 -39.41
C GLU VA 9 42.92 47.33 -40.35
N GLU VA 10 42.85 47.07 -41.66
CA GLU VA 10 42.39 48.10 -42.59
C GLU VA 10 40.87 48.24 -42.58
N GLU VA 11 40.16 47.13 -42.42
CA GLU VA 11 38.71 47.19 -42.27
C GLU VA 11 38.33 47.89 -40.98
N ALA VA 12 39.07 47.62 -39.90
CA ALA VA 12 38.87 48.33 -38.63
C ALA VA 12 39.11 49.83 -38.78
N ARG VA 13 40.12 50.24 -39.56
CA ARG VA 13 40.33 51.67 -39.80
C ARG VA 13 39.12 52.31 -40.48
N ARG VA 14 38.56 51.63 -41.47
CA ARG VA 14 37.39 52.15 -42.17
C ARG VA 14 36.16 52.17 -41.27
N PHE VA 15 35.95 51.10 -40.51
CA PHE VA 15 34.91 51.05 -39.48
C PHE VA 15 35.02 52.22 -38.49
N HIS VA 16 36.22 52.46 -37.98
CA HIS VA 16 36.42 53.49 -36.96
C HIS VA 16 36.02 54.88 -37.43
N GLY VA 17 36.30 55.21 -38.69
CA GLY VA 17 35.90 56.51 -39.22
C GLY VA 17 34.41 56.75 -39.15
N TYR VA 18 33.62 55.78 -39.61
CA TYR VA 18 32.17 55.90 -39.54
C TYR VA 18 31.68 55.89 -38.10
N MET VA 19 32.20 54.99 -37.26
CA MET VA 19 31.78 54.91 -35.87
C MET VA 19 31.97 56.23 -35.13
N VAL VA 20 33.12 56.90 -35.33
CA VAL VA 20 33.32 58.23 -34.76
C VAL VA 20 32.34 59.24 -35.36
N THR VA 21 32.11 59.17 -36.67
CA THR VA 21 31.18 60.09 -37.32
C THR VA 21 29.76 59.94 -36.75
N GLY VA 22 29.30 58.70 -36.63
CA GLY VA 22 27.99 58.46 -36.03
C GLY VA 22 27.90 58.91 -34.60
N THR VA 23 28.91 58.57 -33.79
CA THR VA 23 28.93 58.98 -32.39
C THR VA 23 28.88 60.50 -32.23
N LEU VA 24 29.69 61.23 -32.99
CA LEU VA 24 29.68 62.69 -32.89
C LEU VA 24 28.37 63.28 -33.38
N GLY VA 25 27.80 62.74 -34.46
CA GLY VA 25 26.50 63.19 -34.91
C GLY VA 25 25.40 62.95 -33.88
N TYR VA 26 25.41 61.77 -33.26
CA TYR VA 26 24.41 61.45 -32.24
C TYR VA 26 24.51 62.41 -31.06
N VAL VA 27 25.74 62.65 -30.57
CA VAL VA 27 25.96 63.57 -29.46
C VAL VA 27 25.53 64.99 -29.83
N VAL VA 28 25.81 65.42 -31.06
CA VAL VA 28 25.41 66.77 -31.48
C VAL VA 28 23.89 66.94 -31.44
N VAL VA 29 23.15 65.99 -32.02
CA VAL VA 29 21.69 66.08 -32.00
C VAL VA 29 21.17 66.08 -30.56
N ALA VA 30 21.70 65.19 -29.72
CA ALA VA 30 21.30 65.15 -28.32
C ALA VA 30 21.63 66.46 -27.61
N SER VA 31 22.76 67.08 -27.95
CA SER VA 31 23.09 68.39 -27.39
C SER VA 31 22.02 69.43 -27.72
N VAL VA 32 21.53 69.44 -28.96
CA VAL VA 32 20.45 70.34 -29.33
C VAL VA 32 19.17 70.02 -28.55
N ALA VA 33 18.84 68.73 -28.45
CA ALA VA 33 17.67 68.30 -27.68
C ALA VA 33 17.71 68.80 -26.24
N HIS VA 34 18.87 68.72 -25.60
CA HIS VA 34 18.98 69.20 -24.22
C HIS VA 34 18.92 70.72 -24.13
N PHE VA 35 19.48 71.43 -25.11
CA PHE VA 35 19.34 72.88 -25.13
C PHE VA 35 17.88 73.29 -25.24
N LEU VA 36 17.12 72.61 -26.10
CA LEU VA 36 15.68 72.85 -26.20
C LEU VA 36 14.96 72.50 -24.90
N ALA VA 37 15.19 71.29 -24.39
CA ALA VA 37 14.56 70.89 -23.13
C ALA VA 37 14.88 71.85 -22.01
N TRP VA 38 16.14 72.30 -21.91
CA TRP VA 38 16.53 73.23 -20.86
C TRP VA 38 15.77 74.56 -20.99
N SER VA 39 15.58 75.03 -22.22
CA SER VA 39 14.80 76.25 -22.44
C SER VA 39 13.33 76.05 -22.07
N TRP VA 40 12.79 74.86 -22.32
CA TRP VA 40 11.39 74.59 -22.03
C TRP VA 40 11.13 74.32 -20.55
N ARG VA 41 11.90 73.43 -19.93
CA ARG VA 41 11.75 73.13 -18.51
C ARG VA 41 13.12 72.89 -17.89
N PRO VA 42 13.80 73.93 -17.42
CA PRO VA 42 15.11 73.73 -16.79
C PRO VA 42 14.98 72.90 -15.52
N TRP VA 43 15.96 72.04 -15.29
CA TRP VA 43 15.83 71.01 -14.26
C TRP VA 43 16.71 71.22 -13.03
N PHE VA 44 17.57 72.24 -13.02
CA PHE VA 44 18.21 72.68 -11.78
C PHE VA 44 17.64 74.03 -11.35
N ALA WA 15 7.26 27.48 6.89
CA ALA WA 15 7.01 26.08 6.57
C ALA WA 15 7.12 25.19 7.80
N ALA WA 16 7.52 25.77 8.92
CA ALA WA 16 7.54 25.05 10.20
C ALA WA 16 6.12 24.71 10.63
N THR WA 17 5.99 23.55 11.29
CA THR WA 17 4.70 23.06 11.77
C THR WA 17 4.69 23.05 13.30
N ASP WA 18 3.72 23.75 13.88
CA ASP WA 18 3.46 23.66 15.32
C ASP WA 18 2.62 22.44 15.62
N THR WA 19 2.93 21.77 16.74
CA THR WA 19 2.13 20.64 17.18
C THR WA 19 1.75 20.80 18.65
N VAL WA 20 0.57 20.28 18.99
CA VAL WA 20 0.10 20.20 20.37
C VAL WA 20 -0.23 18.75 20.67
N GLN WA 21 0.36 18.21 21.73
CA GLN WA 21 0.02 16.87 22.17
C GLN WA 21 -1.24 16.91 23.03
N VAL WA 22 -2.23 16.09 22.69
CA VAL WA 22 -3.50 16.06 23.40
C VAL WA 22 -3.84 14.69 23.95
N GLY WA 23 -2.97 13.70 23.76
CA GLY WA 23 -3.13 12.42 24.42
C GLY WA 23 -1.84 11.82 24.92
N TYR WA 24 -1.89 10.56 25.33
CA TYR WA 24 -0.74 9.87 25.88
C TYR WA 24 0.37 9.71 24.85
N ARG WA 25 1.62 9.77 25.32
CA ARG WA 25 2.82 9.32 24.61
C ARG WA 25 2.54 8.24 23.57
N GLY WA 26 3.04 8.44 22.35
CA GLY WA 26 3.04 7.36 21.38
C GLY WA 26 1.70 7.00 20.77
N THR WA 27 0.61 7.62 21.22
CA THR WA 27 -0.69 7.36 20.64
C THR WA 27 -0.97 8.19 19.40
N ALA WA 28 -0.11 9.16 19.08
CA ALA WA 28 -0.30 10.09 17.97
C ALA WA 28 -1.60 10.89 18.06
N MET WA 29 -2.04 11.23 19.27
CA MET WA 29 -3.17 12.14 19.45
C MET WA 29 -2.60 13.55 19.55
N GLU WA 30 -2.52 14.22 18.40
CA GLU WA 30 -1.76 15.45 18.22
C GLU WA 30 -2.49 16.36 17.26
N GLN WA 31 -2.41 17.67 17.51
CA GLN WA 31 -2.89 18.67 16.57
C GLN WA 31 -1.69 19.30 15.86
N ASN WA 32 -1.80 19.50 14.55
CA ASN WA 32 -0.74 20.09 13.76
C ASN WA 32 -1.24 21.38 13.09
N TYR WA 33 -0.41 22.42 13.14
CA TYR WA 33 -0.72 23.69 12.52
C TYR WA 33 0.44 24.19 11.67
N ASP WA 34 0.14 24.64 10.46
CA ASP WA 34 1.10 25.38 9.66
C ASP WA 34 1.34 26.74 10.33
N HIS WA 35 2.59 26.97 10.75
CA HIS WA 35 2.89 28.08 11.65
C HIS WA 35 2.60 29.43 11.00
N GLY WA 36 2.99 29.59 9.73
CA GLY WA 36 2.66 30.81 9.02
C GLY WA 36 1.16 31.04 8.85
N ASP WA 37 0.44 30.02 8.39
CA ASP WA 37 -1.01 30.12 8.25
C ASP WA 37 -1.70 30.48 9.56
N LEU WA 38 -1.27 29.89 10.67
CA LEU WA 38 -1.88 30.19 11.96
C LEU WA 38 -1.59 31.61 12.44
N LYS WA 39 -0.36 32.10 12.27
CA LYS WA 39 -0.05 33.48 12.67
C LYS WA 39 -0.88 34.51 11.90
N THR WA 40 -1.07 34.32 10.60
CA THR WA 40 -1.94 35.26 9.87
C THR WA 40 -3.38 35.20 10.34
N LYS WA 41 -3.93 34.00 10.59
CA LYS WA 41 -5.26 33.90 11.18
C LYS WA 41 -5.34 34.59 12.54
N PHE WA 42 -4.35 34.37 13.39
CA PHE WA 42 -4.39 34.94 14.75
C PHE WA 42 -4.26 36.46 14.74
N ALA WA 43 -3.32 36.99 13.96
CA ALA WA 43 -3.21 38.45 13.84
C ALA WA 43 -4.46 39.06 13.21
N GLN WA 44 -5.08 38.37 12.26
CA GLN WA 44 -6.35 38.80 11.67
C GLN WA 44 -7.50 38.85 12.68
N VAL WA 45 -7.39 38.17 13.82
CA VAL WA 45 -8.34 38.37 14.91
C VAL WA 45 -7.93 39.53 15.82
N LYS WA 46 -6.69 39.51 16.29
CA LYS WA 46 -6.17 40.56 17.17
C LYS WA 46 -6.44 41.97 16.64
N LEU WA 47 -6.01 42.23 15.41
CA LEU WA 47 -6.08 43.59 14.89
C LEU WA 47 -7.49 44.17 14.85
N PRO WA 48 -8.51 43.44 14.38
CA PRO WA 48 -9.90 43.96 14.45
C PRO WA 48 -10.60 43.86 15.81
N GLN WA 49 -10.08 43.11 16.78
CA GLN WA 49 -10.78 42.86 18.05
C GLN WA 49 -11.24 44.14 18.76
N SER WA 50 -12.56 44.29 18.87
CA SER WA 50 -13.20 45.52 19.36
C SER WA 50 -13.03 45.72 20.87
N PRO WA 51 -12.51 46.86 21.31
CA PRO WA 51 -12.26 47.10 22.75
C PRO WA 51 -13.50 47.61 23.49
N PRO WA 52 -13.64 47.27 24.78
CA PRO WA 52 -14.86 47.59 25.55
C PRO WA 52 -14.82 48.96 26.24
N PRO WA 53 -15.97 49.61 26.42
CA PRO WA 53 -16.08 50.73 27.36
C PRO WA 53 -15.92 50.32 28.82
N ALA WA 54 -15.58 51.32 29.66
CA ALA WA 54 -15.10 51.07 31.02
C ALA WA 54 -16.17 50.71 32.07
N GLY WA 55 -17.42 51.17 31.92
CA GLY WA 55 -18.45 50.89 32.93
C GLY WA 55 -18.45 51.73 34.20
N GLU WA 56 -19.63 51.99 34.78
CA GLU WA 56 -19.79 52.91 35.91
C GLU WA 56 -21.11 52.63 36.63
N SER WA 57 -21.25 53.22 37.84
CA SER WA 57 -22.19 52.74 38.87
C SER WA 57 -23.07 53.86 39.46
N PRO WA 58 -24.08 54.32 38.73
CA PRO WA 58 -25.02 55.34 39.28
C PRO WA 58 -26.16 54.73 40.08
N PRO WA 59 -26.92 55.58 40.84
CA PRO WA 59 -28.27 55.21 41.31
C PRO WA 59 -29.41 55.63 40.38
N GLY WA 60 -30.66 55.39 40.79
CA GLY WA 60 -31.84 55.96 40.15
C GLY WA 60 -32.71 55.02 39.33
N PRO WA 61 -34.01 55.34 39.22
CA PRO WA 61 -34.97 54.44 38.57
C PRO WA 61 -35.04 54.58 37.05
N LEU WA 62 -35.38 53.45 36.41
CA LEU WA 62 -35.26 53.29 34.96
C LEU WA 62 -36.34 54.02 34.17
N PRO WA 63 -35.97 54.85 33.20
CA PRO WA 63 -36.93 55.67 32.45
C PRO WA 63 -37.58 54.98 31.25
N TRP WA 64 -37.20 53.74 30.94
CA TRP WA 64 -37.44 53.16 29.62
C TRP WA 64 -38.91 52.93 29.33
N LYS WA 65 -39.30 53.20 28.07
CA LYS WA 65 -40.68 53.06 27.61
C LYS WA 65 -41.01 51.70 27.01
N ASN WA 66 -40.02 50.99 26.47
CA ASN WA 66 -40.28 49.75 25.73
C ASN WA 66 -39.05 48.85 25.83
N VAL WA 67 -38.57 48.65 27.05
CA VAL WA 67 -37.46 47.75 27.34
C VAL WA 67 -38.00 46.54 28.07
N GLN WA 68 -37.74 45.35 27.54
CA GLN WA 68 -38.39 44.12 27.96
C GLN WA 68 -37.42 43.03 28.38
N VAL WA 69 -36.15 43.13 28.01
CA VAL WA 69 -35.13 42.17 28.36
C VAL WA 69 -34.13 42.77 29.34
N LEU WA 70 -33.59 43.94 29.00
CA LEU WA 70 -32.58 44.62 29.81
C LEU WA 70 -33.17 45.39 30.99
N ASN WA 71 -34.15 44.78 31.67
CA ASN WA 71 -34.83 45.41 32.80
C ASN WA 71 -33.91 45.59 34.00
N ASP WA 72 -32.86 44.78 34.11
CA ASP WA 72 -32.20 44.48 35.37
C ASP WA 72 -30.85 45.17 35.52
N ILE WA 73 -30.45 46.00 34.54
CA ILE WA 73 -29.18 46.70 34.56
C ILE WA 73 -29.39 48.20 34.72
N SER WA 74 -28.43 48.85 35.36
CA SER WA 74 -28.42 50.29 35.53
C SER WA 74 -28.47 51.02 34.18
N ILE WA 75 -28.85 52.29 34.25
CA ILE WA 75 -29.02 53.11 33.05
C ILE WA 75 -27.69 53.32 32.33
N ALA WA 76 -26.61 53.51 33.09
CA ALA WA 76 -25.29 53.61 32.48
C ALA WA 76 -24.87 52.31 31.81
N GLU WA 77 -25.12 51.18 32.47
CA GLU WA 77 -24.78 49.88 31.89
C GLU WA 77 -25.60 49.60 30.64
N PHE WA 78 -26.86 50.06 30.62
CA PHE WA 78 -27.70 49.95 29.44
C PHE WA 78 -27.12 50.72 28.25
N ASN WA 79 -26.75 51.98 28.45
CA ASN WA 79 -26.20 52.77 27.36
C ASN WA 79 -24.87 52.21 26.89
N ARG WA 80 -24.05 51.73 27.83
CA ARG WA 80 -22.81 51.04 27.51
C ARG WA 80 -23.07 49.80 26.65
N THR WA 81 -24.10 49.03 26.98
CA THR WA 81 -24.48 47.86 26.18
C THR WA 81 -24.90 48.24 24.77
N MET WA 82 -25.66 49.33 24.60
CA MET WA 82 -26.08 49.75 23.27
C MET WA 82 -24.89 50.16 22.39
N ILE WA 83 -23.90 50.82 22.98
CA ILE WA 83 -22.69 51.15 22.22
C ILE WA 83 -21.99 49.87 21.76
N ALA WA 84 -21.87 48.89 22.66
CA ALA WA 84 -21.30 47.59 22.31
C ALA WA 84 -22.08 46.91 21.18
N MET WA 85 -23.40 46.81 21.33
CA MET WA 85 -24.23 46.21 20.27
C MET WA 85 -24.03 46.88 18.93
N SER WA 86 -23.91 48.22 18.90
CA SER WA 86 -23.68 48.91 17.65
C SER WA 86 -22.37 48.47 17.00
N THR WA 87 -21.27 48.53 17.75
CA THR WA 87 -19.96 48.19 17.19
C THR WA 87 -19.85 46.70 16.85
N TRP WA 88 -20.51 45.83 17.62
CA TRP WA 88 -20.43 44.39 17.36
C TRP WA 88 -21.27 43.93 16.18
N VAL WA 89 -22.42 44.55 15.92
CA VAL WA 89 -23.30 44.11 14.84
C VAL WA 89 -23.26 45.05 13.65
N ALA WA 90 -23.14 46.36 13.87
CA ALA WA 90 -23.41 47.36 12.84
C ALA WA 90 -22.25 48.31 12.57
N GLY WA 91 -21.13 48.18 13.27
CA GLY WA 91 -20.13 49.23 13.29
C GLY WA 91 -20.47 50.29 14.33
N THR WA 92 -19.45 50.94 14.88
CA THR WA 92 -19.63 51.70 16.11
C THR WA 92 -20.50 52.93 15.88
N GLY WA 93 -21.37 53.20 16.86
CA GLY WA 93 -22.25 54.36 16.85
C GLY WA 93 -23.36 54.33 15.82
N ASN WA 94 -23.59 53.19 15.18
CA ASN WA 94 -24.59 53.05 14.12
C ASN WA 94 -25.98 52.72 14.68
N CYS WA 95 -26.45 53.57 15.59
CA CYS WA 95 -27.76 53.32 16.21
C CYS WA 95 -28.89 53.29 15.20
N ALA WA 96 -28.71 53.95 14.06
CA ALA WA 96 -29.70 53.92 12.98
C ALA WA 96 -29.91 52.54 12.36
N TYR WA 97 -28.98 51.59 12.58
CA TYR WA 97 -29.20 50.25 12.07
C TYR WA 97 -30.43 49.59 12.69
N CYS WA 98 -30.63 49.77 13.99
CA CYS WA 98 -31.78 49.19 14.67
C CYS WA 98 -32.93 50.16 14.89
N HIS WA 99 -32.64 51.44 15.10
CA HIS WA 99 -33.63 52.35 15.66
C HIS WA 99 -34.16 53.35 14.64
N ASN WA 100 -35.39 53.80 14.89
CA ASN WA 100 -35.86 55.12 14.48
C ASN WA 100 -35.26 56.09 15.48
N VAL WA 101 -34.12 56.70 15.12
CA VAL WA 101 -33.27 57.36 16.10
C VAL WA 101 -33.95 58.55 16.77
N ALA WA 102 -34.99 59.10 16.15
CA ALA WA 102 -35.82 60.10 16.83
C ALA WA 102 -36.61 59.51 17.99
N ALA WA 103 -36.92 58.20 17.96
CA ALA WA 103 -37.76 57.56 18.99
C ALA WA 103 -37.26 56.13 19.24
N PHE WA 104 -36.21 56.02 20.06
CA PHE WA 104 -35.59 54.73 20.34
C PHE WA 104 -36.58 53.68 20.82
N GLN WA 105 -37.63 54.09 21.55
CA GLN WA 105 -38.63 53.14 22.01
C GLN WA 105 -39.45 52.52 20.88
N ASP WA 106 -39.54 53.17 19.71
CA ASP WA 106 -40.29 52.60 18.60
C ASP WA 106 -39.74 51.24 18.17
N ASP WA 107 -40.67 50.35 17.81
CA ASP WA 107 -40.38 49.12 17.09
C ASP WA 107 -40.81 49.20 15.63
N THR WA 108 -41.21 50.38 15.16
CA THR WA 108 -41.59 50.60 13.77
C THR WA 108 -40.97 51.89 13.24
N LEU WA 109 -40.83 51.94 11.93
CA LEU WA 109 -40.46 53.17 11.23
C LEU WA 109 -41.58 54.19 11.34
N PRO WA 110 -41.29 55.46 11.02
CA PRO WA 110 -42.40 56.43 10.83
C PRO WA 110 -43.45 55.97 9.83
N ASN WA 111 -43.05 55.25 8.79
CA ASN WA 111 -43.97 54.62 7.85
C ASN WA 111 -44.84 53.54 8.45
N GLY WA 112 -44.66 53.22 9.73
CA GLY WA 112 -45.41 52.14 10.36
C GLY WA 112 -44.86 50.74 10.08
N LYS WA 113 -44.05 50.60 9.05
CA LYS WA 113 -43.40 49.34 8.73
C LYS WA 113 -42.43 48.96 9.85
N PRO WA 114 -42.42 47.69 10.29
CA PRO WA 114 -41.66 47.33 11.49
C PRO WA 114 -40.15 47.38 11.29
N LEU WA 115 -39.46 47.76 12.37
CA LEU WA 115 -38.00 47.73 12.45
C LEU WA 115 -37.53 46.31 12.75
N TYR WA 116 -37.43 45.51 11.69
CA TYR WA 116 -37.20 44.08 11.85
C TYR WA 116 -35.91 43.79 12.62
N THR WA 117 -34.86 44.57 12.35
CA THR WA 117 -33.59 44.37 13.05
C THR WA 117 -33.72 44.56 14.57
N LYS WA 118 -34.46 45.58 15.01
CA LYS WA 118 -34.64 45.77 16.45
C LYS WA 118 -35.38 44.60 17.09
N ILE WA 119 -36.43 44.09 16.46
CA ILE WA 119 -37.18 42.99 17.06
C ILE WA 119 -36.40 41.67 16.98
N VAL WA 120 -35.53 41.51 15.97
CA VAL WA 120 -34.56 40.42 16.00
C VAL WA 120 -33.56 40.62 17.13
N ALA WA 121 -32.98 41.81 17.24
CA ALA WA 121 -31.96 42.07 18.25
C ALA WA 121 -32.49 41.83 19.67
N ARG WA 122 -33.76 42.12 19.93
CA ARG WA 122 -34.34 41.79 21.22
C ARG WA 122 -34.35 40.28 21.46
N ARG WA 123 -34.63 39.50 20.41
CA ARG WA 123 -34.57 38.05 20.53
C ARG WA 123 -33.13 37.56 20.68
N MET WA 124 -32.17 38.21 20.00
CA MET WA 124 -30.77 37.84 20.11
C MET WA 124 -30.20 38.13 21.49
N LEU WA 125 -30.71 39.13 22.19
CA LEU WA 125 -30.35 39.33 23.59
C LEU WA 125 -30.82 38.17 24.46
N GLN WA 126 -32.08 37.76 24.32
CA GLN WA 126 -32.59 36.61 25.06
C GLN WA 126 -31.81 35.35 24.73
N MET WA 127 -31.50 35.15 23.45
CA MET WA 127 -30.70 34.00 23.03
C MET WA 127 -29.32 34.01 23.67
N THR WA 128 -28.64 35.16 23.67
CA THR WA 128 -27.32 35.26 24.27
C THR WA 128 -27.35 34.98 25.77
N ARG WA 129 -28.32 35.56 26.48
CA ARG WA 129 -28.50 35.25 27.89
C ARG WA 129 -28.75 33.76 28.10
N ASN WA 130 -29.58 33.16 27.25
CA ASN WA 130 -29.85 31.73 27.34
C ASN WA 130 -28.61 30.88 27.08
N ILE WA 131 -27.79 31.26 26.10
CA ILE WA 131 -26.50 30.59 25.88
C ILE WA 131 -25.62 30.71 27.11
N ASN WA 132 -25.33 31.95 27.53
CA ASN WA 132 -24.39 32.17 28.63
C ASN WA 132 -24.90 31.61 29.96
N GLY WA 133 -26.21 31.56 30.15
CA GLY WA 133 -26.78 31.02 31.37
C GLY WA 133 -26.94 29.51 31.39
N ASN WA 134 -27.74 28.98 30.48
CA ASN WA 134 -28.12 27.56 30.54
C ASN WA 134 -27.08 26.61 29.93
N TYR WA 135 -26.17 27.11 29.10
CA TYR WA 135 -25.17 26.27 28.45
C TYR WA 135 -23.74 26.57 28.91
N SER WA 136 -23.58 26.93 30.19
CA SER WA 136 -22.27 27.13 30.77
C SER WA 136 -21.41 25.86 30.77
N GLN WA 137 -22.02 24.68 30.71
CA GLN WA 137 -21.22 23.47 30.48
C GLN WA 137 -20.49 23.49 29.15
N HIS WA 138 -20.98 24.28 28.17
CA HIS WA 138 -20.23 24.47 26.94
C HIS WA 138 -19.34 25.71 27.00
N VAL WA 139 -19.93 26.89 27.19
CA VAL WA 139 -19.19 28.14 27.03
C VAL WA 139 -18.44 28.57 28.28
N LYS WA 140 -18.69 27.93 29.42
CA LYS WA 140 -17.93 28.09 30.68
C LYS WA 140 -17.80 29.58 31.02
N ASN WA 141 -16.60 30.08 31.32
CA ASN WA 141 -16.40 31.49 31.64
C ASN WA 141 -15.85 32.32 30.49
N THR WA 142 -15.64 31.72 29.31
CA THR WA 142 -15.42 32.54 28.12
C THR WA 142 -16.71 33.24 27.72
N GLY WA 143 -17.81 32.51 27.66
CA GLY WA 143 -19.09 33.04 27.21
C GLY WA 143 -19.11 33.57 25.80
N VAL WA 144 -20.29 34.02 25.37
CA VAL WA 144 -20.47 34.61 24.04
C VAL WA 144 -20.99 36.03 24.19
N THR WA 145 -20.62 36.86 23.22
CA THR WA 145 -21.27 38.13 22.97
C THR WA 145 -21.72 38.16 21.51
N CYS WA 146 -22.48 39.20 21.16
CA CYS WA 146 -22.85 39.40 19.77
C CYS WA 146 -21.65 39.33 18.84
N TYR WA 147 -20.50 39.80 19.31
CA TYR WA 147 -19.29 39.78 18.49
C TYR WA 147 -18.87 38.36 18.08
N THR WA 148 -19.20 37.36 18.90
CA THR WA 148 -18.74 35.99 18.63
C THR WA 148 -19.20 35.51 17.26
N CYS WA 149 -20.48 35.69 16.95
CA CYS WA 149 -21.04 35.35 15.66
C CYS WA 149 -20.90 36.48 14.64
N HIS WA 150 -21.34 37.68 15.03
CA HIS WA 150 -21.48 38.77 14.07
C HIS WA 150 -20.13 39.34 13.65
N MET WA 151 -19.18 39.43 14.59
CA MET WA 151 -17.82 39.92 14.34
C MET WA 151 -17.81 41.26 13.60
N GLY WA 152 -18.75 42.14 13.96
CA GLY WA 152 -18.81 43.46 13.35
C GLY WA 152 -19.67 43.59 12.12
N LYS WA 153 -20.43 42.55 11.76
CA LYS WA 153 -21.19 42.54 10.52
C LYS WA 153 -22.58 42.00 10.80
N PRO WA 154 -23.57 42.41 10.02
CA PRO WA 154 -24.94 41.89 10.22
C PRO WA 154 -25.09 40.39 10.05
N LEU WA 155 -24.33 39.75 9.16
CA LEU WA 155 -24.47 38.32 8.93
C LEU WA 155 -23.33 37.53 9.54
N PRO WA 156 -23.62 36.58 10.43
CA PRO WA 156 -22.59 35.61 10.86
C PRO WA 156 -22.21 34.67 9.74
N ASN WA 157 -21.14 33.91 9.99
CA ASN WA 157 -20.72 32.84 9.09
C ASN WA 157 -21.47 31.55 9.37
N GLY WA 158 -21.47 30.67 8.39
CA GLY WA 158 -22.03 29.33 8.56
C GLY WA 158 -23.54 29.27 8.64
N LEU WA 159 -24.24 30.25 8.07
CA LEU WA 159 -25.69 30.18 7.98
C LEU WA 159 -26.10 29.01 7.08
N TRP WA 160 -27.15 28.30 7.46
CA TRP WA 160 -27.62 27.18 6.67
C TRP WA 160 -29.15 27.13 6.65
N PHE WA 161 -29.66 26.52 5.58
CA PHE WA 161 -31.09 26.42 5.30
C PHE WA 161 -31.43 24.98 4.95
N TYR WA 162 -32.73 24.66 5.00
CA TYR WA 162 -33.19 23.39 4.47
C TYR WA 162 -32.74 23.19 3.04
N SER WA 163 -32.36 21.94 2.72
CA SER WA 163 -31.98 21.59 1.35
C SER WA 163 -32.40 20.18 1.00
N SER WA 164 -31.85 19.19 1.69
CA SER WA 164 -32.22 17.79 1.50
C SER WA 164 -32.45 17.12 2.84
N GLN WA 165 -33.22 16.04 2.80
CA GLN WA 165 -33.55 15.29 4.02
C GLN WA 165 -32.30 14.79 4.74
N THR WA 166 -31.32 14.28 4.01
CA THR WA 166 -30.14 13.63 4.59
C THR WA 166 -29.01 14.60 4.92
N ASP WA 167 -29.23 15.91 4.74
CA ASP WA 167 -28.29 16.93 5.17
C ASP WA 167 -27.91 16.74 6.64
N TYR WA 168 -26.61 16.64 6.92
CA TYR WA 168 -26.18 16.34 8.29
C TYR WA 168 -26.31 17.54 9.24
N LEU WA 169 -26.44 18.76 8.72
CA LEU WA 169 -26.62 19.91 9.60
C LEU WA 169 -27.93 19.85 10.38
N ARG WA 170 -28.86 18.98 10.01
CA ARG WA 170 -30.08 18.79 10.79
C ARG WA 170 -29.83 18.06 12.11
N HIS WA 171 -28.62 17.54 12.32
CA HIS WA 171 -28.20 17.13 13.65
C HIS WA 171 -28.22 18.29 14.64
N TYR WA 172 -28.13 19.52 14.16
CA TYR WA 172 -28.18 20.72 14.99
C TYR WA 172 -29.58 21.31 15.09
N LEU WA 173 -30.60 20.60 14.62
CA LEU WA 173 -31.96 21.09 14.69
C LEU WA 173 -32.88 19.97 15.18
N ASP WA 174 -33.46 19.20 14.27
CA ASP WA 174 -34.58 18.33 14.59
C ASP WA 174 -34.22 16.84 14.63
N ARG WA 175 -32.96 16.46 14.39
CA ARG WA 175 -32.51 15.08 14.56
C ARG WA 175 -31.92 14.85 15.95
N ASP WA 176 -31.66 13.57 16.28
CA ASP WA 176 -30.98 13.28 17.54
C ASP WA 176 -29.84 12.25 17.48
N GLY WA 177 -30.10 11.02 17.05
CA GLY WA 177 -29.08 9.98 17.18
C GLY WA 177 -27.94 10.12 16.17
N ALA WA 178 -26.70 9.96 16.64
CA ALA WA 178 -25.56 9.75 15.76
C ALA WA 178 -24.75 8.47 16.01
N ARG WA 179 -25.03 7.71 17.07
CA ARG WA 179 -24.20 6.54 17.38
C ARG WA 179 -24.42 5.41 16.40
N VAL WA 180 -23.36 4.63 16.15
CA VAL WA 180 -23.39 3.52 15.20
C VAL WA 180 -22.62 2.30 15.72
N ILE WA 181 -21.75 2.50 16.71
CA ILE WA 181 -20.88 1.43 17.20
C ILE WA 181 -21.62 0.61 18.25
N THR WA 182 -21.42 -0.71 18.19
CA THR WA 182 -21.98 -1.64 19.18
C THR WA 182 -21.14 -1.64 20.45
N GLN WA 183 -21.81 -1.57 21.60
CA GLN WA 183 -21.13 -1.60 22.90
C GLN WA 183 -21.06 -3.02 23.46
N GLY WA 184 -20.75 -3.99 22.61
CA GLY WA 184 -20.58 -5.38 22.97
C GLY WA 184 -19.80 -6.08 21.89
N VAL WA 185 -19.33 -7.29 22.21
CA VAL WA 185 -18.55 -8.06 21.24
C VAL WA 185 -19.44 -8.61 20.12
N ALA WA 186 -20.52 -9.29 20.48
CA ALA WA 186 -21.33 -9.96 19.47
C ALA WA 186 -22.36 -9.03 18.85
N PRO WA 187 -22.81 -9.32 17.62
CA PRO WA 187 -23.95 -8.59 17.06
C PRO WA 187 -25.21 -8.81 17.88
N SER WA 188 -26.10 -7.82 17.85
CA SER WA 188 -27.31 -7.82 18.65
C SER WA 188 -28.37 -7.01 17.93
N ASN WA 189 -29.63 -7.24 18.32
CA ASN WA 189 -30.74 -6.40 17.87
C ASN WA 189 -30.66 -4.97 18.42
N ALA WA 190 -29.88 -4.73 19.46
CA ALA WA 190 -29.73 -3.38 19.99
C ALA WA 190 -29.17 -2.42 18.94
N ASN WA 191 -28.24 -2.89 18.10
CA ASN WA 191 -27.60 -2.02 17.10
C ASN WA 191 -27.72 -2.65 15.72
N ARG WA 192 -28.57 -2.06 14.88
CA ARG WA 192 -28.73 -2.45 13.48
C ARG WA 192 -28.26 -1.34 12.54
N SER WA 193 -27.32 -0.51 12.98
CA SER WA 193 -26.81 0.58 12.16
C SER WA 193 -26.20 0.08 10.86
N SER WA 194 -26.50 0.79 9.77
CA SER WA 194 -25.89 0.56 8.48
C SER WA 194 -24.50 1.19 8.38
N THR WA 195 -23.66 0.59 7.52
CA THR WA 195 -22.42 1.23 7.10
C THR WA 195 -22.65 2.59 6.47
N LYS WA 196 -23.78 2.77 5.78
CA LYS WA 196 -24.16 4.09 5.29
C LYS WA 196 -24.38 5.09 6.41
N GLN WA 197 -24.92 4.64 7.55
CA GLN WA 197 -25.07 5.53 8.70
C GLN WA 197 -23.71 5.92 9.30
N ALA WA 198 -22.76 4.99 9.31
CA ALA WA 198 -21.40 5.33 9.70
C ALA WA 198 -20.75 6.32 8.74
N GLU WA 199 -21.04 6.19 7.43
CA GLU WA 199 -20.62 7.24 6.49
C GLU WA 199 -21.25 8.58 6.80
N TRP WA 200 -22.52 8.59 7.21
CA TRP WA 200 -23.18 9.85 7.55
C TRP WA 200 -22.59 10.51 8.79
N THR WA 201 -22.33 9.71 9.83
CA THR WA 201 -21.63 10.25 11.01
C THR WA 201 -20.24 10.74 10.66
N TYR WA 202 -19.53 10.02 9.79
CA TYR WA 202 -18.21 10.44 9.36
C TYR WA 202 -18.24 11.79 8.65
N ALA WA 203 -19.20 11.99 7.75
CA ALA WA 203 -19.38 13.29 7.11
C ALA WA 203 -19.66 14.39 8.13
N LEU WA 204 -20.58 14.13 9.07
CA LEU WA 204 -20.85 15.07 10.16
C LEU WA 204 -19.60 15.40 10.97
N MET WA 205 -18.76 14.41 11.24
CA MET WA 205 -17.59 14.62 12.09
C MET WA 205 -16.47 15.35 11.39
N ILE WA 206 -16.32 15.16 10.08
CA ILE WA 206 -15.41 16.01 9.30
C ILE WA 206 -15.82 17.47 9.39
N SER WA 207 -17.12 17.75 9.26
CA SER WA 207 -17.61 19.12 9.42
C SER WA 207 -17.29 19.72 10.79
N GLN WA 208 -17.46 18.97 11.87
CA GLN WA 208 -17.09 19.48 13.19
C GLN WA 208 -15.59 19.71 13.31
N SER WA 209 -14.77 18.80 12.77
CA SER WA 209 -13.33 18.97 12.80
C SER WA 209 -12.88 20.23 12.07
N ARG WA 210 -13.42 20.46 10.87
CA ARG WA 210 -13.11 21.68 10.12
C ARG WA 210 -13.65 22.93 10.82
N SER WA 211 -14.82 22.84 11.45
CA SER WA 211 -15.38 23.99 12.15
C SER WA 211 -14.48 24.51 13.25
N LEU WA 212 -13.70 23.63 13.89
CA LEU WA 212 -12.78 24.03 14.93
C LEU WA 212 -11.33 24.14 14.46
N GLY WA 213 -11.03 23.74 13.24
CA GLY WA 213 -9.65 23.63 12.79
C GLY WA 213 -8.84 22.59 13.53
N VAL WA 214 -9.47 21.48 13.91
CA VAL WA 214 -8.80 20.39 14.60
C VAL WA 214 -8.95 19.12 13.78
N ASN WA 215 -8.32 18.04 14.22
CA ASN WA 215 -8.54 16.71 13.67
C ASN WA 215 -9.27 15.81 14.68
N CYS WA 216 -9.63 14.62 14.19
CA CYS WA 216 -10.39 13.66 15.00
C CYS WA 216 -9.77 13.35 16.36
N THR WA 217 -8.45 13.37 16.46
CA THR WA 217 -7.81 13.03 17.73
C THR WA 217 -8.01 14.09 18.80
N TYR WA 218 -8.57 15.24 18.46
CA TYR WA 218 -8.90 16.24 19.47
C TYR WA 218 -10.00 15.78 20.40
N CYS WA 219 -10.92 14.95 19.90
CA CYS WA 219 -12.02 14.45 20.70
C CYS WA 219 -12.05 12.93 20.83
N HIS WA 220 -11.18 12.20 20.15
CA HIS WA 220 -11.26 10.75 20.14
C HIS WA 220 -9.87 10.15 20.26
N ASN WA 221 -9.80 8.96 20.86
CA ASN WA 221 -8.76 8.01 20.51
C ASN WA 221 -9.36 7.13 19.42
N THR WA 222 -8.86 7.28 18.19
CA THR WA 222 -9.55 6.66 17.06
C THR WA 222 -9.46 5.14 17.03
N ARG WA 223 -8.65 4.52 17.90
CA ARG WA 223 -8.74 3.07 18.04
C ARG WA 223 -10.10 2.63 18.55
N GLN WA 224 -10.80 3.50 19.29
CA GLN WA 224 -12.20 3.26 19.65
C GLN WA 224 -12.91 4.61 19.72
N PHE WA 225 -13.56 4.99 18.61
CA PHE WA 225 -14.29 6.25 18.56
C PHE WA 225 -15.36 6.34 19.65
N ALA WA 226 -16.00 5.23 19.99
CA ALA WA 226 -17.04 5.21 21.01
C ALA WA 226 -16.52 5.42 22.43
N SER WA 227 -15.21 5.33 22.68
CA SER WA 227 -14.71 5.43 24.04
C SER WA 227 -14.73 6.87 24.53
N TRP WA 228 -15.30 7.08 25.72
CA TRP WA 228 -15.19 8.36 26.42
C TRP WA 228 -13.98 8.41 27.35
N ARG WA 229 -13.61 7.29 27.96
CA ARG WA 229 -12.45 7.24 28.84
C ARG WA 229 -11.15 7.51 28.08
N GLU WA 230 -11.01 6.96 26.89
CA GLU WA 230 -9.80 7.16 26.09
C GLU WA 230 -9.78 8.50 25.36
N ALA WA 231 -10.92 9.18 25.26
CA ALA WA 231 -11.02 10.45 24.55
C ALA WA 231 -10.57 11.61 25.45
N PRO WA 232 -10.04 12.68 24.86
CA PRO WA 232 -9.82 13.91 25.61
C PRO WA 232 -11.12 14.46 26.16
N PRO WA 233 -11.07 15.27 27.22
CA PRO WA 233 -12.29 15.85 27.79
C PRO WA 233 -13.06 16.76 26.84
N ALA WA 234 -12.40 17.30 25.81
CA ALA WA 234 -13.09 18.12 24.80
C ALA WA 234 -14.31 17.43 24.19
N ARG WA 235 -14.31 16.10 24.09
CA ARG WA 235 -15.47 15.39 23.58
C ARG WA 235 -16.73 15.68 24.40
N VAL WA 236 -16.61 15.82 25.72
CA VAL WA 236 -17.77 16.13 26.55
C VAL WA 236 -18.25 17.55 26.31
N THR WA 237 -17.33 18.50 26.19
CA THR WA 237 -17.70 19.86 25.79
C THR WA 237 -18.38 19.89 24.43
N ALA WA 238 -17.83 19.15 23.46
CA ALA WA 238 -18.43 19.06 22.13
C ALA WA 238 -19.86 18.54 22.17
N TYR WA 239 -20.14 17.52 22.98
CA TYR WA 239 -21.52 17.03 23.07
C TYR WA 239 -22.49 18.10 23.58
N HIS WA 240 -22.10 18.85 24.61
CA HIS WA 240 -22.93 19.97 25.07
C HIS WA 240 -23.10 21.04 24.00
N GLY WA 241 -22.14 21.18 23.09
CA GLY WA 241 -22.32 22.09 21.97
C GLY WA 241 -23.46 21.69 21.04
N ILE WA 242 -23.63 20.38 20.81
CA ILE WA 242 -24.74 19.90 19.99
C ILE WA 242 -26.07 20.24 20.64
N LEU WA 243 -26.20 19.95 21.94
CA LEU WA 243 -27.45 20.23 22.65
C LEU WA 243 -27.77 21.71 22.69
N MET WA 244 -26.74 22.54 22.88
CA MET WA 244 -26.89 23.99 22.80
C MET WA 244 -27.40 24.46 21.44
N LEU WA 245 -26.79 23.99 20.35
CA LEU WA 245 -27.23 24.40 19.01
C LEU WA 245 -28.68 24.00 18.73
N ARG WA 246 -29.11 22.84 19.21
CA ARG WA 246 -30.50 22.44 19.00
C ARG WA 246 -31.46 23.42 19.65
N ASP WA 247 -31.15 23.85 20.88
CA ASP WA 247 -31.96 24.87 21.54
C ASP WA 247 -31.90 26.22 20.82
N VAL WA 248 -30.68 26.65 20.47
CA VAL WA 248 -30.51 27.90 19.72
C VAL WA 248 -31.29 27.89 18.41
N ASN WA 249 -31.19 26.81 17.64
CA ASN WA 249 -31.88 26.74 16.36
C ASN WA 249 -33.39 26.56 16.54
N GLN WA 250 -33.81 25.61 17.38
CA GLN WA 250 -35.23 25.28 17.46
C GLN WA 250 -36.05 26.37 18.15
N ASN WA 251 -35.48 27.05 19.14
CA ASN WA 251 -36.24 28.00 19.94
C ASN WA 251 -35.98 29.47 19.63
N TYR WA 252 -34.85 29.82 19.04
CA TYR WA 252 -34.54 31.23 18.80
C TYR WA 252 -34.35 31.58 17.33
N LEU WA 253 -33.52 30.84 16.58
CA LEU WA 253 -33.24 31.26 15.21
C LEU WA 253 -34.35 30.85 14.24
N ALA WA 254 -34.76 29.58 14.25
CA ALA WA 254 -35.79 29.12 13.32
C ALA WA 254 -37.14 29.82 13.47
N PRO WA 255 -37.63 30.17 14.67
CA PRO WA 255 -38.93 30.86 14.74
C PRO WA 255 -38.93 32.30 14.25
N LEU WA 256 -37.79 32.88 13.93
CA LEU WA 256 -37.72 34.24 13.39
C LEU WA 256 -38.12 34.32 11.92
N GLN WA 257 -38.60 33.22 11.34
CA GLN WA 257 -39.03 33.19 9.95
C GLN WA 257 -39.99 34.31 9.53
N PRO WA 258 -41.03 34.67 10.29
CA PRO WA 258 -41.91 35.76 9.86
C PRO WA 258 -41.36 37.15 10.11
N VAL WA 259 -40.22 37.27 10.77
CA VAL WA 259 -39.65 38.57 11.12
C VAL WA 259 -38.73 39.11 10.02
N TYR WA 260 -37.93 38.24 9.36
CA TYR WA 260 -36.97 38.73 8.38
C TYR WA 260 -37.61 39.14 7.06
N PRO WA 261 -36.98 40.07 6.34
CA PRO WA 261 -37.29 40.23 4.91
C PRO WA 261 -36.93 38.98 4.12
N ALA WA 262 -37.70 38.73 3.07
CA ALA WA 262 -37.55 37.51 2.28
C ALA WA 262 -36.17 37.35 1.64
N VAL WA 263 -35.39 38.43 1.56
CA VAL WA 263 -34.00 38.32 1.10
C VAL WA 263 -33.12 37.54 2.08
N ARG WA 264 -33.50 37.48 3.36
CA ARG WA 264 -32.75 36.69 4.33
C ARG WA 264 -33.15 35.21 4.34
N LEU WA 265 -34.37 34.89 3.93
CA LEU WA 265 -34.88 33.53 4.03
C LEU WA 265 -34.27 32.62 2.96
N GLY WA 266 -34.32 31.30 3.25
CA GLY WA 266 -33.91 30.29 2.31
C GLY WA 266 -34.97 30.00 1.26
N ALA WA 267 -34.59 29.15 0.30
CA ALA WA 267 -35.52 28.79 -0.78
C ALA WA 267 -36.77 28.09 -0.29
N MET WA 268 -36.70 27.36 0.82
CA MET WA 268 -37.89 26.83 1.47
C MET WA 268 -38.64 27.89 2.28
N GLY WA 269 -38.18 29.13 2.26
CA GLY WA 269 -38.69 30.17 3.13
C GLY WA 269 -38.31 30.04 4.59
N ASP WA 270 -37.38 29.15 4.92
CA ASP WA 270 -36.96 28.96 6.30
C ASP WA 270 -35.92 30.00 6.72
N ALA WA 271 -35.86 30.23 8.03
CA ALA WA 271 -34.89 31.15 8.60
C ALA WA 271 -33.48 30.56 8.59
N PRO WA 272 -32.45 31.42 8.48
CA PRO WA 272 -31.08 30.96 8.62
C PRO WA 272 -30.77 30.40 10.00
N LYS WA 273 -30.05 29.29 10.04
CA LYS WA 273 -29.73 28.56 11.26
C LYS WA 273 -28.21 28.53 11.46
N ALA WA 274 -27.80 28.33 12.70
CA ALA WA 274 -26.39 28.31 13.09
C ALA WA 274 -25.83 26.89 13.19
N GLN WA 275 -24.50 26.83 13.21
CA GLN WA 275 -23.75 25.59 13.35
C GLN WA 275 -22.45 25.91 14.08
N CYS WA 276 -21.67 24.87 14.40
CA CYS WA 276 -20.43 25.05 15.16
C CYS WA 276 -19.55 26.17 14.59
N VAL WA 277 -19.39 26.21 13.27
CA VAL WA 277 -18.51 27.20 12.65
C VAL WA 277 -18.99 28.64 12.85
N THR WA 278 -20.28 28.83 13.15
CA THR WA 278 -20.82 30.17 13.36
C THR WA 278 -20.12 30.89 14.51
N CYS WA 279 -19.93 30.20 15.64
CA CYS WA 279 -19.09 30.75 16.70
C CYS WA 279 -17.60 30.51 16.46
N HIS WA 280 -17.23 29.26 16.15
CA HIS WA 280 -15.82 28.89 16.20
C HIS WA 280 -15.01 29.48 15.04
N ASN WA 281 -15.59 29.59 13.85
CA ASN WA 281 -14.92 30.17 12.69
C ASN WA 281 -13.53 29.55 12.46
N GLY WA 282 -13.47 28.23 12.53
CA GLY WA 282 -12.24 27.50 12.27
C GLY WA 282 -11.18 27.54 13.35
N ALA WA 283 -11.55 27.90 14.58
CA ALA WA 283 -10.60 27.98 15.68
C ALA WA 283 -11.10 27.16 16.85
N TYR WA 284 -10.17 26.64 17.66
CA TYR WA 284 -10.52 25.65 18.66
C TYR WA 284 -11.42 26.23 19.74
N LYS WA 285 -11.32 27.54 19.99
CA LYS WA 285 -12.27 28.33 20.73
C LYS WA 285 -12.64 29.55 19.91
N PRO WA 286 -13.85 30.09 20.07
CA PRO WA 286 -14.19 31.34 19.38
C PRO WA 286 -13.22 32.44 19.77
N LEU WA 287 -12.76 33.19 18.76
CA LEU WA 287 -11.82 34.30 18.95
C LEU WA 287 -10.56 33.87 19.69
N TYR WA 288 -10.15 32.61 19.49
CA TYR WA 288 -9.00 32.03 20.19
C TYR WA 288 -9.10 32.16 21.71
N GLY WA 289 -10.33 32.21 22.23
CA GLY WA 289 -10.58 32.28 23.65
C GLY WA 289 -10.65 33.66 24.27
N ALA WA 290 -10.76 34.72 23.46
CA ALA WA 290 -10.92 36.07 23.97
C ALA WA 290 -12.12 36.17 24.91
N GLN WA 291 -11.89 36.59 26.15
CA GLN WA 291 -12.93 36.68 27.17
C GLN WA 291 -13.55 38.07 27.14
N MET WA 292 -14.76 38.16 26.59
CA MET WA 292 -15.49 39.43 26.56
C MET WA 292 -16.79 39.44 27.36
N ALA WA 293 -17.47 38.29 27.49
CA ALA WA 293 -18.75 38.26 28.19
C ALA WA 293 -18.65 38.76 29.63
N LYS WA 294 -17.50 38.55 30.29
CA LYS WA 294 -17.30 39.04 31.64
C LYS WA 294 -17.45 40.57 31.74
N ASP WA 295 -17.06 41.31 30.71
CA ASP WA 295 -17.13 42.76 30.73
C ASP WA 295 -18.52 43.33 30.51
N PHE WA 296 -19.53 42.50 30.22
CA PHE WA 296 -20.86 43.00 29.82
C PHE WA 296 -21.95 42.25 30.57
N PRO WA 297 -22.18 42.61 31.84
CA PRO WA 297 -23.19 41.91 32.66
C PRO WA 297 -24.60 41.89 32.07
N ALA WA 298 -24.95 42.81 31.17
CA ALA WA 298 -26.23 42.75 30.48
C ALA WA 298 -26.47 41.43 29.78
N MET WA 299 -25.41 40.66 29.50
CA MET WA 299 -25.48 39.47 28.67
C MET WA 299 -25.12 38.19 29.43
N TRP WA 300 -24.91 38.27 30.74
CA TRP WA 300 -24.52 37.09 31.50
C TRP WA 300 -25.63 36.05 31.58
N GLY WA 301 -26.86 36.46 31.86
CA GLY WA 301 -27.90 35.49 32.15
C GLY WA 301 -27.57 34.62 33.34
N ARG WA 302 -26.70 35.13 34.23
CA ARG WA 302 -26.04 34.35 35.27
C ARG WA 302 -25.87 35.25 36.48
N ALA WA 303 -26.01 34.68 37.68
CA ALA WA 303 -26.02 35.51 38.88
C ALA WA 303 -24.63 36.02 39.25
N ASP WA 304 -23.57 35.31 38.85
CA ASP WA 304 -22.22 35.83 38.95
C ASP WA 304 -21.41 35.27 37.80
N TRP WA 305 -20.46 36.07 37.31
CA TRP WA 305 -19.51 35.59 36.31
C TRP WA 305 -18.16 35.37 36.97
N ASN WA 306 -17.78 34.10 37.10
CA ASN WA 306 -16.52 33.70 37.74
C ASN WA 306 -16.33 34.40 39.09
N GLY WA 307 -17.38 34.36 39.92
CA GLY WA 307 -17.38 34.97 41.23
C GLY WA 307 -17.66 36.46 41.28
N VAL WA 308 -17.55 37.18 40.16
CA VAL WA 308 -17.96 38.58 40.11
C VAL WA 308 -19.48 38.67 40.09
N PRO WA 309 -20.11 39.27 41.11
CA PRO WA 309 -21.58 39.23 41.19
C PRO WA 309 -22.23 40.19 40.20
N PHE WA 310 -23.41 39.80 39.75
CA PHE WA 310 -24.18 40.61 38.81
C PHE WA 310 -24.58 41.93 39.45
N PRO WA 311 -24.21 43.07 38.87
CA PRO WA 311 -24.52 44.39 39.48
C PRO WA 311 -25.96 44.84 39.24
N GLY WA 312 -26.91 44.02 39.70
CA GLY WA 312 -28.31 44.27 39.43
C GLY WA 312 -28.88 45.49 40.11
N ILE WA 313 -29.23 46.50 39.31
CA ILE WA 313 -29.84 47.76 39.77
C ILE WA 313 -29.15 48.31 41.03
N PRO XA 98 -4.02 5.94 53.71
CA PRO XA 98 -3.67 4.68 53.05
C PRO XA 98 -3.14 4.88 51.63
N THR XA 99 -2.91 6.13 51.24
CA THR XA 99 -2.14 6.45 50.04
C THR XA 99 -0.64 6.61 50.33
N ALA XA 100 -0.26 6.75 51.60
CA ALA XA 100 1.13 6.73 52.01
C ALA XA 100 1.26 6.00 53.34
N TRP XA 101 2.44 5.40 53.55
CA TRP XA 101 2.73 4.69 54.78
C TRP XA 101 2.88 5.66 55.95
N PRO XA 102 2.63 5.20 57.19
CA PRO XA 102 2.83 6.06 58.37
C PRO XA 102 4.26 6.57 58.49
N VAL XA 103 4.37 7.78 59.03
CA VAL XA 103 5.67 8.43 59.28
C VAL XA 103 5.92 8.49 60.78
N ASP XA 104 7.13 8.14 61.19
CA ASP XA 104 7.65 8.33 62.54
C ASP XA 104 7.82 9.81 62.86
N PRO XA 105 7.06 10.38 63.79
CA PRO XA 105 7.21 11.82 64.10
C PRO XA 105 8.57 12.19 64.66
N THR XA 106 9.26 11.26 65.32
CA THR XA 106 10.53 11.56 65.98
C THR XA 106 11.69 11.67 65.00
N THR XA 107 11.48 11.33 63.73
CA THR XA 107 12.54 11.31 62.72
C THR XA 107 12.09 11.75 61.35
N GLY XA 108 10.80 11.69 61.03
CA GLY XA 108 10.30 11.80 59.68
C GLY XA 108 10.49 10.55 58.85
N GLN XA 109 10.90 9.46 59.47
CA GLN XA 109 11.22 8.23 58.77
C GLN XA 109 9.93 7.43 58.53
N THR XA 110 9.82 6.84 57.33
CA THR XA 110 8.65 6.03 57.02
C THR XA 110 8.69 4.70 57.75
N LEU XA 111 7.53 4.29 58.29
CA LEU XA 111 7.35 2.98 58.90
C LEU XA 111 6.55 2.08 57.97
N ILE XA 112 7.14 0.97 57.54
CA ILE XA 112 6.43 -0.06 56.79
C ILE XA 112 6.28 -1.27 57.71
N ASN XA 113 5.04 -1.72 57.88
CA ASN XA 113 4.71 -2.84 58.77
C ASN XA 113 5.39 -2.69 60.13
N GLY XA 114 5.26 -1.48 60.69
CA GLY XA 114 5.74 -1.16 62.02
C GLY XA 114 7.23 -0.93 62.17
N ARG XA 115 7.99 -0.91 61.08
CA ARG XA 115 9.44 -0.84 61.19
C ARG XA 115 10.01 0.19 60.21
N PRO XA 116 11.04 0.92 60.61
CA PRO XA 116 11.54 2.02 59.76
C PRO XA 116 12.17 1.55 58.46
N VAL XA 117 12.18 2.46 57.49
CA VAL XA 117 12.91 2.33 56.23
C VAL XA 117 13.90 3.48 56.12
N VAL XA 118 15.15 3.17 55.81
CA VAL XA 118 16.14 4.19 55.48
C VAL XA 118 15.98 4.59 54.01
N GLY XA 119 15.60 5.84 53.78
CA GLY XA 119 15.38 6.38 52.45
C GLY XA 119 14.04 7.07 52.32
N ARG XA 120 13.88 7.77 51.19
CA ARG XA 120 12.60 8.36 50.82
C ARG XA 120 11.74 7.27 50.17
N VAL XA 121 10.65 6.89 50.83
CA VAL XA 121 9.76 5.87 50.27
C VAL XA 121 8.92 6.47 49.14
N PHE XA 122 8.78 5.72 48.05
CA PHE XA 122 7.81 6.01 47.00
C PHE XA 122 7.01 4.74 46.72
N ILE XA 123 5.75 4.92 46.36
CA ILE XA 123 4.91 3.79 45.95
C ILE XA 123 5.28 3.38 44.53
N MET XA 124 5.68 2.12 44.35
CA MET XA 124 6.03 1.60 43.05
C MET XA 124 4.81 1.52 42.13
N ARG XA 125 5.04 1.79 40.84
CA ARG XA 125 4.02 1.56 39.82
C ARG XA 125 4.69 1.26 38.50
N LYS XA 126 3.98 0.53 37.64
CA LYS XA 126 4.43 0.30 36.28
C LYS XA 126 4.30 1.58 35.44
N THR XA 127 4.99 1.59 34.30
CA THR XA 127 5.13 2.77 33.44
C THR XA 127 3.86 3.60 33.33
N ASP XA 128 3.95 4.84 33.81
CA ASP XA 128 2.87 5.84 33.80
C ASP XA 128 1.61 5.38 34.52
N GLY XA 129 1.72 4.43 35.46
CA GLY XA 129 0.57 3.96 36.20
C GLY XA 129 -0.44 3.16 35.42
N THR XA 130 -0.06 2.67 34.24
CA THR XA 130 -0.95 1.84 33.43
C THR XA 130 -1.22 0.48 34.10
N VAL XA 131 -2.43 -0.02 33.87
CA VAL XA 131 -2.88 -1.32 34.38
C VAL XA 131 -3.61 -2.01 33.23
N LYS XA 132 -3.34 -3.30 33.02
CA LYS XA 132 -3.98 -4.00 31.91
C LYS XA 132 -5.48 -4.10 32.13
N TYR XA 133 -6.23 -4.11 31.03
CA TYR XA 133 -7.69 -4.18 31.09
C TYR XA 133 -8.18 -5.55 31.52
N PRO XA 134 -8.98 -5.64 32.59
CA PRO XA 134 -9.37 -6.97 33.11
C PRO XA 134 -10.30 -7.73 32.17
N ASN XA 135 -11.34 -7.04 31.68
CA ASN XA 135 -12.50 -7.66 31.05
C ASN XA 135 -13.10 -6.65 30.08
N VAL XA 136 -13.94 -7.14 29.17
CA VAL XA 136 -14.83 -6.24 28.44
C VAL XA 136 -15.80 -5.54 29.39
N ALA XA 137 -16.36 -6.29 30.35
CA ALA XA 137 -17.30 -5.71 31.31
C ALA XA 137 -16.69 -4.57 32.10
N ASP XA 138 -15.39 -4.65 32.42
CA ASP XA 138 -14.73 -3.58 33.14
C ASP XA 138 -14.48 -2.35 32.27
N VAL XA 139 -14.00 -2.57 31.03
CA VAL XA 139 -13.87 -1.48 30.07
C VAL XA 139 -15.20 -0.79 29.82
N VAL XA 140 -16.26 -1.57 29.64
CA VAL XA 140 -17.59 -1.00 29.39
C VAL XA 140 -18.14 -0.29 30.62
N ALA XA 141 -17.84 -0.79 31.82
CA ALA XA 141 -18.27 -0.11 33.03
C ALA XA 141 -17.74 1.31 33.14
N HIS XA 142 -16.59 1.60 32.53
CA HIS XA 142 -16.07 2.97 32.54
C HIS XA 142 -16.68 3.87 31.47
N GLU XA 143 -17.37 3.32 30.48
CA GLU XA 143 -17.92 4.15 29.41
C GLU XA 143 -19.32 4.65 29.78
N ALA XA 144 -19.86 5.52 28.91
CA ALA XA 144 -21.27 5.86 28.97
C ALA XA 144 -22.15 4.61 28.87
N LEU XA 145 -23.41 4.76 29.26
CA LEU XA 145 -24.39 3.70 29.05
C LEU XA 145 -24.59 3.45 27.56
N ALA XA 146 -25.16 2.29 27.23
CA ALA XA 146 -25.40 1.95 25.84
C ALA XA 146 -26.37 2.93 25.20
N PRO XA 147 -26.19 3.28 23.92
CA PRO XA 147 -27.08 4.25 23.26
C PRO XA 147 -28.54 3.82 23.31
N LEU XA 148 -29.43 4.81 23.37
CA LEU XA 148 -30.86 4.56 23.25
C LEU XA 148 -31.25 4.08 21.84
N PRO XA 149 -32.42 3.44 21.71
CA PRO XA 149 -32.88 2.98 20.40
C PRO XA 149 -33.06 4.12 19.42
N PRO XA 150 -32.96 3.85 18.12
CA PRO XA 150 -33.20 4.88 17.10
C PRO XA 150 -34.64 5.40 17.11
N VAL XA 151 -34.79 6.67 16.77
CA VAL XA 151 -36.08 7.23 16.40
C VAL XA 151 -36.34 6.93 14.91
N VAL XA 152 -37.34 6.11 14.62
CA VAL XA 152 -37.72 5.77 13.25
C VAL XA 152 -39.14 6.26 12.96
N GLY XA 153 -39.29 6.93 11.81
CA GLY XA 153 -40.59 7.49 11.43
C GLY XA 153 -41.58 6.42 10.98
N SER XA 154 -42.85 6.63 11.33
CA SER XA 154 -43.89 5.62 11.11
C SER XA 154 -44.09 5.32 9.62
N SER XA 155 -44.01 6.35 8.77
CA SER XA 155 -44.12 6.16 7.32
C SER XA 155 -43.47 7.36 6.64
N TYR XA 156 -43.15 7.18 5.36
CA TYR XA 156 -42.28 8.09 4.62
C TYR XA 156 -43.07 8.97 3.66
N GLN XA 157 -42.80 10.28 3.72
CA GLN XA 157 -43.28 11.24 2.74
C GLN XA 157 -42.09 11.73 1.90
N GLN XA 158 -42.26 11.72 0.57
CA GLN XA 158 -41.22 12.21 -0.32
C GLN XA 158 -41.04 13.72 -0.21
N ALA XA 159 -39.79 14.16 -0.28
CA ALA XA 159 -39.50 15.58 -0.52
C ALA XA 159 -39.92 15.98 -1.92
N PRO XA 160 -40.18 17.27 -2.15
CA PRO XA 160 -40.30 17.78 -3.52
C PRO XA 160 -39.09 17.39 -4.36
N ILE XA 161 -39.30 17.26 -5.67
CA ILE XA 161 -38.25 16.73 -6.54
C ILE XA 161 -37.02 17.63 -6.52
N THR XA 162 -37.19 18.94 -6.36
CA THR XA 162 -36.10 19.89 -6.25
C THR XA 162 -35.33 19.80 -4.93
N ASN XA 163 -35.80 19.01 -3.96
CA ASN XA 163 -35.03 18.73 -2.76
C ASN XA 163 -34.34 17.38 -2.78
N GLN XA 164 -34.50 16.60 -3.84
CA GLN XA 164 -33.89 15.28 -3.95
C GLN XA 164 -32.51 15.40 -4.58
N ARG XA 165 -31.51 14.82 -3.91
CA ARG XA 165 -30.15 14.79 -4.45
C ARG XA 165 -30.06 13.75 -5.55
N ARG XA 166 -29.44 14.11 -6.67
CA ARG XA 166 -29.16 13.12 -7.69
C ARG XA 166 -27.82 12.39 -7.50
N MET XA 167 -26.94 12.89 -6.63
CA MET XA 167 -25.82 12.10 -6.13
C MET XA 167 -26.22 11.41 -4.83
N ARG XA 168 -26.16 10.08 -4.82
CA ARG XA 168 -26.54 9.28 -3.67
C ARG XA 168 -25.40 8.93 -2.74
N GLY XA 169 -24.15 9.26 -3.09
CA GLY XA 169 -23.03 9.01 -2.21
C GLY XA 169 -23.16 9.75 -0.89
N ILE XA 170 -22.92 9.05 0.22
CA ILE XA 170 -23.30 9.57 1.54
C ILE XA 170 -22.37 10.67 2.06
N MET XA 171 -21.09 10.65 1.70
CA MET XA 171 -20.14 11.62 2.24
C MET XA 171 -19.92 12.84 1.36
N ILE XA 172 -20.63 12.94 0.23
CA ILE XA 172 -20.32 13.94 -0.80
C ILE XA 172 -20.41 15.37 -0.27
N GLN XA 173 -21.32 15.62 0.68
CA GLN XA 173 -21.46 16.95 1.26
C GLN XA 173 -20.20 17.43 1.97
N SER XA 174 -19.48 16.54 2.66
CA SER XA 174 -18.21 16.92 3.25
C SER XA 174 -17.00 16.72 2.35
N THR XA 175 -16.98 15.66 1.53
CA THR XA 175 -15.77 15.37 0.76
C THR XA 175 -15.65 16.23 -0.49
N LEU XA 176 -16.76 16.61 -1.10
CA LEU XA 176 -16.71 17.48 -2.29
C LEU XA 176 -17.38 18.83 -2.08
N TRP XA 177 -18.64 18.85 -1.66
CA TRP XA 177 -19.44 20.06 -1.81
C TRP XA 177 -18.98 21.21 -0.93
N ASP XA 178 -18.39 20.91 0.23
CA ASP XA 178 -17.92 21.97 1.11
C ASP XA 178 -16.74 22.74 0.54
N MET XA 179 -15.97 22.17 -0.39
CA MET XA 179 -14.95 22.92 -1.10
C MET XA 179 -15.36 23.36 -2.51
N ASP XA 180 -16.24 22.63 -3.19
CA ASP XA 180 -16.64 22.95 -4.56
C ASP XA 180 -17.69 24.05 -4.58
N ARG XA 181 -17.35 25.21 -5.14
CA ARG XA 181 -18.25 26.36 -5.22
C ARG XA 181 -18.69 26.70 -6.64
N LYS XA 182 -18.33 25.89 -7.64
CA LYS XA 182 -18.68 26.19 -9.04
C LYS XA 182 -20.19 26.22 -9.23
N ARG XA 183 -20.67 27.28 -9.92
CA ARG XA 183 -22.10 27.52 -10.06
C ARG XA 183 -22.83 26.46 -10.90
N SER XA 184 -22.25 26.04 -12.02
CA SER XA 184 -22.88 24.96 -12.80
C SER XA 184 -22.97 23.67 -12.00
N ALA XA 185 -21.86 23.25 -11.40
CA ALA XA 185 -21.86 22.02 -10.61
C ALA XA 185 -22.83 22.10 -9.44
N THR XA 186 -22.92 23.26 -8.79
CA THR XA 186 -23.87 23.45 -7.69
C THR XA 186 -25.30 23.30 -8.16
N ARG XA 187 -25.62 23.84 -9.34
CA ARG XA 187 -26.96 23.66 -9.92
C ARG XA 187 -27.24 22.20 -10.27
N GLN XA 188 -26.24 21.45 -10.70
CA GLN XA 188 -26.43 20.03 -11.00
C GLN XA 188 -26.73 19.17 -9.77
N ARG XA 189 -26.59 19.69 -8.55
CA ARG XA 189 -26.70 18.83 -7.38
C ARG XA 189 -28.12 18.29 -7.17
N TYR XA 190 -29.14 19.06 -7.52
CA TYR XA 190 -30.52 18.70 -7.29
C TYR XA 190 -31.26 18.52 -8.62
N TYR XA 191 -32.31 17.70 -8.60
CA TYR XA 191 -33.16 17.56 -9.77
C TYR XA 191 -33.92 18.86 -10.04
N PRO XA 192 -34.08 19.23 -11.31
CA PRO XA 192 -34.86 20.42 -11.63
C PRO XA 192 -36.36 20.19 -11.45
N ALA XA 193 -37.08 21.30 -11.30
CA ALA XA 193 -38.54 21.28 -11.24
C ALA XA 193 -39.13 20.50 -12.41
N SER XA 194 -40.23 19.80 -12.15
CA SER XA 194 -40.90 18.98 -13.15
C SER XA 194 -42.40 19.01 -12.88
N THR XA 195 -43.19 19.31 -13.91
CA THR XA 195 -44.60 19.64 -13.75
C THR XA 195 -45.42 19.02 -14.86
N PRO XA 196 -46.58 18.43 -14.54
CA PRO XA 196 -47.48 17.96 -15.62
C PRO XA 196 -47.87 19.11 -16.54
N ALA XA 197 -47.82 18.85 -17.85
CA ALA XA 197 -47.92 19.91 -18.83
C ALA XA 197 -49.22 20.72 -18.68
N ASN XA 198 -50.34 20.05 -18.42
CA ASN XA 198 -51.61 20.76 -18.25
C ASN XA 198 -51.68 21.61 -16.99
N GLN XA 199 -50.70 21.53 -16.09
CA GLN XA 199 -50.62 22.47 -14.97
C GLN XA 199 -49.78 23.71 -15.27
N LEU XA 200 -49.14 23.77 -16.45
CA LEU XA 200 -48.44 24.98 -16.87
C LEU XA 200 -49.39 25.95 -17.59
N PRO YA 25 18.75 8.80 -31.40
CA PRO YA 25 20.04 8.76 -32.10
C PRO YA 25 21.12 8.11 -31.23
N VAL YA 26 21.76 7.06 -31.74
CA VAL YA 26 22.58 6.20 -30.89
C VAL YA 26 23.80 6.96 -30.35
N ASN YA 27 24.41 7.81 -31.16
CA ASN YA 27 25.69 8.39 -30.76
C ASN YA 27 25.54 9.58 -29.82
N ASP YA 28 24.72 10.57 -30.19
CA ASP YA 28 24.50 11.74 -29.34
C ASP YA 28 23.42 11.51 -28.30
N GLY YA 29 22.53 10.56 -28.51
CA GLY YA 29 21.56 10.16 -27.49
C GLY YA 29 20.69 11.29 -26.96
N ILE YA 30 20.72 11.47 -25.64
CA ILE YA 30 19.97 12.55 -24.99
C ILE YA 30 20.41 13.94 -25.46
N TRP YA 31 21.67 14.11 -25.85
CA TRP YA 31 22.15 15.43 -26.24
C TRP YA 31 21.55 15.90 -27.56
N ALA YA 32 20.98 15.00 -28.36
CA ALA YA 32 20.20 15.41 -29.53
C ALA YA 32 18.99 16.26 -29.16
N TRP YA 33 18.44 16.11 -27.95
CA TRP YA 33 17.35 16.99 -27.54
C TRP YA 33 17.79 18.45 -27.48
N TYR YA 34 19.04 18.71 -27.14
CA TYR YA 34 19.61 20.05 -27.08
C TYR YA 34 20.32 20.44 -28.37
N GLY YA 35 20.15 19.65 -29.42
CA GLY YA 35 20.67 19.96 -30.74
C GLY YA 35 22.14 19.74 -30.95
N ILE YA 36 22.83 19.01 -30.06
CA ILE YA 36 24.13 18.47 -30.40
C ILE YA 36 23.89 17.24 -31.27
N ASP YA 37 24.37 17.28 -32.52
CA ASP YA 37 24.22 16.13 -33.41
C ASP YA 37 25.42 16.09 -34.35
N ASP YA 38 26.44 15.36 -33.96
CA ASP YA 38 27.70 15.35 -34.69
C ASP YA 38 27.72 14.31 -35.81
N ASP YA 39 26.63 13.57 -36.02
CA ASP YA 39 26.53 12.66 -37.16
C ASP YA 39 26.11 13.35 -38.46
N ARG YA 40 25.37 14.46 -38.38
CA ARG YA 40 24.74 15.01 -39.58
C ARG YA 40 25.76 15.41 -40.64
N PRO YA 41 25.39 15.31 -41.91
CA PRO YA 41 26.33 15.63 -43.01
C PRO YA 41 26.84 17.07 -42.91
N MET YA 42 28.15 17.21 -42.94
CA MET YA 42 28.82 18.48 -42.69
C MET YA 42 29.83 18.75 -43.79
N ALA YA 43 29.82 19.97 -44.31
CA ALA YA 43 30.74 20.35 -45.39
C ALA YA 43 31.66 21.51 -45.02
N ALA YA 44 31.31 22.33 -44.03
CA ALA YA 44 32.27 23.23 -43.42
C ALA YA 44 33.16 22.43 -42.48
N TRP YA 45 34.31 23.00 -42.14
CA TRP YA 45 35.13 22.38 -41.10
C TRP YA 45 34.43 22.43 -39.75
N SER YA 46 34.54 21.34 -39.00
CA SER YA 46 34.06 21.29 -37.61
C SER YA 46 34.81 20.19 -36.89
N ARG YA 47 35.57 20.57 -35.85
CA ARG YA 47 36.35 19.59 -35.09
C ARG YA 47 35.47 18.55 -34.40
N PHE YA 48 34.22 18.90 -34.06
CA PHE YA 48 33.32 17.94 -33.44
C PHE YA 48 32.85 16.89 -34.44
N HIS YA 49 32.46 17.33 -35.63
CA HIS YA 49 32.04 16.40 -36.68
C HIS YA 49 33.21 15.56 -37.18
N ALA YA 50 34.40 16.18 -37.28
CA ALA YA 50 35.60 15.43 -37.63
C ALA YA 50 35.96 14.38 -36.58
N THR YA 51 35.82 14.71 -35.30
CA THR YA 51 36.01 13.72 -34.24
C THR YA 51 35.03 12.55 -34.38
N ARG YA 52 33.74 12.84 -34.52
CA ARG YA 52 32.76 11.78 -34.72
C ARG YA 52 33.09 10.94 -35.95
N CYS YA 53 33.49 11.59 -37.04
CA CYS YA 53 33.78 10.89 -38.29
C CYS YA 53 34.95 9.92 -38.14
N VAL YA 54 36.03 10.37 -37.49
CA VAL YA 54 37.19 9.50 -37.29
C VAL YA 54 36.85 8.30 -36.42
N GLU YA 55 36.04 8.49 -35.37
CA GLU YA 55 35.60 7.36 -34.56
C GLU YA 55 34.75 6.39 -35.37
N GLN YA 56 33.79 6.90 -36.14
CA GLN YA 56 32.86 6.05 -36.85
C GLN YA 56 33.48 5.35 -38.07
N LEU YA 57 34.49 5.95 -38.69
CA LEU YA 57 35.22 5.27 -39.76
C LEU YA 57 35.85 3.98 -39.26
N ALA YA 58 36.56 4.04 -38.13
CA ALA YA 58 37.20 2.85 -37.58
C ALA YA 58 36.18 1.77 -37.23
N ILE YA 59 35.09 2.16 -36.56
CA ILE YA 59 34.05 1.20 -36.19
C ILE YA 59 33.42 0.54 -37.41
N ASN YA 60 33.11 1.34 -38.45
CA ASN YA 60 32.45 0.78 -39.63
C ASN YA 60 33.39 -0.07 -40.49
N ARG YA 61 34.68 0.26 -40.56
CA ARG YA 61 35.61 -0.64 -41.25
C ARG YA 61 35.76 -1.97 -40.53
N ALA YA 62 35.83 -1.96 -39.20
CA ALA YA 62 35.78 -3.20 -38.45
C ALA YA 62 34.48 -3.95 -38.68
N ARG YA 63 33.36 -3.22 -38.76
CA ARG YA 63 32.06 -3.84 -38.99
C ARG YA 63 31.93 -4.43 -40.38
N VAL YA 64 32.52 -3.79 -41.39
CA VAL YA 64 32.60 -4.39 -42.73
C VAL YA 64 33.48 -5.64 -42.72
N GLY YA 65 34.62 -5.57 -42.03
CA GLY YA 65 35.47 -6.74 -41.91
C GLY YA 65 34.78 -7.94 -41.29
N ALA YA 66 34.06 -7.71 -40.18
CA ALA YA 66 33.31 -8.78 -39.55
C ALA YA 66 32.19 -9.30 -40.45
N ALA YA 67 31.51 -8.41 -41.18
CA ALA YA 67 30.43 -8.84 -42.06
C ALA YA 67 30.91 -9.77 -43.17
N GLU YA 68 32.06 -9.48 -43.76
CA GLU YA 68 32.58 -10.32 -44.83
C GLU YA 68 33.25 -11.59 -44.32
N TRP YA 69 33.83 -11.56 -43.12
CA TRP YA 69 34.20 -12.80 -42.45
C TRP YA 69 33.00 -13.71 -42.21
N ALA YA 70 31.90 -13.16 -41.70
CA ALA YA 70 30.70 -13.96 -41.48
C ALA YA 70 30.13 -14.54 -42.76
N LEU YA 71 30.18 -13.79 -43.85
CA LEU YA 71 29.81 -14.34 -45.16
C LEU YA 71 30.71 -15.50 -45.56
N ALA YA 72 32.02 -15.34 -45.41
CA ALA YA 72 32.95 -16.41 -45.74
C ALA YA 72 32.70 -17.66 -44.89
N ASP YA 73 32.42 -17.50 -43.60
CA ASP YA 73 32.08 -18.64 -42.76
C ASP YA 73 30.81 -19.35 -43.22
N VAL YA 74 29.76 -18.59 -43.52
CA VAL YA 74 28.47 -19.20 -43.82
C VAL YA 74 28.43 -19.74 -45.25
N GLN YA 75 29.19 -19.15 -46.18
CA GLN YA 75 29.42 -19.78 -47.47
C GLN YA 75 30.13 -21.12 -47.32
N ALA YA 76 31.17 -21.18 -46.49
CA ALA YA 76 31.89 -22.43 -46.29
C ALA YA 76 31.00 -23.55 -45.76
N ARG YA 77 30.14 -23.25 -44.78
CA ARG YA 77 29.21 -24.27 -44.32
C ARG YA 77 27.94 -24.39 -45.17
N GLY YA 78 27.74 -23.52 -46.16
CA GLY YA 78 26.84 -23.81 -47.28
C GLY YA 78 25.36 -23.58 -47.10
N ILE YA 79 24.89 -23.02 -45.98
CA ILE YA 79 23.46 -22.91 -45.72
C ILE YA 79 22.88 -21.76 -46.54
N VAL YA 80 22.11 -22.09 -47.56
CA VAL YA 80 21.64 -21.15 -48.59
C VAL YA 80 20.91 -19.92 -48.04
N PRO YA 81 19.83 -20.06 -47.24
CA PRO YA 81 19.13 -18.85 -46.77
C PRO YA 81 19.97 -17.98 -45.86
N CYS YA 82 20.98 -18.54 -45.19
CA CYS YA 82 21.90 -17.75 -44.37
C CYS YA 82 22.92 -17.00 -45.23
N ILE YA 83 23.42 -17.64 -46.29
CA ILE YA 83 24.30 -16.97 -47.24
C ILE YA 83 23.61 -15.74 -47.84
N ALA YA 84 22.34 -15.86 -48.20
CA ALA YA 84 21.59 -14.73 -48.70
C ALA YA 84 21.58 -13.56 -47.72
N LYS YA 85 21.23 -13.81 -46.45
CA LYS YA 85 21.21 -12.73 -45.47
C LYS YA 85 22.61 -12.19 -45.16
N ALA YA 86 23.62 -13.05 -45.09
CA ALA YA 86 24.97 -12.56 -44.84
C ALA YA 86 25.44 -11.61 -45.92
N ALA YA 87 25.15 -11.92 -47.19
CA ALA YA 87 25.45 -11.00 -48.27
C ALA YA 87 24.65 -9.71 -48.19
N ALA YA 88 23.36 -9.79 -47.88
CA ALA YA 88 22.55 -8.59 -47.68
C ALA YA 88 23.07 -7.72 -46.54
N HIS YA 89 23.46 -8.35 -45.42
CA HIS YA 89 24.05 -7.59 -44.32
C HIS YA 89 25.37 -6.94 -44.71
N LEU YA 90 26.24 -7.68 -45.40
CA LEU YA 90 27.50 -7.12 -45.87
C LEU YA 90 27.29 -5.90 -46.77
N ALA YA 91 26.34 -5.97 -47.69
CA ALA YA 91 26.05 -4.83 -48.56
C ALA YA 91 25.63 -3.60 -47.75
N ARG YA 92 24.79 -3.80 -46.73
CA ARG YA 92 24.39 -2.71 -45.84
C ARG YA 92 25.57 -2.15 -45.05
N ALA YA 93 26.46 -3.02 -44.55
CA ALA YA 93 27.66 -2.55 -43.87
C ALA YA 93 28.57 -1.75 -44.79
N ARG YA 94 28.73 -2.18 -46.05
CA ARG YA 94 29.50 -1.40 -47.02
C ARG YA 94 28.87 -0.04 -47.30
N ALA YA 95 27.54 0.00 -47.43
CA ALA YA 95 26.85 1.26 -47.67
C ALA YA 95 26.98 2.23 -46.50
N GLU YA 96 26.77 1.74 -45.27
CA GLU YA 96 26.95 2.57 -44.09
C GLU YA 96 28.39 3.06 -43.94
N LEU YA 97 29.37 2.23 -44.31
CA LEU YA 97 30.75 2.70 -44.35
C LEU YA 97 30.95 3.79 -45.40
N ALA YA 98 30.38 3.60 -46.59
CA ALA YA 98 30.56 4.57 -47.68
C ALA YA 98 30.05 5.96 -47.32
N ASP YA 99 28.96 6.03 -46.55
CA ASP YA 99 28.48 7.32 -46.05
C ASP YA 99 29.51 8.02 -45.17
N TRP YA 100 30.14 7.29 -44.25
CA TRP YA 100 31.20 7.87 -43.44
C TRP YA 100 32.43 8.25 -44.25
N GLU YA 101 32.78 7.48 -45.28
CA GLU YA 101 33.87 7.88 -46.17
C GLU YA 101 33.54 9.18 -46.90
N ALA YA 102 32.30 9.34 -47.34
CA ALA YA 102 31.87 10.61 -47.95
C ALA YA 102 31.97 11.77 -46.97
N GLN YA 103 31.51 11.57 -45.73
CA GLN YA 103 31.67 12.57 -44.70
C GLN YA 103 33.14 12.90 -44.45
N GLY YA 104 33.99 11.88 -44.42
CA GLY YA 104 35.42 12.10 -44.24
C GLY YA 104 36.04 12.95 -45.33
N HIS YA 105 35.65 12.72 -46.59
CA HIS YA 105 36.18 13.53 -47.69
C HIS YA 105 35.71 14.97 -47.61
N ARG YA 106 34.43 15.22 -47.29
CA ARG YA 106 33.95 16.59 -47.14
C ARG YA 106 34.78 17.35 -46.10
N LEU YA 107 34.94 16.75 -44.92
CA LEU YA 107 35.67 17.40 -43.84
C LEU YA 107 37.15 17.58 -44.18
N GLU YA 108 37.75 16.61 -44.86
CA GLU YA 108 39.16 16.72 -45.25
C GLU YA 108 39.37 17.83 -46.27
N ALA YA 109 38.44 18.00 -47.22
CA ALA YA 109 38.50 19.16 -48.11
C ALA YA 109 38.38 20.47 -47.34
N ALA YA 110 37.43 20.54 -46.41
CA ALA YA 110 37.23 21.75 -45.61
C ALA YA 110 38.41 22.02 -44.68
N ARG YA 111 39.08 20.98 -44.21
CA ARG YA 111 40.27 21.14 -43.37
C ARG YA 111 41.37 21.91 -44.09
N LYS YA 112 41.63 21.55 -45.34
CA LYS YA 112 42.73 22.16 -46.10
C LYS YA 112 42.52 23.65 -46.37
N VAL YA 113 41.27 24.11 -46.44
CA VAL YA 113 40.99 25.50 -46.75
C VAL YA 113 40.71 26.36 -45.51
N THR YA 114 40.72 25.78 -44.31
CA THR YA 114 40.28 26.49 -43.11
C THR YA 114 41.41 26.66 -42.10
N PRO YA 115 41.77 27.89 -41.74
CA PRO YA 115 42.84 28.10 -40.76
C PRO YA 115 42.49 27.56 -39.38
N GLY YA 116 43.52 27.06 -38.69
CA GLY YA 116 43.36 26.51 -37.35
C GLY YA 116 42.69 25.16 -37.26
N ALA YA 117 42.32 24.55 -38.38
CA ALA YA 117 41.86 23.17 -38.40
C ALA YA 117 43.00 22.21 -38.03
N TRP YA 118 42.66 20.92 -37.95
CA TRP YA 118 43.63 19.88 -37.62
C TRP YA 118 44.79 19.83 -38.61
N THR YA 119 45.94 19.36 -38.13
CA THR YA 119 47.08 19.03 -38.99
C THR YA 119 47.06 17.57 -39.44
N THR YA 120 46.60 16.64 -38.59
CA THR YA 120 46.36 15.28 -39.04
C THR YA 120 45.12 15.23 -39.92
N PRO YA 121 45.17 14.52 -41.04
CA PRO YA 121 44.01 14.47 -41.94
C PRO YA 121 42.87 13.64 -41.36
N VAL YA 122 41.65 14.04 -41.71
CA VAL YA 122 40.52 13.12 -41.67
C VAL YA 122 40.69 12.12 -42.80
N ILE YA 123 40.29 10.87 -42.57
CA ILE YA 123 40.31 9.79 -43.57
C ILE YA 123 41.59 9.78 -44.40
N FME ZA 1 -23.74 -21.04 28.14
CN FME ZA 1 -24.12 -22.17 28.85
O1 FME ZA 1 -23.88 -23.32 28.47
CA FME ZA 1 -23.03 -21.03 26.88
CB FME ZA 1 -23.72 -20.08 25.89
CG FME ZA 1 -23.32 -20.28 24.44
SD FME ZA 1 -23.89 -18.86 23.54
CE FME ZA 1 -23.36 -17.50 24.53
C FME ZA 1 -21.58 -20.59 27.09
O FME ZA 1 -21.22 -19.94 28.07
N MET ZA 2 -20.71 -20.98 26.16
CA MET ZA 2 -19.30 -20.59 26.21
C MET ZA 2 -19.15 -19.07 26.15
N GLU ZA 3 -18.67 -18.50 27.25
CA GLU ZA 3 -18.37 -17.06 27.26
C GLU ZA 3 -17.10 -16.74 26.48
N TYR ZA 4 -16.00 -17.44 26.78
CA TYR ZA 4 -14.71 -17.04 26.23
C TYR ZA 4 -14.51 -17.52 24.79
N ILE ZA 5 -14.77 -18.79 24.52
CA ILE ZA 5 -14.61 -19.31 23.17
C ILE ZA 5 -15.66 -18.69 22.25
N ASP ZA 6 -15.22 -18.20 21.10
CA ASP ZA 6 -16.11 -17.64 20.08
C ASP ZA 6 -15.60 -18.03 18.70
N GLY ZA 7 -16.47 -17.84 17.71
CA GLY ZA 7 -16.20 -18.34 16.36
C GLY ZA 7 -15.00 -17.71 15.69
N ALA ZA 8 -14.64 -16.49 16.06
CA ALA ZA 8 -13.44 -15.87 15.50
C ALA ZA 8 -12.17 -16.48 16.09
N GLN ZA 9 -12.19 -16.78 17.39
CA GLN ZA 9 -11.08 -17.49 18.01
C GLN ZA 9 -10.90 -18.89 17.45
N ILE ZA 10 -12.01 -19.64 17.32
CA ILE ZA 10 -11.94 -20.97 16.72
C ILE ZA 10 -11.35 -20.92 15.31
N ALA ZA 11 -11.86 -20.02 14.48
CA ALA ZA 11 -11.37 -19.92 13.11
C ALA ZA 11 -9.88 -19.56 13.06
N LEU ZA 12 -9.42 -18.74 14.00
CA LEU ZA 12 -8.02 -18.36 14.04
C LEU ZA 12 -7.09 -19.52 14.35
N TYR ZA 13 -7.44 -20.38 15.31
CA TYR ZA 13 -6.64 -21.56 15.57
C TYR ZA 13 -6.71 -22.58 14.45
N ALA ZA 14 -7.85 -22.69 13.77
CA ALA ZA 14 -7.90 -23.52 12.56
C ALA ZA 14 -6.89 -23.02 11.53
N PHE ZA 15 -6.79 -21.70 11.34
CA PHE ZA 15 -5.76 -21.16 10.46
C PHE ZA 15 -4.33 -21.44 10.94
N TRP ZA 16 -4.06 -21.28 12.24
CA TRP ZA 16 -2.71 -21.55 12.73
C TRP ZA 16 -2.28 -22.99 12.49
N LEU ZA 17 -3.17 -23.95 12.76
CA LEU ZA 17 -2.87 -25.34 12.46
C LEU ZA 17 -2.56 -25.57 10.99
N PHE ZA 18 -3.38 -24.99 10.11
CA PHE ZA 18 -3.11 -25.05 8.67
C PHE ZA 18 -1.79 -24.39 8.32
N PHE ZA 19 -1.55 -23.18 8.84
CA PHE ZA 19 -0.36 -22.42 8.47
C PHE ZA 19 0.94 -23.11 8.88
N PHE ZA 20 1.00 -23.65 10.10
CA PHE ZA 20 2.19 -24.42 10.49
C PHE ZA 20 2.35 -25.67 9.65
N GLY ZA 21 1.25 -26.36 9.33
CA GLY ZA 21 1.30 -27.44 8.36
C GLY ZA 21 1.87 -27.01 7.01
N LEU ZA 22 1.48 -25.83 6.54
CA LEU ZA 22 2.00 -25.28 5.29
C LEU ZA 22 3.49 -24.98 5.36
N ILE ZA 23 3.97 -24.36 6.45
CA ILE ZA 23 5.39 -24.09 6.59
C ILE ZA 23 6.21 -25.38 6.56
N ILE ZA 24 5.73 -26.43 7.22
CA ILE ZA 24 6.39 -27.73 7.15
C ILE ZA 24 6.46 -28.22 5.71
N TYR ZA 25 5.34 -28.18 4.99
CA TYR ZA 25 5.32 -28.56 3.58
C TYR ZA 25 6.34 -27.76 2.75
N LEU ZA 26 6.34 -26.44 2.91
CA LEU ZA 26 7.27 -25.60 2.15
C LEU ZA 26 8.73 -25.90 2.49
N ARG ZA 27 9.04 -26.17 3.76
CA ARG ZA 27 10.40 -26.53 4.13
C ARG ZA 27 10.83 -27.90 3.59
N ARG ZA 28 9.91 -28.86 3.46
CA ARG ZA 28 10.25 -30.08 2.76
C ARG ZA 28 10.60 -29.81 1.30
N GLU ZA 29 9.82 -28.94 0.64
CA GLU ZA 29 10.10 -28.57 -0.75
C GLU ZA 29 11.43 -27.84 -0.89
N ASP ZA 30 11.77 -26.98 0.08
CA ASP ZA 30 13.03 -26.25 0.06
C ASP ZA 30 14.26 -27.16 0.09
N LYS ZA 31 14.11 -28.43 0.44
CA LYS ZA 31 15.23 -29.34 0.65
C LYS ZA 31 15.41 -30.37 -0.47
N ARG ZA 32 14.78 -30.17 -1.63
CA ARG ZA 32 15.01 -31.05 -2.77
C ARG ZA 32 16.37 -30.86 -3.43
N GLU ZA 33 17.08 -29.76 -3.14
CA GLU ZA 33 18.40 -29.52 -3.70
C GLU ZA 33 19.37 -29.23 -2.56
N GLY ZA 34 20.58 -29.79 -2.67
CA GLY ZA 34 21.63 -29.49 -1.71
C GLY ZA 34 21.61 -30.33 -0.45
N TYR ZA 35 20.67 -31.26 -0.31
CA TYR ZA 35 20.52 -32.09 0.88
C TYR ZA 35 20.73 -33.56 0.53
N PRO ZA 36 21.15 -34.39 1.50
CA PRO ZA 36 21.51 -34.08 2.89
C PRO ZA 36 22.77 -33.22 3.03
N LEU ZA 37 22.85 -32.49 4.13
CA LEU ZA 37 23.96 -31.59 4.37
C LEU ZA 37 25.24 -32.34 4.70
N GLU ZA 38 26.35 -31.86 4.16
CA GLU ZA 38 27.67 -32.31 4.55
C GLU ZA 38 28.04 -31.73 5.91
N SER ZA 39 28.63 -32.56 6.77
CA SER ZA 39 29.14 -32.06 8.04
C SER ZA 39 30.30 -32.94 8.49
N PRO ZA 40 31.11 -32.47 9.44
CA PRO ZA 40 32.17 -33.35 9.99
C PRO ZA 40 31.64 -34.60 10.66
N GLN ZA 41 30.42 -34.55 11.20
CA GLN ZA 41 29.80 -35.70 11.86
C GLN ZA 41 28.99 -36.59 10.90
N GLY ZA 42 29.15 -36.41 9.60
CA GLY ZA 42 28.37 -37.12 8.61
C GLY ZA 42 27.13 -36.39 8.12
N PRO ZA 43 26.34 -37.05 7.29
CA PRO ZA 43 25.19 -36.40 6.66
C PRO ZA 43 24.15 -35.93 7.67
N ARG ZA 44 23.53 -34.80 7.37
CA ARG ZA 44 22.53 -34.16 8.23
C ARG ZA 44 21.34 -33.73 7.39
N ASP ZA 45 20.13 -33.92 7.92
CA ASP ZA 45 18.90 -33.59 7.20
C ASP ZA 45 18.22 -32.32 7.67
N GLY ZA 46 18.52 -31.84 8.87
CA GLY ZA 46 17.69 -30.87 9.54
C GLY ZA 46 16.31 -31.42 9.84
N TRP ZA 47 15.36 -30.51 9.99
CA TRP ZA 47 13.96 -30.89 10.15
C TRP ZA 47 13.08 -29.86 9.47
N PRO ZA 48 11.96 -30.29 8.87
CA PRO ZA 48 11.58 -31.65 8.50
C PRO ZA 48 12.55 -32.27 7.49
N LYS ZA 49 12.52 -33.59 7.34
CA LYS ZA 49 13.31 -34.23 6.31
C LYS ZA 49 12.83 -33.83 4.92
N GLY ZA 50 13.80 -33.50 4.06
CA GLY ZA 50 13.46 -33.02 2.73
C GLY ZA 50 12.77 -34.07 1.88
N ALA ZA 51 11.92 -33.58 0.97
CA ALA ZA 51 11.39 -34.43 -0.09
C ALA ZA 51 12.54 -34.90 -0.99
N PRO ZA 52 12.36 -36.01 -1.71
CA PRO ZA 52 13.42 -36.48 -2.61
C PRO ZA 52 13.70 -35.50 -3.74
N LYS ZA 53 14.92 -35.54 -4.25
CA LYS ZA 53 15.27 -34.82 -5.47
C LYS ZA 53 14.42 -35.31 -6.64
N LYS ZA 54 13.95 -34.36 -7.43
CA LYS ZA 54 12.92 -34.60 -8.45
C LYS ZA 54 13.56 -34.68 -9.83
N THR ZA 55 13.18 -35.69 -10.61
CA THR ZA 55 13.58 -35.80 -12.01
C THR ZA 55 12.53 -35.17 -12.91
N TYR ZA 56 13.00 -34.48 -13.95
CA TYR ZA 56 12.14 -33.85 -14.94
C TYR ZA 56 12.27 -34.57 -16.27
N VAL ZA 57 11.14 -34.87 -16.91
CA VAL ZA 57 11.12 -35.42 -18.26
C VAL ZA 57 10.95 -34.31 -19.29
N HIS ZA 58 11.93 -34.17 -20.17
CA HIS ZA 58 11.81 -33.32 -21.35
C HIS ZA 58 10.90 -33.96 -22.39
N ARG ZA 59 10.50 -33.17 -23.37
CA ARG ZA 59 9.63 -33.60 -24.47
C ARG ZA 59 10.44 -34.22 -25.62
N ASP ZA 60 9.76 -35.05 -26.41
CA ASP ZA 60 10.20 -35.42 -27.75
C ASP ZA 60 9.51 -34.51 -28.75
N HIS ZA 61 10.31 -33.80 -29.55
CA HIS ZA 61 9.91 -32.51 -30.09
C HIS ZA 61 9.05 -32.61 -31.35
N GLY ZA 62 8.29 -31.55 -31.57
CA GLY ZA 62 7.58 -31.31 -32.81
C GLY ZA 62 7.05 -29.89 -32.88
N SER AB 2 48.32 -31.22 -7.24
CA SER AB 2 47.32 -31.92 -6.44
C SER AB 2 45.96 -31.94 -7.13
N ASP AB 3 45.22 -33.03 -6.94
CA ASP AB 3 43.90 -33.20 -7.52
C ASP AB 3 42.78 -32.67 -6.62
N VAL AB 4 43.10 -31.97 -5.53
CA VAL AB 4 42.14 -31.16 -4.80
C VAL AB 4 42.43 -29.69 -5.05
N LYS AB 5 41.38 -28.94 -5.38
CA LYS AB 5 41.48 -27.55 -5.80
C LYS AB 5 41.67 -26.58 -4.64
N PHE AB 6 41.48 -27.01 -3.41
CA PHE AB 6 41.52 -26.13 -2.25
C PHE AB 6 41.80 -26.93 -0.99
N VAL AB 7 42.18 -26.23 0.07
CA VAL AB 7 42.38 -26.82 1.39
C VAL AB 7 41.80 -25.88 2.45
N PRO AB 8 41.46 -26.42 3.63
CA PRO AB 8 41.01 -25.56 4.73
C PRO AB 8 42.08 -24.57 5.17
N ALA AB 9 41.65 -23.35 5.52
CA ALA AB 9 42.57 -22.39 6.11
C ALA AB 9 43.10 -22.85 7.46
N ASP AB 10 42.29 -23.57 8.23
CA ASP AB 10 42.73 -24.18 9.49
C ASP AB 10 41.73 -25.27 9.87
N ASN AB 11 41.95 -25.89 11.04
CA ASN AB 11 41.16 -27.03 11.46
C ASN AB 11 39.79 -26.67 12.06
N TYR AB 12 39.54 -25.41 12.39
CA TYR AB 12 38.31 -25.06 13.10
C TYR AB 12 37.10 -25.14 12.18
N ASN AB 13 35.94 -25.44 12.77
CA ASN AB 13 34.69 -25.44 12.02
C ASN AB 13 34.41 -24.05 11.45
N GLY AB 14 33.81 -24.03 10.26
CA GLY AB 14 33.42 -22.76 9.67
C GLY AB 14 34.54 -21.91 9.13
N SER AB 15 35.77 -22.43 9.04
CA SER AB 15 36.86 -21.71 8.43
C SER AB 15 36.76 -21.71 6.89
N PRO AB 16 37.21 -20.63 6.25
CA PRO AB 16 37.27 -20.61 4.79
C PRO AB 16 38.26 -21.62 4.21
N ILE AB 17 38.04 -21.96 2.94
CA ILE AB 17 38.99 -22.72 2.15
C ILE AB 17 39.95 -21.78 1.41
N ILE AB 18 41.13 -22.29 1.09
CA ILE AB 18 42.15 -21.57 0.34
C ILE AB 18 42.44 -22.32 -0.97
N PRO AB 19 42.27 -21.68 -2.13
CA PRO AB 19 42.59 -22.36 -3.40
C PRO AB 19 44.05 -22.73 -3.52
N THR AB 20 44.30 -23.96 -4.00
CA THR AB 20 45.66 -24.46 -4.17
C THR AB 20 46.33 -23.98 -5.45
N GLY AB 21 45.58 -23.52 -6.44
CA GLY AB 21 46.14 -23.10 -7.72
C GLY AB 21 45.62 -21.73 -8.12
N ASN AB 22 45.40 -21.58 -9.42
CA ASN AB 22 44.71 -20.39 -9.92
C ASN AB 22 43.21 -20.58 -9.75
N PRO AB 23 42.53 -19.76 -8.95
CA PRO AB 23 41.10 -19.97 -8.73
C PRO AB 23 40.23 -19.69 -9.95
N MET AB 24 40.59 -18.71 -10.78
CA MET AB 24 39.79 -18.40 -11.96
C MET AB 24 39.76 -19.57 -12.94
N ILE AB 25 40.88 -20.28 -13.08
CA ILE AB 25 40.94 -21.44 -13.95
C ILE AB 25 40.37 -22.68 -13.28
N ASP AB 26 40.72 -22.91 -12.00
CA ASP AB 26 40.28 -24.13 -11.32
C ASP AB 26 38.80 -24.11 -10.96
N GLY AB 27 38.22 -22.92 -10.77
CA GLY AB 27 36.82 -22.82 -10.40
C GLY AB 27 36.58 -23.01 -8.92
N VAL AB 28 37.09 -22.07 -8.13
CA VAL AB 28 36.93 -22.01 -6.69
C VAL AB 28 36.35 -20.65 -6.36
N GLY AB 29 35.57 -20.59 -5.28
CA GLY AB 29 34.96 -19.35 -4.87
C GLY AB 29 34.02 -18.79 -5.91
N PRO AB 30 34.04 -17.47 -6.13
CA PRO AB 30 33.15 -16.89 -7.14
C PRO AB 30 33.48 -17.31 -8.57
N ALA AB 31 34.61 -17.96 -8.81
CA ALA AB 31 34.92 -18.52 -10.12
C ALA AB 31 34.33 -19.90 -10.35
N SER AB 32 33.62 -20.46 -9.38
CA SER AB 32 33.06 -21.81 -9.50
C SER AB 32 31.95 -21.89 -10.55
N TRP AB 33 31.82 -23.06 -11.15
CA TRP AB 33 30.65 -23.41 -11.95
C TRP AB 33 30.03 -24.70 -11.39
N ALA AB 34 28.81 -24.99 -11.83
CA ALA AB 34 28.19 -26.28 -11.54
C ALA AB 34 28.85 -27.38 -12.37
N GLU AB 35 29.77 -28.11 -11.76
CA GLU AB 35 30.66 -29.00 -12.50
C GLU AB 35 29.97 -30.25 -13.03
N ASP AB 36 28.81 -30.62 -12.48
CA ASP AB 36 28.02 -31.75 -12.96
C ASP AB 36 26.88 -31.34 -13.88
N ARG AB 37 26.85 -30.10 -14.34
CA ARG AB 37 25.79 -29.66 -15.25
C ARG AB 37 25.86 -30.38 -16.60
N ARG AB 38 24.68 -30.72 -17.12
CA ARG AB 38 24.51 -31.49 -18.34
C ARG AB 38 25.22 -30.85 -19.54
N ASP AB 39 26.11 -31.62 -20.17
CA ASP AB 39 26.91 -31.12 -21.29
C ASP AB 39 26.20 -31.34 -22.63
N GLU AB 40 25.03 -30.72 -22.76
CA GLU AB 40 24.21 -30.77 -23.95
C GLU AB 40 23.67 -29.38 -24.22
N PRO AB 41 23.38 -29.03 -25.49
CA PRO AB 41 22.71 -27.75 -25.75
C PRO AB 41 21.34 -27.67 -25.11
N ASP AB 42 21.00 -26.48 -24.64
CA ASP AB 42 19.64 -26.12 -24.30
C ASP AB 42 18.80 -25.98 -25.57
N LEU AB 43 17.56 -26.49 -25.56
CA LEU AB 43 16.73 -26.57 -26.75
C LEU AB 43 15.48 -25.70 -26.64
N THR AB 44 15.01 -25.23 -27.80
CA THR AB 44 13.74 -24.52 -27.90
C THR AB 44 12.57 -25.49 -27.78
N TYR AB 45 11.36 -24.93 -27.74
CA TYR AB 45 10.14 -25.75 -27.73
C TYR AB 45 10.10 -26.74 -28.87
N HIS AB 46 10.41 -26.27 -30.08
CA HIS AB 46 10.40 -27.11 -31.28
C HIS AB 46 11.66 -27.96 -31.42
N GLY AB 47 12.56 -27.93 -30.45
CA GLY AB 47 13.67 -28.86 -30.38
C GLY AB 47 14.95 -28.44 -31.08
N SER AB 48 15.00 -27.24 -31.65
CA SER AB 48 16.25 -26.72 -32.20
C SER AB 48 17.13 -26.14 -31.07
N HIS AB 49 18.40 -25.91 -31.40
CA HIS AB 49 19.31 -25.28 -30.44
C HIS AB 49 18.82 -23.89 -30.06
N LYS AB 50 18.76 -23.64 -28.74
CA LYS AB 50 18.23 -22.38 -28.24
C LYS AB 50 19.18 -21.21 -28.48
N ILE AB 51 20.47 -21.38 -28.25
CA ILE AB 51 21.41 -20.27 -28.33
C ILE AB 51 22.39 -20.54 -29.46
N VAL AB 52 22.39 -19.65 -30.45
CA VAL AB 52 23.15 -19.84 -31.69
C VAL AB 52 23.70 -18.50 -32.14
N PRO AB 53 24.81 -18.53 -32.88
CA PRO AB 53 25.26 -17.30 -33.53
C PRO AB 53 24.23 -16.79 -34.52
N MET AB 54 24.01 -15.48 -34.50
CA MET AB 54 22.93 -14.86 -35.28
C MET AB 54 23.14 -15.05 -36.77
N ARG AB 55 24.40 -15.18 -37.19
CA ARG AB 55 24.77 -15.60 -38.53
C ARG AB 55 24.02 -16.83 -39.03
N LEU AB 56 23.61 -17.73 -38.13
CA LEU AB 56 22.94 -18.97 -38.50
C LEU AB 56 21.44 -18.96 -38.26
N ASP AB 57 20.84 -17.83 -37.94
CA ASP AB 57 19.38 -17.69 -37.99
C ASP AB 57 18.96 -16.44 -38.75
N PRO AB 58 18.59 -16.58 -40.02
CA PRO AB 58 18.32 -15.40 -40.85
C PRO AB 58 17.09 -14.60 -40.44
N THR AB 59 16.25 -15.10 -39.54
CA THR AB 59 15.11 -14.30 -39.09
C THR AB 59 15.50 -13.15 -38.15
N PHE AB 60 16.67 -13.21 -37.53
CA PHE AB 60 17.04 -12.24 -36.50
C PHE AB 60 17.76 -11.03 -37.07
N SER AB 61 17.57 -9.88 -36.41
CA SER AB 61 18.40 -8.70 -36.65
C SER AB 61 18.32 -7.77 -35.45
N ILE AB 62 19.30 -6.86 -35.37
CA ILE AB 62 19.24 -5.76 -34.40
C ILE AB 62 18.03 -4.87 -34.66
N ALA AB 63 17.37 -4.45 -33.59
CA ALA AB 63 16.22 -3.57 -33.69
C ALA AB 63 16.63 -2.15 -34.10
N LYS AB 64 15.73 -1.48 -34.83
CA LYS AB 64 15.89 -0.06 -35.14
C LYS AB 64 16.08 0.77 -33.87
N GLY AB 65 17.05 1.70 -33.92
CA GLY AB 65 17.32 2.61 -32.84
C GLY AB 65 18.30 2.12 -31.79
N ASP AB 66 18.68 0.86 -31.80
CA ASP AB 66 19.77 0.39 -30.95
C ASP AB 66 21.09 0.38 -31.71
N PRO AB 67 22.21 0.63 -31.01
CA PRO AB 67 23.52 0.48 -31.64
C PRO AB 67 23.76 -0.96 -32.08
N ASP AB 68 24.46 -1.11 -33.20
CA ASP AB 68 24.94 -2.43 -33.60
C ASP AB 68 26.27 -2.69 -32.90
N PRO AB 69 26.35 -3.67 -31.99
CA PRO AB 69 27.59 -3.88 -31.23
C PRO AB 69 28.76 -4.39 -32.05
N ARG AB 70 28.51 -4.97 -33.23
CA ARG AB 70 29.59 -5.51 -34.04
C ARG AB 70 30.51 -4.40 -34.54
N GLY AB 71 31.81 -4.68 -34.52
CA GLY AB 71 32.82 -3.68 -34.81
C GLY AB 71 33.22 -2.77 -33.67
N LEU AB 72 32.52 -2.80 -32.54
CA LEU AB 72 32.93 -1.99 -31.40
C LEU AB 72 34.15 -2.59 -30.69
N PRO AB 73 35.07 -1.76 -30.21
CA PRO AB 73 36.15 -2.24 -29.34
C PRO AB 73 35.66 -2.55 -27.93
N VAL AB 74 36.28 -3.57 -27.33
CA VAL AB 74 35.97 -4.02 -25.98
C VAL AB 74 37.09 -3.57 -25.06
N ILE AB 75 36.75 -2.81 -24.03
CA ILE AB 75 37.72 -2.22 -23.11
C ILE AB 75 37.68 -2.98 -21.80
N ALA AB 76 38.80 -3.61 -21.45
CA ALA AB 76 38.87 -4.49 -20.29
C ALA AB 76 39.10 -3.71 -19.01
N ALA AB 77 39.14 -4.44 -17.89
CA ALA AB 77 39.22 -3.82 -16.57
C ALA AB 77 40.44 -2.94 -16.39
N ASP AB 78 41.55 -3.29 -17.06
CA ASP AB 78 42.77 -2.49 -17.05
C ASP AB 78 42.83 -1.47 -18.19
N LYS AB 79 41.68 -1.07 -18.73
CA LYS AB 79 41.55 -0.04 -19.75
C LYS AB 79 42.25 -0.35 -21.08
N GLN AB 80 42.83 -1.54 -21.22
CA GLN AB 80 43.35 -1.96 -22.51
C GLN AB 80 42.22 -2.47 -23.39
N VAL AB 81 42.38 -2.32 -24.71
CA VAL AB 81 41.50 -2.97 -25.67
C VAL AB 81 41.73 -4.48 -25.61
N ALA AB 82 40.68 -5.23 -25.30
CA ALA AB 82 40.75 -6.69 -25.37
C ALA AB 82 40.57 -7.20 -26.79
N GLY AB 83 39.75 -6.54 -27.59
CA GLY AB 83 39.43 -7.03 -28.92
C GLY AB 83 38.24 -6.30 -29.50
N THR AB 84 37.69 -6.87 -30.56
CA THR AB 84 36.55 -6.30 -31.27
C THR AB 84 35.40 -7.31 -31.31
N VAL AB 85 34.17 -6.84 -31.09
CA VAL AB 85 33.01 -7.70 -31.29
C VAL AB 85 32.85 -8.01 -32.77
N VAL AB 86 32.75 -9.29 -33.10
CA VAL AB 86 32.55 -9.71 -34.48
C VAL AB 86 31.26 -10.47 -34.70
N GLU AB 87 30.59 -10.95 -33.65
CA GLU AB 87 29.36 -11.71 -33.83
C GLU AB 87 28.51 -11.63 -32.58
N LEU AB 88 27.21 -11.87 -32.76
CA LEU AB 88 26.24 -11.96 -31.68
C LEU AB 88 25.68 -13.37 -31.60
N TRP AB 89 25.46 -13.88 -30.39
CA TRP AB 89 24.71 -15.11 -30.18
C TRP AB 89 23.36 -14.76 -29.57
N VAL AB 90 22.29 -15.31 -30.14
CA VAL AB 90 20.92 -14.95 -29.77
C VAL AB 90 20.25 -16.14 -29.09
N ASN AB 91 19.43 -15.86 -28.07
CA ASN AB 91 18.50 -16.83 -27.52
C ASN AB 91 17.25 -16.84 -28.40
N ARG AB 92 16.92 -18.00 -28.97
CA ARG AB 92 15.80 -18.09 -29.90
C ARG AB 92 14.44 -18.30 -29.21
N SER AB 93 14.40 -18.77 -27.96
CA SER AB 93 13.12 -18.90 -27.27
C SER AB 93 12.60 -17.58 -26.74
N GLU AB 94 13.50 -16.68 -26.37
CA GLU AB 94 13.14 -15.34 -25.89
C GLU AB 94 14.17 -14.40 -26.50
N PRO AB 95 13.83 -13.75 -27.63
CA PRO AB 95 14.83 -13.01 -28.41
C PRO AB 95 15.66 -12.04 -27.59
N GLN AB 96 16.94 -12.37 -27.46
CA GLN AB 96 17.92 -11.62 -26.71
C GLN AB 96 19.26 -11.80 -27.39
N VAL AB 97 20.18 -10.86 -27.19
CA VAL AB 97 21.60 -11.17 -27.35
C VAL AB 97 22.08 -11.85 -26.07
N SER AB 98 22.54 -13.09 -26.19
CA SER AB 98 23.05 -13.84 -25.04
C SER AB 98 24.54 -13.64 -24.83
N TYR AB 99 25.32 -13.62 -25.91
CA TYR AB 99 26.76 -13.45 -25.84
C TYR AB 99 27.22 -12.56 -26.97
N TYR AB 100 28.23 -11.75 -26.70
CA TYR AB 100 29.07 -11.16 -27.73
C TYR AB 100 30.23 -12.10 -27.98
N GLU AB 101 30.59 -12.27 -29.25
CA GLU AB 101 31.79 -13.01 -29.61
C GLU AB 101 32.88 -12.03 -30.01
N VAL AB 102 34.02 -12.11 -29.33
CA VAL AB 102 35.05 -11.09 -29.39
C VAL AB 102 36.28 -11.67 -30.07
N GLN AB 103 36.69 -11.05 -31.16
CA GLN AB 103 37.98 -11.34 -31.79
C GLN AB 103 39.08 -10.70 -30.95
N LEU AB 104 39.89 -11.51 -30.27
CA LEU AB 104 40.92 -10.95 -29.39
C LEU AB 104 41.98 -10.20 -30.19
N ALA AB 105 42.43 -9.09 -29.62
CA ALA AB 105 43.50 -8.30 -30.23
C ALA AB 105 44.84 -9.02 -30.24
N SER AB 106 45.03 -10.01 -29.37
CA SER AB 106 46.25 -10.80 -29.33
C SER AB 106 45.92 -12.28 -29.43
N GLY AB 107 46.69 -13.00 -30.24
CA GLY AB 107 46.63 -14.45 -30.35
C GLY AB 107 45.48 -14.99 -31.17
N GLU AB 108 44.55 -14.14 -31.60
CA GLU AB 108 43.55 -14.47 -32.61
C GLU AB 108 42.67 -15.67 -32.24
N ARG AB 109 42.37 -15.82 -30.95
CA ARG AB 109 41.16 -16.52 -30.54
C ARG AB 109 39.93 -15.63 -30.75
N ARG AB 110 38.78 -16.28 -30.96
CA ARG AB 110 37.49 -15.68 -30.64
C ARG AB 110 36.93 -16.29 -29.37
N VAL AB 111 36.49 -15.43 -28.44
CA VAL AB 111 35.95 -15.86 -27.15
C VAL AB 111 34.55 -15.28 -26.99
N LEU AB 112 33.72 -15.97 -26.21
CA LEU AB 112 32.41 -15.45 -25.88
C LEU AB 112 32.45 -14.55 -24.64
N LEU AB 113 31.55 -13.58 -24.63
CA LEU AB 113 31.43 -12.57 -23.59
C LEU AB 113 29.95 -12.40 -23.25
N PRO AB 114 29.50 -12.86 -22.09
CA PRO AB 114 28.06 -12.78 -21.79
C PRO AB 114 27.63 -11.33 -21.61
N THR AB 115 26.45 -11.01 -22.17
CA THR AB 115 25.98 -9.63 -22.19
C THR AB 115 25.77 -9.05 -20.80
N GLY AB 116 25.56 -9.88 -19.79
CA GLY AB 116 25.48 -9.38 -18.42
C GLY AB 116 26.77 -8.84 -17.84
N TYR AB 117 27.90 -9.04 -18.52
CA TYR AB 117 29.17 -8.47 -18.09
C TYR AB 117 29.61 -7.26 -18.90
N VAL AB 118 28.79 -6.79 -19.83
CA VAL AB 118 29.11 -5.63 -20.65
C VAL AB 118 28.36 -4.41 -20.12
N GLN AB 119 29.09 -3.32 -19.90
CA GLN AB 119 28.52 -2.02 -19.59
C GLN AB 119 28.73 -1.09 -20.77
N TRP AB 120 27.69 -0.38 -21.17
CA TRP AB 120 27.81 0.70 -22.15
C TRP AB 120 28.28 1.99 -21.49
N PRO AB 121 28.95 2.86 -22.24
CA PRO AB 121 29.76 3.94 -21.61
C PRO AB 121 29.01 4.84 -20.64
N ASN AB 122 27.87 5.39 -21.03
CA ASN AB 122 27.19 6.37 -20.18
C ASN AB 122 25.84 5.84 -19.71
N PHE AB 123 25.83 4.62 -19.20
CA PHE AB 123 24.61 3.82 -19.05
C PHE AB 123 23.82 3.70 -20.35
N GLY AB 124 24.49 3.84 -21.48
CA GLY AB 124 23.87 3.78 -22.79
C GLY AB 124 23.16 5.04 -23.23
N LEU AB 125 23.22 6.13 -22.47
CA LEU AB 125 22.47 7.33 -22.79
C LEU AB 125 23.10 8.14 -23.92
N TRP AB 126 24.39 7.95 -24.19
CA TRP AB 126 25.05 8.52 -25.37
C TRP AB 126 26.43 7.86 -25.48
N GLY AB 127 27.15 8.20 -26.55
CA GLY AB 127 28.44 7.60 -26.81
C GLY AB 127 28.29 6.31 -27.59
N ASN AB 128 27.96 5.23 -26.88
CA ASN AB 128 27.58 3.94 -27.49
C ASN AB 128 28.58 3.47 -28.55
N ASP AB 129 29.86 3.69 -28.29
CA ASP AB 129 30.91 3.49 -29.29
C ASP AB 129 32.03 2.58 -28.79
N LYS AB 130 31.90 2.02 -27.59
CA LYS AB 130 32.82 1.00 -27.08
C LYS AB 130 32.10 0.24 -25.98
N LEU AB 131 32.55 -0.99 -25.74
CA LEU AB 131 32.01 -1.84 -24.68
C LEU AB 131 32.99 -1.94 -23.52
N LEU AB 132 32.49 -1.76 -22.30
CA LEU AB 132 33.32 -1.79 -21.11
C LEU AB 132 33.12 -3.10 -20.35
N VAL AB 133 34.21 -3.79 -20.04
CA VAL AB 133 34.16 -5.05 -19.28
C VAL AB 133 34.99 -4.87 -18.01
N LYS AB 134 34.31 -4.50 -16.92
CA LYS AB 134 34.94 -4.25 -15.64
C LYS AB 134 35.49 -5.51 -14.97
N SER AB 135 34.98 -6.70 -15.32
CA SER AB 135 35.30 -7.90 -14.54
C SER AB 135 36.72 -8.43 -14.75
N ILE AB 136 37.22 -8.46 -15.99
CA ILE AB 136 38.53 -9.07 -16.25
C ILE AB 136 39.43 -8.14 -17.06
N THR AB 137 40.74 -8.33 -16.89
CA THR AB 137 41.74 -7.61 -17.67
C THR AB 137 41.88 -8.19 -19.08
N ALA AB 138 42.49 -7.40 -19.96
CA ALA AB 138 42.69 -7.80 -21.34
C ALA AB 138 43.55 -9.05 -21.48
N ALA AB 139 44.50 -9.26 -20.57
CA ALA AB 139 45.28 -10.50 -20.57
C ALA AB 139 44.41 -11.71 -20.23
N GLN AB 140 43.54 -11.59 -19.24
CA GLN AB 140 42.70 -12.70 -18.81
C GLN AB 140 41.70 -13.14 -19.88
N PHE AB 141 41.37 -12.28 -20.84
CA PHE AB 141 40.50 -12.70 -21.95
C PHE AB 141 41.03 -13.91 -22.70
N ALA AB 142 42.36 -14.07 -22.78
CA ALA AB 142 42.94 -15.20 -23.50
C ALA AB 142 42.57 -16.55 -22.89
N ASN AB 143 42.22 -16.60 -21.60
CA ASN AB 143 41.89 -17.85 -20.93
C ASN AB 143 40.39 -18.09 -20.77
N VAL AB 144 39.53 -17.28 -21.38
CA VAL AB 144 38.09 -17.54 -21.32
C VAL AB 144 37.81 -18.95 -21.84
N PRO AB 145 37.01 -19.77 -21.15
CA PRO AB 145 36.81 -21.16 -21.56
C PRO AB 145 36.28 -21.27 -22.99
N ALA AB 146 36.88 -22.17 -23.76
CA ALA AB 146 36.49 -22.39 -25.14
C ALA AB 146 35.13 -23.08 -25.25
N THR AB 147 34.53 -22.96 -26.43
CA THR AB 147 33.32 -23.65 -26.82
C THR AB 147 33.73 -24.72 -27.83
N LYS AB 148 33.34 -25.98 -27.57
CA LYS AB 148 33.87 -27.05 -28.41
C LYS AB 148 33.31 -27.08 -29.84
N ARG AB 149 32.30 -26.26 -30.14
CA ARG AB 149 31.90 -25.99 -31.52
C ARG AB 149 31.60 -24.51 -31.66
N ASP AB 150 31.67 -24.00 -32.89
CA ASP AB 150 31.48 -22.57 -33.12
C ASP AB 150 30.04 -22.19 -33.43
N ASP AB 151 29.10 -23.12 -33.32
CA ASP AB 151 27.71 -22.88 -33.72
C ASP AB 151 26.70 -23.32 -32.67
N GLN AB 152 27.14 -23.81 -31.52
CA GLN AB 152 26.26 -24.20 -30.43
C GLN AB 152 27.04 -24.14 -29.13
N ILE AB 153 26.31 -24.04 -28.02
CA ILE AB 153 26.92 -23.99 -26.70
C ILE AB 153 26.12 -24.88 -25.75
N THR AB 154 26.82 -25.70 -24.98
CA THR AB 154 26.16 -26.59 -24.02
C THR AB 154 25.88 -25.87 -22.70
N LEU AB 155 24.92 -26.39 -21.96
CA LEU AB 155 24.60 -25.85 -20.64
C LEU AB 155 25.82 -25.83 -19.72
N LEU AB 156 26.67 -26.85 -19.81
CA LEU AB 156 27.93 -26.84 -19.06
C LEU AB 156 28.85 -25.71 -19.48
N GLU AB 157 29.00 -25.48 -20.78
CA GLU AB 157 29.86 -24.40 -21.26
C GLU AB 157 29.32 -23.03 -20.90
N GLU AB 158 28.01 -22.84 -20.93
CA GLU AB 158 27.42 -21.61 -20.44
C GLU AB 158 27.78 -21.34 -18.99
N ASP AB 159 27.80 -22.38 -18.15
CA ASP AB 159 28.19 -22.21 -16.75
C ASP AB 159 29.67 -21.91 -16.59
N LYS AB 160 30.53 -22.60 -17.34
CA LYS AB 160 31.97 -22.31 -17.28
C LYS AB 160 32.29 -20.88 -17.69
N ILE AB 161 31.70 -20.40 -18.78
CA ILE AB 161 32.03 -19.07 -19.28
C ILE AB 161 31.54 -18.00 -18.32
N CYS AB 162 30.27 -18.07 -17.91
CA CYS AB 162 29.74 -17.10 -16.96
C CYS AB 162 30.51 -17.10 -15.64
N ALA AB 163 30.90 -18.29 -15.16
CA ALA AB 163 31.71 -18.38 -13.95
C ALA AB 163 33.07 -17.72 -14.09
N TYR AB 164 33.66 -17.77 -15.29
CA TYR AB 164 34.99 -17.19 -15.50
C TYR AB 164 34.99 -15.68 -15.32
N TYR AB 165 33.99 -15.00 -15.91
CA TYR AB 165 33.85 -13.56 -15.68
C TYR AB 165 33.36 -13.24 -14.27
N ALA AB 166 32.53 -14.09 -13.67
CA ALA AB 166 32.09 -13.85 -12.29
C ALA AB 166 33.27 -13.85 -11.32
N GLY AB 167 34.27 -14.69 -11.57
CA GLY AB 167 35.46 -14.72 -10.74
C GLY AB 167 36.34 -13.50 -10.84
N GLY AB 168 36.22 -12.73 -11.94
CA GLY AB 168 37.06 -11.57 -12.13
C GLY AB 168 36.81 -10.44 -11.14
N HIS AB 169 35.58 -10.29 -10.67
CA HIS AB 169 35.30 -9.28 -9.65
C HIS AB 169 36.06 -9.49 -8.35
N MET AB 170 36.61 -10.69 -8.12
CA MET AB 170 37.46 -10.94 -6.97
C MET AB 170 38.93 -11.14 -7.32
N TYR AB 171 39.23 -11.80 -8.44
CA TYR AB 171 40.58 -12.28 -8.70
C TYR AB 171 41.30 -11.57 -9.85
N ALA AB 172 40.66 -10.62 -10.53
CA ALA AB 172 41.33 -9.97 -11.66
C ALA AB 172 42.57 -9.19 -11.22
N PHE AB 173 42.51 -8.60 -10.03
CA PHE AB 173 43.65 -7.95 -9.40
C PHE AB 173 43.70 -8.38 -7.94
N ALA AB 174 44.92 -8.55 -7.42
CA ALA AB 174 45.08 -9.02 -6.04
C ALA AB 174 44.37 -8.12 -5.03
N GLU AB 175 44.20 -6.84 -5.35
CA GLU AB 175 43.53 -5.89 -4.46
C GLU AB 175 42.03 -6.14 -4.32
N ARG AB 176 41.38 -6.77 -5.30
CA ARG AB 176 39.92 -6.90 -5.27
C ARG AB 176 39.42 -7.80 -4.15
N SER AB 177 40.25 -8.70 -3.63
CA SER AB 177 39.87 -9.48 -2.45
C SER AB 177 39.90 -8.69 -1.15
N GLN AB 178 40.59 -7.54 -1.10
CA GLN AB 178 40.85 -6.86 0.15
C GLN AB 178 39.73 -5.88 0.51
N PRO AB 179 39.60 -5.54 1.80
CA PRO AB 179 38.59 -4.57 2.23
C PRO AB 179 38.89 -3.15 1.74
N ILE AB 180 37.89 -2.28 1.97
CA ILE AB 180 37.90 -0.91 1.48
C ILE AB 180 38.52 0.06 2.49
N ILE AB 181 38.97 -0.43 3.64
CA ILE AB 181 39.48 0.44 4.70
C ILE AB 181 41.00 0.40 4.81
N ALA BB 2 26.76 -27.18 9.35
CA ALA BB 2 26.66 -28.05 8.18
C ALA BB 2 26.69 -27.25 6.89
N MET BB 3 26.83 -27.95 5.77
CA MET BB 3 26.97 -27.31 4.47
C MET BB 3 26.10 -28.02 3.43
N LEU BB 4 25.54 -27.25 2.50
CA LEU BB 4 24.93 -27.86 1.32
C LEU BB 4 25.97 -28.69 0.57
N SER BB 5 25.51 -29.71 -0.14
CA SER BB 5 26.41 -30.66 -0.79
C SER BB 5 27.37 -29.99 -1.78
N PHE BB 6 26.97 -28.87 -2.38
CA PHE BB 6 27.83 -28.08 -3.26
C PHE BB 6 28.50 -26.88 -2.60
N GLU BB 7 28.31 -26.66 -1.30
CA GLU BB 7 28.68 -25.37 -0.69
C GLU BB 7 30.19 -25.16 -0.53
N LYS BB 8 30.93 -26.20 -0.15
CA LYS BB 8 32.29 -26.01 0.39
C LYS BB 8 33.19 -25.24 -0.57
N LYS BB 9 33.13 -25.59 -1.85
CA LYS BB 9 33.81 -24.89 -2.94
C LYS BB 9 33.65 -23.37 -2.92
N TYR BB 10 32.51 -22.86 -2.47
CA TYR BB 10 32.26 -21.42 -2.49
C TYR BB 10 32.82 -20.65 -1.29
N ARG BB 11 33.16 -21.33 -0.19
CA ARG BB 11 33.54 -20.67 1.07
C ARG BB 11 34.97 -20.12 1.07
N VAL BB 12 35.26 -19.23 0.12
CA VAL BB 12 36.57 -18.57 0.09
C VAL BB 12 36.60 -17.36 1.02
N ARG BB 13 37.82 -16.93 1.34
CA ARG BB 13 38.04 -15.58 1.86
C ARG BB 13 37.83 -14.54 0.76
N GLY BB 14 37.59 -13.31 1.18
CA GLY BB 14 37.50 -12.18 0.27
C GLY BB 14 36.10 -11.60 0.21
N GLY BB 15 36.02 -10.39 -0.36
CA GLY BB 15 34.77 -9.69 -0.53
C GLY BB 15 34.29 -8.89 0.66
N THR BB 16 35.04 -8.88 1.76
CA THR BB 16 34.67 -8.05 2.90
C THR BB 16 34.84 -6.57 2.59
N LEU BB 17 34.13 -5.75 3.36
CA LEU BB 17 34.23 -4.30 3.26
C LEU BB 17 35.13 -3.70 4.33
N ILE BB 18 35.09 -4.22 5.55
CA ILE BB 18 35.88 -3.69 6.65
C ILE BB 18 36.93 -4.69 7.13
N GLY BB 19 36.50 -5.81 7.71
CA GLY BB 19 37.35 -6.52 8.66
C GLY BB 19 38.50 -7.32 8.08
N GLY BB 20 38.60 -7.42 6.75
CA GLY BB 20 39.49 -8.38 6.14
C GLY BB 20 39.26 -9.80 6.63
N ASP BB 21 40.35 -10.54 6.78
CA ASP BB 21 40.27 -11.96 7.13
C ASP BB 21 39.84 -12.21 8.58
N LEU BB 22 39.95 -11.19 9.44
CA LEU BB 22 39.78 -11.41 10.88
C LEU BB 22 38.42 -12.02 11.23
N PHE BB 23 37.34 -11.44 10.71
CA PHE BB 23 36.00 -11.97 10.93
C PHE BB 23 35.47 -12.81 9.77
N ASP BB 24 36.34 -13.21 8.85
CA ASP BB 24 35.91 -13.82 7.59
C ASP BB 24 35.72 -15.32 7.76
N PHE BB 25 34.64 -15.69 8.44
CA PHE BB 25 34.36 -17.08 8.79
C PHE BB 25 32.85 -17.28 8.94
N TRP BB 26 32.46 -18.54 9.06
CA TRP BB 26 31.05 -18.93 9.24
C TRP BB 26 30.79 -19.50 10.62
N PHE BB 27 29.53 -19.38 11.04
CA PHE BB 27 29.01 -20.00 12.27
C PHE BB 27 27.76 -20.78 11.89
N GLY BB 28 27.88 -22.11 11.81
CA GLY BB 28 26.84 -22.93 11.24
C GLY BB 28 26.57 -22.55 9.80
N PRO BB 29 25.31 -22.27 9.47
CA PRO BB 29 25.01 -21.75 8.13
C PRO BB 29 25.40 -20.30 7.93
N PHE BB 30 25.53 -19.51 9.00
CA PHE BB 30 25.59 -18.06 8.88
C PHE BB 30 26.99 -17.59 8.54
N TYR BB 31 27.11 -16.67 7.58
CA TYR BB 31 28.33 -15.90 7.44
C TYR BB 31 28.40 -14.84 8.53
N VAL BB 32 29.58 -14.65 9.11
CA VAL BB 32 29.75 -13.65 10.16
C VAL BB 32 30.23 -12.33 9.56
N GLY BB 33 31.54 -12.17 9.43
CA GLY BB 33 32.09 -10.89 9.03
C GLY BB 33 31.97 -9.80 10.08
N PHE BB 34 32.60 -8.66 9.84
CA PHE BB 34 32.56 -7.55 10.79
C PHE BB 34 31.14 -7.05 11.04
N PHE BB 35 30.33 -6.95 10.00
CA PHE BB 35 28.95 -6.51 10.18
C PHE BB 35 28.04 -7.60 10.73
N GLY BB 36 28.47 -8.86 10.70
CA GLY BB 36 27.79 -9.88 11.48
C GLY BB 36 27.97 -9.66 12.97
N VAL BB 37 29.21 -9.37 13.38
CA VAL BB 37 29.51 -9.01 14.77
C VAL BB 37 28.70 -7.80 15.22
N THR BB 38 28.72 -6.72 14.44
CA THR BB 38 27.95 -5.53 14.81
C THR BB 38 26.45 -5.79 14.80
N THR BB 39 25.96 -6.59 13.84
CA THR BB 39 24.55 -6.99 13.86
C THR BB 39 24.16 -7.62 15.19
N ILE BB 40 24.90 -8.65 15.62
CA ILE BB 40 24.53 -9.39 16.83
C ILE BB 40 24.63 -8.50 18.07
N PHE BB 41 25.61 -7.60 18.09
CA PHE BB 41 25.68 -6.60 19.15
C PHE BB 41 24.38 -5.78 19.23
N PHE BB 42 23.98 -5.16 18.12
CA PHE BB 42 22.80 -4.29 18.13
C PHE BB 42 21.51 -5.09 18.31
N VAL BB 43 21.43 -6.29 17.73
CA VAL BB 43 20.28 -7.16 17.95
C VAL BB 43 20.15 -7.53 19.43
N THR BB 44 21.25 -7.94 20.06
CA THR BB 44 21.18 -8.36 21.45
C THR BB 44 20.86 -7.19 22.38
N LEU BB 45 21.58 -6.08 22.23
CA LEU BB 45 21.30 -4.90 23.03
C LEU BB 45 19.87 -4.41 22.83
N GLY BB 46 19.45 -4.26 21.57
CA GLY BB 46 18.10 -3.80 21.29
C GLY BB 46 17.01 -4.73 21.81
N THR BB 47 17.22 -6.05 21.68
CA THR BB 47 16.26 -7.01 22.19
C THR BB 47 16.16 -6.98 23.71
N LEU BB 48 17.31 -7.01 24.40
CA LEU BB 48 17.29 -6.99 25.86
C LEU BB 48 16.71 -5.70 26.43
N LEU BB 49 16.93 -4.57 25.76
CA LEU BB 49 16.23 -3.34 26.15
C LEU BB 49 14.74 -3.40 25.88
N CYS BB 50 14.31 -4.07 24.81
CA CYS BB 50 12.87 -4.32 24.62
C CYS BB 50 12.30 -5.18 25.74
N VAL BB 51 13.03 -6.20 26.16
CA VAL BB 51 12.59 -7.03 27.28
C VAL BB 51 12.55 -6.24 28.59
N TRP BB 52 13.52 -5.35 28.80
CA TRP BB 52 13.47 -4.45 29.95
C TRP BB 52 12.27 -3.51 29.88
N GLY BB 53 11.96 -2.98 28.70
CA GLY BB 53 10.76 -2.18 28.55
C GLY BB 53 9.48 -2.94 28.91
N ALA BB 54 9.38 -4.19 28.48
CA ALA BB 54 8.27 -5.04 28.88
C ALA BB 54 8.25 -5.28 30.39
N ALA BB 55 9.41 -5.53 31.00
CA ALA BB 55 9.46 -5.79 32.44
C ALA BB 55 8.93 -4.62 33.25
N MET BB 56 9.31 -3.40 32.91
CA MET BB 56 8.83 -2.23 33.65
C MET BB 56 7.47 -1.72 33.17
N GLY BB 57 6.88 -2.35 32.16
CA GLY BB 57 5.51 -2.04 31.78
C GLY BB 57 4.49 -2.89 32.50
N PRO BB 58 3.20 -2.63 32.24
CA PRO BB 58 2.13 -3.26 33.04
C PRO BB 58 1.90 -4.74 32.80
N THR BB 59 2.46 -5.35 31.76
CA THR BB 59 2.12 -6.75 31.48
C THR BB 59 3.21 -7.39 30.63
N TRP BB 60 3.26 -8.72 30.69
CA TRP BB 60 4.08 -9.53 29.80
C TRP BB 60 3.33 -10.07 28.60
N ASN BB 61 2.03 -9.83 28.52
CA ASN BB 61 1.24 -10.27 27.37
C ASN BB 61 1.85 -9.73 26.09
N LEU BB 62 2.25 -10.64 25.20
CA LEU BB 62 3.01 -10.29 24.01
C LEU BB 62 2.35 -9.22 23.17
N TRP BB 63 1.02 -9.29 23.02
CA TRP BB 63 0.28 -8.34 22.21
C TRP BB 63 0.21 -6.95 22.84
N GLN BB 64 0.26 -6.86 24.16
CA GLN BB 64 0.03 -5.63 24.89
C GLN BB 64 1.29 -4.88 25.30
N ILE BB 65 2.46 -5.51 25.22
CA ILE BB 65 3.71 -4.81 25.50
C ILE BB 65 3.80 -3.56 24.64
N ASN BB 66 4.22 -2.45 25.24
CA ASN BB 66 4.20 -1.15 24.57
C ASN BB 66 5.32 -0.28 25.10
N ILE BB 67 6.37 -0.10 24.30
CA ILE BB 67 7.47 0.80 24.62
C ILE BB 67 7.25 2.09 23.82
N ALA BB 68 6.79 3.18 24.52
CA ALA BB 68 6.32 4.38 23.84
C ALA BB 68 7.43 5.42 23.73
N PRO BB 69 7.43 6.20 22.64
CA PRO BB 69 8.34 7.36 22.54
C PRO BB 69 8.06 8.41 23.59
N PRO BB 70 8.94 9.39 23.76
CA PRO BB 70 8.69 10.47 24.72
C PRO BB 70 7.56 11.41 24.32
N ASP BB 71 7.10 12.19 25.31
CA ASP BB 71 6.24 13.33 25.06
C ASP BB 71 6.89 14.33 24.11
N LEU BB 72 6.03 15.04 23.36
CA LEU BB 72 6.52 16.01 22.39
C LEU BB 72 7.30 17.16 23.03
N LYS BB 73 7.03 17.46 24.31
CA LYS BB 73 7.72 18.55 25.00
C LYS BB 73 9.23 18.37 25.10
N TYR BB 74 9.74 17.14 24.99
CA TYR BB 74 11.19 16.93 25.03
C TYR BB 74 11.89 17.31 23.73
N GLY BB 75 11.14 17.58 22.66
CA GLY BB 75 11.74 17.99 21.40
C GLY BB 75 12.72 16.95 20.89
N LEU BB 76 13.91 17.40 20.51
CA LEU BB 76 14.94 16.50 19.99
C LEU BB 76 15.92 16.03 21.05
N GLY BB 77 15.64 16.25 22.35
CA GLY BB 77 16.47 15.68 23.38
C GLY BB 77 16.09 14.25 23.73
N LEU BB 78 17.04 13.56 24.36
CA LEU BB 78 16.77 12.28 25.01
C LEU BB 78 15.97 12.47 26.30
N ALA BB 79 14.77 11.90 26.36
CA ALA BB 79 13.95 11.94 27.56
C ALA BB 79 14.50 11.02 28.65
N PRO BB 80 14.00 11.15 29.89
CA PRO BB 80 14.25 10.12 30.90
C PRO BB 80 13.86 8.73 30.39
N LEU BB 81 14.65 7.72 30.75
CA LEU BB 81 14.52 6.41 30.13
C LEU BB 81 13.14 5.79 30.34
N ARG BB 82 12.58 5.90 31.54
CA ARG BB 82 11.19 5.49 31.77
C ARG BB 82 10.21 6.25 30.89
N GLU BB 83 10.54 7.48 30.52
CA GLU BB 83 9.61 8.40 29.87
C GLU BB 83 9.72 8.43 28.36
N GLY BB 84 10.40 7.47 27.74
CA GLY BB 84 10.63 7.47 26.32
C GLY BB 84 12.08 7.40 25.90
N GLY BB 85 13.02 7.68 26.81
CA GLY BB 85 14.42 7.53 26.47
C GLY BB 85 14.80 6.12 26.11
N LEU BB 86 14.13 5.13 26.71
CA LEU BB 86 14.38 3.74 26.35
C LEU BB 86 13.98 3.47 24.90
N TRP BB 87 12.84 4.01 24.47
CA TRP BB 87 12.46 3.94 23.07
C TRP BB 87 13.52 4.56 22.17
N GLN BB 88 14.12 5.67 22.60
CA GLN BB 88 15.14 6.35 21.80
C GLN BB 88 16.42 5.53 21.70
N ILE BB 89 16.84 4.87 22.78
CA ILE BB 89 18.00 3.97 22.70
C ILE BB 89 17.71 2.79 21.80
N ILE BB 90 16.53 2.16 21.94
CA ILE BB 90 16.18 1.03 21.10
C ILE BB 90 16.15 1.43 19.62
N THR BB 91 15.66 2.62 19.33
CA THR BB 91 15.66 3.14 17.96
C THR BB 91 17.07 3.24 17.40
N LEU BB 92 18.03 3.71 18.20
CA LEU BB 92 19.43 3.71 17.77
C LEU BB 92 19.96 2.30 17.51
N CYS BB 93 19.64 1.35 18.40
CA CYS BB 93 20.02 -0.04 18.15
C CYS BB 93 19.40 -0.59 16.87
N ALA BB 94 18.12 -0.29 16.63
CA ALA BB 94 17.44 -0.79 15.43
C ALA BB 94 18.08 -0.25 14.16
N LEU BB 95 18.37 1.05 14.12
CA LEU BB 95 19.14 1.63 13.03
C LEU BB 95 20.49 0.94 12.86
N GLY BB 96 21.22 0.74 13.96
CA GLY BB 96 22.48 0.04 13.89
C GLY BB 96 22.36 -1.38 13.38
N ALA BB 97 21.32 -2.10 13.80
CA ALA BB 97 21.10 -3.46 13.33
C ALA BB 97 20.72 -3.50 11.84
N PHE BB 98 19.74 -2.68 11.44
CA PHE BB 98 19.29 -2.72 10.05
C PHE BB 98 20.39 -2.28 9.08
N GLY BB 99 21.13 -1.24 9.44
CA GLY BB 99 22.32 -0.88 8.67
C GLY BB 99 23.37 -1.97 8.60
N SER BB 100 23.67 -2.59 9.75
CA SER BB 100 24.63 -3.70 9.74
C SER BB 100 24.16 -4.86 8.87
N TRP BB 101 22.87 -5.15 8.88
CA TRP BB 101 22.34 -6.23 8.07
C TRP BB 101 22.52 -5.98 6.57
N ALA BB 102 22.25 -4.74 6.14
CA ALA BB 102 22.46 -4.39 4.73
C ALA BB 102 23.91 -4.52 4.31
N LEU BB 103 24.84 -4.01 5.11
CA LEU BB 103 26.25 -4.08 4.76
C LEU BB 103 26.81 -5.51 4.82
N ARG BB 104 26.31 -6.33 5.74
CA ARG BB 104 26.65 -7.75 5.74
C ARG BB 104 26.18 -8.45 4.46
N GLN BB 105 24.97 -8.13 3.98
CA GLN BB 105 24.51 -8.67 2.70
C GLN BB 105 25.41 -8.26 1.54
N ALA BB 106 26.00 -7.07 1.57
CA ALA BB 106 26.95 -6.69 0.53
C ALA BB 106 28.22 -7.52 0.57
N GLU BB 107 28.77 -7.78 1.76
CA GLU BB 107 29.90 -8.69 1.88
C GLU BB 107 29.59 -10.09 1.33
N ILE BB 108 28.39 -10.61 1.60
CA ILE BB 108 28.01 -11.91 1.09
C ILE BB 108 27.85 -11.89 -0.43
N ALA BB 109 27.21 -10.85 -0.98
CA ALA BB 109 27.07 -10.75 -2.43
C ALA BB 109 28.43 -10.65 -3.12
N ARG BB 110 29.34 -9.87 -2.56
CA ARG BB 110 30.70 -9.75 -3.10
C ARG BB 110 31.45 -11.07 -3.09
N LYS BB 111 31.33 -11.84 -2.00
CA LYS BB 111 32.00 -13.14 -1.91
C LYS BB 111 31.45 -14.15 -2.91
N LEU BB 112 30.19 -14.01 -3.31
CA LEU BB 112 29.58 -14.89 -4.31
C LEU BB 112 29.65 -14.34 -5.73
N GLY BB 113 30.25 -13.18 -5.93
CA GLY BB 113 30.31 -12.59 -7.26
C GLY BB 113 28.98 -12.13 -7.82
N MET BB 114 28.00 -11.89 -6.96
CA MET BB 114 26.65 -11.45 -7.32
C MET BB 114 26.61 -9.93 -7.45
N GLY BB 115 25.60 -9.44 -8.19
CA GLY BB 115 25.30 -8.03 -8.15
C GLY BB 115 24.76 -7.58 -6.80
N MET BB 116 24.79 -6.26 -6.58
CA MET BB 116 24.43 -5.64 -5.29
C MET BB 116 22.93 -5.39 -5.13
N HIS BB 117 22.08 -6.00 -5.96
CA HIS BB 117 20.65 -5.72 -5.95
C HIS BB 117 20.01 -5.91 -4.57
N ILE BB 118 20.32 -7.01 -3.90
CA ILE BB 118 19.64 -7.32 -2.63
C ILE BB 118 19.92 -6.28 -1.55
N PRO BB 119 21.17 -5.92 -1.21
CA PRO BB 119 21.39 -4.80 -0.29
C PRO BB 119 20.61 -3.53 -0.59
N TRP BB 120 20.55 -3.12 -1.86
CA TRP BB 120 19.82 -1.90 -2.21
C TRP BB 120 18.31 -2.07 -2.11
N ALA BB 121 17.77 -3.23 -2.53
CA ALA BB 121 16.33 -3.46 -2.38
C ALA BB 121 15.90 -3.39 -0.92
N TYR BB 122 16.73 -3.92 -0.03
CA TYR BB 122 16.48 -3.80 1.41
C TYR BB 122 16.61 -2.36 1.90
N GLY BB 123 17.47 -1.57 1.28
CA GLY BB 123 17.51 -0.13 1.55
C GLY BB 123 16.19 0.60 1.40
N GLY BB 124 15.31 0.10 0.53
CA GLY BB 124 13.96 0.67 0.46
C GLY BB 124 13.15 0.51 1.73
N ALA BB 125 13.30 -0.63 2.40
CA ALA BB 125 12.65 -0.82 3.70
C ALA BB 125 13.29 0.02 4.78
N ILE BB 126 14.62 0.05 4.84
CA ILE BB 126 15.34 0.90 5.78
C ILE BB 126 14.97 2.37 5.61
N LEU BB 127 14.86 2.83 4.36
CA LEU BB 127 14.37 4.18 4.10
C LEU BB 127 13.01 4.42 4.74
N ALA BB 128 12.07 3.49 4.58
CA ALA BB 128 10.74 3.69 5.14
C ALA BB 128 10.77 3.74 6.66
N TYR BB 129 11.53 2.86 7.29
CA TYR BB 129 11.69 2.90 8.75
C TYR BB 129 12.34 4.21 9.19
N THR BB 130 13.47 4.56 8.56
CA THR BB 130 14.17 5.81 8.87
C THR BB 130 13.29 7.04 8.68
N THR BB 131 12.37 7.00 7.72
CA THR BB 131 11.41 8.10 7.57
C THR BB 131 10.46 8.18 8.77
N LEU BB 132 9.91 7.04 9.19
CA LEU BB 132 8.96 7.03 10.29
C LEU BB 132 9.58 7.45 11.63
N VAL BB 133 10.80 7.01 11.93
CA VAL BB 133 11.39 7.30 13.23
C VAL BB 133 12.44 8.41 13.25
N VAL BB 134 13.05 8.75 12.12
CA VAL BB 134 14.02 9.83 12.11
C VAL BB 134 13.54 11.04 11.32
N ILE BB 135 13.39 10.89 9.99
CA ILE BB 135 13.24 12.07 9.13
C ILE BB 135 11.95 12.82 9.45
N ARG BB 136 10.82 12.11 9.48
CA ARG BB 136 9.56 12.79 9.80
C ARG BB 136 9.53 13.34 11.22
N PRO BB 137 9.93 12.61 12.26
CA PRO BB 137 10.02 13.24 13.59
C PRO BB 137 10.94 14.46 13.64
N PHE BB 138 12.07 14.40 12.95
CA PHE BB 138 13.00 15.53 12.94
C PHE BB 138 12.41 16.75 12.25
N LEU BB 139 11.70 16.56 11.14
CA LEU BB 139 11.04 17.68 10.48
C LEU BB 139 9.90 18.25 11.33
N LEU BB 140 9.18 17.39 12.05
CA LEU BB 140 8.21 17.89 13.02
C LEU BB 140 8.83 18.42 14.31
N GLY BB 141 10.14 18.22 14.51
CA GLY BB 141 10.82 18.80 15.64
C GLY BB 141 10.74 18.07 16.95
N ALA BB 142 10.38 16.79 16.96
CA ALA BB 142 10.35 16.03 18.21
C ALA BB 142 10.42 14.54 17.90
N TRP BB 143 11.27 13.82 18.64
CA TRP BB 143 11.34 12.36 18.51
C TRP BB 143 10.03 11.68 18.91
N GLY BB 144 9.23 12.31 19.76
CA GLY BB 144 7.94 11.81 20.19
C GLY BB 144 6.94 11.54 19.07
N HIS BB 145 7.21 12.00 17.86
CA HIS BB 145 6.40 11.66 16.70
C HIS BB 145 6.65 10.27 16.13
N GLY BB 146 7.65 9.53 16.62
CA GLY BB 146 7.84 8.17 16.15
C GLY BB 146 6.75 7.23 16.63
N PHE BB 147 6.65 6.06 15.97
CA PHE BB 147 5.65 5.09 16.39
C PHE BB 147 6.13 4.27 17.59
N PRO BB 148 5.22 3.86 18.47
CA PRO BB 148 5.59 3.03 19.62
C PRO BB 148 5.93 1.60 19.21
N TYR BB 149 6.85 1.00 19.96
CA TYR BB 149 7.25 -0.38 19.71
C TYR BB 149 6.36 -1.30 20.53
N GLY BB 150 5.39 -1.90 19.86
CA GLY BB 150 4.37 -2.76 20.44
C GLY BB 150 3.47 -3.29 19.36
N ILE BB 151 3.18 -4.59 19.41
CA ILE BB 151 2.56 -5.28 18.28
C ILE BB 151 1.21 -4.68 17.91
N PHE BB 152 0.37 -4.36 18.90
CA PHE BB 152 -0.84 -3.61 18.59
C PHE BB 152 -0.78 -2.12 18.87
N SER BB 153 0.06 -1.66 19.82
CA SER BB 153 0.07 -0.23 20.10
C SER BB 153 0.58 0.59 18.91
N HIS BB 154 1.48 0.04 18.07
CA HIS BB 154 1.81 0.75 16.84
C HIS BB 154 0.63 0.81 15.87
N LEU BB 155 -0.30 -0.14 15.92
CA LEU BB 155 -1.51 -0.01 15.10
C LEU BB 155 -2.44 1.09 15.63
N ASP BB 156 -2.41 1.37 16.92
CA ASP BB 156 -3.14 2.53 17.45
C ASP BB 156 -2.51 3.82 16.96
N TRP BB 157 -1.19 3.87 16.88
CA TRP BB 157 -0.49 5.01 16.29
C TRP BB 157 -0.86 5.22 14.84
N VAL BB 158 -0.82 4.15 14.02
CA VAL BB 158 -1.19 4.26 12.61
C VAL BB 158 -2.61 4.80 12.46
N SER BB 159 -3.55 4.26 13.24
CA SER BB 159 -4.93 4.75 13.23
C SER BB 159 -5.01 6.24 13.51
N ASN BB 160 -4.41 6.69 14.63
CA ASN BB 160 -4.49 8.09 15.01
C ASN BB 160 -3.77 9.02 14.04
N VAL BB 161 -2.60 8.63 13.52
CA VAL BB 161 -1.95 9.45 12.49
C VAL BB 161 -2.83 9.58 11.26
N GLY BB 162 -3.48 8.49 10.85
CA GLY BB 162 -4.38 8.58 9.70
C GLY BB 162 -5.48 9.60 9.88
N TYR BB 163 -6.20 9.51 11.01
CA TYR BB 163 -7.27 10.45 11.30
C TYR BB 163 -6.79 11.83 11.72
N GLN BB 164 -5.51 12.04 12.00
CA GLN BB 164 -5.01 13.40 12.09
C GLN BB 164 -5.23 14.19 10.80
N TYR BB 165 -5.41 13.51 9.67
CA TYR BB 165 -5.69 14.17 8.41
C TYR BB 165 -7.11 13.88 7.92
N LEU BB 166 -8.00 13.53 8.86
CA LEU BB 166 -9.44 13.33 8.67
C LEU BB 166 -9.80 12.15 7.79
N HIS BB 167 -9.19 12.03 6.61
CA HIS BB 167 -9.56 10.93 5.70
C HIS BB 167 -8.31 10.59 4.88
N PHE BB 168 -7.43 9.78 5.49
CA PHE BB 168 -6.10 9.53 4.95
C PHE BB 168 -6.12 8.83 3.59
N HIS BB 169 -7.18 8.09 3.26
CA HIS BB 169 -7.32 7.53 1.92
C HIS BB 169 -7.17 8.56 0.80
N TYR BB 170 -7.49 9.82 1.07
CA TYR BB 170 -7.36 10.87 0.07
C TYR BB 170 -5.94 11.39 -0.13
N ASN BB 171 -4.98 10.90 0.65
CA ASN BB 171 -3.58 11.24 0.43
C ASN BB 171 -3.12 10.69 -0.92
N PRO BB 172 -2.67 11.54 -1.85
CA PRO BB 172 -2.38 11.06 -3.22
C PRO BB 172 -1.19 10.14 -3.32
N ALA BB 173 -0.13 10.37 -2.53
CA ALA BB 173 0.99 9.44 -2.50
C ALA BB 173 0.60 8.12 -1.85
N HIS BB 174 -0.33 8.14 -0.90
CA HIS BB 174 -0.83 6.91 -0.30
C HIS BB 174 -1.60 6.06 -1.32
N MET BB 175 -2.41 6.69 -2.16
CA MET BB 175 -3.07 5.98 -3.25
C MET BB 175 -2.09 5.29 -4.18
N ILE BB 176 -0.99 5.95 -4.52
CA ILE BB 176 0.05 5.33 -5.34
C ILE BB 176 0.69 4.16 -4.61
N ALA BB 177 1.09 4.37 -3.36
CA ALA BB 177 1.72 3.31 -2.57
C ALA BB 177 0.81 2.09 -2.46
N VAL BB 178 -0.48 2.30 -2.15
CA VAL BB 178 -1.43 1.19 -2.11
C VAL BB 178 -1.53 0.49 -3.45
N THR BB 179 -1.59 1.25 -4.54
CA THR BB 179 -1.62 0.66 -5.87
C THR BB 179 -0.41 -0.23 -6.15
N PHE BB 180 0.78 0.21 -5.72
CA PHE BB 180 1.97 -0.62 -5.87
C PHE BB 180 1.89 -1.91 -5.05
N PHE BB 181 1.49 -1.81 -3.78
CA PHE BB 181 1.33 -3.02 -2.96
C PHE BB 181 0.34 -4.00 -3.55
N PHE BB 182 -0.80 -3.52 -4.03
CA PHE BB 182 -1.79 -4.42 -4.62
C PHE BB 182 -1.32 -4.99 -5.96
N THR BB 183 -0.72 -4.16 -6.81
CA THR BB 183 -0.18 -4.65 -8.07
C THR BB 183 0.95 -5.65 -7.85
N ASN BB 184 1.80 -5.40 -6.85
CA ASN BB 184 2.86 -6.35 -6.51
C ASN BB 184 2.31 -7.73 -6.15
N CYS BB 185 1.28 -7.76 -5.29
CA CYS BB 185 0.73 -9.04 -4.86
C CYS BB 185 0.08 -9.78 -6.02
N LEU BB 186 -0.57 -9.06 -6.93
CA LEU BB 186 -1.07 -9.67 -8.17
C LEU BB 186 0.07 -10.24 -8.99
N ALA BB 187 1.10 -9.43 -9.28
CA ALA BB 187 2.22 -9.88 -10.07
C ALA BB 187 2.96 -11.06 -9.45
N LEU BB 188 3.10 -11.07 -8.12
CA LEU BB 188 3.71 -12.21 -7.45
C LEU BB 188 2.91 -13.49 -7.64
N ALA BB 189 1.57 -13.41 -7.54
CA ALA BB 189 0.73 -14.58 -7.77
C ALA BB 189 0.82 -15.07 -9.20
N MET BB 190 0.83 -14.16 -10.17
CA MET BB 190 0.98 -14.55 -11.58
C MET BB 190 2.34 -15.20 -11.86
N HIS BB 191 3.43 -14.58 -11.40
CA HIS BB 191 4.75 -15.14 -11.64
C HIS BB 191 4.95 -16.48 -10.93
N GLY BB 192 4.55 -16.57 -9.67
CA GLY BB 192 4.60 -17.84 -8.97
C GLY BB 192 3.79 -18.93 -9.66
N SER BB 193 2.58 -18.59 -10.10
CA SER BB 193 1.73 -19.57 -10.78
C SER BB 193 2.33 -20.05 -12.09
N LEU BB 194 2.89 -19.14 -12.89
CA LEU BB 194 3.41 -19.52 -14.19
C LEU BB 194 4.59 -20.48 -14.09
N ILE BB 195 5.56 -20.17 -13.22
CA ILE BB 195 6.72 -21.04 -13.07
C ILE BB 195 6.31 -22.42 -12.55
N LEU BB 196 5.44 -22.46 -11.54
CA LEU BB 196 5.00 -23.75 -11.02
C LEU BB 196 4.17 -24.53 -12.03
N SER BB 197 3.43 -23.83 -12.89
CA SER BB 197 2.57 -24.54 -13.85
C SER BB 197 3.36 -25.19 -14.99
N VAL BB 198 4.51 -24.63 -15.37
CA VAL BB 198 5.35 -25.30 -16.36
C VAL BB 198 6.29 -26.34 -15.74
N THR BB 199 6.65 -26.19 -14.47
CA THR BB 199 7.49 -27.19 -13.82
C THR BB 199 6.69 -28.31 -13.17
N ASN BB 200 5.40 -28.08 -12.90
CA ASN BB 200 4.53 -29.12 -12.35
C ASN BB 200 3.25 -29.25 -13.19
N PRO BB 201 3.39 -29.64 -14.46
CA PRO BB 201 2.21 -29.86 -15.30
C PRO BB 201 1.48 -31.12 -14.85
N PRO BB 202 0.25 -31.34 -15.34
CA PRO BB 202 -0.49 -32.56 -14.98
C PRO BB 202 0.34 -33.82 -15.24
N LYS BB 203 0.11 -34.83 -14.42
CA LYS BB 203 0.80 -36.11 -14.58
C LYS BB 203 0.67 -36.64 -16.00
N GLY BB 204 1.77 -37.17 -16.53
CA GLY BB 204 1.84 -37.61 -17.91
C GLY BB 204 2.06 -36.52 -18.92
N THR BB 205 2.52 -35.34 -18.51
CA THR BB 205 2.81 -34.23 -19.39
C THR BB 205 4.29 -33.86 -19.29
N PRO BB 206 4.97 -33.60 -20.41
CA PRO BB 206 6.36 -33.15 -20.34
C PRO BB 206 6.49 -31.84 -19.59
N THR BB 207 7.68 -31.61 -19.04
CA THR BB 207 8.00 -30.31 -18.46
C THR BB 207 7.87 -29.22 -19.51
N GLY BB 208 7.26 -28.10 -19.12
CA GLY BB 208 7.05 -26.98 -20.00
C GLY BB 208 8.33 -26.20 -20.31
N THR BB 209 8.13 -25.01 -20.89
CA THR BB 209 9.21 -24.23 -21.48
C THR BB 209 8.91 -22.76 -21.32
N SER BB 210 9.94 -21.93 -21.51
CA SER BB 210 9.78 -20.49 -21.52
C SER BB 210 8.78 -20.03 -22.57
N GLU BB 211 8.68 -20.75 -23.69
CA GLU BB 211 7.73 -20.39 -24.74
C GLU BB 211 6.28 -20.49 -24.26
N GLN BB 212 5.94 -21.57 -23.55
CA GLN BB 212 4.58 -21.73 -23.06
C GLN BB 212 4.20 -20.66 -22.04
N GLU BB 213 5.09 -20.37 -21.08
CA GLU BB 213 4.77 -19.32 -20.12
C GLU BB 213 4.69 -17.94 -20.77
N ASN BB 214 5.51 -17.68 -21.80
CA ASN BB 214 5.37 -16.43 -22.54
C ASN BB 214 4.08 -16.37 -23.34
N VAL BB 215 3.65 -17.50 -23.92
CA VAL BB 215 2.37 -17.54 -24.64
C VAL BB 215 1.20 -17.31 -23.69
N PHE BB 216 1.21 -17.99 -22.53
CA PHE BB 216 0.15 -17.80 -21.56
C PHE BB 216 0.13 -16.36 -21.05
N PHE BB 217 1.28 -15.86 -20.59
CA PHE BB 217 1.37 -14.48 -20.11
C PHE BB 217 0.91 -13.49 -21.17
N ARG BB 218 1.22 -13.75 -22.44
CA ARG BB 218 0.85 -12.83 -23.52
C ARG BB 218 -0.67 -12.68 -23.66
N ASP BB 219 -1.42 -13.76 -23.60
CA ASP BB 219 -2.87 -13.61 -23.72
C ASP BB 219 -3.56 -13.29 -22.40
N LEU BB 220 -2.83 -13.29 -21.27
CA LEU BB 220 -3.33 -12.68 -20.05
C LEU BB 220 -3.27 -11.15 -20.08
N LEU BB 221 -2.08 -10.59 -20.31
CA LEU BB 221 -1.90 -9.13 -20.31
C LEU BB 221 -1.91 -8.50 -21.69
N GLY BB 222 -1.94 -9.28 -22.77
CA GLY BB 222 -1.82 -8.75 -24.12
C GLY BB 222 -0.41 -8.54 -24.60
N TYR BB 223 0.59 -8.65 -23.72
CA TYR BB 223 1.99 -8.55 -24.11
C TYR BB 223 2.80 -9.57 -23.31
N SER BB 224 3.95 -9.96 -23.85
CA SER BB 224 4.84 -10.87 -23.16
C SER BB 224 5.94 -10.06 -22.47
N ILE BB 225 6.09 -10.27 -21.16
CA ILE BB 225 7.08 -9.51 -20.39
C ILE BB 225 8.47 -10.16 -20.39
N GLY BB 226 8.57 -11.46 -20.61
CA GLY BB 226 9.85 -12.16 -20.59
C GLY BB 226 10.37 -12.41 -19.18
N ALA BB 227 11.42 -13.22 -19.11
CA ALA BB 227 11.92 -13.71 -17.82
C ALA BB 227 12.62 -12.63 -17.02
N ILE BB 228 13.51 -11.86 -17.64
CA ILE BB 228 14.13 -10.74 -16.94
C ILE BB 228 13.10 -9.66 -16.60
N GLY BB 229 12.13 -9.45 -17.51
CA GLY BB 229 11.15 -8.40 -17.31
C GLY BB 229 10.27 -8.58 -16.08
N ILE BB 230 9.81 -9.80 -15.81
CA ILE BB 230 8.97 -10.02 -14.63
C ILE BB 230 9.75 -9.83 -13.33
N HIS BB 231 11.04 -10.11 -13.32
CA HIS BB 231 11.84 -9.87 -12.11
C HIS BB 231 12.16 -8.39 -11.93
N ARG BB 232 12.45 -7.67 -13.01
CA ARG BB 232 12.54 -6.22 -12.95
C ARG BB 232 11.23 -5.59 -12.45
N LEU BB 233 10.10 -6.06 -12.97
CA LEU BB 233 8.81 -5.53 -12.53
C LEU BB 233 8.53 -5.82 -11.06
N GLY BB 234 8.77 -7.05 -10.62
CA GLY BB 234 8.55 -7.38 -9.22
C GLY BB 234 9.40 -6.55 -8.28
N LEU BB 235 10.67 -6.36 -8.63
CA LEU BB 235 11.53 -5.48 -7.84
C LEU BB 235 11.04 -4.04 -7.87
N PHE BB 236 10.66 -3.55 -9.05
CA PHE BB 236 10.14 -2.19 -9.18
C PHE BB 236 8.87 -1.98 -8.35
N LEU BB 237 7.93 -2.91 -8.40
CA LEU BB 237 6.67 -2.75 -7.68
C LEU BB 237 6.87 -2.84 -6.16
N ALA BB 238 7.58 -3.87 -5.69
CA ALA BB 238 7.77 -4.04 -4.25
C ALA BB 238 8.58 -2.91 -3.63
N VAL BB 239 9.72 -2.56 -4.22
CA VAL BB 239 10.51 -1.46 -3.69
C VAL BB 239 9.83 -0.11 -3.92
N GLY BB 240 9.18 0.05 -5.07
CA GLY BB 240 8.43 1.27 -5.32
C GLY BB 240 7.30 1.52 -4.35
N ALA BB 241 6.66 0.46 -3.87
CA ALA BB 241 5.65 0.60 -2.82
C ALA BB 241 6.23 1.21 -1.56
N ALA BB 242 7.37 0.70 -1.10
CA ALA BB 242 8.02 1.23 0.10
C ALA BB 242 8.48 2.67 -0.08
N VAL BB 243 9.02 3.01 -1.24
CA VAL BB 243 9.44 4.39 -1.51
C VAL BB 243 8.25 5.34 -1.52
N TRP BB 244 7.16 4.97 -2.21
CA TRP BB 244 5.96 5.79 -2.15
C TRP BB 244 5.30 5.80 -0.77
N SER BB 245 5.47 4.73 0.01
CA SER BB 245 5.02 4.77 1.39
C SER BB 245 5.76 5.85 2.20
N ALA BB 246 7.09 5.84 2.12
CA ALA BB 246 7.90 6.87 2.75
C ALA BB 246 7.52 8.28 2.31
N ILE BB 247 7.27 8.49 1.02
CA ILE BB 247 6.76 9.78 0.56
C ILE BB 247 5.43 10.14 1.20
N CYS BB 248 4.48 9.20 1.21
CA CYS BB 248 3.14 9.52 1.70
C CYS BB 248 3.13 9.93 3.17
N ILE BB 249 4.01 9.35 3.99
CA ILE BB 249 4.04 9.72 5.40
C ILE BB 249 4.86 10.98 5.66
N VAL BB 250 5.95 11.20 4.91
CA VAL BB 250 6.73 12.41 5.12
C VAL BB 250 6.01 13.68 4.67
N ILE BB 251 5.13 13.59 3.67
CA ILE BB 251 4.33 14.77 3.30
C ILE BB 251 3.23 15.06 4.32
N SER BB 252 2.80 14.08 5.10
CA SER BB 252 1.71 14.25 6.06
C SER BB 252 2.26 14.85 7.34
N GLY BB 253 2.02 16.15 7.55
CA GLY BB 253 2.50 16.87 8.71
C GLY BB 253 3.57 17.90 8.41
N PRO BB 254 4.76 17.45 7.99
CA PRO BB 254 5.81 18.43 7.64
C PRO BB 254 5.41 19.35 6.50
N PHE BB 255 4.76 18.81 5.46
CA PHE BB 255 4.44 19.58 4.27
C PHE BB 255 2.95 19.84 4.08
N TRP BB 256 2.07 18.96 4.56
CA TRP BB 256 0.63 19.18 4.49
C TRP BB 256 0.01 18.98 5.87
N THR BB 257 -0.88 19.90 6.27
CA THR BB 257 -1.45 19.87 7.60
C THR BB 257 -2.97 19.78 7.63
N GLN BB 258 -3.67 20.21 6.58
CA GLN BB 258 -5.12 20.13 6.56
C GLN BB 258 -5.55 18.67 6.36
N GLY BB 259 -6.86 18.45 6.31
CA GLY BB 259 -7.36 17.16 5.86
C GLY BB 259 -6.88 16.87 4.46
N TRP BB 260 -6.67 15.60 4.16
CA TRP BB 260 -6.32 15.22 2.79
C TRP BB 260 -7.42 15.42 1.75
N PRO BB 261 -8.71 15.30 2.06
CA PRO BB 261 -9.72 15.54 1.01
C PRO BB 261 -9.64 16.92 0.40
N GLU BB 262 -9.34 17.95 1.18
CA GLU BB 262 -9.24 19.31 0.66
C GLU BB 262 -7.94 19.60 -0.09
N TRP BB 263 -6.98 18.67 -0.12
CA TRP BB 263 -5.86 18.80 -1.05
C TRP BB 263 -6.31 18.76 -2.51
N TRP BB 264 -7.34 17.99 -2.81
CA TRP BB 264 -7.84 17.81 -4.18
C TRP BB 264 -8.52 19.05 -4.74
N ASN BB 265 -8.56 20.15 -4.00
CA ASN BB 265 -9.14 21.39 -4.49
C ASN BB 265 -8.43 21.92 -5.74
N TRP BB 266 -7.14 21.63 -5.91
CA TRP BB 266 -6.44 22.05 -7.12
C TRP BB 266 -7.06 21.45 -8.39
N TRP BB 267 -7.50 20.19 -8.31
CA TRP BB 267 -8.08 19.53 -9.47
C TRP BB 267 -9.41 20.15 -9.88
N LEU BB 268 -10.25 20.50 -8.92
CA LEU BB 268 -11.51 21.17 -9.20
C LEU BB 268 -11.32 22.54 -9.85
N ASN BB 269 -10.18 23.18 -9.61
CA ASN BB 269 -9.94 24.55 -10.04
C ASN BB 269 -9.05 24.70 -11.27
N LEU BB 270 -8.76 23.61 -11.99
CA LEU BB 270 -8.11 23.76 -13.28
C LEU BB 270 -8.92 24.70 -14.18
N PRO BB 271 -8.28 25.67 -14.84
CA PRO BB 271 -9.04 26.76 -15.48
C PRO BB 271 -9.94 26.33 -16.62
N ILE BB 272 -9.66 25.20 -17.28
CA ILE BB 272 -10.59 24.63 -18.25
C ILE BB 272 -11.98 24.35 -17.69
N TRP BB 273 -12.12 24.29 -16.37
CA TRP BB 273 -13.43 23.98 -15.80
C TRP BB 273 -13.65 24.57 -14.43
N LYS BB 274 -12.86 25.58 -14.04
CA LYS BB 274 -12.97 26.20 -12.72
C LYS BB 274 -14.40 26.67 -12.42
N GLU CB 3 29.76 -1.50 -12.97
CA GLU CB 3 29.05 -2.77 -12.89
C GLU CB 3 27.65 -2.63 -13.48
N TYR CB 4 27.35 -3.47 -14.47
CA TYR CB 4 26.06 -3.44 -15.14
C TYR CB 4 24.95 -3.91 -14.21
N GLN CB 5 23.89 -3.12 -14.10
CA GLN CB 5 22.80 -3.42 -13.17
C GLN CB 5 21.70 -4.28 -13.79
N ASN CB 6 21.68 -4.47 -15.11
CA ASN CB 6 20.66 -5.29 -15.77
C ASN CB 6 19.24 -4.75 -15.56
N LEU CB 7 19.10 -3.44 -15.45
CA LEU CB 7 17.79 -2.82 -15.23
C LEU CB 7 17.07 -2.41 -16.51
N PHE CB 8 17.79 -2.24 -17.62
CA PHE CB 8 17.15 -2.03 -18.91
C PHE CB 8 18.07 -2.51 -20.04
N THR CB 9 17.45 -2.85 -21.18
CA THR CB 9 18.09 -3.56 -22.28
C THR CB 9 18.56 -2.58 -23.36
N ARG CB 10 19.88 -2.40 -23.48
CA ARG CB 10 20.46 -1.52 -24.49
C ARG CB 10 20.48 -2.11 -25.90
N VAL CB 11 20.39 -3.43 -26.07
CA VAL CB 11 20.35 -4.04 -27.40
C VAL CB 11 19.23 -5.06 -27.49
N GLN CB 12 18.15 -4.70 -28.19
CA GLN CB 12 17.07 -5.61 -28.54
C GLN CB 12 17.35 -6.25 -29.89
N VAL CB 13 16.78 -7.44 -30.11
CA VAL CB 13 16.80 -8.09 -31.42
C VAL CB 13 15.39 -8.40 -31.88
N ARG CB 14 15.11 -8.13 -33.15
CA ARG CB 14 13.86 -8.49 -33.81
C ARG CB 14 13.97 -9.83 -34.51
N THR CB 15 12.85 -10.55 -34.59
CA THR CB 15 12.73 -11.69 -35.49
C THR CB 15 11.50 -11.50 -36.38
N VAL CB 16 11.68 -11.72 -37.68
CA VAL CB 16 10.71 -11.29 -38.69
C VAL CB 16 9.47 -12.19 -38.71
N PRO CB 17 9.58 -13.51 -38.94
CA PRO CB 17 8.57 -14.42 -38.36
C PRO CB 17 8.59 -14.33 -36.84
N GLU CB 18 7.54 -14.84 -36.21
CA GLU CB 18 7.37 -14.58 -34.79
C GLU CB 18 6.68 -15.74 -34.10
N PRO CB 19 6.90 -15.92 -32.79
CA PRO CB 19 5.89 -16.54 -31.94
C PRO CB 19 4.68 -15.62 -31.79
N GLY CB 20 3.72 -15.99 -30.96
CA GLY CB 20 2.45 -15.29 -30.97
C GLY CB 20 1.42 -16.04 -31.79
N ILE CB 21 1.85 -16.68 -32.87
CA ILE CB 21 1.14 -17.88 -33.32
C ILE CB 21 1.30 -18.86 -32.16
N PRO CB 22 0.21 -19.30 -31.54
CA PRO CB 22 0.32 -20.04 -30.28
C PRO CB 22 0.99 -21.39 -30.45
N ILE CB 23 1.33 -21.97 -29.30
CA ILE CB 23 1.43 -23.42 -29.18
C ILE CB 23 0.09 -24.04 -29.60
N ASP CB 24 0.16 -25.26 -30.15
CA ASP CB 24 -1.02 -26.01 -30.56
C ASP CB 24 -2.10 -25.99 -29.50
N GLU CB 25 -3.29 -25.48 -29.86
CA GLU CB 25 -4.28 -25.01 -28.90
C GLU CB 25 -5.72 -25.49 -29.13
N SER CB 26 -6.02 -26.09 -30.28
CA SER CB 26 -7.38 -26.57 -30.67
C SER CB 26 -8.39 -25.43 -30.79
N THR CB 27 -9.58 -25.56 -30.20
CA THR CB 27 -10.75 -24.71 -30.43
C THR CB 27 -10.58 -23.30 -29.83
N GLY CB 28 -11.34 -22.35 -30.41
CA GLY CB 28 -11.15 -20.92 -30.26
C GLY CB 28 -10.29 -20.35 -31.38
N THR CB 29 -10.09 -19.03 -31.35
CA THR CB 29 -9.29 -18.37 -32.39
C THR CB 29 -8.30 -17.37 -31.81
N ARG CB 30 -7.09 -17.38 -32.39
CA ARG CB 30 -6.06 -16.37 -32.14
C ARG CB 30 -6.43 -15.05 -32.81
N TYR CB 31 -6.55 -13.99 -32.03
CA TYR CB 31 -7.08 -12.72 -32.52
C TYR CB 31 -5.94 -11.70 -32.69
N GLY CB 32 -5.83 -11.14 -33.89
CA GLY CB 32 -4.77 -10.21 -34.24
C GLY CB 32 -3.47 -10.85 -34.70
N THR CB 33 -2.56 -10.00 -35.18
CA THR CB 33 -1.19 -10.37 -35.55
C THR CB 33 -0.20 -9.78 -34.56
N GLY CB 34 0.84 -10.55 -34.24
CA GLY CB 34 1.88 -10.07 -33.33
C GLY CB 34 2.63 -8.85 -33.86
N THR CB 35 3.12 -8.04 -32.92
CA THR CB 35 3.82 -6.79 -33.20
C THR CB 35 4.86 -6.56 -32.10
N PHE CB 36 5.85 -5.72 -32.39
CA PHE CB 36 6.85 -5.33 -31.40
C PHE CB 36 6.68 -3.87 -30.99
N SER CB 37 6.74 -3.62 -29.68
CA SER CB 37 6.92 -2.28 -29.11
C SER CB 37 8.37 -2.11 -28.67
N TYR CB 38 9.04 -1.09 -29.22
CA TYR CB 38 10.39 -0.76 -28.77
C TYR CB 38 10.41 -0.36 -27.30
N LEU CB 39 9.36 0.32 -26.82
CA LEU CB 39 9.28 0.69 -25.41
C LEU CB 39 9.09 -0.52 -24.51
N ALA CB 40 8.22 -1.45 -24.90
CA ALA CB 40 8.11 -2.72 -24.17
C ALA CB 40 9.44 -3.47 -24.17
N GLY CB 41 10.15 -3.44 -25.29
CA GLY CB 41 11.44 -4.10 -25.42
C GLY CB 41 12.54 -3.52 -24.56
N LYS CB 42 12.39 -2.27 -24.11
CA LYS CB 42 13.39 -1.69 -23.21
C LYS CB 42 13.34 -2.36 -21.84
N PHE CB 43 12.15 -2.51 -21.27
CA PHE CB 43 11.99 -3.03 -19.92
C PHE CB 43 11.83 -4.55 -19.90
N GLY CB 44 10.99 -5.07 -20.78
CA GLY CB 44 10.76 -6.50 -20.89
C GLY CB 44 10.86 -7.02 -22.32
N ASP CB 45 10.20 -8.13 -22.59
CA ASP CB 45 10.12 -8.65 -23.96
C ASP CB 45 9.24 -7.76 -24.81
N ALA CB 46 9.67 -7.53 -26.06
CA ALA CB 46 9.10 -6.49 -26.91
C ALA CB 46 7.77 -6.84 -27.56
N GLN CB 47 7.42 -8.13 -27.64
CA GLN CB 47 6.25 -8.52 -28.43
C GLN CB 47 4.93 -8.18 -27.72
N ILE CB 48 4.14 -7.31 -28.35
CA ILE CB 48 2.74 -7.06 -28.01
C ILE CB 48 1.89 -7.69 -29.11
N GLY CB 49 0.96 -8.57 -28.75
CA GLY CB 49 0.52 -9.56 -29.69
C GLY CB 49 -0.77 -10.30 -29.36
N PRO CB 50 -0.95 -11.46 -29.99
CA PRO CB 50 -2.29 -12.02 -30.17
C PRO CB 50 -2.90 -12.54 -28.87
N ILE CB 51 -4.22 -12.41 -28.78
CA ILE CB 51 -4.99 -12.77 -27.59
C ILE CB 51 -5.99 -13.86 -27.96
N TYR CB 52 -6.25 -14.73 -26.99
CA TYR CB 52 -7.24 -15.80 -27.10
C TYR CB 52 -8.42 -15.50 -26.18
N LEU CB 53 -9.63 -15.72 -26.69
CA LEU CB 53 -10.84 -15.56 -25.89
C LEU CB 53 -11.64 -16.84 -25.73
N GLY CB 54 -11.99 -17.50 -26.84
CA GLY CB 54 -12.96 -18.57 -26.82
C GLY CB 54 -14.34 -18.08 -26.37
N TRP CB 55 -15.23 -19.06 -26.14
CA TRP CB 55 -16.60 -18.73 -25.77
C TRP CB 55 -16.67 -18.00 -24.44
N ALA CB 56 -15.92 -18.47 -23.44
CA ALA CB 56 -15.97 -17.87 -22.11
C ALA CB 56 -15.38 -16.47 -22.08
N GLY CB 57 -14.33 -16.23 -22.88
CA GLY CB 57 -13.75 -14.89 -22.96
C GLY CB 57 -14.66 -13.88 -23.65
N VAL CB 58 -15.31 -14.28 -24.74
CA VAL CB 58 -16.27 -13.42 -25.43
C VAL CB 58 -17.40 -13.02 -24.48
N LEU CB 59 -18.05 -14.01 -23.86
CA LEU CB 59 -19.15 -13.71 -22.96
C LEU CB 59 -18.71 -12.87 -21.76
N SER CB 60 -17.52 -13.14 -21.23
CA SER CB 60 -17.00 -12.33 -20.13
C SER CB 60 -16.89 -10.85 -20.51
N LEU CB 61 -16.40 -10.57 -21.72
CA LEU CB 61 -16.30 -9.18 -22.17
C LEU CB 61 -17.67 -8.54 -22.41
N ILE CB 62 -18.63 -9.30 -22.95
CA ILE CB 62 -19.98 -8.75 -23.13
C ILE CB 62 -20.62 -8.43 -21.79
N PHE CB 63 -20.64 -9.40 -20.87
CA PHE CB 63 -21.18 -9.17 -19.54
C PHE CB 63 -20.44 -8.06 -18.80
N GLY CB 64 -19.12 -8.01 -18.95
CA GLY CB 64 -18.35 -6.99 -18.25
C GLY CB 64 -18.54 -5.60 -18.82
N PHE CB 65 -18.57 -5.48 -20.14
CA PHE CB 65 -18.86 -4.20 -20.78
C PHE CB 65 -20.20 -3.61 -20.32
N ILE CB 66 -21.24 -4.42 -20.23
CA ILE CB 66 -22.53 -3.95 -19.73
C ILE CB 66 -22.41 -3.45 -18.29
N ALA CB 67 -21.73 -4.21 -17.43
CA ALA CB 67 -21.44 -3.73 -16.09
C ALA CB 67 -20.73 -2.38 -16.07
N ILE CB 68 -19.73 -2.19 -16.92
CA ILE CB 68 -19.02 -0.91 -16.98
C ILE CB 68 -19.92 0.20 -17.50
N GLU CB 69 -20.73 -0.09 -18.51
CA GLU CB 69 -21.67 0.91 -19.03
C GLU CB 69 -22.69 1.34 -17.99
N ILE CB 70 -23.27 0.40 -17.25
CA ILE CB 70 -24.26 0.76 -16.24
C ILE CB 70 -23.66 1.67 -15.19
N ILE CB 71 -22.45 1.37 -14.73
CA ILE CB 71 -21.78 2.21 -13.74
C ILE CB 71 -21.52 3.60 -14.29
N GLY CB 72 -20.88 3.68 -15.46
CA GLY CB 72 -20.57 4.97 -16.04
C GLY CB 72 -21.78 5.83 -16.36
N LEU CB 73 -22.82 5.21 -16.93
CA LEU CB 73 -24.04 5.95 -17.24
C LEU CB 73 -24.72 6.49 -15.99
N ASN CB 74 -24.74 5.71 -14.90
CA ASN CB 74 -25.27 6.23 -13.64
C ASN CB 74 -24.41 7.35 -13.07
N MET CB 75 -23.08 7.21 -13.12
CA MET CB 75 -22.21 8.30 -12.71
C MET CB 75 -22.47 9.55 -13.53
N TRP CB 76 -22.58 9.40 -14.85
CA TRP CB 76 -22.82 10.54 -15.73
C TRP CB 76 -24.21 11.15 -15.52
N ALA CB 77 -25.22 10.31 -15.30
CA ALA CB 77 -26.53 10.81 -14.90
C ALA CB 77 -26.49 11.58 -13.60
N SER CB 78 -25.65 11.16 -12.65
CA SER CB 78 -25.56 11.82 -11.35
C SER CB 78 -24.97 13.24 -11.40
N VAL CB 79 -24.33 13.64 -12.49
CA VAL CB 79 -23.96 15.04 -12.67
C VAL CB 79 -24.86 15.70 -13.71
N GLY CB 80 -26.06 15.16 -13.87
CA GLY CB 80 -27.03 15.73 -14.80
C GLY CB 80 -26.62 15.68 -16.26
N TRP CB 81 -25.86 14.67 -16.66
CA TRP CB 81 -25.35 14.46 -18.02
C TRP CB 81 -24.31 15.49 -18.44
N ASP CB 82 -23.81 16.29 -17.52
CA ASP CB 82 -22.81 17.31 -17.83
C ASP CB 82 -21.48 16.63 -18.15
N PRO CB 83 -20.98 16.70 -19.38
CA PRO CB 83 -19.72 16.01 -19.71
C PRO CB 83 -18.50 16.66 -19.08
N VAL CB 84 -18.57 17.95 -18.78
CA VAL CB 84 -17.46 18.60 -18.09
C VAL CB 84 -17.41 18.16 -16.63
N GLU CB 85 -18.56 18.22 -15.94
CA GLU CB 85 -18.60 17.75 -14.56
C GLU CB 85 -18.36 16.26 -14.46
N PHE CB 86 -18.68 15.50 -15.50
CA PHE CB 86 -18.37 14.07 -15.50
C PHE CB 86 -16.86 13.83 -15.39
N ILE CB 87 -16.06 14.56 -16.15
CA ILE CB 87 -14.61 14.43 -16.02
C ILE CB 87 -14.10 15.14 -14.77
N ARG CB 88 -14.58 16.35 -14.48
CA ARG CB 88 -14.11 17.09 -13.32
C ARG CB 88 -14.36 16.36 -12.01
N GLN CB 89 -15.55 15.78 -11.85
CA GLN CB 89 -15.93 15.17 -10.58
C GLN CB 89 -15.76 13.66 -10.55
N LEU CB 90 -15.24 13.06 -11.62
CA LEU CB 90 -15.21 11.60 -11.79
C LEU CB 90 -14.83 10.81 -10.54
N PRO CB 91 -13.75 11.12 -9.81
CA PRO CB 91 -13.39 10.28 -8.67
C PRO CB 91 -14.36 10.35 -7.50
N TRP CB 92 -15.18 11.40 -7.39
CA TRP CB 92 -16.22 11.46 -6.37
C TRP CB 92 -17.53 10.79 -6.77
N LEU CB 93 -17.72 10.43 -8.04
CA LEU CB 93 -18.99 9.87 -8.48
C LEU CB 93 -19.10 8.40 -8.06
N ALA CB 94 -20.33 7.96 -7.81
CA ALA CB 94 -20.59 6.56 -7.52
C ALA CB 94 -21.91 6.10 -8.12
N LEU CB 95 -22.00 4.80 -8.35
CA LEU CB 95 -23.25 4.05 -8.34
C LEU CB 95 -23.37 3.36 -6.98
N GLU CB 96 -24.43 3.68 -6.24
CA GLU CB 96 -24.53 3.49 -4.80
C GLU CB 96 -25.50 2.36 -4.47
N PRO CB 97 -25.20 1.51 -3.49
CA PRO CB 97 -26.09 0.37 -3.15
C PRO CB 97 -27.44 0.82 -2.63
N PRO CB 98 -28.40 -0.11 -2.49
CA PRO CB 98 -29.78 0.25 -2.10
C PRO CB 98 -29.88 0.80 -0.69
N PRO CB 99 -31.02 1.41 -0.34
CA PRO CB 99 -31.21 1.88 1.04
C PRO CB 99 -31.36 0.74 2.01
N PRO CB 100 -30.96 0.92 3.27
CA PRO CB 100 -30.94 -0.20 4.23
C PRO CB 100 -32.30 -0.82 4.53
N GLN CB 101 -33.38 -0.04 4.48
CA GLN CB 101 -34.68 -0.54 4.89
C GLN CB 101 -35.24 -1.64 3.97
N TYR CB 102 -34.71 -1.79 2.76
CA TYR CB 102 -35.14 -2.88 1.88
C TYR CB 102 -34.59 -4.24 2.29
N GLY CB 103 -33.55 -4.30 3.12
CA GLY CB 103 -32.89 -5.57 3.36
C GLY CB 103 -32.44 -6.23 2.08
N LEU CB 104 -32.87 -7.47 1.84
CA LEU CB 104 -32.51 -8.20 0.64
C LEU CB 104 -33.54 -8.10 -0.48
N ARG CB 105 -34.63 -7.38 -0.28
CA ARG CB 105 -35.66 -7.21 -1.31
C ARG CB 105 -35.15 -6.35 -2.47
N VAL CB 106 -35.78 -6.51 -3.62
CA VAL CB 106 -35.39 -5.73 -4.80
C VAL CB 106 -35.72 -4.25 -4.57
N PRO CB 107 -34.77 -3.34 -4.80
CA PRO CB 107 -35.00 -1.92 -4.54
C PRO CB 107 -35.43 -1.19 -5.79
N PRO CB 108 -35.87 0.07 -5.68
CA PRO CB 108 -36.22 0.84 -6.87
C PRO CB 108 -35.02 1.01 -7.79
N LEU CB 109 -35.30 1.21 -9.07
CA LEU CB 109 -34.26 1.24 -10.09
C LEU CB 109 -33.21 2.33 -9.82
N ASN CB 110 -33.65 3.55 -9.52
CA ASN CB 110 -32.70 4.62 -9.23
C ASN CB 110 -32.16 4.62 -7.80
N GLN CB 111 -32.67 3.74 -6.94
CA GLN CB 111 -32.18 3.64 -5.58
C GLN CB 111 -31.59 2.26 -5.32
N GLY CB 112 -30.63 1.87 -6.15
CA GLY CB 112 -29.88 0.64 -5.98
C GLY CB 112 -30.22 -0.46 -6.96
N GLY CB 113 -31.29 -0.32 -7.74
CA GLY CB 113 -31.62 -1.35 -8.72
C GLY CB 113 -30.58 -1.48 -9.81
N TRP CB 114 -30.10 -0.34 -10.33
CA TRP CB 114 -28.93 -0.36 -11.22
C TRP CB 114 -27.68 -0.90 -10.55
N TYR CB 115 -27.51 -0.62 -9.26
CA TYR CB 115 -26.34 -1.16 -8.56
C TYR CB 115 -26.32 -2.68 -8.56
N LEU CB 116 -27.43 -3.30 -8.17
CA LEU CB 116 -27.47 -4.77 -8.12
C LEU CB 116 -27.32 -5.38 -9.50
N MET CB 117 -27.83 -4.72 -10.52
CA MET CB 117 -27.65 -5.16 -11.90
C MET CB 117 -26.18 -5.13 -12.31
N ALA CB 118 -25.50 -4.00 -12.08
CA ALA CB 118 -24.07 -3.91 -12.38
C ALA CB 118 -23.26 -4.94 -11.58
N GLY CB 119 -23.58 -5.11 -10.30
CA GLY CB 119 -22.91 -6.13 -9.51
C GLY CB 119 -23.12 -7.54 -10.05
N PHE CB 120 -24.34 -7.86 -10.48
CA PHE CB 120 -24.62 -9.16 -11.07
C PHE CB 120 -23.81 -9.39 -12.35
N PHE CB 121 -23.82 -8.44 -13.28
CA PHE CB 121 -23.10 -8.65 -14.54
C PHE CB 121 -21.59 -8.64 -14.35
N LEU CB 122 -21.08 -7.85 -13.40
CA LEU CB 122 -19.66 -7.91 -13.07
C LEU CB 122 -19.27 -9.26 -12.50
N THR CB 123 -20.08 -9.79 -11.58
CA THR CB 123 -19.81 -11.09 -10.97
C THR CB 123 -19.81 -12.22 -12.01
N VAL CB 124 -20.85 -12.27 -12.86
CA VAL CB 124 -20.86 -13.23 -13.96
C VAL CB 124 -19.64 -13.05 -14.86
N SER CB 125 -19.28 -11.81 -15.17
CA SER CB 125 -18.09 -11.56 -15.99
C SER CB 125 -16.81 -12.07 -15.34
N ILE CB 126 -16.67 -11.90 -14.02
CA ILE CB 126 -15.50 -12.41 -13.32
C ILE CB 126 -15.46 -13.94 -13.33
N ILE CB 127 -16.60 -14.60 -13.12
CA ILE CB 127 -16.63 -16.06 -13.16
C ILE CB 127 -16.31 -16.59 -14.56
N LEU CB 128 -16.87 -15.96 -15.60
CA LEU CB 128 -16.53 -16.36 -16.97
C LEU CB 128 -15.06 -16.11 -17.31
N TRP CB 129 -14.44 -15.09 -16.74
CA TRP CB 129 -13.00 -14.89 -16.93
C TRP CB 129 -12.18 -15.97 -16.25
N TRP CB 130 -12.59 -16.41 -15.05
CA TRP CB 130 -11.91 -17.51 -14.39
C TRP CB 130 -11.96 -18.79 -15.24
N ILE CB 131 -13.12 -19.10 -15.79
CA ILE CB 131 -13.27 -20.24 -16.70
C ILE CB 131 -12.37 -20.09 -17.92
N ARG CB 132 -12.32 -18.90 -18.49
CA ARG CB 132 -11.44 -18.63 -19.63
C ARG CB 132 -9.98 -18.91 -19.31
N ILE CB 133 -9.52 -18.46 -18.14
CA ILE CB 133 -8.15 -18.73 -17.71
C ILE CB 133 -7.92 -20.23 -17.46
N TYR CB 134 -8.86 -20.87 -16.77
CA TYR CB 134 -8.75 -22.31 -16.51
C TYR CB 134 -8.63 -23.12 -17.80
N ARG CB 135 -9.50 -22.86 -18.77
CA ARG CB 135 -9.43 -23.58 -20.04
C ARG CB 135 -8.11 -23.32 -20.77
N ARG CB 136 -7.60 -22.09 -20.71
CA ARG CB 136 -6.36 -21.76 -21.41
C ARG CB 136 -5.15 -22.44 -20.78
N ALA CB 137 -5.09 -22.50 -19.45
CA ALA CB 137 -3.99 -23.21 -18.78
C ALA CB 137 -3.94 -24.68 -19.20
N ARG CB 138 -5.09 -25.34 -19.26
CA ARG CB 138 -5.12 -26.74 -19.68
C ARG CB 138 -4.80 -26.91 -21.16
N ALA CB 139 -5.31 -26.02 -22.02
CA ALA CB 139 -5.00 -26.10 -23.43
C ALA CB 139 -3.51 -25.97 -23.71
N LEU CB 140 -2.82 -25.09 -23.00
CA LEU CB 140 -1.37 -24.98 -23.11
C LEU CB 140 -0.63 -26.09 -22.36
N GLN CB 141 -1.35 -27.08 -21.81
CA GLN CB 141 -0.78 -28.21 -21.09
C GLN CB 141 0.04 -27.76 -19.87
N MET CB 142 -0.57 -26.91 -19.05
CA MET CB 142 0.05 -26.34 -17.87
C MET CB 142 -0.68 -26.81 -16.62
N GLY CB 143 -0.02 -26.70 -15.48
CA GLY CB 143 -0.70 -26.86 -14.21
C GLY CB 143 -1.76 -25.78 -13.99
N SER CB 144 -2.58 -26.03 -12.98
CA SER CB 144 -3.75 -25.21 -12.66
C SER CB 144 -3.48 -24.18 -11.58
N HIS CB 145 -2.20 -23.89 -11.29
CA HIS CB 145 -1.84 -22.95 -10.24
C HIS CB 145 -2.45 -21.57 -10.45
N LEU CB 146 -2.45 -21.06 -11.69
CA LEU CB 146 -2.96 -19.70 -11.90
C LEU CB 146 -4.45 -19.56 -11.65
N PRO CB 147 -5.33 -20.41 -12.17
CA PRO CB 147 -6.76 -20.27 -11.81
C PRO CB 147 -7.05 -20.42 -10.32
N TRP CB 148 -6.33 -21.27 -9.59
CA TRP CB 148 -6.56 -21.33 -8.15
C TRP CB 148 -6.02 -20.10 -7.43
N ALA CB 149 -4.93 -19.50 -7.91
CA ALA CB 149 -4.50 -18.22 -7.35
C ALA CB 149 -5.56 -17.14 -7.60
N PHE CB 150 -6.13 -17.11 -8.80
CA PHE CB 150 -7.20 -16.17 -9.13
C PHE CB 150 -8.47 -16.46 -8.36
N ALA CB 151 -8.76 -17.73 -8.08
CA ALA CB 151 -9.87 -18.09 -7.20
C ALA CB 151 -9.74 -17.49 -5.80
N SER CB 152 -8.52 -17.31 -5.30
CA SER CB 152 -8.36 -16.64 -3.99
C SER CB 152 -8.77 -15.18 -4.04
N ALA CB 153 -8.45 -14.47 -5.11
CA ALA CB 153 -8.91 -13.09 -5.27
C ALA CB 153 -10.44 -13.03 -5.42
N ILE CB 154 -11.01 -13.95 -6.20
CA ILE CB 154 -12.46 -14.01 -6.35
C ILE CB 154 -13.16 -14.31 -5.03
N PHE CB 155 -12.53 -15.12 -4.19
CA PHE CB 155 -13.11 -15.39 -2.87
C PHE CB 155 -13.28 -14.12 -2.05
N LEU CB 156 -12.22 -13.32 -1.91
CA LEU CB 156 -12.34 -12.04 -1.20
C LEU CB 156 -13.43 -11.18 -1.81
N TYR CB 157 -13.42 -11.03 -3.13
CA TYR CB 157 -14.44 -10.26 -3.85
C TYR CB 157 -15.86 -10.74 -3.51
N SER CB 158 -16.07 -12.06 -3.51
CA SER CB 158 -17.39 -12.60 -3.18
C SER CB 158 -17.83 -12.29 -1.75
N THR CB 159 -16.90 -12.13 -0.81
CA THR CB 159 -17.31 -11.74 0.54
C THR CB 159 -17.90 -10.34 0.60
N PHE CB 160 -17.66 -9.49 -0.39
CA PHE CB 160 -18.40 -8.23 -0.48
C PHE CB 160 -19.83 -8.41 -0.98
N PHE CB 161 -20.21 -9.63 -1.34
CA PHE CB 161 -21.61 -10.02 -1.52
C PHE CB 161 -22.14 -10.86 -0.36
N PHE CB 162 -21.37 -11.86 0.09
CA PHE CB 162 -21.85 -12.75 1.15
C PHE CB 162 -21.95 -12.07 2.52
N GLN CB 163 -21.00 -11.20 2.89
CA GLN CB 163 -21.18 -10.54 4.18
C GLN CB 163 -22.39 -9.62 4.22
N PRO CB 164 -22.68 -8.84 3.17
CA PRO CB 164 -23.98 -8.14 3.13
C PRO CB 164 -25.18 -9.07 3.17
N LEU CB 165 -25.09 -10.21 2.49
CA LEU CB 165 -26.13 -11.23 2.58
C LEU CB 165 -26.29 -11.76 4.00
N LEU CB 166 -25.19 -12.09 4.67
CA LEU CB 166 -25.28 -12.64 6.02
C LEU CB 166 -25.83 -11.65 7.03
N VAL CB 167 -25.43 -10.37 6.95
CA VAL CB 167 -26.04 -9.38 7.84
C VAL CB 167 -27.43 -8.94 7.38
N GLY CB 168 -27.83 -9.29 6.16
CA GLY CB 168 -29.21 -9.13 5.74
C GLY CB 168 -29.60 -7.84 5.06
N SER CB 169 -28.69 -7.20 4.34
CA SER CB 169 -29.05 -5.95 3.66
C SER CB 169 -28.07 -5.68 2.53
N TRP CB 170 -28.58 -5.40 1.33
CA TRP CB 170 -27.73 -4.99 0.22
C TRP CB 170 -27.15 -3.60 0.41
N SER CB 171 -27.70 -2.78 1.33
CA SER CB 171 -27.13 -1.47 1.62
C SER CB 171 -25.68 -1.53 2.08
N GLU CB 172 -25.23 -2.67 2.59
CA GLU CB 172 -23.90 -2.79 3.17
C GLU CB 172 -22.83 -3.03 2.12
N MET CB 173 -23.22 -3.28 0.88
CA MET CB 173 -22.32 -3.53 -0.24
C MET CB 173 -21.46 -2.31 -0.58
N VAL CB 174 -20.42 -2.55 -1.36
CA VAL CB 174 -19.42 -1.54 -1.69
C VAL CB 174 -19.92 -0.70 -2.88
N PRO CB 175 -19.99 0.62 -2.76
CA PRO CB 175 -20.37 1.46 -3.90
C PRO CB 175 -19.31 1.43 -5.01
N PHE CB 176 -19.77 1.42 -6.26
CA PHE CB 176 -18.88 1.51 -7.41
C PHE CB 176 -18.47 2.97 -7.59
N GLY CB 177 -17.21 3.29 -7.26
CA GLY CB 177 -16.69 4.63 -7.41
C GLY CB 177 -15.35 4.79 -6.71
N ILE CB 178 -14.48 5.63 -7.26
CA ILE CB 178 -13.08 5.69 -6.83
C ILE CB 178 -12.95 6.16 -5.38
N PHE CB 179 -13.28 7.41 -5.10
CA PHE CB 179 -13.30 7.82 -3.69
C PHE CB 179 -14.46 7.23 -2.88
N PRO CB 180 -15.67 7.05 -3.47
CA PRO CB 180 -16.76 6.45 -2.69
C PRO CB 180 -16.47 5.06 -2.14
N HIS CB 181 -15.76 4.19 -2.85
CA HIS CB 181 -15.44 2.89 -2.26
C HIS CB 181 -14.39 3.00 -1.15
N LEU CB 182 -13.58 4.06 -1.15
CA LEU CB 182 -12.69 4.30 -0.03
C LEU CB 182 -13.44 4.88 1.17
N ASP CB 183 -14.45 5.72 0.94
CA ASP CB 183 -15.38 6.09 2.00
C ASP CB 183 -16.04 4.89 2.65
N TRP CB 184 -16.47 3.91 1.84
CA TRP CB 184 -17.03 2.68 2.40
C TRP CB 184 -15.99 1.93 3.24
N THR CB 185 -14.77 1.81 2.72
CA THR CB 185 -13.71 1.07 3.41
C THR CB 185 -13.44 1.64 4.80
N SER CB 186 -13.37 2.97 4.91
CA SER CB 186 -13.25 3.63 6.21
C SER CB 186 -14.48 3.41 7.10
N ALA CB 187 -15.67 3.63 6.56
CA ALA CB 187 -16.88 3.48 7.37
C ALA CB 187 -17.15 2.06 7.82
N PHE CB 188 -16.69 1.06 7.06
CA PHE CB 188 -16.79 -0.32 7.51
C PHE CB 188 -16.00 -0.54 8.79
N SER CB 189 -14.74 -0.09 8.80
CA SER CB 189 -13.91 -0.16 10.01
C SER CB 189 -14.52 0.63 11.17
N ILE CB 190 -15.13 1.78 10.90
CA ILE CB 190 -15.81 2.53 11.95
C ILE CB 190 -17.01 1.77 12.49
N ARG CB 191 -17.92 1.33 11.61
CA ARG CB 191 -19.13 0.64 12.05
C ARG CB 191 -18.82 -0.55 12.94
N TYR CB 192 -17.82 -1.34 12.58
CA TYR CB 192 -17.46 -2.55 13.29
C TYR CB 192 -16.32 -2.36 14.29
N GLY CB 193 -16.11 -1.14 14.77
CA GLY CB 193 -15.27 -0.91 15.94
C GLY CB 193 -13.79 -1.18 15.76
N ASN CB 194 -13.24 -0.67 14.66
CA ASN CB 194 -11.81 -0.65 14.34
C ASN CB 194 -11.29 -2.00 13.85
N LEU CB 195 -11.16 -2.14 12.54
CA LEU CB 195 -10.75 -3.38 11.88
C LEU CB 195 -9.30 -3.78 12.13
N TYR CB 196 -8.46 -2.90 12.69
CA TYR CB 196 -7.11 -3.31 13.08
C TYR CB 196 -7.11 -4.48 14.05
N TYR CB 197 -8.11 -4.57 14.91
CA TYR CB 197 -8.22 -5.66 15.88
C TYR CB 197 -8.88 -6.91 15.33
N ASN CB 198 -9.23 -6.95 14.06
CA ASN CB 198 -9.66 -8.18 13.43
C ASN CB 198 -8.42 -9.02 13.12
N PRO CB 199 -8.28 -10.21 13.71
CA PRO CB 199 -7.02 -10.95 13.55
C PRO CB 199 -6.76 -11.45 12.15
N PHE CB 200 -7.82 -11.75 11.39
CA PHE CB 200 -7.64 -12.11 9.99
C PHE CB 200 -7.27 -10.91 9.12
N HIS CB 201 -7.72 -9.71 9.49
CA HIS CB 201 -7.21 -8.52 8.84
C HIS CB 201 -5.72 -8.34 9.12
N ALA CB 202 -5.32 -8.50 10.39
CA ALA CB 202 -3.91 -8.47 10.76
C ALA CB 202 -3.10 -9.51 10.00
N LEU CB 203 -3.61 -10.74 9.89
CA LEU CB 203 -2.95 -11.78 9.10
C LEU CB 203 -2.87 -11.42 7.62
N SER CB 204 -3.96 -10.90 7.06
CA SER CB 204 -3.97 -10.51 5.65
C SER CB 204 -2.92 -9.44 5.35
N ILE CB 205 -2.72 -8.49 6.27
CA ILE CB 205 -1.64 -7.52 6.15
C ILE CB 205 -0.26 -8.19 6.23
N ALA CB 206 -0.09 -9.11 7.18
CA ALA CB 206 1.17 -9.85 7.28
C ALA CB 206 1.55 -10.54 5.97
N PHE CB 207 0.57 -11.11 5.25
CA PHE CB 207 0.86 -11.69 3.95
C PHE CB 207 0.97 -10.67 2.83
N LEU CB 208 0.24 -9.55 2.89
CA LEU CB 208 0.42 -8.49 1.91
C LEU CB 208 1.82 -7.90 1.99
N TYR CB 209 2.28 -7.59 3.20
CA TYR CB 209 3.65 -7.13 3.39
C TYR CB 209 4.66 -8.22 3.00
N GLY CB 210 4.43 -9.45 3.45
CA GLY CB 210 5.29 -10.55 3.06
C GLY CB 210 5.38 -10.79 1.57
N SER CB 211 4.30 -10.52 0.83
CA SER CB 211 4.36 -10.58 -0.63
C SER CB 211 5.32 -9.55 -1.21
N ALA CB 212 5.37 -8.35 -0.62
CA ALA CB 212 6.34 -7.35 -1.06
C ALA CB 212 7.76 -7.72 -0.67
N VAL CB 213 7.94 -8.21 0.56
CA VAL CB 213 9.23 -8.73 1.01
C VAL CB 213 9.76 -9.81 0.07
N LEU CB 214 8.94 -10.83 -0.21
CA LEU CB 214 9.37 -11.90 -1.11
C LEU CB 214 9.66 -11.44 -2.53
N PHE CB 215 8.81 -10.59 -3.12
CA PHE CB 215 9.09 -10.19 -4.50
C PHE CB 215 10.27 -9.25 -4.60
N ALA CB 216 10.47 -8.38 -3.60
CA ALA CB 216 11.70 -7.59 -3.54
C ALA CB 216 12.92 -8.49 -3.42
N MET CB 217 12.90 -9.45 -2.50
CA MET CB 217 14.02 -10.38 -2.33
C MET CB 217 14.25 -11.22 -3.58
N HIS CB 218 13.18 -11.78 -4.14
CA HIS CB 218 13.31 -12.68 -5.29
C HIS CB 218 13.67 -11.92 -6.56
N GLY CB 219 12.98 -10.80 -6.82
CA GLY CB 219 13.38 -9.94 -7.92
C GLY CB 219 14.84 -9.55 -7.89
N ALA CB 220 15.29 -9.02 -6.75
CA ALA CB 220 16.70 -8.67 -6.59
C ALA CB 220 17.63 -9.85 -6.73
N THR CB 221 17.29 -10.99 -6.12
CA THR CB 221 18.14 -12.18 -6.21
C THR CB 221 18.36 -12.60 -7.66
N ILE CB 222 17.29 -12.71 -8.44
CA ILE CB 222 17.42 -13.16 -9.83
C ILE CB 222 18.19 -12.15 -10.68
N LEU CB 223 17.93 -10.85 -10.49
CA LEU CB 223 18.73 -9.84 -11.16
C LEU CB 223 20.20 -9.91 -10.75
N ALA CB 224 20.47 -10.23 -9.48
CA ALA CB 224 21.86 -10.32 -9.03
C ALA CB 224 22.62 -11.49 -9.64
N VAL CB 225 21.92 -12.54 -10.05
CA VAL CB 225 22.54 -13.67 -10.75
C VAL CB 225 22.18 -13.74 -12.23
N ALA CB 226 21.47 -12.73 -12.75
CA ALA CB 226 21.05 -12.78 -14.15
C ALA CB 226 22.23 -12.85 -15.12
N ARG CB 227 23.34 -12.19 -14.79
CA ARG CB 227 24.55 -12.30 -15.63
C ARG CB 227 25.07 -13.72 -15.75
N MET CB 228 24.80 -14.58 -14.77
CA MET CB 228 25.15 -15.99 -14.83
C MET CB 228 24.02 -16.87 -15.35
N GLY CB 229 23.03 -16.27 -16.01
CA GLY CB 229 21.91 -17.02 -16.55
C GLY CB 229 20.81 -17.34 -15.57
N GLY CB 230 20.79 -16.68 -14.41
CA GLY CB 230 19.83 -17.00 -13.36
C GLY CB 230 18.40 -16.70 -13.70
N GLU CB 231 18.14 -15.82 -14.68
CA GLU CB 231 16.78 -15.58 -15.12
C GLU CB 231 16.20 -16.69 -15.99
N ARG CB 232 17.02 -17.63 -16.48
CA ARG CB 232 16.52 -18.81 -17.18
C ARG CB 232 16.02 -19.86 -16.18
N GLU CB 233 15.01 -19.45 -15.40
CA GLU CB 233 14.65 -20.15 -14.18
C GLU CB 233 14.23 -21.61 -14.41
N ILE CB 234 13.57 -21.90 -15.53
CA ILE CB 234 13.17 -23.28 -15.81
C ILE CB 234 14.38 -24.18 -16.00
N GLU CB 235 15.42 -23.69 -16.68
CA GLU CB 235 16.63 -24.50 -16.83
C GLU CB 235 17.43 -24.59 -15.54
N GLN CB 236 17.39 -23.54 -14.71
CA GLN CB 236 17.99 -23.63 -13.39
C GLN CB 236 17.26 -24.62 -12.48
N ILE CB 237 15.99 -24.92 -12.79
CA ILE CB 237 15.23 -25.91 -12.02
C ILE CB 237 15.52 -27.33 -12.50
N THR CB 238 15.50 -27.52 -13.82
CA THR CB 238 15.75 -28.85 -14.38
C THR CB 238 17.24 -29.19 -14.46
N ASP CB 239 18.12 -28.18 -14.60
CA ASP CB 239 19.56 -28.39 -14.81
C ASP CB 239 20.32 -27.33 -14.01
N ARG CB 240 20.34 -27.49 -12.69
CA ARG CB 240 20.89 -26.52 -11.75
C ARG CB 240 22.26 -26.01 -12.18
N GLY CB 241 22.38 -24.70 -12.31
CA GLY CB 241 23.65 -24.06 -12.61
C GLY CB 241 24.19 -23.31 -11.40
N THR CB 242 25.34 -22.69 -11.60
CA THR CB 242 25.96 -21.89 -10.55
C THR CB 242 25.14 -20.67 -10.14
N ALA CB 243 24.27 -20.16 -11.02
CA ALA CB 243 23.38 -19.07 -10.63
C ALA CB 243 22.39 -19.48 -9.56
N ALA CB 244 21.86 -20.71 -9.64
CA ALA CB 244 20.98 -21.22 -8.59
C ALA CB 244 21.74 -21.49 -7.30
N GLU CB 245 22.91 -22.14 -7.40
CA GLU CB 245 23.73 -22.43 -6.23
C GLU CB 245 24.09 -21.16 -5.47
N ARG CB 246 24.53 -20.13 -6.17
CA ARG CB 246 24.86 -18.85 -5.52
C ARG CB 246 23.63 -18.21 -4.89
N SER CB 247 22.47 -18.29 -5.55
CA SER CB 247 21.24 -17.77 -4.95
C SER CB 247 20.88 -18.50 -3.66
N MET CB 248 21.02 -19.82 -3.64
CA MET CB 248 20.78 -20.58 -2.42
C MET CB 248 21.78 -20.22 -1.33
N LEU CB 249 23.07 -20.12 -1.68
CA LEU CB 249 24.10 -19.81 -0.69
C LEU CB 249 23.98 -18.39 -0.13
N PHE CB 250 23.60 -17.42 -0.97
CA PHE CB 250 23.40 -16.06 -0.43
C PHE CB 250 22.42 -16.08 0.73
N TRP CB 251 21.23 -16.63 0.51
CA TRP CB 251 20.22 -16.57 1.55
C TRP CB 251 20.55 -17.49 2.72
N ARG CB 252 21.13 -18.66 2.44
CA ARG CB 252 21.63 -19.52 3.50
C ARG CB 252 22.65 -18.80 4.38
N TRP CB 253 23.63 -18.14 3.77
CA TRP CB 253 24.65 -17.45 4.54
C TRP CB 253 24.09 -16.20 5.22
N CYS CB 254 23.08 -15.56 4.62
CA CYS CB 254 22.48 -14.38 5.22
C CYS CB 254 21.62 -14.74 6.44
N MET CB 255 20.59 -15.55 6.24
CA MET CB 255 19.59 -15.80 7.27
C MET CB 255 19.51 -17.25 7.74
N GLY CB 256 20.45 -18.10 7.35
CA GLY CB 256 20.57 -19.43 7.92
C GLY CB 256 19.70 -20.50 7.28
N PHE CB 257 18.88 -20.16 6.29
CA PHE CB 257 18.10 -21.14 5.56
C PHE CB 257 17.79 -20.58 4.18
N ASN CB 258 17.40 -21.48 3.27
CA ASN CB 258 17.20 -21.10 1.88
C ASN CB 258 16.11 -21.96 1.25
N ALA CB 259 15.52 -21.42 0.18
CA ALA CB 259 14.62 -22.17 -0.69
C ALA CB 259 15.42 -22.83 -1.82
N THR CB 260 14.72 -23.40 -2.79
CA THR CB 260 15.28 -23.72 -4.09
C THR CB 260 14.68 -22.81 -5.16
N MET CB 261 15.30 -22.85 -6.34
CA MET CB 261 14.80 -22.12 -7.50
C MET CB 261 13.35 -22.46 -7.84
N GLU CB 262 12.93 -23.71 -7.62
CA GLU CB 262 11.51 -24.03 -7.72
C GLU CB 262 10.72 -23.55 -6.50
N SER CB 263 11.16 -23.92 -5.30
CA SER CB 263 10.30 -23.76 -4.13
C SER CB 263 10.12 -22.31 -3.69
N ILE CB 264 11.01 -21.40 -4.09
CA ILE CB 264 10.75 -19.98 -3.85
C ILE CB 264 9.46 -19.52 -4.54
N HIS CB 265 9.11 -20.14 -5.67
CA HIS CB 265 7.85 -19.81 -6.33
C HIS CB 265 6.64 -20.36 -5.60
N ARG CB 266 6.81 -21.38 -4.76
CA ARG CB 266 5.73 -21.83 -3.88
C ARG CB 266 5.54 -20.88 -2.70
N TRP CB 267 6.63 -20.46 -2.06
CA TRP CB 267 6.54 -19.38 -1.08
C TRP CB 267 5.84 -18.15 -1.64
N ALA CB 268 6.22 -17.76 -2.85
CA ALA CB 268 5.56 -16.65 -3.54
C ALA CB 268 4.08 -16.90 -3.73
N TRP CB 269 3.72 -18.08 -4.23
CA TRP CB 269 2.33 -18.40 -4.52
C TRP CB 269 1.46 -18.39 -3.27
N TRP CB 270 1.93 -19.03 -2.19
CA TRP CB 270 1.14 -19.09 -0.96
C TRP CB 270 1.03 -17.74 -0.24
N PHE CB 271 2.08 -16.92 -0.24
CA PHE CB 271 1.95 -15.60 0.36
C PHE CB 271 0.90 -14.74 -0.33
N ALA CB 272 0.91 -14.71 -1.66
CA ALA CB 272 -0.08 -13.95 -2.39
C ALA CB 272 -1.49 -14.51 -2.17
N VAL CB 273 -1.65 -15.82 -2.32
CA VAL CB 273 -2.97 -16.46 -2.14
C VAL CB 273 -3.52 -16.25 -0.73
N LEU CB 274 -2.67 -16.36 0.30
CA LEU CB 274 -3.16 -16.20 1.67
C LEU CB 274 -3.53 -14.76 2.01
N THR CB 275 -3.05 -13.78 1.26
CA THR CB 275 -3.46 -12.39 1.47
C THR CB 275 -4.98 -12.23 1.35
N THR CB 276 -5.54 -12.68 0.23
CA THR CB 276 -6.97 -12.56 0.00
C THR CB 276 -7.79 -13.64 0.70
N PHE CB 277 -7.26 -14.85 0.86
CA PHE CB 277 -7.98 -15.88 1.61
C PHE CB 277 -8.19 -15.51 3.08
N THR CB 278 -7.14 -15.09 3.79
CA THR CB 278 -7.35 -14.64 5.16
C THR CB 278 -8.21 -13.40 5.21
N GLY CB 279 -8.05 -12.51 4.22
CA GLY CB 279 -8.93 -11.35 4.12
C GLY CB 279 -10.40 -11.70 4.09
N GLY CB 280 -10.79 -12.58 3.16
CA GLY CB 280 -12.18 -12.99 3.06
C GLY CB 280 -12.76 -13.56 4.34
N ILE CB 281 -12.00 -14.41 5.03
CA ILE CB 281 -12.45 -14.92 6.33
C ILE CB 281 -12.73 -13.78 7.31
N GLY CB 282 -11.85 -12.77 7.34
CA GLY CB 282 -12.06 -11.66 8.26
C GLY CB 282 -13.31 -10.86 7.94
N ILE CB 283 -13.58 -10.64 6.66
CA ILE CB 283 -14.82 -9.97 6.25
C ILE CB 283 -16.05 -10.78 6.64
N LEU CB 284 -16.03 -12.09 6.33
CA LEU CB 284 -17.18 -12.94 6.66
C LEU CB 284 -17.46 -12.99 8.16
N LEU CB 285 -16.43 -12.92 9.00
CA LEU CB 285 -16.64 -12.90 10.46
C LEU CB 285 -17.17 -11.57 10.97
N THR CB 286 -17.02 -10.49 10.20
CA THR CB 286 -17.37 -9.16 10.67
C THR CB 286 -18.87 -8.90 10.53
N GLY CB 287 -19.50 -8.49 11.63
CA GLY CB 287 -20.92 -8.23 11.67
C GLY CB 287 -21.78 -9.46 11.81
N THR CB 288 -21.20 -10.65 11.73
CA THR CB 288 -21.91 -11.91 11.85
C THR CB 288 -21.52 -12.66 13.13
N VAL CB 289 -20.24 -12.66 13.47
CA VAL CB 289 -19.74 -13.26 14.69
C VAL CB 289 -19.26 -12.19 15.67
N VAL CB 290 -18.51 -11.21 15.18
CA VAL CB 290 -18.02 -10.10 15.99
C VAL CB 290 -18.58 -8.81 15.43
N ASP CB 291 -19.14 -7.98 16.30
CA ASP CB 291 -19.64 -6.67 15.90
C ASP CB 291 -18.76 -5.50 16.33
N ASN CB 292 -17.84 -5.71 17.27
CA ASN CB 292 -16.88 -4.68 17.68
C ASN CB 292 -15.54 -5.39 17.88
N TRP CB 293 -14.63 -5.21 16.91
CA TRP CB 293 -13.36 -5.92 16.95
C TRP CB 293 -12.44 -5.42 18.06
N TYR CB 294 -12.49 -4.14 18.41
CA TYR CB 294 -11.75 -3.65 19.57
C TYR CB 294 -12.17 -4.33 20.87
N LEU CB 295 -13.48 -4.51 21.08
CA LEU CB 295 -13.93 -5.23 22.26
C LEU CB 295 -13.57 -6.71 22.21
N TRP CB 296 -13.59 -7.32 21.02
CA TRP CB 296 -13.04 -8.66 20.88
C TRP CB 296 -11.55 -8.68 21.23
N GLY CB 297 -10.82 -7.64 20.84
CA GLY CB 297 -9.43 -7.50 21.26
C GLY CB 297 -9.24 -7.38 22.75
N VAL CB 298 -10.11 -6.62 23.42
CA VAL CB 298 -10.05 -6.50 24.87
C VAL CB 298 -10.30 -7.85 25.54
N LYS CB 299 -11.34 -8.55 25.10
CA LYS CB 299 -11.65 -9.88 25.60
C LYS CB 299 -10.49 -10.85 25.45
N HIS CB 300 -9.85 -10.88 24.28
CA HIS CB 300 -8.75 -11.79 24.03
C HIS CB 300 -7.37 -11.19 24.33
N GLY CB 301 -7.30 -10.03 24.98
CA GLY CB 301 -6.03 -9.50 25.44
C GLY CB 301 -5.14 -8.85 24.40
N LEU CB 302 -5.70 -8.34 23.31
CA LEU CB 302 -4.90 -7.68 22.29
C LEU CB 302 -4.56 -6.24 22.62
N VAL CB 303 -5.37 -5.58 23.44
CA VAL CB 303 -5.41 -4.11 23.50
C VAL CB 303 -4.48 -3.61 24.61
N ALA CB 304 -3.45 -2.87 24.22
CA ALA CB 304 -2.53 -2.28 25.18
C ALA CB 304 -3.23 -1.22 26.03
N PRO CB 305 -2.95 -1.17 27.34
CA PRO CB 305 -3.57 -0.17 28.21
C PRO CB 305 -2.88 1.18 28.14
N TYR CB 306 -3.67 2.25 28.18
CA TYR CB 306 -3.18 3.60 28.30
C TYR CB 306 -3.81 4.24 29.54
N PRO CB 307 -3.15 5.22 30.17
CA PRO CB 307 -3.85 5.97 31.23
C PRO CB 307 -5.10 6.66 30.71
N ALA CB 308 -6.09 6.78 31.58
CA ALA CB 308 -7.35 7.41 31.20
C ALA CB 308 -7.15 8.87 30.81
N GLN CB 309 -7.80 9.28 29.72
CA GLN CB 309 -7.74 10.66 29.27
C GLN CB 309 -8.89 11.49 29.82
N ASN CB 310 -10.02 10.85 30.12
CA ASN CB 310 -11.11 11.48 30.83
C ASN CB 310 -11.75 10.46 31.76
N GLN CB 311 -12.45 10.94 32.78
CA GLN CB 311 -13.23 10.10 33.68
C GLN CB 311 -14.65 10.64 33.76
N LEU CB 312 -15.65 9.78 33.52
CA LEU CB 312 -17.04 10.17 33.63
C LEU CB 312 -17.58 9.94 35.03
N THR CB 313 -18.40 10.88 35.50
CA THR CB 313 -19.26 10.67 36.65
C THR CB 313 -20.49 9.85 36.26
N PRO CB 314 -21.20 9.27 37.24
CA PRO CB 314 -22.37 8.43 36.88
C PRO CB 314 -23.48 9.18 36.19
N GLU CB 315 -23.74 10.45 36.55
CA GLU CB 315 -24.74 11.22 35.81
C GLU CB 315 -24.27 11.58 34.40
N GLN CB 316 -22.97 11.78 34.19
CA GLN CB 316 -22.46 11.92 32.83
C GLN CB 316 -22.63 10.64 32.02
N GLN CB 317 -22.47 9.48 32.65
CA GLN CB 317 -22.64 8.22 31.93
C GLN CB 317 -24.04 8.07 31.37
N ASP CB 318 -25.05 8.59 32.05
CA ASP CB 318 -26.41 8.61 31.52
C ASP CB 318 -26.62 9.76 30.53
N LEU CB 319 -26.04 10.91 30.82
CA LEU CB 319 -26.20 12.08 29.95
C LEU CB 319 -25.50 11.89 28.61
N LEU CB 320 -24.32 11.27 28.60
CA LEU CB 320 -23.53 11.19 27.38
C LEU CB 320 -23.83 10.00 26.49
N ARG CB 321 -24.64 9.03 26.93
CA ARG CB 321 -25.15 8.07 25.96
C ARG CB 321 -26.03 8.80 24.96
N GLY CB 322 -25.90 8.45 23.70
CA GLY CB 322 -26.67 9.09 22.65
C GLY CB 322 -27.91 8.30 22.30
N ARG CB 323 -28.26 8.32 21.02
CA ARG CB 323 -29.08 7.28 20.42
C ARG CB 323 -28.32 6.67 19.26
N TYR CB 324 -28.65 5.43 18.94
CA TYR CB 324 -28.33 4.92 17.62
C TYR CB 324 -28.99 5.79 16.55
N GLN CB 325 -28.28 5.95 15.44
CA GLN CB 325 -28.75 6.81 14.36
C GLN CB 325 -30.01 6.25 13.73
N GLY CB 326 -30.98 7.12 13.48
CA GLY CB 326 -32.25 6.70 12.90
C GLY CB 326 -32.49 7.11 11.47
N THR CB 327 -33.75 7.29 11.10
CA THR CB 327 -34.12 7.84 9.80
C THR CB 327 -33.95 9.35 9.74
N ALA CB 328 -33.72 9.85 8.52
CA ALA CB 328 -33.65 11.27 8.27
C ALA CB 328 -35.04 11.93 8.37
N PRO CB 329 -35.10 13.20 8.76
CA PRO CB 329 -36.39 13.91 8.82
C PRO CB 329 -36.98 14.08 7.43
N ASP CB 330 -38.18 13.54 7.24
CA ASP CB 330 -38.91 13.61 5.97
C ASP CB 330 -39.93 14.75 5.96
N SER CB 331 -39.55 15.88 6.57
CA SER CB 331 -40.37 17.09 6.55
C SER CB 331 -39.48 18.30 6.79
N PHE CB 332 -40.00 19.47 6.46
CA PHE CB 332 -39.28 20.74 6.64
C PHE CB 332 -40.04 21.61 7.63
N PRO CB 333 -39.84 21.39 8.94
CA PRO CB 333 -40.72 22.00 9.94
C PRO CB 333 -40.72 23.53 9.90
N SER CB 334 -41.91 24.10 10.09
CA SER CB 334 -42.05 25.49 10.53
C SER CB 334 -42.02 25.56 12.05
N TYR CB 335 -41.30 26.55 12.58
CA TYR CB 335 -41.12 26.69 14.02
C TYR CB 335 -41.88 27.88 14.61
N VAL CB 336 -42.79 28.48 13.83
CA VAL CB 336 -43.26 29.83 14.13
C VAL CB 336 -44.15 29.90 15.37
N VAL CB 337 -44.74 28.80 15.81
CA VAL CB 337 -45.57 28.80 17.01
C VAL CB 337 -45.51 27.47 17.73
N HIS DB 2 51.10 22.78 -3.63
CA HIS DB 2 50.81 21.67 -2.75
C HIS DB 2 50.45 20.40 -3.53
N ARG DB 3 51.17 19.32 -3.25
CA ARG DB 3 50.95 18.03 -3.91
C ARG DB 3 49.62 17.37 -3.53
N ILE DB 4 48.80 18.02 -2.70
CA ILE DB 4 47.41 17.62 -2.53
C ILE DB 4 46.67 17.62 -3.86
N TRP DB 5 47.09 18.46 -4.82
CA TRP DB 5 46.59 18.43 -6.19
C TRP DB 5 47.13 17.25 -6.99
N LEU DB 6 47.97 16.42 -6.40
CA LEU DB 6 48.39 15.15 -6.98
C LEU DB 6 47.74 13.95 -6.32
N MET DB 7 47.54 14.02 -5.00
CA MET DB 7 46.74 13.01 -4.31
C MET DB 7 45.29 13.07 -4.74
N TYR DB 8 44.77 14.27 -5.01
CA TYR DB 8 43.43 14.46 -5.54
C TYR DB 8 43.46 15.14 -6.90
N ASP DB 9 42.73 14.58 -7.85
CA ASP DB 9 42.49 15.20 -9.15
C ASP DB 9 41.82 16.56 -8.97
N PRO DB 10 42.38 17.64 -9.54
CA PRO DB 10 41.74 18.97 -9.40
C PRO DB 10 40.32 19.05 -9.94
N ARG DB 11 39.99 18.38 -11.05
CA ARG DB 11 38.64 18.49 -11.60
C ARG DB 11 37.60 17.87 -10.67
N ARG DB 12 37.90 16.68 -10.14
CA ARG DB 12 37.09 16.08 -9.09
C ARG DB 12 36.87 17.04 -7.92
N VAL DB 13 37.94 17.71 -7.46
CA VAL DB 13 37.81 18.58 -6.29
C VAL DB 13 37.18 19.93 -6.64
N MET DB 14 37.41 20.43 -7.86
CA MET DB 14 36.76 21.65 -8.32
C MET DB 14 35.24 21.55 -8.28
N VAL DB 15 34.67 20.54 -8.94
CA VAL DB 15 33.21 20.35 -8.94
C VAL DB 15 32.70 20.03 -7.54
N ALA DB 16 33.42 19.19 -6.79
CA ALA DB 16 33.02 18.87 -5.43
C ALA DB 16 32.94 20.09 -4.52
N LEU DB 17 33.93 20.97 -4.58
CA LEU DB 17 33.89 22.18 -3.76
C LEU DB 17 32.79 23.13 -4.18
N VAL DB 18 32.69 23.42 -5.48
CA VAL DB 18 31.64 24.32 -5.98
C VAL DB 18 30.26 23.80 -5.58
N GLY DB 19 30.05 22.48 -5.67
CA GLY DB 19 28.82 21.89 -5.19
C GLY DB 19 28.59 22.09 -3.70
N PHE DB 20 29.61 21.82 -2.89
CA PHE DB 20 29.50 22.00 -1.44
C PHE DB 20 29.23 23.45 -1.06
N LEU DB 21 29.93 24.40 -1.68
CA LEU DB 21 29.68 25.81 -1.44
C LEU DB 21 28.25 26.21 -1.82
N ALA DB 22 27.75 25.70 -2.94
CA ALA DB 22 26.38 26.00 -3.36
C ALA DB 22 25.35 25.47 -2.36
N VAL DB 23 25.52 24.21 -1.92
CA VAL DB 23 24.62 23.65 -0.92
C VAL DB 23 24.69 24.42 0.39
N LEU DB 24 25.90 24.81 0.81
CA LEU DB 24 26.03 25.56 2.06
C LEU DB 24 25.40 26.94 1.97
N ALA DB 25 25.65 27.65 0.86
CA ALA DB 25 25.05 28.97 0.68
C ALA DB 25 23.53 28.93 0.70
N LEU DB 26 22.93 27.95 0.01
CA LEU DB 26 21.47 27.85 -0.02
C LEU DB 26 20.89 27.48 1.33
N VAL DB 27 21.55 26.57 2.06
CA VAL DB 27 21.12 26.25 3.41
C VAL DB 27 21.10 27.50 4.29
N ILE DB 28 22.16 28.31 4.23
CA ILE DB 28 22.23 29.50 5.07
C ILE DB 28 21.19 30.55 4.66
N HIS DB 29 20.98 30.74 3.35
CA HIS DB 29 19.95 31.69 2.93
C HIS DB 29 18.55 31.27 3.39
N PHE DB 30 18.18 30.01 3.17
CA PHE DB 30 16.86 29.55 3.60
C PHE DB 30 16.71 29.53 5.12
N VAL DB 31 17.76 29.20 5.86
CA VAL DB 31 17.72 29.34 7.32
C VAL DB 31 17.40 30.78 7.71
N LEU DB 32 18.15 31.74 7.17
CA LEU DB 32 17.91 33.14 7.50
C LEU DB 32 16.53 33.61 7.04
N LEU DB 33 16.12 33.19 5.85
CA LEU DB 33 14.82 33.57 5.32
C LEU DB 33 13.67 33.04 6.16
N SER DB 34 13.87 31.90 6.84
CA SER DB 34 12.88 31.35 7.75
C SER DB 34 12.84 32.04 9.11
N SER DB 35 13.92 32.71 9.51
CA SER DB 35 13.97 33.33 10.83
C SER DB 35 13.01 34.52 10.91
N GLN DB 36 12.74 34.97 12.12
CA GLN DB 36 12.06 36.25 12.30
C GLN DB 36 12.98 37.42 11.98
N ARG DB 37 14.16 37.46 12.59
CA ARG DB 37 15.04 38.61 12.47
C ARG DB 37 15.51 38.87 11.03
N TYR DB 38 15.71 37.82 10.24
CA TYR DB 38 16.32 37.97 8.92
C TYR DB 38 15.43 37.54 7.75
N SER DB 39 14.11 37.53 7.91
CA SER DB 39 13.20 37.25 6.80
C SER DB 39 13.13 38.46 5.88
N TRP DB 40 14.25 38.71 5.18
CA TRP DB 40 14.52 40.03 4.63
C TRP DB 40 13.60 40.42 3.47
N ILE DB 41 13.00 39.44 2.80
CA ILE DB 41 12.08 39.77 1.71
C ILE DB 41 10.85 40.50 2.22
N GLU DB 42 10.32 40.09 3.37
CA GLU DB 42 9.21 40.82 3.98
C GLU DB 42 9.65 42.03 4.80
N ASN DB 43 10.69 41.88 5.63
CA ASN DB 43 11.02 42.90 6.63
C ASN DB 43 12.38 43.56 6.43
N GLY DB 44 12.99 43.40 5.25
CA GLY DB 44 14.31 43.94 5.00
C GLY DB 44 14.45 45.45 5.19
N THR DB 45 13.37 46.20 5.01
CA THR DB 45 13.44 47.65 5.17
C THR DB 45 13.35 48.13 6.62
N LEU DB 46 13.05 47.25 7.57
CA LEU DB 46 13.10 47.66 8.98
C LEU DB 46 14.50 48.07 9.40
N GLY DB 47 14.60 49.18 10.13
CA GLY DB 47 15.84 49.55 10.76
C GLY DB 47 16.27 48.57 11.83
N ALA DB 48 17.56 48.61 12.17
CA ALA DB 48 18.12 47.61 13.08
C ALA DB 48 17.45 47.66 14.46
N ASP DB 49 17.05 48.85 14.90
CA ASP DB 49 16.29 49.01 16.13
C ASP DB 49 14.87 48.46 16.03
N GLN DB 50 14.31 48.37 14.83
CA GLN DB 50 12.96 47.85 14.63
C GLN DB 50 12.90 46.34 14.41
N ALA DB 51 13.97 45.73 13.92
CA ALA DB 51 13.95 44.31 13.59
C ALA DB 51 13.77 43.44 14.84
N PRO DB 52 13.07 42.32 14.71
CA PRO DB 52 12.75 41.48 15.88
C PRO DB 52 13.98 40.85 16.53
N VAL DB 53 13.81 40.50 17.80
CA VAL DB 53 14.83 39.91 18.66
C VAL DB 53 14.20 38.79 19.48
N GLY DB 54 14.90 37.67 19.59
CA GLY DB 54 14.45 36.62 20.49
C GLY DB 54 14.49 37.05 21.95
N ALA DB 55 13.57 36.51 22.73
CA ALA DB 55 13.32 36.96 24.09
C ALA DB 55 14.52 36.70 25.01
N SER DB 56 14.64 37.55 26.04
CA SER DB 56 15.69 37.42 27.05
C SER DB 56 15.53 36.14 27.87
N FME EB 1 55.60 7.58 14.94
CN FME EB 1 56.37 6.57 14.41
O1 FME EB 1 55.91 5.68 13.69
CA FME EB 1 54.18 7.72 14.75
CB FME EB 1 53.63 8.99 15.43
CG FME EB 1 53.75 8.92 16.92
SD FME EB 1 53.29 10.51 17.59
CE FME EB 1 51.57 10.59 17.27
C FME EB 1 53.74 7.78 13.29
O FME EB 1 52.62 7.44 12.91
N HIS EB 2 54.66 8.24 12.44
CA HIS EB 2 54.39 8.38 11.01
C HIS EB 2 54.16 7.07 10.26
N ARG EB 3 54.62 5.96 10.82
CA ARG EB 3 54.33 4.64 10.23
C ARG EB 3 52.85 4.28 10.24
N ILE EB 4 52.01 5.04 10.96
CA ILE EB 4 50.56 4.88 10.81
C ILE EB 4 50.13 5.06 9.34
N TRP EB 5 50.80 5.96 8.61
CA TRP EB 5 50.51 6.15 7.19
C TRP EB 5 51.00 5.02 6.30
N LEU EB 6 51.74 4.06 6.85
CA LEU EB 6 52.02 2.83 6.14
C LEU EB 6 50.96 1.76 6.38
N MET EB 7 50.10 1.93 7.39
CA MET EB 7 48.93 1.09 7.57
C MET EB 7 47.71 1.55 6.78
N TYR EB 8 47.52 2.86 6.61
CA TYR EB 8 46.28 3.41 6.07
C TYR EB 8 46.57 4.39 4.93
N ASP EB 9 45.75 4.31 3.90
CA ASP EB 9 45.85 5.18 2.72
C ASP EB 9 45.44 6.61 3.08
N PRO EB 10 46.37 7.56 3.12
CA PRO EB 10 46.00 8.95 3.45
C PRO EB 10 44.90 9.55 2.60
N ARG EB 11 44.80 9.14 1.33
CA ARG EB 11 43.74 9.64 0.46
C ARG EB 11 42.35 9.30 1.01
N ARG EB 12 42.21 8.13 1.61
CA ARG EB 12 40.93 7.72 2.20
C ARG EB 12 40.75 8.27 3.62
N VAL EB 13 41.81 8.28 4.42
CA VAL EB 13 41.75 8.83 5.77
C VAL EB 13 41.35 10.30 5.77
N MET EB 14 41.96 11.10 4.88
CA MET EB 14 41.62 12.52 4.82
C MET EB 14 40.16 12.76 4.42
N VAL EB 15 39.60 11.91 3.56
CA VAL EB 15 38.19 12.01 3.23
C VAL EB 15 37.33 11.64 4.44
N ALA EB 16 37.64 10.51 5.08
CA ALA EB 16 36.91 10.10 6.28
C ALA EB 16 36.99 11.13 7.40
N LEU EB 17 38.17 11.72 7.59
CA LEU EB 17 38.32 12.77 8.61
C LEU EB 17 37.51 14.02 8.28
N VAL EB 18 37.63 14.52 7.05
CA VAL EB 18 36.91 15.73 6.66
C VAL EB 18 35.39 15.52 6.72
N GLY EB 19 34.94 14.35 6.27
CA GLY EB 19 33.53 14.01 6.44
C GLY EB 19 33.07 14.00 7.89
N PHE EB 20 33.83 13.33 8.75
CA PHE EB 20 33.52 13.32 10.19
C PHE EB 20 33.47 14.72 10.79
N LEU EB 21 34.50 15.53 10.54
CA LEU EB 21 34.53 16.87 11.11
C LEU EB 21 33.44 17.77 10.55
N ALA EB 22 33.07 17.60 9.28
CA ALA EB 22 31.97 18.37 8.72
C ALA EB 22 30.65 18.02 9.38
N VAL EB 23 30.37 16.72 9.55
CA VAL EB 23 29.17 16.28 10.26
C VAL EB 23 29.18 16.78 11.71
N LEU EB 24 30.32 16.64 12.40
CA LEU EB 24 30.40 17.09 13.79
C LEU EB 24 30.15 18.58 13.94
N ALA EB 25 30.80 19.40 13.10
CA ALA EB 25 30.57 20.83 13.13
C ALA EB 25 29.10 21.17 12.90
N LEU EB 26 28.50 20.53 11.88
CA LEU EB 26 27.10 20.79 11.56
C LEU EB 26 26.16 20.40 12.69
N VAL EB 27 26.46 19.31 13.39
CA VAL EB 27 25.67 18.91 14.57
C VAL EB 27 25.81 19.92 15.70
N ILE EB 28 27.04 20.32 16.04
CA ILE EB 28 27.23 21.24 17.16
C ILE EB 28 26.57 22.59 16.88
N HIS EB 29 26.67 23.10 15.65
CA HIS EB 29 25.93 24.31 15.32
C HIS EB 29 24.42 24.13 15.46
N PHE EB 30 23.89 23.01 14.97
CA PHE EB 30 22.46 22.77 15.09
C PHE EB 30 22.00 22.60 16.53
N VAL EB 31 22.82 21.95 17.37
CA VAL EB 31 22.49 21.84 18.78
C VAL EB 31 22.43 23.21 19.45
N LEU EB 32 23.39 24.07 19.13
CA LEU EB 32 23.39 25.43 19.68
C LEU EB 32 22.22 26.25 19.14
N LEU EB 33 22.00 26.19 17.83
CA LEU EB 33 20.92 26.96 17.21
C LEU EB 33 19.55 26.54 17.73
N SER EB 34 19.37 25.26 18.05
CA SER EB 34 18.15 24.74 18.65
C SER EB 34 18.01 25.03 20.13
N SER EB 35 19.05 25.52 20.81
CA SER EB 35 18.94 25.80 22.23
C SER EB 35 18.11 27.07 22.47
N GLN EB 36 17.86 27.37 23.75
CA GLN EB 36 17.41 28.71 24.12
C GLN EB 36 18.57 29.69 24.27
N ARG EB 37 19.61 29.30 25.02
CA ARG EB 37 20.66 30.26 25.37
C ARG EB 37 21.47 30.70 24.15
N TYR EB 38 21.65 29.83 23.16
CA TYR EB 38 22.56 30.10 22.06
C TYR EB 38 21.88 30.16 20.69
N SER EB 39 20.58 30.41 20.64
CA SER EB 39 19.87 30.53 19.37
C SER EB 39 20.22 31.87 18.71
N TRP EB 40 21.46 31.98 18.25
CA TRP EB 40 22.09 33.27 18.00
C TRP EB 40 21.49 34.03 16.83
N ILE EB 41 20.88 33.33 15.87
CA ILE EB 41 20.26 34.03 14.74
C ILE EB 41 19.11 34.92 15.20
N GLU EB 42 18.39 34.53 16.25
CA GLU EB 42 17.35 35.39 16.80
C GLU EB 42 17.80 36.24 17.98
N ASN EB 43 18.58 35.69 18.91
CA ASN EB 43 18.90 36.37 20.17
C ASN EB 43 20.38 36.76 20.32
N GLY EB 44 21.16 36.64 19.24
CA GLY EB 44 22.59 36.87 19.32
C GLY EB 44 23.00 38.24 19.83
N THR EB 45 22.19 39.27 19.57
CA THR EB 45 22.49 40.62 20.05
C THR EB 45 22.29 40.82 21.55
N LEU EB 46 21.65 39.89 22.25
CA LEU EB 46 21.48 40.05 23.69
C LEU EB 46 22.81 39.96 24.44
N GLY EB 47 23.00 40.86 25.41
CA GLY EB 47 24.13 40.79 26.30
C GLY EB 47 24.14 39.52 27.14
N ALA EB 48 25.33 39.16 27.61
CA ALA EB 48 25.51 37.88 28.30
C ALA EB 48 24.67 37.78 29.57
N ASP EB 49 24.39 38.91 30.21
CA ASP EB 49 23.45 38.95 31.33
C ASP EB 49 22.01 38.76 30.87
N GLN EB 50 21.67 39.29 29.69
CA GLN EB 50 20.32 39.17 29.13
C GLN EB 50 20.02 37.79 28.54
N ALA EB 51 21.03 37.04 28.12
CA ALA EB 51 20.79 35.74 27.50
C ALA EB 51 20.05 34.79 28.45
N PRO EB 52 19.20 33.90 27.90
CA PRO EB 52 18.50 32.92 28.73
C PRO EB 52 19.42 32.03 29.56
N VAL EB 53 18.88 31.53 30.67
CA VAL EB 53 19.48 30.47 31.47
C VAL EB 53 18.37 29.50 31.89
N GLY EB 54 18.69 28.21 31.89
CA GLY EB 54 17.75 27.22 32.39
C GLY EB 54 17.43 27.40 33.86
N ALA EB 55 16.36 26.74 34.29
CA ALA EB 55 15.88 26.86 35.67
C ALA EB 55 16.86 26.26 36.68
N SER EB 56 17.00 26.94 37.83
CA SER EB 56 17.73 26.41 38.97
C SER EB 56 16.93 25.32 39.70
N ALA EB 57 17.59 24.68 40.65
CA ALA EB 57 16.91 23.95 41.70
C ALA EB 57 15.92 24.85 42.44
N PRO EB 58 14.65 24.43 42.60
CA PRO EB 58 13.66 25.21 43.35
C PRO EB 58 14.08 25.46 44.80
N FME FB 1 51.33 -8.85 26.57
CN FME FB 1 52.05 -9.92 26.11
O1 FME FB 1 51.66 -10.65 25.19
CA FME FB 1 50.05 -8.50 26.00
CB FME FB 1 49.28 -7.44 26.83
CG FME FB 1 47.80 -7.55 26.60
SD FME FB 1 46.94 -6.39 27.62
CE FME FB 1 45.37 -6.34 26.84
C FME FB 1 50.15 -7.96 24.57
O FME FB 1 49.18 -7.91 23.83
N HIS FB 2 51.36 -7.58 24.18
CA HIS FB 2 51.63 -7.18 22.79
C HIS FB 2 51.28 -8.26 21.76
N ARG FB 3 51.28 -9.52 22.19
CA ARG FB 3 50.93 -10.64 21.32
C ARG FB 3 49.47 -10.57 20.86
N ILE FB 4 48.64 -9.75 21.51
CA ILE FB 4 47.28 -9.49 21.04
C ILE FB 4 47.26 -9.07 19.57
N TRP FB 5 48.26 -8.30 19.13
CA TRP FB 5 48.27 -7.83 17.74
C TRP FB 5 48.61 -8.94 16.76
N LEU FB 6 49.09 -10.09 17.23
CA LEU FB 6 49.27 -11.25 16.39
C LEU FB 6 47.97 -12.03 16.19
N MET FB 7 46.99 -11.84 17.09
CA MET FB 7 45.62 -12.26 16.81
C MET FB 7 44.88 -11.23 15.96
N TYR FB 8 44.97 -9.96 16.33
CA TYR FB 8 44.14 -8.89 15.79
C TYR FB 8 45.02 -7.86 15.10
N ASP FB 9 45.27 -8.04 13.81
CA ASP FB 9 46.11 -7.14 13.05
C ASP FB 9 45.58 -5.72 13.14
N PRO FB 10 46.33 -4.79 13.74
CA PRO FB 10 45.75 -3.47 14.10
C PRO FB 10 45.18 -2.69 12.93
N ARG FB 11 45.79 -2.78 11.75
CA ARG FB 11 45.28 -2.06 10.58
C ARG FB 11 43.85 -2.47 10.21
N ARG FB 12 43.41 -3.65 10.63
CA ARG FB 12 42.03 -4.08 10.44
C ARG FB 12 41.09 -3.75 11.59
N VAL FB 13 41.57 -3.26 12.74
CA VAL FB 13 40.71 -3.05 13.90
C VAL FB 13 40.88 -1.70 14.58
N MET FB 14 41.78 -0.82 14.14
CA MET FB 14 41.78 0.53 14.70
C MET FB 14 40.51 1.29 14.36
N VAL FB 15 40.03 1.18 13.12
CA VAL FB 15 38.79 1.86 12.73
C VAL FB 15 37.59 1.27 13.46
N ALA FB 16 37.67 0.00 13.87
CA ALA FB 16 36.67 -0.56 14.78
C ALA FB 16 36.69 0.13 16.15
N LEU FB 17 37.84 0.10 16.82
CA LEU FB 17 37.96 0.73 18.14
C LEU FB 17 37.54 2.20 18.12
N VAL FB 18 38.03 2.96 17.14
CA VAL FB 18 37.74 4.38 17.08
C VAL FB 18 36.26 4.64 16.83
N GLY FB 19 35.65 3.84 15.94
CA GLY FB 19 34.21 3.91 15.76
C GLY FB 19 33.42 3.61 17.03
N PHE FB 20 33.84 2.58 17.78
CA PHE FB 20 33.22 2.30 19.07
C PHE FB 20 33.34 3.49 20.03
N LEU FB 21 34.53 4.05 20.18
CA LEU FB 21 34.72 5.15 21.12
C LEU FB 21 33.96 6.40 20.73
N ALA FB 22 33.95 6.75 19.45
CA ALA FB 22 33.26 7.95 19.00
C ALA FB 22 31.76 7.88 19.27
N VAL FB 23 31.14 6.72 18.97
CA VAL FB 23 29.71 6.56 19.24
C VAL FB 23 29.44 6.58 20.74
N LEU FB 24 30.27 5.89 21.53
CA LEU FB 24 30.07 5.87 22.98
C LEU FB 24 30.19 7.26 23.60
N ALA FB 25 31.16 8.05 23.16
CA ALA FB 25 31.27 9.42 23.64
C ALA FB 25 30.05 10.25 23.28
N LEU FB 26 29.56 10.13 22.04
CA LEU FB 26 28.38 10.87 21.61
C LEU FB 26 27.14 10.49 22.42
N VAL FB 27 26.95 9.20 22.68
CA VAL FB 27 25.84 8.75 23.51
C VAL FB 27 25.92 9.34 24.91
N ILE FB 28 27.07 9.26 25.55
CA ILE FB 28 27.21 9.81 26.91
C ILE FB 28 26.93 11.31 26.94
N HIS FB 29 27.47 12.07 25.97
CA HIS FB 29 27.17 13.50 25.92
C HIS FB 29 25.68 13.78 25.73
N PHE FB 30 25.03 13.09 24.80
CA PHE FB 30 23.59 13.30 24.63
C PHE FB 30 22.77 12.86 25.83
N VAL FB 31 23.19 11.82 26.55
CA VAL FB 31 22.51 11.46 27.79
C VAL FB 31 22.60 12.60 28.81
N LEU FB 32 23.79 13.18 28.96
CA LEU FB 32 23.98 14.29 29.89
C LEU FB 32 23.26 15.55 29.42
N LEU FB 33 23.35 15.84 28.11
CA LEU FB 33 22.85 17.09 27.56
C LEU FB 33 21.36 17.31 27.81
N SER FB 34 20.57 16.24 27.93
CA SER FB 34 19.14 16.40 28.18
C SER FB 34 18.70 15.90 29.54
N SER FB 35 19.62 15.55 30.43
CA SER FB 35 19.29 15.49 31.85
C SER FB 35 19.00 16.90 32.35
N GLN FB 36 18.20 16.99 33.42
CA GLN FB 36 17.98 18.28 34.06
C GLN FB 36 19.26 18.82 34.70
N ARG FB 37 19.98 17.96 35.44
CA ARG FB 37 21.16 18.41 36.16
C ARG FB 37 22.30 18.83 35.24
N TYR FB 38 22.50 18.15 34.11
CA TYR FB 38 23.67 18.41 33.27
C TYR FB 38 23.36 18.99 31.89
N SER FB 39 22.18 19.59 31.71
CA SER FB 39 21.88 20.27 30.44
C SER FB 39 22.70 21.56 30.32
N TRP FB 40 24.02 21.39 30.15
CA TRP FB 40 24.98 22.49 30.30
C TRP FB 40 24.80 23.60 29.26
N ILE FB 41 24.27 23.28 28.09
CA ILE FB 41 24.02 24.31 27.08
C ILE FB 41 23.04 25.36 27.61
N GLU FB 42 21.95 24.92 28.24
CA GLU FB 42 21.00 25.87 28.82
C GLU FB 42 21.40 26.36 30.21
N ASN FB 43 21.99 25.51 31.05
CA ASN FB 43 22.15 25.84 32.46
C ASN FB 43 23.58 25.72 33.00
N GLY FB 44 24.59 25.65 32.14
CA GLY FB 44 25.97 25.42 32.59
C GLY FB 44 26.52 26.47 33.53
N THR FB 45 25.97 27.68 33.53
CA THR FB 45 26.48 28.78 34.36
C THR FB 45 26.03 28.74 35.81
N LEU FB 46 25.12 27.83 36.20
CA LEU FB 46 24.44 27.94 37.49
C LEU FB 46 25.36 27.74 38.70
N GLY FB 47 26.32 26.82 38.63
CA GLY FB 47 27.05 26.50 39.85
C GLY FB 47 26.35 25.50 40.77
N ALA FB 48 27.14 24.69 41.47
CA ALA FB 48 26.70 23.37 41.92
C ALA FB 48 25.54 23.42 42.92
N ASP FB 49 25.52 24.40 43.82
CA ASP FB 49 24.41 24.47 44.78
C ASP FB 49 23.09 24.92 44.14
N GLN FB 50 23.14 25.54 42.97
CA GLN FB 50 21.93 25.92 42.25
C GLN FB 50 21.48 24.89 41.22
N ALA FB 51 22.36 23.95 40.83
CA ALA FB 51 22.00 22.97 39.82
C ALA FB 51 20.93 21.99 40.33
N PRO FB 52 20.04 21.55 39.44
CA PRO FB 52 18.97 20.64 39.85
C PRO FB 52 19.47 19.33 40.47
N VAL FB 53 18.65 18.77 41.35
CA VAL FB 53 18.76 17.39 41.79
C VAL FB 53 17.41 16.71 41.59
N GLY FB 54 17.41 15.55 40.93
CA GLY FB 54 16.18 14.87 40.57
C GLY FB 54 15.57 14.04 41.68
N ALA FB 55 15.52 14.59 42.89
CA ALA FB 55 15.00 13.88 44.05
C ALA FB 55 13.51 13.56 43.89
N SER FB 56 13.09 12.45 44.49
CA SER FB 56 11.70 12.02 44.46
C SER FB 56 10.79 12.97 45.24
N FME GB 1 42.19 -28.39 30.93
CN FME GB 1 42.39 -29.29 29.91
O1 FME GB 1 41.90 -29.17 28.78
CA FME GB 1 41.38 -27.21 30.82
CB FME GB 1 41.50 -26.35 32.10
CG FME GB 1 40.41 -25.32 32.22
SD FME GB 1 38.98 -26.09 32.91
CE FME GB 1 37.79 -24.80 32.80
C FME GB 1 41.72 -26.30 29.64
O FME GB 1 40.87 -25.66 29.01
N HIS GB 2 43.01 -26.25 29.32
CA HIS GB 2 43.52 -25.44 28.21
C HIS GB 2 43.15 -25.96 26.82
N ARG GB 3 42.75 -27.22 26.71
CA ARG GB 3 42.35 -27.79 25.42
C ARG GB 3 41.00 -27.29 24.93
N ILE GB 4 40.29 -26.49 25.72
CA ILE GB 4 39.16 -25.72 25.19
C ILE GB 4 39.56 -24.87 24.00
N TRP GB 5 40.82 -24.41 23.94
CA TRP GB 5 41.31 -23.62 22.83
C TRP GB 5 41.70 -24.45 21.61
N LEU GB 6 41.74 -25.77 21.73
CA LEU GB 6 41.81 -26.64 20.56
C LEU GB 6 40.42 -26.94 20.00
N MET GB 7 39.40 -26.90 20.85
CA MET GB 7 38.02 -27.05 20.40
C MET GB 7 37.52 -25.79 19.70
N TYR GB 8 37.77 -24.63 20.29
CA TYR GB 8 37.29 -23.36 19.75
C TYR GB 8 38.45 -22.46 19.38
N ASP GB 9 38.30 -21.74 18.28
CA ASP GB 9 39.29 -20.76 17.85
C ASP GB 9 39.34 -19.60 18.85
N PRO GB 10 40.45 -19.39 19.56
CA PRO GB 10 40.51 -18.28 20.53
C PRO GB 10 40.30 -16.90 19.94
N ARG GB 11 40.63 -16.72 18.66
CA ARG GB 11 40.45 -15.41 18.02
C ARG GB 11 39.00 -14.95 18.04
N ARG GB 12 38.05 -15.87 17.94
CA ARG GB 12 36.64 -15.51 17.91
C ARG GB 12 35.87 -15.80 19.19
N VAL GB 13 36.33 -16.71 20.04
CA VAL GB 13 35.84 -16.76 21.41
C VAL GB 13 36.07 -15.42 22.12
N MET GB 14 37.24 -14.82 21.91
CA MET GB 14 37.50 -13.52 22.53
C MET GB 14 36.62 -12.41 21.97
N VAL GB 15 36.32 -12.46 20.66
CA VAL GB 15 35.37 -11.51 20.09
C VAL GB 15 33.99 -11.68 20.70
N ALA GB 16 33.52 -12.92 20.79
CA ALA GB 16 32.19 -13.19 21.35
C ALA GB 16 32.13 -12.84 22.84
N LEU GB 17 33.21 -13.08 23.57
CA LEU GB 17 33.25 -12.71 24.99
C LEU GB 17 33.19 -11.19 25.19
N VAL GB 18 34.09 -10.46 24.52
CA VAL GB 18 34.11 -9.01 24.66
C VAL GB 18 32.77 -8.40 24.27
N GLY GB 19 32.17 -8.89 23.18
CA GLY GB 19 30.86 -8.40 22.78
C GLY GB 19 29.78 -8.69 23.81
N PHE GB 20 29.77 -9.90 24.36
CA PHE GB 20 28.84 -10.23 25.44
C PHE GB 20 28.99 -9.29 26.62
N LEU GB 21 30.24 -9.04 27.06
CA LEU GB 21 30.46 -8.16 28.20
C LEU GB 21 30.03 -6.73 27.91
N ALA GB 22 30.31 -6.23 26.71
CA ALA GB 22 29.86 -4.90 26.33
C ALA GB 22 28.32 -4.79 26.33
N VAL GB 23 27.64 -5.79 25.76
CA VAL GB 23 26.17 -5.78 25.77
C VAL GB 23 25.64 -5.87 27.19
N LEU GB 24 26.18 -6.79 27.99
CA LEU GB 24 25.77 -6.92 29.38
C LEU GB 24 26.00 -5.63 30.18
N ALA GB 25 27.19 -5.05 30.07
CA ALA GB 25 27.49 -3.82 30.81
C ALA GB 25 26.56 -2.69 30.43
N LEU GB 26 26.29 -2.51 29.14
CA LEU GB 26 25.37 -1.46 28.70
C LEU GB 26 23.95 -1.70 29.20
N VAL GB 27 23.49 -2.95 29.18
CA VAL GB 27 22.16 -3.26 29.69
C VAL GB 27 22.05 -2.90 31.16
N ILE GB 28 22.98 -3.36 31.99
CA ILE GB 28 22.88 -3.11 33.43
C ILE GB 28 22.91 -1.61 33.73
N HIS GB 29 23.76 -0.85 33.05
CA HIS GB 29 23.76 0.60 33.23
C HIS GB 29 22.43 1.23 32.81
N PHE GB 30 21.90 0.87 31.63
CA PHE GB 30 20.60 1.42 31.23
C PHE GB 30 19.47 0.98 32.15
N VAL GB 31 19.54 -0.24 32.69
CA VAL GB 31 18.54 -0.68 33.67
C VAL GB 31 18.61 0.17 34.93
N LEU GB 32 19.81 0.36 35.47
CA LEU GB 32 19.96 1.17 36.68
C LEU GB 32 19.55 2.61 36.42
N LEU GB 33 19.95 3.18 35.28
CA LEU GB 33 19.60 4.54 34.96
C LEU GB 33 18.10 4.72 34.73
N SER GB 34 17.39 3.65 34.37
CA SER GB 34 15.93 3.69 34.30
C SER GB 34 15.28 3.72 35.67
N SER GB 35 15.88 3.08 36.67
CA SER GB 35 15.29 3.03 38.00
C SER GB 35 15.21 4.43 38.61
N GLN GB 36 14.41 4.54 39.67
CA GLN GB 36 14.40 5.75 40.49
C GLN GB 36 15.53 5.76 41.51
N ARG GB 37 15.73 4.66 42.23
CA ARG GB 37 16.77 4.61 43.26
C ARG GB 37 18.18 4.83 42.69
N TYR GB 38 18.46 4.31 41.50
CA TYR GB 38 19.80 4.39 40.93
C TYR GB 38 19.90 5.25 39.68
N SER GB 39 19.04 6.26 39.57
CA SER GB 39 19.11 7.23 38.47
C SER GB 39 20.22 8.25 38.75
N TRP GB 40 21.46 7.75 38.73
CA TRP GB 40 22.57 8.46 39.39
C TRP GB 40 22.89 9.79 38.72
N ILE GB 41 22.62 9.94 37.43
CA ILE GB 41 22.89 11.21 36.76
C ILE GB 41 22.05 12.33 37.35
N GLU GB 42 20.76 12.07 37.61
CA GLU GB 42 19.92 13.08 38.23
C GLU GB 42 20.00 13.13 39.76
N ASN GB 43 20.24 12.00 40.44
CA ASN GB 43 20.16 12.00 41.90
C ASN GB 43 21.37 11.41 42.63
N GLY GB 44 22.49 11.22 41.93
CA GLY GB 44 23.64 10.54 42.52
C GLY GB 44 24.23 11.20 43.75
N THR GB 45 24.00 12.50 43.94
CA THR GB 45 24.52 13.21 45.11
C THR GB 45 23.69 13.00 46.38
N LEU GB 46 22.49 12.45 46.29
CA LEU GB 46 21.71 12.15 47.50
C LEU GB 46 22.41 11.09 48.36
N GLY GB 47 22.49 11.36 49.66
CA GLY GB 47 22.91 10.34 50.60
C GLY GB 47 21.89 9.24 50.77
N ALA GB 48 22.35 8.11 51.32
CA ALA GB 48 21.53 6.91 51.37
C ALA GB 48 20.27 7.07 52.23
N ASP GB 49 20.27 8.02 53.16
CA ASP GB 49 19.06 8.36 53.91
C ASP GB 49 18.06 9.16 53.07
N GLN GB 50 18.50 9.76 51.97
CA GLN GB 50 17.61 10.47 51.05
C GLN GB 50 17.30 9.69 49.78
N ALA GB 51 18.03 8.63 49.47
CA ALA GB 51 17.81 7.92 48.22
C ALA GB 51 16.44 7.24 48.21
N PRO GB 52 15.80 7.16 47.03
CA PRO GB 52 14.48 6.53 46.93
C PRO GB 52 14.49 5.06 47.35
N VAL GB 53 13.38 4.63 47.94
CA VAL GB 53 13.09 3.22 48.18
C VAL GB 53 11.67 2.93 47.73
N GLY GB 54 11.52 1.91 46.87
CA GLY GB 54 10.18 1.55 46.41
C GLY GB 54 9.44 0.69 47.43
N ALA GB 55 8.15 0.96 47.57
CA ALA GB 55 7.27 0.12 48.37
C ALA GB 55 5.94 -0.11 47.65
N SER GB 56 5.23 -1.16 48.05
CA SER GB 56 3.84 -1.33 47.66
C SER GB 56 2.95 -0.36 48.43
N ALA GB 57 1.77 -0.08 47.86
CA ALA GB 57 0.76 0.70 48.55
C ALA GB 57 0.28 -0.01 49.82
N PRO GB 58 -0.04 0.73 50.87
CA PRO GB 58 -0.58 0.09 52.08
C PRO GB 58 -2.01 -0.40 51.90
N ALA GB 59 -2.87 0.41 51.27
CA ALA GB 59 -4.25 0.04 50.93
C ALA GB 59 -5.04 -0.46 52.14
N ALA GB 60 -4.71 0.03 53.33
CA ALA GB 60 -5.38 -0.38 54.56
C ALA GB 60 -6.87 -0.04 54.55
N FME HB 1 29.02 -42.89 31.16
CN FME HB 1 29.50 -43.97 30.45
O1 FME HB 1 29.16 -44.23 29.29
CA FME HB 1 28.06 -41.96 30.62
CB FME HB 1 27.45 -41.08 31.74
CG FME HB 1 26.24 -40.31 31.26
SD FME HB 1 25.24 -39.91 32.67
CE FME HB 1 26.25 -38.85 33.63
C FME HB 1 28.67 -41.04 29.56
O FME HB 1 28.00 -40.41 28.74
N HIS HB 2 30.00 -41.00 29.57
CA HIS HB 2 30.78 -40.24 28.58
C HIS HB 2 30.49 -40.51 27.10
N ARG HB 3 29.97 -41.69 26.75
CA ARG HB 3 29.63 -41.95 25.36
C ARG HB 3 28.49 -41.09 24.83
N ILE HB 4 27.80 -40.33 25.69
CA ILE HB 4 26.95 -39.25 25.19
C ILE HB 4 27.76 -38.29 24.31
N TRP HB 5 29.03 -38.07 24.64
CA TRP HB 5 29.91 -37.25 23.83
C TRP HB 5 30.44 -37.95 22.58
N LEU HB 6 30.04 -39.20 22.35
CA LEU HB 6 30.22 -39.82 21.04
C LEU HB 6 28.99 -39.65 20.16
N MET HB 7 27.80 -39.66 20.76
CA MET HB 7 26.58 -39.33 20.02
C MET HB 7 26.51 -37.84 19.67
N TYR HB 8 27.03 -36.96 20.52
CA TYR HB 8 27.01 -35.52 20.27
C TYR HB 8 28.40 -34.91 20.38
N ASP HB 9 28.71 -34.02 19.44
CA ASP HB 9 29.96 -33.27 19.47
C ASP HB 9 29.94 -32.30 20.65
N PRO HB 10 30.88 -32.38 21.59
CA PRO HB 10 30.88 -31.44 22.72
C PRO HB 10 30.95 -29.97 22.31
N ARG HB 11 31.58 -29.66 21.18
CA ARG HB 11 31.64 -28.28 20.71
C ARG HB 11 30.25 -27.71 20.44
N ARG HB 12 29.34 -28.55 19.94
CA ARG HB 12 27.98 -28.13 19.66
C ARG HB 12 27.14 -28.07 20.94
N VAL HB 13 27.26 -29.08 21.80
CA VAL HB 13 26.49 -29.11 23.04
C VAL HB 13 26.81 -27.93 23.93
N MET HB 14 28.09 -27.57 24.05
CA MET HB 14 28.44 -26.41 24.89
C MET HB 14 27.91 -25.10 24.32
N VAL HB 15 27.87 -24.96 22.99
CA VAL HB 15 27.23 -23.79 22.39
C VAL HB 15 25.74 -23.76 22.73
N ALA HB 16 25.07 -24.91 22.58
CA ALA HB 16 23.66 -25.00 22.91
C ALA HB 16 23.42 -24.72 24.39
N LEU HB 17 24.29 -25.23 25.25
CA LEU HB 17 24.13 -25.07 26.69
C LEU HB 17 24.35 -23.62 27.12
N VAL HB 18 25.43 -22.99 26.65
CA VAL HB 18 25.68 -21.58 26.93
C VAL HB 18 24.54 -20.71 26.43
N GLY HB 19 24.02 -21.01 25.23
CA GLY HB 19 22.87 -20.27 24.73
C GLY HB 19 21.64 -20.44 25.59
N PHE HB 20 21.33 -21.69 25.95
CA PHE HB 20 20.16 -21.98 26.76
C PHE HB 20 20.23 -21.32 28.14
N LEU HB 21 21.35 -21.52 28.85
CA LEU HB 21 21.49 -20.93 30.19
C LEU HB 21 21.55 -19.40 30.16
N ALA HB 22 22.13 -18.82 29.11
CA ALA HB 22 22.09 -17.36 28.97
C ALA HB 22 20.66 -16.85 28.86
N VAL HB 23 19.86 -17.46 27.97
CA VAL HB 23 18.47 -17.06 27.81
C VAL HB 23 17.68 -17.28 29.09
N LEU HB 24 17.77 -18.48 29.66
CA LEU HB 24 17.03 -18.80 30.87
C LEU HB 24 17.36 -17.87 32.03
N ALA HB 25 18.65 -17.57 32.24
CA ALA HB 25 19.04 -16.65 33.31
C ALA HB 25 18.46 -15.26 33.10
N LEU HB 26 18.51 -14.74 31.88
CA LEU HB 26 17.96 -13.42 31.60
C LEU HB 26 16.44 -13.40 31.72
N VAL HB 27 15.76 -14.46 31.28
CA VAL HB 27 14.33 -14.60 31.52
C VAL HB 27 14.01 -14.45 33.01
N ILE HB 28 14.61 -15.28 33.86
CA ILE HB 28 14.22 -15.31 35.27
C ILE HB 28 14.50 -13.97 35.96
N HIS HB 29 15.67 -13.37 35.71
CA HIS HB 29 15.97 -12.08 36.32
C HIS HB 29 14.97 -11.00 35.91
N PHE HB 30 14.64 -10.91 34.62
CA PHE HB 30 13.66 -9.90 34.19
C PHE HB 30 12.25 -10.19 34.71
N VAL HB 31 11.86 -11.46 34.81
CA VAL HB 31 10.57 -11.78 35.42
C VAL HB 31 10.51 -11.31 36.87
N LEU HB 32 11.54 -11.64 37.66
CA LEU HB 32 11.60 -11.17 39.04
C LEU HB 32 11.63 -9.66 39.12
N LEU HB 33 12.43 -9.02 38.28
CA LEU HB 33 12.54 -7.57 38.29
C LEU HB 33 11.24 -6.89 37.89
N SER HB 34 10.42 -7.55 37.08
CA SER HB 34 9.09 -7.05 36.77
C SER HB 34 8.08 -7.23 37.91
N SER HB 35 8.32 -8.15 38.83
CA SER HB 35 7.35 -8.39 39.90
C SER HB 35 7.34 -7.23 40.91
N GLN HB 36 6.30 -7.22 41.75
CA GLN HB 36 6.29 -6.32 42.90
C GLN HB 36 7.22 -6.79 44.00
N ARG HB 37 7.11 -8.07 44.38
CA ARG HB 37 7.84 -8.56 45.54
C ARG HB 37 9.36 -8.54 45.35
N TYR HB 38 9.84 -8.85 44.14
CA TYR HB 38 11.27 -8.97 43.88
C TYR HB 38 11.84 -7.90 42.97
N SER HB 39 11.23 -6.71 42.96
CA SER HB 39 11.80 -5.59 42.21
C SER HB 39 13.01 -5.01 42.93
N TRP HB 40 14.08 -5.81 43.05
CA TRP HB 40 15.15 -5.56 44.01
C TRP HB 40 15.93 -4.28 43.75
N ILE HB 41 15.92 -3.76 42.53
CA ILE HB 41 16.60 -2.50 42.26
C ILE HB 41 15.93 -1.35 43.01
N GLU HB 42 14.60 -1.27 42.94
CA GLU HB 42 13.88 -0.26 43.72
C GLU HB 42 13.75 -0.62 45.20
N ASN HB 43 13.54 -1.89 45.53
CA ASN HB 43 13.08 -2.23 46.87
C ASN HB 43 13.95 -3.25 47.61
N GLY HB 44 15.15 -3.56 47.11
CA GLY HB 44 15.96 -4.63 47.65
C GLY HB 44 16.36 -4.46 49.10
N THR HB 45 16.39 -3.23 49.60
CA THR HB 45 16.75 -2.97 50.99
C THR HB 45 15.60 -3.11 51.99
N LEU HB 46 14.38 -3.36 51.54
CA LEU HB 46 13.32 -3.73 52.46
C LEU HB 46 13.55 -5.11 53.06
N GLY HB 47 13.24 -5.25 54.36
CA GLY HB 47 13.27 -6.54 55.00
C GLY HB 47 12.12 -7.43 54.57
N ALA HB 48 12.23 -8.72 54.91
CA ALA HB 48 11.26 -9.70 54.47
C ALA HB 48 9.85 -9.39 54.98
N ASP HB 49 9.76 -8.88 56.21
CA ASP HB 49 8.48 -8.44 56.76
C ASP HB 49 7.91 -7.21 56.06
N GLN HB 50 8.75 -6.44 55.37
CA GLN HB 50 8.31 -5.23 54.69
C GLN HB 50 7.99 -5.42 53.21
N ALA HB 51 8.46 -6.50 52.59
CA ALA HB 51 8.29 -6.69 51.16
C ALA HB 51 6.82 -6.96 50.79
N PRO HB 52 6.42 -6.65 49.56
CA PRO HB 52 5.04 -6.90 49.12
C PRO HB 52 4.66 -8.38 49.22
N VAL HB 53 3.35 -8.61 49.39
CA VAL HB 53 2.76 -9.94 49.18
C VAL HB 53 1.48 -9.79 48.36
N GLY HB 54 1.33 -10.64 47.34
CA GLY HB 54 0.15 -10.59 46.50
C GLY HB 54 -1.13 -10.89 47.26
N ALA HB 55 -2.22 -10.27 46.81
CA ALA HB 55 -3.49 -10.28 47.54
C ALA HB 55 -3.97 -11.70 47.83
N SER HB 56 -4.35 -11.95 49.08
CA SER HB 56 -4.94 -13.21 49.50
C SER HB 56 -6.43 -13.28 49.16
N ALA HB 57 -6.99 -14.48 49.32
CA ALA HB 57 -8.43 -14.66 49.26
C ALA HB 57 -9.12 -13.92 50.41
N PRO HB 58 -10.40 -13.54 50.23
CA PRO HB 58 -11.18 -12.93 51.32
C PRO HB 58 -11.36 -13.85 52.53
N FME IB 1 10.76 -53.58 22.10
CN FME IB 1 11.04 -54.38 21.01
O1 FME IB 1 11.17 -53.93 19.86
CA FME IB 1 10.60 -52.16 22.05
CB FME IB 1 10.42 -51.54 23.45
CG FME IB 1 9.16 -51.98 24.16
SD FME IB 1 7.77 -51.22 23.36
CE FME IB 1 7.89 -49.55 23.89
C FME IB 1 11.77 -51.40 21.41
O FME IB 1 11.62 -50.37 20.76
N HIS IB 2 12.97 -51.93 21.62
CA HIS IB 2 14.21 -51.30 21.16
C HIS IB 2 14.33 -51.10 19.65
N ARG IB 3 13.57 -51.88 18.88
CA ARG IB 3 13.53 -51.69 17.43
C ARG IB 3 12.96 -50.35 17.01
N ILE IB 4 12.31 -49.61 17.89
CA ILE IB 4 11.93 -48.24 17.59
C ILE IB 4 13.15 -47.40 17.22
N TRP IB 5 14.32 -47.70 17.79
CA TRP IB 5 15.55 -47.00 17.45
C TRP IB 5 16.16 -47.46 16.12
N LEU IB 6 15.59 -48.49 15.49
CA LEU IB 6 15.89 -48.78 14.10
C LEU IB 6 15.00 -47.99 13.15
N MET IB 7 13.78 -47.65 13.59
CA MET IB 7 12.91 -46.76 12.82
C MET IB 7 13.36 -45.31 12.89
N TYR IB 8 13.83 -44.86 14.05
CA TYR IB 8 14.18 -43.46 14.26
C TYR IB 8 15.60 -43.34 14.80
N ASP IB 9 16.36 -42.40 14.23
CA ASP IB 9 17.70 -42.11 14.71
C ASP IB 9 17.63 -41.56 16.14
N PRO IB 10 18.19 -42.26 17.12
CA PRO IB 10 18.12 -41.76 18.51
C PRO IB 10 18.75 -40.40 18.71
N ARG IB 11 19.77 -40.05 17.93
CA ARG IB 11 20.33 -38.70 18.01
C ARG IB 11 19.30 -37.65 17.65
N ARG IB 12 18.47 -37.92 16.65
CA ARG IB 12 17.43 -36.97 16.25
C ARG IB 12 16.28 -36.93 17.26
N VAL IB 13 15.85 -38.09 17.74
CA VAL IB 13 14.75 -38.15 18.70
C VAL IB 13 15.10 -37.43 20.00
N MET IB 14 16.31 -37.63 20.51
CA MET IB 14 16.70 -36.97 21.74
C MET IB 14 16.70 -35.45 21.60
N VAL IB 15 17.17 -34.94 20.46
CA VAL IB 15 17.06 -33.50 20.19
C VAL IB 15 15.60 -33.06 20.13
N ALA IB 16 14.78 -33.82 19.43
CA ALA IB 16 13.35 -33.53 19.37
C ALA IB 16 12.72 -33.53 20.76
N LEU IB 17 13.06 -34.52 21.58
CA LEU IB 17 12.44 -34.69 22.88
C LEU IB 17 12.83 -33.57 23.84
N VAL IB 18 14.11 -33.21 23.89
CA VAL IB 18 14.55 -32.10 24.73
C VAL IB 18 13.91 -30.79 24.28
N GLY IB 19 13.78 -30.59 22.97
CA GLY IB 19 13.04 -29.45 22.46
C GLY IB 19 11.59 -29.42 22.92
N PHE IB 20 10.91 -30.55 22.82
CA PHE IB 20 9.51 -30.64 23.28
C PHE IB 20 9.38 -30.37 24.78
N LEU IB 21 10.23 -31.01 25.60
CA LEU IB 21 10.09 -30.85 27.05
C LEU IB 21 10.43 -29.43 27.51
N ALA IB 22 11.42 -28.79 26.87
CA ALA IB 22 11.74 -27.40 27.19
C ALA IB 22 10.56 -26.47 26.92
N VAL IB 23 9.98 -26.56 25.72
CA VAL IB 23 8.80 -25.76 25.37
C VAL IB 23 7.64 -26.06 26.31
N LEU IB 24 7.34 -27.34 26.52
CA LEU IB 24 6.21 -27.72 27.37
C LEU IB 24 6.37 -27.21 28.80
N ALA IB 25 7.56 -27.35 29.38
CA ALA IB 25 7.79 -26.85 30.74
C ALA IB 25 7.62 -25.33 30.82
N LEU IB 26 8.16 -24.60 29.84
CA LEU IB 26 7.98 -23.15 29.82
C LEU IB 26 6.52 -22.76 29.67
N VAL IB 27 5.77 -23.47 28.83
CA VAL IB 27 4.34 -23.19 28.69
C VAL IB 27 3.60 -23.43 30.00
N ILE IB 28 3.83 -24.56 30.65
CA ILE IB 28 3.10 -24.85 31.90
C ILE IB 28 3.44 -23.82 32.97
N HIS IB 29 4.72 -23.52 33.17
CA HIS IB 29 5.08 -22.48 34.13
C HIS IB 29 4.43 -21.14 33.82
N PHE IB 30 4.42 -20.71 32.55
CA PHE IB 30 3.82 -19.42 32.23
C PHE IB 30 2.30 -19.42 32.36
N VAL IB 31 1.63 -20.54 32.09
CA VAL IB 31 0.20 -20.66 32.40
C VAL IB 31 -0.05 -20.46 33.89
N LEU IB 32 0.74 -21.14 34.73
CA LEU IB 32 0.55 -21.02 36.18
C LEU IB 32 0.88 -19.62 36.68
N LEU IB 33 1.97 -19.04 36.19
CA LEU IB 33 2.37 -17.69 36.59
C LEU IB 33 1.40 -16.62 36.09
N SER IB 34 0.64 -16.89 35.02
CA SER IB 34 -0.47 -16.02 34.64
C SER IB 34 -1.64 -16.09 35.59
N SER IB 35 -1.83 -17.23 36.26
CA SER IB 35 -3.05 -17.45 37.03
C SER IB 35 -3.06 -16.58 38.29
N GLN IB 36 -4.24 -16.55 38.95
CA GLN IB 36 -4.33 -15.93 40.27
C GLN IB 36 -3.78 -16.85 41.35
N ARG IB 37 -4.27 -18.10 41.39
CA ARG IB 37 -3.95 -19.01 42.48
C ARG IB 37 -2.46 -19.37 42.53
N TYR IB 38 -1.79 -19.42 41.38
CA TYR IB 38 -0.39 -19.86 41.32
C TYR IB 38 0.57 -18.80 40.83
N SER IB 39 0.26 -17.52 41.03
CA SER IB 39 1.23 -16.45 40.86
C SER IB 39 2.30 -16.52 41.97
N TRP IB 40 3.07 -17.60 41.99
CA TRP IB 40 3.89 -17.94 43.16
C TRP IB 40 4.96 -16.90 43.45
N ILE IB 41 5.40 -16.14 42.45
CA ILE IB 41 6.38 -15.09 42.70
C ILE IB 41 5.79 -14.01 43.60
N GLU IB 42 4.55 -13.59 43.33
CA GLU IB 42 3.91 -12.56 44.15
C GLU IB 42 3.28 -13.13 45.42
N ASN IB 43 2.68 -14.32 45.35
CA ASN IB 43 1.84 -14.81 46.45
C ASN IB 43 2.26 -16.18 47.00
N GLY IB 44 3.45 -16.67 46.63
CA GLY IB 44 3.85 -18.02 47.00
C GLY IB 44 3.99 -18.26 48.49
N THR IB 45 4.12 -17.21 49.29
CA THR IB 45 4.21 -17.36 50.74
C THR IB 45 2.85 -17.46 51.44
N LEU IB 46 1.74 -17.29 50.72
CA LEU IB 46 0.43 -17.55 51.31
C LEU IB 46 0.23 -19.03 51.61
N GLY IB 47 -0.43 -19.29 52.74
CA GLY IB 47 -0.88 -20.64 53.05
C GLY IB 47 -1.97 -21.12 52.09
N ALA IB 48 -2.11 -22.44 52.02
CA ALA IB 48 -3.00 -23.04 51.02
C ALA IB 48 -4.45 -22.59 51.18
N ASP IB 49 -4.87 -22.25 52.38
CA ASP IB 49 -6.21 -21.71 52.61
C ASP IB 49 -6.31 -20.21 52.39
N GLN IB 50 -5.20 -19.49 52.30
CA GLN IB 50 -5.20 -18.09 51.93
C GLN IB 50 -5.10 -17.85 50.43
N ALA IB 51 -4.67 -18.83 49.66
CA ALA IB 51 -4.46 -18.63 48.22
C ALA IB 51 -5.79 -18.41 47.49
N PRO IB 52 -5.79 -17.59 46.43
CA PRO IB 52 -7.02 -17.33 45.68
C PRO IB 52 -7.70 -18.60 45.18
N VAL IB 53 -9.04 -18.53 45.09
CA VAL IB 53 -9.88 -19.56 44.49
C VAL IB 53 -10.91 -18.89 43.58
N GLY IB 54 -11.12 -19.49 42.41
CA GLY IB 54 -12.16 -19.00 41.51
C GLY IB 54 -13.55 -19.12 42.10
N ALA IB 55 -14.48 -18.37 41.52
CA ALA IB 55 -15.84 -18.27 42.03
C ALA IB 55 -16.59 -19.60 41.92
N SER IB 56 -17.42 -19.87 42.92
CA SER IB 56 -18.38 -20.96 42.90
C SER IB 56 -19.66 -20.56 42.15
N ALA IB 57 -20.54 -21.54 41.96
CA ALA IB 57 -21.95 -21.26 41.75
C ALA IB 57 -22.53 -20.51 42.94
N PRO IB 58 -23.50 -19.60 42.72
CA PRO IB 58 -24.10 -18.83 43.82
C PRO IB 58 -24.89 -19.71 44.79
N FME JB 1 -5.07 -55.69 11.35
CN FME JB 1 -4.63 -56.96 11.69
O1 FME JB 1 -4.27 -57.80 10.85
CA FME JB 1 -5.19 -55.20 10.00
CB FME JB 1 -6.18 -54.04 9.91
CG FME JB 1 -7.43 -54.32 10.71
SD FME JB 1 -8.43 -52.86 10.72
CE FME JB 1 -9.94 -53.44 11.41
C FME JB 1 -3.85 -54.72 9.43
O FME JB 1 -3.71 -53.65 8.85
N HIS JB 2 -2.84 -55.57 9.59
CA HIS JB 2 -1.44 -55.15 9.57
C HIS JB 2 -0.93 -54.66 8.21
N ARG JB 3 -1.60 -55.06 7.13
CA ARG JB 3 -1.21 -54.60 5.80
C ARG JB 3 -1.32 -53.09 5.63
N ILE JB 4 -1.99 -52.39 6.55
CA ILE JB 4 -1.91 -50.94 6.61
C ILE JB 4 -0.48 -50.44 6.78
N TRP JB 5 0.39 -51.24 7.41
CA TRP JB 5 1.80 -50.86 7.53
C TRP JB 5 2.62 -51.22 6.30
N LEU JB 6 2.04 -51.95 5.35
CA LEU JB 6 2.59 -52.07 4.00
C LEU JB 6 2.09 -50.93 3.13
N MET JB 7 0.83 -50.54 3.35
CA MET JB 7 0.21 -49.44 2.63
C MET JB 7 0.87 -48.11 2.96
N TYR JB 8 1.16 -47.85 4.24
CA TYR JB 8 1.77 -46.61 4.68
C TYR JB 8 3.06 -46.88 5.47
N ASP JB 9 4.06 -46.02 5.27
CA ASP JB 9 5.32 -46.12 6.00
C ASP JB 9 5.08 -45.86 7.48
N PRO JB 10 5.31 -46.84 8.37
CA PRO JB 10 5.01 -46.63 9.79
C PRO JB 10 5.77 -45.50 10.44
N ARG JB 11 6.94 -45.13 9.92
CA ARG JB 11 7.68 -44.00 10.47
C ARG JB 11 6.91 -42.69 10.28
N ARG JB 12 6.24 -42.54 9.13
CA ARG JB 12 5.44 -41.36 8.87
C ARG JB 12 4.11 -41.39 9.62
N VAL JB 13 3.44 -42.54 9.65
CA VAL JB 13 2.15 -42.64 10.33
C VAL JB 13 2.30 -42.37 11.82
N MET JB 14 3.34 -42.92 12.44
CA MET JB 14 3.49 -42.79 13.89
C MET JB 14 3.83 -41.36 14.30
N VAL JB 15 4.61 -40.65 13.48
CA VAL JB 15 4.80 -39.21 13.69
C VAL JB 15 3.52 -38.44 13.45
N ALA JB 16 2.74 -38.82 12.44
CA ALA JB 16 1.43 -38.21 12.23
C ALA JB 16 0.51 -38.40 13.43
N LEU JB 17 0.46 -39.63 13.96
CA LEU JB 17 -0.37 -39.91 15.13
C LEU JB 17 0.07 -39.14 16.36
N VAL JB 18 1.38 -39.07 16.61
CA VAL JB 18 1.89 -38.29 17.74
C VAL JB 18 1.52 -36.82 17.61
N GLY JB 19 1.69 -36.26 16.41
CA GLY JB 19 1.30 -34.87 16.20
C GLY JB 19 -0.19 -34.64 16.35
N PHE JB 20 -1.00 -35.55 15.82
CA PHE JB 20 -2.44 -35.47 15.98
C PHE JB 20 -2.87 -35.48 17.45
N LEU JB 21 -2.34 -36.44 18.22
CA LEU JB 21 -2.71 -36.53 19.63
C LEU JB 21 -2.23 -35.32 20.42
N ALA JB 22 -1.01 -34.86 20.16
CA ALA JB 22 -0.50 -33.64 20.79
C ALA JB 22 -1.43 -32.45 20.56
N VAL JB 23 -1.80 -32.20 19.31
CA VAL JB 23 -2.69 -31.08 18.99
C VAL JB 23 -4.05 -31.25 19.65
N LEU JB 24 -4.65 -32.44 19.53
CA LEU JB 24 -5.98 -32.65 20.06
C LEU JB 24 -6.03 -32.51 21.58
N ALA JB 25 -5.06 -33.10 22.29
CA ALA JB 25 -4.99 -32.92 23.74
C ALA JB 25 -4.85 -31.46 24.14
N LEU JB 26 -3.99 -30.71 23.45
CA LEU JB 26 -3.81 -29.30 23.78
C LEU JB 26 -5.09 -28.51 23.54
N VAL JB 27 -5.76 -28.77 22.42
CA VAL JB 27 -7.05 -28.13 22.14
C VAL JB 27 -8.05 -28.38 23.27
N ILE JB 28 -8.23 -29.66 23.65
CA ILE JB 28 -9.22 -29.98 24.68
C ILE JB 28 -8.87 -29.34 26.01
N HIS JB 29 -7.61 -29.44 26.44
CA HIS JB 29 -7.21 -28.81 27.69
C HIS JB 29 -7.44 -27.30 27.68
N PHE JB 30 -7.07 -26.62 26.60
CA PHE JB 30 -7.29 -25.17 26.56
C PHE JB 30 -8.75 -24.78 26.42
N VAL JB 31 -9.57 -25.57 25.72
CA VAL JB 31 -11.01 -25.33 25.74
C VAL JB 31 -11.56 -25.42 27.15
N LEU JB 32 -11.25 -26.51 27.86
CA LEU JB 32 -11.70 -26.67 29.24
C LEU JB 32 -11.17 -25.57 30.14
N LEU JB 33 -9.89 -25.21 29.99
CA LEU JB 33 -9.30 -24.16 30.81
C LEU JB 33 -9.93 -22.80 30.56
N SER JB 34 -10.48 -22.57 29.37
CA SER JB 34 -11.20 -21.33 29.10
C SER JB 34 -12.67 -21.36 29.53
N SER JB 35 -13.21 -22.50 29.92
CA SER JB 35 -14.57 -22.55 30.42
C SER JB 35 -14.65 -21.92 31.81
N GLN JB 36 -15.88 -21.83 32.34
CA GLN JB 36 -16.09 -21.51 33.75
C GLN JB 36 -16.06 -22.76 34.62
N ARG JB 37 -16.81 -23.80 34.22
CA ARG JB 37 -16.93 -24.99 35.05
C ARG JB 37 -15.60 -25.72 35.23
N TYR JB 38 -14.72 -25.72 34.24
CA TYR JB 38 -13.50 -26.51 34.28
C TYR JB 38 -12.23 -25.68 34.27
N SER JB 39 -12.30 -24.42 34.69
CA SER JB 39 -11.13 -23.56 34.83
C SER JB 39 -10.27 -24.01 36.02
N TRP JB 40 -9.73 -25.22 35.96
CA TRP JB 40 -9.30 -25.95 37.16
C TRP JB 40 -8.10 -25.32 37.85
N ILE JB 41 -7.28 -24.53 37.14
CA ILE JB 41 -6.16 -23.87 37.80
C ILE JB 41 -6.64 -22.84 38.82
N GLU JB 42 -7.68 -22.07 38.48
CA GLU JB 42 -8.28 -21.18 39.48
C GLU JB 42 -9.21 -21.89 40.45
N ASN JB 43 -10.02 -22.85 39.97
CA ASN JB 43 -11.15 -23.35 40.75
C ASN JB 43 -11.16 -24.85 40.99
N GLY JB 44 -10.07 -25.56 40.71
CA GLY JB 44 -10.06 -27.01 40.83
C GLY JB 44 -10.40 -27.54 42.22
N THR JB 45 -10.19 -26.75 43.27
CA THR JB 45 -10.47 -27.21 44.63
C THR JB 45 -11.94 -27.13 45.03
N LEU JB 46 -12.81 -26.53 44.21
CA LEU JB 46 -14.23 -26.51 44.51
C LEU JB 46 -14.85 -27.90 44.45
N GLY JB 47 -15.78 -28.16 45.37
CA GLY JB 47 -16.57 -29.38 45.31
C GLY JB 47 -17.57 -29.37 44.16
N ALA JB 48 -17.98 -30.58 43.76
CA ALA JB 48 -18.78 -30.75 42.56
C ALA JB 48 -20.09 -29.95 42.57
N ASP JB 49 -20.73 -29.79 43.74
CA ASP JB 49 -21.92 -28.95 43.81
C ASP JB 49 -21.63 -27.45 43.80
N GLN JB 50 -20.44 -27.03 44.21
CA GLN JB 50 -20.05 -25.63 44.13
C GLN JB 50 -19.55 -25.20 42.75
N ALA JB 51 -19.25 -26.14 41.85
CA ALA JB 51 -18.74 -25.77 40.54
C ALA JB 51 -19.81 -25.07 39.70
N PRO JB 52 -19.42 -24.10 38.87
CA PRO JB 52 -20.37 -23.39 37.99
C PRO JB 52 -21.15 -24.30 37.06
N VAL JB 53 -22.36 -23.87 36.72
CA VAL JB 53 -23.23 -24.50 35.72
C VAL JB 53 -23.92 -23.42 34.90
N GLY JB 54 -24.04 -23.67 33.59
CA GLY JB 54 -24.75 -22.74 32.72
C GLY JB 54 -26.25 -22.71 32.95
N ALA JB 55 -26.85 -21.55 32.63
CA ALA JB 55 -28.25 -21.29 32.92
C ALA JB 55 -29.19 -22.27 32.23
N SER JB 56 -30.28 -22.60 32.92
CA SER JB 56 -31.35 -23.45 32.39
C SER JB 56 -32.31 -22.64 31.50
N ALA JB 57 -33.26 -23.36 30.89
CA ALA JB 57 -34.52 -22.77 30.49
C ALA JB 57 -35.23 -22.15 31.70
N PRO JB 58 -35.95 -21.03 31.50
CA PRO JB 58 -36.44 -20.24 32.64
C PRO JB 58 -37.52 -20.97 33.45
N FME KB 1 -18.72 -53.25 -7.24
CN FME KB 1 -18.20 -53.68 -8.44
O1 FME KB 1 -17.39 -53.01 -9.12
CA FME KB 1 -18.38 -51.99 -6.62
CB FME KB 1 -19.07 -51.83 -5.24
CG FME KB 1 -20.56 -51.64 -5.33
SD FME KB 1 -20.92 -50.00 -5.89
CE FME KB 1 -22.62 -49.84 -5.50
C FME KB 1 -16.90 -51.76 -6.39
O FME KB 1 -16.38 -50.65 -6.39
N HIS KB 2 -16.18 -52.87 -6.19
CA HIS KB 2 -14.76 -52.83 -5.85
C HIS KB 2 -13.84 -52.22 -6.92
N ARG KB 3 -14.29 -52.18 -8.17
CA ARG KB 3 -13.49 -51.52 -9.21
C ARG KB 3 -13.37 -50.02 -9.03
N ILE KB 4 -14.10 -49.43 -8.08
CA ILE KB 4 -13.84 -48.04 -7.69
C ILE KB 4 -12.39 -47.88 -7.24
N TRP KB 5 -11.81 -48.90 -6.61
CA TRP KB 5 -10.41 -48.86 -6.19
C TRP KB 5 -9.44 -49.04 -7.34
N LEU KB 6 -9.92 -49.37 -8.54
CA LEU KB 6 -9.10 -49.32 -9.73
C LEU KB 6 -9.09 -47.93 -10.35
N MET KB 7 -10.21 -47.21 -10.25
CA MET KB 7 -10.23 -45.80 -10.63
C MET KB 7 -9.39 -44.96 -9.68
N TYR KB 8 -9.58 -45.14 -8.37
CA TYR KB 8 -8.99 -44.28 -7.36
C TYR KB 8 -7.98 -45.06 -6.51
N ASP KB 9 -6.80 -44.48 -6.35
CA ASP KB 9 -5.78 -45.02 -5.46
C ASP KB 9 -6.28 -45.01 -4.03
N PRO KB 10 -6.48 -46.18 -3.39
CA PRO KB 10 -6.94 -46.18 -2.00
C PRO KB 10 -6.01 -45.47 -1.03
N ARG KB 11 -4.72 -45.37 -1.33
CA ARG KB 11 -3.81 -44.61 -0.48
C ARG KB 11 -4.10 -43.12 -0.49
N ARG KB 12 -4.56 -42.57 -1.62
CA ARG KB 12 -5.06 -41.20 -1.61
C ARG KB 12 -6.43 -41.10 -0.94
N VAL KB 13 -7.33 -42.05 -1.21
CA VAL KB 13 -8.70 -41.93 -0.73
C VAL KB 13 -8.77 -41.98 0.79
N MET KB 14 -8.09 -42.95 1.41
CA MET KB 14 -8.12 -43.06 2.86
C MET KB 14 -7.63 -41.79 3.56
N VAL KB 15 -6.58 -41.16 3.02
CA VAL KB 15 -6.14 -39.87 3.56
C VAL KB 15 -7.20 -38.79 3.36
N ALA KB 16 -7.79 -38.72 2.17
CA ALA KB 16 -8.84 -37.74 1.91
C ALA KB 16 -10.06 -37.98 2.79
N LEU KB 17 -10.41 -39.25 3.01
CA LEU KB 17 -11.54 -39.59 3.86
C LEU KB 17 -11.29 -39.21 5.32
N VAL KB 18 -10.16 -39.64 5.88
CA VAL KB 18 -9.80 -39.26 7.25
C VAL KB 18 -9.79 -37.75 7.42
N GLY KB 19 -9.23 -37.03 6.45
CA GLY KB 19 -9.26 -35.58 6.50
C GLY KB 19 -10.67 -35.01 6.54
N PHE KB 20 -11.54 -35.47 5.64
CA PHE KB 20 -12.94 -35.05 5.65
C PHE KB 20 -13.63 -35.35 6.98
N LEU KB 21 -13.51 -36.57 7.47
CA LEU KB 21 -14.18 -36.94 8.71
C LEU KB 21 -13.67 -36.13 9.91
N ALA KB 22 -12.36 -35.91 10.00
CA ALA KB 22 -11.83 -35.09 11.08
C ALA KB 22 -12.32 -33.64 11.01
N VAL KB 23 -12.31 -33.05 9.82
CA VAL KB 23 -12.87 -31.70 9.65
C VAL KB 23 -14.35 -31.67 10.03
N LEU KB 24 -15.13 -32.59 9.46
CA LEU KB 24 -16.58 -32.61 9.71
C LEU KB 24 -16.92 -32.81 11.18
N ALA KB 25 -16.22 -33.73 11.86
CA ALA KB 25 -16.46 -33.95 13.29
C ALA KB 25 -16.17 -32.70 14.11
N LEU KB 26 -15.03 -32.06 13.85
CA LEU KB 26 -14.68 -30.83 14.56
C LEU KB 26 -15.67 -29.69 14.27
N VAL KB 27 -16.12 -29.58 13.02
CA VAL KB 27 -17.13 -28.59 12.66
C VAL KB 27 -18.42 -28.80 13.44
N ILE KB 28 -18.92 -30.04 13.50
CA ILE KB 28 -20.18 -30.29 14.20
C ILE KB 28 -20.04 -30.06 15.70
N HIS KB 29 -18.96 -30.56 16.31
CA HIS KB 29 -18.77 -30.33 17.75
C HIS KB 29 -18.71 -28.84 18.10
N PHE KB 30 -17.94 -28.07 17.34
CA PHE KB 30 -17.84 -26.64 17.65
C PHE KB 30 -19.13 -25.87 17.34
N VAL KB 31 -19.90 -26.29 16.33
CA VAL KB 31 -21.21 -25.70 16.12
C VAL KB 31 -22.14 -25.99 17.29
N LEU KB 32 -22.12 -27.21 17.82
CA LEU KB 32 -22.94 -27.52 18.98
C LEU KB 32 -22.45 -26.79 20.23
N LEU KB 33 -21.13 -26.80 20.45
CA LEU KB 33 -20.56 -26.14 21.62
C LEU KB 33 -20.89 -24.65 21.64
N SER KB 34 -21.00 -24.01 20.47
CA SER KB 34 -21.42 -22.63 20.36
C SER KB 34 -22.92 -22.42 20.57
N SER KB 35 -23.73 -23.47 20.49
CA SER KB 35 -25.17 -23.30 20.65
C SER KB 35 -25.54 -23.07 22.12
N GLN KB 36 -26.79 -22.65 22.34
CA GLN KB 36 -27.34 -22.58 23.69
C GLN KB 36 -27.70 -23.98 24.19
N ARG KB 37 -28.54 -24.67 23.40
CA ARG KB 37 -29.09 -25.97 23.77
C ARG KB 37 -28.01 -27.00 24.11
N TYR KB 38 -26.89 -26.99 23.39
CA TYR KB 38 -25.88 -28.06 23.47
C TYR KB 38 -24.50 -27.59 23.89
N SER KB 39 -24.39 -26.50 24.66
CA SER KB 39 -23.11 -26.06 25.20
C SER KB 39 -22.71 -26.94 26.38
N TRP KB 40 -22.41 -28.21 26.06
CA TRP KB 40 -22.41 -29.28 27.06
C TRP KB 40 -21.30 -29.13 28.09
N ILE KB 41 -20.22 -28.43 27.79
CA ILE KB 41 -19.15 -28.26 28.78
C ILE KB 41 -19.64 -27.44 29.96
N GLU KB 42 -20.39 -26.38 29.69
CA GLU KB 42 -20.94 -25.53 30.75
C GLU KB 42 -22.29 -25.98 31.28
N ASN KB 43 -23.14 -26.58 30.45
CA ASN KB 43 -24.50 -26.91 30.85
C ASN KB 43 -24.86 -28.39 30.71
N GLY KB 44 -23.88 -29.27 30.47
CA GLY KB 44 -24.18 -30.65 30.16
C GLY KB 44 -24.91 -31.40 31.26
N THR KB 45 -24.76 -30.96 32.52
CA THR KB 45 -25.44 -31.61 33.64
C THR KB 45 -26.92 -31.25 33.77
N LEU KB 46 -27.43 -30.30 32.99
CA LEU KB 46 -28.85 -30.01 33.02
C LEU KB 46 -29.69 -31.13 32.42
N GLY KB 47 -30.80 -31.44 33.08
CA GLY KB 47 -31.75 -32.40 32.54
C GLY KB 47 -32.45 -31.89 31.29
N ALA KB 48 -32.94 -32.84 30.49
CA ALA KB 48 -33.49 -32.51 29.18
C ALA KB 48 -34.68 -31.56 29.26
N ASP KB 49 -35.45 -31.61 30.35
CA ASP KB 49 -36.56 -30.68 30.54
C ASP KB 49 -36.11 -29.26 30.88
N GLN KB 50 -34.89 -29.08 31.38
CA GLN KB 50 -34.40 -27.77 31.77
C GLN KB 50 -33.25 -27.25 30.89
N ALA KB 51 -32.83 -27.99 29.88
CA ALA KB 51 -31.96 -27.43 28.86
C ALA KB 51 -32.68 -26.36 28.04
N PRO KB 52 -31.97 -25.33 27.59
CA PRO KB 52 -32.60 -24.23 26.82
C PRO KB 52 -33.37 -24.69 25.60
N VAL KB 53 -34.35 -23.90 25.19
CA VAL KB 53 -35.10 -24.11 23.95
C VAL KB 53 -35.30 -22.76 23.26
N GLY KB 54 -35.13 -22.75 21.94
CA GLY KB 54 -35.42 -21.55 21.16
C GLY KB 54 -36.88 -21.15 21.25
N ALA KB 55 -37.12 -19.84 21.25
CA ALA KB 55 -38.47 -19.30 21.46
C ALA KB 55 -39.43 -19.70 20.35
N SER KB 56 -40.64 -20.08 20.76
CA SER KB 56 -41.71 -20.45 19.83
C SER KB 56 -42.33 -19.22 19.16
N ALA KB 57 -43.35 -19.49 18.34
CA ALA KB 57 -44.03 -18.46 17.56
C ALA KB 57 -44.59 -17.35 18.44
N PRO KB 58 -44.29 -16.08 18.14
CA PRO KB 58 -44.55 -14.98 19.08
C PRO KB 58 -45.96 -14.39 19.01
N ALA KB 59 -46.85 -14.94 18.18
CA ALA KB 59 -48.18 -14.39 17.94
C ALA KB 59 -48.15 -12.92 17.50
N ALA KB 60 -47.10 -12.53 16.78
CA ALA KB 60 -46.99 -11.16 16.30
C ALA KB 60 -47.98 -10.89 15.16
N FME LB 1 -27.76 -43.98 -23.00
CN FME LB 1 -27.13 -44.36 -24.16
O1 FME LB 1 -26.04 -43.88 -24.52
CA FME LB 1 -27.25 -42.99 -22.09
CB FME LB 1 -28.17 -42.77 -20.86
CG FME LB 1 -29.57 -42.40 -21.22
SD FME LB 1 -30.34 -41.75 -19.76
CE FME LB 1 -30.58 -43.18 -18.76
C FME LB 1 -25.87 -43.30 -21.54
O FME LB 1 -25.09 -42.43 -21.14
N HIS LB 2 -25.54 -44.59 -21.52
CA HIS LB 2 -24.23 -45.05 -21.09
C HIS LB 2 -23.03 -44.46 -21.86
N ARG LB 3 -23.25 -44.04 -23.11
CA ARG LB 3 -22.19 -43.37 -23.85
C ARG LB 3 -21.85 -41.99 -23.31
N ILE LB 4 -22.62 -41.45 -22.36
CA ILE LB 4 -22.16 -40.29 -21.62
C ILE LB 4 -20.85 -40.60 -20.91
N TRP LB 5 -20.67 -41.85 -20.46
CA TRP LB 5 -19.41 -42.30 -19.88
C TRP LB 5 -18.33 -42.56 -20.91
N LEU LB 6 -18.66 -42.51 -22.19
CA LEU LB 6 -17.66 -42.48 -23.25
C LEU LB 6 -17.29 -41.06 -23.65
N MET LB 7 -18.23 -40.13 -23.56
CA MET LB 7 -17.91 -38.70 -23.69
C MET LB 7 -17.04 -38.21 -22.54
N TYR LB 8 -17.34 -38.62 -21.31
CA TYR LB 8 -16.68 -38.07 -20.13
C TYR LB 8 -15.95 -39.14 -19.33
N ASP LB 9 -14.75 -38.79 -18.87
CA ASP LB 9 -13.97 -39.58 -17.91
C ASP LB 9 -14.76 -39.70 -16.61
N PRO LB 10 -15.22 -40.91 -16.27
CA PRO LB 10 -16.00 -41.06 -15.02
C PRO LB 10 -15.25 -40.61 -13.77
N ARG LB 11 -13.93 -40.70 -13.77
CA ARG LB 11 -13.13 -40.23 -12.64
C ARG LB 11 -13.30 -38.72 -12.42
N ARG LB 12 -13.35 -37.94 -13.50
CA ARG LB 12 -13.64 -36.52 -13.36
C ARG LB 12 -15.10 -36.25 -13.01
N VAL LB 13 -16.04 -37.03 -13.56
CA VAL LB 13 -17.45 -36.81 -13.27
C VAL LB 13 -17.75 -37.01 -11.79
N MET LB 14 -17.32 -38.14 -11.23
CA MET LB 14 -17.66 -38.44 -9.84
C MET LB 14 -17.06 -37.44 -8.86
N VAL LB 15 -15.86 -36.95 -9.12
CA VAL LB 15 -15.29 -35.88 -8.29
C VAL LB 15 -16.12 -34.61 -8.41
N ALA LB 16 -16.52 -34.25 -9.63
CA ALA LB 16 -17.37 -33.08 -9.81
C ALA LB 16 -18.74 -33.27 -9.16
N LEU LB 17 -19.29 -34.48 -9.23
CA LEU LB 17 -20.59 -34.76 -8.63
C LEU LB 17 -20.54 -34.69 -7.10
N VAL LB 18 -19.60 -35.40 -6.49
CA VAL LB 18 -19.42 -35.35 -5.04
C VAL LB 18 -19.13 -33.93 -4.57
N GLY LB 19 -18.32 -33.19 -5.33
CA GLY LB 19 -18.12 -31.78 -5.02
C GLY LB 19 -19.40 -30.96 -5.05
N PHE LB 20 -20.17 -31.07 -6.13
CA PHE LB 20 -21.44 -30.35 -6.24
C PHE LB 20 -22.40 -30.70 -5.10
N LEU LB 21 -22.59 -32.00 -4.84
CA LEU LB 21 -23.51 -32.41 -3.79
C LEU LB 21 -23.06 -31.94 -2.41
N ALA LB 22 -21.76 -32.02 -2.13
CA ALA LB 22 -21.25 -31.55 -0.83
C ALA LB 22 -21.49 -30.06 -0.63
N VAL LB 23 -21.17 -29.25 -1.63
CA VAL LB 23 -21.40 -27.81 -1.52
C VAL LB 23 -22.89 -27.51 -1.40
N LEU LB 24 -23.70 -28.13 -2.26
CA LEU LB 24 -25.15 -27.93 -2.22
C LEU LB 24 -25.75 -28.31 -0.87
N ALA LB 25 -25.40 -29.49 -0.36
CA ALA LB 25 -25.94 -29.92 0.93
C ALA LB 25 -25.55 -28.97 2.07
N LEU LB 26 -24.31 -28.49 2.07
CA LEU LB 26 -23.89 -27.53 3.09
C LEU LB 26 -24.62 -26.19 3.01
N VAL LB 27 -24.76 -25.61 1.80
CA VAL LB 27 -25.51 -24.37 1.70
C VAL LB 27 -26.96 -24.54 2.17
N ILE LB 28 -27.63 -25.62 1.76
CA ILE LB 28 -29.02 -25.79 2.20
C ILE LB 28 -29.11 -25.95 3.71
N HIS LB 29 -28.24 -26.75 4.32
CA HIS LB 29 -28.26 -26.85 5.79
C HIS LB 29 -27.96 -25.52 6.47
N PHE LB 30 -26.97 -24.77 5.98
CA PHE LB 30 -26.68 -23.46 6.58
C PHE LB 30 -27.81 -22.46 6.36
N VAL LB 31 -28.47 -22.51 5.20
CA VAL LB 31 -29.65 -21.67 4.98
C VAL LB 31 -30.73 -21.96 6.02
N LEU LB 32 -31.06 -23.25 6.20
CA LEU LB 32 -32.08 -23.62 7.17
C LEU LB 32 -31.64 -23.28 8.59
N LEU LB 33 -30.39 -23.57 8.93
CA LEU LB 33 -29.86 -23.23 10.25
C LEU LB 33 -29.87 -21.73 10.52
N SER LB 34 -29.88 -20.90 9.47
CA SER LB 34 -30.00 -19.45 9.62
C SER LB 34 -31.44 -18.98 9.74
N SER LB 35 -32.41 -19.78 9.31
CA SER LB 35 -33.80 -19.36 9.33
C SER LB 35 -34.35 -19.36 10.75
N GLN LB 36 -35.48 -18.66 10.93
CA GLN LB 36 -36.22 -18.78 12.18
C GLN LB 36 -36.91 -20.14 12.29
N ARG LB 37 -37.72 -20.49 11.29
CA ARG LB 37 -38.54 -21.69 11.36
C ARG LB 37 -37.74 -22.98 11.46
N TYR LB 38 -36.52 -23.04 10.91
CA TYR LB 38 -35.76 -24.28 10.85
C TYR LB 38 -34.41 -24.24 11.56
N SER LB 39 -34.21 -23.33 12.50
CA SER LB 39 -32.99 -23.34 13.32
C SER LB 39 -33.03 -24.51 14.31
N TRP LB 40 -32.94 -25.73 13.78
CA TRP LB 40 -33.31 -26.94 14.51
C TRP LB 40 -32.43 -27.24 15.72
N ILE LB 41 -31.18 -26.78 15.73
CA ILE LB 41 -30.32 -27.03 16.88
C ILE LB 41 -30.87 -26.36 18.14
N GLU LB 42 -31.37 -25.14 18.02
CA GLU LB 42 -32.00 -24.49 19.17
C GLU LB 42 -33.48 -24.83 19.33
N ASN LB 43 -34.25 -24.91 18.24
CA ASN LB 43 -35.70 -25.00 18.32
C ASN LB 43 -36.28 -26.30 17.77
N GLY LB 44 -35.44 -27.32 17.56
CA GLY LB 44 -35.89 -28.55 16.93
C GLY LB 44 -37.02 -29.26 17.65
N THR LB 45 -37.12 -29.11 18.97
CA THR LB 45 -38.13 -29.82 19.75
C THR LB 45 -39.49 -29.13 19.78
N LEU LB 46 -39.65 -27.95 19.20
CA LEU LB 46 -40.98 -27.35 19.09
C LEU LB 46 -41.89 -28.13 18.14
N GLY LB 47 -43.17 -28.20 18.51
CA GLY LB 47 -44.18 -28.73 17.60
C GLY LB 47 -44.44 -27.81 16.41
N ALA LB 48 -45.02 -28.41 15.36
CA ALA LB 48 -45.22 -27.69 14.11
C ALA LB 48 -46.11 -26.46 14.25
N ASP LB 49 -47.11 -26.52 15.13
CA ASP LB 49 -47.94 -25.36 15.43
C ASP LB 49 -47.28 -24.38 16.39
N GLN LB 50 -46.16 -24.74 17.02
CA GLN LB 50 -45.37 -23.83 17.83
C GLN LB 50 -44.21 -23.18 17.07
N ALA LB 51 -43.75 -23.78 15.97
CA ALA LB 51 -42.61 -23.23 15.25
C ALA LB 51 -42.94 -21.88 14.61
N PRO LB 52 -41.94 -21.02 14.44
CA PRO LB 52 -42.16 -19.71 13.80
C PRO LB 52 -42.72 -19.81 12.38
N VAL LB 53 -43.49 -18.78 12.01
CA VAL LB 53 -43.94 -18.57 10.64
C VAL LB 53 -43.75 -17.10 10.28
N GLY LB 54 -43.31 -16.85 9.05
CA GLY LB 54 -43.15 -15.49 8.58
C GLY LB 54 -44.46 -14.74 8.46
N ALA LB 55 -44.37 -13.41 8.60
CA ALA LB 55 -45.54 -12.55 8.73
C ALA LB 55 -46.47 -12.64 7.52
N SER LB 56 -47.75 -12.87 7.77
CA SER LB 56 -48.79 -12.90 6.74
C SER LB 56 -49.18 -11.49 6.31
N ALA LB 57 -49.87 -11.43 5.17
CA ALA LB 57 -50.30 -10.18 4.56
C ALA LB 57 -51.13 -9.34 5.53
N PRO LB 58 -50.69 -8.12 5.86
CA PRO LB 58 -51.41 -7.32 6.85
C PRO LB 58 -52.68 -6.68 6.30
N ALA LB 59 -53.78 -7.43 6.37
CA ALA LB 59 -55.11 -6.85 6.16
C ALA LB 59 -55.60 -6.11 7.40
N ALA LB 60 -55.20 -6.56 8.59
CA ALA LB 60 -55.55 -5.87 9.83
C ALA LB 60 -54.85 -4.52 9.94
N FME MB 1 -30.89 -30.06 -38.42
CN FME MB 1 -30.16 -30.31 -39.55
O1 FME MB 1 -29.00 -29.89 -39.71
CA FME MB 1 -30.41 -29.30 -37.31
CB FME MB 1 -31.51 -29.04 -36.25
CG FME MB 1 -32.54 -28.05 -36.75
SD FME MB 1 -33.30 -27.30 -35.33
CE FME MB 1 -34.33 -28.58 -34.74
C FME MB 1 -29.25 -29.95 -36.56
O FME MB 1 -28.50 -29.33 -35.80
N HIS MB 2 -29.08 -31.25 -36.79
CA HIS MB 2 -28.05 -32.04 -36.13
C HIS MB 2 -26.62 -31.61 -36.49
N ARG MB 3 -26.45 -30.96 -37.64
CA ARG MB 3 -25.13 -30.48 -38.05
C ARG MB 3 -24.58 -29.36 -37.17
N ILE MB 4 -25.40 -28.77 -36.29
CA ILE MB 4 -24.84 -27.91 -35.25
C ILE MB 4 -23.82 -28.66 -34.40
N TRP MB 5 -24.01 -29.97 -34.21
CA TRP MB 5 -23.06 -30.77 -33.46
C TRP MB 5 -21.79 -31.08 -34.25
N LEU MB 6 -21.74 -30.72 -35.52
CA LEU MB 6 -20.47 -30.68 -36.25
C LEU MB 6 -19.70 -29.39 -35.98
N MET MB 7 -20.41 -28.28 -35.74
CA MET MB 7 -19.75 -27.03 -35.39
C MET MB 7 -19.24 -27.00 -33.96
N TYR MB 8 -20.01 -27.49 -33.00
CA TYR MB 8 -19.64 -27.48 -31.60
C TYR MB 8 -19.56 -28.90 -31.05
N ASP MB 9 -18.46 -29.19 -30.37
CA ASP MB 9 -18.30 -30.47 -29.70
C ASP MB 9 -19.36 -30.57 -28.60
N PRO MB 10 -20.26 -31.55 -28.65
CA PRO MB 10 -21.24 -31.73 -27.58
C PRO MB 10 -20.64 -31.94 -26.20
N ARG MB 11 -19.38 -32.40 -26.10
CA ARG MB 11 -18.72 -32.45 -24.80
C ARG MB 11 -18.63 -31.07 -24.16
N ARG MB 12 -18.38 -30.05 -24.96
CA ARG MB 12 -18.28 -28.69 -24.43
C ARG MB 12 -19.67 -28.11 -24.17
N VAL MB 13 -20.59 -28.28 -25.12
CA VAL MB 13 -21.93 -27.71 -24.98
C VAL MB 13 -22.66 -28.27 -23.77
N MET MB 14 -22.59 -29.58 -23.56
CA MET MB 14 -23.29 -30.18 -22.43
C MET MB 14 -22.79 -29.64 -21.08
N VAL MB 15 -21.48 -29.44 -20.94
CA VAL MB 15 -20.97 -28.87 -19.70
C VAL MB 15 -21.39 -27.41 -19.55
N ALA MB 16 -21.25 -26.63 -20.64
CA ALA MB 16 -21.67 -25.24 -20.61
C ALA MB 16 -23.15 -25.10 -20.31
N LEU MB 17 -23.97 -25.97 -20.88
CA LEU MB 17 -25.41 -25.93 -20.64
C LEU MB 17 -25.76 -26.26 -19.19
N VAL MB 18 -25.16 -27.33 -18.64
CA VAL MB 18 -25.40 -27.70 -17.26
C VAL MB 18 -24.93 -26.60 -16.30
N GLY MB 19 -23.82 -25.95 -16.62
CA GLY MB 19 -23.41 -24.79 -15.84
C GLY MB 19 -24.40 -23.64 -15.91
N PHE MB 20 -24.84 -23.31 -17.12
CA PHE MB 20 -25.83 -22.24 -17.29
C PHE MB 20 -27.13 -22.53 -16.54
N LEU MB 21 -27.65 -23.75 -16.67
CA LEU MB 21 -28.91 -24.09 -16.01
C LEU MB 21 -28.76 -24.13 -14.50
N ALA MB 22 -27.62 -24.61 -14.00
CA ALA MB 22 -27.36 -24.58 -12.55
C ALA MB 22 -27.36 -23.16 -12.00
N VAL MB 23 -26.65 -22.25 -12.68
CA VAL MB 23 -26.60 -20.85 -12.21
C VAL MB 23 -27.94 -20.17 -12.39
N LEU MB 24 -28.62 -20.40 -13.52
CA LEU MB 24 -29.93 -19.79 -13.74
C LEU MB 24 -30.92 -20.21 -12.68
N ALA MB 25 -31.00 -21.51 -12.38
CA ALA MB 25 -31.90 -22.00 -11.34
C ALA MB 25 -31.56 -21.39 -9.98
N LEU MB 26 -30.27 -21.37 -9.64
CA LEU MB 26 -29.81 -20.75 -8.39
C LEU MB 26 -30.21 -19.29 -8.30
N VAL MB 27 -30.07 -18.52 -9.38
CA VAL MB 27 -30.49 -17.13 -9.39
C VAL MB 27 -31.99 -16.99 -9.17
N ILE MB 28 -32.80 -17.77 -9.89
CA ILE MB 28 -34.25 -17.63 -9.77
C ILE MB 28 -34.74 -18.03 -8.39
N HIS MB 29 -34.22 -19.13 -7.83
CA HIS MB 29 -34.58 -19.48 -6.46
C HIS MB 29 -34.19 -18.38 -5.48
N PHE MB 30 -32.98 -17.82 -5.62
CA PHE MB 30 -32.53 -16.79 -4.69
C PHE MB 30 -33.35 -15.50 -4.81
N VAL MB 31 -33.67 -15.08 -6.03
CA VAL MB 31 -34.56 -13.93 -6.22
C VAL MB 31 -35.89 -14.14 -5.50
N LEU MB 32 -36.50 -15.32 -5.67
CA LEU MB 32 -37.77 -15.61 -5.00
C LEU MB 32 -37.62 -15.64 -3.49
N LEU MB 33 -36.61 -16.37 -2.99
CA LEU MB 33 -36.39 -16.49 -1.56
C LEU MB 33 -36.16 -15.12 -0.91
N SER MB 34 -35.54 -14.19 -1.64
CA SER MB 34 -35.34 -12.82 -1.16
C SER MB 34 -36.61 -11.97 -1.14
N SER MB 35 -37.69 -12.40 -1.80
CA SER MB 35 -38.88 -11.57 -1.90
C SER MB 35 -39.70 -11.63 -0.61
N GLN MB 36 -40.73 -10.79 -0.54
CA GLN MB 36 -41.74 -11.00 0.51
C GLN MB 36 -42.69 -12.13 0.15
N ARG MB 37 -43.25 -12.11 -1.06
CA ARG MB 37 -44.32 -13.03 -1.41
C ARG MB 37 -43.87 -14.49 -1.46
N TYR MB 38 -42.64 -14.76 -1.89
CA TYR MB 38 -42.21 -16.14 -2.13
C TYR MB 38 -41.06 -16.59 -1.22
N SER MB 39 -40.91 -15.98 -0.05
CA SER MB 39 -39.88 -16.38 0.91
C SER MB 39 -40.31 -17.66 1.64
N TRP MB 40 -40.32 -18.75 0.88
CA TRP MB 40 -41.14 -19.92 1.22
C TRP MB 40 -40.63 -20.67 2.45
N ILE MB 41 -39.34 -20.55 2.78
CA ILE MB 41 -38.81 -21.22 3.96
C ILE MB 41 -39.48 -20.69 5.23
N GLU MB 42 -39.61 -19.37 5.35
CA GLU MB 42 -40.30 -18.80 6.50
C GLU MB 42 -41.82 -18.78 6.36
N ASN MB 43 -42.35 -18.58 5.14
CA ASN MB 43 -43.78 -18.33 4.99
C ASN MB 43 -44.51 -19.26 4.03
N GLY MB 44 -43.88 -20.35 3.59
CA GLY MB 44 -44.49 -21.23 2.61
C GLY MB 44 -45.81 -21.85 3.04
N THR MB 45 -46.05 -21.97 4.35
CA THR MB 45 -47.27 -22.56 4.88
C THR MB 45 -48.48 -21.63 4.80
N LEU MB 46 -48.30 -20.37 4.43
CA LEU MB 46 -49.44 -19.48 4.23
C LEU MB 46 -50.22 -19.83 2.97
N GLY MB 47 -51.55 -19.75 3.06
CA GLY MB 47 -52.39 -19.89 1.90
C GLY MB 47 -52.23 -18.75 0.92
N ALA MB 48 -52.67 -19.00 -0.32
CA ALA MB 48 -52.44 -18.05 -1.40
C ALA MB 48 -53.05 -16.68 -1.10
N ASP MB 49 -54.18 -16.66 -0.41
CA ASP MB 49 -54.83 -15.43 0.03
C ASP MB 49 -54.16 -14.78 1.23
N GLN MB 50 -53.32 -15.52 1.97
CA GLN MB 50 -52.56 -14.96 3.07
C GLN MB 50 -51.18 -14.44 2.67
N ALA MB 51 -50.68 -14.81 1.50
CA ALA MB 51 -49.34 -14.42 1.09
C ALA MB 51 -49.24 -12.91 0.82
N PRO MB 52 -48.09 -12.31 1.12
CA PRO MB 52 -47.91 -10.86 0.87
C PRO MB 52 -48.16 -10.47 -0.59
N VAL MB 53 -48.56 -9.21 -0.77
CA VAL MB 53 -48.74 -8.58 -2.08
C VAL MB 53 -48.14 -7.18 -2.03
N GLY MB 54 -47.44 -6.79 -3.11
CA GLY MB 54 -46.94 -5.43 -3.21
C GLY MB 54 -48.03 -4.39 -3.20
N ALA MB 55 -47.64 -3.17 -2.82
CA ALA MB 55 -48.60 -2.10 -2.54
C ALA MB 55 -49.49 -1.77 -3.73
N SER MB 56 -50.81 -1.79 -3.51
CA SER MB 56 -51.78 -1.41 -4.52
C SER MB 56 -51.82 0.11 -4.69
N ALA MB 57 -52.17 0.54 -5.92
CA ALA MB 57 -52.74 1.85 -6.25
C ALA MB 57 -52.25 2.99 -5.37
N PRO MB 58 -50.97 3.32 -5.41
CA PRO MB 58 -50.43 4.35 -4.50
C PRO MB 58 -51.09 5.71 -4.71
N ALA MB 59 -51.38 6.37 -3.59
CA ALA MB 59 -52.09 7.66 -3.54
C ALA MB 59 -53.46 7.61 -4.23
N ALA MB 60 -54.13 6.46 -4.17
CA ALA MB 60 -55.46 6.30 -4.74
C ALA MB 60 -56.44 7.37 -4.27
N FME NB 1 -27.81 -12.80 -49.04
CN FME NB 1 -26.91 -13.06 -50.04
O1 FME NB 1 -25.68 -12.96 -49.88
CA FME NB 1 -27.43 -12.37 -47.72
CB FME NB 1 -28.63 -11.84 -46.92
CG FME NB 1 -28.19 -10.89 -45.84
SD FME NB 1 -29.63 -10.25 -45.03
CE FME NB 1 -30.04 -11.55 -43.93
C FME NB 1 -26.76 -13.48 -46.90
O FME NB 1 -26.08 -13.26 -45.91
N HIS NB 2 -26.98 -14.71 -47.34
CA HIS NB 2 -26.33 -15.90 -46.78
C HIS NB 2 -24.79 -15.86 -46.85
N ARG NB 3 -24.26 -15.01 -47.72
CA ARG NB 3 -22.82 -14.80 -47.83
C ARG NB 3 -22.22 -14.11 -46.61
N ILE NB 4 -23.04 -13.55 -45.72
CA ILE NB 4 -22.56 -13.09 -44.42
C ILE NB 4 -21.82 -14.19 -43.67
N TRP NB 5 -22.24 -15.45 -43.85
CA TRP NB 5 -21.58 -16.59 -43.22
C TRP NB 5 -20.29 -17.01 -43.91
N LEU NB 6 -20.01 -16.50 -45.10
CA LEU NB 6 -18.70 -16.70 -45.71
C LEU NB 6 -17.67 -15.73 -45.15
N MET NB 7 -18.07 -14.48 -44.89
CA MET NB 7 -17.14 -13.51 -44.33
C MET NB 7 -16.99 -13.64 -42.82
N TYR NB 8 -18.06 -13.94 -42.10
CA TYR NB 8 -17.98 -14.22 -40.67
C TYR NB 8 -18.17 -15.70 -40.40
N ASP NB 9 -17.27 -16.29 -39.62
CA ASP NB 9 -17.40 -17.67 -39.14
C ASP NB 9 -18.61 -17.79 -38.22
N PRO NB 10 -19.66 -18.53 -38.60
CA PRO NB 10 -20.83 -18.65 -37.73
C PRO NB 10 -20.54 -19.25 -36.35
N ARG NB 11 -19.45 -20.00 -36.18
CA ARG NB 11 -19.08 -20.45 -34.85
C ARG NB 11 -18.88 -19.29 -33.88
N ARG NB 12 -18.22 -18.22 -34.35
CA ARG NB 12 -17.95 -17.06 -33.51
C ARG NB 12 -19.16 -16.14 -33.39
N VAL NB 13 -19.88 -15.91 -34.49
CA VAL NB 13 -21.06 -15.04 -34.46
C VAL NB 13 -22.11 -15.54 -33.47
N MET NB 14 -22.38 -16.85 -33.45
CA MET NB 14 -23.43 -17.35 -32.57
C MET NB 14 -23.11 -17.18 -31.09
N VAL NB 15 -21.84 -17.23 -30.70
CA VAL NB 15 -21.51 -16.95 -29.31
C VAL NB 15 -21.78 -15.49 -28.97
N ALA NB 16 -21.38 -14.58 -29.85
CA ALA NB 16 -21.66 -13.15 -29.64
C ALA NB 16 -23.17 -12.87 -29.65
N LEU NB 17 -23.92 -13.54 -30.52
CA LEU NB 17 -25.37 -13.39 -30.54
C LEU NB 17 -26.01 -13.90 -29.27
N VAL NB 18 -25.68 -15.12 -28.85
CA VAL NB 18 -26.21 -15.66 -27.60
C VAL NB 18 -25.88 -14.75 -26.42
N GLY NB 19 -24.65 -14.26 -26.36
CA GLY NB 19 -24.27 -13.36 -25.27
C GLY NB 19 -25.02 -12.05 -25.29
N PHE NB 20 -25.23 -11.49 -26.47
CA PHE NB 20 -25.97 -10.24 -26.60
C PHE NB 20 -27.43 -10.40 -26.19
N LEU NB 21 -28.09 -11.46 -26.67
CA LEU NB 21 -29.46 -11.74 -26.26
C LEU NB 21 -29.56 -12.01 -24.77
N ALA NB 22 -28.58 -12.74 -24.21
CA ALA NB 22 -28.55 -13.00 -22.77
C ALA NB 22 -28.49 -11.72 -21.93
N VAL NB 23 -27.54 -10.83 -22.24
CA VAL NB 23 -27.46 -9.59 -21.47
C VAL NB 23 -28.69 -8.71 -21.70
N LEU NB 24 -29.23 -8.69 -22.92
CA LEU NB 24 -30.37 -7.83 -23.18
C LEU NB 24 -31.61 -8.28 -22.43
N ALA NB 25 -31.89 -9.59 -22.45
CA ALA NB 25 -33.03 -10.12 -21.71
C ALA NB 25 -32.86 -9.91 -20.21
N LEU NB 26 -31.67 -10.16 -19.68
CA LEU NB 26 -31.42 -9.98 -18.25
C LEU NB 26 -31.54 -8.52 -17.84
N VAL NB 27 -31.01 -7.60 -18.63
CA VAL NB 27 -31.17 -6.17 -18.31
C VAL NB 27 -32.64 -5.79 -18.24
N ILE NB 28 -33.43 -6.18 -19.24
CA ILE NB 28 -34.84 -5.78 -19.27
C ILE NB 28 -35.61 -6.41 -18.11
N HIS NB 29 -35.40 -7.70 -17.83
CA HIS NB 29 -36.05 -8.30 -16.67
C HIS NB 29 -35.66 -7.62 -15.36
N PHE NB 30 -34.37 -7.31 -15.17
CA PHE NB 30 -33.96 -6.62 -13.94
C PHE NB 30 -34.48 -5.19 -13.87
N VAL NB 31 -34.50 -4.48 -15.00
CA VAL NB 31 -35.12 -3.15 -15.01
C VAL NB 31 -36.56 -3.22 -14.55
N LEU NB 32 -37.34 -4.13 -15.14
CA LEU NB 32 -38.76 -4.23 -14.81
C LEU NB 32 -38.96 -4.65 -13.36
N LEU NB 33 -38.19 -5.63 -12.91
CA LEU NB 33 -38.30 -6.12 -11.54
C LEU NB 33 -38.00 -5.04 -10.51
N SER NB 34 -37.18 -4.05 -10.85
CA SER NB 34 -36.92 -2.91 -9.99
C SER NB 34 -37.93 -1.78 -10.15
N SER NB 35 -38.78 -1.81 -11.16
CA SER NB 35 -39.78 -0.76 -11.31
C SER NB 35 -40.92 -0.95 -10.32
N GLN NB 36 -41.70 0.12 -10.14
CA GLN NB 36 -42.93 0.01 -9.36
C GLN NB 36 -44.02 -0.73 -10.14
N ARG NB 37 -44.30 -0.28 -11.37
CA ARG NB 37 -45.43 -0.83 -12.12
C ARG NB 37 -45.26 -2.31 -12.45
N TYR NB 38 -44.02 -2.78 -12.67
CA TYR NB 38 -43.80 -4.15 -13.14
C TYR NB 38 -42.99 -5.02 -12.19
N SER NB 39 -43.07 -4.76 -10.88
CA SER NB 39 -42.49 -5.67 -9.91
C SER NB 39 -43.32 -6.94 -9.77
N TRP NB 40 -43.34 -7.78 -10.81
CA TRP NB 40 -44.34 -8.85 -10.91
C TRP NB 40 -44.21 -9.89 -9.81
N ILE NB 41 -43.02 -10.07 -9.24
CA ILE NB 41 -42.88 -11.06 -8.18
C ILE NB 41 -43.63 -10.62 -6.92
N GLU NB 42 -43.54 -9.34 -6.56
CA GLU NB 42 -44.34 -8.85 -5.44
C GLU NB 42 -45.78 -8.52 -5.84
N ASN NB 43 -45.98 -7.81 -6.95
CA ASN NB 43 -47.29 -7.24 -7.27
C ASN NB 43 -47.95 -7.80 -8.54
N GLY NB 44 -47.44 -8.92 -9.06
CA GLY NB 44 -47.96 -9.45 -10.33
C GLY NB 44 -49.45 -9.74 -10.33
N THR NB 45 -50.01 -10.06 -9.17
CA THR NB 45 -51.44 -10.39 -9.06
C THR NB 45 -52.37 -9.18 -9.07
N LEU NB 46 -51.87 -7.96 -9.00
CA LEU NB 46 -52.74 -6.79 -9.12
C LEU NB 46 -53.27 -6.64 -10.56
N GLY NB 47 -54.54 -6.22 -10.66
CA GLY NB 47 -55.08 -5.82 -11.93
C GLY NB 47 -54.54 -4.49 -12.44
N ALA NB 48 -54.64 -4.30 -13.76
CA ALA NB 48 -53.98 -3.17 -14.41
C ALA NB 48 -54.53 -1.83 -13.93
N ASP NB 49 -55.81 -1.81 -13.52
CA ASP NB 49 -56.43 -0.60 -12.98
C ASP NB 49 -55.85 -0.18 -11.64
N GLN NB 50 -55.22 -1.09 -10.91
CA GLN NB 50 -54.68 -0.80 -9.59
C GLN NB 50 -53.16 -0.96 -9.50
N ALA NB 51 -52.48 -1.24 -10.62
CA ALA NB 51 -51.03 -1.17 -10.65
C ALA NB 51 -50.55 0.29 -10.66
N PRO NB 52 -49.36 0.55 -10.11
CA PRO NB 52 -48.81 1.92 -10.07
C PRO NB 52 -48.74 2.60 -11.44
N VAL NB 53 -48.94 3.92 -11.43
CA VAL NB 53 -48.71 4.78 -12.59
C VAL NB 53 -47.96 6.02 -12.12
N GLY NB 54 -47.02 6.49 -12.94
CA GLY NB 54 -46.39 7.78 -12.71
C GLY NB 54 -45.39 7.83 -11.58
N ALA NB 55 -44.97 6.69 -11.05
CA ALA NB 55 -44.04 6.62 -9.93
C ALA NB 55 -42.59 6.83 -10.35
N SER NB 56 -42.31 7.91 -11.08
CA SER NB 56 -40.99 8.17 -11.62
C SER NB 56 -40.12 9.02 -10.70
N ALA NB 57 -40.63 9.44 -9.54
CA ALA NB 57 -39.86 10.28 -8.64
C ALA NB 57 -38.58 9.58 -8.20
N PRO NB 58 -37.41 10.23 -8.34
CA PRO NB 58 -36.13 9.52 -8.20
C PRO NB 58 -35.73 9.19 -6.77
N ALA NB 59 -36.45 9.64 -5.74
CA ALA NB 59 -36.25 9.16 -4.37
C ALA NB 59 -37.61 8.80 -3.74
N ALA NB 60 -38.17 7.68 -4.20
CA ALA NB 60 -39.44 7.21 -3.66
C ALA NB 60 -39.31 6.64 -2.25
N ALA NB 61 -38.14 6.15 -1.87
CA ALA NB 61 -37.93 5.55 -0.56
C ALA NB 61 -36.90 6.34 0.25
N ALA NB 62 -37.00 6.21 1.57
CA ALA NB 62 -36.02 6.80 2.47
C ALA NB 62 -34.62 6.23 2.22
N GLU NB 63 -33.67 7.14 1.98
CA GLU NB 63 -32.29 6.74 1.69
C GLU NB 63 -31.58 6.14 2.89
N MET NB 64 -31.91 6.59 4.11
CA MET NB 64 -31.10 6.33 5.29
C MET NB 64 -31.96 5.76 6.40
N SER NB 65 -31.51 4.65 6.99
CA SER NB 65 -32.26 3.93 8.02
C SER NB 65 -31.34 2.90 8.64
N PRO NB 66 -31.68 2.39 9.83
CA PRO NB 66 -31.12 1.10 10.26
C PRO NB 66 -31.50 -0.03 9.31
N LEU NB 67 -30.73 -1.12 9.40
CA LEU NB 67 -31.16 -2.37 8.80
C LEU NB 67 -32.49 -2.82 9.42
N PRO NB 68 -33.27 -3.62 8.70
CA PRO NB 68 -34.48 -4.22 9.30
C PRO NB 68 -34.16 -5.01 10.56
N PRO NB 69 -35.11 -5.10 11.49
CA PRO NB 69 -34.87 -5.82 12.74
C PRO NB 69 -34.37 -7.25 12.52
N GLY NB 70 -33.32 -7.61 13.25
CA GLY NB 70 -32.40 -8.62 12.77
C GLY NB 70 -32.79 -10.06 13.07
N ARG NB 71 -33.60 -10.25 14.12
CA ARG NB 71 -34.04 -11.58 14.55
C ARG NB 71 -32.91 -12.62 14.57
N FME OB 1 -18.55 4.93 -55.24
CN FME OB 1 -17.54 4.69 -56.14
O1 FME OB 1 -16.38 4.44 -55.80
CA FME OB 1 -18.37 4.92 -53.83
CB FME OB 1 -19.64 5.37 -53.06
CG FME OB 1 -19.97 6.81 -53.32
SD FME OB 1 -21.08 7.35 -52.04
CE FME OB 1 -22.46 6.30 -52.29
C FME OB 1 -17.98 3.56 -53.25
O FME OB 1 -17.41 3.44 -52.16
N HIS OB 2 -18.29 2.51 -54.00
CA HIS OB 2 -18.03 1.14 -53.58
C HIS OB 2 -16.56 0.84 -53.30
N ARG OB 3 -15.66 1.62 -53.88
CA ARG OB 3 -14.22 1.48 -53.65
C ARG OB 3 -13.81 1.76 -52.22
N ILE OB 4 -14.69 2.34 -51.40
CA ILE OB 4 -14.47 2.42 -49.96
C ILE OB 4 -14.21 1.05 -49.35
N TRP OB 5 -14.83 0.00 -49.89
CA TRP OB 5 -14.61 -1.36 -49.39
C TRP OB 5 -13.34 -2.00 -49.93
N LEU OB 6 -12.70 -1.40 -50.93
CA LEU OB 6 -11.33 -1.75 -51.24
C LEU OB 6 -10.37 -1.13 -50.22
N MET OB 7 -10.57 0.16 -49.93
CA MET OB 7 -9.72 0.86 -48.97
C MET OB 7 -9.84 0.31 -47.55
N TYR OB 8 -11.05 0.01 -47.09
CA TYR OB 8 -11.27 -0.61 -45.79
C TYR OB 8 -11.88 -2.00 -45.92
N ASP OB 9 -11.42 -2.92 -45.08
CA ASP OB 9 -11.97 -4.27 -45.01
C ASP OB 9 -13.40 -4.23 -44.48
N PRO OB 10 -14.40 -4.63 -45.26
CA PRO OB 10 -15.79 -4.63 -44.77
C PRO OB 10 -16.02 -5.54 -43.56
N ARG OB 11 -15.20 -6.58 -43.38
CA ARG OB 11 -15.30 -7.41 -42.19
C ARG OB 11 -14.99 -6.63 -40.92
N ARG OB 12 -14.09 -5.66 -41.00
CA ARG OB 12 -13.78 -4.79 -39.86
C ARG OB 12 -14.85 -3.72 -39.67
N VAL OB 13 -15.27 -3.07 -40.76
CA VAL OB 13 -16.21 -1.95 -40.67
C VAL OB 13 -17.56 -2.37 -40.10
N MET OB 14 -18.09 -3.53 -40.52
CA MET OB 14 -19.40 -3.94 -40.03
C MET OB 14 -19.41 -4.22 -38.53
N VAL OB 15 -18.34 -4.82 -37.99
CA VAL OB 15 -18.28 -5.05 -36.55
C VAL OB 15 -18.22 -3.73 -35.80
N ALA OB 16 -17.39 -2.80 -36.26
CA ALA OB 16 -17.32 -1.47 -35.66
C ALA OB 16 -18.65 -0.73 -35.75
N LEU OB 17 -19.33 -0.81 -36.90
CA LEU OB 17 -20.64 -0.18 -37.04
C LEU OB 17 -21.68 -0.78 -36.10
N VAL OB 18 -21.75 -2.11 -36.02
CA VAL OB 18 -22.68 -2.78 -35.12
C VAL OB 18 -22.39 -2.40 -33.66
N GLY OB 19 -21.11 -2.43 -33.27
CA GLY OB 19 -20.76 -2.02 -31.92
C GLY OB 19 -21.14 -0.58 -31.62
N PHE OB 20 -20.81 0.33 -32.53
CA PHE OB 20 -21.15 1.74 -32.35
C PHE OB 20 -22.66 1.95 -32.19
N LEU OB 21 -23.45 1.37 -33.09
CA LEU OB 21 -24.90 1.56 -33.06
C LEU OB 21 -25.53 0.97 -31.80
N ALA OB 22 -25.08 -0.22 -31.39
CA ALA OB 22 -25.61 -0.83 -30.17
C ALA OB 22 -25.33 0.04 -28.95
N VAL OB 23 -24.11 0.58 -28.84
CA VAL OB 23 -23.78 1.44 -27.71
C VAL OB 23 -24.57 2.75 -27.76
N LEU OB 24 -24.67 3.38 -28.93
CA LEU OB 24 -25.46 4.58 -29.08
C LEU OB 24 -26.93 4.36 -28.72
N ALA OB 25 -27.52 3.27 -29.22
CA ALA OB 25 -28.90 2.94 -28.86
C ALA OB 25 -29.06 2.72 -27.36
N LEU OB 26 -28.12 2.00 -26.74
CA LEU OB 26 -28.14 1.81 -25.29
C LEU OB 26 -28.03 3.12 -24.53
N VAL OB 27 -27.14 4.01 -24.96
CA VAL OB 27 -27.01 5.32 -24.29
C VAL OB 27 -28.29 6.14 -24.40
N ILE OB 28 -28.88 6.21 -25.60
CA ILE OB 28 -30.06 7.04 -25.78
C ILE OB 28 -31.25 6.52 -24.96
N HIS OB 29 -31.43 5.19 -24.92
CA HIS OB 29 -32.49 4.64 -24.08
C HIS OB 29 -32.25 4.87 -22.60
N PHE OB 30 -31.00 4.77 -22.15
CA PHE OB 30 -30.70 5.05 -20.74
C PHE OB 30 -30.97 6.52 -20.39
N VAL OB 31 -30.52 7.44 -21.24
CA VAL OB 31 -30.77 8.87 -21.00
C VAL OB 31 -32.26 9.14 -20.90
N LEU OB 32 -33.06 8.62 -21.83
CA LEU OB 32 -34.50 8.85 -21.80
C LEU OB 32 -35.16 8.20 -20.59
N LEU OB 33 -34.80 6.96 -20.28
CA LEU OB 33 -35.36 6.27 -19.13
C LEU OB 33 -35.02 6.98 -17.82
N SER OB 34 -33.91 7.70 -17.80
CA SER OB 34 -33.47 8.45 -16.63
C SER OB 34 -34.21 9.78 -16.46
N SER OB 35 -34.82 10.32 -17.51
CA SER OB 35 -35.54 11.58 -17.41
C SER OB 35 -36.88 11.40 -16.67
N GLN OB 36 -37.52 12.53 -16.38
CA GLN OB 36 -38.91 12.49 -15.92
C GLN OB 36 -39.91 12.43 -17.06
N ARG OB 37 -39.73 13.24 -18.11
CA ARG OB 37 -40.69 13.25 -19.21
C ARG OB 37 -40.80 11.89 -19.90
N TYR OB 38 -39.67 11.19 -20.06
CA TYR OB 38 -39.67 9.94 -20.82
C TYR OB 38 -39.40 8.71 -19.96
N SER OB 39 -39.75 8.78 -18.68
CA SER OB 39 -39.64 7.65 -17.76
C SER OB 39 -40.67 6.58 -18.09
N TRP OB 40 -40.63 6.05 -19.32
CA TRP OB 40 -41.79 5.43 -19.94
C TRP OB 40 -42.25 4.15 -19.27
N ILE OB 41 -41.35 3.44 -18.57
CA ILE OB 41 -41.77 2.23 -17.87
C ILE OB 41 -42.71 2.57 -16.72
N GLU OB 42 -42.43 3.65 -15.99
CA GLU OB 42 -43.34 4.07 -14.92
C GLU OB 42 -44.51 4.93 -15.41
N ASN OB 43 -44.32 5.75 -16.45
CA ASN OB 43 -45.31 6.76 -16.82
C ASN OB 43 -45.74 6.73 -18.28
N GLY OB 44 -45.41 5.67 -19.02
CA GLY OB 44 -45.70 5.62 -20.45
C GLY OB 44 -47.18 5.75 -20.81
N THR OB 45 -48.07 5.38 -19.89
CA THR OB 45 -49.51 5.43 -20.13
C THR OB 45 -50.15 6.81 -19.94
N LEU OB 46 -49.39 7.84 -19.55
CA LEU OB 46 -50.01 9.09 -19.10
C LEU OB 46 -50.78 9.83 -20.20
N GLY OB 47 -50.27 9.86 -21.43
CA GLY OB 47 -50.87 10.75 -22.40
C GLY OB 47 -50.30 12.17 -22.38
N ALA OB 48 -50.08 12.72 -23.58
CA ALA OB 48 -49.10 13.80 -23.76
C ALA OB 48 -49.46 15.09 -23.02
N ASP OB 49 -50.74 15.39 -22.84
CA ASP OB 49 -51.09 16.62 -22.12
C ASP OB 49 -50.83 16.57 -20.62
N GLN OB 50 -50.61 15.39 -20.03
CA GLN OB 50 -50.30 15.28 -18.61
C GLN OB 50 -48.94 14.64 -18.34
N ALA OB 51 -48.11 14.44 -19.36
CA ALA OB 51 -46.73 14.04 -19.15
C ALA OB 51 -45.92 15.19 -18.55
N PRO OB 52 -44.87 14.88 -17.78
CA PRO OB 52 -44.04 15.94 -17.19
C PRO OB 52 -43.39 16.85 -18.22
N VAL OB 53 -43.20 18.11 -17.82
CA VAL OB 53 -42.41 19.10 -18.54
C VAL OB 53 -41.43 19.73 -17.55
N GLY OB 54 -40.23 20.05 -18.03
CA GLY OB 54 -39.21 20.67 -17.21
C GLY OB 54 -39.42 22.16 -16.99
N ALA OB 55 -40.49 22.51 -16.29
CA ALA OB 55 -40.75 23.88 -15.89
C ALA OB 55 -41.37 23.89 -14.50
N SER OB 56 -41.29 25.05 -13.83
CA SER OB 56 -41.93 25.25 -12.54
C SER OB 56 -43.33 25.81 -12.71
N ALA OB 57 -44.25 25.35 -11.87
CA ALA OB 57 -45.63 25.77 -11.95
C ALA OB 57 -45.76 27.28 -11.71
N PRO OB 58 -46.60 27.97 -12.48
CA PRO OB 58 -46.81 29.41 -12.27
C PRO OB 58 -47.43 29.71 -10.91
N ALA OB 59 -47.10 30.89 -10.38
CA ALA OB 59 -47.46 31.30 -9.02
C ALA OB 59 -47.03 30.28 -7.97
N ALA OB 60 -45.91 29.61 -8.21
CA ALA OB 60 -45.50 28.43 -7.47
C ALA OB 60 -46.63 27.40 -7.36
N FME PB 1 -6.62 20.29 -54.87
CN FME PB 1 -6.58 20.56 -56.22
O1 FME PB 1 -5.55 20.46 -56.90
CA FME PB 1 -5.47 19.87 -54.12
CB FME PB 1 -5.16 20.80 -52.93
CG FME PB 1 -6.37 21.07 -52.08
SD FME PB 1 -5.86 22.09 -50.72
CE FME PB 1 -6.26 23.69 -51.30
C FME PB 1 -5.61 18.45 -53.61
O FME PB 1 -5.29 18.08 -52.48
N HIS PB 2 -6.11 17.60 -54.51
CA HIS PB 2 -6.24 16.16 -54.24
C HIS PB 2 -4.93 15.44 -53.92
N ARG PB 3 -3.80 16.01 -54.36
CA ARG PB 3 -2.50 15.48 -53.98
C ARG PB 3 -2.19 15.53 -52.49
N ILE PB 4 -3.02 16.20 -51.68
CA ILE PB 4 -2.97 15.98 -50.22
C ILE PB 4 -3.03 14.49 -49.90
N TRP PB 5 -3.86 13.74 -50.61
CA TRP PB 5 -4.03 12.31 -50.37
C TRP PB 5 -2.83 11.47 -50.82
N LEU PB 6 -1.83 12.08 -51.46
CA LEU PB 6 -0.57 11.39 -51.71
C LEU PB 6 0.38 11.48 -50.52
N MET PB 7 0.46 12.64 -49.87
CA MET PB 7 1.30 12.76 -48.69
C MET PB 7 0.65 12.14 -47.45
N TYR PB 8 -0.67 12.17 -47.35
CA TYR PB 8 -1.40 11.50 -46.27
C TYR PB 8 -2.24 10.35 -46.80
N ASP PB 9 -2.03 9.17 -46.24
CA ASP PB 9 -2.81 7.98 -46.52
C ASP PB 9 -4.25 8.19 -46.06
N PRO PB 10 -5.20 8.29 -46.99
CA PRO PB 10 -6.59 8.61 -46.59
C PRO PB 10 -7.21 7.56 -45.69
N ARG PB 11 -6.70 6.32 -45.76
CA ARG PB 11 -7.13 5.26 -44.86
C ARG PB 11 -6.93 5.66 -43.40
N ARG PB 12 -5.86 6.40 -43.11
CA ARG PB 12 -5.59 6.90 -41.77
C ARG PB 12 -6.40 8.16 -41.44
N VAL PB 13 -6.53 9.06 -42.40
CA VAL PB 13 -7.21 10.33 -42.17
C VAL PB 13 -8.71 10.14 -41.92
N MET PB 14 -9.37 9.31 -42.72
CA MET PB 14 -10.82 9.13 -42.55
C MET PB 14 -11.17 8.49 -41.21
N VAL PB 15 -10.34 7.58 -40.71
CA VAL PB 15 -10.55 7.04 -39.37
C VAL PB 15 -10.34 8.11 -38.30
N ALA PB 16 -9.28 8.91 -38.44
CA ALA PB 16 -9.04 10.02 -37.51
C ALA PB 16 -10.16 11.04 -37.54
N LEU PB 17 -10.66 11.37 -38.73
CA LEU PB 17 -11.75 12.34 -38.86
C LEU PB 17 -13.04 11.84 -38.20
N VAL PB 18 -13.46 10.63 -38.55
CA VAL PB 18 -14.72 10.09 -38.02
C VAL PB 18 -14.65 9.94 -36.51
N GLY PB 19 -13.52 9.49 -35.97
CA GLY PB 19 -13.34 9.47 -34.53
C GLY PB 19 -13.47 10.85 -33.90
N PHE PB 20 -12.86 11.86 -34.51
CA PHE PB 20 -12.96 13.22 -33.98
C PHE PB 20 -14.39 13.76 -34.04
N LEU PB 21 -15.03 13.66 -35.21
CA LEU PB 21 -16.40 14.17 -35.37
C LEU PB 21 -17.38 13.49 -34.43
N ALA PB 22 -17.26 12.17 -34.27
CA ALA PB 22 -18.14 11.45 -33.36
C ALA PB 22 -18.03 11.95 -31.92
N VAL PB 23 -16.81 12.07 -31.40
CA VAL PB 23 -16.61 12.49 -30.03
C VAL PB 23 -17.06 13.94 -29.83
N LEU PB 24 -16.68 14.82 -30.75
CA LEU PB 24 -17.07 16.22 -30.65
C LEU PB 24 -18.59 16.41 -30.71
N ALA PB 25 -19.27 15.69 -31.61
CA ALA PB 25 -20.73 15.77 -31.66
C ALA PB 25 -21.36 15.37 -30.34
N LEU PB 26 -20.89 14.28 -29.73
CA LEU PB 26 -21.44 13.84 -28.45
C LEU PB 26 -21.17 14.85 -27.33
N VAL PB 27 -19.95 15.39 -27.26
CA VAL PB 27 -19.63 16.42 -26.28
C VAL PB 27 -20.57 17.62 -26.41
N ILE PB 28 -20.80 18.11 -27.63
CA ILE PB 28 -21.70 19.25 -27.81
C ILE PB 28 -23.12 18.91 -27.39
N HIS PB 29 -23.63 17.75 -27.78
CA HIS PB 29 -25.00 17.38 -27.37
C HIS PB 29 -25.15 17.29 -25.87
N PHE PB 30 -24.17 16.71 -25.17
CA PHE PB 30 -24.28 16.59 -23.73
C PHE PB 30 -24.06 17.92 -23.01
N VAL PB 31 -23.18 18.78 -23.52
CA VAL PB 31 -23.09 20.14 -22.99
C VAL PB 31 -24.43 20.85 -23.07
N LEU PB 32 -25.14 20.72 -24.20
CA LEU PB 32 -26.45 21.34 -24.34
C LEU PB 32 -27.48 20.71 -23.42
N LEU PB 33 -27.54 19.38 -23.41
CA LEU PB 33 -28.50 18.67 -22.56
C LEU PB 33 -28.30 19.01 -21.09
N SER PB 34 -27.05 19.19 -20.67
CA SER PB 34 -26.73 19.58 -19.31
C SER PB 34 -27.12 21.02 -18.97
N SER PB 35 -27.23 21.90 -19.96
CA SER PB 35 -27.57 23.28 -19.68
C SER PB 35 -29.04 23.41 -19.29
N GLN PB 36 -29.36 24.52 -18.62
CA GLN PB 36 -30.76 24.83 -18.36
C GLN PB 36 -31.52 25.12 -19.65
N ARG PB 37 -30.99 26.02 -20.47
CA ARG PB 37 -31.72 26.50 -21.64
C ARG PB 37 -32.01 25.39 -22.65
N TYR PB 38 -31.05 24.51 -22.91
CA TYR PB 38 -31.18 23.50 -23.95
C TYR PB 38 -31.38 22.08 -23.44
N SER PB 39 -31.95 21.93 -22.25
CA SER PB 39 -32.28 20.60 -21.70
C SER PB 39 -33.52 20.05 -22.41
N TRP PB 40 -33.34 19.74 -23.70
CA TRP PB 40 -34.48 19.58 -24.60
C TRP PB 40 -35.31 18.34 -24.28
N ILE PB 41 -34.73 17.34 -23.61
CA ILE PB 41 -35.48 16.15 -23.27
C ILE PB 41 -36.58 16.46 -22.24
N GLU PB 42 -36.23 17.22 -21.21
CA GLU PB 42 -37.23 17.67 -20.24
C GLU PB 42 -38.05 18.86 -20.71
N ASN PB 43 -37.44 19.82 -21.42
CA ASN PB 43 -38.09 21.11 -21.66
C ASN PB 43 -38.22 21.50 -23.13
N GLY PB 44 -37.97 20.56 -24.05
CA GLY PB 44 -37.95 20.91 -25.47
C GLY PB 44 -39.26 21.47 -26.00
N THR PB 45 -40.38 21.15 -25.36
CA THR PB 45 -41.68 21.64 -25.81
C THR PB 45 -42.01 23.06 -25.36
N LEU PB 46 -41.19 23.67 -24.52
CA LEU PB 46 -41.37 25.09 -24.21
C LEU PB 46 -41.02 25.98 -25.41
N GLY PB 47 -41.76 27.08 -25.54
CA GLY PB 47 -41.47 28.07 -26.55
C GLY PB 47 -40.26 28.93 -26.19
N ALA PB 48 -39.75 29.63 -27.22
CA ALA PB 48 -38.48 30.35 -27.09
C ALA PB 48 -38.54 31.45 -26.03
N ASP PB 49 -39.70 32.09 -25.85
CA ASP PB 49 -39.87 33.07 -24.78
C ASP PB 49 -39.94 32.43 -23.40
N GLN PB 50 -40.42 31.18 -23.31
CA GLN PB 50 -40.49 30.49 -22.04
C GLN PB 50 -39.18 29.82 -21.63
N ALA PB 51 -38.27 29.56 -22.55
CA ALA PB 51 -37.02 28.89 -22.23
C ALA PB 51 -36.16 29.70 -21.25
N PRO PB 52 -35.44 29.02 -20.36
CA PRO PB 52 -34.57 29.71 -19.39
C PRO PB 52 -33.50 30.57 -20.05
N VAL PB 53 -33.11 31.63 -19.35
CA VAL PB 53 -31.92 32.44 -19.67
C VAL PB 53 -31.07 32.59 -18.41
N GLY PB 54 -29.76 32.42 -18.57
CA GLY PB 54 -28.84 32.64 -17.46
C GLY PB 54 -28.87 34.07 -16.95
N ALA PB 55 -28.52 34.24 -15.68
CA ALA PB 55 -28.66 35.50 -14.98
C ALA PB 55 -27.79 36.61 -15.59
N SER PB 56 -28.34 37.83 -15.60
CA SER PB 56 -27.65 39.02 -16.09
C SER PB 56 -26.71 39.60 -15.03
N ALA PB 57 -26.05 40.70 -15.39
CA ALA PB 57 -25.48 41.63 -14.43
C ALA PB 57 -26.54 42.19 -13.50
N PRO PB 58 -26.18 42.51 -12.24
CA PRO PB 58 -27.21 42.80 -11.23
C PRO PB 58 -27.98 44.09 -11.47
N ALA PB 59 -27.34 45.12 -12.04
CA ALA PB 59 -28.05 46.35 -12.37
C ALA PB 59 -29.02 46.20 -13.54
N ALA PB 60 -28.86 45.17 -14.35
CA ALA PB 60 -29.72 44.98 -15.52
C ALA PB 60 -31.12 44.52 -15.12
N FME QB 1 12.46 31.16 -47.01
CN FME QB 1 13.62 30.61 -47.51
O1 FME QB 1 14.13 29.58 -47.04
CA FME QB 1 11.73 30.60 -45.90
CB FME QB 1 10.54 31.52 -45.49
CG FME QB 1 9.84 31.05 -44.24
SD FME QB 1 8.72 32.33 -43.73
CE FME QB 1 9.75 33.33 -42.73
C FME QB 1 11.17 29.20 -46.17
O FME QB 1 10.92 28.39 -45.28
N HIS QB 2 10.99 28.89 -47.45
CA HIS QB 2 10.51 27.58 -47.86
C HIS QB 2 11.46 26.43 -47.50
N ARG QB 3 12.73 26.74 -47.30
CA ARG QB 3 13.71 25.72 -46.96
C ARG QB 3 13.50 25.12 -45.57
N ILE QB 4 12.66 25.72 -44.74
CA ILE QB 4 12.22 25.07 -43.51
C ILE QB 4 11.59 23.71 -43.79
N TRP QB 5 10.98 23.53 -44.97
CA TRP QB 5 10.40 22.25 -45.34
C TRP QB 5 11.42 21.26 -45.90
N LEU QB 6 12.61 21.74 -46.29
CA LEU QB 6 13.72 20.82 -46.50
C LEU QB 6 14.19 20.25 -45.16
N MET QB 7 14.11 21.06 -44.11
CA MET QB 7 14.60 20.72 -42.79
C MET QB 7 13.66 19.78 -42.04
N TYR QB 8 12.34 19.92 -42.23
CA TYR QB 8 11.37 19.08 -41.55
C TYR QB 8 10.48 18.34 -42.55
N ASP QB 9 10.16 17.08 -42.21
CA ASP QB 9 9.17 16.28 -42.92
C ASP QB 9 7.80 16.97 -42.83
N PRO QB 10 7.24 17.43 -43.94
CA PRO QB 10 5.95 18.15 -43.87
C PRO QB 10 4.81 17.31 -43.34
N ARG QB 11 4.87 15.98 -43.50
CA ARG QB 11 3.87 15.11 -42.93
C ARG QB 11 3.88 15.17 -41.40
N ARG QB 12 5.06 15.29 -40.80
CA ARG QB 12 5.15 15.47 -39.36
C ARG QB 12 4.70 16.86 -38.93
N VAL QB 13 5.05 17.89 -39.71
CA VAL QB 13 4.68 19.26 -39.36
C VAL QB 13 3.15 19.42 -39.30
N MET QB 14 2.46 19.09 -40.39
CA MET QB 14 1.03 19.36 -40.48
C MET QB 14 0.25 18.61 -39.39
N VAL QB 15 0.64 17.38 -39.09
CA VAL QB 15 -0.02 16.62 -38.03
C VAL QB 15 0.18 17.29 -36.67
N ALA QB 16 1.40 17.75 -36.39
CA ALA QB 16 1.65 18.46 -35.13
C ALA QB 16 0.88 19.77 -35.07
N LEU QB 17 0.83 20.51 -36.17
CA LEU QB 17 0.11 21.77 -36.23
C LEU QB 17 -1.38 21.61 -35.99
N VAL QB 18 -2.02 20.68 -36.71
CA VAL QB 18 -3.46 20.46 -36.54
C VAL QB 18 -3.78 19.97 -35.14
N GLY QB 19 -2.94 19.11 -34.57
CA GLY QB 19 -3.14 18.72 -33.18
C GLY QB 19 -2.99 19.85 -32.19
N PHE QB 20 -2.06 20.77 -32.44
CA PHE QB 20 -1.89 21.94 -31.60
C PHE QB 20 -3.09 22.88 -31.67
N LEU QB 21 -3.56 23.17 -32.88
CA LEU QB 21 -4.69 24.07 -33.05
C LEU QB 21 -5.99 23.49 -32.49
N ALA QB 22 -6.22 22.19 -32.67
CA ALA QB 22 -7.40 21.56 -32.08
C ALA QB 22 -7.41 21.68 -30.57
N VAL QB 23 -6.29 21.35 -29.91
CA VAL QB 23 -6.24 21.41 -28.45
C VAL QB 23 -6.37 22.85 -27.95
N LEU QB 24 -5.68 23.79 -28.60
CA LEU QB 24 -5.80 25.19 -28.20
C LEU QB 24 -7.23 25.70 -28.35
N ALA QB 25 -7.88 25.39 -29.46
CA ALA QB 25 -9.26 25.81 -29.67
C ALA QB 25 -10.20 25.24 -28.61
N LEU QB 26 -10.10 23.94 -28.35
CA LEU QB 26 -10.87 23.32 -27.27
C LEU QB 26 -10.66 24.02 -25.93
N VAL QB 27 -9.40 24.21 -25.54
CA VAL QB 27 -9.08 24.86 -24.27
C VAL QB 27 -9.71 26.25 -24.16
N ILE QB 28 -9.60 27.06 -25.20
CA ILE QB 28 -10.15 28.41 -25.12
C ILE QB 28 -11.67 28.40 -25.00
N HIS QB 29 -12.34 27.51 -25.75
CA HIS QB 29 -13.80 27.41 -25.62
C HIS QB 29 -14.21 26.96 -24.22
N PHE QB 30 -13.55 25.94 -23.67
CA PHE QB 30 -13.93 25.46 -22.34
C PHE QB 30 -13.55 26.44 -21.23
N VAL QB 31 -12.47 27.20 -21.39
CA VAL QB 31 -12.18 28.28 -20.44
C VAL QB 31 -13.30 29.32 -20.46
N LEU QB 32 -13.73 29.73 -21.65
CA LEU QB 32 -14.83 30.69 -21.77
C LEU QB 32 -16.13 30.12 -21.22
N LEU QB 33 -16.46 28.88 -21.60
CA LEU QB 33 -17.72 28.26 -21.19
C LEU QB 33 -17.87 28.15 -19.68
N SER QB 34 -16.76 28.06 -18.93
CA SER QB 34 -16.83 28.03 -17.48
C SER QB 34 -16.84 29.42 -16.83
N SER QB 35 -16.53 30.48 -17.56
CA SER QB 35 -16.67 31.83 -17.03
C SER QB 35 -18.15 32.19 -16.88
N GLN QB 36 -18.40 33.28 -16.15
CA GLN QB 36 -19.76 33.84 -16.11
C GLN QB 36 -20.06 34.73 -17.30
N ARG QB 37 -19.14 35.64 -17.65
CA ARG QB 37 -19.39 36.56 -18.75
C ARG QB 37 -19.62 35.87 -20.08
N TYR QB 38 -18.94 34.75 -20.33
CA TYR QB 38 -19.03 34.07 -21.62
C TYR QB 38 -19.61 32.67 -21.52
N SER QB 39 -20.52 32.46 -20.57
CA SER QB 39 -21.30 31.23 -20.46
C SER QB 39 -22.41 31.22 -21.53
N TRP QB 40 -21.95 31.25 -22.79
CA TRP QB 40 -22.81 31.67 -23.90
C TRP QB 40 -24.00 30.74 -24.14
N ILE QB 41 -23.89 29.48 -23.73
CA ILE QB 41 -25.02 28.56 -23.91
C ILE QB 41 -26.18 28.92 -22.99
N GLU QB 42 -25.89 29.36 -21.76
CA GLU QB 42 -26.95 29.83 -20.88
C GLU QB 42 -27.34 31.27 -21.15
N ASN QB 43 -26.38 32.17 -21.35
CA ASN QB 43 -26.62 33.61 -21.33
C ASN QB 43 -26.29 34.32 -22.64
N GLY QB 44 -26.11 33.58 -23.74
CA GLY QB 44 -25.73 34.19 -25.00
C GLY QB 44 -26.70 35.21 -25.55
N THR QB 45 -27.99 35.09 -25.21
CA THR QB 45 -28.97 36.04 -25.74
C THR QB 45 -28.99 37.38 -25.01
N LEU QB 46 -28.23 37.52 -23.92
CA LEU QB 46 -28.12 38.82 -23.25
C LEU QB 46 -27.35 39.82 -24.09
N GLY QB 47 -27.80 41.08 -24.06
CA GLY QB 47 -27.04 42.16 -24.64
C GLY QB 47 -25.77 42.46 -23.86
N ALA QB 48 -24.82 43.10 -24.54
CA ALA QB 48 -23.49 43.30 -23.96
C ALA QB 48 -23.53 44.11 -22.69
N ASP QB 49 -24.43 45.09 -22.61
CA ASP QB 49 -24.63 45.87 -21.39
C ASP QB 49 -25.29 45.08 -20.28
N GLN QB 50 -25.97 43.98 -20.60
CA GLN QB 50 -26.57 43.11 -19.60
C GLN QB 50 -25.70 41.94 -19.18
N ALA QB 51 -24.66 41.62 -19.94
CA ALA QB 51 -23.80 40.50 -19.61
C ALA QB 51 -23.05 40.72 -18.29
N PRO QB 52 -22.74 39.65 -17.57
CA PRO QB 52 -22.02 39.77 -16.29
C PRO QB 52 -20.64 40.41 -16.44
N VAL QB 53 -20.20 41.08 -15.36
CA VAL QB 53 -18.87 41.67 -15.25
C VAL QB 53 -18.29 41.32 -13.88
N GLY QB 54 -17.04 40.89 -13.85
CA GLY QB 54 -16.38 40.63 -12.58
C GLY QB 54 -16.29 41.90 -11.74
N ALA QB 55 -16.50 41.75 -10.44
CA ALA QB 55 -16.69 42.90 -9.57
C ALA QB 55 -15.44 43.78 -9.46
N SER QB 56 -15.69 45.08 -9.30
CA SER QB 56 -14.66 46.11 -9.18
C SER QB 56 -13.80 45.97 -7.93
N ALA QB 57 -12.78 46.80 -7.80
CA ALA QB 57 -12.30 47.19 -6.48
C ALA QB 57 -13.42 47.84 -5.67
N PRO QB 58 -13.43 47.67 -4.34
CA PRO QB 58 -14.50 48.22 -3.51
C PRO QB 58 -14.74 49.73 -3.64
N ALA QB 59 -15.87 50.19 -3.09
CA ALA QB 59 -16.04 51.59 -2.77
C ALA QB 59 -14.87 52.09 -1.91
N ALA QB 60 -14.36 53.27 -2.26
CA ALA QB 60 -12.96 53.59 -1.99
C ALA QB 60 -12.59 53.50 -0.51
N ALA QB 61 -13.56 53.76 0.38
CA ALA QB 61 -13.32 53.56 1.82
C ALA QB 61 -13.08 52.11 2.20
N ALA QB 62 -13.55 51.16 1.38
CA ALA QB 62 -13.38 49.72 1.64
C ALA QB 62 -13.83 49.30 3.05
N GLU QB 63 -14.86 49.94 3.61
CA GLU QB 63 -15.18 49.79 5.03
C GLU QB 63 -16.70 49.67 5.19
N MET QB 64 -17.11 49.04 6.30
CA MET QB 64 -18.50 48.72 6.57
C MET QB 64 -19.12 49.65 7.61
N SER QB 65 -20.34 50.14 7.32
CA SER QB 65 -21.28 50.69 8.28
C SER QB 65 -22.65 50.77 7.65
N PRO QB 66 -23.40 49.65 7.61
CA PRO QB 66 -24.54 49.54 6.68
C PRO QB 66 -25.87 50.03 7.22
N LEU QB 67 -26.92 49.86 6.42
CA LEU QB 67 -28.31 50.06 6.81
C LEU QB 67 -29.13 48.88 6.30
N PRO QB 68 -30.13 48.40 7.05
CA PRO QB 68 -30.77 47.11 6.72
C PRO QB 68 -31.47 47.14 5.38
N PRO QB 69 -31.66 45.98 4.75
CA PRO QB 69 -32.69 45.86 3.71
C PRO QB 69 -34.08 46.13 4.26
N GLY QB 70 -34.91 46.76 3.44
CA GLY QB 70 -36.27 47.06 3.88
C GLY QB 70 -37.09 45.80 4.09
N ARG QB 71 -37.83 45.76 5.20
CA ARG QB 71 -38.63 44.60 5.58
C ARG QB 71 -39.63 44.21 4.48
N FME RB 1 28.74 35.03 -35.70
CN FME RB 1 29.78 34.39 -36.33
O1 FME RB 1 30.06 33.19 -36.15
CA FME RB 1 27.86 34.40 -34.76
CB FME RB 1 26.85 35.41 -34.16
CG FME RB 1 26.13 34.89 -32.95
SD FME RB 1 27.32 34.54 -31.68
CE FME RB 1 27.45 36.09 -30.87
C FME RB 1 27.05 33.24 -35.36
O FME RB 1 26.60 32.31 -34.68
N HIS RB 2 26.90 33.29 -36.67
CA HIS RB 2 26.21 32.25 -37.44
C HIS RB 2 26.88 30.88 -37.37
N ARG RB 3 28.14 30.86 -36.92
CA ARG RB 3 28.89 29.62 -36.79
C ARG RB 3 28.34 28.66 -35.73
N ILE RB 4 27.52 29.16 -34.79
CA ILE RB 4 26.86 28.26 -33.84
C ILE RB 4 25.96 27.23 -34.51
N TRP RB 5 25.50 27.49 -35.73
CA TRP RB 5 24.68 26.52 -36.44
C TRP RB 5 25.49 25.38 -37.04
N LEU RB 6 26.81 25.48 -37.04
CA LEU RB 6 27.67 24.33 -37.27
C LEU RB 6 27.91 23.55 -35.97
N MET RB 7 27.99 24.25 -34.84
CA MET RB 7 28.10 23.61 -33.54
C MET RB 7 26.83 22.88 -33.14
N TYR RB 8 25.66 23.45 -33.43
CA TYR RB 8 24.37 22.89 -33.05
C TYR RB 8 23.51 22.68 -34.29
N ASP RB 9 22.78 21.58 -34.30
CA ASP RB 9 21.82 21.29 -35.36
C ASP RB 9 20.63 22.24 -35.33
N PRO RB 10 20.47 23.11 -36.33
CA PRO RB 10 19.33 24.06 -36.34
C PRO RB 10 17.99 23.38 -36.21
N ARG RB 11 17.85 22.21 -36.84
CA ARG RB 11 16.62 21.44 -36.85
C ARG RB 11 16.14 21.12 -35.44
N ARG RB 12 17.07 20.87 -34.52
CA ARG RB 12 16.73 20.47 -33.16
C ARG RB 12 16.60 21.63 -32.19
N VAL RB 13 17.39 22.70 -32.39
CA VAL RB 13 17.24 23.90 -31.57
C VAL RB 13 15.90 24.59 -31.83
N MET RB 14 15.49 24.67 -33.10
CA MET RB 14 14.19 25.27 -33.43
C MET RB 14 13.03 24.57 -32.72
N VAL RB 15 13.01 23.24 -32.72
CA VAL RB 15 11.96 22.50 -32.03
C VAL RB 15 11.98 22.81 -30.54
N ALA RB 16 13.16 22.80 -29.93
CA ALA RB 16 13.29 23.12 -28.51
C ALA RB 16 12.84 24.54 -28.19
N LEU RB 17 13.17 25.50 -29.04
CA LEU RB 17 12.76 26.89 -28.81
C LEU RB 17 11.25 27.07 -28.91
N VAL RB 18 10.63 26.53 -29.96
CA VAL RB 18 9.17 26.60 -30.09
C VAL RB 18 8.48 25.99 -28.88
N GLY RB 19 8.97 24.84 -28.42
CA GLY RB 19 8.43 24.23 -27.21
C GLY RB 19 8.59 25.09 -25.96
N PHE RB 20 9.77 25.70 -25.79
CA PHE RB 20 10.00 26.57 -24.64
C PHE RB 20 9.08 27.79 -24.64
N LEU RB 21 8.92 28.45 -25.79
CA LEU RB 21 8.05 29.63 -25.84
C LEU RB 21 6.59 29.28 -25.57
N ALA RB 22 6.10 28.17 -26.13
CA ALA RB 22 4.72 27.75 -25.88
C ALA RB 22 4.46 27.52 -24.39
N VAL RB 23 5.35 26.81 -23.72
CA VAL RB 23 5.17 26.53 -22.29
C VAL RB 23 5.18 27.84 -21.48
N LEU RB 24 6.19 28.68 -21.71
CA LEU RB 24 6.28 29.93 -20.97
C LEU RB 24 5.08 30.83 -21.19
N ALA RB 25 4.59 30.92 -22.44
CA ALA RB 25 3.41 31.73 -22.71
C ALA RB 25 2.17 31.22 -21.98
N LEU RB 26 1.92 29.91 -22.04
CA LEU RB 26 0.76 29.35 -21.37
C LEU RB 26 0.83 29.51 -19.85
N VAL RB 27 2.03 29.33 -19.29
CA VAL RB 27 2.22 29.54 -17.85
C VAL RB 27 1.83 30.96 -17.45
N ILE RB 28 2.38 31.96 -18.16
CA ILE RB 28 2.11 33.35 -17.79
C ILE RB 28 0.64 33.71 -17.97
N HIS RB 29 0.01 33.27 -19.06
CA HIS RB 29 -1.42 33.55 -19.23
C HIS RB 29 -2.26 32.95 -18.11
N PHE RB 30 -2.01 31.70 -17.74
CA PHE RB 30 -2.80 31.10 -16.66
C PHE RB 30 -2.50 31.71 -15.29
N VAL RB 31 -1.25 32.13 -15.03
CA VAL RB 31 -0.96 32.84 -13.79
C VAL RB 31 -1.79 34.12 -13.69
N LEU RB 32 -1.84 34.88 -14.78
CA LEU RB 32 -2.64 36.10 -14.81
C LEU RB 32 -4.13 35.79 -14.70
N LEU RB 33 -4.60 34.82 -15.47
CA LEU RB 33 -6.03 34.48 -15.45
C LEU RB 33 -6.50 34.07 -14.05
N SER RB 34 -5.64 33.43 -13.27
CA SER RB 34 -5.98 33.02 -11.91
C SER RB 34 -5.92 34.17 -10.91
N SER RB 35 -5.31 35.31 -11.26
CA SER RB 35 -5.23 36.43 -10.35
C SER RB 35 -6.56 37.17 -10.27
N GLN RB 36 -6.65 38.07 -9.30
CA GLN RB 36 -7.78 39.00 -9.21
C GLN RB 36 -7.62 40.15 -10.20
N ARG RB 37 -6.48 40.84 -10.13
CA ARG RB 37 -6.20 42.02 -10.94
C ARG RB 37 -6.37 41.76 -12.44
N TYR RB 38 -5.98 40.57 -12.93
CA TYR RB 38 -5.93 40.30 -14.36
C TYR RB 38 -6.80 39.11 -14.76
N SER RB 39 -7.92 38.89 -14.08
CA SER RB 39 -8.91 37.90 -14.49
C SER RB 39 -9.73 38.43 -15.68
N TRP RB 40 -9.03 38.63 -16.79
CA TRP RB 40 -9.52 39.48 -17.87
C TRP RB 40 -10.79 38.96 -18.54
N ILE RB 41 -11.02 37.65 -18.48
CA ILE RB 41 -12.24 37.10 -19.08
C ILE RB 41 -13.48 37.57 -18.33
N GLU RB 42 -13.45 37.58 -17.00
CA GLU RB 42 -14.56 38.13 -16.23
C GLU RB 42 -14.56 39.66 -16.19
N ASN RB 43 -13.41 40.28 -15.96
CA ASN RB 43 -13.36 41.70 -15.62
C ASN RB 43 -12.61 42.58 -16.62
N GLY RB 44 -12.30 42.06 -17.81
CA GLY RB 44 -11.52 42.81 -18.78
C GLY RB 44 -12.06 44.16 -19.17
N THR RB 45 -13.39 44.35 -19.09
CA THR RB 45 -13.99 45.62 -19.46
C THR RB 45 -13.96 46.68 -18.36
N LEU RB 46 -13.48 46.35 -17.16
CA LEU RB 46 -13.26 47.37 -16.14
C LEU RB 46 -12.12 48.31 -16.52
N GLY RB 47 -12.31 49.60 -16.24
CA GLY RB 47 -11.23 50.56 -16.35
C GLY RB 47 -10.15 50.34 -15.31
N ALA RB 48 -8.94 50.85 -15.62
CA ALA RB 48 -7.78 50.60 -14.79
C ALA RB 48 -7.97 51.09 -13.36
N ASP RB 49 -8.72 52.18 -13.19
CA ASP RB 49 -9.08 52.68 -11.87
C ASP RB 49 -10.01 51.74 -11.11
N GLN RB 50 -10.86 51.00 -11.83
CA GLN RB 50 -11.83 50.10 -11.22
C GLN RB 50 -11.28 48.71 -10.92
N ALA RB 51 -10.19 48.30 -11.56
CA ALA RB 51 -9.68 46.94 -11.39
C ALA RB 51 -9.20 46.70 -9.96
N PRO RB 52 -9.27 45.45 -9.49
CA PRO RB 52 -8.79 45.11 -8.13
C PRO RB 52 -7.33 45.50 -7.90
N VAL RB 53 -6.98 45.69 -6.63
CA VAL RB 53 -5.59 45.85 -6.21
C VAL RB 53 -5.36 45.05 -4.93
N GLY RB 54 -4.22 44.36 -4.87
CA GLY RB 54 -3.86 43.65 -3.65
C GLY RB 54 -3.68 44.59 -2.47
N ALA RB 55 -4.09 44.11 -1.30
CA ALA RB 55 -4.19 44.97 -0.11
C ALA RB 55 -2.85 45.60 0.26
N SER RB 56 -2.90 46.89 0.59
CA SER RB 56 -1.76 47.69 1.03
C SER RB 56 -1.45 47.46 2.52
N ALA RB 57 -0.29 47.97 2.94
CA ALA RB 57 0.03 48.08 4.35
C ALA RB 57 -0.93 49.05 5.06
N PRO RB 58 -1.26 48.78 6.33
CA PRO RB 58 -2.14 49.70 7.07
C PRO RB 58 -1.49 51.04 7.42
N ALA RB 59 -0.18 51.18 7.28
CA ALA RB 59 0.56 52.39 7.63
C ALA RB 59 0.29 52.86 9.06
N ALA RB 60 0.35 51.92 9.99
CA ALA RB 60 0.15 52.25 11.40
C ALA RB 60 1.00 51.36 12.32
N FME SB 1 43.76 31.51 -17.29
CN FME SB 1 44.76 30.83 -17.93
O1 FME SB 1 44.82 29.59 -17.98
CA FME SB 1 42.67 30.88 -16.59
CB FME SB 1 41.81 31.91 -15.82
CG FME SB 1 40.96 31.25 -14.77
SD FME SB 1 40.66 32.42 -13.48
CE FME SB 1 39.81 33.71 -14.30
C FME SB 1 41.74 30.09 -17.53
O FME SB 1 40.98 29.20 -17.14
N HIS SB 2 41.83 30.45 -18.81
CA HIS SB 2 41.13 29.76 -19.89
C HIS SB 2 41.36 28.25 -20.00
N ARG SB 3 42.47 27.78 -19.47
CA ARG SB 3 42.77 26.35 -19.47
C ARG SB 3 41.73 25.51 -18.73
N ILE SB 4 40.89 26.13 -17.91
CA ILE SB 4 39.74 25.44 -17.31
C ILE SB 4 38.89 24.74 -18.37
N TRP SB 5 38.74 25.35 -19.55
CA TRP SB 5 37.84 24.82 -20.57
C TRP SB 5 38.38 23.62 -21.33
N LEU SB 6 39.69 23.37 -21.28
CA LEU SB 6 40.27 22.25 -22.02
C LEU SB 6 39.66 20.91 -21.64
N MET SB 7 39.11 20.81 -20.43
CA MET SB 7 38.48 19.59 -19.93
C MET SB 7 37.08 19.34 -20.46
N TYR SB 8 36.46 20.28 -21.17
CA TYR SB 8 35.03 20.27 -21.39
C TYR SB 8 34.67 20.47 -22.86
N ASP SB 9 33.55 19.89 -23.26
CA ASP SB 9 32.91 20.19 -24.54
C ASP SB 9 32.16 21.50 -24.43
N PRO SB 10 32.54 22.54 -25.19
CA PRO SB 10 31.87 23.85 -25.00
C PRO SB 10 30.38 23.85 -25.30
N ARG SB 11 29.89 22.99 -26.21
CA ARG SB 11 28.44 22.91 -26.41
C ARG SB 11 27.74 22.48 -25.13
N ARG SB 12 28.30 21.49 -24.44
CA ARG SB 12 27.71 20.97 -23.22
C ARG SB 12 27.81 21.96 -22.07
N VAL SB 13 28.91 22.72 -22.00
CA VAL SB 13 29.03 23.81 -21.03
C VAL SB 13 27.87 24.79 -21.17
N MET SB 14 27.60 25.23 -22.39
CA MET SB 14 26.53 26.21 -22.60
C MET SB 14 25.17 25.65 -22.21
N VAL SB 15 24.87 24.41 -22.59
CA VAL SB 15 23.62 23.78 -22.19
C VAL SB 15 23.52 23.65 -20.68
N ALA SB 16 24.65 23.37 -20.02
CA ALA SB 16 24.66 23.32 -18.56
C ALA SB 16 24.40 24.68 -17.95
N LEU SB 17 25.01 25.73 -18.52
CA LEU SB 17 24.86 27.08 -17.99
C LEU SB 17 23.44 27.62 -18.15
N VAL SB 18 22.88 27.51 -19.35
CA VAL SB 18 21.52 28.00 -19.60
C VAL SB 18 20.51 27.32 -18.66
N GLY SB 19 20.64 26.01 -18.48
CA GLY SB 19 19.76 25.31 -17.55
C GLY SB 19 19.88 25.79 -16.12
N PHE SB 20 21.09 26.13 -15.68
CA PHE SB 20 21.28 26.68 -14.34
C PHE SB 20 20.59 28.03 -14.18
N LEU SB 21 20.78 28.93 -15.14
CA LEU SB 21 20.17 30.26 -15.05
C LEU SB 21 18.65 30.21 -15.13
N ALA SB 22 18.10 29.37 -16.00
CA ALA SB 22 16.65 29.25 -16.11
C ALA SB 22 16.01 28.79 -14.81
N VAL SB 23 16.59 27.78 -14.16
CA VAL SB 23 16.07 27.33 -12.87
C VAL SB 23 16.20 28.40 -11.81
N LEU SB 24 17.38 29.02 -11.71
CA LEU SB 24 17.59 30.05 -10.69
C LEU SB 24 16.64 31.23 -10.85
N ALA SB 25 16.46 31.70 -12.09
CA ALA SB 25 15.54 32.81 -12.34
C ALA SB 25 14.11 32.48 -11.90
N LEU SB 26 13.60 31.31 -12.31
CA LEU SB 26 12.25 30.92 -11.93
C LEU SB 26 12.09 30.74 -10.43
N VAL SB 27 13.10 30.21 -9.75
CA VAL SB 27 13.03 30.09 -8.29
C VAL SB 27 12.91 31.45 -7.63
N ILE SB 28 13.75 32.41 -8.03
CA ILE SB 28 13.70 33.73 -7.41
C ILE SB 28 12.38 34.44 -7.70
N HIS SB 29 11.87 34.34 -8.93
CA HIS SB 29 10.57 34.96 -9.23
C HIS SB 29 9.44 34.34 -8.42
N PHE SB 30 9.36 33.01 -8.36
CA PHE SB 30 8.27 32.38 -7.61
C PHE SB 30 8.38 32.62 -6.11
N VAL SB 31 9.59 32.74 -5.56
CA VAL SB 31 9.73 33.16 -4.17
C VAL SB 31 9.14 34.55 -3.96
N LEU SB 32 9.51 35.51 -4.81
CA LEU SB 32 9.01 36.88 -4.67
C LEU SB 32 7.50 36.94 -4.87
N LEU SB 33 7.00 36.28 -5.91
CA LEU SB 33 5.57 36.29 -6.20
C LEU SB 33 4.75 35.70 -5.06
N SER SB 34 5.30 34.74 -4.32
CA SER SB 34 4.66 34.19 -3.13
C SER SB 34 4.78 35.07 -1.89
N SER SB 35 5.65 36.07 -1.88
CA SER SB 35 5.72 36.97 -0.74
C SER SB 35 4.48 37.86 -0.69
N GLN SB 36 4.32 38.56 0.44
CA GLN SB 36 3.38 39.68 0.49
C GLN SB 36 3.93 40.92 -0.19
N ARG SB 37 5.14 41.34 0.19
CA ARG SB 37 5.67 42.62 -0.27
C ARG SB 37 5.83 42.68 -1.79
N TYR SB 38 6.29 41.59 -2.40
CA TYR SB 38 6.57 41.57 -3.84
C TYR SB 38 5.61 40.71 -4.65
N SER SB 39 4.36 40.59 -4.20
CA SER SB 39 3.32 39.91 -4.96
C SER SB 39 2.81 40.81 -6.09
N TRP SB 40 3.71 41.09 -7.04
CA TRP SB 40 3.56 42.25 -7.91
C TRP SB 40 2.37 42.15 -8.87
N ILE SB 41 1.88 40.95 -9.17
CA ILE SB 41 0.74 40.84 -10.07
C ILE SB 41 -0.52 41.40 -9.43
N GLU SB 42 -0.70 41.19 -8.13
CA GLU SB 42 -1.82 41.84 -7.44
C GLU SB 42 -1.49 43.26 -6.98
N ASN SB 43 -0.30 43.49 -6.43
CA ASN SB 43 -0.02 44.73 -5.70
C ASN SB 43 1.08 45.59 -6.32
N GLY SB 44 1.50 45.30 -7.55
CA GLY SB 44 2.59 46.04 -8.16
C GLY SB 44 2.36 47.54 -8.30
N THR SB 45 1.10 47.96 -8.40
CA THR SB 45 0.78 49.38 -8.51
C THR SB 45 0.87 50.16 -7.20
N LEU SB 46 1.05 49.49 -6.06
CA LEU SB 46 1.27 50.20 -4.81
C LEU SB 46 2.60 50.95 -4.81
N GLY SB 47 2.58 52.16 -4.27
CA GLY SB 47 3.81 52.89 -4.02
C GLY SB 47 4.62 52.25 -2.91
N ALA SB 48 5.92 52.57 -2.89
CA ALA SB 48 6.85 51.89 -2.00
C ALA SB 48 6.47 52.03 -0.53
N ASP SB 49 5.89 53.17 -0.14
CA ASP SB 49 5.43 53.34 1.24
C ASP SB 49 4.15 52.56 1.52
N GLN SB 50 3.34 52.34 0.50
CA GLN SB 50 2.07 51.64 0.64
C GLN SB 50 2.23 50.12 0.64
N ALA SB 51 3.33 49.60 0.10
CA ALA SB 51 3.53 48.17 0.00
C ALA SB 51 3.68 47.52 1.38
N PRO SB 52 3.29 46.25 1.51
CA PRO SB 52 3.41 45.55 2.79
C PRO SB 52 4.83 45.50 3.34
N VAL SB 53 4.93 45.51 4.67
CA VAL SB 53 6.17 45.29 5.40
C VAL SB 53 5.90 44.29 6.51
N GLY SB 54 6.79 43.32 6.68
CA GLY SB 54 6.62 42.33 7.73
C GLY SB 54 6.58 42.95 9.12
N ALA SB 55 5.80 42.32 9.99
CA ALA SB 55 5.53 42.85 11.33
C ALA SB 55 6.79 42.95 12.17
N SER SB 56 7.06 44.15 12.70
CA SER SB 56 8.10 44.30 13.71
C SER SB 56 7.73 43.69 15.05
N ALA SB 57 6.43 43.50 15.34
CA ALA SB 57 6.01 42.61 16.42
C ALA SB 57 4.62 42.07 16.16
N PRO SB 58 4.30 40.87 16.65
CA PRO SB 58 2.91 40.46 16.90
C PRO SB 58 2.37 41.03 18.22
N ALA SB 59 1.10 40.71 18.51
CA ALA SB 59 0.49 41.10 19.77
C ALA SB 59 -0.68 40.19 20.10
N ALA SB 60 -1.14 40.23 21.35
CA ALA SB 60 -2.27 39.42 21.81
C ALA SB 60 -2.92 40.06 23.04
N ALA SB 61 -4.17 39.68 23.28
CA ALA SB 61 -4.74 39.70 24.63
C ALA SB 61 -4.26 38.50 25.44
N ALA SB 62 -4.14 38.71 26.76
CA ALA SB 62 -3.43 37.74 27.60
C ALA SB 62 -4.12 36.38 27.66
N GLU SB 63 -5.44 36.32 27.53
CA GLU SB 63 -6.14 35.04 27.59
C GLU SB 63 -6.18 34.31 26.25
N MET SB 64 -5.82 34.97 25.15
CA MET SB 64 -5.81 34.35 23.84
C MET SB 64 -4.55 33.51 23.62
N SER SB 65 -4.72 32.40 22.89
CA SER SB 65 -3.60 31.62 22.39
C SER SB 65 -3.88 31.21 20.95
N PRO SB 66 -2.87 31.28 20.07
CA PRO SB 66 -3.07 30.74 18.72
C PRO SB 66 -3.24 29.23 18.69
N LEU SB 67 -2.58 28.51 19.59
CA LEU SB 67 -2.62 27.06 19.69
C LEU SB 67 -3.56 26.61 20.82
N PRO SB 68 -4.26 25.50 20.64
CA PRO SB 68 -5.04 24.93 21.75
C PRO SB 68 -4.16 24.54 22.91
N PRO SB 69 -4.71 24.48 24.12
CA PRO SB 69 -3.97 23.92 25.25
C PRO SB 69 -3.73 22.42 25.10
N GLY SB 70 -2.63 21.97 25.70
CA GLY SB 70 -2.33 20.55 25.73
C GLY SB 70 -0.87 20.27 26.01
N ARG SB 71 -0.62 19.19 26.75
CA ARG SB 71 0.67 18.88 27.38
C ARG SB 71 1.91 19.19 26.51
N GLY TB 6 47.25 12.78 -15.69
CA GLY TB 6 48.27 12.78 -14.64
C GLY TB 6 48.92 14.14 -14.46
N MET TB 7 48.59 14.79 -13.34
CA MET TB 7 49.14 16.11 -13.02
C MET TB 7 50.65 16.05 -12.80
N THR TB 8 51.35 17.03 -13.37
CA THR TB 8 52.71 17.34 -12.95
C THR TB 8 52.67 18.38 -11.84
N GLU TB 9 53.75 18.44 -11.05
CA GLU TB 9 53.88 19.51 -10.06
C GLU TB 9 54.08 20.88 -10.69
N GLU TB 10 54.34 20.95 -12.00
CA GLU TB 10 54.29 22.22 -12.72
C GLU TB 10 52.85 22.63 -13.03
N GLU TB 11 52.03 21.68 -13.50
CA GLU TB 11 50.60 21.92 -13.61
C GLU TB 11 50.00 22.32 -12.27
N ALA TB 12 50.43 21.66 -11.19
CA ALA TB 12 49.98 22.01 -9.85
C ALA TB 12 50.31 23.46 -9.49
N ARG TB 13 51.57 23.86 -9.68
CA ARG TB 13 51.96 25.24 -9.38
C ARG TB 13 51.17 26.26 -10.20
N ARG TB 14 50.89 25.96 -11.48
CA ARG TB 14 50.10 26.87 -12.28
C ARG TB 14 48.64 26.92 -11.80
N PHE TB 15 48.05 25.75 -11.55
CA PHE TB 15 46.67 25.68 -11.07
C PHE TB 15 46.52 26.33 -9.70
N HIS TB 16 47.47 26.06 -8.80
CA HIS TB 16 47.40 26.55 -7.42
C HIS TB 16 47.39 28.07 -7.33
N GLY TB 17 48.08 28.75 -8.25
CA GLY TB 17 48.01 30.21 -8.30
C GLY TB 17 46.62 30.76 -8.57
N TYR TB 18 45.90 30.17 -9.51
CA TYR TB 18 44.50 30.55 -9.74
C TYR TB 18 43.62 30.14 -8.57
N MET TB 19 43.78 28.92 -8.06
CA MET TB 19 42.93 28.43 -6.98
C MET TB 19 43.04 29.30 -5.73
N VAL TB 20 44.27 29.67 -5.35
CA VAL TB 20 44.47 30.53 -4.19
C VAL TB 20 43.90 31.92 -4.40
N THR TB 21 44.10 32.52 -5.58
CA THR TB 21 43.60 33.87 -5.81
C THR TB 21 42.09 33.90 -6.03
N GLY TB 22 41.54 32.88 -6.69
CA GLY TB 22 40.09 32.76 -6.75
C GLY TB 22 39.48 32.63 -5.37
N THR TB 23 40.09 31.84 -4.50
CA THR TB 23 39.68 31.78 -3.09
C THR TB 23 39.77 33.14 -2.42
N LEU TB 24 40.86 33.89 -2.65
CA LEU TB 24 40.97 35.24 -2.10
C LEU TB 24 39.89 36.17 -2.64
N GLY TB 25 39.61 36.11 -3.93
CA GLY TB 25 38.53 36.91 -4.49
C GLY TB 25 37.19 36.60 -3.86
N TYR TB 26 36.88 35.30 -3.74
CA TYR TB 26 35.65 34.88 -3.07
C TYR TB 26 35.59 35.35 -1.62
N VAL TB 27 36.68 35.18 -0.87
CA VAL TB 27 36.73 35.64 0.52
C VAL TB 27 36.59 37.16 0.62
N VAL TB 28 37.19 37.91 -0.30
CA VAL TB 28 37.01 39.36 -0.31
C VAL TB 28 35.54 39.72 -0.50
N VAL TB 29 34.90 39.15 -1.51
CA VAL TB 29 33.50 39.50 -1.78
C VAL TB 29 32.60 39.07 -0.63
N ALA TB 30 32.83 37.87 -0.09
CA ALA TB 30 32.03 37.39 1.04
C ALA TB 30 32.18 38.28 2.27
N SER TB 31 33.41 38.72 2.56
CA SER TB 31 33.62 39.56 3.74
C SER TB 31 33.09 40.98 3.56
N VAL TB 32 33.10 41.50 2.32
CA VAL TB 32 32.34 42.73 2.04
C VAL TB 32 30.85 42.51 2.22
N ALA TB 33 30.34 41.40 1.69
CA ALA TB 33 28.93 41.06 1.87
C ALA TB 33 28.55 40.97 3.34
N HIS TB 34 29.40 40.34 4.17
CA HIS TB 34 29.13 40.26 5.60
C HIS TB 34 29.17 41.63 6.27
N PHE TB 35 30.12 42.49 5.91
CA PHE TB 35 30.15 43.81 6.53
C PHE TB 35 28.95 44.66 6.14
N LEU TB 36 28.48 44.57 4.90
CA LEU TB 36 27.21 45.21 4.55
C LEU TB 36 26.07 44.67 5.40
N ALA TB 37 25.95 43.35 5.50
CA ALA TB 37 24.90 42.75 6.32
C ALA TB 37 25.01 43.19 7.78
N TRP TB 38 26.23 43.22 8.31
CA TRP TB 38 26.45 43.70 9.68
C TRP TB 38 25.99 45.15 9.86
N SER TB 39 26.33 46.02 8.92
CA SER TB 39 25.95 47.42 9.04
C SER TB 39 24.44 47.64 8.94
N TRP TB 40 23.72 46.72 8.29
CA TRP TB 40 22.27 46.78 8.21
C TRP TB 40 21.56 46.15 9.38
N ARG TB 41 22.03 45.00 9.88
CA ARG TB 41 21.31 44.30 10.93
C ARG TB 41 22.27 43.37 11.68
N PRO TB 42 22.98 43.90 12.67
CA PRO TB 42 23.97 43.09 13.42
C PRO TB 42 23.34 41.85 14.05
N TRP TB 43 24.12 40.77 14.09
CA TRP TB 43 23.72 39.55 14.78
C TRP TB 43 24.41 39.35 16.13
N PHE TB 44 25.26 40.28 16.57
CA PHE TB 44 25.68 40.36 17.97
C PHE TB 44 25.55 41.79 18.46
N GLY UB 6 54.12 1.35 -2.81
CA GLY UB 6 53.45 2.64 -2.69
C GLY UB 6 54.16 3.63 -1.79
N MET UB 7 53.74 3.68 -0.54
CA MET UB 7 54.35 4.57 0.44
C MET UB 7 55.73 4.08 0.85
N THR UB 8 56.53 5.01 1.40
CA THR UB 8 57.84 4.70 1.97
C THR UB 8 58.00 5.47 3.28
N GLU UB 9 58.99 5.03 4.08
CA GLU UB 9 59.40 5.76 5.26
C GLU UB 9 59.59 7.26 4.99
N GLU UB 10 60.24 7.60 3.89
CA GLU UB 10 60.43 9.00 3.54
C GLU UB 10 59.11 9.68 3.17
N GLU UB 11 58.28 9.00 2.38
CA GLU UB 11 57.00 9.54 1.96
C GLU UB 11 56.05 9.72 3.15
N ALA UB 12 55.98 8.71 4.01
CA ALA UB 12 55.20 8.78 5.24
C ALA UB 12 55.66 9.92 6.16
N ARG UB 13 56.97 10.08 6.35
CA ARG UB 13 57.47 11.19 7.15
C ARG UB 13 57.05 12.54 6.59
N ARG UB 14 57.16 12.73 5.28
CA ARG UB 14 56.75 14.02 4.70
C ARG UB 14 55.28 14.30 4.96
N PHE UB 15 54.40 13.35 4.63
CA PHE UB 15 52.97 13.52 4.85
C PHE UB 15 52.64 13.75 6.32
N HIS UB 16 53.24 12.97 7.21
CA HIS UB 16 53.04 13.15 8.65
C HIS UB 16 53.38 14.57 9.09
N GLY UB 17 54.47 15.14 8.58
CA GLY UB 17 54.79 16.53 8.91
C GLY UB 17 53.67 17.50 8.57
N TYR UB 18 53.11 17.38 7.37
CA TYR UB 18 51.96 18.20 6.98
C TYR UB 18 50.73 17.89 7.83
N MET UB 19 50.38 16.61 7.95
CA MET UB 19 49.18 16.22 8.68
C MET UB 19 49.20 16.69 10.13
N VAL UB 20 50.34 16.54 10.81
CA VAL UB 20 50.47 17.06 12.17
C VAL UB 20 50.36 18.59 12.17
N THR UB 21 51.09 19.26 11.28
CA THR UB 21 51.05 20.72 11.23
C THR UB 21 49.64 21.24 10.96
N GLY UB 22 48.96 20.68 9.96
CA GLY UB 22 47.61 21.12 9.64
C GLY UB 22 46.64 20.92 10.79
N THR UB 23 46.66 19.72 11.39
CA THR UB 23 45.82 19.44 12.55
C THR UB 23 46.03 20.45 13.67
N LEU UB 24 47.28 20.68 14.05
CA LEU UB 24 47.58 21.66 15.09
C LEU UB 24 47.17 23.07 14.70
N GLY UB 25 47.35 23.43 13.42
CA GLY UB 25 46.89 24.73 12.95
C GLY UB 25 45.38 24.92 13.06
N TYR UB 26 44.64 23.89 12.68
CA TYR UB 26 43.18 23.90 12.84
C TYR UB 26 42.78 24.08 14.30
N VAL UB 27 43.39 23.31 15.20
CA VAL UB 27 43.08 23.39 16.63
C VAL UB 27 43.40 24.76 17.21
N VAL UB 28 44.48 25.40 16.73
CA VAL UB 28 44.80 26.77 17.13
C VAL UB 28 43.71 27.75 16.70
N VAL UB 29 43.29 27.71 15.44
CA VAL UB 29 42.22 28.61 14.98
C VAL UB 29 40.92 28.35 15.73
N ALA UB 30 40.58 27.08 15.95
CA ALA UB 30 39.38 26.75 16.70
C ALA UB 30 39.45 27.23 18.15
N SER UB 31 40.63 27.19 18.76
CA SER UB 31 40.78 27.76 20.10
C SER UB 31 40.55 29.26 20.15
N VAL UB 32 40.89 29.98 19.08
CA VAL UB 32 40.58 31.41 19.04
C VAL UB 32 39.08 31.66 18.86
N ALA UB 33 38.41 30.83 18.05
CA ALA UB 33 36.95 30.92 17.96
C ALA UB 33 36.28 30.70 19.31
N HIS UB 34 36.74 29.70 20.07
CA HIS UB 34 36.22 29.49 21.42
C HIS UB 34 36.50 30.67 22.34
N PHE UB 35 37.69 31.27 22.24
CA PHE UB 35 37.98 32.48 23.00
C PHE UB 35 37.00 33.61 22.67
N LEU UB 36 36.72 33.81 21.38
CA LEU UB 36 35.73 34.81 20.97
C LEU UB 36 34.33 34.46 21.46
N ALA UB 37 33.92 33.20 21.32
CA ALA UB 37 32.61 32.78 21.80
C ALA UB 37 32.50 32.92 23.31
N TRP UB 38 33.55 32.57 24.04
CA TRP UB 38 33.52 32.69 25.50
C TRP UB 38 33.43 34.15 25.92
N SER UB 39 34.14 35.04 25.23
CA SER UB 39 34.02 36.47 25.49
C SER UB 39 32.61 36.99 25.23
N TRP UB 40 31.97 36.48 24.17
CA TRP UB 40 30.62 36.94 23.84
C TRP UB 40 29.56 36.40 24.79
N ARG UB 41 29.59 35.10 25.08
CA ARG UB 41 28.54 34.51 25.90
C ARG UB 41 29.02 33.22 26.55
N PRO UB 42 29.70 33.30 27.70
CA PRO UB 42 30.33 32.11 28.29
C PRO UB 42 29.31 31.08 28.74
N TRP UB 43 29.70 29.81 28.66
CA TRP UB 43 28.79 28.70 28.89
C TRP UB 43 28.94 28.04 30.26
N PHE UB 44 30.00 28.34 31.01
CA PHE UB 44 30.02 28.06 32.45
C PHE UB 44 30.18 29.35 33.23
N GLY VB 6 50.33 -11.58 8.53
CA GLY VB 6 50.32 -10.51 9.52
C GLY VB 6 51.70 -10.11 9.99
N MET VB 7 51.74 -9.18 10.94
CA MET VB 7 52.98 -8.64 11.46
C MET VB 7 53.75 -9.66 12.30
N THR VB 8 55.05 -9.41 12.45
CA THR VB 8 55.93 -10.18 13.32
C THR VB 8 55.81 -9.71 14.77
N GLU VB 9 56.45 -10.46 15.68
CA GLU VB 9 56.39 -10.11 17.10
C GLU VB 9 57.13 -8.80 17.39
N GLU VB 10 58.25 -8.54 16.72
CA GLU VB 10 58.98 -7.31 16.97
C GLU VB 10 58.21 -6.10 16.46
N GLU VB 11 57.51 -6.23 15.33
CA GLU VB 11 56.55 -5.23 14.91
C GLU VB 11 55.44 -5.05 15.96
N ALA VB 12 54.90 -6.17 16.44
CA ALA VB 12 53.81 -6.11 17.43
C ALA VB 12 54.25 -5.43 18.72
N ARG VB 13 55.46 -5.71 19.18
CA ARG VB 13 56.00 -4.99 20.34
C ARG VB 13 56.13 -3.49 20.07
N ARG VB 14 56.69 -3.12 18.91
CA ARG VB 14 56.83 -1.70 18.60
C ARG VB 14 55.47 -1.00 18.49
N PHE VB 15 54.50 -1.62 17.80
CA PHE VB 15 53.16 -1.05 17.74
C PHE VB 15 52.53 -0.93 19.13
N HIS VB 16 52.66 -1.97 19.94
CA HIS VB 16 52.14 -1.95 21.31
C HIS VB 16 52.70 -0.79 22.12
N GLY VB 17 53.99 -0.48 21.97
CA GLY VB 17 54.57 0.65 22.67
C GLY VB 17 53.87 1.98 22.38
N TYR VB 18 53.58 2.25 21.12
CA TYR VB 18 52.81 3.43 20.75
C TYR VB 18 51.36 3.34 21.22
N MET VB 19 50.72 2.20 21.03
CA MET VB 19 49.31 2.06 21.41
C MET VB 19 49.09 2.25 22.91
N VAL VB 20 49.96 1.67 23.73
CA VAL VB 20 49.90 1.90 25.18
C VAL VB 20 50.04 3.39 25.50
N THR VB 21 50.99 4.07 24.85
CA THR VB 21 51.22 5.48 25.14
C THR VB 21 50.08 6.36 24.68
N GLY VB 22 49.47 6.05 23.54
CA GLY VB 22 48.26 6.75 23.14
C GLY VB 22 47.10 6.51 24.10
N THR VB 23 47.01 5.30 24.65
CA THR VB 23 45.98 4.99 25.63
C THR VB 23 46.18 5.80 26.91
N LEU VB 24 47.40 5.81 27.44
CA LEU VB 24 47.72 6.62 28.61
C LEU VB 24 47.47 8.11 28.36
N GLY VB 25 47.87 8.62 27.20
CA GLY VB 25 47.59 10.01 26.87
C GLY VB 25 46.11 10.32 26.87
N TYR VB 26 45.32 9.48 26.21
CA TYR VB 26 43.87 9.64 26.17
C TYR VB 26 43.25 9.59 27.55
N VAL VB 27 43.64 8.61 28.37
CA VAL VB 27 43.15 8.49 29.74
C VAL VB 27 43.52 9.69 30.59
N VAL VB 28 44.71 10.26 30.39
CA VAL VB 28 45.09 11.46 31.14
C VAL VB 28 44.19 12.64 30.79
N VAL VB 29 43.96 12.88 29.51
CA VAL VB 29 43.04 13.95 29.11
C VAL VB 29 41.66 13.71 29.70
N ALA VB 30 41.16 12.49 29.62
CA ALA VB 30 39.87 12.16 30.22
C ALA VB 30 39.86 12.36 31.73
N SER VB 31 40.94 11.98 32.40
CA SER VB 31 41.04 12.20 33.86
C SER VB 31 40.96 13.68 34.24
N VAL VB 32 41.66 14.54 33.49
CA VAL VB 32 41.52 15.98 33.73
C VAL VB 32 40.11 16.45 33.41
N ALA VB 33 39.53 15.96 32.32
CA ALA VB 33 38.16 16.32 31.96
C ALA VB 33 37.17 15.95 33.06
N HIS VB 34 37.28 14.74 33.62
CA HIS VB 34 36.43 14.35 34.74
C HIS VB 34 36.65 15.20 35.98
N PHE VB 35 37.90 15.55 36.28
CA PHE VB 35 38.11 16.35 37.47
C PHE VB 35 37.66 17.80 37.29
N LEU VB 36 37.76 18.35 36.09
CA LEU VB 36 37.12 19.63 35.81
C LEU VB 36 35.60 19.53 35.99
N ALA VB 37 34.99 18.50 35.41
CA ALA VB 37 33.55 18.31 35.54
C ALA VB 37 33.15 18.15 37.01
N TRP VB 38 33.89 17.33 37.76
CA TRP VB 38 33.62 17.18 39.19
C TRP VB 38 33.73 18.50 39.93
N SER VB 39 34.79 19.26 39.67
CA SER VB 39 34.94 20.57 40.27
C SER VB 39 33.74 21.47 39.96
N TRP VB 40 33.24 21.41 38.72
CA TRP VB 40 32.10 22.22 38.32
C TRP VB 40 30.79 21.73 38.90
N ARG VB 41 30.53 20.42 38.86
CA ARG VB 41 29.21 19.93 39.26
C ARG VB 41 29.28 18.45 39.65
N PRO VB 42 29.61 18.14 40.91
CA PRO VB 42 29.78 16.74 41.33
C PRO VB 42 28.54 15.90 41.06
N TRP VB 43 28.77 14.63 40.68
CA TRP VB 43 27.67 13.71 40.44
C TRP VB 43 27.42 12.73 41.58
N PHE VB 44 28.31 12.68 42.58
CA PHE VB 44 27.97 12.07 43.87
C PHE VB 44 28.15 13.09 45.00
N GLY WB 6 46.78 -27.24 13.86
CA GLY WB 6 46.54 -25.84 14.13
C GLY WB 6 47.55 -25.24 15.09
N MET WB 7 47.07 -24.46 16.06
CA MET WB 7 47.87 -24.20 17.25
C MET WB 7 48.10 -25.49 18.03
N THR WB 8 49.28 -25.59 18.62
CA THR WB 8 49.69 -26.76 19.38
C THR WB 8 49.17 -26.69 20.82
N GLU WB 9 49.26 -27.82 21.52
CA GLU WB 9 48.91 -27.86 22.94
C GLU WB 9 49.78 -26.91 23.77
N GLU WB 10 51.04 -26.67 23.37
CA GLU WB 10 51.84 -25.66 24.06
C GLU WB 10 51.29 -24.26 23.82
N GLU WB 11 50.89 -23.95 22.58
CA GLU WB 11 50.28 -22.66 22.31
C GLU WB 11 48.95 -22.50 23.05
N ALA WB 12 48.12 -23.53 23.04
CA ALA WB 12 46.87 -23.51 23.80
C ALA WB 12 47.12 -23.28 25.28
N ARG WB 13 48.11 -23.96 25.85
CA ARG WB 13 48.44 -23.80 27.27
C ARG WB 13 48.95 -22.39 27.56
N ARG WB 14 49.79 -21.83 26.68
CA ARG WB 14 50.24 -20.45 26.86
C ARG WB 14 49.09 -19.46 26.78
N PHE WB 15 48.22 -19.61 25.78
CA PHE WB 15 47.04 -18.74 25.69
C PHE WB 15 46.14 -18.86 26.91
N HIS WB 16 45.90 -20.08 27.37
CA HIS WB 16 45.06 -20.30 28.55
C HIS WB 16 45.57 -19.53 29.77
N GLY WB 17 46.88 -19.51 29.99
CA GLY WB 17 47.42 -18.78 31.12
C GLY WB 17 47.13 -17.29 31.08
N TYR WB 18 47.28 -16.67 29.90
CA TYR WB 18 46.86 -15.28 29.76
C TYR WB 18 45.37 -15.13 29.97
N MET WB 19 44.59 -16.01 29.36
CA MET WB 19 43.13 -15.92 29.38
C MET WB 19 42.56 -16.03 30.80
N VAL WB 20 43.04 -17.01 31.57
CA VAL WB 20 42.63 -17.11 32.97
C VAL WB 20 43.06 -15.89 33.77
N THR WB 21 44.29 -15.41 33.56
CA THR WB 21 44.76 -14.25 34.30
C THR WB 21 43.92 -13.02 33.98
N GLY WB 22 43.63 -12.79 32.71
CA GLY WB 22 42.84 -11.63 32.32
C GLY WB 22 41.44 -11.65 32.91
N THR WB 23 40.80 -12.82 32.86
CA THR WB 23 39.49 -13.00 33.50
C THR WB 23 39.54 -12.67 34.98
N LEU WB 24 40.51 -13.23 35.70
CA LEU WB 24 40.58 -13.00 37.15
C LEU WB 24 40.91 -11.55 37.49
N GLY WB 25 41.76 -10.91 36.70
CA GLY WB 25 42.02 -9.49 36.91
C GLY WB 25 40.79 -8.63 36.70
N TYR WB 26 40.06 -8.90 35.62
CA TYR WB 26 38.80 -8.21 35.35
C TYR WB 26 37.79 -8.41 36.47
N VAL WB 27 37.66 -9.64 36.96
CA VAL WB 27 36.78 -9.93 38.09
C VAL WB 27 37.20 -9.19 39.35
N VAL WB 28 38.51 -9.07 39.60
CA VAL WB 28 38.99 -8.29 40.73
C VAL WB 28 38.62 -6.82 40.60
N VAL WB 29 38.83 -6.23 39.42
CA VAL WB 29 38.44 -4.83 39.20
C VAL WB 29 36.95 -4.63 39.40
N ALA WB 30 36.13 -5.55 38.88
CA ALA WB 30 34.69 -5.48 39.12
C ALA WB 30 34.34 -5.59 40.61
N SER WB 31 35.06 -6.42 41.36
CA SER WB 31 34.84 -6.53 42.79
C SER WB 31 35.03 -5.19 43.51
N VAL WB 32 36.11 -4.48 43.20
CA VAL WB 32 36.34 -3.17 43.80
C VAL WB 32 35.28 -2.15 43.38
N ALA WB 33 34.84 -2.21 42.12
CA ALA WB 33 33.73 -1.34 41.70
C ALA WB 33 32.48 -1.58 42.52
N HIS WB 34 32.15 -2.84 42.81
CA HIS WB 34 31.00 -3.15 43.65
C HIS WB 34 31.20 -2.74 45.10
N PHE WB 35 32.42 -2.88 45.62
CA PHE WB 35 32.74 -2.36 46.95
C PHE WB 35 32.47 -0.86 47.03
N LEU WB 36 32.90 -0.10 46.03
CA LEU WB 36 32.63 1.33 46.00
C LEU WB 36 31.13 1.64 45.90
N ALA WB 37 30.44 0.98 44.97
CA ALA WB 37 29.01 1.22 44.81
C ALA WB 37 28.23 0.86 46.06
N TRP WB 38 28.58 -0.26 46.71
CA TRP WB 38 27.93 -0.63 47.96
C TRP WB 38 28.13 0.40 49.06
N SER WB 39 29.33 1.00 49.12
CA SER WB 39 29.57 2.08 50.06
C SER WB 39 28.73 3.32 49.77
N TRP WB 40 28.55 3.64 48.49
CA TRP WB 40 27.75 4.79 48.09
C TRP WB 40 26.26 4.59 48.31
N ARG WB 41 25.72 3.45 47.88
CA ARG WB 41 24.27 3.24 47.94
C ARG WB 41 23.95 1.76 47.89
N PRO WB 42 23.98 1.06 49.03
CA PRO WB 42 23.78 -0.39 49.01
C PRO WB 42 22.39 -0.79 48.54
N TRP WB 43 22.32 -1.94 47.87
CA TRP WB 43 21.08 -2.41 47.26
C TRP WB 43 20.33 -3.46 48.08
N PHE WB 44 20.89 -3.95 49.18
CA PHE WB 44 20.13 -4.76 50.14
C PHE WB 44 20.22 -4.18 51.54
N GLY XB 6 35.65 -37.36 14.77
CA GLY XB 6 35.00 -37.60 16.04
C GLY XB 6 35.96 -38.00 17.14
N MET XB 7 35.54 -37.78 18.39
CA MET XB 7 36.40 -38.03 19.54
C MET XB 7 36.68 -39.51 19.75
N THR XB 8 37.91 -39.80 20.17
CA THR XB 8 38.22 -41.10 20.78
C THR XB 8 37.42 -41.26 22.07
N GLU XB 9 37.11 -42.51 22.43
CA GLU XB 9 36.47 -42.74 23.72
C GLU XB 9 37.35 -42.30 24.88
N GLU XB 10 38.68 -42.36 24.75
CA GLU XB 10 39.56 -41.75 25.73
C GLU XB 10 39.32 -40.24 25.83
N GLU XB 11 39.12 -39.58 24.69
CA GLU XB 11 38.85 -38.14 24.70
C GLU XB 11 37.48 -37.83 25.28
N ALA XB 12 36.48 -38.67 25.00
CA ALA XB 12 35.18 -38.51 25.61
C ALA XB 12 35.24 -38.70 27.13
N ARG XB 13 36.02 -39.69 27.57
CA ARG XB 13 36.22 -39.91 29.00
C ARG XB 13 36.86 -38.68 29.66
N ARG XB 14 37.89 -38.13 29.02
CA ARG XB 14 38.60 -36.97 29.54
C ARG XB 14 37.72 -35.72 29.57
N PHE XB 15 36.95 -35.48 28.50
CA PHE XB 15 36.01 -34.37 28.49
C PHE XB 15 34.93 -34.51 29.57
N HIS XB 16 34.38 -35.71 29.74
CA HIS XB 16 33.30 -35.92 30.70
C HIS XB 16 33.70 -35.56 32.13
N GLY XB 17 34.96 -35.77 32.51
CA GLY XB 17 35.39 -35.35 33.84
C GLY XB 17 35.31 -33.86 34.06
N TYR XB 18 35.77 -33.06 33.10
CA TYR XB 18 35.63 -31.61 33.20
C TYR XB 18 34.17 -31.18 33.15
N MET XB 19 33.37 -31.82 32.29
CA MET XB 19 31.97 -31.44 32.15
C MET XB 19 31.17 -31.68 33.42
N VAL XB 20 31.40 -32.82 34.09
CA VAL XB 20 30.75 -33.07 35.38
C VAL XB 20 31.24 -32.08 36.44
N THR XB 21 32.53 -31.78 36.44
CA THR XB 21 33.10 -30.90 37.46
C THR XB 21 32.61 -29.46 37.31
N GLY XB 22 32.51 -28.96 36.08
CA GLY XB 22 31.92 -27.65 35.88
C GLY XB 22 30.44 -27.59 36.21
N THR XB 23 29.69 -28.63 35.84
CA THR XB 23 28.27 -28.70 36.19
C THR XB 23 28.07 -28.69 37.70
N LEU XB 24 28.84 -29.53 38.42
CA LEU XB 24 28.80 -29.52 39.88
C LEU XB 24 29.15 -28.14 40.46
N GLY XB 25 30.24 -27.53 39.97
CA GLY XB 25 30.60 -26.21 40.45
C GLY XB 25 29.50 -25.19 40.26
N TYR XB 26 28.92 -25.16 39.06
CA TYR XB 26 27.83 -24.25 38.73
C TYR XB 26 26.61 -24.48 39.63
N VAL XB 27 26.24 -25.75 39.82
CA VAL XB 27 25.13 -26.09 40.73
C VAL XB 27 25.41 -25.67 42.17
N VAL XB 28 26.66 -25.78 42.62
CA VAL XB 28 27.00 -25.29 43.96
C VAL XB 28 26.82 -23.78 44.07
N VAL XB 29 27.40 -23.03 43.12
CA VAL XB 29 27.24 -21.57 43.14
C VAL XB 29 25.77 -21.16 43.09
N ALA XB 30 24.98 -21.82 42.25
CA ALA XB 30 23.54 -21.56 42.21
C ALA XB 30 22.84 -21.93 43.51
N SER XB 31 23.26 -23.00 44.17
CA SER XB 31 22.66 -23.38 45.44
C SER XB 31 22.95 -22.36 46.54
N VAL XB 32 24.18 -21.84 46.60
CA VAL XB 32 24.48 -20.75 47.52
C VAL XB 32 23.67 -19.51 47.19
N ALA XB 33 23.58 -19.16 45.90
CA ALA XB 33 22.78 -18.01 45.48
C ALA XB 33 21.33 -18.12 45.90
N HIS XB 34 20.73 -19.31 45.74
CA HIS XB 34 19.36 -19.51 46.19
C HIS XB 34 19.21 -19.35 47.70
N PHE XB 35 20.15 -19.90 48.48
CA PHE XB 35 20.02 -19.79 49.93
C PHE XB 35 20.24 -18.36 50.43
N LEU XB 36 21.10 -17.59 49.77
CA LEU XB 36 21.15 -16.15 50.06
C LEU XB 36 19.81 -15.47 49.73
N ALA XB 37 19.27 -15.71 48.54
CA ALA XB 37 17.98 -15.16 48.18
C ALA XB 37 16.89 -15.59 49.15
N TRP XB 38 16.89 -16.86 49.55
CA TRP XB 38 15.89 -17.36 50.49
C TRP XB 38 15.99 -16.68 51.86
N SER XB 39 17.22 -16.50 52.36
CA SER XB 39 17.42 -15.84 53.64
C SER XB 39 16.95 -14.40 53.63
N TRP XB 40 17.12 -13.70 52.50
CA TRP XB 40 16.70 -12.32 52.41
C TRP XB 40 15.22 -12.15 52.12
N ARG XB 41 14.65 -12.98 51.24
CA ARG XB 41 13.23 -12.80 50.92
C ARG XB 41 12.62 -14.11 50.42
N PRO XB 42 12.22 -14.99 51.34
CA PRO XB 42 11.75 -16.33 50.94
C PRO XB 42 10.48 -16.28 50.10
N TRP XB 43 10.45 -17.09 49.04
CA TRP XB 43 9.32 -17.05 48.12
C TRP XB 43 8.19 -18.02 48.50
N PHE XB 44 8.39 -18.90 49.47
CA PHE XB 44 7.28 -19.66 50.07
C PHE XB 44 7.20 -19.41 51.56
N GLY YB 6 23.23 -46.59 10.12
CA GLY YB 6 22.39 -46.66 11.31
C GLY YB 6 22.83 -47.72 12.31
N MET YB 7 22.04 -47.88 13.38
CA MET YB 7 22.37 -48.81 14.44
C MET YB 7 22.21 -50.27 14.00
N THR YB 8 23.04 -51.13 14.58
CA THR YB 8 22.72 -52.54 14.69
C THR YB 8 21.62 -52.74 15.73
N GLU YB 9 20.98 -53.91 15.70
CA GLU YB 9 20.01 -54.24 16.74
C GLU YB 9 20.66 -54.29 18.12
N GLU YB 10 21.93 -54.67 18.19
CA GLU YB 10 22.62 -54.71 19.48
C GLU YB 10 22.88 -53.31 20.01
N GLU YB 11 23.24 -52.37 19.13
CA GLU YB 11 23.36 -50.97 19.54
C GLU YB 11 22.01 -50.37 19.91
N ALA YB 12 20.97 -50.70 19.15
CA ALA YB 12 19.62 -50.24 19.47
C ALA YB 12 19.18 -50.74 20.84
N ARG YB 13 19.51 -51.99 21.17
CA ARG YB 13 19.22 -52.53 22.50
C ARG YB 13 20.00 -51.82 23.60
N ARG YB 14 21.28 -51.52 23.38
CA ARG YB 14 22.04 -50.77 24.38
C ARG YB 14 21.44 -49.39 24.61
N PHE YB 15 21.12 -48.66 23.54
CA PHE YB 15 20.53 -47.34 23.71
C PHE YB 15 19.19 -47.39 24.43
N HIS YB 16 18.34 -48.37 24.09
CA HIS YB 16 17.05 -48.52 24.74
C HIS YB 16 17.16 -48.61 26.26
N GLY YB 17 18.20 -49.29 26.76
CA GLY YB 17 18.40 -49.34 28.20
C GLY YB 17 18.60 -47.98 28.82
N TYR YB 18 19.48 -47.17 28.23
CA TYR YB 18 19.68 -45.80 28.71
C TYR YB 18 18.41 -44.96 28.59
N MET YB 19 17.75 -45.05 27.44
CA MET YB 19 16.55 -44.24 27.18
C MET YB 19 15.44 -44.53 28.17
N VAL YB 20 15.11 -45.81 28.40
CA VAL YB 20 14.08 -46.16 29.36
C VAL YB 20 14.47 -45.74 30.76
N THR YB 21 15.72 -45.95 31.15
CA THR YB 21 16.18 -45.56 32.47
C THR YB 21 16.12 -44.04 32.67
N GLY YB 22 16.60 -43.29 31.69
CA GLY YB 22 16.53 -41.83 31.78
C GLY YB 22 15.11 -41.31 31.80
N THR YB 23 14.23 -41.89 30.98
CA THR YB 23 12.83 -41.50 30.98
C THR YB 23 12.17 -41.75 32.34
N LEU YB 24 12.38 -42.94 32.90
CA LEU YB 24 11.79 -43.27 34.20
C LEU YB 24 12.43 -42.45 35.32
N GLY YB 25 13.73 -42.19 35.23
CA GLY YB 25 14.38 -41.30 36.19
C GLY YB 25 13.76 -39.90 36.19
N TYR YB 26 13.57 -39.34 35.00
CA TYR YB 26 12.95 -38.03 34.87
C TYR YB 26 11.54 -38.00 35.47
N VAL YB 27 10.74 -39.03 35.20
CA VAL YB 27 9.39 -39.13 35.77
C VAL YB 27 9.42 -39.24 37.29
N VAL YB 28 10.43 -39.90 37.85
CA VAL YB 28 10.57 -39.94 39.31
C VAL YB 28 10.88 -38.57 39.88
N VAL YB 29 11.83 -37.85 39.28
CA VAL YB 29 12.13 -36.48 39.71
C VAL YB 29 10.90 -35.59 39.61
N ALA YB 30 10.17 -35.69 38.50
CA ALA YB 30 8.91 -34.96 38.37
C ALA YB 30 7.85 -35.41 39.36
N SER YB 31 7.85 -36.69 39.74
CA SER YB 31 6.93 -37.15 40.77
C SER YB 31 7.20 -36.52 42.13
N VAL YB 32 8.47 -36.35 42.48
CA VAL YB 32 8.81 -35.63 43.71
C VAL YB 32 8.44 -34.15 43.61
N ALA YB 33 8.68 -33.55 42.44
CA ALA YB 33 8.23 -32.16 42.24
C ALA YB 33 6.74 -32.00 42.46
N HIS YB 34 5.92 -32.92 41.94
CA HIS YB 34 4.48 -32.85 42.17
C HIS YB 34 4.08 -33.16 43.60
N PHE YB 35 4.80 -34.07 44.27
CA PHE YB 35 4.57 -34.28 45.70
C PHE YB 35 4.80 -33.01 46.49
N LEU YB 36 5.92 -32.33 46.25
CA LEU YB 36 6.22 -31.07 46.92
C LEU YB 36 5.19 -29.99 46.59
N ALA YB 37 4.83 -29.85 45.32
CA ALA YB 37 3.84 -28.86 44.92
C ALA YB 37 2.46 -29.14 45.52
N TRP YB 38 2.05 -30.41 45.55
CA TRP YB 38 0.76 -30.73 46.16
C TRP YB 38 0.74 -30.40 47.65
N SER YB 39 1.83 -30.73 48.36
CA SER YB 39 1.88 -30.43 49.79
C SER YB 39 1.96 -28.94 50.08
N TRP YB 40 2.48 -28.14 49.15
CA TRP YB 40 2.49 -26.69 49.33
C TRP YB 40 1.12 -26.05 49.02
N ARG YB 41 0.49 -26.45 47.91
CA ARG YB 41 -0.75 -25.78 47.51
C ARG YB 41 -1.59 -26.68 46.61
N PRO YB 42 -2.43 -27.56 47.18
CA PRO YB 42 -3.17 -28.54 46.37
C PRO YB 42 -4.05 -27.87 45.33
N TRP YB 43 -4.11 -28.48 44.13
CA TRP YB 43 -4.92 -27.93 43.06
C TRP YB 43 -6.29 -28.59 42.90
N PHE YB 44 -6.55 -29.71 43.58
CA PHE YB 44 -7.93 -30.17 43.80
C PHE YB 44 -8.23 -30.27 45.28
N GLY ZB 6 11.10 -50.73 2.97
CA GLY ZB 6 9.74 -51.18 3.17
C GLY ZB 6 9.62 -52.45 4.01
N MET ZB 7 8.60 -52.48 4.87
CA MET ZB 7 8.35 -53.63 5.71
C MET ZB 7 8.13 -54.90 4.90
N THR ZB 8 8.66 -56.02 5.39
CA THR ZB 8 8.06 -57.31 5.07
C THR ZB 8 6.69 -57.39 5.74
N GLU ZB 9 5.84 -58.30 5.24
CA GLU ZB 9 4.58 -58.54 5.93
C GLU ZB 9 4.80 -59.10 7.34
N GLU ZB 10 5.89 -59.83 7.57
CA GLU ZB 10 6.22 -60.25 8.92
C GLU ZB 10 6.51 -59.06 9.83
N GLU ZB 11 7.36 -58.14 9.38
CA GLU ZB 11 7.67 -56.96 10.19
C GLU ZB 11 6.43 -56.11 10.41
N ALA ZB 12 5.59 -55.96 9.38
CA ALA ZB 12 4.32 -55.27 9.55
C ALA ZB 12 3.48 -55.91 10.64
N ARG ZB 13 3.32 -57.23 10.58
CA ARG ZB 13 2.49 -57.96 11.55
C ARG ZB 13 3.10 -57.95 12.94
N ARG ZB 14 4.43 -57.92 13.06
CA ARG ZB 14 5.06 -57.77 14.37
C ARG ZB 14 4.87 -56.37 14.93
N PHE ZB 15 5.14 -55.36 14.10
CA PHE ZB 15 4.94 -53.97 14.50
C PHE ZB 15 3.51 -53.71 14.94
N HIS ZB 16 2.53 -54.26 14.20
CA HIS ZB 16 1.13 -54.14 14.56
C HIS ZB 16 0.83 -54.61 15.98
N GLY ZB 17 1.48 -55.67 16.44
CA GLY ZB 17 1.27 -56.11 17.81
C GLY ZB 17 1.65 -55.07 18.86
N TYR ZB 18 2.82 -54.45 18.70
CA TYR ZB 18 3.20 -53.35 19.58
C TYR ZB 18 2.23 -52.19 19.47
N MET ZB 19 1.81 -51.85 18.25
CA MET ZB 19 0.90 -50.74 18.06
C MET ZB 19 -0.45 -50.96 18.74
N VAL ZB 20 -1.01 -52.17 18.62
CA VAL ZB 20 -2.22 -52.51 19.35
C VAL ZB 20 -2.00 -52.43 20.86
N THR ZB 21 -0.84 -52.91 21.34
CA THR ZB 21 -0.57 -52.86 22.77
C THR ZB 21 -0.40 -51.45 23.29
N GLY ZB 22 0.34 -50.61 22.56
CA GLY ZB 22 0.46 -49.21 22.95
C GLY ZB 22 -0.87 -48.48 22.97
N THR ZB 23 -1.70 -48.72 21.95
CA THR ZB 23 -3.03 -48.14 21.91
C THR ZB 23 -3.86 -48.56 23.13
N LEU ZB 24 -3.82 -49.84 23.47
CA LEU ZB 24 -4.52 -50.33 24.65
C LEU ZB 24 -4.03 -49.66 25.93
N GLY ZB 25 -2.71 -49.61 26.13
CA GLY ZB 25 -2.17 -48.91 27.28
C GLY ZB 25 -2.61 -47.47 27.35
N TYR ZB 26 -2.64 -46.79 26.21
CA TYR ZB 26 -3.09 -45.40 26.14
C TYR ZB 26 -4.57 -45.25 26.50
N VAL ZB 27 -5.42 -46.12 25.94
CA VAL ZB 27 -6.85 -46.07 26.25
C VAL ZB 27 -7.12 -46.40 27.72
N VAL ZB 28 -6.34 -47.32 28.30
CA VAL ZB 28 -6.49 -47.60 29.73
C VAL ZB 28 -6.19 -46.37 30.56
N VAL ZB 29 -5.08 -45.69 30.29
CA VAL ZB 29 -4.72 -44.49 31.05
C VAL ZB 29 -5.78 -43.41 30.87
N ALA ZB 30 -6.23 -43.21 29.63
CA ALA ZB 30 -7.30 -42.25 29.37
C ALA ZB 30 -8.58 -42.61 30.11
N SER ZB 31 -8.91 -43.90 30.18
CA SER ZB 31 -10.12 -44.33 30.90
C SER ZB 31 -10.04 -44.00 32.38
N VAL ZB 32 -8.90 -44.32 33.01
CA VAL ZB 32 -8.70 -43.94 34.40
C VAL ZB 32 -8.78 -42.43 34.58
N ALA ZB 33 -8.11 -41.69 33.69
CA ALA ZB 33 -8.13 -40.23 33.78
C ALA ZB 33 -9.55 -39.67 33.68
N HIS ZB 34 -10.34 -40.16 32.74
CA HIS ZB 34 -11.73 -39.73 32.62
C HIS ZB 34 -12.56 -40.08 33.85
N PHE ZB 35 -12.32 -41.24 34.46
CA PHE ZB 35 -13.07 -41.58 35.66
C PHE ZB 35 -12.64 -40.78 36.87
N LEU ZB 36 -11.36 -40.44 36.98
CA LEU ZB 36 -10.94 -39.46 37.98
C LEU ZB 36 -11.60 -38.11 37.74
N ALA ZB 37 -11.57 -37.63 36.50
CA ALA ZB 37 -12.24 -36.38 36.16
C ALA ZB 37 -13.73 -36.45 36.49
N TRP ZB 38 -14.39 -37.55 36.09
CA TRP ZB 38 -15.82 -37.68 36.33
C TRP ZB 38 -16.18 -37.62 37.81
N SER ZB 39 -15.48 -38.38 38.64
CA SER ZB 39 -15.81 -38.41 40.06
C SER ZB 39 -15.45 -37.12 40.78
N TRP ZB 40 -14.60 -36.27 40.21
CA TRP ZB 40 -14.34 -34.96 40.78
C TRP ZB 40 -15.35 -33.90 40.33
N ARG ZB 41 -15.77 -33.93 39.07
CA ARG ZB 41 -16.67 -32.90 38.56
C ARG ZB 41 -17.37 -33.41 37.30
N PRO ZB 42 -18.45 -34.17 37.44
CA PRO ZB 42 -19.08 -34.80 36.26
C PRO ZB 42 -19.63 -33.76 35.29
N TRP ZB 43 -19.61 -34.10 34.00
CA TRP ZB 43 -20.07 -33.18 32.97
C TRP ZB 43 -21.47 -33.46 32.45
N PHE ZB 44 -22.08 -34.59 32.83
CA PHE ZB 44 -23.51 -34.79 32.62
C PHE ZB 44 -24.20 -35.05 33.95
N GLY AC 6 -0.34 -49.08 -8.67
CA GLY AC 6 -1.67 -49.56 -8.97
C GLY AC 6 -2.00 -50.87 -8.26
N MET AC 7 -3.05 -51.54 -8.71
CA MET AC 7 -3.44 -52.81 -8.13
C MET AC 7 -4.20 -53.65 -9.14
N THR AC 8 -4.22 -54.96 -8.91
CA THR AC 8 -5.06 -55.89 -9.65
C THR AC 8 -6.47 -55.91 -9.06
N GLU AC 9 -7.41 -56.42 -9.86
CA GLU AC 9 -8.78 -56.59 -9.36
C GLU AC 9 -8.83 -57.52 -8.15
N GLU AC 10 -7.91 -58.49 -8.08
CA GLU AC 10 -7.86 -59.38 -6.93
C GLU AC 10 -7.50 -58.63 -5.66
N GLU AC 11 -6.70 -57.57 -5.76
CA GLU AC 11 -6.37 -56.73 -4.61
C GLU AC 11 -7.50 -55.78 -4.27
N ALA AC 12 -8.06 -55.12 -5.29
CA ALA AC 12 -9.24 -54.28 -5.09
C ALA AC 12 -10.38 -55.06 -4.44
N ARG AC 13 -10.52 -56.35 -4.77
CA ARG AC 13 -11.54 -57.19 -4.16
C ARG AC 13 -11.40 -57.25 -2.63
N ARG AC 14 -10.18 -57.50 -2.14
CA ARG AC 14 -10.02 -57.64 -0.69
C ARG AC 14 -9.96 -56.30 0.04
N PHE AC 15 -9.40 -55.26 -0.61
CA PHE AC 15 -9.47 -53.93 -0.02
C PHE AC 15 -10.91 -53.49 0.19
N HIS AC 16 -11.74 -53.68 -0.83
CA HIS AC 16 -13.17 -53.36 -0.71
C HIS AC 16 -13.82 -54.08 0.46
N GLY AC 17 -13.45 -55.34 0.71
CA GLY AC 17 -13.98 -56.05 1.87
C GLY AC 17 -13.65 -55.37 3.18
N TYR AC 18 -12.39 -54.97 3.36
CA TYR AC 18 -12.01 -54.20 4.54
C TYR AC 18 -12.70 -52.84 4.59
N MET AC 19 -12.71 -52.15 3.46
CA MET AC 19 -13.28 -50.80 3.39
C MET AC 19 -14.77 -50.79 3.74
N VAL AC 20 -15.54 -51.71 3.14
CA VAL AC 20 -16.95 -51.84 3.48
C VAL AC 20 -17.14 -52.19 4.94
N THR AC 21 -16.34 -53.12 5.47
CA THR AC 21 -16.49 -53.53 6.87
C THR AC 21 -16.17 -52.39 7.82
N GLY AC 22 -15.06 -51.68 7.58
CA GLY AC 22 -14.70 -50.57 8.44
C GLY AC 22 -15.70 -49.43 8.41
N THR AC 23 -16.20 -49.11 7.21
CA THR AC 23 -17.27 -48.12 7.09
C THR AC 23 -18.49 -48.50 7.90
N LEU AC 24 -18.97 -49.74 7.73
CA LEU AC 24 -20.15 -50.19 8.48
C LEU AC 24 -19.90 -50.20 9.98
N GLY AC 25 -18.70 -50.60 10.41
CA GLY AC 25 -18.37 -50.52 11.83
C GLY AC 25 -18.41 -49.11 12.38
N TYR AC 26 -17.85 -48.16 11.64
CA TYR AC 26 -17.89 -46.75 12.03
C TYR AC 26 -19.33 -46.23 12.13
N VAL AC 27 -20.17 -46.56 11.15
CA VAL AC 27 -21.58 -46.19 11.19
C VAL AC 27 -22.31 -46.83 12.38
N VAL AC 28 -21.95 -48.07 12.72
CA VAL AC 28 -22.50 -48.71 13.92
C VAL AC 28 -22.10 -47.97 15.19
N VAL AC 29 -20.81 -47.65 15.34
CA VAL AC 29 -20.37 -46.92 16.54
C VAL AC 29 -21.03 -45.56 16.62
N ALA AC 30 -21.10 -44.84 15.50
CA ALA AC 30 -21.84 -43.57 15.46
C ALA AC 30 -23.31 -43.74 15.80
N SER AC 31 -23.92 -44.87 15.43
CA SER AC 31 -25.31 -45.13 15.80
C SER AC 31 -25.49 -45.23 17.30
N VAL AC 32 -24.55 -45.84 18.01
CA VAL AC 32 -24.61 -45.89 19.46
C VAL AC 32 -24.42 -44.51 20.07
N ALA AC 33 -23.45 -43.74 19.56
CA ALA AC 33 -23.25 -42.37 20.02
C ALA AC 33 -24.50 -41.50 19.87
N HIS AC 34 -25.22 -41.64 18.75
CA HIS AC 34 -26.48 -40.91 18.61
C HIS AC 34 -27.57 -41.46 19.53
N PHE AC 35 -27.61 -42.77 19.74
CA PHE AC 35 -28.53 -43.33 20.73
C PHE AC 35 -28.28 -42.73 22.11
N LEU AC 36 -27.02 -42.69 22.54
CA LEU AC 36 -26.67 -42.10 23.82
C LEU AC 36 -26.96 -40.60 23.87
N ALA AC 37 -26.57 -39.86 22.82
CA ALA AC 37 -26.85 -38.43 22.78
C ALA AC 37 -28.35 -38.15 22.81
N TRP AC 38 -29.15 -38.96 22.11
CA TRP AC 38 -30.60 -38.77 22.13
C TRP AC 38 -31.18 -39.01 23.52
N SER AC 39 -30.76 -40.09 24.18
CA SER AC 39 -31.26 -40.40 25.51
C SER AC 39 -30.90 -39.31 26.52
N TRP AC 40 -29.76 -38.64 26.36
CA TRP AC 40 -29.39 -37.53 27.21
C TRP AC 40 -30.17 -36.25 26.89
N ARG AC 41 -30.27 -35.87 25.62
CA ARG AC 41 -30.90 -34.60 25.27
C ARG AC 41 -31.43 -34.60 23.84
N PRO AC 42 -32.67 -35.06 23.63
CA PRO AC 42 -33.22 -35.15 22.27
C PRO AC 42 -33.22 -33.81 21.55
N TRP AC 43 -32.89 -33.84 20.26
CA TRP AC 43 -32.93 -32.63 19.45
C TRP AC 43 -34.25 -32.41 18.73
N PHE AC 44 -35.13 -33.40 18.66
CA PHE AC 44 -36.53 -33.17 18.26
C PHE AC 44 -37.49 -33.64 19.36
N GLY BC 6 -8.94 -44.99 -22.85
CA GLY BC 6 -10.37 -44.95 -23.07
C GLY BC 6 -11.14 -45.88 -22.14
N MET BC 7 -12.35 -46.26 -22.56
CA MET BC 7 -13.19 -47.18 -21.82
C MET BC 7 -14.14 -47.87 -22.78
N THR BC 8 -14.14 -49.20 -22.80
CA THR BC 8 -15.00 -49.92 -23.73
C THR BC 8 -16.48 -49.71 -23.38
N GLU BC 9 -17.33 -49.87 -24.39
CA GLU BC 9 -18.77 -49.73 -24.18
C GLU BC 9 -19.31 -50.74 -23.18
N GLU BC 10 -18.64 -51.88 -23.04
CA GLU BC 10 -18.96 -52.82 -21.95
C GLU BC 10 -18.68 -52.23 -20.58
N GLU BC 11 -17.50 -51.64 -20.41
CA GLU BC 11 -17.18 -50.96 -19.14
C GLU BC 11 -18.13 -49.80 -18.87
N ALA BC 12 -18.42 -48.99 -19.89
CA ALA BC 12 -19.36 -47.89 -19.74
C ALA BC 12 -20.74 -48.38 -19.30
N ARG BC 13 -21.25 -49.43 -19.95
CA ARG BC 13 -22.54 -49.99 -19.58
C ARG BC 13 -22.51 -50.62 -18.19
N ARG BC 14 -21.40 -51.26 -17.82
CA ARG BC 14 -21.27 -51.81 -16.47
C ARG BC 14 -21.27 -50.70 -15.42
N PHE BC 15 -20.48 -49.65 -15.65
CA PHE BC 15 -20.44 -48.51 -14.74
C PHE BC 15 -21.79 -47.80 -14.65
N HIS BC 16 -22.48 -47.66 -15.78
CA HIS BC 16 -23.81 -47.04 -15.79
C HIS BC 16 -24.79 -47.74 -14.84
N GLY BC 17 -24.73 -49.07 -14.77
CA GLY BC 17 -25.61 -49.80 -13.88
C GLY BC 17 -25.44 -49.43 -12.41
N TYR BC 18 -24.19 -49.30 -11.96
CA TYR BC 18 -23.93 -48.83 -10.60
C TYR BC 18 -24.34 -47.38 -10.41
N MET BC 19 -23.96 -46.51 -11.35
CA MET BC 19 -24.26 -45.08 -11.21
C MET BC 19 -25.76 -44.83 -11.08
N VAL BC 20 -26.55 -45.48 -11.93
CA VAL BC 20 -28.01 -45.42 -11.81
C VAL BC 20 -28.49 -45.97 -10.46
N THR BC 21 -27.92 -47.10 -10.03
CA THR BC 21 -28.35 -47.70 -8.77
C THR BC 21 -27.98 -46.83 -7.56
N GLY BC 22 -26.77 -46.26 -7.57
CA GLY BC 22 -26.40 -45.34 -6.51
C GLY BC 22 -27.29 -44.11 -6.47
N THR BC 23 -27.61 -43.57 -7.64
CA THR BC 23 -28.55 -42.46 -7.74
C THR BC 23 -29.92 -42.81 -7.16
N LEU BC 24 -30.46 -43.97 -7.55
CA LEU BC 24 -31.74 -44.41 -6.98
C LEU BC 24 -31.68 -44.56 -5.47
N GLY BC 25 -30.64 -45.23 -4.97
CA GLY BC 25 -30.53 -45.42 -3.53
C GLY BC 25 -30.46 -44.10 -2.79
N TYR BC 26 -29.68 -43.16 -3.31
CA TYR BC 26 -29.55 -41.83 -2.74
C TYR BC 26 -30.87 -41.05 -2.79
N VAL BC 27 -31.57 -41.11 -3.92
CA VAL BC 27 -32.89 -40.48 -4.04
C VAL BC 27 -33.89 -41.06 -3.04
N VAL BC 28 -33.87 -42.39 -2.84
CA VAL BC 28 -34.74 -42.99 -1.83
C VAL BC 28 -34.42 -42.46 -0.43
N VAL BC 29 -33.14 -42.44 -0.06
CA VAL BC 29 -32.77 -41.94 1.27
C VAL BC 29 -33.18 -40.48 1.43
N ALA BC 30 -32.96 -39.66 0.41
CA ALA BC 30 -33.43 -38.27 0.44
C ALA BC 30 -34.94 -38.18 0.55
N SER BC 31 -35.66 -39.07 -0.14
CA SER BC 31 -37.13 -39.05 -0.07
C SER BC 31 -37.65 -39.40 1.32
N VAL BC 32 -37.05 -40.39 1.98
CA VAL BC 32 -37.42 -40.67 3.38
C VAL BC 32 -37.04 -39.50 4.28
N ALA BC 33 -35.83 -38.94 4.09
CA ALA BC 33 -35.43 -37.76 4.85
C ALA BC 33 -36.39 -36.59 4.68
N HIS BC 34 -36.86 -36.35 3.46
CA HIS BC 34 -37.83 -35.28 3.24
C HIS BC 34 -39.19 -35.58 3.87
N PHE BC 35 -39.66 -36.82 3.80
CA PHE BC 35 -40.96 -37.10 4.40
C PHE BC 35 -40.89 -37.08 5.93
N LEU BC 36 -39.75 -37.47 6.49
CA LEU BC 36 -39.54 -37.25 7.92
C LEU BC 36 -39.56 -35.76 8.27
N ALA BC 37 -38.78 -34.95 7.56
CA ALA BC 37 -38.79 -33.51 7.79
C ALA BC 37 -40.19 -32.92 7.62
N TRP BC 38 -40.90 -33.33 6.57
CA TRP BC 38 -42.26 -32.84 6.34
C TRP BC 38 -43.20 -33.16 7.49
N SER BC 39 -43.13 -34.40 8.01
CA SER BC 39 -43.97 -34.79 9.13
C SER BC 39 -43.62 -34.02 10.39
N TRP BC 40 -42.35 -33.67 10.57
CA TRP BC 40 -41.94 -32.87 11.72
C TRP BC 40 -42.34 -31.41 11.58
N ARG BC 41 -42.11 -30.79 10.42
CA ARG BC 41 -42.39 -29.37 10.31
C ARG BC 41 -42.63 -28.96 8.85
N PRO BC 42 -43.86 -29.08 8.37
CA PRO BC 42 -44.16 -28.82 6.95
C PRO BC 42 -43.74 -27.43 6.49
N TRP BC 43 -43.22 -27.34 5.27
CA TRP BC 43 -42.85 -26.06 4.70
C TRP BC 43 -43.92 -25.45 3.79
N PHE BC 44 -44.94 -26.21 3.41
CA PHE BC 44 -46.17 -25.63 2.85
C PHE BC 44 -47.38 -26.01 3.71
N GLY CC 6 -12.93 -36.75 -35.64
CA GLY CC 6 -13.97 -36.39 -34.68
C GLY CC 6 -15.37 -36.82 -35.10
N MET CC 7 -16.34 -35.96 -34.82
CA MET CC 7 -17.75 -36.27 -35.04
C MET CC 7 -18.06 -36.56 -36.51
N THR CC 8 -18.70 -37.70 -36.75
CA THR CC 8 -19.31 -37.99 -38.05
C THR CC 8 -20.76 -37.51 -38.06
N GLU CC 9 -21.33 -37.37 -39.26
CA GLU CC 9 -22.71 -36.88 -39.37
C GLU CC 9 -23.73 -37.88 -38.82
N GLU CC 10 -23.51 -39.18 -39.01
CA GLU CC 10 -24.45 -40.15 -38.44
C GLU CC 10 -24.40 -40.15 -36.93
N GLU CC 11 -23.23 -39.86 -36.38
CA GLU CC 11 -22.98 -39.81 -34.95
C GLU CC 11 -23.55 -38.53 -34.33
N ALA CC 12 -23.44 -37.42 -35.05
CA ALA CC 12 -24.22 -36.22 -34.72
C ALA CC 12 -25.72 -36.48 -34.74
N ARG CC 13 -26.21 -37.14 -35.79
CA ARG CC 13 -27.64 -37.46 -35.88
C ARG CC 13 -28.11 -38.31 -34.71
N ARG CC 14 -27.28 -39.26 -34.26
CA ARG CC 14 -27.61 -40.02 -33.05
C ARG CC 14 -27.66 -39.12 -31.82
N PHE CC 15 -26.60 -38.32 -31.60
CA PHE CC 15 -26.56 -37.45 -30.43
C PHE CC 15 -27.72 -36.45 -30.42
N HIS CC 16 -28.06 -35.89 -31.59
CA HIS CC 16 -29.20 -34.98 -31.70
C HIS CC 16 -30.50 -35.64 -31.26
N GLY CC 17 -30.63 -36.96 -31.42
CA GLY CC 17 -31.75 -37.68 -30.87
C GLY CC 17 -31.89 -37.52 -29.37
N TYR CC 18 -30.84 -37.90 -28.64
CA TYR CC 18 -30.84 -37.80 -27.19
C TYR CC 18 -30.97 -36.36 -26.72
N MET CC 19 -30.29 -35.43 -27.40
CA MET CC 19 -30.26 -34.03 -26.97
C MET CC 19 -31.63 -33.37 -27.06
N VAL CC 20 -32.31 -33.52 -28.20
CA VAL CC 20 -33.65 -32.96 -28.34
C VAL CC 20 -34.61 -33.62 -27.37
N THR CC 21 -34.50 -34.93 -27.20
CA THR CC 21 -35.37 -35.66 -26.28
C THR CC 21 -35.13 -35.24 -24.84
N GLY CC 22 -33.87 -35.13 -24.44
CA GLY CC 22 -33.56 -34.69 -23.08
C GLY CC 22 -34.06 -33.28 -22.79
N THR CC 23 -33.84 -32.37 -23.73
CA THR CC 23 -34.37 -31.01 -23.60
C THR CC 23 -35.88 -31.01 -23.39
N LEU CC 24 -36.61 -31.67 -24.29
CA LEU CC 24 -38.07 -31.69 -24.20
C LEU CC 24 -38.55 -32.39 -22.93
N GLY CC 25 -37.85 -33.46 -22.51
CA GLY CC 25 -38.19 -34.10 -21.24
C GLY CC 25 -38.02 -33.18 -20.04
N TYR CC 26 -36.87 -32.50 -19.98
CA TYR CC 26 -36.63 -31.52 -18.94
C TYR CC 26 -37.65 -30.39 -18.93
N VAL CC 27 -37.98 -29.87 -20.12
CA VAL CC 27 -39.01 -28.83 -20.24
C VAL CC 27 -40.37 -29.33 -19.74
N VAL CC 28 -40.72 -30.58 -20.02
CA VAL CC 28 -41.95 -31.16 -19.49
C VAL CC 28 -41.93 -31.23 -17.97
N VAL CC 29 -40.83 -31.70 -17.38
CA VAL CC 29 -40.73 -31.75 -15.92
C VAL CC 29 -40.86 -30.36 -15.31
N ALA CC 30 -40.19 -29.37 -15.90
CA ALA CC 30 -40.32 -27.98 -15.45
C ALA CC 30 -41.75 -27.47 -15.60
N SER CC 31 -42.43 -27.85 -16.68
CA SER CC 31 -43.84 -27.45 -16.86
C SER CC 31 -44.72 -27.95 -15.72
N VAL CC 32 -44.43 -29.13 -15.19
CA VAL CC 32 -45.21 -29.68 -14.08
C VAL CC 32 -44.84 -29.01 -12.77
N ALA CC 33 -43.56 -28.75 -12.54
CA ALA CC 33 -43.14 -27.94 -11.40
C ALA CC 33 -43.82 -26.58 -11.36
N HIS CC 34 -44.00 -25.95 -12.52
CA HIS CC 34 -44.77 -24.70 -12.58
C HIS CC 34 -46.25 -24.90 -12.31
N PHE CC 35 -46.85 -25.98 -12.82
CA PHE CC 35 -48.24 -26.27 -12.49
C PHE CC 35 -48.44 -26.40 -10.98
N LEU CC 36 -47.51 -27.05 -10.28
CA LEU CC 36 -47.61 -27.15 -8.84
C LEU CC 36 -47.41 -25.80 -8.15
N ALA CC 37 -46.35 -25.08 -8.53
CA ALA CC 37 -46.11 -23.75 -7.98
C ALA CC 37 -47.29 -22.82 -8.20
N TRP CC 38 -47.88 -22.85 -9.40
CA TRP CC 38 -49.05 -22.02 -9.68
C TRP CC 38 -50.25 -22.39 -8.82
N SER CC 39 -50.47 -23.69 -8.60
CA SER CC 39 -51.56 -24.12 -7.73
C SER CC 39 -51.35 -23.65 -6.29
N TRP CC 40 -50.11 -23.69 -5.81
CA TRP CC 40 -49.82 -23.26 -4.44
C TRP CC 40 -49.89 -21.75 -4.26
N ARG CC 41 -49.33 -20.96 -5.18
CA ARG CC 41 -49.28 -19.52 -4.96
C ARG CC 41 -49.12 -18.77 -6.27
N PRO CC 42 -50.20 -18.56 -7.03
CA PRO CC 42 -50.09 -17.98 -8.37
C PRO CC 42 -49.50 -16.57 -8.35
N TRP CC 43 -48.75 -16.24 -9.40
CA TRP CC 43 -48.02 -14.98 -9.48
C TRP CC 43 -48.68 -13.93 -10.38
N PHE CC 44 -49.74 -14.27 -11.09
CA PHE CC 44 -50.62 -13.25 -11.67
C PHE CC 44 -52.04 -13.41 -11.16
N GLY DC 6 -12.88 -23.95 -44.90
CA GLY DC 6 -13.95 -23.08 -44.46
C GLY DC 6 -15.29 -23.37 -45.11
N MET DC 7 -16.31 -22.62 -44.69
CA MET DC 7 -17.67 -22.86 -45.15
C MET DC 7 -17.81 -22.62 -46.65
N THR DC 8 -18.40 -23.60 -47.35
CA THR DC 8 -18.73 -23.47 -48.77
C THR DC 8 -20.04 -22.70 -48.92
N GLU DC 9 -20.31 -22.25 -50.15
CA GLU DC 9 -21.47 -21.39 -50.35
C GLU DC 9 -22.80 -22.14 -50.23
N GLU DC 10 -22.85 -23.40 -50.70
CA GLU DC 10 -24.05 -24.20 -50.47
C GLU DC 10 -24.22 -24.48 -48.98
N GLU DC 11 -23.12 -24.67 -48.27
CA GLU DC 11 -23.14 -24.88 -46.84
C GLU DC 11 -23.55 -23.62 -46.08
N ALA DC 12 -23.08 -22.45 -46.53
CA ALA DC 12 -23.58 -21.18 -46.02
C ALA DC 12 -25.07 -20.99 -46.27
N ARG DC 13 -25.54 -21.33 -47.47
CA ARG DC 13 -26.96 -21.19 -47.78
C ARG DC 13 -27.81 -22.17 -46.97
N ARG DC 14 -27.31 -23.39 -46.74
CA ARG DC 14 -28.03 -24.34 -45.88
C ARG DC 14 -28.13 -23.84 -44.45
N PHE DC 15 -27.02 -23.35 -43.89
CA PHE DC 15 -27.02 -22.79 -42.55
C PHE DC 15 -27.98 -21.60 -42.42
N HIS DC 16 -27.98 -20.71 -43.41
CA HIS DC 16 -28.83 -19.52 -43.37
C HIS DC 16 -30.31 -19.84 -43.24
N GLY DC 17 -30.77 -20.90 -43.88
CA GLY DC 17 -32.17 -21.30 -43.75
C GLY DC 17 -32.58 -21.60 -42.31
N TYR DC 18 -31.71 -22.25 -41.55
CA TYR DC 18 -31.98 -22.49 -40.13
C TYR DC 18 -31.88 -21.21 -39.30
N MET DC 19 -30.92 -20.33 -39.60
CA MET DC 19 -30.83 -19.07 -38.87
C MET DC 19 -32.09 -18.23 -39.05
N VAL DC 20 -32.59 -18.14 -40.28
CA VAL DC 20 -33.82 -17.40 -40.52
C VAL DC 20 -35.00 -18.03 -39.80
N THR DC 21 -35.10 -19.36 -39.87
CA THR DC 21 -36.21 -20.07 -39.21
C THR DC 21 -36.13 -19.94 -37.69
N GLY DC 22 -34.94 -20.09 -37.11
CA GLY DC 22 -34.79 -19.86 -35.68
C GLY DC 22 -35.11 -18.44 -35.26
N THR DC 23 -34.66 -17.46 -36.04
CA THR DC 23 -34.98 -16.07 -35.75
C THR DC 23 -36.49 -15.82 -35.82
N LEU DC 24 -37.15 -16.32 -36.87
CA LEU DC 24 -38.59 -16.14 -36.98
C LEU DC 24 -39.33 -16.80 -35.82
N GLY DC 25 -38.94 -18.02 -35.46
CA GLY DC 25 -39.58 -18.70 -34.34
C GLY DC 25 -39.42 -17.93 -33.04
N TYR DC 26 -38.22 -17.40 -32.81
CA TYR DC 26 -37.95 -16.60 -31.62
C TYR DC 26 -38.75 -15.31 -31.60
N VAL DC 27 -38.77 -14.59 -32.72
CA VAL DC 27 -39.59 -13.37 -32.84
C VAL DC 27 -41.07 -13.66 -32.62
N VAL DC 28 -41.57 -14.79 -33.12
CA VAL DC 28 -42.96 -15.16 -32.88
C VAL DC 28 -43.23 -15.40 -31.39
N VAL DC 29 -42.39 -16.20 -30.73
CA VAL DC 29 -42.55 -16.45 -29.31
C VAL DC 29 -42.52 -15.15 -28.51
N ALA DC 30 -41.60 -14.25 -28.85
CA ALA DC 30 -41.53 -12.95 -28.18
C ALA DC 30 -42.76 -12.10 -28.44
N SER DC 31 -43.31 -12.17 -29.67
CA SER DC 31 -44.53 -11.44 -29.96
C SER DC 31 -45.73 -11.91 -29.15
N VAL DC 32 -45.88 -13.21 -28.94
CA VAL DC 32 -46.91 -13.71 -28.03
C VAL DC 32 -46.63 -13.29 -26.59
N ALA DC 33 -45.37 -13.38 -26.16
CA ALA DC 33 -45.01 -12.92 -24.82
C ALA DC 33 -45.35 -11.45 -24.59
N HIS DC 34 -45.06 -10.59 -25.57
CA HIS DC 34 -45.41 -9.17 -25.43
C HIS DC 34 -46.92 -8.94 -25.39
N PHE DC 35 -47.68 -9.67 -26.20
CA PHE DC 35 -49.12 -9.44 -26.19
C PHE DC 35 -49.79 -10.01 -24.95
N LEU DC 36 -49.27 -11.10 -24.38
CA LEU DC 36 -49.68 -11.48 -23.03
C LEU DC 36 -49.37 -10.37 -22.03
N ALA DC 37 -48.14 -9.86 -22.03
CA ALA DC 37 -47.76 -8.80 -21.12
C ALA DC 37 -48.59 -7.53 -21.33
N TRP DC 38 -48.91 -7.21 -22.58
CA TRP DC 38 -49.76 -6.05 -22.85
C TRP DC 38 -51.16 -6.23 -22.29
N SER DC 39 -51.76 -7.40 -22.49
CA SER DC 39 -53.12 -7.64 -22.02
C SER DC 39 -53.19 -7.65 -20.50
N TRP DC 40 -52.09 -8.04 -19.85
CA TRP DC 40 -52.00 -8.01 -18.39
C TRP DC 40 -51.80 -6.60 -17.85
N ARG DC 41 -50.93 -5.80 -18.45
CA ARG DC 41 -50.58 -4.51 -17.87
C ARG DC 41 -49.92 -3.60 -18.90
N PRO DC 42 -50.71 -2.86 -19.68
CA PRO DC 42 -50.16 -2.06 -20.79
C PRO DC 42 -49.14 -1.02 -20.31
N TRP DC 43 -48.11 -0.80 -21.13
CA TRP DC 43 -47.11 0.21 -20.82
C TRP DC 43 -47.31 1.54 -21.54
N PHE DC 44 -48.18 1.61 -22.54
CA PHE DC 44 -48.69 2.90 -23.03
C PHE DC 44 -50.21 2.96 -22.87
N GLY EC 6 -8.32 -8.79 -49.72
CA GLY EC 6 -8.69 -7.76 -50.67
C GLY EC 6 -9.68 -8.23 -51.71
N MET EC 7 -10.81 -7.53 -51.79
CA MET EC 7 -11.85 -7.84 -52.77
C MET EC 7 -11.42 -7.44 -54.18
N THR EC 8 -12.03 -8.09 -55.17
CA THR EC 8 -12.06 -7.53 -56.52
C THR EC 8 -13.00 -6.33 -56.58
N GLU EC 9 -12.81 -5.49 -57.60
CA GLU EC 9 -13.67 -4.32 -57.76
C GLU EC 9 -15.13 -4.71 -57.92
N GLU EC 10 -15.43 -5.76 -58.69
CA GLU EC 10 -16.81 -6.19 -58.87
C GLU EC 10 -17.39 -6.78 -57.60
N GLU EC 11 -16.55 -7.39 -56.78
CA GLU EC 11 -16.96 -7.96 -55.50
C GLU EC 11 -17.25 -6.88 -54.45
N ALA EC 12 -16.42 -5.84 -54.39
CA ALA EC 12 -16.75 -4.67 -53.59
C ALA EC 12 -18.04 -4.01 -54.06
N ARG EC 13 -18.26 -3.92 -55.36
CA ARG EC 13 -19.51 -3.38 -55.89
C ARG EC 13 -20.72 -4.20 -55.42
N ARG EC 14 -20.61 -5.52 -55.38
CA ARG EC 14 -21.70 -6.34 -54.86
C ARG EC 14 -21.97 -6.06 -53.38
N PHE EC 15 -20.93 -6.07 -52.56
CA PHE EC 15 -21.09 -5.78 -51.14
C PHE EC 15 -21.71 -4.40 -50.91
N HIS EC 16 -21.26 -3.40 -51.68
CA HIS EC 16 -21.80 -2.05 -51.55
C HIS EC 16 -23.32 -2.00 -51.77
N GLY EC 17 -23.82 -2.75 -52.74
CA GLY EC 17 -25.26 -2.82 -52.94
C GLY EC 17 -26.03 -3.29 -51.72
N TYR EC 18 -25.60 -4.40 -51.11
CA TYR EC 18 -26.21 -4.85 -49.87
C TYR EC 18 -26.06 -3.81 -48.76
N MET EC 19 -24.85 -3.28 -48.60
CA MET EC 19 -24.54 -2.38 -47.49
C MET EC 19 -25.35 -1.10 -47.54
N VAL EC 20 -25.48 -0.48 -48.71
CA VAL EC 20 -26.35 0.68 -48.86
C VAL EC 20 -27.80 0.33 -48.59
N THR EC 21 -28.28 -0.80 -49.12
CA THR EC 21 -29.69 -1.15 -48.97
C THR EC 21 -30.04 -1.46 -47.52
N GLY EC 22 -29.19 -2.23 -46.83
CA GLY EC 22 -29.40 -2.48 -45.41
C GLY EC 22 -29.38 -1.22 -44.57
N THR EC 23 -28.46 -0.30 -44.86
CA THR EC 23 -28.43 0.99 -44.17
C THR EC 23 -29.73 1.76 -44.35
N LEU EC 24 -30.18 1.91 -45.59
CA LEU EC 24 -31.40 2.68 -45.85
C LEU EC 24 -32.64 1.98 -45.28
N GLY EC 25 -32.66 0.64 -45.32
CA GLY EC 25 -33.75 -0.08 -44.68
C GLY EC 25 -33.82 0.18 -43.19
N TYR EC 26 -32.67 0.20 -42.52
CA TYR EC 26 -32.62 0.51 -41.10
C TYR EC 26 -33.10 1.94 -40.81
N VAL EC 27 -32.62 2.91 -41.60
CA VAL EC 27 -33.09 4.29 -41.46
C VAL EC 27 -34.60 4.40 -41.67
N VAL EC 28 -35.14 3.66 -42.64
CA VAL EC 28 -36.58 3.63 -42.84
C VAL EC 28 -37.32 3.12 -41.60
N VAL EC 29 -36.85 2.01 -41.03
CA VAL EC 29 -37.47 1.48 -39.82
C VAL EC 29 -37.38 2.49 -38.67
N ALA EC 30 -36.20 3.09 -38.48
CA ALA EC 30 -36.04 4.08 -37.42
C ALA EC 30 -36.91 5.31 -37.64
N SER EC 31 -37.13 5.70 -38.91
CA SER EC 31 -38.03 6.80 -39.21
C SER EC 31 -39.45 6.53 -38.73
N VAL EC 32 -39.95 5.31 -38.95
CA VAL EC 32 -41.28 4.95 -38.47
C VAL EC 32 -41.33 4.86 -36.95
N ALA EC 33 -40.26 4.37 -36.33
CA ALA EC 33 -40.17 4.41 -34.87
C ALA EC 33 -40.31 5.82 -34.31
N HIS EC 34 -39.65 6.80 -34.95
CA HIS EC 34 -39.82 8.19 -34.55
C HIS EC 34 -41.20 8.75 -34.84
N PHE EC 35 -41.82 8.35 -35.96
CA PHE EC 35 -43.21 8.72 -36.19
C PHE EC 35 -44.12 8.23 -35.07
N LEU EC 36 -43.92 7.00 -34.60
CA LEU EC 36 -44.71 6.49 -33.49
C LEU EC 36 -44.37 7.20 -32.18
N ALA EC 37 -43.08 7.37 -31.89
CA ALA EC 37 -42.68 8.09 -30.67
C ALA EC 37 -43.20 9.53 -30.66
N TRP EC 38 -43.13 10.22 -31.80
CA TRP EC 38 -43.63 11.59 -31.87
C TRP EC 38 -45.14 11.65 -31.65
N SER EC 39 -45.89 10.73 -32.26
CA SER EC 39 -47.33 10.68 -32.04
C SER EC 39 -47.69 10.40 -30.58
N TRP EC 40 -46.92 9.55 -29.92
CA TRP EC 40 -47.15 9.26 -28.51
C TRP EC 40 -46.80 10.42 -27.59
N ARG EC 41 -45.61 11.02 -27.75
CA ARG EC 41 -45.22 12.08 -26.82
C ARG EC 41 -44.19 13.02 -27.45
N PRO EC 42 -44.63 14.04 -28.18
CA PRO EC 42 -43.70 14.95 -28.87
C PRO EC 42 -42.67 15.58 -27.93
N TRP EC 43 -41.45 15.74 -28.43
CA TRP EC 43 -40.38 16.32 -27.64
C TRP EC 43 -40.12 17.80 -27.95
N PHE EC 44 -40.70 18.34 -29.02
CA PHE EC 44 -40.80 19.79 -29.21
C PHE EC 44 -42.25 20.22 -29.28
N GLY FC 6 1.67 4.15 -52.34
CA GLY FC 6 0.32 4.45 -51.89
C GLY FC 6 -0.69 4.56 -53.01
N MET FC 7 -1.48 5.62 -53.01
CA MET FC 7 -2.37 5.93 -54.11
C MET FC 7 -1.59 6.38 -55.34
N THR FC 8 -2.07 5.99 -56.52
CA THR FC 8 -1.76 6.73 -57.73
C THR FC 8 -2.45 8.09 -57.68
N GLU FC 9 -1.98 9.02 -58.52
CA GLU FC 9 -2.60 10.33 -58.60
C GLU FC 9 -4.04 10.24 -59.12
N GLU FC 10 -4.33 9.30 -60.01
CA GLU FC 10 -5.70 9.10 -60.48
C GLU FC 10 -6.63 8.68 -59.34
N GLU FC 11 -6.16 7.78 -58.47
CA GLU FC 11 -6.93 7.41 -57.28
C GLU FC 11 -7.16 8.61 -56.36
N ALA FC 12 -6.14 9.45 -56.18
CA ALA FC 12 -6.30 10.64 -55.35
C ALA FC 12 -7.33 11.60 -55.93
N ARG FC 13 -7.29 11.85 -57.24
CA ARG FC 13 -8.31 12.69 -57.88
C ARG FC 13 -9.71 12.15 -57.64
N ARG FC 14 -9.90 10.86 -57.93
CA ARG FC 14 -11.20 10.21 -57.79
C ARG FC 14 -11.69 10.23 -56.34
N PHE FC 15 -10.81 9.90 -55.39
CA PHE FC 15 -11.15 9.94 -53.98
C PHE FC 15 -11.53 11.35 -53.52
N HIS FC 16 -10.74 12.35 -53.91
CA HIS FC 16 -10.96 13.72 -53.46
C HIS FC 16 -12.34 14.26 -53.83
N GLY FC 17 -12.82 13.94 -55.03
CA GLY FC 17 -14.15 14.39 -55.42
C GLY FC 17 -15.25 13.87 -54.51
N TYR FC 18 -15.20 12.59 -54.14
CA TYR FC 18 -16.14 12.07 -53.16
C TYR FC 18 -15.94 12.71 -51.79
N MET FC 19 -14.69 12.86 -51.35
CA MET FC 19 -14.41 13.47 -50.05
C MET FC 19 -14.94 14.89 -49.96
N VAL FC 20 -14.78 15.68 -51.03
CA VAL FC 20 -15.37 17.02 -51.09
C VAL FC 20 -16.88 16.95 -51.09
N THR FC 21 -17.46 16.02 -51.85
CA THR FC 21 -18.92 15.88 -51.90
C THR FC 21 -19.50 15.49 -50.54
N GLY FC 22 -18.91 14.50 -49.88
CA GLY FC 22 -19.41 14.10 -48.57
C GLY FC 22 -19.25 15.18 -47.52
N THR FC 23 -18.16 15.93 -47.58
CA THR FC 23 -17.99 17.10 -46.71
C THR FC 23 -19.07 18.15 -46.96
N LEU FC 24 -19.34 18.45 -48.23
CA LEU FC 24 -20.36 19.45 -48.56
C LEU FC 24 -21.76 18.95 -48.18
N GLY FC 25 -22.04 17.66 -48.38
CA GLY FC 25 -23.31 17.12 -47.94
C GLY FC 25 -23.47 17.17 -46.43
N TYR FC 26 -22.40 16.86 -45.70
CA TYR FC 26 -22.41 16.96 -44.25
C TYR FC 26 -22.66 18.40 -43.77
N VAL FC 27 -21.97 19.37 -44.38
CA VAL FC 27 -22.16 20.77 -44.05
C VAL FC 27 -23.58 21.25 -44.38
N VAL FC 28 -24.15 20.79 -45.49
CA VAL FC 28 -25.53 21.16 -45.81
C VAL FC 28 -26.49 20.69 -44.73
N VAL FC 29 -26.43 19.41 -44.36
CA VAL FC 29 -27.33 18.89 -43.32
C VAL FC 29 -27.11 19.62 -42.00
N ALA FC 30 -25.85 19.87 -41.65
CA ALA FC 30 -25.55 20.62 -40.43
C ALA FC 30 -26.12 22.03 -40.46
N SER FC 31 -26.07 22.69 -41.62
CA SER FC 31 -26.65 24.04 -41.75
C SER FC 31 -28.16 24.04 -41.56
N VAL FC 32 -28.86 23.06 -42.13
CA VAL FC 32 -30.29 22.92 -41.88
C VAL FC 32 -30.57 22.62 -40.42
N ALA FC 33 -29.79 21.73 -39.82
CA ALA FC 33 -29.95 21.41 -38.40
C ALA FC 33 -29.78 22.65 -37.52
N HIS FC 34 -28.80 23.50 -37.83
CA HIS FC 34 -28.61 24.72 -37.06
C HIS FC 34 -29.75 25.72 -37.25
N PHE FC 35 -30.25 25.87 -38.48
CA PHE FC 35 -31.34 26.82 -38.68
C PHE FC 35 -32.66 26.33 -38.08
N LEU FC 36 -32.91 25.02 -38.08
CA LEU FC 36 -34.01 24.49 -37.29
C LEU FC 36 -33.85 24.82 -35.81
N ALA FC 37 -32.67 24.53 -35.25
CA ALA FC 37 -32.43 24.82 -33.84
C ALA FC 37 -32.56 26.31 -33.54
N TRP FC 38 -32.03 27.16 -34.42
CA TRP FC 38 -32.15 28.61 -34.24
C TRP FC 38 -33.61 29.07 -34.24
N SER FC 39 -34.41 28.56 -35.16
CA SER FC 39 -35.82 28.97 -35.22
C SER FC 39 -36.60 28.49 -34.01
N TRP FC 40 -36.16 27.39 -33.40
CA TRP FC 40 -36.78 26.87 -32.18
C TRP FC 40 -36.34 27.61 -30.93
N ARG FC 41 -35.05 27.90 -30.80
CA ARG FC 41 -34.55 28.48 -29.56
C ARG FC 41 -33.21 29.18 -29.79
N PRO FC 42 -33.22 30.45 -30.20
CA PRO FC 42 -31.98 31.14 -30.54
C PRO FC 42 -31.01 31.19 -29.37
N TRP FC 43 -29.71 31.06 -29.68
CA TRP FC 43 -28.69 31.13 -28.66
C TRP FC 43 -28.03 32.50 -28.53
N PHE FC 44 -28.23 33.40 -29.50
CA PHE FC 44 -27.92 34.82 -29.30
C PHE FC 44 -29.17 35.65 -29.47
N GLY GC 5 14.06 9.70 -47.01
CA GLY GC 5 13.15 10.15 -48.05
C GLY GC 5 13.56 11.46 -48.69
N GLY GC 6 13.29 11.58 -49.99
CA GLY GC 6 13.60 12.81 -50.70
C GLY GC 6 12.63 13.94 -50.40
N MET GC 7 13.08 15.15 -50.73
CA MET GC 7 12.30 16.38 -50.66
C MET GC 7 13.09 17.48 -51.34
N THR GC 8 12.83 17.73 -52.63
CA THR GC 8 13.59 18.71 -53.38
C THR GC 8 13.10 20.14 -53.12
N GLU GC 9 13.96 21.09 -53.45
CA GLU GC 9 13.66 22.50 -53.20
C GLU GC 9 12.46 23.00 -53.99
N GLU GC 10 12.17 22.42 -55.16
CA GLU GC 10 10.92 22.74 -55.84
C GLU GC 10 9.70 22.16 -55.14
N GLU GC 11 9.82 20.95 -54.60
CA GLU GC 11 8.74 20.42 -53.77
C GLU GC 11 8.53 21.30 -52.53
N ALA GC 12 9.63 21.70 -51.87
CA ALA GC 12 9.53 22.59 -50.72
C ALA GC 12 8.91 23.93 -51.09
N ARG GC 13 9.30 24.49 -52.24
CA ARG GC 13 8.71 25.75 -52.68
C ARG GC 13 7.24 25.59 -53.05
N ARG GC 14 6.86 24.47 -53.66
CA ARG GC 14 5.44 24.22 -53.91
C ARG GC 14 4.66 24.05 -52.61
N PHE GC 15 5.21 23.29 -51.66
CA PHE GC 15 4.55 23.09 -50.38
C PHE GC 15 4.41 24.39 -49.61
N HIS GC 16 5.45 25.22 -49.60
CA HIS GC 16 5.40 26.52 -48.93
C HIS GC 16 4.28 27.40 -49.46
N GLY GC 17 4.04 27.36 -50.77
CA GLY GC 17 2.90 28.08 -51.33
C GLY GC 17 1.56 27.69 -50.73
N TYR GC 18 1.34 26.39 -50.52
CA TYR GC 18 0.11 25.95 -49.88
C TYR GC 18 0.10 26.20 -48.39
N MET GC 19 1.21 25.92 -47.71
CA MET GC 19 1.26 26.05 -46.25
C MET GC 19 1.06 27.49 -45.81
N VAL GC 20 1.72 28.45 -46.46
CA VAL GC 20 1.50 29.85 -46.16
C VAL GC 20 0.05 30.26 -46.46
N THR GC 21 -0.44 29.92 -47.65
CA THR GC 21 -1.78 30.37 -48.04
C THR GC 21 -2.86 29.77 -47.14
N GLY GC 22 -2.75 28.49 -46.81
CA GLY GC 22 -3.68 27.89 -45.87
C GLY GC 22 -3.62 28.54 -44.49
N THR GC 23 -2.41 28.75 -43.98
CA THR GC 23 -2.23 29.44 -42.71
C THR GC 23 -2.91 30.80 -42.70
N LEU GC 24 -2.62 31.62 -43.71
CA LEU GC 24 -3.19 32.95 -43.78
C LEU GC 24 -4.71 32.93 -43.94
N GLY GC 25 -5.22 31.98 -44.73
CA GLY GC 25 -6.67 31.87 -44.88
C GLY GC 25 -7.37 31.52 -43.58
N TYR GC 26 -6.76 30.63 -42.79
CA TYR GC 26 -7.28 30.31 -41.47
C TYR GC 26 -7.27 31.51 -40.53
N VAL GC 27 -6.19 32.30 -40.55
CA VAL GC 27 -6.13 33.53 -39.75
C VAL GC 27 -7.18 34.54 -40.20
N VAL GC 28 -7.48 34.58 -41.49
CA VAL GC 28 -8.53 35.46 -41.99
C VAL GC 28 -9.90 35.03 -41.47
N VAL GC 29 -10.22 33.73 -41.56
CA VAL GC 29 -11.45 33.22 -40.95
C VAL GC 29 -11.53 33.56 -39.47
N ALA GC 30 -10.44 33.31 -38.73
CA ALA GC 30 -10.41 33.62 -37.29
C ALA GC 30 -10.61 35.11 -37.03
N SER GC 31 -10.06 35.97 -37.90
CA SER GC 31 -10.27 37.40 -37.75
C SER GC 31 -11.73 37.80 -37.88
N VAL GC 32 -12.46 37.21 -38.83
CA VAL GC 32 -13.90 37.44 -38.91
C VAL GC 32 -14.62 36.91 -37.68
N ALA GC 33 -14.22 35.75 -37.17
CA ALA GC 33 -14.82 35.23 -35.94
C ALA GC 33 -14.62 36.18 -34.76
N HIS GC 34 -13.44 36.79 -34.63
CA HIS GC 34 -13.24 37.78 -33.58
C HIS GC 34 -14.02 39.06 -33.83
N PHE GC 35 -14.14 39.47 -35.10
CA PHE GC 35 -14.99 40.60 -35.46
C PHE GC 35 -16.44 40.36 -35.02
N LEU GC 36 -16.94 39.14 -35.22
CA LEU GC 36 -18.30 38.80 -34.78
C LEU GC 36 -18.40 38.74 -33.26
N ALA GC 37 -17.45 38.06 -32.61
CA ALA GC 37 -17.48 37.96 -31.15
C ALA GC 37 -17.39 39.32 -30.47
N TRP GC 38 -16.52 40.21 -30.97
CA TRP GC 38 -16.40 41.55 -30.39
C TRP GC 38 -17.69 42.36 -30.54
N SER GC 39 -18.28 42.37 -31.72
CA SER GC 39 -19.53 43.10 -31.89
C SER GC 39 -20.68 42.51 -31.07
N TRP GC 40 -20.64 41.23 -30.76
CA TRP GC 40 -21.62 40.65 -29.83
C TRP GC 40 -21.33 40.99 -28.37
N ARG GC 41 -20.08 40.83 -27.91
CA ARG GC 41 -19.81 41.01 -26.49
C ARG GC 41 -18.33 41.34 -26.25
N PRO GC 42 -17.95 42.62 -26.35
CA PRO GC 42 -16.54 42.99 -26.17
C PRO GC 42 -15.96 42.54 -24.85
N TRP GC 43 -14.69 42.12 -24.88
CA TRP GC 43 -14.00 41.67 -23.68
C TRP GC 43 -13.13 42.73 -23.04
N PHE GC 44 -12.95 43.89 -23.68
CA PHE GC 44 -12.37 45.07 -23.03
C PHE GC 44 -13.30 46.27 -23.18
N GLY HC 6 25.94 18.39 -47.93
CA GLY HC 6 26.06 18.65 -46.50
C GLY HC 6 26.16 20.13 -46.18
N MET HC 7 25.95 20.46 -44.91
CA MET HC 7 25.80 21.86 -44.50
C MET HC 7 27.08 22.65 -44.71
N THR HC 8 26.96 23.78 -45.40
CA THR HC 8 28.04 24.73 -45.61
C THR HC 8 27.93 25.88 -44.62
N GLU HC 9 28.99 26.69 -44.54
CA GLU HC 9 28.92 27.92 -43.77
C GLU HC 9 27.99 28.93 -44.41
N GLU HC 10 27.81 28.87 -45.73
CA GLU HC 10 26.82 29.68 -46.41
C GLU HC 10 25.41 29.40 -45.88
N GLU HC 11 25.04 28.12 -45.81
CA GLU HC 11 23.74 27.74 -45.26
C GLU HC 11 23.58 28.18 -43.81
N ALA HC 12 24.66 28.09 -43.01
CA ALA HC 12 24.60 28.58 -41.63
C ALA HC 12 24.34 30.08 -41.56
N ARG HC 13 25.05 30.85 -42.38
CA ARG HC 13 24.84 32.31 -42.39
C ARG HC 13 23.45 32.67 -42.89
N ARG HC 14 22.96 31.95 -43.90
CA ARG HC 14 21.60 32.15 -44.38
C ARG HC 14 20.56 31.85 -43.30
N PHE HC 15 20.68 30.71 -42.64
CA PHE HC 15 19.75 30.36 -41.56
C PHE HC 15 19.80 31.37 -40.42
N HIS HC 16 21.00 31.80 -40.04
CA HIS HC 16 21.16 32.78 -38.96
C HIS HC 16 20.44 34.09 -39.23
N GLY HC 17 20.43 34.54 -40.49
CA GLY HC 17 19.69 35.74 -40.83
C GLY HC 17 18.20 35.64 -40.55
N TYR HC 18 17.59 34.52 -40.95
CA TYR HC 18 16.18 34.28 -40.62
C TYR HC 18 15.96 34.18 -39.12
N MET HC 19 16.84 33.47 -38.42
CA MET HC 19 16.71 33.33 -36.97
C MET HC 19 16.74 34.68 -36.26
N VAL HC 20 17.67 35.56 -36.64
CA VAL HC 20 17.69 36.91 -36.08
C VAL HC 20 16.44 37.69 -36.45
N THR HC 21 16.01 37.59 -37.71
CA THR HC 21 14.84 38.34 -38.16
C THR HC 21 13.56 37.87 -37.47
N GLY HC 22 13.37 36.55 -37.36
CA GLY HC 22 12.23 36.03 -36.63
C GLY HC 22 12.23 36.41 -35.16
N THR HC 23 13.40 36.35 -34.52
CA THR HC 23 13.52 36.79 -33.14
C THR HC 23 13.13 38.26 -32.98
N LEU HC 24 13.61 39.11 -33.88
CA LEU HC 24 13.30 40.53 -33.80
C LEU HC 24 11.82 40.80 -34.05
N GLY HC 25 11.24 40.17 -35.07
CA GLY HC 25 9.81 40.31 -35.30
C GLY HC 25 8.97 39.82 -34.14
N TYR HC 26 9.35 38.70 -33.54
CA TYR HC 26 8.67 38.21 -32.34
C TYR HC 26 8.76 39.20 -31.18
N VAL HC 27 9.94 39.79 -30.97
CA VAL HC 27 10.11 40.79 -29.93
C VAL HC 27 9.32 42.07 -30.22
N VAL HC 28 9.25 42.49 -31.48
CA VAL HC 28 8.40 43.62 -31.85
C VAL HC 28 6.95 43.38 -31.46
N VAL HC 29 6.38 42.24 -31.88
CA VAL HC 29 4.99 41.96 -31.58
C VAL HC 29 4.74 41.93 -30.07
N ALA HC 30 5.61 41.25 -29.33
CA ALA HC 30 5.47 41.20 -27.88
C ALA HC 30 5.57 42.57 -27.24
N SER HC 31 6.40 43.46 -27.79
CA SER HC 31 6.50 44.82 -27.26
C SER HC 31 5.22 45.60 -27.46
N VAL HC 32 4.61 45.51 -28.64
CA VAL HC 32 3.30 46.12 -28.87
C VAL HC 32 2.25 45.54 -27.93
N ALA HC 33 2.24 44.20 -27.79
CA ALA HC 33 1.31 43.56 -26.87
C ALA HC 33 1.46 44.06 -25.44
N HIS HC 34 2.70 44.19 -24.95
CA HIS HC 34 2.90 44.74 -23.61
C HIS HC 34 2.42 46.18 -23.49
N PHE HC 35 2.67 47.01 -24.51
CA PHE HC 35 2.22 48.39 -24.40
C PHE HC 35 0.71 48.51 -24.47
N LEU HC 36 0.05 47.67 -25.27
CA LEU HC 36 -1.40 47.58 -25.20
C LEU HC 36 -1.87 47.20 -23.81
N ALA HC 37 -1.29 46.14 -23.24
CA ALA HC 37 -1.67 45.73 -21.88
C ALA HC 37 -1.40 46.82 -20.86
N TRP HC 38 -0.25 47.50 -20.97
CA TRP HC 38 0.05 48.61 -20.07
C TRP HC 38 -0.98 49.73 -20.18
N SER HC 39 -1.33 50.11 -21.41
CA SER HC 39 -2.35 51.14 -21.61
C SER HC 39 -3.69 50.73 -21.02
N TRP HC 40 -4.01 49.44 -21.05
CA TRP HC 40 -5.27 48.94 -20.52
C TRP HC 40 -5.27 48.84 -18.99
N ARG HC 41 -4.19 48.35 -18.40
CA ARG HC 41 -4.19 48.07 -16.96
C ARG HC 41 -2.75 47.94 -16.45
N PRO HC 42 -2.12 49.07 -16.11
CA PRO HC 42 -0.71 49.03 -15.67
C PRO HC 42 -0.48 48.12 -14.48
N TRP HC 43 0.62 47.38 -14.54
CA TRP HC 43 1.02 46.51 -13.43
C TRP HC 43 2.01 47.16 -12.46
N PHE HC 44 2.46 48.37 -12.72
CA PHE HC 44 3.14 49.19 -11.72
C PHE HC 44 2.51 50.57 -11.61
N GLY IC 6 40.30 16.77 -26.78
CA GLY IC 6 40.04 18.15 -26.43
C GLY IC 6 40.41 19.14 -27.52
N MET IC 7 40.70 20.38 -27.11
CA MET IC 7 40.85 21.49 -28.04
C MET IC 7 42.18 22.20 -27.81
N THR IC 8 42.70 22.78 -28.90
CA THR IC 8 43.93 23.55 -28.85
C THR IC 8 43.81 24.80 -27.98
N GLU IC 9 44.95 25.23 -27.44
CA GLU IC 9 45.04 26.39 -26.57
C GLU IC 9 44.39 27.62 -27.19
N GLU IC 10 44.59 27.80 -28.50
CA GLU IC 10 43.94 28.87 -29.26
C GLU IC 10 42.43 28.85 -29.12
N GLU IC 11 41.81 27.67 -29.16
CA GLU IC 11 40.35 27.59 -29.07
C GLU IC 11 39.84 27.79 -27.66
N ALA IC 12 40.53 27.26 -26.65
CA ALA IC 12 40.16 27.53 -25.27
C ALA IC 12 40.27 29.01 -24.93
N ARG IC 13 41.29 29.70 -25.46
CA ARG IC 13 41.37 31.14 -25.26
C ARG IC 13 40.25 31.88 -25.97
N ARG IC 14 40.00 31.54 -27.24
CA ARG IC 14 38.91 32.16 -27.99
C ARG IC 14 37.56 31.94 -27.30
N PHE IC 15 37.36 30.73 -26.76
CA PHE IC 15 36.14 30.43 -26.02
C PHE IC 15 36.03 31.22 -24.72
N HIS IC 16 37.13 31.29 -23.96
CA HIS IC 16 37.15 32.06 -22.71
C HIS IC 16 36.83 33.53 -22.93
N GLY IC 17 37.26 34.10 -24.05
CA GLY IC 17 36.88 35.47 -24.36
C GLY IC 17 35.38 35.67 -24.48
N TYR IC 18 34.70 34.75 -25.16
CA TYR IC 18 33.25 34.79 -25.25
C TYR IC 18 32.57 34.55 -23.89
N MET IC 19 33.05 33.58 -23.11
CA MET IC 19 32.43 33.29 -21.82
C MET IC 19 32.54 34.47 -20.86
N VAL IC 20 33.73 35.07 -20.76
CA VAL IC 20 33.88 36.27 -19.93
C VAL IC 20 32.98 37.38 -20.41
N THR IC 21 32.98 37.65 -21.73
CA THR IC 21 32.18 38.75 -22.26
C THR IC 21 30.69 38.50 -22.09
N GLY IC 22 30.24 37.26 -22.34
CA GLY IC 22 28.84 36.94 -22.14
C GLY IC 22 28.41 37.07 -20.69
N THR IC 23 29.23 36.55 -19.77
CA THR IC 23 28.96 36.69 -18.35
C THR IC 23 28.83 38.15 -17.93
N LEU IC 24 29.78 38.99 -18.34
CA LEU IC 24 29.75 40.39 -17.94
C LEU IC 24 28.61 41.16 -18.59
N GLY IC 25 28.35 40.90 -19.87
CA GLY IC 25 27.18 41.51 -20.51
C GLY IC 25 25.88 41.14 -19.83
N TYR IC 26 25.72 39.87 -19.48
CA TYR IC 26 24.54 39.43 -18.73
C TYR IC 26 24.44 40.08 -17.36
N VAL IC 27 25.56 40.17 -16.64
CA VAL IC 27 25.57 40.81 -15.33
C VAL IC 27 25.29 42.31 -15.42
N VAL IC 28 25.69 42.95 -16.51
CA VAL IC 28 25.31 44.35 -16.74
C VAL IC 28 23.80 44.50 -16.91
N VAL IC 29 23.18 43.66 -17.75
CA VAL IC 29 21.73 43.73 -17.94
C VAL IC 29 21.00 43.46 -16.62
N ALA IC 30 21.47 42.47 -15.85
CA ALA IC 30 20.89 42.23 -14.52
C ALA IC 30 21.08 43.42 -13.59
N SER IC 31 22.21 44.13 -13.71
CA SER IC 31 22.42 45.32 -12.90
C SER IC 31 21.38 46.40 -13.16
N VAL IC 32 21.01 46.59 -14.43
CA VAL IC 32 19.97 47.55 -14.76
C VAL IC 32 18.62 47.09 -14.24
N ALA IC 33 18.30 45.81 -14.43
CA ALA IC 33 17.07 45.25 -13.87
C ALA IC 33 16.94 45.49 -12.37
N HIS IC 34 18.03 45.30 -11.61
CA HIS IC 34 18.00 45.60 -10.18
C HIS IC 34 17.90 47.09 -9.90
N PHE IC 35 18.56 47.93 -10.71
CA PHE IC 35 18.38 49.37 -10.60
C PHE IC 35 16.93 49.77 -10.77
N LEU IC 36 16.23 49.17 -11.74
CA LEU IC 36 14.82 49.47 -11.94
C LEU IC 36 13.96 48.94 -10.79
N ALA IC 37 14.18 47.68 -10.39
CA ALA IC 37 13.44 47.13 -9.26
C ALA IC 37 13.65 47.95 -7.99
N TRP IC 38 14.89 48.35 -7.72
CA TRP IC 38 15.18 49.15 -6.53
C TRP IC 38 14.49 50.51 -6.56
N SER IC 39 14.44 51.14 -7.73
CA SER IC 39 13.68 52.38 -7.89
C SER IC 39 12.19 52.19 -7.59
N TRP IC 40 11.64 51.03 -7.94
CA TRP IC 40 10.20 50.82 -7.76
C TRP IC 40 9.83 50.37 -6.34
N ARG IC 41 10.60 49.46 -5.75
CA ARG IC 41 10.25 48.99 -4.41
C ARG IC 41 11.49 48.46 -3.70
N PRO IC 42 12.29 49.33 -3.09
CA PRO IC 42 13.54 48.89 -2.48
C PRO IC 42 13.31 47.87 -1.36
N TRP IC 43 14.25 46.94 -1.22
CA TRP IC 43 14.11 45.83 -0.28
C TRP IC 43 14.95 45.99 0.98
N PHE IC 44 15.75 47.05 1.09
CA PHE IC 44 16.40 47.40 2.36
C PHE IC 44 16.06 48.83 2.73
C1 MAN JC . -41.61 16.94 9.98
C2 MAN JC . -40.75 17.50 11.12
C3 MAN JC . -39.54 16.58 11.32
C4 MAN JC . -39.98 15.14 11.62
C5 MAN JC . -40.87 14.66 10.45
C6 MAN JC . -41.51 13.30 10.63
O2 MAN JC . -41.48 17.54 12.36
O3 MAN JC . -38.70 17.05 12.36
O4 MAN JC . -38.81 14.30 11.73
O5 MAN JC . -41.96 15.60 10.23
O6 MAN JC . -42.06 13.25 11.94
C1 RAM JC . -38.89 13.38 12.85
C2 RAM JC . -38.66 11.95 12.35
C3 RAM JC . -37.26 11.72 11.93
C4 RAM JC . -36.25 12.07 12.97
C5 RAM JC . -36.53 13.37 13.76
C6 RAM JC . -35.95 13.14 15.12
O2 RAM JC . -38.99 11.02 13.40
O3 RAM JC . -37.10 10.29 11.66
O4 RAM JC . -34.98 12.20 12.33
O5 RAM JC . -37.94 13.73 13.95
C1 MAN KC . -44.61 52.52 13.88
C2 MAN KC . -44.36 53.85 14.61
C3 MAN KC . -44.52 53.59 16.10
C4 MAN KC . -45.90 52.99 16.39
C5 MAN KC . -46.13 51.73 15.56
C6 MAN KC . -47.55 51.21 15.67
O2 MAN KC . -45.34 54.84 14.25
O3 MAN KC . -44.37 54.79 16.84
O4 MAN KC . -45.93 52.60 17.75
O5 MAN KC . -45.86 51.99 14.16
O6 MAN KC . -47.62 50.36 16.80
C1 RAM KC . -46.75 53.47 18.56
C2 RAM KC . -47.94 52.68 19.09
C3 RAM KC . -47.53 51.68 20.11
C4 RAM KC . -46.75 52.32 21.21
C5 RAM KC . -45.53 53.06 20.66
C6 RAM KC . -44.79 53.73 21.77
O2 RAM KC . -48.88 53.59 19.67
O3 RAM KC . -48.70 51.04 20.66
O4 RAM KC . -46.32 51.32 22.13
O5 RAM KC . -45.95 54.08 19.67
MG BCL LC . 25.44 61.83 -13.73
CHA BCL LC . 28.78 61.13 -14.21
CHB BCL LC . 24.90 60.95 -16.99
CHC BCL LC . 22.30 63.03 -13.51
CHD BCL LC . 26.27 63.65 -10.85
NA BCL LC . 26.71 61.16 -15.37
C1A BCL LC . 28.05 60.81 -15.31
C2A BCL LC . 28.49 60.07 -16.55
C3A BCL LC . 27.28 60.23 -17.50
C4A BCL LC . 26.21 60.76 -16.60
CMA BCL LC . 27.58 61.17 -18.65
CAA BCL LC . 28.84 58.58 -16.34
CBA BCL LC . 29.30 57.91 -17.64
CGA BCL LC . 29.43 56.42 -17.62
O1A BCL LC . 30.46 55.83 -17.70
O2A BCL LC . 28.28 55.78 -17.54
NB BCL LC . 23.86 62.04 -15.05
C1B BCL LC . 23.79 61.47 -16.32
C2B BCL LC . 22.48 61.46 -16.80
C3B BCL LC . 21.67 62.07 -15.83
C4B BCL LC . 22.59 62.41 -14.74
CMB BCL LC . 22.09 60.87 -18.15
CAB BCL LC . 20.23 62.29 -15.96
OBB BCL LC . 19.59 62.00 -16.98
CBB BCL LC . 19.40 62.89 -14.86
NC BCL LC . 24.45 63.15 -12.39
C1C BCL LC . 23.12 63.46 -12.46
C2C BCL LC . 22.64 64.25 -11.29
C3C BCL LC . 23.84 64.20 -10.33
C4C BCL LC . 24.95 63.73 -11.24
CMC BCL LC . 22.20 65.66 -11.65
CAC BCL LC . 23.61 63.28 -9.10
CBC BCL LC . 22.67 63.87 -8.08
ND BCL LC . 27.13 62.31 -12.72
C1D BCL LC . 27.36 63.06 -11.56
C2D BCL LC . 28.74 63.11 -11.25
C3D BCL LC . 29.37 62.37 -12.26
C4D BCL LC . 28.37 61.91 -13.12
CMD BCL LC . 29.36 63.83 -10.09
CAD BCL LC . 30.58 61.79 -12.70
OBD BCL LC . 31.72 61.85 -12.21
CBD BCL LC . 30.29 60.97 -13.98
CGD BCL LC . 31.16 61.43 -15.08
O1D BCL LC . 31.25 62.57 -15.48
O2D BCL LC . 31.86 60.46 -15.63
CED BCL LC . 32.74 60.81 -16.73
C1 BCL LC . 28.36 54.32 -17.57
C2 BCL LC . 26.95 53.78 -17.39
C3 BCL LC . 26.14 53.38 -18.35
C4 BCL LC . 26.47 53.43 -19.83
C5 BCL LC . 24.79 52.71 -18.07
C6 BCL LC . 23.56 53.37 -18.67
C7 BCL LC . 22.31 52.51 -18.50
C8 BCL LC . 21.18 52.95 -19.44
C9 BCL LC . 20.85 54.44 -19.20
C10 BCL LC . 19.89 52.14 -19.25
C11 BCL LC . 19.81 50.64 -19.47
C12 BCL LC . 20.41 50.07 -20.76
C13 BCL LC . 19.61 48.85 -21.29
C14 BCL LC . 19.29 47.83 -20.19
C15 BCL LC . 20.32 48.09 -22.45
C16 BCL LC . 21.57 47.25 -22.11
C17 BCL LC . 21.98 46.32 -23.29
C18 BCL LC . 23.43 45.93 -23.35
C19 BCL LC . 24.13 47.27 -23.26
C20 BCL LC . 23.89 45.23 -24.64
MG BCL MC . 33.22 49.21 -23.93
CHA BCL MC . 33.25 52.65 -24.26
CHB BCL MC . 30.69 49.53 -21.69
CHC BCL MC . 32.61 45.89 -24.21
CHD BCL MC . 35.36 48.97 -26.68
NA BCL MC . 32.10 50.90 -23.13
C1A BCL MC . 32.35 52.25 -23.31
C2A BCL MC . 31.69 53.08 -22.23
C3A BCL MC . 30.90 52.05 -21.41
C4A BCL MC . 31.17 50.75 -22.12
CMA BCL MC . 31.34 52.01 -19.95
CAA BCL MC . 30.83 54.25 -22.76
CBA BCL MC . 29.97 53.93 -23.99
CGA BCL MC . 28.73 53.20 -23.64
O1A BCL MC . 27.91 53.58 -22.89
O2A BCL MC . 28.68 52.02 -24.20
NB BCL MC . 31.83 47.91 -23.14
C1B BCL MC . 30.96 48.22 -22.10
C2B BCL MC . 30.43 47.05 -21.53
C3B BCL MC . 30.96 45.96 -22.25
C4B BCL MC . 31.85 46.55 -23.23
CMB BCL MC . 29.47 47.08 -20.34
CAB BCL MC . 30.72 44.53 -22.14
OBB BCL MC . 31.50 43.68 -22.62
CBB BCL MC . 29.51 43.95 -21.46
NC BCL MC . 33.89 47.67 -25.26
C1C BCL MC . 33.52 46.36 -25.17
C2C BCL MC . 34.18 45.49 -26.18
C3C BCL MC . 35.23 46.44 -26.79
C4C BCL MC . 34.77 47.78 -26.30
CMC BCL MC . 34.77 44.22 -25.59
CAC BCL MC . 35.34 46.29 -28.34
CBC BCL MC . 34.12 46.79 -29.07
ND BCL MC . 34.07 50.48 -25.27
C1D BCL MC . 35.05 50.30 -26.25
C2D BCL MC . 35.59 51.53 -26.69
C3D BCL MC . 34.93 52.50 -25.95
C4D BCL MC . 34.03 51.84 -25.11
CMD BCL MC . 36.65 51.70 -27.74
CAD BCL MC . 34.89 53.87 -25.60
OBD BCL MC . 35.53 54.84 -26.05
CBD BCL MC . 33.85 54.05 -24.46
CGD BCL MC . 34.46 54.59 -23.24
O1D BCL MC . 35.36 54.06 -22.62
O2D BCL MC . 33.93 55.73 -22.86
CED BCL MC . 34.13 56.14 -21.48
C1 BCL MC . 27.51 51.24 -23.83
C2 BCL MC . 27.81 49.84 -24.34
C3 BCL MC . 27.54 48.79 -23.61
C4 BCL MC . 26.94 48.87 -22.21
C5 BCL MC . 27.85 47.37 -24.08
C6 BCL MC . 28.93 47.22 -25.17
C7 BCL MC . 28.39 47.33 -26.60
C8 BCL MC . 29.37 46.98 -27.75
C9 BCL MC . 30.40 45.93 -27.31
C10 BCL MC . 30.08 48.24 -28.29
C11 BCL MC . 31.14 48.91 -27.43
C12 BCL MC . 31.81 50.13 -28.11
C13 BCL MC . 31.29 51.53 -27.73
C14 BCL MC . 29.77 51.66 -27.71
C15 BCL MC . 31.86 52.50 -28.78
C16 BCL MC . 31.70 54.00 -28.56
C17 BCL MC . 32.08 54.91 -29.74
C18 BCL MC . 33.47 55.54 -29.67
C19 BCL MC . 33.63 56.33 -30.97
C20 BCL MC . 34.65 54.56 -29.51
C1B LMT NC . 16.10 57.78 -0.31
C2B LMT NC . 15.75 58.21 1.14
C3B LMT NC . 14.43 57.56 1.60
C4B LMT NC . 13.31 57.86 0.57
C5B LMT NC . 13.79 57.43 -0.82
C6B LMT NC . 12.74 57.79 -1.87
O1B LMT NC . 16.50 56.44 -0.32
O2B LMT NC . 16.79 57.81 1.94
O3B LMT NC . 14.10 57.93 2.86
O4' LMT NC . 12.16 57.16 0.89
O5B LMT NC . 15.03 58.02 -1.18
O6B LMT NC . 11.53 57.25 -1.53
C1' LMT NC . 19.90 54.31 -1.66
C2' LMT NC . 20.14 55.73 -1.07
C3' LMT NC . 18.92 56.23 -0.24
C4' LMT NC . 17.64 56.10 -1.09
C5' LMT NC . 17.60 54.60 -1.40
C6' LMT NC . 16.27 54.11 -1.93
O1' LMT NC . 20.84 54.07 -2.61
O2' LMT NC . 21.24 55.71 -0.25
O3' LMT NC . 19.12 57.52 0.16
O5' LMT NC . 18.63 54.26 -2.31
O6' LMT NC . 15.38 54.27 -0.90
C1 LMT NC . 21.99 53.34 -2.19
C2 LMT NC . 21.76 51.89 -2.51
C3 LMT NC . 22.00 51.44 -3.91
C4 LMT NC . 21.62 49.99 -4.05
C5 LMT NC . 21.38 49.61 -5.49
C6 LMT NC . 21.10 48.15 -5.64
C7 LMT NC . 20.55 47.84 -7.01
C8 LMT NC . 21.48 48.26 -8.11
C9 LMT NC . 22.75 47.45 -8.21
C10 LMT NC . 23.56 48.00 -9.35
C11 LMT NC . 24.68 47.09 -9.74
C12 LMT NC . 25.53 46.68 -8.58
MG BCL OC . 36.61 58.05 0.18
CHA BCL OC . 39.89 56.99 -0.10
CHB BCL OC . 36.28 57.62 -3.18
CHC BCL OC . 33.68 59.72 0.31
CHD BCL OC . 37.35 59.28 3.39
NA BCL OC . 37.96 57.41 -1.42
C1A BCL OC . 39.23 56.88 -1.29
C2A BCL OC . 39.74 56.32 -2.60
C3A BCL OC . 38.63 56.72 -3.60
C4A BCL OC . 37.53 57.22 -2.71
CMA BCL OC . 39.10 57.77 -4.59
CAA BCL OC . 39.97 54.80 -2.59
CBA BCL OC . 40.53 54.21 -3.89
CGA BCL OC . 40.41 52.73 -4.06
O1A BCL OC . 41.30 51.96 -4.08
O2A BCL OC . 39.16 52.33 -4.26
NB BCL OC . 35.23 58.65 -1.22
C1B BCL OC . 35.20 58.23 -2.54
C2B BCL OC . 33.95 58.50 -3.12
C3B BCL OC . 33.17 59.13 -2.13
C4B BCL OC . 34.01 59.19 -0.95
CMB BCL OC . 33.64 58.13 -4.56
CAB BCL OC . 31.79 59.66 -2.16
OBB BCL OC . 31.27 60.20 -1.17
CBB BCL OC . 30.91 59.60 -3.37
NC BCL OC . 35.69 59.33 1.63
C1C BCL OC . 34.42 59.83 1.50
C2C BCL OC . 33.87 60.39 2.76
C3C BCL OC . 34.96 60.05 3.78
C4C BCL OC . 36.11 59.61 2.90
CMC BCL OC . 33.55 61.87 2.67
CAC BCL OC . 34.54 58.99 4.83
CBC BCL OC . 33.52 59.50 5.81
ND BCL OC . 38.24 58.15 1.40
C1D BCL OC . 38.43 58.64 2.70
C2D BCL OC . 39.75 58.44 3.14
C3D BCL OC . 40.39 57.79 2.08
C4D BCL OC . 39.46 57.63 1.07
CMD BCL OC . 40.31 58.84 4.47
CAD BCL OC . 41.55 57.09 1.68
OBD BCL OC . 42.63 56.90 2.28
CBD BCL OC . 41.31 56.54 0.25
CGD BCL OC . 42.39 56.99 -0.65
O1D BCL OC . 42.50 58.11 -1.09
O2D BCL OC . 43.25 56.04 -0.94
CED BCL OC . 44.26 56.34 -1.94
C1 BCL OC . 38.89 50.91 -4.51
C2 BCL OC . 37.42 50.84 -4.76
C3 BCL OC . 36.73 50.66 -5.87
C4 BCL OC . 37.36 50.28 -7.21
C5 BCL OC . 35.24 50.87 -5.97
C6 BCL OC . 34.31 49.67 -5.86
C7 BCL OC . 32.88 50.06 -5.46
C8 BCL OC . 32.01 50.71 -6.54
C9 BCL OC . 32.10 52.25 -6.53
C10 BCL OC . 30.52 50.34 -6.35
C11 BCL OC . 30.17 48.90 -6.60
C12 BCL OC . 30.62 48.39 -7.97
C13 BCL OC . 29.96 47.06 -8.36
C14 BCL OC . 30.28 45.94 -7.37
C15 BCL OC . 30.44 46.64 -9.76
C16 BCL OC . 29.61 45.60 -10.48
C17 BCL OC . 30.24 45.07 -11.77
C18 BCL OC . 29.31 44.21 -12.59
C19 BCL OC . 30.20 43.53 -13.65
C20 BCL OC . 28.17 44.98 -13.27
C1B LMT PC . 22.85 55.30 8.03
C2B LMT PC . 22.60 54.68 9.43
C3B LMT PC . 21.20 54.03 9.50
C4B LMT PC . 20.11 54.99 8.97
C5B LMT PC . 20.56 55.54 7.61
C6B LMT PC . 19.51 56.52 7.08
O1B LMT PC . 22.97 54.29 7.07
O2B LMT PC . 23.58 53.75 9.64
O3B LMT PC . 20.93 53.59 10.78
O4' LMT PC . 18.92 54.31 8.82
O5B LMT PC . 21.81 56.16 7.67
O6B LMT PC . 19.63 57.73 7.73
C1' LMT PC . 25.33 52.94 3.99
C2' LMT PC . 26.07 53.13 5.33
C3' LMT PC . 25.04 53.29 6.47
C4' LMT PC . 24.03 54.40 6.15
C5' LMT PC . 23.49 54.12 4.73
C6' LMT PC . 22.41 55.10 4.30
O1' LMT PC . 26.22 52.82 2.94
O2' LMT PC . 26.82 52.01 5.58
O3' LMT PC . 25.66 53.58 7.66
O5' LMT PC . 24.52 54.09 3.78
O6' LMT PC . 22.21 54.91 2.96
C1 LMT PC . 25.59 52.63 1.67
C2 LMT PC . 26.63 52.09 0.71
C3 LMT PC . 26.09 51.75 -0.66
C4 LMT PC . 27.13 51.13 -1.56
C5 LMT PC . 27.57 49.77 -1.10
C6 LMT PC . 27.75 48.80 -2.24
C7 LMT PC . 26.40 48.28 -2.70
C8 LMT PC . 26.52 47.61 -4.05
C9 LMT PC . 27.30 46.32 -4.06
C10 LMT PC . 27.09 45.66 -5.39
C11 LMT PC . 27.57 44.23 -5.38
C12 LMT PC . 27.35 43.54 -6.69
MG BCL QC . 43.87 45.53 -11.09
CHA BCL QC . 44.43 48.94 -10.90
CHB BCL QC . 41.19 45.96 -9.04
CHC BCL QC . 42.83 42.42 -11.90
CHD BCL QC . 46.25 45.32 -13.63
NA BCL QC . 42.93 47.25 -10.14
C1A BCL QC . 43.37 48.56 -10.12
C2A BCL QC . 42.55 49.42 -9.19
C3A BCL QC . 41.67 48.39 -8.46
C4A BCL QC . 41.87 47.13 -9.27
CMA BCL QC . 42.12 48.20 -7.01
CAA BCL QC . 41.75 50.53 -9.92
CBA BCL QC . 40.22 50.46 -10.00
CGA BCL QC . 39.61 49.45 -10.92
O1A BCL QC . 39.72 49.44 -12.10
O2A BCL QC . 38.80 48.63 -10.28
NB BCL QC . 42.22 44.38 -10.61
C1B BCL QC . 41.30 44.68 -9.61
C2B BCL QC . 40.56 43.55 -9.27
C3B BCL QC . 40.98 42.48 -10.09
C4B BCL QC . 42.05 43.05 -10.91
CMB BCL QC . 39.48 43.58 -8.19
CAB BCL QC . 40.56 41.08 -10.21
OBB BCL QC . 41.23 40.22 -10.80
CBB BCL QC . 39.25 40.58 -9.63
NC BCL QC . 44.46 44.09 -12.55
C1C BCL QC . 43.86 42.87 -12.72
C2C BCL QC . 44.39 42.12 -13.90
C3C BCL QC . 45.68 42.89 -14.21
C4C BCL QC . 45.44 44.22 -13.51
CMC BCL QC . 44.61 40.65 -13.61
CAC BCL QC . 45.99 42.98 -15.72
CBC BCL QC . 44.99 43.83 -16.50
ND BCL QC . 45.04 46.82 -12.13
C1D BCL QC . 46.09 46.61 -13.03
C2D BCL QC . 46.85 47.80 -13.23
C3D BCL QC . 46.25 48.75 -12.41
C4D BCL QC . 45.18 48.14 -11.77
CMD BCL QC . 48.04 47.93 -14.13
CAD BCL QC . 46.33 50.07 -11.92
OBD BCL QC . 47.12 50.99 -12.19
CBD BCL QC . 45.18 50.28 -10.91
CGD BCL QC . 45.67 50.71 -9.59
O1D BCL QC . 46.52 50.12 -8.95
O2D BCL QC . 45.10 51.81 -9.15
CED BCL QC . 45.33 52.18 -7.76
C1 BCL QC . 37.81 47.79 -10.93
C2 BCL QC . 38.54 46.59 -11.53
C3 BCL QC . 37.92 45.47 -11.78
C4 BCL QC . 36.43 45.24 -11.52
C5 BCL QC . 38.62 44.25 -12.36
C6 BCL QC . 39.81 44.52 -13.31
C7 BCL QC . 39.38 45.22 -14.59
C8 BCL QC . 40.43 45.25 -15.70
C9 BCL QC . 40.91 43.84 -16.04
C10 BCL QC . 41.63 46.16 -15.31
C11 BCL QC . 41.31 47.64 -15.17
C12 BCL QC . 42.56 48.51 -15.05
C13 BCL QC . 42.31 50.01 -15.29
C14 BCL QC . 41.99 50.32 -16.75
C15 BCL QC . 43.57 50.81 -14.90
C16 BCL QC . 43.49 52.34 -15.00
C17 BCL QC . 44.73 53.16 -14.61
C18 BCL QC . 45.59 53.73 -15.75
C19 BCL QC . 46.09 52.56 -16.63
C20 BCL QC . 46.79 54.55 -15.25
C1B LMT RC . 28.50 48.26 16.30
C2B LMT RC . 27.02 47.85 16.46
C3B LMT RC . 26.08 48.73 15.61
C4B LMT RC . 26.40 50.22 15.81
C5B LMT RC . 27.89 50.40 15.51
C6B LMT RC . 28.28 51.87 15.59
O1B LMT RC . 29.08 47.78 15.12
O2B LMT RC . 26.91 46.53 16.11
O3B LMT RC . 24.76 48.44 15.86
O4' LMT RC . 25.64 51.01 14.97
O5B LMT RC . 28.68 49.65 16.39
O6B LMT RC . 28.19 52.45 14.35
C1' LMT RC . 32.94 46.82 13.75
C2' LMT RC . 32.71 46.74 15.27
C3' LMT RC . 31.19 46.72 15.60
C4' LMT RC . 30.49 47.93 14.97
C5' LMT RC . 30.87 47.91 13.47
C6' LMT RC . 30.22 49.00 12.65
O1' LMT RC . 34.27 47.02 13.55
O2' LMT RC . 33.28 45.59 15.75
O3' LMT RC . 31.04 46.71 16.96
O5' LMT RC . 32.27 47.99 13.28
O6' LMT RC . 28.88 48.75 12.62
C1 LMT RC . 34.81 46.88 12.24
C2 LMT RC . 35.02 45.41 11.95
C3 LMT RC . 35.58 45.12 10.60
C4 LMT RC . 35.42 43.65 10.23
C5 LMT RC . 35.64 43.49 8.75
C6 LMT RC . 35.48 42.10 8.24
C7 LMT RC . 36.75 41.30 8.42
C8 LMT RC . 36.45 39.84 8.33
C9 LMT RC . 35.80 39.23 9.53
C10 LMT RC . 36.77 39.30 10.69
C11 LMT RC . 36.26 38.49 11.84
C12 LMT RC . 37.21 38.51 13.00
MG BCL SC . 44.99 50.24 14.61
CHA BCL SC . 48.06 48.64 14.62
CHB BCL SC . 45.23 50.47 11.22
CHC BCL SC . 42.35 52.34 14.60
CHD BCL SC . 45.34 50.79 18.06
NA BCL SC . 46.49 49.65 13.14
C1A BCL SC . 47.63 48.88 13.34
C2A BCL SC . 48.22 48.39 12.04
C3A BCL SC . 47.38 49.13 10.98
C4A BCL SC . 46.28 49.77 11.77
CMA BCL SC . 48.21 50.16 10.21
CAA BCL SC . 48.17 46.87 11.84
CBA BCL SC . 48.91 46.42 10.58
CGA BCL SC . 48.66 45.01 10.12
O1A BCL SC . 49.40 44.10 10.21
O2A BCL SC . 47.50 44.90 9.51
NB BCL SC . 43.99 51.31 13.16
C1B BCL SC . 44.14 51.13 11.78
C2B BCL SC . 43.06 51.69 11.08
C3B BCL SC . 42.19 52.26 12.02
C4B BCL SC . 42.81 51.99 13.32
CMB BCL SC . 42.95 51.64 9.57
CAB BCL SC . 40.95 52.98 11.69
OBB BCL SC . 40.62 53.26 10.53
CBB BCL SC . 39.96 53.42 12.75
NC BCL SC . 44.02 51.42 16.11
C1C BCL SC . 42.88 52.14 15.89
C2C BCL SC . 42.29 52.70 17.13
C3C BCL SC . 43.09 52.00 18.23
C4C BCL SC . 44.27 51.42 17.47
CMC BCL SC . 42.37 54.21 17.19
CAC BCL SC . 42.27 50.94 19.01
CBC BCL SC . 41.30 51.56 19.99
ND BCL SC . 46.37 49.84 16.05
C1D BCL SC . 46.41 50.09 17.43
C2D BCL SC . 47.59 49.57 18.01
C3D BCL SC . 48.29 48.99 16.96
C4D BCL SC . 47.53 49.16 15.80
CMD BCL SC . 47.97 49.66 19.46
CAD BCL SC . 49.38 48.16 16.60
OBD BCL SC . 50.30 47.71 17.30
CBD BCL SC . 49.29 47.86 15.08
CGD BCL SC . 50.56 48.19 14.42
O1D BCL SC . 51.03 49.30 14.35
O2D BCL SC . 51.17 47.14 13.91
CED BCL SC . 52.41 47.37 13.19
C1 BCL SC . 47.17 43.59 8.94
C2 BCL SC . 46.10 43.86 7.90
C3 BCL SC . 44.80 43.80 8.06
C4 BCL SC . 44.10 43.39 9.35
C5 BCL SC . 43.87 44.20 6.92
C6 BCL SC . 42.65 43.31 6.67
C7 BCL SC . 41.33 43.88 7.19
C8 BCL SC . 40.68 44.91 6.26
C9 BCL SC . 40.95 46.36 6.71
C10 BCL SC . 39.15 44.68 6.16
C11 BCL SC . 38.75 44.02 4.84
C12 BCL SC . 39.31 42.60 4.64
C13 BCL SC . 39.20 42.13 3.19
C14 BCL SC . 37.84 42.43 2.57
C15 BCL SC . 39.48 40.61 3.14
C16 BCL SC . 40.87 40.17 3.57
C17 BCL SC . 41.16 38.66 3.47
C18 BCL SC . 42.43 38.20 4.17
C19 BCL SC . 43.62 38.81 3.40
C20 BCL SC . 42.57 36.67 4.26
MG BCL TC . 50.86 36.13 1.13
CHA BCL TC . 52.23 39.13 2.16
CHB BCL TC . 48.00 36.97 2.78
CHC BCL TC . 49.31 33.46 -0.23
CHD BCL TC . 53.26 35.96 -1.42
NA BCL TC . 50.23 37.86 2.30
C1A BCL TC . 50.96 38.97 2.67
C2A BCL TC . 50.24 39.75 3.76
C3A BCL TC . 48.79 39.25 3.58
C4A BCL TC . 48.99 37.93 2.91
CMA BCL TC . 48.07 39.05 4.90
CAA BCL TC . 50.37 41.30 3.73
CBA BCL TC . 49.36 42.20 4.44
CGA BCL TC . 48.72 43.13 3.46
O1A BCL TC . 48.57 44.29 3.61
O2A BCL TC . 48.37 42.47 2.40
NB BCL TC . 48.93 35.37 1.19
C1B BCL TC . 47.97 35.75 2.12
C2B BCL TC . 46.98 34.76 2.26
C3B BCL TC . 47.34 33.69 1.41
C4B BCL TC . 48.56 34.14 0.73
CMB BCL TC . 45.80 34.92 3.20
CAB BCL TC . 46.70 32.39 1.15
OBB BCL TC . 47.30 31.47 0.57
CBB BCL TC . 45.28 32.08 1.56
NC BCL TC . 51.26 34.89 -0.57
C1C BCL TC . 50.44 33.86 -0.98
C2C BCL TC . 50.94 33.13 -2.17
C3C BCL TC . 52.14 33.98 -2.61
C4C BCL TC . 52.26 35.02 -1.52
CMC BCL TC . 51.29 31.68 -1.88
CAC BCL TC . 51.97 34.58 -4.04
CBC BCL TC . 52.02 33.51 -5.12
ND BCL TC . 52.43 37.25 0.49
C1D BCL TC . 53.32 37.11 -0.59
C2D BCL TC . 54.18 38.24 -0.68
C3D BCL TC . 53.82 39.07 0.38
C4D BCL TC . 52.77 38.45 1.05
CMD BCL TC . 55.25 38.45 -1.73
CAD BCL TC . 54.20 40.18 1.17
OBD BCL TC . 55.17 40.97 1.06
CBD BCL TC . 53.17 40.34 2.30
CGD BCL TC . 53.75 40.48 3.65
O1D BCL TC . 53.67 39.64 4.52
O2D BCL TC . 54.38 41.63 3.84
CED BCL TC . 54.76 41.94 5.21
C1 BCL TC . 47.70 43.19 1.31
C2 BCL TC . 47.63 42.18 0.18
C3 BCL TC . 46.94 41.07 0.17
C4 BCL TC . 46.03 40.57 1.29
C5 BCL TC . 47.04 40.11 -1.01
C6 BCL TC . 48.45 39.67 -1.36
C7 BCL TC . 49.06 40.47 -2.51
C8 BCL TC . 50.58 40.34 -2.66
C9 BCL TC . 51.00 38.85 -2.60
C10 BCL TC . 51.33 41.14 -1.57
C11 BCL TC . 51.41 42.65 -1.85
C12 BCL TC . 52.03 43.44 -0.69
C13 BCL TC . 52.39 44.91 -0.98
C14 BCL TC . 51.50 45.54 -2.07
C15 BCL TC . 53.86 45.07 -1.43
C16 BCL TC . 54.30 46.49 -1.80
C17 BCL TC . 55.81 46.70 -2.03
C18 BCL TC . 56.59 46.92 -0.75
C19 BCL TC . 56.44 48.42 -0.40
C20 BCL TC . 58.07 46.56 -0.87
MG BCL UC . 56.21 28.41 15.56
CHA BCL UC . 57.64 31.16 17.06
CHB BCL UC . 53.25 29.29 17.01
CHC BCL UC . 54.61 26.27 13.48
CHD BCL UC . 59.10 28.02 13.63
NA BCL UC . 55.56 30.05 16.83
C1A BCL UC . 56.34 30.99 17.47
C2A BCL UC . 55.55 31.80 18.44
C3A BCL UC . 54.28 30.98 18.62
C4A BCL UC . 54.30 30.08 17.42
CMA BCL UC . 54.27 30.21 19.94
CAA BCL UC . 55.34 33.25 17.97
CBA BCL UC . 53.91 33.76 17.73
CGA BCL UC . 53.19 33.24 16.54
O1A BCL UC . 52.23 32.53 16.59
O2A BCL UC . 53.57 33.77 15.41
NB BCL UC . 54.23 27.91 15.23
C1B BCL UC . 53.16 28.28 16.04
C2B BCL UC . 52.02 27.51 15.75
C3B BCL UC . 52.38 26.58 14.75
C4B BCL UC . 53.78 26.89 14.43
CMB BCL UC . 50.69 27.75 16.43
CAB BCL UC . 51.65 25.49 14.11
OBB BCL UC . 52.20 24.62 13.41
CBB BCL UC . 50.16 25.32 14.24
NC BCL UC . 56.78 27.33 13.80
C1C BCL UC . 55.96 26.47 13.14
C2C BCL UC . 56.67 25.69 12.09
C3C BCL UC . 58.14 26.02 12.37
C4C BCL UC . 58.01 27.27 13.21
CMC BCL UC . 56.36 24.20 12.17
CAC BCL UC . 59.01 26.12 11.09
CBC BCL UC . 58.71 27.32 10.21
ND BCL UC . 57.98 29.37 15.33
C1D BCL UC . 59.12 29.09 14.58
C2D BCL UC . 60.18 29.97 14.90
C3D BCL UC . 59.67 30.82 15.88
C4D BCL UC . 58.35 30.44 16.11
CMD BCL UC . 61.56 29.96 14.28
CAD BCL UC . 59.94 31.91 16.75
OBD BCL UC . 60.97 32.58 16.91
CBD BCL UC . 58.65 32.20 17.57
CGD BCL UC . 58.87 32.11 19.01
O1D BCL UC . 59.43 31.20 19.60
O2D BCL UC . 58.39 33.16 19.67
CED BCL UC . 58.28 33.08 21.12
C1 BCL UC . 52.74 33.50 14.25
C2 BCL UC . 53.10 32.17 13.65
C3 BCL UC . 52.29 31.20 13.31
C4 BCL UC . 50.78 31.21 13.55
C5 BCL UC . 52.74 29.96 12.53
C6 BCL UC . 54.18 29.92 12.00
C7 BCL UC . 54.43 30.97 10.91
C8 BCL UC . 55.86 31.11 10.38
C9 BCL UC . 56.29 29.82 9.67
C10 BCL UC . 56.86 31.50 11.49
C11 BCL UC . 56.83 32.94 11.96
C12 BCL UC . 57.89 33.25 13.03
C13 BCL UC . 57.84 34.71 13.53
C14 BCL UC . 57.87 35.72 12.38
C15 BCL UC . 59.04 35.00 14.46
C16 BCL UC . 60.37 35.36 13.80
C17 BCL UC . 61.61 35.28 14.72
C18 BCL UC . 62.88 35.88 14.15
C19 BCL UC . 63.12 35.19 12.79
C20 BCL UC . 64.11 35.71 15.05
MG BCL VC . 49.63 39.21 28.55
CHA BCL VC . 52.39 37.13 28.64
CHB BCL VC . 50.26 39.75 25.25
CHC BCL VC . 47.48 41.83 28.61
CHD BCL VC . 49.59 39.22 32.05
NA BCL VC . 51.17 38.53 27.16
C1A BCL VC . 52.15 37.58 27.37
C2A BCL VC . 52.85 37.21 26.09
C3A BCL VC . 52.24 38.17 25.06
C4A BCL VC . 51.13 38.84 25.81
CMA BCL VC . 53.25 39.17 24.52
CAA BCL VC . 52.68 35.73 25.65
CBA BCL VC . 53.46 35.43 24.38
CGA BCL VC . 53.10 34.20 23.62
O1A BCL VC . 53.84 33.30 23.38
O2A BCL VC . 51.89 34.22 23.11
NB BCL VC . 49.02 40.63 27.18
C1B BCL VC . 49.28 40.58 25.81
C2B BCL VC . 48.41 41.43 25.11
C3B BCL VC . 47.60 42.08 26.07
C4B BCL VC . 48.00 41.53 27.35
CMB BCL VC . 48.44 41.55 23.60
CAB BCL VC . 46.56 43.10 25.94
OBB BCL VC . 46.11 43.72 26.92
CBB BCL VC . 45.93 43.48 24.63
NC BCL VC . 48.70 40.36 30.11
C1C BCL VC . 47.77 41.34 29.89
C2C BCL VC . 47.08 41.78 31.12
C3C BCL VC . 47.58 40.78 32.16
C4C BCL VC . 48.75 40.13 31.46
CMC BCL VC . 47.36 43.23 31.47
CAC BCL VC . 46.49 39.77 32.62
CBC BCL VC . 45.45 40.39 33.52
ND BCL VC . 50.71 38.37 30.05
C1D BCL VC . 50.64 38.48 31.44
C2D BCL VC . 51.70 37.77 32.06
C3D BCL VC . 52.44 37.22 31.01
C4D BCL VC . 51.81 37.60 29.82
CMD BCL VC . 51.95 37.68 33.54
CAD BCL VC . 53.45 36.29 30.67
OBD BCL VC . 54.23 35.65 31.38
CBD BCL VC . 53.48 36.16 29.12
CGD BCL VC . 54.84 36.39 28.63
O1D BCL VC . 55.52 37.36 28.90
O2D BCL VC . 55.29 35.42 27.85
CED BCL VC . 56.63 35.57 27.31
C1 BCL VC . 51.51 33.15 22.20
C2 BCL VC . 50.03 33.33 21.92
C3 BCL VC . 49.53 33.54 20.72
C4 BCL VC . 50.36 33.61 19.44
C5 BCL VC . 48.03 33.67 20.49
C6 BCL VC . 47.56 35.01 19.93
C7 BCL VC . 46.14 34.94 19.36
C8 BCL VC . 45.80 36.15 18.48
C9 BCL VC . 45.46 37.38 19.35
C10 BCL VC . 44.63 35.82 17.53
C11 BCL VC . 44.98 34.96 16.33
C12 BCL VC . 43.85 34.90 15.30
C13 BCL VC . 43.87 33.65 14.41
C14 BCL VC . 45.14 33.57 13.55
C15 BCL VC . 42.65 33.68 13.47
C16 BCL VC . 41.30 33.95 14.11
C17 BCL VC . 40.07 33.88 13.19
C18 BCL VC . 38.76 34.15 13.91
C19 BCL VC . 38.44 32.86 14.71
C20 BCL VC . 37.59 34.49 12.98
C1B LMT WC . 34.68 36.33 35.69
C2B LMT WC . 33.29 36.75 36.23
C3B LMT WC . 32.32 37.10 35.09
C4B LMT WC . 32.97 38.12 34.12
C5B LMT WC . 34.27 37.48 33.64
C6B LMT WC . 34.96 38.35 32.60
O1B LMT WC . 34.64 35.01 35.22
O2B LMT WC . 32.80 35.71 36.98
O3B LMT WC . 31.10 37.53 35.55
O4' LMT WC . 32.15 38.36 33.05
O5B LMT WC . 35.16 37.22 34.72
O6B LMT WC . 36.03 37.69 32.07
C1' LMT WC . 37.25 32.16 33.63
C2' LMT WC . 37.79 32.95 34.84
C3' LMT WC . 36.63 33.66 35.59
C4' LMT WC . 35.80 34.50 34.59
C5' LMT WC . 35.39 33.51 33.49
C6' LMT WC . 34.39 34.07 32.49
O1' LMT WC . 38.28 31.62 32.89
O2' LMT WC . 38.41 32.09 35.70
O3' LMT WC . 37.09 34.44 36.61
O5' LMT WC . 36.51 33.04 32.80
O6' LMT WC . 33.19 34.19 33.16
C1 LMT WC . 37.92 30.49 32.09
C2 LMT WC . 39.17 30.06 31.35
C3 LMT WC . 39.02 29.08 30.22
C4 LMT WC . 37.77 29.36 29.41
C5 LMT WC . 37.50 28.28 28.40
C6 LMT WC . 38.49 28.11 27.28
C7 LMT WC . 38.11 28.93 26.09
C8 LMT WC . 39.30 29.13 25.19
C9 LMT WC . 39.91 27.87 24.62
C10 LMT WC . 41.40 27.91 24.84
C11 LMT WC . 42.06 26.63 24.44
C12 LMT WC . 41.76 25.50 25.37
C1B LMT XC . 35.30 28.10 41.62
C2B LMT XC . 34.86 29.45 42.20
C3B LMT XC . 35.40 29.64 43.63
C4B LMT XC . 35.08 28.40 44.51
C5B LMT XC . 35.50 27.13 43.74
C6B LMT XC . 35.12 25.89 44.55
O1B LMT XC . 36.68 28.09 41.42
O2B LMT XC . 35.34 30.44 41.37
O3B LMT XC . 34.95 30.81 44.19
O4' LMT XC . 35.77 28.47 45.70
O5B LMT XC . 34.93 27.06 42.47
O6B LMT XC . 35.20 24.77 43.77
C1' LMT XC . 39.34 27.44 38.24
C2' LMT XC . 38.36 28.64 38.11
C3' LMT XC . 37.74 29.01 39.49
C4' LMT XC . 37.12 27.75 40.12
C5' LMT XC . 38.27 26.73 40.20
C6' LMT XC . 37.88 25.50 41.00
O1' LMT XC . 39.66 27.03 36.97
O2' LMT XC . 39.05 29.73 37.64
O3' LMT XC . 36.79 29.96 39.32
O5' LMT XC . 38.70 26.35 38.92
O6' LMT XC . 39.01 24.71 41.09
C1 LMT XC . 40.77 26.15 36.83
C2 LMT XC . 41.06 26.13 35.35
C3 LMT XC . 41.92 25.01 34.84
C4 LMT XC . 41.87 24.97 33.32
C5 LMT XC . 42.56 23.72 32.81
C6 LMT XC . 42.21 23.41 31.38
C7 LMT XC . 42.79 22.06 30.99
C8 LMT XC . 42.29 21.67 29.64
C9 LMT XC . 42.53 20.25 29.24
C10 LMT XC . 44.01 19.97 29.26
C11 LMT XC . 44.30 18.54 28.89
C12 LMT XC . 45.75 18.22 28.99
MG BCL YC . 58.00 15.93 27.40
CHA BCL YC . 59.44 18.24 29.52
CHB BCL YC . 54.96 17.00 28.54
CHC BCL YC . 56.51 14.35 24.81
CHD BCL YC . 61.07 15.62 25.74
NA BCL YC . 57.34 17.40 28.86
C1A BCL YC . 58.09 18.29 29.59
C2A BCL YC . 57.22 19.41 30.09
C3A BCL YC . 55.90 18.68 30.23
C4A BCL YC . 56.01 17.66 29.15
CMA BCL YC . 55.77 18.02 31.62
CAA BCL YC . 57.18 20.51 29.02
CBA BCL YC . 55.90 21.37 28.86
CGA BCL YC . 54.76 20.81 28.06
O1A BCL YC . 53.68 20.60 28.49
O2A BCL YC . 54.99 20.64 26.78
NB BCL YC . 56.05 15.72 26.75
C1B BCL YC . 54.91 16.22 27.38
C2B BCL YC . 53.76 15.88 26.66
C3B BCL YC . 54.16 15.05 25.59
C4B BCL YC . 55.61 15.03 25.66
CMB BCL YC . 52.38 16.38 27.06
CAB BCL YC . 53.38 14.30 24.60
OBB BCL YC . 53.88 13.86 23.55
CBB BCL YC . 51.91 13.99 24.78
NC BCL YC . 58.69 15.11 25.55
C1C BCL YC . 57.90 14.48 24.63
C2C BCL YC . 58.62 14.04 23.41
C3C BCL YC . 60.07 14.44 23.70
C4C BCL YC . 59.99 15.08 25.07
CMC BCL YC . 58.45 12.56 23.11
CAC BCL YC . 60.66 15.36 22.61
CBC BCL YC . 60.82 14.67 21.27
ND BCL YC . 59.86 16.74 27.55
C1D BCL YC . 61.05 16.52 26.84
C2D BCL YC . 62.11 17.30 27.38
C3D BCL YC . 61.55 17.99 28.46
C4D BCL YC . 60.21 17.63 28.52
CMD BCL YC . 63.53 17.33 26.87
CAD BCL YC . 61.78 18.91 29.51
OBD BCL YC . 62.82 19.52 29.85
CBD BCL YC . 60.45 19.10 30.28
CGD BCL YC . 60.56 18.73 31.70
O1D BCL YC . 61.04 17.69 32.11
O2D BCL YC . 60.06 19.64 32.52
CED BCL YC . 60.00 19.31 33.93
C1 BCL YC . 53.82 20.28 25.98
C2 BCL YC . 54.35 19.64 24.71
C3 BCL YC . 53.58 19.21 23.73
C4 BCL YC . 52.06 19.30 23.72
C5 BCL YC . 54.17 18.48 22.53
C6 BCL YC . 55.25 17.45 22.83
C7 BCL YC . 56.54 17.73 22.06
C8 BCL YC . 57.26 19.00 22.50
C9 BCL YC . 58.11 19.56 21.35
C10 BCL YC . 58.14 18.74 23.73
C11 BCL YC . 58.85 19.96 24.30
C12 BCL YC . 59.64 19.62 25.57
C13 BCL YC . 60.31 20.83 26.26
C14 BCL YC . 59.34 21.99 26.43
C15 BCL YC . 61.55 21.32 25.48
C16 BCL YC . 62.18 22.61 26.01
C17 BCL YC . 63.71 22.65 25.90
C18 BCL YC . 64.38 22.02 27.10
C19 BCL YC . 64.72 23.18 28.05
C20 BCL YC . 65.65 21.23 26.77
MG BCL ZC . 51.40 25.89 40.98
CHA BCL ZC . 53.88 23.50 41.06
CHB BCL ZC . 52.51 26.81 37.89
CHC BCL ZC . 49.45 28.64 41.13
CHD BCL ZC . 50.95 25.47 44.43
NA BCL ZC . 53.03 25.23 39.69
C1A BCL ZC . 53.83 24.12 39.84
C2A BCL ZC . 54.59 23.79 38.58
C3A BCL ZC . 54.26 24.97 37.66
C4A BCL ZC . 53.18 25.70 38.39
CMA BCL ZC . 55.48 25.85 37.41
CAA BCL ZC . 54.22 22.45 37.92
CBA BCL ZC . 55.08 22.21 36.66
CGA BCL ZC . 54.63 21.16 35.70
O1A BCL ZC . 55.25 20.18 35.42
O2A BCL ZC . 53.50 21.45 35.07
NB BCL ZC . 51.07 27.51 39.74
C1B BCL ZC . 51.55 27.65 38.44
C2B BCL ZC . 50.91 28.71 37.79
C3B BCL ZC . 50.02 29.30 38.70
C4B BCL ZC . 50.14 28.50 39.92
CMB BCL ZC . 51.17 29.08 36.34
CAB BCL ZC . 49.18 30.47 38.42
OBB BCL ZC . 48.99 30.91 37.28
CBB BCL ZC . 48.49 31.23 39.52
NC BCL ZC . 50.39 26.92 42.56
C1C BCL ZC . 49.54 27.96 42.35
C2C BCL ZC . 48.74 28.32 43.56
C3C BCL ZC . 49.03 27.15 44.50
C4C BCL ZC . 50.23 26.50 43.86
CMC BCL ZC . 49.10 29.67 44.13
CAC BCL ZC . 47.82 26.20 44.70
CBC BCL ZC . 46.71 26.82 45.52
ND BCL ZC . 52.24 24.79 42.46
C1D BCL ZC . 51.93 24.63 43.82
C2D BCL ZC . 52.69 23.59 44.40
C3D BCL ZC . 53.49 23.11 43.37
C4D BCL ZC . 53.19 23.84 42.23
CMD BCL ZC . 52.62 23.14 45.84
CAD BCL ZC . 54.44 22.13 43.00
OBD BCL ZC . 55.02 21.28 43.68
CBD BCL ZC . 54.69 22.26 41.47
CGD BCL ZC . 56.13 22.30 41.20
O1D BCL ZC . 56.88 23.19 41.53
O2D BCL ZC . 56.57 21.24 40.55
CED BCL ZC . 57.98 21.20 40.18
C1 BCL ZC . 53.08 20.53 34.02
C2 BCL ZC . 51.72 21.03 33.52
C3 BCL ZC . 51.52 21.56 32.33
C4 BCL ZC . 52.60 21.81 31.30
C5 BCL ZC . 50.12 21.94 31.86
C6 BCL ZC . 49.88 23.42 31.54
C7 BCL ZC . 48.46 23.64 30.98
C8 BCL ZC . 48.11 25.07 30.58
C9 BCL ZC . 48.57 26.09 31.66
C10 BCL ZC . 46.60 25.22 30.33
C11 BCL ZC . 45.98 24.22 29.36
C12 BCL ZC . 46.61 24.30 27.97
C13 BCL ZC . 46.42 23.05 27.10
C14 BCL ZC . 47.22 21.85 27.62
C15 BCL ZC . 46.93 23.39 25.68
C16 BCL ZC . 46.94 22.25 24.67
C17 BCL ZC . 47.43 22.61 23.26
C18 BCL ZC . 46.38 22.41 22.20
C19 BCL ZC . 47.10 22.54 20.85
C20 BCL ZC . 45.22 23.43 22.30
C1 V7N AD . 39.31 -1.66 52.46
C10 V7N AD . 49.15 -3.74 49.40
C11 V7N AD . 50.35 -4.23 48.87
C12 V7N AD . 51.27 -3.37 48.27
C13 V7N AD . 52.50 -3.72 47.65
C14 V7N AD . 53.46 -2.72 47.36
C15 V7N AD . 54.64 -2.98 46.67
C16 V7N AD . 55.48 -1.98 46.16
C17 V7N AD . 56.62 -2.29 45.39
C18 V7N AD . 57.36 -1.35 44.65
C19 V7N AD . 58.45 -1.81 43.86
C2 V7N AD . 40.59 -1.73 53.31
C20 V7N AD . 59.40 -1.05 43.20
C21 V7N AD . 60.43 -1.65 42.42
C22 V7N AD . 61.52 -0.97 41.90
C23 V7N AD . 62.54 -1.67 41.08
C24 V7N AD . 62.27 -1.47 39.60
C25 V7N AD . 63.39 -1.91 38.71
C26 V7N AD . 63.46 -3.07 38.05
C27 V7N AD . 64.64 -3.38 37.19
C28 V7N AD . 65.54 -4.43 37.82
C29 V7N AD . 66.61 -4.97 36.93
C3 V7N AD . 41.50 -2.84 52.99
C30 V7N AD . 39.65 -1.34 51.00
C31 V7N AD . 38.59 -3.00 52.51
C33 V7N AD . 43.17 -5.20 52.06
C34 V7N AD . 48.09 -5.93 50.09
C35 V7N AD . 52.77 -5.11 47.23
C36 V7N AD . 56.96 0.08 44.66
C37 V7N AD . 61.72 0.48 42.12
C38 V7N AD . 62.40 -4.11 38.11
C39 V7N AD . 66.44 -5.71 35.82
C4 V7N AD . 42.56 -2.74 52.14
C40 V7N AD . 67.59 -6.18 35.04
C41 V7N AD . 39.08 0.68 53.02
C43 V7N AD . 65.12 -6.15 35.27
C5 V7N AD . 43.48 -3.77 51.80
C6 V7N AD . 44.69 -3.40 51.23
C7 V7N AD . 45.73 -4.26 50.84
C8 V7N AD . 46.94 -3.73 50.38
C9 V7N AD . 48.07 -4.46 49.95
O32 V7N AD . 38.52 -0.61 53.03
O42 V7N AD . 48.95 -6.71 49.68
O44 V7N AD . 68.80 -5.98 35.58
O45 V7N AD . 67.57 -6.76 33.95
MG BCL BD . 48.62 10.56 51.04
CHA BCL BD . 50.52 7.68 50.95
CHB BCL BD . 50.45 11.72 48.40
CHC BCL BD . 47.23 13.60 51.48
CHD BCL BD . 47.50 9.65 54.22
NA BCL BD . 50.30 9.79 49.88
C1A BCL BD . 50.84 8.51 49.90
C2A BCL BD . 51.79 8.27 48.76
C3A BCL BD . 51.86 9.64 48.08
C4A BCL BD . 50.79 10.43 48.74
CMA BCL BD . 53.24 10.29 48.22
CAA BCL BD . 51.31 7.18 47.78
CBA BCL BD . 52.35 6.80 46.70
CGA BCL BD . 51.82 6.01 45.55
O1A BCL BD . 52.00 4.86 45.38
O2A BCL BD . 51.11 6.73 44.73
NB BCL BD . 48.85 12.41 50.13
C1B BCL BD . 49.55 12.64 48.96
C2B BCL BD . 49.22 13.90 48.42
C3B BCL BD . 48.28 14.49 49.28
C4B BCL BD . 48.08 13.52 50.35
CMB BCL BD . 49.84 14.42 47.14
CAB BCL BD . 47.70 15.82 49.06
OBB BCL BD . 48.02 16.57 48.13
CBB BCL BD . 46.64 16.39 49.97
NC BCL BD . 47.56 11.49 52.63
C1C BCL BD . 46.98 12.74 52.55
C2C BCL BD . 46.04 13.03 53.66
C3C BCL BD . 45.97 11.68 54.41
C4C BCL BD . 47.11 10.91 53.81
CMC BCL BD . 46.48 14.18 54.54
CAC BCL BD . 44.59 10.98 54.28
CBC BCL BD . 43.51 11.62 55.12
ND BCL BD . 48.92 9.03 52.34
C1D BCL BD . 48.40 8.75 53.61
C2D BCL BD . 48.90 7.52 54.10
C3D BCL BD . 49.75 7.04 53.10
C4D BCL BD . 49.73 7.97 52.07
CMD BCL BD . 48.56 6.90 55.43
CAD BCL BD . 50.50 5.94 52.65
OBD BCL BD . 50.74 4.85 53.19
CBD BCL BD . 51.07 6.28 51.25
CGD BCL BD . 52.52 6.13 51.24
O1D BCL BD . 53.30 6.83 51.87
O2D BCL BD . 52.95 5.14 50.47
CED BCL BD . 54.38 4.97 50.33
C1 BCL BD . 50.48 6.12 43.56
C2 BCL BD . 49.43 7.12 43.15
C3 BCL BD . 49.45 8.06 42.24
C4 BCL BD . 50.59 8.26 41.24
C5 BCL BD . 48.34 9.11 42.16
C6 BCL BD . 47.54 9.22 40.86
C7 BCL BD . 48.04 10.34 39.93
C8 BCL BD . 47.41 11.75 39.95
C9 BCL BD . 47.83 12.53 41.23
C10 BCL BD . 45.88 11.73 39.83
C11 BCL BD . 45.24 10.80 38.81
C12 BCL BD . 45.24 11.31 37.37
C13 BCL BD . 46.47 10.97 36.50
C14 BCL BD . 46.72 12.03 35.44
C15 BCL BD . 46.34 9.61 35.77
C16 BCL BD . 46.39 8.33 36.59
C17 BCL BD . 46.15 6.99 35.89
C18 BCL BD . 47.28 6.55 34.98
C19 BCL BD . 47.01 5.05 34.70
C20 BCL BD . 48.68 6.73 35.56
MG BCL CD . 55.61 1.88 36.71
CHA BCL CD . 57.33 3.75 39.07
CHB BCL CD . 52.73 3.25 37.86
CHC BCL CD . 54.12 1.09 33.76
CHD BCL CD . 58.66 0.88 35.35
NA BCL CD . 55.13 3.32 38.26
C1A BCL CD . 55.98 3.95 39.15
C2A BCL CD . 55.22 4.81 40.14
C3A BCL CD . 53.76 4.37 39.91
C4A BCL CD . 53.83 3.67 38.58
CMA BCL CD . 53.26 3.44 41.02
CAA BCL CD . 55.43 6.34 39.99
CBA BCL CD . 55.96 6.86 38.63
CGA BCL CD . 54.93 7.21 37.60
O1A BCL CD . 55.05 8.04 36.78
O2A BCL CD . 53.87 6.43 37.61
NB BCL CD . 53.73 2.16 35.90
C1B BCL CD . 52.64 2.67 36.59
C2B BCL CD . 51.47 2.52 35.82
C3B BCL CD . 51.83 1.88 34.61
C4B BCL CD . 53.27 1.68 34.71
CMB BCL CD . 50.11 2.99 36.32
CAB BCL CD . 51.04 1.48 33.45
OBB BCL CD . 51.43 0.59 32.67
CBB BCL CD . 49.71 2.11 33.11
NC BCL CD . 56.30 1.09 34.84
C1C BCL CD . 55.51 0.88 33.74
C2C BCL CD . 56.28 0.48 32.54
C3C BCL CD . 57.63 0.07 33.15
C4C BCL CD . 57.59 0.78 34.49
CMC BCL CD . 55.61 -0.64 31.75
CAC BCL CD . 58.86 0.42 32.25
CBC BCL CD . 59.07 1.90 32.05
ND BCL CD . 57.58 2.23 37.08
C1D BCL CD . 58.75 1.73 36.50
C2D BCL CD . 59.90 2.18 37.19
C3D BCL CD . 59.41 2.97 38.23
C4D BCL CD . 58.03 2.99 38.12
CMD BCL CD . 61.34 1.85 36.84
CAD BCL CD . 59.75 3.80 39.33
OBD BCL CD . 60.85 4.11 39.81
CBD BCL CD . 58.43 4.34 39.95
CGD BCL CD . 58.29 3.97 41.36
O1D BCL CD . 58.42 2.86 41.82
O2D BCL CD . 58.01 5.02 42.13
CED BCL CD . 57.62 4.72 43.50
C1 BCL CD . 52.89 6.46 36.55
C2 BCL CD . 53.54 5.77 35.38
C3 BCL CD . 53.17 5.94 34.15
C4 BCL CD . 52.04 6.86 33.70
C5 BCL CD . 53.88 5.21 33.01
C6 BCL CD . 55.41 5.18 33.10
C7 BCL CD . 56.04 6.58 33.06
C8 BCL CD . 57.54 6.64 33.35
C9 BCL CD . 58.28 5.59 32.50
C10 BCL CD . 57.85 6.43 34.84
C11 BCL CD . 59.22 6.92 35.31
C12 BCL CD . 59.33 7.00 36.84
C13 BCL CD . 60.45 7.89 37.40
C14 BCL CD . 60.40 9.32 36.85
C15 BCL CD . 61.85 7.30 37.10
C16 BCL CD . 63.00 8.08 37.73
C17 BCL CD . 64.26 7.28 38.10
C18 BCL CD . 64.16 6.56 39.43
C19 BCL CD . 64.45 7.62 40.51
C20 BCL CD . 65.12 5.37 39.59
C1B LMT DD . 32.58 7.91 52.96
C2B LMT DD . 31.41 7.16 53.65
C3B LMT DD . 30.06 7.85 53.37
C4B LMT DD . 30.14 9.36 53.65
C5B LMT DD . 31.36 9.92 52.91
C6B LMT DD . 31.48 11.42 53.15
O1B LMT DD . 32.53 7.73 51.59
O2B LMT DD . 31.41 5.86 53.17
O3B LMT DD . 29.04 7.25 54.06
O4' LMT DD . 29.00 10.00 53.20
O5B LMT DD . 32.55 9.26 53.28
O6B LMT DD . 32.36 11.98 52.26
C1' LMT DD . 34.88 6.69 48.30
C2' LMT DD . 34.78 5.62 49.42
C3' LMT DD . 33.61 5.95 50.38
C4' LMT DD . 33.74 7.38 50.92
C5' LMT DD . 33.91 8.30 49.69
C6' LMT DD . 33.93 9.76 50.04
O1' LMT DD . 35.98 6.46 47.50
O2' LMT DD . 34.52 4.40 48.83
O3' LMT DD . 33.58 5.07 51.42
O5' LMT DD . 35.06 7.96 48.94
O6' LMT DD . 35.20 10.21 49.80
C1 LMT DD . 35.77 6.58 46.08
C2 LMT DD . 37.02 6.06 45.38
C3 LMT DD . 37.12 6.31 43.89
C4 LMT DD . 38.44 5.74 43.36
C5 LMT DD . 38.57 5.89 41.86
C6 LMT DD . 39.99 5.67 41.38
C7 LMT DD . 40.03 5.05 39.99
C8 LMT DD . 41.44 4.70 39.64
C9 LMT DD . 41.60 3.80 38.43
C10 LMT DD . 43.07 3.58 38.18
C11 LMT DD . 43.34 2.65 37.04
C12 LMT DD . 43.02 1.22 37.35
C1B LMT ED . 26.02 -0.61 57.63
C2B LMT ED . 25.74 -0.02 59.04
C3B LMT ED . 24.43 0.80 59.09
C4B LMT ED . 24.34 1.78 57.90
C5B LMT ED . 24.54 0.95 56.63
C6B LMT ED . 24.32 1.81 55.39
O1B LMT ED . 25.30 -1.78 57.38
O2B LMT ED . 25.69 -1.07 59.93
O3B LMT ED . 24.28 1.43 60.30
O4' LMT ED . 23.11 2.40 57.87
O5B LMT ED . 25.80 0.35 56.61
O6B LMT ED . 25.32 2.75 55.28
C1' LMT ED . 26.34 -5.40 55.42
C2' LMT ED . 26.33 -5.43 56.97
C3' LMT ED . 25.58 -4.19 57.59
C4' LMT ED . 26.04 -2.90 56.89
C5' LMT ED . 25.71 -3.19 55.41
C6' LMT ED . 25.63 -2.00 54.49
O1' LMT ED . 27.31 -6.26 54.93
O2' LMT ED . 25.69 -6.57 57.39
O3' LMT ED . 25.80 -4.11 58.93
O5' LMT ED . 26.64 -4.12 54.93
O6' LMT ED . 24.34 -1.54 54.57
C1 LMT ED . 27.25 -6.52 53.54
C2 LMT ED . 28.29 -7.58 53.26
C3 LMT ED . 28.39 -8.11 51.86
C4 LMT ED . 28.11 -7.01 50.85
C5 LMT ED . 28.48 -7.42 49.45
C6 LMT ED . 28.39 -6.26 48.50
C7 LMT ED . 29.27 -6.39 47.27
C8 LMT ED . 30.72 -6.25 47.56
C9 LMT ED . 31.60 -6.56 46.37
C10 LMT ED . 32.94 -7.06 46.84
C11 LMT ED . 32.93 -8.52 47.15
C12 LMT ED . 32.77 -9.35 45.91
MG BCL FD . 49.52 -12.60 43.34
CHA BCL FD . 50.93 -11.58 46.33
CHB BCL FD . 46.70 -10.90 44.22
CHC BCL FD . 48.47 -12.70 40.11
CHD BCL FD . 52.65 -13.72 42.29
NA BCL FD . 48.93 -11.38 45.06
C1A BCL FD . 49.63 -11.18 46.23
C2A BCL FD . 48.77 -10.50 47.27
C3A BCL FD . 47.37 -10.56 46.66
C4A BCL FD . 47.65 -10.90 45.22
CMA BCL FD . 46.49 -11.61 47.34
CAA BCL FD . 49.21 -9.06 47.62
CBA BCL FD . 50.05 -8.31 46.56
CGA BCL FD . 49.31 -7.48 45.57
O1A BCL FD . 49.74 -6.48 45.07
O2A BCL FD . 48.19 -7.98 45.13
NB BCL FD . 47.87 -11.88 42.30
C1B BCL FD . 46.76 -11.27 42.87
C2B BCL FD . 45.75 -11.09 41.92
C3B BCL FD . 46.23 -11.63 40.70
C4B BCL FD . 47.57 -12.10 40.99
CMB BCL FD . 44.43 -10.43 42.26
CAB BCL FD . 45.60 -11.75 39.38
OBB BCL FD . 46.03 -12.52 38.51
CBB BCL FD . 44.42 -10.92 38.97
NC BCL FD . 50.44 -13.14 41.48
C1C BCL FD . 49.81 -13.10 40.27
C2C BCL FD . 50.64 -13.67 39.17
C3C BCL FD . 51.82 -14.28 39.94
C4C BCL FD . 51.73 -13.58 41.28
CMC BCL FD . 49.89 -14.67 38.33
CAC BCL FD . 53.18 -14.17 39.18
CBC BCL FD . 53.77 -12.77 39.18
ND BCL FD . 51.40 -12.64 44.10
C1D BCL FD . 52.60 -13.15 43.60
C2D BCL FD . 53.66 -12.99 44.54
C3D BCL FD . 53.06 -12.38 45.65
C4D BCL FD . 51.71 -12.19 45.35
CMD BCL FD . 55.09 -13.41 44.34
CAD BCL FD . 53.21 -12.02 47.01
OBD BCL FD . 54.22 -12.08 47.75
CBD BCL FD . 51.86 -11.50 47.54
CGD BCL FD . 51.38 -12.27 48.71
O1D BCL FD . 51.39 -13.48 48.79
O2D BCL FD . 50.93 -11.52 49.68
CED BCL FD . 50.22 -12.18 50.77
C1 BCL FD . 47.52 -7.47 43.95
C2 BCL FD . 48.34 -7.99 42.78
C3 BCL FD . 48.06 -7.88 41.51
C4 BCL FD . 46.84 -7.16 40.93
C5 BCL FD . 49.01 -8.48 40.49
C6 BCL FD . 50.22 -7.61 40.19
C7 BCL FD . 51.49 -8.41 39.88
C8 BCL FD . 52.58 -8.46 40.96
C9 BCL FD . 53.64 -9.50 40.58
C10 BCL FD . 51.99 -8.76 42.36
C11 BCL FD . 52.87 -9.33 43.47
C12 BCL FD . 54.02 -8.46 43.97
C13 BCL FD . 54.70 -9.08 45.21
C14 BCL FD . 54.14 -8.54 46.52
C15 BCL FD . 56.24 -8.88 45.20
C16 BCL FD . 57.04 -9.90 46.01
C17 BCL FD . 57.50 -9.49 47.42
C18 BCL FD . 57.82 -10.69 48.31
C19 BCL FD . 58.35 -10.11 49.64
C20 BCL FD . 58.83 -11.67 47.71
MG BCL GD . 41.88 -5.14 57.81
CHA BCL GD . 43.33 -8.26 57.47
CHB BCL GD . 44.21 -3.93 55.63
CHC BCL GD . 40.89 -2.02 58.56
CHD BCL GD . 40.28 -6.27 60.72
NA BCL GD . 43.56 -6.01 56.73
C1A BCL GD . 43.92 -7.34 56.63
C2A BCL GD . 44.95 -7.57 55.55
C3A BCL GD . 45.31 -6.15 55.10
C4A BCL GD . 44.32 -5.29 55.81
CMA BCL GD . 46.75 -5.78 55.45
CAA BCL GD . 44.45 -8.44 54.39
CBA BCL GD . 45.56 -8.69 53.36
CGA BCL GD . 45.11 -9.31 52.08
O1A BCL GD . 45.20 -10.45 51.81
O2A BCL GD . 44.58 -8.44 51.24
NB BCL GD . 42.49 -3.26 57.24
C1B BCL GD . 43.38 -2.98 56.21
C2B BCL GD . 43.31 -1.63 55.85
C3B BCL GD . 42.36 -1.01 56.67
C4B BCL GD . 41.87 -2.08 57.55
CMB BCL GD . 44.16 -1.04 54.74
CAB BCL GD . 42.01 0.40 56.60
OBB BCL GD . 42.53 1.20 55.80
CBB BCL GD . 40.97 1.02 57.50
NC BCL GD . 40.78 -4.28 59.41
C1C BCL GD . 40.42 -2.97 59.48
C2C BCL GD . 39.46 -2.67 60.57
C3C BCL GD . 39.10 -4.06 61.09
C4C BCL GD . 40.15 -4.93 60.46
CMC BCL GD . 40.04 -1.74 61.63
CAC BCL GD . 37.65 -4.49 60.75
CBC BCL GD . 36.60 -3.75 61.55
ND BCL GD . 41.81 -6.86 58.89
C1D BCL GD . 41.13 -7.22 60.07
C2D BCL GD . 41.39 -8.56 60.41
C3D BCL GD . 42.25 -9.03 59.44
C4D BCL GD . 42.48 -7.99 58.54
CMD BCL GD . 40.83 -9.29 61.61
CAD BCL GD . 42.90 -10.17 58.91
OBD BCL GD . 42.95 -11.34 59.31
CBD BCL GD . 43.64 -9.75 57.60
CGD BCL GD . 45.05 -10.12 57.67
O1D BCL GD . 45.86 -9.63 58.44
O2D BCL GD . 45.40 -11.07 56.82
CED BCL GD . 46.79 -11.46 56.77
C1 BCL GD . 44.12 -8.97 49.97
C2 BCL GD . 43.31 -7.88 49.30
C3 BCL GD . 43.78 -7.00 48.43
C4 BCL GD . 45.23 -6.89 48.01
C5 BCL GD . 42.85 -6.04 47.70
C6 BCL GD . 43.05 -4.54 47.96
C7 BCL GD . 42.14 -3.69 47.09
C8 BCL GD . 42.59 -2.24 46.95
C9 BCL GD . 42.19 -1.44 48.20
C10 BCL GD . 41.98 -1.59 45.69
C11 BCL GD . 42.61 -2.03 44.39
C12 BCL GD . 42.13 -1.21 43.19
C13 BCL GD . 41.93 -2.04 41.91
C14 BCL GD . 43.22 -2.16 41.08
C15 BCL GD . 40.85 -1.34 41.07
C16 BCL GD . 40.93 0.15 40.81
C17 BCL GD . 39.75 0.81 40.06
C18 BCL GD . 38.44 0.87 40.82
C19 BCL GD . 37.51 -0.21 40.21
C20 BCL GD . 37.75 2.24 40.72
MG BCL HD . 40.93 -27.04 46.40
CHA BCL HD . 41.94 -26.72 49.69
CHB BCL HD . 38.27 -25.04 47.15
CHC BCL HD . 40.35 -26.63 43.09
CHD BCL HD . 44.08 -28.35 45.61
NA BCL HD . 40.23 -26.05 48.20
C1A BCL HD . 40.80 -26.01 49.45
C2A BCL HD . 40.20 -24.93 50.27
C3A BCL HD . 38.82 -24.80 49.64
C4A BCL HD . 39.08 -25.27 48.23
CMA BCL HD . 37.79 -25.70 50.32
CAA BCL HD . 41.04 -23.64 50.16
CBA BCL HD . 40.35 -22.29 50.27
CGA BCL HD . 40.15 -21.56 48.98
O1A BCL HD . 40.89 -20.77 48.52
O2A BCL HD . 38.99 -21.86 48.40
NB BCL HD . 39.56 -25.97 45.27
C1B BCL HD . 38.47 -25.27 45.79
C2B BCL HD . 37.66 -24.78 44.74
C3B BCL HD . 38.21 -25.26 43.53
C4B BCL HD . 39.43 -25.97 43.92
CMB BCL HD . 36.44 -23.91 45.00
CAB BCL HD . 37.75 -25.14 42.14
OBB BCL HD . 38.51 -25.30 41.18
CBB BCL HD . 36.31 -24.83 41.79
NC BCL HD . 42.06 -27.43 44.62
C1C BCL HD . 41.61 -27.18 43.35
C2C BCL HD . 42.58 -27.61 42.30
C3C BCL HD . 43.62 -28.39 43.10
C4C BCL HD . 43.33 -27.97 44.52
CMC BCL HD . 41.94 -28.43 41.19
CAC BCL HD . 45.07 -28.13 42.60
CBC BCL HD . 45.58 -26.74 42.92
ND BCL HD . 42.67 -27.42 47.38
C1D BCL HD . 43.87 -28.04 46.99
C2D BCL HD . 44.71 -28.27 48.11
C3D BCL HD . 44.01 -27.79 49.20
C4D BCL HD . 42.80 -27.28 48.73
CMD BCL HD . 46.08 -28.90 48.06
CAD BCL HD . 44.02 -27.55 50.60
OBD BCL HD . 44.92 -27.77 51.45
CBD BCL HD . 42.67 -26.93 51.01
CGD BCL HD . 41.92 -27.78 51.97
O1D BCL HD . 42.12 -28.95 52.16
O2D BCL HD . 40.99 -27.10 52.62
CED BCL HD . 40.00 -27.87 53.36
C1 BCL HD . 38.47 -21.14 47.24
C2 BCL HD . 39.29 -21.57 46.02
C3 BCL HD . 39.07 -21.00 44.86
C4 BCL HD . 38.05 -19.90 44.60
C5 BCL HD . 39.87 -21.37 43.59
C6 BCL HD . 41.12 -22.22 43.75
C7 BCL HD . 42.29 -21.48 44.41
C8 BCL HD . 43.59 -22.29 44.47
C9 BCL HD . 44.00 -22.76 43.06
C10 BCL HD . 43.42 -23.50 45.41
C11 BCL HD . 44.73 -24.18 45.79
C12 BCL HD . 45.52 -23.42 46.85
C13 BCL HD . 45.58 -24.17 48.20
C14 BCL HD . 44.27 -24.07 48.97
C15 BCL HD . 46.69 -23.65 49.13
C16 BCL HD . 47.18 -24.74 50.09
C17 BCL HD . 48.17 -24.34 51.19
C18 BCL HD . 48.66 -25.54 51.98
C19 BCL HD . 49.24 -25.00 53.29
C20 BCL HD . 49.69 -26.38 51.22
MG BCL ID . 32.58 -20.56 61.25
CHA BCL ID . 33.67 -23.77 60.61
CHB BCL ID . 35.32 -19.41 59.58
CHC BCL ID . 31.94 -17.45 62.40
CHD BCL ID . 30.40 -21.83 63.67
NA BCL ID . 34.29 -21.50 60.27
C1A BCL ID . 34.48 -22.86 60.01
C2A BCL ID . 35.57 -23.08 58.99
C3A BCL ID . 36.14 -21.66 58.78
C4A BCL ID . 35.24 -20.78 59.57
CMA BCL ID . 37.59 -21.54 59.25
CAA BCL ID . 35.13 -23.69 57.66
CBA BCL ID . 36.32 -23.90 56.71
CGA BCL ID . 36.00 -24.15 55.28
O1A BCL ID . 36.13 -25.19 54.72
O2A BCL ID . 35.61 -23.07 54.62
NB BCL ID . 33.52 -18.72 61.09
C1B BCL ID . 34.56 -18.43 60.21
C2B BCL ID . 34.70 -17.05 60.05
C3B BCL ID . 33.76 -16.42 60.85
C4B BCL ID . 33.02 -17.52 61.49
CMB BCL ID . 35.75 -16.44 59.15
CAB BCL ID . 33.58 -14.97 60.96
OBB BCL ID . 34.29 -14.15 60.35
CBB BCL ID . 32.54 -14.34 61.86
NC BCL ID . 31.37 -19.77 62.83
C1C BCL ID . 31.19 -18.44 63.05
C2C BCL ID . 30.10 -18.15 64.02
C3C BCL ID . 29.48 -19.53 64.26
C4C BCL ID . 30.48 -20.46 63.63
CMC BCL ID . 30.60 -17.48 65.29
CAC BCL ID . 28.05 -19.67 63.68
CBC BCL ID . 27.00 -18.92 64.48
ND BCL ID . 32.12 -22.38 62.02
C1D BCL ID . 31.20 -22.79 63.00
C2D BCL ID . 31.21 -24.19 63.14
C3D BCL ID . 32.16 -24.65 62.22
C4D BCL ID . 32.69 -23.54 61.58
CMD BCL ID . 30.36 -24.99 64.09
CAD BCL ID . 32.69 -25.78 61.57
OBD BCL ID . 32.49 -27.00 61.76
CBD BCL ID . 33.68 -25.30 60.48
CGD BCL ID . 34.97 -25.96 60.63
O1D BCL ID . 35.68 -25.90 61.61
O2D BCL ID . 35.33 -26.67 59.57
CED BCL ID . 36.61 -27.35 59.62
C1 BCL ID . 35.39 -23.24 53.19
C2 BCL ID . 34.78 -21.95 52.68
C3 BCL ID . 35.40 -21.05 51.95
C4 BCL ID . 36.87 -21.14 51.54
C5 BCL ID . 34.68 -19.84 51.36
C6 BCL ID . 35.05 -18.48 51.93
C7 BCL ID . 34.30 -17.35 51.22
C8 BCL ID . 34.75 -15.92 51.57
C9 BCL ID . 34.99 -15.77 53.08
C10 BCL ID . 33.71 -14.90 51.10
C11 BCL ID . 33.29 -15.00 49.65
C12 BCL ID . 34.47 -14.76 48.69
C13 BCL ID . 34.18 -15.13 47.22
C14 BCL ID . 34.17 -16.64 46.99
C15 BCL ID . 35.28 -14.49 46.37
C16 BCL ID . 35.45 -14.97 44.93
C17 BCL ID . 36.51 -14.19 44.14
C18 BCL ID . 36.85 -14.73 42.76
C19 BCL ID . 37.37 -16.17 42.94
C20 BCL ID . 37.90 -13.89 42.03
C1B LMT JD . 20.45 -11.14 59.89
C2B LMT JD . 18.94 -11.43 59.73
C3B LMT JD . 18.19 -10.21 59.17
C4B LMT JD . 18.56 -8.91 59.92
C5B LMT JD . 20.09 -8.83 60.01
C6B LMT JD . 20.52 -7.57 60.75
O1B LMT JD . 21.07 -11.05 58.64
O2B LMT JD . 18.82 -12.51 58.90
O3B LMT JD . 16.84 -10.42 59.14
O4' LMT JD . 18.08 -7.80 59.26
O5B LMT JD . 20.65 -9.96 60.62
O6B LMT JD . 21.89 -7.53 60.86
C1' LMT JD . 23.88 -12.99 56.29
C2' LMT JD . 23.01 -13.91 57.16
C3' LMT JD . 21.80 -13.13 57.72
C4' LMT JD . 22.23 -11.83 58.43
C5' LMT JD . 23.20 -11.08 57.46
C6' LMT JD . 23.76 -9.79 58.00
O1' LMT JD . 25.03 -13.63 55.90
O2' LMT JD . 22.54 -14.94 56.40
O3' LMT JD . 21.08 -13.92 58.58
O5' LMT JD . 24.29 -11.90 57.10
O6' LMT JD . 22.71 -8.95 58.19
C1 LMT JD . 25.97 -12.80 55.25
C2 LMT JD . 26.78 -13.64 54.29
C3 LMT JD . 27.74 -12.89 53.43
C4 LMT JD . 28.28 -13.72 52.28
C5 LMT JD . 28.52 -12.84 51.09
C6 LMT JD . 29.30 -13.48 49.99
C7 LMT JD . 28.79 -14.84 49.59
C8 LMT JD . 29.24 -15.14 48.19
C9 LMT JD . 29.01 -16.55 47.74
C10 LMT JD . 29.39 -16.66 46.29
C11 LMT JD . 29.38 -18.09 45.82
C12 LMT JD . 30.58 -18.84 46.27
C1B LMT KD . 43.90 -27.67 37.47
C2B LMT KD . 44.96 -26.56 37.68
C3B LMT KD . 45.42 -25.98 36.32
C4B LMT KD . 45.79 -27.10 35.32
C5B LMT KD . 44.70 -28.18 35.33
C6B LMT KD . 45.12 -29.35 34.44
O1B LMT KD . 42.74 -27.15 36.93
O2B LMT KD . 44.39 -25.60 38.47
O3B LMT KD . 46.42 -25.08 36.48
O4' LMT KD . 45.89 -26.58 34.05
O5B LMT KD . 44.41 -28.65 36.62
O6B LMT KD . 46.08 -30.10 35.06
C1' LMT KD . 38.75 -26.47 37.25
C2' LMT KD . 39.57 -25.71 38.30
C3' LMT KD . 41.08 -25.79 37.93
C4' LMT KD . 41.54 -27.24 37.68
C5' LMT KD . 40.46 -27.97 36.81
C6' LMT KD . 40.73 -29.43 36.64
O1' LMT KD . 37.41 -26.38 37.55
O2' LMT KD . 39.18 -24.40 38.32
O3' LMT KD . 41.85 -25.24 38.92
O5' LMT KD . 39.15 -27.82 37.32
O6' LMT KD . 41.86 -29.56 35.88
C1 LMT KD . 36.54 -26.46 36.42
C2 LMT KD . 35.21 -25.89 36.87
C3 LMT KD . 35.22 -24.50 37.44
C4 LMT KD . 33.81 -24.01 37.73
C5 LMT KD . 33.12 -23.54 36.48
C6 LMT KD . 31.72 -23.03 36.72
C7 LMT KD . 31.74 -21.80 37.58
C8 LMT KD . 30.37 -21.20 37.69
C9 LMT KD . 30.28 -19.99 38.58
C10 LMT KD . 30.40 -18.73 37.76
C11 LMT KD . 29.13 -18.38 37.06
C12 LMT KD . 29.25 -17.08 36.32
C1 V7N LD . 7.66 -38.61 52.74
C10 V7N LD . 15.99 -44.77 51.24
C11 V7N LD . 17.01 -45.66 50.87
C12 V7N LD . 18.35 -45.43 51.23
C13 V7N LD . 19.46 -46.21 50.86
C14 V7N LD . 20.76 -45.75 51.18
C15 V7N LD . 21.95 -46.38 50.80
C16 V7N LD . 23.22 -45.84 51.05
C17 V7N LD . 24.39 -46.46 50.60
C18 V7N LD . 25.71 -46.00 50.78
C19 V7N LD . 26.76 -46.74 50.20
C2 V7N LD . 8.34 -39.60 53.71
C20 V7N LD . 28.10 -46.35 50.11
C21 V7N LD . 29.09 -47.14 49.48
C22 V7N LD . 30.45 -46.95 49.61
C23 V7N LD . 31.44 -47.81 48.91
C24 V7N LD . 32.28 -47.00 47.93
C25 V7N LD . 33.34 -47.75 47.22
C26 V7N LD . 33.21 -48.40 46.05
C27 V7N LD . 34.38 -49.12 45.45
C28 V7N LD . 34.00 -50.46 44.84
C29 V7N LD . 35.17 -51.20 44.30
C3 V7N LD . 8.74 -40.89 53.12
C30 V7N LD . 8.71 -37.98 51.82
C31 V7N LD . 6.63 -39.33 51.89
C33 V7N LD . 9.44 -43.32 51.40
C34 V7N LD . 14.00 -46.02 50.30
C35 V7N LD . 19.31 -47.50 50.14
C36 V7N LD . 25.96 -44.77 51.57
C37 V7N LD . 31.00 -45.88 50.47
C38 V7N LD . 31.93 -48.45 45.30
C39 V7N LD . 35.58 -51.14 43.02
C4 V7N LD . 9.95 -41.10 52.51
C40 V7N LD . 36.75 -51.91 42.56
C41 V7N LD . 7.90 -36.90 54.44
C43 V7N LD . 34.91 -50.32 41.98
C5 V7N LD . 10.39 -42.33 51.95
C6 V7N LD . 11.77 -42.57 51.91
C7 V7N LD . 12.40 -43.72 51.42
C8 V7N LD . 13.80 -43.79 51.44
C9 V7N LD . 14.60 -44.86 50.99
O32 V7N LD . 7.05 -37.62 53.57
O42 V7N LD . 14.56 -47.07 50.00
O44 V7N LD . 37.05 -51.85 41.26
O45 V7N LD . 37.49 -52.62 43.25
C1B LMT MD . 12.25 -16.99 58.52
C2B LMT MD . 12.39 -16.21 59.85
C3B LMT MD . 11.52 -16.85 60.95
C4B LMT MD . 10.07 -17.04 60.47
C5B LMT MD . 10.10 -17.76 59.11
C6B LMT MD . 8.68 -17.92 58.58
O1B LMT MD . 12.82 -18.25 58.68
O2B LMT MD . 13.72 -16.25 60.19
O3B LMT MD . 11.58 -16.15 62.13
O4' LMT MD . 9.35 -17.80 61.37
O5B LMT MD . 10.91 -17.10 58.17
O6B LMT MD . 8.15 -16.70 58.24
C1' LMT MD . 14.36 -21.58 57.22
C2' LMT MD . 15.42 -20.50 57.24
C3' LMT MD . 14.87 -19.28 58.02
C4' LMT MD . 13.45 -18.85 57.56
C5' LMT MD . 12.60 -20.11 57.16
C6' LMT MD . 11.35 -19.76 56.41
O1' LMT MD . 14.80 -22.77 56.68
O2' LMT MD . 16.52 -20.99 57.91
O3' LMT MD . 15.73 -18.22 57.92
O5' LMT MD . 13.31 -21.06 56.42
O6' LMT MD . 10.57 -20.88 56.44
C1 LMT MD . 14.98 -22.83 55.28
C2 LMT MD . 15.63 -24.18 55.03
C3 LMT MD . 16.96 -24.39 55.66
C4 LMT MD . 17.71 -25.52 54.98
C5 LMT MD . 17.93 -25.33 53.52
C6 LMT MD . 19.03 -26.23 53.02
C7 LMT MD . 19.13 -26.24 51.52
C8 LMT MD . 19.88 -25.05 51.03
C9 LMT MD . 19.63 -24.69 49.59
C10 LMT MD . 20.12 -25.84 48.74
C11 LMT MD . 19.62 -25.72 47.33
C12 LMT MD . 19.85 -26.97 46.55
C1B LMT ND . 4.46 -29.26 55.88
C2B LMT ND . 2.97 -29.56 55.55
C3B LMT ND . 2.14 -28.27 55.49
C4B LMT ND . 2.40 -27.36 56.72
C5B LMT ND . 3.93 -27.18 56.83
C6B LMT ND . 4.26 -26.29 58.03
O1B LMT ND . 5.13 -28.77 54.75
O2B LMT ND . 2.93 -30.23 54.36
O3B LMT ND . 0.80 -28.55 55.34
O4' LMT ND . 1.80 -26.14 56.56
O5B LMT ND . 4.60 -28.40 56.97
O6B LMT ND . 3.54 -25.12 57.98
C1' LMT ND . 8.29 -29.54 52.22
C2' LMT ND . 7.23 -30.65 52.30
C3' LMT ND . 5.95 -30.14 53.01
C4' LMT ND . 6.28 -29.48 54.35
C5' LMT ND . 7.43 -28.47 54.11
C6' LMT ND . 7.82 -27.72 55.35
O1' LMT ND . 9.47 -30.05 51.69
O2' LMT ND . 6.89 -31.01 51.02
O3' LMT ND . 5.09 -31.17 53.22
O5' LMT ND . 8.56 -29.10 53.55
O6' LMT ND . 8.95 -27.01 55.07
C1 LMT ND . 10.53 -29.11 51.53
C2 LMT ND . 11.18 -29.38 50.20
C3 LMT ND . 12.64 -28.99 50.11
C4 LMT ND . 13.23 -29.27 48.74
C5 LMT ND . 14.71 -28.95 48.77
C6 LMT ND . 15.45 -29.18 47.47
C7 LMT ND . 15.60 -30.66 47.17
C8 LMT ND . 16.43 -30.86 45.94
C9 LMT ND . 17.91 -30.72 46.15
C10 LMT ND . 18.57 -30.24 44.88
C11 LMT ND . 20.07 -30.22 45.01
C12 LMT ND . 20.73 -29.52 43.86
MG BCL OD . 29.37 -39.50 45.84
CHA BCL OD . 29.91 -39.66 49.26
CHB BCL OD . 26.93 -37.21 46.44
CHC BCL OD . 29.52 -38.56 42.57
CHD BCL OD . 32.25 -41.42 45.34
NA BCL OD . 28.57 -38.55 47.63
C1A BCL OD . 28.83 -38.87 48.96
C2A BCL OD . 27.73 -38.41 49.88
C3A BCL OD . 26.73 -37.75 48.92
C4A BCL OD . 27.45 -37.74 47.61
CMA BCL OD . 25.40 -38.51 48.88
CAA BCL OD . 28.14 -37.47 51.04
CBA BCL OD . 28.63 -36.07 50.63
CGA BCL OD . 29.97 -35.99 49.97
O1A BCL OD . 30.78 -36.83 49.93
O2A BCL OD . 30.14 -34.80 49.49
NB BCL OD . 28.42 -38.08 44.67
C1B BCL OD . 27.38 -37.26 45.10
C2B BCL OD . 26.86 -36.50 44.03
C3B BCL OD . 27.58 -36.89 42.87
C4B BCL OD . 28.56 -37.87 43.33
CMB BCL OD . 25.73 -35.50 44.21
CAB BCL OD . 27.46 -36.47 41.45
OBB BCL OD . 28.02 -37.08 40.53
CBB BCL OD . 26.65 -35.27 41.02
NC BCL OD . 30.70 -39.91 44.21
C1C BCL OD . 30.53 -39.48 42.94
C2C BCL OD . 31.62 -39.94 42.03
C3C BCL OD . 32.14 -41.17 42.79
C4C BCL OD . 31.78 -40.78 44.21
CMC BCL OD . 31.15 -40.25 40.62
CAC BCL OD . 33.62 -41.53 42.54
CBC BCL OD . 34.61 -40.45 42.94
ND BCL OD . 30.81 -40.33 47.01
C1D BCL OD . 31.91 -41.15 46.70
C2D BCL OD . 32.55 -41.60 47.88
C3D BCL OD . 31.81 -41.06 48.94
C4D BCL OD . 30.79 -40.31 48.37
CMD BCL OD . 33.77 -42.49 47.94
CAD BCL OD . 31.59 -41.06 50.34
OBD BCL OD . 32.25 -41.59 51.26
CBD BCL OD . 30.31 -40.22 50.63
CGD BCL OD . 29.28 -41.02 51.29
O1D BCL OD . 28.88 -42.11 50.91
O2D BCL OD . 28.78 -40.44 52.37
CED BCL OD . 27.57 -41.00 52.96
C1 BCL OD . 31.37 -34.43 48.80
C2 BCL OD . 31.41 -35.15 47.50
C3 BCL OD . 30.76 -34.90 46.40
C4 BCL OD . 29.68 -33.84 46.27
C5 BCL OD . 31.05 -35.62 45.09
C6 BCL OD . 32.19 -34.97 44.30
C7 BCL OD . 33.58 -35.05 44.98
C8 BCL OD . 34.40 -36.33 44.86
C9 BCL OD . 34.17 -36.95 43.46
C10 BCL OD . 34.13 -37.37 45.97
C11 BCL OD . 34.69 -37.12 47.37
C12 BCL OD . 34.22 -38.19 48.37
C13 BCL OD . 34.70 -38.02 49.83
C14 BCL OD . 34.38 -36.64 50.40
C15 BCL OD . 36.24 -38.25 49.97
C16 BCL OD . 36.67 -38.57 51.41
C17 BCL OD . 36.40 -40.02 51.83
C18 BCL OD . 36.79 -40.37 53.25
C19 BCL OD . 38.33 -40.40 53.30
C20 BCL OD . 36.22 -41.71 53.73
MG BCL PD . 20.16 -34.33 60.41
CHA BCL PD . 20.62 -37.54 59.26
CHB BCL PD . 23.34 -33.63 59.42
CHC BCL PD . 19.95 -31.38 62.04
CHD BCL PD . 17.40 -35.46 62.27
NA BCL PD . 21.76 -35.48 59.49
C1A BCL PD . 21.69 -36.75 58.96
C2A BCL PD . 22.86 -37.06 58.06
C3A BCL PD . 23.80 -35.85 58.30
C4A BCL PD . 22.94 -34.89 59.07
CMA BCL PD . 25.04 -36.24 59.08
CAA BCL PD . 22.54 -37.23 56.57
CBA BCL PD . 23.80 -37.56 55.76
CGA BCL PD . 23.72 -37.48 54.28
O1A BCL PD . 23.70 -38.42 53.55
O2A BCL PD . 23.75 -36.25 53.80
NB BCL PD . 21.47 -32.76 60.75
C1B BCL PD . 22.69 -32.60 60.12
C2B BCL PD . 23.16 -31.30 60.29
C3B BCL PD . 22.22 -30.59 61.04
C4B BCL PD . 21.15 -31.56 61.32
CMB BCL PD . 24.49 -30.83 59.72
CAB BCL PD . 22.33 -29.17 61.41
OBB BCL PD . 23.27 -28.44 61.04
CBB BCL PD . 21.32 -28.48 62.28
NC BCL PD . 18.88 -33.55 61.94
C1C BCL PD . 18.93 -32.27 62.40
C2C BCL PD . 17.82 -31.93 63.32
C3C BCL PD . 16.87 -33.11 63.15
C4C BCL PD . 17.77 -34.14 62.50
CMC BCL PD . 18.27 -31.72 64.77
CAC BCL PD . 15.62 -32.77 62.31
CBC BCL PD . 14.61 -31.92 63.05
ND BCL PD . 19.20 -36.09 60.74
C1D BCL PD . 18.08 -36.44 61.50
C2D BCL PD . 17.76 -37.81 61.36
C3D BCL PD . 18.73 -38.31 60.49
C4D BCL PD . 19.56 -37.26 60.14
CMD BCL PD . 16.62 -38.53 62.02
CAD BCL PD . 19.15 -39.43 59.72
OBD BCL PD . 18.70 -40.59 59.68
CBD BCL PD . 20.37 -39.01 58.87
CGD BCL PD . 21.49 -39.93 59.07
O1D BCL PD . 22.11 -40.08 60.10
O2D BCL PD . 21.80 -40.63 57.98
CED BCL PD . 22.96 -41.48 58.03
C1 BCL PD . 23.80 -36.11 52.34
C2 BCL PD . 23.39 -34.69 52.00
C3 BCL PD . 24.18 -33.68 51.70
C4 BCL PD . 25.71 -33.74 51.71
C5 BCL PD . 23.62 -32.33 51.22
C6 BCL PD . 23.72 -31.14 52.18
C7 BCL PD . 24.90 -30.20 51.85
C8 BCL PD . 24.83 -28.77 52.40
C9 BCL PD . 24.81 -28.79 53.93
C10 BCL PD . 23.61 -27.99 51.86
C11 BCL PD . 23.47 -27.91 50.35
C12 BCL PD . 24.61 -27.13 49.71
C13 BCL PD . 25.34 -27.89 48.60
C14 BCL PD . 26.71 -27.28 48.30
C15 BCL PD . 24.49 -27.88 47.31
C16 BCL PD . 24.30 -29.23 46.65
C17 BCL PD . 25.56 -29.88 46.08
C18 BCL PD . 25.31 -31.29 45.56
C19 BCL PD . 26.65 -32.02 45.68
C20 BCL PD . 24.78 -31.36 44.13
MG BCL QD . 5.99 -44.76 55.52
CHA BCL QD . 6.22 -47.87 54.02
CHB BCL QD . 9.33 -44.37 54.98
CHC BCL QD . 5.98 -42.11 57.62
CHD BCL QD . 2.87 -45.70 56.83
NA BCL QD . 7.54 -45.99 54.62
C1A BCL QD . 7.41 -47.20 53.97
C2A BCL QD . 8.65 -47.54 53.18
C3A BCL QD . 9.68 -46.55 53.71
C4A BCL QD . 8.85 -45.54 54.46
CMA BCL QD . 10.73 -47.21 54.60
CAA BCL QD . 8.49 -47.43 51.65
CBA BCL QD . 9.78 -47.86 50.95
CGA BCL QD . 9.88 -47.60 49.48
O1A BCL QD . 9.96 -48.43 48.65
O2A BCL QD . 9.92 -46.32 49.18
NB BCL QD . 7.43 -43.47 56.25
C1B BCL QD . 8.74 -43.39 55.78
C2B BCL QD . 9.34 -42.21 56.22
C3B BCL QD . 8.42 -41.51 57.00
C4B BCL QD . 7.21 -42.35 56.99
CMB BCL QD . 10.78 -41.85 55.86
CAB BCL QD . 8.68 -40.22 57.65
OBB BCL QD . 9.78 -39.66 57.61
CBB BCL QD . 7.63 -39.48 58.42
NC BCL QD . 4.62 -44.04 57.01
C1C BCL QD . 4.80 -42.88 57.72
C2C BCL QD . 3.63 -42.51 58.55
C3C BCL QD . 2.57 -43.52 58.10
C4C BCL QD . 3.39 -44.53 57.34
CMC BCL QD . 3.92 -42.57 60.05
CAC BCL QD . 1.43 -42.89 57.26
CBC BCL QD . 0.48 -42.04 58.08
ND BCL QD . 4.77 -46.40 55.46
C1D BCL QD . 3.54 -46.69 56.05
C2D BCL QD . 3.13 -48.01 55.75
C3D BCL QD . 4.15 -48.53 54.96
C4D BCL QD . 5.10 -47.54 54.80
CMD BCL QD . 1.86 -48.66 56.22
CAD BCL QD . 4.51 -49.59 54.09
OBD BCL QD . 3.93 -50.66 53.84
CBD BCL QD . 5.85 -49.23 53.42
CGD BCL QD . 6.83 -50.31 53.62
O1D BCL QD . 7.17 -50.75 54.70
O2D BCL QD . 7.33 -50.78 52.48
CED BCL QD . 8.30 -51.85 52.58
C1 BCL QD . 10.08 -46.00 47.77
C2 BCL QD . 10.05 -44.49 47.65
C3 BCL QD . 11.12 -43.71 47.52
C4 BCL QD . 12.55 -44.20 47.52
C5 BCL QD . 10.99 -42.22 47.26
C6 BCL QD . 11.64 -41.28 48.28
C7 BCL QD . 11.63 -39.83 47.78
C8 BCL QD . 12.57 -38.90 48.54
C9 BCL QD . 11.92 -38.45 49.86
C10 BCL QD . 12.95 -37.67 47.69
C11 BCL QD . 14.01 -37.93 46.64
C12 BCL QD . 14.31 -36.67 45.82
C13 BCL QD . 15.53 -36.79 44.88
C14 BCL QD . 15.82 -35.46 44.17
C15 BCL QD . 15.35 -37.89 43.81
C16 BCL QD . 16.53 -37.98 42.82
C17 BCL QD . 16.66 -39.29 42.01
C18 BCL QD . 17.96 -39.38 41.19
C19 BCL QD . 17.82 -38.41 40.01
C20 BCL QD . 18.26 -40.80 40.69
MG BCL RD . 16.40 -49.74 41.84
CHA BCL RD . 16.44 -50.69 45.15
CHB BCL RD . 14.34 -47.18 42.69
CHC BCL RD . 17.06 -48.30 38.84
CHD BCL RD . 18.95 -52.05 41.20
NA BCL RD . 15.55 -49.03 43.71
C1A BCL RD . 15.59 -49.64 44.94
C2A BCL RD . 14.73 -48.92 45.96
C3A BCL RD . 13.92 -47.95 45.08
C4A BCL RD . 14.61 -48.01 43.76
CMA BCL RD . 12.45 -48.36 44.98
CAA BCL RD . 15.59 -48.25 47.07
CBA BCL RD . 15.88 -46.73 47.06
CGA BCL RD . 16.62 -46.32 45.84
O1A BCL RD . 17.33 -47.03 45.23
O2A BCL RD . 16.28 -45.09 45.48
NB BCL RD . 15.86 -47.97 40.91
C1B BCL RD . 14.88 -47.10 41.39
C2B BCL RD . 14.52 -46.19 40.40
C3B BCL RD . 15.30 -46.47 39.24
C4B BCL RD . 16.12 -47.62 39.63
CMB BCL RD . 13.48 -45.11 40.63
CAB BCL RD . 15.37 -45.83 37.93
OBB BCL RD . 15.85 -46.40 36.94
CBB BCL RD . 14.89 -44.42 37.68
NC BCL RD . 17.82 -50.12 40.27
C1C BCL RD . 17.88 -49.42 39.10
C2C BCL RD . 18.95 -49.87 38.18
C3C BCL RD . 19.48 -51.14 38.88
C4C BCL RD . 18.73 -51.14 40.18
CMC BCL RD . 18.45 -50.12 36.77
CAC BCL RD . 21.02 -51.14 39.06
CBC BCL RD . 21.77 -51.24 37.75
ND BCL RD . 17.53 -51.05 42.91
C1D BCL RD . 18.46 -52.01 42.54
C2D BCL RD . 18.80 -52.85 43.63
C3D BCL RD . 18.04 -52.39 44.69
C4D BCL RD . 17.29 -51.32 44.23
CMD BCL RD . 19.80 -53.99 43.60
CAD BCL RD . 17.63 -52.62 46.03
OBD BCL RD . 18.02 -53.45 46.86
CBD BCL RD . 16.52 -51.60 46.38
CGD BCL RD . 15.24 -52.24 46.70
O1D BCL RD . 14.73 -53.14 46.07
O2D BCL RD . 14.67 -51.73 47.78
CED BCL RD . 13.26 -52.02 48.00
C1 BCL RD . 16.48 -44.49 44.17
C2 BCL RD . 17.96 -44.56 43.87
C3 BCL RD . 18.37 -44.49 42.64
C4 BCL RD . 17.44 -44.33 41.43
C5 BCL RD . 19.83 -44.65 42.27
C6 BCL RD . 20.11 -45.93 41.46
C7 BCL RD . 19.84 -47.20 42.26
C8 BCL RD . 21.02 -47.71 43.08
C9 BCL RD . 21.93 -48.58 42.17
C10 BCL RD . 20.58 -48.54 44.29
C11 BCL RD . 21.72 -48.75 45.28
C12 BCL RD . 21.26 -49.09 46.70
C13 BCL RD . 20.90 -50.56 46.96
C14 BCL RD . 19.85 -50.72 48.06
C15 BCL RD . 22.16 -51.35 47.39
C16 BCL RD . 22.07 -52.87 47.40
C17 BCL RD . 22.65 -53.57 48.64
C18 BCL RD . 21.68 -53.57 49.82
C19 BCL RD . 22.51 -53.83 51.09
C20 BCL RD . 20.56 -54.62 49.69
C1B LMT SD . -14.03 -39.47 48.28
C2B LMT SD . -15.24 -39.69 47.34
C3B LMT SD . -15.77 -38.36 46.79
C4B LMT SD . -16.05 -37.37 47.95
C5B LMT SD . -14.77 -37.29 48.81
C6B LMT SD . -14.99 -36.33 49.97
O1B LMT SD . -12.91 -39.00 47.60
O2B LMT SD . -14.86 -40.53 46.32
O3B LMT SD . -16.87 -38.54 46.00
O4' LMT SD . -16.36 -36.13 47.46
O5B LMT SD . -14.37 -38.56 49.29
O6B LMT SD . -13.85 -36.19 50.71
C1' LMT SD . -9.35 -40.51 46.00
C2' LMT SD . -10.60 -40.56 45.09
C3' LMT SD . -11.70 -39.62 45.64
C4' LMT SD . -12.00 -39.96 47.10
C5' LMT SD . -10.62 -39.85 47.83
C6' LMT SD . -10.71 -39.95 49.33
O1' LMT SD . -8.44 -41.43 45.57
O2' LMT SD . -10.25 -40.16 43.84
O3' LMT SD . -12.84 -39.72 44.90
O5' LMT SD . -9.73 -40.82 47.33
O6' LMT SD . -9.48 -39.58 49.82
C1 LMT SD . -7.18 -41.38 46.19
C2 LMT SD . -6.20 -42.01 45.23
C3 LMT SD . -5.90 -41.24 43.98
C4 LMT SD . -4.85 -41.98 43.16
C5 LMT SD . -4.39 -41.10 42.04
C6 LMT SD . -3.23 -41.66 41.24
C7 LMT SD . -2.70 -40.58 40.33
C8 LMT SD . -1.55 -41.05 39.49
C9 LMT SD . -1.09 -40.00 38.52
C10 LMT SD . 0.03 -40.52 37.64
C11 LMT SD . 1.36 -40.55 38.33
C12 LMT SD . 2.47 -40.81 37.37
C1B LMT TD . 9.10 -55.63 24.94
C2B LMT TD . 9.18 -57.03 24.29
C3B LMT TD . 10.03 -57.98 25.14
C4B LMT TD . 11.39 -57.33 25.51
C5B LMT TD . 11.09 -55.95 26.12
C6B LMT TD . 12.40 -55.27 26.51
O1B LMT TD . 8.29 -55.65 26.08
O2B LMT TD . 7.89 -57.50 24.15
O3B LMT TD . 10.18 -59.20 24.52
O4' LMT TD . 12.06 -58.10 26.43
O5B LMT TD . 10.37 -55.14 25.25
O6B LMT TD . 12.96 -55.86 27.61
C1' LMT TD . 5.41 -52.90 27.47
C2' LMT TD . 5.28 -53.45 26.02
C3' LMT TD . 6.05 -54.77 25.89
C4' LMT TD . 7.50 -54.48 26.26
C5' LMT TD . 7.42 -54.05 27.74
C6' LMT TD . 8.75 -54.03 28.48
O1' LMT TD . 4.83 -51.64 27.57
O2' LMT TD . 3.96 -53.67 25.74
O3' LMT TD . 5.96 -55.29 24.64
O5' LMT TD . 6.78 -52.79 27.84
O6' LMT TD . 9.48 -53.00 27.92
C1 LMT TD . 5.19 -50.73 26.55
C2 LMT TD . 4.56 -49.40 26.88
C3 LMT TD . 3.11 -49.37 27.28
C4 LMT TD . 3.00 -49.00 28.75
C5 LMT TD . 1.60 -49.16 29.25
C6 LMT TD . 1.33 -48.40 30.53
C7 LMT TD . -0.02 -48.79 31.09
C8 LMT TD . -0.33 -48.02 32.34
C9 LMT TD . -1.55 -48.53 33.05
C10 LMT TD . -2.24 -47.43 33.81
C11 LMT TD . -1.35 -46.67 34.73
C12 LMT TD . -2.07 -45.56 35.42
MG BCL UD . -8.57 -52.63 47.82
CHA BCL UD . -8.50 -55.47 45.85
CHB BCL UD . -5.16 -52.64 47.77
CHC BCL UD . -8.57 -50.24 50.20
CHD BCL UD . -11.91 -53.32 48.60
NA BCL UD . -7.05 -53.93 46.94
C1A BCL UD . -7.24 -54.97 46.06
C2A BCL UD . -5.94 -55.44 45.45
C3A BCL UD . -4.89 -54.62 46.23
C4A BCL UD . -5.70 -53.63 46.99
CMA BCL UD . -4.05 -55.50 47.16
CAA BCL UD . -5.83 -55.21 43.93
CBA BCL UD . -4.51 -55.74 43.36
CGA BCL UD . -4.15 -55.24 42.00
O1A BCL UD . -4.10 -55.91 41.02
O2A BCL UD . -3.83 -53.95 41.95
NB BCL UD . -7.11 -51.64 48.89
C1B BCL UD . -5.74 -51.68 48.59
C2B BCL UD . -5.07 -50.64 49.24
C3B BCL UD . -6.01 -49.90 49.96
C4B BCL UD . -7.29 -50.58 49.72
CMB BCL UD . -3.57 -50.44 49.13
CAB BCL UD . -5.70 -48.70 50.75
OBB BCL UD . -4.57 -48.20 50.80
CBB BCL UD . -6.73 -47.99 51.57
NC BCL UD . -10.03 -51.91 49.20
C1C BCL UD . -9.83 -50.85 50.04
C2C BCL UD . -11.07 -50.39 50.71
C3C BCL UD . -12.16 -51.22 50.02
C4C BCL UD . -11.35 -52.27 49.29
CMC BCL UD . -11.03 -50.59 52.22
CAC BCL UD . -13.09 -50.40 49.10
CBC BCL UD . -14.08 -49.54 49.85
ND BCL UD . -9.94 -54.06 47.36
C1D BCL UD . -11.27 -54.24 47.73
C2D BCL UD . -11.81 -55.39 47.11
C3D BCL UD . -10.77 -55.92 46.36
C4D BCL UD . -9.67 -55.11 46.54
CMD BCL UD . -13.23 -55.89 47.27
CAD BCL UD . -10.41 -56.90 45.40
OBD BCL UD . -11.07 -57.83 44.90
CBD BCL UD . -8.94 -56.64 44.98
CGD BCL UD . -8.15 -57.88 45.12
O1D BCL UD . -8.00 -58.49 46.17
O2D BCL UD . -7.61 -58.29 44.00
CED BCL UD . -6.83 -59.51 44.03
C1 BCL UD . -3.44 -53.45 40.64
C2 BCL UD . -3.31 -51.93 40.76
C3 BCL UD . -2.17 -51.26 40.85
C4 BCL UD . -0.79 -51.91 40.86
C5 BCL UD . -2.12 -49.74 40.88
C6 BCL UD . -1.44 -49.11 42.10
C7 BCL UD . -1.61 -47.58 42.11
C8 BCL UD . -0.64 -46.87 43.06
C9 BCL UD . -0.87 -47.31 44.52
C10 BCL UD . -0.77 -45.33 42.97
C11 BCL UD . -0.49 -44.73 41.60
C12 BCL UD . 0.82 -45.23 40.99
C13 BCL UD . 1.30 -44.42 39.78
C14 BCL UD . 0.35 -44.53 38.59
C15 BCL UD . 2.67 -44.97 39.36
C16 BCL UD . 3.52 -44.05 38.51
C17 BCL UD . 4.80 -44.66 37.92
C18 BCL UD . 5.79 -43.62 37.44
C19 BCL UD . 6.87 -44.41 36.68
C20 BCL UD . 6.40 -42.79 38.57
MG BCL VD . 2.79 -57.23 34.94
CHA BCL VD . 2.10 -58.43 38.11
CHB BCL VD . 1.04 -54.42 35.72
CHC BCL VD . 4.13 -55.68 32.25
CHD BCL VD . 5.15 -59.79 34.54
NA BCL VD . 1.75 -56.53 36.72
C1A BCL VD . 1.50 -57.21 37.90
C2A BCL VD . 0.45 -56.53 38.73
C3A BCL VD . -0.08 -55.45 37.78
C4A BCL VD . 0.99 -55.36 36.74
CMA BCL VD . -1.42 -55.84 37.16
CAA BCL VD . 0.94 -55.95 40.07
CBA BCL VD . 1.75 -54.64 40.05
CGA BCL VD . 3.13 -54.73 39.51
O1A BCL VD . 3.89 -55.60 39.75
O2A BCL VD . 3.45 -53.72 38.73
NB BCL VD . 2.64 -55.35 34.12
C1B BCL VD . 1.82 -54.32 34.58
C2B BCL VD . 1.87 -53.23 33.70
C3B BCL VD . 2.80 -53.54 32.69
C4B BCL VD . 3.22 -54.90 32.96
CMB BCL VD . 1.01 -51.99 33.91
CAB BCL VD . 3.35 -52.73 31.59
OBB BCL VD . 3.96 -53.24 30.63
CBB BCL VD . 3.25 -51.22 31.57
NC BCL VD . 4.41 -57.67 33.61
C1C BCL VD . 4.77 -56.90 32.54
C2C BCL VD . 5.96 -57.40 31.81
C3C BCL VD . 6.23 -58.74 32.48
C4C BCL VD . 5.22 -58.79 33.60
CMC BCL VD . 5.75 -57.48 30.31
CAC BCL VD . 7.70 -58.91 32.96
CBC BCL VD . 8.71 -58.88 31.83
ND BCL VD . 3.54 -58.74 36.07
C1D BCL VD . 4.41 -59.81 35.77
C2D BCL VD . 4.41 -60.78 36.80
C3D BCL VD . 3.51 -60.30 37.75
C4D BCL VD . 3.02 -59.09 37.28
CMD BCL VD . 5.24 -62.04 36.81
CAD BCL VD . 2.81 -60.60 38.94
OBD BCL VD . 2.93 -61.55 39.74
CBD BCL VD . 1.76 -59.48 39.18
CGD BCL VD . 0.39 -60.00 39.13
O1D BCL VD . 0.03 -60.95 38.46
O2D BCL VD . -0.46 -59.33 39.89
CED BCL VD . -1.88 -59.45 39.60
C1 BCL VD . 4.77 -53.74 38.12
C2 BCL VD . 4.93 -52.39 37.42
C3 BCL VD . 5.40 -52.18 36.21
C4 BCL VD . 5.54 -50.80 35.57
C5 BCL VD . 5.83 -53.32 35.29
C6 BCL VD . 7.31 -53.71 35.30
C7 BCL VD . 7.53 -55.22 35.39
C8 BCL VD . 7.45 -55.73 36.83
C9 BCL VD . 8.87 -55.96 37.37
C10 BCL VD . 6.57 -57.01 36.92
C11 BCL VD . 6.23 -57.42 38.35
C12 BCL VD . 7.10 -58.54 38.94
C13 BCL VD . 6.83 -58.73 40.45
C14 BCL VD . 7.35 -57.55 41.26
C15 BCL VD . 7.51 -60.00 40.99
C16 BCL VD . 7.10 -61.34 40.40
C17 BCL VD . 7.34 -62.51 41.37
C18 BCL VD . 6.16 -62.69 42.32
C19 BCL VD . 6.77 -63.14 43.66
C20 BCL VD . 5.11 -63.69 41.83
MG BCL WD . -22.81 -56.54 36.84
CHA BCL WD . -22.93 -58.91 34.34
CHB BCL WD . -19.49 -57.24 37.21
CHC BCL WD . -22.76 -54.66 39.65
CHD BCL WD . -26.31 -56.66 37.07
NA BCL WD . -21.43 -57.94 35.90
C1A BCL WD . -21.65 -58.73 34.80
C2A BCL WD . -20.37 -59.28 34.23
C3A BCL WD . -19.32 -58.89 35.28
C4A BCL WD . -20.07 -57.94 36.18
CMA BCL WD . -18.79 -60.09 36.05
CAA BCL WD . -19.97 -58.76 32.84
CBA BCL WD . -18.69 -59.44 32.34
CGA BCL WD . -18.04 -58.85 31.13
O1A BCL WD . -17.98 -59.38 30.06
O2A BCL WD . -17.50 -57.67 31.33
NB BCL WD . -21.38 -56.08 38.26
C1B BCL WD . -20.01 -56.35 38.15
C2B BCL WD . -19.28 -55.61 39.08
C3B BCL WD . -20.18 -54.84 39.83
C4B BCL WD . -21.51 -55.16 39.27
CMB BCL WD . -17.77 -55.69 39.18
CAB BCL WD . -19.81 -53.92 40.91
OBB BCL WD . -18.63 -53.72 41.24
CBB BCL WD . -20.82 -53.16 41.72
NC BCL WD . -24.32 -55.81 38.17
C1C BCL WD . -24.07 -54.95 39.21
C2C BCL WD . -25.30 -54.37 39.81
C3C BCL WD . -26.38 -54.82 38.83
C4C BCL WD . -25.68 -55.87 38.02
CMC BCL WD . -25.54 -54.83 41.23
CAC BCL WD . -26.96 -53.65 37.97
CBC BCL WD . -27.84 -52.71 38.77
ND BCL WD . -24.33 -57.55 35.95
C1D BCL WD . -25.71 -57.51 36.10
C2D BCL WD . -26.34 -58.38 35.18
C3D BCL WD . -25.31 -58.97 34.46
C4D BCL WD . -24.12 -58.45 34.95
CMD BCL WD . -27.83 -58.60 35.05
CAD BCL WD . -24.97 -59.73 33.32
OBD BCL WD . -25.70 -60.31 32.49
CBD BCL WD . -23.43 -59.78 33.19
CGD BCL WD . -22.95 -61.17 33.17
O1D BCL WD . -23.13 -61.98 34.06
O2D BCL WD . -22.29 -61.47 32.06
CED BCL WD . -21.70 -62.80 31.98
C1 BCL WD . -16.86 -57.07 30.16
C2 BCL WD . -16.40 -55.68 30.58
C3 BCL WD . -15.18 -55.39 30.97
C4 BCL WD . -14.04 -56.39 31.10
C5 BCL WD . -14.76 -53.95 31.27
C6 BCL WD . -14.34 -53.64 32.70
C7 BCL WD . -14.35 -52.14 32.99
C8 BCL WD . -13.45 -51.70 34.15
C9 BCL WD . -13.87 -52.39 35.46
C10 BCL WD . -13.51 -50.17 34.30
C11 BCL WD . -12.86 -49.36 33.19
C12 BCL WD . -11.33 -49.48 33.17
C13 BCL WD . -10.78 -50.39 32.06
C14 BCL WD . -9.31 -50.75 32.30
C15 BCL WD . -10.90 -49.68 30.71
C16 BCL WD . -10.59 -50.62 29.56
C17 BCL WD . -11.11 -50.06 28.22
C18 BCL WD . -11.08 -51.08 27.10
C19 BCL WD . -9.60 -51.33 26.73
C20 BCL WD . -11.86 -50.64 25.86
C1B LMT XD . -31.64 -42.25 32.85
C2B LMT XD . -32.75 -41.36 32.27
C3B LMT XD . -32.53 -39.88 32.66
C4B LMT XD . -32.26 -39.74 34.18
C5B LMT XD . -31.17 -40.76 34.59
C6B LMT XD . -30.92 -40.67 36.09
O1B LMT XD . -30.43 -41.99 32.21
O2B LMT XD . -32.74 -41.52 30.90
O3B LMT XD . -33.57 -39.09 32.24
O4' LMT XD . -31.82 -38.46 34.46
O5B LMT XD . -31.52 -42.06 34.22
O6B LMT XD . -29.58 -40.80 36.35
C1' LMT XD . -27.29 -43.62 30.17
C2' LMT XD . -28.67 -44.02 29.61
C3' LMT XD . -29.74 -43.07 30.20
C4' LMT XD . -29.68 -43.09 31.74
C5' LMT XD . -28.21 -42.88 32.17
C6' LMT XD . -28.04 -42.89 33.67
O1' LMT XD . -26.29 -44.40 29.63
O2' LMT XD . -28.66 -43.89 28.25
O3' LMT XD . -30.99 -43.41 29.78
O5' LMT XD . -27.33 -43.82 31.57
O6' LMT XD . -26.79 -43.38 33.93
C1 LMT XD . -25.03 -43.75 29.51
C2 LMT XD . -24.02 -44.77 29.03
C3 LMT XD . -22.63 -44.24 28.80
C4 LMT XD . -21.70 -45.33 28.28
C5 LMT XD . -20.27 -44.88 28.43
C6 LMT XD . -19.24 -45.99 28.29
C7 LMT XD . -18.99 -46.31 26.83
C8 LMT XD . -17.94 -47.38 26.71
C9 LMT XD . -17.51 -47.66 25.30
C10 LMT XD . -16.32 -48.58 25.29
C11 LMT XD . -15.95 -48.98 23.88
C12 LMT XD . -14.71 -49.81 23.82
MG BCL YD . -9.93 -60.80 24.37
CHA BCL YD . -11.15 -62.68 27.02
CHB BCL YD . -11.46 -58.08 25.73
CHC BCL YD . -8.01 -58.80 22.41
CHD BCL YD . -7.88 -63.50 23.48
NA BCL YD . -11.13 -60.46 26.15
C1A BCL YD . -11.57 -61.39 27.10
C2A BCL YD . -12.43 -60.74 28.16
C3A BCL YD . -12.71 -59.35 27.57
C4A BCL YD . -11.70 -59.23 26.46
CMA BCL YD . -14.15 -59.22 27.04
CAA BCL YD . -11.77 -60.72 29.56
CBA BCL YD . -11.37 -59.41 30.26
CGA BCL YD . -10.13 -58.75 29.77
O1A BCL YD . -9.04 -58.99 30.15
O2A BCL YD . -10.42 -57.81 28.93
NB BCL YD . -9.72 -58.76 24.13
C1B BCL YD . -10.52 -57.79 24.73
C2B BCL YD . -10.25 -56.51 24.19
C3B BCL YD . -9.27 -56.69 23.18
C4B BCL YD . -8.94 -58.11 23.20
CMB BCL YD . -10.93 -55.25 24.69
CAB BCL YD . -8.63 -55.74 22.25
OBB BCL YD . -7.92 -56.12 21.30
CBB BCL YD . -8.78 -54.25 22.36
NC BCL YD . -8.20 -61.11 23.14
C1C BCL YD . -7.59 -60.14 22.40
C2C BCL YD . -6.39 -60.64 21.68
C3C BCL YD . -6.64 -62.15 21.69
C4C BCL YD . -7.53 -62.30 22.90
CMC BCL YD . -6.22 -60.06 20.30
CAC BCL YD . -5.34 -63.01 21.69
CBC BCL YD . -4.53 -62.91 22.96
ND BCL YD . -9.56 -62.68 25.06
C1D BCL YD . -8.70 -63.70 24.62
C2D BCL YD . -8.81 -64.84 25.46
C3D BCL YD . -9.76 -64.51 26.41
C4D BCL YD . -10.19 -63.22 26.15
CMD BCL YD . -8.04 -66.13 25.29
CAD BCL YD . -10.47 -64.95 27.55
OBD BCL YD . -10.43 -66.04 28.16
CBD BCL YD . -11.40 -63.81 28.02
CGD BCL YD . -12.80 -64.25 28.11
O1D BCL YD . -13.74 -63.73 27.54
O2D BCL YD . -12.96 -65.30 28.89
CED BCL YD . -14.30 -65.82 29.03
C1 BCL YD . -9.46 -56.84 28.45
C2 BCL YD . -8.54 -57.57 27.49
C3 BCL YD . -7.68 -56.86 26.81
C4 BCL YD . -7.58 -55.36 26.94
C5 BCL YD . -6.68 -57.46 25.81
C6 BCL YD . -6.39 -58.96 25.92
C7 BCL YD . -5.54 -59.29 27.16
C8 BCL YD . -5.50 -60.79 27.50
C9 BCL YD . -5.39 -61.64 26.23
C10 BCL YD . -6.75 -61.20 28.30
C11 BCL YD . -6.70 -62.61 28.88
C12 BCL YD . -7.83 -62.87 29.90
C13 BCL YD . -7.54 -63.91 30.98
C14 BCL YD . -6.27 -63.59 31.77
C15 BCL YD . -7.42 -65.34 30.41
C16 BCL YD . -7.23 -66.44 31.45
C17 BCL YD . -7.35 -67.90 30.97
C18 BCL YD . -8.77 -68.47 30.98
C19 BCL YD . -9.11 -68.76 32.45
C20 BCL YD . -8.93 -69.74 30.14
MG BCL ZD . -21.97 -60.48 12.50
CHA BCL ZD . -23.89 -62.49 14.53
CHB BCL ZD . -23.29 -57.77 14.10
CHC BCL ZD . -19.65 -58.54 11.01
CHD BCL ZD . -20.15 -63.30 11.53
NA BCL ZD . -23.39 -60.21 14.14
C1A BCL ZD . -24.16 -61.17 14.74
C2A BCL ZD . -25.05 -60.59 15.78
C3A BCL ZD . -25.00 -59.08 15.49
C4A BCL ZD . -23.86 -58.96 14.51
CMA BCL ZD . -26.30 -58.56 14.89
CAA BCL ZD . -24.54 -60.99 17.19
CBA BCL ZD . -24.82 -60.11 18.38
CGA BCL ZD . -23.92 -58.96 18.60
O1A BCL ZD . -24.26 -58.02 19.17
O2A BCL ZD . -22.80 -58.92 17.91
NB BCL ZD . -21.49 -58.47 12.58
C1B BCL ZD . -22.24 -57.48 13.22
C2B BCL ZD . -21.79 -56.22 12.84
C3B BCL ZD . -20.70 -56.38 11.95
C4B BCL ZD . -20.58 -57.83 11.79
CMB BCL ZD . -22.44 -54.94 13.37
CAB BCL ZD . -19.83 -55.42 11.28
OBB BCL ZD . -19.11 -55.74 10.32
CBB BCL ZD . -19.71 -53.97 11.71
NC BCL ZD . -20.15 -60.87 11.47
C1C BCL ZD . -19.41 -59.91 10.83
C2C BCL ZD . -18.23 -60.46 10.12
C3C BCL ZD . -18.49 -61.97 10.13
C4C BCL ZD . -19.66 -62.10 11.08
CMC BCL ZD . -18.06 -59.86 8.73
CAC BCL ZD . -17.28 -62.83 10.55
CBC BCL ZD . -16.06 -62.66 9.66
ND BCL ZD . -21.95 -62.47 12.94
C1D BCL ZD . -21.22 -63.54 12.43
C2D BCL ZD . -21.70 -64.77 12.95
C3D BCL ZD . -22.76 -64.43 13.78
C4D BCL ZD . -22.88 -63.05 13.75
CMD BCL ZD . -21.13 -66.14 12.64
CAD BCL ZD . -23.78 -64.93 14.62
OBD BCL ZD . -24.10 -66.09 14.93
CBD BCL ZD . -24.58 -63.71 15.17
CGD BCL ZD . -26.01 -63.79 14.89
O1D BCL ZD . -26.52 -63.91 13.80
O2D BCL ZD . -26.75 -63.70 15.99
CED BCL ZD . -28.19 -63.58 15.84
C1 BCL ZD . -22.14 -57.63 17.90
C2 BCL ZD . -20.82 -57.81 17.20
C3 BCL ZD . -20.08 -56.77 16.84
C4 BCL ZD . -20.49 -55.32 17.05
C5 BCL ZD . -18.68 -56.90 16.22
C6 BCL ZD . -18.41 -57.93 15.13
C7 BCL ZD . -18.31 -59.36 15.64
C8 BCL ZD . -17.21 -60.24 15.05
C9 BCL ZD . -17.35 -60.34 13.53
C10 BCL ZD . -17.16 -61.65 15.66
C11 BCL ZD . -18.46 -62.45 15.73
C12 BCL ZD . -19.14 -62.37 17.11
C13 BCL ZD . -20.43 -63.19 17.23
C14 BCL ZD . -21.40 -62.55 18.21
C15 BCL ZD . -20.12 -64.63 17.70
C16 BCL ZD . -21.23 -65.63 17.40
C17 BCL ZD . -21.03 -67.04 17.97
C18 BCL ZD . -22.04 -68.07 17.51
C19 BCL ZD . -23.40 -67.64 18.08
C20 BCL ZD . -21.71 -69.49 17.96
MG BCL AE . -35.52 -55.72 23.80
CHA BCL AE . -35.59 -57.75 21.01
CHB BCL AE . -32.38 -56.87 24.43
CHC BCL AE . -35.66 -54.29 26.85
CHD BCL AE . -39.01 -55.41 23.58
NA BCL AE . -34.20 -57.16 22.83
C1A BCL AE . -34.37 -57.80 21.62
C2A BCL AE . -33.10 -58.46 21.15
C3A BCL AE . -32.18 -58.36 22.38
C4A BCL AE . -32.90 -57.38 23.26
CMA BCL AE . -31.97 -59.71 23.06
CAA BCL AE . -32.45 -57.84 19.90
CBA BCL AE . -31.14 -58.54 19.51
CGA BCL AE . -30.32 -57.87 18.45
O1A BCL AE . -30.17 -58.27 17.36
O2A BCL AE . -29.72 -56.76 18.86
NB BCL AE . -34.25 -55.65 25.43
C1B BCL AE . -32.93 -56.09 25.43
C2B BCL AE . -32.27 -55.60 26.57
C3B BCL AE . -33.18 -54.85 27.32
C4B BCL AE . -34.43 -54.90 26.55
CMB BCL AE . -30.81 -55.91 26.84
CAB BCL AE . -32.86 -54.21 28.60
OBB BCL AE . -31.76 -54.28 29.15
CBB BCL AE . -33.87 -53.38 29.35
NC BCL AE . -37.11 -54.98 25.03
C1C BCL AE . -36.92 -54.37 26.24
C2C BCL AE . -38.16 -53.76 26.79
C3C BCL AE . -39.14 -53.89 25.62
C4C BCL AE . -38.45 -54.88 24.73
CMC BCL AE . -38.64 -54.45 28.06
CAC BCL AE . -39.44 -52.54 24.92
CBC BCL AE . -40.37 -51.65 25.72
ND BCL AE . -37.02 -56.42 22.60
C1D BCL AE . -38.40 -56.22 22.58
C2D BCL AE . -39.00 -56.90 21.51
C3D BCL AE . -37.95 -57.53 20.84
C4D BCL AE . -36.78 -57.22 21.52
CMD BCL AE . -40.47 -56.90 21.18
CAD BCL AE . -37.57 -58.21 19.67
OBD BCL AE . -38.26 -58.64 18.72
CBD BCL AE . -36.04 -58.42 19.69
CGD BCL AE . -35.72 -59.84 19.55
O1D BCL AE . -36.17 -60.74 20.22
O2D BCL AE . -34.85 -60.08 18.58
CED BCL AE . -34.48 -61.47 18.35
C1 BCL AE . -28.91 -56.05 17.85
C2 BCL AE . -28.42 -54.76 18.50
C3 BCL AE . -27.28 -54.63 19.14
C4 BCL AE . -26.30 -55.76 19.36
C5 BCL AE . -26.80 -53.30 19.72
C6 BCL AE . -26.31 -53.33 21.16
C7 BCL AE . -25.67 -51.99 21.58
C8 BCL AE . -24.96 -52.02 22.93
C9 BCL AE . -25.92 -51.61 24.06
C10 BCL AE . -23.73 -51.10 22.93
C11 BCL AE . -22.57 -51.71 22.17
C12 BCL AE . -21.22 -51.07 22.48
C13 BCL AE . -20.76 -50.05 21.44
C14 BCL AE . -20.14 -50.72 20.21
C15 BCL AE . -19.73 -49.10 22.08
C16 BCL AE . -19.22 -48.01 21.14
C17 BCL AE . -18.53 -46.81 21.81
C18 BCL AE . -19.48 -45.76 22.39
C19 BCL AE . -20.18 -45.09 21.19
C20 BCL AE . -18.75 -44.70 23.24
C1B LMT BE . -47.11 -38.34 15.76
C2B LMT BE . -47.51 -37.10 14.93
C3B LMT BE . -46.94 -35.82 15.59
C4B LMT BE . -47.40 -35.75 17.06
C5B LMT BE . -47.02 -37.07 17.75
C6B LMT BE . -47.51 -37.04 19.20
O1B LMT BE . -45.73 -38.52 15.74
O2B LMT BE . -47.01 -37.26 13.66
O3B LMT BE . -47.27 -34.70 14.87
O4' LMT BE . -46.78 -34.69 17.71
O5B LMT BE . -47.55 -38.20 17.09
O6B LMT BE . -47.35 -38.29 19.77
C1' LMT BE . -42.72 -40.67 14.11
C2' LMT BE . -43.99 -40.71 13.24
C3' LMT BE . -44.95 -39.63 13.77
C4' LMT BE . -45.23 -39.77 15.28
C5' LMT BE . -43.87 -40.03 16.00
C6' LMT BE . -44.02 -40.30 17.48
O1' LMT BE . -41.73 -41.49 13.62
O2' LMT BE . -43.66 -40.41 11.95
O3' LMT BE . -46.13 -39.66 13.07
O5' LMT BE . -43.11 -41.07 15.41
O6' LMT BE . -42.76 -40.51 17.97
C1 LMT BE . -41.78 -42.85 14.00
C2 LMT BE . -40.66 -43.54 13.25
C3 LMT BE . -39.31 -42.90 13.26
C4 LMT BE . -38.33 -43.79 12.51
C5 LMT BE . -37.02 -43.09 12.23
C6 LMT BE . -36.11 -43.88 11.32
C7 LMT BE . -34.95 -43.04 10.84
C8 LMT BE . -34.31 -43.67 9.63
C9 LMT BE . -33.39 -42.75 8.88
C10 LMT BE . -32.84 -43.45 7.65
C11 LMT BE . -33.82 -43.55 6.52
C12 LMT BE . -33.33 -44.45 5.44
MG BCL CE . -32.41 -57.15 -0.50
CHA BCL CE . -34.78 -59.00 1.21
CHB BCL CE . -33.50 -54.38 1.16
CHC BCL CE . -29.63 -55.50 -1.50
CHD BCL CE . -30.94 -60.14 -1.58
NA BCL CE . -33.94 -56.78 1.01
C1A BCL CE . -34.86 -57.67 1.53
C2A BCL CE . -35.89 -56.98 2.39
C3A BCL CE . -35.56 -55.48 2.20
C4A BCL CE . -34.24 -55.51 1.48
CMA BCL CE . -36.64 -54.76 1.40
CAA BCL CE . -35.88 -57.43 3.87
CBA BCL CE . -34.49 -57.65 4.48
CGA BCL CE . -33.83 -56.41 4.97
O1A BCL CE . -34.38 -55.51 5.48
O2A BCL CE . -32.55 -56.36 4.72
NB BCL CE . -31.65 -55.25 -0.21
C1B BCL CE . -32.28 -54.22 0.49
C2B BCL CE . -31.54 -53.04 0.39
C3B BCL CE . -30.38 -53.32 -0.36
C4B BCL CE . -30.52 -54.72 -0.73
CMB BCL CE . -32.01 -51.74 1.03
CAB BCL CE . -29.22 -52.49 -0.74
OBB BCL CE . -28.38 -52.87 -1.58
CBB BCL CE . -28.95 -51.14 -0.14
NC BCL CE . -30.55 -57.75 -1.39
C1C BCL CE . -29.57 -56.88 -1.77
C2C BCL CE . -28.39 -57.54 -2.37
C3C BCL CE . -28.80 -59.02 -2.42
C4C BCL CE . -30.18 -59.01 -1.80
CMC BCL CE . -28.00 -56.96 -3.73
CAC BCL CE . -27.80 -59.94 -1.69
CBC BCL CE . -26.43 -59.97 -2.34
ND BCL CE . -32.71 -59.14 -0.21
C1D BCL CE . -32.12 -60.28 -0.80
C2D BCL CE . -32.86 -61.45 -0.49
C3D BCL CE . -33.93 -61.01 0.29
C4D BCL CE . -33.80 -59.64 0.44
CMD BCL CE . -32.51 -62.85 -0.93
CAD BCL CE . -35.11 -61.40 0.97
OBD BCL CE . -35.63 -62.52 1.14
CBD BCL CE . -35.77 -60.12 1.57
CGD BCL CE . -37.12 -59.90 1.06
O1D BCL CE . -37.50 -60.13 -0.07
O2D BCL CE . -37.95 -59.42 1.98
CED BCL CE . -39.17 -58.79 1.49
C1 BCL CE . -31.85 -55.13 5.07
C2 BCL CE . -30.41 -55.35 4.64
C3 BCL CE . -29.60 -54.40 4.27
C4 BCL CE . -29.95 -52.92 4.21
C5 BCL CE . -28.15 -54.72 3.84
C6 BCL CE . -27.98 -55.11 2.36
C7 BCL CE . -28.61 -56.45 2.01
C8 BCL CE . -27.98 -57.66 2.70
C9 BCL CE . -26.52 -57.81 2.26
C10 BCL CE . -28.75 -58.95 2.39
C11 BCL CE . -30.11 -59.13 3.06
C12 BCL CE . -30.63 -60.58 2.96
C13 BCL CE . -32.06 -60.74 3.49
C14 BCL CE . -32.13 -60.46 4.98
C15 BCL CE . -32.59 -62.18 3.25
C16 BCL CE . -31.91 -63.32 3.99
C17 BCL CE . -32.88 -64.35 4.60
C18 BCL CE . -33.73 -65.12 3.61
C19 BCL CE . -34.79 -65.86 4.45
C20 BCL CE . -32.94 -66.11 2.76
C1B LMT DE . -20.93 -57.33 -7.87
C2B LMT DE . -21.94 -57.60 -9.01
C3B LMT DE . -22.08 -59.11 -9.25
C4B LMT DE . -20.69 -59.69 -9.59
C5B LMT DE . -19.70 -59.30 -8.48
C6B LMT DE . -18.29 -59.73 -8.89
O1B LMT DE . -21.44 -57.76 -6.62
O2B LMT DE . -23.14 -57.04 -8.69
O3B LMT DE . -23.01 -59.40 -10.19
O4' LMT DE . -20.75 -61.07 -9.69
O5B LMT DE . -19.69 -57.92 -8.15
O6B LMT DE . -17.89 -59.02 -10.00
C1' LMT DE . -23.38 -56.12 -3.31
C2' LMT DE . -23.43 -55.26 -4.58
C3' LMT DE . -22.95 -56.04 -5.83
C4' LMT DE . -21.61 -56.79 -5.59
C5' LMT DE . -21.76 -57.52 -4.23
C6' LMT DE . -20.56 -58.35 -3.85
O1' LMT DE . -23.66 -55.33 -2.21
O2' LMT DE . -24.73 -54.87 -4.79
O3' LMT DE . -22.81 -55.17 -6.88
O5' LMT DE . -22.05 -56.63 -3.18
O6' LMT DE . -20.66 -58.60 -2.51
C1 LMT DE . -23.96 -56.02 -1.02
C2 LMT DE . -24.79 -55.08 -0.16
C3 LMT DE . -24.12 -54.33 0.95
C4 LMT DE . -23.36 -53.13 0.44
C5 LMT DE . -22.82 -52.31 1.60
C6 LMT DE . -21.98 -51.14 1.17
C7 LMT DE . -22.81 -49.94 0.75
C8 LMT DE . -23.23 -49.14 1.94
C9 LMT DE . -22.09 -48.54 2.72
C10 LMT DE . -22.58 -47.42 3.60
C11 LMT DE . -22.82 -46.15 2.83
C12 LMT DE . -23.06 -44.98 3.74
MG BCL EE . -46.41 -52.08 9.75
CHA BCL EE . -46.43 -53.76 6.74
CHB BCL EE . -43.57 -53.76 10.56
CHC BCL EE . -46.71 -50.95 12.92
CHD BCL EE . -49.75 -51.16 9.20
NA BCL EE . -45.20 -53.59 8.76
C1A BCL EE . -45.31 -54.06 7.46
C2A BCL EE . -44.09 -54.85 7.04
C3A BCL EE . -43.30 -54.98 8.36
C4A BCL EE . -44.01 -54.05 9.29
CMA BCL EE . -43.30 -56.42 8.87
CAA BCL EE . -43.25 -54.17 5.94
CBA BCL EE . -42.06 -55.05 5.51
CGA BCL EE . -40.99 -54.38 4.71
O1A BCL EE . -40.71 -54.66 3.58
O2A BCL EE . -40.29 -53.48 5.37
NB BCL EE . -45.35 -52.36 11.50
C1B BCL EE . -44.11 -52.98 11.59
C2B BCL EE . -43.50 -52.69 12.82
C3B BCL EE . -44.37 -51.90 13.56
C4B BCL EE . -45.54 -51.70 12.68
CMB BCL EE . -42.12 -53.20 13.18
CAB BCL EE . -44.11 -51.42 14.92
OBB BCL EE . -43.07 -51.66 15.53
CBB BCL EE . -45.10 -50.57 15.68
NC BCL EE . -48.01 -51.22 10.88
C1C BCL EE . -47.88 -50.75 12.16
C2C BCL EE . -49.08 -50.03 12.65
C3C BCL EE . -49.92 -49.88 11.39
C4C BCL EE . -49.26 -50.85 10.45
CMC BCL EE . -49.79 -50.76 13.77
CAC BCL EE . -49.98 -48.43 10.84
CBC BCL EE . -50.84 -47.51 11.70
ND BCL EE . -47.82 -52.39 8.32
C1D BCL EE . -49.14 -51.96 8.18
C2D BCL EE . -49.70 -52.41 6.96
C3D BCL EE . -48.68 -53.12 6.34
C4D BCL EE . -47.58 -53.09 7.18
CMD BCL EE . -51.09 -52.14 6.48
CAD BCL EE . -48.24 -53.68 5.12
OBD BCL EE . -48.83 -53.81 4.03
CBD BCL EE . -46.78 -54.15 5.30
CGD BCL EE . -46.66 -55.57 4.95
O1D BCL EE . -47.27 -56.48 5.48
O2D BCL EE . -45.79 -55.80 3.97
CED BCL EE . -45.56 -57.18 3.60
C1 BCL EE . -39.16 -52.88 4.66
C2 BCL EE . -38.58 -51.80 5.55
C3 BCL EE . -37.47 -51.89 6.25
C4 BCL EE . -36.60 -53.14 6.33
C5 BCL EE . -36.90 -50.71 7.04
C6 BCL EE . -36.67 -50.92 8.54
C7 BCL EE . -36.32 -49.60 9.25
C8 BCL EE . -35.70 -49.77 10.63
C9 BCL EE . -36.72 -50.42 11.60
C10 BCL EE . -35.23 -48.42 11.19
C11 BCL EE . -34.08 -47.73 10.45
C12 BCL EE . -32.84 -48.61 10.30
C13 BCL EE . -31.58 -47.84 9.86
C14 BCL EE . -31.73 -47.27 8.45
C15 BCL EE . -30.33 -48.75 9.88
C16 BCL EE . -29.00 -48.04 10.16
C17 BCL EE . -27.70 -48.85 9.93
C18 BCL EE . -27.38 -49.07 8.45
C19 BCL EE . -26.12 -49.95 8.40
C20 BCL EE . -27.15 -47.77 7.66
MG BCL FE . -39.56 -50.16 -14.42
CHA BCL FE . -42.36 -52.08 -13.68
CHB BCL FE . -40.84 -47.73 -12.40
CHC BCL FE . -36.47 -48.75 -14.23
CHD BCL FE . -38.08 -52.97 -15.88
NA BCL FE . -41.36 -49.97 -13.21
C1A BCL FE . -42.44 -50.84 -13.12
C2A BCL FE . -43.43 -50.35 -12.09
C3A BCL FE . -43.10 -48.86 -12.00
C4A BCL FE . -41.71 -48.80 -12.55
CMA BCL FE . -44.08 -48.00 -12.80
CAA BCL FE . -43.32 -51.09 -10.73
CBA BCL FE . -43.57 -50.36 -9.41
CGA BCL FE . -42.41 -49.62 -8.85
O1A BCL FE . -42.41 -48.48 -8.56
O2A BCL FE . -41.30 -50.33 -8.80
NB BCL FE . -38.75 -48.52 -13.44
C1B BCL FE . -39.48 -47.60 -12.69
C2B BCL FE . -38.65 -46.55 -12.27
C3B BCL FE . -37.34 -46.80 -12.76
C4B BCL FE . -37.47 -48.05 -13.52
CMB BCL FE . -39.19 -45.38 -11.45
CAB BCL FE . -36.07 -46.07 -12.60
OBB BCL FE . -35.04 -46.39 -13.22
CBB BCL FE . -35.92 -44.88 -11.68
NC BCL FE . -37.57 -50.78 -14.96
C1C BCL FE . -36.46 -50.00 -14.86
C2C BCL FE . -35.22 -50.73 -15.28
C3C BCL FE . -35.80 -51.83 -16.17
C4C BCL FE . -37.21 -51.94 -15.61
CMC BCL FE . -34.16 -49.88 -15.96
CAC BCL FE . -34.97 -53.13 -16.18
CBC BCL FE . -34.96 -53.85 -14.85
ND BCL FE . -40.09 -52.09 -14.80
C1D BCL FE . -39.36 -53.19 -15.27
C2D BCL FE . -40.02 -54.40 -15.02
C3D BCL FE . -41.22 -54.05 -14.42
C4D BCL FE . -41.23 -52.65 -14.30
CMD BCL FE . -39.52 -55.77 -15.33
CAD BCL FE . -42.47 -54.50 -13.96
OBD BCL FE . -43.00 -55.64 -14.05
CBD BCL FE . -43.18 -53.33 -13.27
CGD BCL FE . -44.62 -53.28 -13.58
O1D BCL FE . -45.16 -52.48 -14.31
O2D BCL FE . -45.30 -54.24 -12.97
CED BCL FE . -46.73 -54.27 -13.14
C1 BCL FE . -40.12 -49.63 -8.33
C2 BCL FE . -38.94 -50.49 -8.73
C3 BCL FE . -37.71 -50.04 -8.80
C4 BCL FE . -37.29 -48.61 -8.47
C5 BCL FE . -36.56 -50.90 -9.33
C6 BCL FE . -36.92 -51.96 -10.37
C7 BCL FE . -37.22 -53.34 -9.77
C8 BCL FE . -38.11 -54.26 -10.60
C9 BCL FE . -37.89 -54.05 -12.12
C10 BCL FE . -39.60 -54.05 -10.27
C11 BCL FE . -40.51 -55.09 -10.90
C12 BCL FE . -41.84 -55.28 -10.16
C13 BCL FE . -41.97 -56.54 -9.29
C14 BCL FE . -40.79 -56.73 -8.33
C15 BCL FE . -42.11 -57.83 -10.14
C16 BCL FE . -43.51 -58.05 -10.73
C17 BCL FE . -43.75 -59.37 -11.49
C18 BCL FE . -45.21 -59.61 -11.85
C19 BCL FE . -45.85 -60.33 -10.65
C20 BCL FE . -45.41 -60.42 -13.13
MG BCL GE . -54.66 -44.39 -4.84
CHA BCL GE . -54.46 -45.49 -8.10
CHB BCL GE . -52.31 -46.71 -4.00
CHC BCL GE . -55.26 -43.78 -1.57
CHD BCL GE . -57.73 -42.86 -5.61
NA BCL GE . -53.56 -45.92 -5.94
C1A BCL GE . -53.54 -46.12 -7.30
C2A BCL GE . -52.42 -47.06 -7.71
C3A BCL GE . -51.85 -47.53 -6.36
C4A BCL GE . -52.57 -46.68 -5.35
CMA BCL GE . -52.06 -49.02 -6.13
CAA BCL GE . -51.32 -46.43 -8.60
CBA BCL GE . -50.23 -47.45 -8.95
CGA BCL GE . -49.00 -46.92 -9.60
O1A BCL GE . -48.67 -47.12 -10.71
O2A BCL GE . -48.23 -46.23 -8.76
NB BCL GE . -53.95 -45.17 -3.05
C1B BCL GE . -52.88 -46.03 -2.92
C2B BCL GE . -52.46 -46.11 -1.59
C3B BCL GE . -53.29 -45.29 -0.83
C4B BCL GE . -54.22 -44.69 -1.80
CMB BCL GE . -51.29 -46.98 -1.15
CAB BCL GE . -53.18 -45.11 0.63
OBB BCL GE . -52.41 -45.76 1.34
CBB BCL GE . -54.02 -44.11 1.38
NC BCL GE . -56.28 -43.48 -3.76
C1C BCL GE . -56.25 -43.24 -2.41
C2C BCL GE . -57.37 -42.37 -1.95
C3C BCL GE . -57.97 -41.88 -3.26
C4C BCL GE . -57.38 -42.83 -4.27
CMC BCL GE . -58.35 -43.10 -1.07
CAC BCL GE . -57.67 -40.39 -3.56
CBC BCL GE . -58.43 -39.43 -2.66
ND BCL GE . -55.87 -44.19 -6.47
C1D BCL GE . -57.09 -43.56 -6.67
C2D BCL GE . -57.53 -43.72 -8.00
C3D BCL GE . -56.54 -44.47 -8.63
C4D BCL GE . -55.57 -44.74 -7.67
CMD BCL GE . -58.81 -43.17 -8.58
CAD BCL GE . -56.03 -44.91 -9.86
OBD BCL GE . -56.49 -44.80 -11.02
CBD BCL GE . -54.68 -45.63 -9.61
CGD BCL GE . -54.73 -46.99 -10.14
O1D BCL GE . -55.58 -47.82 -9.87
O2D BCL GE . -53.74 -47.28 -10.97
CED BCL GE . -53.68 -48.62 -11.52
C1 BCL GE . -46.96 -45.77 -9.30
C2 BCL GE . -46.31 -44.94 -8.20
C3 BCL GE . -45.40 -45.41 -7.38
C4 BCL GE . -44.86 -46.82 -7.38
C5 BCL GE . -44.73 -44.51 -6.34
C6 BCL GE . -44.90 -44.94 -4.89
C7 BCL GE . -44.22 -43.96 -3.94
C8 BCL GE . -44.11 -44.44 -2.50
C9 BCL GE . -45.48 -44.87 -1.93
C10 BCL GE . -43.50 -43.34 -1.60
C11 BCL GE . -42.10 -42.90 -1.98
C12 BCL GE . -41.15 -44.09 -2.11
C13 BCL GE . -39.65 -43.75 -2.03
C14 BCL GE . -39.29 -43.11 -0.69
C15 BCL GE . -39.19 -42.81 -3.18
C16 BCL GE . -39.06 -43.44 -4.56
C17 BCL GE . -38.69 -42.47 -5.69
C18 BCL GE . -38.12 -43.20 -6.91
C19 BCL GE . -38.04 -42.16 -8.04
C20 BCL GE . -38.96 -44.41 -7.35
C1B LMT HE . -51.29 -32.04 6.52
C2B LMT HE . -50.88 -30.55 6.51
C3B LMT HE . -49.93 -30.21 7.67
C4B LMT HE . -50.50 -30.72 9.01
C5B LMT HE . -50.78 -32.23 8.83
C6B LMT HE . -51.33 -32.79 10.14
O1B LMT HE . -50.27 -32.83 6.01
O2B LMT HE . -50.27 -30.30 5.30
O3B LMT HE . -49.66 -28.86 7.71
O4' LMT HE . -49.58 -30.55 10.03
O5B LMT HE . -51.70 -32.47 7.79
O6B LMT HE . -52.47 -32.13 10.51
C1' LMT HE . -49.52 -35.24 2.73
C2' LMT HE . -50.79 -34.38 2.60
C3' LMT HE . -50.79 -33.27 3.68
C4' LMT HE . -50.61 -33.87 5.09
C5' LMT HE . -49.40 -34.84 5.03
C6' LMT HE . -49.11 -35.51 6.34
O1' LMT HE . -49.55 -36.23 1.80
O2' LMT HE . -50.82 -33.81 1.36
O3' LMT HE . -51.95 -32.57 3.60
O5' LMT HE . -49.56 -35.83 4.02
O6' LMT HE . -47.96 -36.25 6.18
C1 LMT HE . -48.53 -37.21 1.90
C2 LMT HE . -47.85 -37.31 0.55
C3 LMT HE . -46.62 -38.17 0.52
C4 LMT HE . -45.85 -38.04 -0.78
C5 LMT HE . -44.47 -38.59 -0.57
C6 LMT HE . -43.61 -38.57 -1.81
C7 LMT HE . -42.18 -38.93 -1.45
C8 LMT HE . -41.39 -39.30 -2.66
C9 LMT HE . -40.81 -38.17 -3.46
C10 LMT HE . -40.14 -38.78 -4.66
C11 LMT HE . -39.36 -37.78 -5.46
C12 LMT HE . -38.70 -38.38 -6.65
MG BCL IE . -59.39 -33.39 -18.59
CHA BCL IE . -58.88 -33.96 -21.95
CHB BCL IE . -57.53 -36.17 -17.93
CHC BCL IE . -60.29 -33.15 -15.35
CHD BCL IE . -62.11 -31.32 -19.41
NA BCL IE . -58.38 -34.88 -19.82
C1A BCL IE . -58.16 -34.84 -21.18
C2A BCL IE . -57.16 -35.87 -21.63
C3A BCL IE . -56.94 -36.70 -20.35
C4A BCL IE . -57.58 -35.87 -19.27
CMA BCL IE . -57.57 -38.09 -20.44
CAA BCL IE . -55.84 -35.27 -22.14
CBA BCL IE . -54.86 -36.31 -22.73
CGA BCL IE . -53.46 -35.85 -22.94
O1A BCL IE . -52.91 -35.77 -23.99
O2A BCL IE . -52.83 -35.55 -21.84
NB BCL IE . -59.04 -34.53 -16.90
C1B BCL IE . -58.11 -35.55 -16.81
C2B BCL IE . -57.83 -35.85 -15.47
C3B BCL IE . -58.61 -35.01 -14.67
C4B BCL IE . -59.36 -34.18 -15.62
CMB BCL IE . -56.83 -36.91 -15.06
CAB BCL IE . -58.65 -35.03 -13.20
OBB BCL IE . -57.97 -35.81 -12.52
CBB BCL IE . -59.51 -34.10 -12.40
NC BCL IE . -60.98 -32.39 -17.54
C1C BCL IE . -61.11 -32.40 -16.19
C2C BCL IE . -62.21 -31.51 -15.70
C3C BCL IE . -62.60 -30.74 -16.97
C4C BCL IE . -61.95 -31.56 -18.06
CMC BCL IE . -63.36 -32.28 -15.09
CAC BCL IE . -62.13 -29.26 -16.96
CBC BCL IE . -62.97 -28.38 -16.05
ND BCL IE . -60.33 -32.75 -20.28
C1D BCL IE . -61.42 -31.92 -20.50
C2D BCL IE . -61.70 -31.81 -21.88
C3D BCL IE . -60.73 -32.58 -22.51
C4D BCL IE . -59.94 -33.13 -21.52
CMD BCL IE . -62.82 -31.00 -22.50
CAD BCL IE . -60.18 -32.97 -23.75
OBD BCL IE . -60.52 -32.69 -24.91
CBD BCL IE . -58.95 -33.88 -23.48
CGD BCL IE . -59.11 -35.14 -24.20
O1D BCL IE . -60.07 -35.88 -24.12
O2D BCL IE . -58.09 -35.42 -24.99
CED BCL IE . -58.15 -36.66 -25.74
C1 BCL IE . -51.45 -35.06 -21.92
C2 BCL IE . -51.01 -34.93 -20.50
C3 BCL IE . -50.28 -35.75 -19.78
C4 BCL IE . -49.56 -36.97 -20.35
C5 BCL IE . -50.10 -35.62 -18.28
C6 BCL IE . -48.97 -34.76 -17.75
C7 BCL IE . -49.13 -34.41 -16.26
C8 BCL IE . -49.16 -35.57 -15.25
C9 BCL IE . -50.61 -36.04 -14.94
C10 BCL IE . -48.57 -35.12 -13.91
C11 BCL IE . -47.09 -34.85 -13.87
C12 BCL IE . -46.20 -35.96 -14.42
C13 BCL IE . -44.70 -35.57 -14.34
C14 BCL IE . -43.82 -36.53 -15.12
C15 BCL IE . -44.20 -35.52 -12.87
C16 BCL IE . -42.82 -34.90 -12.64
C17 BCL IE . -42.44 -34.72 -11.17
C18 BCL IE . -43.00 -33.50 -10.46
C19 BCL IE . -42.13 -32.30 -10.87
C20 BCL IE . -43.00 -33.65 -8.93
C1B LMT JE . -59.34 -18.09 -11.08
C2B LMT JE . -59.76 -16.71 -10.55
C3B LMT JE . -58.81 -16.31 -9.41
C4B LMT JE . -58.85 -17.38 -8.30
C5B LMT JE . -58.54 -18.75 -8.94
C6B LMT JE . -58.68 -19.86 -7.91
O1B LMT JE . -58.06 -17.98 -11.62
O2B LMT JE . -59.69 -15.83 -11.59
O3B LMT JE . -59.07 -15.05 -8.94
O4' LMT JE . -57.93 -17.12 -7.31
O5B LMT JE . -59.37 -19.04 -10.05
O6B LMT JE . -57.86 -19.62 -6.83
C1' LMT JE . -55.78 -18.94 -14.87
C2' LMT JE . -57.28 -18.83 -15.20
C3' LMT JE . -58.01 -18.15 -14.02
C4' LMT JE . -57.70 -18.86 -12.68
C5' LMT JE . -56.17 -19.06 -12.61
C6' LMT JE . -55.72 -19.76 -11.35
O1' LMT JE . -55.09 -19.57 -15.89
O2' LMT JE . -57.43 -18.05 -16.32
O3' LMT JE . -59.36 -18.15 -14.23
O5' LMT JE . -55.67 -19.76 -13.72
O6' LMT JE . -55.44 -18.79 -10.42
C1 LMT JE . -53.70 -19.71 -15.69
C2 LMT JE . -53.12 -20.23 -16.99
C3 LMT JE . -51.83 -20.99 -16.91
C4 LMT JE . -50.81 -20.13 -16.21
C5 LMT JE . -49.43 -20.74 -16.18
C6 LMT JE . -49.29 -21.73 -15.06
C7 LMT JE . -48.11 -22.67 -15.23
C8 LMT JE . -48.36 -23.76 -16.22
C9 LMT JE . -47.21 -24.00 -17.14
C10 LMT JE . -47.61 -25.06 -18.13
C11 LMT JE . -46.60 -25.20 -19.23
C12 LMT JE . -46.67 -24.09 -20.22
MG BCL KE . -44.78 -40.15 -26.60
CHA BCL KE . -47.95 -41.51 -26.32
CHB BCL KE . -45.67 -37.82 -24.28
CHC BCL KE . -41.52 -39.31 -26.26
CHD BCL KE . -43.79 -42.96 -28.43
NA BCL KE . -46.59 -39.76 -25.44
C1A BCL KE . -47.81 -40.39 -25.54
C2A BCL KE . -48.90 -39.58 -24.88
C3A BCL KE . -48.15 -38.38 -24.27
C4A BCL KE . -46.72 -38.66 -24.61
CMA BCL KE . -48.64 -37.05 -24.84
CAA BCL KE . -49.76 -40.36 -23.85
CBA BCL KE . -49.03 -41.39 -22.95
CGA BCL KE . -48.26 -40.71 -21.87
O1A BCL KE . -48.72 -40.28 -20.88
O2A BCL KE . -47.00 -40.55 -22.18
NB BCL KE . -43.73 -38.82 -25.41
C1B BCL KE . -44.31 -37.85 -24.60
C2B BCL KE . -43.34 -36.93 -24.18
C3B BCL KE . -42.10 -37.32 -24.74
C4B BCL KE . -42.41 -38.52 -25.51
CMB BCL KE . -43.68 -35.74 -23.28
CAB BCL KE . -40.75 -36.75 -24.64
OBB BCL KE . -39.85 -37.04 -25.44
CBB BCL KE . -40.35 -35.78 -23.55
NC BCL KE . -42.94 -41.03 -27.23
C1C BCL KE . -41.71 -40.48 -27.02
C2C BCL KE . -40.60 -41.31 -27.57
C3C BCL KE . -41.35 -42.23 -28.54
C4C BCL KE . -42.77 -42.16 -28.01
CMC BCL KE . -39.53 -40.49 -28.26
CAC BCL KE . -40.75 -43.66 -28.63
CBC BCL KE . -40.84 -44.44 -27.35
ND BCL KE . -45.62 -41.90 -27.19
C1D BCL KE . -45.17 -42.92 -28.05
C2D BCL KE . -46.22 -43.78 -28.42
C3D BCL KE . -47.34 -43.28 -27.78
C4D BCL KE . -46.95 -42.16 -27.05
CMD BCL KE . -46.09 -44.98 -29.34
CAD BCL KE . -48.75 -43.37 -27.68
OBD BCL KE . -49.56 -44.16 -28.18
CBD BCL KE . -49.23 -42.23 -26.74
CGD BCL KE . -50.22 -41.37 -27.40
O1D BCL KE . -50.02 -40.72 -28.40
O2D BCL KE . -51.39 -41.39 -26.80
CED BCL KE . -52.43 -40.51 -27.32
C1 BCL KE . -46.17 -39.79 -21.25
C2 BCL KE . -44.75 -40.07 -21.68
C3 BCL KE . -43.64 -39.56 -21.19
C4 BCL KE . -43.59 -38.48 -20.12
C5 BCL KE . -42.25 -40.04 -21.63
C6 BCL KE . -42.14 -41.23 -22.60
C7 BCL KE . -42.62 -42.56 -22.01
C8 BCL KE . -42.71 -43.74 -23.00
C9 BCL KE . -41.40 -43.87 -23.79
C10 BCL KE . -43.89 -43.62 -23.97
C11 BCL KE . -45.30 -43.59 -23.39
C12 BCL KE . -46.31 -44.32 -24.29
C13 BCL KE . -46.73 -45.71 -23.80
C14 BCL KE . -45.56 -46.69 -23.61
C15 BCL KE . -47.68 -46.31 -24.84
C16 BCL KE . -48.20 -47.74 -24.64
C17 BCL KE . -49.50 -48.22 -25.31
C18 BCL KE . -49.46 -48.78 -26.74
C19 BCL KE . -48.92 -47.73 -27.74
C20 BCL KE . -50.84 -49.25 -27.24
MG BCL LE . -60.93 -20.30 -31.13
CHA BCL LE . -60.10 -20.63 -34.45
CHB BCL LE . -59.46 -23.33 -30.56
CHC BCL LE . -62.23 -20.31 -28.01
CHD BCL LE . -63.15 -17.73 -31.98
NA BCL LE . -59.95 -21.79 -32.38
C1A BCL LE . -59.57 -21.65 -33.70
C2A BCL LE . -58.62 -22.74 -34.13
C3A BCL LE . -58.67 -23.71 -32.94
C4A BCL LE . -59.32 -22.90 -31.86
CMA BCL LE . -59.46 -24.99 -33.27
CAA BCL LE . -57.18 -22.29 -34.43
CBA BCL LE . -56.32 -23.48 -34.90
CGA BCL LE . -54.84 -23.29 -34.97
O1A BCL LE . -54.20 -23.25 -35.96
O2A BCL LE . -54.25 -23.17 -33.78
NB BCL LE . -60.91 -21.63 -29.54
C1B BCL LE . -60.13 -22.78 -29.47
C2B BCL LE . -60.11 -23.27 -28.16
C3B BCL LE . -60.90 -22.44 -27.37
C4B BCL LE . -61.38 -21.40 -28.28
CMB BCL LE . -59.34 -24.53 -27.76
CAB BCL LE . -61.15 -22.62 -25.93
OBB BCL LE . -60.81 -23.65 -25.31
CBB BCL LE . -61.83 -21.58 -25.08
NC BCL LE . -62.49 -19.21 -30.16
C1C BCL LE . -62.78 -19.30 -28.83
C2C BCL LE . -63.73 -18.26 -28.35
C3C BCL LE . -63.82 -17.32 -29.56
C4C BCL LE . -63.19 -18.13 -30.66
CMC BCL LE . -65.07 -18.83 -27.93
CAC BCL LE . -63.14 -15.94 -29.31
CBC BCL LE . -63.93 -15.02 -28.41
ND BCL LE . -61.58 -19.40 -32.83
C1D BCL LE . -62.39 -18.29 -33.05
C2D BCL LE . -62.33 -17.88 -34.40
C3D BCL LE . -61.44 -18.76 -35.01
C4D BCL LE . -61.01 -19.65 -34.04
CMD BCL LE . -63.08 -16.71 -34.99
CAD BCL LE . -60.70 -19.03 -36.18
OBD BCL LE . -60.69 -18.46 -37.28
CBD BCL LE . -59.78 -20.25 -35.90
CGD BCL LE . -59.99 -21.29 -36.91
O1D BCL LE . -61.05 -21.83 -37.14
O2D BCL LE . -58.88 -21.60 -37.57
CED BCL LE . -59.00 -22.58 -38.64
C1 BCL LE . -52.81 -22.98 -33.81
C2 BCL LE . -52.36 -22.74 -32.38
C3 BCL LE . -51.81 -23.64 -31.59
C4 BCL LE . -51.59 -25.09 -31.96
C5 BCL LE . -51.25 -23.28 -30.21
C6 BCL LE . -51.92 -23.92 -29.00
C7 BCL LE . -51.21 -23.54 -27.70
C8 BCL LE . -51.70 -24.22 -26.42
C9 BCL LE . -53.24 -24.31 -26.39
C10 BCL LE . -51.20 -23.47 -25.18
C11 BCL LE . -49.70 -23.25 -25.10
C12 BCL LE . -48.90 -24.56 -25.02
C13 BCL LE . -47.39 -24.36 -25.22
C14 BCL LE . -47.01 -24.32 -26.70
C15 BCL LE . -46.62 -25.51 -24.55
C16 BCL LE . -45.11 -25.36 -24.51
C17 BCL LE . -44.35 -26.27 -23.55
C18 BCL LE . -44.10 -27.67 -24.09
C19 BCL LE . -43.81 -28.57 -22.87
C20 BCL LE . -42.94 -27.73 -25.09
MG BCL ME . -46.18 -27.90 -38.30
CHA BCL ME . -49.52 -28.76 -38.50
CHB BCL ME . -46.98 -25.73 -35.79
CHC BCL ME . -42.88 -27.58 -37.60
CHD BCL ME . -45.40 -30.62 -40.36
NA BCL ME . -48.02 -27.38 -37.26
C1A BCL ME . -49.31 -27.76 -37.58
C2A BCL ME . -50.34 -26.84 -36.95
C3A BCL ME . -49.48 -25.74 -36.32
C4A BCL ME . -48.09 -26.34 -36.35
CMA BCL ME . -49.57 -24.43 -37.10
CAA BCL ME . -51.28 -27.52 -35.94
CBA BCL ME . -50.76 -28.78 -35.22
CGA BCL ME . -49.68 -28.55 -34.20
O1A BCL ME . -49.41 -27.52 -33.70
O2A BCL ME . -49.07 -29.68 -33.86
NB BCL ME . -45.08 -26.87 -36.88
C1B BCL ME . -45.60 -25.93 -36.00
C2B BCL ME . -44.56 -25.23 -35.35
C3B BCL ME . -43.34 -25.73 -35.86
C4B BCL ME . -43.73 -26.76 -36.82
CMB BCL ME . -44.83 -24.14 -34.33
CAB BCL ME . -41.93 -25.40 -35.56
OBB BCL ME . -41.00 -25.73 -36.31
CBB BCL ME . -41.52 -24.63 -34.33
NC BCL ME . -44.41 -28.96 -38.88
C1C BCL ME . -43.14 -28.61 -38.52
C2C BCL ME . -42.12 -29.57 -38.99
C3C BCL ME . -42.89 -30.42 -40.00
C4C BCL ME . -44.31 -30.00 -39.78
CMC BCL ME . -40.90 -28.87 -39.58
CAC BCL ME . -42.66 -31.95 -39.83
CBC BCL ME . -41.22 -32.39 -39.97
ND BCL ME . -47.18 -29.43 -39.18
C1D BCL ME . -46.79 -30.39 -40.12
C2D BCL ME . -47.91 -31.02 -40.71
C3D BCL ME . -49.02 -30.42 -40.11
C4D BCL ME . -48.55 -29.48 -39.21
CMD BCL ME . -47.86 -32.11 -41.76
CAD BCL ME . -50.43 -30.31 -40.13
OBD BCL ME . -51.29 -30.95 -40.79
CBD BCL ME . -50.84 -29.18 -39.15
CGD BCL ME . -51.56 -28.12 -39.87
O1D BCL ME . -51.09 -27.06 -40.23
O2D BCL ME . -52.83 -28.44 -40.12
CED BCL ME . -53.65 -27.46 -40.81
C1 BCL ME . -47.99 -29.65 -32.86
C2 BCL ME . -46.78 -29.02 -33.53
C3 BCL ME . -45.56 -29.10 -33.04
C4 BCL ME . -45.16 -29.81 -31.75
C5 BCL ME . -44.39 -28.40 -33.72
C6 BCL ME . -43.37 -29.31 -34.41
C7 BCL ME . -44.02 -30.28 -35.41
C8 BCL ME . -44.06 -31.72 -34.90
C9 BCL ME . -42.65 -32.32 -34.89
C10 BCL ME . -44.98 -32.60 -35.76
C11 BCL ME . -46.41 -32.17 -35.95
C12 BCL ME . -47.40 -33.35 -35.92
C13 BCL ME . -48.65 -33.19 -36.78
C14 BCL ME . -49.38 -31.88 -36.51
C15 BCL ME . -49.60 -34.36 -36.51
C16 BCL ME . -50.89 -34.41 -37.32
C17 BCL ME . -50.73 -34.65 -38.83
C18 BCL ME . -52.04 -34.72 -39.62
C19 BCL ME . -52.77 -36.00 -39.18
C20 BCL ME . -51.82 -34.73 -41.14
MG BCL NE . -43.96 -13.95 -47.82
CHA BCL NE . -47.30 -13.97 -48.73
CHB BCL NE . -44.82 -12.02 -45.14
CHC BCL NE . -40.95 -14.64 -46.40
CHD BCL NE . -43.36 -16.49 -50.15
NA BCL NE . -45.84 -13.13 -47.05
C1A BCL NE . -47.10 -13.18 -47.63
C2A BCL NE . -48.04 -12.18 -47.00
C3A BCL NE . -47.19 -11.52 -45.90
C4A BCL NE . -45.89 -12.28 -45.96
CMA BCL NE . -46.99 -10.03 -46.15
CAA BCL NE . -49.38 -12.74 -46.45
CBA BCL NE . -49.40 -14.20 -45.97
CGA BCL NE . -48.30 -14.78 -45.17
O1A BCL NE . -47.72 -15.77 -45.42
O2A BCL NE . -48.01 -14.06 -44.14
NB BCL NE . -43.03 -13.46 -46.03
C1B BCL NE . -43.52 -12.57 -45.09
C2B BCL NE . -42.54 -12.28 -44.12
C3B BCL NE . -41.40 -13.05 -44.43
C4B BCL NE . -41.75 -13.75 -45.67
CMB BCL NE . -42.78 -11.30 -42.98
CAB BCL NE . -40.11 -13.19 -43.74
OBB BCL NE . -39.08 -13.53 -44.34
CBB BCL NE . -39.96 -12.97 -42.26
NC BCL NE . -42.42 -15.37 -48.20
C1C BCL NE . -41.21 -15.40 -47.56
C2C BCL NE . -40.22 -16.30 -48.20
C3C BCL NE . -40.86 -16.53 -49.57
C4C BCL NE . -42.31 -16.23 -49.28
CMC BCL NE . -38.82 -15.71 -48.27
CAC BCL NE . -40.54 -17.93 -50.19
CBC BCL NE . -41.05 -19.09 -49.37
ND BCL NE . -45.05 -15.02 -49.16
C1D BCL NE . -44.71 -16.04 -50.06
C2D BCL NE . -45.85 -16.49 -50.78
C3D BCL NE . -46.91 -15.71 -50.30
C4D BCL NE . -46.40 -14.85 -49.34
CMD BCL NE . -45.87 -17.58 -51.81
CAD BCL NE . -48.25 -15.30 -50.55
OBD BCL NE . -49.06 -15.67 -51.41
CBD BCL NE . -48.62 -14.22 -49.49
CGD BCL NE . -49.20 -13.00 -50.09
O1D BCL NE . -48.53 -12.08 -50.53
O2D BCL NE . -50.53 -12.95 -50.14
CED BCL NE . -51.36 -14.11 -49.90
C1 BCL NE . -47.49 -14.36 -42.85
C2 BCL NE . -46.08 -14.86 -43.00
C3 BCL NE . -45.71 -16.10 -42.88
C4 BCL NE . -46.68 -17.26 -42.69
C5 BCL NE . -44.24 -16.52 -42.88
C6 BCL NE . -43.69 -17.13 -44.15
C7 BCL NE . -43.89 -18.65 -44.21
C8 BCL NE . -43.54 -19.21 -45.58
C9 BCL NE . -42.10 -18.79 -45.95
C10 BCL NE . -44.56 -18.76 -46.64
C11 BCL NE . -45.96 -19.31 -46.59
C12 BCL NE . -46.88 -18.74 -47.67
C13 BCL NE . -48.30 -19.32 -47.63
C14 BCL NE . -48.31 -20.85 -47.57
C15 BCL NE . -49.09 -18.91 -48.89
C16 BCL NE . -50.60 -19.13 -48.88
C17 BCL NE . -51.34 -18.92 -50.22
C18 BCL NE . -51.71 -20.19 -51.00
C19 BCL NE . -50.41 -20.89 -51.47
C20 BCL NE . -52.60 -19.91 -52.21
MG BCL OE . -58.22 -4.95 -41.14
CHA BCL OE . -56.84 -4.76 -44.31
CHB BCL OE . -57.44 -8.27 -41.11
CHC BCL OE . -60.08 -5.31 -38.36
CHD BCL OE . -59.81 -1.88 -41.71
NA BCL OE . -57.28 -6.31 -42.56
C1A BCL OE . -56.66 -6.00 -43.76
C2A BCL OE . -55.89 -7.18 -44.32
C3A BCL OE . -56.25 -8.31 -43.35
C4A BCL OE . -56.99 -7.63 -42.24
CMA BCL OE . -57.12 -9.38 -44.03
CAA BCL OE . -54.37 -6.96 -44.41
CBA BCL OE . -53.64 -8.18 -45.02
CGA BCL OE . -52.16 -8.22 -44.82
O1A BCL OE . -51.35 -8.11 -45.67
O2A BCL OE . -51.79 -8.47 -43.58
NB BCL OE . -58.75 -6.55 -39.95
C1B BCL OE . -58.20 -7.82 -40.02
C2B BCL OE . -58.49 -8.55 -38.87
C3B BCL OE . -59.25 -7.75 -38.02
C4B BCL OE . -59.40 -6.48 -38.75
CMB BCL OE . -58.00 -9.97 -38.65
CAB BCL OE . -59.77 -8.15 -36.70
OBB BCL OE . -59.58 -9.27 -36.22
CBB BCL OE . -60.55 -7.21 -35.82
NC BCL OE . -59.75 -3.78 -40.21
C1C BCL OE . -60.30 -4.08 -38.99
C2C BCL OE . -61.07 -2.97 -38.39
C3C BCL OE . -60.79 -1.81 -39.35
C4C BCL OE . -60.16 -2.50 -40.53
CMC BCL OE . -62.56 -3.29 -38.24
CAC BCL OE . -59.90 -0.71 -38.72
CBC BCL OE . -60.62 0.11 -37.67
ND BCL OE . -58.35 -3.60 -42.65
C1D BCL OE . -59.01 -2.37 -42.78
C2D BCL OE . -58.73 -1.77 -44.02
C3D BCL OE . -57.89 -2.65 -44.68
C4D BCL OE . -57.67 -3.73 -43.83
CMD BCL OE . -59.27 -0.44 -44.50
CAD BCL OE . -57.07 -2.86 -45.82
OBD BCL OE . -56.89 -2.16 -46.82
CBD BCL OE . -56.36 -4.23 -45.66
CGD BCL OE . -56.62 -5.08 -46.83
O1D BCL OE . -57.71 -5.50 -47.16
O2D BCL OE . -55.53 -5.37 -47.51
CED BCL OE . -55.65 -6.28 -48.63
C1 BCL OE . -50.36 -8.63 -43.32
C2 BCL OE . -50.22 -8.72 -41.80
C3 BCL OE . -49.82 -9.80 -41.16
C4 BCL OE . -49.44 -11.13 -41.81
C5 BCL OE . -49.68 -9.80 -39.63
C6 BCL OE . -50.45 -10.87 -38.90
C7 BCL OE . -51.06 -10.42 -37.58
C8 BCL OE . -50.74 -11.31 -36.38
C9 BCL OE . -51.80 -11.15 -35.27
C10 BCL OE . -49.33 -11.03 -35.84
C11 BCL OE . -48.93 -11.99 -34.73
C12 BCL OE . -47.42 -11.98 -34.46
C13 BCL OE . -46.58 -12.58 -35.61
C14 BCL OE . -46.82 -14.07 -35.78
C15 BCL OE . -45.10 -12.33 -35.30
C16 BCL OE . -44.12 -12.63 -36.44
C17 BCL OE . -43.96 -11.55 -37.50
C18 BCL OE . -43.01 -11.97 -38.61
C19 BCL OE . -42.48 -10.68 -39.27
C20 BCL OE . -43.68 -12.88 -39.65
C1B LMT PE . -57.26 -2.62 -22.20
C2B LMT PE . -58.80 -2.54 -22.19
C3B LMT PE . -59.23 -1.13 -21.73
C4B LMT PE . -58.65 -0.86 -20.33
C5B LMT PE . -57.13 -1.08 -20.38
C6B LMT PE . -56.56 -0.92 -18.96
O1B LMT PE . -56.75 -1.79 -23.22
O2B LMT PE . -59.26 -2.80 -23.46
O3B LMT PE . -60.58 -0.97 -21.79
O4' LMT PE . -58.92 0.44 -19.95
O5B LMT PE . -56.73 -2.31 -20.94
O6B LMT PE . -55.33 -1.50 -18.87
C1' LMT PE . -55.29 -2.24 -27.11
C2' LMT PE . -55.90 -3.53 -26.51
C3' LMT PE . -56.68 -3.22 -25.20
C4' LMT PE . -55.88 -2.34 -24.21
C5' LMT PE . -55.34 -1.16 -25.06
C6' LMT PE . -54.58 -0.12 -24.27
O1' LMT PE . -54.41 -2.51 -28.14
O2' LMT PE . -56.80 -4.06 -27.42
O3' LMT PE . -57.04 -4.41 -24.62
O5' LMT PE . -54.52 -1.61 -26.10
O6' LMT PE . -55.30 0.14 -23.13
C1 LMT PE . -54.98 -2.63 -29.43
C2 LMT PE . -54.60 -3.99 -29.98
C3 LMT PE . -53.34 -4.06 -30.80
C4 LMT PE . -53.21 -5.46 -31.39
C5 LMT PE . -52.11 -5.51 -32.42
C6 LMT PE . -50.73 -5.84 -31.89
C7 LMT PE . -50.58 -7.34 -31.70
C8 LMT PE . -49.15 -7.68 -31.43
C9 LMT PE . -48.30 -7.86 -32.66
C10 LMT PE . -46.84 -7.74 -32.30
C11 LMT PE . -45.96 -7.91 -33.50
C12 LMT PE . -44.55 -7.49 -33.25
MG BCL QE . -51.71 10.93 -47.65
CHA BCL QE . -49.92 11.31 -50.59
CHB BCL QE . -51.38 7.56 -48.01
CHC BCL QE . -54.00 10.48 -45.21
CHD BCL QE . -52.78 14.26 -47.94
NA BCL QE . -50.79 9.64 -49.14
C1A BCL QE . -49.99 10.00 -50.21
C2A BCL QE . -49.27 8.82 -50.80
C3A BCL QE . -49.96 7.63 -50.12
C4A BCL QE . -50.71 8.27 -49.00
CMA BCL QE . -50.90 6.88 -51.08
CAA BCL QE . -47.74 8.80 -50.57
CBA BCL QE . -47.05 7.59 -51.22
CGA BCL QE . -45.62 7.33 -50.84
O1A BCL QE . -44.69 7.52 -51.55
O2A BCL QE . -45.48 6.81 -49.64
NB BCL QE . -52.60 9.29 -46.78
C1B BCL QE . -52.23 7.97 -46.99
C2B BCL QE . -52.81 7.14 -46.02
C3B BCL QE . -53.61 7.92 -45.18
C4B BCL QE . -53.43 9.30 -45.69
CMB BCL QE . -52.55 5.64 -45.98
CAB BCL QE . -54.41 7.42 -44.07
OBB BCL QE . -54.50 6.22 -43.80
CBB BCL QE . -55.19 8.33 -43.16
NC BCL QE . -53.18 12.19 -46.74
C1C BCL QE . -53.96 11.81 -45.68
C2C BCL QE . -54.75 12.93 -45.10
C3C BCL QE . -54.16 14.15 -45.79
C4C BCL QE . -53.40 13.53 -46.94
CMC BCL QE . -56.25 12.76 -45.30
CAC BCL QE . -53.27 15.01 -44.86
CBC BCL QE . -54.07 15.77 -43.82
ND BCL QE . -51.45 12.48 -48.95
C1D BCL QE . -51.94 13.79 -48.99
C2D BCL QE . -51.46 14.48 -50.12
C3D BCL QE . -50.66 13.56 -50.81
C4D BCL QE . -50.67 12.38 -50.08
CMD BCL QE . -51.78 15.91 -50.47
CAD BCL QE . -49.73 13.39 -51.86
OBD BCL QE . -49.31 14.18 -52.71
CBD BCL QE . -49.23 11.93 -51.81
CGD BCL QE . -49.46 11.25 -53.10
O1D BCL QE . -50.55 11.05 -53.60
O2D BCL QE . -48.36 10.88 -53.71
CED BCL QE . -48.48 10.09 -54.92
C1 BCL QE . -44.11 6.49 -49.23
C2 BCL QE . -44.21 5.88 -47.83
C3 BCL QE . -44.29 4.58 -47.60
C4 BCL QE . -44.32 3.51 -48.67
C5 BCL QE . -44.32 4.00 -46.19
C6 BCL QE . -45.22 4.66 -45.17
C7 BCL QE . -44.91 4.20 -43.75
C8 BCL QE . -45.32 2.77 -43.38
C9 BCL QE . -46.63 2.77 -42.58
C10 BCL QE . -44.20 2.06 -42.58
C11 BCL QE . -44.46 0.60 -42.28
C12 BCL QE . -43.29 -0.34 -42.56
C13 BCL QE . -42.13 -0.34 -41.55
C14 BCL QE . -40.95 -1.15 -42.06
C15 BCL QE . -42.57 -0.94 -40.19
C16 BCL QE . -41.76 -0.45 -38.98
C17 BCL QE . -42.20 -0.94 -37.59
C18 BCL QE . -42.01 0.07 -36.46
C19 BCL QE . -40.50 0.35 -36.34
C20 BCL QE . -42.55 -0.42 -35.11
MG BCL RE . -38.85 0.09 -53.77
CHA BCL RE . -41.67 1.29 -55.33
CHB BCL RE . -39.46 2.22 -51.18
CHC BCL RE . -35.78 -0.61 -52.51
CHD BCL RE . -37.87 -1.41 -56.78
NA BCL RE . -40.37 1.60 -53.36
C1A BCL RE . -41.52 1.86 -54.09
C2A BCL RE . -42.38 2.91 -53.42
C3A BCL RE . -41.63 3.19 -52.10
C4A BCL RE . -40.45 2.28 -52.15
CMA BCL RE . -41.23 4.66 -51.97
CAA BCL RE . -43.87 2.54 -53.21
CBA BCL RE . -44.20 1.08 -52.84
CGA BCL RE . -43.73 0.64 -51.50
O1A BCL RE . -44.34 0.75 -50.50
O2A BCL RE . -42.54 0.08 -51.51
NB BCL RE . -37.75 0.76 -52.13
C1B BCL RE . -38.25 1.55 -51.11
C2B BCL RE . -37.35 1.56 -50.03
C3B BCL RE . -36.25 0.75 -50.37
C4B BCL RE . -36.56 0.26 -51.71
CMB BCL RE . -37.63 2.37 -48.76
CAB BCL RE . -35.03 0.38 -49.64
OBB BCL RE . -34.04 -0.12 -50.20
CBB BCL RE . -34.88 0.59 -48.14
NC BCL RE . -37.08 -0.82 -54.56
C1C BCL RE . -35.98 -1.13 -53.80
C2C BCL RE . -35.05 -2.07 -54.46
C3C BCL RE . -35.57 -2.06 -55.91
C4C BCL RE . -36.95 -1.49 -55.76
CMC BCL RE . -33.61 -1.64 -54.32
CAC BCL RE . -35.47 -3.46 -56.60
CBC BCL RE . -36.48 -4.46 -56.09
ND BCL RE . -39.53 0.02 -55.68
C1D BCL RE . -39.14 -0.76 -56.77
C2D BCL RE . -40.15 -0.79 -57.76
C3D BCL RE . -41.18 0.00 -57.26
C4D BCL RE . -40.77 0.47 -56.02
CMD BCL RE . -40.09 -1.53 -59.08
CAD BCL RE . -42.43 0.62 -57.54
OBD BCL RE . -43.16 0.53 -58.54
CBD BCL RE . -42.80 1.51 -56.34
CGD BCL RE . -42.98 2.91 -56.77
O1D BCL RE . -42.09 3.71 -56.94
O2D BCL RE . -44.25 3.23 -56.96
CED BCL RE . -44.55 4.60 -57.35
C1 BCL RE . -42.01 -0.38 -50.24
C2 BCL RE . -40.69 -1.06 -50.58
C3 BCL RE . -39.82 -1.49 -49.68
C4 BCL RE . -39.96 -1.36 -48.17
C5 BCL RE . -38.54 -2.21 -50.12
C6 BCL RE . -38.60 -3.74 -50.02
C7 BCL RE . -39.63 -4.39 -50.97
C8 BCL RE . -39.23 -4.77 -52.40
C9 BCL RE . -37.82 -5.40 -52.40
C10 BCL RE . -39.26 -3.60 -53.38
C11 BCL RE . -40.61 -2.98 -53.68
C12 BCL RE . -41.56 -3.89 -54.48
C13 BCL RE . -42.56 -3.06 -55.31
C14 BCL RE . -43.36 -2.09 -54.45
C15 BCL RE . -43.55 -3.95 -56.08
C16 BCL RE . -43.99 -3.33 -57.40
C17 BCL RE . -45.27 -3.88 -58.06
C18 BCL RE . -45.45 -3.36 -59.48
C19 BCL RE . -46.95 -3.47 -59.80
C20 BCL RE . -44.61 -4.13 -60.51
C1B LMT SE . -50.38 19.86 -33.24
C2B LMT SE . -50.91 20.40 -31.89
C3B LMT SE . -50.82 19.32 -30.80
C4B LMT SE . -51.48 18.01 -31.26
C5B LMT SE . -50.85 17.62 -32.62
C6B LMT SE . -51.50 16.34 -33.14
O1B LMT SE . -48.98 19.77 -33.23
O2B LMT SE . -50.17 21.50 -31.56
O3B LMT SE . -51.33 19.77 -29.60
O4' LMT SE . -51.25 16.99 -30.35
O5B LMT SE . -50.97 18.64 -33.58
O6B LMT SE . -51.30 15.30 -32.26
C1' LMT SE . -45.83 19.20 -35.90
C2' LMT SE . -47.01 20.06 -36.44
C3' LMT SE . -47.91 20.53 -35.26
C4' LMT SE . -48.33 19.33 -34.40
C5' LMT SE . -47.00 18.66 -33.99
C6' LMT SE . -47.14 17.59 -32.95
O1' LMT SE . -45.13 18.64 -36.95
O2' LMT SE . -46.50 21.16 -37.08
O3' LMT SE . -49.00 21.19 -35.73
O5' LMT SE . -46.35 18.14 -35.12
O6' LMT SE . -47.62 18.21 -31.82
C1 LMT SE . -43.89 18.02 -36.59
C2 LMT SE . -43.23 17.64 -37.89
C3 LMT SE . -41.89 16.96 -37.82
C4 LMT SE . -41.87 16.00 -36.65
C5 LMT SE . -40.72 15.03 -36.72
C6 LMT SE . -40.97 13.79 -35.92
C7 LMT SE . -40.21 12.57 -36.40
C8 LMT SE . -40.25 12.35 -37.87
C9 LMT SE . -39.95 10.92 -38.22
C10 LMT SE . -40.15 10.69 -39.69
C11 LMT SE . -39.14 11.41 -40.52
C12 LMT SE . -37.74 10.98 -40.21
MG BCL TE . -29.93 14.99 -57.73
CHA BCL TE . -32.86 16.17 -59.10
CHB BCL TE . -30.99 16.16 -54.71
CHC BCL TE . -27.51 13.15 -56.22
CHD BCL TE . -29.30 13.26 -60.70
NA BCL TE . -31.72 15.99 -57.03
C1A BCL TE . -32.78 16.46 -57.77
C2A BCL TE . -33.85 16.99 -56.88
C3A BCL TE . -33.05 17.37 -55.62
C4A BCL TE . -31.86 16.46 -55.73
CMA BCL TE . -32.64 18.83 -55.62
CAA BCL TE . -34.96 15.94 -56.63
CBA BCL TE . -35.39 15.64 -55.18
CGA BCL TE . -34.55 14.73 -54.33
O1A BCL TE . -33.89 15.11 -53.44
O2A BCL TE . -34.76 13.44 -54.50
NB BCL TE . -29.37 14.65 -55.77
C1B BCL TE . -29.85 15.33 -54.66
C2B BCL TE . -29.07 15.06 -53.53
C3B BCL TE . -28.04 14.18 -53.92
C4B BCL TE . -28.25 13.97 -55.36
CMB BCL TE . -29.37 15.69 -52.17
CAB BCL TE . -26.95 13.54 -53.17
OBB BCL TE . -26.03 12.93 -53.73
CBB BCL TE . -26.87 13.55 -51.65
NC BCL TE . -28.60 13.44 -58.38
C1C BCL TE . -27.71 12.79 -57.57
C2C BCL TE . -27.04 11.65 -58.23
C3C BCL TE . -27.54 11.73 -59.68
C4C BCL TE . -28.54 12.86 -59.63
CMC BCL TE . -25.52 11.71 -58.10
CAC BCL TE . -28.15 10.40 -60.21
CBC BCL TE . -27.17 9.25 -60.23
ND BCL TE . -30.88 14.68 -59.50
C1D BCL TE . -30.45 14.09 -60.70
C2D BCL TE . -31.32 14.41 -61.77
C3D BCL TE . -32.30 15.25 -61.21
C4D BCL TE . -31.99 15.38 -59.85
CMD BCL TE . -31.19 13.93 -63.19
CAD BCL TE . -33.48 15.99 -61.44
OBD BCL TE . -34.16 16.13 -62.47
CBD BCL TE . -33.89 16.69 -60.11
CGD BCL TE . -33.91 18.14 -60.24
O1D BCL TE . -33.04 18.82 -60.77
O2D BCL TE . -34.98 18.70 -59.71
CED BCL TE . -35.01 20.15 -59.57
C1 BCL TE . -34.24 12.50 -53.52
C2 BCL TE . -32.75 12.31 -53.75
C3 BCL TE . -31.91 11.93 -52.79
C4 BCL TE . -32.29 11.68 -51.34
C5 BCL TE . -30.44 11.63 -53.07
C6 BCL TE . -30.06 11.32 -54.50
C7 BCL TE . -30.60 9.99 -55.02
C8 BCL TE . -31.64 10.08 -56.14
C9 BCL TE . -32.00 8.67 -56.66
C10 BCL TE . -31.09 10.94 -57.27
C11 BCL TE . -31.93 11.00 -58.50
C12 BCL TE . -33.31 11.68 -58.30
C13 BCL TE . -34.15 11.51 -59.57
C14 BCL TE . -33.17 11.71 -60.71
C15 BCL TE . -35.26 12.56 -59.84
C16 BCL TE . -36.21 12.47 -61.11
C17 BCL TE . -35.74 12.38 -62.59
C18 BCL TE . -36.66 12.37 -63.76
C19 BCL TE . -35.74 11.96 -64.92
C20 BCL TE . -37.33 13.73 -64.02
C1B LMT UE . -43.11 28.86 -36.99
C2B LMT UE . -42.24 29.63 -35.99
C3B LMT UE . -42.70 29.36 -34.55
C4B LMT UE . -44.22 29.59 -34.39
C5B LMT UE . -44.96 28.85 -35.52
C6B LMT UE . -46.45 29.15 -35.45
O1B LMT UE . -42.89 27.48 -36.82
O2B LMT UE . -40.93 29.25 -36.17
O3B LMT UE . -41.96 30.09 -33.64
O4' LMT UE . -44.65 29.12 -33.17
O5B LMT UE . -44.45 29.16 -36.80
O6B LMT UE . -46.96 28.77 -34.25
C1' LMT UE . -41.41 24.25 -38.98
C2' LMT UE . -40.81 25.62 -39.35
C3' LMT UE . -41.15 26.68 -38.26
C4' LMT UE . -42.65 26.71 -37.98
C5' LMT UE . -43.08 25.24 -37.70
C6' LMT UE . -44.51 25.08 -37.27
O1' LMT UE . -41.18 23.37 -40.00
O2' LMT UE . -39.45 25.49 -39.43
O3' LMT UE . -40.69 27.90 -38.64
O5' LMT UE . -42.82 24.41 -38.82
O6' LMT UE . -44.65 23.78 -36.85
C1 LMT UE . -41.35 22.00 -39.71
C2 LMT UE . -41.19 21.29 -41.02
C3 LMT UE . -39.80 21.24 -41.59
C4 LMT UE . -39.10 19.98 -41.13
C5 LMT UE . -37.87 19.76 -41.97
C6 LMT UE . -37.05 18.58 -41.54
C7 LMT UE . -35.73 18.58 -42.27
C8 LMT UE . -34.83 17.52 -41.75
C9 LMT UE . -33.39 17.65 -42.15
C10 LMT UE . -33.23 17.42 -43.63
C11 LMT UE . -31.84 17.70 -44.07
C12 LMT UE . -31.63 17.42 -45.52
MG BCL VE . -42.56 26.26 -51.28
CHA BCL VE . -40.42 26.71 -53.95
CHB BCL VE . -42.71 22.96 -52.09
CHC BCL VE . -45.15 25.89 -49.15
CHD BCL VE . -43.01 29.73 -51.12
NA BCL VE . -41.69 25.03 -52.86
C1A BCL VE . -40.74 25.39 -53.79
C2A BCL VE . -40.16 24.18 -54.49
C3A BCL VE . -41.07 23.04 -54.02
C4A BCL VE . -41.84 23.65 -52.90
CMA BCL VE . -41.98 22.51 -55.13
CAA BCL VE . -38.68 23.88 -54.21
CBA BCL VE . -38.20 22.61 -54.93
CGA BCL VE . -36.90 22.05 -54.49
O1A BCL VE . -35.88 22.15 -55.09
O2A BCL VE . -36.96 21.35 -53.34
NB BCL VE . -43.80 24.69 -50.76
C1B BCL VE . -43.59 23.35 -51.08
C2B BCL VE . -44.36 22.52 -50.28
C3B BCL VE . -45.09 23.31 -49.39
C4B BCL VE . -44.71 24.69 -49.73
CMB BCL VE . -44.32 21.01 -50.41
CAB BCL VE . -46.02 22.80 -48.39
OBB BCL VE . -46.24 21.59 -48.21
CBB BCL VE . -46.80 23.71 -47.48
NC BCL VE . -43.90 27.61 -50.32
C1C BCL VE . -44.84 27.24 -49.40
C2C BCL VE . -45.44 28.38 -48.65
C3C BCL VE . -44.57 29.56 -49.12
C4C BCL VE . -43.84 28.99 -50.31
CMC BCL VE . -46.92 28.57 -48.94
CAC BCL VE . -43.65 30.12 -48.01
CBC BCL VE . -44.38 30.88 -46.94
ND BCL VE . -41.90 27.88 -52.29
C1D BCL VE . -42.13 29.26 -52.13
C2D BCL VE . -41.38 30.01 -53.07
C3D BCL VE . -40.68 29.07 -53.82
C4D BCL VE . -41.02 27.81 -53.33
CMD BCL VE . -41.38 31.51 -53.20
CAD BCL VE . -39.63 28.88 -54.75
OBD BCL VE . -38.95 29.69 -55.39
CBD BCL VE . -39.39 27.35 -54.89
CGD BCL VE . -39.48 26.96 -56.31
O1D BCL VE . -40.51 26.90 -56.95
O2D BCL VE . -38.31 26.66 -56.84
CED BCL VE . -38.32 26.14 -58.20
C1 BCL VE . -35.71 20.75 -52.90
C2 BCL VE . -35.91 20.21 -51.49
C3 BCL VE . -36.11 18.95 -51.15
C4 BCL VE . -36.20 17.80 -52.14
C5 BCL VE . -36.18 18.48 -49.69
C6 BCL VE . -37.48 17.81 -49.22
C7 BCL VE . -37.45 17.54 -47.71
C8 BCL VE . -38.55 16.61 -47.18
C9 BCL VE . -39.94 17.10 -47.62
C10 BCL VE . -38.50 16.51 -45.64
C11 BCL VE . -37.24 15.92 -45.03
C12 BCL VE . -37.08 14.43 -45.34
C13 BCL VE . -35.62 14.01 -45.58
C14 BCL VE . -35.01 14.68 -46.80
C15 BCL VE . -35.55 12.47 -45.78
C16 BCL VE . -34.16 11.88 -45.57
C17 BCL VE . -33.92 10.40 -45.92
C18 BCL VE . -34.75 9.36 -45.18
C19 BCL VE . -34.62 9.66 -43.67
C20 BCL VE . -34.30 7.92 -45.46
C1 V7N WE . -18.27 45.00 -42.23
C10 V7N WE . -15.60 42.19 -51.60
C11 V7N WE . -15.17 41.56 -52.80
C12 V7N WE . -16.02 40.88 -53.69
C13 V7N WE . -15.61 40.22 -54.87
C14 V7N WE . -16.53 39.45 -55.63
C15 V7N WE . -16.18 38.73 -56.78
C16 V7N WE . -17.07 37.94 -57.56
C17 V7N WE . -16.64 37.21 -58.68
C18 V7N WE . -17.39 36.26 -59.41
C19 V7N WE . -16.79 35.56 -60.49
C2 V7N WE . -18.51 45.71 -43.57
C20 V7N WE . -17.36 34.59 -61.30
C21 V7N WE . -16.69 33.92 -62.37
C22 V7N WE . -17.28 33.00 -63.22
C23 V7N WE . -16.52 32.33 -64.32
C24 V7N WE . -16.38 30.82 -64.09
C25 V7N WE . -15.75 30.01 -65.16
C26 V7N WE . -14.43 29.82 -65.35
C27 V7N WE . -13.89 28.97 -66.46
C28 V7N WE . -12.69 29.58 -67.16
C29 V7N WE . -12.09 28.82 -68.29
C3 V7N WE . -17.46 45.53 -44.60
C30 V7N WE . -18.22 43.48 -42.41
C31 V7N WE . -16.97 45.47 -41.61
C33 V7N WE . -15.22 44.94 -46.56
C34 V7N WE . -13.56 43.61 -51.18
C35 V7N WE . -14.21 40.30 -55.35
C36 V7N WE . -18.79 35.99 -59.01
C37 V7N WE . -18.70 32.64 -63.09
C38 V7N WE . -13.42 30.44 -64.46
C39 V7N WE . -11.15 27.87 -68.14
C4 V7N WE . -17.51 44.54 -45.54
C40 V7N WE . -10.56 27.15 -69.30
C41 V7N WE . -20.66 44.91 -41.79
C43 V7N WE . -10.61 27.45 -66.83
C5 V7N WE . -16.55 44.30 -46.58
C6 V7N WE . -16.97 43.40 -47.60
C7 V7N WE . -16.36 42.92 -48.77
C8 V7N WE . -15.50 43.63 -49.62
C9 V7N WE . -14.91 43.13 -50.81
O32 V7N WE . -19.38 45.37 -41.39
O42 V7N WE . -12.99 43.46 -52.26
O44 V7N WE . -11.09 27.40 -70.50
O45 V7N WE . -9.62 26.35 -69.28
C1B LMT XE . -25.74 44.39 -34.55
C2B LMT XE . -24.76 45.44 -34.01
C3B LMT XE . -24.45 45.20 -32.52
C4B LMT XE . -25.77 45.05 -31.71
C5B LMT XE . -26.66 44.01 -32.42
C6B LMT XE . -27.98 43.85 -31.67
O1B LMT XE . -25.13 43.13 -34.55
O2B LMT XE . -23.62 45.37 -34.77
O3B LMT XE . -23.65 46.18 -32.01
O4' LMT XE . -25.50 44.61 -30.43
O5B LMT XE . -26.89 44.35 -33.76
O6B LMT XE . -27.76 43.34 -30.42
C1' LMT XE . -23.93 39.97 -36.87
C2' LMT XE . -23.03 41.22 -36.96
C3' LMT XE . -23.36 42.16 -35.80
C4' LMT XE . -24.84 42.54 -35.80
C5' LMT XE . -25.64 41.20 -35.90
C6' LMT XE . -27.14 41.42 -35.89
O1' LMT XE . -23.62 39.09 -37.88
O2' LMT XE . -21.72 40.82 -36.85
O3' LMT XE . -22.60 43.28 -35.86
O5' LMT XE . -25.27 40.42 -37.02
O6' LMT XE . -27.67 40.59 -36.84
C1 LMT XE . -23.78 37.71 -37.55
C2 LMT XE . -23.26 36.91 -38.72
C3 LMT XE . -23.42 35.42 -38.62
C4 LMT XE . -22.84 34.74 -39.85
C5 LMT XE . -23.35 33.33 -39.94
C6 LMT XE . -23.30 32.73 -41.32
C7 LMT XE . -22.08 31.89 -41.62
C8 LMT XE . -20.79 32.64 -41.67
C9 LMT XE . -19.92 32.40 -40.47
C10 LMT XE . -18.61 33.12 -40.67
C11 LMT XE . -17.65 32.77 -39.58
C12 LMT XE . -16.35 33.50 -39.70
MG BCL YE . -18.78 27.72 -57.49
CHA BCL YE . -21.39 29.25 -59.19
CHB BCL YE . -20.15 28.81 -54.58
CHC BCL YE . -16.96 25.39 -55.81
CHD BCL YE . -17.78 26.22 -60.48
NA BCL YE . -20.56 28.86 -56.99
C1A BCL YE . -21.45 29.50 -57.84
C2A BCL YE . -22.26 30.54 -57.11
C3A BCL YE . -21.74 30.47 -55.67
C4A BCL YE . -20.83 29.28 -55.69
CMA BCL YE . -20.98 31.75 -55.28
CAA BCL YE . -23.79 30.33 -57.24
CBA BCL YE . -24.56 29.57 -56.15
CGA BCL YE . -24.24 28.14 -55.91
O1A BCL YE . -24.66 27.23 -56.54
O2A BCL YE . -23.58 27.95 -54.78
NB BCL YE . -18.56 27.18 -55.50
C1B BCL YE . -19.26 27.73 -54.44
C2B BCL YE . -18.97 27.04 -53.25
C3B BCL YE . -18.03 26.03 -53.56
C4B BCL YE . -17.81 26.15 -54.99
CMB BCL YE . -19.63 27.40 -51.92
CAB BCL YE . -17.35 25.04 -52.71
OBB BCL YE . -16.79 24.03 -53.19
CBB BCL YE . -17.25 25.17 -51.21
NC BCL YE . -17.55 26.06 -58.07
C1C BCL YE . -16.88 25.25 -57.20
C2C BCL YE . -16.05 24.22 -57.88
C3C BCL YE . -16.09 24.68 -59.34
C4C BCL YE . -17.25 25.63 -59.35
CMC BCL YE . -14.64 24.13 -57.31
CAC BCL YE . -16.19 23.50 -60.34
CBC BCL YE . -17.52 22.78 -60.30
ND BCL YE . -19.45 27.66 -59.41
C1D BCL YE . -18.89 27.11 -60.58
C2D BCL YE . -19.56 27.58 -61.73
C3D BCL YE . -20.56 28.43 -61.27
C4D BCL YE . -20.47 28.45 -59.87
CMD BCL YE . -19.23 27.22 -63.16
CAD BCL YE . -21.51 29.41 -61.62
OBD BCL YE . -21.88 29.80 -62.74
CBD BCL YE . -22.11 30.01 -60.32
CGD BCL YE . -21.96 31.47 -60.31
O1D BCL YE . -20.89 32.06 -60.33
O2D BCL YE . -23.10 32.12 -60.28
CED BCL YE . -23.06 33.54 -59.98
C1 BCL YE . -23.51 26.69 -54.06
C2 BCL YE . -22.45 25.83 -54.74
C3 BCL YE . -21.96 24.78 -54.11
C4 BCL YE . -22.38 24.34 -52.71
C5 BCL YE . -20.87 23.89 -54.70
C6 BCL YE . -20.83 23.77 -56.22
C7 BCL YE . -22.06 23.06 -56.78
C8 BCL YE . -22.22 23.20 -58.29
C9 BCL YE . -20.91 22.78 -59.00
C10 BCL YE . -22.59 24.64 -58.67
C11 BCL YE . -23.29 24.81 -60.01
C12 BCL YE . -23.98 26.17 -60.12
C13 BCL YE . -24.93 26.35 -61.33
C14 BCL YE . -25.93 25.20 -61.46
C15 BCL YE . -24.15 26.46 -62.66
C16 BCL YE . -24.84 27.34 -63.68
C17 BCL YE . -24.11 27.58 -65.00
C18 BCL YE . -24.54 28.86 -65.71
C19 BCL YE . -26.04 28.73 -65.98
C20 BCL YE . -23.78 29.11 -67.02
MG BCL ZE . -30.29 40.07 -50.54
CHA BCL ZE . -27.58 40.57 -52.64
CHB BCL ZE . -30.80 37.09 -52.09
CHC BCL ZE . -33.34 39.88 -49.09
CHD BCL ZE . -30.15 43.45 -49.64
NA BCL ZE . -29.31 39.01 -52.18
C1A BCL ZE . -28.13 39.34 -52.83
C2A BCL ZE . -27.65 38.21 -53.70
C3A BCL ZE . -28.78 37.18 -53.62
C4A BCL ZE . -29.68 37.73 -52.56
CMA BCL ZE . -29.51 37.01 -54.94
CAA BCL ZE . -26.29 37.59 -53.28
CBA BCL ZE . -25.88 36.46 -54.23
CGA BCL ZE . -24.76 35.59 -53.76
O1A BCL ZE . -23.69 35.56 -54.23
O2A BCL ZE . -25.12 34.79 -52.77
NB BCL ZE . -31.87 38.74 -50.64
C1B BCL ZE . -31.80 37.47 -51.20
C2B BCL ZE . -32.87 36.67 -50.76
C3B BCL ZE . -33.64 37.44 -49.88
C4B BCL ZE . -32.97 38.74 -49.83
CMB BCL ZE . -33.05 35.24 -51.22
CAB BCL ZE . -34.84 36.95 -49.19
OBB BCL ZE . -35.31 35.81 -49.38
CBB BCL ZE . -35.59 37.78 -48.20
NC BCL ZE . -31.56 41.48 -49.54
C1C BCL ZE . -32.74 41.15 -48.94
C2C BCL ZE . -33.26 42.20 -48.04
C3C BCL ZE . -32.13 43.25 -48.06
C4C BCL ZE . -31.27 42.78 -49.21
CMC BCL ZE . -34.60 42.74 -48.46
CAC BCL ZE . -31.36 43.36 -46.72
CBC BCL ZE . -32.18 44.01 -45.62
ND BCL ZE . -29.15 41.69 -51.01
C1D BCL ZE . -29.18 43.02 -50.58
C2D BCL ZE . -28.16 43.78 -51.22
C3D BCL ZE . -27.49 42.88 -52.05
C4D BCL ZE . -28.11 41.64 -51.89
CMD BCL ZE . -27.90 45.24 -51.02
CAD BCL ZE . -26.34 42.65 -52.82
OBD BCL ZE . -25.43 43.43 -53.17
CBD BCL ZE . -26.32 41.16 -53.26
CGD BCL ZE . -26.20 41.07 -54.72
O1D BCL ZE . -26.93 41.62 -55.52
O2D BCL ZE . -25.20 40.30 -55.12
CED BCL ZE . -24.98 40.17 -56.55
C1 BCL ZE . -24.08 33.84 -52.34
C2 BCL ZE . -24.62 33.13 -51.10
C3 BCL ZE . -25.16 31.94 -51.07
C4 BCL ZE . -25.40 31.06 -52.30
C5 BCL ZE . -25.54 31.26 -49.76
C6 BCL ZE . -27.03 31.18 -49.43
C7 BCL ZE . -27.56 29.74 -49.44
C8 BCL ZE . -28.87 29.50 -48.69
C9 BCL ZE . -30.01 30.34 -49.29
C10 BCL ZE . -28.74 29.80 -47.19
C11 BCL ZE . -27.63 29.08 -46.44
C12 BCL ZE . -27.93 27.58 -46.27
C13 BCL ZE . -27.07 26.65 -47.13
C14 BCL ZE . -27.55 25.20 -47.08
C15 BCL ZE . -25.61 26.69 -46.61
C16 BCL ZE . -24.60 25.98 -47.50
C17 BCL ZE . -23.12 26.24 -47.16
C18 BCL ZE . -22.18 25.57 -48.13
C19 BCL ZE . -20.75 25.93 -47.70
C20 BCL ZE . -22.43 26.03 -49.59
C1B LMT AF . -19.35 50.69 -28.74
C2B LMT AF . -20.11 51.36 -27.57
C3B LMT AF . -20.14 50.44 -26.33
C4B LMT AF . -20.63 49.03 -26.71
C5B LMT AF . -19.80 48.53 -27.91
C6B LMT AF . -20.26 47.14 -28.32
O1B LMT AF . -17.99 50.61 -28.46
O2B LMT AF . -19.47 52.54 -27.28
O3B LMT AF . -20.87 50.99 -25.31
O4' LMT AF . -20.46 48.15 -25.65
O5B LMT AF . -19.88 49.42 -29.00
O6B LMT AF . -19.46 46.64 -29.32
C1' LMT AF . -14.32 49.85 -29.52
C2' LMT AF . -14.55 51.35 -29.67
C3' LMT AF . -15.93 51.68 -29.05
C4' LMT AF . -17.07 50.75 -29.54
C5' LMT AF . -16.53 49.31 -29.89
C6' LMT AF . -17.42 48.58 -30.86
O1' LMT AF . -13.04 49.50 -29.86
O2' LMT AF . -13.58 52.03 -28.98
O3' LMT AF . -16.27 52.97 -29.30
O5' LMT AF . -15.22 49.27 -30.42
O6' LMT AF . -17.42 49.33 -32.01
C1 LMT AF . -12.69 49.71 -31.21
C2 LMT AF . -12.08 48.41 -31.70
C3 LMT AF . -10.73 48.07 -31.18
C4 LMT AF . -10.26 46.75 -31.78
C5 LMT AF . -11.09 45.58 -31.36
C6 LMT AF . -10.61 44.31 -31.98
C7 LMT AF . -11.69 43.26 -31.93
C8 LMT AF . -11.32 42.06 -32.74
C9 LMT AF . -11.33 42.24 -34.23
C10 LMT AF . -10.08 41.60 -34.78
C11 LMT AF . -10.05 41.65 -36.27
C12 LMT AF . -8.75 41.19 -36.82
MG BCL BF . -16.23 50.82 -45.39
CHA BCL BF . -13.28 51.23 -47.15
CHB BCL BF . -16.94 48.17 -47.42
CHC BCL BF . -19.39 50.80 -44.20
CHD BCL BF . -15.85 54.06 -44.11
NA BCL BF . -15.22 49.87 -47.08
C1A BCL BF . -13.96 50.12 -47.58
C2A BCL BF . -13.51 49.06 -48.54
C3A BCL BF . -14.81 48.26 -48.79
C4A BCL BF . -15.71 48.73 -47.70
CMA BCL BF . -15.39 48.53 -50.18
CAA BCL BF . -12.39 48.15 -48.02
CBA BCL BF . -11.90 47.12 -49.07
CGA BCL BF . -11.07 46.00 -48.55
O1A BCL BF . -9.89 45.93 -48.64
O2A BCL BF . -11.78 45.07 -47.95
NB BCL BF . -17.92 49.70 -45.78
C1B BCL BF . -17.99 48.58 -46.60
C2B BCL BF . -19.22 47.94 -46.46
C3B BCL BF . -19.99 48.66 -45.53
C4B BCL BF . -19.12 49.78 -45.13
CMB BCL BF . -19.59 46.69 -47.23
CAB BCL BF . -21.33 48.29 -45.10
OBB BCL BF . -21.90 47.25 -45.45
CBB BCL BF . -22.15 49.15 -44.18
NC BCL BF . -17.44 52.24 -44.34
C1C BCL BF . -18.70 51.99 -43.88
C2C BCL BF . -19.24 53.07 -43.01
C3C BCL BF . -18.00 53.93 -42.76
C4C BCL BF . -17.06 53.47 -43.84
CMC BCL BF . -20.39 53.83 -43.64
CAC BCL BF . -17.42 53.80 -41.33
CBC BCL BF . -18.24 54.52 -40.29
ND BCL BF . -14.90 52.36 -45.58
C1D BCL BF . -14.82 53.61 -44.98
C2D BCL BF . -13.62 54.26 -45.34
C3D BCL BF . -12.96 53.39 -46.20
C4D BCL BF . -13.76 52.25 -46.32
CMD BCL BF . -13.19 55.63 -44.86
CAD BCL BF . -11.77 53.12 -46.90
OBD BCL BF . -10.74 53.81 -47.05
CBD BCL BF . -11.88 51.72 -47.56
CGD BCL BF . -11.61 51.80 -48.99
O1D BCL BF . -12.27 52.43 -49.80
O2D BCL BF . -10.55 51.11 -49.37
CED BCL BF . -10.25 51.05 -50.79
C1 BCL BF . -11.09 43.92 -47.35
C2 BCL BF . -12.15 43.15 -46.62
C3 BCL BF . -12.82 42.10 -47.04
C4 BCL BF . -12.57 41.39 -48.35
C5 BCL BF . -14.00 41.53 -46.26
C6 BCL BF . -13.71 40.35 -45.34
C7 BCL BF . -14.86 40.06 -44.38
C8 BCL BF . -16.19 39.64 -45.02
C9 BCL BF . -17.26 40.73 -44.86
C10 BCL BF . -16.68 38.32 -44.40
C11 BCL BF . -16.01 37.07 -44.98
C12 BCL BF . -16.48 35.78 -44.31
C13 BCL BF . -15.82 34.51 -44.87
C14 BCL BF . -16.22 33.27 -44.07
C15 BCL BF . -14.28 34.64 -44.82
C16 BCL BF . -13.44 33.40 -45.11
C17 BCL BF . -13.17 33.03 -46.58
C18 BCL BF . -11.98 32.10 -46.81
C19 BCL BF . -10.71 32.89 -46.46
C20 BCL BF . -11.88 31.56 -48.25
MG BCL CF . -5.97 38.23 -53.04
CHA BCL CF . -7.67 40.85 -54.53
CHB BCL CF . -7.70 38.87 -50.17
CHC BCL CF . -4.94 35.26 -51.82
CHD BCL CF . -4.86 37.22 -56.21
NA BCL CF . -7.51 39.67 -52.47
C1A BCL CF . -8.02 40.71 -53.21
C2A BCL CF . -8.81 41.68 -52.36
C3A BCL CF . -8.72 41.06 -50.95
C4A BCL CF . -8.00 39.77 -51.18
CMA BCL CF . -7.97 41.98 -49.98
CAA BCL CF . -10.27 41.90 -52.83
CBA BCL CF . -11.00 40.64 -53.35
CGA BCL CF . -11.52 39.76 -52.27
O1A BCL CF . -12.16 40.12 -51.35
O2A BCL CF . -11.13 38.52 -52.37
NB BCL CF . -6.32 37.18 -51.31
C1B BCL CF . -6.95 37.69 -50.17
C2B BCL CF . -6.70 36.88 -49.06
C3B BCL CF . -5.89 35.80 -49.49
C4B BCL CF . -5.68 36.04 -50.91
CMB BCL CF . -7.25 37.20 -47.68
CAB BCL CF . -5.35 34.64 -48.79
OBB BCL CF . -4.42 33.95 -49.25
CBB BCL CF . -5.86 34.18 -47.44
NC BCL CF . -5.05 36.49 -53.90
C1C BCL CF . -4.70 35.38 -53.18
C2C BCL CF . -4.04 34.34 -54.01
C3C BCL CF . -3.86 35.04 -55.36
C4C BCL CF . -4.65 36.31 -55.20
CMC BCL CF . -2.73 33.86 -53.38
CAC BCL CF . -4.33 34.17 -56.56
CBC BCL CF . -3.60 32.84 -56.68
ND BCL CF . -6.20 38.85 -54.96
C1D BCL CF . -5.67 38.40 -56.18
C2D BCL CF . -6.08 39.23 -57.26
C3D BCL CF . -6.85 40.23 -56.67
C4D BCL CF . -6.92 39.96 -55.31
CMD BCL CF . -5.71 39.03 -58.70
CAD BCL CF . -7.60 41.40 -56.90
OBD BCL CF . -7.85 42.02 -57.95
CBD BCL CF . -8.13 41.91 -55.53
CGD BCL CF . -7.65 43.26 -55.22
O1D BCL CF . -6.51 43.55 -54.93
O2D BCL CF . -8.61 44.18 -55.30
CED BCL CF . -8.24 45.54 -54.94
C1 BCL CF . -11.49 37.61 -51.28
C2 BCL CF . -10.99 36.24 -51.72
C3 BCL CF . -10.49 35.32 -50.93
C4 BCL CF . -10.35 35.45 -49.42
C5 BCL CF . -9.94 33.98 -51.48
C6 BCL CF . -9.82 33.81 -53.00
C7 BCL CF . -8.82 34.78 -53.65
C8 BCL CF . -9.24 35.24 -55.05
C9 BCL CF . -8.37 34.53 -56.11
C10 BCL CF . -9.11 36.77 -55.17
C11 BCL CF . -9.10 37.43 -56.56
C12 BCL CF . -10.39 37.17 -57.36
C13 BCL CF . -11.44 38.29 -57.30
C14 BCL CF . -12.73 37.90 -58.04
C15 BCL CF . -10.94 39.61 -57.92
C16 BCL CF . -10.40 39.55 -59.35
C17 BCL CF . -10.59 40.86 -60.15
C18 BCL CF . -9.84 40.85 -61.48
C19 BCL CF . -10.21 42.17 -62.19
C20 BCL CF . -10.19 39.65 -62.38
MG BCL DF . 7.10 44.94 -46.25
CHA BCL DF . 6.45 48.14 -47.34
CHB BCL DF . 6.02 45.89 -43.15
CHC BCL DF . 8.26 42.03 -45.01
CHD BCL DF . 9.00 44.39 -49.16
NA BCL DF . 6.41 46.80 -45.39
C1A BCL DF . 6.03 47.94 -46.05
C2A BCL DF . 4.94 48.62 -45.33
C3A BCL DF . 5.26 48.23 -43.89
C4A BCL DF . 5.89 46.88 -44.10
CMA BCL DF . 6.24 49.21 -43.25
CAA BCL DF . 3.56 48.09 -45.82
CBA BCL DF . 2.35 48.02 -44.87
CGA BCL DF . 2.36 46.95 -43.83
O1A BCL DF . 2.25 47.14 -42.68
O2A BCL DF . 2.48 45.72 -44.25
NB BCL DF . 7.20 44.11 -44.37
C1B BCL DF . 6.55 44.59 -43.24
C2B BCL DF . 6.49 43.61 -42.24
C3B BCL DF . 7.15 42.46 -42.73
C4B BCL DF . 7.58 42.82 -44.08
CMB BCL DF . 5.83 43.86 -40.89
CAB BCL DF . 7.43 41.14 -42.14
OBB BCL DF . 8.19 40.32 -42.67
CBB BCL DF . 6.79 40.68 -40.84
NC BCL DF . 8.48 43.46 -46.97
C1C BCL DF . 8.69 42.27 -46.33
C2C BCL DF . 9.24 41.22 -47.23
C3C BCL DF . 9.68 42.01 -48.46
C4C BCL DF . 9.02 43.36 -48.24
CMC BCL DF . 10.37 40.43 -46.59
CAC BCL DF . 9.27 41.25 -49.76
CBC BCL DF . 9.96 41.73 -51.01
ND BCL DF . 7.66 46.01 -47.89
C1D BCL DF . 8.40 45.69 -49.04
C2D BCL DF . 8.42 46.78 -49.95
C3D BCL DF . 7.67 47.78 -49.34
C4D BCL DF . 7.24 47.28 -48.11
CMD BCL DF . 9.10 46.79 -51.29
CAD BCL DF . 7.23 49.12 -49.42
OBD BCL DF . 7.39 49.98 -50.31
CBD BCL DF . 6.43 49.44 -48.13
CGD BCL DF . 7.01 50.57 -47.37
O1D BCL DF . 8.11 50.58 -46.87
O2D BCL DF . 6.18 51.60 -47.28
CED BCL DF . 6.54 52.65 -46.33
C1 BCL DF . 2.39 44.71 -43.20
C2 BCL DF . 2.64 43.35 -43.84
C3 BCL DF . 2.20 42.85 -44.99
C4 BCL DF . 1.31 43.55 -46.01
C5 BCL DF . 2.57 41.43 -45.39
C6 BCL DF . 4.06 41.15 -45.51
C7 BCL DF . 4.73 41.99 -46.60
C8 BCL DF . 4.42 41.52 -48.02
C9 BCL DF . 5.72 41.37 -48.83
C10 BCL DF . 3.46 42.47 -48.76
C11 BCL DF . 4.02 43.83 -49.14
C12 BCL DF . 2.98 44.73 -49.83
C13 BCL DF . 3.54 46.04 -50.40
C14 BCL DF . 3.84 47.07 -49.31
C15 BCL DF . 2.51 46.66 -51.38
C16 BCL DF . 2.91 48.01 -52.00
C17 BCL DF . 4.19 47.95 -52.84
C18 BCL DF . 4.63 49.25 -53.50
C19 BCL DF . 3.50 49.67 -54.47
C20 BCL DF . 5.95 49.11 -54.27
C1B LMT EF . -8.14 55.71 -25.66
C2B LMT EF . -6.75 55.80 -24.96
C3B LMT EF . -6.81 55.19 -23.56
C4B LMT EF . -7.95 55.83 -22.75
C5B LMT EF . -9.24 55.71 -23.59
C6B LMT EF . -10.41 56.35 -22.83
O1B LMT EF . -8.51 54.39 -25.98
O2B LMT EF . -5.77 55.20 -25.73
O3B LMT EF . -5.60 55.30 -22.91
O4' LMT EF . -8.12 55.17 -21.55
O5B LMT EF . -9.12 56.30 -24.86
O6B LMT EF . -11.53 56.37 -23.61
C1' LMT EF . -7.58 51.76 -29.16
C2' LMT EF . -6.67 51.79 -27.91
C3' LMT EF . -7.38 52.41 -26.69
C4' LMT EF . -7.90 53.78 -27.11
C5' LMT EF . -8.92 53.48 -28.24
C6' LMT EF . -9.78 54.64 -28.65
O1' LMT EF . -6.78 51.51 -30.24
O2' LMT EF . -6.30 50.50 -27.61
O3' LMT EF . -6.52 52.53 -25.63
O5' LMT EF . -8.20 53.03 -29.37
O6' LMT EF . -10.54 54.99 -27.56
C1 LMT EF . -7.43 51.33 -31.48
C2 LMT EF . -6.56 50.35 -32.22
C3 LMT EF . -6.45 48.98 -31.63
C4 LMT EF . -5.43 48.18 -32.41
C5 LMT EF . -5.54 46.72 -32.05
C6 LMT EF . -4.53 45.85 -32.75
C7 LMT EF . -4.98 44.41 -32.69
C8 LMT EF . -4.11 43.56 -33.55
C9 LMT EF . -4.68 42.19 -33.84
C10 LMT EF . -4.60 41.34 -32.59
C11 LMT EF . -3.20 41.12 -32.09
C12 LMT EF . -2.32 40.50 -33.12
MG BCL FF . -1.67 58.69 -37.75
CHA BCL FF . 1.49 58.84 -39.12
CHB BCL FF . -2.55 56.56 -40.27
CHC BCL FF . -4.92 59.04 -36.89
CHD BCL FF . -0.92 61.50 -35.82
NA BCL FF . -0.64 57.85 -39.48
C1A BCL FF . 0.71 57.96 -39.80
C2A BCL FF . 1.10 56.96 -40.87
C3A BCL FF . -0.25 56.39 -41.33
C4A BCL FF . -1.22 56.92 -40.32
CMA BCL FF . -0.60 56.82 -42.75
CAA BCL FF . 2.05 55.84 -40.40
CBA BCL FF . 2.40 54.91 -41.57
CGA BCL FF . 3.04 53.61 -41.20
O1A BCL FF . 4.18 53.35 -41.36
O2A BCL FF . 2.18 52.73 -40.68
NB BCL FF . -3.47 57.98 -38.51
C1B BCL FF . -3.59 56.98 -39.45
C2B BCL FF . -4.89 56.47 -39.47
C3B BCL FF . -5.64 57.14 -38.50
C4B BCL FF . -4.70 58.10 -37.91
CMB BCL FF . -5.33 55.35 -40.41
CAB BCL FF . -7.04 56.88 -38.20
OBB BCL FF . -7.73 56.03 -38.79
CBB BCL FF . -7.79 57.63 -37.13
NC BCL FF . -2.75 60.10 -36.56
C1C BCL FF . -4.08 59.99 -36.26
C2C BCL FF . -4.53 60.93 -35.21
C3C BCL FF . -3.21 61.50 -34.69
C4C BCL FF . -2.24 61.10 -35.77
CMC BCL FF . -5.50 61.98 -35.71
CAC BCL FF . -2.83 60.99 -33.28
CBC BCL FF . -3.66 61.61 -32.18
ND BCL FF . -0.09 59.94 -37.50
C1D BCL FF . 0.12 61.04 -36.68
C2D BCL FF . 1.43 61.56 -36.84
C3D BCL FF . 2.03 60.74 -37.79
C4D BCL FF . 1.09 59.78 -38.17
CMD BCL FF . 2.00 62.75 -36.11
CAD BCL FF . 3.25 60.36 -38.40
OBD BCL FF . 4.38 60.87 -38.31
CBD BCL FF . 2.99 59.13 -39.30
CGD BCL FF . 3.43 59.38 -40.68
O1D BCL FF . 3.00 60.25 -41.41
O2D BCL FF . 4.39 58.55 -41.08
CED BCL FF . 4.84 58.67 -42.45
C1 BCL FF . 2.73 51.42 -40.31
C2 BCL FF . 1.71 50.75 -39.40
C3 BCL FF . 0.81 49.87 -39.79
C4 BCL FF . 0.61 49.40 -41.22
C5 BCL FF . -0.14 49.18 -38.81
C6 BCL FF . -1.59 48.96 -39.27
C7 BCL FF . -2.47 48.38 -38.16
C8 BCL FF . -3.80 47.80 -38.65
C9 BCL FF . -4.70 48.91 -39.22
C10 BCL FF . -4.55 47.08 -37.53
C11 BCL FF . -3.85 46.07 -36.65
C12 BCL FF . -3.15 44.92 -37.38
C13 BCL FF . -4.06 43.97 -38.18
C14 BCL FF . -5.10 43.27 -37.30
C15 BCL FF . -3.19 42.89 -38.85
C16 BCL FF . -3.92 41.98 -39.82
C17 BCL FF . -3.12 40.88 -40.54
C18 BCL FF . -2.83 39.65 -39.70
C19 BCL FF . -2.43 38.56 -40.71
C20 BCL FF . -4.01 39.15 -38.85
MG BCL GF . 21.04 48.79 -35.77
CHA BCL GF . 20.42 52.09 -36.60
CHB BCL GF . 18.89 49.15 -33.17
CHC BCL GF . 20.68 45.41 -35.65
CHD BCL GF . 22.86 48.44 -38.70
NA BCL GF . 19.82 50.43 -35.01
C1A BCL GF . 19.72 51.72 -35.49
C2A BCL GF . 18.75 52.54 -34.69
C3A BCL GF . 18.47 51.65 -33.46
C4A BCL GF . 19.03 50.32 -33.88
CMA BCL GF . 19.17 52.20 -32.22
CAA BCL GF . 17.49 52.94 -35.49
CBA BCL GF . 16.14 52.24 -35.30
CGA BCL GF . 15.96 50.86 -35.83
O1A BCL GF . 15.53 50.59 -36.91
O2A BCL GF . 16.21 49.95 -34.91
NB BCL GF . 19.92 47.47 -34.63
C1B BCL GF . 19.16 47.82 -33.52
C2B BCL GF . 18.70 46.67 -32.85
C3B BCL GF . 19.22 45.54 -33.53
C4B BCL GF . 19.97 46.11 -34.66
CMB BCL GF . 17.79 46.76 -31.62
CAB BCL GF . 19.13 44.10 -33.25
OBB BCL GF . 19.46 43.24 -34.08
CBB BCL GF . 18.63 43.56 -31.94
NC BCL GF . 21.69 47.17 -36.99
C1C BCL GF . 21.42 45.85 -36.76
C2C BCL GF . 21.94 44.94 -37.83
C3C BCL GF . 22.88 45.88 -38.61
C4C BCL GF . 22.42 47.25 -38.17
CMC BCL GF . 22.63 43.70 -37.29
CAC BCL GF . 22.87 45.63 -40.15
CBC BCL GF . 21.59 46.04 -40.84
ND BCL GF . 21.53 49.96 -37.35
C1D BCL GF . 22.35 49.74 -38.47
C2D BCL GF . 22.51 50.94 -39.22
C3D BCL GF . 21.78 51.91 -38.54
C4D BCL GF . 21.20 51.29 -37.43
CMD BCL GF . 23.31 51.06 -40.50
CAD BCL GF . 21.48 53.29 -38.44
OBD BCL GF . 21.84 54.25 -39.14
CBD BCL GF . 20.55 53.49 -37.21
CGD BCL GF . 21.05 54.50 -36.26
O1D BCL GF . 22.19 54.57 -35.86
O2D BCL GF . 20.12 55.36 -35.88
CED BCL GF . 20.41 56.22 -34.75
C1 BCL GF . 15.83 48.56 -35.04
C2 BCL GF . 16.73 47.94 -36.10
C3 BCL GF . 16.32 47.00 -36.90
C4 BCL GF . 14.91 46.42 -36.92
C5 BCL GF . 17.26 46.38 -37.95
C6 BCL GF . 17.92 47.37 -38.90
C7 BCL GF . 16.91 48.25 -39.60
C8 BCL GF . 17.50 49.35 -40.49
C9 BCL GF . 18.42 48.72 -41.55
C10 BCL GF . 18.29 50.36 -39.64
C11 BCL GF . 18.01 51.82 -39.94
C12 BCL GF . 18.57 52.31 -41.27
C13 BCL GF . 17.55 53.14 -42.06
C14 BCL GF . 16.37 52.29 -42.53
C15 BCL GF . 18.20 53.80 -43.30
C16 BCL GF . 19.16 54.93 -43.03
C17 BCL GF . 19.26 56.00 -44.13
C18 BCL GF . 20.27 57.09 -43.82
C19 BCL GF . 19.78 58.34 -44.57
C20 BCL GF . 21.71 56.73 -44.22
MG BCL HF . 12.68 62.43 -26.95
CHA BCL HF . 16.02 62.22 -27.81
CHB BCL HF . 11.91 60.94 -29.91
CHC BCL HF . 9.44 63.29 -26.50
CHD BCL HF . 13.53 64.70 -24.41
NA BCL HF . 13.85 61.71 -28.63
C1A BCL HF . 15.23 61.62 -28.77
C2A BCL HF . 15.62 61.17 -30.18
C3A BCL HF . 14.28 60.68 -30.76
C4A BCL HF . 13.27 61.07 -29.72
CMA BCL HF . 13.97 61.34 -32.10
CAA BCL HF . 16.71 60.09 -30.32
CBA BCL HF . 16.49 58.82 -29.52
CGA BCL HF . 16.93 57.56 -30.21
O1A BCL HF . 17.84 57.46 -30.95
O2A BCL HF . 16.15 56.55 -29.90
NB BCL HF . 10.95 62.23 -28.06
C1B BCL HF . 10.82 61.44 -29.20
C2B BCL HF . 9.48 61.23 -29.52
C3B BCL HF . 8.70 61.90 -28.56
C4B BCL HF . 9.68 62.51 -27.65
CMB BCL HF . 9.03 60.43 -30.72
CAB BCL HF . 7.23 61.91 -28.53
OBB BCL HF . 6.53 61.36 -29.38
CBB BCL HF . 6.46 62.62 -27.45
NC BCL HF . 11.65 63.81 -25.66
C1C BCL HF . 10.30 63.94 -25.61
C2C BCL HF . 9.82 64.76 -24.46
C3C BCL HF . 11.11 65.02 -23.68
C4C BCL HF . 12.18 64.58 -24.65
CMC BCL HF . 9.12 66.03 -24.90
CAC BCL HF . 11.16 64.26 -22.33
CBC BCL HF . 10.28 64.89 -21.26
ND BCL HF . 14.37 63.32 -26.25
C1D BCL HF . 14.61 64.19 -25.18
C2D BCL HF . 15.99 64.45 -25.05
C3D BCL HF . 16.61 63.71 -26.05
C4D BCL HF . 15.60 63.04 -26.74
CMD BCL HF . 16.61 65.36 -24.02
CAD BCL HF . 17.84 63.17 -26.48
OBD BCL HF . 19.00 63.36 -26.07
CBD BCL HF . 17.55 62.21 -27.67
CGD BCL HF . 18.35 62.61 -28.84
O1D BCL HF . 18.14 63.57 -29.53
O2D BCL HF . 19.35 61.78 -29.09
CED BCL HF . 20.01 61.90 -30.37
C1 BCL HF . 16.43 55.21 -30.41
C2 BCL HF . 15.29 54.38 -29.86
C3 BCL HF . 14.55 53.52 -30.51
C4 BCL HF . 14.72 53.11 -31.96
C5 BCL HF . 13.36 52.85 -29.82
C6 BCL HF . 12.02 53.29 -30.38
C7 BCL HF . 10.86 52.97 -29.46
C8 BCL HF . 9.50 52.93 -30.15
C9 BCL HF . 9.05 54.34 -30.61
C10 BCL HF . 8.43 52.32 -29.23
C11 BCL HF . 7.95 50.98 -29.71
C12 BCL HF . 9.03 49.92 -29.92
C13 BCL HF . 8.54 48.85 -30.90
C14 BCL HF . 7.33 48.08 -30.37
C15 BCL HF . 9.69 47.88 -31.23
C16 BCL HF . 10.46 47.20 -30.11
C17 BCL HF . 11.93 47.61 -30.03
C18 BCL HF . 12.77 47.09 -31.18
C19 BCL HF . 12.98 45.59 -30.91
C20 BCL HF . 14.14 47.78 -31.32
C1 V7N IF . 30.73 54.21 -1.81
C10 V7N IF . 37.34 54.14 -9.81
C11 V7N IF . 38.28 53.95 -10.83
C12 V7N IF . 37.93 54.24 -12.15
C13 V7N IF . 38.71 54.08 -13.30
C14 V7N IF . 38.25 54.60 -14.53
C15 V7N IF . 38.94 54.44 -15.73
C16 V7N IF . 38.32 54.62 -16.97
C17 V7N IF . 39.03 54.41 -18.16
C18 V7N IF . 38.50 54.59 -19.47
C19 V7N IF . 39.36 54.28 -20.54
C2 V7N IF . 31.60 55.40 -2.26
C20 V7N IF . 39.05 54.29 -21.89
C21 V7N IF . 40.02 53.94 -22.85
C22 V7N IF . 39.82 53.84 -24.21
C23 V7N IF . 40.94 53.43 -25.09
C24 V7N IF . 41.17 51.95 -24.88
C25 V7N IF . 42.26 51.30 -25.62
C26 V7N IF . 42.16 50.85 -26.88
C27 V7N IF . 43.30 50.16 -27.57
C28 V7N IF . 43.49 50.53 -29.03
C29 V7N IF . 44.79 50.10 -29.60
C3 V7N IF . 33.00 55.06 -2.61
C30 V7N IF . 30.43 53.31 -3.00
C31 V7N IF . 31.46 53.41 -0.74
C33 V7N IF . 35.76 53.99 -3.34
C34 V7N IF . 38.71 53.47 -7.80
C35 V7N IF . 40.01 53.35 -13.27
C36 V7N IF . 37.12 55.07 -19.65
C37 V7N IF . 38.50 54.08 -24.83
C38 V7N IF . 40.91 51.02 -27.66
C39 V7N IF . 45.21 48.81 -29.78
C4 V7N IF . 33.39 54.74 -3.88
C40 V7N IF . 46.54 48.53 -30.36
C41 V7N IF . 28.79 55.63 -2.18
C43 V7N IF . 44.41 47.60 -29.49
C5 V7N IF . 34.71 54.43 -4.30
C6 V7N IF . 35.00 54.52 -5.66
C7 V7N IF . 36.24 54.27 -6.26
C8 V7N IF . 36.31 54.16 -7.65
C9 V7N IF . 37.45 53.92 -8.43
O32 V7N IF . 29.53 54.81 -1.29
O42 V7N IF . 39.81 53.35 -8.36
O44 V7N IF . 46.89 47.25 -30.45
O45 V7N IF . 47.35 49.35 -30.79
C1B LMT JF . 33.11 76.35 2.95
C2B LMT JF . 31.88 77.13 3.48
C3B LMT JF . 30.67 76.95 2.55
C4B LMT JF . 31.07 77.26 1.08
C5B LMT JF . 32.29 76.41 0.73
C6B LMT JF . 32.70 76.68 -0.71
O1B LMT JF . 32.91 74.98 3.12
O2B LMT JF . 31.60 76.66 4.74
O3B LMT JF . 29.59 77.69 2.97
O4' LMT JF . 30.03 76.96 0.22
O5B LMT JF . 33.37 76.65 1.62
O6B LMT JF . 33.89 76.06 -1.01
C1' LMT JF . 34.60 71.54 4.63
C2' LMT JF . 34.34 72.63 5.69
C3' LMT JF . 33.39 73.70 5.10
C4' LMT JF . 33.94 74.25 3.76
C5' LMT JF . 34.26 73.01 2.89
C6' LMT JF . 34.74 73.35 1.51
O1' LMT JF . 35.42 70.55 5.09
O2' LMT JF . 33.73 72.05 6.78
O3' LMT JF . 33.20 74.74 5.98
O5' LMT JF . 35.21 72.18 3.51
O6' LMT JF . 35.91 74.06 1.68
C1 LMT JF . 35.41 69.38 4.27
C2 LMT JF . 36.80 69.21 3.73
C3 LMT JF . 37.02 68.04 2.80
C4 LMT JF . 36.76 66.73 3.51
C5 LMT JF . 37.21 65.56 2.66
C6 LMT JF . 37.02 64.25 3.36
C7 LMT JF . 38.02 63.21 2.94
C8 LMT JF . 37.91 62.86 1.49
C9 LMT JF . 39.09 62.10 0.98
C10 LMT JF . 38.88 61.73 -0.46
C11 LMT JF . 40.11 61.07 -1.02
C12 LMT JF . 39.94 60.63 -2.43
C1B LMT KF . 38.67 79.32 -2.99
C2B LMT KF . 39.51 80.56 -2.62
C3B LMT KF . 38.68 81.59 -1.80
C4B LMT KF . 37.32 81.87 -2.46
C5B LMT KF . 36.64 80.50 -2.69
C6B LMT KF . 35.25 80.70 -3.28
O1B LMT KF . 38.56 78.43 -1.92
O2B LMT KF . 40.60 80.13 -1.90
O3B LMT KF . 39.40 82.74 -1.57
O4' LMT KF . 36.52 82.64 -1.65
O5B LMT KF . 37.41 79.67 -3.51
O6B LMT KF . 34.72 79.48 -3.66
C1' LMT KF . 37.40 74.45 -1.34
C2' LMT KF . 37.77 74.83 -2.79
C3' LMT KF . 38.53 76.17 -2.83
C4' LMT KF . 37.75 77.26 -2.08
C5' LMT KF . 37.47 76.66 -0.68
C6' LMT KF . 36.90 77.64 0.33
O1' LMT KF . 36.68 73.29 -1.33
O2' LMT KF . 38.55 73.84 -3.31
O3' LMT KF . 38.75 76.53 -4.14
O5' LMT KF . 36.65 75.51 -0.78
O6' LMT KF . 35.63 77.94 -0.11
C1 LMT KF . 37.35 72.21 -0.71
C2 LMT KF . 36.60 70.94 -1.04
C3 LMT KF . 37.37 69.67 -0.78
C4 LMT KF . 36.51 68.45 -1.05
C5 LMT KF . 37.37 67.21 -1.01
C6 LMT KF . 38.21 67.06 -2.24
C7 LMT KF . 38.97 65.75 -2.25
C8 LMT KF . 39.23 65.35 -3.66
C9 LMT KF . 40.30 64.30 -3.84
C10 LMT KF . 40.19 63.75 -5.24
C11 LMT KF . 41.23 62.70 -5.50
C12 LMT KF . 41.00 61.99 -6.79
MG BCL LF . 31.96 61.47 -6.95
CHA BCL LF . 31.86 59.31 -9.62
CHB BCL LF . 35.21 60.55 -6.44
CHC BCL LF . 31.95 63.20 -4.07
CHD BCL LF . 28.46 61.55 -6.93
NA BCL LF . 33.32 60.07 -7.90
C1A BCL LF . 33.12 59.37 -9.09
C2A BCL LF . 34.42 58.96 -9.71
C3A BCL LF . 35.40 59.10 -8.53
C4A BCL LF . 34.66 59.97 -7.58
CMA BCL LF . 35.73 57.75 -7.91
CAA BCL LF . 34.80 59.85 -10.92
CBA BCL LF . 36.28 59.88 -11.33
CGA BCL LF . 36.95 58.56 -11.41
O1A BCL LF . 36.43 57.54 -11.77
O2A BCL LF . 38.19 58.60 -10.99
NB BCL LF . 33.35 61.81 -5.46
C1B BCL LF . 34.65 61.35 -5.44
C2B BCL LF . 35.31 61.81 -4.27
C3B BCL LF . 34.38 62.57 -3.53
C4B BCL LF . 33.18 62.57 -4.34
CMB BCL LF . 36.76 61.47 -3.98
CAB BCL LF . 34.48 63.24 -2.24
OBB BCL LF . 33.68 64.14 -1.90
CBB BCL LF . 35.51 62.88 -1.21
NC BCL LF . 30.42 62.21 -5.66
C1C BCL LF . 30.67 63.05 -4.61
C2C BCL LF . 29.45 63.66 -4.05
C3C BCL LF . 28.41 63.39 -5.14
C4C BCL LF . 29.07 62.29 -5.94
CMC BCL LF . 29.09 63.10 -2.69
CAC BCL LF . 28.05 64.67 -5.95
CBC BCL LF . 26.85 64.52 -6.86
ND BCL LF . 30.45 60.58 -7.97
C1D BCL LF . 29.07 60.78 -7.97
C2D BCL LF . 28.45 60.14 -9.07
C3D BCL LF . 29.50 59.53 -9.76
C4D BCL LF . 30.67 59.83 -9.08
CMD BCL LF . 26.98 60.12 -9.38
CAD BCL LF . 29.87 58.76 -10.89
OBD BCL LF . 29.16 58.24 -11.78
CBD BCL LF . 31.41 58.61 -10.90
CGD BCL LF . 31.81 57.20 -11.02
O1D BCL LF . 31.38 56.30 -10.34
O2D BCL LF . 32.73 56.99 -11.95
CED BCL LF . 33.35 55.68 -11.98
C1 BCL LF . 38.83 57.30 -10.96
C2 BCL LF . 40.16 57.48 -10.29
C3 BCL LF . 40.61 58.05 -9.20
C4 BCL LF . 39.81 59.00 -8.34
C5 BCL LF . 42.01 57.78 -8.66
C6 BCL LF . 41.94 56.60 -7.68
C7 BCL LF . 43.12 55.63 -7.61
C8 BCL LF . 44.33 55.96 -6.73
C9 BCL LF . 44.02 57.11 -5.75
C10 BCL LF . 45.59 56.28 -7.56
C11 BCL LF . 46.84 56.18 -6.69
C12 BCL LF . 48.15 56.37 -7.47
C13 BCL LF . 48.52 55.12 -8.29
C14 BCL LF . 48.95 53.95 -7.40
C15 BCL LF . 49.67 55.43 -9.27
C16 BCL LF . 51.04 55.80 -8.68
C17 BCL LF . 52.15 56.21 -9.67
C18 BCL LF . 52.47 55.25 -10.81
C19 BCL LF . 52.79 53.87 -10.19
C20 BCL LF . 53.66 55.71 -11.66
C1B LMT MF . 38.19 80.37 -7.74
C2B LMT MF . 38.30 81.19 -9.05
C3B LMT MF . 39.63 80.90 -9.78
C4B LMT MF . 40.82 81.07 -8.81
C5B LMT MF . 40.55 80.22 -7.56
C6B LMT MF . 41.71 80.37 -6.57
O1B LMT MF . 37.97 79.02 -8.04
O2B LMT MF . 37.23 80.87 -9.84
O3B LMT MF . 39.75 81.65 -10.92
O4' LMT MF . 41.99 80.66 -9.42
O5B LMT MF . 39.33 80.54 -6.94
O6B LMT MF . 41.43 79.70 -5.41
C1' LMT MF . 36.22 75.64 -6.41
C2' LMT MF . 35.66 76.97 -5.86
C3' LMT MF . 36.09 78.13 -6.80
C4' LMT MF . 37.62 78.15 -6.98
C5' LMT MF . 38.04 76.72 -7.38
C6' LMT MF . 39.52 76.56 -7.66
O1' LMT MF . 35.88 74.58 -5.63
O2' LMT MF . 34.30 76.90 -5.83
O3' LMT MF . 35.64 79.32 -6.31
O5' LMT MF . 37.64 75.76 -6.42
O6' LMT MF . 39.76 75.23 -7.80
C1 LMT MF . 36.32 73.32 -6.14
C2 LMT MF . 35.37 72.26 -5.61
C3 LMT MF . 35.82 70.84 -5.79
C4 LMT MF . 34.78 69.90 -5.22
C5 LMT MF . 35.38 68.61 -4.75
C6 LMT MF . 35.45 67.54 -5.81
C7 LMT MF . 36.12 66.32 -5.24
C8 LMT MF . 35.87 65.11 -6.07
C9 LMT MF . 36.74 64.94 -7.28
C10 LMT MF . 36.52 63.54 -7.81
C11 LMT MF . 37.46 63.18 -8.92
C12 LMT MF . 37.07 63.81 -10.22
C1B LMT NF . 23.14 81.31 -17.44
C2B LMT NF . 23.54 82.75 -17.06
C3B LMT NF . 22.68 83.27 -15.88
C4B LMT NF . 21.18 83.10 -16.19
C5B LMT NF . 20.93 81.65 -16.62
C6B LMT NF . 19.46 81.45 -17.02
O1B LMT NF . 23.60 80.40 -16.47
O2B LMT NF . 24.87 82.76 -16.73
O3B LMT NF . 23.00 84.55 -15.55
O4' LMT NF . 20.43 83.36 -15.06
O5B LMT NF . 21.77 81.20 -17.67
O6B LMT NF . 19.28 80.22 -17.58
C1' LMT NF . 23.57 76.20 -15.98
C2' LMT NF . 23.50 76.73 -17.42
C3' LMT NF . 23.98 78.21 -17.50
C4' LMT NF . 23.14 79.05 -16.52
C5' LMT NF . 23.39 78.40 -15.14
C6' LMT NF . 22.82 79.21 -14.00
O1' LMT NF . 22.88 75.02 -15.93
O2' LMT NF . 24.32 75.97 -18.22
O3' LMT NF . 23.84 78.67 -18.78
O5' LMT NF . 22.88 77.09 -15.10
O6' LMT NF . 23.03 78.50 -12.85
C1 LMT NF . 23.55 73.84 -15.50
C2 LMT NF . 24.17 73.16 -16.70
C3 LMT NF . 24.41 71.66 -16.54
C4 LMT NF . 25.48 71.16 -17.49
C5 LMT NF . 25.63 69.66 -17.32
C6 LMT NF . 26.60 69.00 -18.27
C7 LMT NF . 28.03 69.23 -17.86
C8 LMT NF . 28.96 68.49 -18.78
C9 LMT NF . 30.42 68.77 -18.55
C10 LMT NF . 31.21 68.20 -19.70
C11 LMT NF . 32.66 68.59 -19.62
C12 LMT NF . 33.41 68.21 -20.86
C1 V7N OF . 39.06 47.95 11.32
C10 V7N OF . 46.62 48.00 4.15
C11 V7N OF . 47.64 47.83 3.20
C12 V7N OF . 47.60 48.52 1.99
C13 V7N OF . 48.51 48.40 0.92
C14 V7N OF . 48.39 49.29 -0.18
C15 V7N OF . 49.21 49.19 -1.30
C16 V7N OF . 48.83 49.68 -2.56
C17 V7N OF . 49.64 49.52 -3.68
C18 V7N OF . 49.26 49.78 -5.02
C19 V7N OF . 50.19 49.50 -6.03
C2 V7N OF . 40.22 48.97 11.24
C20 V7N OF . 50.00 49.62 -7.40
C21 V7N OF . 51.02 49.28 -8.31
C22 V7N OF . 50.89 49.28 -9.68
C23 V7N OF . 52.03 48.89 -10.54
C24 V7N OF . 52.09 47.39 -10.77
C25 V7N OF . 53.26 47.00 -11.58
C26 V7N OF . 53.36 47.13 -12.92
C27 V7N OF . 54.61 46.74 -13.64
C28 V7N OF . 54.46 45.50 -14.51
C29 V7N OF . 55.79 45.08 -15.02
C3 V7N OF . 41.56 48.41 10.94
C30 V7N OF . 38.76 47.39 9.94
C31 V7N OF . 39.41 46.82 12.26
C33 V7N OF . 44.14 46.98 10.27
C34 V7N OF . 47.61 46.79 6.14
C35 V7N OF . 49.56 47.36 0.90
C36 V7N OF . 47.91 50.32 -5.31
C37 V7N OF . 49.63 49.67 -10.35
C38 V7N OF . 52.26 47.63 -13.75
C39 V7N OF . 56.05 43.84 -15.49
C4 V7N OF . 42.05 48.28 9.68
C40 V7N OF . 57.40 43.49 -16.00
C41 V7N OF . 37.54 49.83 11.05
C43 V7N OF . 55.04 42.77 -15.57
C5 V7N OF . 43.35 47.80 9.33
C6 V7N OF . 43.84 48.10 8.06
C7 V7N OF . 45.09 47.74 7.54
C8 V7N OF . 45.33 47.84 6.18
C9 V7N OF . 46.51 47.54 5.48
O32 V7N OF . 37.93 48.71 11.82
O42 V7N OF . 48.74 46.60 5.69
O44 V7N OF . 58.33 44.46 -15.93
O45 V7N OF . 57.77 42.41 -16.46
C1B LMT PF . 50.02 70.24 14.98
C2B LMT PF . 51.38 70.66 15.59
C3B LMT PF . 51.21 71.61 16.79
C4B LMT PF . 50.23 72.76 16.46
C5B LMT PF . 48.95 72.12 15.90
C6B LMT PF . 47.90 73.19 15.60
O1B LMT PF . 49.36 69.32 15.80
O2B LMT PF . 52.06 69.52 15.95
O3B LMT PF . 52.42 72.06 17.25
O4' LMT PF . 49.93 73.48 17.59
O5B LMT PF . 49.21 71.36 14.74
O6B LMT PF . 46.72 72.60 15.23
C1' LMT PF . 48.13 65.33 15.69
C2' LMT PF . 49.51 65.63 15.08
C3' LMT PF . 50.00 67.04 15.49
C4' LMT PF . 48.93 68.11 15.20
C5' LMT PF . 47.62 67.60 15.86
C6' LMT PF . 46.44 68.54 15.75
O1' LMT PF . 47.67 64.15 15.15
O2' LMT PF . 50.40 64.69 15.53
O3' LMT PF . 51.16 67.33 14.83
O5' LMT PF . 47.22 66.35 15.31
O6' LMT PF . 46.87 69.76 16.20
C1 LMT PF . 46.52 63.58 15.75
C2 LMT PF . 46.41 62.20 15.14
C3 LMT PF . 47.60 61.30 15.32
C4 LMT PF . 47.27 59.91 14.81
C5 LMT PF . 48.51 59.21 14.32
C6 LMT PF . 48.27 57.76 14.03
C7 LMT PF . 49.45 57.11 13.36
C8 LMT PF . 49.50 57.40 11.90
C9 LMT PF . 50.55 56.61 11.18
C10 LMT PF . 50.42 56.84 9.69
C11 LMT PF . 51.41 56.02 8.92
C12 LMT PF . 51.29 56.21 7.44
C1B LMT QF . 48.95 73.91 10.50
C2B LMT QF . 48.89 74.73 9.19
C3B LMT QF . 50.19 74.57 8.36
C4B LMT QF . 51.45 74.74 9.23
C5B LMT QF . 51.29 73.82 10.46
C6B LMT QF . 52.54 73.90 11.34
O1B LMT QF . 48.79 72.55 10.24
O2B LMT QF . 47.79 74.30 8.49
O3B LMT QF . 50.19 75.41 7.27
O4' LMT QF . 52.57 74.37 8.52
O5B LMT QF . 50.15 74.14 11.19
O6B LMT QF . 52.38 73.09 12.44
C1' LMT QF . 47.33 69.08 11.66
C2' LMT QF . 46.76 70.26 12.45
C3' LMT QF . 47.14 71.58 11.70
C4' LMT QF . 48.64 71.65 11.33
C5' LMT QF . 49.12 70.26 10.83
C6' LMT QF . 50.60 70.19 10.58
O1' LMT QF . 47.00 67.86 12.21
O2' LMT QF . 45.40 70.16 12.50
O3' LMT QF . 46.79 72.66 12.47
O5' LMT QF . 48.74 69.22 11.70
O6' LMT QF . 50.94 68.85 10.59
C1 LMT QF . 47.63 66.76 11.56
C2 LMT QF . 46.62 65.63 11.49
C3 LMT QF . 47.17 64.33 11.00
C4 LMT QF . 46.10 63.25 10.96
C5 LMT QF . 46.74 61.89 10.90
C6 LMT QF . 45.74 60.77 10.84
C7 LMT QF . 46.40 59.44 11.11
C8 LMT QF . 46.15 58.47 9.99
C9 LMT QF . 46.99 58.68 8.77
C10 LMT QF . 46.84 57.46 7.88
C11 LMT QF . 47.62 57.61 6.62
C12 LMT QF . 47.49 56.42 5.72
MG BCL RF . 42.09 55.58 7.51
CHA BCL RF . 42.09 53.93 4.50
CHB BCL RF . 45.07 54.08 8.24
CHC BCL RF . 41.87 56.79 10.65
CHD BCL RF . 38.67 56.25 7.10
NA BCL RF . 43.36 54.15 6.48
C1A BCL RF . 43.26 53.71 5.18
C2A BCL RF . 44.46 52.90 4.76
C3A BCL RF . 45.31 52.85 6.02
C4A BCL RF . 44.62 53.79 6.96
CMA BCL RF . 45.38 51.44 6.60
CAA BCL RF . 45.22 53.50 3.56
CBA BCL RF . 46.32 52.56 3.03
CGA BCL RF . 47.71 52.89 3.44
O1A BCL RF . 48.27 53.88 3.15
O2A BCL RF . 48.38 51.89 4.03
NB BCL RF . 43.26 55.45 9.21
C1B BCL RF . 44.48 54.79 9.30
C2B BCL RF . 45.02 54.96 10.58
C3B BCL RF . 44.10 55.73 11.34
C4B BCL RF . 43.03 56.04 10.41
CMB BCL RF . 46.37 54.37 10.98
CAB BCL RF . 44.10 56.15 12.74
OBB BCL RF . 43.44 57.13 13.14
CBB BCL RF . 44.89 55.43 13.81
NC BCL RF . 40.49 56.35 8.70
C1C BCL RF . 40.67 56.94 9.93
C2C BCL RF . 39.47 57.64 10.43
C3C BCL RF . 38.58 57.72 9.20
C4C BCL RF . 39.22 56.69 8.28
CMC BCL RF . 38.84 56.94 11.62
CAC BCL RF . 38.48 59.16 8.63
CBC BCL RF . 37.46 59.35 7.54
ND BCL RF . 40.64 55.14 6.16
C1D BCL RF . 39.31 55.56 6.03
C2D BCL RF . 38.78 55.18 4.77
C3D BCL RF . 39.82 54.54 4.12
C4D BCL RF . 40.91 54.54 4.97
CMD BCL RF . 37.38 55.46 4.29
CAD BCL RF . 40.23 53.91 2.92
OBD BCL RF . 39.61 53.68 1.87
CBD BCL RF . 41.72 53.47 3.08
CGD BCL RF . 41.87 52.04 2.81
O1D BCL RF . 41.26 51.15 3.36
O2D BCL RF . 42.79 51.77 1.89
CED BCL RF . 43.15 50.37 1.70
C1 BCL RF . 49.79 52.15 4.19
C2 BCL RF . 50.34 51.22 5.26
C3 BCL RF . 50.43 51.39 6.56
C4 BCL RF . 49.85 52.60 7.27
C5 BCL RF . 51.21 50.46 7.48
C6 BCL RF . 51.63 49.07 6.98
C7 BCL RF . 52.36 48.27 8.06
C8 BCL RF . 53.00 46.97 7.59
C9 BCL RF . 51.89 45.96 7.20
C10 BCL RF . 53.89 46.33 8.66
C11 BCL RF . 55.27 46.95 8.91
C12 BCL RF . 56.31 46.64 7.81
C13 BCL RF . 57.77 46.88 8.26
C14 BCL RF . 57.95 48.26 8.90
C15 BCL RF . 58.77 46.79 7.07
C16 BCL RF . 58.90 45.51 6.24
C17 BCL RF . 60.03 45.51 5.19
C18 BCL RF . 61.39 45.08 5.71
C19 BCL RF . 62.45 45.93 4.98
C20 BCL RF . 61.70 43.59 5.49
C1 V7N SF . 44.08 38.34 24.28
C10 V7N SF . 52.54 38.18 18.08
C11 V7N SF . 53.67 37.97 17.29
C12 V7N SF . 53.80 38.64 16.06
C13 V7N SF . 54.82 38.52 15.11
C14 V7N SF . 54.96 39.49 14.09
C15 V7N SF . 55.91 39.38 13.06
C16 V7N SF . 55.89 40.16 11.89
C17 V7N SF . 56.80 39.95 10.85
C18 V7N SF . 56.72 40.55 9.58
C19 V7N SF . 57.68 40.19 8.60
C2 V7N SF . 45.39 39.15 24.41
C20 V7N SF . 57.88 40.79 7.36
C21 V7N SF . 58.85 40.30 6.44
C22 V7N SF . 59.14 40.88 5.22
C23 V7N SF . 60.16 40.29 4.32
C24 V7N SF . 59.53 39.89 2.98
C25 V7N SF . 60.48 39.45 1.93
C26 V7N SF . 61.07 38.25 1.83
C27 V7N SF . 61.99 37.92 0.72
C28 V7N SF . 63.31 37.32 1.22
C29 V7N SF . 64.18 36.76 0.16
C3 V7N SF . 46.64 38.40 24.16
C30 V7N SF . 43.88 37.86 22.85
C31 V7N SF . 44.11 37.15 25.22
C33 V7N SF . 49.01 36.62 23.54
C34 V7N SF . 53.09 36.71 20.07
C35 V7N SF . 55.74 37.36 15.11
C36 V7N SF . 55.63 41.50 9.29
C37 V7N SF . 58.46 42.10 4.75
C38 V7N SF . 60.82 37.16 2.82
C39 V7N SF . 63.98 35.60 -0.49
C4 V7N SF . 47.24 38.32 22.92
C40 V7N SF . 64.92 35.13 -1.51
C41 V7N SF . 42.94 40.45 23.88
C43 V7N SF . 62.82 34.70 -0.26
C5 V7N SF . 48.45 37.64 22.64
C6 V7N SF . 49.12 37.99 21.46
C7 V7N SF . 50.35 37.48 21.02
C8 V7N SF . 50.96 38.01 19.89
C9 V7N SF . 52.19 37.63 19.33
O32 V7N SF . 43.05 39.27 24.65
O42 V7N SF . 54.21 36.34 19.70
O44 V7N SF . 65.98 35.91 -1.76
O45 V7N SF . 64.86 34.07 -2.17
C1B LMT TF . 44.46 68.56 21.23
C2B LMT TF . 43.22 69.48 21.33
C3B LMT TF . 43.04 70.32 20.05
C4B LMT TF . 44.36 71.03 19.69
C5B LMT TF . 45.47 69.96 19.60
C6B LMT TF . 46.79 70.62 19.23
O1B LMT TF . 44.18 67.46 20.42
O2B LMT TF . 42.13 68.67 21.55
O3B LMT TF . 41.98 71.18 20.16
O4' LMT TF . 44.25 71.68 18.48
O5B LMT TF . 45.60 69.25 20.80
O6B LMT TF . 47.73 69.66 18.92
C1' LMT TF . 44.62 63.30 20.80
C2' LMT TF . 44.31 64.09 22.09
C3' LMT TF . 43.73 65.47 21.74
C4' LMT TF . 44.73 66.21 20.83
C5' LMT TF . 44.90 65.29 19.60
C6' LMT TF . 45.67 65.90 18.47
O1' LMT TF . 45.25 62.12 21.10
O2' LMT TF . 43.38 63.39 22.83
O3' LMT TF . 43.46 66.18 22.87
O5' LMT TF . 45.50 64.07 19.98
O6' LMT TF . 46.98 65.93 18.88
C1 LMT TF . 45.12 61.09 20.14
C2 LMT TF . 46.52 60.69 19.76
C3 LMT TF . 46.64 59.60 18.73
C4 LMT TF . 46.04 58.31 19.25
C5 LMT TF . 46.40 57.16 18.36
C6 LMT TF . 45.86 55.86 18.87
C7 LMT TF . 46.68 54.67 18.43
C8 LMT TF . 46.69 54.53 16.94
C9 LMT TF . 47.79 53.62 16.45
C10 LMT TF . 47.75 53.55 14.94
C11 LMT TF . 48.92 52.78 14.41
C12 LMT TF . 48.97 52.77 12.91
MG BCL UF . 48.68 45.73 22.10
CHA BCL UF . 48.86 44.56 18.88
CHB BCL UF . 51.19 43.56 22.94
CHC BCL UF . 48.23 46.53 25.34
CHD BCL UF . 45.56 47.13 21.39
NA BCL UF . 49.82 44.23 21.02
C1A BCL UF . 49.84 44.01 19.66
C2A BCL UF . 51.10 43.36 19.23
C3A BCL UF . 51.64 42.79 20.54
C4A BCL UF . 50.89 43.56 21.58
CMA BCL UF . 51.39 41.29 20.67
CAA BCL UF . 52.06 44.38 18.59
CBA BCL UF . 53.20 43.83 17.72
CGA BCL UF . 53.64 42.43 17.94
O1A BCL UF . 53.37 41.53 17.24
O2A BCL UF . 54.46 42.30 18.96
NB BCL UF . 49.54 45.12 23.87
C1B BCL UF . 50.60 44.23 24.01
C2B BCL UF . 50.97 44.12 25.36
C3B BCL UF . 50.13 44.98 26.11
C4B BCL UF . 49.26 45.59 25.12
CMB BCL UF . 52.10 43.22 25.82
CAB BCL UF . 50.03 45.25 27.54
OBB BCL UF . 49.52 46.30 27.97
CBB BCL UF . 50.51 44.29 28.58
NC BCL UF . 47.10 46.65 23.20
C1C BCL UF . 47.23 47.03 24.50
C2C BCL UF . 46.13 47.91 24.97
C3C BCL UF . 45.42 48.29 23.67
C4C BCL UF . 46.00 47.30 22.69
CMC BCL UF . 45.23 47.22 25.99
CAC BCL UF . 45.63 49.79 23.31
CBC BCL UF . 44.77 50.29 22.18
ND BCL UF . 47.41 45.80 20.53
C1D BCL UF . 46.22 46.48 20.30
C2D BCL UF . 45.83 46.39 18.95
C3D BCL UF . 46.83 45.65 18.32
C4D BCL UF . 47.75 45.32 19.30
CMD BCL UF . 44.59 46.99 18.35
CAD BCL UF . 47.33 45.17 17.09
OBD BCL UF . 46.88 45.27 15.94
CBD BCL UF . 48.68 44.45 17.37
CGD BCL UF . 48.64 43.07 16.87
O1D BCL UF . 47.85 42.22 17.22
O2D BCL UF . 49.56 42.81 15.95
CED BCL UF . 49.69 41.43 15.50
C1 BCL UF . 55.04 40.99 19.18
C2 BCL UF . 55.26 40.86 20.69
C3 BCL UF . 55.93 41.68 21.48
C4 BCL UF . 56.67 42.95 21.04
C5 BCL UF . 56.01 41.43 22.98
C6 BCL UF . 57.42 41.42 23.57
C7 BCL UF . 58.35 40.41 22.89
C8 BCL UF . 59.79 40.43 23.39
C9 BCL UF . 60.39 41.85 23.21
C10 BCL UF . 60.68 39.41 22.64
C11 BCL UF . 60.22 37.96 22.74
C12 BCL UF . 61.30 36.96 22.29
C13 BCL UF . 60.83 35.50 22.37
C14 BCL UF . 60.69 35.01 23.81
C15 BCL UF . 61.82 34.58 21.63
C16 BCL UF . 63.29 34.63 22.05
C17 BCL UF . 64.14 33.45 21.56
C18 BCL UF . 64.48 33.44 20.08
C19 BCL UF . 65.11 32.06 19.82
C20 BCL UF . 65.44 34.56 19.66
C1B LMT VF . 56.97 62.16 29.06
C2B LMT VF . 56.28 62.95 27.94
C3B LMT VF . 57.08 62.82 26.63
C4B LMT VF . 58.55 63.24 26.86
C5B LMT VF . 59.11 62.51 28.10
C6B LMT VF . 60.51 63.02 28.42
O1B LMT VF . 56.97 60.80 28.74
O2B LMT VF . 55.02 62.44 27.79
O3B LMT VF . 56.50 63.50 25.60
O4' LMT VF . 59.33 62.92 25.76
O5B LMT VF . 58.28 62.62 29.24
O6B LMT VF . 61.35 62.82 27.36
C1' LMT VF . 55.31 57.20 29.66
C2' LMT VF . 54.45 58.38 30.12
C3' LMT VF . 54.97 59.67 29.44
C4' LMT VF . 56.48 59.88 29.69
C5' LMT VF . 57.20 58.53 29.42
C6' LMT VF . 58.68 58.60 29.72
O1' LMT VF . 54.87 56.04 30.27
O2' LMT VF . 53.15 58.18 29.72
O3' LMT VF . 54.27 60.76 29.90
O5' LMT VF . 56.63 57.45 30.13
O6' LMT VF . 59.14 57.31 29.78
C1 LMT VF . 55.34 54.82 29.74
C2 LMT VF . 54.44 54.42 28.60
C3 LMT VF . 54.91 53.27 27.76
C4 LMT VF . 53.75 52.54 27.12
C5 LMT VF . 54.25 51.30 26.44
C6 LMT VF . 53.19 50.25 26.19
C7 LMT VF . 53.84 49.00 25.65
C8 LMT VF . 52.80 47.97 25.38
C9 LMT VF . 53.28 46.73 24.67
C10 LMT VF . 54.02 47.13 23.41
C11 LMT VF . 54.05 46.00 22.42
C12 LMT VF . 54.84 46.33 21.20
C1 V7N WF . 46.31 26.47 35.91
C10 V7N WF . 55.18 25.97 30.39
C11 V7N WF . 56.31 25.73 29.60
C12 V7N WF . 56.69 26.62 28.60
C13 V7N WF . 57.78 26.48 27.72
C14 V7N WF . 58.17 27.55 26.88
C15 V7N WF . 59.22 27.44 25.96
C16 V7N WF . 59.39 28.31 24.88
C17 V7N WF . 60.44 28.13 23.96
C18 V7N WF . 60.73 28.95 22.86
C19 V7N WF . 61.81 28.58 22.04
C2 V7N WF . 47.68 27.08 36.21
C20 V7N WF . 62.04 29.00 20.73
C21 V7N WF . 63.15 28.54 19.98
C22 V7N WF . 63.47 28.96 18.71
C23 V7N WF . 64.65 28.38 18.01
C24 V7N WF . 64.24 27.23 17.09
C25 V7N WF . 65.37 26.41 16.59
C26 V7N WF . 66.36 26.81 15.75
C27 V7N WF . 67.45 25.90 15.33
C28 V7N WF . 67.14 25.16 14.05
C29 V7N WF . 68.31 24.38 13.58
C3 V7N WF . 48.83 26.15 36.02
C30 V7N WF . 46.17 26.22 34.41
C31 V7N WF . 46.13 25.17 36.66
C33 V7N WF . 51.12 24.23 35.53
C34 V7N WF . 55.55 24.11 32.00
C35 V7N WF . 58.53 25.21 27.63
C36 V7N WF . 59.90 30.16 22.60
C37 V7N WF . 62.68 29.97 17.98
C38 V7N WF . 66.42 28.15 15.12
C39 V7N WF . 68.23 23.31 12.77
C4 V7N WF . 49.72 26.27 35.00
C40 V7N WF . 69.43 22.59 12.33
C41 V7N WF . 45.32 28.68 35.66
C43 V7N WF . 66.94 22.79 12.24
C5 V7N WF . 50.85 25.45 34.74
C6 V7N WF . 51.72 25.84 33.71
C7 V7N WF . 52.90 25.21 33.28
C8 V7N WF . 53.56 25.69 32.15
C9 V7N WF . 54.75 25.25 31.52
O32 V7N WF . 45.35 27.45 36.36
O42 V7N WF . 55.31 23.40 32.98
O44 V7N WF . 70.60 23.13 12.70
O45 V7N WF . 69.50 21.55 11.66
C1B LMT XF . 56.92 57.86 33.36
C2B LMT XF . 58.18 58.24 34.16
C3B LMT XF . 57.85 59.22 35.31
C4B LMT XF . 57.02 60.41 34.77
C5B LMT XF . 55.82 59.84 34.01
C6B LMT XF . 54.96 60.99 33.48
O1B LMT XF . 56.10 56.99 34.09
O2B LMT XF . 58.74 57.08 34.64
O3B LMT XF . 58.97 59.62 35.97
O4' LMT XF . 56.58 61.19 35.82
O5B LMT XF . 56.20 58.99 32.96
O6B LMT XF . 53.87 60.49 32.80
C1' LMT XF . 54.45 53.13 33.52
C2' LMT XF . 56.00 53.25 33.59
C3' LMT XF . 56.47 54.61 34.16
C4' LMT XF . 55.75 55.77 33.46
C5' LMT XF . 54.24 55.47 33.65
C6' LMT XF . 53.35 56.62 33.25
O1' LMT XF . 54.15 52.06 32.71
O2' LMT XF . 56.46 52.24 34.41
O3' LMT XF . 57.81 54.76 34.02
O5' LMT XF . 53.89 54.31 32.93
O6' LMT XF . 52.18 56.48 33.94
C1 LMT XF . 52.79 51.80 32.45
C2 LMT XF . 52.76 50.94 31.20
C3 LMT XF . 53.27 49.54 31.28
C4 LMT XF . 53.04 48.87 29.94
C5 LMT XF . 53.52 47.44 29.94
C6 LMT XF . 55.00 47.31 29.77
C7 LMT XF . 55.41 45.86 29.76
C8 LMT XF . 55.20 45.19 28.44
C9 LMT XF . 56.22 45.53 27.40
C10 LMT XF . 56.05 44.58 26.24
C11 LMT XF . 56.80 45.02 25.03
C12 LMT XF . 58.27 44.84 25.18
C1B LMT YF . 49.29 55.29 38.58
C2B LMT YF . 48.00 56.14 38.70
C3B LMT YF . 47.86 57.08 37.48
C4B LMT YF . 49.15 57.90 37.28
C5B LMT YF . 50.31 56.90 37.19
C6B LMT YF . 51.63 57.63 36.95
O1B LMT YF . 49.16 54.31 37.57
O2B LMT YF . 46.93 55.29 38.79
O3B LMT YF . 46.74 57.87 37.58
O4' LMT YF . 49.08 58.64 36.11
O5B LMT YF . 50.41 56.09 38.34
O6B LMT YF . 52.62 56.74 36.67
C1' LMT YF . 50.74 50.55 36.66
C2' LMT YF . 50.50 50.84 38.15
C3' LMT YF . 49.52 52.03 38.28
C4' LMT YF . 50.11 53.25 37.57
C5' LMT YF . 50.39 52.80 36.12
C6' LMT YF . 50.93 53.88 35.21
O1' LMT YF . 51.64 49.52 36.51
O2' LMT YF . 49.93 49.73 38.74
O3' LMT YF . 49.26 52.31 39.59
O5' LMT YF . 51.31 51.72 36.08
O6' LMT YF . 49.85 54.65 34.84
C1 LMT YF . 52.18 49.35 35.22
C2 LMT YF . 52.40 47.86 35.04
C3 LMT YF . 51.28 47.10 34.38
C4 LMT YF . 51.64 45.63 34.23
C5 LMT YF . 50.55 44.95 33.48
C6 LMT YF . 50.53 43.45 33.62
C7 LMT YF . 51.77 42.76 33.11
C8 LMT YF . 51.88 42.82 31.62
C9 LMT YF . 52.93 41.91 31.09
C10 LMT YF . 53.04 42.00 29.59
C11 LMT YF . 54.10 41.07 29.10
C12 LMT YF . 54.31 41.12 27.62
C1B LMT ZF . 62.86 44.27 47.76
C2B LMT ZF . 63.36 45.71 48.01
C3B LMT ZF . 64.82 45.89 47.51
C4B LMT ZF . 65.73 44.75 48.05
C5B LMT ZF . 65.06 43.41 47.67
C6B LMT ZF . 65.92 42.24 48.11
O1B LMT ZF . 62.58 44.06 46.40
O2B LMT ZF . 62.52 46.57 47.36
O3B LMT ZF . 65.32 47.13 47.84
O4' LMT ZF . 66.98 44.81 47.49
O5B LMT ZF . 63.77 43.30 48.22
O6B LMT ZF . 65.33 41.05 47.77
C1' LMT ZF . 59.60 42.24 44.10
C2' LMT ZF . 59.15 43.41 45.00
C3' LMT ZF . 60.37 44.24 45.47
C4' LMT ZF . 61.41 43.32 46.12
C5' LMT ZF . 61.73 42.24 45.05
C6' LMT ZF . 62.87 41.33 45.44
O1' LMT ZF . 58.54 41.41 43.80
O2' LMT ZF . 58.30 44.23 44.30
O3' LMT ZF . 60.00 45.20 46.36
O5' LMT ZF . 60.58 41.46 44.78
O6' LMT ZF . 63.03 40.43 44.41
C1 LMT ZF . 58.85 40.26 43.01
C2 LMT ZF . 57.54 39.65 42.56
C3 LMT ZF . 57.60 38.26 41.97
C4 LMT ZF . 56.20 37.77 41.67
C5 LMT ZF . 56.13 36.27 41.60
C6 LMT ZF . 56.30 35.70 40.21
C7 LMT ZF . 56.20 34.19 40.25
C8 LMT ZF . 56.17 33.61 38.87
C9 LMT ZF . 57.27 34.07 37.97
C10 LMT ZF . 57.22 33.24 36.70
C11 LMT ZF . 58.18 33.76 35.69
C12 LMT ZF . 58.60 32.71 34.71
C1B LMT AG . 61.71 41.52 50.23
C2B LMT AG . 62.99 41.41 51.10
C3B LMT AG . 62.76 41.97 52.51
C4B LMT AG . 62.11 43.38 52.47
C5B LMT AG . 60.85 43.27 51.59
C6B LMT AG . 60.15 44.63 51.51
O1B LMT AG . 60.78 40.52 50.57
O2B LMT AG . 63.36 40.09 51.13
O3B LMT AG . 63.92 41.96 53.25
O4' LMT AG . 61.75 43.79 53.73
O5B LMT AG . 61.14 42.80 50.29
O6B LMT AG . 59.16 44.59 50.55
C1' LMT AG . 57.34 38.91 48.86
C2' LMT AG . 58.12 39.87 47.97
C3' LMT AG . 59.56 40.01 48.52
C4' LMT AG . 59.49 40.55 49.96
C5' LMT AG . 58.55 39.58 50.75
C6' LMT AG . 58.38 39.94 52.21
O1' LMT AG . 56.05 38.82 48.40
O2' LMT AG . 58.18 39.37 46.70
O3' LMT AG . 60.27 40.82 47.71
O5' LMT AG . 57.27 39.48 50.16
O6' LMT AG . 59.62 39.88 52.78
C1 LMT AG . 55.50 37.54 48.20
C2 LMT AG . 55.99 37.01 46.86
C3 LMT AG . 55.57 35.61 46.54
C4 LMT AG . 55.97 35.20 45.14
C5 LMT AG . 55.85 33.70 45.01
C6 LMT AG . 56.38 33.15 43.72
C7 LMT AG . 56.66 31.67 43.88
C8 LMT AG . 57.66 31.20 42.88
C9 LMT AG . 58.36 29.93 43.30
C10 LMT AG . 59.42 29.58 42.29
C11 LMT AG . 60.23 28.40 42.74
C12 LMT AG . 61.39 28.12 41.84
MG BCL BG . 51.96 33.25 35.56
CHA BCL BG . 52.34 32.40 32.25
CHB BCL BG . 54.16 30.76 36.35
CHC BCL BG . 51.19 33.67 38.82
CHD BCL BG . 49.15 35.16 34.71
NA BCL BG . 53.06 31.76 34.42
C1A BCL BG . 53.19 31.69 33.04
C2A BCL BG . 54.34 30.82 32.63
C3A BCL BG . 54.71 30.11 33.95
C4A BCL BG . 54.00 30.93 34.99
CMA BCL BG . 54.26 28.66 33.96
CAA BCL BG . 55.51 31.61 32.03
CBA BCL BG . 56.42 30.82 31.06
CGA BCL BG . 57.23 29.68 31.60
O1A BCL BG . 57.24 28.59 31.14
O2A BCL BG . 57.91 29.98 32.69
NB BCL BG . 52.54 32.34 37.33
C1B BCL BG . 53.50 31.34 37.45
C2B BCL BG . 53.70 31.04 38.80
C3B BCL BG . 52.84 31.86 39.56
C4B BCL BG . 52.15 32.68 38.58
CMB BCL BG . 54.71 29.99 39.25
CAB BCL BG . 52.56 31.91 41.00
OBB BCL BG . 52.03 32.91 41.53
CBB BCL BG . 52.87 30.77 41.94
NC BCL BG . 50.36 34.22 36.60
C1C BCL BG . 50.36 34.40 37.96
C2C BCL BG . 49.41 35.45 38.41
C3C BCL BG . 48.91 36.06 37.10
C4C BCL BG . 49.44 35.09 36.07
CMC BCL BG . 48.30 34.91 39.30
CAC BCL BG . 49.37 37.54 36.94
CBC BCL BG . 48.65 38.30 35.85
ND BCL BG . 50.90 33.66 33.88
C1D BCL BG . 49.84 34.54 33.63
C2D BCL BG . 49.62 34.68 32.24
C3D BCL BG . 50.56 33.86 31.63
C4D BCL BG . 51.31 33.27 32.65
CMD BCL BG . 48.56 35.53 31.60
CAD BCL BG . 51.12 33.43 30.40
OBD BCL BG . 50.83 33.73 29.24
CBD BCL BG . 52.29 32.46 30.71
CGD BCL BG . 52.07 31.18 30.04
O1D BCL BG . 51.07 30.49 30.12
O2D BCL BG . 53.09 30.79 29.30
CED BCL BG . 52.96 29.55 28.55
C1 BCL BG . 58.64 28.88 33.31
C2 BCL BG . 58.57 29.14 34.80
C3 BCL BG . 58.43 28.19 35.70
C4 BCL BG . 58.34 26.70 35.38
C5 BCL BG . 58.31 28.52 37.19
C6 BCL BG . 59.59 28.32 38.01
C7 BCL BG . 60.70 29.33 37.67
C8 BCL BG . 60.96 30.49 38.65
C9 BCL BG . 59.65 31.26 39.00
C10 BCL BG . 62.00 31.48 38.10
C11 BCL BG . 63.44 30.98 37.95
C12 BCL BG . 63.82 30.59 36.52
C13 BCL BG . 65.34 30.37 36.28
C14 BCL BG . 65.67 30.17 34.80
C15 BCL BG . 65.85 29.15 37.08
C16 BCL BG . 67.37 28.96 37.14
C17 BCL BG . 67.88 27.85 38.08
C18 BCL BG . 69.39 27.77 38.26
C19 BCL BG . 69.82 29.09 38.93
C20 BCL BG . 70.18 27.53 36.97
C1 V7N CG . 44.81 12.90 45.69
C10 V7N CG . 54.29 11.55 41.60
C11 V7N CG . 55.47 11.19 40.94
C12 V7N CG . 56.34 12.13 40.38
C13 V7N CG . 57.51 11.85 39.65
C14 V7N CG . 58.14 12.91 38.93
C15 V7N CG . 59.28 12.75 38.12
C16 V7N CG . 59.68 13.72 37.18
C17 V7N CG . 60.78 13.53 36.34
C18 V7N CG . 61.24 14.41 35.33
C19 V7N CG . 62.36 14.03 34.55
C2 V7N CG . 46.14 13.20 46.41
C20 V7N CG . 62.88 14.70 33.45
C21 V7N CG . 63.99 14.21 32.71
C22 V7N CG . 64.52 14.82 31.60
C23 V7N CG . 65.69 14.24 30.88
C24 V7N CG . 65.28 13.23 29.80
C25 V7N CG . 66.41 12.46 29.23
C26 V7N CG . 67.37 12.92 28.41
C27 V7N CG . 68.46 12.03 27.91
C28 V7N CG . 68.17 11.40 26.55
C29 V7N CG . 69.16 10.36 26.21
C3 V7N CG . 47.19 12.17 46.22
C30 V7N CG . 44.96 13.04 44.18
C31 V7N CG . 44.34 11.50 46.02
C33 V7N CG . 49.09 9.90 45.57
C34 V7N CG . 53.66 9.33 42.65
C35 V7N CG . 58.08 10.50 39.57
C36 V7N CG . 60.55 15.70 35.13
C37 V7N CG . 63.98 16.07 31.04
C38 V7N CG . 67.43 14.32 27.92
C39 V7N CG . 69.08 9.61 25.09
C4 V7N CG . 48.09 12.20 45.20
C40 V7N CG . 70.08 8.57 24.78
C41 V7N CG . 44.21 15.24 45.96
C43 V7N CG . 67.99 9.76 24.09
C5 V7N CG . 49.14 11.25 44.97
C6 V7N CG . 50.21 11.64 44.15
C7 V7N CG . 51.33 10.87 43.80
C8 V7N CG . 52.25 11.37 42.88
C9 V7N CG . 53.41 10.76 42.37
O32 V7N CG . 43.88 13.88 46.20
O42 V7N CG . 54.63 8.67 42.29
O44 V7N CG . 71.05 8.38 25.68
O45 V7N CG . 70.13 7.86 23.77
C1B LMT DG . 51.19 39.64 53.66
C2B LMT DG . 49.98 40.61 53.80
C3B LMT DG . 50.12 41.83 52.87
C4B LMT DG . 51.53 42.47 53.00
C5B LMT DG . 52.55 41.35 52.78
C6B LMT DG . 53.96 41.92 52.84
O1B LMT DG . 51.09 38.89 52.47
O2B LMT DG . 48.84 39.90 53.52
O3B LMT DG . 49.11 42.73 53.07
O4' LMT DG . 51.70 43.45 52.07
O5B LMT DG . 52.41 40.31 53.72
O6B LMT DG . 54.88 40.90 52.71
C1' LMT DG . 52.73 35.35 50.94
C2' LMT DG . 52.53 35.42 52.46
C3' LMT DG . 51.55 36.54 52.83
C4' LMT DG . 52.07 37.87 52.27
C5' LMT DG . 52.26 37.63 50.75
C6' LMT DG . 52.63 38.88 49.98
O1' LMT DG . 53.67 34.40 50.66
O2' LMT DG . 52.03 34.21 52.89
O3' LMT DG . 51.40 36.61 54.19
O5' LMT DG . 53.23 36.62 50.51
O6' LMT DG . 53.84 39.28 50.46
C1 LMT DG . 54.07 34.25 49.31
C2 LMT DG . 53.78 32.81 48.93
C3 LMT DG . 52.40 32.55 48.42
C4 LMT DG . 52.16 31.08 48.17
C5 LMT DG . 53.02 30.44 47.12
C6 LMT DG . 52.42 29.11 46.76
C7 LMT DG . 53.37 28.15 46.10
C8 LMT DG . 53.69 28.52 44.68
C9 LMT DG . 54.64 27.54 44.08
C10 LMT DG . 54.98 27.88 42.66
C11 LMT DG . 55.99 26.90 42.13
C12 LMT DG . 56.40 27.19 40.73
C1B LMT EG . 62.32 20.77 63.11
C2B LMT EG . 62.02 20.70 64.62
C3B LMT EG . 62.84 21.73 65.41
C4B LMT EG . 64.34 21.66 65.02
C5B LMT EG . 64.44 21.72 63.48
C6B LMT EG . 65.90 21.63 63.06
O1B LMT EG . 61.78 21.92 62.55
O2B LMT EG . 60.67 20.91 64.78
O3B LMT EG . 62.65 21.59 66.77
O4' LMT EG . 65.03 22.73 65.57
O5B LMT EG . 63.69 20.70 62.87
O6B LMT EG . 65.98 21.34 61.72
C1' LMT EG . 59.37 22.86 59.24
C2' LMT EG . 58.94 21.66 60.10
C3' LMT EG . 59.64 21.70 61.48
C4' LMT EG . 61.16 21.77 61.28
C5' LMT EG . 61.37 23.06 60.43
C6' LMT EG . 62.83 23.45 60.30
O1' LMT EG . 58.89 22.69 57.96
O2' LMT EG . 57.58 21.72 60.29
O3' LMT EG . 59.31 20.60 62.22
O5' LMT EG . 60.80 22.89 59.16
O6' LMT EG . 62.85 24.61 59.54
C1 LMT EG . 57.81 23.54 57.60
C2 LMT EG . 57.41 23.13 56.20
C3 LMT EG . 56.57 21.90 56.06
C4 LMT EG . 56.34 21.61 54.59
C5 LMT EG . 55.65 20.29 54.41
C6 LMT EG . 55.56 19.86 52.96
C7 LMT EG . 55.03 18.45 52.87
C8 LMT EG . 54.84 18.05 51.43
C9 LMT EG . 56.10 17.88 50.64
C10 LMT EG . 55.70 17.25 49.31
C11 LMT EG . 56.88 16.83 48.50
C12 LMT EG . 57.72 17.98 48.05
MG BCL FG . 51.57 18.62 47.14
CHA BCL FG . 52.40 18.34 43.81
CHB BCL FG . 53.03 15.58 47.66
CHC BCL FG . 50.41 18.66 50.29
CHD BCL FG . 49.26 21.11 46.31
NA BCL FG . 52.55 17.16 45.87
C1A BCL FG . 52.91 17.29 44.53
C2A BCL FG . 53.93 16.28 44.13
C3A BCL FG . 53.88 15.27 45.29
C4A BCL FG . 53.17 16.02 46.36
CMA BCL FG . 53.13 13.99 44.91
CAA BCL FG . 55.34 16.88 43.95
CBA BCL FG . 56.35 16.01 43.21
CGA BCL FG . 56.90 14.77 43.84
O1A BCL FG . 57.08 13.76 43.25
O2A BCL FG . 57.29 14.94 45.10
NB BCL FG . 51.67 17.31 48.73
C1B BCL FG . 52.35 16.11 48.77
C2B BCL FG . 52.27 15.54 50.04
C3B BCL FG . 51.48 16.40 50.85
C4B BCL FG . 51.16 17.52 49.97
CMB BCL FG . 52.95 14.22 50.38
CAB BCL FG . 50.99 16.28 52.23
OBB BCL FG . 50.58 17.26 52.87
CBB BCL FG . 50.95 14.96 52.97
NC BCL FG . 50.03 19.70 48.13
C1C BCL FG . 49.84 19.66 49.48
C2C BCL FG . 48.90 20.69 49.98
C3C BCL FG . 48.71 21.61 48.76
C4C BCL FG . 49.32 20.78 47.64
CMC BCL FG . 47.60 20.08 50.50
CAC BCL FG . 49.36 23.01 48.99
CBC BCL FG . 49.04 24.02 47.92
ND BCL FG . 50.89 19.51 45.45
C1D BCL FG . 50.03 20.59 45.23
C2D BCL FG . 50.06 21.01 43.88
C3D BCL FG . 50.98 20.16 43.26
C4D BCL FG . 51.46 19.29 44.22
CMD BCL FG . 49.25 22.13 43.29
CAD BCL FG . 51.65 19.84 42.06
OBD BCL FG . 51.55 20.35 40.92
CBD BCL FG . 52.61 18.66 42.33
CGD BCL FG . 52.34 17.55 41.40
O1D BCL FG . 51.26 17.01 41.26
O2D BCL FG . 53.40 17.17 40.70
CED BCL FG . 53.23 16.02 39.84
C1 BCL FG . 58.09 13.96 45.85
C2 BCL FG . 57.28 12.66 45.98
C3 BCL FG . 57.89 11.52 46.20
C4 BCL FG . 59.40 11.37 46.37
C5 BCL FG . 57.14 10.18 46.28
C6 BCL FG . 57.36 9.38 47.58
C7 BCL FG . 56.54 8.09 47.62
C8 BCL FG . 57.10 6.91 46.83
C9 BCL FG . 55.97 5.94 46.47
C10 BCL FG . 58.20 6.16 47.63
C11 BCL FG . 58.86 5.06 46.82
C12 BCL FG . 59.98 4.29 47.54
C13 BCL FG . 60.79 3.40 46.57
C14 BCL FG . 59.94 2.30 45.93
C15 BCL FG . 61.96 2.74 47.33
C16 BCL FG . 63.16 2.30 46.49
C17 BCL FG . 64.26 1.50 47.22
C18 BCL FG . 64.84 2.16 48.46
C19 BCL FG . 65.43 3.52 48.03
C20 BCL FG . 65.94 1.32 49.14
C1B LMT GG . 58.49 23.56 64.50
C2B LMT GG . 58.74 23.98 65.97
C3B LMT GG . 58.57 25.50 66.17
C4B LMT GG . 59.34 26.29 65.09
C5B LMT GG . 58.89 25.75 63.72
C6B LMT GG . 59.56 26.54 62.60
O1B LMT GG . 57.11 23.54 64.22
O2B LMT GG . 57.88 23.27 66.76
O3B LMT GG . 58.90 25.88 67.44
O4' LMT GG . 59.07 27.63 65.17
O5B LMT GG . 59.17 24.37 63.59
O6B LMT GG . 59.14 26.07 61.38
C1' LMT GG . 54.41 21.23 62.04
C2' LMT GG . 55.50 20.42 62.79
C3' LMT GG . 56.23 21.32 63.82
C4' LMT GG . 56.69 22.66 63.19
C5' LMT GG . 55.46 23.24 62.46
C6' LMT GG . 55.70 24.61 61.86
O1' LMT GG . 53.82 20.46 61.05
O2' LMT GG . 54.90 19.39 63.45
O3' LMT GG . 57.30 20.66 64.34
O5' LMT GG . 55.01 22.37 61.45
O6' LMT GG . 56.69 24.44 60.93
C1 LMT GG . 54.63 20.19 59.92
C2 LMT GG . 53.86 19.26 59.02
C3 LMT GG . 54.68 18.55 57.96
C4 LMT GG . 53.81 17.64 57.10
C5 LMT GG . 54.67 16.60 56.42
C6 LMT GG . 53.87 15.56 55.69
C7 LMT GG . 54.75 14.44 55.18
C8 LMT GG . 55.55 14.85 53.98
C9 LMT GG . 56.34 13.71 53.38
C10 LMT GG . 56.82 14.11 52.00
C11 LMT GG . 57.40 12.94 51.27
C12 LMT GG . 57.65 13.22 49.82
C1B LMT HG . 48.89 22.73 65.88
C2B LMT HG . 48.22 24.14 65.93
C3B LMT HG . 49.04 25.21 65.18
C4B LMT HG . 50.53 25.14 65.56
C5B LMT HG . 50.97 23.69 65.31
C6B LMT HG . 52.47 23.52 65.48
O1B LMT HG . 48.61 22.06 64.69
O2B LMT HG . 46.96 24.01 65.39
O3B LMT HG . 48.51 26.46 65.35
O4' LMT HG . 51.28 25.97 64.76
O5B LMT HG . 50.27 22.79 66.13
O6B LMT HG . 52.85 22.28 65.05
C1' LMT HG . 49.47 18.35 62.97
C2' LMT HG . 49.26 18.35 64.49
C3' LMT HG . 48.52 19.64 64.93
C4' LMT HG . 49.33 20.86 64.43
C5' LMT HG . 49.48 20.67 62.90
C6' LMT HG . 50.11 21.85 62.20
O1' LMT HG . 50.20 17.27 62.56
O2' LMT HG . 48.51 17.26 64.85
O3' LMT HG . 48.39 19.68 66.28
O5' LMT HG . 50.21 19.51 62.61
O6' LMT HG . 51.40 21.91 62.65
C1 LMT HG . 50.19 17.06 61.17
C2 LMT HG . 51.12 15.90 60.92
C3 LMT HG . 51.26 15.46 59.49
C4 LMT HG . 50.03 14.71 59.05
C5 LMT HG . 50.32 13.93 57.80
C6 LMT HG . 49.20 13.02 57.41
C7 LMT HG . 49.71 11.81 56.68
C8 LMT HG . 50.44 12.19 55.43
C9 LMT HG . 51.20 11.07 54.82
C10 LMT HG . 51.88 11.54 53.55
C11 LMT HG . 52.81 10.50 53.02
C12 LMT HG . 53.54 10.96 51.81
C1B LMT IG . 53.73 3.88 72.54
C2B LMT IG . 55.07 3.09 72.58
C3B LMT IG . 55.74 3.20 73.97
C4B LMT IG . 55.82 4.67 74.42
C5B LMT IG . 54.38 5.23 74.36
C6B LMT IG . 54.37 6.68 74.86
O1B LMT IG . 52.70 3.15 73.14
O2B LMT IG . 54.78 1.78 72.28
O3B LMT IG . 56.97 2.59 73.98
O4' LMT IG . 56.30 4.77 75.70
O5B LMT IG . 53.84 5.17 73.06
O6B LMT IG . 53.10 7.21 74.77
C1' LMT IG . 48.86 2.04 71.70
C2' LMT IG . 50.11 1.79 70.80
C3' LMT IG . 51.43 1.81 71.59
C4' LMT IG . 51.49 3.09 72.42
C5' LMT IG . 50.29 2.94 73.38
C6' LMT IG . 50.31 3.89 74.55
O1' LMT IG . 47.80 2.47 70.95
O2' LMT IG . 49.98 0.54 70.22
O3' LMT IG . 52.49 1.75 70.73
O5' LMT IG . 49.10 3.10 72.65
O6' LMT IG . 49.23 3.59 75.33
C1 LMT IG . 47.03 1.51 70.24
C2 LMT IG . 47.34 1.69 68.77
C3 LMT IG . 46.77 0.64 67.85
C4 LMT IG . 47.51 0.58 66.54
C5 LMT IG . 47.19 -0.71 65.85
C6 LMT IG . 47.91 -0.89 64.54
C7 LMT IG . 47.82 -2.32 64.09
C8 LMT IG . 48.63 -2.53 62.85
C9 LMT IG . 48.80 -3.96 62.45
C10 LMT IG . 49.60 -4.03 61.19
C11 LMT IG . 49.76 -5.43 60.70
C12 LMT IG . 50.29 -5.50 59.31
C1B LMT JG . 54.37 9.94 71.99
C2B LMT JG . 54.50 11.46 71.64
C3B LMT JG . 55.90 11.79 71.06
C4B LMT JG . 57.02 11.16 71.90
C5B LMT JG . 56.70 9.67 72.05
C6B LMT JG . 57.82 8.96 72.79
O1B LMT JG . 54.14 9.17 70.85
O2B LMT JG . 53.51 11.77 70.74
O3B LMT JG . 56.07 13.15 70.91
O4' LMT JG . 58.25 11.32 71.28
O5B LMT JG . 55.48 9.47 72.70
O6B LMT JG . 57.58 7.60 72.81
C1' LMT JG . 52.15 5.92 69.40
C2' LMT JG . 51.50 6.51 70.66
C3' LMT JG . 52.12 7.88 71.01
C4' LMT JG . 53.66 7.85 71.04
C5' LMT JG . 54.17 6.98 69.85
C6' LMT JG . 55.66 6.76 69.88
O1' LMT JG . 51.61 4.69 69.15
O2' LMT JG . 50.15 6.66 70.43
O3' LMT JG . 51.65 8.30 72.22
O5' LMT JG . 53.52 5.73 69.74
O6' LMT JG . 55.89 5.50 69.38
C1 LMT JG . 52.19 3.86 68.14
C2 LMT JG . 51.78 4.34 66.77
C3 LMT JG . 50.69 3.53 66.11
C4 LMT JG . 50.81 3.57 64.59
C5 LMT JG . 49.79 2.65 63.97
C6 LMT JG . 49.92 2.47 62.48
C7 LMT JG . 49.02 1.34 62.03
C8 LMT JG . 49.11 1.10 60.55
C9 LMT JG . 50.44 0.61 60.07
C10 LMT JG . 50.35 0.37 58.58
C11 LMT JG . 51.69 0.04 58.00
C12 LMT JG . 51.66 0.01 56.50
C1B LMT KG . 42.55 4.42 74.83
C2B LMT KG . 41.77 5.71 75.20
C3B LMT KG . 42.48 6.97 74.65
C4B LMT KG . 43.98 6.95 75.02
C5B LMT KG . 44.57 5.61 74.57
C6B LMT KG . 46.06 5.56 74.89
O1B LMT KG . 42.37 4.09 73.48
O2B LMT KG . 40.50 5.59 74.71
O3B LMT KG . 41.85 8.11 75.07
O4' LMT KG . 44.63 7.98 74.36
O5B LMT KG . 43.91 4.51 75.15
O6B LMT KG . 46.60 4.36 74.50
C1' LMT KG . 42.62 0.69 71.06
C2' LMT KG . 42.09 0.46 72.49
C3' LMT KG . 41.64 1.81 73.10
C4' LMT KG . 42.81 2.81 73.04
C5' LMT KG . 43.20 2.88 71.55
C6' LMT KG . 44.20 3.95 71.20
O1' LMT KG . 43.09 -0.49 70.51
O2' LMT KG . 41.03 -0.39 72.45
O3' LMT KG . 41.20 1.64 74.38
O5' LMT KG . 43.68 1.62 71.11
O6' LMT KG . 45.30 3.74 71.98
C1 LMT KG . 43.79 -0.34 69.30
C2 LMT KG . 43.74 -1.65 68.55
C3 LMT KG . 43.00 -1.62 67.24
C4 LMT KG . 43.03 -2.95 66.52
C5 LMT KG . 42.39 -2.79 65.18
C6 LMT KG . 41.84 -4.06 64.59
C7 LMT KG . 42.90 -5.04 64.15
C8 LMT KG . 43.56 -4.57 62.90
C9 LMT KG . 44.39 -5.65 62.26
C10 LMT KG . 45.02 -5.15 60.99
C11 LMT KG . 45.77 -6.25 60.32
C12 LMT KG . 46.50 -5.82 59.10
MG BCL LG . 46.48 2.67 55.77
CHA BCL LG . 47.59 2.65 52.52
CHB BCL LG . 47.38 -0.61 55.99
CHC BCL LG . 44.89 2.49 58.74
CHD BCL LG . 44.83 5.69 55.14
NA BCL LG . 47.32 1.22 54.39
C1A BCL LG . 47.87 1.47 53.15
C2A BCL LG . 48.91 0.48 52.79
C3A BCL LG . 48.61 -0.68 53.76
C4A BCL LG . 47.75 -0.04 54.80
CMA BCL LG . 47.88 -1.82 53.09
CAA BCL LG . 50.33 1.05 52.95
CBA BCL LG . 51.27 0.57 51.84
CGA BCL LG . 51.29 -0.90 51.67
O1A BCL LG . 50.88 -1.48 50.73
O2A BCL LG . 51.73 -1.51 52.73
NB BCL LG . 46.17 1.17 57.16
C1B BCL LG . 46.61 -0.14 57.07
C2B BCL LG . 46.21 -0.87 58.19
C3B BCL LG . 45.46 -0.01 59.02
C4B BCL LG . 45.48 1.28 58.33
CMB BCL LG . 46.57 -2.32 58.38
CAB BCL LG . 44.74 -0.22 60.29
OBB BCL LG . 44.41 0.71 61.02
CBB BCL LG . 44.35 -1.60 60.77
NC BCL LG . 45.04 3.88 56.76
C1C BCL LG . 44.66 3.70 58.06
C2C BCL LG . 43.82 4.79 58.59
C3C BCL LG . 44.06 5.91 57.57
C4C BCL LG . 44.64 5.15 56.40
CMC BCL LG . 42.36 4.39 58.73
CAC BCL LG . 44.96 7.04 58.13
CBC BCL LG . 44.99 8.30 57.29
ND BCL LG . 46.16 3.89 54.18
C1D BCL LG . 45.61 5.16 54.08
C2D BCL LG . 45.93 5.76 52.84
C3D BCL LG . 46.71 4.83 52.17
C4D BCL LG . 46.83 3.72 53.00
CMD BCL LG . 45.49 7.13 52.38
CAD BCL LG . 47.51 4.58 51.04
OBD BCL LG . 47.73 5.28 50.03
CBD BCL LG . 48.17 3.18 51.20
CGD BCL LG . 47.91 2.34 50.04
O1D BCL LG . 46.82 2.12 49.55
O2D BCL LG . 49.00 1.80 49.51
CED BCL LG . 48.81 0.84 48.43
C1 BCL LG . 51.65 -2.95 52.75
C2 BCL LG . 52.21 -3.34 54.10
C3 BCL LG . 51.72 -4.22 54.93
C4 BCL LG . 50.47 -5.06 54.72
C5 BCL LG . 52.44 -4.46 56.26
C6 BCL LG . 53.89 -4.91 56.12
C7 BCL LG . 54.74 -4.61 57.35
C8 BCL LG . 54.36 -5.28 58.67
C9 BCL LG . 55.35 -4.85 59.76
C10 BCL LG . 54.33 -6.82 58.53
C11 BCL LG . 54.31 -7.61 59.84
C12 BCL LG . 53.00 -7.46 60.61
C13 BCL LG . 53.07 -7.81 62.12
C14 BCL LG . 53.78 -6.73 62.93
C15 BCL LG . 53.79 -9.16 62.36
C16 BCL LG . 54.00 -9.55 63.84
C17 BCL LG . 54.50 -10.99 64.10
C18 BCL LG . 54.62 -11.38 65.56
C19 BCL LG . 55.77 -10.54 66.16
C20 BCL LG . 54.91 -12.87 65.78
C1 V7N MG . 31.17 -15.55 56.43
C10 V7N MG . 40.65 -19.14 53.76
C11 V7N MG . 41.82 -19.75 53.29
C12 V7N MG . 42.93 -18.97 52.92
C13 V7N MG . 44.16 -19.42 52.42
C14 V7N MG . 45.24 -18.52 52.33
C15 V7N MG . 46.51 -18.85 51.82
C16 V7N MG . 47.46 -17.87 51.45
C17 V7N MG . 48.71 -18.20 50.91
C18 V7N MG . 49.65 -17.27 50.41
C19 V7N MG . 50.87 -17.76 49.87
C2 V7N MG . 32.25 -16.15 57.35
C20 V7N MG . 51.83 -17.02 49.20
C21 V7N MG . 53.03 -17.58 48.69
C22 V7N MG . 54.03 -16.86 48.07
C23 V7N MG . 55.25 -17.54 47.56
C24 V7N MG . 54.98 -18.46 46.37
C25 V7N MG . 56.23 -18.86 45.68
C26 V7N MG . 56.27 -19.27 44.40
C27 V7N MG . 57.55 -19.71 43.74
C28 V7N MG . 57.72 -21.20 43.96
C29 V7N MG . 58.84 -21.87 43.24
C3 V7N MG . 32.91 -17.40 56.89
C30 V7N MG . 31.76 -15.20 55.06
C31 V7N MG . 30.01 -16.52 56.28
C33 V7N MG . 34.26 -19.87 55.75
C34 V7N MG . 39.26 -21.21 54.24
C35 V7N MG . 44.36 -20.83 51.97
C36 V7N MG . 49.35 -15.82 50.48
C37 V7N MG . 53.96 -15.40 47.89
C38 V7N MG . 55.04 -19.35 43.58
C39 V7N MG . 58.82 -22.22 41.94
C4 V7N MG . 34.12 -17.39 56.27
C40 V7N MG . 59.98 -22.91 41.33
C41 V7N MG . 29.92 -13.48 56.46
C43 V7N MG . 57.69 -21.96 41.02
C5 V7N MG . 34.87 -18.52 55.81
C6 V7N MG . 36.19 -18.30 55.43
C7 V7N MG . 37.10 -19.27 54.97
C8 V7N MG . 38.41 -18.90 54.66
C9 V7N MG . 39.45 -19.74 54.21
O32 V7N MG . 30.79 -14.36 57.14
O42 V7N MG . 40.05 -22.06 53.81
O44 V7N MG . 61.04 -23.11 42.11
O45 V7N MG . 60.06 -23.34 40.16
C1B LMT NG . 44.24 -11.48 79.52
C2B LMT NG . 43.60 -10.27 80.25
C3B LMT NG . 44.34 -8.97 79.90
C4B LMT NG . 45.87 -9.12 80.06
C5B LMT NG . 46.32 -10.41 79.33
C6B LMT NG . 47.81 -10.62 79.50
O1B LMT NG . 44.04 -11.37 78.15
O2B LMT NG . 42.29 -10.22 79.86
O3B LMT NG . 43.84 -7.91 80.62
O4' LMT NG . 46.53 -8.04 79.50
O5B LMT NG . 45.61 -11.54 79.78
O6B LMT NG . 48.18 -11.82 78.95
C1' LMT NG . 42.63 -13.33 74.82
C2' LMT NG . 41.63 -13.25 75.98
C3' LMT NG . 42.12 -12.19 77.00
C4' LMT NG . 43.54 -12.51 77.46
C5' LMT NG . 44.41 -12.72 76.18
C6' LMT NG . 45.86 -13.02 76.48
O1' LMT NG . 42.20 -14.25 73.89
O2' LMT NG . 40.40 -12.86 75.50
O3' LMT NG . 41.29 -12.14 78.08
O5' LMT NG . 43.87 -13.74 75.35
O6' LMT NG . 46.33 -13.79 75.46
C1 LMT NG . 43.06 -14.45 72.78
C2 LMT NG . 42.19 -14.96 71.64
C3 LMT NG . 41.19 -13.98 71.11
C4 LMT NG . 41.15 -14.00 69.58
C5 LMT NG . 40.43 -15.18 69.00
C6 LMT NG . 40.59 -15.22 67.50
C7 LMT NG . 39.78 -16.33 66.89
C8 LMT NG . 39.95 -16.33 65.40
C9 LMT NG . 41.35 -16.57 64.91
C10 LMT NG . 41.26 -16.88 63.44
C11 LMT NG . 42.60 -17.19 62.83
C12 LMT NG . 43.34 -15.96 62.43
C1B LMT OG . 40.56 -15.61 79.62
C2B LMT OG . 40.75 -16.51 80.87
C3B LMT OG . 39.67 -16.22 81.95
C4B LMT OG . 39.47 -14.70 82.18
C5B LMT OG . 39.27 -14.04 80.80
C6B LMT OG . 39.04 -12.54 80.97
O1B LMT OG . 39.51 -16.08 78.83
O2B LMT OG . 40.69 -17.81 80.46
O3B LMT OG . 39.96 -16.88 83.12
O4' LMT OG . 38.36 -14.47 82.96
O5B LMT OG . 40.37 -14.27 79.96
O6B LMT OG . 38.79 -11.95 79.75
C1' LMT OG . 38.47 -16.39 74.83
C2' LMT OG . 39.91 -16.84 75.17
C3' LMT OG . 40.06 -17.03 76.71
C4' LMT OG . 39.59 -15.77 77.45
C5' LMT OG . 38.18 -15.42 76.91
C6' LMT OG . 37.55 -14.23 77.61
O1' LMT OG . 38.39 -16.18 73.48
O2' LMT OG . 40.16 -18.03 74.54
O3' LMT OG . 41.36 -17.30 77.02
O5' LMT OG . 38.21 -15.17 75.51
O6' LMT OG . 36.85 -13.54 76.67
C1 LMT OG . 37.09 -16.04 72.95
C2 LMT OG . 37.27 -16.19 71.46
C3 LMT OG . 37.82 -17.51 71.01
C4 LMT OG . 37.31 -17.81 69.61
C5 LMT OG . 37.96 -19.06 69.09
C6 LMT OG . 37.38 -19.52 67.79
C7 LMT OG . 38.16 -20.68 67.23
C8 LMT OG . 39.34 -20.23 66.43
C9 LMT OG . 39.99 -21.36 65.69
C10 LMT OG . 40.79 -20.82 64.54
C11 LMT OG . 41.35 -21.93 63.70
C12 LMT OG . 41.96 -21.43 62.44
MG BCL PG . 38.31 -13.25 60.94
CHA BCL PG . 39.89 -12.91 57.90
CHB BCL PG . 38.80 -16.62 60.72
CHC BCL PG . 36.30 -13.67 63.62
CHD BCL PG . 37.06 -10.00 60.60
NA BCL PG . 39.20 -14.57 59.46
C1A BCL PG . 39.92 -14.21 58.33
C2A BCL PG . 40.75 -15.34 57.80
C3A BCL PG . 40.27 -16.54 58.63
C4A BCL PG . 39.38 -15.93 59.67
CMA BCL PG . 39.50 -17.55 57.78
CAA BCL PG . 42.26 -15.07 57.95
CBA BCL PG . 43.26 -16.23 57.93
CGA BCL PG . 43.10 -17.26 56.87
O1A BCL PG . 42.48 -17.14 55.87
O2A BCL PG . 43.76 -18.34 57.15
NB BCL PG . 37.63 -14.89 62.01
C1B BCL PG . 37.96 -16.21 61.76
C2B BCL PG . 37.33 -17.05 62.69
C3B BCL PG . 36.57 -16.23 63.56
C4B BCL PG . 36.82 -14.87 63.10
CMB BCL PG . 37.52 -18.56 62.69
CAB BCL PG . 35.68 -16.55 64.68
OBB BCL PG . 35.38 -15.71 65.55
CBB BCL PG . 35.04 -17.91 64.86
NC BCL PG . 36.86 -12.03 61.92
C1C BCL PG . 36.29 -12.36 63.12
C2C BCL PG . 35.63 -11.23 63.80
C3C BCL PG . 36.05 -10.02 62.96
C4C BCL PG . 36.65 -10.68 61.73
CMC BCL PG . 34.12 -11.42 63.91
CAC BCL PG . 36.98 -9.05 63.74
CBC BCL PG . 37.26 -7.73 63.06
ND BCL PG . 38.37 -11.78 59.55
C1D BCL PG . 37.92 -10.45 59.56
C2D BCL PG . 38.42 -9.74 58.45
C3D BCL PG . 39.20 -10.65 57.74
C4D BCL PG . 39.16 -11.85 58.44
CMD BCL PG . 38.13 -8.29 58.13
CAD BCL PG . 40.07 -10.83 56.65
OBD BCL PG . 40.44 -10.04 55.77
CBD BCL PG . 40.58 -12.30 56.68
CGD BCL PG . 40.31 -12.97 55.40
O1D BCL PG . 39.23 -13.01 54.84
O2D BCL PG . 41.37 -13.55 54.88
CED BCL PG . 41.16 -14.40 53.72
C1 BCL PG . 43.66 -19.54 56.32
C2 BCL PG . 42.50 -20.38 56.86
C3 BCL PG . 42.35 -20.79 58.11
C4 BCL PG . 43.32 -20.52 59.25
C5 BCL PG . 41.15 -21.63 58.56
C6 BCL PG . 40.62 -22.68 57.56
C7 BCL PG . 41.67 -23.74 57.20
C8 BCL PG . 41.13 -25.10 56.73
C9 BCL PG . 40.12 -24.92 55.58
C10 BCL PG . 40.47 -25.89 57.88
C11 BCL PG . 40.70 -27.40 57.81
C12 BCL PG . 42.08 -27.83 58.31
C13 BCL PG . 42.30 -29.36 58.33
C14 BCL PG . 43.48 -29.76 59.22
C15 BCL PG . 42.57 -29.96 56.93
C16 BCL PG . 43.75 -29.41 56.13
C17 BCL PG . 44.36 -30.35 55.06
C18 BCL PG . 45.67 -31.02 55.48
C19 BCL PG . 46.04 -31.99 54.33
C20 BCL PG . 45.63 -31.80 56.80
C1 V7N QG . 20.61 -28.43 56.60
C10 V7N QG . 29.33 -33.13 54.86
C11 V7N QG . 30.43 -33.87 54.40
C12 V7N QG . 31.74 -33.39 54.51
C13 V7N QG . 32.91 -34.03 54.06
C14 V7N QG . 34.16 -33.39 54.23
C15 V7N QG . 35.38 -33.91 53.78
C16 V7N QG . 36.55 -33.12 53.75
C17 V7N QG . 37.76 -33.62 53.24
C18 V7N QG . 38.94 -32.85 53.05
C19 V7N QG . 40.07 -33.48 52.47
C2 V7N QG . 21.62 -29.10 57.56
C20 V7N QG . 41.28 -32.89 52.12
C21 V7N QG . 42.33 -33.61 51.50
C22 V7N QG . 43.53 -33.07 51.09
C23 V7N QG . 44.56 -33.93 50.44
C24 V7N QG . 44.48 -33.87 48.92
C25 V7N QG . 45.30 -34.91 48.26
C26 V7N QG . 46.64 -34.90 48.11
C27 V7N QG . 47.35 -36.04 47.45
C28 V7N QG . 47.82 -35.76 46.03
C29 V7N QG . 48.59 -36.92 45.53
C3 V7N QG . 22.66 -29.91 56.89
C30 V7N QG . 21.39 -27.73 55.49
C31 V7N QG . 19.65 -29.44 56.01
C33 V7N QG . 22.89 -33.48 55.60
C34 V7N QG . 27.57 -34.95 54.72
C35 V7N QG . 32.86 -35.37 53.42
C36 V7N QG . 38.97 -31.43 53.46
C37 V7N QG . 43.85 -31.64 51.24
C38 V7N QG . 47.50 -33.79 48.55
C39 V7N QG . 48.78 -37.21 44.23
C4 V7N QG . 22.49 -31.24 56.69
C40 V7N QG . 49.57 -38.40 43.84
C41 V7N QG . 20.69 -26.45 58.00
C43 V7N QG . 48.24 -36.40 43.12
C5 V7N QG . 23.38 -32.18 56.07
C6 V7N QG . 24.74 -31.87 55.93
C7 V7N QG . 25.65 -32.78 55.37
C8 V7N QG . 27.03 -32.67 55.53
C9 V7N QG . 27.99 -33.57 55.03
O32 V7N QG . 19.91 -27.48 57.41
O42 V7N QG . 28.27 -35.87 54.28
O44 V7N QG . 50.13 -39.09 44.83
O45 V7N QG . 49.76 -38.83 42.70
C1B LMT RG . 26.78 -33.19 81.03
C2B LMT RG . 26.65 -34.48 81.88
C3B LMT RG . 25.50 -34.37 82.91
C4B LMT RG . 25.64 -33.06 83.71
C5B LMT RG . 25.71 -31.90 82.70
C6B LMT RG . 25.78 -30.56 83.42
O1B LMT RG . 25.77 -33.11 80.06
O2B LMT RG . 26.45 -35.54 81.03
O3B LMT RG . 25.44 -35.48 83.71
O4' LMT RG . 24.55 -32.89 84.54
O5B LMT RG . 26.80 -32.04 81.83
O6B LMT RG . 25.97 -29.55 82.52
C1' LMT RG . 25.10 -33.40 76.03
C2' LMT RG . 26.25 -34.28 76.52
C3' LMT RG . 26.19 -34.35 78.07
C4' LMT RG . 26.18 -32.95 78.70
C5' LMT RG . 25.14 -32.08 77.94
C6' LMT RG . 25.08 -30.64 78.39
O1' LMT RG . 25.09 -33.34 74.65
O2' LMT RG . 26.09 -35.54 76.00
O3' LMT RG . 27.26 -35.07 78.54
O5' LMT RG . 25.34 -32.10 76.55
O6' LMT RG . 25.27 -30.63 79.75
C1 LMT RG . 23.94 -32.74 74.10
C2 LMT RG . 24.07 -32.78 72.60
C3 LMT RG . 23.78 -34.08 71.91
C4 LMT RG . 23.88 -33.87 70.41
C5 LMT RG . 23.76 -35.17 69.66
C6 LMT RG . 24.24 -35.08 68.24
C7 LMT RG . 24.15 -36.42 67.57
C8 LMT RG . 24.96 -36.45 66.32
C9 LMT RG . 26.44 -36.61 66.50
C10 LMT RG . 27.05 -36.65 65.13
C11 LMT RG . 28.55 -36.71 65.18
C12 LMT RG . 29.16 -36.70 63.82
MG BCL SG . 27.29 -28.34 62.43
CHA BCL SG . 29.40 -27.87 59.75
CHB BCL SG . 27.25 -31.68 61.68
CHC BCL SG . 24.84 -28.78 64.70
CHD BCL SG . 26.66 -24.91 62.49
NA BCL SG . 28.19 -29.58 60.88
C1A BCL SG . 29.15 -29.20 59.95
C2A BCL SG . 29.85 -30.36 59.35
C3A BCL SG . 29.02 -31.57 59.86
C4A BCL SG . 28.11 -30.96 60.88
CMA BCL SG . 28.23 -32.23 58.74
CAA BCL SG . 31.33 -30.43 59.76
CBA BCL SG . 32.13 -31.74 59.67
CGA BCL SG . 31.91 -32.56 58.44
O1A BCL SG . 31.44 -32.19 57.42
O2A BCL SG . 32.28 -33.79 58.62
NB BCL SG . 26.20 -29.97 63.09
C1B BCL SG . 26.31 -31.28 62.63
C2B BCL SG . 25.37 -32.09 63.28
C3B BCL SG . 24.63 -31.27 64.16
C4B BCL SG . 25.21 -29.95 64.03
CMB BCL SG . 25.26 -33.58 62.99
CAB BCL SG . 23.50 -31.57 65.05
OBB BCL SG . 23.20 -30.84 66.01
CBB BCL SG . 22.60 -32.77 64.86
NC BCL SG . 25.91 -27.03 63.39
C1C BCL SG . 25.11 -27.42 64.43
C2C BCL SG . 24.49 -26.29 65.16
C3C BCL SG . 25.28 -25.08 64.63
C4C BCL SG . 25.96 -25.65 63.41
CMC BCL SG . 23.00 -26.20 64.92
CAC BCL SG . 26.22 -24.49 65.72
CBC BCL SG . 26.88 -23.18 65.35
ND BCL SG . 27.81 -26.73 61.32
C1D BCL SG . 27.62 -25.35 61.52
C2D BCL SG . 28.45 -24.58 60.68
C3D BCL SG . 29.18 -25.52 59.96
C4D BCL SG . 28.78 -26.78 60.36
CMD BCL SG . 28.50 -23.08 60.62
CAD BCL SG . 30.18 -25.70 58.96
OBD BCL SG . 30.83 -24.87 58.31
CBD BCL SG . 30.39 -27.22 58.77
CGD BCL SG . 30.23 -27.60 57.36
O1D BCL SG . 29.25 -27.39 56.68
O2D BCL SG . 31.29 -28.22 56.87
CED BCL SG . 31.13 -28.86 55.57
C1 BCL SG . 31.90 -34.88 57.75
C2 BCL SG . 30.49 -35.26 58.17
C3 BCL SG . 30.14 -35.71 59.36
C4 BCL SG . 31.09 -35.97 60.52
C5 BCL SG . 28.69 -36.01 59.68
C6 BCL SG . 28.32 -37.49 59.76
C7 BCL SG . 28.47 -38.19 58.40
C8 BCL SG . 27.90 -39.61 58.40
C9 BCL SG . 28.78 -40.51 59.30
C10 BCL SG . 27.77 -40.16 56.95
C11 BCL SG . 27.35 -41.61 56.78
C12 BCL SG . 28.54 -42.56 56.54
C13 BCL SG . 28.20 -44.05 56.77
C14 BCL SG . 29.06 -44.65 57.89
C15 BCL SG . 28.36 -44.86 55.46
C16 BCL SG . 29.76 -45.08 54.84
C17 BCL SG . 30.54 -46.35 55.24
C18 BCL SG . 31.49 -46.87 54.16
C19 BCL SG . 31.96 -48.25 54.66
C20 BCL SG . 32.68 -45.95 53.89
C1B LMT TG . 30.32 -33.79 81.05
C2B LMT TG . 31.13 -33.94 82.35
C3B LMT TG . 32.09 -35.14 82.29
C4B LMT TG . 31.33 -36.41 81.84
C5B LMT TG . 30.61 -36.08 80.53
C6B LMT TG . 29.87 -37.31 80.01
O1B LMT TG . 31.06 -33.24 80.00
O2B LMT TG . 31.82 -32.76 82.55
O3B LMT TG . 32.76 -35.33 83.48
O4' LMT TG . 32.20 -37.46 81.64
O5B LMT TG . 29.72 -35.00 80.67
O6B LMT TG . 29.29 -37.05 78.80
C1' LMT TG . 30.21 -31.45 76.29
C2' LMT TG . 29.28 -31.08 77.47
C3' LMT TG . 29.95 -31.44 78.81
C4' LMT TG . 30.36 -32.92 78.81
C5' LMT TG . 31.29 -33.07 77.58
C6' LMT TG . 31.99 -34.40 77.50
O1' LMT TG . 29.54 -31.31 75.09
O2' LMT TG . 29.04 -29.72 77.43
O3' LMT TG . 29.12 -31.17 79.86
O5' LMT TG . 30.58 -32.83 76.40
O6' LMT TG . 32.58 -34.46 76.26
C1 LMT TG . 30.33 -31.60 73.95
C2 LMT TG . 29.62 -31.03 72.74
C3 LMT TG . 28.54 -31.87 72.10
C4 LMT TG . 27.73 -31.00 71.18
C5 LMT TG . 27.07 -31.80 70.10
C6 LMT TG . 27.80 -31.75 68.78
C7 LMT TG . 26.98 -32.45 67.72
C8 LMT TG . 27.57 -32.22 66.36
C9 LMT TG . 29.02 -32.56 66.25
C10 LMT TG . 29.43 -32.46 64.80
C11 LMT TG . 30.89 -32.74 64.65
C12 LMT TG . 31.34 -32.59 63.23
C1B LMT UG . 30.90 -14.52 78.67
C2B LMT UG . 30.05 -13.26 78.93
C3B LMT UG . 30.89 -11.96 78.85
C4B LMT UG . 32.22 -12.10 79.64
C5B LMT UG . 32.90 -13.39 79.16
C6B LMT UG . 34.26 -13.55 79.82
O1B LMT UG . 31.13 -14.73 77.30
O2B LMT UG . 29.03 -13.24 78.01
O3B LMT UG . 30.17 -10.87 79.25
O4' LMT UG . 33.04 -11.03 79.40
O5B LMT UG . 32.10 -14.51 79.39
O6B LMT UG . 34.83 -14.75 79.44
C1' LMT UG . 32.44 -17.82 74.83
C2' LMT UG . 31.69 -18.23 76.10
C3' LMT UG . 30.88 -17.04 76.63
C4' LMT UG . 31.85 -15.89 76.94
C5' LMT UG . 32.64 -15.63 75.62
C6' LMT UG . 33.63 -14.50 75.74
O1' LMT UG . 33.23 -18.87 74.43
O2' LMT UG . 30.84 -19.28 75.80
O3' LMT UG . 30.18 -17.40 77.74
O5' LMT UG . 33.33 -16.77 75.18
O6' LMT UG . 34.56 -14.92 76.65
C1 LMT UG . 33.87 -18.77 73.17
C2 LMT UG . 32.86 -19.15 72.11
C3 LMT UG . 33.42 -19.25 70.73
C4 LMT UG . 32.37 -19.66 69.74
C5 LMT UG . 33.01 -20.07 68.45
C6 LMT UG . 32.06 -20.68 67.49
C7 LMT UG . 32.71 -21.73 66.63
C8 LMT UG . 33.81 -21.14 65.79
C9 LMT UG . 34.53 -22.19 65.00
C10 LMT UG . 35.66 -21.59 64.22
C11 LMT UG . 36.44 -22.69 63.54
C12 LMT UG . 37.60 -22.16 62.76
C1B LMT VG . 18.93 -30.75 79.46
C2B LMT VG . 18.18 -29.50 79.98
C3B LMT VG . 19.14 -28.28 79.98
C4B LMT VG . 20.42 -28.63 80.78
C5B LMT VG . 21.02 -29.91 80.18
C6B LMT VG . 22.29 -30.29 80.94
O1B LMT VG . 19.17 -30.60 78.09
O2B LMT VG . 17.11 -29.28 79.16
O3B LMT VG . 18.52 -27.15 80.45
O4' LMT VG . 21.34 -27.60 80.68
O5B LMT VG . 20.11 -30.98 80.17
O6B LMT VG . 22.76 -31.50 80.52
C1' LMT VG . 18.29 -32.69 74.58
C2' LMT VG . 17.24 -32.81 75.72
C3' LMT VG . 17.47 -31.67 76.75
C4' LMT VG . 18.92 -31.73 77.27
C5' LMT VG . 19.78 -31.61 75.99
C6' LMT VG . 21.26 -31.42 76.26
O1' LMT VG . 18.20 -33.75 73.72
O2' LMT VG . 15.99 -32.69 75.19
O3' LMT VG . 16.57 -31.78 77.78
O5' LMT VG . 19.59 -32.72 75.16
O6' LMT VG . 21.72 -32.64 76.68
C1 LMT VG . 18.81 -33.54 72.47
C2 LMT VG . 19.31 -34.88 72.01
C3 LMT VG . 19.98 -34.93 70.67
C4 LMT VG . 18.96 -34.69 69.57
C5 LMT VG . 19.53 -35.08 68.24
C6 LMT VG . 18.50 -35.03 67.16
C7 LMT VG . 18.82 -35.96 66.01
C8 LMT VG . 20.12 -35.61 65.36
C9 LMT VG . 20.61 -36.68 64.44
C10 LMT VG . 21.92 -36.24 63.82
C11 LMT VG . 22.57 -37.37 63.08
C12 LMT VG . 23.92 -37.01 62.56
C1B LMT WG . 7.51 -49.31 75.04
C2B LMT WG . 6.28 -50.01 75.68
C3B LMT WG . 5.60 -49.10 76.72
C4B LMT WG . 6.64 -48.53 77.72
C5B LMT WG . 7.77 -47.89 76.90
C6B LMT WG . 8.82 -47.29 77.83
O1B LMT WG . 7.12 -48.31 74.15
O2B LMT WG . 5.40 -50.33 74.67
O3B LMT WG . 4.57 -49.75 77.35
O4' LMT WG . 6.07 -47.58 78.52
O5B LMT WG . 8.37 -48.81 76.02
O6B LMT WG . 9.87 -46.80 77.10
C1' LMT WG . 7.08 -47.41 70.09
C2' LMT WG . 6.81 -48.89 70.44
C3' LMT WG . 6.52 -49.04 71.95
C4' LMT WG . 7.60 -48.38 72.81
C5' LMT WG . 7.79 -46.94 72.26
C6' LMT WG . 8.80 -46.11 73.00
O1' LMT WG . 7.46 -47.30 68.78
O2' LMT WG . 5.72 -49.32 69.72
O3' LMT WG . 6.40 -50.36 72.27
O5' LMT WG . 8.15 -46.95 70.90
O6' LMT WG . 8.51 -46.21 74.33
C1 LMT WG . 7.41 -46.00 68.23
C2 LMT WG . 8.20 -46.04 66.93
C3 LMT WG . 8.09 -47.27 66.09
C4 LMT WG . 8.46 -46.94 64.65
C5 LMT WG . 8.98 -48.14 63.92
C6 LMT WG . 8.87 -48.00 62.43
C7 LMT WG . 9.49 -49.17 61.69
C8 LMT WG . 10.90 -48.89 61.28
C9 LMT WG . 11.40 -49.85 60.23
C10 LMT WG . 12.54 -49.23 59.48
C11 LMT WG . 12.94 -50.06 58.30
C12 LMT WG . 13.93 -49.36 57.41
C1B LMT XG . 13.05 -48.22 77.61
C2B LMT XG . 13.94 -48.06 78.86
C3B LMT XG . 15.23 -48.92 78.73
C4B LMT XG . 14.90 -50.37 78.29
C5B LMT XG . 13.98 -50.29 77.06
C6B LMT XG . 13.63 -51.68 76.57
O1B LMT XG . 13.66 -47.62 76.50
O2B LMT XG . 14.23 -46.73 79.01
O3B LMT XG . 15.97 -48.87 79.88
O4' LMT XG . 16.05 -51.05 77.96
O5B LMT XG . 12.81 -49.56 77.35
O6B LMT XG . 12.84 -51.61 75.44
C1' LMT XG . 12.96 -45.98 72.79
C2' LMT XG . 13.27 -44.95 73.89
C3' LMT XG . 13.78 -45.66 75.16
C4' LMT XG . 12.87 -46.82 75.62
C5' LMT XG . 12.48 -47.65 74.36
C6' LMT XG . 11.44 -48.71 74.63
O1' LMT XG . 12.37 -45.32 71.74
O2' LMT XG . 14.23 -44.09 73.45
O3' LMT XG . 13.91 -44.76 76.19
O5' LMT XG . 11.98 -46.86 73.31
O6' LMT XG . 11.51 -49.63 73.63
C1 LMT XG . 11.94 -46.09 70.62
C2 LMT XG . 12.73 -45.63 69.41
C3 LMT XG . 11.95 -45.64 68.12
C4 LMT XG . 12.82 -45.28 66.93
C5 LMT XG . 12.02 -45.44 65.67
C6 LMT XG . 12.80 -45.22 64.40
C7 LMT XG . 12.00 -45.68 63.21
C8 LMT XG . 12.70 -45.36 61.93
C9 LMT XG . 14.04 -46.01 61.74
C10 LMT XG . 14.46 -45.73 60.32
C11 LMT XG . 15.65 -46.54 59.91
C12 LMT XG . 16.92 -45.98 60.46
MG BCL YG . 13.38 -40.79 59.36
CHA BCL YG . 15.91 -40.32 57.08
CHB BCL YG . 12.78 -43.82 57.92
CHC BCL YG . 10.60 -41.05 61.23
CHD BCL YG . 13.42 -37.35 60.05
NA BCL YG . 14.23 -41.88 57.69
C1A BCL YG . 15.37 -41.57 56.97
C2A BCL YG . 15.94 -42.78 56.28
C3A BCL YG . 14.76 -43.76 56.34
C4A BCL YG . 13.87 -43.19 57.39
CMA BCL YG . 14.04 -43.87 54.99
CAA BCL YG . 17.21 -43.29 56.98
CBA BCL YG . 17.60 -44.78 56.80
CGA BCL YG . 17.49 -45.35 55.43
O1A BCL YG . 18.01 -44.89 54.47
O2A BCL YG . 16.78 -46.47 55.34
NB BCL YG . 11.90 -42.21 59.55
C1B BCL YG . 11.82 -43.41 58.86
C2B BCL YG . 10.67 -44.11 59.25
C3B BCL YG . 10.01 -43.34 60.21
C4B BCL YG . 10.82 -42.15 60.39
CMB BCL YG . 10.32 -45.46 58.66
CAB BCL YG . 8.74 -43.54 60.93
OBB BCL YG . 8.50 -42.98 62.01
CBB BCL YG . 7.65 -44.42 60.40
NC BCL YG . 12.17 -39.39 60.44
C1C BCL YG . 11.14 -39.77 61.25
C2C BCL YG . 10.62 -38.67 62.10
C3C BCL YG . 11.68 -37.58 61.92
C4C BCL YG . 12.45 -38.07 60.71
CMC BCL YG . 9.22 -38.23 61.71
CAC BCL YG . 12.54 -37.39 63.21
CBC BCL YG . 13.45 -36.18 63.18
ND BCL YG . 14.37 -39.15 58.69
C1D BCL YG . 14.39 -37.81 59.11
C2D BCL YG . 15.44 -37.10 58.49
C3D BCL YG . 16.08 -38.02 57.67
C4D BCL YG . 15.42 -39.24 57.82
CMD BCL YG . 15.76 -35.65 58.71
CAD BCL YG . 17.17 -38.26 56.80
OBD BCL YG . 18.05 -37.49 56.39
CBD BCL YG . 17.14 -39.75 56.37
CGD BCL YG . 17.15 -39.88 54.90
O1D BCL YG . 16.36 -39.36 54.15
O2D BCL YG . 18.12 -40.64 54.44
CED BCL YG . 18.07 -41.01 53.04
C1 BCL YG . 16.69 -47.11 54.04
C2 BCL YG . 15.62 -48.19 54.15
C3 BCL YG . 15.57 -49.27 53.39
C4 BCL YG . 16.59 -49.62 52.31
C5 BCL YG . 14.44 -50.31 53.52
C6 BCL YG . 13.95 -50.96 52.21
C7 BCL YG . 12.81 -51.98 52.38
C8 BCL YG . 13.13 -53.48 52.66
C9 BCL YG . 14.07 -53.70 53.87
C10 BCL YG . 13.70 -54.19 51.42
C11 BCL YG . 13.91 -55.70 51.60
C12 BCL YG . 14.23 -56.52 50.33
C13 BCL YG . 15.55 -56.14 49.62
C14 BCL YG . 15.32 -55.11 48.50
C15 BCL YG . 16.25 -57.32 48.92
C16 BCL YG . 16.87 -58.40 49.79
C17 BCL YG . 17.95 -59.28 49.14
C18 BCL YG . 17.45 -60.30 48.13
C19 BCL YG . 18.41 -61.49 48.26
C20 BCL YG . 17.43 -59.81 46.67
C1B LMT ZG . 1.70 -43.47 74.39
C2B LMT ZG . 1.85 -42.21 75.29
C3B LMT ZG . 3.33 -41.91 75.64
C4B LMT ZG . 4.06 -43.19 76.11
C5B LMT ZG . 3.84 -44.25 75.03
C6B LMT ZG . 4.61 -45.52 75.35
O1B LMT ZG . 1.98 -43.20 73.04
O2B LMT ZG . 1.28 -41.15 74.62
O3B LMT ZG . 3.43 -40.88 76.55
O4' LMT ZG . 5.41 -42.94 76.25
O5B LMT ZG . 2.47 -44.54 74.86
O6B LMT ZG . 4.51 -46.40 74.30
C1' LMT ZG . 1.94 -45.24 69.40
C2' LMT ZG . 0.82 -45.62 70.38
C3' LMT ZG . 0.68 -44.53 71.47
C4' LMT ZG . 2.04 -44.30 72.15
C5' LMT ZG . 3.04 -43.99 71.02
C6' LMT ZG . 4.42 -43.64 71.50
O1' LMT ZG . 2.16 -46.25 68.49
O2' LMT ZG . -0.36 -45.71 69.70
O3' LMT ZG . -0.24 -44.91 72.40
O5' LMT ZG . 3.14 -45.08 70.13
O6' LMT ZG . 4.99 -44.82 71.90
C1 LMT ZG . 3.00 -45.90 67.41
C2 LMT ZG . 3.39 -47.19 66.74
C3 LMT ZG . 4.23 -47.07 65.50
C4 LMT ZG . 3.40 -46.52 64.37
C5 LMT ZG . 4.13 -46.64 63.06
C6 LMT ZG . 3.29 -46.18 61.92
C7 LMT ZG . 3.56 -46.93 60.64
C8 LMT ZG . 4.99 -46.77 60.22
C9 LMT ZG . 5.44 -47.78 59.21
C10 LMT ZG . 6.89 -47.54 58.87
C11 LMT ZG . 7.39 -48.60 57.93
C12 LMT ZG . 8.83 -48.43 57.57
C1 V7N AH . -5.74 -46.28 46.12
C10 V7N AH . 1.87 -53.21 44.66
C11 V7N AH . 2.84 -54.14 44.26
C12 V7N AH . 4.10 -54.20 44.88
C13 V7N AH . 5.14 -55.07 44.50
C14 V7N AH . 6.42 -54.85 45.04
C15 V7N AH . 7.55 -55.61 44.71
C16 V7N AH . 8.84 -55.28 45.17
C17 V7N AH . 9.96 -56.02 44.79
C18 V7N AH . 11.30 -55.74 45.14
C19 V7N AH . 12.31 -56.57 44.61
C2 V7N AH . -5.38 -47.48 47.01
C20 V7N AH . 13.68 -56.41 44.72
C21 V7N AH . 14.59 -57.32 44.12
C22 V7N AH . 15.96 -57.18 44.13
C23 V7N AH . 16.82 -58.18 43.45
C24 V7N AH . 17.02 -57.88 41.97
C25 V7N AH . 17.66 -58.98 41.21
C26 V7N AH . 18.91 -59.46 41.36
C27 V7N AH . 19.43 -60.60 40.55
C28 V7N AH . 20.31 -60.16 39.40
C29 V7N AH . 20.88 -61.34 38.70
C3 V7N AH . -5.11 -48.74 46.27
C30 V7N AH . -4.50 -45.77 45.40
C31 V7N AH . -6.77 -46.71 45.08
C33 V7N AH . -4.47 -51.06 44.42
C34 V7N AH . -0.18 -54.27 43.60
C35 V7N AH . 4.92 -56.19 43.56
C36 V7N AH . 11.59 -54.61 46.04
C37 V7N AH . 16.64 -56.05 44.80
C38 V7N AH . 19.88 -58.92 42.33
C39 V7N AH . 21.19 -61.38 37.39
C4 V7N AH . -3.85 -49.12 45.93
C40 V7N AH . 21.77 -62.60 36.80
C41 V7N AH . -5.40 -44.82 48.02
C43 V7N AH . 20.98 -60.25 36.45
C5 V7N AH . -3.50 -50.32 45.23
C6 V7N AH . -2.17 -50.75 45.35
C7 V7N AH . -1.62 -51.89 44.76
C8 V7N AH . -0.25 -52.13 44.89
C9 V7N AH . 0.48 -53.20 44.38
O32 V7N AH . -6.28 -45.29 47.01
O42 V7N AH . 0.34 -55.29 43.16
O44 V7N AH . 21.99 -63.62 37.63
O45 V7N AH . 22.08 -62.79 35.61
C1B LMT BH . -1.84 -58.78 70.80
C2B LMT BH . -1.52 -57.59 71.73
C3B LMT BH . -0.03 -57.17 71.63
C4B LMT BH . 0.89 -58.40 71.79
C5B LMT BH . 0.43 -59.47 70.79
C6B LMT BH . 1.33 -60.70 70.89
O1B LMT BH . -1.86 -58.38 69.45
O2B LMT BH . -2.34 -56.54 71.41
O3B LMT BH . 0.28 -56.17 72.51
O4' LMT BH . 2.21 -58.06 71.53
O5B LMT BH . -0.93 -59.83 70.98
O6B LMT BH . 0.95 -61.64 69.97
C1' LMT BH . -4.09 -57.37 66.19
C2' LMT BH . -4.72 -56.91 67.51
C3' LMT BH . -3.75 -57.12 68.69
C4' LMT BH . -3.07 -58.51 68.72
C5' LMT BH . -2.71 -58.92 67.26
C6' LMT BH . -2.21 -60.34 67.17
O1' LMT BH . -5.03 -57.24 65.19
O2' LMT BH . -5.02 -55.59 67.41
O3' LMT BH . -4.40 -56.93 69.88
O5' LMT BH . -3.79 -58.75 66.35
O6' LMT BH . -1.99 -60.61 65.85
C1 LMT BH . -4.74 -57.68 63.87
C2 LMT BH . -3.60 -56.87 63.28
C3 LMT BH . -3.37 -57.04 61.80
C4 LMT BH . -4.38 -56.25 60.98
C5 LMT BH . -3.73 -55.11 60.24
C6 LMT BH . -3.07 -55.55 58.96
C7 LMT BH . -4.03 -55.45 57.80
C8 LMT BH . -3.41 -54.80 56.59
C9 LMT BH . -2.31 -55.58 55.94
C10 LMT BH . -2.07 -55.00 54.56
C11 LMT BH . -1.09 -55.81 53.76
C12 LMT BH . 0.32 -55.33 53.93
C1B LMT CH . -7.77 -59.65 67.83
C2B LMT CH . -8.32 -60.97 68.41
C3B LMT CH . -9.44 -60.70 69.43
C4B LMT CH . -9.00 -59.65 70.48
C5B LMT CH . -8.43 -58.43 69.73
C6B LMT CH . -7.95 -57.37 70.72
O1B LMT CH . -8.71 -59.04 66.99
O2B LMT CH . -8.78 -61.73 67.37
O3B LMT CH . -9.89 -61.86 70.01
O4' LMT CH . -10.06 -59.25 71.26
O5B LMT CH . -7.39 -58.77 68.85
O6B LMT CH . -7.28 -56.37 70.06
C1' LMT CH . -8.95 -57.69 63.04
C2' LMT CH . -8.31 -59.07 63.25
C3' LMT CH . -8.63 -59.62 64.66
C4' LMT CH . -8.25 -58.59 65.73
C5' LMT CH . -8.98 -57.29 65.34
C6' LMT CH . -8.84 -56.19 66.37
O1' LMT CH . -8.53 -57.17 61.83
O2' LMT CH . -8.81 -59.94 62.32
O3' LMT CH . -7.97 -60.79 64.88
O5' LMT CH . -8.53 -56.82 64.09
O6' LMT CH . -9.55 -55.12 65.91
C1 LMT CH . -9.33 -56.12 61.31
C2 LMT CH . -8.63 -55.60 60.08
C3 LMT CH . -8.42 -56.54 58.93
C4 LMT CH . -8.02 -55.73 57.71
C5 LMT CH . -7.20 -56.51 56.71
C6 LMT CH . -8.04 -57.27 55.75
C7 LMT CH . -7.25 -58.27 54.92
C8 LMT CH . -6.10 -57.66 54.20
C9 LMT CH . -5.51 -58.60 53.18
C10 LMT CH . -4.27 -58.01 52.56
C11 LMT CH . -3.78 -58.86 51.42
C12 LMT CH . -2.70 -58.21 50.62
MG BCL DH . -1.34 -50.08 52.93
CHA BCL DH . 1.50 -49.65 51.01
CHB BCL DH . -2.03 -52.87 51.09
CHC BCL DH . -4.40 -50.20 54.34
CHD BCL DH . -0.98 -46.81 54.13
NA BCL DH . -0.38 -51.07 51.24
C1A BCL DH . 0.87 -50.82 50.71
C2A BCL DH . 1.35 -51.95 49.85
C3A BCL DH . 0.09 -52.81 49.70
C4A BCL DH . -0.81 -52.30 50.76
CMA BCL DH . -0.54 -52.67 48.31
CAA BCL DH . 2.54 -52.72 50.44
CBA BCL DH . 3.31 -53.58 49.43
CGA BCL DH . 2.71 -54.86 48.94
O1A BCL DH . 2.90 -55.30 47.85
O2A BCL DH . 2.07 -55.54 49.88
NB BCL DH . -2.98 -51.31 52.74
C1B BCL DH . -3.06 -52.43 51.92
C2B BCL DH . -4.32 -53.04 52.07
C3B BCL DH . -5.06 -52.29 53.01
C4B BCL DH . -4.16 -51.22 53.42
CMB BCL DH . -4.70 -54.29 51.30
CAB BCL DH . -6.41 -52.43 53.53
OBB BCL DH . -6.77 -51.94 54.61
CBB BCL DH . -7.49 -53.18 52.79
NC BCL DH . -2.52 -48.68 54.02
C1C BCL DH . -3.69 -49.02 54.65
C2C BCL DH . -4.17 -48.00 55.62
C3C BCL DH . -2.96 -47.06 55.74
C4C BCL DH . -2.11 -47.48 54.55
CMC BCL DH . -5.44 -47.32 55.18
CAC BCL DH . -2.28 -47.16 57.13
CBC BCL DH . -1.22 -46.10 57.39
ND BCL DH . -0.08 -48.52 52.62
C1D BCL DH . 0.04 -47.27 53.23
C2D BCL DH . 1.22 -46.60 52.83
C3D BCL DH . 1.85 -47.48 51.94
C4D BCL DH . 1.05 -48.61 51.85
CMD BCL DH . 1.67 -45.24 53.29
CAD BCL DH . 3.02 -47.75 51.20
OBD BCL DH . 4.05 -47.07 51.04
CBD BCL DH . 2.87 -49.14 50.53
CGD BCL DH . 3.01 -49.05 49.07
O1D BCL DH . 2.33 -48.33 48.34
O2D BCL DH . 3.96 -49.81 48.57
CED BCL DH . 4.04 -49.93 47.13
C1 BCL DH . 1.52 -56.88 49.69
C2 BCL DH . 0.51 -56.90 48.54
C3 BCL DH . 0.69 -57.60 47.44
C4 BCL DH . 1.91 -58.46 47.16
C5 BCL DH . -0.36 -57.69 46.33
C6 BCL DH . -1.26 -58.94 46.45
C7 BCL DH . -2.23 -59.20 45.28
C8 BCL DH . -1.56 -59.46 43.92
C9 BCL DH . -1.59 -58.16 43.06
C10 BCL DH . -2.25 -60.57 43.11
C11 BCL DH . -1.81 -62.01 43.38
C12 BCL DH . -2.25 -62.97 42.27
C13 BCL DH . -2.02 -64.48 42.49
C14 BCL DH . -2.22 -64.89 43.95
C15 BCL DH . -0.60 -64.93 42.06
C16 BCL DH . -0.38 -66.46 41.98
C17 BCL DH . 0.95 -67.05 41.50
C18 BCL DH . 0.92 -67.61 40.10
C19 BCL DH . 2.14 -68.55 39.94
C20 BCL DH . 0.98 -66.53 39.04
C1 V7N EH . -18.81 -50.76 36.78
C10 V7N EH . -12.36 -58.81 35.09
C11 V7N EH . -11.51 -59.83 34.65
C12 V7N EH . -10.28 -60.06 35.27
C13 V7N EH . -9.31 -61.01 34.91
C14 V7N EH . -8.17 -61.19 35.73
C15 V7N EH . -7.14 -62.08 35.43
C16 V7N EH . -5.87 -62.00 36.03
C17 V7N EH . -4.82 -62.86 35.70
C18 V7N EH . -3.53 -62.82 36.26
C19 V7N EH . -2.54 -63.74 35.82
C2 V7N EH . -18.89 -52.16 37.39
C20 V7N EH . -1.19 -63.71 36.16
C21 V7N EH . -0.25 -64.65 35.68
C22 V7N EH . 1.08 -64.70 36.04
C23 V7N EH . 1.99 -65.73 35.48
C24 V7N EH . 3.24 -65.20 34.79
C25 V7N EH . 3.95 -66.29 34.08
C26 V7N EH . 3.69 -66.71 32.83
C27 V7N EH . 4.44 -67.85 32.22
C28 V7N EH . 5.55 -67.45 31.25
C29 V7N EH . 6.03 -68.64 30.52
C3 V7N EH . -18.64 -53.27 36.44
C30 V7N EH . -17.37 -50.41 36.39
C31 V7N EH . -19.68 -50.68 35.54
C33 V7N EH . -17.98 -55.27 34.25
C34 V7N EH . -14.30 -59.14 33.50
C35 V7N EH . -9.43 -61.81 33.68
C36 V7N EH . -3.25 -61.82 37.32
C37 V7N EH . 1.67 -63.72 36.97
C38 V7N EH . 2.64 -66.08 31.99
C39 V7N EH . 6.63 -68.58 29.31
C4 V7N EH . -17.41 -53.82 36.25
C40 V7N EH . 7.09 -69.81 28.62
C41 V7N EH . -18.52 -49.83 38.99
C43 V7N EH . 6.90 -67.32 28.60
C5 V7N EH . -17.09 -54.90 35.38
C6 V7N EH . -15.91 -55.61 35.61
C7 V7N EH . -15.42 -56.69 34.86
C8 V7N EH . -14.26 -57.34 35.25
C9 V7N EH . -13.63 -58.43 34.62
O32 V7N EH . -19.28 -49.87 37.81
O42 V7N EH . -13.83 -60.03 32.80
O44 V7N EH . 6.82 -70.97 29.24
O45 V7N EH . 7.69 -69.89 27.55
C1B LMT FH . -15.58 -53.22 65.51
C2B LMT FH . -16.49 -51.99 65.79
C3B LMT FH . -15.73 -50.87 66.52
C4B LMT FH . -14.95 -51.44 67.75
C5B LMT FH . -14.09 -52.60 67.24
C6B LMT FH . -13.27 -53.18 68.39
O1B LMT FH . -14.73 -52.99 64.43
O2B LMT FH . -16.95 -51.55 64.57
O3B LMT FH . -16.57 -49.85 66.88
O4' LMT FH . -14.15 -50.46 68.29
O5B LMT FH . -14.86 -53.61 66.65
O6B LMT FH . -12.81 -54.42 68.06
C1' LMT FH . -14.08 -54.64 60.65
C2' LMT FH . -15.49 -54.80 61.23
C3' LMT FH . -15.71 -53.78 62.37
C4' LMT FH . -14.63 -54.00 63.45
C5' LMT FH . -13.27 -53.89 62.70
C6' LMT FH . -12.06 -53.92 63.60
O1' LMT FH . -13.89 -55.56 59.65
O2' LMT FH . -16.41 -54.56 60.25
O3' LMT FH . -16.96 -53.91 62.88
O5' LMT FH . -13.14 -54.89 61.70
O6' LMT FH . -12.02 -55.18 64.16
C1 LMT FH . -12.56 -55.82 59.23
C2 LMT FH . -12.65 -56.09 57.75
C3 LMT FH . -12.48 -54.90 56.84
C4 LMT FH . -12.61 -55.31 55.40
C5 LMT FH . -12.26 -54.13 54.53
C6 LMT FH . -12.69 -54.26 53.10
C7 LMT FH . -12.07 -55.41 52.34
C8 LMT FH . -10.61 -55.20 52.12
C9 LMT FH . -10.07 -56.15 51.09
C10 LMT FH . -8.60 -55.94 50.87
C11 LMT FH . -8.09 -56.89 49.82
C12 LMT FH . -6.63 -56.75 49.57
MG BCL GH . -16.07 -56.26 43.35
CHA BCL GH . -12.93 -56.11 41.94
CHB BCL GH . -16.92 -58.53 40.96
CHC BCL GH . -19.26 -56.05 44.38
CHD BCL GH . -15.39 -53.28 45.06
NA BCL GH . -15.04 -57.15 41.66
C1A BCL GH . -13.69 -57.08 41.36
C2A BCL GH . -13.25 -58.20 40.47
C3A BCL GH . -14.59 -58.78 39.98
C4A BCL GH . -15.59 -58.19 40.92
CMA BCL GH . -14.90 -58.36 38.54
CAA BCL GH . -12.35 -59.23 41.20
CBA BCL GH . -12.29 -60.69 40.70
CGA BCL GH . -12.09 -60.82 39.23
O1A BCL GH . -11.41 -60.10 38.58
O2A BCL GH . -12.83 -61.77 38.69
NB BCL GH . -17.84 -57.13 42.75
C1B BCL GH . -17.99 -58.05 41.73
C2B BCL GH . -19.33 -58.44 41.62
C3B BCL GH . -20.06 -57.73 42.60
C4B BCL GH . -19.07 -56.94 43.30
CMB BCL GH . -19.79 -59.44 40.58
CAB BCL GH . -21.49 -57.71 42.92
OBB BCL GH . -21.92 -57.33 44.02
CBB BCL GH . -22.56 -58.11 41.93
NC BCL GH . -17.17 -54.84 44.51
C1C BCL GH . -18.44 -55.06 44.94
C2C BCL GH . -18.90 -54.10 45.97
C3C BCL GH . -17.60 -53.40 46.38
C4C BCL GH . -16.66 -53.80 45.26
CMC BCL GH . -19.96 -53.16 45.46
CAC BCL GH . -17.13 -53.80 47.81
CBC BCL GH . -15.96 -53.01 48.34
ND BCL GH . -14.55 -54.92 43.46
C1D BCL GH . -14.34 -53.79 44.26
C2D BCL GH . -13.02 -53.31 44.12
C3D BCL GH . -12.40 -54.17 43.22
C4D BCL GH . -13.34 -55.12 42.85
CMD BCL GH . -12.44 -52.10 44.82
CAD BCL GH . -11.18 -54.54 42.61
OBD BCL GH . -10.05 -54.05 42.69
CBD BCL GH . -11.45 -55.78 41.71
CGD BCL GH . -11.08 -55.50 40.32
O1D BCL GH . -11.37 -54.50 39.70
O2D BCL GH . -10.37 -56.47 39.75
CED BCL GH . -10.03 -56.31 38.35
C1 BCL GH . -12.78 -61.83 37.25
C2 BCL GH . -13.80 -62.86 36.80
C3 BCL GH . -15.09 -62.93 37.07
C4 BCL GH . -15.85 -62.00 38.00
C5 BCL GH . -16.00 -63.96 36.40
C6 BCL GH . -16.27 -63.65 34.93
C7 BCL GH . -17.21 -64.64 34.23
C8 BCL GH . -17.07 -64.59 32.71
C9 BCL GH . -17.56 -63.24 32.17
C10 BCL GH . -17.84 -65.75 32.02
C11 BCL GH . -17.25 -67.13 32.28
C12 BCL GH . -17.72 -68.22 31.30
C13 BCL GH . -16.80 -68.40 30.08
C14 BCL GH . -17.30 -67.54 28.91
C15 BCL GH . -16.77 -69.84 29.55
C16 BCL GH . -15.46 -70.20 28.80
C17 BCL GH . -15.37 -71.55 28.07
C18 BCL GH . -13.98 -71.95 27.58
C19 BCL GH . -13.43 -70.79 26.74
C20 BCL GH . -13.96 -73.24 26.74
C1B LMT HH . -20.78 -68.39 57.56
C2B LMT HH . -19.50 -69.20 57.89
C3B LMT HH . -19.55 -70.63 57.31
C4B LMT HH . -20.88 -71.32 57.65
C5B LMT HH . -22.01 -70.39 57.19
C6B LMT HH . -23.37 -71.03 57.45
O1B LMT HH . -20.76 -67.92 56.25
O2B LMT HH . -18.43 -68.50 57.37
O3B LMT HH . -18.46 -71.37 57.71
O4' LMT HH . -20.99 -72.53 57.00
O5B LMT HH . -21.94 -69.13 57.83
O6B LMT HH . -24.38 -70.14 57.19
C1' LMT HH . -21.61 -64.54 54.10
C2' LMT HH . -22.18 -64.52 55.54
C3' LMT HH . -21.51 -65.62 56.41
C4' LMT HH . -21.81 -67.03 55.86
C5' LMT HH . -21.86 -66.97 54.29
C6' LMT HH . -23.22 -67.18 53.68
O1' LMT HH . -22.59 -64.10 53.24
O2' LMT HH . -21.94 -63.31 56.11
O3' LMT HH . -21.97 -65.52 57.69
O5' LMT HH . -21.17 -65.85 53.72
O6' LMT HH . -23.01 -67.46 52.35
C1 LMT HH . -22.41 -64.21 51.82
C2 LMT HH . -21.25 -63.36 51.35
C3 LMT HH . -21.48 -62.76 49.98
C4 LMT HH . -20.21 -62.29 49.30
C5 LMT HH . -20.59 -61.77 47.93
C6 LMT HH . -19.44 -61.38 47.04
C7 LMT HH . -19.97 -61.18 45.64
C8 LMT HH . -18.90 -60.73 44.69
C9 LMT HH . -17.79 -61.70 44.44
C10 LMT HH . -16.99 -61.18 43.27
C11 LMT HH . -15.88 -62.11 42.88
C12 LMT HH . -14.69 -61.98 43.75
C1B LMT IH . -32.05 -58.68 53.67
C2B LMT IH . -32.62 -57.53 54.51
C3B LMT IH . -31.57 -56.94 55.48
C4B LMT IH . -30.88 -58.08 56.27
C5B LMT IH . -30.34 -59.09 55.24
C6B LMT IH . -29.60 -60.21 55.96
O1B LMT IH . -31.22 -58.19 52.65
O2B LMT IH . -33.09 -56.56 53.65
O3B LMT IH . -32.11 -55.99 56.30
O4' LMT IH . -29.84 -57.58 57.02
O5B LMT IH . -31.36 -59.62 54.45
O6B LMT IH . -29.09 -61.10 55.05
C1' LMT IH . -30.44 -59.40 48.69
C2' LMT IH . -31.92 -59.22 49.12
C3' LMT IH . -32.02 -58.34 50.39
C4' LMT IH . -31.16 -58.97 51.48
C5' LMT IH . -29.74 -58.94 50.87
C6' LMT IH . -28.63 -59.23 51.86
O1' LMT IH . -30.38 -60.40 47.76
O2' LMT IH . -32.62 -58.63 48.10
O3' LMT IH . -33.32 -58.24 50.80
O5' LMT IH . -29.67 -59.84 49.80
O6' LMT IH . -28.80 -60.52 52.27
C1 LMT IH . -29.16 -60.56 47.06
C2 LMT IH . -29.30 -59.83 45.75
C3 LMT IH . -28.15 -59.96 44.81
C4 LMT IH . -28.38 -59.08 43.61
C5 LMT IH . -27.34 -59.29 42.55
C6 LMT IH . -27.56 -58.39 41.37
C7 LMT IH . -27.02 -58.96 40.09
C8 LMT IH . -25.54 -59.21 40.15
C9 LMT IH . -25.05 -60.05 39.03
C10 LMT IH . -23.56 -60.20 39.10
C11 LMT IH . -23.05 -61.08 37.99
C12 LMT IH . -21.60 -61.37 38.11
C1B LMT JH . -27.80 -68.43 53.31
C2B LMT JH . -26.79 -69.04 54.31
C3B LMT JH . -25.80 -69.99 53.59
C4B LMT JH . -26.57 -71.02 52.74
C5B LMT JH . -27.56 -70.25 51.84
C6B LMT JH . -28.34 -71.23 50.97
O1B LMT JH . -27.17 -67.53 52.45
O2B LMT JH . -26.12 -68.02 54.95
O3B LMT JH . -24.92 -70.58 54.47
O4' LMT JH . -25.69 -71.74 51.95
O5B LMT JH . -28.44 -69.44 52.59
O6B LMT JH . -29.17 -70.55 50.12
C1' LMT JH . -26.52 -63.64 51.36
C2' LMT JH . -26.54 -63.86 52.88
C3' LMT JH . -26.48 -65.38 53.19
C4' LMT JH . -27.58 -66.17 52.46
C5' LMT JH . -27.65 -65.66 50.98
C6' LMT JH . -28.81 -66.21 50.18
O1' LMT JH . -26.61 -62.29 51.12
O2' LMT JH . -25.45 -63.24 53.43
O3' LMT JH . -26.59 -65.60 54.54
O5' LMT JH . -27.71 -64.24 50.88
O6' LMT JH . -28.84 -67.56 50.40
C1 LMT JH . -26.83 -61.81 49.81
C2 LMT JH . -25.54 -61.87 49.01
C3 LMT JH . -25.67 -61.47 47.57
C4 LMT JH . -24.35 -61.49 46.83
C5 LMT JH . -24.59 -61.51 45.34
C6 LMT JH . -23.36 -61.78 44.52
C7 LMT JH . -23.74 -62.34 43.17
C8 LMT JH . -22.56 -62.98 42.51
C9 LMT JH . -22.90 -63.65 41.20
C10 LMT JH . -21.71 -64.44 40.72
C11 LMT JH . -21.98 -65.05 39.37
C12 LMT JH . -20.84 -65.87 38.87
C1 V7N KH . -30.74 -50.65 25.08
C10 V7N KH . -25.30 -59.42 22.91
C11 V7N KH . -24.67 -60.56 22.41
C12 V7N KH . -23.54 -61.09 23.06
C13 V7N KH . -22.77 -62.20 22.66
C14 V7N KH . -21.76 -62.69 23.53
C15 V7N KH . -20.89 -63.75 23.19
C16 V7N KH . -19.74 -64.05 23.94
C17 V7N KH . -18.84 -65.06 23.58
C18 V7N KH . -17.65 -65.37 24.26
C19 V7N KH . -16.81 -66.40 23.74
C2 V7N KH . -30.99 -52.10 25.50
C20 V7N KH . -15.50 -66.66 24.14
C21 V7N KH . -14.70 -67.68 23.57
C22 V7N KH . -13.50 -68.12 24.09
C23 V7N KH . -12.71 -69.19 23.43
C24 V7N KH . -11.31 -68.75 23.01
C25 V7N KH . -10.55 -69.83 22.34
C26 V7N KH . -10.62 -70.13 21.02
C27 V7N KH . -9.82 -71.24 20.43
C28 V7N KH . -8.61 -70.78 19.62
C29 V7N KH . -7.95 -71.92 18.93
C3 V7N KH . -30.78 -53.13 24.45
C30 V7N KH . -29.25 -50.41 24.88
C31 V7N KH . -31.47 -50.34 23.78
C33 V7N KH . -30.20 -54.95 22.08
C34 V7N KH . -27.00 -59.08 21.07
C35 V7N KH . -22.98 -62.86 21.35
C36 V7N KH . -17.30 -64.65 25.50
C37 V7N KH . -12.93 -67.53 25.33
C38 V7N KH . -11.47 -69.37 20.10
C39 V7N KH . -7.31 -71.79 17.75
C4 V7N KH . -29.61 -53.81 24.28
C40 V7N KH . -6.67 -72.95 17.10
C41 V7N KH . -30.71 -50.10 27.44
C43 V7N KH . -7.19 -70.51 17.02
C5 V7N KH . -29.39 -54.84 23.31
C6 V7N KH . -28.36 -55.74 23.56
C7 V7N KH . -28.00 -56.84 22.78
C8 V7N KH . -26.81 -57.53 23.02
C9 V7N KH . -26.36 -58.67 22.33
O32 V7N KH . -31.25 -49.85 26.16
O42 V7N KH . -26.97 -60.19 20.56
O44 V7N KH . -6.65 -74.10 17.79
O45 V7N KH . -6.14 -72.99 15.98
C1B LMT LH . -44.70 -66.40 38.38
C2B LMT LH . -45.61 -67.66 38.34
C3B LMT LH . -47.08 -67.29 38.64
C4B LMT LH . -47.20 -66.41 39.92
C5B LMT LH . -46.20 -65.25 39.79
C6B LMT LH . -46.26 -64.38 41.04
O1B LMT LH . -44.91 -65.59 37.26
O2B LMT LH . -45.48 -68.22 37.10
O3B LMT LH . -47.87 -68.41 38.72
O4' LMT LH . -48.47 -65.90 40.03
O5B LMT LH . -44.88 -65.67 39.56
O6B LMT LH . -45.26 -63.43 41.01
C1' LMT LH . -42.39 -63.27 34.99
C2' LMT LH . -41.75 -63.74 36.32
C3' LMT LH . -42.63 -64.78 37.04
C4' LMT LH . -44.12 -64.40 37.10
C5' LMT LH . -44.52 -63.78 35.73
C6' LMT LH . -45.95 -63.30 35.71
O1' LMT LH . -41.67 -62.25 34.37
O2' LMT LH . -40.56 -64.37 36.10
O3' LMT LH . -42.12 -64.95 38.31
O5' LMT LH . -43.66 -62.74 35.33
O6' LMT LH . -46.07 -62.46 34.63
C1 LMT LH . -40.37 -62.60 33.91
C2 LMT LH . -40.02 -61.85 32.65
C3 LMT LH . -38.55 -61.92 32.31
C4 LMT LH . -38.21 -61.39 30.94
C5 LMT LH . -38.06 -62.48 29.91
C6 LMT LH . -37.69 -61.89 28.58
C7 LMT LH . -37.61 -62.91 27.47
C8 LMT LH . -36.29 -63.61 27.46
C9 LMT LH . -36.08 -64.49 26.25
C10 LMT LH . -37.18 -65.52 26.18
C11 LMT LH . -36.78 -66.72 25.37
C12 LMT LH . -36.54 -66.38 23.94
C1B LMT MH . -47.95 -58.25 38.50
C2B LMT MH . -47.70 -57.72 39.93
C3B LMT MH . -46.78 -58.67 40.72
C4B LMT MH . -47.35 -60.12 40.70
C5B LMT MH . -47.56 -60.50 39.24
C6B LMT MH . -48.14 -61.91 39.13
O1B LMT MH . -46.82 -58.06 37.68
O2B LMT MH . -47.14 -56.47 39.82
O3B LMT MH . -46.56 -58.22 42.00
O4' LMT MH . -46.45 -60.98 41.28
O5B LMT MH . -48.38 -59.59 38.51
O6B LMT MH . -48.44 -62.20 37.82
C1' LMT MH . -45.50 -58.94 33.84
C2' LMT MH . -47.04 -58.93 34.01
C3' LMT MH . -47.39 -58.17 35.31
C4' LMT MH . -46.67 -58.83 36.50
C5' LMT MH . -45.16 -58.87 36.12
C6' LMT MH . -44.28 -59.39 37.22
O1' LMT MH . -45.13 -59.63 32.71
O2' LMT MH . -47.59 -58.27 32.95
O3' LMT MH . -48.74 -58.20 35.51
O5' LMT MH . -44.95 -59.63 34.96
O6' LMT MH . -44.52 -60.73 37.31
C1 LMT MH . -43.81 -59.35 32.27
C2 LMT MH . -43.57 -60.20 31.05
C3 LMT MH . -42.25 -60.01 30.35
C4 LMT MH . -42.27 -58.78 29.49
C5 LMT MH . -41.13 -58.81 28.51
C6 LMT MH . -41.15 -57.66 27.56
C7 LMT MH . -40.63 -58.04 26.19
C8 LMT MH . -39.20 -58.47 26.27
C9 LMT MH . -38.72 -59.21 25.05
C10 LMT MH . -37.27 -59.57 25.23
C11 LMT MH . -36.78 -60.39 24.07
C12 LMT MH . -35.35 -60.81 24.20
MG BCL NH . -29.96 -57.69 30.85
CHA BCL NH . -26.67 -57.84 29.90
CHB BCL NH . -30.78 -59.23 27.91
CHC BCL NH . -33.21 -57.11 31.50
CHD BCL NH . -29.11 -55.28 33.24
NA BCL NH . -28.84 -58.39 29.14
C1A BCL NH . -27.47 -58.48 28.99
C2A BCL NH . -27.10 -59.50 28.00
C3A BCL NH . -28.37 -59.61 27.15
C4A BCL NH . -29.42 -59.11 28.10
CMA BCL NH . -28.31 -58.74 25.91
CAA BCL NH . -26.74 -60.82 28.69
CBA BCL NH . -25.59 -61.58 28.03
CGA BCL NH . -25.59 -61.71 26.56
O1A BCL NH . -24.84 -61.15 25.85
O2A BCL NH . -26.38 -62.66 26.09
NB BCL NH . -31.73 -58.08 29.86
C1B BCL NH . -31.87 -58.74 28.65
C2B BCL NH . -33.22 -58.83 28.29
C3B BCL NH . -33.97 -58.21 29.32
C4B BCL NH . -32.98 -57.77 30.29
CMB BCL NH . -33.68 -59.50 27.02
CAB BCL NH . -35.40 -57.96 29.47
OBB BCL NH . -35.91 -57.74 30.59
CBB BCL NH . -36.36 -57.96 28.32
NC BCL NH . -31.00 -56.34 32.14
C1C BCL NH . -32.34 -56.39 32.35
C2C BCL NH . -32.81 -55.56 33.48
C3C BCL NH . -31.50 -55.19 34.18
C4C BCL NH . -30.46 -55.56 33.14
CMC BCL NH . -33.62 -54.35 33.03
CAC BCL NH . -31.34 -55.91 35.55
CBC BCL NH . -30.23 -55.39 36.41
ND BCL NH . -28.30 -56.67 31.41
C1D BCL NH . -28.03 -55.83 32.49
C2D BCL NH . -26.64 -55.64 32.67
C3D BCL NH . -26.04 -56.41 31.68
C4D BCL NH . -27.06 -57.02 30.95
CMD BCL NH . -26.00 -54.80 33.73
CAD BCL NH . -24.82 -56.87 31.14
OBD BCL NH . -23.65 -56.63 31.47
CBD BCL NH . -25.14 -57.83 29.95
CGD BCL NH . -24.48 -57.40 28.72
O1D BCL NH . -24.67 -56.34 28.15
O2D BCL NH . -23.60 -58.27 28.25
CED BCL NH . -23.09 -58.03 26.92
C1 BCL NH . -26.22 -63.04 24.70
C2 BCL NH . -27.54 -63.60 24.23
C3 BCL NH . -28.51 -62.89 23.71
C4 BCL NH . -28.45 -61.39 23.48
C5 BCL NH . -29.80 -63.54 23.22
C6 BCL NH . -31.03 -63.34 24.10
C7 BCL NH . -31.03 -64.24 25.33
C8 BCL NH . -32.33 -65.04 25.47
C9 BCL NH . -32.42 -65.69 26.87
C10 BCL NH . -32.47 -66.13 24.38
C11 BCL NH . -31.64 -67.40 24.54
C12 BCL NH . -31.66 -68.33 23.30
C13 BCL NH . -33.07 -68.68 22.78
C14 BCL NH . -33.97 -69.31 23.85
C15 BCL NH . -32.96 -69.67 21.61
C16 BCL NH . -31.99 -69.34 20.47
C17 BCL NH . -32.16 -70.20 19.21
C18 BCL NH . -30.98 -70.08 18.24
C19 BCL NH . -31.49 -70.55 16.87
C20 BCL NH . -29.75 -70.90 18.69
C1B LMT OH . -40.99 -68.83 42.74
C2B LMT OH . -41.23 -68.85 44.28
C3B LMT OH . -39.91 -69.00 45.06
C4B LMT OH . -39.11 -70.21 44.55
C5B LMT OH . -38.93 -70.03 43.04
C6B LMT OH . -38.12 -71.20 42.44
O1B LMT OH . -40.57 -67.57 42.28
O2B LMT OH . -41.87 -67.67 44.60
O3B LMT OH . -40.13 -69.04 46.41
O4' LMT OH . -37.87 -70.25 45.14
O5B LMT OH . -40.14 -69.88 42.32
O6B LMT OH . -38.03 -71.04 41.08
C1' LMT OH . -38.66 -66.06 38.81
C2' LMT OH . -39.57 -67.31 38.62
C3' LMT OH . -40.52 -67.55 39.82
C4' LMT OH . -39.73 -67.47 41.14
C5' LMT OH . -39.07 -66.07 41.11
C6' LMT OH . -38.48 -65.65 42.44
O1' LMT OH . -37.63 -66.09 37.90
O2' LMT OH . -40.33 -67.14 37.49
O3' LMT OH . -41.11 -68.78 39.69
O5' LMT OH . -38.08 -66.04 40.11
O6' LMT OH . -38.12 -64.33 42.31
C1 LMT OH . -37.77 -65.19 36.83
C2 LMT OH . -36.43 -64.96 36.18
C3 LMT OH . -36.46 -64.00 35.03
C4 LMT OH . -35.10 -63.80 34.41
C5 LMT OH . -35.25 -63.03 33.12
C6 LMT OH . -33.97 -62.78 32.40
C7 LMT OH . -34.28 -62.28 31.00
C8 LMT OH . -33.02 -61.88 30.30
C9 LMT OH . -31.96 -62.93 30.21
C10 LMT OH . -30.89 -62.41 29.30
C11 LMT OH . -29.91 -63.47 28.91
C12 LMT OH . -29.15 -63.99 30.08
C1 V7N PH . -41.16 -47.83 12.29
C10 V7N PH . -36.56 -56.81 9.53
C11 V7N PH . -35.86 -57.89 8.99
C12 V7N PH . -35.01 -58.64 9.80
C13 V7N PH . -34.21 -59.72 9.37
C14 V7N PH . -33.56 -60.54 10.30
C15 V7N PH . -32.73 -61.59 9.90
C16 V7N PH . -31.70 -62.10 10.72
C17 V7N PH . -30.85 -63.11 10.28
C18 V7N PH . -29.77 -63.65 11.01
C19 V7N PH . -28.99 -64.65 10.39
C2 V7N PH . -41.63 -49.28 12.42
C20 V7N PH . -27.82 -65.21 10.88
C21 V7N PH . -27.11 -66.19 10.16
C22 V7N PH . -25.96 -66.79 10.60
C23 V7N PH . -25.26 -67.82 9.78
C24 V7N PH . -24.33 -67.19 8.75
C25 V7N PH . -23.87 -68.12 7.67
C26 V7N PH . -23.15 -69.24 7.82
C27 V7N PH . -22.74 -70.10 6.67
C28 V7N PH . -21.35 -69.80 6.18
C29 V7N PH . -20.92 -70.77 5.15
C3 V7N PH . -41.45 -50.11 11.21
C30 V7N PH . -39.65 -47.76 12.46
C31 V7N PH . -41.55 -47.27 10.93
C33 V7N PH . -40.83 -51.68 8.67
C34 V7N PH . -37.83 -56.25 7.46
C35 V7N PH . -33.99 -59.97 7.93
C36 V7N PH . -29.50 -63.16 12.38
C37 V7N PH . -25.34 -66.45 11.91
C38 V7N PH . -22.63 -69.73 9.12
C39 V7N PH . -19.98 -70.53 4.21
C4 V7N PH . -40.44 -51.02 11.09
C40 V7N PH . -19.60 -71.56 3.24
C41 V7N PH . -41.59 -47.57 14.67
C43 V7N PH . -19.26 -69.24 4.10
C5 V7N PH . -40.20 -51.89 10.00
C6 V7N PH . -39.32 -52.96 10.20
C7 V7N PH . -38.95 -53.93 9.25
C8 V7N PH . -38.02 -54.92 9.62
C9 V7N PH . -37.48 -55.97 8.87
O32 V7N PH . -41.83 -47.12 13.34
O42 V7N PH . -38.74 -55.74 6.82
O44 V7N PH . -20.22 -72.75 3.36
O45 V7N PH . -18.78 -71.46 2.31
C1B LMT QH . -54.84 -67.31 26.20
C2B LMT QH . -55.54 -68.68 26.15
C3B LMT QH . -57.06 -68.52 26.12
C4B LMT QH . -57.55 -67.58 27.26
C5B LMT QH . -56.71 -66.28 27.19
C6B LMT QH . -57.15 -65.33 28.29
O1B LMT QH . -55.01 -66.63 24.99
O2B LMT QH . -55.09 -69.34 25.03
O3B LMT QH . -57.70 -69.75 26.15
O4' LMT QH . -58.88 -67.28 27.10
O5B LMT QH . -55.33 -66.53 27.25
O6B LMT QH . -56.31 -64.24 28.35
C1' LMT QH . -52.71 -64.52 22.19
C2' LMT QH . -52.81 -66.05 21.99
C3' LMT QH . -53.97 -66.64 22.83
C4' LMT QH . -53.84 -66.21 24.30
C5' LMT QH . -53.78 -64.67 24.27
C6' LMT QH . -53.81 -64.02 25.64
O1' LMT QH . -51.57 -64.04 21.58
O2' LMT QH . -53.04 -66.32 20.67
O3' LMT QH . -54.00 -68.00 22.74
O5' LMT QH . -52.62 -64.23 23.58
O6' LMT QH . -53.45 -62.70 25.46
C1 LMT QH . -51.60 -62.68 21.18
C2 LMT QH . -50.20 -62.33 20.73
C3 LMT QH . -50.06 -61.15 19.81
C4 LMT QH . -48.62 -61.00 19.37
C5 LMT QH . -48.53 -60.14 18.14
C6 LMT QH . -47.11 -59.91 17.68
C7 LMT QH . -47.12 -59.36 16.28
C8 LMT QH . -45.73 -59.04 15.83
C9 LMT QH . -44.82 -60.21 15.63
C10 LMT QH . -43.64 -59.72 14.84
C11 LMT QH . -42.72 -60.84 14.43
C12 LMT QH . -41.91 -61.33 15.59
C1B LMT RH . -58.62 -63.43 22.27
C2B LMT RH . -60.16 -63.52 22.11
C3B LMT RH . -60.88 -62.57 23.09
C4B LMT RH . -60.32 -62.72 24.53
C5B LMT RH . -58.80 -62.62 24.47
C6B LMT RH . -58.20 -62.75 25.87
O1B LMT RH . -58.16 -62.20 21.77
O2B LMT RH . -60.46 -63.21 20.81
O3B LMT RH . -62.24 -62.74 23.05
O4' LMT RH . -60.81 -61.71 25.33
O5B LMT RH . -58.23 -63.58 23.61
O6B LMT RH . -56.83 -62.77 25.82
C1' LMT RH . -55.58 -60.44 19.14
C2' LMT RH . -56.43 -61.56 18.51
C3' LMT RH . -57.58 -61.91 19.48
C4' LMT RH . -57.06 -62.23 20.89
C5' LMT RH . -56.05 -61.11 21.30
C6' LMT RH . -55.39 -61.35 22.64
O1' LMT RH . -54.56 -60.05 18.31
O2' LMT RH . -56.96 -61.11 17.32
O3' LMT RH . -58.30 -62.97 19.00
O5' LMT RH . -55.04 -60.94 20.34
O6' LMT RH . -56.19 -60.77 23.59
C1 LMT RH . -54.00 -58.79 18.66
C2 LMT RH . -52.70 -58.59 17.90
C3 LMT RH . -52.75 -58.47 16.41
C4 LMT RH . -51.33 -58.36 15.89
C5 LMT RH . -51.20 -58.59 14.41
C6 LMT RH . -49.77 -58.80 14.01
C7 LMT RH . -49.63 -59.40 12.62
C8 LMT RH . -48.20 -59.81 12.43
C9 LMT RH . -47.86 -60.41 11.09
C10 LMT RH . -46.36 -60.56 11.01
C11 LMT RH . -45.91 -60.92 9.63
C12 LMT RH . -44.41 -60.93 9.51
MG BCL SH . -42.06 -55.40 16.98
CHA BCL SH . -38.71 -55.92 16.37
CHB BCL SH . -42.72 -56.52 13.82
CHC BCL SH . -45.27 -54.45 17.37
CHD BCL SH . -41.21 -53.36 19.70
NA BCL SH . -40.84 -56.09 15.32
C1A BCL SH . -39.47 -56.37 15.32
C2A BCL SH . -39.06 -57.18 14.11
C3A BCL SH . -40.31 -57.10 13.22
C4A BCL SH . -41.38 -56.61 14.16
CMA BCL SH . -40.13 -56.14 12.05
CAA BCL SH . -38.66 -58.63 14.41
CBA BCL SH . -37.81 -59.35 13.32
CGA BCL SH . -38.40 -59.83 12.04
O1A BCL SH . -37.77 -60.10 11.07
O2A BCL SH . -39.70 -60.08 12.05
NB BCL SH . -43.74 -55.46 15.79
C1B BCL SH . -43.80 -55.96 14.49
C2B BCL SH . -45.11 -55.84 14.00
C3B BCL SH . -45.89 -55.23 15.00
C4B BCL SH . -44.99 -55.03 16.11
CMB BCL SH . -45.50 -56.33 12.62
CAB BCL SH . -47.30 -54.81 15.03
OBB BCL SH . -47.90 -54.55 16.09
CBB BCL SH . -48.14 -54.67 13.79
NC BCL SH . -43.07 -54.06 18.31
C1C BCL SH . -44.43 -53.95 18.37
C2C BCL SH . -44.91 -53.24 19.58
C3C BCL SH . -43.65 -53.12 20.43
C4C BCL SH . -42.56 -53.46 19.44
CMC BCL SH . -45.59 -51.92 19.27
CAC BCL SH . -43.72 -54.04 21.69
CBC BCL SH . -42.65 -53.76 22.73
ND BCL SH . -40.35 -54.71 17.84
C1D BCL SH . -40.12 -53.97 19.00
C2D BCL SH . -38.74 -53.91 19.30
C3D BCL SH . -38.12 -54.66 18.30
C4D BCL SH . -39.12 -55.13 17.45
CMD BCL SH . -38.13 -53.18 20.45
CAD BCL SH . -36.90 -55.16 17.81
OBD BCL SH . -35.74 -55.01 18.23
CBD BCL SH . -37.18 -56.01 16.55
CGD BCL SH . -36.36 -55.54 15.44
O1D BCL SH . -36.32 -54.40 15.02
O2D BCL SH . -35.62 -56.49 14.88
CED BCL SH . -34.85 -56.14 13.70
C1 BCL SH . -40.38 -60.68 10.88
C2 BCL SH . -40.47 -59.64 9.75
C3 BCL SH . -40.07 -59.90 8.51
C4 BCL SH . -39.45 -61.22 8.07
C5 BCL SH . -40.20 -58.84 7.39
C6 BCL SH . -41.29 -59.06 6.31
C7 BCL SH . -40.89 -60.02 5.18
C8 BCL SH . -41.79 -60.12 3.96
C9 BCL SH . -43.26 -60.37 4.36
C10 BCL SH . -41.30 -61.27 3.05
C11 BCL SH . -41.96 -61.44 1.68
C12 BCL SH . -41.11 -62.19 0.65
C13 BCL SH . -41.33 -63.72 0.49
C14 BCL SH . -41.39 -64.50 1.81
C15 BCL SH . -40.18 -64.28 -0.37
C16 BCL SH . -40.40 -65.64 -1.05
C17 BCL SH . -39.21 -66.08 -1.93
C18 BCL SH . -39.42 -67.33 -2.77
C19 BCL SH . -39.82 -68.47 -1.81
C20 BCL SH . -38.18 -67.74 -3.58
C1 V7N TH . -49.29 -42.05 -0.79
C10 V7N TH . -45.95 -50.69 -4.67
C11 V7N TH . -45.27 -51.72 -5.33
C12 V7N TH . -44.74 -52.81 -4.63
C13 V7N TH . -43.99 -53.88 -5.16
C14 V7N TH . -43.71 -55.00 -4.36
C15 V7N TH . -42.88 -56.03 -4.81
C16 V7N TH . -42.23 -56.90 -3.93
C17 V7N TH . -41.30 -57.85 -4.35
C18 V7N TH . -40.56 -58.68 -3.50
C19 V7N TH . -39.58 -59.52 -4.06
C2 V7N TH . -50.00 -43.38 -1.10
C20 V7N TH . -38.81 -60.47 -3.41
C21 V7N TH . -37.80 -61.17 -4.11
C22 V7N TH . -36.95 -62.11 -3.56
C23 V7N TH . -35.87 -62.70 -4.40
C24 V7N TH . -36.26 -63.84 -5.31
C25 V7N TH . -35.25 -64.06 -6.37
C26 V7N TH . -33.98 -64.51 -6.22
C27 V7N TH . -33.09 -64.69 -7.40
C28 V7N TH . -32.59 -66.13 -7.46
C29 V7N TH . -32.12 -66.64 -8.77
C3 V7N TH . -49.25 -44.33 -1.94
C30 V7N TH . -47.82 -42.32 -0.46
C31 V7N TH . -49.42 -41.08 -1.95
C33 V7N TH . -49.00 -45.08 -5.65
C34 V7N TH . -46.96 -49.53 -6.67
C35 V7N TH . -43.45 -53.83 -6.54
C36 V7N TH . -40.76 -58.60 -2.04
C37 V7N TH . -37.05 -62.55 -2.16
C38 V7N TH . -33.37 -64.88 -4.92
C39 V7N TH . -31.00 -66.23 -9.43
C4 V7N TH . -49.52 -44.46 -3.27
C40 V7N TH . -30.63 -66.85 -10.72
C41 V7N TH . -49.35 -40.65 1.19
C43 V7N TH . -30.06 -65.19 -8.96
C5 V7N TH . -48.92 -45.36 -4.20
C6 V7N TH . -48.27 -46.52 -3.77
C7 V7N TH . -47.71 -47.42 -4.69
C8 V7N TH . -47.27 -48.70 -4.34
C9 V7N TH . -46.71 -49.64 -5.22
O32 V7N TH . -50.00 -41.59 0.38
O42 V7N TH . -46.45 -50.20 -7.58
O44 V7N TH . -31.39 -67.86 -11.14
O45 V7N TH . -29.69 -66.53 -11.45
C1B LMT UH . -60.37 -54.20 21.82
C2B LMT UH . -60.40 -53.21 23.02
C3B LMT UH . -59.72 -53.79 24.27
C4B LMT UH . -60.21 -55.23 24.57
C5B LMT UH . -60.02 -56.04 23.28
C6B LMT UH . -60.42 -57.49 23.49
O1B LMT UH . -59.12 -54.20 21.19
O2B LMT UH . -59.78 -52.06 22.61
O3B LMT UH . -59.88 -52.96 25.36
O4' LMT UH . -59.49 -55.80 25.58
O5B LMT UH . -60.76 -55.50 22.20
O6B LMT UH . -60.51 -58.14 22.28
C1' LMT UH . -57.54 -55.40 17.50
C2' LMT UH . -59.05 -55.09 17.53
C3' LMT UH . -59.41 -54.26 18.78
C4' LMT UH . -58.95 -55.03 20.05
C5' LMT UH . -57.45 -55.31 19.83
C6' LMT UH . -56.76 -55.92 21.02
O1' LMT UH . -57.29 -56.22 16.43
O2' LMT UH . -59.39 -54.37 16.41
O3' LMT UH . -60.75 -54.02 18.81
O5' LMT UH . -57.22 -56.11 18.69
O6' LMT UH . -57.21 -57.22 21.08
C1 LMT UH . -55.97 -56.65 16.19
C2 LMT UH . -55.43 -55.84 15.02
C3 LMT UH . -54.76 -54.55 15.35
C4 LMT UH . -54.33 -53.80 14.12
C5 LMT UH . -53.20 -54.43 13.34
C6 LMT UH . -52.72 -53.45 12.30
C7 LMT UH . -52.11 -54.10 11.10
C8 LMT UH . -50.77 -54.69 11.39
C9 LMT UH . -50.22 -55.40 10.19
C10 LMT UH . -48.80 -55.86 10.43
C11 LMT UH . -48.31 -56.67 9.27
C12 LMT UH . -46.91 -57.12 9.43
C1B LMT VH . -68.32 -60.75 5.64
C2B LMT VH . -68.31 -62.29 5.77
C3B LMT VH . -68.37 -62.96 4.39
C4B LMT VH . -69.55 -62.40 3.56
C5B LMT VH . -69.40 -60.86 3.54
C6B LMT VH . -70.53 -60.26 2.72
O1B LMT VH . -67.10 -60.30 5.14
O2B LMT VH . -67.15 -62.63 6.44
O3B LMT VH . -68.42 -64.33 4.49
O4' LMT VH . -69.51 -62.88 2.28
O5B LMT VH . -69.39 -60.32 4.84
O6B LMT VH . -70.65 -58.92 3.00
C1' LMT VH . -64.45 -57.12 5.52
C2' LMT VH . -65.20 -57.51 6.81
C3' LMT VH . -65.89 -58.89 6.66
C4' LMT VH . -66.75 -58.94 5.39
C5' LMT VH . -65.84 -58.46 4.24
C6' LMT VH . -66.50 -58.54 2.87
O1' LMT VH . -64.04 -55.82 5.68
O2' LMT VH . -64.31 -57.57 7.86
O3' LMT VH . -66.65 -59.16 7.75
O5' LMT VH . -65.37 -57.15 4.45
O6' LMT VH . -65.93 -57.56 2.09
C1 LMT VH . -63.58 -55.10 4.54
C2 LMT VH . -62.11 -55.37 4.29
C3 LMT VH . -61.48 -54.34 3.40
C4 LMT VH . -60.00 -54.55 3.16
C5 LMT VH . -59.51 -53.45 2.26
C6 LMT VH . -58.04 -53.45 1.97
C7 LMT VH . -57.77 -52.52 0.81
C8 LMT VH . -56.30 -52.37 0.54
C9 LMT VH . -55.59 -53.61 0.10
C10 LMT VH . -54.22 -53.18 -0.39
C11 LMT VH . -53.42 -54.31 -0.96
C12 LMT VH . -52.73 -55.10 0.09
C1B LMT WH . -69.96 -55.78 3.14
C2B LMT WH . -71.11 -55.61 2.12
C3B LMT WH . -72.11 -54.53 2.59
C4B LMT WH . -72.56 -54.79 4.05
C5B LMT WH . -71.30 -55.01 4.90
C6B LMT WH . -71.68 -55.29 6.35
O1B LMT WH . -69.18 -54.62 3.17
O2B LMT WH . -70.57 -55.29 0.90
O3B LMT WH . -73.17 -54.41 1.72
O4' LMT WH . -73.27 -53.73 4.53
O5B LMT WH . -70.48 -56.04 4.41
O6B LMT WH . -70.54 -55.42 7.11
C1' LMT WH . -65.78 -52.92 1.89
C2' LMT WH . -66.11 -54.18 1.09
C3' LMT WH . -67.55 -54.63 1.44
C4' LMT WH . -67.78 -54.75 2.96
C5' LMT WH . -67.09 -53.57 3.70
C6' LMT WH . -67.04 -53.72 5.20
O1' LMT WH . -64.54 -52.46 1.56
O2' LMT WH . -66.06 -53.86 -0.25
O3' LMT WH . -67.83 -55.82 0.83
O5' LMT WH . -65.78 -53.31 3.24
O6' LMT WH . -68.32 -53.98 5.61
C1 LMT WH . -64.24 -51.16 2.00
C2 LMT WH . -62.82 -50.88 1.57
C3 LMT WH . -62.55 -50.96 0.09
C4 LMT WH . -61.43 -49.98 -0.22
C5 LMT WH . -60.94 -50.13 -1.63
C6 LMT WH . -59.82 -51.13 -1.76
C7 LMT WH . -59.42 -51.29 -3.19
C8 LMT WH . -58.22 -52.19 -3.28
C9 LMT WH . -57.70 -52.41 -4.68
C10 LMT WH . -56.36 -53.09 -4.58
C11 LMT WH . -55.75 -53.28 -5.93
C12 LMT WH . -54.34 -53.77 -5.84
C1B LMT XH . -70.30 -47.82 5.34
C2B LMT XH . -70.59 -47.08 6.68
C3B LMT XH . -70.10 -47.88 7.92
C4B LMT XH . -70.54 -49.35 7.81
C5B LMT XH . -70.02 -49.88 6.48
C6B LMT XH . -70.28 -51.38 6.36
O1B LMT XH . -68.97 -47.62 4.91
O2B LMT XH . -69.98 -45.85 6.63
O3B LMT XH . -70.49 -47.29 9.09
O4' LMT XH . -70.01 -50.09 8.85
O5B LMT XH . -70.60 -49.19 5.40
O6B LMT XH . -69.78 -51.85 5.17
C1' LMT XH . -66.92 -46.95 1.37
C2' LMT XH . -68.24 -46.18 1.51
C3' LMT XH . -68.65 -46.18 3.00
C4' LMT XH . -68.77 -47.63 3.51
C5' LMT XH . -67.42 -48.32 3.17
C6' LMT XH . -67.35 -49.75 3.65
O1' LMT XH . -66.50 -46.94 0.06
O2' LMT XH . -68.07 -44.90 1.10
O3' LMT XH . -69.82 -45.51 3.19
O5' LMT XH . -67.14 -48.29 1.79
O6' LMT XH . -68.34 -50.42 2.97
C1 LMT XH . -65.48 -47.87 -0.29
C2 LMT XH . -64.63 -47.19 -1.33
C3 LMT XH . -63.67 -46.17 -0.79
C4 LMT XH . -63.00 -45.35 -1.87
C5 LMT XH . -61.97 -46.08 -2.68
C6 LMT XH . -61.13 -45.08 -3.42
C7 LMT XH . -60.42 -45.64 -4.62
C8 LMT XH . -59.28 -46.54 -4.24
C9 LMT XH . -58.64 -47.14 -5.44
C10 LMT XH . -57.43 -47.96 -5.05
C11 LMT XH . -56.88 -48.65 -6.25
C12 LMT XH . -55.64 -49.43 -5.96
MG BCL YH . -51.83 -49.68 2.34
CHA BCL YH . -48.55 -50.67 2.03
CHB BCL YH . -52.24 -50.32 -0.99
CHC BCL YH . -54.89 -48.26 2.48
CHD BCL YH . -51.04 -48.16 5.37
NA BCL YH . -50.53 -50.37 0.74
C1A BCL YH . -49.24 -50.85 0.86
C2A BCL YH . -48.84 -51.67 -0.32
C3A BCL YH . -49.94 -51.36 -1.34
C4A BCL YH . -50.99 -50.68 -0.52
CMA BCL YH . -49.46 -50.45 -2.46
CAA BCL YH . -48.75 -53.16 0.05
CBA BCL YH . -48.85 -54.21 -1.05
CGA BCL YH . -47.98 -54.00 -2.24
O1A BCL YH . -47.05 -53.27 -2.31
O2A BCL YH . -48.34 -54.78 -3.21
NB BCL YH . -53.33 -49.33 0.97
C1B BCL YH . -53.31 -49.66 -0.39
C2B BCL YH . -54.51 -49.27 -1.00
C3B BCL YH . -55.32 -48.64 -0.03
C4B BCL YH . -54.54 -48.73 1.21
CMB BCL YH . -54.77 -49.53 -2.48
CAB BCL YH . -56.63 -48.00 -0.10
OBB BCL YH . -57.33 -47.79 0.90
CBB BCL YH . -57.23 -47.55 -1.42
NC BCL YH . -52.79 -48.36 3.71
C1C BCL YH . -54.11 -48.03 3.64
C2C BCL YH . -54.64 -47.38 4.86
C3C BCL YH . -53.43 -47.41 5.81
C4C BCL YH . -52.33 -47.98 4.95
CMC BCL YH . -55.16 -45.98 4.60
CAC BCL YH . -53.67 -48.22 7.12
CBC BCL YH . -53.66 -49.71 6.92
ND BCL YH . -50.17 -49.37 3.46
C1D BCL YH . -49.98 -48.87 4.75
C2D BCL YH . -48.70 -49.20 5.24
C3D BCL YH . -48.08 -49.90 4.22
C4D BCL YH . -48.99 -49.99 3.17
CMD BCL YH . -48.17 -48.83 6.61
CAD BCL YH . -46.90 -50.57 3.81
OBD BCL YH . -45.81 -50.72 4.38
CBD BCL YH . -47.15 -51.15 2.39
CGD BCL YH . -46.09 -50.74 1.45
O1D BCL YH . -45.87 -49.59 1.12
O2D BCL YH . -45.40 -51.75 0.96
CED BCL YH . -44.44 -51.44 -0.09
C1 BCL YH . -47.70 -54.71 -4.52
C2 BCL YH . -48.37 -53.60 -5.32
C3 BCL YH . -49.67 -53.38 -5.51
C4 BCL YH . -50.81 -54.19 -4.93
C5 BCL YH . -50.14 -52.27 -6.44
C6 BCL YH . -49.74 -52.51 -7.91
C7 BCL YH . -50.43 -51.59 -8.91
C8 BCL YH . -49.97 -51.92 -10.33
C9 BCL YH . -48.59 -51.28 -10.60
C10 BCL YH . -50.98 -51.43 -11.38
C11 BCL YH . -51.55 -52.53 -12.29
C12 BCL YH . -50.46 -53.21 -13.15
C13 BCL YH . -51.02 -54.13 -14.24
C14 BCL YH . -51.95 -55.22 -13.69
C15 BCL YH . -49.82 -54.81 -14.94
C16 BCL YH . -50.06 -55.90 -15.99
C17 BCL YH . -48.78 -56.41 -16.65
C18 BCL YH . -48.96 -57.47 -17.72
C19 BCL YH . -49.39 -58.77 -17.02
C20 BCL YH . -47.70 -57.72 -18.57
C1 V7N ZH . -54.29 -32.11 -13.86
C10 V7N ZH . -51.68 -41.14 -18.56
C11 V7N ZH . -51.27 -42.23 -19.35
C12 V7N ZH . -51.03 -43.49 -18.79
C13 V7N ZH . -50.56 -44.63 -19.48
C14 V7N ZH . -50.16 -45.75 -18.70
C15 V7N ZH . -49.59 -46.91 -19.23
C16 V7N ZH . -49.05 -47.92 -18.42
C17 V7N ZH . -48.42 -49.05 -18.95
C18 V7N ZH . -47.86 -50.13 -18.21
C19 V7N ZH . -47.20 -51.16 -18.92
C2 V7N ZH . -55.20 -33.28 -14.28
C20 V7N ZH . -46.50 -52.23 -18.39
C21 V7N ZH . -45.87 -53.21 -19.22
C22 V7N ZH . -45.29 -54.38 -18.75
C23 V7N ZH . -44.65 -55.34 -19.69
C24 V7N ZH . -43.20 -55.65 -19.38
C25 V7N ZH . -42.61 -56.51 -20.44
C26 V7N ZH . -42.05 -56.09 -21.59
C27 V7N ZH . -41.53 -57.07 -22.58
C28 V7N ZH . -40.02 -57.18 -22.67
C29 V7N ZH . -39.64 -58.19 -23.69
C3 V7N ZH . -54.92 -33.88 -15.61
C30 V7N ZH . -52.90 -32.64 -13.51
C31 V7N ZH . -54.18 -31.10 -14.99
C33 V7N ZH . -54.02 -34.89 -18.33
C34 V7N ZH . -52.09 -39.43 -20.39
C35 V7N ZH . -50.43 -44.67 -20.95
C36 V7N ZH . -47.96 -50.15 -16.73
C37 V7N ZH . -45.27 -54.73 -17.31
C38 V7N ZH . -41.91 -54.66 -21.92
C39 V7N ZH . -38.45 -58.23 -24.33
C4 V7N ZH . -54.10 -34.95 -15.79
C40 V7N ZH . -38.19 -59.28 -25.35
C41 V7N ZH . -55.15 -32.42 -11.61
C43 V7N ZH . -37.36 -57.25 -24.10
C5 V7N ZH . -53.84 -35.60 -17.04
C6 V7N ZH . -53.40 -36.93 -17.00
C7 V7N ZH . -53.12 -37.74 -18.11
C8 V7N ZH . -52.39 -38.91 -17.95
C9 V7N ZH . -52.04 -39.83 -18.96
O32 V7N ZH . -54.93 -31.55 -12.71
O42 V7N ZH . -52.02 -40.17 -21.37
O44 V7N ZH . -36.98 -59.28 -25.91
O45 V7N ZH . -38.98 -60.15 -25.73
C1B LMT AI . -76.23 -43.82 -12.25
C2B LMT AI . -76.73 -45.10 -12.95
C3B LMT AI . -78.23 -45.03 -13.28
C4B LMT AI . -79.03 -44.62 -12.04
C5B LMT AI . -78.43 -43.31 -11.52
C6B LMT AI . -79.21 -42.81 -10.30
O1B LMT AI . -76.10 -42.76 -13.14
O2B LMT AI . -75.97 -45.30 -14.09
O3B LMT AI . -78.68 -46.20 -13.84
O4' LMT AI . -80.36 -44.44 -12.34
O5B LMT AI . -77.07 -43.45 -11.18
O6B LMT AI . -78.48 -41.86 -9.63
C1' LMT AI . -72.99 -40.46 -14.77
C2' LMT AI . -73.49 -41.64 -15.62
C3' LMT AI . -74.86 -42.16 -15.10
C4' LMT AI . -74.80 -42.43 -13.59
C5' LMT AI . -74.29 -41.11 -12.95
C6' LMT AI . -74.28 -41.09 -11.44
O1' LMT AI . -71.69 -40.15 -15.10
O2' LMT AI . -73.65 -41.20 -16.92
O3' LMT AI . -75.23 -43.29 -15.76
O5' LMT AI . -72.98 -40.84 -13.40
O6' LMT AI . -75.57 -40.92 -11.03
C1 LMT AI . -71.17 -38.98 -14.52
C2 LMT AI . -69.67 -39.18 -14.43
C3 LMT AI . -68.89 -39.12 -15.71
C4 LMT AI . -67.42 -39.07 -15.36
C5 LMT AI . -66.57 -38.66 -16.53
C6 LMT AI . -66.50 -39.71 -17.60
C7 LMT AI . -65.46 -39.35 -18.63
C8 LMT AI . -65.46 -40.38 -19.72
C9 LMT AI . -64.59 -40.02 -20.90
C10 LMT AI . -64.80 -41.08 -21.97
C11 LMT AI . -63.93 -40.83 -23.17
C12 LMT AI . -64.11 -41.87 -24.22
C1B LMT BI . -75.63 -49.11 -10.64
C2B LMT BI . -75.55 -50.46 -11.38
C3B LMT BI . -76.46 -50.41 -12.62
C4B LMT BI . -77.91 -50.06 -12.20
C5B LMT BI . -77.88 -48.82 -11.27
C6B LMT BI . -79.27 -48.57 -10.71
O1B LMT BI . -75.22 -48.04 -11.46
O2B LMT BI . -74.24 -50.73 -11.74
O3B LMT BI . -76.39 -51.58 -13.34
O4' LMT BI . -78.67 -49.77 -13.32
O5B LMT BI . -76.94 -48.91 -10.22
O6B LMT BI . -80.17 -48.32 -11.72
C1' LMT BI . -71.79 -45.90 -12.59
C2' LMT BI . -72.00 -47.28 -13.25
C3' LMT BI . -73.47 -47.77 -13.05
C4' LMT BI . -73.85 -47.73 -11.57
C5' LMT BI . -73.58 -46.26 -11.13
C6' LMT BI . -74.09 -45.93 -9.75
O1' LMT BI . -70.44 -45.62 -12.61
O2' LMT BI . -71.75 -47.17 -14.60
O3' LMT BI . -73.62 -49.02 -13.55
O5' LMT BI . -72.21 -45.96 -11.22
O6' LMT BI . -74.08 -44.56 -9.65
C1 LMT BI . -70.08 -44.24 -12.61
C2 LMT BI . -68.57 -44.22 -12.53
C3 LMT BI . -67.89 -42.97 -13.02
C4 LMT BI . -66.40 -43.19 -13.10
C5 LMT BI . -65.75 -42.10 -13.90
C6 LMT BI . -64.27 -42.30 -14.09
C7 LMT BI . -63.79 -41.41 -15.22
C8 LMT BI . -62.31 -41.56 -15.39
C9 LMT BI . -61.83 -42.93 -15.71
C10 LMT BI . -60.39 -42.83 -16.13
C11 LMT BI . -59.84 -44.13 -16.60
C12 LMT BI . -59.52 -45.05 -15.47
MG BCL CI . -58.49 -39.99 -12.22
CHA BCL CI . -55.40 -41.46 -12.26
CHB BCL CI . -58.42 -39.94 -15.63
CHC BCL CI . -61.33 -38.19 -12.20
CHD BCL CI . -57.97 -39.07 -8.88
NA BCL CI . -57.06 -40.61 -13.73
C1A BCL CI . -55.88 -41.31 -13.54
C2A BCL CI . -55.42 -41.97 -14.79
C3A BCL CI . -56.26 -41.27 -15.87
C4A BCL CI . -57.33 -40.57 -15.08
CMA BCL CI . -55.44 -40.27 -16.68
CAA BCL CI . -55.63 -43.49 -14.74
CBA BCL CI . -55.84 -44.28 -16.05
CGA BCL CI . -54.86 -44.01 -17.13
O1A BCL CI . -53.72 -43.71 -16.97
O2A BCL CI . -55.40 -44.02 -18.33
NB BCL CI . -59.71 -39.18 -13.68
C1B BCL CI . -59.49 -39.24 -15.04
C2B BCL CI . -60.49 -38.52 -15.73
C3B BCL CI . -61.36 -37.98 -14.75
C4B BCL CI . -60.84 -38.45 -13.49
CMB BCL CI . -60.55 -38.44 -17.25
CAB BCL CI . -62.51 -37.10 -14.86
OBB BCL CI . -63.40 -37.07 -13.99
CBB BCL CI . -62.71 -36.15 -16.00
NC BCL CI . -59.48 -38.77 -10.75
C1C BCL CI . -60.71 -38.25 -10.94
C2C BCL CI . -61.29 -37.65 -9.71
C3C BCL CI . -60.37 -38.21 -8.61
C4C BCL CI . -59.17 -38.66 -9.42
CMC BCL CI . -61.33 -36.13 -9.75
CAC BCL CI . -61.05 -39.31 -7.78
CBC BCL CI . -60.31 -39.70 -6.51
ND BCL CI . -57.00 -40.14 -10.85
C1D BCL CI . -56.94 -39.84 -9.48
C2D BCL CI . -55.78 -40.41 -8.90
C3D BCL CI . -55.13 -41.06 -9.94
C4D BCL CI . -55.88 -40.88 -11.09
CMD BCL CI . -55.38 -40.29 -7.45
CAD BCL CI . -54.00 -41.84 -10.31
OBD BCL CI . -53.04 -42.24 -9.63
CBD BCL CI . -54.13 -42.18 -11.82
CGD BCL CI . -52.90 -41.81 -12.55
O1D BCL CI . -52.44 -40.69 -12.60
O2D BCL CI . -52.32 -42.82 -13.15
CED BCL CI . -51.22 -42.50 -14.05
C1 BCL CI . -54.62 -43.57 -19.47
C2 BCL CI . -55.55 -43.63 -20.69
C3 BCL CI . -56.68 -42.96 -20.84
C4 BCL CI . -57.28 -41.98 -19.83
C5 BCL CI . -57.52 -43.13 -22.11
C6 BCL CI . -56.82 -42.77 -23.43
C7 BCL CI . -56.40 -41.30 -23.48
C8 BCL CI . -55.46 -40.92 -24.64
C9 BCL CI . -54.73 -39.60 -24.32
C10 BCL CI . -56.18 -40.80 -26.00
C11 BCL CI . -55.89 -41.91 -27.02
C12 BCL CI . -56.13 -41.43 -28.45
C13 BCL CI . -56.09 -42.51 -29.56
C14 BCL CI . -57.09 -43.64 -29.32
C15 BCL CI . -54.67 -43.14 -29.74
C16 BCL CI . -54.55 -44.07 -30.95
C17 BCL CI . -53.13 -44.39 -31.46
C18 BCL CI . -53.06 -45.11 -32.80
C19 BCL CI . -53.44 -46.58 -32.56
C20 BCL CI . -51.69 -45.04 -33.47
C1 V7N DI . -56.35 -20.44 -25.59
C10 V7N DI . -54.01 -28.86 -31.22
C11 V7N DI . -53.50 -29.87 -32.03
C12 V7N DI . -53.43 -31.18 -31.55
C13 V7N DI . -52.91 -32.31 -32.23
C14 V7N DI . -53.10 -33.59 -31.69
C15 V7N DI . -52.56 -34.74 -32.29
C16 V7N DI . -52.41 -35.96 -31.62
C17 V7N DI . -51.83 -37.05 -32.26
C18 V7N DI . -51.56 -38.30 -31.68
C19 V7N DI . -50.93 -39.27 -32.48
C2 V7N DI . -57.36 -21.31 -26.36
C20 V7N DI . -50.43 -40.50 -32.09
C21 V7N DI . -49.79 -41.34 -33.03
C22 V7N DI . -49.16 -42.54 -32.74
C23 V7N DI . -48.53 -43.32 -33.83
C24 V7N DI . -47.04 -43.03 -33.96
C25 V7N DI . -46.41 -43.71 -35.12
C26 V7N DI . -46.33 -45.05 -35.37
C27 V7N DI . -45.69 -45.58 -36.61
C28 V7N DI . -44.29 -46.12 -36.41
C29 V7N DI . -43.81 -46.71 -37.67
C3 V7N DI . -56.92 -21.70 -27.72
C30 V7N DI . -55.14 -21.27 -25.19
C31 V7N DI . -55.91 -19.27 -26.45
C33 V7N DI . -55.72 -22.45 -30.42
C34 V7N DI . -54.39 -27.05 -32.96
C35 V7N DI . -52.13 -32.16 -33.49
C36 V7N DI . -51.91 -38.54 -30.26
C37 V7N DI . -49.08 -43.09 -31.37
C38 V7N DI . -46.81 -46.09 -34.44
C39 V7N DI . -42.55 -46.65 -38.13
C4 V7N DI . -56.31 -22.89 -27.99
C40 V7N DI . -42.19 -47.27 -39.42
C41 V7N DI . -57.53 -20.98 -23.54
C43 V7N DI . -41.45 -45.97 -37.40
C5 V7N DI . -55.86 -23.35 -29.27
C6 V7N DI . -55.55 -24.72 -29.39
C7 V7N DI . -55.10 -25.36 -30.55
C8 V7N DI . -54.88 -26.74 -30.51
C9 V7N DI . -54.43 -27.55 -31.57
O32 V7N DI . -57.07 -19.98 -24.43
O42 V7N DI . -53.99 -27.66 -33.96
O44 V7N DI . -43.18 -47.90 -40.06
O45 V7N DI . -41.09 -47.28 -39.98
C1B LMT EI . -77.09 -35.01 -10.84
C2B LMT EI . -77.43 -34.69 -9.37
C3B LMT EI . -76.98 -35.83 -8.45
C4B LMT EI . -77.54 -37.18 -8.93
C5B LMT EI . -77.18 -37.36 -10.42
C6B LMT EI . -77.79 -38.65 -10.94
O1B LMT EI . -75.71 -34.92 -11.06
O2B LMT EI . -76.80 -33.51 -9.05
O3B LMT EI . -77.31 -35.57 -7.14
O4' LMT EI . -77.01 -38.22 -8.20
O5B LMT EI . -77.58 -36.27 -11.22
O6B LMT EI . -77.23 -39.00 -12.15
C1' LMT EI . -73.05 -34.35 -14.22
C2' LMT EI . -74.43 -33.67 -14.39
C3' LMT EI . -75.16 -33.61 -13.02
C4' LMT EI . -75.24 -35.01 -12.39
C5' LMT EI . -73.79 -35.53 -12.37
C6' LMT EI . -73.62 -36.85 -11.66
O1' LMT EI . -72.44 -34.54 -15.43
O2' LMT EI . -74.23 -32.39 -14.83
O3' LMT EI . -76.40 -33.08 -13.18
O5' LMT EI . -73.27 -35.65 -13.67
O6' LMT EI . -74.07 -37.81 -12.54
C1 LMT EI . -71.06 -34.82 -15.36
C2 LMT EI . -70.65 -35.34 -16.71
C3 LMT EI . -69.19 -35.61 -16.91
C4 LMT EI . -68.40 -34.34 -17.11
C5 LMT EI . -67.02 -34.66 -17.62
C6 LMT EI . -66.26 -33.45 -18.06
C7 LMT EI . -65.36 -33.76 -19.24
C8 LMT EI . -64.38 -34.84 -18.89
C9 LMT EI . -63.54 -35.30 -20.04
C10 LMT EI . -62.53 -36.29 -19.54
C11 LMT EI . -61.48 -36.62 -20.57
C12 LMT EI . -61.78 -37.86 -21.33
C1B LMT FI . -80.02 -29.06 -30.02
C2B LMT FI . -80.14 -29.90 -31.33
C3B LMT FI . -81.42 -29.55 -32.13
C4B LMT FI . -82.65 -29.48 -31.21
C5B LMT FI . -82.30 -28.50 -30.08
C6B LMT FI . -83.50 -28.27 -29.19
O1B LMT FI . -79.50 -27.79 -30.29
O2B LMT FI . -79.01 -29.65 -32.08
O3B LMT FI . -81.60 -30.44 -33.17
O4' LMT FI . -83.74 -29.02 -31.91
O5B LMT FI . -81.23 -28.97 -29.32
O6B LMT FI . -83.16 -27.46 -28.13
C1' LMT FI . -76.09 -25.64 -29.20
C2' LMT FI . -75.94 -27.16 -29.24
C3' LMT FI . -77.10 -27.76 -30.08
C4' LMT FI . -78.44 -27.36 -29.44
C5' LMT FI . -78.44 -25.81 -29.34
C6' LMT FI . -79.70 -25.22 -28.77
O1' LMT FI . -75.12 -25.13 -28.39
O2' LMT FI . -74.76 -27.47 -29.84
O3' LMT FI . -76.97 -29.11 -30.16
O5' LMT FI . -77.35 -25.33 -28.58
O6' LMT FI . -80.76 -25.67 -29.52
C1 LMT FI . -74.41 -24.00 -28.88
C2 LMT FI . -73.46 -24.46 -29.95
C3 LMT FI . -71.99 -24.39 -29.63
C4 LMT FI . -71.22 -24.77 -30.88
C5 LMT FI . -69.74 -24.62 -30.70
C6 LMT FI . -69.00 -25.10 -31.92
C7 LMT FI . -67.52 -24.91 -31.80
C8 LMT FI . -66.83 -25.69 -32.88
C9 LMT FI . -67.10 -25.18 -34.26
C10 LMT FI . -66.29 -25.97 -35.25
C11 LMT FI . -66.46 -25.42 -36.63
C12 LMT FI . -65.75 -26.23 -37.66
MG BCL GI . -61.63 -27.57 -25.65
CHA BCL GI . -58.74 -29.44 -25.57
CHB BCL GI . -61.19 -27.19 -29.01
CHC BCL GI . -64.11 -25.29 -25.67
CHD BCL GI . -61.48 -27.26 -22.16
NA BCL GI . -60.13 -28.22 -27.07
C1A BCL GI . -59.11 -29.12 -26.85
C2A BCL GI . -58.59 -29.71 -28.12
C3A BCL GI . -59.24 -28.82 -29.19
C4A BCL GI . -60.27 -28.04 -28.43
CMA BCL GI . -58.23 -27.87 -29.83
CAA BCL GI . -58.92 -31.21 -28.29
CBA BCL GI . -58.81 -31.89 -29.68
CGA BCL GI . -57.56 -31.54 -30.42
O1A BCL GI . -56.57 -31.14 -29.92
O2A BCL GI . -57.66 -31.65 -31.70
NB BCL GI . -62.51 -26.39 -27.10
C1B BCL GI . -62.19 -26.38 -28.45
C2B BCL GI . -63.02 -25.48 -29.13
C3B BCL GI . -63.88 -24.90 -28.19
C4B BCL GI . -63.54 -25.52 -26.93
CMB BCL GI . -62.91 -25.27 -30.63
CAB BCL GI . -64.94 -23.89 -28.32
OBB BCL GI . -65.86 -23.79 -27.49
CBB BCL GI . -64.97 -22.89 -29.45
NC BCL GI . -62.61 -26.42 -24.13
C1C BCL GI . -63.72 -25.66 -24.37
C2C BCL GI . -64.41 -25.21 -23.14
C3C BCL GI . -63.73 -26.04 -22.05
C4C BCL GI . -62.51 -26.58 -22.77
CMC BCL GI . -64.32 -23.71 -22.93
CAC BCL GI . -64.68 -27.10 -21.44
CBC BCL GI . -64.16 -27.77 -20.19
ND BCL GI . -60.37 -28.13 -24.16
C1D BCL GI . -60.46 -28.06 -22.77
C2D BCL GI . -59.47 -28.87 -22.15
C3D BCL GI . -58.76 -29.43 -23.20
C4D BCL GI . -59.32 -28.98 -24.38
CMD BCL GI . -59.29 -29.04 -20.67
CAD BCL GI . -57.74 -30.34 -23.56
OBD BCL GI . -57.00 -31.04 -22.85
CBD BCL GI . -57.63 -30.37 -25.10
CGD BCL GI . -56.27 -30.00 -25.54
O1D BCL GI . -55.65 -29.03 -25.17
O2D BCL GI . -55.76 -30.85 -26.42
CED BCL GI . -54.46 -30.52 -26.98
C1 BCL GI . -56.75 -30.99 -32.61
C2 BCL GI . -57.59 -29.87 -33.14
C3 BCL GI . -58.55 -29.99 -34.00
C4 BCL GI . -58.92 -31.29 -34.70
C5 BCL GI . -59.50 -28.87 -34.35
C6 BCL GI . -60.68 -28.81 -33.39
C7 BCL GI . -61.82 -27.93 -33.85
C8 BCL GI . -62.61 -28.51 -35.03
C9 BCL GI . -62.59 -27.50 -36.20
C10 BCL GI . -64.06 -28.85 -34.66
C11 BCL GI . -64.19 -30.03 -33.72
C12 BCL GI . -63.72 -31.37 -34.31
C13 BCL GI . -64.64 -31.95 -35.40
C14 BCL GI . -65.38 -33.20 -34.90
C15 BCL GI . -63.88 -32.32 -36.69
C16 BCL GI . -63.09 -31.21 -37.37
C17 BCL GI . -62.67 -31.37 -38.84
C18 BCL GI . -62.01 -30.11 -39.39
C19 BCL GI . -61.70 -30.40 -40.86
C20 BCL GI . -60.74 -29.69 -38.64
C1B LMT HI . -80.58 -32.70 -28.34
C2B LMT HI . -81.45 -33.59 -27.42
C3B LMT HI . -81.53 -35.03 -27.99
C4B LMT HI . -81.95 -35.01 -29.48
C5B LMT HI . -81.03 -34.03 -30.22
C6B LMT HI . -81.42 -33.96 -31.69
O1B LMT HI . -79.26 -33.11 -28.28
O2B LMT HI . -80.88 -33.59 -26.18
O3B LMT HI . -82.35 -35.83 -27.22
O4' LMT HI . -81.84 -36.27 -30.03
O5B LMT HI . -81.05 -32.75 -29.66
O6B LMT HI . -80.62 -33.07 -32.36
C1' LMT HI . -75.45 -31.48 -27.92
C2' LMT HI . -76.51 -30.94 -26.93
C3' LMT HI . -77.74 -31.89 -26.90
C4' LMT HI . -78.27 -32.10 -28.33
C5' LMT HI . -77.06 -32.60 -29.16
C6' LMT HI . -77.42 -33.02 -30.56
O1' LMT HI . -74.39 -30.60 -28.02
O2' LMT HI . -75.97 -30.88 -25.68
O3' LMT HI . -78.72 -31.38 -26.10
O5' LMT HI . -76.05 -31.62 -29.19
O6' LMT HI . -76.25 -33.13 -31.26
C1 LMT HI . -73.17 -31.19 -28.42
C2 LMT HI . -72.23 -30.08 -28.83
C3 LMT HI . -71.78 -29.15 -27.74
C4 LMT HI . -70.69 -28.22 -28.21
C5 LMT HI . -69.34 -28.88 -28.21
C6 LMT HI . -68.27 -28.02 -28.83
C7 LMT HI . -66.98 -28.81 -28.94
C8 LMT HI . -65.99 -28.04 -29.75
C9 LMT HI . -64.94 -28.88 -30.43
C10 LMT HI . -64.16 -29.62 -29.38
C11 LMT HI . -62.96 -30.31 -29.97
C12 LMT HI . -63.27 -31.71 -30.40
C1B LMT II . -79.03 -19.63 -25.70
C2B LMT II . -79.36 -18.78 -24.45
C3B LMT II . -79.20 -19.60 -23.15
C4B LMT II . -79.95 -20.94 -23.26
C5B LMT II . -79.42 -21.65 -24.52
C6B LMT II . -80.06 -23.03 -24.65
O1B LMT II . -77.65 -19.75 -25.88
O2B LMT II . -78.51 -17.71 -24.45
O3B LMT II . -79.60 -18.89 -22.04
O4' LMT II . -79.72 -21.73 -22.15
O5B LMT II . -79.64 -20.89 -25.68
O6B LMT II . -79.71 -23.61 -25.84
C1' LMT II . -74.89 -19.73 -29.04
C2' LMT II . -76.06 -18.73 -29.13
C3' LMT II . -76.74 -18.55 -27.76
C4' LMT II . -77.17 -19.92 -27.20
C5' LMT II . -75.88 -20.76 -27.19
C6' LMT II . -76.03 -22.08 -26.47
O1' LMT II . -74.42 -19.96 -30.31
O2' LMT II . -75.59 -17.52 -29.56
O3' LMT II . -77.82 -17.72 -27.86
O5' LMT II . -75.39 -20.95 -28.50
O6' LMT II . -77.07 -22.73 -27.09
C1 LMT II . -73.46 -20.98 -30.52
C2 LMT II . -72.14 -20.31 -30.89
C3 LMT II . -71.25 -19.94 -29.76
C4 LMT II . -70.03 -19.15 -30.22
C5 LMT II . -68.98 -19.93 -30.95
C6 LMT II . -67.79 -19.05 -31.17
C7 LMT II . -66.90 -19.40 -32.34
C8 LMT II . -66.06 -20.61 -32.07
C9 LMT II . -65.26 -21.02 -33.29
C10 LMT II . -64.45 -22.24 -32.98
C11 LMT II . -63.75 -22.72 -34.22
C12 LMT II . -62.94 -23.96 -33.99
C1 V7N JI . -54.76 -7.00 -35.40
C10 V7N JI . -53.05 -14.60 -42.30
C11 V7N JI . -52.60 -15.54 -43.24
C12 V7N JI . -52.79 -16.91 -43.01
C13 V7N JI . -52.34 -17.97 -43.82
C14 V7N JI . -52.77 -19.28 -43.55
C15 V7N JI . -52.33 -20.41 -44.26
C16 V7N JI . -52.49 -21.71 -43.79
C17 V7N JI . -51.98 -22.81 -44.49
C18 V7N JI . -51.97 -24.14 -44.02
C19 V7N JI . -51.36 -25.14 -44.82
C2 V7N JI . -55.78 -7.48 -36.46
C20 V7N JI . -51.26 -26.49 -44.52
C21 V7N JI . -50.61 -27.41 -45.38
C22 V7N JI . -50.50 -28.76 -45.11
C23 V7N JI . -49.79 -29.68 -46.04
C24 V7N JI . -48.38 -30.03 -45.61
C25 V7N JI . -47.84 -31.08 -46.49
C26 V7N JI . -47.19 -30.88 -47.64
C27 V7N JI . -46.73 -32.03 -48.47
C28 V7N JI . -45.22 -32.14 -48.63
C29 V7N JI . -44.91 -32.95 -49.84
C3 V7N JI . -55.22 -7.75 -37.80
C30 V7N JI . -53.78 -8.10 -35.04
C31 V7N JI . -53.99 -5.80 -35.93
C33 V7N JI . -53.68 -8.24 -40.37
C34 V7N JI . -52.79 -12.47 -43.63
C35 V7N JI . -51.39 -17.74 -44.94
C36 V7N JI . -52.56 -24.45 -42.70
C37 V7N JI . -51.05 -29.36 -43.88
C38 V7N JI . -46.89 -29.52 -48.16
C39 V7N JI . -43.69 -33.07 -50.39
C4 V7N JI . -54.72 -8.96 -38.18
C40 V7N JI . -43.50 -33.88 -51.61
C41 V7N JI . -56.26 -7.69 -33.62
C43 V7N JI . -42.48 -32.40 -49.86
C5 V7N JI . -54.18 -9.29 -39.46
C6 V7N JI . -54.13 -10.63 -39.83
C7 V7N JI . -53.65 -11.14 -41.05
C8 V7N JI . -53.62 -12.52 -41.26
C9 V7N JI . -53.15 -13.20 -42.40
O32 V7N JI . -55.56 -6.64 -34.26
O42 V7N JI . -52.36 -12.95 -44.68
O44 V7N JI . -42.26 -33.91 -52.13
O45 V7N JI . -44.37 -34.54 -52.19
C1B LMT KI . -80.53 -12.57 -41.08
C2B LMT KI . -81.84 -13.10 -41.70
C3B LMT KI . -82.28 -12.23 -42.89
C4B LMT KI . -82.28 -10.72 -42.51
C5B LMT KI . -80.93 -10.39 -41.86
C6B LMT KI . -80.88 -8.92 -41.47
O1B LMT KI . -79.47 -12.76 -41.96
O2B LMT KI . -81.61 -14.39 -42.11
O3B LMT KI . -83.50 -12.63 -43.39
O4' LMT KI . -82.46 -9.94 -43.64
O5B LMT KI . -80.66 -11.22 -40.75
O6B LMT KI . -79.62 -8.58 -41.06
C1' LMT KI . -75.42 -13.69 -42.10
C2' LMT KI . -76.36 -14.90 -42.24
C3' LMT KI . -77.84 -14.43 -42.46
C4' LMT KI . -78.27 -13.35 -41.46
C5' LMT KI . -77.14 -12.28 -41.47
C6' LMT KI . -77.41 -11.06 -40.62
O1' LMT KI . -74.15 -14.06 -41.73
O2' LMT KI . -75.98 -15.63 -43.34
O3' LMT KI . -78.70 -15.49 -42.38
O5' LMT KI . -75.92 -12.85 -41.07
O6' LMT KI . -76.25 -10.33 -40.61
C1 LMT KI . -73.21 -13.00 -41.79
C2 LMT KI . -71.85 -13.52 -41.36
C3 LMT KI . -70.75 -12.49 -41.35
C4 LMT KI . -69.39 -13.12 -41.08
C5 LMT KI . -68.30 -12.10 -41.26
C6 LMT KI . -66.91 -12.67 -41.13
C7 LMT KI . -65.89 -11.69 -41.66
C8 LMT KI . -64.50 -12.24 -41.54
C9 LMT KI . -64.23 -13.52 -42.27
C10 LMT KI . -62.74 -13.75 -42.22
C11 LMT KI . -62.32 -14.95 -43.01
C12 LMT KI . -62.53 -16.23 -42.26
MG BCL LI . -61.08 -13.08 -37.33
CHA BCL LI . -58.64 -15.51 -37.25
CHB BCL LI . -59.98 -12.21 -40.43
CHC BCL LI . -63.07 -10.36 -37.22
CHD BCL LI . -61.49 -13.44 -33.88
NA BCL LI . -59.48 -13.77 -38.63
C1A BCL LI . -58.66 -14.86 -38.46
C2A BCL LI . -58.01 -15.30 -39.74
C3A BCL LI . -58.30 -14.10 -40.67
C4A BCL LI . -59.32 -13.30 -39.93
CMA BCL LI . -57.05 -13.28 -40.95
CAA BCL LI . -58.59 -16.64 -40.24
CBA BCL LI . -58.53 -16.96 -41.74
CGA BCL LI . -57.20 -16.70 -42.36
O1A BCL LI . -56.16 -17.09 -41.95
O2A BCL LI . -57.30 -15.90 -43.39
NB BCL LI . -61.45 -11.50 -38.61
C1B BCL LI . -60.92 -11.34 -39.88
C2B BCL LI . -61.47 -10.20 -40.50
C3B BCL LI . -62.37 -9.62 -39.59
C4B BCL LI . -62.35 -10.49 -38.42
CMB BCL LI . -61.08 -9.77 -41.90
CAB BCL LI . -63.19 -8.41 -39.67
OBB BCL LI . -64.26 -8.29 -39.05
CBB BCL LI . -62.78 -7.22 -40.49
NC BCL LI . -62.08 -12.03 -35.76
C1C BCL LI . -62.97 -11.02 -35.99
C2C BCL LI . -63.77 -10.66 -34.79
C3C BCL LI . -63.44 -11.78 -33.81
C4C BCL LI . -62.25 -12.45 -34.46
CMC BCL LI . -63.44 -9.26 -34.28
CAC BCL LI . -64.67 -12.71 -33.56
CBC BCL LI . -64.50 -13.69 -32.42
ND BCL LI . -60.24 -14.17 -35.84
C1D BCL LI . -60.54 -14.31 -34.48
C2D BCL LI . -59.79 -15.35 -33.90
C3D BCL LI . -59.01 -15.87 -34.94
C4D BCL LI . -59.32 -15.14 -36.08
CMD BCL LI . -59.84 -15.77 -32.45
CAD BCL LI . -58.06 -16.85 -35.31
OBD BCL LI . -57.48 -17.72 -34.62
CBD BCL LI . -57.77 -16.69 -36.82
CGD BCL LI . -56.33 -16.51 -37.06
O1D BCL LI . -55.63 -15.68 -36.54
O2D BCL LI . -55.83 -17.35 -37.95
CED BCL LI . -54.46 -17.14 -38.36
C1 BCL LI . -56.07 -15.43 -44.02
C2 BCL LI . -56.46 -14.17 -44.77
C3 BCL LI . -56.90 -14.13 -46.00
C4 BCL LI . -57.07 -15.36 -46.90
C5 BCL LI . -57.33 -12.82 -46.66
C6 BCL LI . -56.42 -12.27 -47.75
C7 BCL LI . -55.05 -11.84 -47.23
C8 BCL LI . -54.09 -11.36 -48.33
C9 BCL LI . -52.67 -11.12 -47.76
C10 BCL LI . -54.59 -10.08 -49.02
C11 BCL LI . -55.12 -10.28 -50.43
C12 BCL LI . -54.04 -10.72 -51.42
C13 BCL LI . -54.61 -11.36 -52.70
C14 BCL LI . -55.27 -12.71 -52.45
C15 BCL LI . -53.47 -11.56 -53.73
C16 BCL LI . -53.82 -12.38 -54.98
C17 BCL LI . -52.70 -12.51 -56.03
C18 BCL LI . -52.98 -13.57 -57.08
C19 BCL LI . -51.67 -13.70 -57.90
C20 BCL LI . -54.18 -13.26 -57.99
C1B LMT MI . -78.17 -9.99 -44.32
C2B LMT MI . -78.62 -11.27 -45.07
C3B LMT MI . -79.09 -10.95 -46.51
C4B LMT MI . -80.09 -9.77 -46.51
C5B LMT MI . -79.43 -8.61 -45.75
C6B LMT MI . -80.34 -7.38 -45.77
O1B LMT MI . -76.92 -9.56 -44.76
O2B LMT MI . -77.54 -12.13 -45.08
O3B LMT MI . -79.60 -12.07 -47.12
O4' LMT MI . -80.38 -9.38 -47.79
O5B LMT MI . -79.12 -8.97 -44.43
O6B LMT MI . -79.80 -6.39 -44.99
C1' LMT MI . -73.18 -8.60 -43.10
C2' LMT MI . -73.31 -10.01 -43.73
C3' LMT MI . -74.60 -10.12 -44.61
C4' LMT MI . -75.84 -9.61 -43.86
C5' LMT MI . -75.46 -8.19 -43.36
C6' LMT MI . -76.58 -7.43 -42.69
O1' LMT MI . -72.24 -8.61 -42.09
O2' LMT MI . -72.21 -10.24 -44.52
O3' LMT MI . -74.80 -11.40 -45.02
O5' LMT MI . -74.39 -8.26 -42.45
O6' LMT MI . -77.32 -6.84 -43.67
C1 LMT MI . -71.64 -7.36 -41.81
C2 LMT MI . -70.26 -7.35 -42.43
C3 LMT MI . -69.24 -8.17 -41.70
C4 LMT MI . -68.03 -8.50 -42.55
C5 LMT MI . -67.34 -7.28 -43.09
C6 LMT MI . -65.93 -7.57 -43.50
C7 LMT MI . -65.86 -8.67 -44.52
C8 LMT MI . -64.45 -8.98 -44.86
C9 LMT MI . -64.26 -10.33 -45.50
C10 LMT MI . -62.78 -10.61 -45.64
C11 LMT MI . -62.54 -12.01 -46.10
C12 LMT MI . -61.09 -12.33 -46.23
C1 V7N NI . -49.38 7.51 -41.94
C10 V7N NI . -48.23 0.90 -49.62
C11 V7N NI . -47.82 0.10 -50.69
C12 V7N NI . -48.16 -1.26 -50.77
C13 V7N NI . -47.80 -2.18 -51.76
C14 V7N NI . -48.44 -3.45 -51.78
C15 V7N NI . -48.11 -4.46 -52.69
C16 V7N NI . -48.49 -5.80 -52.48
C17 V7N NI . -48.10 -6.83 -53.35
C18 V7N NI . -48.31 -8.21 -53.12
C19 V7N NI . -47.80 -9.12 -54.06
C2 V7N NI . -50.32 6.97 -43.03
C20 V7N NI . -47.88 -10.51 -54.00
C21 V7N NI . -47.29 -11.31 -55.02
C22 V7N NI . -47.29 -12.69 -55.05
C23 V7N NI . -46.63 -13.41 -56.18
C24 V7N NI . -45.13 -13.53 -55.97
C25 V7N NI . -44.45 -14.11 -57.16
C26 V7N NI . -44.36 -15.42 -57.43
C27 V7N NI . -43.69 -15.93 -58.66
C28 V7N NI . -42.36 -16.61 -58.40
C29 V7N NI . -41.79 -17.12 -59.67
C3 V7N NI . -49.66 6.15 -44.07
C30 V7N NI . -48.57 6.36 -41.37
C31 V7N NI . -48.46 8.59 -42.48
C33 V7N NI . -47.70 6.91 -47.24
C34 V7N NI . -47.28 3.10 -50.40
C35 V7N NI . -46.75 -1.89 -52.77
C36 V7N NI . -49.04 -8.65 -51.91
C37 V7N NI . -47.93 -13.51 -54.00
C38 V7N NI . -44.90 -16.45 -56.51
C39 V7N NI . -40.48 -17.30 -59.91
C4 V7N NI . -49.19 6.71 -45.22
C40 V7N NI . -40.05 -17.83 -61.23
C41 V7N NI . -51.18 7.17 -40.34
C43 V7N NI . -39.41 -17.02 -58.94
C5 V7N NI . -48.54 6.10 -46.34
C6 V7N NI . -48.72 4.74 -46.63
C7 V7N NI . -48.13 4.15 -47.76
C8 V7N NI . -48.54 2.91 -48.26
C9 V7N NI . -48.01 2.29 -49.42
O32 V7N NI . -50.26 8.06 -40.94
O42 V7N NI . -46.69 2.72 -51.42
O44 V7N NI . -38.75 -18.11 -61.36
O45 V7N NI . -40.76 -18.02 -62.21
C1B LMT OI . -77.36 -3.06 -38.06
C2B LMT OI . -78.14 -3.67 -36.87
C3B LMT OI . -78.39 -5.18 -37.06
C4B LMT OI . -79.02 -5.44 -38.45
C5B LMT OI . -78.09 -4.81 -39.49
C6B LMT OI . -78.61 -5.08 -40.90
O1B LMT OI . -76.00 -3.38 -38.00
O2B LMT OI . -77.39 -3.44 -35.73
O3B LMT OI . -79.15 -5.70 -36.05
O4' LMT OI . -79.14 -6.80 -38.68
O5B LMT OI . -77.92 -3.43 -39.30
O6B LMT OI . -77.82 -4.47 -41.83
C1' LMT OI . -72.46 -2.25 -39.88
C2' LMT OI . -73.57 -1.18 -39.91
C3' LMT OI . -74.67 -1.52 -38.87
C4' LMT OI . -75.17 -2.97 -39.09
C5' LMT OI . -73.91 -3.87 -39.10
C6' LMT OI . -74.21 -5.34 -39.20
O1' LMT OI . -71.52 -2.02 -40.87
O2' LMT OI . -73.02 0.04 -39.59
O3' LMT OI . -75.70 -0.64 -38.97
O5' LMT OI . -73.05 -3.51 -40.15
O6' LMT OI . -74.54 -5.56 -40.52
C1 LMT OI . -70.35 -2.80 -40.74
C2 LMT OI . -69.81 -3.00 -42.13
C3 LMT OI . -68.50 -3.71 -42.24
C4 LMT OI . -67.37 -2.84 -41.70
C5 LMT OI . -66.04 -3.44 -42.07
C6 LMT OI . -64.90 -2.56 -41.62
C7 LMT OI . -63.69 -2.68 -42.52
C8 LMT OI . -63.17 -4.08 -42.52
C9 LMT OI . -62.21 -4.35 -43.66
C10 LMT OI . -61.74 -5.78 -43.58
C11 LMT OI . -60.87 -6.13 -44.74
C12 LMT OI . -60.45 -7.56 -44.74
MG BCL PI . -56.26 3.11 -45.72
CHA BCL PI . -54.13 0.41 -45.74
CHB BCL PI . -54.62 4.29 -48.47
CHC BCL PI . -57.92 6.01 -45.42
CHD BCL PI . -57.20 2.30 -42.45
NA BCL PI . -54.57 2.43 -46.90
C1A BCL PI . -53.93 1.21 -46.82
C2A BCL PI . -53.32 0.83 -48.13
C3A BCL PI . -53.25 2.17 -48.87
C4A BCL PI . -54.19 3.04 -48.08
CMA BCL PI . -51.86 2.77 -48.86
CAA BCL PI . -54.20 -0.19 -48.87
CBA BCL PI . -53.41 -1.23 -49.67
CGA BCL PI . -52.20 -0.75 -50.38
O1A BCL PI . -51.12 -1.11 -50.16
O2A BCL PI . -52.47 0.12 -51.32
NB BCL PI . -56.28 4.89 -46.77
C1B BCL PI . -55.51 5.20 -47.88
C2B BCL PI . -55.77 6.50 -48.31
C3B BCL PI . -56.74 7.05 -47.45
C4B BCL PI . -57.03 5.99 -46.49
CMB BCL PI . -55.10 7.11 -49.53
CAB BCL PI . -57.36 8.36 -47.37
OBB BCL PI . -58.47 8.55 -46.85
CBB BCL PI . -56.69 9.59 -47.92
NC BCL PI . -57.36 4.04 -44.14
C1C BCL PI . -58.08 5.18 -44.30
C2C BCL PI . -59.01 5.45 -43.19
C3C BCL PI . -58.96 4.15 -42.37
C4C BCL PI . -57.75 3.47 -42.95
CMC BCL PI . -58.64 6.70 -42.39
CAC BCL PI . -60.29 3.36 -42.46
CBC BCL PI . -60.41 2.21 -41.48
ND BCL PI . -55.73 1.74 -44.33
C1D BCL PI . -56.30 1.40 -43.09
C2D BCL PI . -55.84 0.13 -42.64
C3D BCL PI . -54.98 -0.31 -43.64
C4D BCL PI . -54.94 0.67 -44.62
CMD BCL PI . -56.25 -0.53 -41.36
CAD BCL PI . -54.18 -1.39 -44.10
OBD BCL PI . -53.90 -2.47 -43.57
CBD BCL PI . -53.63 -1.02 -45.50
CGD BCL PI . -52.16 -1.18 -45.54
O1D BCL PI . -51.38 -0.69 -44.75
O2D BCL PI . -51.74 -1.93 -46.54
CED BCL PI . -50.31 -2.07 -46.70
C1 BCL PI . -51.33 0.63 -52.07
C2 BCL PI . -51.74 2.01 -52.51
C3 BCL PI . -51.00 2.84 -53.21
C4 BCL PI . -49.60 2.53 -53.73
C5 BCL PI . -51.49 4.25 -53.53
C6 BCL PI . -52.42 4.38 -54.74
C7 BCL PI . -53.88 4.08 -54.38
C8 BCL PI . -54.84 4.10 -55.58
C9 BCL PI . -54.78 5.47 -56.29
C10 BCL PI . -56.27 3.76 -55.15
C11 BCL PI . -57.23 3.47 -56.30
C12 BCL PI . -58.62 3.00 -55.84
C13 BCL PI . -59.45 3.98 -55.00
C14 BCL PI . -60.77 3.34 -54.53
C15 BCL PI . -59.75 5.29 -55.78
C16 BCL PI . -60.59 6.38 -55.07
C17 BCL PI . -62.07 6.48 -55.45
C18 BCL PI . -62.87 7.52 -54.68
C19 BCL PI . -64.34 7.27 -55.05
C20 BCL PI . -62.48 8.99 -54.97
C1B LMT QI . -73.76 5.74 -50.91
C2B LMT QI . -74.65 4.53 -50.61
C3B LMT QI . -75.21 3.89 -51.90
C4B LMT QI . -75.83 4.96 -52.85
C5B LMT QI . -74.81 6.09 -53.00
C6B LMT QI . -75.35 7.19 -53.91
O1B LMT QI . -72.51 5.34 -51.41
O2B LMT QI . -73.91 3.62 -49.89
O3B LMT QI . -76.07 2.87 -51.65
O4' LMT QI . -76.09 4.43 -54.08
O5B LMT QI . -74.39 6.65 -51.77
O6B LMT QI . -74.47 8.26 -53.92
C1' LMT QI . -68.79 6.97 -51.44
C2' LMT QI . -69.86 8.03 -51.14
C3' LMT QI . -71.22 7.35 -50.87
C4' LMT QI . -71.60 6.31 -51.94
C5' LMT QI . -70.32 5.53 -52.39
C6' LMT QI . -70.55 4.66 -53.61
O1' LMT QI . -67.59 7.59 -51.71
O2' LMT QI . -69.48 8.75 -50.04
O3' LMT QI . -72.19 8.32 -50.81
O5' LMT QI . -69.21 6.35 -52.64
O6' LMT QI . -71.80 4.10 -53.46
C1 LMT QI . -66.49 6.78 -52.10
C2 LMT QI . -66.05 5.93 -50.94
C3 LMT QI . -64.74 5.21 -51.12
C4 LMT QI . -63.70 5.73 -50.15
C5 LMT QI . -62.29 5.44 -50.61
C6 LMT QI . -61.27 5.79 -49.56
C7 LMT QI . -59.84 5.69 -50.03
C8 LMT QI . -59.53 4.39 -50.68
C9 LMT QI . -58.07 4.06 -50.68
C10 LMT QI . -57.87 2.70 -51.28
C11 LMT QI . -56.43 2.29 -51.29
C12 LMT QI . -56.23 0.94 -51.87
C1B LMT RI . -70.17 16.66 -46.14
C2B LMT RI . -71.08 16.34 -44.93
C3B LMT RI . -71.65 14.90 -45.02
C4B LMT RI . -72.26 14.63 -46.41
C5B LMT RI . -71.19 14.97 -47.44
C6B LMT RI . -71.67 14.66 -48.86
O1B LMT RI . -68.91 16.07 -46.01
O2B LMT RI . -70.34 16.50 -43.79
O3B LMT RI . -72.54 14.65 -44.00
O4' LMT RI . -72.61 13.30 -46.53
O5B LMT RI . -70.78 16.32 -47.36
O6B LMT RI . -70.63 14.82 -49.75
C1' LMT RI . -65.25 16.01 -47.99
C2' LMT RI . -66.05 17.32 -48.16
C3' LMT RI . -67.14 17.39 -47.05
C4' LMT RI . -68.03 16.13 -47.13
C5' LMT RI . -67.07 14.90 -47.07
C6' LMT RI . -67.78 13.58 -47.07
O1' LMT RI . -64.29 15.89 -48.96
O2' LMT RI . -65.22 18.39 -48.02
O3' LMT RI . -67.90 18.51 -47.20
O5' LMT RI . -66.15 14.92 -48.14
O6' LMT RI . -68.34 13.44 -48.31
C1 LMT RI . -63.36 14.86 -48.73
C2 LMT RI . -62.53 14.75 -49.98
C3 LMT RI . -61.37 13.80 -49.92
C4 LMT RI . -60.22 14.41 -49.15
C5 LMT RI . -58.95 13.67 -49.43
C6 LMT RI . -57.77 14.27 -48.74
C7 LMT RI . -56.48 14.06 -49.49
C8 LMT RI . -56.21 12.60 -49.69
C9 LMT RI . -55.11 12.32 -50.67
C10 LMT RI . -54.95 10.84 -50.85
C11 LMT RI . -53.99 10.53 -51.96
C12 LMT RI . -53.85 9.07 -52.23
C1B LMT SI . -71.03 12.57 -55.88
C2B LMT SI . -72.30 13.18 -56.53
C3B LMT SI . -73.56 12.39 -56.15
C4B LMT SI . -73.36 10.87 -56.39
C5B LMT SI . -72.08 10.46 -55.63
C6B LMT SI . -71.84 8.97 -55.77
O1B LMT SI . -70.93 12.88 -54.52
O2B LMT SI . -72.38 14.49 -56.10
O3B LMT SI . -74.67 12.86 -56.81
O4' LMT SI . -74.43 10.15 -55.91
O5B LMT SI . -70.96 11.17 -56.08
O6B LMT SI . -70.83 8.57 -54.94
C1' LMT SI . -67.69 12.65 -51.80
C2' LMT SI . -67.45 13.36 -53.16
C3' LMT SI . -68.77 13.76 -53.87
C4' LMT SI . -69.70 12.54 -53.90
C5' LMT SI . -69.92 12.24 -52.40
C6' LMT SI . -71.09 11.35 -52.11
O1' LMT SI . -66.52 12.00 -51.46
O2' LMT SI . -66.69 14.48 -52.94
O3' LMT SI . -68.51 14.20 -55.13
O5' LMT SI . -68.73 11.67 -51.88
O6' LMT SI . -71.18 11.23 -50.74
C1 LMT SI . -66.42 11.50 -50.16
C2 LMT SI . -65.30 10.48 -50.20
C3 LMT SI . -63.96 10.98 -50.66
C4 LMT SI . -62.94 9.88 -50.42
C5 LMT SI . -61.59 10.22 -50.97
C6 LMT SI . -60.58 9.16 -50.63
C7 LMT SI . -59.20 9.44 -51.18
C8 LMT SI . -59.10 9.09 -52.63
C9 LMT SI . -57.70 9.21 -53.16
C10 LMT SI . -57.68 8.87 -54.63
C11 LMT SI . -56.35 9.22 -55.24
C12 LMT SI . -56.32 8.91 -56.70
C1 V7N TI . -41.60 21.79 -45.77
C10 V7N TI . -39.88 15.99 -54.17
C11 V7N TI . -39.46 15.23 -55.27
C12 V7N TI . -40.02 13.98 -55.52
C13 V7N TI . -39.65 13.10 -56.55
C14 V7N TI . -40.47 11.98 -56.83
C15 V7N TI . -40.15 11.04 -57.81
C16 V7N TI . -40.72 9.76 -57.86
C17 V7N TI . -40.34 8.83 -58.82
C18 V7N TI . -40.80 7.49 -58.89
C19 V7N TI . -40.27 6.66 -59.90
C2 V7N TI . -42.38 21.85 -47.09
C20 V7N TI . -40.50 5.30 -60.05
C21 V7N TI . -39.90 4.55 -61.10
C22 V7N TI . -40.11 3.21 -61.31
C23 V7N TI . -39.42 2.51 -62.43
C24 V7N TI . -38.03 2.00 -62.00
C25 V7N TI . -37.16 1.62 -63.15
C26 V7N TI . -37.35 0.62 -64.02
C27 V7N TI . -36.41 0.37 -65.15
C28 V7N TI . -35.37 -0.71 -64.89
C29 V7N TI . -34.61 -0.98 -66.12
C3 V7N TI . -41.55 21.81 -48.31
C30 V7N TI . -41.01 20.39 -45.55
C31 V7N TI . -40.48 22.81 -45.79
C33 V7N TI . -39.42 21.59 -50.52
C34 V7N TI . -38.73 18.19 -54.69
C35 V7N TI . -38.42 13.29 -57.34
C36 V7N TI . -41.80 7.02 -57.92
C37 V7N TI . -41.01 2.40 -60.47
C38 V7N TI . -38.48 -0.33 -63.97
C39 V7N TI . -33.42 -1.59 -66.17
C4 V7N TI . -41.14 20.66 -48.91
C40 V7N TI . -32.73 -1.83 -67.46
C41 V7N TI . -43.67 21.23 -44.63
C43 V7N TI . -32.69 -2.09 -64.97
C5 V7N TI . -40.35 20.52 -50.08
C6 V7N TI . -40.49 19.35 -50.82
C7 V7N TI . -39.82 19.02 -51.99
C8 V7N TI . -40.16 17.84 -52.66
C9 V7N TI . -39.59 17.34 -53.84
O32 V7N TI . -42.56 22.10 -44.74
O42 V7N TI . -38.15 17.86 -55.72
O44 V7N TI . -33.37 -1.38 -68.56
O45 V7N TI . -31.65 -2.40 -67.65
C1B LMT UI . -59.99 34.74 -51.10
C2B LMT UI . -61.12 34.32 -50.12
C3B LMT UI . -61.71 32.95 -50.51
C4B LMT UI . -62.10 32.92 -52.01
C5B LMT UI . -60.88 33.37 -52.81
C6B LMT UI . -61.18 33.34 -54.32
O1B LMT UI . -58.82 34.00 -50.87
O2B LMT UI . -60.58 34.28 -48.86
O3B LMT UI . -62.75 32.61 -49.69
O4' LMT UI . -62.45 31.64 -52.39
O5B LMT UI . -60.41 34.65 -52.44
O6B LMT UI . -60.01 33.45 -55.03
C1' LMT UI . -54.86 33.82 -52.08
C2' LMT UI . -55.43 35.26 -52.00
C3' LMT UI . -56.75 35.23 -51.18
C4' LMT UI . -57.72 34.20 -51.77
C5' LMT UI . -56.95 32.86 -51.88
C6' LMT UI . -57.79 31.71 -52.35
O1' LMT UI . -53.73 33.76 -52.86
O2' LMT UI . -54.52 36.06 -51.37
O3' LMT UI . -57.32 36.47 -51.16
O5' LMT UI . -55.84 33.01 -52.72
O6' LMT UI . -56.95 30.63 -52.46
C1 LMT UI . -53.02 32.55 -52.71
C2 LMT UI . -52.10 32.43 -53.90
C3 LMT UI . -51.15 31.26 -53.89
C4 LMT UI . -50.03 31.48 -52.91
C5 LMT UI . -48.88 30.55 -53.21
C6 LMT UI . -47.68 30.83 -52.36
C7 LMT UI . -46.39 30.50 -53.07
C8 LMT UI . -46.35 29.05 -53.46
C9 LMT UI . -45.26 28.72 -54.43
C10 LMT UI . -45.25 27.24 -54.69
C11 LMT UI . -44.23 26.88 -55.72
C12 LMT UI . -44.17 25.43 -56.01
C1B LMT VI . -63.84 26.09 -61.66
C2B LMT VI . -64.91 25.44 -62.56
C3B LMT VI . -64.36 25.18 -63.98
C4B LMT VI . -63.71 26.46 -64.56
C5B LMT VI . -62.69 26.97 -63.53
C6B LMT VI . -62.04 28.25 -64.06
O1B LMT VI . -62.87 25.15 -61.28
O2B LMT VI . -65.32 24.27 -61.97
O3B LMT VI . -65.34 24.68 -64.81
O4' LMT VI . -63.06 26.17 -65.74
O5B LMT VI . -63.26 27.21 -62.26
O6B LMT VI . -61.03 28.66 -63.23
C1' LMT VI . -60.07 24.40 -58.31
C2' LMT VI . -61.28 25.23 -57.84
C3' LMT VI . -62.42 25.21 -58.91
C4' LMT VI . -61.89 25.54 -60.31
C5' LMT VI . -60.62 24.67 -60.53
C6' LMT VI . -60.02 24.84 -61.91
O1' LMT VI . -59.02 24.51 -57.43
O2' LMT VI . -61.76 24.69 -56.67
O3' LMT VI . -63.40 26.09 -58.56
O5' LMT VI . -59.64 24.92 -59.56
O6' LMT VI . -58.69 24.49 -61.79
C1 LMT VI . -57.91 23.68 -57.73
C2 LMT VI . -56.84 23.94 -56.69
C3 LMT VI . -55.42 23.81 -57.19
C4 LMT VI . -54.44 24.52 -56.27
C5 LMT VI . -54.15 23.74 -55.03
C6 LMT VI . -53.02 22.76 -55.22
C7 LMT VI . -51.69 23.46 -55.20
C8 LMT VI . -50.58 22.48 -54.99
C9 LMT VI . -50.39 21.48 -56.09
C10 LMT VI . -49.22 20.59 -55.74
C11 LMT VI . -49.08 19.48 -56.72
C12 LMT VI . -47.99 18.52 -56.36
C1B LMT WI . -61.91 29.38 -58.12
C2B LMT WI . -62.14 29.71 -59.61
C3B LMT WI . -62.06 31.23 -59.83
C4B LMT WI . -62.99 31.99 -58.86
C5B LMT WI . -62.78 31.44 -57.42
C6B LMT WI . -63.78 32.09 -56.48
O1B LMT WI . -60.63 29.76 -57.73
O2B LMT WI . -61.18 29.05 -60.33
O3B LMT WI . -62.30 31.56 -61.14
O4' LMT WI . -62.72 33.34 -58.88
O5B LMT WI . -62.86 30.04 -57.34
O6B LMT WI . -63.75 31.46 -55.26
C1' LMT WI . -56.93 28.60 -56.56
C2' LMT WI . -57.54 27.66 -57.61
C3' LMT WI . -58.75 28.38 -58.22
C4' LMT WI . -59.78 28.79 -57.15
C5' LMT WI . -59.01 29.44 -55.95
C6' LMT WI . -59.85 29.72 -54.73
O1' LMT WI . -55.77 28.07 -56.04
O2' LMT WI . -56.62 27.40 -58.57
O3' LMT WI . -59.35 27.61 -59.17
O5' LMT WI . -57.89 28.70 -55.53
O6' LMT WI . -61.12 30.01 -55.15
C1 LMT WI . -55.04 28.96 -55.21
C2 LMT WI . -53.78 28.24 -54.79
C3 LMT WI . -52.70 28.07 -55.82
C4 LMT WI . -51.45 27.56 -55.12
C5 LMT WI . -50.23 27.64 -55.99
C6 LMT WI . -49.85 26.31 -56.58
C7 LMT WI . -48.60 26.44 -57.43
C8 LMT WI . -48.18 25.10 -57.94
C9 LMT WI . -46.90 25.13 -58.74
C10 LMT WI . -46.42 23.70 -58.92
C11 LMT WI . -45.08 23.65 -59.57
C12 LMT WI . -44.50 22.26 -59.58
MG BCL XI . -48.27 19.04 -50.83
CHA BCL XI . -46.57 16.04 -50.99
CHB BCL XI . -46.18 20.24 -53.25
CHC BCL XI . -49.51 22.13 -50.32
CHD BCL XI . -49.70 18.03 -47.80
NA BCL XI . -46.58 18.23 -51.93
C1A BCL XI . -46.11 16.92 -51.92
C2A BCL XI . -45.23 16.64 -53.11
C3A BCL XI . -45.00 18.03 -53.72
C4A BCL XI . -45.97 18.91 -52.97
CMA BCL XI . -43.57 18.51 -53.54
CAA BCL XI . -45.92 15.66 -54.07
CBA BCL XI . -45.45 15.60 -55.52
CGA BCL XI . -43.98 15.55 -55.75
O1A BCL XI . -43.24 14.74 -55.29
O2A BCL XI . -43.57 16.43 -56.62
NB BCL XI . -47.90 20.91 -51.64
C1B BCL XI . -47.00 21.21 -52.65
C2B BCL XI . -47.03 22.58 -52.95
C3B BCL XI . -47.99 23.18 -52.11
C4B BCL XI . -48.52 22.08 -51.31
CMB BCL XI . -46.14 23.18 -54.02
CAB BCL XI . -48.44 24.56 -51.96
OBB BCL XI . -49.49 24.85 -51.35
CBB BCL XI . -47.68 25.73 -52.52
NC BCL XI . -49.39 19.95 -49.26
C1C BCL XI . -49.92 21.20 -49.35
C2C BCL XI . -50.92 21.49 -48.30
C3C BCL XI . -51.17 20.12 -47.67
C4C BCL XI . -50.01 19.31 -48.21
CMC BCL XI . -50.43 22.54 -47.31
CAC BCL XI . -52.59 19.58 -48.03
CBC BCL XI . -52.99 18.35 -47.24
ND BCL XI . -48.13 17.44 -49.59
C1D BCL XI . -48.85 17.08 -48.45
C2D BCL XI . -48.61 15.73 -48.10
C3D BCL XI . -47.72 15.25 -49.05
C4D BCL XI . -47.46 16.31 -49.93
CMD BCL XI . -49.21 15.00 -46.93
CAD BCL XI . -46.98 14.15 -49.52
OBD BCL XI . -46.89 12.98 -49.06
CBD BCL XI . -46.22 14.56 -50.80
CGD BCL XI . -44.78 14.26 -50.71
O1D BCL XI . -44.04 14.64 -49.83
O2D BCL XI . -44.34 13.50 -51.70
CED BCL XI . -42.90 13.37 -51.83
C1 BCL XI . -42.23 16.34 -57.18
C2 BCL XI . -41.69 17.73 -57.47
C3 BCL XI . -42.27 18.75 -58.08
C4 BCL XI . -43.70 18.77 -58.60
C5 BCL XI . -41.51 20.05 -58.37
C6 BCL XI . -39.98 19.98 -58.28
C7 BCL XI . -39.28 21.22 -58.87
C8 BCL XI . -39.15 21.18 -60.41
C9 BCL XI . -39.01 19.73 -60.89
C10 BCL XI . -37.96 22.02 -60.94
C11 BCL XI . -37.42 21.52 -62.28
C12 BCL XI . -36.37 22.44 -62.92
C13 BCL XI . -36.16 22.27 -64.45
C14 BCL XI . -37.47 22.38 -65.24
C15 BCL XI . -35.48 20.93 -64.81
C16 BCL XI . -35.26 20.71 -66.32
C17 BCL XI . -34.17 19.71 -66.74
C18 BCL XI . -33.94 19.62 -68.26
C19 BCL XI . -35.15 18.86 -68.85
C20 BCL XI . -32.63 18.92 -68.65
C1 V7N YI . -31.07 34.70 -46.10
C10 V7N YI . -29.14 30.37 -55.42
C11 V7N YI . -28.69 29.78 -56.59
C12 V7N YI . -29.32 28.65 -57.12
C13 V7N YI . -28.97 27.91 -58.26
C14 V7N YI . -29.88 26.96 -58.80
C15 V7N YI . -29.59 26.16 -59.90
C16 V7N YI . -30.30 24.98 -60.18
C17 V7N YI . -29.98 24.13 -61.25
C18 V7N YI . -30.63 22.93 -61.59
C19 V7N YI . -30.13 22.17 -62.66
C2 V7N YI . -31.54 35.18 -47.49
C20 V7N YI . -30.59 20.92 -63.07
C21 V7N YI . -30.02 20.21 -64.16
C22 V7N YI . -30.51 19.03 -64.67
C23 V7N YI . -29.83 18.35 -65.82
C24 V7N YI . -29.46 16.89 -65.58
C25 V7N YI . -28.70 16.36 -66.74
C26 V7N YI . -27.38 16.51 -66.95
C27 V7N YI . -26.72 15.97 -68.18
C28 V7N YI . -25.83 14.75 -68.03
C29 V7N YI . -25.19 14.47 -69.33
C3 V7N YI . -30.50 35.16 -48.54
C30 V7N YI . -30.79 33.20 -46.13
C31 V7N YI . -29.81 35.43 -45.69
C33 V7N YI . -28.17 34.82 -50.48
C34 V7N YI . -27.37 32.15 -55.12
C35 V7N YI . -27.65 28.07 -58.91
C36 V7N YI . -31.83 22.50 -60.82
C37 V7N YI . -31.71 18.37 -64.12
C38 V7N YI . -26.51 17.23 -66.00
C39 V7N YI . -23.94 13.99 -69.47
C4 V7N YI . -30.36 34.12 -49.41
C40 V7N YI . -23.35 13.76 -70.80
C41 V7N YI . -33.38 34.33 -45.46
C43 V7N YI . -23.06 13.64 -68.32
C5 V7N YI . -29.41 34.02 -50.47
C6 V7N YI . -29.69 33.11 -51.49
C7 V7N YI . -28.90 32.86 -52.62
C8 V7N YI . -29.26 31.84 -53.51
C9 V7N YI . -28.60 31.45 -54.68
O32 V7N YI . -32.16 35.00 -45.22
O42 V7N YI . -26.74 31.98 -56.16
O44 V7N YI . -24.17 13.88 -71.85
O45 V7N YI . -22.18 13.45 -71.06
C1B LMT ZI . -45.54 51.09 -51.32
C2B LMT ZI . -46.89 50.84 -50.61
C3B LMT ZI . -47.84 49.93 -51.43
C4B LMT ZI . -47.89 50.37 -52.91
C5B LMT ZI . -46.44 50.44 -53.40
C6B LMT ZI . -46.38 50.74 -54.90
O1B LMT ZI . -44.66 50.00 -51.15
O2B LMT ZI . -46.63 50.29 -49.37
O3B LMT ZI . -49.08 49.86 -50.86
O4' LMT ZI . -48.59 49.44 -53.67
O5B LMT ZI . -45.70 51.39 -52.67
O6B LMT ZI . -45.07 50.71 -55.32
C1' LMT ZI . -40.66 49.28 -52.28
C2' LMT ZI . -41.01 50.69 -51.75
C3' LMT ZI . -42.33 50.65 -50.94
C4' LMT ZI . -43.43 50.08 -51.85
C5' LMT ZI . -42.93 48.66 -52.23
C6' LMT ZI . -43.94 47.81 -52.96
O1' LMT ZI . -39.64 49.40 -53.17
O2' LMT ZI . -40.00 51.12 -50.95
O3' LMT ZI . -42.65 51.90 -50.53
O5' LMT ZI . -41.77 48.75 -53.02
O6' LMT ZI . -44.98 47.59 -52.11
C1 LMT ZI . -39.03 48.21 -53.61
C2 LMT ZI . -37.89 47.94 -52.66
C3 LMT ZI . -37.13 46.68 -52.91
C4 LMT ZI . -36.00 46.56 -51.93
C5 LMT ZI . -35.02 45.53 -52.41
C6 LMT ZI . -33.85 45.39 -51.49
C7 LMT ZI . -32.62 44.89 -52.19
C8 LMT ZI . -32.88 43.59 -52.89
C9 LMT ZI . -31.67 43.10 -53.62
C10 LMT ZI . -31.97 41.81 -54.34
C11 LMT ZI . -30.76 41.31 -55.06
C12 LMT ZI . -31.08 40.22 -56.02
C1B LMT AJ . -45.76 48.72 -60.13
C2B LMT AJ . -45.40 49.98 -60.98
C3B LMT AJ . -45.50 51.26 -60.13
C4B LMT AJ . -46.85 51.32 -59.36
C5B LMT AJ . -47.03 49.98 -58.62
C6B LMT AJ . -48.35 49.98 -57.85
O1B LMT AJ . -44.75 48.46 -59.20
O2B LMT AJ . -44.12 49.80 -61.46
O3B LMT AJ . -45.28 52.38 -60.89
O4' LMT AJ . -46.84 52.35 -58.46
O5B LMT AJ . -46.98 48.88 -59.50
O6B LMT AJ . -48.47 48.81 -57.14
C1' LMT AJ . -42.42 45.45 -57.66
C2' LMT AJ . -42.67 45.33 -59.16
C3' LMT AJ . -43.27 46.66 -59.71
C4' LMT AJ . -44.50 47.11 -58.89
C5' LMT AJ . -44.15 46.99 -57.38
C6' LMT AJ . -45.29 47.34 -56.47
O1' LMT AJ . -41.96 44.24 -57.18
O2' LMT AJ . -41.48 45.11 -59.79
O3' LMT AJ . -43.63 46.50 -61.01
O5' LMT AJ . -43.67 45.70 -57.05
O6' LMT AJ . -46.40 46.68 -56.97
C1 LMT AJ . -41.37 44.23 -55.90
C2 LMT AJ . -40.07 45.00 -55.96
C3 LMT AJ . -38.88 44.35 -55.32
C4 LMT AJ . -38.04 43.60 -56.34
C5 LMT AJ . -36.89 42.91 -55.66
C6 LMT AJ . -35.99 42.13 -56.57
C7 LMT AJ . -35.03 43.04 -57.26
C8 LMT AJ . -34.14 42.29 -58.21
C9 LMT AJ . -33.29 43.19 -59.07
C10 LMT AJ . -32.39 42.35 -59.95
C11 LMT AJ . -31.70 43.18 -60.98
C12 LMT AJ . -30.84 42.37 -61.90
MG BCL BJ . -37.20 34.01 -52.59
CHA BCL BJ . -36.10 30.80 -53.15
CHB BCL BJ . -34.51 35.14 -54.39
CHC BCL BJ . -37.95 37.16 -51.65
CHD BCL BJ . -39.25 32.81 -50.03
NA BCL BJ . -35.51 33.06 -53.59
C1A BCL BJ . -35.34 31.71 -53.82
C2A BCL BJ . -34.40 31.45 -54.95
C3A BCL BJ . -33.80 32.84 -55.23
C4A BCL BJ . -34.62 33.75 -54.38
CMA BCL BJ . -32.33 32.90 -54.84
CAA BCL BJ . -35.14 30.84 -56.18
CBA BCL BJ . -34.51 30.96 -57.58
CGA BCL BJ . -33.07 30.57 -57.67
O1A BCL BJ . -32.43 30.05 -56.83
O2A BCL BJ . -32.55 30.90 -58.80
NB BCL BJ . -36.37 35.87 -52.95
C1B BCL BJ . -35.25 36.13 -53.72
C2B BCL BJ . -34.98 37.51 -53.75
C3B BCL BJ . -35.97 38.15 -52.96
C4B BCL BJ . -36.82 37.06 -52.49
CMB BCL BJ . -33.81 38.11 -54.53
CAB BCL BJ . -36.18 39.55 -52.61
OBB BCL BJ . -37.30 39.99 -52.26
CBB BCL BJ . -35.07 40.57 -52.63
NC BCL BJ . -38.39 34.85 -51.04
C1C BCL BJ . -38.67 36.18 -50.94
C2C BCL BJ . -39.75 36.49 -49.98
C3C BCL BJ . -40.31 35.10 -49.64
C4C BCL BJ . -39.26 34.18 -50.20
CMC BCL BJ . -39.27 37.27 -48.77
CAC BCL BJ . -41.75 34.89 -50.19
CBC BCL BJ . -42.47 33.68 -49.61
ND BCL BJ . -37.57 32.23 -51.69
C1D BCL BJ . -38.52 31.83 -50.75
C2D BCL BJ . -38.60 30.42 -50.67
C3D BCL BJ . -37.68 29.95 -51.58
C4D BCL BJ . -37.08 31.06 -52.18
CMD BCL BJ . -39.52 29.65 -49.76
CAD BCL BJ . -37.08 28.80 -52.16
OBD BCL BJ . -37.28 27.59 -51.94
CBD BCL BJ . -36.05 29.27 -53.22
CGD BCL BJ . -34.73 28.67 -52.99
O1D BCL BJ . -34.11 28.73 -51.94
O2D BCL BJ . -34.25 28.03 -54.04
CED BCL BJ . -32.86 27.62 -53.98
C1 BCL BJ . -31.13 31.00 -58.99
C2 BCL BJ . -30.81 32.35 -58.38
C3 BCL BJ . -31.07 33.48 -58.98
C4 BCL BJ . -31.66 33.60 -60.39
C5 BCL BJ . -30.85 34.83 -58.32
C6 BCL BJ . -32.14 35.62 -58.10
C7 BCL BJ . -31.91 37.12 -58.22
C8 BCL BJ . -31.59 37.62 -59.63
C9 BCL BJ . -31.07 39.07 -59.56
C10 BCL BJ . -32.81 37.53 -60.59
C11 BCL BJ . -34.16 38.16 -60.30
C12 BCL BJ . -35.05 38.18 -61.54
C13 BCL BJ . -36.56 38.01 -61.28
C14 BCL BJ . -37.36 37.88 -62.57
C15 BCL BJ . -37.14 39.19 -60.46
C16 BCL BJ . -37.48 40.50 -61.16
C17 BCL BJ . -38.00 41.60 -60.20
C18 BCL BJ . -38.49 42.84 -60.93
C19 BCL BJ . -38.47 43.97 -59.89
C20 BCL BJ . -39.89 42.69 -61.55
C1B LMT CJ . -48.18 46.92 -62.63
C2B LMT CJ . -49.37 47.30 -63.53
C3B LMT CJ . -49.02 47.05 -65.01
C4B LMT CJ . -47.70 47.77 -65.39
C5B LMT CJ . -46.62 47.37 -64.37
C6B LMT CJ . -45.33 48.13 -64.67
O1B LMT CJ . -48.01 45.54 -62.58
O2B LMT CJ . -50.44 46.52 -63.14
O3B LMT CJ . -50.06 47.41 -65.83
O4' LMT CJ . -47.31 47.40 -66.65
O5B LMT CJ . -47.01 47.58 -63.03
O6B LMT CJ . -44.38 47.87 -63.71
C1' LMT CJ . -45.82 42.77 -60.27
C2' LMT CJ . -46.29 44.07 -59.56
C3' LMT CJ . -47.42 44.78 -60.36
C4' LMT CJ . -46.95 45.00 -61.79
C5' LMT CJ . -46.61 43.60 -62.32
C6' LMT CJ . -46.34 43.54 -63.80
O1' LMT CJ . -44.65 42.30 -59.70
O2' LMT CJ . -46.79 43.78 -58.31
O3' LMT CJ . -47.74 45.96 -59.75
O5' LMT CJ . -45.50 43.07 -61.63
O6' LMT CJ . -45.99 42.26 -64.10
C1 LMT CJ . -44.80 41.57 -58.50
C2 LMT CJ . -43.73 40.52 -58.44
C3 LMT CJ . -42.45 40.90 -57.74
C4 LMT CJ . -41.61 39.64 -57.61
C5 LMT CJ . -40.31 39.90 -56.91
C6 LMT CJ . -39.50 38.64 -56.77
C7 LMT CJ . -38.06 38.94 -56.52
C8 LMT CJ . -37.31 37.65 -56.38
C9 LMT CJ . -37.33 36.75 -57.57
C10 LMT CJ . -36.29 35.68 -57.33
C11 LMT CJ . -36.05 34.84 -58.55
C12 LMT CJ . -37.17 33.89 -58.80
C1B LMT DJ . -33.64 59.38 -60.05
C2B LMT DJ . -35.09 58.95 -59.75
C3B LMT DJ . -35.42 57.62 -60.48
C4B LMT DJ . -35.06 57.71 -61.98
C5B LMT DJ . -33.60 58.21 -62.09
C6B LMT DJ . -33.21 58.33 -63.56
O1B LMT DJ . -32.75 58.51 -59.42
O2B LMT DJ . -35.23 58.82 -58.40
O3B LMT DJ . -36.72 57.25 -60.28
O4' LMT DJ . -35.17 56.47 -62.58
O5B LMT DJ . -33.40 59.43 -61.42
O6B LMT DJ . -32.04 59.04 -63.68
C1' LMT DJ . -29.82 58.30 -56.51
C2' LMT DJ . -30.98 59.27 -56.19
C3' LMT DJ . -32.18 59.02 -57.15
C4' LMT DJ . -31.72 59.06 -58.62
C5' LMT DJ . -30.48 58.13 -58.73
C6' LMT DJ . -29.95 58.02 -60.13
O1' LMT DJ . -28.75 58.62 -55.72
O2' LMT DJ . -31.41 59.09 -54.90
O3' LMT DJ . -33.16 59.95 -56.95
O5' LMT DJ . -29.45 58.52 -57.85
O6' LMT DJ . -28.86 57.19 -60.08
C1 LMT DJ . -28.55 57.86 -54.53
C2 LMT DJ . -28.01 56.48 -54.87
C3 LMT DJ . -27.05 55.95 -53.84
C4 LMT DJ . -26.62 54.51 -54.10
C5 LMT DJ . -25.45 54.21 -53.18
C6 LMT DJ . -24.96 52.78 -53.20
C7 LMT DJ . -23.63 52.73 -52.50
C8 LMT DJ . -23.12 51.33 -52.33
C9 LMT DJ . -22.70 50.62 -53.58
C10 LMT DJ . -22.00 49.35 -53.17
C11 LMT DJ . -21.41 48.60 -54.31
C12 LMT DJ . -22.45 47.94 -55.15
C1B LMT EJ . -29.60 64.75 -46.35
C2B LMT EJ . -30.77 64.93 -45.35
C3B LMT EJ . -31.87 63.87 -45.58
C4B LMT EJ . -32.27 63.82 -47.07
C5B LMT EJ . -31.00 63.63 -47.91
C6B LMT EJ . -31.35 63.57 -49.38
O1B LMT EJ . -28.84 63.63 -46.02
O2B LMT EJ . -30.25 64.84 -44.09
O3B LMT EJ . -32.94 64.08 -44.75
O4' LMT EJ . -33.13 62.76 -47.30
O5B LMT EJ . -30.06 64.67 -47.67
O6B LMT EJ . -30.21 63.60 -50.15
C1' LMT EJ . -24.95 62.24 -46.39
C2' LMT EJ . -25.08 63.75 -46.14
C3' LMT EJ . -26.50 64.06 -45.62
C4' LMT EJ . -27.56 63.53 -46.61
C5' LMT EJ . -27.22 62.03 -46.84
C6' LMT EJ . -28.20 61.31 -47.72
O1' LMT EJ . -23.72 61.92 -46.91
O2' LMT EJ . -24.17 64.12 -45.18
O3' LMT EJ . -26.66 65.40 -45.44
O5' LMT EJ . -25.92 61.86 -47.36
O6' LMT EJ . -28.18 61.97 -48.92
C1 LMT EJ . -23.47 60.53 -46.99
C2 LMT EJ . -22.26 60.38 -47.88
C3 LMT EJ . -21.72 58.99 -48.05
C4 LMT EJ . -20.97 58.57 -46.80
C5 LMT EJ . -20.08 57.40 -47.10
C6 LMT EJ . -19.22 57.04 -45.94
C7 LMT EJ . -17.90 56.44 -46.37
C8 LMT EJ . -18.12 55.21 -47.20
C9 LMT EJ . -16.92 54.79 -47.98
C10 LMT EJ . -17.26 53.65 -48.91
C11 LMT EJ . -16.10 53.29 -49.77
C12 LMT EJ . -16.37 52.17 -50.70
C1B LMT FJ . -28.71 62.49 -55.35
C2B LMT FJ . -28.40 63.75 -56.18
C3B LMT FJ . -29.15 64.99 -55.64
C4B LMT FJ . -30.65 64.67 -55.42
C5B LMT FJ . -30.75 63.39 -54.57
C6B LMT FJ . -32.21 63.04 -54.31
O1B LMT FJ . -28.08 62.54 -54.11
O2B LMT FJ . -27.04 63.95 -56.12
O3B LMT FJ . -28.96 66.08 -56.44
O4' LMT FJ . -31.28 65.71 -54.76
O5B LMT FJ . -30.09 62.31 -55.19
O6B LMT FJ . -32.31 61.84 -53.66
C1' LMT FJ . -25.96 59.81 -51.67
C2' LMT FJ . -25.31 60.23 -53.02
C3' LMT FJ . -25.97 61.51 -53.60
C4' LMT FJ . -27.49 61.33 -53.66
C5' LMT FJ . -27.91 61.07 -52.20
C6' LMT FJ . -29.40 61.07 -52.02
O1' LMT FJ . -25.69 58.49 -51.40
O2' LMT FJ . -23.98 60.47 -52.82
O3' LMT FJ . -25.49 61.78 -54.84
O5' LMT FJ . -27.38 59.85 -51.75
O6' LMT FJ . -29.65 60.99 -50.68
C1 LMT FJ . -24.58 58.15 -50.55
C2 LMT FJ . -23.53 57.52 -51.43
C3 LMT FJ . -22.69 56.44 -50.81
C4 LMT FJ . -21.67 55.93 -51.81
C5 LMT FJ . -20.79 54.88 -51.19
C6 LMT FJ . -19.92 54.16 -52.18
C7 LMT FJ . -18.80 55.05 -52.67
C8 LMT FJ . -18.01 54.35 -53.75
C9 LMT FJ . -16.86 55.16 -54.28
C10 LMT FJ . -16.29 54.48 -55.50
C11 LMT FJ . -15.35 55.41 -56.23
C12 LMT FJ . -14.75 54.78 -57.44
MG BCL GJ . -23.51 46.69 -49.33
CHA BCL GJ . -22.82 43.48 -50.33
CHB BCL GJ . -20.43 47.61 -50.46
CHC BCL GJ . -23.93 49.71 -47.90
CHD BCL GJ . -26.17 45.48 -47.40
NA BCL GJ . -21.84 45.64 -50.24
C1A BCL GJ . -21.82 44.34 -50.69
C2A BCL GJ . -20.75 44.14 -51.72
C3A BCL GJ . -19.83 45.34 -51.45
C4A BCL GJ . -20.72 46.29 -50.72
CMA BCL GJ . -18.62 44.95 -50.62
CAA BCL GJ . -21.32 44.15 -53.14
CBA BCL GJ . -20.51 43.32 -54.15
CGA BCL GJ . -19.13 43.79 -54.48
O1A BCL GJ . -18.18 43.10 -54.50
O2A BCL GJ . -19.03 45.08 -54.74
NB BCL GJ . -22.37 48.40 -49.19
C1B BCL GJ . -21.09 48.58 -49.71
C2B BCL GJ . -20.62 49.86 -49.39
C3B BCL GJ . -21.62 50.51 -48.64
C4B BCL GJ . -22.71 49.55 -48.55
CMB BCL GJ . -19.25 50.34 -49.84
CAB BCL GJ . -21.67 51.82 -48.02
OBB BCL GJ . -22.75 52.41 -47.78
CBB BCL GJ . -20.42 52.56 -47.60
NC BCL GJ . -24.83 47.45 -47.83
C1C BCL GJ . -24.91 48.78 -47.52
C2C BCL GJ . -26.12 49.13 -46.73
C3C BCL GJ . -26.92 47.83 -46.74
C4C BCL GJ . -25.94 46.84 -47.30
CMC BCL GJ . -25.78 49.64 -45.33
CAC BCL GJ . -28.24 47.98 -47.55
CBC BCL GJ . -29.24 46.86 -47.33
ND BCL GJ . -24.30 44.89 -48.85
C1D BCL GJ . -25.46 44.51 -48.18
C2D BCL GJ . -25.78 43.15 -48.40
C3D BCL GJ . -24.77 42.68 -49.24
C4D BCL GJ . -23.91 43.75 -49.49
CMD BCL GJ . -26.95 42.42 -47.82
CAD BCL GJ . -24.31 41.58 -50.00
OBD BCL GJ . -24.75 40.42 -50.11
CBD BCL GJ . -23.03 42.03 -50.77
CGD BCL GJ . -21.92 41.12 -50.49
O1D BCL GJ . -21.56 40.78 -49.37
O2D BCL GJ . -21.29 40.67 -51.57
CED BCL GJ . -20.13 39.83 -51.35
C1 BCL GJ . -17.67 45.54 -55.01
C2 BCL GJ . -17.69 47.05 -54.87
C3 BCL GJ . -16.73 47.72 -54.28
C4 BCL GJ . -15.50 47.09 -53.63
C5 BCL GJ . -16.79 49.25 -54.17
C6 BCL GJ . -16.56 50.00 -55.49
C7 BCL GJ . -15.25 49.57 -56.18
C8 BCL GJ . -15.14 49.97 -57.66
C9 BCL GJ . -16.52 49.91 -58.35
C10 BCL GJ . -14.16 49.05 -58.41
C11 BCL GJ . -12.69 49.01 -58.02
C12 BCL GJ . -11.90 50.19 -58.59
C13 BCL GJ . -10.42 49.90 -58.88
C14 BCL GJ . -9.65 49.43 -57.63
C15 BCL GJ . -9.75 51.18 -59.42
C16 BCL GJ . -8.50 51.02 -60.31
C17 BCL GJ . -8.06 52.33 -61.02
C18 BCL GJ . -6.78 52.30 -61.85
C19 BCL GJ . -6.74 50.96 -62.60
C20 BCL GJ . -5.48 52.49 -61.03
C1 V7N HJ . -5.08 52.83 -35.49
C10 V7N HJ . -1.75 50.65 -45.15
C11 V7N HJ . -1.14 50.24 -46.35
C12 V7N HJ . -1.88 49.62 -47.37
C13 V7N HJ . -1.40 49.12 -48.59
C14 V7N HJ . -2.33 48.74 -49.59
C15 V7N HJ . -1.96 48.19 -50.83
C16 V7N HJ . -2.88 47.64 -51.74
C17 V7N HJ . -2.47 47.07 -52.95
C18 V7N HJ . -3.30 46.36 -53.84
C19 V7N HJ . -2.74 45.82 -55.01
C2 V7N HJ . -5.04 53.77 -36.72
C20 V7N HJ . -3.36 44.98 -55.94
C21 V7N HJ . -2.70 44.48 -57.09
C22 V7N HJ . -3.31 43.75 -58.08
C23 V7N HJ . -2.55 43.27 -59.27
C24 V7N HJ . -2.27 41.77 -59.23
C25 V7N HJ . -1.31 41.29 -60.26
C26 V7N HJ . 0.03 41.43 -60.20
C27 V7N HJ . 0.92 40.91 -61.29
C28 V7N HJ . 0.59 39.50 -61.73
C29 V7N HJ . 1.75 38.68 -62.17
C3 V7N HJ . -3.80 53.71 -37.50
C30 V7N HJ . -5.18 51.38 -35.93
C31 V7N HJ . -3.82 53.02 -34.65
C33 V7N HJ . -1.16 53.21 -38.97
C34 V7N HJ . 0.24 51.69 -43.98
C35 V7N HJ . 0.04 48.99 -48.86
C36 V7N HJ . -4.74 46.21 -53.53
C37 V7N HJ . -4.75 43.41 -58.03
C38 V7N HJ . 0.72 42.08 -59.08
C39 V7N HJ . 2.50 38.87 -63.29
C4 V7N HJ . -3.65 52.92 -38.61
C40 V7N HJ . 3.63 37.97 -63.60
C41 V7N HJ . -7.49 53.06 -35.42
C43 V7N HJ . 2.25 39.92 -64.30
C5 V7N HJ . -2.50 52.82 -39.44
C6 V7N HJ . -2.69 52.33 -40.74
C7 V7N HJ . -1.71 52.14 -41.72
C8 V7N HJ . -2.04 51.56 -42.95
C9 V7N HJ . -1.19 51.30 -44.03
O32 V7N HJ . -6.26 53.22 -34.76
O42 V7N HJ . 1.10 51.52 -44.86
O44 V7N HJ . 3.90 37.02 -62.71
O45 V7N HJ . 4.35 38.01 -64.61
C1B LMT IJ . -12.08 74.28 -46.62
C2B LMT IJ . -11.07 75.24 -47.30
C3B LMT IJ . -10.65 76.36 -46.32
C4B LMT IJ . -11.89 77.04 -45.67
C5B LMT IJ . -12.83 75.94 -45.15
C6B LMT IJ . -14.10 76.57 -44.56
O1B LMT IJ . -11.47 73.60 -45.57
O2B LMT IJ . -9.99 74.50 -47.70
O3B LMT IJ . -9.82 77.26 -46.93
O4' LMT IJ . -11.50 77.85 -44.62
O5B LMT IJ . -13.18 75.01 -46.14
O6B LMT IJ . -14.97 75.59 -44.17
C1' LMT IJ . -9.80 70.19 -44.33
C2' LMT IJ . -9.86 70.24 -45.85
C3' LMT IJ . -10.23 71.69 -46.26
C4' LMT IJ . -11.52 72.18 -45.56
C5' LMT IJ . -11.51 71.72 -44.06
C6' LMT IJ . -12.81 71.92 -43.34
O1' LMT IJ . -9.34 68.95 -43.92
O2' LMT IJ . -8.63 69.94 -46.37
O3' LMT IJ . -10.37 71.79 -47.61
O5' LMT IJ . -11.12 70.37 -43.88
O6' LMT IJ . -13.32 73.12 -43.75
C1 LMT IJ . -8.97 68.87 -42.55
C2 LMT IJ . -8.39 67.49 -42.36
C3 LMT IJ . -7.25 67.11 -43.26
C4 LMT IJ . -6.55 65.89 -42.69
C5 LMT IJ . -5.39 65.50 -43.56
C6 LMT IJ . -4.48 64.50 -42.90
C7 LMT IJ . -3.30 64.16 -43.77
C8 LMT IJ . -3.63 63.07 -44.75
C9 LMT IJ . -2.47 62.66 -45.61
C10 LMT IJ . -2.83 61.42 -46.38
C11 LMT IJ . -1.67 60.92 -47.19
C12 LMT IJ . -2.06 59.79 -48.10
C1B LMT JJ . -13.45 73.25 -52.25
C2B LMT JJ . -14.84 73.81 -52.62
C3B LMT JJ . -15.30 73.26 -54.00
C4B LMT JJ . -14.20 73.45 -55.07
C5B LMT JJ . -12.90 72.85 -54.51
C6B LMT JJ . -11.78 72.98 -55.53
O1B LMT JJ . -13.54 71.90 -51.90
O2B LMT JJ . -15.72 73.44 -51.64
O3B LMT JJ . -16.49 73.83 -54.38
O4' LMT JJ . -14.54 72.82 -56.24
O5B LMT JJ . -12.52 73.43 -53.29
O6B LMT JJ . -10.60 72.50 -55.03
C1' LMT JJ . -12.91 69.23 -48.82
C2' LMT JJ . -13.58 70.55 -48.38
C3' LMT JJ . -14.05 71.36 -49.61
C4' LMT JJ . -12.94 71.49 -50.68
C5' LMT JJ . -12.34 70.08 -50.89
C6' LMT JJ . -11.26 70.03 -51.94
O1' LMT JJ . -12.38 68.54 -47.75
O2' LMT JJ . -14.67 70.25 -47.60
O3' LMT JJ . -14.46 72.61 -49.23
O5' LMT JJ . -11.84 69.55 -49.68
O6' LMT JJ . -10.51 68.92 -51.69
C1 LMT JJ . -11.59 67.42 -48.12
C2 LMT JJ . -11.36 66.57 -46.89
C3 LMT JJ . -10.21 65.60 -46.97
C4 LMT JJ . -10.21 64.67 -45.78
C5 LMT JJ . -8.96 63.83 -45.73
C6 LMT JJ . -9.02 62.84 -44.59
C7 LMT JJ . -7.66 62.31 -44.20
C8 LMT JJ . -6.92 61.64 -45.32
C9 LMT JJ . -7.51 60.35 -45.79
C10 LMT JJ . -6.49 59.67 -46.68
C11 LMT JJ . -7.03 58.42 -47.31
C12 LMT JJ . -6.07 57.84 -48.30
MG BCL KJ . -9.01 56.17 -42.75
CHA BCL KJ . -8.66 53.02 -44.09
CHB BCL KJ . -5.74 56.76 -43.52
CHC BCL KJ . -9.13 59.01 -40.93
CHD BCL KJ . -12.01 55.17 -41.24
NA BCL KJ . -7.43 55.00 -43.65
C1A BCL KJ . -7.54 53.77 -44.27
C2A BCL KJ . -6.36 53.46 -45.16
C3A BCL KJ . -5.40 54.63 -44.88
C4A BCL KJ . -6.19 55.54 -43.98
CMA BCL KJ . -4.12 54.18 -44.18
CAA BCL KJ . -6.78 53.33 -46.64
CBA BCL KJ . -5.80 53.64 -47.77
CGA BCL KJ . -4.44 53.06 -47.62
O1A BCL KJ . -4.21 51.92 -47.44
O2A BCL KJ . -3.53 53.99 -47.67
NB BCL KJ . -7.65 57.66 -42.27
C1B BCL KJ . -6.33 57.73 -42.69
C2B BCL KJ . -5.72 58.87 -42.18
C3B BCL KJ . -6.67 59.56 -41.41
C4B BCL KJ . -7.89 58.76 -41.51
CMB BCL KJ . -4.27 59.21 -42.47
CAB BCL KJ . -6.60 60.79 -40.61
OBB BCL KJ . -7.60 61.46 -40.32
CBB BCL KJ . -5.29 61.32 -40.08
NC BCL KJ . -10.34 56.94 -41.26
C1C BCL KJ . -10.28 58.21 -40.78
C2C BCL KJ . -11.46 58.61 -39.99
C3C BCL KJ . -12.47 57.51 -40.32
C4C BCL KJ . -11.59 56.44 -40.93
CMC BCL KJ . -11.15 58.73 -38.50
CAC BCL KJ . -13.60 58.03 -41.26
CBC BCL KJ . -14.78 57.09 -41.39
ND BCL KJ . -10.10 54.47 -42.62
C1D BCL KJ . -11.34 54.19 -42.06
C2D BCL KJ . -11.77 52.89 -42.39
C3D BCL KJ . -10.76 52.37 -43.19
C4D BCL KJ . -9.79 53.35 -43.31
CMD BCL KJ . -13.07 52.24 -41.96
CAD BCL KJ . -10.31 51.24 -43.92
OBD BCL KJ . -10.81 50.10 -44.06
CBD BCL KJ . -8.96 51.60 -44.58
CGD BCL KJ . -7.92 50.61 -44.28
O1D BCL KJ . -7.52 50.32 -43.17
O2D BCL KJ . -7.41 50.04 -45.35
CED BCL KJ . -6.26 49.17 -45.17
C1 BCL KJ . -2.14 53.61 -47.49
C2 BCL KJ . -1.37 54.91 -47.51
C3 BCL KJ . -0.21 55.10 -48.08
C4 BCL KJ . 0.60 54.03 -48.81
C5 BCL KJ . 0.45 56.48 -48.08
C6 BCL KJ . 0.83 57.01 -46.69
C7 BCL KJ . 2.32 57.33 -46.55
C8 BCL KJ . 3.26 56.13 -46.69
C9 BCL KJ . 3.09 55.16 -45.49
C10 BCL KJ . 4.74 56.58 -46.81
C11 BCL KJ . 5.08 57.28 -48.11
C12 BCL KJ . 6.59 57.51 -48.33
C13 BCL KJ . 7.29 56.30 -48.97
C14 BCL KJ . 8.11 55.51 -47.95
C15 BCL KJ . 8.24 56.78 -50.10
C16 BCL KJ . 8.89 55.66 -50.93
C17 BCL KJ . 9.63 56.13 -52.20
C18 BCL KJ . 10.26 55.01 -53.03
C19 BCL KJ . 11.55 54.57 -52.31
C20 BCL KJ . 10.59 55.42 -54.48
C1 V7N LJ . 8.16 57.28 -26.42
C10 V7N LJ . 12.69 56.10 -35.65
C11 V7N LJ . 13.41 55.79 -36.81
C12 V7N LJ . 12.74 55.63 -38.03
C13 V7N LJ . 13.30 55.27 -39.27
C14 V7N LJ . 12.48 55.25 -40.42
C15 V7N LJ . 12.93 54.84 -41.68
C16 V7N LJ . 12.05 54.48 -42.70
C17 V7N LJ . 12.51 54.00 -43.93
C18 V7N LJ . 11.69 53.51 -44.98
C19 V7N LJ . 12.32 53.01 -46.13
C2 V7N LJ . 8.66 58.42 -27.31
C20 V7N LJ . 11.68 52.54 -47.27
C21 V7N LJ . 12.40 52.04 -48.39
C22 V7N LJ . 11.80 51.69 -49.58
C23 V7N LJ . 12.59 51.16 -50.71
C24 V7N LJ . 12.53 49.64 -50.84
C25 V7N LJ . 13.30 49.20 -52.02
C26 V7N LJ . 14.61 48.92 -52.02
C27 V7N LJ . 15.32 48.51 -53.27
C28 V7N LJ . 15.66 47.04 -53.38
C29 V7N LJ . 16.68 46.85 -54.43
C3 V7N LJ . 9.98 58.21 -27.93
C30 V7N LJ . 7.79 56.05 -27.25
C31 V7N LJ . 9.24 56.90 -25.41
C33 V7N LJ . 12.68 57.33 -29.05
C34 V7N LJ . 14.57 55.98 -33.96
C35 V7N LJ . 14.72 54.87 -39.40
C36 V7N LJ . 10.22 53.52 -44.83
C37 V7N LJ . 10.34 51.80 -49.78
C38 V7N LJ . 15.43 49.00 -50.79
C39 V7N LJ . 17.43 45.73 -54.56
C4 V7N LJ . 10.15 57.55 -29.12
C40 V7N LJ . 18.44 45.62 -55.62
C41 V7N LJ . 5.89 58.10 -26.57
C43 V7N LJ . 17.28 44.55 -53.67
C5 V7N LJ . 11.39 57.33 -29.77
C6 V7N LJ . 11.35 57.09 -31.15
C7 V7N LJ . 12.44 56.84 -31.99
C8 V7N LJ . 12.20 56.48 -33.32
C9 V7N LJ . 13.15 56.18 -34.32
O32 V7N LJ . 6.99 57.80 -25.75
O42 V7N LJ . 15.50 55.74 -34.73
O44 V7N LJ . 18.61 46.69 -56.40
O45 V7N LJ . 19.17 44.64 -55.86
C1B LMT MJ . -12.39 73.99 -37.39
C2B LMT MJ . -13.68 73.99 -36.53
C3B LMT MJ . -14.88 73.46 -37.34
C4B LMT MJ . -14.99 74.22 -38.67
C5B LMT MJ . -13.65 74.07 -39.40
C6B LMT MJ . -13.73 74.74 -40.76
O1B LMT MJ . -11.88 72.69 -37.51
O2B LMT MJ . -13.44 73.21 -35.43
O3B LMT MJ . -16.03 73.50 -36.60
O4' LMT MJ . -16.00 73.68 -39.44
O5B LMT MJ . -12.58 74.58 -38.64
O6B LMT MJ . -12.51 74.67 -41.40
C1' LMT MJ . -8.26 70.73 -37.80
C2' LMT MJ . -8.19 72.11 -37.10
C3' LMT MJ . -9.62 72.54 -36.70
C4' LMT MJ . -10.54 72.55 -37.94
C5' LMT MJ . -10.38 71.15 -38.60
C6' LMT MJ . -11.26 70.96 -39.81
O1' LMT MJ . -7.00 70.32 -38.17
O2' LMT MJ . -7.42 72.01 -35.97
O3' LMT MJ . -9.57 73.78 -36.12
O5' LMT MJ . -9.05 70.89 -38.97
O6' LMT MJ . -10.72 71.76 -40.79
C1 LMT MJ . -6.95 69.34 -39.19
C2 LMT MJ . -5.62 68.64 -39.01
C3 LMT MJ . -5.63 67.41 -38.16
C4 LMT MJ . -4.27 66.76 -38.12
C5 LMT MJ . -4.39 65.42 -37.47
C6 LMT MJ . -3.10 64.87 -36.98
C7 LMT MJ . -2.07 64.61 -38.05
C8 LMT MJ . -2.51 63.52 -38.97
C9 LMT MJ . -1.37 63.03 -39.82
C10 LMT MJ . -1.82 62.01 -40.82
C11 LMT MJ . -0.65 61.60 -41.66
C12 LMT MJ . -0.99 60.57 -42.69
MG BCL NJ . 5.93 62.20 -33.33
CHA BCL NJ . 6.00 59.31 -35.21
CHB BCL NJ . 9.33 62.36 -33.61
CHC BCL NJ . 5.97 64.68 -31.05
CHD BCL NJ . 2.65 61.47 -32.39
NA BCL NJ . 7.45 60.95 -34.27
C1A BCL NJ . 7.25 59.87 -35.11
C2A BCL NJ . 8.46 59.57 -35.93
C3A BCL NJ . 9.56 60.43 -35.26
C4A BCL NJ . 8.79 61.32 -34.34
CMA BCL NJ . 10.56 59.58 -34.49
CAA BCL NJ . 8.27 59.87 -37.44
CBA BCL NJ . 9.44 60.32 -38.32
CGA BCL NJ . 10.65 59.46 -38.23
O1A BCL NJ . 10.64 58.28 -38.26
O2A BCL NJ . 11.74 60.16 -38.06
NB BCL NJ . 7.41 63.34 -32.45
C1B BCL NJ . 8.78 63.24 -32.69
C2B BCL NJ . 9.48 64.15 -31.88
C3B BCL NJ . 8.53 64.85 -31.09
C4B BCL NJ . 7.24 64.32 -31.51
CMB BCL NJ . 10.99 64.28 -31.93
CAB BCL NJ . 8.67 65.86 -30.06
OBB BCL NJ . 7.76 66.65 -29.77
CBB BCL NJ . 9.94 66.01 -29.25
NC BCL NJ . 4.53 62.92 -31.90
C1C BCL NJ . 4.72 64.07 -31.17
C2C BCL NJ . 3.48 64.56 -30.52
C3C BCL NJ . 2.39 63.68 -31.12
C4C BCL NJ . 3.20 62.59 -31.80
CMC BCL NJ . 3.55 64.53 -29.00
CAC BCL NJ . 1.42 64.49 -32.03
CBC BCL NJ . 0.19 63.74 -32.49
ND BCL NJ . 4.60 60.69 -33.62
C1D BCL NJ . 3.25 60.57 -33.32
C2D BCL NJ . 2.66 59.50 -34.05
C3D BCL NJ . 3.69 58.96 -34.81
C4D BCL NJ . 4.84 59.70 -34.53
CMD BCL NJ . 1.22 59.08 -33.96
CAD BCL NJ . 4.05 57.97 -35.75
OBD BCL NJ . 3.37 57.07 -36.26
CBD BCL NJ . 5.54 58.17 -36.11
CGD BCL NJ . 6.29 56.91 -35.97
O1D BCL NJ . 6.28 56.19 -34.98
O2D BCL NJ . 7.02 56.60 -37.03
CED BCL NJ . 7.86 55.43 -36.94
C1 BCL NJ . 12.97 59.41 -37.86
C2 BCL NJ . 14.01 60.41 -37.39
C3 BCL NJ . 14.71 60.30 -36.28
C4 BCL NJ . 14.54 59.15 -35.31
C5 BCL NJ . 15.75 61.35 -35.90
C6 BCL NJ . 17.25 60.95 -36.01
C7 BCL NJ . 17.79 60.06 -34.87
C8 BCL NJ . 19.29 60.09 -34.61
C9 BCL NJ . 19.73 61.49 -34.13
C10 BCL NJ . 20.07 59.72 -35.89
C11 BCL NJ . 21.60 59.74 -35.81
C12 BCL NJ . 22.25 59.39 -37.15
C13 BCL NJ . 23.78 59.44 -37.20
C14 BCL NJ . 24.35 60.78 -36.76
C15 BCL NJ . 24.22 59.16 -38.65
C16 BCL NJ . 25.71 58.93 -38.92
C17 BCL NJ . 26.09 58.62 -40.38
C18 BCL NJ . 27.59 58.52 -40.59
C19 BCL NJ . 27.83 58.62 -42.11
C20 BCL NJ . 28.22 57.22 -40.05
C1B LMT OJ . 4.48 79.90 -24.40
C2B LMT OJ . 3.11 80.06 -23.70
C3B LMT OJ . 1.94 79.77 -24.67
C4B LMT OJ . 2.11 80.57 -25.99
C5B LMT OJ . 3.52 80.29 -26.53
C6B LMT OJ . 3.74 81.04 -27.84
O1B LMT OJ . 4.80 78.54 -24.60
O2B LMT OJ . 3.08 79.20 -22.64
O3B LMT OJ . 0.73 80.01 -24.07
O4' LMT OJ . 1.17 80.16 -26.92
O5B LMT OJ . 4.53 80.62 -25.60
O6B LMT OJ . 5.02 80.79 -28.31
C1' LMT OJ . 8.02 76.10 -25.45
C2' LMT OJ . 8.39 77.38 -24.69
C3' LMT OJ . 7.11 78.03 -24.09
C4' LMT OJ . 6.06 78.24 -25.20
C5' LMT OJ . 5.91 76.91 -25.98
C6' LMT OJ . 4.90 77.00 -27.09
O1' LMT OJ . 9.14 75.54 -25.99
O2' LMT OJ . 9.24 77.07 -23.67
O3' LMT OJ . 7.41 79.21 -23.48
O5' LMT OJ . 7.15 76.47 -26.50
O6' LMT OJ . 5.09 75.91 -27.89
C1 LMT OJ . 9.07 74.16 -26.31
C2 LMT OJ . 10.41 73.84 -26.91
C3 LMT OJ . 10.65 72.43 -27.37
C4 LMT OJ . 10.81 71.48 -26.21
C5 LMT OJ . 11.39 70.18 -26.71
C6 LMT OJ . 11.67 69.22 -25.60
C7 LMT OJ . 12.84 68.32 -25.90
C8 LMT OJ . 12.61 67.51 -27.15
C9 LMT OJ . 13.87 66.95 -27.73
C10 LMT OJ . 13.54 66.12 -28.94
C11 LMT OJ . 14.79 65.72 -29.67
C12 LMT OJ . 14.50 64.93 -30.91
C1B LMT PJ . -0.23 78.07 -36.74
C2B LMT PJ . -1.60 78.03 -37.48
C3B LMT PJ . -1.93 79.38 -38.17
C4B LMT PJ . -1.66 80.57 -37.21
C5B LMT PJ . -0.22 80.43 -36.70
C6B LMT PJ . 0.14 81.63 -35.83
O1B LMT PJ . 0.83 77.84 -37.61
O2B LMT PJ . -1.57 77.01 -38.38
O3B LMT PJ . -3.20 79.39 -38.66
O4' LMT PJ . -1.80 81.77 -37.88
O5B LMT PJ . -0.04 79.23 -35.99
O6B LMT PJ . 1.32 81.40 -35.17
C1' LMT PJ . 4.56 75.80 -37.31
C2' LMT PJ . 3.28 75.10 -36.77
C3' LMT PJ . 1.99 75.75 -37.30
C4' LMT PJ . 1.99 77.26 -37.04
C5' LMT PJ . 3.25 77.76 -37.77
C6' LMT PJ . 3.37 79.26 -37.78
O1' LMT PJ . 5.68 75.55 -36.55
O2' LMT PJ . 3.26 73.79 -37.20
O3' LMT PJ . 0.90 75.18 -36.72
O5' LMT PJ . 4.42 77.22 -37.18
O6' LMT PJ . 3.37 79.65 -36.47
C1 LMT PJ . 5.92 74.30 -35.89
C2 LMT PJ . 6.28 73.25 -36.91
C3 LMT PJ . 6.95 72.00 -36.38
C4 LMT PJ . 6.08 71.36 -35.33
C5 LMT PJ . 6.89 70.51 -34.38
C6 LMT PJ . 7.23 69.14 -34.89
C7 LMT PJ . 8.34 68.57 -34.05
C8 LMT PJ . 8.52 67.09 -34.33
C9 LMT PJ . 8.91 66.73 -35.73
C10 LMT PJ . 9.32 65.28 -35.72
C11 LMT PJ . 9.86 64.83 -37.04
C12 LMT PJ . 8.78 64.40 -37.97
C1B LMT QJ . 5.83 78.34 -33.56
C2B LMT QJ . 6.31 79.81 -33.70
C3B LMT QJ . 5.57 80.70 -32.69
C4B LMT QJ . 4.05 80.55 -32.86
C5B LMT QJ . 3.70 79.05 -32.83
C6B LMT QJ . 2.20 78.86 -33.06
O1B LMT QJ . 6.11 77.82 -32.31
O2B LMT QJ . 7.67 79.87 -33.53
O3B LMT QJ . 5.99 82.01 -32.78
O4' LMT QJ . 3.38 81.19 -31.83
O5B LMT QJ . 4.45 78.29 -33.78
O6B LMT QJ . 1.86 77.53 -32.90
C1' LMT QJ . 8.14 74.45 -31.51
C2' LMT QJ . 8.02 75.35 -30.28
C3' LMT QJ . 7.05 76.50 -30.61
C4' LMT QJ . 7.38 77.27 -31.92
C5' LMT QJ . 8.01 76.32 -32.99
C6' LMT QJ . 8.97 77.03 -33.93
O1' LMT QJ . 8.98 73.39 -31.27
O2' LMT QJ . 7.49 74.65 -29.22
O3' LMT QJ . 6.98 77.37 -29.57
O5' LMT QJ . 8.78 75.24 -32.49
O6' LMT QJ . 8.29 77.31 -35.09
C1 LMT QJ . 8.38 72.22 -30.72
C2 LMT QJ . 9.08 71.00 -31.26
C3 LMT QJ . 10.51 70.78 -30.86
C4 LMT QJ . 11.04 69.60 -31.65
C5 LMT QJ . 12.54 69.51 -31.56
C6 LMT QJ . 13.10 68.29 -32.26
C7 LMT QJ . 12.91 68.36 -33.75
C8 LMT QJ . 13.36 67.06 -34.35
C9 LMT QJ . 13.24 67.00 -35.85
C10 LMT QJ . 13.58 65.61 -36.32
C11 LMT QJ . 13.62 65.53 -37.82
C12 LMT QJ . 13.85 64.14 -38.31
C1 V7N RJ . 20.18 57.22 -14.58
C10 V7N RJ . 25.68 56.84 -23.50
C11 V7N RJ . 26.53 56.60 -24.59
C12 V7N RJ . 26.08 56.74 -25.91
C13 V7N RJ . 26.80 56.45 -27.09
C14 V7N RJ . 26.28 56.80 -28.35
C15 V7N RJ . 26.92 56.45 -29.54
C16 V7N RJ . 26.25 56.41 -30.79
C17 V7N RJ . 26.87 55.98 -31.97
C18 V7N RJ . 26.22 55.80 -33.21
C19 V7N RJ . 26.97 55.28 -34.30
C2 V7N RJ . 20.88 58.38 -15.32
C20 V7N RJ . 26.52 55.09 -35.60
C21 V7N RJ . 27.34 54.52 -36.61
C22 V7N RJ . 26.96 54.38 -37.93
C23 V7N RJ . 27.85 53.75 -38.95
C24 V7N RJ . 27.36 52.35 -39.27
C25 V7N RJ . 28.07 51.63 -40.36
C26 V7N RJ . 29.23 50.95 -40.22
C27 V7N RJ . 29.88 50.24 -41.36
C28 V7N RJ . 31.06 50.99 -41.93
C29 V7N RJ . 31.77 50.30 -43.03
C3 V7N RJ . 22.24 58.08 -15.84
C30 V7N RJ . 19.78 56.13 -15.56
C31 V7N RJ . 21.10 56.63 -13.52
C33 V7N RJ . 24.96 57.13 -16.82
C34 V7N RJ . 27.33 56.39 -21.62
C35 V7N RJ . 28.08 55.71 -27.03
C36 V7N RJ . 24.78 56.11 -33.33
C37 V7N RJ . 25.64 54.84 -38.42
C38 V7N RJ . 29.93 50.86 -38.92
C39 V7N RJ . 32.50 49.16 -42.93
C4 V7N RJ . 22.47 57.60 -17.09
C40 V7N RJ . 33.17 48.57 -44.10
C41 V7N RJ . 18.09 58.43 -14.85
C43 V7N RJ . 32.74 48.42 -41.67
C5 V7N RJ . 23.76 57.33 -17.67
C6 V7N RJ . 23.85 57.26 -19.07
C7 V7N RJ . 25.01 57.03 -19.82
C8 V7N RJ . 24.93 56.94 -21.20
C9 V7N RJ . 25.98 56.72 -22.12
O32 V7N RJ . 19.02 57.81 -13.97
O42 V7N RJ . 28.38 56.45 -22.26
O44 V7N RJ . 33.16 49.29 -45.23
O45 V7N RJ . 33.74 47.47 -44.17
C1B LMT SJ . 19.09 79.87 -9.60
C2B LMT SJ . 17.74 80.11 -8.88
C3B LMT SJ . 16.55 80.06 -9.87
C4B LMT SJ . 16.82 80.95 -11.10
C5B LMT SJ . 18.20 80.55 -11.67
C6B LMT SJ . 18.50 81.37 -12.92
O1B LMT SJ . 19.24 78.53 -9.95
O2B LMT SJ . 17.62 79.13 -7.92
O3B LMT SJ . 15.37 80.37 -9.25
O4' LMT SJ . 15.85 80.74 -12.07
O5B LMT SJ . 19.22 80.69 -10.72
O6B LMT SJ . 19.73 81.04 -13.43
C1' LMT SJ . 22.25 75.73 -10.46
C2' LMT SJ . 22.44 76.67 -9.25
C3' LMT SJ . 21.08 77.36 -8.93
C4' LMT SJ . 20.55 78.08 -10.19
C5' LMT SJ . 20.52 77.00 -11.30
C6' LMT SJ . 19.88 77.48 -12.58
O1' LMT SJ . 23.44 75.12 -10.80
O2' LMT SJ . 22.84 75.95 -8.16
O3' LMT SJ . 21.22 78.25 -7.91
O5' LMT SJ . 21.81 76.50 -11.57
O6' LMT SJ . 20.58 76.90 -13.61
C1 LMT SJ . 23.31 73.92 -11.53
C2 LMT SJ . 24.70 73.52 -11.97
C3 LMT SJ . 24.82 72.22 -12.73
C4 LMT SJ . 24.80 71.04 -11.79
C5 LMT SJ . 25.26 69.80 -12.50
C6 LMT SJ . 25.29 68.62 -11.60
C7 LMT SJ . 26.38 67.63 -11.93
C8 LMT SJ . 26.18 67.04 -13.29
C9 LMT SJ . 27.37 66.24 -13.77
C10 LMT SJ . 27.13 65.75 -15.18
C11 LMT SJ . 28.36 65.11 -15.73
C12 LMT SJ . 28.17 64.53 -17.09
C1B LMT TJ . 19.52 83.13 -22.79
C2B LMT TJ . 18.34 83.55 -23.66
C3B LMT TJ . 18.80 83.87 -25.10
C4B LMT TJ . 19.94 84.93 -25.06
C5B LMT TJ . 21.04 84.44 -24.09
C6B LMT TJ . 22.13 85.49 -23.97
O1B LMT TJ . 20.00 81.88 -23.23
O2B LMT TJ . 17.43 82.52 -23.66
O3B LMT TJ . 17.78 84.25 -25.90
O4' LMT TJ . 20.49 85.09 -26.31
O5B LMT TJ . 20.53 84.10 -22.81
O6B LMT TJ . 23.04 85.13 -23.00
C1' LMT TJ . 21.78 78.50 -21.66
C2' LMT TJ . 21.38 79.53 -20.60
C3' LMT TJ . 20.43 80.60 -21.21
C4' LMT TJ . 21.02 81.22 -22.49
C5' LMT TJ . 21.54 80.05 -23.38
C6' LMT TJ . 22.20 80.49 -24.66
O1' LMT TJ . 22.70 77.63 -21.12
O2' LMT TJ . 20.74 78.90 -19.56
O3' LMT TJ . 20.19 81.57 -20.28
O5' LMT TJ . 22.43 79.21 -22.69
O6' LMT TJ . 21.29 81.28 -25.33
C1 LMT TJ . 23.15 76.55 -21.93
C2 LMT TJ . 22.15 75.41 -21.84
C3 LMT TJ . 22.39 74.39 -20.75
C4 LMT TJ . 22.10 73.00 -21.30
C5 LMT TJ . 22.56 71.92 -20.35
C6 LMT TJ . 22.42 70.54 -20.93
C7 LMT TJ . 23.14 69.52 -20.05
C8 LMT TJ . 23.12 68.17 -20.69
C9 LMT TJ . 24.02 68.03 -21.89
C10 LMT TJ . 23.87 66.66 -22.47
C11 LMT TJ . 24.61 66.53 -23.76
C12 LMT TJ . 24.26 65.29 -24.51
MG BCL UJ . 19.85 63.72 -20.83
CHA BCL UJ . 19.79 61.22 -23.18
CHB BCL UJ . 23.19 63.17 -20.45
CHC BCL UJ . 19.85 65.86 -18.22
CHD BCL UJ . 16.36 63.47 -20.54
NA BCL UJ . 21.27 62.33 -21.69
C1A BCL UJ . 21.07 61.48 -22.76
C2A BCL UJ . 22.36 61.12 -23.43
C3A BCL UJ . 23.39 61.46 -22.34
C4A BCL UJ . 22.64 62.41 -21.45
CMA BCL UJ . 23.85 60.24 -21.57
CAA BCL UJ . 22.58 61.92 -24.74
CBA BCL UJ . 23.74 61.55 -25.71
CGA BCL UJ . 24.88 60.79 -25.14
O1A BCL UJ . 24.86 59.63 -24.91
O2A BCL UJ . 25.95 61.51 -24.82
NB BCL UJ . 21.29 64.40 -19.52
C1B BCL UJ . 22.63 64.06 -19.52
C2B BCL UJ . 23.31 64.73 -18.49
C3B BCL UJ . 22.36 65.52 -17.81
C4B BCL UJ . 21.10 65.29 -18.50
CMB BCL UJ . 24.79 64.56 -18.26
CAB BCL UJ . 22.47 66.38 -16.63
OBB BCL UJ . 21.69 67.32 -16.41
CBB BCL UJ . 23.55 66.20 -15.60
NC BCL UJ . 18.33 64.49 -19.55
C1C BCL UJ . 18.55 65.49 -18.64
C2C BCL UJ . 17.31 66.03 -18.04
C3C BCL UJ . 16.23 65.50 -18.98
C4C BCL UJ . 16.96 64.40 -19.71
CMC BCL UJ . 17.12 65.60 -16.59
CAC BCL UJ . 15.64 66.62 -19.88
CBC BCL UJ . 14.43 66.20 -20.69
ND BCL UJ . 18.37 62.56 -21.61
C1D BCL UJ . 16.98 62.62 -21.50
C2D BCL UJ . 16.37 61.74 -22.43
C3D BCL UJ . 17.42 61.15 -23.13
C4D BCL UJ . 18.60 61.68 -22.62
CMD BCL UJ . 14.88 61.54 -22.60
CAD BCL UJ . 17.78 60.34 -24.22
OBD BCL UJ . 17.07 59.72 -25.03
CBD BCL UJ . 19.33 60.29 -24.31
CGD BCL UJ . 19.82 58.91 -24.24
O1D BCL UJ . 19.49 58.10 -23.40
O2D BCL UJ . 20.67 58.60 -25.19
CED BCL UJ . 21.35 57.31 -25.08
C1 BCL UJ . 26.98 60.74 -24.13
C2 BCL UJ . 28.20 61.64 -23.97
C3 BCL UJ . 28.28 62.76 -23.28
C4 BCL UJ . 27.12 63.41 -22.52
C5 BCL UJ . 29.60 63.52 -23.15
C6 BCL UJ . 30.16 63.56 -21.72
C7 BCL UJ . 30.17 62.19 -21.04
C8 BCL UJ . 31.08 61.09 -21.56
C9 BCL UJ . 30.73 59.73 -20.91
C10 BCL UJ . 32.56 61.42 -21.28
C11 BCL UJ . 33.55 60.39 -21.81
C12 BCL UJ . 34.98 60.94 -21.88
C13 BCL UJ . 35.96 59.98 -22.57
C14 BCL UJ . 36.47 58.89 -21.61
C15 BCL UJ . 37.17 60.78 -23.09
C16 BCL UJ . 38.36 59.97 -23.60
C17 BCL UJ . 38.04 59.14 -24.86
C18 BCL UJ . 39.08 58.10 -25.27
C19 BCL UJ . 40.38 58.85 -25.65
C20 BCL UJ . 38.60 57.26 -26.45
FE HEC VJ . -27.54 37.79 16.00
CHA HEC VJ . -29.10 37.95 12.97
CHB HEC VJ . -28.31 41.10 16.58
CHC HEC VJ . -25.80 37.72 18.97
CHD HEC VJ . -26.35 34.66 15.30
NA HEC VJ . -28.54 39.24 14.98
C1A HEC VJ . -29.09 39.11 13.73
C2A HEC VJ . -29.63 40.39 13.33
C3A HEC VJ . -29.42 41.25 14.32
C4A HEC VJ . -28.72 40.55 15.38
CMA HEC VJ . -29.84 42.74 14.34
CAA HEC VJ . -30.34 40.67 11.99
CBA HEC VJ . -29.29 40.95 10.93
CGA HEC VJ . -29.96 41.37 9.64
O1A HEC VJ . -29.57 42.42 9.08
O2A HEC VJ . -30.86 40.63 9.17
NB HEC VJ . -27.07 39.18 17.45
C1B HEC VJ . -27.62 40.44 17.57
C2B HEC VJ . -27.37 40.92 18.91
C3B HEC VJ . -26.65 39.98 19.56
C4B HEC VJ . -26.48 38.87 18.65
CMB HEC VJ . -27.84 42.32 19.39
CAB HEC VJ . -26.08 39.88 20.99
CBB HEC VJ . -26.92 40.55 22.10
NC HEC VJ . -26.30 36.46 16.96
C1C HEC VJ . -25.69 36.61 18.18
C2C HEC VJ . -25.13 35.33 18.58
C3C HEC VJ . -25.09 34.57 17.46
C4C HEC VJ . -25.95 35.21 16.49
CMC HEC VJ . -24.15 35.25 19.78
CAC HEC VJ . -24.55 33.15 17.20
CBC HEC VJ . -24.67 32.19 18.39
ND HEC VJ . -27.65 36.53 14.37
C1D HEC VJ . -27.18 35.22 14.37
C2D HEC VJ . -27.72 34.53 13.23
C3D HEC VJ . -28.58 35.56 12.50
C4D HEC VJ . -28.47 36.77 13.27
CMD HEC VJ . -27.46 33.06 12.83
CAD HEC VJ . -29.38 35.39 11.21
CBD HEC VJ . -28.52 35.98 10.09
CGD HEC VJ . -29.40 36.54 9.02
O1D HEC VJ . -30.18 37.47 9.31
O2D HEC VJ . -29.31 36.07 7.85
FE HEC WJ . -17.93 25.36 21.06
CHA HEC WJ . -15.40 25.68 23.33
CHB HEC WJ . -16.80 22.23 20.24
CHC HEC WJ . -20.45 25.03 18.75
CHD HEC WJ . -18.98 28.57 21.70
NA HEC WJ . -16.38 24.18 21.65
C1A HEC WJ . -15.48 24.49 22.65
C2A HEC WJ . -14.61 23.34 22.84
C3A HEC WJ . -15.00 22.39 21.99
C4A HEC WJ . -16.11 22.90 21.22
CMA HEC WJ . -14.36 21.00 21.85
CAA HEC WJ . -13.47 23.26 23.87
CBA HEC WJ . -12.14 23.65 23.22
CGA HEC WJ . -11.02 23.17 24.10
O1A HEC WJ . -10.62 21.98 23.99
O2A HEC WJ . -10.51 23.98 24.92
NB HEC WJ . -18.49 23.91 19.71
C1B HEC WJ . -17.94 22.66 19.59
C2B HEC WJ . -18.75 21.88 18.69
C3B HEC WJ . -19.76 22.68 18.26
C4B HEC WJ . -19.61 23.95 18.91
CMB HEC WJ . -18.43 20.42 18.30
CAB HEC WJ . -20.95 22.40 17.31
CBB HEC WJ . -21.61 21.01 17.45
NC HEC WJ . -19.42 26.57 20.36
C1C HEC WJ . -20.36 26.24 19.39
C2C HEC WJ . -21.32 27.32 19.32
C3C HEC WJ . -20.80 28.36 20.00
C4C HEC WJ . -19.68 27.86 20.75
CMC HEC WJ . -22.37 27.37 18.18
CAC HEC WJ . -21.33 29.79 20.24
CBC HEC WJ . -22.86 29.88 20.45
ND HEC WJ . -17.30 26.88 22.32
C1D HEC WJ . -17.89 28.14 22.42
C2D HEC WJ . -17.17 28.93 23.39
C3D HEC WJ . -16.05 28.01 23.89
C4D HEC WJ . -16.21 26.78 23.17
CMD HEC WJ . -17.46 30.37 23.82
CAD HEC WJ . -14.97 28.33 24.94
CBD HEC WJ . -15.40 27.76 26.28
CGD HEC WJ . -14.19 27.63 27.17
O1D HEC WJ . -13.72 28.66 27.71
O2D HEC WJ . -13.69 26.48 27.34
FE HEC XJ . -30.76 50.35 21.23
CHA HEC XJ . -33.49 49.85 23.25
CHB HEC XJ . -30.33 53.47 22.63
CHC HEC XJ . -28.08 50.96 19.15
CHD HEC XJ . -31.27 47.39 19.65
NA HEC XJ . -31.70 51.44 22.69
C1A HEC XJ . -32.85 51.06 23.37
C2A HEC XJ . -33.27 52.16 24.20
C3A HEC XJ . -32.40 53.16 24.04
C4A HEC XJ . -31.39 52.73 23.08
CMA HEC XJ . -32.43 54.53 24.73
CAA HEC XJ . -34.51 52.16 25.13
CBA HEC XJ . -35.66 52.88 24.45
CGA HEC XJ . -36.88 52.80 25.32
O1A HEC XJ . -37.60 51.78 25.27
O2A HEC XJ . -37.16 53.79 26.07
NB HEC XJ . -29.49 51.94 20.91
C1B HEC XJ . -29.41 53.09 21.69
C2B HEC XJ . -28.20 53.79 21.33
C3B HEC XJ . -27.59 53.10 20.34
C4B HEC XJ . -28.39 51.93 20.08
CMB HEC XJ . -27.80 55.13 22.00
CAB HEC XJ . -26.27 53.31 19.56
CBB HEC XJ . -25.12 54.03 20.31
NC HEC XJ . -29.83 49.38 19.70
C1C HEC XJ . -28.75 49.79 18.95
C2C HEC XJ . -28.34 48.70 18.09
C3C HEC XJ . -29.36 47.82 18.08
C4C HEC XJ . -30.23 48.16 19.19
CMC HEC XJ . -27.32 48.94 16.95
CAC HEC XJ . -29.57 46.48 17.33
CBC HEC XJ . -28.29 45.72 16.94
ND HEC XJ . -32.20 48.88 21.37
C1D HEC XJ . -32.10 47.68 20.71
C2D HEC XJ . -33.01 46.73 21.29
C3D HEC XJ . -33.71 47.49 22.42
C4D HEC XJ . -33.14 48.82 22.40
CMD HEC XJ . -33.24 45.26 20.88
CAD HEC XJ . -34.78 46.92 23.37
CBD HEC XJ . -34.10 46.23 24.54
CGD HEC XJ . -35.14 45.48 25.34
O1D HEC XJ . -34.80 45.00 26.46
O2D HEC XJ . -36.29 45.36 24.86
FE HEC YJ . -16.56 12.38 16.60
CHA HEC YJ . -19.24 10.67 17.89
CHB HEC YJ . -15.95 9.78 14.43
CHC HEC YJ . -13.96 14.13 15.16
CHD HEC YJ . -16.77 14.73 19.03
NA HEC YJ . -17.45 10.58 16.21
C1A HEC YJ . -18.52 10.05 16.89
C2A HEC YJ . -18.75 8.72 16.38
C3A HEC YJ . -17.85 8.47 15.43
C4A HEC YJ . -17.00 9.65 15.30
CMA HEC YJ . -17.72 7.18 14.62
CAA HEC YJ . -19.87 7.75 16.85
CBA HEC YJ . -19.35 6.94 18.03
CGA HEC YJ . -20.27 5.78 18.31
O1A HEC YJ . -20.86 5.23 17.34
O2A HEC YJ . -20.42 5.41 19.50
NB HEC YJ . -15.15 11.99 15.12
C1B HEC YJ . -15.19 10.92 14.26
C2B HEC YJ . -14.34 11.20 13.14
C3B HEC YJ . -13.76 12.40 13.35
C4B HEC YJ . -14.29 12.91 14.60
CMB HEC YJ . -14.12 10.21 11.98
CAB HEC YJ . -12.77 13.24 12.50
CBB HEC YJ . -12.98 13.18 10.98
NC HEC YJ . -15.54 14.09 17.02
C1C HEC YJ . -14.52 14.66 16.29
C2C HEC YJ . -14.28 15.99 16.81
C3C HEC YJ . -14.92 16.07 17.98
C4C HEC YJ . -15.81 14.93 18.06
CMC HEC YJ . -13.03 16.79 16.36
CAC HEC YJ . -14.99 17.20 19.04
CBC HEC YJ . -14.81 18.65 18.53
ND HEC YJ . -17.77 12.61 18.26
C1D HEC YJ . -17.76 13.78 19.01
C2D HEC YJ . -18.99 13.85 19.77
C3D HEC YJ . -19.76 12.57 19.42
C4D HEC YJ . -18.93 11.87 18.47
CMD HEC YJ . -19.43 14.96 20.75
CAD HEC YJ . -21.15 12.14 19.93
CBD HEC YJ . -22.12 12.74 18.92
CGD HEC YJ . -23.55 12.45 19.27
O1D HEC YJ . -23.82 11.50 20.04
O2D HEC YJ . -24.44 13.18 18.75
C1 NDG ZJ . -50.90 55.39 13.37
C2 NDG ZJ . -51.45 56.75 12.91
C3 NDG ZJ . -51.58 57.64 14.14
C4 NDG ZJ . -52.51 57.01 15.17
C5 NDG ZJ . -52.10 55.56 15.48
C6 NDG ZJ . -53.19 54.80 16.23
C7 NDG ZJ . -50.48 56.95 10.63
C8 NDG ZJ . -49.53 57.74 9.76
O5 NDG ZJ . -51.85 54.81 14.28
O3 NDG ZJ . -52.06 58.92 13.73
O4 NDG ZJ . -52.38 57.81 16.35
O6 NDG ZJ . -52.74 53.50 16.66
O7 NDG ZJ . -51.11 55.98 10.21
N2 NDG ZJ . -50.59 57.40 11.92
C6 V75 AK . -48.61 53.14 12.42
C5 V75 AK . -47.72 54.20 13.08
C1 V75 AK . -45.62 55.24 12.97
C2 V75 AK . -46.22 56.64 12.97
C3 V75 AK . -47.55 56.62 13.72
O3 V75 AK . -48.20 57.84 13.57
C4 V75 AK . -48.46 55.53 13.15
O4 V75 AK . -49.63 55.40 13.90
C2A V75 AK . -45.23 58.80 13.03
C2B V75 AK . -44.10 59.74 13.47
C3A V75 AK . -48.06 58.75 14.62
C3B V75 AK . -48.81 60.08 14.55
O2 V75 AK . -45.31 57.52 13.59
O2B V75 AK . -46.01 59.16 12.21
O3B V75 AK . -47.38 58.49 15.55
O5 V75 AK . -46.54 54.38 12.35
O6A V75 AK . -49.26 52.35 13.14
O6B V75 AK . -48.70 53.09 11.16
C1 NDG BK . -45.71 15.46 15.68
C2 NDG BK . -45.75 14.20 16.57
C3 NDG BK . -46.24 13.01 15.76
C4 NDG BK . -47.57 13.31 15.10
C5 NDG BK . -47.43 14.57 14.23
C6 NDG BK . -48.76 15.02 13.62
C7 NDG BK . -43.93 14.62 18.21
C8 NDG BK . -42.56 14.15 18.69
O5 NDG BK . -46.97 15.67 15.03
O3 NDG BK . -46.35 11.90 16.65
O4 NDG BK . -47.87 12.19 14.30
O6 NDG BK . -48.59 16.20 12.82
O7 NDG BK . -44.52 15.56 18.71
N2 NDG BK . -44.45 13.91 17.17
CAD PGW CK . -3.27 -13.63 25.29
OAE PGW CK . -3.93 -12.49 24.77
OAF PGW CK . -3.10 -14.59 23.08
P PGW CK . -6.77 -16.18 22.72
C01 PGW CK . -4.74 -16.21 19.25
C1 PGW CK . -4.60 -13.03 18.75
O01 PGW CK . -4.31 -13.81 19.82
C02 PGW CK . -4.99 -15.04 20.21
C2 PGW CK . -3.64 -11.91 18.43
O02 PGW CK . -5.60 -13.17 18.08
C03 PGW CK . -6.51 -14.91 20.38
C3 PGW CK . -2.78 -12.17 17.19
O03 PGW CK . -3.36 -16.42 18.88
C04 PGW CK . -5.07 -15.06 24.37
C4 PGW CK . -3.53 -11.82 15.91
O04 PGW CK . -2.65 -16.99 20.92
C05 PGW CK . -3.57 -14.85 24.41
C5 PGW CK . -2.80 -12.34 14.66
C06 PGW CK . 3.15 -11.62 15.73
C6 PGW CK . -1.43 -11.66 14.45
C07 PGW CK . 4.28 -12.48 15.15
C7 PGW CK . -0.86 -12.15 13.13
C08 PGW CK . 5.06 -13.14 16.30
C8 PGW CK . 0.58 -11.67 12.84
C09 PGW CK . 6.02 -12.13 16.94
C9 PGW CK . 1.55 -12.09 13.92
C10 PGW CK . 2.18 -11.19 14.64
C11 PGW CK . 6.99 -12.85 17.88
O11 PGW CK . -6.83 -14.89 21.77
C12 PGW CK . 8.13 -11.91 18.27
O12 PGW CK . -5.36 -16.13 23.47
C13 PGW CK . 9.19 -12.63 19.11
O13 PGW CK . -6.88 -17.53 21.86
C14 PGW CK . 10.49 -11.84 19.10
O14 PGW CK . -7.88 -16.12 23.71
C15 PGW CK . 5.43 -17.89 12.42
C16 PGW CK . 6.96 -18.04 12.42
C17 PGW CK . 7.42 -19.30 11.67
C18 PGW CK . 7.85 -20.44 12.59
C19 PGW CK . -2.49 -17.01 19.72
C20 PGW CK . -1.35 -17.78 19.12
C21 PGW CK . -0.41 -16.82 18.39
C22 PGW CK . 0.58 -17.59 17.52
C23 PGW CK . 1.49 -16.59 16.82
C24 PGW CK . 2.30 -17.26 15.70
C25 PGW CK . 3.01 -16.16 14.90
C26 PGW CK . 3.60 -16.68 13.58
C27 PGW CK . 4.92 -17.41 13.80
C28 PGW CK . 6.72 -20.95 13.49
C29 PGW CK . 6.19 -22.42 15.45
C30 PGW CK . 7.31 -21.91 14.54
C2 0V9 DK . -19.01 -20.63 15.23
C1 0V9 DK . -20.05 -19.70 15.89
N 0V9 DK . -23.17 -17.01 20.96
C3 0V9 DK . -19.45 -22.09 15.20
C4 0V9 DK . -21.16 -18.15 20.01
C5 0V9 DK . -22.54 -17.52 19.76
C10 0V9 DK . -17.51 -20.19 13.39
C11 0V9 DK . -17.42 -19.60 12.01
C12 0V9 DK . -16.00 -19.59 11.47
C13 0V9 DK . -15.68 -20.73 10.50
C14 0V9 DK . -14.19 -20.77 10.24
C15 0V9 DK . -13.72 -21.75 9.17
C16 0V9 DK . -12.22 -21.99 9.20
C17 0V9 DK . -11.46 -20.96 8.36
C18 0V9 DK . -10.00 -20.89 8.69
C19 0V9 DK . -9.05 -21.76 8.34
C20 0V9 DK . -9.19 -22.98 7.50
C21 0V9 DK . -8.03 -23.10 6.51
C22 0V9 DK . -8.34 -23.99 5.34
C23 0V9 DK . -7.37 -23.73 4.18
C24 0V9 DK . -7.74 -24.50 2.94
C25 0V9 DK . -6.86 -24.14 1.76
C30 0V9 DK . -17.82 -23.38 13.98
C31 0V9 DK . -16.54 -24.14 14.03
C32 0V9 DK . -15.67 -23.87 12.82
C33 0V9 DK . -14.53 -24.86 12.74
C34 0V9 DK . -13.68 -24.64 11.49
C35 0V9 DK . -13.00 -25.91 11.01
C36 0V9 DK . -12.09 -26.48 12.08
C37 0V9 DK . -11.73 -27.93 11.85
C38 0V9 DK . -10.83 -28.19 10.64
C39 0V9 DK . -9.44 -27.61 10.79
C40 0V9 DK . -8.58 -27.92 9.58
C41 0V9 DK . -7.20 -27.32 9.68
C42 0V9 DK . -6.27 -27.86 8.62
C43 0V9 DK . -6.81 -27.66 7.23
O4 0V9 DK . -16.63 -20.66 14.09
O5 0V9 DK . -18.48 -23.10 12.98
O2 0V9 DK . -18.79 -20.15 13.90
O3 0V9 DK . -18.29 -22.94 15.20
O1P 0V9 DK . -21.25 -17.20 17.03
O2P 0V9 DK . -19.06 -16.77 18.17
O3P 0V9 DK . -19.36 -18.79 16.70
O4P 0V9 DK . -20.52 -18.64 18.86
P 0V9 DK . -19.94 -17.71 17.69
C1 CD4 EK . 7.89 -14.68 13.46
C2 CD4 EK . 9.41 -14.56 13.41
C3 CD4 EK . 10.02 -15.81 12.77
C4 CD4 EK . 11.55 -15.71 12.82
C5 CD4 EK . 12.18 -16.94 12.14
C6 CD4 EK . 13.67 -17.02 12.45
C7 CD4 EK . 14.25 -18.26 11.77
C8 CD4 EK . 15.76 -18.43 12.05
C9 CD4 EK . 16.22 -19.78 11.51
C10 CD4 EK . 17.72 -20.00 11.71
C11 CD4 EK . 18.08 -21.39 11.18
C12 CD4 EK . 19.60 -21.61 11.15
C13 CD4 EK . 20.16 -21.97 12.53
C14 CD4 EK . 20.49 -23.45 12.58
O1 CD4 EK . 20.16 -24.18 11.67
O2 CD4 EK . 21.17 -23.94 13.61
C15 CD4 EK . 21.15 -25.39 13.75
C16 CD4 EK . 20.32 -25.76 14.98
O3 CD4 EK . 18.97 -25.29 14.71
C17 CD4 EK . 18.54 -24.21 15.37
O4 CD4 EK . 19.27 -23.59 16.11
C18 CD4 EK . 17.12 -23.77 15.13
C19 CD4 EK . 16.97 -22.26 15.39
C20 CD4 EK . 15.48 -21.88 15.46
C21 CD4 EK . 14.70 -22.59 14.36
C22 CD4 EK . 13.33 -21.94 14.12
C23 CD4 EK . 12.46 -21.99 15.38
C24 CD4 EK . 11.12 -21.26 15.15
C25 CD4 EK . 11.27 -19.81 14.69
C26 CD4 EK . 12.19 -18.97 15.58
C27 CD4 EK . 11.57 -18.79 16.96
C28 CD4 EK . 22.56 -25.94 13.89
O5 CD4 EK . 23.44 -25.46 12.88
P1 CD4 EK . 23.97 -26.41 11.70
O6 CD4 EK . 24.65 -27.71 12.34
O7 CD4 EK . 25.00 -25.71 10.91
O8 CD4 EK . 22.77 -26.81 10.71
C29 CD4 EK . 22.41 -28.17 10.44
C30 CD4 EK . 20.91 -28.33 10.63
O9 CD4 EK . 20.54 -29.66 10.25
C31 CD4 EK . 20.17 -27.38 9.70
O10 CD4 EK . 18.82 -27.83 9.63
P2 CD4 EK . 17.75 -27.17 8.64
O11 CD4 EK . 16.37 -27.99 8.71
O12 CD4 EK . 18.27 -27.20 7.25
O13 CD4 EK . 17.52 -25.66 9.11
C32 CD4 EK . 17.24 -25.35 10.48
C33 CD4 EK . 16.06 -24.39 10.55
C34 CD4 EK . 16.01 -23.55 9.26
O14 CD4 EK . 15.20 -22.37 9.50
C35 CD4 EK . 13.92 -22.41 9.10
O15 CD4 EK . 13.50 -23.35 8.48
C36 CD4 EK . 13.02 -21.24 9.44
C37 CD4 EK . 11.63 -21.42 8.84
C38 CD4 EK . 10.65 -20.46 9.52
C39 CD4 EK . 10.73 -19.06 8.90
C40 CD4 EK . 9.90 -18.97 7.63
C41 CD4 EK . 8.41 -18.76 7.93
C42 CD4 EK . 8.14 -17.30 8.32
C43 CD4 EK . 6.64 -17.00 8.33
C44 CD4 EK . 6.42 -15.49 8.31
C45 CD4 EK . 4.93 -15.13 8.20
O16 CD4 EK . 14.81 -25.11 10.64
C46 CD4 EK . 14.42 -25.60 11.84
O17 CD4 EK . 15.14 -25.50 12.80
C47 CD4 EK . 13.08 -26.25 11.92
C48 CD4 EK . 12.03 -25.31 11.34
C49 CD4 EK . 10.69 -26.06 11.17
C50 CD4 EK . 9.69 -25.20 10.42
C51 CD4 EK . 9.19 -24.05 11.30
C52 CD4 EK . 7.68 -24.18 11.50
C53 CD4 EK . 7.33 -25.24 12.56
C54 CD4 EK . 5.81 -25.19 12.79
C55 CD4 EK . 5.40 -25.95 14.05
C56 CD4 EK . 5.41 -27.46 13.77
C57 CD4 EK . 5.56 -28.26 15.08
C58 CD4 EK . 6.85 -27.95 15.83
C59 CD4 EK . 8.10 -28.05 14.93
C60 CD4 EK . 12.33 -17.74 17.78
C61 CD4 EK . 12.14 -16.34 17.15
C62 CD4 EK . 12.60 -15.27 18.13
C63 CD4 EK . 4.25 -15.10 9.58
C64 CD4 EK . 2.81 -14.65 9.42
C65 CD4 EK . 2.12 -14.61 10.78
O1D BPH FK . 17.24 -10.45 4.87
CGD BPH FK . 16.18 -9.93 4.56
O2D BPH FK . 15.08 -10.65 4.44
CED BPH FK . 15.15 -12.04 4.84
CBD BPH FK . 15.97 -8.50 4.29
CHA BPH FK . 14.61 -7.94 4.70
C4D BPH FK . 14.10 -7.39 3.52
C3D BPH FK . 14.86 -7.57 2.38
CAD BPH FK . 16.04 -8.23 2.77
OBD BPH FK . 17.04 -8.56 2.10
C2D BPH FK . 14.18 -6.96 1.33
CMD BPH FK . 14.56 -6.87 -0.13
C1D BPH FK . 13.01 -6.42 1.90
ND BPH FK . 12.96 -6.69 3.28
CHD BPH FK . 11.96 -5.69 1.29
C4C BPH FK . 10.85 -5.12 1.88
C3C BPH FK . 9.72 -4.45 1.15
CAC BPH FK . 10.14 -3.48 -0.01
CBC BPH FK . 11.26 -2.53 0.36
C2C BPH FK . 8.97 -3.76 2.30
CMC BPH FK . 7.46 -3.74 2.12
C1C BPH FK . 9.40 -4.58 3.46
NC BPH FK . 10.55 -5.27 3.21
CHC BPH FK . 8.82 -4.54 4.73
C4B BPH FK . 9.03 -5.30 5.90
C3B BPH FK . 8.19 -5.35 7.12
CAB BPH FK . 6.94 -4.67 7.42
CBB BPH FK . 6.19 -3.84 6.39
OBB BPH FK . 6.39 -4.71 8.53
C2B BPH FK . 8.88 -6.22 7.97
CMB BPH FK . 8.52 -6.67 9.39
C1B BPH FK . 10.03 -6.68 7.31
NB BPH FK . 10.12 -6.09 6.05
CHB BPH FK . 11.00 -7.57 7.81
C4A BPH FK . 12.24 -7.92 7.33
C3A BPH FK . 13.18 -8.90 7.98
CMA BPH FK . 12.65 -10.32 7.90
C2A BPH FK . 14.47 -8.73 7.15
C1A BPH FK . 13.96 -8.09 5.90
NA BPH FK . 12.68 -7.61 6.05
CAA BPH FK . 15.51 -7.86 7.85
CBA BPH FK . 16.20 -8.56 9.01
CGA BPH FK . 17.13 -7.73 9.82
O1A BPH FK . 17.31 -6.57 9.70
O2A BPH FK . 17.74 -8.45 10.71
C1 BPH FK . 18.59 -7.87 11.73
C2 BPH FK . 17.70 -7.43 12.88
C3 BPH FK . 16.99 -8.27 13.60
C4 BPH FK . 16.94 -9.78 13.41
C5 BPH FK . 16.18 -7.80 14.81
C6 BPH FK . 16.41 -6.35 15.24
C7 BPH FK . 15.78 -6.07 16.60
C8 BPH FK . 15.92 -4.61 17.05
C9 BPH FK . 17.39 -4.31 17.43
C10 BPH FK . 14.98 -4.33 18.24
C11 BPH FK . 13.53 -4.15 17.85
C12 BPH FK . 13.28 -2.77 17.22
C13 BPH FK . 12.01 -2.72 16.36
C14 BPH FK . 11.84 -1.36 15.69
C15 BPH FK . 10.77 -3.01 17.23
C16 BPH FK . 9.47 -3.01 16.45
C17 BPH FK . 8.24 -3.59 17.17
C18 BPH FK . 7.07 -3.87 16.23
C19 BPH FK . 6.61 -2.50 15.68
C20 BPH FK . 5.92 -4.60 16.91
C1B LMT GK . -1.28 24.37 -6.91
C2B LMT GK . -1.74 24.67 -5.45
C3B LMT GK . -3.27 24.92 -5.38
C4B LMT GK . -3.73 25.92 -6.46
C5B LMT GK . -3.16 25.44 -7.81
C6B LMT GK . -3.60 26.40 -8.92
O1B LMT GK . -1.68 23.10 -7.32
O2B LMT GK . -1.39 23.60 -4.67
O3B LMT GK . -3.65 25.31 -4.12
O4' LMT GK . -5.10 25.97 -6.53
O5B LMT GK . -1.76 25.34 -7.79
O6B LMT GK . -2.78 26.24 -10.00
C1' LMT GK . -0.20 19.32 -8.14
C2' LMT GK . 0.46 20.03 -6.95
C3' LMT GK . -0.35 21.29 -6.52
C4' LMT GK . -0.65 22.20 -7.72
C5' LMT GK . -1.20 21.30 -8.85
C6' LMT GK . -1.55 22.06 -10.11
O1' LMT GK . 0.63 18.31 -8.56
O2' LMT GK . 0.51 19.17 -5.88
O3' LMT GK . 0.35 22.00 -5.59
O5' LMT GK . -0.29 20.28 -9.18
O6' LMT GK . -0.35 22.31 -10.74
C1 LMT GK . 0.06 17.19 -9.24
C2 LMT GK . -0.19 17.62 -10.67
C3 LMT GK . -0.32 16.55 -11.71
C4 LMT GK . -1.01 15.34 -11.13
C5 LMT GK . -1.91 14.67 -12.12
C6 LMT GK . -2.82 13.66 -11.47
C7 LMT GK . -4.04 13.37 -12.31
C8 LMT GK . -5.15 12.89 -11.43
C9 LMT GK . -6.32 12.30 -12.15
C10 LMT GK . -7.45 12.12 -11.18
C11 LMT GK . -8.48 11.15 -11.67
C12 LMT GK . -9.23 11.65 -12.85
MG BCL HK . -2.37 3.26 4.97
CHA BCL HK . 1.04 3.51 5.63
CHB BCL HK . -1.66 0.69 2.86
CHC BCL HK . -5.62 2.30 5.11
CHD BCL HK . -2.98 5.50 7.57
NA BCL HK . -0.54 2.24 4.38
C1A BCL HK . 0.77 2.57 4.67
C2A BCL HK . 1.72 1.67 3.96
C3A BCL HK . 0.85 1.13 2.81
C4A BCL HK . -0.52 1.29 3.38
CMA BCL HK . 1.02 1.94 1.53
CAA BCL HK . 2.22 0.51 4.83
CBA BCL HK . 3.43 -0.26 4.27
CGA BCL HK . 4.72 0.48 4.37
O1A BCL HK . 4.84 1.62 4.61
O2A BCL HK . 5.76 -0.30 4.29
NB BCL HK . -3.48 1.71 4.18
C1B BCL HK . -3.01 0.79 3.24
C2B BCL HK . -4.07 0.03 2.72
C3B BCL HK . -5.25 0.48 3.34
C4B BCL HK . -4.82 1.53 4.25
CMB BCL HK . -3.85 -1.06 1.69
CAB BCL HK . -6.65 0.08 3.17
OBB BCL HK . -7.59 0.80 3.53
CBB BCL HK . -7.05 -1.24 2.55
NC BCL HK . -4.04 3.82 6.18
C1C BCL HK . -5.31 3.33 6.03
C2C BCL HK . -6.33 4.12 6.77
C3C BCL HK . -5.47 5.02 7.65
C4C BCL HK . -4.08 4.79 7.15
CMC BCL HK . -7.26 4.90 5.87
CAC BCL HK . -5.62 4.72 9.17
CBC BCL HK . -6.89 5.29 9.74
ND BCL HK . -1.26 4.29 6.32
C1D BCL HK . -1.61 5.18 7.34
C2D BCL HK . -0.46 5.65 8.02
C3D BCL HK . 0.62 5.03 7.40
C4D BCL HK . 0.11 4.23 6.38
CMD BCL HK . -0.46 6.62 9.16
CAD BCL HK . 1.98 4.73 7.51
OBD BCL HK . 2.83 5.12 8.33
CBD BCL HK . 2.35 3.73 6.38
CGD BCL HK . 3.48 4.27 5.59
O1D BCL HK . 3.39 4.72 4.48
O2D BCL HK . 4.63 4.20 6.24
CED BCL HK . 5.83 4.62 5.55
C1 BCL HK . 7.08 0.30 4.48
C2 BCL HK . 7.86 -0.71 5.32
C3 BCL HK . 8.29 -0.57 6.55
C4 BCL HK . 8.13 0.68 7.40
C5 BCL HK . 8.97 -1.74 7.26
C6 BCL HK . 10.44 -1.57 7.61
C7 BCL HK . 11.06 -2.86 8.14
C8 BCL HK . 12.46 -2.75 8.73
C9 BCL HK . 13.43 -2.11 7.72
C10 BCL HK . 12.99 -4.14 9.15
C11 BCL HK . 12.33 -4.73 10.38
C12 BCL HK . 13.05 -5.98 10.90
C13 BCL HK . 12.43 -6.54 12.19
C14 BCL HK . 12.69 -5.63 13.40
C15 BCL HK . 13.00 -7.93 12.50
C16 BCL HK . 12.19 -9.09 11.95
C17 BCL HK . 12.84 -10.48 11.95
C18 BCL HK . 13.13 -11.04 13.33
C19 BCL HK . 13.85 -12.38 13.09
C20 BCL HK . 11.88 -11.26 14.19
C1B LMT IK . 7.48 13.29 -8.81
C2B LMT IK . 8.75 12.97 -9.60
C3B LMT IK . 9.33 11.63 -9.12
C4B LMT IK . 9.59 11.68 -7.59
C5B LMT IK . 8.37 12.27 -6.86
C6B LMT IK . 8.74 12.55 -5.41
O1B LMT IK . 6.51 12.28 -8.93
O2B LMT IK . 8.47 12.94 -10.94
O3B LMT IK . 10.45 11.27 -9.82
O4' LMT IK . 9.84 10.41 -7.11
O5B LMT IK . 7.82 13.44 -7.46
O6B LMT IK . 7.88 13.47 -4.86
C1' LMT IK . 3.27 10.78 -10.95
C2' LMT IK . 4.62 10.55 -11.66
C3' LMT IK . 5.78 10.86 -10.69
C4' LMT IK . 5.65 12.26 -10.06
C5' LMT IK . 4.18 12.44 -9.60
C6' LMT IK . 3.88 13.82 -9.07
O1' LMT IK . 2.23 10.51 -11.81
O2' LMT IK . 4.70 9.23 -12.04
O3' LMT IK . 6.98 10.76 -11.33
O5' LMT IK . 3.23 12.16 -10.61
O6' LMT IK . 4.02 14.67 -10.14
C1 LMT IK . 0.97 10.20 -11.21
C2 LMT IK . -0.03 10.02 -12.33
C3 LMT IK . -1.36 9.42 -11.96
C4 LMT IK . -2.30 9.42 -13.15
C5 LMT IK . -3.59 8.73 -12.82
C6 LMT IK . -4.67 8.90 -13.87
C7 LMT IK . -5.93 8.20 -13.42
C8 LMT IK . -7.07 8.45 -14.37
C9 LMT IK . -8.26 7.57 -14.09
C10 LMT IK . -9.32 7.73 -15.15
C11 LMT IK . -10.42 6.73 -14.96
C12 LMT IK . -11.38 6.69 -16.10
C1B LMT JK . 13.37 1.75 -14.10
C2B LMT JK . 14.15 1.24 -12.88
C3B LMT JK . 13.83 2.09 -11.64
C4B LMT JK . 13.98 3.60 -11.95
C5B LMT JK . 13.23 3.93 -13.25
C6B LMT JK . 13.42 5.40 -13.60
O1B LMT JK . 12.00 1.56 -13.88
O2B LMT JK . 13.80 -0.07 -12.69
O3B LMT JK . 14.55 1.70 -10.55
O4' LMT JK . 13.47 4.36 -10.92
O5B LMT JK . 13.62 3.11 -14.31
O6B LMT JK . 12.99 5.64 -14.89
C1' LMT JK . 8.62 -0.24 -15.34
C2' LMT JK . 9.87 -1.13 -15.38
C3' LMT JK . 10.99 -0.50 -14.50
C4' LMT JK . 11.25 0.96 -14.91
C5' LMT JK . 9.88 1.67 -14.97
C6' LMT JK . 9.98 3.13 -15.33
O1' LMT JK . 7.69 -0.77 -16.19
O2' LMT JK . 9.57 -2.37 -14.89
O3' LMT JK . 12.14 -1.22 -14.61
O5' LMT JK . 8.98 1.03 -15.86
O6' LMT JK . 8.71 3.58 -15.56
C1 LMT JK . 6.49 -1.24 -15.59
C2 LMT JK . 5.65 -0.05 -15.23
C3 LMT JK . 4.42 -0.33 -14.43
C4 LMT JK . 3.69 -1.48 -15.08
C5 LMT JK . 2.44 -1.84 -14.35
C6 LMT JK . 1.86 -3.13 -14.85
C7 LMT JK . 0.55 -3.43 -14.18
C8 LMT JK . 0.19 -4.86 -14.42
C9 LMT JK . 0.92 -5.82 -13.54
C10 LMT JK . 1.08 -7.12 -14.28
C11 LMT JK . 1.72 -8.17 -13.44
C12 LMT JK . 1.92 -9.45 -14.17
C1B LMT KK . 11.24 6.58 -7.61
C2B LMT KK . 12.35 7.61 -7.92
C3B LMT KK . 13.53 6.94 -8.63
C4B LMT KK . 14.01 5.68 -7.85
C5B LMT KK . 12.78 4.80 -7.59
C6B LMT KK . 13.20 3.56 -6.80
O1B LMT KK . 10.61 6.16 -8.78
O2B LMT KK . 11.80 8.60 -8.69
O3B LMT KK . 14.55 7.83 -8.85
O4' LMT KK . 14.93 4.98 -8.59
O5B LMT KK . 11.75 5.49 -6.91
O6B LMT KK . 12.09 2.85 -6.41
C1' LMT KK . 6.77 6.36 -10.51
C2' LMT KK . 7.69 7.60 -10.68
C3' LMT KK . 9.17 7.25 -10.37
C4' LMT KK . 9.27 6.58 -8.99
C5' LMT KK . 8.34 5.35 -9.09
C6' LMT KK . 8.43 4.40 -7.92
O1' LMT KK . 5.46 6.76 -10.54
O2' LMT KK . 7.61 8.04 -11.97
O3' LMT KK . 9.96 8.37 -10.40
O5' LMT KK . 7.00 5.77 -9.24
O6' LMT KK . 9.67 3.84 -7.94
C1 LMT KK . 4.52 5.81 -11.02
C2 LMT KK . 3.16 6.36 -10.69
C3 LMT KK . 1.97 5.50 -11.08
C4 LMT KK . 0.77 5.92 -10.26
C5 LMT KK . -0.44 5.11 -10.59
C6 LMT KK . -1.51 5.21 -9.52
C7 LMT KK . -2.90 5.25 -10.11
C8 LMT KK . -3.90 5.37 -8.99
C9 LMT KK . -5.27 5.82 -9.40
C10 LMT KK . -5.56 7.19 -8.88
C11 LMT KK . -6.94 7.67 -9.28
C12 LMT KK . -7.26 9.01 -8.72
C1B LMT LK . 1.90 23.50 0.04
C2B LMT LK . 3.20 24.04 0.65
C3B LMT LK . 3.26 23.65 2.14
C4B LMT LK . 1.98 24.13 2.89
C5B LMT LK . 0.71 23.87 2.06
C6B LMT LK . -0.44 24.66 2.66
O1B LMT LK . 1.79 22.13 0.24
O2B LMT LK . 4.26 23.53 -0.04
O3B LMT LK . 4.41 24.08 2.73
O4' LMT LK . 1.87 23.46 4.10
O5B LMT LK . 0.83 24.14 0.67
O6B LMT LK . -1.56 24.57 1.88
C1' LMT LK . 2.40 18.36 -1.31
C2' LMT LK . 3.68 19.11 -0.92
C3' LMT LK . 3.33 20.33 -0.05
C4' LMT LK . 2.30 21.24 -0.75
C5' LMT LK . 1.15 20.32 -1.25
C6' LMT LK . 0.10 21.08 -2.02
O1' LMT LK . 2.74 17.32 -2.13
O2' LMT LK . 4.48 18.26 -0.21
O3' LMT LK . 4.46 21.05 0.21
O5' LMT LK . 1.60 19.26 -2.05
O6' LMT LK . 0.62 21.24 -3.27
C1 LMT LK . 1.70 16.60 -2.75
C2 LMT LK . 2.35 15.37 -3.33
C3 LMT LK . 1.62 14.70 -4.45
C4 LMT LK . 2.09 13.26 -4.54
C5 LMT LK . 2.26 12.75 -5.95
C6 LMT LK . 1.01 12.38 -6.70
C7 LMT LK . 0.21 13.57 -7.18
C8 LMT LK . -0.71 13.23 -8.33
C9 LMT LK . -2.01 12.52 -8.03
C10 LMT LK . -1.79 11.03 -7.92
C11 LMT LK . -3.07 10.31 -7.72
C12 LMT LK . -2.85 8.85 -7.54
MG BCL MK . 3.85 -3.24 11.79
CHA BCL MK . 1.58 -5.80 11.36
CHB BCL MK . 6.15 -5.59 12.70
CHC BCL MK . 6.29 -0.94 11.37
CHD BCL MK . 1.64 -1.07 10.17
NA BCL MK . 3.84 -5.40 11.95
C1A BCL MK . 2.77 -6.26 11.84
C2A BCL MK . 3.15 -7.67 12.16
C3A BCL MK . 4.44 -7.45 12.97
C4A BCL MK . 4.90 -6.11 12.49
CMA BCL MK . 4.20 -7.45 14.47
CAA BCL MK . 3.39 -8.56 10.93
CBA BCL MK . 4.41 -8.00 9.92
CGA BCL MK . 4.75 -8.88 8.76
O1A BCL MK . 4.46 -10.00 8.67
O2A BCL MK . 5.37 -8.21 7.82
NB BCL MK . 5.90 -3.25 11.99
C1B BCL MK . 6.69 -4.33 12.37
C2B BCL MK . 8.04 -3.97 12.38
C3B BCL MK . 8.13 -2.63 12.00
C4B BCL MK . 6.75 -2.21 11.75
CMB BCL MK . 9.15 -4.93 12.77
CAB BCL MK . 9.36 -1.85 11.89
OBB BCL MK . 10.39 -2.12 12.52
CBB BCL MK . 9.45 -0.64 10.98
NC BCL MK . 3.95 -1.32 10.89
C1C BCL MK . 5.05 -0.51 10.90
C2C BCL MK . 4.74 0.88 10.49
C3C BCL MK . 3.44 0.68 9.71
C4C BCL MK . 2.92 -0.59 10.33
CMC BCL MK . 4.60 1.82 11.66
CAC BCL MK . 3.62 0.62 8.17
CBC BCL MK . 4.48 -0.53 7.68
ND BCL MK . 2.05 -3.38 10.86
C1D BCL MK . 1.16 -2.40 10.40
C2D BCL MK . -0.15 -2.90 10.26
C3D BCL MK . -0.05 -4.25 10.61
C4D BCL MK . 1.27 -4.49 10.96
CMD BCL MK . -1.35 -2.12 9.82
CAD BCL MK . -0.77 -5.42 10.94
OBD BCL MK . -2.00 -5.64 10.94
CBD BCL MK . 0.23 -6.52 11.33
CGD BCL MK . -0.15 -7.18 12.59
O1D BCL MK . -0.30 -8.37 12.73
O2D BCL MK . -0.34 -6.33 13.59
CED BCL MK . -0.76 -6.90 14.86
C1 BCL MK . 5.89 -8.83 6.61
C2 BCL MK . 7.19 -9.47 7.02
C3 BCL MK . 7.37 -10.76 7.18
C4 BCL MK . 6.34 -11.84 6.93
C5 BCL MK . 8.69 -11.31 7.71
C6 BCL MK . 8.63 -11.71 9.18
C7 BCL MK . 8.30 -10.51 10.07
C8 BCL MK . 8.07 -10.86 11.54
C9 BCL MK . 6.70 -11.56 11.72
C10 BCL MK . 8.12 -9.58 12.39
C11 BCL MK . 8.18 -9.76 13.89
C12 BCL MK . 8.41 -8.42 14.59
C13 BCL MK . 8.81 -8.53 16.06
C14 BCL MK . 7.61 -8.62 16.98
C15 BCL MK . 9.59 -7.25 16.41
C16 BCL MK . 10.44 -7.32 17.67
C17 BCL MK . 11.54 -8.38 17.58
C18 BCL MK . 12.70 -8.15 18.52
C19 BCL MK . 13.59 -9.40 18.44
C20 BCL MK . 12.29 -7.88 19.98
C1 MQ8 NK . 33.14 -2.47 17.21
O1 MQ8 NK . 34.12 -1.91 16.71
C2 MQ8 NK . 31.83 -1.76 17.35
C2M MQ8 NK . 31.80 -0.37 16.86
C3 MQ8 NK . 30.75 -2.36 17.89
C4 MQ8 NK . 30.81 -3.76 18.40
O4 MQ8 NK . 29.81 -4.31 18.89
C5 MQ8 NK . 32.08 -4.48 18.27
C6 MQ8 NK . 32.18 -5.80 18.72
C7 MQ8 NK . 33.39 -6.50 18.61
C8 MQ8 NK . 34.49 -5.89 18.04
C9 MQ8 NK . 34.41 -4.57 17.59
C10 MQ8 NK . 33.20 -3.86 17.70
C11 MQ8 NK . 29.43 -1.66 18.04
C12 MQ8 NK . 29.29 -0.97 19.35
C13 MQ8 NK . 29.04 0.35 19.54
C14 MQ8 NK . 28.92 1.32 18.43
C15 MQ8 NK . 28.92 0.88 20.93
C16 MQ8 NK . 27.88 1.97 21.15
C17 MQ8 NK . 26.50 1.59 20.79
C18 MQ8 NK . 25.43 1.94 21.52
C19 MQ8 NK . 25.56 2.72 22.78
C20 MQ8 NK . 24.03 1.55 21.16
C21 MQ8 NK . 23.31 2.60 20.33
C22 MQ8 NK . 23.32 2.50 18.84
C23 MQ8 NK . 23.70 3.47 17.98
C24 MQ8 NK . 24.18 4.79 18.47
C25 MQ8 NK . 23.61 3.28 16.50
C26 MQ8 NK . 24.86 3.58 15.66
C27 MQ8 NK . 24.61 3.55 14.18
C28 MQ8 NK . 23.95 4.49 13.46
C29 MQ8 NK . 23.39 5.71 14.07
C30 MQ8 NK . 23.77 4.39 11.97
C31 MQ8 NK . 22.56 5.17 11.44
C32 MQ8 NK . 22.35 5.23 9.96
C33 MQ8 NK . 21.72 4.33 9.17
C34 MQ8 NK . 21.14 3.09 9.73
C35 MQ8 NK . 21.54 4.47 7.69
C36 MQ8 NK . 20.25 5.21 7.34
C37 MQ8 NK . 19.65 4.80 6.03
C38 MQ8 NK . 19.07 5.63 5.13
C39 MQ8 NK . 18.96 7.09 5.35
C40 MQ8 NK . 18.48 5.12 3.85
C41 MQ8 NK . 19.27 4.03 3.17
C42 MQ8 NK . 18.77 3.67 1.81
C43 MQ8 NK . 18.97 4.35 0.67
C44 MQ8 NK . 18.42 3.88 -0.63
C45 MQ8 NK . 19.76 5.61 0.61
C46 MQ8 NK . 16.94 4.20 -0.80
C47 MQ8 NK . 16.47 4.12 -2.21
C48 MQ8 NK . 16.27 3.00 -2.95
C49 MQ8 NK . 15.80 3.08 -4.35
C50 MQ8 NK . 16.48 1.63 -2.42
C2 0V9 OK . -0.79 -15.13 28.33
C1 0V9 OK . -0.79 -14.43 29.70
N 0V9 OK . -5.44 -14.26 31.67
C3 0V9 OK . -0.10 -14.28 27.26
C4 0V9 OK . -4.32 -15.05 29.61
C5 0V9 OK . -5.63 -14.64 30.30
C10 0V9 OK . -0.74 -17.41 29.15
C11 0V9 OK . 0.15 -18.60 29.33
C12 0V9 OK . 0.51 -19.27 28.02
C13 0V9 OK . 1.77 -18.70 27.40
C14 0V9 OK . 2.18 -19.54 26.20
C15 0V9 OK . 3.37 -18.99 25.45
C16 0V9 OK . 4.66 -19.05 26.23
C17 0V9 OK . 5.84 -18.51 25.43
C18 0V9 OK . 6.01 -19.23 24.14
C19 0V9 OK . 6.81 -20.27 23.91
C20 0V9 OK . 7.70 -20.92 24.92
C21 0V9 OK . 9.14 -20.47 24.81
C22 0V9 OK . 9.38 -19.11 25.42
C23 0V9 OK . 10.82 -18.67 25.28
C24 0V9 OK . 11.11 -17.41 26.05
C25 0V9 OK . 12.50 -16.90 25.78
C30 0V9 OK . 0.59 -14.38 25.00
C31 0V9 OK . 0.44 -15.06 23.68
C32 0V9 OK . 1.67 -15.85 23.28
C33 0V9 OK . 1.50 -16.34 21.85
C34 0V9 OK . 2.65 -17.20 21.37
C35 0V9 OK . 3.94 -16.42 21.23
C36 0V9 OK . 5.03 -17.25 20.59
C37 0V9 OK . 6.37 -16.53 20.53
C38 0V9 OK . 6.92 -16.17 21.91
C39 0V9 OK . 8.36 -15.69 21.82
C40 0V9 OK . 8.86 -15.22 23.19
C41 0V9 OK . 10.32 -14.83 23.18
C42 0V9 OK . 10.59 -13.63 22.28
C43 0V9 OK . 11.99 -13.10 22.47
O4 0V9 OK . -1.90 -17.27 29.50
O5 0V9 OK . 1.14 -13.31 25.26
O2 0V9 OK . -0.10 -16.37 28.50
O3 0V9 OK . -0.05 -15.01 26.04
O1P 0V9 OK . -3.22 -11.57 29.21
O2P 0V9 OK . -3.19 -12.91 31.34
O3P 0V9 OK . -1.37 -13.15 29.64
O4P 0V9 OK . -3.60 -13.95 29.11
P 0V9 OK . -2.86 -12.85 30.02
FE FE PK . 11.28 -16.18 -10.47
C1B LMT QK . -27.15 -14.95 15.67
C2B LMT QK . -27.82 -13.61 16.07
C3B LMT QK . -27.27 -13.07 17.40
C4B LMT QK . -27.23 -14.18 18.48
C5B LMT QK . -26.49 -15.38 17.88
C6B LMT QK . -26.36 -16.50 18.91
O1B LMT QK . -25.85 -14.74 15.19
O2B LMT QK . -27.60 -12.71 15.05
O3B LMT QK . -27.95 -11.96 17.81
O4' LMT QK . -26.56 -13.74 19.61
O5B LMT QK . -27.15 -15.86 16.73
O6B LMT QK . -25.65 -17.55 18.37
C1' LMT QK . -23.58 -16.10 11.92
C2' LMT QK . -24.86 -15.28 11.64
C3' LMT QK . -25.32 -14.50 12.89
C4' LMT QK . -25.50 -15.48 14.04
C5' LMT QK . -24.12 -16.14 14.21
C6' LMT QK . -24.02 -17.00 15.46
O1' LMT QK . -23.42 -16.99 10.89
O2' LMT QK . -24.58 -14.38 10.63
O3' LMT QK . -26.50 -13.85 12.64
O5' LMT QK . -23.79 -16.91 13.08
O6' LMT QK . -23.08 -17.97 15.21
C1 LMT QK . -22.20 -17.72 10.80
C2 LMT QK . -21.18 -16.85 10.10
C3 LMT QK . -19.93 -17.57 9.67
C4 LMT QK . -18.97 -16.59 9.02
C5 LMT QK . -17.64 -17.22 8.74
C6 LMT QK . -17.70 -18.40 7.81
C7 LMT QK . -16.34 -18.69 7.22
C8 LMT QK . -16.40 -19.90 6.35
C9 LMT QK . -15.15 -20.14 5.54
C10 LMT QK . -15.29 -21.48 4.84
C11 LMT QK . -14.05 -21.83 4.07
C12 LMT QK . -13.85 -20.97 2.86
MG BCL RK . -10.01 -0.44 -4.42
CHA BCL RK . -7.24 1.59 -4.88
CHB BCL RK . -10.25 -0.70 -7.81
CHC BCL RK . -11.91 -3.21 -4.02
CHD BCL RK . -9.41 -0.43 -1.01
NA BCL RK . -8.86 0.33 -6.09
C1A BCL RK . -7.81 1.23 -6.07
C2A BCL RK . -7.34 1.55 -7.45
C3A BCL RK . -8.57 1.17 -8.29
C4A BCL RK . -9.25 0.17 -7.41
CMA BCL RK . -9.47 2.36 -8.54
CAA BCL RK . -6.08 0.75 -7.84
CBA BCL RK . -6.19 -0.77 -7.73
CGA BCL RK . -4.96 -1.59 -7.84
O1A BCL RK . -3.97 -1.43 -7.24
O2A BCL RK . -5.14 -2.62 -8.61
NB BCL RK . -10.92 -1.79 -5.71
C1B BCL RK . -10.96 -1.68 -7.09
C2B BCL RK . -11.79 -2.68 -7.62
C3B BCL RK . -12.28 -3.44 -6.56
C4B BCL RK . -11.71 -2.84 -5.36
CMB BCL RK . -12.05 -2.83 -9.10
CAB BCL RK . -13.20 -4.57 -6.67
OBB BCL RK . -14.03 -4.66 -7.58
CBB BCL RK . -13.17 -5.71 -5.69
NC BCL RK . -10.55 -1.66 -2.76
C1C BCL RK . -11.43 -2.69 -2.81
C2C BCL RK . -11.93 -3.11 -1.48
C3C BCL RK . -11.22 -2.16 -0.53
C4C BCL RK . -10.27 -1.41 -1.43
CMC BCL RK . -13.45 -3.08 -1.36
CAC BCL RK . -10.53 -2.87 0.67
CBC BCL RK . -9.40 -3.79 0.25
ND BCL RK . -8.59 0.32 -3.18
C1D BCL RK . -8.53 0.39 -1.79
C2D BCL RK . -7.55 1.31 -1.36
C3D BCL RK . -7.00 1.83 -2.54
C4D BCL RK . -7.65 1.21 -3.59
CMD BCL RK . -7.22 1.65 0.06
CAD BCL RK . -6.19 2.84 -3.09
OBD BCL RK . -5.54 3.74 -2.53
CBD BCL RK . -6.20 2.69 -4.63
CGD BCL RK . -6.47 3.98 -5.27
O1D BCL RK . -5.76 4.51 -6.10
O2D BCL RK . -7.60 4.55 -4.88
CED BCL RK . -7.93 5.82 -5.47
C1 BCL RK . -4.18 -3.71 -8.73
C2 BCL RK . -4.54 -4.38 -10.02
C3 BCL RK . -4.20 -3.95 -11.20
C4 BCL RK . -3.33 -2.73 -11.46
C5 BCL RK . -4.73 -4.61 -12.46
C6 BCL RK . -5.60 -3.69 -13.31
C7 BCL RK . -6.80 -3.14 -12.54
C8 BCL RK . -7.45 -1.97 -13.31
C9 BCL RK . -6.98 -0.63 -12.70
C10 BCL RK . -8.98 -2.10 -13.33
C11 BCL RK . -9.74 -1.32 -12.28
C12 BCL RK . -10.43 -0.06 -12.82
C13 BCL RK . -11.06 0.87 -11.76
C14 BCL RK . -12.14 0.20 -10.92
C15 BCL RK . -11.65 2.12 -12.43
C16 BCL RK . -10.70 3.01 -13.14
C17 BCL RK . -9.63 3.38 -12.12
C18 BCL RK . -8.66 4.40 -12.66
C19 BCL RK . -7.77 3.68 -13.69
C20 BCL RK . -7.80 5.00 -11.56
C1 CD4 SK . -3.08 -29.32 10.74
C2 CD4 SK . -1.81 -29.74 10.01
C3 CD4 SK . -2.11 -30.81 8.94
C4 CD4 SK . -3.29 -30.42 8.04
C5 CD4 SK . -3.03 -29.12 7.28
C6 CD4 SK . -1.86 -29.30 6.31
C7 CD4 SK . -1.85 -28.16 5.28
C8 CD4 SK . -0.80 -28.46 4.21
C9 CD4 SK . -1.02 -27.65 2.93
C10 CD4 SK . -0.20 -28.29 1.82
C11 CD4 SK . -0.38 -27.61 0.46
C12 CD4 SK . 0.22 -28.56 -0.59
C13 CD4 SK . 0.33 -27.92 -1.97
C14 CD4 SK . 0.65 -28.99 -2.99
O1 CD4 SK . 1.25 -29.97 -2.64
O2 CD4 SK . 0.37 -28.81 -4.28
C15 CD4 SK . -0.81 -29.40 -4.91
C16 CD4 SK . -1.41 -30.58 -4.16
O3 CD4 SK . -2.82 -30.28 -4.26
C17 CD4 SK . -3.33 -29.53 -3.29
O4 CD4 SK . -2.63 -29.11 -2.41
C18 CD4 SK . -4.77 -29.12 -3.37
C19 CD4 SK . -5.71 -30.28 -3.06
C20 CD4 SK . -7.03 -29.68 -2.60
C21 CD4 SK . -8.07 -30.79 -2.45
C22 CD4 SK . -9.37 -30.22 -1.86
C23 CD4 SK . -9.14 -29.77 -0.41
C24 CD4 SK . -10.49 -29.61 0.30
C25 CD4 SK . -11.28 -28.39 -0.20
C26 CD4 SK . -10.60 -27.09 0.23
C27 CD4 SK . -11.59 -25.93 0.04
C28 CD4 SK . -0.47 -29.84 -6.34
O5 CD4 SK . 0.53 -28.98 -6.89
P1 CD4 SK . 1.98 -29.54 -7.28
O6 CD4 SK . 2.58 -30.39 -6.05
O7 CD4 SK . 2.88 -28.43 -7.64
O8 CD4 SK . 1.77 -30.54 -8.52
C29 CD4 SK . 0.80 -30.28 -9.55
C30 CD4 SK . 0.76 -31.47 -10.50
O9 CD4 SK . 1.68 -31.28 -11.57
C31 CD4 SK . -0.66 -31.60 -11.05
O10 CD4 SK . -1.06 -30.32 -11.55
P2 CD4 SK . -2.52 -29.74 -11.27
O11 CD4 SK . -2.74 -28.41 -12.15
O12 CD4 SK . -3.54 -30.74 -11.65
O13 CD4 SK . -2.64 -29.42 -9.69
C32 CD4 SK . -2.25 -28.19 -9.09
C33 CD4 SK . -3.45 -27.63 -8.34
C34 CD4 SK . -4.54 -28.70 -8.15
O14 CD4 SK . -5.64 -28.04 -7.48
C35 CD4 SK . -6.59 -28.75 -6.85
O15 CD4 SK . -6.48 -29.95 -6.72
C36 CD4 SK . -7.81 -28.00 -6.35
C37 CD4 SK . -7.36 -26.74 -5.60
C38 CD4 SK . -8.55 -25.87 -5.19
C39 CD4 SK . -9.17 -26.27 -3.85
C40 CD4 SK . -10.30 -25.27 -3.51
C41 CD4 SK . -11.67 -25.80 -3.92
C42 CD4 SK . -12.73 -24.71 -3.70
C43 CD4 SK . -14.15 -25.26 -3.93
C44 CD4 SK . -15.15 -24.10 -4.09
C45 CD4 SK . -16.60 -24.64 -4.08
O16 CD4 SK . -3.12 -27.22 -6.99
C46 CD4 SK . -2.70 -25.97 -6.74
O17 CD4 SK . -2.59 -25.15 -7.62
C47 CD4 SK . -2.51 -25.60 -5.29
C48 CD4 SK . -3.93 -25.58 -4.68
C49 CD4 SK . -3.88 -25.32 -3.17
C50 CD4 SK . -5.24 -24.85 -2.63
C51 CD4 SK . -5.46 -23.38 -3.00
C52 CD4 SK . -6.73 -22.80 -2.36
C53 CD4 SK . -6.63 -21.28 -2.49
C54 CD4 SK . -7.86 -20.51 -1.96
C55 CD4 SK . -9.02 -20.53 -2.97
C56 CD4 SK . -10.14 -19.61 -2.49
C57 CD4 SK . -10.99 -20.24 -1.37
C58 CD4 SK . -12.09 -21.11 -2.00
C59 CD4 SK . -13.10 -21.50 -0.92
C60 CD4 SK . -10.99 -24.61 0.55
C61 CD4 SK . -11.64 -24.11 1.84
C62 CD4 SK . -11.57 -25.14 2.97
C63 CD4 SK . -17.59 -23.51 -4.38
C64 CD4 SK . -17.77 -23.29 -5.88
C65 CD4 SK . -18.59 -24.44 -6.49
MG BCL TK . -7.27 -2.91 5.62
CHA BCL TK . -8.81 -5.13 3.51
CHB BCL TK . -4.28 -3.79 4.24
CHC BCL TK . -5.80 -0.41 7.33
CHD BCL TK . -10.36 -1.32 6.14
NA BCL TK . -6.66 -4.27 4.05
C1A BCL TK . -7.45 -5.20 3.40
C2A BCL TK . -6.62 -6.25 2.71
C3A BCL TK . -5.17 -5.76 2.93
C4A BCL TK . -5.33 -4.54 3.77
CMA BCL TK . -4.29 -6.79 3.62
CAA BCL TK . -6.93 -6.39 1.23
CBA BCL TK . -6.20 -7.55 0.56
CGA BCL TK . -6.24 -7.41 -0.91
O1A BCL TK . -5.50 -7.93 -1.66
O2A BCL TK . -7.15 -6.54 -1.29
NB BCL TK . -5.34 -2.19 5.76
C1B BCL TK . -4.23 -2.70 5.12
C2B BCL TK . -3.07 -2.00 5.48
C3B BCL TK . -3.46 -1.00 6.40
C4B BCL TK . -4.91 -1.15 6.53
CMB BCL TK . -1.71 -2.36 4.92
CAB BCL TK . -2.69 0.02 7.12
OBB BCL TK . -3.21 0.77 7.95
CBB BCL TK . -1.20 0.24 6.90
NC BCL TK . -7.97 -1.11 6.54
C1C BCL TK . -7.20 -0.30 7.31
C2C BCL TK . -7.99 0.40 8.34
C3C BCL TK . -9.36 0.45 7.67
C4C BCL TK . -9.28 -0.72 6.74
CMC BCL TK . -8.03 -0.31 9.67
CAC BCL TK . -9.65 1.79 6.95
CBC BCL TK . -9.98 2.91 7.90
ND BCL TK . -9.18 -3.09 4.93
C1D BCL TK . -10.37 -2.49 5.30
C2D BCL TK . -11.48 -3.17 4.75
C3D BCL TK . -10.93 -4.23 4.04
C4D BCL TK . -9.56 -4.14 4.17
CMD BCL TK . -12.94 -2.81 4.94
CAD BCL TK . -11.20 -5.40 3.28
OBD BCL TK . -12.26 -5.83 2.81
CBD BCL TK . -9.86 -6.15 3.09
CGD BCL TK . -9.84 -7.38 3.88
O1D BCL TK . -9.54 -8.46 3.44
O2D BCL TK . -10.20 -7.21 5.14
CED BCL TK . -10.06 -8.33 6.05
C1 BCL TK . -7.21 -6.18 -2.69
C2 BCL TK . -7.85 -7.32 -3.48
C3 BCL TK . -9.12 -7.38 -3.79
C4 BCL TK . -10.17 -6.35 -3.43
C5 BCL TK . -9.66 -8.57 -4.58
C6 BCL TK . -10.28 -8.18 -5.92
C7 BCL TK . -10.41 -9.37 -6.86
C8 BCL TK . -11.48 -9.19 -7.94
C9 BCL TK . -11.76 -10.54 -8.63
C10 BCL TK . -11.01 -8.16 -8.97
C11 BCL TK . -12.12 -7.75 -9.92
C12 BCL TK . -11.67 -6.70 -10.94
C13 BCL TK . -12.74 -6.54 -12.04
C14 BCL TK . -12.64 -7.62 -13.11
C15 BCL TK . -12.66 -5.17 -12.73
C16 BCL TK . -13.68 -4.19 -12.24
C17 BCL TK . -13.74 -2.90 -13.05
C18 BCL TK . -14.62 -1.81 -12.44
C19 BCL TK . -16.02 -2.41 -12.24
C20 BCL TK . -14.68 -0.55 -13.31
O1D BPH UK . -6.64 -12.00 -15.68
CGD BPH UK . -6.11 -11.89 -14.60
O2D BPH UK . -4.95 -11.26 -14.46
CED BPH UK . -4.45 -10.55 -15.62
CBD BPH UK . -6.63 -12.42 -13.33
CHA BPH UK . -6.84 -11.37 -12.24
C4D BPH UK . -6.06 -11.84 -11.17
C3D BPH UK . -5.37 -13.03 -11.37
CAD BPH UK . -5.62 -13.42 -12.70
OBD BPH UK . -5.18 -14.39 -13.35
C2D BPH UK . -4.68 -13.32 -10.20
CMD BPH UK . -3.78 -14.49 -9.90
C1D BPH UK . -4.99 -12.26 -9.31
ND BPH UK . -5.86 -11.33 -9.91
CHD BPH UK . -4.55 -12.07 -7.96
C4C BPH UK . -4.82 -11.01 -7.11
C3C BPH UK . -4.19 -10.82 -5.74
CAC BPH UK . -4.43 -11.94 -4.69
CBC BPH UK . -3.80 -13.29 -5.00
C2C BPH UK . -4.84 -9.50 -5.27
CMC BPH UK . -3.83 -8.50 -4.72
C1C BPH UK . -5.55 -9.02 -6.47
NC BPH UK . -5.41 -9.85 -7.54
CHC BPH UK . -6.12 -7.74 -6.58
C4B BPH UK . -6.79 -7.08 -7.64
C3B BPH UK . -7.40 -5.76 -7.62
CAB BPH UK . -7.46 -4.79 -6.54
CBB BPH UK . -6.31 -4.65 -5.61
OBB BPH UK . -8.43 -4.03 -6.34
C2B BPH UK . -7.95 -5.57 -8.88
CMB BPH UK . -8.73 -4.39 -9.41
C1B BPH UK . -7.67 -6.73 -9.63
NB BPH UK . -6.97 -7.65 -8.86
CHB BPH UK . -8.04 -6.94 -10.95
C4A BPH UK . -7.96 -8.06 -11.75
C3A BPH UK . -8.25 -8.07 -13.21
CMA BPH UK . -7.24 -7.22 -13.99
C2A BPH UK . -8.13 -9.56 -13.57
C1A BPH UK . -7.43 -10.14 -12.38
NA BPH UK . -7.30 -9.22 -11.36
CAA BPH UK . -9.50 -10.19 -13.87
CBA BPH UK . -10.14 -9.61 -15.14
CGA BPH UK . -11.60 -9.90 -15.30
O1A BPH UK . -12.20 -10.70 -14.70
O2A BPH UK . -12.16 -9.13 -16.20
C1 BPH UK . -13.60 -9.32 -16.41
C2 BPH UK . -13.99 -8.39 -17.53
C3 BPH UK . -14.41 -7.14 -17.48
C4 BPH UK . -14.51 -6.33 -16.20
C5 BPH UK . -14.90 -6.41 -18.72
C6 BPH UK . -13.94 -5.53 -19.49
C7 BPH UK . -14.69 -4.79 -20.60
C8 BPH UK . -13.90 -4.31 -21.81
C9 BPH UK . -13.10 -3.04 -21.48
C10 BPH UK . -14.87 -4.06 -22.97
C11 BPH UK . -14.28 -3.89 -24.37
C12 BPH UK . -15.33 -4.08 -25.48
C13 BPH UK . -15.58 -5.57 -25.81
C14 BPH UK . -14.62 -6.09 -26.88
C15 BPH UK . -17.05 -5.78 -26.26
C16 BPH UK . -17.48 -7.23 -26.51
C17 BPH UK . -17.60 -7.66 -27.99
C18 BPH UK . -17.51 -9.16 -28.21
C19 BPH UK . -16.01 -9.49 -28.22
C20 BPH UK . -18.16 -9.62 -29.53
C1 MQ8 VK . 15.28 -16.39 -3.86
O1 MQ8 VK . 14.98 -15.59 -4.75
C2 MQ8 VK . 15.02 -16.10 -2.42
C2M MQ8 VK . 14.38 -14.79 -2.16
C3 MQ8 VK . 15.35 -16.98 -1.44
C4 MQ8 VK . 16.00 -18.27 -1.75
O4 MQ8 VK . 16.31 -19.08 -0.86
C5 MQ8 VK . 16.26 -18.58 -3.17
C6 MQ8 VK . 16.87 -19.79 -3.51
C7 MQ8 VK . 17.12 -20.10 -4.85
C8 MQ8 VK . 16.79 -19.21 -5.85
C9 MQ8 VK . 16.18 -17.99 -5.52
C10 MQ8 VK . 15.92 -17.68 -4.19
C11 MQ8 VK . 15.10 -16.68 0.01
C12 MQ8 VK . 13.68 -16.92 0.41
C13 MQ8 VK . 13.19 -17.88 1.21
C14 MQ8 VK . 14.02 -18.93 1.85
C15 MQ8 VK . 11.72 -17.97 1.51
C16 MQ8 VK . 11.38 -17.65 2.95
C17 MQ8 VK . 11.64 -16.22 3.23
C18 MQ8 VK . 10.78 -15.42 3.88
C19 MQ8 VK . 9.46 -15.89 4.40
C20 MQ8 VK . 11.08 -13.97 4.12
C21 MQ8 VK . 11.08 -13.53 5.56
C22 MQ8 VK . 12.18 -14.13 6.36
C23 MQ8 VK . 12.06 -14.61 7.61
C24 MQ8 VK . 10.78 -14.61 8.35
C25 MQ8 VK . 13.24 -15.16 8.33
C26 MQ8 VK . 13.75 -14.20 9.39
C27 MQ8 VK . 15.08 -14.61 9.91
C28 MQ8 VK . 16.16 -13.81 9.92
C29 MQ8 VK . 16.13 -12.42 9.43
C30 MQ8 VK . 17.46 -14.31 10.44
C31 MQ8 VK . 17.74 -13.87 11.87
C32 MQ8 VK . 19.09 -14.34 12.27
C33 MQ8 VK . 20.03 -13.63 12.90
C34 MQ8 VK . 19.82 -12.24 13.34
C35 MQ8 VK . 21.35 -14.22 13.24
C36 MQ8 VK . 22.41 -13.91 12.18
C37 MQ8 VK . 23.62 -14.69 12.52
C38 MQ8 VK . 24.86 -14.21 12.63
C39 MQ8 VK . 25.20 -12.80 12.37
C40 MQ8 VK . 26.00 -15.10 13.02
C41 MQ8 VK . 26.12 -15.24 14.54
C42 MQ8 VK . 24.92 -15.83 15.18
C43 MQ8 VK . 24.82 -16.24 16.46
C44 MQ8 VK . 23.55 -16.83 16.97
C45 MQ8 VK . 25.95 -16.16 17.42
C46 MQ8 VK . 22.97 -16.11 18.17
C47 MQ8 VK . 22.20 -14.90 17.80
C48 MQ8 VK . 21.79 -13.97 18.68
C49 MQ8 VK . 22.08 -14.08 20.13
C50 MQ8 VK . 21.02 -12.77 18.28
C1M CRT WK . -20.91 5.66 -22.85
O1 CRT WK . -19.93 4.95 -22.13
C1 CRT WK . -19.36 5.62 -21.00
C2 CRT WK . -20.40 5.92 -19.94
C3 CRT WK . -18.64 6.90 -21.43
C4 CRT WK . -18.32 4.62 -20.46
C5 CRT WK . -17.54 5.08 -19.30
C6 CRT WK . -17.64 4.53 -18.08
C7 CRT WK . -16.90 4.94 -16.89
C8 CRT WK . -16.22 6.26 -16.93
C9 CRT WK . -16.86 4.10 -15.83
C10 CRT WK . -16.18 4.32 -14.59
C11 CRT WK . -16.15 3.37 -13.63
C12 CRT WK . -15.47 3.45 -12.34
C13 CRT WK . -14.59 4.62 -12.12
C14 CRT WK . -15.67 2.45 -11.46
C15 CRT WK . -15.07 2.29 -10.16
C16 CRT WK . -15.22 1.14 -9.49
C17 CRT WK . -14.66 0.77 -8.20
C18 CRT WK . -13.51 1.58 -7.71
C19 CRT WK . -15.18 -0.27 -7.53
C20 CRT WK . -14.73 -0.78 -6.26
C21 CRT WK . -15.32 -1.75 -5.53
C22 CRT WK . -16.55 -2.43 -5.84
C23 CRT WK . -16.99 -3.60 -5.31
C24 CRT WK . -16.21 -4.39 -4.32
C25 CRT WK . -18.28 -4.13 -5.71
C26 CRT WK . -18.69 -5.39 -5.50
C27 CRT WK . -20.00 -5.84 -5.92
C28 CRT WK . -20.52 -7.09 -5.80
C29 CRT WK . -19.81 -8.24 -5.22
C30 CRT WK . -21.88 -7.31 -6.26
C31 CRT WK . -22.51 -8.49 -6.42
C32 CRT WK . -23.88 -8.54 -6.89
C33 CRT WK . -24.61 -9.61 -7.23
C34 CRT WK . -24.09 -11.01 -7.19
C35 CRT WK . -25.98 -9.42 -7.70
C36 CRT WK . -26.88 -10.39 -7.91
C37 CRT WK . -28.26 -10.14 -8.39
C38 CRT WK . -29.43 -10.54 -7.46
C39 CRT WK . -30.76 -10.45 -8.18
C40 CRT WK . -29.21 -11.96 -6.91
O2 CRT WK . -29.42 -9.54 -6.42
C2M CRT WK . -28.74 -9.82 -5.21
C6 V75 XK . -44.84 15.36 11.89
C5 V75 XK . -43.92 16.32 12.66
C1 V75 XK . -42.66 18.23 12.44
C2 V75 XK . -43.01 18.72 13.85
C3 V75 XK . -43.44 17.55 14.73
O3 V75 XK . -43.99 18.07 15.91
C4 V75 XK . -44.47 16.67 14.04
O4 V75 XK . -44.68 15.50 14.78
C2A V75 XK . -41.91 20.70 14.51
C2B V75 XK . -40.86 21.42 15.32
C3A V75 XK . -43.19 17.95 17.04
C3B V75 XK . -43.62 18.62 18.34
O2 V75 XK . -41.87 19.30 14.44
O2B V75 XK . -42.76 21.31 13.96
O3B V75 XK . -42.17 17.34 17.00
O5 V75 XK . -43.76 17.51 11.97
O6A V75 XK . -45.72 15.81 11.11
O6B V75 XK . -44.69 14.11 12.03
MG BCL YK . 23.14 36.42 -0.38
CHA BCL YK . 26.50 35.66 -0.52
CHB BCL YK . 22.94 35.80 -3.72
CHC BCL YK . 20.08 37.89 -0.43
CHD BCL YK . 23.66 37.82 2.79
NA BCL YK . 24.57 35.83 -1.90
C1A BCL YK . 25.89 35.46 -1.73
C2A BCL YK . 26.42 34.72 -2.91
C3A BCL YK . 25.34 34.97 -3.99
C4A BCL YK . 24.21 35.56 -3.21
CMA BCL YK . 25.80 35.90 -5.09
CAA BCL YK . 26.64 33.22 -2.64
CBA BCL YK . 27.68 32.59 -3.56
CGA BCL YK . 27.60 31.12 -3.71
O1A BCL YK . 26.65 30.46 -3.51
O2A BCL YK . 28.66 30.62 -4.29
NB BCL YK . 21.74 36.85 -1.85
C1B BCL YK . 21.80 36.37 -3.16
C2B BCL YK . 20.57 36.55 -3.80
C3B BCL YK . 19.69 37.16 -2.89
C4B BCL YK . 20.48 37.33 -1.66
CMB BCL YK . 20.31 36.11 -5.23
CAB BCL YK . 18.29 37.50 -3.17
OBB BCL YK . 17.68 37.11 -4.18
CBB BCL YK . 17.47 38.36 -2.24
NC BCL YK . 22.05 37.68 0.97
C1C BCL YK . 20.77 38.10 0.77
C2C BCL YK . 20.13 38.63 2.01
C3C BCL YK . 21.23 38.50 3.06
C4C BCL YK . 22.42 38.06 2.25
CMC BCL YK . 19.61 40.05 1.85
CAC BCL YK . 20.87 37.53 4.22
CBC BCL YK . 19.98 38.16 5.25
ND BCL YK . 24.71 36.73 0.87
C1D BCL YK . 24.81 37.25 2.17
C2D BCL YK . 26.12 37.12 2.67
C3D BCL YK . 26.84 36.50 1.67
C4D BCL YK . 25.97 36.28 0.61
CMD BCL YK . 26.59 37.58 4.04
CAD BCL YK . 28.06 35.88 1.32
OBD BCL YK . 29.11 35.75 1.97
CBD BCL YK . 27.94 35.33 -0.12
CGD BCL YK . 28.99 35.91 -0.98
O1D BCL YK . 28.98 37.04 -1.42
O2D BCL YK . 29.98 35.09 -1.24
CED BCL YK . 31.03 35.56 -2.12
C1 BCL YK . 28.71 29.32 -4.93
C2 BCL YK . 30.05 29.21 -5.64
C3 BCL YK . 30.66 30.08 -6.43
C4 BCL YK . 30.10 31.46 -6.83
C5 BCL YK . 32.02 29.77 -7.04
C6 BCL YK . 32.13 29.97 -8.56
C7 BCL YK . 31.04 29.22 -9.33
C8 BCL YK . 30.92 29.62 -10.81
C9 BCL YK . 30.61 31.13 -10.94
C10 BCL YK . 29.87 28.78 -11.57
C11 BCL YK . 28.49 28.57 -10.95
C12 BCL YK . 28.34 27.23 -10.22
C13 BCL YK . 26.96 26.95 -9.62
C14 BCL YK . 26.58 27.97 -8.55
C15 BCL YK . 27.02 25.56 -8.96
C16 BCL YK . 25.72 24.88 -8.52
C17 BCL YK . 24.81 24.36 -9.65
C18 BCL YK . 23.82 23.29 -9.22
C19 BCL YK . 22.92 23.05 -10.45
C20 BCL YK . 22.97 23.65 -7.99
MG BCL ZK . 30.60 28.64 13.78
CHA BCL ZK . 33.69 27.11 14.00
CHB BCL ZK . 30.95 28.67 10.40
CHC BCL ZK . 27.98 30.77 13.58
CHD BCL ZK . 30.78 29.32 17.22
NA BCL ZK . 32.16 27.99 12.40
C1A BCL ZK . 33.31 27.29 12.68
C2A BCL ZK . 33.96 26.76 11.45
C3A BCL ZK . 33.14 27.40 10.32
C4A BCL ZK . 32.01 28.05 11.03
CMA BCL ZK . 33.97 28.40 9.50
CAA BCL ZK . 33.91 25.23 11.39
CBA BCL ZK . 34.91 24.66 10.40
CGA BCL ZK . 34.78 23.19 10.26
O1A BCL ZK . 35.34 22.41 10.92
O2A BCL ZK . 33.88 22.88 9.35
NB BCL ZK . 29.65 29.64 12.24
C1B BCL ZK . 29.85 29.39 10.89
C2B BCL ZK . 28.80 29.93 10.12
C3B BCL ZK . 27.91 30.56 11.00
C4B BCL ZK . 28.49 30.35 12.33
CMB BCL ZK . 28.74 29.79 8.62
CAB BCL ZK . 26.68 31.25 10.59
OBB BCL ZK . 26.22 31.18 9.43
CBB BCL ZK . 25.89 32.12 11.53
NC BCL ZK . 29.57 29.88 15.19
C1C BCL ZK . 28.45 30.60 14.90
C2C BCL ZK . 27.74 31.13 16.09
C3C BCL ZK . 28.54 30.50 17.24
C4C BCL ZK . 29.75 29.93 16.55
CMC BCL ZK . 27.72 32.65 16.13
CAC BCL ZK . 27.75 29.43 18.04
CBC BCL ZK . 26.77 30.03 19.03
ND BCL ZK . 31.94 28.35 15.30
C1D BCL ZK . 31.89 28.60 16.67
C2D BCL ZK . 33.01 28.06 17.33
C3D BCL ZK . 33.76 27.46 16.34
C4D BCL ZK . 33.09 27.65 15.14
CMD BCL ZK . 33.29 28.15 18.81
CAD BCL ZK . 34.92 26.70 16.04
OBD BCL ZK . 35.83 26.29 16.80
CBD BCL ZK . 34.95 26.41 14.53
CGD BCL ZK . 36.24 26.84 13.95
O1D BCL ZK . 36.57 27.99 13.76
O2D BCL ZK . 37.03 25.83 13.65
CED BCL ZK . 38.32 26.15 13.07
C1 BCL ZK . 33.69 21.50 8.91
C2 BCL ZK . 34.65 21.27 7.73
C3 BCL ZK . 35.90 20.86 7.77
C4 BCL ZK . 36.68 20.47 9.02
C5 BCL ZK . 36.77 20.71 6.51
C6 BCL ZK . 36.10 20.80 5.15
C7 BCL ZK . 35.84 22.23 4.67
C8 BCL ZK . 35.39 22.34 3.20
C9 BCL ZK . 34.72 21.03 2.73
C10 BCL ZK . 36.57 22.72 2.28
C11 BCL ZK . 37.72 21.72 2.14
C12 BCL ZK . 38.87 22.21 1.26
C13 BCL ZK . 38.49 22.46 -0.21
C14 BCL ZK . 37.90 21.21 -0.88
C15 BCL ZK . 39.72 22.92 -1.02
C16 BCL ZK . 40.16 24.38 -0.87
C17 BCL ZK . 41.49 24.77 -1.53
C18 BCL ZK . 41.76 26.27 -1.55
C19 BCL ZK . 43.19 26.43 -2.10
C20 BCL ZK . 41.63 26.96 -0.18
C1B LMT AL . 16.73 21.46 24.38
C2B LMT AL . 17.03 21.37 25.90
C3B LMT AL . 15.88 20.66 26.66
C4B LMT AL . 14.50 21.22 26.25
C5B LMT AL . 14.43 21.20 24.72
C6B LMT AL . 13.05 21.68 24.25
O1B LMT AL . 16.88 20.21 23.77
O2B LMT AL . 18.21 20.70 26.06
O3B LMT AL . 16.08 20.71 28.02
O4' LMT AL . 13.49 20.45 26.79
O5B LMT AL . 15.45 21.96 24.13
O6B LMT AL . 13.05 21.84 22.89
C1' LMT AL . 19.02 18.34 20.74
C2' LMT AL . 19.76 18.49 22.07
C3' LMT AL . 18.76 18.86 23.20
C4' LMT AL . 17.91 20.08 22.82
C5' LMT AL . 17.29 19.72 21.44
C6' LMT AL . 16.29 20.71 20.92
O1' LMT AL . 19.90 18.13 19.71
O2' LMT AL . 20.35 17.29 22.38
O3' LMT AL . 19.42 19.09 24.38
O5' LMT AL . 18.31 19.54 20.47
O6' LMT AL . 15.04 20.26 21.29
C1 LMT AL . 19.32 17.64 18.51
C2 LMT AL . 20.42 17.01 17.70
C3 LMT AL . 19.99 16.38 16.41
C4 LMT AL . 21.18 15.81 15.67
C5 LMT AL . 21.07 16.00 14.18
C6 LMT AL . 21.28 17.41 13.72
C7 LMT AL . 21.37 17.48 12.21
C8 LMT AL . 21.49 18.92 11.82
C9 LMT AL . 21.71 19.23 10.36
C10 LMT AL . 20.47 18.90 9.56
C11 LMT AL . 20.60 17.64 8.77
C12 LMT AL . 19.38 17.38 7.95
MG BCL BL . 32.83 16.60 26.52
CHA BCL BL . 35.38 14.27 26.72
CHB BCL BL . 33.84 17.28 23.34
CHC BCL BL . 30.91 19.39 26.54
CHD BCL BL . 32.41 16.36 29.98
NA BCL BL . 34.44 15.88 25.24
C1A BCL BL . 35.29 14.80 25.47
C2A BCL BL . 36.05 14.41 24.23
C3A BCL BL . 35.64 15.49 23.21
C4A BCL BL . 34.55 16.24 23.90
CMA BCL BL . 36.81 16.40 22.84
CAA BCL BL . 35.73 12.99 23.75
CBA BCL BL . 36.35 12.63 22.40
CGA BCL BL . 36.47 11.15 22.17
O1A BCL BL . 36.85 10.38 22.97
O2A BCL BL . 36.13 10.78 20.95
NB BCL BL . 32.47 18.14 25.18
C1B BCL BL . 32.88 18.16 23.85
C2B BCL BL . 32.22 19.16 23.14
C3B BCL BL . 31.35 19.82 24.03
C4B BCL BL . 31.55 19.14 25.32
CMB BCL BL . 32.48 19.41 21.65
CAB BCL BL . 30.41 20.94 23.86
OBB BCL BL . 29.80 21.46 24.81
CBB BCL BL . 30.08 21.54 22.51
NC BCL BL . 31.84 17.73 28.05
C1C BCL BL . 30.99 18.77 27.79
C2C BCL BL . 30.13 19.12 28.95
C3C BCL BL . 30.49 18.04 29.98
C4C BCL BL . 31.69 17.38 29.37
CMC BCL BL . 30.36 20.52 29.46
CAC BCL BL . 29.32 17.06 30.28
CBC BCL BL . 28.27 17.64 31.19
ND BCL BL . 33.71 15.60 28.05
C1D BCL BL . 33.40 15.52 29.41
C2D BCL BL . 34.20 14.54 30.05
C3D BCL BL . 35.00 14.01 29.06
C4D BCL BL . 34.68 14.66 27.87
CMD BCL BL . 34.14 14.19 31.52
CAD BCL BL . 35.97 13.03 28.74
OBD BCL BL . 36.54 12.20 29.46
CBD BCL BL . 36.27 13.12 27.22
CGD BCL BL . 37.72 13.29 27.01
O1D BCL BL . 38.34 14.31 27.21
O2D BCL BL . 38.31 12.19 26.58
CED BCL BL . 39.73 12.27 26.28
C1 BCL BL . 36.33 9.38 20.57
C2 BCL BL . 37.80 9.24 20.20
C3 BCL BL . 38.27 9.41 18.98
C4 BCL BL . 37.44 9.80 17.77
C5 BCL BL . 39.77 9.22 18.67
C6 BCL BL . 40.57 10.50 18.54
C7 BCL BL . 42.02 10.28 18.08
C8 BCL BL . 42.27 9.72 16.67
C9 BCL BL . 43.79 9.64 16.39
C10 BCL BL . 41.58 10.56 15.58
C11 BCL BL . 40.40 9.86 14.93
C12 BCL BL . 39.83 10.60 13.71
C13 BCL BL . 38.83 9.77 12.89
C14 BCL BL . 38.59 10.34 11.49
C15 BCL BL . 37.46 9.65 13.62
C16 BCL BL . 36.39 8.87 12.85
C17 BCL BL . 35.11 8.47 13.61
C18 BCL BL . 34.00 7.96 12.68
C19 BCL BL . 32.84 7.55 13.59
C20 BCL BL . 34.43 6.77 11.79
C1 CD4 CL . 25.57 -12.65 22.22
C2 CD4 CL . 26.13 -11.46 23.00
C3 CD4 CL . 26.66 -10.39 22.03
C4 CD4 CL . 27.88 -10.92 21.28
C5 CD4 CL . 28.35 -9.86 20.28
C6 CD4 CL . 29.77 -10.16 19.76
C7 CD4 CL . 29.82 -10.84 18.40
C8 CD4 CL . 29.36 -12.31 18.41
C9 CD4 CL . 29.69 -12.91 17.03
C10 CD4 CL . 29.00 -14.27 16.85
C11 CD4 CL . 29.82 -15.43 17.44
C12 CD4 CL . 31.09 -15.67 16.64
C13 CD4 CL . 31.49 -17.15 16.76
C14 CD4 CL . 32.10 -17.44 18.10
O1 CD4 CL . 33.26 -17.15 18.30
O2 CD4 CL . 31.36 -17.98 19.08
C15 CD4 CL . 31.40 -19.39 19.45
C16 CD4 CL . 30.99 -19.45 20.93
O3 CD4 CL . 31.78 -20.33 21.77
C17 CD4 CL . 31.13 -20.81 22.85
O4 CD4 CL . 29.96 -20.53 23.03
C18 CD4 CL . 31.84 -21.69 23.84
C19 CD4 CL . 32.78 -20.84 24.71
C20 CD4 CL . 33.42 -21.70 25.81
C21 CD4 CL . 32.41 -22.15 26.87
C22 CD4 CL . 33.19 -22.77 28.04
C23 CD4 CL . 32.24 -23.23 29.16
C24 CD4 CL . 31.59 -22.04 29.87
C25 CD4 CL . 30.97 -22.51 31.19
C26 CD4 CL . 30.66 -21.33 32.11
C27 CD4 CL . 31.91 -20.86 32.87
C28 CD4 CL . 32.74 -20.06 19.13
O5 CD4 CL . 32.78 -20.20 17.70
P1 CD4 CL . 33.35 -21.45 16.88
O6 CD4 CL . 34.82 -21.84 17.38
O7 CD4 CL . 33.37 -21.14 15.43
O8 CD4 CL . 32.36 -22.70 17.13
C29 CD4 CL . 32.80 -24.02 16.90
C30 CD4 CL . 31.63 -24.99 17.07
O9 CD4 CL . 32.13 -26.31 16.91
C31 CD4 CL . 30.62 -24.76 15.95
O10 CD4 CL . 30.04 -26.02 15.65
P2 CD4 CL . 29.09 -26.27 14.38
O11 CD4 CL . 29.68 -25.50 13.10
O12 CD4 CL . 28.94 -27.71 14.11
O13 CD4 CL . 27.69 -25.61 14.81
C32 CD4 CL . 27.41 -24.24 14.53
C33 CD4 CL . 26.29 -23.73 15.42
C34 CD4 CL . 25.39 -22.79 14.63
O14 CD4 CL . 24.39 -22.34 15.59
C35 CD4 CL . 23.36 -21.61 15.15
O15 CD4 CL . 23.26 -21.29 13.99
C36 CD4 CL . 22.33 -21.20 16.18
C37 CD4 CL . 21.33 -20.17 15.63
C38 CD4 CL . 20.40 -19.78 16.78
C39 CD4 CL . 19.24 -18.92 16.28
C40 CD4 CL . 19.74 -17.58 15.73
C41 CD4 CL . 18.55 -16.79 15.17
C42 CD4 CL . 17.79 -16.06 16.28
C43 CD4 CL . 16.52 -15.45 15.69
C44 CD4 CL . 15.88 -14.43 16.64
C45 CD4 CL . 16.63 -13.10 16.61
O16 CD4 CL . 25.45 -24.78 15.95
C46 CD4 CL . 25.81 -25.38 17.11
O17 CD4 CL . 26.82 -25.06 17.68
C47 CD4 CL . 24.87 -26.37 17.74
C48 CD4 CL . 23.53 -25.69 18.02
C49 CD4 CL . 23.74 -24.48 18.94
C50 CD4 CL . 22.41 -23.84 19.37
C51 CD4 CL . 22.68 -22.45 19.95
C52 CD4 CL . 21.38 -21.73 20.36
C53 CD4 CL . 20.71 -22.38 21.57
C54 CD4 CL . 19.60 -21.47 22.10
C55 CD4 CL . 18.69 -22.21 23.06
C56 CD4 CL . 17.53 -21.32 23.52
C57 CD4 CL . 16.29 -22.16 23.82
C58 CD4 CL . 15.16 -21.27 24.33
C59 CD4 CL . 13.89 -22.11 24.51
C60 CD4 CL . 31.69 -19.44 33.38
C61 CD4 CL . 32.85 -19.00 34.28
C62 CD4 CL . 34.17 -19.00 33.50
C63 CD4 CL . 16.06 -12.08 17.60
C64 CD4 CL . 16.80 -12.00 18.94
C65 CD4 CL . 16.82 -13.30 19.73
MG BCL DL . 29.76 1.90 35.65
CHA BCL DL . 31.63 -1.00 35.69
CHB BCL DL . 31.67 2.98 33.03
CHC BCL DL . 28.49 5.02 36.04
CHD BCL DL . 28.48 1.06 38.80
NA BCL DL . 31.44 1.08 34.56
C1A BCL DL . 31.99 -0.19 34.66
C2A BCL DL . 32.91 -0.50 33.52
C3A BCL DL . 33.03 0.85 32.79
C4A BCL DL . 31.99 1.70 33.44
CMA BCL DL . 34.42 1.46 32.93
CAA BCL DL . 32.38 -1.61 32.62
CBA BCL DL . 33.43 -2.11 31.64
CGA BCL DL . 33.02 -3.39 31.01
O1A BCL DL . 33.01 -4.43 31.58
O2A BCL DL . 32.74 -3.26 29.73
NB BCL DL . 30.07 3.74 34.74
C1B BCL DL . 30.79 3.93 33.56
C2B BCL DL . 30.50 5.18 33.00
C3B BCL DL . 29.58 5.83 33.85
C4B BCL DL . 29.35 4.87 34.94
CMB BCL DL . 31.14 5.64 31.69
CAB BCL DL . 28.92 7.14 33.76
OBB BCL DL . 28.19 7.58 34.66
CBB BCL DL . 29.06 8.05 32.57
NC BCL DL . 28.67 2.89 37.20
C1C BCL DL . 28.17 4.16 37.11
C2C BCL DL . 27.17 4.47 38.16
C3C BCL DL . 27.04 3.14 38.92
C4C BCL DL . 28.18 2.34 38.37
CMC BCL DL . 27.59 5.63 39.05
CAC BCL DL . 25.66 2.47 38.74
CBC BCL DL . 24.58 3.09 39.60
ND BCL DL . 29.99 0.40 36.99
C1D BCL DL . 29.39 0.13 38.22
C2D BCL DL . 29.80 -1.14 38.72
C3D BCL DL . 30.68 -1.64 37.77
C4D BCL DL . 30.77 -0.69 36.75
CMD BCL DL . 29.34 -1.76 40.02
CAD BCL DL . 31.42 -2.77 37.35
OBD BCL DL . 31.58 -3.88 37.89
CBD BCL DL . 32.08 -2.43 35.99
CGD BCL DL . 33.53 -2.65 36.07
O1D BCL DL . 34.33 -1.85 36.47
O2D BCL DL . 33.90 -3.84 35.64
CED BCL DL . 35.32 -4.14 35.63
C1 BCL DL . 32.54 -4.44 28.89
C2 BCL DL . 33.89 -5.15 28.89
C3 BCL DL . 34.91 -4.90 28.12
C4 BCL DL . 34.95 -3.85 27.04
C5 BCL DL . 36.21 -5.67 28.30
C6 BCL DL . 37.39 -4.84 28.84
C7 BCL DL . 38.69 -5.62 29.10
C8 BCL DL . 39.63 -5.97 27.93
C9 BCL DL . 40.03 -4.69 27.16
C10 BCL DL . 39.02 -6.99 26.96
C11 BCL DL . 39.93 -7.88 26.16
C12 BCL DL . 40.17 -7.39 24.74
C13 BCL DL . 40.61 -8.52 23.81
C14 BCL DL . 41.91 -9.18 24.27
C15 BCL DL . 40.77 -8.01 22.36
C16 BCL DL . 39.49 -7.97 21.52
C17 BCL DL . 39.57 -7.29 20.14
C18 BCL DL . 38.41 -7.69 19.23
C19 BCL DL . 38.49 -6.77 18.00
C20 BCL DL . 37.03 -7.57 19.89
MG BCL EL . 21.41 -12.98 39.86
CHA BCL EL . 22.51 -16.22 39.43
CHB BCL EL . 24.08 -11.92 38.03
CHC BCL EL . 20.78 -9.81 40.86
CHD BCL EL . 19.25 -14.11 42.37
NA BCL EL . 23.08 -13.97 38.89
C1A BCL EL . 23.30 -15.32 38.74
C2A BCL EL . 24.38 -15.63 37.75
C3A BCL EL . 24.95 -14.23 37.43
C4A BCL EL . 24.01 -13.29 38.12
CMA BCL EL . 26.37 -14.06 37.93
CAA BCL EL . 23.85 -16.33 36.50
CBA BCL EL . 24.95 -16.89 35.62
CGA BCL EL . 24.40 -17.64 34.46
O1A BCL EL . 23.98 -18.73 34.50
O2A BCL EL . 24.37 -16.90 33.39
NB BCL EL . 22.33 -11.15 39.57
C1B BCL EL . 23.32 -10.91 38.63
C2B BCL EL . 23.44 -9.53 38.39
C3B BCL EL . 22.51 -8.87 39.20
C4B BCL EL . 21.82 -9.93 39.93
CMB BCL EL . 24.45 -8.99 37.38
CAB BCL EL . 22.18 -7.44 39.36
OBB BCL EL . 21.42 -7.03 40.26
CBB BCL EL . 22.74 -6.36 38.46
NC BCL EL . 20.22 -12.11 41.41
C1C BCL EL . 20.04 -10.77 41.57
C2C BCL EL . 18.89 -10.43 42.45
C3C BCL EL . 18.31 -11.80 42.81
C4C BCL EL . 19.34 -12.75 42.25
CMC BCL EL . 19.27 -9.59 43.65
CAC BCL EL . 16.89 -12.06 42.27
CBC BCL EL . 15.81 -11.38 43.09
ND BCL EL . 20.97 -14.75 40.76
C1D BCL EL . 20.03 -15.11 41.73
C2D BCL EL . 20.01 -16.51 41.91
C3D BCL EL . 20.97 -17.02 41.04
C4D BCL EL . 21.52 -15.93 40.37
CMD BCL EL . 19.12 -17.26 42.88
CAD BCL EL . 21.50 -18.19 40.45
OBD BCL EL . 21.27 -19.39 40.66
CBD BCL EL . 22.54 -17.75 39.38
CGD BCL EL . 23.84 -18.38 39.64
O1D BCL EL . 24.62 -18.04 40.49
O2D BCL EL . 24.11 -19.39 38.83
CED BCL EL . 25.39 -20.05 38.97
C1 BCL EL . 23.86 -17.47 32.14
C2 BCL EL . 25.09 -17.73 31.28
C3 BCL EL . 25.87 -18.79 31.32
C4 BCL EL . 25.72 -20.00 32.22
C5 BCL EL . 27.09 -18.87 30.42
C6 BCL EL . 28.32 -18.14 30.98
C7 BCL EL . 29.43 -17.90 29.96
C8 BCL EL . 29.43 -16.47 29.37
C9 BCL EL . 28.08 -16.07 28.71
C10 BCL EL . 30.58 -16.28 28.37
C11 BCL EL . 30.87 -17.47 27.46
C12 BCL EL . 31.76 -17.10 26.28
C13 BCL EL . 31.00 -16.91 24.94
C14 BCL EL . 31.94 -17.03 23.74
C15 BCL EL . 30.24 -15.55 24.82
C16 BCL EL . 28.79 -15.62 25.29
C17 BCL EL . 27.70 -16.03 24.28
C18 BCL EL . 26.34 -16.25 24.92
C19 BCL EL . 25.40 -16.71 23.77
C20 BCL EL . 25.74 -15.03 25.62
C10 V7B FL . 5.79 -14.31 31.93
C20 V7B FL . 15.69 -13.61 26.14
C22 V7B FL . 15.28 -14.14 23.74
C28 V7B FL . 3.91 -14.99 27.95
C11 V7B FL . 7.15 -13.68 31.68
C16 V7B FL . 11.38 -13.41 27.02
C18 V7B FL . 13.79 -12.89 27.70
C19 V7B FL . 15.21 -12.61 27.18
C23 V7B FL . 17.11 -12.57 24.36
C29 V7B FL . 4.54 -14.57 26.63
C30 V7B FL . 5.84 -13.80 26.86
C31 V7B FL . 6.28 -13.05 25.61
C32 V7B FL . 7.57 -12.28 25.89
C34 V7B FL . 9.05 -10.38 25.30
C35 V7B FL . 9.10 -8.96 24.74
C36 V7B FL . 9.78 -8.87 23.38
C37 V7B FL . 9.63 -7.45 22.84
C38 V7B FL . 8.32 -7.25 22.08
C39 V7B FL . 8.41 -6.00 21.20
C41 V7B FL . 7.13 -5.89 20.37
C43 V7B FL . 0.97 -8.42 36.01
C44 V7B FL . 1.17 -7.78 37.39
C1 V7B FL . 2.12 -12.60 33.03
C12 V7B FL . 7.58 -13.84 30.23
C13 V7B FL . 9.02 -13.35 30.07
C14 V7B FL . 9.57 -13.70 28.70
C15 V7B FL . 10.88 -12.98 28.40
C17 V7B FL . 12.72 -12.77 26.62
C2 V7B FL . 1.04 -11.56 32.77
C21 V7B FL . 15.70 -13.05 24.71
C3 V7B FL . 1.36 -10.27 33.53
C33 V7B FL . 7.82 -11.18 24.86
C4 V7B FL . 1.45 -10.58 35.03
C40 V7B FL . 8.55 -4.75 22.06
C45 V7B FL . 0.49 -8.63 38.46
C46 V7B FL . -1.00 -8.72 38.14
C47 V7B FL . -1.18 -9.36 36.76
C48 V7B FL . -2.64 -9.26 36.32
C5 V7B FL . 2.44 -11.72 35.26
C6 V7B FL . 2.40 -12.17 36.72
C7 V7B FL . 2.77 -14.79 32.37
C8 V7B FL . 3.59 -14.78 31.07
C9 V7B FL . 2.68 -14.31 29.93
O1 V7B FL . 1.78 -13.79 32.38
O10 V7B FL . 3.84 -16.13 28.27
O2 V7B FL . 0.97 -11.28 31.40
O3 V7B FL . 0.33 -9.37 33.24
O4 V7B FL . 1.89 -9.48 35.80
O49 V7B FL . 2.53 -7.64 37.69
O5 V7B FL . 1.09 -12.57 37.06
O50 V7B FL . 0.66 -8.02 39.72
O51 V7B FL . -1.63 -9.52 39.10
O52 V7B FL . -0.38 -8.76 35.78
O53 V7B FL . -3.40 -10.25 36.95
O6 V7B FL . 2.18 -12.82 34.42
O7 V7B FL . 4.68 -13.90 31.18
O8 V7B FL . 3.34 -13.98 28.74
O9 V7B FL . 5.68 -15.14 32.77
MG BCL GL . 9.17 -25.54 38.26
CHA BCL GL . 9.63 -28.79 37.17
CHB BCL GL . 12.36 -24.86 37.30
CHC BCL GL . 9.03 -22.66 40.02
CHD BCL GL . 6.26 -26.59 39.90
NA BCL GL . 10.78 -26.72 37.38
C1A BCL GL . 10.72 -28.01 36.89
C2A BCL GL . 11.93 -28.35 36.07
C3A BCL GL . 12.85 -27.14 36.28
C4A BCL GL . 11.98 -26.15 36.98
CMA BCL GL . 14.09 -27.50 37.10
CAA BCL GL . 11.60 -28.62 34.59
CBA BCL GL . 12.81 -29.04 33.74
CGA BCL GL . 12.47 -29.45 32.34
O1A BCL GL . 11.41 -29.83 31.99
O2A BCL GL . 13.49 -29.39 31.51
NB BCL GL . 10.51 -24.03 38.68
C1B BCL GL . 11.72 -23.85 38.03
C2B BCL GL . 12.19 -22.53 38.18
C3B BCL GL . 11.25 -21.84 38.99
C4B BCL GL . 10.21 -22.83 39.28
CMB BCL GL . 13.49 -22.05 37.56
CAB BCL GL . 11.20 -20.45 39.46
OBB BCL GL . 10.37 -20.08 40.31
CBB BCL GL . 12.13 -19.37 38.96
NC BCL GL . 7.86 -24.76 39.75
C1C BCL GL . 7.94 -23.50 40.27
C2C BCL GL . 6.73 -23.08 41.03
C3C BCL GL . 5.78 -24.27 40.83
C4C BCL GL . 6.68 -25.31 40.21
CMC BCL GL . 7.02 -22.79 42.48
CAC BCL GL . 4.52 -23.96 39.97
CBC BCL GL . 3.43 -23.27 40.74
ND BCL GL . 8.14 -27.28 38.52
C1D BCL GL . 6.96 -27.60 39.18
C2D BCL GL . 6.63 -28.96 39.03
C3D BCL GL . 7.64 -29.49 38.24
C4D BCL GL . 8.53 -28.46 37.95
CMD BCL GL . 5.41 -29.64 39.60
CAD BCL GL . 8.04 -30.61 37.47
OBD BCL GL . 7.53 -31.72 37.32
CBD BCL GL . 9.36 -30.24 36.74
CGD BCL GL . 10.41 -31.22 37.07
O1D BCL GL . 11.08 -31.24 38.08
O2D BCL GL . 10.58 -32.13 36.12
CED BCL GL . 11.59 -33.15 36.35
C1 BCL GL . 13.28 -29.86 30.13
C2 BCL GL . 14.65 -29.77 29.44
C3 BCL GL . 15.29 -28.65 29.18
C4 BCL GL . 14.79 -27.25 29.52
C5 BCL GL . 16.66 -28.66 28.46
C6 BCL GL . 17.85 -28.16 29.28
C7 BCL GL . 18.59 -29.28 30.02
C8 BCL GL . 19.57 -30.12 29.20
C9 BCL GL . 19.87 -31.45 29.92
C10 BCL GL . 20.89 -29.35 29.00
C11 BCL GL . 21.88 -30.05 28.08
C12 BCL GL . 21.41 -30.28 26.64
C13 BCL GL . 21.20 -29.03 25.74
C14 BCL GL . 22.35 -28.03 25.87
C15 BCL GL . 19.87 -28.25 25.95
C16 BCL GL . 19.34 -27.44 24.78
C17 BCL GL . 17.89 -26.95 24.95
C18 BCL GL . 17.37 -26.26 23.71
C19 BCL GL . 15.92 -25.85 24.05
C20 BCL GL . 17.37 -27.15 22.46
C1 CD4 HL . 13.57 -18.17 22.40
C2 CD4 HL . 14.29 -17.13 21.53
C3 CD4 HL . 15.78 -17.46 21.42
C4 CD4 HL . 16.06 -18.85 20.80
C5 CD4 HL . 15.31 -19.00 19.47
C6 CD4 HL . 15.78 -20.22 18.67
C7 CD4 HL . 15.53 -21.59 19.34
C8 CD4 HL . 16.87 -22.28 19.65
C9 CD4 HL . 16.90 -23.70 19.10
C10 CD4 HL . 18.25 -24.37 19.40
C11 CD4 HL . 18.34 -25.79 18.83
C12 CD4 HL . 19.71 -26.40 19.17
C13 CD4 HL . 19.80 -27.91 18.87
C14 CD4 HL . 21.12 -28.46 19.36
O1 CD4 HL . 21.93 -27.71 19.85
O2 CD4 HL . 21.48 -29.72 19.04
C15 CD4 HL . 21.92 -30.76 19.95
C16 CD4 HL . 21.99 -30.33 21.42
O3 CD4 HL . 21.33 -31.44 22.08
C17 CD4 HL . 21.74 -31.93 23.26
O4 CD4 HL . 22.78 -31.60 23.76
C18 CD4 HL . 20.86 -33.00 23.85
C19 CD4 HL . 21.63 -33.95 24.77
C20 CD4 HL . 20.62 -34.66 25.68
C21 CD4 HL . 21.28 -35.91 26.28
C22 CD4 HL . 20.78 -36.20 27.69
C23 CD4 HL . 21.55 -35.39 28.75
C24 CD4 HL . 21.17 -35.82 30.18
C25 CD4 HL . 20.03 -35.05 30.86
C26 CD4 HL . 18.76 -34.88 30.01
C27 CD4 HL . 17.62 -34.32 30.87
C28 CD4 HL . 23.27 -31.41 19.61
O5 CD4 HL . 23.74 -31.35 18.26
P1 CD4 HL . 23.01 -31.91 16.94
O6 CD4 HL . 22.46 -33.40 17.14
O7 CD4 HL . 24.03 -31.97 15.86
O8 CD4 HL . 21.84 -30.90 16.50
C29 CD4 HL . 20.97 -31.15 15.40
C30 CD4 HL . 21.61 -30.50 14.18
O9 CD4 HL . 21.27 -29.12 14.17
C31 CD4 HL . 21.11 -31.13 12.89
O10 CD4 HL . 21.03 -32.55 12.96
P2 CD4 HL . 19.95 -33.27 12.03
O11 CD4 HL . 20.16 -32.83 10.50
O12 CD4 HL . 19.99 -34.74 12.18
O13 CD4 HL . 18.56 -32.68 12.57
C32 CD4 HL . 18.21 -32.90 13.93
C33 CD4 HL . 17.40 -31.71 14.48
C34 CD4 HL . 17.03 -30.70 13.38
O14 CD4 HL . 16.40 -29.54 13.99
C35 CD4 HL . 17.12 -28.68 14.73
O15 CD4 HL . 18.33 -28.77 14.80
C36 CD4 HL . 16.39 -27.59 15.47
C37 CD4 HL . 15.74 -28.20 16.72
C38 CD4 HL . 14.91 -27.14 17.46
C39 CD4 HL . 14.34 -27.77 18.74
C40 CD4 HL . 14.09 -26.73 19.84
C41 CD4 HL . 13.16 -25.61 19.37
C42 CD4 HL . 12.91 -24.62 20.51
C43 CD4 HL . 12.13 -23.38 20.06
C44 CD4 HL . 10.78 -23.75 19.43
C45 CD4 HL . 9.96 -22.46 19.24
O16 CD4 HL . 16.27 -32.22 15.24
C46 CD4 HL . 15.24 -32.86 14.68
O17 CD4 HL . 15.22 -33.20 13.52
C47 CD4 HL . 14.12 -33.28 15.58
C48 CD4 HL . 12.84 -32.45 15.45
C49 CD4 HL . 13.08 -31.01 15.91
C50 CD4 HL . 11.86 -30.14 15.58
C51 CD4 HL . 10.55 -30.82 15.99
C52 CD4 HL . 10.41 -30.89 17.51
C53 CD4 HL . 9.92 -29.54 18.06
C54 CD4 HL . 9.96 -29.52 19.60
C55 CD4 HL . 8.90 -28.57 20.17
C56 CD4 HL . 7.52 -29.23 20.19
C57 CD4 HL . 6.42 -28.18 20.41
C58 CD4 HL . 6.23 -27.39 19.11
C59 CD4 HL . 5.20 -26.28 19.26
C60 CD4 HL . 16.53 -33.75 29.97
C61 CD4 HL . 15.33 -33.28 30.80
C62 CD4 HL . 15.77 -32.19 31.78
C63 CD4 HL . 8.65 -22.74 18.49
C64 CD4 HL . 7.71 -23.66 19.26
C65 CD4 HL . 7.24 -23.01 20.56
C1 CD4 IL . 10.16 -42.01 24.36
C2 CD4 IL . 10.47 -41.10 23.17
C3 CD4 IL . 9.33 -40.10 22.98
C4 CD4 IL . 9.70 -39.02 21.96
C5 CD4 IL . 8.45 -38.19 21.65
C6 CD4 IL . 8.78 -36.89 20.89
C7 CD4 IL . 7.48 -36.30 20.34
C8 CD4 IL . 7.55 -34.77 20.31
C9 CD4 IL . 8.73 -34.26 19.49
C10 CD4 IL . 8.70 -34.71 18.02
C11 CD4 IL . 7.48 -34.09 17.34
C12 CD4 IL . 7.72 -33.76 15.85
C13 CD4 IL . 8.04 -34.95 14.92
C14 CD4 IL . 9.46 -35.44 14.96
O1 CD4 IL . 10.39 -34.67 14.87
O2 CD4 IL . 9.60 -36.79 15.01
C15 CD4 IL . 10.77 -37.56 15.43
C16 CD4 IL . 10.81 -37.71 16.95
O3 CD4 IL . 10.44 -39.09 17.15
C17 CD4 IL . 9.14 -39.40 17.15
O4 CD4 IL . 8.29 -38.54 17.04
C18 CD4 IL . 8.75 -40.85 17.19
C19 CD4 IL . 8.93 -41.38 18.61
C20 CD4 IL . 8.15 -42.69 18.76
C21 CD4 IL . 8.33 -43.21 20.18
C22 CD4 IL . 7.36 -44.38 20.42
C23 CD4 IL . 7.31 -44.76 21.91
C24 CD4 IL . 8.65 -45.33 22.39
C25 CD4 IL . 8.55 -45.60 23.90
C26 CD4 IL . 9.93 -45.93 24.49
C27 CD4 IL . 9.95 -45.67 26.01
C28 CD4 IL . 12.12 -37.12 14.86
O5 CD4 IL . 12.01 -36.67 13.51
P1 CD4 IL . 12.54 -37.48 12.23
O6 CD4 IL . 14.01 -38.05 12.53
O7 CD4 IL . 12.65 -36.53 11.11
O8 CD4 IL . 11.56 -38.66 11.75
C29 CD4 IL . 10.48 -38.41 10.85
C30 CD4 IL . 10.04 -39.72 10.19
O9 CD4 IL . 11.17 -40.55 9.97
C31 CD4 IL . 9.38 -39.41 8.85
O10 CD4 IL . 8.22 -38.61 9.09
P2 CD4 IL . 7.85 -37.28 8.27
O11 CD4 IL . 8.82 -36.08 8.69
O12 CD4 IL . 7.97 -37.54 6.82
O13 CD4 IL . 6.33 -36.92 8.63
C32 CD4 IL . 5.83 -35.58 8.67
C33 CD4 IL . 4.30 -35.61 8.69
C34 CD4 IL . 3.81 -36.97 8.18
O14 CD4 IL . 2.36 -37.03 8.12
C35 CD4 IL . 1.75 -36.49 7.06
O15 CD4 IL . 2.39 -36.07 6.13
C36 CD4 IL . 0.24 -36.48 6.98
C37 CD4 IL . -0.41 -35.36 7.80
C38 CD4 IL . -0.41 -35.70 9.30
C39 CD4 IL . -0.92 -34.53 10.14
C40 CD4 IL . -0.76 -34.87 11.63
C41 CD4 IL . -1.08 -33.69 12.54
C42 CD4 IL . -2.57 -33.35 12.55
C43 CD4 IL . -2.82 -32.16 13.49
C44 CD4 IL . -4.24 -31.62 13.38
C45 CD4 IL . -5.20 -32.33 14.34
O16 CD4 IL . 3.80 -35.41 10.04
C46 CD4 IL . 3.87 -34.20 10.60
O17 CD4 IL . 4.28 -33.24 9.98
C47 CD4 IL . 3.31 -34.02 12.00
C48 CD4 IL . 4.27 -33.34 13.00
C49 CD4 IL . 3.39 -32.46 13.91
C50 CD4 IL . 4.08 -32.09 15.23
C51 CD4 IL . 3.12 -31.26 16.10
C52 CD4 IL . 3.79 -30.87 17.41
C53 CD4 IL . 2.82 -30.26 18.43
C54 CD4 IL . 2.14 -28.98 17.91
C55 CD4 IL . 1.13 -28.46 18.95
C56 CD4 IL . 0.35 -27.25 18.43
C57 CD4 IL . -0.76 -26.88 19.42
C58 CD4 IL . -1.76 -25.90 18.81
C59 CD4 IL . -2.88 -25.60 19.80
C60 CD4 IL . 8.83 -46.44 26.70
C61 CD4 IL . 9.09 -46.57 28.21
C62 CD4 IL . 9.33 -45.19 28.83
C63 CD4 IL . -6.35 -31.38 14.72
C64 CD4 IL . -7.18 -31.96 15.87
C65 CD4 IL . -8.02 -30.86 16.50
MG BCL JL . -4.80 -33.59 31.47
CHA BCL JL . -4.82 -36.60 29.77
CHB BCL JL . -1.42 -33.57 31.19
CHC BCL JL . -4.67 -31.14 33.80
CHD BCL JL . -8.15 -34.12 32.31
NA BCL JL . -3.34 -34.95 30.61
C1A BCL JL . -3.57 -36.06 29.83
C2A BCL JL . -2.33 -36.53 29.13
C3A BCL JL . -1.23 -35.67 29.76
C4A BCL JL . -1.99 -34.63 30.53
CMA BCL JL . -0.33 -36.49 30.68
CAA BCL JL . -2.40 -36.33 27.62
CBA BCL JL . -1.40 -37.20 26.87
CGA BCL JL . -1.34 -36.88 25.43
O1A BCL JL . -1.75 -37.56 24.56
O2A BCL JL . -0.87 -35.67 25.24
NB BCL JL . -3.29 -32.56 32.41
C1B BCL JL . -1.95 -32.60 32.04
C2B BCL JL . -1.23 -31.55 32.63
C3B BCL JL . -2.14 -30.80 33.42
C4B BCL JL . -3.43 -31.48 33.23
CMB BCL JL . 0.26 -31.36 32.37
CAB BCL JL . -1.95 -29.60 34.25
OBB BCL JL . -2.86 -29.13 34.93
CBB BCL JL . -0.64 -28.86 34.33
NC BCL JL . -6.20 -32.79 32.87
C1C BCL JL . -5.95 -31.71 33.68
C2C BCL JL . -7.17 -31.19 34.35
C3C BCL JL . -8.30 -32.02 33.71
C4C BCL JL . -7.54 -33.09 32.98
CMC BCL JL . -7.12 -31.33 35.86
CAC BCL JL . -9.26 -31.20 32.81
CBC BCL JL . -10.24 -30.37 33.58
ND BCL JL . -6.20 -35.05 31.18
C1D BCL JL . -7.56 -35.12 31.49
C2D BCL JL . -8.16 -36.26 30.90
C3D BCL JL . -7.14 -36.89 30.21
C4D BCL JL . -5.98 -36.15 30.40
CMD BCL JL . -9.60 -36.65 31.02
CAD BCL JL . -6.81 -37.90 29.27
OBD BCL JL . -7.53 -38.78 28.75
CBD BCL JL . -5.31 -37.79 28.93
CGD BCL JL . -4.63 -39.06 29.18
O1D BCL JL . -4.33 -39.50 30.26
O2D BCL JL . -4.35 -39.72 28.06
CED BCL JL . -3.67 -41.00 28.18
C1 BCL JL . -0.79 -35.16 23.88
C2 BCL JL . 0.34 -35.88 23.20
C3 BCL JL . 1.61 -35.58 23.25
C4 BCL JL . 2.18 -34.39 24.03
C5 BCL JL . 2.65 -36.40 22.49
C6 BCL JL . 3.05 -37.75 23.09
C7 BCL JL . 1.89 -38.74 23.15
C8 BCL JL . 2.21 -40.20 23.49
C9 BCL JL . 1.03 -41.11 23.11
C10 BCL JL . 2.57 -40.37 24.98
C11 BCL JL . 1.38 -40.22 25.93
C12 BCL JL . 1.75 -40.51 27.39
C13 BCL JL . 0.52 -40.93 28.21
C14 BCL JL . 0.04 -39.84 29.16
C15 BCL JL . 0.82 -42.19 29.07
C16 BCL JL . 0.46 -43.51 28.36
C17 BCL JL . 1.31 -43.92 27.15
C18 BCL JL . 0.87 -45.13 26.36
C19 BCL JL . 0.88 -46.29 27.36
C20 BCL JL . 1.77 -45.44 25.16
C10 V7B KL . -3.32 -18.75 27.37
C20 V7B KL . 1.43 -25.02 23.57
C22 V7B KL . 3.02 -26.08 21.98
C28 V7B KL . -6.97 -19.73 26.31
C11 V7B KL . -2.83 -17.84 26.24
C16 V7B KL . -1.70 -21.32 22.15
C18 V7B KL . -0.15 -23.21 22.88
C19 V7B KL . 1.27 -23.75 22.73
C23 V7B KL . 3.04 -26.75 24.38
C29 V7B KL . -6.70 -19.48 24.82
C30 V7B KL . -6.60 -20.77 24.02
C31 V7B KL . -7.97 -21.43 23.84
C32 V7B KL . -7.85 -22.49 22.76
C34 V7B KL . -9.78 -23.05 21.27
C35 V7B KL . -8.99 -23.82 20.22
C36 V7B KL . -9.79 -23.94 18.93
C37 V7B KL . -9.12 -25.00 18.06
C38 V7B KL . -9.83 -25.13 16.72
C39 V7B KL . -8.98 -25.97 15.79
C41 V7B KL . -8.53 -27.25 16.50
C43 V7B KL . -10.83 -17.07 33.92
C44 V7B KL . -11.67 -17.76 34.95
C1 V7B KL . -6.48 -18.95 31.80
C12 V7B KL . -2.99 -18.47 24.86
C13 V7B KL . -1.68 -19.12 24.42
C14 V7B KL . -1.66 -20.63 24.61
C15 V7B KL . -2.43 -21.33 23.50
C17 V7B KL . -0.26 -21.85 22.19
C2 V7B KL . -6.56 -18.53 33.28
C21 V7B KL . 2.84 -25.59 23.41
C3 V7B KL . -8.02 -18.45 33.76
C33 V7B KL . -9.14 -23.27 22.64
C4 V7B KL . -8.97 -17.79 32.76
C40 V7B KL . -9.78 -26.36 14.57
C45 V7B KL . -12.72 -18.58 34.21
C46 V7B KL . -13.56 -17.69 33.29
C47 V7B KL . -12.68 -16.78 32.42
C48 V7B KL . -13.54 -15.64 31.87
C5 V7B KL . -8.74 -18.38 31.38
C6 V7B KL . -9.59 -17.67 30.34
C7 V7B KL . -4.73 -19.52 30.19
C8 V7B KL . -5.19 -19.33 28.72
C9 V7B KL . -6.67 -18.99 28.49
O1 V7B KL . -5.21 -18.70 31.24
O10 V7B KL . -7.16 -20.83 26.72
O2 V7B KL . -5.87 -19.47 34.06
O3 V7B KL . -8.01 -17.71 34.95
O4 V7B KL . -10.30 -18.06 33.09
O49 V7B KL . -10.86 -18.61 35.71
O5 V7B KL . -8.96 -16.47 29.95
O50 V7B KL . -13.55 -19.23 35.13
O51 V7B KL . -14.33 -18.50 32.46
O52 V7B KL . -11.64 -16.20 33.16
O53 V7B KL . -14.34 -16.11 30.81
O6 V7B KL . -7.40 -18.16 31.11
O7 V7B KL . -4.42 -18.33 28.11
O8 V7B KL . -6.96 -18.65 27.18
O9 V7B KL . -2.78 -19.78 27.61
MG BCL LL . -18.41 -36.33 20.43
CHA BCL LL . -18.62 -38.69 17.92
CHB BCL LL . -15.13 -37.19 20.83
CHC BCL LL . -18.33 -34.55 23.30
CHD BCL LL . -21.91 -36.23 20.53
NA BCL LL . -17.08 -37.78 19.49
C1A BCL LL . -17.34 -38.60 18.41
C2A BCL LL . -16.09 -39.15 17.81
C3A BCL LL . -15.02 -38.80 18.86
C4A BCL LL . -15.74 -37.88 19.81
CMA BCL LL . -14.48 -40.05 19.57
CAA BCL LL . -15.75 -38.56 16.44
CBA BCL LL . -14.63 -39.33 15.76
CGA BCL LL . -14.50 -38.99 14.31
O1A BCL LL . -15.26 -39.33 13.47
O2A BCL LL . -13.40 -38.34 14.07
NB BCL LL . -16.99 -35.98 21.89
C1B BCL LL . -15.64 -36.30 21.78
C2B BCL LL . -14.88 -35.58 22.72
C3B BCL LL . -15.78 -34.81 23.48
C4B BCL LL . -17.10 -35.09 22.92
CMB BCL LL . -13.37 -35.72 22.80
CAB BCL LL . -15.56 -33.89 24.61
OBB BCL LL . -16.50 -33.45 25.31
CBB BCL LL . -14.19 -33.40 25.03
NC BCL LL . -19.91 -35.56 21.73
C1C BCL LL . -19.64 -34.74 22.80
C2C BCL LL . -20.84 -34.06 23.34
C3C BCL LL . -21.92 -34.42 22.31
C4C BCL LL . -21.26 -35.51 21.52
CMC BCL LL . -21.18 -34.49 24.75
CAC BCL LL . -22.40 -33.23 21.44
CBC BCL LL . -23.35 -32.31 22.17
ND BCL LL . -19.96 -37.27 19.49
C1D BCL LL . -21.34 -37.11 19.56
C2D BCL LL . -22.00 -37.89 18.59
C3D BCL LL . -20.98 -38.55 17.89
C4D BCL LL . -19.77 -38.15 18.47
CMD BCL LL . -23.49 -37.98 18.38
CAD BCL LL . -20.66 -39.36 16.79
OBD BCL LL . -21.39 -39.91 15.94
CBD BCL LL . -19.12 -39.52 16.73
CGD BCL LL . -18.76 -40.94 16.72
O1D BCL LL . -18.81 -41.68 17.69
O2D BCL LL . -18.36 -41.37 15.54
CED BCL LL . -18.02 -42.78 15.43
C1 BCL LL . -13.01 -38.13 12.67
C2 BCL LL . -12.45 -39.46 12.18
C3 BCL LL . -11.19 -39.80 12.19
C4 BCL LL . -10.05 -38.93 12.69
C5 BCL LL . -10.75 -41.18 11.69
C6 BCL LL . -11.83 -42.28 11.64
C7 BCL LL . -11.24 -43.65 11.28
C8 BCL LL . -10.18 -44.26 12.22
C9 BCL LL . -9.89 -45.72 11.85
C10 BCL LL . -10.59 -44.14 13.71
C11 BCL LL . -11.93 -44.76 14.07
C12 BCL LL . -12.48 -44.25 15.40
C13 BCL LL . -13.87 -44.82 15.75
C14 BCL LL . -14.48 -44.11 16.96
C15 BCL LL . -13.77 -46.33 16.04
C16 BCL LL . -14.83 -47.21 15.34
C17 BCL LL . -14.65 -47.44 13.84
C18 BCL LL . -13.72 -48.60 13.49
C19 BCL LL . -13.25 -48.37 12.04
C20 BCL LL . -14.38 -49.97 13.63
C2 UYH ML . -27.11 -20.48 15.56
C4 UYH ML . -29.02 -18.98 16.63
C5 UYH ML . -29.56 -18.81 15.14
C6 UYH ML . -30.44 -17.48 15.01
C8 UYH ML . -25.73 -20.41 11.24
C9 UYH ML . -25.59 -20.10 9.68
O9 UYH ML . -24.77 -21.75 13.61
C10 UYH ML . -23.99 -21.23 12.81
O10 UYH ML . -24.61 -19.41 7.18
C11 UYH ML . -22.45 -21.65 12.77
C12 UYH ML . -22.05 -21.70 11.20
O4 UYH ML . -30.16 -19.03 17.55
O2 UYH ML . -26.78 -21.89 15.39
C1 UYH ML . -27.61 -19.90 14.15
C13 UYH ML . -20.62 -22.40 11.08
C14 UYH ML . -20.05 -22.23 9.59
C15 UYH ML . -18.96 -23.38 9.35
C16 UYH ML . -18.35 -23.22 7.88
C17 UYH ML . -17.39 -24.45 7.55
C18 UYH ML . -18.26 -25.71 7.05
C19 UYH ML . -17.27 -26.90 6.63
C20 UYH ML . -18.16 -28.20 6.34
C21 UYH ML . -17.24 -29.51 6.22
C22 UYH ML . -16.12 -29.28 5.09
C23 UYH ML . -15.28 -30.64 4.90
C24 UYH ML . -13.99 -30.34 4.00
C25 UYH ML . -12.96 -31.58 4.10
C26 UYH ML . -11.63 -31.23 3.29
C27 UYH ML . -10.52 -32.36 3.56
C28 UYH ML . -23.80 -19.91 7.97
C29 UYH ML . -22.29 -20.25 7.54
C3 UYH ML . -28.20 -20.36 16.72
C30 UYH ML . -21.83 -19.38 6.27
C31 UYH ML . -20.67 -20.18 5.52
C32 UYH ML . -21.26 -21.56 4.94
C33 UYH ML . -20.64 -21.85 3.50
C34 UYH ML . -21.32 -23.18 2.91
C35 UYH ML . -21.01 -23.32 1.34
C36 UYH ML . -19.44 -23.29 1.04
C37 UYH ML . -18.75 -24.64 1.57
C38 UYH ML . -17.16 -24.47 1.46
C39 UYH ML . -16.45 -25.88 1.75
C40 UYH ML . -16.54 -26.79 0.43
C41 UYH ML . -15.93 -28.24 0.75
C42 UYH ML . -16.08 -29.18 -0.54
C43 UYH ML . -15.33 -28.53 -1.80
C44 UYH ML . -15.24 -29.62 -2.97
C45 UYH ML . -14.56 -28.97 -4.26
C7 UYH ML . -26.71 -19.38 11.95
O1 UYH ML . -26.43 -19.53 13.38
O3 UYH ML . -27.51 -20.42 18.02
O5 UYH ML . -30.65 -17.20 13.58
O6 UYH ML . -28.40 -18.67 14.27
O7 UYH ML . -24.41 -20.22 11.84
O8 UYH ML . -24.18 -20.27 9.34
MG BCL NL . -29.56 -33.18 7.02
CHA BCL NL . -29.81 -34.95 4.07
CHB BCL NL . -26.60 -34.76 7.61
CHC BCL NL . -29.67 -32.13 10.23
CHD BCL NL . -32.93 -32.28 6.68
NA BCL NL . -28.40 -34.67 5.96
C1A BCL NL . -28.63 -35.21 4.70
C2A BCL NL . -27.42 -35.89 4.16
C3A BCL NL . -26.48 -35.98 5.38
C4A BCL NL . -27.15 -35.10 6.39
CMA BCL NL . -26.32 -37.41 5.88
CAA BCL NL . -26.80 -35.14 2.98
CBA BCL NL . -25.87 -36.04 2.17
CGA BCL NL . -25.22 -35.35 1.03
O1A BCL NL . -25.65 -35.33 -0.08
O2A BCL NL . -24.08 -34.80 1.39
NB BCL NL . -28.37 -33.45 8.69
C1B BCL NL . -27.10 -34.02 8.69
C2B BCL NL . -26.43 -33.75 9.89
C3B BCL NL . -27.29 -32.97 10.69
C4B BCL NL . -28.50 -32.81 9.89
CMB BCL NL . -25.02 -34.25 10.15
CAB BCL NL . -27.13 -32.40 12.04
OBB BCL NL . -28.05 -31.81 12.62
CBB BCL NL . -25.84 -32.47 12.81
NC BCL NL . -31.09 -32.35 8.27
C1C BCL NL . -30.88 -31.90 9.54
C2C BCL NL . -32.00 -31.07 10.06
C3C BCL NL . -32.95 -30.99 8.87
C4C BCL NL . -32.36 -31.98 7.91
CMC BCL NL . -32.62 -31.68 11.30
CAC BCL NL . -33.08 -29.56 8.28
CBC BCL NL . -33.97 -28.67 9.11
ND BCL NL . -31.08 -33.54 5.71
C1D BCL NL . -32.40 -33.08 5.64
C2D BCL NL . -33.03 -33.53 4.45
C3D BCL NL . -32.06 -34.27 3.78
C4D BCL NL . -30.92 -34.25 4.56
CMD BCL NL . -34.45 -33.23 4.04
CAD BCL NL . -31.72 -34.91 2.57
OBD BCL NL . -32.40 -35.11 1.54
CBD BCL NL . -30.26 -35.40 2.67
CGD BCL NL . -30.19 -36.85 2.41
O1D BCL NL . -30.68 -37.71 3.11
O2D BCL NL . -29.51 -37.15 1.32
CED BCL NL . -29.39 -38.56 1.00
C1 BCL NL . -23.16 -34.28 0.38
C2 BCL NL . -22.73 -35.49 -0.41
C3 BCL NL . -21.67 -36.25 -0.27
C4 BCL NL . -20.54 -36.01 0.72
C5 BCL NL . -21.52 -37.51 -1.11
C6 BCL NL . -22.81 -38.31 -1.28
C7 BCL NL . -22.59 -39.73 -1.82
C8 BCL NL . -21.73 -40.69 -0.97
C9 BCL NL . -21.88 -42.13 -1.51
C10 BCL NL . -22.06 -40.66 0.54
C11 BCL NL . -23.33 -41.27 1.13
C12 BCL NL . -24.58 -40.40 1.03
C13 BCL NL . -25.85 -40.92 1.73
C14 BCL NL . -25.77 -40.81 3.25
C15 BCL NL . -26.17 -42.40 1.37
C16 BCL NL . -26.33 -42.75 -0.11
C17 BCL NL . -26.46 -44.24 -0.49
C18 BCL NL . -26.52 -44.44 -2.00
C19 BCL NL . -26.94 -45.91 -2.24
C20 BCL NL . -25.20 -44.13 -2.72
C1 CD4 OL . -23.11 -23.92 -5.09
C2 CD4 OL . -23.72 -23.48 -6.43
C3 CD4 OL . -22.92 -24.04 -7.61
C4 CD4 OL . -23.67 -23.69 -8.90
C5 CD4 OL . -22.84 -23.95 -10.16
C6 CD4 OL . -22.65 -25.45 -10.44
C7 CD4 OL . -21.82 -25.64 -11.72
C8 CD4 OL . -21.65 -27.12 -12.05
C9 CD4 OL . -20.60 -27.31 -13.17
C10 CD4 OL . -20.40 -28.81 -13.42
C11 CD4 OL . -19.20 -29.09 -14.36
C12 CD4 OL . -17.86 -28.93 -13.63
C13 CD4 OL . -16.69 -29.15 -14.59
C14 CD4 OL . -16.19 -30.58 -14.59
O1 CD4 OL . -15.06 -30.80 -14.24
O2 CD4 OL . -16.98 -31.61 -14.92
C15 CD4 OL . -17.08 -32.04 -16.30
C16 CD4 OL . -17.91 -33.34 -16.38
O3 CD4 OL . -19.18 -32.76 -16.75
C17 CD4 OL . -20.33 -33.44 -16.90
O4 CD4 OL . -20.42 -34.63 -16.70
C18 CD4 OL . -21.47 -32.57 -17.35
C19 CD4 OL . -22.88 -33.07 -16.99
C20 CD4 OL . -23.41 -34.01 -18.08
C21 CD4 OL . -24.73 -34.64 -17.59
C22 CD4 OL . -25.44 -35.29 -18.78
C23 CD4 OL . -26.71 -36.02 -18.34
C24 CD4 OL . -26.40 -37.14 -17.33
C25 CD4 OL . -27.55 -38.15 -17.26
C26 CD4 OL . -28.87 -37.52 -16.79
C27 CD4 OL . -29.96 -38.60 -16.74
C28 CD4 OL . -15.73 -32.10 -17.02
O5 CD4 OL . -15.27 -33.40 -17.39
P1 CD4 OL . -14.15 -33.51 -18.54
O6 CD4 OL . -13.65 -35.03 -18.71
O7 CD4 OL . -13.00 -32.64 -18.18
O8 CD4 OL . -14.77 -33.03 -19.94
C29 CD4 OL . -13.96 -32.66 -21.06
C30 CD4 OL . -14.36 -31.27 -21.55
O9 CD4 OL . -13.36 -30.75 -22.44
C31 CD4 OL . -14.53 -30.33 -20.35
O10 CD4 OL . -14.57 -28.99 -20.81
P2 CD4 OL . -13.34 -27.99 -20.56
O11 CD4 OL . -11.96 -28.82 -20.49
O12 CD4 OL . -13.27 -26.96 -21.61
O13 CD4 OL . -13.64 -27.33 -19.13
C32 CD4 OL . -14.58 -26.27 -19.05
C33 CD4 OL . -15.27 -26.19 -17.68
C34 CD4 OL . -14.33 -25.55 -16.67
O14 CD4 OL . -14.68 -25.93 -15.30
C35 CD4 OL . -15.47 -25.11 -14.60
O15 CD4 OL . -15.84 -24.08 -15.09
C36 CD4 OL . -15.81 -25.47 -13.17
C37 CD4 OL . -17.21 -25.02 -12.70
C38 CD4 OL . -17.30 -23.51 -12.42
C39 CD4 OL . -18.68 -23.14 -11.89
C40 CD4 OL . -18.85 -21.61 -11.86
C41 CD4 OL . -19.98 -21.14 -10.94
C42 CD4 OL . -19.59 -21.31 -9.47
C43 CD4 OL . -20.00 -20.09 -8.62
C44 CD4 OL . -21.52 -20.03 -8.43
C45 CD4 OL . -21.90 -19.09 -7.27
O16 CD4 OL . -16.40 -25.33 -17.95
C46 CD4 OL . -17.52 -25.37 -17.22
O17 CD4 OL . -17.68 -26.16 -16.32
C47 CD4 OL . -18.60 -24.40 -17.63
C48 CD4 OL . -19.50 -23.97 -16.46
C49 CD4 OL . -20.34 -22.80 -16.99
C50 CD4 OL . -20.93 -21.98 -15.84
C51 CD4 OL . -21.47 -20.66 -16.40
C52 CD4 OL . -21.94 -19.77 -15.25
C53 CD4 OL . -21.84 -18.29 -15.63
C54 CD4 OL . -22.75 -17.95 -16.82
C55 CD4 OL . -24.24 -17.91 -16.42
C56 CD4 OL . -24.83 -16.59 -16.93
C57 CD4 OL . -26.36 -16.57 -16.78
C58 CD4 OL . -26.79 -16.69 -15.31
C59 CD4 OL . -28.27 -16.33 -15.20
C60 CD4 OL . -31.30 -38.01 -16.31
C61 CD4 OL . -32.34 -39.13 -16.26
C62 CD4 OL . -33.70 -38.58 -15.81
C63 CD4 OL . -21.67 -17.61 -7.63
C64 CD4 OL . -20.94 -16.87 -6.51
C65 CD4 OL . -19.46 -17.24 -6.45
C2 0V9 PL . -33.11 -14.84 4.11
C1 0V9 PL . -34.48 -15.10 3.44
N 0V9 PL . -38.87 -11.42 4.10
C3 0V9 PL . -33.20 -14.90 5.64
C4 0V9 PL . -36.94 -11.66 2.55
C5 0V9 PL . -37.74 -10.75 3.50
C10 0V9 PL . -31.74 -15.88 2.32
C11 0V9 PL . -30.57 -16.81 2.22
C12 0V9 PL . -30.44 -17.56 0.91
C13 0V9 PL . -28.98 -17.82 0.60
C14 0V9 PL . -28.80 -18.52 -0.73
C15 0V9 PL . -27.33 -18.59 -1.14
C16 0V9 PL . -27.15 -19.12 -2.56
C17 0V9 PL . -27.26 -18.05 -3.64
C18 0V9 PL . -26.02 -17.27 -3.77
C19 0V9 PL . -25.82 -16.29 -4.67
C20 0V9 PL . -26.83 -15.84 -5.66
C21 0V9 PL . -26.44 -16.18 -7.09
C22 0V9 PL . -25.31 -15.30 -7.58
C23 0V9 PL . -24.92 -15.67 -8.99
C24 0V9 PL . -23.72 -14.89 -9.48
C25 0V9 PL . -23.19 -15.44 -10.78
C30 0V9 PL . -30.92 -14.31 6.19
C31 0V9 PL . -29.58 -14.94 6.41
C32 0V9 PL . -29.21 -15.78 5.21
C33 0V9 PL . -28.00 -16.67 5.42
C34 0V9 PL . -27.55 -17.25 4.09
C35 0V9 PL . -26.38 -18.21 4.20
C36 0V9 PL . -25.51 -18.16 2.95
C37 0V9 PL . -24.61 -19.38 2.84
C38 0V9 PL . -23.48 -19.20 1.83
C39 0V9 PL . -22.27 -18.50 2.41
C40 0V9 PL . -21.07 -18.61 1.49
C41 0V9 PL . -19.77 -18.36 2.23
C42 0V9 PL . -18.61 -18.08 1.30
C43 0V9 PL . -18.51 -19.06 0.15
O4 0V9 PL . -32.28 -15.21 1.43
O5 0V9 PL . -31.22 -13.13 6.00
O2 0V9 PL . -32.21 -15.86 3.62
O3 0V9 PL . -31.93 -15.25 6.21
O1P 0V9 PL . -34.85 -12.33 4.33
O2P 0V9 PL . -36.93 -13.07 5.56
O3P 0V9 PL . -35.57 -14.71 4.22
O4P 0V9 PL . -36.79 -12.95 3.08
P 0V9 PL . -36.09 -13.25 4.49
MG BCL QL . -37.22 -25.43 -6.88
CHA BCL QL . -37.12 -26.48 -10.17
CHB BCL QL . -34.77 -27.67 -6.18
CHC BCL QL . -37.79 -24.97 -3.58
CHD BCL QL . -40.21 -23.74 -7.57
NA BCL QL . -36.14 -26.91 -8.05
C1A BCL QL . -36.15 -27.08 -9.43
C2A BCL QL . -34.99 -27.91 -9.89
C3A BCL QL . -34.34 -28.39 -8.59
C4A BCL QL . -35.08 -27.63 -7.53
CMA BCL QL . -34.51 -29.89 -8.38
CAA BCL QL . -34.03 -27.18 -10.85
CBA BCL QL . -32.60 -27.73 -10.95
CGA BCL QL . -31.96 -27.46 -12.27
O1A BCL QL . -32.52 -27.06 -13.22
O2A BCL QL . -30.70 -27.83 -12.34
NB BCL QL . -36.46 -26.24 -5.14
C1B BCL QL . -35.32 -27.05 -5.07
C2B BCL QL . -34.84 -27.10 -3.76
C3B BCL QL . -35.71 -26.34 -2.95
C4B BCL QL . -36.71 -25.81 -3.87
CMB BCL QL . -33.58 -27.88 -3.39
CAB BCL QL . -35.72 -26.05 -1.50
OBB BCL QL . -36.68 -25.51 -0.94
CBB BCL QL . -34.56 -26.39 -0.60
NC BCL QL . -38.79 -24.52 -5.75
C1C BCL QL . -38.75 -24.34 -4.40
C2C BCL QL . -39.75 -23.37 -3.90
C3C BCL QL . -40.40 -22.86 -5.20
C4C BCL QL . -39.86 -23.80 -6.23
CMC BCL QL . -40.75 -23.99 -2.94
CAC BCL QL . -40.10 -21.36 -5.51
CBC BCL QL . -40.90 -20.41 -4.66
ND BCL QL . -38.46 -25.19 -8.48
C1D BCL QL . -39.60 -24.40 -8.67
C2D BCL QL . -40.00 -24.40 -10.03
C3D BCL QL . -39.06 -25.19 -10.68
C4D BCL QL . -38.16 -25.64 -9.72
CMD BCL QL . -41.18 -23.68 -10.60
CAD BCL QL . -38.61 -25.68 -11.93
OBD BCL QL . -39.07 -25.53 -13.08
CBD BCL QL . -37.32 -26.52 -11.69
CGD BCL QL . -37.47 -27.85 -12.28
O1D BCL QL . -38.06 -28.78 -11.77
O2D BCL QL . -36.88 -27.97 -13.46
CED BCL QL . -36.96 -29.26 -14.11
C1 BCL QL . -30.00 -28.04 -13.60
C2 BCL QL . -30.59 -29.33 -14.11
C3 BCL QL . -30.11 -30.54 -14.18
C4 BCL QL . -28.66 -30.93 -13.85
C5 BCL QL . -30.99 -31.72 -14.57
C6 BCL QL . -31.58 -32.46 -13.36
C7 BCL QL . -32.70 -33.45 -13.67
C8 BCL QL . -34.10 -32.83 -13.80
C9 BCL QL . -34.53 -32.22 -12.45
C10 BCL QL . -35.14 -33.86 -14.26
C11 BCL QL . -34.82 -34.83 -15.38
C12 BCL QL . -34.47 -34.16 -16.71
C13 BCL QL . -34.14 -35.15 -17.83
C14 BCL QL . -33.42 -34.45 -18.99
C15 BCL QL . -35.41 -35.85 -18.38
C16 BCL QL . -35.26 -36.59 -19.72
C17 BCL QL . -34.28 -37.79 -19.74
C18 BCL QL . -33.57 -38.06 -21.07
C19 BCL QL . -34.64 -38.39 -22.11
C20 BCL QL . -32.53 -39.19 -20.99
MG BCL RL . -39.70 -13.15 -19.20
CHA BCL RL . -39.08 -13.40 -22.59
CHB BCL RL . -37.94 -16.04 -18.76
CHC BCL RL . -40.83 -13.30 -16.02
CHD BCL RL . -42.21 -10.80 -19.90
NA BCL RL . -38.68 -14.53 -20.53
C1A BCL RL . -38.43 -14.38 -21.88
C2A BCL RL . -37.45 -15.39 -22.40
C3A BCL RL . -37.30 -16.35 -21.21
C4A BCL RL . -37.93 -15.60 -20.07
CMA BCL RL . -37.98 -17.69 -21.45
CAA BCL RL . -36.13 -14.77 -22.83
CBA BCL RL . -35.28 -15.67 -23.74
CGA BCL RL . -33.93 -15.10 -24.01
O1A BCL RL . -33.58 -14.62 -25.04
O2A BCL RL . -33.17 -15.16 -22.95
NB BCL RL . -39.49 -14.49 -17.64
C1B BCL RL . -38.61 -15.56 -17.62
C2B BCL RL . -38.49 -16.09 -16.33
C3B BCL RL . -39.30 -15.31 -15.47
C4B BCL RL . -39.93 -14.32 -16.35
CMB BCL RL . -37.61 -17.29 -16.03
CAB BCL RL . -39.54 -15.37 -14.02
OBB BCL RL . -40.36 -14.62 -13.46
CBB BCL RL . -38.82 -16.32 -13.11
NC BCL RL . -41.31 -12.22 -18.13
C1C BCL RL . -41.53 -12.36 -16.79
C2C BCL RL . -42.48 -11.37 -16.24
C3C BCL RL . -42.73 -10.44 -17.43
C4C BCL RL . -42.15 -11.22 -18.58
CMC BCL RL . -43.75 -11.99 -15.70
CAC BCL RL . -42.11 -9.03 -17.27
CBC BCL RL . -42.94 -8.11 -16.40
ND BCL RL . -40.55 -12.31 -20.85
C1D BCL RL . -41.49 -11.29 -21.02
C2D BCL RL . -41.55 -10.87 -22.36
C3D BCL RL . -40.63 -11.67 -23.04
C4D BCL RL . -40.05 -12.51 -22.11
CMD BCL RL . -42.45 -9.79 -22.90
CAD BCL RL . -40.00 -11.92 -24.27
OBD BCL RL . -40.15 -11.38 -25.38
CBD BCL RL . -38.98 -13.06 -24.08
CGD BCL RL . -39.26 -14.16 -25.01
O1D BCL RL . -40.20 -14.92 -24.94
O2D BCL RL . -38.37 -14.27 -25.97
CED BCL RL . -38.59 -15.31 -26.96
C1 BCL RL . -31.82 -14.61 -23.01
C2 BCL RL . -30.94 -15.55 -23.77
C3 BCL RL . -30.20 -16.52 -23.32
C4 BCL RL . -30.14 -16.94 -21.85
C5 BCL RL . -29.24 -17.27 -24.23
C6 BCL RL . -29.67 -18.62 -24.80
C7 BCL RL . -29.34 -19.80 -23.87
C8 BCL RL . -28.87 -21.05 -24.62
C9 BCL RL . -29.94 -21.53 -25.61
C10 BCL RL . -28.51 -22.17 -23.61
C11 BCL RL . -27.14 -22.04 -22.97
C12 BCL RL . -26.01 -22.50 -23.91
C13 BCL RL . -24.79 -21.58 -23.90
C14 BCL RL . -23.72 -22.02 -24.90
C15 BCL RL . -24.15 -21.52 -22.49
C16 BCL RL . -23.71 -20.12 -22.11
C17 BCL RL . -24.91 -19.21 -21.81
C18 BCL RL . -24.57 -17.77 -21.47
C19 BCL RL . -23.68 -17.80 -20.22
C20 BCL RL . -25.81 -16.90 -21.23
MG BCL SL . -36.60 1.71 -28.32
CHA BCL SL . -35.29 1.93 -31.51
CHB BCL SL . -35.80 -1.60 -28.31
CHC BCL SL . -38.51 1.30 -25.55
CHD BCL SL . -38.11 4.84 -28.80
NA BCL SL . -35.69 0.36 -29.76
C1A BCL SL . -35.10 0.68 -30.98
C2A BCL SL . -34.33 -0.47 -31.55
C3A BCL SL . -34.66 -1.63 -30.60
C4A BCL SL . -35.38 -0.96 -29.46
CMA BCL SL . -35.55 -2.67 -31.27
CAA BCL SL . -32.81 -0.19 -31.64
CBA BCL SL . -32.02 -1.26 -32.42
CGA BCL SL . -30.56 -0.99 -32.59
O1A BCL SL . -30.03 0.05 -32.41
O2A BCL SL . -29.88 -2.06 -32.98
NB BCL SL . -37.14 0.10 -27.15
C1B BCL SL . -36.59 -1.18 -27.23
C2B BCL SL . -36.90 -1.93 -26.09
C3B BCL SL . -37.70 -1.13 -25.25
C4B BCL SL . -37.82 0.14 -25.96
CMB BCL SL . -36.42 -3.36 -25.91
CAB BCL SL . -38.32 -1.38 -23.94
OBB BCL SL . -39.09 -0.57 -23.40
CBB BCL SL . -38.06 -2.63 -23.13
NC BCL SL . -38.11 2.89 -27.35
C1C BCL SL . -38.67 2.56 -26.15
C2C BCL SL . -39.44 3.68 -25.54
C3C BCL SL . -39.08 4.86 -26.45
C4C BCL SL . -38.48 4.18 -27.65
CMC BCL SL . -40.92 3.41 -25.46
CAC BCL SL . -38.14 5.89 -25.79
CBC BCL SL . -38.85 6.83 -24.84
ND BCL SL . -36.73 3.09 -29.80
C1D BCL SL . -37.32 4.35 -29.88
C2D BCL SL . -37.02 4.99 -31.10
C3D BCL SL . -36.22 4.09 -31.80
C4D BCL SL . -36.07 2.97 -30.99
CMD BCL SL . -37.49 6.36 -31.53
CAD BCL SL . -35.40 3.89 -32.93
OBD BCL SL . -35.13 4.65 -33.88
CBD BCL SL . -34.79 2.46 -32.85
CGD BCL SL . -35.16 1.69 -34.04
O1D BCL SL . -36.28 1.27 -34.29
O2D BCL SL . -34.15 1.48 -34.86
CED BCL SL . -34.43 0.80 -36.11
C1 BCL SL . -28.42 -1.98 -33.17
C2 BCL SL . -27.99 -3.36 -33.63
C3 BCL SL . -28.00 -3.73 -34.90
C4 BCL SL . -28.41 -2.82 -36.06
C5 BCL SL . -27.65 -5.15 -35.37
C6 BCL SL . -27.68 -6.27 -34.33
C7 BCL SL . -26.33 -6.53 -33.65
C8 BCL SL . -26.27 -7.80 -32.76
C9 BCL SL . -25.38 -7.51 -31.53
C10 BCL SL . -25.71 -9.02 -33.51
C11 BCL SL . -26.38 -9.47 -34.80
C12 BCL SL . -25.81 -10.78 -35.36
C13 BCL SL . -26.23 -11.08 -36.82
C14 BCL SL . -25.72 -10.01 -37.80
C15 BCL SL . -27.76 -11.24 -37.02
C16 BCL SL . -28.37 -12.61 -36.68
C17 BCL SL . -29.79 -12.90 -37.21
C18 BCL SL . -29.95 -12.79 -38.73
C19 BCL SL . -31.32 -13.40 -39.07
C20 BCL SL . -28.86 -13.49 -39.55
MG BCL TL . -28.54 16.48 -32.76
CHA BCL TL . -26.49 17.04 -35.49
CHB BCL TL . -28.53 13.18 -33.56
CHC BCL TL . -31.05 16.00 -30.57
CHD BCL TL . -29.14 19.93 -32.59
NA BCL TL . -27.64 15.30 -34.35
C1A BCL TL . -26.74 15.72 -35.32
C2A BCL TL . -26.10 14.55 -36.03
C3A BCL TL . -26.88 13.34 -35.49
C4A BCL TL . -27.72 13.92 -34.40
CMA BCL TL . -27.73 12.68 -36.57
CAA BCL TL . -24.59 14.43 -35.78
CBA BCL TL . -23.92 13.41 -36.70
CGA BCL TL . -22.44 13.35 -36.58
O1A BCL TL . -21.76 14.18 -36.08
O2A BCL TL . -21.91 12.24 -37.09
NB BCL TL . -29.69 14.86 -32.20
C1B BCL TL . -29.39 13.54 -32.52
C2B BCL TL . -30.04 12.66 -31.65
C3B BCL TL . -30.82 13.44 -30.76
C4B BCL TL . -30.55 14.82 -31.15
CMB BCL TL . -29.86 11.16 -31.75
CAB BCL TL . -31.72 13.06 -29.65
OBB BCL TL . -32.31 13.90 -28.98
CBB BCL TL . -31.98 11.62 -29.27
NC BCL TL . -29.92 17.77 -31.76
C1C BCL TL . -30.79 17.35 -30.80
C2C BCL TL . -31.35 18.46 -29.99
C3C BCL TL . -30.61 19.69 -30.53
C4C BCL TL . -29.90 19.15 -31.74
CMC BCL TL . -32.86 18.56 -30.13
CAC BCL TL . -29.64 20.33 -29.50
CBC BCL TL . -30.36 21.19 -28.48
ND BCL TL . -28.00 18.14 -33.80
C1D BCL TL . -28.25 19.51 -33.61
C2D BCL TL . -27.52 20.29 -34.53
C3D BCL TL . -26.81 19.39 -35.30
C4D BCL TL . -27.11 18.12 -34.83
CMD BCL TL . -27.55 21.80 -34.61
CAD BCL TL . -25.81 19.24 -36.29
OBD BCL TL . -25.18 20.10 -36.94
CBD BCL TL . -25.57 17.72 -36.50
CGD BCL TL . -25.79 17.36 -37.91
O1D BCL TL . -26.86 17.32 -38.47
O2D BCL TL . -24.67 17.05 -38.55
CED BCL TL . -24.79 16.65 -39.95
C1 BCL TL . -20.45 12.13 -37.00
C2 BCL TL . -20.10 10.72 -37.44
C3 BCL TL . -20.21 9.61 -36.75
C4 BCL TL . -20.77 9.51 -35.33
C5 BCL TL . -19.73 8.27 -37.30
C6 BCL TL . -20.77 7.16 -37.44
C7 BCL TL . -20.28 5.97 -38.26
C8 BCL TL . -18.93 5.35 -37.85
C9 BCL TL . -18.47 4.31 -38.90
C10 BCL TL . -19.02 4.70 -36.47
C11 BCL TL . -17.70 4.46 -35.74
C12 BCL TL . -17.26 5.65 -34.88
C13 BCL TL . -16.04 5.37 -33.97
C14 BCL TL . -15.86 6.45 -32.89
C15 BCL TL . -14.74 5.28 -34.80
C16 BCL TL . -13.53 4.67 -34.09
C17 BCL TL . -12.39 4.12 -34.96
C18 BCL TL . -11.50 3.09 -34.27
C19 BCL TL . -10.34 2.77 -35.23
C20 BCL TL . -12.23 1.78 -33.90
C1 MQ8 UL . 1.43 31.55 -7.76
O1 MQ8 UL . 2.52 31.78 -7.20
C2 MQ8 UL . 1.31 30.60 -8.88
C2M MQ8 UL . 2.56 29.93 -9.27
C3 MQ8 UL . 0.13 30.31 -9.50
C4 MQ8 UL . -1.12 31.01 -9.06
O4 MQ8 UL . -2.24 30.83 -9.58
C5 MQ8 UL . -1.02 31.97 -7.94
C6 MQ8 UL . -2.18 32.64 -7.50
C7 MQ8 UL . -2.10 33.56 -6.46
C8 MQ8 UL . -0.89 33.82 -5.83
C9 MQ8 UL . 0.27 33.16 -6.26
C10 MQ8 UL . 0.20 32.24 -7.32
C11 MQ8 UL . 0.14 29.32 -10.62
C12 MQ8 UL . -1.14 28.80 -11.21
C13 MQ8 UL . -1.45 28.56 -12.50
C14 MQ8 UL . -0.51 28.74 -13.64
C15 MQ8 UL . -2.82 28.04 -12.82
C16 MQ8 UL . -2.80 26.54 -13.09
C17 MQ8 UL . -2.96 26.01 -14.47
C18 MQ8 UL . -2.01 25.35 -15.18
C19 MQ8 UL . -0.64 25.13 -14.66
C20 MQ8 UL . -2.30 24.78 -16.53
C21 MQ8 UL . -3.01 23.46 -16.28
C22 MQ8 UL . -3.44 22.59 -17.42
C23 MQ8 UL . -4.56 22.76 -18.15
C24 MQ8 UL . -5.51 23.86 -17.91
C25 MQ8 UL . -4.92 21.81 -19.25
C26 MQ8 UL . -4.14 21.94 -20.54
C27 MQ8 UL . -4.68 21.02 -21.59
C28 MQ8 UL . -4.48 19.70 -21.71
C29 MQ8 UL . -3.64 18.91 -20.78
C30 MQ8 UL . -5.13 18.94 -22.82
C31 MQ8 UL . -6.37 18.18 -22.39
C32 MQ8 UL . -7.49 19.08 -22.00
C33 MQ8 UL . -8.48 19.53 -22.78
C34 MQ8 UL . -8.59 19.17 -24.21
C35 MQ8 UL . -9.54 20.42 -22.24
C36 MQ8 UL . -10.97 20.07 -22.60
C37 MQ8 UL . -11.64 18.92 -21.97
C38 MQ8 UL . -12.64 19.04 -21.08
C39 MQ8 UL . -13.11 20.37 -20.61
C40 MQ8 UL . -13.36 17.88 -20.46
C41 MQ8 UL . -14.60 17.60 -21.31
C42 MQ8 UL . -14.19 17.09 -22.64
C43 MQ8 UL . -14.28 15.82 -23.05
C44 MQ8 UL . -13.76 15.39 -24.40
C45 MQ8 UL . -14.89 14.75 -22.23
C46 MQ8 UL . -13.22 16.53 -25.24
C47 MQ8 UL . -12.63 16.01 -26.50
C48 MQ8 UL . -13.00 16.29 -27.76
C49 MQ8 UL . -12.30 15.70 -28.92
C50 MQ8 UL . -14.13 17.21 -28.09
MG BCL VL . -16.15 29.03 -31.54
CHA BCL VL . -13.51 29.61 -33.70
CHB BCL VL . -16.76 26.13 -33.21
CHC BCL VL . -19.14 28.81 -29.98
CHD BCL VL . -15.91 32.35 -30.45
NA BCL VL . -15.24 28.04 -33.25
C1A BCL VL . -14.08 28.39 -33.92
C2A BCL VL . -13.57 27.27 -34.79
C3A BCL VL . -14.69 26.21 -34.71
C4A BCL VL . -15.64 26.79 -33.70
CMA BCL VL . -15.37 25.98 -36.06
CAA BCL VL . -12.21 26.69 -34.35
CBA BCL VL . -11.71 25.57 -35.28
CGA BCL VL . -10.27 25.24 -35.10
O1A BCL VL . -9.39 26.03 -35.05
O2A BCL VL . -10.05 23.94 -34.98
NB BCL VL . -17.75 27.72 -31.62
C1B BCL VL . -17.73 26.49 -32.27
C2B BCL VL . -18.80 25.69 -31.84
C3B BCL VL . -19.55 26.45 -30.90
C4B BCL VL . -18.83 27.72 -30.80
CMB BCL VL . -19.02 24.28 -32.35
CAB BCL VL . -20.76 26.15 -30.14
OBB BCL VL . -21.37 27.02 -29.50
CBB BCL VL . -21.37 24.77 -30.05
NC BCL VL . -17.36 30.40 -30.43
C1C BCL VL . -18.50 30.04 -29.77
C2C BCL VL . -19.01 31.09 -28.85
C3C BCL VL . -17.85 32.09 -28.82
C4C BCL VL . -17.01 31.66 -29.99
CMC BCL VL . -20.32 31.69 -29.30
CAC BCL VL . -17.07 32.10 -27.48
CBC BCL VL . -17.82 32.79 -26.36
ND BCL VL . -15.02 30.67 -31.98
C1D BCL VL . -14.95 31.94 -31.42
C2D BCL VL . -13.86 32.67 -31.94
C3D BCL VL . -13.24 31.81 -32.84
C4D BCL VL . -13.97 30.63 -32.84
CMD BCL VL . -13.48 34.07 -31.56
CAD BCL VL . -12.12 31.61 -33.68
OBD BCL VL . -11.17 32.35 -33.93
CBD BCL VL . -12.22 30.20 -34.29
CGD BCL VL . -12.16 30.27 -35.76
O1D BCL VL . -12.95 30.85 -36.46
O2D BCL VL . -11.12 29.65 -36.27
CED BCL VL . -10.93 29.73 -37.70
C1 BCL VL . -8.67 23.45 -34.84
C2 BCL VL . -8.02 23.51 -36.22
C3 BCL VL . -8.10 22.60 -37.15
C4 BCL VL . -8.86 21.29 -37.04
C5 BCL VL . -7.42 22.82 -38.51
C6 BCL VL . -8.30 23.49 -39.54
C7 BCL VL . -7.83 23.36 -40.99
C8 BCL VL . -7.88 21.93 -41.54
C9 BCL VL . -6.46 21.47 -41.94
C10 BCL VL . -8.84 21.85 -42.74
C11 BCL VL . -8.44 22.63 -43.98
C12 BCL VL . -9.45 22.50 -45.13
C13 BCL VL . -8.93 23.01 -46.49
C14 BCL VL . -10.04 23.11 -47.54
C15 BCL VL . -7.82 22.08 -47.04
C16 BCL VL . -8.01 20.56 -47.11
C17 BCL VL . -7.29 19.78 -46.01
C18 BCL VL . -7.44 18.27 -46.07
C19 BCL VL . -8.92 17.95 -45.77
C20 BCL VL . -6.52 17.53 -45.08
MG BCL WL . -2.08 36.96 -24.79
CHA BCL WL . 1.05 37.30 -26.20
CHB BCL WL . -2.90 34.85 -27.33
CHC BCL WL . -5.30 37.15 -23.83
CHD BCL WL . -1.41 39.78 -22.80
NA BCL WL . -1.03 36.21 -26.54
C1A BCL WL . 0.29 36.39 -26.88
C2A BCL WL . 0.74 35.42 -27.93
C3A BCL WL . -0.57 34.73 -28.35
C4A BCL WL . -1.59 35.27 -27.39
CMA BCL WL . -0.94 35.04 -29.80
CAA BCL WL . 1.79 34.44 -27.39
CBA BCL WL . 2.37 33.58 -28.51
CGA BCL WL . 3.57 32.84 -28.07
O1A BCL WL . 4.59 33.36 -27.73
O2A BCL WL . 3.44 31.55 -28.18
NB BCL WL . -3.85 36.20 -25.50
C1B BCL WL . -3.95 35.19 -26.47
C2B BCL WL . -5.21 34.60 -26.44
C3B BCL WL . -5.98 35.26 -25.45
C4B BCL WL . -5.07 36.25 -24.88
CMB BCL WL . -5.58 33.44 -27.36
CAB BCL WL . -7.36 35.07 -24.99
OBB BCL WL . -7.88 35.81 -24.14
CBB BCL WL . -8.27 33.99 -25.52
NC BCL WL . -3.18 38.29 -23.53
C1C BCL WL . -4.50 38.11 -23.19
C2C BCL WL . -4.95 38.96 -22.07
C3C BCL WL . -3.65 39.65 -21.62
C4C BCL WL . -2.70 39.31 -22.74
CMC BCL WL . -6.04 39.93 -22.47
CAC BCL WL . -3.15 39.20 -20.22
CBC BCL WL . -3.92 39.83 -19.08
ND BCL WL . -0.55 38.29 -24.55
C1D BCL WL . -0.36 39.37 -23.67
C2D BCL WL . 0.94 39.91 -23.81
C3D BCL WL . 1.55 39.14 -24.80
C4D BCL WL . 0.63 38.18 -25.21
CMD BCL WL . 1.50 41.07 -23.03
CAD BCL WL . 2.76 38.87 -25.47
OBD BCL WL . 3.88 39.43 -25.41
CBD BCL WL . 2.54 37.65 -26.40
CGD BCL WL . 2.94 37.98 -27.77
O1D BCL WL . 2.29 38.67 -28.54
O2D BCL WL . 4.09 37.45 -28.12
CED BCL WL . 4.59 37.75 -29.45
C1 BCL WL . 4.61 30.72 -28.02
C2 BCL WL . 5.41 30.93 -29.29
C3 BCL WL . 5.37 30.23 -30.40
C4 BCL WL . 4.54 28.97 -30.63
C5 BCL WL . 6.19 30.68 -31.60
C6 BCL WL . 5.57 31.85 -32.36
C7 BCL WL . 5.52 31.68 -33.87
C8 BCL WL . 6.72 32.11 -34.73
C9 BCL WL . 8.03 31.33 -34.43
C10 BCL WL . 6.94 33.62 -34.59
C11 BCL WL . 7.78 34.25 -35.68
C12 BCL WL . 7.77 35.79 -35.70
C13 BCL WL . 6.40 36.42 -36.03
C14 BCL WL . 6.55 37.64 -36.95
C15 BCL WL . 5.62 36.85 -34.76
C16 BCL WL . 4.10 36.95 -34.95
C17 BCL WL . 3.32 35.65 -34.69
C18 BCL WL . 3.15 35.30 -33.21
C19 BCL WL . 2.29 34.02 -33.16
C20 BCL WL . 2.49 36.41 -32.39
MG BCL XL . 11.81 39.43 -13.86
CHA BCL XL . 15.18 39.28 -14.67
CHB BCL XL . 11.13 38.05 -16.90
CHC BCL XL . 8.57 40.29 -13.46
CHD BCL XL . 12.61 41.53 -11.19
NA BCL XL . 13.03 38.80 -15.56
C1A BCL XL . 14.40 38.70 -15.63
C2A BCL XL . 14.85 37.98 -16.88
C3A BCL XL . 13.55 37.77 -17.64
C4A BCL XL . 12.49 38.15 -16.66
CMA BCL XL . 13.48 38.62 -18.91
CAA BCL XL . 15.59 36.66 -16.58
CBA BCL XL . 16.37 36.12 -17.77
CGA BCL XL . 17.10 34.85 -17.45
O1A BCL XL . 18.15 34.80 -16.91
O2A BCL XL . 16.42 33.77 -17.85
NB BCL XL . 10.11 39.27 -15.03
C1B BCL XL . 10.02 38.52 -16.19
C2B BCL XL . 8.68 38.27 -16.51
C3B BCL XL . 7.87 38.93 -15.55
C4B BCL XL . 8.83 39.54 -14.63
CMB BCL XL . 8.28 37.43 -17.72
CAB BCL XL . 6.42 39.04 -15.40
OBB BCL XL . 5.89 39.75 -14.52
CBB BCL XL . 5.44 38.32 -16.28
NC BCL XL . 10.76 40.74 -12.53
C1C BCL XL . 9.41 40.87 -12.51
C2C BCL XL . 8.91 41.55 -11.28
C3C BCL XL . 10.19 41.78 -10.47
C4C BCL XL . 11.26 41.43 -11.46
CMC BCL XL . 8.15 42.84 -11.57
CAC BCL XL . 10.28 40.95 -9.16
CBC BCL XL . 9.61 41.63 -7.98
ND BCL XL . 13.50 40.26 -13.07
C1D BCL XL . 13.71 41.08 -11.96
C2D BCL XL . 15.09 41.34 -11.78
C3D BCL XL . 15.72 40.66 -12.82
C4D BCL XL . 14.75 40.03 -13.57
CMD BCL XL . 15.69 42.19 -10.70
CAD BCL XL . 16.98 40.22 -13.32
OBD BCL XL . 18.13 40.44 -12.92
CBD BCL XL . 16.71 39.35 -14.57
CGD BCL XL . 17.43 39.89 -15.72
O1D BCL XL . 17.08 40.83 -16.40
O2D BCL XL . 18.57 39.27 -15.97
CED BCL XL . 19.35 39.72 -17.10
C1 BCL XL . 17.01 32.43 -17.72
C2 BCL XL . 18.23 32.39 -18.62
C3 BCL XL . 18.29 32.07 -19.88
C4 BCL XL . 17.12 31.63 -20.74
C5 BCL XL . 19.63 32.15 -20.62
C6 BCL XL . 20.29 33.53 -20.62
C7 BCL XL . 21.71 33.50 -21.17
C8 BCL XL . 21.85 33.52 -22.69
C9 BCL XL . 23.04 32.64 -23.15
C10 BCL XL . 22.02 34.97 -23.21
C11 BCL XL . 23.38 35.60 -22.94
C12 BCL XL . 23.30 36.97 -22.23
C13 BCL XL . 22.79 38.11 -23.14
C14 BCL XL . 23.92 39.02 -23.60
C15 BCL XL . 21.74 38.96 -22.39
C16 BCL XL . 20.40 38.29 -22.10
C17 BCL XL . 19.29 39.27 -21.68
C18 BCL XL . 18.01 38.65 -21.11
C19 BCL XL . 17.65 37.45 -22.00
C20 BCL XL . 16.85 39.65 -21.05
C1 V7N YL . 24.68 26.43 10.14
C10 V7N YL . 33.46 26.62 4.45
C11 V7N YL . 34.60 26.54 3.65
C12 V7N YL . 34.73 27.32 2.49
C13 V7N YL . 35.78 27.31 1.55
C14 V7N YL . 35.66 28.11 0.39
C15 V7N YL . 36.57 28.16 -0.67
C16 V7N YL . 36.24 28.78 -1.89
C17 V7N YL . 37.10 28.79 -3.00
C18 V7N YL . 36.75 29.23 -4.30
C19 V7N YL . 37.70 29.13 -5.34
C2 V7N YL . 26.02 27.13 10.37
C20 V7N YL . 37.61 29.68 -6.62
C21 V7N YL . 38.62 29.46 -7.60
C22 V7N YL . 38.65 30.03 -8.85
C23 V7N YL . 39.75 29.69 -9.80
C24 V7N YL . 39.75 28.21 -10.08
C25 V7N YL . 40.86 27.67 -10.91
C26 V7N YL . 40.87 27.54 -12.25
C27 V7N YL . 42.05 26.92 -12.93
C28 V7N YL . 42.43 27.49 -14.29
C29 V7N YL . 43.70 26.92 -14.80
C3 V7N YL . 27.27 26.34 10.23
C30 V7N YL . 23.58 27.47 10.26
C31 V7N YL . 24.62 25.78 8.76
C33 V7N YL . 29.69 24.52 9.72
C34 V7N YL . 34.19 25.19 6.41
C35 V7N YL . 37.01 26.49 1.73
C36 V7N YL . 35.38 29.74 -4.55
C37 V7N YL . 37.61 30.96 -9.33
C38 V7N YL . 39.74 27.97 -13.10
C39 V7N YL . 43.91 25.62 -15.17
C4 V7N YL . 28.01 26.32 9.08
C40 V7N YL . 45.22 25.15 -15.64
C41 V7N YL . 23.34 24.74 11.23
C43 V7N YL . 42.87 24.56 -15.19
C5 V7N YL . 29.24 25.64 8.85
C6 V7N YL . 30.02 26.07 7.76
C7 V7N YL . 31.28 25.62 7.34
C8 V7N YL . 31.92 26.26 6.27
C9 V7N YL . 33.19 26.02 5.71
O32 V7N YL . 24.56 25.45 11.20
O42 V7N YL . 35.39 25.13 6.14
O44 V7N YL . 46.20 26.07 -15.73
O45 V7N YL . 45.53 24.00 -15.97
C2 0V9 ZL . 29.43 44.20 19.76
C1 0V9 ZL . 28.54 45.45 19.79
N 0V9 ZL . 25.01 45.07 22.77
C3 0V9 ZL . 28.64 42.91 19.88
C4 0V9 ZL . 26.90 43.53 23.28
C5 0V9 ZL . 25.70 43.87 22.37
C10 0V9 ZL . 31.21 43.60 18.15
C11 0V9 ZL . 31.25 43.14 16.73
C12 0V9 ZL . 32.56 42.49 16.33
C13 0V9 ZL . 32.68 42.35 14.81
C14 0V9 ZL . 31.57 41.55 14.14
C15 0V9 ZL . 31.55 40.07 14.49
C16 0V9 ZL . 32.58 39.27 13.70
C17 0V9 ZL . 32.45 37.77 13.96
C18 0V9 ZL . 33.38 36.93 13.15
C19 0V9 ZL . 33.19 36.50 11.88
C20 0V9 ZL . 32.04 36.84 11.01
C21 0V9 ZL . 32.46 37.44 9.69
C22 0V9 ZL . 32.80 36.41 8.63
C23 0V9 ZL . 33.25 37.08 7.34
C24 0V9 ZL . 33.17 36.17 6.14
C25 0V9 ZL . 34.29 35.15 6.12
C30 0V9 ZL . 30.30 41.37 20.82
C31 0V9 ZL . 30.95 40.04 20.56
C32 0V9 ZL . 31.62 39.98 19.19
C33 0V9 ZL . 32.31 38.65 18.95
C34 0V9 ZL . 31.34 37.51 18.73
C35 0V9 ZL . 32.02 36.17 18.60
C36 0V9 ZL . 31.04 35.05 18.32
C37 0V9 ZL . 31.71 33.71 18.08
C38 0V9 ZL . 32.75 33.76 16.98
C39 0V9 ZL . 33.00 32.40 16.33
C40 0V9 ZL . 34.09 32.55 15.29
C41 0V9 ZL . 34.10 31.45 14.25
C42 0V9 ZL . 35.15 31.76 13.20
C43 0V9 ZL . 35.13 30.79 12.05
O4 0V9 ZL . 32.06 43.50 19.04
O5 0V9 ZL . 30.34 42.07 21.83
O2 0V9 ZL . 30.03 44.26 18.45
O3 0V9 ZL . 29.49 41.76 19.77
O1P 0V9 ZL . 27.24 46.38 23.27
O2P 0V9 ZL . 29.63 46.10 22.58
O3P 0V9 ZL . 27.78 45.61 20.96
O4P 0V9 ZL . 28.11 44.15 22.93
P 0V9 ZL . 28.33 45.66 22.43
MG BCL AM . 28.19 33.99 7.05
CHA BCL AM . 28.47 32.57 3.92
CHB BCL AM . 31.02 32.31 7.94
CHC BCL AM . 27.64 34.88 10.25
CHD BCL AM . 24.89 34.87 6.30
NA BCL AM . 29.52 32.59 6.05
C1A BCL AM . 29.54 32.25 4.70
C2A BCL AM . 30.90 31.83 4.28
C3A BCL AM . 31.53 31.40 5.62
C4A BCL AM . 30.70 32.14 6.62
CMA BCL AM . 31.45 29.89 5.83
CAA BCL AM . 31.69 32.97 3.60
CBA BCL AM . 32.87 32.57 2.68
CGA BCL AM . 33.77 31.49 3.18
O1A BCL AM . 33.85 30.41 2.71
O2A BCL AM . 34.50 31.83 4.23
NB BCL AM . 29.14 33.62 8.84
C1B BCL AM . 30.36 32.97 8.99
C2B BCL AM . 30.82 33.09 10.32
C3B BCL AM . 29.86 33.84 11.04
C4B BCL AM . 28.82 34.15 10.06
CMB BCL AM . 32.15 32.48 10.76
CAB BCL AM . 29.80 34.23 12.45
OBB BCL AM . 28.96 35.05 12.87
CBB BCL AM . 30.74 33.70 13.51
NC BCL AM . 26.50 34.75 8.11
C1C BCL AM . 26.52 35.11 9.42
C2C BCL AM . 25.36 35.96 9.82
C3C BCL AM . 24.48 35.94 8.57
C4C BCL AM . 25.27 35.11 7.60
CMC BCL AM . 24.64 35.46 11.07
CAC BCL AM . 24.13 37.36 8.04
CBC BCL AM . 23.07 38.06 8.86
ND BCL AM . 26.91 33.77 5.49
C1D BCL AM . 25.61 34.20 5.27
C2D BCL AM . 25.17 33.86 3.97
C3D BCL AM . 26.25 33.21 3.38
C4D BCL AM . 27.27 33.18 4.32
CMD BCL AM . 23.81 34.15 3.39
CAD BCL AM . 26.76 32.63 2.19
OBD BCL AM . 26.22 32.43 1.09
CBD BCL AM . 28.23 32.23 2.44
CGD BCL AM . 28.44 30.82 2.08
O1D BCL AM . 27.89 29.87 2.61
O2D BCL AM . 29.30 30.63 1.09
CED BCL AM . 29.55 29.27 0.69
C1 BCL AM . 35.37 30.79 4.79
C2 BCL AM . 35.61 31.20 6.23
C3 BCL AM . 36.37 32.19 6.63
C4 BCL AM . 37.19 33.06 5.70
C5 BCL AM . 36.45 32.54 8.13
C6 BCL AM . 37.79 33.05 8.68
C7 BCL AM . 37.89 34.58 8.78
C8 BCL AM . 39.32 35.08 8.99
C9 BCL AM . 39.30 36.50 9.62
C10 BCL AM . 40.11 35.10 7.68
C11 BCL AM . 41.57 34.67 7.80
C12 BCL AM . 41.76 33.16 7.66
C13 BCL AM . 41.93 32.42 9.00
C14 BCL AM . 43.30 32.67 9.64
C15 BCL AM . 41.75 30.90 8.79
C16 BCL AM . 40.32 30.37 8.71
C17 BCL AM . 40.14 28.84 8.76
C18 BCL AM . 38.69 28.37 8.72
C19 BCL AM . 38.02 28.93 9.99
C20 BCL AM . 38.54 26.84 8.66
C2 0V9 BM . 19.92 51.92 5.11
C1 0V9 BM . 18.56 52.41 5.64
N 0V9 BM . 16.20 51.88 3.45
C3 0V9 BM . 20.58 50.99 6.12
C4 0V9 BM . 15.61 54.30 3.44
C5 0V9 BM . 15.45 52.93 4.12
C10 0V9 BM . 20.42 51.35 2.82
C11 0V9 BM . 19.79 50.77 1.59
C12 0V9 BM . 20.79 50.50 0.50
C13 0V9 BM . 21.59 49.23 0.74
C14 0V9 BM . 22.19 48.71 -0.55
C15 0V9 BM . 22.66 47.27 -0.45
C16 0V9 BM . 22.90 46.62 -1.79
C17 0V9 BM . 23.35 45.18 -1.62
C18 0V9 BM . 24.16 44.67 -2.75
C19 0V9 BM . 23.72 44.37 -3.98
C20 0V9 BM . 22.29 44.41 -4.43
C21 0V9 BM . 22.01 43.33 -5.47
C22 0V9 BM . 22.58 43.69 -6.82
C23 0V9 BM . 22.68 42.47 -7.72
C24 0V9 BM . 23.25 42.83 -9.07
C25 0V9 BM . 23.19 41.67 -10.03
C30 0V9 BM . 21.91 49.43 4.78
C31 0V9 BM . 23.32 49.17 4.32
C32 0V9 BM . 23.71 47.70 4.15
C33 0V9 BM . 22.95 46.92 3.09
C34 0V9 BM . 22.36 45.65 3.64
C35 0V9 BM . 22.25 44.48 2.69
C36 0V9 BM . 23.60 43.88 2.37
C37 0V9 BM . 23.51 42.45 1.89
C38 0V9 BM . 24.52 42.11 0.82
C39 0V9 BM . 24.68 40.61 0.66
C40 0V9 BM . 25.20 40.19 -0.70
C41 0V9 BM . 26.23 41.14 -1.29
C42 0V9 BM . 26.58 40.77 -2.70
C43 0V9 BM . 27.12 39.36 -2.81
O4 0V9 BM . 21.53 51.87 2.96
O5 0V9 BM . 20.87 48.83 4.50
O2 0V9 BM . 19.60 51.21 3.91
O3 0V9 BM . 21.85 50.52 5.63
O1P 0V9 BM . 18.19 53.33 2.78
O2P 0V9 BM . 19.22 55.43 3.70
O3P 0V9 BM . 18.24 53.74 5.28
O4P 0V9 BM . 16.78 55.01 3.75
P 0V9 BM . 18.27 54.45 3.87
C1 V7N CM . 27.82 17.15 21.12
C10 V7N CM . 37.10 15.67 17.70
C11 V7N CM . 38.26 15.28 16.99
C12 V7N CM . 38.85 16.13 16.05
C13 V7N CM . 39.97 15.87 15.21
C14 V7N CM . 40.46 16.92 14.39
C15 V7N CM . 41.49 16.77 13.45
C16 V7N CM . 41.71 17.74 12.44
C17 V7N CM . 42.65 17.63 11.42
C18 V7N CM . 42.68 18.48 10.29
C19 V7N CM . 43.60 18.29 9.23
C2 V7N CM . 29.12 17.16 21.95
C20 V7N CM . 43.98 19.24 8.28
C21 V7N CM . 44.83 18.99 7.18
C22 V7N CM . 45.25 19.97 6.29
C23 V7N CM . 46.08 19.67 5.10
C24 V7N CM . 47.52 19.24 5.39
C25 V7N CM . 48.29 18.95 4.15
C26 V7N CM . 48.24 17.81 3.43
C27 V7N CM . 49.10 17.62 2.22
C28 V7N CM . 49.88 16.32 2.39
C29 V7N CM . 51.07 16.11 1.53
C3 V7N CM . 30.30 16.58 21.26
C30 V7N CM . 27.12 18.50 21.29
C31 V7N CM . 28.11 16.91 19.64
C33 V7N CM . 32.19 13.28 21.38
C34 V7N CM . 36.57 13.45 18.78
C35 V7N CM . 40.60 14.54 15.15
C36 V7N CM . 41.66 19.56 10.20
C37 V7N CM . 44.83 21.38 6.45
C38 V7N CM . 47.36 16.67 3.78
C39 V7N CM . 51.08 15.32 0.44
C4 V7N CM . 30.87 15.41 21.65
C40 V7N CM . 52.31 15.11 -0.35
C41 V7N CM . 26.06 16.40 22.64
C43 V7N CM . 49.87 14.64 -0.08
C5 V7N CM . 32.00 14.72 21.10
C6 V7N CM . 32.93 15.39 20.28
C7 V7N CM . 34.06 14.76 19.71
C8 V7N CM . 35.11 15.45 19.10
C9 V7N CM . 36.26 14.87 18.51
O32 V7N CM . 27.02 16.07 21.65
O42 V7N CM . 37.66 12.89 18.58
O44 V7N CM . 53.38 15.83 0.01
O45 V7N CM . 52.47 14.33 -1.30
C1B LMT DM . 57.14 19.39 5.58
C2B LMT DM . 57.94 18.30 6.32
C3B LMT DM . 59.44 18.37 5.94
C4B LMT DM . 59.61 18.39 4.40
C5B LMT DM . 58.71 19.51 3.84
C6B LMT DM . 58.85 19.59 2.32
O1B LMT DM . 57.49 20.65 6.05
O2B LMT DM . 57.78 18.51 7.66
O3B LMT DM . 60.16 17.36 6.53
O4' LMT DM . 60.92 18.64 4.05
O5B LMT DM . 57.37 19.32 4.20
O6B LMT DM . 60.04 20.18 1.99
C1' LMT DM . 55.42 23.97 7.63
C2' LMT DM . 55.20 22.58 8.29
C3' LMT DM . 56.27 21.55 7.90
C4' LMT DM . 56.43 21.52 6.38
C5' LMT DM . 56.80 22.97 6.00
C6' LMT DM . 57.22 23.13 4.57
O1' LMT DM . 54.23 24.63 7.64
O2' LMT DM . 55.24 22.75 9.66
O3' LMT DM . 55.93 20.31 8.36
O5' LMT DM . 55.72 23.82 6.25
O6' LMT DM . 56.05 23.22 3.85
C1 LMT DM . 54.25 26.02 7.39
C2 LMT DM . 54.58 26.69 8.69
C3 LMT DM . 53.71 26.35 9.85
C4 LMT DM . 52.38 27.04 9.67
C5 LMT DM . 51.37 26.48 10.63
C6 LMT DM . 49.94 26.88 10.38
C7 LMT DM . 49.20 26.05 9.36
C8 LMT DM . 49.62 26.31 7.94
C9 LMT DM . 48.54 26.04 6.95
C10 LMT DM . 49.01 26.46 5.57
C11 LMT DM . 50.08 25.57 5.03
C12 LMT DM . 49.57 24.18 4.77
MG BCL EM . 33.38 23.69 21.01
CHA BCL EM . 33.95 22.79 17.74
CHB BCL EM . 35.49 21.20 21.96
CHC BCL EM . 32.26 24.02 24.19
CHD BCL EM . 30.65 25.60 19.94
NA BCL EM . 34.52 22.19 19.96
C1A BCL EM . 34.74 22.09 18.59
C2A BCL EM . 35.98 21.34 18.28
C3A BCL EM . 36.28 20.62 19.61
C4A BCL EM . 35.44 21.37 20.59
CMA BCL EM . 35.88 19.15 19.57
CAA BCL EM . 37.11 22.28 17.83
CBA BCL EM . 38.10 21.63 16.85
CGA BCL EM . 38.61 20.30 17.25
O1A BCL EM . 38.29 19.28 16.74
O2A BCL EM . 39.41 20.35 18.28
NB BCL EM . 33.77 22.74 22.81
C1B BCL EM . 34.74 21.76 23.00
C2B BCL EM . 34.83 21.44 24.37
C3B BCL EM . 33.93 22.26 25.06
C4B BCL EM . 33.27 23.06 24.03
CMB BCL EM . 35.80 20.39 24.89
CAB BCL EM . 33.61 22.38 26.48
OBB BCL EM . 33.09 23.40 26.96
CBB BCL EM . 33.87 21.26 27.48
NC BCL EM . 31.68 24.65 21.92
C1C BCL EM . 31.49 24.75 23.27
C2C BCL EM . 30.45 25.72 23.65
C3C BCL EM . 29.96 26.25 22.30
C4C BCL EM . 30.76 25.46 21.31
CMC BCL EM . 29.34 25.11 24.49
CAC BCL EM . 30.12 27.79 22.13
CBC BCL EM . 29.05 28.57 22.86
ND BCL EM . 32.46 24.13 19.25
C1D BCL EM . 31.36 24.92 18.92
C2D BCL EM . 31.12 24.91 17.54
C3D BCL EM . 32.11 24.08 17.00
C4D BCL EM . 32.89 23.64 18.05
CMD BCL EM . 30.00 25.64 16.84
CAD BCL EM . 32.67 23.55 15.81
OBD BCL EM . 32.31 23.64 14.63
CBD BCL EM . 33.94 22.73 16.20
CGD BCL EM . 33.91 21.39 15.62
O1D BCL EM . 33.46 20.39 16.16
O2D BCL EM . 34.44 21.32 14.41
CED BCL EM . 34.57 20.00 13.83
C1 BCL EM . 39.91 19.07 18.79
C2 BCL EM . 40.82 19.44 19.95
C3 BCL EM . 40.52 19.51 21.22
C4 BCL EM . 39.15 19.20 21.80
C5 BCL EM . 41.55 19.97 22.25
C6 BCL EM . 42.26 18.86 23.02
C7 BCL EM . 43.45 19.35 23.82
C8 BCL EM . 44.32 18.24 24.42
C9 BCL EM . 45.45 18.83 25.30
C10 BCL EM . 44.94 17.33 23.34
C11 BCL EM . 45.80 18.00 22.27
C12 BCL EM . 46.25 17.03 21.18
C13 BCL EM . 45.59 17.18 19.79
C14 BCL EM . 45.95 18.50 19.11
C15 BCL EM . 44.05 17.09 19.88
C16 BCL EM . 43.29 16.90 18.56
C17 BCL EM . 43.70 15.71 17.67
C18 BCL EM . 43.78 14.36 18.38
C19 BCL EM . 44.17 13.34 17.30
C20 BCL EM . 42.48 13.94 19.09
C2 0V9 FM . 34.81 26.37 36.14
C1 0V9 FM . 33.49 27.16 36.22
N 0V9 FM . 30.96 31.54 39.13
C3 0V9 FM . 34.68 24.87 36.47
C4 0V9 FM . 31.82 29.21 39.28
C5 0V9 FM . 32.09 30.67 38.89
C10 0V9 FM . 35.77 27.75 34.35
C11 0V9 FM . 35.89 27.73 32.86
C12 0V9 FM . 37.11 26.98 32.35
C13 0V9 FM . 37.21 25.53 32.77
C14 0V9 FM . 38.04 24.72 31.79
C15 0V9 FM . 37.20 24.28 30.60
C16 0V9 FM . 38.02 23.68 29.49
C17 0V9 FM . 37.10 23.21 28.38
C18 0V9 FM . 36.45 24.33 27.67
C19 0V9 FM . 36.69 24.67 26.40
C20 0V9 FM . 37.66 23.93 25.54
C21 0V9 FM . 37.60 24.40 24.10
C22 0V9 FM . 38.48 23.51 23.25
C23 0V9 FM . 38.68 24.06 21.85
C24 0V9 FM . 39.52 23.11 21.02
C25 0V9 FM . 40.01 23.76 19.76
C30 0V9 FM . 33.94 24.02 34.27
C31 0V9 FM . 34.27 22.98 33.25
C32 0V9 FM . 33.34 21.79 33.41
C33 0V9 FM . 33.35 20.88 32.19
C34 0V9 FM . 34.72 20.33 31.88
C35 0V9 FM . 34.69 19.43 30.67
C36 0V9 FM . 36.08 19.26 30.10
C37 0V9 FM . 36.09 18.51 28.78
C38 0V9 FM . 37.49 18.51 28.19
C39 0V9 FM . 37.56 17.82 26.85
C40 0V9 FM . 38.98 17.58 26.38
C41 0V9 FM . 39.92 18.76 26.60
C42 0V9 FM . 39.53 19.98 25.80
C43 0V9 FM . 40.42 21.16 26.11
O4 0V9 FM . 35.95 28.68 35.14
O5 0V9 FM . 32.98 24.78 34.30
O2 0V9 FM . 35.32 26.54 34.82
O3 0V9 FM . 34.86 24.04 35.30
O1P 0V9 FM . 34.37 26.48 39.09
O2P 0V9 FM . 31.93 26.24 39.62
O3P 0V9 FM . 32.63 26.79 37.27
O4P 0V9 FM . 32.94 28.42 39.03
P 0V9 FM . 32.87 26.83 38.84
C1B LMT GM . 34.42 16.56 47.87
C2B LMT GM . 32.94 16.83 47.55
C3B LMT GM . 32.78 18.19 46.85
C4B LMT GM . 33.44 19.30 47.71
C5B LMT GM . 34.88 18.88 48.05
C6B LMT GM . 35.50 19.91 49.00
O1B LMT GM . 35.13 16.36 46.68
O2B LMT GM . 32.49 15.81 46.75
O3B LMT GM . 31.48 18.46 46.55
O4' LMT GM . 33.47 20.49 47.01
O5B LMT GM . 34.97 17.59 48.63
O6B LMT GM . 35.96 20.99 48.30
C1' LMT GM . 38.69 14.66 45.33
C2' LMT GM . 38.10 14.03 46.62
C3' LMT GM . 36.62 14.47 46.80
C4' LMT GM . 36.49 15.99 46.76
C5' LMT GM . 37.16 16.44 45.45
C6' LMT GM . 37.02 17.92 45.18
O1' LMT GM . 40.06 14.46 45.29
O2' LMT GM . 38.13 12.67 46.54
O3' LMT GM . 36.13 13.98 47.98
O5' LMT GM . 38.52 16.07 45.41
O6' LMT GM . 37.91 18.25 44.21
C1 LMT GM . 40.60 13.20 44.88
C2 LMT GM . 40.15 12.90 43.47
C3 LMT GM . 40.95 11.84 42.74
C4 LMT GM . 40.11 11.21 41.65
C5 LMT GM . 40.88 10.23 40.81
C6 LMT GM . 40.05 9.71 39.66
C7 LMT GM . 40.77 8.65 38.84
C8 LMT GM . 41.67 9.26 37.83
C9 LMT GM . 42.84 8.40 37.42
C10 LMT GM . 42.34 7.07 36.88
C11 LMT GM . 41.74 7.19 35.51
C12 LMT GM . 41.26 5.86 35.00
C2 0V9 HM . 31.30 12.13 48.88
C1 0V9 HM . 30.44 13.28 48.33
N 0V9 HM . 29.54 19.69 50.01
C3 0V9 HM . 30.45 11.07 49.57
C4 0V9 HM . 29.44 17.21 50.24
C5 0V9 HM . 30.19 18.44 49.69
C10 0V9 HM . 33.30 12.29 47.53
C11 0V9 HM . 34.36 11.41 46.95
C12 0V9 HM . 34.58 11.49 45.45
C13 0V9 HM . 33.97 10.32 44.72
C14 0V9 HM . 34.61 10.12 43.34
C15 0V9 HM . 34.18 8.81 42.71
C16 0V9 HM . 34.96 8.45 41.46
C17 0V9 HM . 34.37 7.22 40.79
C18 0V9 HM . 35.29 6.54 39.86
C19 0V9 HM . 35.61 6.92 38.61
C20 0V9 HM . 35.16 8.16 37.92
C21 0V9 HM . 36.30 8.82 37.16
C22 0V9 HM . 36.64 8.09 35.88
C23 0V9 HM . 37.79 8.75 35.16
C24 0V9 HM . 38.14 8.04 33.87
C25 0V9 HM . 39.18 8.81 33.08
C30 0V9 HM . 30.23 9.37 47.87
C31 0V9 HM . 30.69 8.01 47.45
C32 0V9 HM . 31.76 8.10 46.38
C33 0V9 HM . 32.00 6.78 45.68
C34 0V9 HM . 31.02 6.53 44.56
C35 0V9 HM . 31.19 5.15 43.96
C36 0V9 HM . 30.14 4.86 42.91
C37 0V9 HM . 30.38 3.56 42.17
C38 0V9 HM . 31.71 3.56 41.46
C39 0V9 HM . 31.77 2.60 40.29
C40 0V9 HM . 33.19 2.49 39.78
C41 0V9 HM . 33.30 1.90 38.40
C42 0V9 HM . 34.75 1.73 38.02
C43 0V9 HM . 34.94 1.50 36.54
O4 0V9 HM . 33.42 13.47 47.84
O5 0V9 HM . 29.49 10.15 47.27
O2 0V9 HM . 32.11 11.65 47.78
O3 0V9 HM . 30.74 9.74 49.09
O1P 0V9 HM . 31.17 14.21 51.10
O2P 0V9 HM . 28.72 14.67 51.48
O3P 0V9 HM . 29.51 13.78 49.26
O4P 0V9 HM . 30.13 16.04 49.94
P 0V9 HM . 29.76 14.61 50.58
MG BCL IM . 32.89 9.47 32.44
CHA BCL IM . 33.99 9.16 29.17
CHB BCL IM . 34.26 6.42 33.08
CHC BCL IM . 31.25 9.41 35.39
CHD BCL IM . 30.86 12.14 31.44
NA BCL IM . 33.94 7.99 31.24
C1A BCL IM . 34.43 8.13 29.95
C2A BCL IM . 35.51 7.13 29.65
C3A BCL IM . 35.39 6.14 30.81
C4A BCL IM . 34.52 6.86 31.81
CMA BCL IM . 34.72 4.84 30.38
CAA BCL IM . 36.90 7.79 29.52
CBA BCL IM . 38.17 7.05 30.01
CGA BCL IM . 38.39 5.68 29.45
O1A BCL IM . 38.00 5.31 28.40
O2A BCL IM . 39.09 4.89 30.26
NB BCL IM . 32.73 8.12 33.99
C1B BCL IM . 33.43 6.92 34.09
C2B BCL IM . 33.17 6.31 35.33
C3B BCL IM . 32.31 7.16 36.05
C4B BCL IM . 32.05 8.28 35.16
CMB BCL IM . 33.77 4.97 35.72
CAB BCL IM . 31.72 7.06 37.40
OBB BCL IM . 31.31 8.05 38.01
CBB BCL IM . 31.55 5.74 38.11
NC BCL IM . 31.28 10.60 33.27
C1C BCL IM . 30.83 10.46 34.56
C2C BCL IM . 29.92 11.55 34.99
C3C BCL IM . 29.79 12.41 33.74
C4C BCL IM . 30.65 11.70 32.73
CMC BCL IM . 28.58 11.04 35.52
CAC BCL IM . 30.20 13.90 33.96
CBC BCL IM . 29.15 14.69 34.70
ND BCL IM . 32.46 10.45 30.71
C1D BCL IM . 31.64 11.54 30.42
C2D BCL IM . 31.72 11.89 29.05
C3D BCL IM . 32.64 10.99 28.50
C4D BCL IM . 33.06 10.15 29.52
CMD BCL IM . 30.97 13.01 28.39
CAD BCL IM . 33.32 10.59 27.32
OBD BCL IM . 33.26 11.04 26.16
CBD BCL IM . 34.27 9.42 27.69
CGD BCL IM . 34.05 8.28 26.78
O1D BCL IM . 33.40 7.29 27.04
O2D BCL IM . 34.64 8.42 25.60
CED BCL IM . 34.62 7.27 24.73
C1 BCL IM . 39.40 3.53 29.80
C2 BCL IM . 40.37 2.95 30.82
C3 BCL IM . 41.26 2.00 30.59
C4 BCL IM . 41.45 1.29 29.24
C5 BCL IM . 42.18 1.50 31.70
C6 BCL IM . 43.50 2.27 31.90
C7 BCL IM . 44.57 1.96 30.86
C8 BCL IM . 45.95 2.55 31.17
C9 BCL IM . 45.85 4.07 31.37
C10 BCL IM . 46.99 2.23 30.07
C11 BCL IM . 47.44 0.80 29.88
C12 BCL IM . 46.79 0.10 28.69
C13 BCL IM . 47.33 -1.31 28.35
C14 BCL IM . 46.68 -1.90 27.08
C15 BCL IM . 47.11 -2.33 29.49
C16 BCL IM . 48.23 -2.53 30.54
C17 BCL IM . 49.12 -3.77 30.31
C18 BCL IM . 50.09 -3.66 29.14
C19 BCL IM . 50.88 -4.97 29.13
C20 BCL IM . 51.06 -2.46 29.21
C1 V7N JM . 26.08 4.80 29.64
C10 V7N JM . 35.76 2.30 27.48
C11 V7N JM . 37.02 1.91 27.02
C12 V7N JM . 37.90 2.83 26.43
C13 V7N JM . 39.18 2.57 25.89
C14 V7N JM . 39.98 3.65 25.46
C15 V7N JM . 41.24 3.49 24.86
C16 V7N JM . 41.79 4.47 24.01
C17 V7N JM . 43.02 4.31 23.36
C18 V7N JM . 43.55 5.22 22.42
C19 V7N JM . 44.79 4.92 21.79
C2 V7N JM . 27.05 4.43 30.78
C20 V7N JM . 45.37 5.64 20.75
C21 V7N JM . 46.61 5.28 20.14
C22 V7N JM . 47.25 6.02 19.18
C23 V7N JM . 48.54 5.56 18.60
C24 V7N JM . 48.34 4.78 17.30
C25 V7N JM . 49.58 4.12 16.82
C26 V7N JM . 50.66 4.71 16.29
C27 V7N JM . 51.86 3.89 15.90
C28 V7N JM . 51.97 3.45 14.46
C29 V7N JM . 53.21 2.65 14.31
C3 V7N JM . 27.91 3.23 30.61
C30 V7N JM . 25.51 6.19 29.93
C31 V7N JM . 26.75 4.84 28.28
C33 V7N JM . 29.69 0.79 30.08
C34 V7N JM . 34.88 0.10 28.35
C35 V7N JM . 39.69 1.18 25.71
C36 V7N JM . 42.81 6.46 22.11
C37 V7N JM . 46.73 7.32 18.70
C38 V7N JM . 50.78 6.17 16.02
C39 V7N JM . 53.35 1.57 13.50
C4 V7N JM . 29.10 3.26 29.95
C40 V7N JM . 54.64 0.85 13.44
C41 V7N JM . 23.95 4.03 30.52
C43 V7N JM . 52.26 1.04 12.65
C5 V7N JM . 30.02 2.19 29.73
C6 V7N JM . 31.27 2.53 29.18
C7 V7N JM . 32.34 1.67 28.89
C8 V7N JM . 33.54 2.21 28.40
C9 V7N JM . 34.73 1.54 28.06
O32 V7N JM . 25.05 3.79 29.67
O42 V7N JM . 35.89 -0.59 28.16
O44 V7N JM . 55.67 1.38 14.10
O45 V7N JM . 54.88 -0.20 12.82
C1 V7N KM . 20.10 -8.49 34.57
C10 V7N KM . 29.32 -13.03 33.27
C11 V7N KM . 30.51 -13.68 32.92
C12 V7N KM . 31.67 -12.93 32.65
C13 V7N KM . 32.93 -13.39 32.24
C14 V7N KM . 33.98 -12.45 32.10
C15 V7N KM . 35.26 -12.77 31.63
C16 V7N KM . 36.19 -11.77 31.26
C17 V7N KM . 37.45 -12.08 30.73
C18 V7N KM . 38.38 -11.15 30.23
C19 V7N KM . 39.58 -11.64 29.67
C2 V7N KM . 20.80 -9.40 35.61
C20 V7N KM . 40.70 -10.90 29.28
C21 V7N KM . 41.84 -11.53 28.71
C22 V7N KM . 43.01 -10.88 28.37
C23 V7N KM . 44.15 -11.62 27.78
C24 V7N KM . 43.88 -12.23 26.41
C25 V7N KM . 45.09 -12.94 25.94
C26 V7N KM . 46.09 -12.39 25.23
C27 V7N KM . 47.29 -13.21 24.86
C28 V7N KM . 47.48 -13.50 23.38
C29 V7N KM . 48.57 -14.49 23.21
C3 V7N KM . 21.39 -10.67 35.14
C30 V7N KM . 21.05 -8.13 33.43
C31 V7N KM . 18.86 -9.15 34.01
C33 V7N KM . 22.63 -13.21 33.96
C34 V7N KM . 27.73 -15.00 33.30
C35 V7N KM . 33.19 -14.81 31.92
C36 V7N KM . 38.08 -9.70 30.29
C37 V7N KM . 43.20 -9.43 28.59
C38 V7N KM . 46.10 -10.97 24.79
C39 V7N KM . 48.69 -15.34 22.17
C4 V7N KM . 22.68 -10.77 34.71
C40 V7N KM . 49.83 -16.28 22.10
C41 V7N KM . 19.14 -6.27 34.65
C43 V7N KM . 47.74 -15.39 21.03
C5 V7N KM . 23.35 -11.95 34.27
C6 V7N KM . 24.74 -11.87 34.15
C7 V7N KM . 25.62 -12.90 33.77
C8 V7N KM . 27.00 -12.65 33.77
C9 V7N KM . 28.03 -13.55 33.44
O32 V7N KM . 19.78 -7.32 35.35
O42 V7N KM . 28.57 -15.89 33.21
O44 V7N KM . 49.78 -17.21 21.15
O45 V7N KM . 50.83 -16.29 22.84
C1B LMT LM . 51.65 -16.59 30.58
C2B LMT LM . 51.24 -18.04 30.96
C3B LMT LM . 52.48 -18.94 31.11
C4B LMT LM . 53.47 -18.78 29.93
C5B LMT LM . 53.73 -17.28 29.74
C6B LMT LM . 54.69 -17.06 28.56
O1B LMT LM . 52.19 -15.92 31.68
O2B LMT LM . 50.53 -17.99 32.13
O3B LMT LM . 52.13 -20.25 31.31
O4' LMT LM . 54.65 -19.42 30.20
O5B LMT LM . 52.54 -16.57 29.51
O6B LMT LM . 55.99 -17.23 28.98
C1' LMT LM . 51.36 -12.76 34.27
C2' LMT LM . 50.19 -13.74 33.99
C3' LMT LM . 50.64 -15.01 33.24
C4' LMT LM . 51.58 -14.71 32.07
C5' LMT LM . 52.66 -13.76 32.63
C6' LMT LM . 53.75 -13.46 31.63
O1' LMT LM . 50.85 -11.55 34.63
O2' LMT LM . 49.66 -14.12 35.19
O3' LMT LM . 49.54 -15.68 32.77
O5' LMT LM . 52.08 -12.56 33.06
O6' LMT LM . 54.25 -12.23 31.97
C1 LMT LM . 50.85 -11.26 36.01
C2 LMT LM . 50.01 -10.01 36.16
C3 LMT LM . 48.55 -10.15 35.80
C4 LMT LM . 47.82 -8.83 35.99
C5 LMT LM . 46.34 -9.01 35.78
C6 LMT LM . 45.98 -9.13 34.32
C7 LMT LM . 45.62 -7.79 33.73
C8 LMT LM . 44.19 -7.43 34.03
C9 LMT LM . 43.82 -6.05 33.55
C10 LMT LM . 42.35 -5.79 33.80
C11 LMT LM . 41.45 -6.69 33.01
C12 LMT LM . 41.71 -6.60 31.53
MG BCL MM . 26.88 -5.97 39.46
CHA BCL MM . 28.61 -5.83 36.48
CHB BCL MM . 27.28 -9.36 39.41
CHC BCL MM . 24.55 -6.24 41.91
CHD BCL MM . 25.82 -2.68 38.94
NA BCL MM . 27.80 -7.38 38.08
C1A BCL MM . 28.59 -7.10 36.97
C2A BCL MM . 29.44 -8.25 36.60
C3A BCL MM . 28.76 -9.42 37.33
C4A BCL MM . 27.92 -8.73 38.36
CMA BCL MM . 27.92 -10.27 36.39
CAA BCL MM . 30.90 -8.06 37.04
CBA BCL MM . 31.97 -8.92 36.32
CGA BCL MM . 31.69 -10.37 36.19
O1A BCL MM . 31.51 -10.92 35.16
O2A BCL MM . 31.61 -11.02 37.34
NB BCL MM . 26.01 -7.55 40.48
C1B BCL MM . 26.36 -8.89 40.36
C2B BCL MM . 25.66 -9.67 41.28
C3B BCL MM . 24.85 -8.80 42.06
C4B BCL MM . 25.11 -7.47 41.50
CMB BCL MM . 25.81 -11.18 41.34
CAB BCL MM . 23.94 -9.04 43.18
OBB BCL MM . 23.51 -8.12 43.89
CBB BCL MM . 23.45 -10.42 43.55
NC BCL MM . 25.40 -4.66 40.29
C1C BCL MM . 24.59 -4.97 41.34
C2C BCL MM . 23.85 -3.80 41.88
C3C BCL MM . 24.28 -2.65 40.95
C4C BCL MM . 25.18 -3.34 39.96
CMC BCL MM . 22.34 -4.01 41.91
CAC BCL MM . 24.96 -1.48 41.69
CBC BCL MM . 23.98 -0.60 42.42
ND BCL MM . 27.12 -4.55 38.04
C1D BCL MM . 26.66 -3.23 37.94
C2D BCL MM . 27.15 -2.62 36.76
C3D BCL MM . 27.93 -3.58 36.14
C4D BCL MM . 27.89 -4.71 36.94
CMD BCL MM . 26.84 -1.22 36.34
CAD BCL MM . 28.82 -3.85 35.07
OBD BCL MM . 29.18 -3.14 34.13
CBD BCL MM . 29.35 -5.31 35.24
CGD BCL MM . 29.14 -6.08 34.00
O1D BCL MM . 28.14 -6.70 33.72
O2D BCL MM . 30.16 -6.04 33.17
CED BCL MM . 30.07 -6.91 32.01
C1 BCL MM . 31.26 -12.44 37.23
C2 BCL MM . 30.66 -12.87 38.56
C3 BCL MM . 31.34 -12.92 39.69
C4 BCL MM . 32.80 -12.56 39.83
C5 BCL MM . 30.69 -13.34 41.02
C6 BCL MM . 30.61 -14.85 41.29
C7 BCL MM . 31.96 -15.57 41.19
C8 BCL MM . 31.97 -17.06 41.53
C9 BCL MM . 31.61 -17.28 43.02
C10 BCL MM . 33.36 -17.69 41.24
C11 BCL MM . 33.85 -17.62 39.79
C12 BCL MM . 34.83 -16.47 39.50
C13 BCL MM . 35.73 -16.66 38.26
C14 BCL MM . 34.94 -16.76 36.96
C15 BCL MM . 36.62 -17.91 38.41
C16 BCL MM . 37.39 -18.17 39.71
C17 BCL MM . 38.51 -19.23 39.70
C18 BCL MM . 38.10 -20.61 40.21
C19 BCL MM . 39.35 -21.50 40.01
C20 BCL MM . 36.89 -21.26 39.51
C1 V7N NM . 10.38 -20.14 34.20
C10 V7N NM . 18.48 -26.34 33.64
C11 V7N NM . 19.61 -27.15 33.42
C12 V7N NM . 20.90 -26.68 33.73
C13 V7N NM . 22.11 -27.34 33.52
C14 V7N NM . 23.31 -26.63 33.70
C15 V7N NM . 24.58 -27.15 33.45
C16 V7N NM . 25.73 -26.33 33.48
C17 V7N NM . 27.00 -26.83 33.15
C18 V7N NM . 28.19 -26.09 33.14
C19 V7N NM . 29.37 -26.73 32.71
C2 V7N NM . 10.43 -21.49 34.92
C20 V7N NM . 30.65 -26.20 32.62
C21 V7N NM . 31.74 -26.95 32.12
C22 V7N NM . 33.05 -26.57 32.15
C23 V7N NM . 34.09 -27.47 31.57
C24 V7N NM . 34.13 -27.41 30.04
C25 V7N NM . 35.07 -28.40 29.49
C26 V7N NM . 36.42 -28.32 29.49
C27 V7N NM . 37.25 -29.43 28.94
C28 V7N NM . 38.30 -29.05 27.93
C29 V7N NM . 39.10 -30.27 27.64
C3 V7N NM . 10.88 -22.67 34.14
C30 V7N NM . 11.69 -19.83 33.49
C31 V7N NM . 9.23 -20.13 33.20
C33 V7N NM . 11.95 -25.07 32.55
C34 V7N NM . 16.69 -27.93 32.84
C35 V7N NM . 22.16 -28.77 33.09
C36 V7N NM . 28.19 -24.67 33.56
C37 V7N NM . 33.52 -25.30 32.73
C38 V7N NM . 37.16 -27.15 30.00
C39 V7N NM . 39.01 -31.02 26.53
C4 V7N NM . 12.17 -23.11 34.15
C40 V7N NM . 39.86 -32.21 26.38
C41 V7N NM . 10.11 -17.85 34.91
C43 V7N NM . 38.09 -30.74 25.41
C5 V7N NM . 12.73 -24.23 33.49
C6 V7N NM . 14.07 -24.51 33.76
C7 V7N NM . 14.85 -25.58 33.30
C8 V7N NM . 16.19 -25.63 33.67
C9 V7N NM . 17.13 -26.62 33.38
O32 V7N NM . 10.17 -19.21 35.27
O42 V7N NM . 17.36 -28.97 32.83
O44 V7N NM . 40.80 -32.41 27.32
O45 V7N NM . 39.81 -33.07 25.49
C2 0V9 OM . 20.52 -8.40 55.74
C1 0V9 OM . 20.14 -6.92 55.95
N 0V9 OM . 18.98 -3.75 57.39
C3 0V9 OM . 19.52 -9.15 54.87
C4 0V9 OM . 21.37 -3.12 57.05
C5 0V9 OM . 20.13 -3.09 57.97
C10 0V9 OM . 22.43 -7.74 54.22
C11 0V9 OM . 23.93 -7.85 54.21
C12 0V9 OM . 24.49 -9.06 53.47
C13 0V9 OM . 24.62 -8.75 51.99
C14 0V9 OM . 25.08 -9.90 51.11
C15 0V9 OM . 25.07 -9.51 49.65
C16 0V9 OM . 25.75 -10.47 48.68
C17 0V9 OM . 25.52 -10.02 47.25
C18 0V9 OM . 26.20 -10.86 46.22
C19 0V9 OM . 27.14 -10.45 45.36
C20 0V9 OM . 27.75 -9.09 45.33
C21 0V9 OM . 28.11 -8.63 43.92
C22 0V9 OM . 29.14 -9.52 43.24
C23 0V9 OM . 30.02 -8.71 42.30
C24 0V9 OM . 30.92 -9.60 41.47
C25 0V9 OM . 32.02 -8.83 40.80
C30 0V9 OM . 20.82 -10.30 53.21
C31 0V9 OM . 21.49 -10.14 51.87
C32 0V9 OM . 20.71 -10.75 50.74
C33 0V9 OM . 21.53 -10.96 49.49
C34 0V9 OM . 20.71 -11.66 48.43
C35 0V9 OM . 21.54 -12.04 47.22
C36 0V9 OM . 20.77 -12.98 46.30
C37 0V9 OM . 21.48 -13.21 44.99
C38 0V9 OM . 22.89 -13.72 45.12
C39 0V9 OM . 23.45 -14.09 43.76
C40 0V9 OM . 24.80 -14.77 43.86
C41 0V9 OM . 25.11 -15.57 42.61
C42 0V9 OM . 25.76 -14.75 41.53
C43 0V9 OM . 27.21 -14.50 41.84
O4 0V9 OM . 21.74 -7.02 53.50
O5 0V9 OM . 20.96 -11.18 54.05
O2 0V9 OM . 21.88 -8.51 55.22
O3 0V9 OM . 20.00 -9.24 53.51
O1P 0V9 OM . 22.95 -6.43 56.84
O2P 0V9 OM . 22.03 -5.35 58.91
O3P 0V9 OM . 20.47 -6.42 57.22
O4P 0V9 OM . 21.63 -4.42 56.62
P 0V9 OM . 21.81 -5.68 57.59
C2 0V9 PM . 6.67 -24.05 53.91
C1 0V9 PM . 6.23 -22.59 53.73
N 0V9 PM . 8.07 -22.60 58.99
C3 0V9 PM . 5.69 -25.03 53.27
C4 0V9 PM . 6.22 -21.47 57.76
C5 0V9 PM . 7.55 -22.25 57.70
C10 0V9 PM . 9.10 -23.71 54.04
C11 0V9 PM . 10.39 -24.22 53.45
C12 0V9 PM . 10.26 -24.52 51.98
C13 0V9 PM . 11.61 -24.48 51.29
C14 0V9 PM . 11.49 -24.93 49.85
C15 0V9 PM . 12.69 -24.58 49.01
C16 0V9 PM . 12.66 -25.20 47.62
C17 0V9 PM . 13.83 -24.73 46.79
C18 0V9 PM . 14.03 -25.56 45.57
C19 0V9 PM . 14.88 -25.25 44.58
C20 0V9 PM . 15.75 -24.05 44.59
C21 0V9 PM . 17.23 -24.39 44.51
C22 0V9 PM . 17.62 -24.84 43.12
C23 0V9 PM . 19.13 -24.80 42.94
C24 0V9 PM . 19.56 -25.66 41.77
C25 0V9 PM . 21.05 -25.54 41.52
C30 0V9 PM . 6.72 -25.28 51.04
C31 0V9 PM . 7.27 -26.33 50.13
C32 0V9 PM . 7.57 -25.79 48.74
C33 0V9 PM . 7.80 -26.96 47.81
C34 0V9 PM . 8.55 -26.55 46.55
C35 0V9 PM . 7.62 -25.85 45.57
C36 0V9 PM . 6.94 -26.83 44.62
C37 0V9 PM . 7.65 -27.01 43.29
C38 0V9 PM . 8.94 -27.80 43.36
C39 0V9 PM . 9.56 -27.95 41.98
C40 0V9 PM . 10.87 -28.69 42.02
C41 0V9 PM . 11.51 -28.76 40.65
C42 0V9 PM . 12.63 -29.78 40.58
C43 0V9 PM . 13.80 -29.39 41.45
O4 0V9 PM . 8.95 -22.93 54.98
O5 0V9 PM . 6.54 -24.09 50.82
O2 0V9 PM . 8.01 -24.18 53.37
O3 0V9 PM . 6.29 -25.83 52.23
O1P 0V9 PM . 5.11 -23.66 56.46
O2P 0V9 PM . 3.28 -21.98 56.14
O3P 0V9 PM . 5.01 -22.28 54.35
O4P 0V9 PM . 5.63 -21.30 56.50
P 0V9 PM . 4.58 -22.33 55.86
MG BCL QM . 15.93 -20.38 40.79
CHA BCL QM . 18.33 -20.04 38.34
CHB BCL QM . 15.62 -23.65 39.90
CHC BCL QM . 13.07 -20.56 42.60
CHD BCL QM . 15.78 -16.89 41.04
NA BCL QM . 16.85 -21.63 39.28
C1A BCL QM . 17.92 -21.33 38.47
C2A BCL QM . 18.64 -22.56 38.03
C3A BCL QM . 17.58 -23.65 38.27
C4A BCL QM . 16.62 -23.00 39.21
CMA BCL QM . 16.88 -24.05 36.97
CAA BCL QM . 19.93 -22.76 38.85
CBA BCL QM . 21.04 -23.46 38.05
CGA BCL QM . 20.60 -24.71 37.36
O1A BCL QM . 20.33 -24.77 36.21
O2A BCL QM . 20.44 -25.72 38.16
NB BCL QM . 14.52 -21.85 41.16
C1B BCL QM . 14.63 -23.18 40.77
C2B BCL QM . 13.63 -23.95 41.37
C3B BCL QM . 12.85 -23.08 42.17
C4B BCL QM . 13.47 -21.77 42.00
CMB BCL QM . 13.49 -25.44 41.12
CAB BCL QM . 11.68 -23.32 43.01
OBB BCL QM . 11.39 -22.60 43.97
CBB BCL QM . 10.73 -24.47 42.76
NC BCL QM . 14.61 -18.93 41.65
C1C BCL QM . 13.54 -19.24 42.45
C2C BCL QM . 12.95 -18.07 43.15
C3C BCL QM . 13.84 -16.91 42.68
C4C BCL QM . 14.80 -17.57 41.72
CMC BCL QM . 11.49 -17.88 42.83
CAC BCL QM . 14.55 -16.15 43.82
CBC BCL QM . 13.63 -15.18 44.54
ND BCL QM . 16.83 -18.78 39.91
C1D BCL QM . 16.69 -17.40 40.08
C2D BCL QM . 17.56 -16.70 39.21
C3D BCL QM . 18.24 -17.67 38.50
C4D BCL QM . 17.78 -18.90 38.93
CMD BCL QM . 17.67 -15.19 39.13
CAD BCL QM . 19.26 -17.94 37.56
OBD BCL QM . 19.97 -17.16 36.89
CBD BCL QM . 19.43 -19.48 37.43
CGD BCL QM . 19.35 -19.90 36.02
O1D BCL QM . 18.34 -20.18 35.43
O2D BCL QM . 20.53 -19.95 35.42
CED BCL QM . 20.52 -20.38 34.04
C1 BCL QM . 19.92 -26.93 37.53
C2 BCL QM . 19.88 -28.00 38.61
C3 BCL QM . 18.87 -28.34 39.38
C4 BCL QM . 17.48 -27.71 39.35
C5 BCL QM . 19.06 -29.44 40.42
C6 BCL QM . 18.75 -30.84 39.90
C7 BCL QM . 19.37 -31.96 40.73
C8 BCL QM . 19.03 -33.39 40.28
C9 BCL QM . 18.88 -34.31 41.52
C10 BCL QM . 20.08 -34.00 39.32
C11 BCL QM . 20.40 -33.23 38.04
C12 BCL QM . 21.26 -33.99 37.03
C13 BCL QM . 21.76 -33.10 35.88
C14 BCL QM . 20.62 -32.45 35.09
C15 BCL QM . 22.63 -33.92 34.90
C16 BCL QM . 23.46 -33.12 33.89
C17 BCL QM . 24.55 -33.87 33.10
C18 BCL QM . 25.96 -33.69 33.66
C19 BCL QM . 26.93 -34.27 32.62
C20 BCL QM . 26.19 -34.34 35.03
C1B LMT RM . -6.04 -33.22 53.77
C2B LMT RM . -7.37 -32.53 54.13
C3B LMT RM . -7.32 -31.03 53.80
C4B LMT RM . -6.06 -30.37 54.41
C5B LMT RM . -4.83 -31.19 53.98
C6B LMT RM . -3.58 -30.61 54.61
O1B LMT RM . -5.92 -33.33 52.39
O2B LMT RM . -8.36 -33.16 53.43
O3B LMT RM . -8.47 -30.40 54.20
O4' LMT RM . -5.94 -29.08 53.95
O5B LMT RM . -4.94 -32.55 54.33
O6B LMT RM . -3.50 -29.26 54.39
C1' LMT RM . -5.50 -36.02 49.34
C2' LMT RM . -6.45 -36.51 50.44
C3' LMT RM . -6.79 -35.33 51.40
C4' LMT RM . -5.53 -34.58 51.87
C5' LMT RM . -4.66 -34.30 50.63
C6' LMT RM . -3.38 -33.59 50.95
O1' LMT RM . -5.04 -37.05 48.56
O2' LMT RM . -7.61 -36.96 49.85
O3' LMT RM . -7.48 -35.80 52.49
O5' LMT RM . -4.35 -35.50 49.97
O6' LMT RM . -3.63 -32.25 50.84
C1 LMT RM . -4.14 -36.60 47.56
C2 LMT RM . -3.71 -37.80 46.78
C3 LMT RM . -2.50 -37.59 45.92
C4 LMT RM . -2.78 -36.53 44.90
C5 LMT RM . -1.53 -35.78 44.53
C6 LMT RM . -0.50 -36.63 43.87
C7 LMT RM . 0.61 -35.77 43.34
C8 LMT RM . 1.58 -36.64 42.59
C9 LMT RM . 2.69 -37.16 43.45
C10 LMT RM . 3.08 -38.53 43.01
C11 LMT RM . 3.21 -38.68 41.53
C12 LMT RM . 3.52 -40.09 41.15
C1 V7N SM . -1.73 -27.21 29.31
C10 V7N SM . 4.56 -35.41 28.20
C11 V7N SM . 5.44 -36.46 27.86
C12 V7N SM . 6.76 -36.46 28.32
C13 V7N SM . 7.77 -37.39 28.03
C14 V7N SM . 9.02 -37.28 28.70
C15 V7N SM . 10.13 -38.10 28.47
C16 V7N SM . 11.41 -37.81 28.99
C17 V7N SM . 12.53 -38.59 28.71
C18 V7N SM . 13.87 -38.29 29.07
C19 V7N SM . 14.91 -39.15 28.68
C2 V7N SM . -1.79 -28.56 30.04
C20 V7N SM . 16.25 -39.05 29.02
C21 V7N SM . 17.24 -39.96 28.54
C22 V7N SM . 18.57 -39.95 28.91
C23 V7N SM . 19.51 -40.94 28.32
C24 V7N SM . 20.43 -40.33 27.27
C25 V7N SM . 21.23 -41.36 26.55
C26 V7N SM . 22.44 -41.79 26.92
C27 V7N SM . 23.15 -42.85 26.13
C28 V7N SM . 24.47 -42.43 25.52
C29 V7N SM . 25.18 -43.64 25.04
C3 V7N SM . -1.70 -29.81 29.25
C30 V7N SM . -0.57 -27.15 28.33
C31 V7N SM . -3.03 -26.91 28.59
C33 V7N SM . -1.31 -32.17 27.30
C34 V7N SM . 2.51 -36.14 26.93
C35 V7N SM . 7.59 -38.46 27.02
C36 V7N SM . 14.13 -37.04 29.83
C37 V7N SM . 19.13 -38.98 29.87
C38 V7N SM . 23.17 -41.27 28.10
C39 V7N SM . 25.04 -44.20 23.82
C4 V7N SM . -0.51 -30.42 28.95
C40 V7N SM . 25.80 -45.42 23.48
C41 V7N SM . -2.51 -26.14 31.34
C43 V7N SM . 24.18 -43.66 22.75
C5 V7N SM . -0.30 -31.62 28.23
C6 V7N SM . 0.93 -32.27 28.42
C7 V7N SM . 1.38 -33.46 27.85
C8 V7N SM . 2.60 -34.01 28.25
C9 V7N SM . 3.23 -35.18 27.79
O32 V7N SM . -1.49 -26.26 30.36
O42 V7N SM . 2.92 -37.23 26.54
O44 V7N SM . 25.63 -45.91 22.24
O45 V7N SM . 26.56 -46.07 24.22
C2 0V9 TM . -11.17 -35.15 46.21
C1 0V9 TM . -11.75 -33.86 46.82
N 0V9 TM . -12.25 -31.31 49.76
C3 0V9 TM . -11.92 -35.59 44.94
C4 0V9 TM . -10.07 -32.30 50.43
C5 0V9 TM . -11.02 -31.10 50.47
C10 0V9 TM . -8.88 -35.92 46.19
C11 0V9 TM . -7.44 -35.50 46.13
C12 0V9 TM . -6.75 -35.74 44.80
C13 0V9 TM . -6.94 -37.15 44.29
C14 0V9 TM . -6.01 -37.55 43.16
C15 0V9 TM . -5.57 -36.48 42.19
C16 0V9 TM . -4.69 -37.04 41.10
C17 0V9 TM . -4.29 -36.01 40.05
C18 0V9 TM . -3.49 -36.60 38.94
C19 0V9 TM . -2.17 -36.51 38.76
C20 0V9 TM . -1.21 -35.80 39.64
C21 0V9 TM . 0.01 -35.31 38.90
C22 0V9 TM . 0.84 -36.41 38.26
C23 0V9 TM . 2.25 -35.93 37.96
C24 0V9 TM . 3.11 -37.03 37.35
C25 0V9 TM . 4.57 -36.67 37.35
C30 0V9 TM . -10.30 -35.10 43.20
C31 0V9 TM . -9.38 -35.73 42.20
C32 0V9 TM . -9.66 -35.27 40.79
C33 0V9 TM . -8.49 -35.50 39.87
C34 0V9 TM . -8.88 -35.22 38.43
C35 0V9 TM . -7.75 -35.56 37.49
C36 0V9 TM . -8.26 -35.76 36.07
C37 0V9 TM . -7.13 -35.87 35.08
C38 0V9 TM . -6.12 -36.95 35.36
C39 0V9 TM . -5.12 -37.02 34.23
C40 0V9 TM . -4.08 -38.10 34.40
C41 0V9 TM . -3.10 -38.10 33.25
C42 0V9 TM . -2.33 -39.40 33.14
C43 0V9 TM . -1.56 -39.71 34.41
O4 0V9 TM . -9.34 -37.04 46.45
O5 0V9 TM . -10.49 -33.90 43.43
O2 0V9 TM . -9.77 -34.91 45.97
O3 0V9 TM . -11.01 -36.03 43.93
O1P 0V9 TM . -9.32 -34.84 49.12
O2P 0V9 TM . -11.73 -35.56 49.40
O3P 0V9 TM . -11.08 -33.54 48.01
O4P 0V9 TM . -10.79 -33.50 50.45
P 0V9 TM . -10.84 -34.52 49.22
C1B LMT UM . 22.84 -49.98 29.69
C2B LMT UM . 22.01 -51.20 29.27
C3B LMT UM . 22.80 -52.49 29.55
C4B LMT UM . 24.18 -52.43 28.85
C5B LMT UM . 24.86 -51.12 29.28
C6B LMT UM . 26.21 -50.98 28.58
O1B LMT UM . 23.04 -49.97 31.07
O2B LMT UM . 20.83 -51.20 29.96
O3B LMT UM . 22.09 -53.61 29.21
O4' LMT UM . 24.96 -53.49 29.22
O5B LMT UM . 24.06 -49.98 29.02
O6B LMT UM . 26.76 -49.76 28.87
C1' LMT UM . 21.73 -48.13 34.53
C2' LMT UM . 20.67 -48.23 33.42
C3' LMT UM . 21.14 -49.17 32.28
C4' LMT UM . 22.58 -48.87 31.82
C5' LMT UM . 23.43 -48.75 33.11
C6' LMT UM . 24.90 -48.53 32.85
O1' LMT UM . 21.35 -47.17 35.41
O2' LMT UM . 19.53 -48.77 33.95
O3' LMT UM . 20.28 -49.07 31.22
O5' LMT UM . 22.95 -47.74 33.94
O6' LMT UM . 25.47 -48.23 34.06
C1 LMT UM . 21.86 -47.34 36.71
C2 LMT UM . 20.96 -46.59 37.64
C3 LMT UM . 21.26 -45.15 37.86
C4 LMT UM . 20.48 -44.26 36.92
C5 LMT UM . 19.15 -43.93 37.52
C6 LMT UM . 18.35 -42.93 36.72
C7 LMT UM . 18.91 -41.54 36.87
C8 LMT UM . 18.61 -40.70 35.66
C9 LMT UM . 19.69 -40.57 34.61
C10 LMT UM . 20.00 -41.91 34.01
C11 LMT UM . 21.06 -41.83 32.96
C12 LMT UM . 21.53 -43.19 32.55
MG BCL VM . 2.25 -31.16 36.30
CHA BCL VM . 5.17 -30.94 34.47
CHB BCL VM . 1.40 -33.88 34.43
CHC BCL VM . -0.92 -30.94 37.49
CHD BCL VM . 2.85 -27.94 37.52
NA BCL VM . 3.17 -32.22 34.65
C1A BCL VM . 4.44 -32.04 34.13
C2A BCL VM . 4.94 -33.28 33.47
C3A BCL VM . 3.64 -34.05 33.20
C4A BCL VM . 2.66 -33.39 34.13
CMA BCL VM . 3.19 -33.91 31.76
CAA BCL VM . 5.91 -34.03 34.39
CBA BCL VM . 7.12 -34.60 33.64
CGA BCL VM . 6.75 -35.53 32.56
O1A BCL VM . 6.84 -35.30 31.41
O2A BCL VM . 6.19 -36.59 33.04
NB BCL VM . 0.49 -32.21 35.98
C1B BCL VM . 0.37 -33.36 35.22
C2B BCL VM . -0.90 -33.93 35.39
C3B BCL VM . -1.62 -33.10 36.28
C4B BCL VM . -0.69 -32.03 36.64
CMB BCL VM . -1.32 -35.21 34.69
CAB BCL VM . -2.99 -33.19 36.79
OBB BCL VM . -3.34 -32.62 37.83
CBB BCL VM . -4.08 -33.95 36.08
NC BCL VM . 1.13 -29.65 37.34
C1C BCL VM . -0.14 -29.80 37.78
C2C BCL VM . -0.59 -28.71 38.69
C3C BCL VM . 0.64 -27.78 38.74
C4C BCL VM . 1.59 -28.43 37.78
CMC BCL VM . -1.85 -28.01 38.21
CAC BCL VM . 1.24 -27.56 40.14
CBC BCL VM . 0.46 -26.57 40.97
ND BCL VM . 3.68 -29.74 36.10
C1D BCL VM . 3.80 -28.44 36.60
C2D BCL VM . 4.93 -27.79 36.06
C3D BCL VM . 5.53 -28.72 35.21
C4D BCL VM . 4.76 -29.87 35.26
CMD BCL VM . 5.36 -26.38 36.36
CAD BCL VM . 6.70 -29.05 34.48
OBD BCL VM . 7.71 -28.37 34.22
CBD BCL VM . 6.55 -30.50 33.96
CGD BCL VM . 6.73 -30.52 32.50
O1D BCL VM . 6.01 -29.95 31.70
O2D BCL VM . 7.77 -31.22 32.10
CED BCL VM . 8.06 -31.18 30.66
C1 BCL VM . 5.63 -37.55 32.11
C2 BCL VM . 4.49 -38.18 32.84
C3 BCL VM . 3.41 -38.68 32.32
C4 BCL VM . 3.16 -38.80 30.82
C5 BCL VM . 2.24 -39.13 33.19
C6 BCL VM . 1.82 -40.61 33.09
C7 BCL VM . 2.94 -41.57 33.47
C8 BCL VM . 2.46 -43.03 33.47
C9 BCL VM . 1.19 -43.19 34.33
C10 BCL VM . 3.57 -43.98 33.98
C11 BCL VM . 4.77 -44.16 33.06
C12 BCL VM . 4.38 -44.64 31.67
C13 BCL VM . 5.45 -45.50 30.97
C14 BCL VM . 5.23 -45.59 29.45
C15 BCL VM . 5.45 -46.93 31.54
C16 BCL VM . 6.48 -47.90 30.96
C17 BCL VM . 6.65 -49.25 31.68
C18 BCL VM . 7.41 -50.28 30.87
C19 BCL VM . 7.39 -51.58 31.69
C20 BCL VM . 8.87 -49.88 30.54
C1 V7N WM . -13.80 -31.02 20.76
C10 V7N WM . -9.06 -40.04 18.66
C11 V7N WM . -8.32 -41.15 18.23
C12 V7N WM . -7.20 -41.58 18.97
C13 V7N WM . -6.29 -42.62 18.66
C14 V7N WM . -5.32 -43.00 19.62
C15 V7N WM . -4.31 -43.93 19.36
C16 V7N WM . -3.21 -44.12 20.23
C17 V7N WM . -2.14 -44.96 19.92
C18 V7N WM . -0.94 -45.00 20.65
C19 V7N WM . 0.16 -45.77 20.22
C2 V7N WM . -14.43 -32.42 20.74
C20 V7N WM . 1.31 -46.11 20.93
C21 V7N WM . 2.38 -46.79 20.31
C22 V7N WM . 3.58 -47.12 20.91
C23 V7N WM . 4.67 -47.76 20.11
C24 V7N WM . 4.50 -49.20 19.70
C25 V7N WM . 5.53 -49.62 18.70
C26 V7N WM . 6.84 -49.84 18.90
C27 V7N WM . 7.72 -50.27 17.78
C28 V7N WM . 8.51 -51.52 18.13
C29 V7N WM . 8.79 -52.47 17.02
C3 V7N WM . -14.17 -33.31 19.59
C30 V7N WM . -12.31 -31.07 20.45
C31 V7N WM . -14.49 -30.08 19.78
C33 V7N WM . -13.35 -35.02 17.16
C34 V7N WM . -10.48 -39.70 16.59
C35 V7N WM . -6.29 -43.28 17.34
C36 V7N WM . -0.80 -44.10 21.83
C37 V7N WM . 3.87 -46.85 22.33
C38 V7N WM . 7.51 -49.69 20.22
C39 V7N WM . 9.37 -52.23 15.82
C4 V7N WM . -13.13 -34.21 19.56
C40 V7N WM . 9.54 -53.35 14.87
C41 V7N WM . -13.63 -29.28 22.44
C43 V7N WM . 9.91 -50.95 15.34
C5 V7N WM . -12.80 -35.14 18.53
C6 V7N WM . -11.94 -36.19 18.86
C7 V7N WM . -11.47 -37.24 18.05
C8 V7N WM . -10.62 -38.20 18.60
C9 V7N WM . -10.04 -39.32 17.95
O32 V7N WM . -14.01 -30.61 22.12
O42 V7N WM . -10.02 -40.61 15.89
O44 V7N WM . 10.16 -53.06 13.71
O45 V7N WM . 9.19 -54.52 15.03
C2 0V9 XM . -28.01 -38.57 34.06
C1 0V9 XM . -27.67 -37.19 34.64
N 0V9 XM . -28.01 -36.86 41.10
C3 0V9 XM . -28.85 -38.43 32.79
C4 0V9 XM . -27.49 -36.54 38.69
C5 0V9 XM . -28.55 -36.51 39.81
C10 0V9 XM . -25.95 -39.64 34.80
C11 0V9 XM . -24.57 -40.02 34.34
C12 0V9 XM . -24.58 -41.09 33.26
C13 0V9 XM . -23.39 -40.97 32.31
C14 0V9 XM . -22.11 -41.56 32.89
C15 0V9 XM . -20.86 -41.03 32.21
C16 0V9 XM . -20.79 -41.24 30.71
C17 0V9 XM . -19.60 -40.52 30.08
C18 0V9 XM . -19.47 -40.78 28.63
C19 0V9 XM . -18.33 -40.79 27.92
C20 0V9 XM . -16.98 -40.44 28.45
C21 0V9 XM . -15.98 -41.59 28.40
C22 0V9 XM . -14.85 -41.31 27.44
C23 0V9 XM . -13.73 -42.32 27.58
C24 0V9 XM . -12.58 -42.06 26.62
C25 0V9 XM . -11.45 -43.02 26.84
C30 0V9 XM . -27.51 -39.06 30.89
C31 0V9 XM . -26.12 -38.78 30.39
C32 0V9 XM . -25.63 -39.84 29.43
C33 0V9 XM . -24.30 -39.39 28.84
C34 0V9 XM . -24.02 -40.00 27.49
C35 0V9 XM . -24.71 -39.21 26.39
C36 0V9 XM . -23.89 -38.03 25.93
C37 0V9 XM . -23.41 -38.16 24.49
C38 0V9 XM . -22.48 -39.33 24.30
C39 0V9 XM . -21.78 -39.27 22.95
C40 0V9 XM . -20.88 -40.47 22.79
C41 0V9 XM . -19.71 -40.20 21.87
C42 0V9 XM . -18.85 -41.44 21.76
C43 0V9 XM . -17.67 -41.24 20.85
O4 0V9 XM . -26.39 -39.62 35.96
O5 0V9 XM . -28.28 -39.98 30.60
O2 0V9 XM . -26.77 -39.23 33.78
O3 0V9 XM . -27.97 -38.07 31.72
O1P 0V9 XM . -28.92 -38.23 37.07
O2P 0V9 XM . -30.48 -36.25 37.06
O3P 0V9 XM . -28.77 -36.57 35.23
O4P 0V9 XM . -28.04 -36.04 37.49
P 0V9 XM . -29.26 -36.75 36.72
C1B LMT YM . -22.80 -38.80 42.83
C2B LMT YM . -24.05 -38.11 43.40
C3B LMT YM . -24.43 -36.89 42.54
C4B LMT YM . -23.24 -35.92 42.46
C5B LMT YM . -22.00 -36.69 41.97
C6B LMT YM . -20.77 -35.78 41.99
O1B LMT YM . -23.12 -39.43 41.62
O2B LMT YM . -25.06 -39.04 43.42
O3B LMT YM . -25.57 -36.28 43.01
O4' LMT YM . -23.50 -34.90 41.56
O5B LMT YM . -21.73 -37.88 42.70
O6B LMT YM . -19.63 -36.53 41.93
C1' LMT YM . -21.47 -42.21 39.02
C2' LMT YM . -20.63 -41.95 40.28
C3' LMT YM . -21.47 -41.21 41.35
C4' LMT YM . -22.10 -39.93 40.76
C5' LMT YM . -22.80 -40.36 39.44
C6' LMT YM . -23.53 -39.24 38.76
O1' LMT YM . -20.69 -42.76 38.04
O2' LMT YM . -20.21 -43.16 40.78
O3' LMT YM . -20.66 -40.90 42.41
O5' LMT YM . -21.91 -40.95 38.54
O6' LMT YM . -22.62 -38.22 38.61
C1 LMT YM . -21.35 -43.44 36.99
C2 LMT YM . -20.85 -44.86 37.00
C3 LMT YM . -19.37 -45.05 36.82
C4 LMT YM . -19.05 -46.48 36.47
C5 LMT YM . -18.48 -46.61 35.09
C6 LMT YM . -17.05 -46.14 35.00
C7 LMT YM . -16.54 -46.22 33.59
C8 LMT YM . -15.21 -45.53 33.51
C9 LMT YM . -14.75 -45.14 32.13
C10 LMT YM . -14.39 -46.40 31.37
C11 LMT YM . -13.98 -46.11 29.97
C12 LMT YM . -15.11 -45.62 29.13
MG BCL ZM . -12.30 -36.76 26.92
CHA BCL ZM . -9.05 -36.99 25.76
CHB BCL ZM . -13.25 -38.80 24.37
CHC BCL ZM . -15.52 -36.05 27.63
CHD BCL ZM . -11.34 -34.01 28.87
NA BCL ZM . -11.26 -37.72 25.27
C1A BCL ZM . -9.90 -37.79 25.04
C2A BCL ZM . -9.56 -38.96 24.18
C3A BCL ZM . -10.91 -39.28 23.51
C4A BCL ZM . -11.89 -38.61 24.41
CMA BCL ZM . -10.98 -38.73 22.10
CAA BCL ZM . -9.03 -40.12 25.03
CBA BCL ZM . -8.05 -41.05 24.32
CGA BCL ZM . -8.52 -41.72 23.08
O1A BCL ZM . -7.95 -41.70 22.05
O2A BCL ZM . -9.65 -42.38 23.20
NB BCL ZM . -14.11 -37.30 26.11
C1B BCL ZM . -14.31 -38.22 25.09
C2B BCL ZM . -15.68 -38.48 24.91
C3B BCL ZM . -16.38 -37.68 25.84
C4B BCL ZM . -15.35 -36.97 26.58
CMB BCL ZM . -16.20 -39.45 23.86
CAB BCL ZM . -17.81 -37.49 26.08
OBB BCL ZM . -18.25 -37.06 27.16
CBB BCL ZM . -18.86 -37.77 25.04
NC BCL ZM . -13.28 -35.25 28.07
C1C BCL ZM . -14.62 -35.19 28.27
C2C BCL ZM . -15.03 -34.18 29.28
C3C BCL ZM . -13.69 -33.60 29.74
C4C BCL ZM . -12.70 -34.26 28.83
CMC BCL ZM . -15.98 -33.13 28.72
CAC BCL ZM . -13.38 -33.82 31.25
CBC BCL ZM . -14.14 -32.86 32.14
ND BCL ZM . -10.61 -35.69 27.25
C1D BCL ZM . -10.31 -34.62 28.10
C2D BCL ZM . -8.94 -34.28 28.03
C3D BCL ZM . -8.38 -35.18 27.14
C4D BCL ZM . -9.40 -36.01 26.69
CMD BCL ZM . -8.29 -33.15 28.79
CAD BCL ZM . -7.21 -35.59 26.45
OBD BCL ZM . -6.06 -35.11 26.48
CBD BCL ZM . -7.54 -36.82 25.58
CGD BCL ZM . -7.09 -36.62 24.20
O1D BCL ZM . -7.78 -36.16 23.31
O2D BCL ZM . -5.84 -36.97 23.99
CED BCL ZM . -5.38 -36.90 22.61
C1 BCL ZM . -10.12 -43.06 22.01
C2 BCL ZM . -11.64 -42.99 22.01
C3 BCL ZM . -12.43 -43.75 22.73
C4 BCL ZM . -11.96 -44.83 23.70
C5 BCL ZM . -13.95 -43.65 22.62
C6 BCL ZM . -14.52 -44.20 21.31
C7 BCL ZM . -14.49 -45.72 21.24
C8 BCL ZM . -13.75 -46.27 20.00
C9 BCL ZM . -14.13 -47.74 19.74
C10 BCL ZM . -12.23 -46.13 20.15
C11 BCL ZM . -11.50 -45.52 18.95
C12 BCL ZM . -9.97 -45.48 19.05
C13 BCL ZM . -9.17 -46.60 18.35
C14 BCL ZM . -9.29 -46.53 16.82
C15 BCL ZM . -9.59 -48.00 18.80
C16 BCL ZM . -9.30 -48.35 20.24
C17 BCL ZM . -10.03 -49.63 20.67
C18 BCL ZM . -9.62 -50.11 22.04
C19 BCL ZM . -8.20 -50.68 21.90
C20 BCL ZM . -10.59 -51.18 22.59
C1B LMT AN . -39.10 -38.98 26.02
C2B LMT AN . -40.54 -38.71 26.46
C3B LMT AN . -40.94 -37.27 26.12
C4B LMT AN . -39.91 -36.27 26.72
C5B LMT AN . -38.49 -36.72 26.34
C6B LMT AN . -37.47 -35.81 27.02
O1B LMT AN . -38.99 -38.86 24.63
O2B LMT AN . -41.36 -39.61 25.83
O3B LMT AN . -42.22 -36.99 26.51
O4' LMT AN . -40.14 -35.00 26.25
O5B LMT AN . -38.23 -38.08 26.65
O6B LMT AN . -36.23 -36.42 27.04
C1' LMT AN . -38.38 -40.88 21.08
C2' LMT AN . -39.82 -40.94 21.61
C3' LMT AN . -40.01 -39.89 22.74
C4' LMT AN . -38.94 -40.04 23.84
C5' LMT AN . -37.57 -40.11 23.14
C6' LMT AN . -36.42 -40.36 24.09
O1' LMT AN . -38.12 -41.91 20.20
O2' LMT AN . -40.70 -40.63 20.60
O3' LMT AN . -41.25 -39.99 23.28
O5' LMT AN . -37.52 -41.13 22.17
O6' LMT AN . -36.07 -39.14 24.63
C1 LMT AN . -38.44 -41.74 18.82
C2 LMT AN . -37.24 -42.23 18.06
C3 LMT AN . -36.03 -41.35 18.08
C4 LMT AN . -34.92 -41.92 17.23
C5 LMT AN . -33.81 -40.90 17.18
C6 LMT AN . -32.54 -41.33 16.47
C7 LMT AN . -31.89 -42.48 17.19
C8 LMT AN . -30.44 -42.54 16.82
C9 LMT AN . -29.77 -43.88 16.98
C10 LMT AN . -30.08 -44.77 15.82
C11 LMT AN . -29.41 -44.30 14.57
C12 LMT AN . -29.72 -45.18 13.40
C1 V7N BN . -24.17 -28.89 9.52
C10 V7N BN . -20.90 -38.06 5.68
C11 V7N BN . -20.42 -39.23 5.09
C12 V7N BN . -19.56 -40.07 5.79
C13 V7N BN . -18.94 -41.26 5.37
C14 V7N BN . -18.07 -41.93 6.27
C15 V7N BN . -17.34 -43.08 5.98
C16 V7N BN . -16.44 -43.66 6.89
C17 V7N BN . -15.66 -44.77 6.55
C18 V7N BN . -14.58 -45.28 7.31
C19 V7N BN . -13.84 -46.38 6.81
C2 V7N BN . -24.70 -30.33 9.53
C20 V7N BN . -12.86 -47.11 7.48
C21 V7N BN . -12.17 -48.17 6.85
C22 V7N BN . -11.25 -48.99 7.49
C23 V7N BN . -10.57 -50.08 6.73
C24 V7N BN . -9.42 -49.60 5.87
C25 V7N BN . -8.72 -50.74 5.22
C26 V7N BN . -7.83 -51.57 5.81
C27 V7N BN . -7.22 -52.70 5.05
C28 V7N BN . -5.88 -52.40 4.39
C29 V7N BN . -5.53 -53.50 3.47
C3 V7N BN . -24.73 -31.04 8.23
C30 V7N BN . -24.20 -28.35 10.94
C31 V7N BN . -22.74 -28.82 8.98
C33 V7N BN . -24.35 -32.22 5.39
C34 V7N BN . -22.28 -37.10 3.77
C35 V7N BN . -19.15 -41.83 4.01
C36 V7N BN . -14.24 -44.63 8.60
C37 V7N BN . -10.90 -48.83 8.91
C38 V7N BN . -7.39 -51.43 7.22
C39 V7N BN . -4.52 -53.48 2.59
C4 V7N BN . -23.73 -31.88 7.83
C40 V7N BN . -4.26 -54.64 1.71
C41 V7N BN . -24.88 -26.81 8.57
C43 V7N BN . -3.60 -52.33 2.41
C5 V7N BN . -23.67 -32.65 6.63
C6 V7N BN . -22.92 -33.83 6.69
C7 V7N BN . -22.72 -34.78 5.68
C8 V7N BN . -22.03 -35.96 6.00
C9 V7N BN . -21.73 -37.05 5.15
O32 V7N BN . -25.10 -28.20 8.68
O42 V7N BN . -22.13 -38.02 2.96
O44 V7N BN . -5.00 -55.73 1.92
O45 V7N BN . -3.44 -54.71 0.79
C1B LMT CN . -11.21 -59.33 4.23
C2B LMT CN . -12.15 -59.39 2.99
C3B LMT CN . -12.23 -60.82 2.42
C4B LMT CN . -10.81 -61.38 2.18
C5B LMT CN . -10.02 -61.22 3.48
C6B LMT CN . -8.61 -61.77 3.30
O1B LMT CN . -11.78 -59.97 5.34
O2B LMT CN . -13.40 -58.95 3.35
O3B LMT CN . -13.01 -60.86 1.29
O4' LMT CN . -10.87 -62.71 1.83
O5B LMT CN . -9.97 -59.88 3.92
O6B LMT CN . -7.84 -61.48 4.41
C1' LMT CN . -13.78 -59.17 8.90
C2' LMT CN . -14.15 -58.27 7.70
C3' LMT CN . -13.51 -58.71 6.37
C4' LMT CN . -12.05 -59.18 6.49
C5' LMT CN . -11.98 -60.07 7.76
C6' LMT CN . -10.61 -60.67 8.00
O1' LMT CN . -14.14 -58.48 10.03
O2' LMT CN . -15.51 -58.31 7.55
O3' LMT CN . -13.58 -57.67 5.49
O5' LMT CN . -12.37 -59.35 8.91
O6' LMT CN . -9.80 -59.63 8.38
C1 LMT CN . -14.40 -59.23 11.19
C2 LMT CN . -14.49 -58.22 12.32
C3 LMT CN . -15.37 -57.02 12.07
C4 LMT CN . -15.13 -55.97 13.15
C5 LMT CN . -15.80 -54.68 12.79
C6 LMT CN . -15.70 -53.62 13.87
C7 LMT CN . -16.69 -53.90 14.98
C8 LMT CN . -16.50 -52.93 16.12
C9 LMT CN . -17.52 -53.13 17.21
C10 LMT CN . -16.95 -52.70 18.55
C11 LMT CN . -16.66 -51.24 18.63
C12 LMT CN . -16.21 -50.83 19.99
C2 0V9 DN . -41.38 -36.39 17.58
C1 0V9 DN . -41.03 -35.17 18.44
N 0V9 DN . -45.20 -35.45 22.26
C3 0V9 DN . -42.14 -36.03 16.31
C4 0V9 DN . -43.04 -36.05 21.18
C5 0V9 DN . -44.48 -36.47 21.52
C10 0V9 DN . -40.02 -38.30 16.90
C11 0V9 DN . -38.68 -38.66 16.32
C12 0V9 DN . -38.85 -39.47 15.05
C13 0V9 DN . -37.55 -39.97 14.46
C14 0V9 DN . -36.40 -38.96 14.50
C15 0V9 DN . -35.31 -39.30 13.51
C16 0V9 DN . -34.08 -38.43 13.65
C17 0V9 DN . -33.11 -38.57 12.49
C18 0V9 DN . -32.57 -39.95 12.34
C19 0V9 DN . -31.40 -40.40 12.83
C20 0V9 DN . -30.41 -39.61 13.60
C21 0V9 DN . -29.09 -39.50 12.89
C22 0V9 DN . -28.30 -40.79 12.89
C23 0V9 DN . -26.99 -40.63 12.14
C24 0V9 DN . -26.24 -41.94 11.97
C25 0V9 DN . -25.54 -42.37 13.23
C30 0V9 DN . -40.62 -36.04 14.50
C31 0V9 DN . -39.22 -35.58 14.25
C32 0V9 DN . -38.68 -36.12 12.95
C33 0V9 DN . -37.38 -35.43 12.58
C34 0V9 DN . -37.03 -35.73 11.14
C35 0V9 DN . -35.70 -35.14 10.73
C36 0V9 DN . -35.65 -34.99 9.23
C37 0V9 DN . -34.25 -35.06 8.66
C38 0V9 DN . -33.76 -36.48 8.48
C39 0V9 DN . -32.44 -36.47 7.73
C40 0V9 DN . -31.86 -37.86 7.56
C41 0V9 DN . -30.62 -37.81 6.69
C42 0V9 DN . -29.85 -39.12 6.68
C43 0V9 DN . -30.76 -40.31 6.46
O4 0V9 DN . -41.00 -39.02 17.06
O5 0V9 DN . -41.24 -36.97 13.97
O2 0V9 DN . -40.10 -36.98 17.27
O3 0V9 DN . -41.23 -35.31 15.47
O1P 0V9 DN . -44.14 -35.54 18.69
O2P 0V9 DN . -44.17 -33.09 19.27
O3P 0V9 DN . -42.04 -34.19 18.51
O4P 0V9 DN . -42.98 -34.74 20.70
P 0V9 DN . -43.44 -34.26 19.24
MG BCL EN . -24.99 -36.46 14.06
CHA BCL EN . -21.66 -37.14 13.43
CHB BCL EN . -25.72 -37.59 10.93
CHC BCL EN . -28.09 -35.17 14.37
CHD BCL EN . -23.98 -34.51 16.79
NA BCL EN . -23.81 -37.22 12.41
C1A BCL EN . -22.46 -37.55 12.40
C2A BCL EN . -22.14 -38.51 11.29
C3A BCL EN . -23.35 -38.35 10.37
C4A BCL EN . -24.39 -37.74 11.25
CMA BCL EN . -23.04 -37.46 9.17
CAA BCL EN . -21.96 -39.94 11.83
CBA BCL EN . -21.04 -40.82 10.98
CGA BCL EN . -21.44 -40.96 9.55
O1A BCL EN . -20.83 -40.52 8.64
O2A BCL EN . -22.57 -41.60 9.39
NB BCL EN . -26.65 -36.36 12.83
C1B BCL EN . -26.77 -36.94 11.59
C2B BCL EN . -28.07 -36.78 11.10
C3B BCL EN . -28.81 -36.07 12.07
C4B BCL EN . -27.86 -35.84 13.15
CMB BCL EN . -28.49 -37.32 9.74
CAB BCL EN . -30.20 -35.60 12.10
OBB BCL EN . -30.74 -35.24 13.15
CBB BCL EN . -31.06 -35.52 10.87
NC BCL EN . -25.89 -35.04 15.38
C1C BCL EN . -27.22 -34.70 15.36
C2C BCL EN . -27.64 -33.89 16.53
C3C BCL EN . -26.34 -33.75 17.33
C4C BCL EN . -25.32 -34.40 16.45
CMC BCL EN . -28.24 -32.56 16.12
CAC BCL EN . -26.40 -34.36 18.75
CBC BCL EN . -27.11 -33.47 19.74
ND BCL EN . -23.24 -35.89 14.93
C1D BCL EN . -22.95 -35.14 16.06
C2D BCL EN . -21.56 -35.13 16.33
C3D BCL EN . -20.99 -35.91 15.33
C4D BCL EN . -22.02 -36.34 14.50
CMD BCL EN . -20.91 -34.41 17.47
CAD BCL EN . -19.80 -36.45 14.81
OBD BCL EN . -18.62 -36.33 15.20
CBD BCL EN . -20.14 -37.32 13.57
CGD BCL EN . -19.35 -36.91 12.41
O1D BCL EN . -19.69 -36.08 11.58
O2D BCL EN . -18.19 -37.53 12.32
CED BCL EN . -17.42 -37.30 11.10
C1 BCL EN . -23.08 -41.71 8.03
C2 BCL EN . -24.36 -42.52 8.14
C3 BCL EN . -25.60 -42.10 8.06
C4 BCL EN . -26.01 -40.66 7.78
C5 BCL EN . -26.75 -43.05 8.30
C6 BCL EN . -27.02 -44.06 7.18
C7 BCL EN . -27.50 -43.39 5.90
C8 BCL EN . -27.95 -44.32 4.77
C9 BCL EN . -29.07 -45.25 5.30
C10 BCL EN . -26.75 -45.13 4.24
C11 BCL EN . -26.93 -45.82 2.89
C12 BCL EN . -27.33 -47.29 3.04
C13 BCL EN . -27.96 -47.94 1.79
C14 BCL EN . -26.99 -48.04 0.62
C15 BCL EN . -29.20 -47.13 1.37
C16 BCL EN . -30.35 -47.96 0.82
C17 BCL EN . -31.75 -47.35 0.96
C18 BCL EN . -32.23 -47.08 2.37
C19 BCL EN . -32.10 -48.40 3.17
C20 BCL EN . -33.66 -46.55 2.41
C1 V7N FN . -31.48 -22.66 -2.79
C10 V7N FN . -29.64 -31.73 -7.81
C11 V7N FN . -29.27 -32.86 -8.55
C12 V7N FN . -28.66 -33.94 -7.91
C13 V7N FN . -28.19 -35.15 -8.46
C14 V7N FN . -27.81 -36.20 -7.60
C15 V7N FN . -27.27 -37.42 -8.01
C16 V7N FN . -26.58 -38.28 -7.14
C17 V7N FN . -25.99 -39.48 -7.54
C18 V7N FN . -25.25 -40.35 -6.70
C19 V7N FN . -24.67 -41.50 -7.28
C2 V7N FN . -32.39 -23.80 -3.30
C20 V7N FN . -23.81 -42.41 -6.65
C21 V7N FN . -23.26 -43.54 -7.30
C22 V7N FN . -22.39 -44.44 -6.74
C23 V7N FN . -21.86 -45.60 -7.51
C24 V7N FN . -20.53 -45.31 -8.21
C25 V7N FN . -20.12 -46.46 -9.04
C26 V7N FN . -19.35 -47.49 -8.62
C27 V7N FN . -19.02 -48.62 -9.54
C28 V7N FN . -17.56 -48.75 -9.96
C29 V7N FN . -17.45 -49.81 -10.99
C3 V7N FN . -32.16 -24.25 -4.69
C30 V7N FN . -31.94 -22.28 -1.40
C31 V7N FN . -30.03 -23.10 -2.76
C33 V7N FN . -31.28 -25.15 -7.50
C34 V7N FN . -29.99 -30.07 -9.69
C35 V7N FN . -28.06 -35.34 -9.93
C36 V7N FN . -25.11 -40.04 -5.27
C37 V7N FN . -21.93 -44.32 -5.33
C38 V7N FN . -18.80 -47.56 -7.25
C39 V7N FN . -16.71 -49.72 -12.11
C4 V7N FN . -31.50 -25.40 -4.98
C40 V7N FN . -16.67 -50.84 -13.08
C41 V7N FN . -31.01 -20.38 -3.41
C43 V7N FN . -15.89 -48.54 -12.47
C5 V7N FN . -31.21 -25.96 -6.27
C6 V7N FN . -30.87 -27.32 -6.31
C7 V7N FN . -30.57 -28.10 -7.44
C8 V7N FN . -30.31 -29.46 -7.27
C9 V7N FN . -29.98 -30.43 -8.26
O32 V7N FN . -31.69 -21.58 -3.71
O42 V7N FN . -29.69 -30.80 -10.64
O44 V7N FN . -17.24 -51.99 -12.70
O45 V7N FN . -16.17 -50.83 -14.21
C2 0V9 GN . -51.63 -26.99 0.90
C1 0V9 GN . -52.23 -26.21 2.07
N 0V9 GN . -55.55 -28.67 1.62
C3 0V9 GN . -50.81 -26.07 0.01
C4 0V9 GN . -54.79 -29.60 3.80
C5 0V9 GN . -54.73 -29.67 2.26
C10 0V9 GN . -50.71 -29.26 0.86
C11 0V9 GN . -49.84 -30.20 1.61
C12 0V9 GN . -49.13 -31.23 0.75
C13 0V9 GN . -48.06 -30.62 -0.13
C14 0V9 GN . -47.02 -31.64 -0.60
C15 0V9 GN . -45.77 -30.95 -1.13
C16 0V9 GN . -45.06 -31.69 -2.24
C17 0V9 GN . -44.03 -30.80 -2.92
C18 0V9 GN . -43.42 -31.39 -4.13
C19 0V9 GN . -42.17 -31.90 -4.21
C20 0V9 GN . -41.21 -32.00 -3.10
C21 0V9 GN . -40.03 -32.89 -3.42
C22 0V9 GN . -39.09 -33.00 -2.23
C23 0V9 GN . -37.71 -33.51 -2.61
C24 0V9 GN . -37.68 -35.00 -2.82
C25 0V9 GN . -36.26 -35.51 -2.90
C30 0V9 GN . -49.58 -27.38 -1.58
C31 0V9 GN . -49.62 -27.94 -2.97
C32 0V9 GN . -48.33 -28.63 -3.42
C33 0V9 GN . -47.39 -27.73 -4.21
C34 0V9 GN . -46.43 -26.94 -3.35
C35 0V9 GN . -45.54 -26.04 -4.19
C36 0V9 GN . -44.57 -26.82 -5.06
C37 0V9 GN . -43.70 -25.87 -5.86
C38 0V9 GN . -43.03 -26.52 -7.06
C39 0V9 GN . -41.93 -27.48 -6.67
C40 0V9 GN . -41.23 -28.06 -7.89
C41 0V9 GN . -40.20 -29.10 -7.52
C42 0V9 GN . -39.45 -29.58 -8.74
C43 0V9 GN . -38.58 -30.77 -8.44
O4 0V9 GN . -51.34 -29.44 -0.19
O5 0V9 GN . -48.72 -27.51 -0.70
O2 0V9 GN . -50.79 -28.02 1.47
O3 0V9 GN . -50.69 -26.63 -1.30
O1P 0V9 GN . -53.35 -26.41 5.13
O2P 0V9 GN . -52.05 -28.43 4.35
O3P 0V9 GN . -53.24 -26.91 2.72
O4P 0V9 GN . -54.55 -28.30 4.25
P 0V9 GN . -53.12 -27.58 4.14
MG BCL HN . -34.79 -30.59 -0.11
CHA BCL HN . -31.60 -31.87 -0.40
CHB BCL HN . -35.15 -31.01 -3.47
CHC BCL HN . -37.62 -28.77 0.01
CHD BCL HN . -33.96 -29.41 3.07
NA BCL HN . -33.50 -31.32 -1.71
C1A BCL HN . -32.28 -31.93 -1.60
C2A BCL HN . -31.96 -32.76 -2.78
C3A BCL HN . -32.95 -32.24 -3.83
C4A BCL HN . -33.96 -31.50 -3.00
CMA BCL HN . -32.28 -31.33 -4.85
CAA BCL HN . -32.14 -34.26 -2.48
CBA BCL HN . -31.20 -35.16 -3.28
CGA BCL HN . -31.24 -34.97 -4.75
O1A BCL HN . -30.51 -34.28 -5.37
O2A BCL HN . -32.17 -35.69 -5.33
NB BCL HN . -36.16 -29.94 -1.51
C1B BCL HN . -36.18 -30.28 -2.86
C2B BCL HN . -37.34 -29.80 -3.48
C3B BCL HN . -38.10 -29.13 -2.48
C4B BCL HN . -37.32 -29.26 -1.26
CMB BCL HN . -37.62 -30.02 -4.95
CAB BCL HN . -39.37 -28.43 -2.54
OBB BCL HN . -40.07 -28.24 -1.54
CBB BCL HN . -39.92 -27.86 -3.83
NC BCL HN . -35.64 -29.26 1.32
C1C BCL HN . -36.88 -28.69 1.20
C2C BCL HN . -37.37 -28.04 2.44
C3C BCL HN . -36.21 -28.27 3.42
C4C BCL HN . -35.19 -29.00 2.59
CMC BCL HN . -37.69 -26.57 2.23
CAC BCL HN . -36.62 -29.05 4.70
CBC BCL HN . -37.39 -28.18 5.67
ND BCL HN . -33.16 -30.58 1.09
C1D BCL HN . -32.94 -30.13 2.39
C2D BCL HN . -31.65 -30.46 2.85
C3D BCL HN . -31.06 -31.15 1.80
C4D BCL HN . -31.99 -31.21 0.77
CMD BCL HN . -31.09 -30.11 4.20
CAD BCL HN . -29.93 -31.87 1.36
OBD BCL HN . -28.85 -32.12 1.94
CBD BCL HN . -30.20 -32.40 -0.08
CGD BCL HN . -29.14 -31.98 -1.00
O1D BCL HN . -29.12 -30.94 -1.62
O2D BCL HN . -28.16 -32.85 -1.11
CED BCL HN . -27.13 -32.56 -2.09
C1 BCL HN . -32.33 -35.56 -6.78
C2 BCL HN . -33.49 -34.58 -7.00
C3 BCL HN . -34.74 -34.93 -6.79
C4 BCL HN . -35.22 -36.30 -6.32
C5 BCL HN . -35.89 -33.93 -6.98
C6 BCL HN . -36.85 -34.26 -8.12
C7 BCL HN . -36.24 -33.98 -9.50
C8 BCL HN . -37.02 -34.50 -10.70
C9 BCL HN . -38.52 -34.13 -10.56
C10 BCL HN . -36.88 -36.03 -10.90
C11 BCL HN . -35.48 -36.54 -11.19
C12 BCL HN . -34.80 -37.24 -10.01
C13 BCL HN . -33.29 -37.51 -10.15
C14 BCL HN . -32.50 -36.23 -10.37
C15 BCL HN . -32.96 -38.47 -11.32
C16 BCL HN . -33.44 -39.91 -11.24
C17 BCL HN . -32.91 -40.80 -12.39
C18 BCL HN . -33.32 -42.26 -12.31
C19 BCL HN . -32.52 -42.88 -11.13
C20 BCL HN . -33.06 -43.04 -13.61
C1 V7N IN . -34.83 -13.20 -13.97
C10 V7N IN . -33.42 -20.99 -20.69
C11 V7N IN . -33.09 -21.99 -21.62
C12 V7N IN . -32.97 -23.33 -21.23
C13 V7N IN . -32.60 -24.44 -22.02
C14 V7N IN . -32.58 -25.72 -21.43
C15 V7N IN . -32.18 -26.91 -22.06
C16 V7N IN . -32.03 -28.12 -21.37
C17 V7N IN . -31.57 -29.29 -21.99
C18 V7N IN . -31.23 -30.49 -21.33
C19 V7N IN . -30.74 -31.57 -22.09
C2 V7N IN . -35.83 -13.92 -14.90
C20 V7N IN . -30.45 -32.87 -21.64
C21 V7N IN . -29.94 -33.87 -22.50
C22 V7N IN . -29.63 -35.16 -22.11
C23 V7N IN . -29.10 -36.15 -23.09
C24 V7N IN . -27.59 -36.06 -23.31
C25 V7N IN . -27.13 -37.08 -24.28
C26 V7N IN . -26.94 -38.40 -24.03
C27 V7N IN . -26.50 -39.33 -25.11
C28 V7N IN . -25.01 -39.51 -25.34
C29 V7N IN . -24.81 -40.37 -26.53
C3 V7N IN . -35.40 -14.07 -16.31
C30 V7N IN . -35.49 -13.01 -12.62
C31 V7N IN . -33.55 -14.01 -13.81
C33 V7N IN . -34.12 -14.44 -19.10
C34 V7N IN . -33.34 -18.96 -22.20
C35 V7N IN . -32.21 -24.29 -23.44
C36 V7N IN . -31.38 -30.58 -19.86
C37 V7N IN . -29.83 -35.62 -20.72
C38 V7N IN . -27.16 -39.01 -22.70
C39 V7N IN . -23.70 -40.41 -27.28
C4 V7N IN . -34.81 -15.20 -16.77
C40 V7N IN . -23.58 -41.30 -28.46
C41 V7N IN . -33.72 -11.07 -13.93
C43 V7N IN . -22.49 -39.60 -27.03
C5 V7N IN . -34.39 -15.50 -18.11
C6 V7N IN . -34.23 -16.85 -18.42
C7 V7N IN . -33.85 -17.43 -19.63
C8 V7N IN . -33.87 -18.82 -19.75
C9 V7N IN . -33.53 -19.60 -20.88
O32 V7N IN . -34.59 -11.95 -14.62
O42 V7N IN . -33.18 -19.53 -23.28
O44 V7N IN . -24.56 -42.20 -28.62
O45 V7N IN . -22.68 -41.30 -29.31
C1B LMT JN . -31.92 -41.99 -30.65
C2B LMT JN . -32.30 -41.49 -32.06
C3B LMT JN . -32.51 -42.65 -33.04
C4B LMT JN . -31.32 -43.64 -32.99
C5B LMT JN . -31.08 -44.01 -31.51
C6B LMT JN . -29.90 -44.99 -31.42
O1B LMT JN . -33.02 -42.60 -30.06
O2B LMT JN . -33.44 -40.73 -31.95
O3B LMT JN . -32.76 -42.22 -34.31
O4' LMT JN . -31.61 -44.79 -33.71
O5B LMT JN . -30.84 -42.88 -30.71
O6B LMT JN . -29.57 -45.20 -30.10
C1' LMT JN . -35.55 -42.17 -26.77
C2' LMT JN . -35.21 -40.88 -27.53
C3' LMT JN . -34.50 -41.15 -28.89
C4' LMT JN . -33.38 -42.19 -28.76
C5' LMT JN . -34.01 -43.39 -28.02
C6' LMT JN . -33.10 -44.58 -27.94
O1' LMT JN . -35.81 -41.85 -25.46
O2' LMT JN . -36.37 -40.21 -27.79
O3' LMT JN . -34.00 -39.99 -29.39
O5' LMT JN . -34.42 -43.01 -26.73
O6' LMT JN . -33.48 -45.32 -26.85
C1 LMT JN . -36.53 -42.81 -24.70
C2 LMT JN . -38.02 -42.56 -24.86
C3 LMT JN . -38.68 -41.54 -23.95
C4 LMT JN . -37.97 -40.23 -24.05
C5 LMT JN . -38.58 -39.14 -23.19
C6 LMT JN . -38.25 -39.28 -21.73
C7 LMT JN . -38.94 -38.21 -20.94
C8 LMT JN . -38.88 -38.54 -19.48
C9 LMT JN . -39.82 -37.77 -18.61
C10 LMT JN . -39.68 -38.29 -17.21
C11 LMT JN . -40.72 -37.71 -16.30
C12 LMT JN . -40.51 -38.13 -14.88
C2 0V9 KN . -55.70 -13.29 -15.08
C1 0V9 KN . -55.23 -13.67 -13.66
N 0V9 KN . -58.55 -10.83 -10.34
C3 0V9 KN . -55.16 -11.92 -15.54
C4 0V9 KN . -57.84 -10.88 -12.73
C5 0V9 KN . -58.83 -10.34 -11.67
C10 0V9 KN . -54.24 -15.12 -16.07
C11 0V9 KN . -54.37 -16.23 -17.06
C12 0V9 KN . -53.30 -16.21 -18.14
C13 0V9 KN . -51.90 -16.37 -17.56
C14 0V9 KN . -50.85 -16.71 -18.60
C15 0V9 KN . -49.45 -16.79 -18.01
C16 0V9 KN . -48.48 -17.55 -18.89
C17 0V9 KN . -47.08 -17.61 -18.29
C18 0V9 KN . -46.16 -18.38 -19.17
C19 0V9 KN . -45.43 -19.45 -18.82
C20 0V9 KN . -45.29 -20.03 -17.47
C21 0V9 KN . -43.94 -20.71 -17.29
C22 0V9 KN . -43.87 -22.03 -18.02
C23 0V9 KN . -42.51 -22.66 -17.90
C24 0V9 KN . -42.44 -23.99 -18.64
C25 0V9 KN . -41.12 -24.69 -18.41
C30 0V9 KN . -53.20 -12.28 -16.92
C31 0V9 KN . -51.70 -12.45 -16.85
C32 0V9 KN . -51.09 -12.78 -18.20
C33 0V9 KN . -49.60 -13.05 -18.10
C34 0V9 KN . -48.76 -11.79 -18.14
C35 0V9 KN . -47.28 -12.04 -18.30
C36 0V9 KN . -46.92 -12.63 -19.65
C37 0V9 KN . -45.44 -12.86 -19.83
C38 0V9 KN . -45.19 -14.04 -20.74
C39 0V9 KN . -43.71 -14.33 -20.96
C40 0V9 KN . -43.51 -15.64 -21.67
C41 0V9 KN . -42.06 -15.86 -22.05
C42 0V9 KN . -41.90 -16.95 -23.09
C43 0V9 KN . -42.29 -18.31 -22.57
O4 0V9 KN . -53.29 -14.92 -15.30
O5 0V9 KN . -53.95 -12.37 -17.88
O2 0V9 KN . -55.37 -14.33 -16.05
O3 0V9 KN . -53.73 -11.96 -15.69
O1P 0V9 KN . -57.94 -13.25 -11.02
O2P 0V9 KN . -58.10 -14.65 -13.11
O3P 0V9 KN . -56.07 -13.25 -12.62
O4P 0V9 KN . -58.20 -12.16 -13.16
P 0V9 KN . -57.62 -13.51 -12.52
MG BCL LN . -40.19 -20.26 -13.85
CHA BCL LN . -37.34 -22.17 -13.91
CHB BCL LN . -39.82 -19.80 -17.21
CHC BCL LN . -42.58 -17.87 -13.73
CHD BCL LN . -39.89 -20.03 -10.37
NA BCL LN . -38.73 -20.89 -15.33
C1A BCL LN . -37.70 -21.79 -15.16
C2A BCL LN . -37.28 -22.39 -16.46
C3A BCL LN . -37.85 -21.39 -17.48
C4A BCL LN . -38.89 -20.66 -16.68
CMA BCL LN . -36.78 -20.43 -17.99
CAA BCL LN . -37.84 -23.81 -16.65
CBA BCL LN . -36.99 -24.72 -17.55
CGA BCL LN . -36.38 -24.09 -18.75
O1A BCL LN . -35.23 -23.85 -18.87
O2A BCL LN . -37.27 -23.77 -19.66
NB BCL LN . -41.07 -19.00 -15.24
C1B BCL LN . -40.78 -18.97 -16.60
C2B BCL LN . -41.58 -18.01 -17.24
C3B BCL LN . -42.41 -17.41 -16.26
C4B BCL LN . -42.05 -18.08 -15.02
CMB BCL LN . -41.47 -17.74 -18.74
CAB BCL LN . -43.43 -16.37 -16.34
OBB BCL LN . -44.23 -16.14 -15.41
CBB BCL LN . -43.60 -15.48 -17.54
NC BCL LN . -41.09 -19.12 -12.28
C1C BCL LN . -42.09 -18.19 -12.46
C2C BCL LN . -42.69 -17.72 -11.19
C3C BCL LN . -41.86 -18.45 -10.13
C4C BCL LN . -40.83 -19.19 -10.93
CMC BCL LN . -42.64 -16.21 -11.03
CAC BCL LN . -42.68 -19.39 -9.20
CBC BCL LN . -43.46 -18.62 -8.15
ND BCL LN . -38.90 -20.89 -12.42
C1D BCL LN . -38.91 -20.81 -11.04
C2D BCL LN . -37.85 -21.55 -10.47
C3D BCL LN . -37.19 -22.12 -11.54
C4D BCL LN . -37.84 -21.71 -12.70
CMD BCL LN . -37.55 -21.65 -8.99
CAD BCL LN . -36.13 -22.97 -11.94
OBD BCL LN . -35.25 -23.55 -11.28
CBD BCL LN . -36.19 -23.10 -13.49
CGD BCL LN . -34.87 -22.81 -14.08
O1D BCL LN . -34.44 -21.71 -14.32
O2D BCL LN . -34.15 -23.89 -14.33
CED BCL LN . -32.86 -23.67 -14.98
C1 BCL LN . -36.80 -23.10 -20.87
C2 BCL LN . -37.93 -22.16 -21.31
C3 BCL LN . -39.14 -22.54 -21.66
C4 BCL LN . -39.61 -23.98 -21.75
C5 BCL LN . -40.24 -21.53 -22.00
C6 BCL LN . -41.14 -21.89 -23.19
C7 BCL LN . -40.40 -21.76 -24.53
C8 BCL LN . -41.14 -22.28 -25.78
C9 BCL LN . -42.59 -21.74 -25.82
C10 BCL LN . -41.16 -23.82 -25.89
C11 BCL LN . -40.03 -24.44 -26.73
C12 BCL LN . -38.61 -24.25 -26.15
C13 BCL LN . -37.52 -25.05 -26.89
C14 BCL LN . -37.79 -26.55 -26.89
C15 BCL LN . -36.17 -24.79 -26.19
C16 BCL LN . -34.95 -25.09 -27.04
C17 BCL LN . -34.43 -23.88 -27.84
C18 BCL LN . -33.47 -24.25 -28.96
C19 BCL LN . -32.50 -23.07 -29.13
C20 BCL LN . -34.18 -24.53 -30.30
C1B LMT MN . -59.12 -11.94 -19.74
C2B LMT MN . -58.97 -10.65 -20.59
C3B LMT MN . -58.39 -9.51 -19.76
C4B LMT MN . -59.22 -9.31 -18.47
C5B LMT MN . -59.31 -10.67 -17.76
C6B LMT MN . -60.15 -10.51 -16.49
O1B LMT MN . -57.88 -12.54 -19.44
O2B LMT MN . -58.17 -10.93 -21.69
O3B LMT MN . -58.29 -8.34 -20.49
O4' LMT MN . -58.62 -8.38 -17.64
O5B LMT MN . -59.85 -11.68 -18.57
O6B LMT MN . -59.58 -9.59 -15.65
C1' LMT MN . -55.58 -15.67 -21.14
C2' LMT MN . -55.37 -14.23 -21.66
C3' LMT MN . -55.94 -13.18 -20.67
C4' LMT MN . -57.39 -13.52 -20.35
C5' LMT MN . -57.29 -14.92 -19.70
C6' LMT MN . -58.55 -15.38 -19.00
O1' LMT MN . -55.42 -16.54 -22.19
O2' LMT MN . -54.03 -14.02 -21.81
O3' LMT MN . -55.86 -11.92 -21.21
O5' LMT MN . -56.92 -15.86 -20.68
O6' LMT MN . -58.69 -14.59 -17.89
C1 LMT MN . -55.15 -17.90 -21.92
C2 LMT MN . -53.66 -18.08 -21.69
C3 LMT MN . -52.84 -18.34 -22.91
C4 LMT MN . -51.45 -18.82 -22.50
C5 LMT MN . -50.56 -18.98 -23.70
C6 LMT MN . -49.14 -19.33 -23.35
C7 LMT MN . -48.20 -18.93 -24.46
C8 LMT MN . -46.79 -19.27 -24.08
C9 LMT MN . -45.69 -18.52 -24.80
C10 LMT MN . -45.87 -18.57 -26.30
C11 LMT MN . -45.91 -19.96 -26.85
C12 LMT MN . -45.91 -19.94 -28.35
C2 0V9 NN . -36.83 -29.84 -38.10
C1 0V9 NN . -36.90 -30.70 -39.36
N 0V9 NN . -34.67 -31.39 -44.06
C3 0V9 NN . -36.75 -28.34 -38.41
C4 0V9 NN . -33.54 -32.63 -42.22
C5 0V9 NN . -33.46 -31.52 -43.27
C10 0V9 NN . -38.20 -31.26 -36.63
C11 0V9 NN . -39.39 -31.19 -35.73
C12 0V9 NN . -39.29 -30.11 -34.67
C13 0V9 NN . -38.17 -30.40 -33.68
C14 0V9 NN . -38.01 -29.26 -32.68
C15 0V9 NN . -36.86 -29.46 -31.71
C16 0V9 NN . -36.71 -28.31 -30.75
C17 0V9 NN . -35.46 -28.39 -29.88
C18 0V9 NN . -34.22 -28.06 -30.62
C19 0V9 NN . -32.98 -28.17 -30.11
C20 0V9 NN . -32.68 -28.64 -28.73
C21 0V9 NN . -31.19 -28.85 -28.50
C22 0V9 NN . -30.40 -27.56 -28.35
C23 0V9 NN . -30.69 -26.86 -27.04
C24 0V9 NN . -29.77 -25.68 -26.81
C25 0V9 NN . -28.36 -26.12 -26.47
C30 0V9 NN . -36.63 -26.32 -37.04
C31 0V9 NN . -36.90 -25.86 -35.64
C32 0V9 NN . -36.46 -24.44 -35.30
C33 0V9 NN . -36.98 -24.08 -33.91
C34 0V9 NN . -36.65 -22.67 -33.45
C35 0V9 NN . -37.39 -22.31 -32.17
C36 0V9 NN . -36.82 -21.10 -31.47
C37 0V9 NN . -37.70 -20.60 -30.34
C38 0V9 NN . -36.93 -20.43 -29.04
C39 0V9 NN . -37.74 -19.69 -27.99
C40 0V9 NN . -37.19 -19.72 -26.57
C41 0V9 NN . -35.79 -19.16 -26.38
C42 0V9 NN . -34.69 -20.19 -26.47
C43 0V9 NN . -33.35 -19.57 -26.77
O4 0V9 NN . -37.43 -32.21 -36.80
O5 0V9 NN . -36.27 -25.68 -38.04
O2 0V9 NN . -38.03 -30.10 -37.34
O3 0V9 NN . -36.85 -27.67 -37.14
O1P 0V9 NN . -33.31 -31.79 -39.34
O2P 0V9 NN . -34.36 -29.94 -40.70
O3P 0V9 NN . -35.78 -31.54 -39.39
O4P 0V9 NN . -34.56 -32.35 -41.32
P 0V9 NN . -34.48 -31.21 -40.20
C1 V7N ON . -33.39 -0.74 -22.08
C10 V7N ON . -32.16 -6.74 -30.55
C11 V7N ON . -31.76 -7.63 -31.57
C12 V7N ON . -32.15 -8.98 -31.57
C13 V7N ON . -31.82 -9.99 -32.51
C14 V7N ON . -32.33 -11.31 -32.31
C15 V7N ON . -32.06 -12.42 -33.12
C16 V7N ON . -32.27 -13.75 -32.67
C17 V7N ON . -31.97 -14.90 -33.43
C18 V7N ON . -32.08 -16.24 -32.98
C19 V7N ON . -31.69 -17.30 -33.84
C2 V7N ON . -33.87 -0.38 -23.51
C20 V7N ON . -31.70 -18.67 -33.58
C21 V7N ON . -31.27 -19.66 -34.51
C22 V7N ON . -31.30 -21.02 -34.31
C23 V7N ON . -30.80 -21.97 -35.36
C24 V7N ON . -29.36 -22.44 -35.16
C25 V7N ON . -28.81 -23.10 -36.36
C26 V7N ON . -28.94 -24.40 -36.71
C27 V7N ON . -28.36 -24.92 -37.98
C28 V7N ON . -27.10 -25.78 -37.94
C29 V7N ON . -26.76 -26.16 -39.34
C3 V7N ON . -32.90 -0.63 -24.60
C30 V7N ON . -34.62 -1.04 -21.23
C31 V7N ON . -32.44 -1.93 -22.10
C33 V7N ON . -31.13 -1.06 -27.05
C34 V7N ON . -30.82 -4.68 -31.18
C35 V7N ON . -30.97 -9.72 -33.68
C36 V7N ON . -32.59 -16.51 -31.62
C37 V7N ON . -31.82 -21.63 -33.07
C38 V7N ON . -29.67 -25.38 -35.86
C39 V7N ON . -25.53 -26.31 -39.84
C4 V7N ON . -33.13 -1.58 -25.58
C40 V7N ON . -25.31 -26.68 -41.26
C41 V7N ON . -31.40 0.63 -21.69
C43 V7N ON . -24.30 -26.12 -39.05
C5 V7N ON . -32.28 -1.91 -26.68
C6 V7N ON . -32.59 -3.05 -27.43
C7 V7N ON . -31.89 -3.57 -28.54
C8 V7N ON . -32.34 -4.73 -29.19
C9 V7N ON . -31.78 -5.40 -30.30
O32 V7N ON . -32.80 0.46 -21.56
O42 V7N ON . -30.19 -5.18 -32.12
O44 V7N ON . -26.39 -26.93 -42.00
O45 V7N ON . -24.22 -26.78 -41.84
C2 0V9 PN . -53.15 4.02 -26.79
C1 0V9 PN . -53.40 3.72 -25.30
N 0V9 PN . -59.20 3.10 -23.90
C3 0V9 PN . -52.57 5.42 -27.02
C4 0V9 PN . -57.02 4.27 -23.57
C5 0V9 PN . -58.44 4.30 -24.15
C10 0V9 PN . -53.02 1.91 -27.87
C11 0V9 PN . -52.35 1.25 -29.04
C12 0V9 PN . -51.24 0.26 -28.73
C13 0V9 PN . -49.84 0.81 -28.88
C14 0V9 PN . -48.85 -0.34 -29.01
C15 0V9 PN . -47.43 0.11 -29.33
C16 0V9 PN . -46.49 -1.03 -29.67
C17 0V9 PN . -45.06 -0.54 -29.86
C18 0V9 PN . -44.24 -1.41 -30.74
C19 0V9 PN . -43.59 -2.55 -30.41
C20 0V9 PN . -43.65 -3.25 -29.11
C21 0V9 PN . -43.73 -4.76 -29.30
C22 0V9 PN . -42.36 -5.42 -29.43
C23 0V9 PN . -42.50 -6.83 -29.98
C24 0V9 PN . -41.19 -7.59 -29.96
C25 0V9 PN . -41.27 -8.88 -30.73
C30 0V9 PN . -50.29 5.09 -27.68
C31 0V9 PN . -49.41 4.78 -28.84
C32 0V9 PN . -48.10 4.24 -28.32
C33 0V9 PN . -47.04 4.16 -29.41
C34 0V9 PN . -45.68 4.02 -28.77
C35 0V9 PN . -44.55 4.21 -29.76
C36 0V9 PN . -43.24 4.41 -29.04
C37 0V9 PN . -42.05 4.31 -29.97
C38 0V9 PN . -41.65 2.85 -30.14
C39 0V9 PN . -40.66 2.65 -31.28
C40 0V9 PN . -40.17 1.22 -31.30
C41 0V9 PN . -39.15 1.00 -32.38
C42 0V9 PN . -38.53 -0.38 -32.32
C43 0V9 PN . -39.50 -1.43 -32.79
O4 0V9 PN . -54.15 1.66 -27.45
O5 0V9 PN . -50.02 5.13 -26.48
O2 0V9 PN . -52.34 2.95 -27.31
O3 0V9 PN . -51.57 5.43 -28.04
O1P 0V9 PN . -56.10 4.64 -26.12
O2P 0V9 PN . -55.09 6.88 -25.51
O3P 0V9 PN . -54.11 4.73 -24.63
O4P 0V9 PN . -56.32 5.44 -23.87
P 0V9 PN . -55.34 5.58 -25.13
MG BCL QN . -39.87 -5.99 -24.97
CHA BCL QN . -37.52 -8.52 -24.98
CHB BCL QN . -38.68 -5.03 -28.02
CHC BCL QN . -41.55 -3.06 -24.65
CHD BCL QN . -40.42 -6.60 -21.59
NA BCL QN . -38.28 -6.69 -26.28
C1A BCL QN . -37.50 -7.83 -26.15
C2A BCL QN . -36.88 -8.23 -27.43
C3A BCL QN . -37.13 -7.02 -28.34
C4A BCL QN . -38.08 -6.17 -27.55
CMA BCL QN . -35.84 -6.24 -28.63
CAA BCL QN . -37.45 -9.57 -27.94
CBA BCL QN . -37.63 -9.83 -29.43
CGA BCL QN . -36.40 -9.70 -30.26
O1A BCL QN . -35.36 -9.26 -29.92
O2A BCL QN . -36.60 -10.15 -31.44
NB BCL QN . -40.07 -4.28 -26.12
C1B BCL QN . -39.53 -4.09 -27.39
C2B BCL QN . -39.97 -2.87 -27.93
C3B BCL QN . -40.82 -2.27 -26.99
C4B BCL QN . -40.85 -3.20 -25.86
CMB BCL QN . -39.53 -2.39 -29.30
CAB BCL QN . -41.55 -0.99 -26.99
OBB BCL QN . -42.53 -0.79 -26.28
CBB BCL QN . -41.13 0.16 -27.86
NC BCL QN . -40.83 -4.98 -23.35
C1C BCL QN . -41.50 -3.80 -23.45
C2C BCL QN . -42.26 -3.44 -22.23
C3C BCL QN . -41.96 -4.60 -21.28
C4C BCL QN . -40.97 -5.43 -22.06
CMC BCL QN . -41.87 -2.08 -21.66
CAC BCL QN . -43.20 -5.41 -20.81
CBC BCL QN . -43.97 -4.71 -19.73
ND BCL QN . -39.15 -7.25 -23.56
C1D BCL QN . -39.46 -7.43 -22.21
C2D BCL QN . -38.70 -8.48 -21.65
C3D BCL QN . -37.90 -8.96 -22.68
C4D BCL QN . -38.21 -8.20 -23.81
CMD BCL QN . -38.78 -8.95 -20.21
CAD BCL QN . -37.02 -9.98 -23.10
OBD BCL QN . -36.51 -10.92 -22.46
CBD BCL QN . -36.71 -9.77 -24.59
CGD BCL QN . -35.26 -9.68 -24.86
O1D BCL QN . -34.53 -8.80 -24.45
O2D BCL QN . -34.79 -10.66 -25.58
CED BCL QN . -33.37 -10.65 -25.91
C1 BCL QN . -35.80 -9.80 -32.58
C2 BCL QN . -36.54 -8.60 -33.09
C3 BCL QN . -36.25 -7.35 -32.90
C4 BCL QN . -35.06 -6.83 -32.15
C5 BCL QN . -37.17 -6.24 -33.37
C6 BCL QN . -38.41 -6.09 -32.52
C7 BCL QN . -39.69 -6.09 -33.36
C8 BCL QN . -39.74 -4.96 -34.39
C9 BCL QN . -41.10 -4.25 -34.28
C10 BCL QN . -39.56 -5.46 -35.84
C11 BCL QN . -39.23 -4.36 -36.84
C12 BCL QN . -37.74 -4.19 -37.19
C13 BCL QN . -36.79 -3.84 -36.02
C14 BCL QN . -37.16 -2.54 -35.31
C15 BCL QN . -35.35 -3.75 -36.52
C16 BCL QN . -34.35 -3.49 -35.39
C17 BCL QN . -32.90 -3.92 -35.66
C18 BCL QN . -32.58 -5.28 -35.06
C19 BCL QN . -31.12 -5.54 -35.44
C20 BCL QN . -33.42 -6.47 -35.54
C1B LMT RN . -53.24 8.85 -29.30
C2B LMT RN . -53.57 10.37 -29.33
C3B LMT RN . -52.46 11.22 -28.65
C4B LMT RN . -52.11 10.63 -27.26
C5B LMT RN . -51.80 9.15 -27.44
C6B LMT RN . -51.41 8.55 -26.09
O1B LMT RN . -52.23 8.52 -30.21
O2B LMT RN . -53.71 10.73 -30.65
O3B LMT RN . -52.81 12.54 -28.59
O4' LMT RN . -51.01 11.28 -26.74
O5B LMT RN . -52.88 8.44 -28.00
O6B LMT RN . -52.53 8.34 -25.31
C1' LMT RN . -50.92 5.77 -32.70
C2' LMT RN . -51.18 7.05 -33.48
C3' LMT RN . -51.52 8.18 -32.46
C4' LMT RN . -52.57 7.77 -31.38
C5' LMT RN . -52.48 6.23 -31.06
C6' LMT RN . -53.72 5.67 -30.43
O1' LMT RN . -50.46 4.74 -33.48
O2' LMT RN . -50.04 7.38 -34.17
O3' LMT RN . -51.94 9.31 -33.11
O5' LMT RN . -52.18 5.42 -32.17
O6' LMT RN . -53.58 4.31 -30.45
C1 LMT RN . -49.81 3.71 -32.75
C2 LMT RN . -49.36 2.64 -33.71
C3 LMT RN . -48.46 1.58 -33.13
C4 LMT RN . -47.94 0.65 -34.21
C5 LMT RN . -47.14 -0.47 -33.60
C6 LMT RN . -46.62 -1.46 -34.61
C7 LMT RN . -45.93 -2.61 -33.91
C8 LMT RN . -45.60 -3.72 -34.87
C9 LMT RN . -44.48 -3.40 -35.83
C10 LMT RN . -44.18 -4.66 -36.62
C11 LMT RN . -42.97 -4.48 -37.50
C12 LMT RN . -42.64 -5.71 -38.27
C1 V7N SN . -27.44 12.06 -27.15
C10 V7N SN . -25.51 7.64 -36.38
C11 V7N SN . -25.10 6.98 -37.55
C12 V7N SN . -25.77 5.83 -37.99
C13 V7N SN . -25.46 5.03 -39.10
C14 V7N SN . -26.21 3.84 -39.28
C15 V7N SN . -26.00 2.88 -40.29
C16 V7N SN . -26.62 1.62 -40.26
C17 V7N SN . -26.39 0.63 -41.22
C18 V7N SN . -26.83 -0.71 -41.13
C19 V7N SN . -26.49 -1.60 -42.16
C2 V7N SN . -27.90 12.50 -28.56
C20 V7N SN . -26.98 -2.89 -42.36
C21 V7N SN . -26.53 -3.71 -43.42
C22 V7N SN . -26.95 -5.01 -43.68
C23 V7N SN . -26.37 -5.77 -44.81
C24 V7N SN . -24.86 -5.87 -44.65
C25 V7N SN . -24.13 -6.54 -45.74
C26 V7N SN . -23.89 -7.87 -45.84
C27 V7N SN . -23.11 -8.42 -46.98
C28 V7N SN . -23.69 -9.67 -47.62
C29 V7N SN . -23.05 -9.97 -48.93
C3 V7N SN . -26.90 12.59 -29.64
C30 V7N SN . -26.37 10.98 -27.22
C31 V7N SN . -26.91 13.25 -26.36
C33 V7N SN . -24.61 12.45 -31.72
C34 V7N SN . -23.99 9.65 -36.45
C35 V7N SN . -24.37 5.35 -40.06
C36 V7N SN . -27.63 -1.13 -39.96
C37 V7N SN . -27.97 -5.68 -42.85
C38 V7N SN . -24.39 -8.84 -44.83
C39 V7N SN . -21.77 -10.35 -49.13
C4 V7N SN . -26.62 11.54 -30.48
C40 V7N SN . -21.28 -10.59 -50.50
C41 V7N SN . -29.63 12.42 -26.17
C43 V7N SN . -20.76 -10.59 -48.08
C5 V7N SN . -25.71 11.49 -31.58
C6 V7N SN . -25.91 10.47 -32.52
C7 V7N SN . -25.17 10.21 -33.69
C8 V7N SN . -25.63 9.24 -34.59
C9 V7N SN . -25.05 8.84 -35.80
O32 V7N SN . -28.61 11.51 -26.54
O42 V7N SN . -23.54 9.50 -37.59
O44 V7N SN . -19.98 -10.88 -50.62
O45 V7N SN . -21.93 -10.56 -51.56
C2 0V9 TN . -43.69 22.69 -33.48
C1 0V9 TN . -45.01 21.92 -33.33
N 0V9 TN . -47.16 24.12 -30.29
C3 0V9 TN . -42.75 22.46 -32.30
C4 0V9 TN . -45.95 25.73 -31.74
C5 0V9 TN . -45.89 24.74 -30.57
C10 0V9 TN . -42.55 20.98 -34.86
C11 0V9 TN . -41.58 20.87 -36.00
C12 0V9 TN . -40.56 19.81 -35.61
C13 0V9 TN . -39.37 19.74 -36.54
C14 0V9 TN . -38.45 18.62 -36.12
C15 0V9 TN . -37.19 18.54 -36.95
C16 0V9 TN . -36.77 17.14 -37.37
C17 0V9 TN . -36.34 16.33 -36.17
C18 0V9 TN . -35.17 15.46 -36.52
C19 0V9 TN . -35.19 14.17 -36.90
C20 0V9 TN . -36.38 13.30 -36.94
C21 0V9 TN . -36.24 12.17 -35.93
C22 0V9 TN . -35.06 11.27 -36.23
C23 0V9 TN . -35.25 10.45 -37.49
C24 0V9 TN . -34.25 9.32 -37.57
C25 0V9 TN . -34.48 8.44 -38.77
C30 0V9 TN . -41.01 24.06 -32.99
C31 0V9 TN . -39.55 24.12 -33.33
C32 0V9 TN . -39.13 23.08 -34.36
C33 0V9 TN . -38.28 21.94 -33.84
C34 0V9 TN . -36.83 22.34 -33.64
C35 0V9 TN . -35.84 21.20 -33.80
C36 0V9 TN . -34.43 21.74 -33.65
C37 0V9 TN . -33.30 20.73 -33.73
C38 0V9 TN . -33.28 19.98 -35.06
C39 0V9 TN . -31.97 19.23 -35.25
C40 0V9 TN . -31.99 18.41 -36.51
C41 0V9 TN . -30.84 17.43 -36.60
C42 0V9 TN . -30.84 16.72 -37.94
C43 0V9 TN . -29.88 15.55 -37.97
O4 0V9 TN . -42.86 20.07 -34.10
O5 0V9 TN . -41.81 24.98 -32.86
O2 0V9 TN . -43.09 22.24 -34.71
O3 0V9 TN . -41.39 22.77 -32.68
O1P 0V9 TN . -48.04 24.21 -32.82
O2P 0V9 TN . -46.74 23.87 -34.95
O3P 0V9 TN . -46.08 22.68 -32.84
O4P 0V9 TN . -45.82 25.13 -33.01
P 0V9 TN . -46.71 23.92 -33.57
C1B LMT UN . -27.09 -6.54 -54.96
C2B LMT UN . -26.45 -5.50 -55.92
C3B LMT UN . -26.54 -5.96 -57.38
C4B LMT UN . -26.00 -7.40 -57.54
C5B LMT UN . -26.74 -8.28 -56.51
C6B LMT UN . -26.27 -9.72 -56.63
O1B LMT UN . -28.49 -6.55 -55.10
O2B LMT UN . -27.07 -4.30 -55.75
O3B LMT UN . -25.92 -5.07 -58.23
O4' LMT UN . -26.24 -7.87 -58.81
O5B LMT UN . -26.57 -7.81 -55.19
O6B LMT UN . -26.82 -10.49 -55.62
C1' LMT UN . -31.93 -5.23 -53.26
C2' LMT UN . -30.69 -4.35 -53.02
C3' LMT UN . -29.55 -4.74 -53.97
C4' LMT UN . -29.27 -6.25 -53.96
C5' LMT UN . -30.64 -6.97 -54.08
C6' LMT UN . -30.53 -8.48 -54.11
O1' LMT UN . -32.88 -4.87 -52.34
O2' LMT UN . -31.02 -3.05 -53.25
O3' LMT UN . -28.43 -4.05 -53.64
O5' LMT UN . -31.55 -6.58 -53.06
O6' LMT UN . -31.81 -8.97 -54.07
C1 LMT UN . -34.07 -5.61 -52.31
C2 LMT UN . -34.26 -6.06 -50.88
C3 LMT UN . -34.46 -4.99 -49.84
C4 LMT UN . -33.54 -5.27 -48.66
C5 LMT UN . -33.79 -4.31 -47.52
C6 LMT UN . -34.83 -4.80 -46.58
C7 LMT UN . -34.91 -3.99 -45.30
C8 LMT UN . -33.63 -4.09 -44.51
C9 LMT UN . -33.80 -3.71 -43.06
C10 LMT UN . -32.47 -3.81 -42.37
C11 LMT UN . -32.61 -3.64 -40.88
C12 LMT UN . -31.32 -3.85 -40.16
MG BCL VN . -33.88 9.54 -32.12
CHA BCL VN . -32.20 6.57 -32.50
CHB BCL VN . -31.89 10.86 -34.56
CHC BCL VN . -34.99 12.63 -31.30
CHD BCL VN . -35.21 8.35 -29.12
NA BCL VN . -32.24 8.79 -33.33
C1A BCL VN . -31.78 7.49 -33.41
C2A BCL VN . -31.08 7.24 -34.69
C3A BCL VN . -30.71 8.67 -35.13
C4A BCL VN . -31.66 9.51 -34.35
CMA BCL VN . -29.26 9.02 -34.80
CAA BCL VN . -31.99 6.52 -35.70
CBA BCL VN . -31.24 5.53 -36.57
CGA BCL VN . -30.03 6.05 -37.26
O1A BCL VN . -28.95 5.60 -37.14
O2A BCL VN . -30.26 7.10 -38.03
NB BCL VN . -33.48 11.46 -32.78
C1B BCL VN . -32.65 11.80 -33.86
C2B BCL VN . -32.71 13.17 -34.10
C3B BCL VN . -33.62 13.73 -33.17
C4B BCL VN . -34.08 12.61 -32.37
CMB BCL VN . -31.91 13.83 -35.23
CAB BCL VN . -34.04 15.11 -32.96
OBB BCL VN . -35.11 15.38 -32.40
CBB BCL VN . -33.21 16.30 -33.38
NC BCL VN . -34.92 10.37 -30.43
C1C BCL VN . -35.36 11.65 -30.37
C2C BCL VN . -36.28 11.90 -29.22
C3C BCL VN . -36.39 10.52 -28.56
C4C BCL VN . -35.45 9.67 -29.37
CMC BCL VN . -35.78 12.97 -28.28
CAC BCL VN . -37.82 9.93 -28.50
CBC BCL VN . -38.65 10.52 -27.39
ND BCL VN . -33.74 7.87 -31.01
C1D BCL VN . -34.35 7.45 -29.82
C2D BCL VN . -33.99 6.14 -29.49
C3D BCL VN . -33.14 5.72 -30.50
C4D BCL VN . -33.02 6.77 -31.39
CMD BCL VN . -34.48 5.39 -28.27
CAD BCL VN . -32.45 4.62 -31.06
OBD BCL VN . -32.30 3.46 -30.65
CBD BCL VN . -31.80 5.10 -32.39
CGD BCL VN . -30.35 4.85 -32.38
O1D BCL VN . -29.50 5.63 -32.00
O2D BCL VN . -30.01 3.65 -32.83
CED BCL VN . -28.60 3.38 -32.95
C1 BCL VN . -29.11 7.63 -38.73
C2 BCL VN . -29.28 9.15 -38.81
C3 BCL VN . -30.16 9.77 -39.56
C4 BCL VN . -31.16 9.09 -40.47
C5 BCL VN . -30.25 11.30 -39.59
C6 BCL VN . -29.73 11.94 -40.88
C7 BCL VN . -30.85 12.49 -41.77
C8 BCL VN . -30.38 13.03 -43.12
C9 BCL VN . -31.34 14.10 -43.66
C10 BCL VN . -30.25 11.89 -44.15
C11 BCL VN . -29.59 12.25 -45.48
C12 BCL VN . -30.17 11.55 -46.73
C13 BCL VN . -29.62 10.17 -47.15
C14 BCL VN . -30.37 9.59 -48.36
C15 BCL VN . -29.63 9.10 -46.02
C16 BCL VN . -28.31 8.91 -45.27
C17 BCL VN . -28.32 7.88 -44.14
C18 BCL VN . -27.09 7.91 -43.25
C19 BCL VN . -25.86 7.71 -44.17
C20 BCL VN . -27.10 6.85 -42.14
C1 V7N WN . -17.42 23.31 -27.38
C10 V7N WN . -15.00 20.77 -37.12
C11 V7N WN . -14.53 20.23 -38.33
C12 V7N WN . -15.41 19.60 -39.21
C13 V7N WN . -15.06 18.96 -40.42
C14 V7N WN . -16.01 18.07 -40.99
C15 V7N WN . -15.81 17.33 -42.16
C16 V7N WN . -16.67 16.29 -42.56
C17 V7N WN . -16.46 15.52 -43.70
C18 V7N WN . -17.14 14.33 -44.04
C19 V7N WN . -16.79 13.66 -45.24
C2 V7N WN . -17.23 24.27 -28.57
C20 V7N WN . -17.37 12.51 -45.75
C21 V7N WN . -16.92 11.91 -46.96
C22 V7N WN . -17.45 10.75 -47.50
C23 V7N WN . -16.91 10.20 -48.77
C24 V7N WN . -15.84 9.13 -48.53
C25 V7N WN . -15.25 8.64 -49.80
C26 V7N WN . -15.81 7.78 -50.67
C27 V7N WN . -15.10 7.39 -51.93
C28 V7N WN . -14.20 6.17 -51.81
C29 V7N WN . -13.36 6.06 -53.02
C3 V7N WN . -16.01 24.16 -29.40
C30 V7N WN . -16.99 21.89 -27.74
C31 V7N WN . -16.66 23.78 -26.15
C33 V7N WN . -13.56 23.73 -31.21
C34 V7N WN . -12.75 21.39 -36.26
C35 V7N WN . -13.75 19.14 -41.08
C36 V7N WN . -18.21 13.83 -43.15
C37 V7N WN . -18.57 10.02 -46.86
C38 V7N WN . -17.15 7.17 -50.48
C39 V7N WN . -12.15 5.45 -53.07
C4 V7N WN . -16.01 23.47 -30.58
C40 V7N WN . -11.38 5.40 -54.33
C41 V7N WN . -19.33 22.64 -26.05
C43 V7N WN . -11.52 4.83 -51.89
C5 V7N WN . -14.94 23.29 -31.50
C6 V7N WN . -15.25 22.67 -32.73
C7 V7N WN . -14.38 22.39 -33.79
C8 V7N WN . -14.88 21.72 -34.91
C9 V7N WN . -14.22 21.30 -36.08
O32 V7N WN . -18.84 23.36 -27.16
O42 V7N WN . -11.93 21.57 -35.36
O44 V7N WN . -11.92 6.01 -55.39
O45 V7N WN . -10.29 4.84 -54.51
C2 0V9 XN . -29.42 39.22 -32.46
C1 0V9 XN . -30.83 38.89 -31.97
N 0V9 XN . -36.38 41.85 -29.99
C3 0V9 XN . -28.48 39.26 -31.26
C4 0V9 XN . -34.70 40.30 -30.94
C5 0V9 XN . -35.58 41.54 -31.14
C10 0V9 XN . -29.56 38.17 -34.66
C11 0V9 XN . -28.59 37.72 -35.71
C12 0V9 XN . -28.44 36.22 -35.90
C13 0V9 XN . -27.14 35.70 -35.30
C14 0V9 XN . -26.77 34.35 -35.89
C15 0V9 XN . -25.49 33.82 -35.30
C16 0V9 XN . -24.73 32.89 -36.22
C17 0V9 XN . -23.32 32.67 -35.68
C18 0V9 XN . -22.41 31.97 -36.63
C19 0V9 XN . -22.40 30.65 -36.88
C20 0V9 XN . -23.34 29.67 -36.28
C21 0V9 XN . -23.96 28.77 -37.33
C22 0V9 XN . -23.01 27.65 -37.74
C23 0V9 XN . -23.65 26.75 -38.75
C24 0V9 XN . -22.82 25.50 -38.97
C25 0V9 XN . -23.50 24.56 -39.94
C30 0V9 XN . -26.32 39.66 -32.33
C31 0V9 XN . -24.95 39.07 -32.45
C32 0V9 XN . -24.92 37.84 -33.34
C33 0V9 XN . -23.52 37.28 -33.46
C34 0V9 XN . -23.10 36.54 -32.21
C35 0V9 XN . -21.60 36.32 -32.12
C36 0V9 XN . -21.14 35.25 -33.07
C37 0V9 XN . -19.72 34.77 -32.79
C38 0V9 XN . -19.30 33.93 -33.97
C39 0V9 XN . -18.04 33.10 -33.81
C40 0V9 XN . -17.79 32.47 -35.17
C41 0V9 XN . -16.91 31.25 -35.18
C42 0V9 XN . -16.74 30.79 -36.61
C43 0V9 XN . -16.05 29.46 -36.72
O4 0V9 XN . -30.71 38.55 -34.87
O5 0V9 XN . -26.74 40.76 -32.71
O2 0V9 XN . -29.05 38.17 -33.38
O3 0V9 XN . -27.15 38.85 -31.59
O1P 0V9 XN . -32.15 40.81 -33.63
O2P 0V9 XN . -32.55 42.27 -31.62
O3P 0V9 XN . -31.45 40.01 -31.39
O4P 0V9 XN . -33.78 40.13 -31.99
P 0V9 XN . -32.44 41.00 -32.11
MG BCL YN . -23.09 23.99 -33.78
CHA BCL YN . -22.07 20.81 -34.61
CHB BCL YN . -20.36 25.19 -35.46
CHC BCL YN . -23.58 27.03 -32.35
CHD BCL YN . -25.34 22.63 -31.49
NA BCL YN . -21.43 23.08 -34.86
C1A BCL YN . -21.27 21.75 -35.19
C2A BCL YN . -20.37 21.59 -36.37
C3A BCL YN . -19.63 22.93 -36.41
C4A BCL YN . -20.49 23.81 -35.55
CMA BCL YN . -18.22 22.83 -35.85
CAA BCL YN . -21.17 21.30 -37.64
CBA BCL YN . -20.39 20.76 -38.84
CGA BCL YN . -19.78 21.76 -39.76
O1A BCL YN . -18.63 21.88 -39.95
O2A BCL YN . -20.72 22.49 -40.34
NB BCL YN . -22.12 25.83 -33.87
C1B BCL YN . -21.00 26.12 -34.64
C2B BCL YN . -20.64 27.46 -34.48
C3B BCL YN . -21.55 28.05 -33.57
C4B BCL YN . -22.47 26.97 -33.22
CMB BCL YN . -19.45 28.06 -35.22
CAB BCL YN . -21.64 29.41 -33.02
OBB BCL YN . -22.67 29.84 -32.48
CBB BCL YN . -20.48 30.39 -33.06
NC BCL YN . -24.27 24.71 -32.15
C1C BCL YN . -24.37 26.02 -31.77
C2C BCL YN . -25.44 26.28 -30.78
C3C BCL YN . -26.05 24.88 -30.57
C4C BCL YN . -25.16 23.99 -31.39
CMC BCL YN . -24.94 26.90 -29.49
CAC BCL YN . -27.55 24.77 -30.96
CBC BCL YN . -28.47 25.32 -29.89
ND BCL YN . -23.58 22.15 -33.12
C1D BCL YN . -24.57 21.69 -32.24
C2D BCL YN . -24.64 20.29 -32.24
C3D BCL YN . -23.68 19.87 -33.16
C4D BCL YN . -23.08 21.00 -33.66
CMD BCL YN . -25.58 19.47 -31.40
CAD BCL YN . -23.12 18.76 -33.84
OBD BCL YN . -23.36 17.55 -33.74
CBD BCL YN . -22.06 19.30 -34.83
CGD BCL YN . -20.75 18.65 -34.64
O1D BCL YN . -19.95 18.96 -33.77
O2D BCL YN . -20.48 17.70 -35.50
CED BCL YN . -19.18 17.06 -35.38
C1 BCL YN . -20.36 23.57 -41.26
C2 BCL YN . -19.82 24.69 -40.40
C3 BCL YN . -19.37 25.85 -40.83
C4 BCL YN . -19.37 26.31 -42.27
C5 BCL YN . -18.76 26.85 -39.85
C6 BCL YN . -17.59 26.28 -39.02
C7 BCL YN . -16.42 25.82 -39.90
C8 BCL YN . -16.47 24.34 -40.31
C9 BCL YN . -15.54 23.48 -39.45
C10 BCL YN . -16.12 24.19 -41.81
C11 BCL YN . -15.82 22.78 -42.36
C12 BCL YN . -15.37 22.76 -43.83
C13 BCL YN . -13.85 22.87 -44.13
C14 BCL YN . -13.05 21.72 -43.51
C15 BCL YN . -13.22 24.23 -43.70
C16 BCL YN . -12.69 24.31 -42.26
C17 BCL YN . -12.64 25.74 -41.70
C18 BCL YN . -12.60 25.76 -40.18
C19 BCL YN . -12.65 27.24 -39.77
C20 BCL YN . -11.39 25.08 -39.55
C1B LMT ZN . -38.02 35.94 -34.16
C2B LMT ZN . -38.94 37.13 -33.85
C3B LMT ZN . -38.44 37.89 -32.61
C4B LMT ZN . -38.23 36.93 -31.41
C5B LMT ZN . -37.39 35.73 -31.88
C6B LMT ZN . -37.29 34.71 -30.75
O1B LMT ZN . -36.77 36.40 -34.62
O2B LMT ZN . -38.95 37.95 -34.95
O3B LMT ZN . -39.27 38.94 -32.30
O4' LMT ZN . -37.58 37.57 -30.39
O5B LMT ZN . -37.88 35.10 -33.05
O6B LMT ZN . -37.17 33.44 -31.25
C1' LMT ZN . -33.86 35.25 -37.36
C2' LMT ZN . -35.14 34.41 -37.40
C3' LMT ZN . -36.30 35.06 -36.59
C4' LMT ZN . -35.84 35.49 -35.18
C5' LMT ZN . -34.51 36.27 -35.37
C6' LMT ZN . -33.95 36.82 -34.09
O1' LMT ZN . -32.82 34.52 -37.89
O2' LMT ZN . -35.55 34.28 -38.72
O3' LMT ZN . -37.33 34.17 -36.51
O5' LMT ZN . -33.54 35.48 -36.00
O6' LMT ZN . -33.69 35.73 -33.30
C1 LMT ZN . -31.69 35.24 -38.33
C2 LMT ZN . -31.94 35.60 -39.77
C3 LMT ZN . -31.95 34.50 -40.79
C4 LMT ZN . -30.52 34.20 -41.21
C5 LMT ZN . -30.41 32.90 -41.96
C6 LMT ZN . -29.01 32.63 -42.45
C7 LMT ZN . -28.86 31.23 -42.98
C8 LMT ZN . -28.82 30.23 -41.87
C9 LMT ZN . -27.97 29.01 -42.14
C10 LMT ZN . -26.51 29.40 -42.09
C11 LMT ZN . -25.64 28.24 -42.47
C12 LMT ZN . -24.20 28.64 -42.60
C1 V7N AO . -4.97 30.81 -22.83
C10 V7N AO . -1.21 30.31 -32.17
C11 V7N AO . -0.60 30.02 -33.41
C12 V7N AO . -1.35 29.54 -34.50
C13 V7N AO . -0.87 29.17 -35.78
C14 V7N AO . -1.81 28.66 -36.72
C15 V7N AO . -1.51 28.19 -38.00
C16 V7N AO . -2.47 27.55 -38.81
C17 V7N AO . -2.18 27.01 -40.08
C18 V7N AO . -3.03 26.15 -40.81
C19 V7N AO . -2.58 25.65 -42.06
C2 V7N AO . -4.54 31.91 -23.81
C20 V7N AO . -3.33 24.96 -43.02
C21 V7N AO . -2.75 24.52 -44.23
C22 V7N AO . -3.45 24.14 -45.37
C23 V7N AO . -2.71 23.70 -46.59
C24 V7N AO . -3.22 22.42 -47.25
C25 V7N AO . -2.26 21.95 -48.29
C26 V7N AO . -1.09 21.30 -48.08
C27 V7N AO . -0.21 20.93 -49.22
C28 V7N AO . -0.41 19.52 -49.77
C29 V7N AO . 0.55 19.26 -50.87
C3 V7N AO . -3.74 31.46 -24.97
C30 V7N AO . -5.47 29.60 -23.62
C31 V7N AO . -3.80 30.37 -21.95
C33 V7N AO . -0.06 30.96 -25.72
C34 V7N AO . 0.86 30.76 -30.80
C35 V7N AO . 0.54 29.31 -36.17
C36 V7N AO . -4.35 25.78 -40.26
C37 V7N AO . -4.92 24.14 -45.43
C38 V7N AO . -0.60 20.93 -46.73
C39 V7N AO . 0.31 19.50 -52.18
C4 V7N AO . -2.38 31.63 -25.02
C40 V7N AO . 1.33 19.22 -53.21
C41 V7N AO . -7.23 31.68 -22.71
C43 V7N AO . -0.97 20.04 -52.69
C5 V7N AO . -1.46 31.26 -26.05
C6 V7N AO . -1.87 31.20 -27.40
C7 V7N AO . -1.02 30.88 -28.47
C8 V7N AO . -1.43 30.91 -29.82
C9 V7N AO . -0.61 30.65 -30.93
O32 V7N AO . -6.02 31.38 -22.04
O42 V7N AO . 1.69 30.76 -31.71
O44 V7N AO . 2.47 18.65 -52.79
O45 V7N AO . 1.24 19.45 -54.43
C1B LMT BO . 0.83 26.34 -55.48
C2B LMT BO . 2.21 27.01 -55.75
C3B LMT BO . 2.46 27.14 -57.26
C4B LMT BO . 2.25 25.79 -57.97
C5B LMT BO . 0.87 25.26 -57.57
C6B LMT BO . 0.60 23.92 -58.24
O1B LMT BO . -0.20 27.21 -55.85
O2B LMT BO . 2.22 28.23 -55.13
O3B LMT BO . 3.70 27.67 -57.52
O4' LMT BO . 2.31 25.95 -59.34
O5B LMT BO . 0.72 25.13 -56.17
O6B LMT BO . -0.61 23.41 -57.84
C1' LMT BO . -3.22 29.53 -54.18
C2' LMT BO . -1.89 29.50 -53.39
C3' LMT BO . -0.75 28.89 -54.24
C4' LMT BO . -1.16 27.55 -54.87
C5' LMT BO . -2.52 27.81 -55.58
C6' LMT BO . -3.03 26.63 -56.36
O1' LMT BO . -4.22 29.88 -53.32
O2' LMT BO . -1.55 30.78 -53.07
O3' LMT BO . 0.36 28.70 -53.45
O5' LMT BO . -3.49 28.22 -54.65
O6' LMT BO . -4.23 27.01 -56.91
C1 LMT BO . -5.50 30.12 -53.89
C2 LMT BO . -6.30 30.84 -52.83
C3 LMT BO . -6.58 30.10 -51.56
C4 LMT BO . -7.14 31.07 -50.54
C5 LMT BO . -7.19 30.46 -49.16
C6 LMT BO . -7.82 29.09 -49.13
C7 LMT BO . -7.75 28.48 -47.75
C8 LMT BO . -8.74 29.13 -46.82
C9 LMT BO . -8.56 28.75 -45.37
C10 LMT BO . -9.20 27.40 -45.14
C11 LMT BO . -9.03 26.94 -43.72
C12 LMT BO . -7.63 26.48 -43.46
MG BCL CO . -9.18 34.65 -29.52
CHA BCL CO . -8.82 31.62 -31.13
CHB BCL CO . -5.92 35.32 -30.28
CHC BCL CO . -9.24 37.21 -27.30
CHD BCL CO . -12.15 33.46 -28.08
NA BCL CO . -7.61 33.57 -30.54
C1A BCL CO . -7.70 32.39 -31.25
C2A BCL CO . -6.60 32.25 -32.24
C3A BCL CO . -5.56 33.25 -31.71
C4A BCL CO . -6.37 34.13 -30.81
CMA BCL CO . -4.44 32.56 -30.94
CAA BCL CO . -7.09 32.57 -33.65
CBA BCL CO . -6.36 31.80 -34.76
CGA BCL CO . -4.88 31.88 -34.70
O1A BCL CO . -4.16 30.97 -34.51
O2A BCL CO . -4.43 33.10 -34.85
NB BCL CO . -7.80 36.03 -28.85
C1B BCL CO . -6.51 36.19 -29.35
C2B BCL CO . -5.92 37.35 -28.81
C3B BCL CO . -6.85 37.93 -27.94
C4B BCL CO . -8.02 37.06 -28.00
CMB BCL CO . -4.51 37.79 -29.19
CAB BCL CO . -6.78 39.12 -27.09
OBB BCL CO . -7.79 39.74 -26.72
CBB BCL CO . -5.47 39.68 -26.58
NC BCL CO . -10.50 35.24 -27.94
C1C BCL CO . -10.33 36.34 -27.14
C2C BCL CO . -11.50 36.65 -26.29
C3C BCL CO . -12.44 35.46 -26.55
C4C BCL CO . -11.65 34.61 -27.51
CMC BCL CO . -11.14 36.82 -24.82
CAC BCL CO . -13.82 35.87 -27.11
CBC BCL CO . -14.72 36.48 -26.07
ND BCL CO . -10.27 32.93 -29.54
C1D BCL CO . -11.48 32.57 -28.97
C2D BCL CO . -11.87 31.27 -29.37
C3D BCL CO . -10.87 30.84 -30.23
C4D BCL CO . -9.93 31.86 -30.31
CMD BCL CO . -13.11 30.56 -28.91
CAD BCL CO . -10.44 29.81 -31.09
OBD BCL CO . -10.94 28.70 -31.34
CBD BCL CO . -9.11 30.27 -31.77
CGD BCL CO . -8.06 29.27 -31.58
O1D BCL CO . -7.27 29.23 -30.65
O2D BCL CO . -8.00 28.35 -32.53
CED BCL CO . -6.88 27.43 -32.48
C1 BCL CO . -2.98 33.28 -34.75
C2 BCL CO . -2.72 34.66 -35.30
C3 BCL CO . -2.63 35.80 -34.67
C4 BCL CO . -2.73 35.98 -33.15
C5 BCL CO . -2.46 37.10 -35.44
C6 BCL CO . -1.08 37.74 -35.34
C7 BCL CO . -0.98 39.03 -36.16
C8 BCL CO . 0.41 39.65 -36.17
C9 BCL CO . 0.33 41.17 -35.98
C10 BCL CO . 1.17 39.32 -37.48
C11 BCL CO . 1.49 37.86 -37.77
C12 BCL CO . 0.46 37.14 -38.67
C13 BCL CO . 0.91 35.74 -39.14
C14 BCL CO . 0.06 35.23 -40.30
C15 BCL CO . 0.78 34.72 -37.98
C16 BCL CO . 1.51 33.39 -38.25
C17 BCL CO . 3.00 33.56 -38.57
C18 BCL CO . 3.84 32.27 -38.57
C19 BCL CO . 3.82 31.73 -37.12
C20 BCL CO . 5.28 32.49 -39.05
C2 0V9 DO . -10.50 50.72 -24.20
C1 0V9 DO . -11.93 51.09 -23.77
N 0V9 DO . -14.68 52.94 -22.62
C3 0V9 DO . -9.97 49.54 -23.37
C4 0V9 DO . -15.42 52.55 -24.97
C5 0V9 DO . -15.25 51.99 -23.55
C10 0V9 DO . -11.05 49.23 -26.12
C11 0V9 DO . -10.44 48.89 -27.45
C12 0V9 DO . -8.97 48.64 -27.28
C13 0V9 DO . -8.30 47.80 -28.35
C14 0V9 DO . -8.60 46.33 -28.15
C15 0V9 DO . -7.58 45.43 -28.82
C16 0V9 DO . -7.72 43.98 -28.38
C17 0V9 DO . -6.82 43.04 -29.18
C18 0V9 DO . -7.27 42.92 -30.58
C19 0V9 DO . -7.81 41.82 -31.15
C20 0V9 DO . -8.08 40.54 -30.48
C21 0V9 DO . -7.34 39.38 -31.13
C22 0V9 DO . -7.76 39.16 -32.57
C23 0V9 DO . -7.19 37.87 -33.12
C24 0V9 DO . -7.54 37.67 -34.58
C25 0V9 DO . -7.13 36.31 -35.08
C30 0V9 DO . -7.65 49.50 -24.14
C31 0V9 DO . -6.65 48.57 -24.75
C32 0V9 DO . -6.98 47.12 -24.44
C33 0V9 DO . -5.82 46.20 -24.79
C34 0V9 DO . -5.89 44.93 -23.99
C35 0V9 DO . -5.15 43.78 -24.63
C36 0V9 DO . -3.70 43.71 -24.18
C37 0V9 DO . -3.01 42.45 -24.66
C38 0V9 DO . -2.86 42.39 -26.17
C39 0V9 DO . -2.16 41.12 -26.59
C40 0V9 DO . -1.89 41.11 -28.08
C41 0V9 DO . -1.29 39.79 -28.52
C42 0V9 DO . -0.56 39.94 -29.84
C43 0V9 DO . -0.38 38.61 -30.53
O4 0V9 DO . -11.83 48.54 -25.46
O5 0V9 DO . -7.48 50.64 -23.70
O2 0V9 DO . -10.59 50.43 -25.62
O3 0V9 DO . -8.88 48.90 -24.02
O1P 0V9 DO . -13.28 51.26 -26.36
O2P 0V9 DO . -12.04 53.45 -26.50
O3P 0V9 DO . -12.36 52.32 -24.27
O4P 0V9 DO . -14.30 53.24 -25.49
P 0V9 DO . -12.84 52.63 -25.75
C1 V7N EO . 7.18 33.92 -13.94
C10 V7N EO . 12.65 34.50 -22.76
C11 V7N EO . 13.42 34.44 -23.92
C12 V7N EO . 12.80 34.29 -25.17
C13 V7N EO . 13.41 34.17 -26.45
C14 V7N EO . 12.60 34.23 -27.61
C15 V7N EO . 13.07 34.06 -28.91
C16 V7N EO . 12.22 33.88 -30.02
C17 V7N EO . 12.68 33.65 -31.32
C18 V7N EO . 11.87 33.33 -32.44
C19 V7N EO . 12.49 33.08 -33.69
C2 V7N EO . 8.08 35.10 -14.38
C20 V7N EO . 11.85 32.71 -34.87
C21 V7N EO . 12.56 32.44 -36.08
C22 V7N EO . 11.98 32.14 -37.29
C23 V7N EO . 12.81 31.87 -38.49
C24 V7N EO . 13.17 30.39 -38.64
C25 V7N EO . 14.00 30.13 -39.85
C26 V7N EO . 13.57 30.07 -41.12
C27 V7N EO . 14.53 29.83 -42.25
C28 V7N EO . 14.81 28.38 -42.60
C29 V7N EO . 15.92 28.32 -43.58
C3 V7N EO . 9.45 34.83 -14.88
C30 V7N EO . 7.19 32.79 -14.97
C31 V7N EO . 7.60 33.38 -12.58
C33 V7N EO . 12.22 34.11 -15.98
C34 V7N EO . 14.49 34.30 -21.03
C35 V7N EO . 14.87 33.95 -26.59
C36 V7N EO . 10.40 33.25 -32.27
C37 V7N EO . 10.51 32.08 -37.47
C38 V7N EO . 12.15 30.24 -41.51
C39 V7N EO . 16.72 27.27 -43.78
C4 V7N EO . 9.74 34.58 -16.20
C40 V7N EO . 17.81 27.33 -44.79
C41 V7N EO . 4.83 33.73 -13.36
C43 V7N EO . 16.61 25.99 -43.04
C5 V7N EO . 11.01 34.37 -16.80
C6 V7N EO . 11.08 34.43 -18.20
C7 V7N EO . 12.21 34.30 -19.03
C8 V7N EO . 12.06 34.48 -20.41
C9 V7N EO . 13.07 34.42 -21.40
O32 V7N EO . 5.88 34.53 -13.89
O42 V7N EO . 15.46 34.37 -21.79
O44 V7N EO . 17.91 28.45 -45.50
O45 V7N EO . 18.65 26.44 -45.03
MG BCL FO . 5.41 39.94 -20.08
CHA BCL FO . 5.49 37.40 -22.42
CHB BCL FO . 8.83 39.92 -20.11
CHC BCL FO . 5.40 41.91 -17.33
CHD BCL FO . 2.03 39.26 -19.53
NA BCL FO . 6.93 38.77 -21.11
C1A BCL FO . 6.75 37.86 -22.14
C2A BCL FO . 7.97 37.71 -22.97
C3A BCL FO . 9.06 38.25 -22.03
C4A BCL FO . 8.28 39.05 -21.04
CMA BCL FO . 9.83 37.13 -21.33
CAA BCL FO . 7.87 38.49 -24.29
CBA BCL FO . 8.70 37.90 -25.46
CGA BCL FO . 10.13 37.62 -25.15
O1A BCL FO . 10.61 36.55 -25.12
O2A BCL FO . 10.82 38.70 -24.85
NB BCL FO . 6.88 40.75 -18.86
C1B BCL FO . 8.25 40.71 -19.10
C2B BCL FO . 8.92 41.55 -18.21
C3B BCL FO . 7.96 42.16 -17.38
C4B BCL FO . 6.68 41.63 -17.84
CMB BCL FO . 10.42 41.71 -18.24
CAB BCL FO . 8.08 43.10 -16.26
OBB BCL FO . 7.13 43.81 -15.90
CBB BCL FO . 9.35 43.27 -15.48
NC BCL FO . 3.94 40.46 -18.63
C1C BCL FO . 4.13 41.39 -17.64
C2C BCL FO . 2.88 41.78 -16.93
C3C BCL FO . 1.81 40.99 -17.69
C4C BCL FO . 2.60 40.16 -18.66
CMC BCL FO . 2.92 41.46 -15.44
CAC BCL FO . 0.74 41.88 -18.39
CBC BCL FO . -0.28 42.44 -17.43
ND BCL FO . 4.04 38.63 -20.77
C1D BCL FO . 2.68 38.45 -20.51
C2D BCL FO . 2.13 37.42 -21.29
C3D BCL FO . 3.18 36.96 -22.08
C4D BCL FO . 4.30 37.71 -21.75
CMD BCL FO . 0.71 36.96 -21.24
CAD BCL FO . 3.57 36.08 -23.11
OBD BCL FO . 2.92 35.21 -23.73
CBD BCL FO . 5.07 36.33 -23.44
CGD BCL FO . 5.83 35.08 -23.40
O1D BCL FO . 6.47 34.68 -22.45
O2D BCL FO . 5.76 34.38 -24.52
CED BCL FO . 6.59 33.19 -24.59
C1 BCL FO . 12.20 38.49 -24.43
C2 BCL FO . 12.50 39.64 -23.50
C3 BCL FO . 12.92 40.83 -23.85
C4 BCL FO . 13.27 41.26 -25.26
C5 BCL FO . 13.06 41.95 -22.81
C6 BCL FO . 14.46 42.15 -22.25
C7 BCL FO . 14.59 43.40 -21.39
C8 BCL FO . 16.02 43.75 -20.98
C9 BCL FO . 16.01 44.85 -19.89
C10 BCL FO . 16.86 44.21 -22.19
C11 BCL FO . 17.88 43.17 -22.66
C12 BCL FO . 18.85 43.63 -23.77
C13 BCL FO . 18.33 43.84 -25.21
C14 BCL FO . 17.60 45.20 -25.43
C15 BCL FO . 17.41 42.69 -25.70
C16 BCL FO . 17.98 41.27 -25.73
C17 BCL FO . 17.00 40.17 -26.17
C18 BCL FO . 17.51 38.74 -26.03
C19 BCL FO . 18.61 38.54 -27.08
C20 BCL FO . 16.41 37.69 -26.22
C1B LMT GO . -2.16 56.42 -17.60
C2B LMT GO . -3.31 57.45 -17.75
C3B LMT GO . -3.24 58.57 -16.68
C4B LMT GO . -2.99 57.97 -15.27
C5B LMT GO . -1.76 57.05 -15.36
C6B LMT GO . -1.43 56.50 -13.98
O1B LMT GO . -0.96 56.92 -18.14
O2B LMT GO . -3.24 57.97 -19.01
O3B LMT GO . -4.36 59.36 -16.71
O4' LMT GO . -2.74 58.98 -14.36
O5B LMT GO . -1.98 56.01 -16.28
O6B LMT GO . -0.25 55.80 -14.03
C1' LMT GO . 2.31 55.58 -20.39
C2' LMT GO . 0.91 55.32 -20.98
C3' LMT GO . -0.16 56.20 -20.28
C4' LMT GO . -0.11 55.97 -18.76
C5' LMT GO . 1.36 56.23 -18.34
C6' LMT GO . 1.57 56.14 -16.85
O1' LMT GO . 3.22 54.69 -20.89
O2' LMT GO . 0.93 55.62 -22.32
O3' LMT GO . -1.40 55.92 -20.76
O5' LMT GO . 2.24 55.35 -18.98
O6' LMT GO . 1.01 54.95 -16.46
C1 LMT GO . 4.59 55.03 -20.75
C2 LMT GO . 4.98 55.83 -21.97
C3 LMT GO . 6.07 55.29 -22.85
C4 LMT GO . 5.67 53.96 -23.43
C5 LMT GO . 6.77 53.30 -24.21
C6 LMT GO . 6.51 51.85 -24.48
C7 LMT GO . 7.63 51.22 -25.28
C8 LMT GO . 7.66 49.73 -25.07
C9 LMT GO . 8.78 49.03 -25.79
C10 LMT GO . 9.41 47.98 -24.89
C11 LMT GO . 10.70 47.51 -25.47
C12 LMT GO . 11.42 46.56 -24.56
C2 0V9 HO . 4.62 54.65 -13.16
C1 0V9 HO . 3.22 55.13 -13.57
N 0V9 HO . 2.30 56.00 -9.24
C3 0V9 HO . 4.50 53.63 -12.03
C4 0V9 HO . 2.78 58.24 -10.21
C5 0V9 HO . 3.33 56.93 -9.63
C10 0V9 HO . 5.52 54.70 -15.45
C11 0V9 HO . 5.85 53.78 -16.60
C12 0V9 HO . 6.71 52.61 -16.17
C13 0V9 HO . 6.73 51.52 -17.24
C14 0V9 HO . 7.52 50.31 -16.78
C15 0V9 HO . 7.34 49.08 -17.66
C16 0V9 HO . 8.42 48.03 -17.44
C17 0V9 HO . 8.02 46.66 -17.96
C18 0V9 HO . 7.46 46.68 -19.34
C19 0V9 HO . 7.65 45.75 -20.28
C20 0V9 HO . 8.47 44.52 -20.14
C21 0V9 HO . 9.74 44.56 -20.98
C22 0V9 HO . 9.68 43.62 -22.18
C23 0V9 HO . 8.42 43.76 -23.00
C24 0V9 HO . 8.57 43.22 -24.41
C25 0V9 HO . 9.51 42.04 -24.51
C30 0V9 HO . 6.82 53.42 -11.35
C31 0V9 HO . 8.01 52.50 -11.42
C32 0V9 HO . 8.27 52.02 -12.82
C33 0V9 HO . 9.32 50.93 -12.86
C34 0V9 HO . 8.73 49.59 -12.46
C35 0V9 HO . 9.75 48.57 -12.02
C36 0V9 HO . 10.38 47.81 -13.17
C37 0V9 HO . 11.08 46.57 -12.66
C38 0V9 HO . 11.79 45.83 -13.78
C39 0V9 HO . 12.35 44.51 -13.31
C40 0V9 HO . 13.46 44.01 -14.21
C41 0V9 HO . 13.01 43.53 -15.57
C42 0V9 HO . 14.20 43.05 -16.36
C43 0V9 HO . 13.84 42.51 -17.72
O4 0V9 HO . 5.46 55.93 -15.46
O5 0V9 HO . 6.71 54.51 -10.79
O2 0V9 HO . 5.21 54.00 -14.31
O3 0V9 HO . 5.72 52.86 -11.96
O1P 0V9 HO . 1.49 57.82 -13.70
O2P 0V9 HO . 3.89 58.26 -13.04
O3P 0V9 HO . 2.75 56.04 -12.61
O4P 0V9 HO . 2.03 58.01 -11.37
P 0V9 HO . 2.71 57.59 -12.77
C1B LMT IO . 8.31 56.68 -8.55
C2B LMT IO . 8.42 57.95 -7.69
C3B LMT IO . 9.40 57.71 -6.54
C4B LMT IO . 8.95 56.48 -5.71
C5B LMT IO . 8.69 55.31 -6.69
C6B LMT IO . 8.16 54.10 -5.92
O1B LMT IO . 9.55 56.27 -9.05
O2B LMT IO . 8.79 59.02 -8.49
O3B LMT IO . 9.55 58.83 -5.77
O4' LMT IO . 9.93 56.13 -4.81
O5B LMT IO . 7.82 55.65 -7.75
O6B LMT IO . 6.94 54.39 -5.35
C1' LMT IO . 11.56 55.50 -12.31
C2' LMT IO . 12.42 56.35 -11.38
C3' LMT IO . 11.67 56.55 -10.04
C4' LMT IO . 10.16 56.90 -10.17
C5' LMT IO . 9.56 56.33 -11.50
C6' LMT IO . 8.31 57.04 -11.96
O1' LMT IO . 12.22 55.29 -13.50
O2' LMT IO . 13.59 55.68 -11.12
O3' LMT IO . 12.29 57.51 -9.28
O5' LMT IO . 10.45 56.31 -12.60
O6' LMT IO . 8.22 56.85 -13.33
C1 LMT IO . 11.54 54.50 -14.47
C2 LMT IO . 12.62 54.07 -15.43
C3 LMT IO . 12.20 53.31 -16.66
C4 LMT IO . 11.39 52.09 -16.30
C5 LMT IO . 11.61 51.00 -17.33
C6 LMT IO . 11.00 51.39 -18.64
C7 LMT IO . 11.70 50.80 -19.85
C8 LMT IO . 11.45 49.33 -19.94
C9 LMT IO . 12.10 48.65 -21.11
C10 LMT IO . 13.59 48.82 -21.02
C11 LMT IO . 14.30 47.95 -22.01
C12 LMT IO . 15.79 48.02 -21.85
C1 V7N JO . 17.17 32.59 -2.27
C10 V7N JO . 24.75 32.90 -9.51
C11 V7N JO . 25.77 32.80 -10.47
C12 V7N JO . 25.53 33.09 -11.82
C13 V7N JO . 26.40 33.01 -12.92
C14 V7N JO . 26.01 33.55 -14.17
C15 V7N JO . 26.77 33.46 -15.35
C16 V7N JO . 26.26 33.80 -16.63
C17 V7N JO . 27.01 33.65 -17.80
C18 V7N JO . 26.53 33.81 -19.13
C19 V7N JO . 27.40 33.58 -20.22
C2 V7N JO . 18.17 33.66 -2.77
C20 V7N JO . 27.06 33.57 -21.57
C21 V7N JO . 27.99 33.32 -22.62
C22 V7N JO . 27.78 33.62 -23.96
C23 V7N JO . 28.81 33.33 -25.00
C24 V7N JO . 28.32 32.41 -26.12
C25 V7N JO . 29.30 32.33 -27.24
C26 V7N JO . 29.52 31.29 -28.05
C27 V7N JO . 30.55 31.37 -29.13
C28 V7N JO . 29.99 31.84 -30.46
C29 V7N JO . 31.04 32.24 -31.43
C3 V7N JO . 19.58 33.26 -2.89
C30 V7N JO . 15.76 33.16 -2.35
C31 V7N JO . 17.26 31.31 -3.08
C33 V7N JO . 22.35 31.85 -3.24
C34 V7N JO . 25.92 32.02 -7.45
C35 V7N JO . 27.71 32.33 -12.82
C36 V7N JO . 25.11 34.20 -19.34
C37 V7N JO . 26.53 34.25 -24.42
C38 V7N JO . 28.75 30.02 -27.96
C39 V7N JO . 31.63 31.42 -32.33
C4 V7N JO . 20.13 32.81 -4.06
C40 V7N JO . 32.67 31.94 -33.24
C41 V7N JO . 16.78 31.41 -0.21
C43 V7N JO . 31.29 29.99 -32.49
C5 V7N JO . 21.47 32.42 -4.30
C6 V7N JO . 21.94 32.59 -5.62
C7 V7N JO . 23.22 32.31 -6.14
C8 V7N JO . 23.52 32.72 -7.44
C9 V7N JO . 24.74 32.55 -8.14
O32 V7N JO . 17.54 32.38 -0.90
O42 V7N JO . 27.02 31.79 -7.96
O44 V7N JO . 33.21 31.07 -34.09
O45 V7N JO . 33.09 33.10 -33.30
MG BCL KO . 18.45 39.70 -7.49
CHA BCL KO . 18.56 37.64 -10.26
CHB BCL KO . 21.71 38.89 -6.88
CHC BCL KO . 18.17 41.05 -4.39
CHD BCL KO . 14.97 39.78 -7.77
NA BCL KO . 19.90 38.40 -8.45
C1A BCL KO . 19.79 37.75 -9.66
C2A BCL KO . 21.13 37.39 -10.23
C3A BCL KO . 22.05 37.54 -9.01
C4A BCL KO . 21.23 38.34 -8.05
CMA BCL KO . 22.42 36.18 -8.41
CAA BCL KO . 21.53 38.32 -11.41
CBA BCL KO . 22.47 37.68 -12.43
CGA BCL KO . 23.66 36.98 -11.86
O1A BCL KO . 23.77 35.82 -11.78
O2A BCL KO . 24.59 37.80 -11.37
NB BCL KO . 19.72 39.90 -5.86
C1B BCL KO . 21.06 39.56 -5.83
C2B BCL KO . 21.65 39.99 -4.63
C3B BCL KO . 20.65 40.64 -3.88
C4B BCL KO . 19.44 40.55 -4.69
CMB BCL KO . 23.12 39.75 -4.33
CAB BCL KO . 20.68 41.28 -2.57
OBB BCL KO . 19.80 42.09 -2.20
CBB BCL KO . 21.75 41.01 -1.54
NC BCL KO . 16.80 40.30 -6.26
C1C BCL KO . 16.92 40.91 -5.04
C2C BCL KO . 15.68 41.55 -4.57
C3C BCL KO . 14.66 41.16 -5.65
C4C BCL KO . 15.47 40.31 -6.60
CMC BCL KO . 15.25 41.10 -3.17
CAC BCL KO . 13.98 42.38 -6.33
CBC BCL KO . 12.87 42.96 -5.49
ND BCL KO . 17.05 38.90 -8.70
C1D BCL KO . 15.66 39.00 -8.74
C2D BCL KO . 15.11 38.28 -9.81
C3D BCL KO . 16.20 37.71 -10.46
C4D BCL KO . 17.34 38.10 -9.77
CMD BCL KO . 13.65 38.18 -10.15
CAD BCL KO . 16.65 37.01 -11.61
OBD BCL KO . 16.01 36.50 -12.55
CBD BCL KO . 18.21 36.95 -11.57
CGD BCL KO . 18.66 35.55 -11.71
O1D BCL KO . 18.85 34.79 -10.80
O2D BCL KO . 18.84 35.18 -12.97
CED BCL KO . 19.39 33.85 -13.18
C1 BCL KO . 25.72 37.14 -10.73
C2 BCL KO . 26.68 38.24 -10.29
C3 BCL KO . 26.76 38.76 -9.09
C4 BCL KO . 25.89 38.35 -7.90
C5 BCL KO . 27.78 39.86 -8.75
C6 BCL KO . 28.88 40.12 -9.78
C7 BCL KO . 29.94 41.12 -9.30
C8 BCL KO . 31.00 40.52 -8.37
C9 BCL KO . 31.60 41.60 -7.45
C10 BCL KO . 32.11 39.82 -9.17
C11 BCL KO . 32.65 38.66 -8.35
C12 BCL KO . 33.98 38.05 -8.84
C13 BCL KO . 34.73 37.24 -7.76
C14 BCL KO . 36.26 37.27 -7.98
C15 BCL KO . 34.32 35.73 -7.66
C16 BCL KO . 32.85 35.31 -7.62
C17 BCL KO . 32.05 35.79 -6.39
C18 BCL KO . 30.58 35.41 -6.28
C19 BCL KO . 30.06 35.04 -7.69
C20 BCL KO . 29.72 36.52 -5.67
#